data_7QJD
#
_entry.id   7QJD
#
_cell.length_a   1.00
_cell.length_b   1.00
_cell.length_c   1.00
_cell.angle_alpha   90.00
_cell.angle_beta   90.00
_cell.angle_gamma   90.00
#
_symmetry.space_group_name_H-M   'P 1'
#
loop_
_entity.id
_entity.type
_entity.pdbx_description
1 polymer 'Tubulin gamma-1 chain'
2 polymer 'Gamma-tubulin complex component 2'
3 polymer 'Gamma-tubulin complex component 3'
4 polymer 'Mitotic-spindle organizing protein 1'
5 polymer 'Gamma-tubulin complex component 4'
6 polymer 'Gamma-tubulin complex component 5'
7 polymer 'Gamma-tubulin complex component 6'
8 water water
#
loop_
_entity_poly.entity_id
_entity_poly.type
_entity_poly.pdbx_seq_one_letter_code
_entity_poly.pdbx_strand_id
1 'polypeptide(L)'
;MPREIITLQLGQCGNQIGFEFWKQLCAEHGISPEGIVEEFATEGTDRKDVFFYQADDEHYIPRAVLLDLEPRVIHSILNS
PYAKLYNPENIYLSEHGGGAGNNWASGFSQGEKIHEDIFDIIDREADGSDSLEGFVLCHSIAGGTGSGLGSYLLERLNDR
YPKKLVQTYSVFPNQDEMSDVVVQPYNSLLTLKRLTQNADCVVVLDNTALNRIATDRLHIQNPSFSQINQLVSTIMSAST
TTLRYPGYMNNDLIGLIASLIPTPRLHFLMTGYTPLTTDQSVASVRKTTVLDVMRRLLQPKNVMVSTGRDRQTNHCYIAI
LNIIQGEVDPTQVHKSLQRIRERKLANFIPWGPASIQVALSRKSPYLPSAHRVSGLMMANHTSISSLFERTCRQYDKLRK
REAFLEQFRKEDMFKDNFDEMDTSREIVQQLIDEYHAATRPDYISWGTQEQ
;
1,2,O,P,Q,R,S,T,U,V,W,X,Y,Z
2 'polypeptide(L)'
;MSEFRIHHDVNELLSLLRVHGGDGAEVYIDLLQKNRTPYVTTTVSAHSAKVKIAEFSRTPEDFLKKYDELKSKNTRNLDP
LVYLLSKLTEDKETLQYLQQNAKERAELAAAAVGSSTTSINVPAAASKISMQELEELRKQLGSVATGSTLQQSLELKRKM
LRDKQNKKNSGQHLPIFPAWVYERPALIGDFLIGAGISTDTALPIGTLPLASQESAVVEDLLYVLVGVDGRYVSAQPLAG
RQSRTFLVDPNLDLSIRELVHRILPVAASYSAVTRFIEEKSSFEYGQVNHALAAAMRTLVKEHLILVSQLEQLHRQGLLS
LQKLWFYIQPAMRTMDILASLATSVDKGECLGGSTLSLLHDRSFSYTGDSQAQELCLYLTKAASAPYFEVLEKWIYRGII
HDPYSEFMVEEHELRKERIQEDYNDKYWDQRYTIVQQQIPSFLQKMADKILSTGKYLNVVRECGHDVTCPVAKEIIYTLK
ERAYVEQIEKAFNYASKVLLDFLMEEKELVAHLRSIKRYFLMDQGDFFVHFMDLAEEELRKPVEDITPPRLEALLELALR
MSTANTDPFKDDLKIDLMPHDLITQLLRVLAIETKQEKAMAHADPTELALSGLEAFSFDYIVKWPLSLIINRKALTRYQM
LFRHMFYCKHVERQLCSVWISNKTAKQHSLHSAQWFAGAFTLRQRMLNFVQNIQYYMMFEVMEPTWHILEKNLKSASNID
DVLGHHTGFLDTCLKDCMLTNPELLKVFSKLMSVCVMFTNCMQKFTQSMKLDGELGGQTLEHSTVLGLPAGAEERARKEL
ARKHLAEHADTVQLVSGFEATINKFDKNFSAHLLDLLARLSIYSTSDCEHGMASVISRLDFNGFYTERLERLSAERSQKA
TPQVPVLRGPPAPAPRVAVTAQ
;
A,C,G,M,E
3 'polypeptide(L)'
;MATPDQKSPNVLLQNLCCRILGRSEADVAQQFQYAVRVIGSNFAPTVERDEFLVAEKIKKELIRQRREADAALFSELHRK
LHSQGVLKNKWSILYLLLSLSEDPRRQPSKVSSYATLFAQALPRDAHSTPYYYARPQTLPLSYQDRSAQSAQSSGSVGSS
GISSIGLCALSGPAPAPQSLLPGQSNQAPGVGDCLRQQLGSRLAWTLTANQPSSQATTSKGVPSAVSRNMTRSRREGDTG
GTMEITEAALVRDILYVFQGIDGKNIKMNNTENCYKVEGKANLSRSLRDTAVRLSELGWLHNKIRRYTDQRSLDRSFGLV
GQSFCAALHQELREYYRLLSVLHSQLQLEDDQGVNLGLESSLTLRRLLVWTYDPKIRLKTLAALVDHCQGRKGGELASAV
HAYTKTGDPYMRSLVQHILSLVSHPVLSFLYRWIYDGELEDTYHEFFVASDPTVKTDRLWHDKYTLRKSMIPSFMTMDQS
RKVLLIGKSINFLHQVCHDQTPTTKMIAVTKSAESPQDAADLFTDLENAFQGKIDAAYFETSKYLLDVLNKKYSLLDHMQ
AMRRYLLLGQGDFIRHLMDLLKPELVRPATTLYQHNLTGILETAVRATNAQFDSPEILRRLDVRLLEVSPGDTGWDVFSL
DYHVDGPIATVFTRECMSHYLRVFNFLWRAKRMEYILTDIRKGHMCNAKLLRNMPEFSGVLHQCHILASEMVHFIHQMQY
YITFEVLECSWDELWNKVQQAQDLDHIIAAHEVFLDTIISRCLLDSDSRALLNQLRAVFDQIIELQNAQDAIYRAALEEL
QRRLQFEEKKKQREIEGQWGVTAAEEEEENKRIGEFKESIPKMCSQLRILTHFYQGIVQQFLVLLTTSSDESLRFLSFRL
DFNEHYKAREPRLRVSLGTRGRRSSHT
;
B,D,F,H,N,n,f,j,a,h
4 'polypeptide(L)'
;MASSSGAGAAAAAAAANLNAVRETMDVLLEISRILNTGLDMETLSICVRLCEQGINPEALSSVIKELRKATEALKAAENM
TS
;
o,k,i,g,m,b,d
5 'polypeptide(L)'
;MIHELLLALSGYPGSIFTWNKRSGLQVSQDFPFLHPSETSVLNRLCRLGTDYIRFTEFIEQYTGHVQQQDHHPSQQGQGG
LHGIYLRAFCTGLDSVLQPYRQALLDLEQEFLGDPHLSISHVNYFLDQFQLLFPSVMVVVEQIKSQKIHGCQILETVYKH
SCGGLPPVRSALEKILAVCHGVMYKQLSAWMLHGLLLDQHEEFFIKQGPSSGNVSAQPEEDEEDLGIGGLTGKQLRELQD
LRLIEEENMLAPSLKQFSLRVEILPSYIPVRVAEKILFVGESVQMFENQNVNLTRKGSILKNQEDTFAAELHRLKQQPLF
SLVDFEQVVDRIRSTVAEHLWKLMVEESDLLGQLKIIKDFYLLGRGELFQAFIDTAQHMLKTPPTAVTEHDVNVAFQQSA
HKVLLDDDNLLPLLHLTIEYHGKEHKADATQAREGPSRETSPREAPASGWAALGLSYKVQWPLHILFTPAVLEKYNVVFK
YLLSVRRVQAELQHCWALQMQRKHLKSNQTDAIKWRLRNHMAFLVDNLQYYLQVDVLESQFSQLLHQINSTRDFESIRLA
HDHFLSNLLAQSFILLKPVFHCLNEILDLCHSFCSLVSQNLGPLDERGAAQLSILVKGFSRQSSLLFKILSSVRNHQINS
DLAQLLLRLDYNKYYTQAGGTLGSFGM
;
I,K
6 'polypeptide(L)'
;MARHGPPWSRLDAQQERDVRELVRGVAGLQDEADPNFQLALNFAWSNFRFHRFLDVNSHKIEKTIEGIYEKFVIHSDLSK
AASWKRLTEEFLNAPLPSIKEIKTDAHYSILSLLLCLSDSPSNSSYVETPRNKEVEKKDDFDWGKYLMEDEEMDIGPYMD
TPNWSEESEEENDQQPLSREDSGIQVDRTPLEEQDQNRKLDPCISWKDEPDDRSWLEHHVVHQYWTARPSQFPHSLHLHS
NLAAVWDQHLYSSDPLYVPDDRVLVTETQVIRETLWLLSGVKKLFIFQLIDGKVTVRNNIIVTHLTHSCLRSVLEQIAAY
GQVVFRLQEFIDEVMGHSSESMLPGSGSVPKKSTEAPFRTYQAFMWALYKYFISFKEELAEIEKCIINNDTTITLAIVVD
KLAPRLSQLKVLHKVFSTGVAEVPPDTRNVVRASHLLNTLYKAILEYDNVGEASEQTVSLLFSLWVETVRPYLQTVDEWI
VHGHLWDGAREFIIQRNKNVPVNHRDFWYATYTLYSVSEKTENEEKMSDNASASSGSDQGPSSRQHTMVSFLKPVLKQII
MAGKSMQLLKNLQCAESTTCQAGARDAERKSLYTLFLESVQSRLRHGEDSTPQVLTEQQATKENLMKMQSIAESHLELDD
VHDPLLAINFARMYLEQSDFHEKFAGGDVCVDRSSESVTCQTFELTLRSCLYPHIDKQYLDCCGNLMQTLKKDYRLVEYL
QAMRNFFLMEGGDTMYDFYTSIFDKIREKETWQNVSFLNVQLQEAVGQRYPEDSSRLSISFENVDTAKKKLPVHILDGLT
LSYKVPWPVDIVISLECQKIYNQVFLLLLQIKWAKYSLDVLLFGELVSTAEKPRLKEGLIHEQDTVAQFGPQKEPVRQQI
HRMFLLRVKLMHFVNSLHNYIMTRILHSTGLEFQHQVEEAKDLDQLIKIHYRYLSTIHDRCLLREKVSFVKEAIMKVLNL
ALMFADGWQAGLGTWRMESIEKMESDFKNCHMFLVTILNKAVCRGSFPHLESLALSLMAGMEQS
;
J,l
7 'polypeptide(L)'
;MASITQLFDDLCEALLPAAKTHLGQRSVNRKRAKRSLKKVAYNALFTNLFQDETQQLQPDMSKLPARNKILMLSFDLRVG
GLGPKADRLEELVEELEAAPCCPLLEVGSVLDLLVQLAGSGPPQVLPRKRDYFLNNKHVGRNVPYSGYDCDDLSVFEMDV
QSLISREECLCHSMIQETLQVMEAAPGTGLPTVGLFSFGDPCGDRFERDTRVSLFGALVHSRTYDMDVRLGLPPVPDNAD
LSGLAIKVPPSVDQWEDEGFQSASNLTPDSQSEPSVTPDVDLWEAALTYEASKRRCWERVGCPPGHREEPYLTEAGRDAF
DKFCRLHQGELQLLAGGVLQAPQPVLVKECELVKDVLNVLIGVVSATFSLCQPAQAFVVKRGVHVSGASPESISSLLSEV
AEYGTCYTRLSHFSLQPVLDSLYSKGLVFQAFTSGLRRYLQYYRACVLSTPPTLSLLTIGFLFKKLGRQLRYLAELCGVG
AVLPGTCGGGPRAAFPTGVKLLSYLYQEALHNCSNEHYPVLLSLLKTSCEPYTRFIHDWVYSGVFRDAYGEFMIQVNHEY
LSFRDKLYWTHGYVLISKEVEDCVPVFLKHIAHDIYVCGKTINLLKLCCPRHYLCWSDVPVPRISVIFSLEELKEIEKDC
AVYVGRMERVARHSSVSKEEKELRMEIAKQELIAHAREAASRVLSALSDRQMSERMALDARKREQFQRLKEQFVKDQERR
QAARQEELDDDFSYARELRDRERRLKSLEEELERKARQALVDHYSKLSAEAARREQKALWRIQRHRLESARLRFLLEDEK
HIQEMLKAVSEAHQPQEPPDVLLSVHPQVTSPGPEHPEGGQGCDSGSAEQHSPAWDGWNRPGLLTPQPLKPLAVGAGGRG
LQQAEGARPFSDSLSIGDFLPVGPGAEPSVQTGMVPLLEVALQTINLDLPPSAPGEAPAAASTQPSRPQEYDFSTVLRPA
VATSPAPGPLQAAECSLGSSGLQLWEDSCGKMDACGSASRETLLPSHPPRRAALEEGSSQPTERLFGQVSGGGLPTGDYA
SEIAPTRPRWNTHGHVSDASIRVGENVSDVAPTQPRWNTHGHVSNASISLGESVSDVAPTRPRWNIHGHVSNASIRVGEN
VSDVAPTRPRWNTHGHVSNASIRVGENVSDVAPTRPRWNTHGHVSDASISLGESVSDMAPARPRWNTHGHVSDASISLGE
SVSDMAPTRPRWNTHGHVSDTSIRVGENVSDVAPIRSRCNTHGHVSDASISLGEPVSDVVSTRPRWNTHVPIPPPHMVLG
ALSPEAEPNTPRPQQSPPGHTSQSALSLGAQSTVLDCGPRLPVEVGPSLSSPSSGCGEGSISVGENVSDVAPTQPWWPNT
PGDSVSEELGPGRSGDTEDLSPNWPLNSQEDTAAQSSPGRGEEAEASAAEAQGGEQAYLAGLAGQYHLERYPDSYESMSE
PPIAHLLRPVLPRAFAFPVDPQVQSAADETAVQLSELLTLPVLMKRSITAPLAAHISLVNKAAVDYFFVELHLEAHYEAL
RHFLLMEDGEFAQSLSDLLFEKLGAGQTPGELLNPLVLNSVLSKALQCSLHGDTPHASNLSLALKYLPEVFAPNAPDVLS
CLELRYKVDWPLNIVITEGCVSKYSGVFSFLLQLKLMMWALKDVCFHLKRTALLSHMAGSVQFRQLQLFKHEMQHFVKVI
QGYIANQILHVTWCEFRARLATVGDLEEIQRAHAEYLHKAVFRGLLTEKAAPVMNVIHSIFSLVLKFRSQLISQAWGPPG
GPRGAEHPNFALMQQSYNTFKYYSHFLFKVVTKLVNRGYQPHLEDFLLRINFNNYYQDA
;
L,c
#
# COMPACT_ATOMS: atom_id res chain seq x y z
N ARG A 3 99.37 4.93 98.38
CA ARG A 3 98.98 6.32 98.13
C ARG A 3 100.05 7.05 97.34
N GLU A 4 100.81 7.91 98.02
CA GLU A 4 101.86 8.68 97.36
C GLU A 4 103.22 8.19 97.82
N ILE A 5 104.15 8.11 96.87
CA ILE A 5 105.48 7.58 97.13
C ILE A 5 106.50 8.70 96.96
N ILE A 6 107.39 8.83 97.94
CA ILE A 6 108.49 9.79 97.89
C ILE A 6 109.77 9.00 97.67
N THR A 7 110.43 9.26 96.56
CA THR A 7 111.56 8.46 96.11
C THR A 7 112.86 9.16 96.47
N LEU A 8 113.77 8.41 97.07
CA LEU A 8 115.02 8.94 97.56
C LEU A 8 116.16 8.37 96.73
N GLN A 9 117.07 9.23 96.29
CA GLN A 9 118.19 8.80 95.48
C GLN A 9 119.47 9.39 96.04
N LEU A 10 120.51 8.57 96.07
CA LEU A 10 121.76 8.94 96.73
C LEU A 10 122.89 8.09 96.17
N GLY A 11 124.09 8.65 96.18
CA GLY A 11 125.22 8.00 95.54
C GLY A 11 125.20 8.20 94.03
N GLN A 12 126.34 7.95 93.39
CA GLN A 12 126.42 8.13 91.94
C GLN A 12 125.61 7.07 91.21
N CYS A 13 125.69 5.82 91.66
CA CYS A 13 124.91 4.76 91.06
C CYS A 13 123.42 4.92 91.35
N GLY A 14 123.09 5.34 92.57
CA GLY A 14 121.69 5.57 92.92
C GLY A 14 121.08 6.75 92.20
N ASN A 15 121.86 7.82 92.03
CA ASN A 15 121.36 8.95 91.24
C ASN A 15 121.30 8.60 89.77
N GLN A 16 122.17 7.69 89.31
CA GLN A 16 122.08 7.21 87.93
C GLN A 16 120.78 6.45 87.67
N ILE A 17 120.47 5.48 88.54
CA ILE A 17 119.25 4.70 88.35
C ILE A 17 118.00 5.54 88.62
N GLY A 18 118.07 6.53 89.53
CA GLY A 18 116.95 7.43 89.71
C GLY A 18 116.75 8.35 88.52
N PHE A 19 117.85 8.79 87.90
CA PHE A 19 117.79 9.63 86.71
C PHE A 19 117.14 8.88 85.55
N GLU A 20 117.56 7.63 85.32
CA GLU A 20 116.95 6.86 84.24
C GLU A 20 115.51 6.49 84.54
N PHE A 21 115.18 6.25 85.82
CA PHE A 21 113.81 5.94 86.18
C PHE A 21 112.90 7.15 86.00
N TRP A 22 113.39 8.34 86.38
CA TRP A 22 112.59 9.54 86.20
C TRP A 22 112.43 9.87 84.72
N LYS A 23 113.48 9.66 83.93
CA LYS A 23 113.37 9.85 82.48
C LYS A 23 112.39 8.85 81.87
N GLN A 24 112.38 7.61 82.39
CA GLN A 24 111.46 6.59 81.90
C GLN A 24 110.02 6.94 82.23
N LEU A 25 109.75 7.41 83.45
CA LEU A 25 108.41 7.83 83.78
C LEU A 25 108.01 9.14 83.12
N CYS A 26 108.98 9.97 82.74
CA CYS A 26 108.68 11.17 81.97
C CYS A 26 108.23 10.80 80.57
N ALA A 27 108.95 9.88 79.94
CA ALA A 27 108.55 9.40 78.62
C ALA A 27 107.25 8.61 78.68
N GLU A 28 107.01 7.93 79.80
CA GLU A 28 105.84 7.07 79.90
C GLU A 28 104.56 7.89 80.05
N HIS A 29 104.54 8.78 81.03
CA HIS A 29 103.35 9.60 81.24
C HIS A 29 103.38 10.78 80.28
N GLY A 30 102.24 11.46 80.18
CA GLY A 30 102.11 12.55 79.25
C GLY A 30 102.69 13.86 79.73
N ILE A 31 104.02 13.94 79.83
CA ILE A 31 104.71 15.13 80.28
C ILE A 31 105.94 15.35 79.41
N SER A 32 106.32 16.62 79.28
CA SER A 32 107.56 17.03 78.66
C SER A 32 108.70 16.88 79.66
N PRO A 33 109.97 17.01 79.22
CA PRO A 33 111.06 17.11 80.21
C PRO A 33 111.02 18.37 81.05
N GLU A 34 110.28 19.39 80.63
CA GLU A 34 109.95 20.48 81.53
C GLU A 34 108.80 20.13 82.45
N GLY A 35 107.92 19.23 82.03
CA GLY A 35 106.71 18.91 82.75
C GLY A 35 105.44 19.40 82.10
N ILE A 36 105.48 19.67 80.79
CA ILE A 36 104.34 20.27 80.11
C ILE A 36 103.34 19.19 79.75
N VAL A 37 102.07 19.45 80.05
CA VAL A 37 101.01 18.44 79.98
C VAL A 37 100.74 18.08 78.52
N GLU A 38 100.44 16.80 78.29
CA GLU A 38 100.09 16.33 76.96
C GLU A 38 98.58 16.12 76.87
N GLU A 39 98.12 15.84 75.65
CA GLU A 39 96.69 15.76 75.41
C GLU A 39 96.17 14.34 75.57
N PHE A 40 97.04 13.36 75.80
CA PHE A 40 96.59 11.98 75.99
C PHE A 40 96.61 11.59 77.46
N ALA A 41 96.94 12.52 78.35
CA ALA A 41 97.02 12.23 79.78
C ALA A 41 96.69 13.48 80.59
N THR A 45 92.05 5.65 82.65
CA THR A 45 92.23 5.22 84.02
C THR A 45 93.72 5.24 84.40
N ASP A 46 94.15 6.34 85.00
CA ASP A 46 95.55 6.56 85.33
C ASP A 46 95.67 7.16 86.73
N ARG A 47 96.90 7.50 87.12
CA ARG A 47 97.16 8.40 88.24
C ARG A 47 98.51 9.05 88.04
N LYS A 48 98.59 10.36 88.31
CA LYS A 48 99.84 11.10 88.22
C LYS A 48 100.14 11.76 89.56
N ASP A 49 99.92 11.03 90.65
CA ASP A 49 100.13 11.58 91.98
C ASP A 49 100.82 10.56 92.88
N VAL A 50 101.48 9.58 92.27
CA VAL A 50 102.13 8.53 93.03
C VAL A 50 103.59 8.86 93.26
N PHE A 51 104.31 9.21 92.20
CA PHE A 51 105.67 9.72 92.31
C PHE A 51 105.71 11.21 92.06
N PHE A 52 104.64 11.78 91.52
CA PHE A 52 104.61 13.13 91.03
C PHE A 52 103.78 13.96 92.00
N TYR A 53 104.30 15.11 92.40
CA TYR A 53 103.42 16.12 92.93
C TYR A 53 102.85 16.94 91.77
N GLN A 54 101.56 17.26 91.85
CA GLN A 54 100.98 18.29 90.99
C GLN A 54 101.61 19.58 91.46
N ALA A 55 102.71 19.97 90.82
CA ALA A 55 103.49 21.06 91.36
C ALA A 55 103.14 22.35 90.65
N ASP A 56 103.73 23.44 91.15
CA ASP A 56 103.07 24.72 91.16
C ASP A 56 103.46 25.62 89.99
N ASP A 57 104.03 25.04 88.94
CA ASP A 57 104.21 25.72 87.67
C ASP A 57 103.71 24.88 86.51
N GLU A 58 102.69 24.05 86.76
CA GLU A 58 102.04 23.15 85.81
C GLU A 58 103.04 22.13 85.27
N HIS A 59 104.04 21.81 86.08
CA HIS A 59 104.93 20.68 85.85
C HIS A 59 104.67 19.67 86.95
N TYR A 60 104.42 18.42 86.58
CA TYR A 60 104.26 17.37 87.58
C TYR A 60 105.64 17.00 88.10
N ILE A 61 106.15 17.79 89.03
CA ILE A 61 107.51 17.66 89.53
C ILE A 61 107.55 16.49 90.50
N PRO A 62 108.39 15.48 90.26
CA PRO A 62 108.49 14.36 91.21
C PRO A 62 109.12 14.80 92.52
N ARG A 63 108.64 14.16 93.59
CA ARG A 63 109.23 14.36 94.91
C ARG A 63 110.48 13.48 95.02
N ALA A 64 111.63 14.07 94.70
CA ALA A 64 112.89 13.35 94.70
C ALA A 64 113.90 14.10 95.56
N VAL A 65 114.57 13.36 96.44
CA VAL A 65 115.65 13.90 97.25
C VAL A 65 116.96 13.69 96.51
N LEU A 66 117.61 14.79 96.14
CA LEU A 66 118.84 14.75 95.37
C LEU A 66 120.01 14.86 96.33
N LEU A 67 120.78 13.77 96.44
CA LEU A 67 121.94 13.73 97.32
C LEU A 67 123.17 13.45 96.48
N ASP A 68 124.24 14.17 96.77
CA ASP A 68 125.47 14.02 96.02
C ASP A 68 126.63 13.80 96.99
N LEU A 69 127.54 12.92 96.58
CA LEU A 69 128.74 12.61 97.33
C LEU A 69 129.84 12.30 96.33
N GLU A 70 130.80 13.22 96.20
CA GLU A 70 131.80 13.27 95.14
C GLU A 70 131.10 13.23 93.78
N PRO A 71 130.42 14.30 93.38
CA PRO A 71 129.56 14.22 92.19
C PRO A 71 130.36 14.32 90.90
N ARG A 72 130.15 13.35 90.02
CA ARG A 72 130.70 13.41 88.68
C ARG A 72 129.56 13.31 87.67
N VAL A 73 128.77 12.24 87.78
CA VAL A 73 127.63 12.06 86.88
C VAL A 73 126.45 12.91 87.32
N ILE A 74 126.44 13.35 88.58
CA ILE A 74 125.37 14.21 89.07
C ILE A 74 125.49 15.61 88.47
N HIS A 75 126.72 16.02 88.13
CA HIS A 75 126.92 17.23 87.34
C HIS A 75 126.29 17.11 85.97
N SER A 76 126.38 15.92 85.35
CA SER A 76 125.73 15.70 84.07
C SER A 76 124.21 15.66 84.21
N ILE A 77 123.72 15.20 85.37
CA ILE A 77 122.30 15.27 85.67
C ILE A 77 121.86 16.72 85.81
N LEU A 78 122.77 17.59 86.27
CA LEU A 78 122.45 19.00 86.45
C LEU A 78 122.19 19.71 85.12
N ASN A 79 123.14 19.67 84.19
CA ASN A 79 122.90 20.30 82.90
C ASN A 79 122.16 19.33 81.99
N SER A 80 120.86 19.24 82.16
CA SER A 80 120.07 18.23 81.47
C SER A 80 118.65 18.74 81.32
N PRO A 81 117.93 18.29 80.29
CA PRO A 81 116.52 18.71 80.15
C PRO A 81 115.59 18.09 81.18
N TYR A 82 116.04 17.06 81.89
CA TYR A 82 115.27 16.46 82.97
C TYR A 82 115.58 17.10 84.31
N ALA A 83 116.41 18.15 84.32
CA ALA A 83 116.57 18.99 85.49
C ALA A 83 115.51 20.09 85.54
N LYS A 84 114.73 20.23 84.47
CA LYS A 84 113.53 21.06 84.51
C LYS A 84 112.30 20.26 84.93
N LEU A 85 112.42 18.93 85.01
CA LEU A 85 111.32 18.11 85.53
C LEU A 85 111.34 18.06 87.05
N TYR A 86 112.50 17.72 87.64
CA TYR A 86 112.61 17.67 89.08
C TYR A 86 113.87 18.41 89.53
N ASN A 87 113.65 19.42 90.38
CA ASN A 87 114.67 20.09 91.19
C ASN A 87 113.99 20.93 92.27
N PRO A 88 113.62 20.35 93.41
CA PRO A 88 113.16 21.18 94.54
C PRO A 88 114.28 21.84 95.33
N GLU A 89 115.51 21.84 94.77
CA GLU A 89 116.69 22.56 95.23
C GLU A 89 117.06 22.11 96.63
N ASN A 90 117.48 20.86 96.76
CA ASN A 90 117.85 20.28 98.04
C ASN A 90 119.15 19.50 97.93
N ILE A 91 119.95 19.84 96.92
CA ILE A 91 121.23 19.17 96.68
C ILE A 91 122.22 19.58 97.77
N TYR A 92 122.74 18.62 98.50
CA TYR A 92 123.67 18.88 99.59
C TYR A 92 124.69 17.76 99.65
N LEU A 93 125.96 18.14 99.81
CA LEU A 93 127.05 17.18 99.84
C LEU A 93 127.04 16.37 101.13
N GLY A 101 131.88 7.59 100.01
CA GLY A 101 132.69 7.95 98.86
C GLY A 101 133.25 6.73 98.15
N ASN A 102 134.26 6.11 98.74
CA ASN A 102 134.76 4.82 98.29
C ASN A 102 134.75 3.81 99.42
N ASN A 103 134.12 4.14 100.54
CA ASN A 103 134.09 3.25 101.68
C ASN A 103 132.76 3.36 102.41
N TRP A 104 132.42 2.29 103.12
CA TRP A 104 131.22 2.30 103.95
C TRP A 104 131.40 3.17 105.18
N ALA A 105 132.59 3.11 105.79
CA ALA A 105 132.83 3.89 107.01
C ALA A 105 132.86 5.38 106.71
N SER A 106 133.43 5.77 105.57
CA SER A 106 133.51 7.18 105.21
C SER A 106 132.13 7.76 104.93
N GLY A 107 131.32 7.04 104.14
CA GLY A 107 129.98 7.50 103.84
C GLY A 107 129.08 7.49 105.07
N PHE A 108 129.26 6.49 105.94
CA PHE A 108 128.50 6.42 107.18
C PHE A 108 128.84 7.60 108.11
N SER A 109 130.13 7.89 108.28
CA SER A 109 130.54 8.98 109.16
C SER A 109 130.15 10.33 108.59
N GLN A 110 130.28 10.50 107.27
CA GLN A 110 129.88 11.75 106.63
C GLN A 110 128.38 11.95 106.72
N GLY A 111 127.59 10.88 106.60
CA GLY A 111 126.16 11.00 106.80
C GLY A 111 125.79 11.24 108.25
N GLU A 112 126.61 10.75 109.17
CA GLU A 112 126.34 10.92 110.60
C GLU A 112 126.46 12.38 111.02
N LYS A 113 127.48 13.08 110.53
CA LYS A 113 127.75 14.43 111.03
C LYS A 113 126.76 15.46 110.49
N ILE A 114 126.02 15.14 109.42
CA ILE A 114 125.12 16.12 108.81
C ILE A 114 123.68 15.60 108.72
N HIS A 115 123.25 14.74 109.64
CA HIS A 115 121.94 14.09 109.52
C HIS A 115 120.79 15.09 109.69
N GLU A 116 121.08 16.26 110.26
CA GLU A 116 120.03 17.18 110.72
C GLU A 116 119.33 17.85 109.54
N ASP A 117 120.10 18.50 108.68
CA ASP A 117 119.50 19.27 107.60
C ASP A 117 119.00 18.37 106.48
N ILE A 118 119.63 17.21 106.28
CA ILE A 118 119.09 16.28 105.30
C ILE A 118 117.81 15.64 105.84
N PHE A 119 117.71 15.50 107.17
CA PHE A 119 116.45 15.09 107.75
C PHE A 119 115.42 16.19 107.63
N ASP A 120 115.85 17.44 107.64
CA ASP A 120 114.95 18.56 107.36
C ASP A 120 114.49 18.55 105.90
N ILE A 121 115.38 18.13 104.99
CA ILE A 121 115.00 17.95 103.59
C ILE A 121 113.94 16.86 103.45
N ILE A 122 114.13 15.76 104.18
CA ILE A 122 113.13 14.68 104.24
C ILE A 122 111.83 15.20 104.83
N ASP A 123 111.93 16.06 105.85
CA ASP A 123 110.75 16.61 106.51
C ASP A 123 110.01 17.57 105.60
N ARG A 124 110.75 18.33 104.78
CA ARG A 124 110.16 19.24 103.82
C ARG A 124 109.30 18.51 102.79
N GLU A 125 109.84 17.43 102.21
CA GLU A 125 109.06 16.68 101.24
C GLU A 125 107.98 15.83 101.90
N ALA A 126 108.19 15.44 103.17
CA ALA A 126 107.14 14.74 103.91
C ALA A 126 105.97 15.67 104.19
N ASP A 127 106.27 16.95 104.44
CA ASP A 127 105.21 17.94 104.51
C ASP A 127 104.69 18.29 103.13
N GLY A 128 105.47 17.98 102.08
CA GLY A 128 105.06 18.36 100.73
C GLY A 128 103.83 17.63 100.23
N SER A 129 103.81 16.31 100.38
CA SER A 129 102.70 15.52 99.89
C SER A 129 101.60 15.42 100.95
N ASP A 130 100.36 15.23 100.48
CA ASP A 130 99.24 15.10 101.41
C ASP A 130 99.25 13.74 102.10
N SER A 131 99.53 12.67 101.35
CA SER A 131 99.56 11.33 101.90
C SER A 131 100.92 10.70 101.59
N LEU A 132 101.20 9.58 102.23
CA LEU A 132 102.47 8.89 102.06
C LEU A 132 102.24 7.39 102.17
N GLU A 133 102.94 6.64 101.33
CA GLU A 133 102.83 5.19 101.38
C GLU A 133 104.18 4.56 101.74
N GLY A 134 105.27 5.09 101.21
CA GLY A 134 106.57 4.49 101.48
C GLY A 134 107.71 5.35 100.98
N PHE A 135 108.91 4.93 101.35
CA PHE A 135 110.16 5.56 100.92
C PHE A 135 110.96 4.55 100.12
N VAL A 136 111.14 4.85 98.83
CA VAL A 136 111.87 3.99 97.91
C VAL A 136 113.28 4.55 97.78
N LEU A 137 114.27 3.76 98.17
CA LEU A 137 115.66 4.21 98.19
C LEU A 137 116.39 3.67 96.96
N CYS A 138 116.84 4.57 96.11
CA CYS A 138 117.74 4.22 95.02
C CYS A 138 119.12 4.00 95.63
N HIS A 139 119.53 2.74 95.70
CA HIS A 139 120.70 2.38 96.49
C HIS A 139 121.55 1.39 95.71
N SER A 140 122.85 1.45 95.96
CA SER A 140 123.79 0.49 95.43
C SER A 140 124.59 -0.10 96.58
N ILE A 141 124.62 -1.43 96.65
CA ILE A 141 125.27 -2.12 97.75
C ILE A 141 126.76 -2.22 97.45
N ALA A 142 127.58 -1.70 98.37
CA ALA A 142 129.03 -1.58 98.24
C ALA A 142 129.43 -0.83 96.97
N GLY A 143 128.67 0.22 96.67
CA GLY A 143 128.99 1.08 95.55
C GLY A 143 129.94 2.19 95.92
N GLY A 144 130.35 2.25 97.18
CA GLY A 144 131.26 3.28 97.63
C GLY A 144 130.52 4.55 97.97
N THR A 145 130.03 5.23 96.92
CA THR A 145 129.29 6.46 97.10
C THR A 145 127.95 6.23 97.81
N GLY A 146 127.21 5.21 97.38
CA GLY A 146 125.94 4.92 98.03
C GLY A 146 126.13 4.27 99.39
N SER A 147 127.22 3.54 99.57
CA SER A 147 127.46 2.72 100.75
C SER A 147 127.76 3.58 101.97
N GLY A 148 127.31 3.10 103.12
CA GLY A 148 127.54 3.80 104.38
C GLY A 148 126.53 4.90 104.64
N LEU A 149 126.51 5.89 103.75
CA LEU A 149 125.49 6.93 103.82
C LEU A 149 124.10 6.35 103.63
N GLY A 150 123.97 5.35 102.74
CA GLY A 150 122.68 4.70 102.55
C GLY A 150 122.25 3.90 103.77
N SER A 151 123.19 3.20 104.40
CA SER A 151 122.87 2.42 105.58
C SER A 151 122.52 3.33 106.77
N TYR A 152 123.25 4.43 106.90
CA TYR A 152 122.97 5.38 107.98
C TYR A 152 121.63 6.06 107.78
N LEU A 153 121.32 6.46 106.55
CA LEU A 153 120.03 7.06 106.26
C LEU A 153 118.90 6.05 106.41
N LEU A 154 119.18 4.77 106.17
CA LEU A 154 118.19 3.73 106.41
C LEU A 154 117.86 3.64 107.90
N GLU A 155 118.88 3.74 108.74
CA GLU A 155 118.67 3.78 110.18
C GLU A 155 117.88 5.02 110.59
N ARG A 156 118.17 6.17 109.97
CA ARG A 156 117.47 7.40 110.32
C ARG A 156 115.99 7.32 109.90
N LEU A 157 115.72 6.77 108.72
CA LEU A 157 114.35 6.71 108.23
C LEU A 157 113.50 5.74 109.03
N ASN A 158 114.04 4.55 109.32
CA ASN A 158 113.22 3.56 110.01
C ASN A 158 113.05 3.91 111.49
N ASP A 159 114.02 4.61 112.08
CA ASP A 159 113.86 5.04 113.47
C ASP A 159 112.91 6.22 113.56
N ARG A 160 113.03 7.19 112.64
CA ARG A 160 112.26 8.43 112.77
C ARG A 160 110.80 8.23 112.43
N TYR A 161 110.51 7.36 111.47
CA TYR A 161 109.12 7.11 111.06
C TYR A 161 108.83 5.63 111.10
N PRO A 162 108.19 5.15 112.17
CA PRO A 162 107.87 3.72 112.28
C PRO A 162 106.54 3.35 111.64
N LYS A 163 105.79 4.33 111.12
CA LYS A 163 104.46 4.08 110.61
C LYS A 163 104.43 3.89 109.09
N LYS A 164 105.55 4.11 108.41
CA LYS A 164 105.59 4.02 106.96
C LYS A 164 106.43 2.84 106.51
N LEU A 165 106.49 2.65 105.19
CA LEU A 165 107.23 1.57 104.57
C LEU A 165 108.58 2.06 104.07
N VAL A 166 109.58 1.18 104.13
CA VAL A 166 110.90 1.46 103.60
C VAL A 166 111.20 0.42 102.53
N GLN A 167 111.45 0.87 101.31
CA GLN A 167 111.86 0.00 100.22
C GLN A 167 113.27 0.39 99.77
N THR A 168 114.06 -0.64 99.46
CA THR A 168 115.45 -0.45 99.03
C THR A 168 115.69 -1.31 97.80
N TYR A 169 115.78 -0.67 96.64
CA TYR A 169 116.18 -1.35 95.42
C TYR A 169 117.69 -1.51 95.46
N SER A 170 118.16 -2.74 95.44
CA SER A 170 119.55 -3.04 95.75
C SER A 170 120.13 -3.94 94.68
N VAL A 171 121.42 -3.78 94.44
CA VAL A 171 122.18 -4.64 93.56
C VAL A 171 122.99 -5.60 94.41
N PHE A 172 123.37 -6.74 93.83
CA PHE A 172 124.25 -7.64 94.56
C PHE A 172 125.68 -7.46 94.07
N PRO A 173 126.62 -7.16 94.97
CA PRO A 173 127.95 -6.71 94.53
C PRO A 173 128.81 -7.83 93.96
N ASN A 174 128.57 -8.15 92.69
CA ASN A 174 129.42 -9.05 91.94
C ASN A 174 129.45 -8.61 90.48
N GLN A 175 130.47 -7.85 90.12
CA GLN A 175 130.57 -7.29 88.77
C GLN A 175 131.77 -7.85 88.03
N ASP A 176 132.18 -9.09 88.33
CA ASP A 176 133.33 -9.79 87.75
C ASP A 176 134.61 -9.01 87.99
N GLU A 177 134.75 -8.47 89.19
CA GLU A 177 135.85 -7.59 89.56
C GLU A 177 137.18 -8.35 89.66
N ASP A 180 141.05 -2.33 92.43
CA ASP A 180 140.38 -3.47 93.08
C ASP A 180 140.07 -3.15 94.53
N VAL A 181 138.86 -3.51 94.96
CA VAL A 181 138.38 -3.24 96.31
C VAL A 181 138.22 -4.55 97.07
N VAL A 182 138.98 -4.71 98.15
CA VAL A 182 138.92 -5.92 98.97
C VAL A 182 138.19 -5.67 100.27
N VAL A 183 137.83 -4.42 100.57
CA VAL A 183 137.00 -4.11 101.72
C VAL A 183 135.52 -4.23 101.37
N GLN A 184 135.22 -4.50 100.09
CA GLN A 184 133.86 -4.67 99.60
C GLN A 184 133.02 -5.75 100.32
N PRO A 185 133.57 -6.93 100.70
CA PRO A 185 132.74 -7.84 101.53
C PRO A 185 132.39 -7.28 102.90
N TYR A 186 133.31 -6.52 103.52
CA TYR A 186 133.01 -5.91 104.80
C TYR A 186 131.92 -4.85 104.67
N ASN A 187 132.00 -4.04 103.62
CA ASN A 187 131.01 -3.00 103.37
C ASN A 187 129.64 -3.61 103.07
N SER A 188 129.61 -4.64 102.22
CA SER A 188 128.36 -5.29 101.88
C SER A 188 127.77 -6.03 103.08
N LEU A 189 128.62 -6.57 103.95
CA LEU A 189 128.15 -7.26 105.14
C LEU A 189 127.50 -6.29 106.13
N LEU A 190 128.16 -5.14 106.35
CA LEU A 190 127.58 -4.14 107.25
C LEU A 190 126.30 -3.56 106.67
N THR A 191 126.27 -3.30 105.36
CA THR A 191 125.07 -2.78 104.72
C THR A 191 123.95 -3.81 104.75
N LEU A 192 124.29 -5.10 104.64
CA LEU A 192 123.27 -6.13 104.68
C LEU A 192 122.71 -6.30 106.08
N LYS A 193 123.54 -6.08 107.11
CA LYS A 193 123.04 -6.03 108.48
C LYS A 193 122.00 -4.93 108.64
N ARG A 194 122.29 -3.75 108.08
CA ARG A 194 121.33 -2.65 108.11
C ARG A 194 120.09 -2.99 107.31
N LEU A 195 120.26 -3.69 106.18
CA LEU A 195 119.12 -4.05 105.34
C LEU A 195 118.20 -5.04 106.02
N THR A 196 118.76 -6.01 106.74
CA THR A 196 117.93 -6.98 107.43
C THR A 196 117.23 -6.36 108.64
N GLN A 197 117.87 -5.40 109.30
CA GLN A 197 117.35 -4.91 110.56
C GLN A 197 116.55 -3.63 110.44
N ASN A 198 116.80 -2.81 109.42
CA ASN A 198 116.23 -1.47 109.33
C ASN A 198 115.37 -1.27 108.09
N ALA A 199 114.84 -2.35 107.51
CA ALA A 199 114.02 -2.24 106.32
C ALA A 199 112.82 -3.16 106.44
N ASP A 200 111.71 -2.73 105.83
CA ASP A 200 110.50 -3.54 105.75
C ASP A 200 110.53 -4.51 104.58
N CYS A 201 111.13 -4.10 103.47
CA CYS A 201 111.24 -4.95 102.29
C CYS A 201 112.45 -4.49 101.50
N VAL A 202 113.12 -5.44 100.86
CA VAL A 202 114.29 -5.17 100.03
C VAL A 202 114.10 -5.86 98.69
N VAL A 203 114.29 -5.13 97.60
CA VAL A 203 114.31 -5.70 96.25
C VAL A 203 115.76 -5.79 95.83
N VAL A 204 116.23 -7.02 95.59
CA VAL A 204 117.63 -7.29 95.31
C VAL A 204 117.76 -7.80 93.87
N LEU A 205 118.78 -7.31 93.17
CA LEU A 205 119.14 -7.81 91.86
C LEU A 205 120.61 -8.18 91.87
N ASP A 206 121.02 -8.99 90.89
CA ASP A 206 122.41 -9.37 90.73
C ASP A 206 123.02 -8.60 89.57
N ASN A 207 124.18 -8.00 89.80
CA ASN A 207 124.88 -7.29 88.74
C ASN A 207 125.42 -8.26 87.69
N THR A 208 125.86 -9.44 88.12
CA THR A 208 126.39 -10.43 87.18
C THR A 208 125.27 -11.01 86.30
N ALA A 209 124.07 -11.17 86.86
CA ALA A 209 122.94 -11.69 86.09
C ALA A 209 122.52 -10.73 84.98
N LEU A 210 122.36 -9.46 85.33
CA LEU A 210 122.02 -8.45 84.34
C LEU A 210 123.17 -8.25 83.35
N ASN A 211 124.41 -8.43 83.81
CA ASN A 211 125.56 -8.36 82.92
C ASN A 211 125.55 -9.49 81.90
N ARG A 212 125.21 -10.70 82.35
CA ARG A 212 125.10 -11.85 81.45
C ARG A 212 123.97 -11.65 80.45
N ILE A 213 122.83 -11.15 80.92
CA ILE A 213 121.68 -10.93 80.04
C ILE A 213 121.98 -9.83 79.01
N ALA A 214 122.71 -8.79 79.43
CA ALA A 214 123.05 -7.71 78.51
C ALA A 214 124.07 -8.14 77.47
N THR A 215 125.11 -8.88 77.90
CA THR A 215 126.08 -9.42 76.94
C THR A 215 125.48 -10.53 76.09
N ASP A 216 124.33 -11.09 76.51
CA ASP A 216 123.60 -12.02 75.66
C ASP A 216 122.82 -11.30 74.58
N ARG A 217 121.90 -10.40 74.97
CA ARG A 217 120.93 -9.86 74.02
C ARG A 217 121.57 -8.91 73.01
N LEU A 218 122.62 -8.21 73.42
CA LEU A 218 123.47 -7.47 72.52
C LEU A 218 124.88 -8.04 72.60
N HIS A 219 125.82 -7.33 72.00
CA HIS A 219 127.23 -7.72 72.04
C HIS A 219 128.02 -6.56 72.61
N ILE A 220 127.49 -5.97 73.67
CA ILE A 220 128.10 -4.84 74.35
C ILE A 220 128.99 -5.38 75.45
N GLN A 221 130.15 -4.76 75.63
CA GLN A 221 131.08 -5.13 76.69
C GLN A 221 131.42 -3.94 77.55
N ASN A 222 131.66 -2.78 76.95
CA ASN A 222 132.03 -1.57 77.67
C ASN A 222 130.88 -0.78 78.30
N PRO A 223 129.77 -0.42 77.58
CA PRO A 223 128.74 0.39 78.25
C PRO A 223 127.73 -0.43 79.04
N SER A 224 128.21 -1.35 79.89
CA SER A 224 127.31 -2.25 80.60
C SER A 224 126.49 -1.51 81.65
N PHE A 225 127.07 -0.46 82.25
CA PHE A 225 126.41 0.29 83.33
C PHE A 225 125.10 0.91 82.85
N SER A 226 125.15 1.63 81.74
CA SER A 226 123.99 2.37 81.24
C SER A 226 122.88 1.42 80.81
N GLN A 227 123.23 0.26 80.27
CA GLN A 227 122.22 -0.68 79.83
C GLN A 227 121.57 -1.39 81.02
N ILE A 228 122.37 -1.71 82.04
CA ILE A 228 121.82 -2.18 83.31
C ILE A 228 120.87 -1.15 83.91
N ASN A 229 121.20 0.14 83.77
CA ASN A 229 120.31 1.21 84.24
C ASN A 229 118.97 1.18 83.51
N GLN A 230 118.98 0.89 82.21
CA GLN A 230 117.75 0.72 81.44
C GLN A 230 116.92 -0.42 82.00
N LEU A 231 117.58 -1.53 82.35
CA LEU A 231 116.87 -2.69 82.87
C LEU A 231 116.21 -2.40 84.22
N VAL A 232 116.95 -1.77 85.15
CA VAL A 232 116.38 -1.58 86.49
C VAL A 232 115.29 -0.51 86.44
N SER A 233 115.44 0.49 85.56
CA SER A 233 114.40 1.50 85.43
C SER A 233 113.12 0.91 84.83
N THR A 234 113.27 0.00 83.86
CA THR A 234 112.09 -0.68 83.31
C THR A 234 111.42 -1.57 84.35
N ILE A 235 112.21 -2.24 85.19
CA ILE A 235 111.66 -3.07 86.25
C ILE A 235 110.94 -2.22 87.30
N MET A 236 111.52 -1.06 87.63
CA MET A 236 110.92 -0.20 88.65
C MET A 236 109.63 0.44 88.15
N SER A 237 109.57 0.76 86.85
CA SER A 237 108.31 1.23 86.29
C SER A 237 107.28 0.11 86.24
N ALA A 238 107.72 -1.11 85.92
CA ALA A 238 106.81 -2.24 85.79
C ALA A 238 106.24 -2.64 87.14
N SER A 239 107.03 -2.53 88.21
CA SER A 239 106.57 -2.91 89.53
C SER A 239 105.53 -1.94 90.10
N THR A 240 105.65 -0.65 89.78
CA THR A 240 104.73 0.35 90.28
C THR A 240 103.70 0.78 89.26
N THR A 241 103.61 0.09 88.12
CA THR A 241 102.50 0.30 87.19
C THR A 241 101.14 0.04 87.84
N THR A 242 101.05 -0.96 88.73
CA THR A 242 99.77 -1.26 89.38
C THR A 242 99.41 -0.22 90.43
N LEU A 243 100.38 0.54 90.92
CA LEU A 243 100.07 1.67 91.78
C LEU A 243 99.76 2.92 90.98
N ARG A 244 100.52 3.14 89.90
CA ARG A 244 100.34 4.34 89.09
C ARG A 244 99.08 4.27 88.26
N TYR A 245 98.60 3.07 87.94
CA TYR A 245 97.37 2.92 87.19
C TYR A 245 96.38 2.19 88.07
N PRO A 246 95.17 2.74 88.27
CA PRO A 246 94.26 2.21 89.29
C PRO A 246 93.69 0.87 88.92
N GLY A 247 93.96 -0.11 89.77
CA GLY A 247 93.43 -1.43 89.60
C GLY A 247 92.41 -1.75 90.67
N TYR A 248 92.65 -2.87 91.35
CA TYR A 248 91.75 -3.36 92.37
C TYR A 248 92.51 -3.73 93.62
N MET A 249 93.80 -4.04 93.47
CA MET A 249 94.69 -4.39 94.55
C MET A 249 96.09 -3.95 94.13
N ASN A 250 96.94 -3.71 95.12
CA ASN A 250 98.30 -3.19 94.97
C ASN A 250 98.24 -1.81 94.30
N ASN A 251 97.24 -1.03 94.68
CA ASN A 251 97.26 0.41 94.51
C ASN A 251 97.84 1.08 95.75
N ASP A 252 98.28 0.27 96.71
CA ASP A 252 99.14 0.65 97.81
C ASP A 252 100.30 -0.34 97.81
N LEU A 253 101.42 0.09 98.38
CA LEU A 253 102.63 -0.73 98.34
C LEU A 253 102.50 -1.95 99.24
N ILE A 254 101.84 -1.77 100.40
CA ILE A 254 101.87 -2.77 101.48
C ILE A 254 101.13 -4.03 101.06
N GLY A 255 100.18 -3.93 100.14
CA GLY A 255 99.47 -5.11 99.66
C GLY A 255 100.36 -6.01 98.81
N LEU A 256 101.15 -5.41 97.93
CA LEU A 256 102.13 -6.19 97.16
C LEU A 256 103.24 -6.71 98.06
N ILE A 257 103.62 -5.92 99.07
CA ILE A 257 104.67 -6.31 100.00
C ILE A 257 104.20 -7.46 100.90
N ALA A 258 102.89 -7.55 101.15
CA ALA A 258 102.35 -8.44 102.18
C ALA A 258 102.48 -9.92 101.84
N SER A 259 102.10 -10.30 100.61
CA SER A 259 101.98 -11.72 100.29
C SER A 259 103.35 -12.39 100.16
N LEU A 260 104.33 -11.67 99.62
CA LEU A 260 105.63 -12.28 99.38
C LEU A 260 106.42 -12.46 100.67
N ILE A 261 106.16 -11.60 101.67
CA ILE A 261 106.94 -11.57 102.90
C ILE A 261 106.15 -12.26 104.00
N PRO A 262 106.56 -13.44 104.46
CA PRO A 262 105.75 -14.17 105.44
C PRO A 262 106.09 -13.81 106.87
N THR A 263 107.21 -13.13 107.08
CA THR A 263 107.82 -12.93 108.39
C THR A 263 108.88 -11.82 108.23
N PRO A 264 109.16 -11.06 109.29
CA PRO A 264 110.05 -9.89 109.14
C PRO A 264 111.50 -10.17 108.75
N ARG A 265 111.93 -11.42 108.74
CA ARG A 265 113.31 -11.70 108.37
C ARG A 265 113.45 -12.03 106.88
N LEU A 266 112.45 -12.67 106.29
CA LEU A 266 112.52 -13.01 104.88
C LEU A 266 111.76 -11.94 104.11
N HIS A 267 112.46 -10.86 103.76
CA HIS A 267 111.81 -9.75 103.07
C HIS A 267 112.58 -9.37 101.81
N PHE A 268 113.35 -10.31 101.27
CA PHE A 268 114.20 -10.08 100.11
C PHE A 268 113.58 -10.77 98.91
N LEU A 269 113.38 -10.02 97.83
CA LEU A 269 112.52 -10.45 96.73
C LEU A 269 113.31 -10.58 95.45
N MET A 270 113.12 -11.69 94.74
CA MET A 270 113.74 -11.88 93.44
C MET A 270 112.99 -11.08 92.38
N THR A 271 113.71 -10.72 91.32
CA THR A 271 113.14 -9.96 90.22
C THR A 271 112.99 -10.85 89.00
N GLY A 272 111.78 -10.86 88.44
CA GLY A 272 111.53 -11.48 87.15
C GLY A 272 110.73 -10.56 86.26
N TYR A 273 110.92 -10.75 84.95
CA TYR A 273 110.23 -10.00 83.91
C TYR A 273 110.40 -10.79 82.62
N THR A 274 109.27 -11.15 81.99
CA THR A 274 109.29 -12.30 81.07
C THR A 274 109.84 -11.95 79.69
N PRO A 275 109.51 -10.82 79.07
CA PRO A 275 110.39 -10.35 78.00
C PRO A 275 111.69 -9.90 78.62
N LEU A 276 112.79 -10.39 78.11
CA LEU A 276 114.04 -9.64 78.26
C LEU A 276 114.21 -8.70 77.06
N THR A 277 113.19 -8.63 76.21
CA THR A 277 113.23 -7.89 74.95
C THR A 277 112.20 -6.78 74.95
N THR A 278 112.61 -5.60 74.48
CA THR A 278 111.68 -4.60 73.94
C THR A 278 112.30 -3.96 72.71
N ASP A 279 113.58 -4.26 72.46
CA ASP A 279 114.33 -3.67 71.36
C ASP A 279 114.18 -4.50 70.09
N LYS A 287 99.61 -13.25 68.81
CA LYS A 287 101.06 -13.39 68.79
C LYS A 287 101.53 -14.04 70.07
N THR A 288 101.59 -13.26 71.14
CA THR A 288 101.98 -13.76 72.45
C THR A 288 100.74 -13.92 73.33
N THR A 289 100.71 -14.99 74.11
CA THR A 289 99.62 -15.22 75.03
C THR A 289 100.14 -15.27 76.46
N VAL A 290 99.20 -15.30 77.39
CA VAL A 290 99.53 -15.37 78.82
C VAL A 290 100.14 -16.74 79.14
N LEU A 291 99.67 -17.77 78.46
CA LEU A 291 100.06 -19.15 78.75
C LEU A 291 101.55 -19.36 78.46
N ASP A 292 102.01 -18.85 77.32
CA ASP A 292 103.41 -18.98 76.93
C ASP A 292 104.30 -18.15 77.82
N VAL A 293 103.88 -16.93 78.17
CA VAL A 293 104.76 -16.10 78.98
C VAL A 293 104.77 -16.57 80.44
N MET A 294 103.74 -17.31 80.86
CA MET A 294 103.79 -17.90 82.20
C MET A 294 104.83 -19.02 82.25
N ARG A 295 104.78 -19.93 81.29
CA ARG A 295 105.78 -21.00 81.26
C ARG A 295 107.17 -20.46 80.93
N ARG A 296 107.24 -19.33 80.22
CA ARG A 296 108.53 -18.70 79.95
C ARG A 296 109.04 -17.96 81.17
N LEU A 297 108.15 -17.54 82.05
CA LEU A 297 108.58 -16.84 83.25
C LEU A 297 109.15 -17.80 84.28
N LEU A 298 108.59 -19.01 84.37
CA LEU A 298 108.93 -19.89 85.48
C LEU A 298 110.33 -20.51 85.40
N GLN A 299 111.07 -20.31 84.31
CA GLN A 299 112.41 -20.87 84.28
C GLN A 299 113.37 -19.94 85.03
N PRO A 300 114.46 -20.47 85.62
CA PRO A 300 115.38 -19.60 86.35
C PRO A 300 116.37 -18.85 85.45
N LYS A 301 116.19 -18.92 84.13
CA LYS A 301 117.01 -18.14 83.22
C LYS A 301 116.24 -17.06 82.49
N ASN A 302 114.93 -16.95 82.72
CA ASN A 302 114.24 -15.68 82.53
C ASN A 302 114.12 -14.91 83.83
N VAL A 303 114.74 -15.38 84.90
CA VAL A 303 114.88 -14.60 86.13
C VAL A 303 116.13 -13.73 86.01
N MET A 304 115.99 -12.46 86.37
CA MET A 304 117.09 -11.50 86.27
C MET A 304 117.96 -11.50 87.52
N VAL A 305 117.78 -12.50 88.39
CA VAL A 305 118.69 -12.79 89.49
C VAL A 305 119.20 -14.21 89.31
N SER A 306 120.48 -14.34 88.96
CA SER A 306 121.06 -15.63 88.65
C SER A 306 122.16 -15.99 89.63
N THR A 313 120.79 -29.71 97.08
CA THR A 313 119.89 -29.29 98.15
C THR A 313 118.52 -28.91 97.60
N ASN A 314 117.58 -28.66 98.51
CA ASN A 314 116.23 -28.26 98.13
C ASN A 314 116.10 -26.74 98.22
N HIS A 315 115.80 -26.11 97.09
CA HIS A 315 115.53 -24.68 97.04
C HIS A 315 114.11 -24.45 96.57
N CYS A 316 113.35 -23.71 97.37
CA CYS A 316 111.92 -23.61 97.19
C CYS A 316 111.49 -22.19 97.47
N TYR A 317 110.63 -21.67 96.60
CA TYR A 317 110.10 -20.32 96.80
C TYR A 317 109.18 -20.30 98.01
N ILE A 318 109.19 -19.17 98.71
CA ILE A 318 108.17 -18.92 99.73
C ILE A 318 106.86 -18.49 99.09
N ALA A 319 106.90 -17.45 98.26
CA ALA A 319 105.72 -16.95 97.58
C ALA A 319 106.14 -16.19 96.33
N ILE A 320 105.38 -16.37 95.26
CA ILE A 320 105.61 -15.66 94.02
C ILE A 320 104.39 -14.78 93.76
N LEU A 321 104.62 -13.63 93.15
CA LEU A 321 103.52 -12.84 92.65
C LEU A 321 103.89 -12.31 91.27
N ASN A 322 103.00 -12.52 90.31
CA ASN A 322 103.24 -12.04 88.97
C ASN A 322 102.17 -11.03 88.60
N ILE A 323 102.59 -9.99 87.88
CA ILE A 323 101.70 -8.95 87.39
C ILE A 323 101.87 -8.89 85.89
N ILE A 324 100.74 -8.93 85.17
CA ILE A 324 100.76 -8.94 83.71
C ILE A 324 100.07 -7.68 83.22
N GLN A 325 100.52 -7.19 82.06
CA GLN A 325 99.98 -5.99 81.44
C GLN A 325 99.87 -6.23 79.93
N GLY A 326 98.66 -6.12 79.40
CA GLY A 326 98.49 -6.26 77.97
C GLY A 326 97.06 -6.49 77.55
N GLU A 327 96.91 -7.05 76.36
CA GLU A 327 95.61 -7.33 75.75
C GLU A 327 95.13 -8.71 76.19
N VAL A 328 94.91 -8.88 77.49
CA VAL A 328 94.76 -10.19 78.10
C VAL A 328 93.30 -10.64 77.98
N ASP A 329 93.09 -11.75 77.29
CA ASP A 329 91.83 -12.46 77.42
C ASP A 329 91.73 -13.05 78.83
N PRO A 330 90.61 -12.85 79.51
CA PRO A 330 90.53 -13.28 80.92
C PRO A 330 90.46 -14.79 81.12
N THR A 331 90.14 -15.54 80.07
CA THR A 331 90.18 -16.99 80.16
C THR A 331 91.61 -17.52 80.08
N GLN A 332 92.53 -16.72 79.54
CA GLN A 332 93.89 -17.18 79.33
C GLN A 332 94.65 -17.36 80.63
N VAL A 333 94.48 -16.44 81.59
CA VAL A 333 95.14 -16.55 82.88
C VAL A 333 94.62 -17.75 83.66
N HIS A 334 93.37 -18.11 83.40
CA HIS A 334 92.66 -19.17 84.09
C HIS A 334 93.23 -20.53 83.72
N LYS A 335 93.28 -20.81 82.42
CA LYS A 335 93.81 -22.09 81.95
C LYS A 335 95.33 -22.12 82.00
N SER A 336 95.99 -20.97 81.92
CA SER A 336 97.43 -20.92 82.16
C SER A 336 97.76 -21.35 83.58
N LEU A 337 96.98 -20.89 84.56
CA LEU A 337 97.23 -21.28 85.94
C LEU A 337 96.89 -22.74 86.17
N GLN A 338 95.88 -23.25 85.43
CA GLN A 338 95.66 -24.70 85.34
C GLN A 338 96.92 -25.44 84.90
N ARG A 339 97.53 -25.01 83.79
CA ARG A 339 98.72 -25.70 83.27
C ARG A 339 99.89 -25.60 84.24
N ILE A 340 100.04 -24.44 84.89
CA ILE A 340 101.11 -24.24 85.86
C ILE A 340 100.93 -25.16 87.05
N ARG A 341 99.68 -25.45 87.44
CA ARG A 341 99.47 -26.39 88.54
C ARG A 341 99.87 -27.80 88.15
N GLU A 342 99.30 -28.34 87.07
CA GLU A 342 99.51 -29.76 86.82
C GLU A 342 100.86 -30.04 86.19
N ARG A 343 101.56 -29.00 85.72
CA ARG A 343 102.94 -29.21 85.32
C ARG A 343 103.91 -29.14 86.49
N LYS A 344 103.59 -28.33 87.51
CA LYS A 344 104.44 -28.09 88.68
C LYS A 344 105.81 -27.52 88.28
N LEU A 345 105.80 -26.40 87.57
CA LEU A 345 107.04 -25.77 87.13
C LEU A 345 107.52 -24.64 88.03
N ALA A 346 106.96 -24.54 89.23
CA ALA A 346 107.28 -23.51 90.21
C ALA A 346 107.64 -24.23 91.50
N ASN A 347 108.52 -23.64 92.30
CA ASN A 347 108.93 -24.27 93.54
C ASN A 347 108.01 -23.80 94.66
N PHE A 348 107.54 -24.78 95.42
CA PHE A 348 106.40 -24.73 96.32
C PHE A 348 106.83 -24.19 97.67
N ILE A 349 105.86 -24.01 98.56
CA ILE A 349 106.18 -23.72 99.95
C ILE A 349 105.72 -24.89 100.81
N PRO A 350 106.60 -25.49 101.64
CA PRO A 350 106.16 -26.58 102.51
C PRO A 350 105.11 -26.16 103.53
N TRP A 351 105.47 -25.22 104.40
CA TRP A 351 104.64 -24.85 105.54
C TRP A 351 103.52 -23.91 105.16
N GLY A 352 102.60 -24.34 104.32
CA GLY A 352 101.45 -23.52 104.01
C GLY A 352 101.12 -23.47 102.55
N PRO A 353 100.06 -22.73 102.20
CA PRO A 353 99.90 -22.24 100.83
C PRO A 353 100.34 -20.80 100.66
N ALA A 354 101.26 -20.57 99.73
CA ALA A 354 101.64 -19.23 99.30
C ALA A 354 102.24 -19.34 97.91
N SER A 355 101.45 -19.03 96.89
CA SER A 355 101.80 -19.46 95.54
C SER A 355 101.82 -18.27 94.60
N ILE A 356 102.14 -18.55 93.33
CA ILE A 356 102.17 -17.51 92.32
C ILE A 356 100.77 -16.99 92.07
N GLN A 357 100.61 -15.68 92.17
CA GLN A 357 99.31 -15.04 92.09
C GLN A 357 99.25 -14.24 90.81
N VAL A 358 98.15 -14.38 90.08
CA VAL A 358 97.97 -13.70 88.81
C VAL A 358 97.37 -12.33 89.08
N ALA A 359 98.08 -11.30 88.64
CA ALA A 359 97.57 -9.94 88.70
C ALA A 359 97.59 -9.35 87.30
N LEU A 360 96.56 -8.56 87.01
CA LEU A 360 96.39 -7.98 85.69
C LEU A 360 96.45 -6.47 85.82
N SER A 361 97.21 -5.84 84.94
CA SER A 361 97.36 -4.40 84.96
C SER A 361 97.17 -3.85 83.56
N ARG A 362 97.00 -2.53 83.49
CA ARG A 362 96.68 -1.83 82.27
C ARG A 362 97.94 -1.62 81.44
N LYS A 363 97.81 -1.72 80.13
CA LYS A 363 98.93 -1.38 79.26
C LYS A 363 99.10 0.13 79.22
N SER A 364 100.34 0.58 79.41
CA SER A 364 100.62 2.00 79.57
C SER A 364 100.53 2.73 78.24
N PRO A 365 100.11 4.00 78.23
CA PRO A 365 100.18 4.80 76.99
C PRO A 365 101.61 5.18 76.66
N TYR A 366 101.91 5.15 75.36
CA TYR A 366 103.19 5.57 74.78
C TYR A 366 104.33 4.65 75.22
N LEU A 367 104.05 3.35 75.28
CA LEU A 367 105.10 2.35 75.45
C LEU A 367 105.26 1.62 74.11
N PRO A 368 106.48 1.19 73.77
CA PRO A 368 106.71 0.56 72.46
C PRO A 368 106.01 -0.78 72.32
N SER A 369 105.43 -1.00 71.13
CA SER A 369 104.52 -2.12 70.89
C SER A 369 105.29 -3.37 70.51
N ALA A 370 106.11 -3.85 71.42
CA ALA A 370 106.71 -5.18 71.32
C ALA A 370 106.38 -5.94 72.59
N HIS A 371 106.12 -7.25 72.46
CA HIS A 371 105.62 -8.11 73.54
C HIS A 371 104.35 -7.53 74.15
N ARG A 372 103.28 -7.49 73.34
CA ARG A 372 102.01 -6.89 73.72
C ARG A 372 101.41 -7.47 74.99
N VAL A 373 101.62 -8.76 75.24
CA VAL A 373 101.29 -9.37 76.52
C VAL A 373 102.60 -9.56 77.27
N SER A 374 102.81 -8.77 78.32
CA SER A 374 104.08 -8.75 79.02
C SER A 374 103.84 -8.81 80.51
N GLY A 375 104.56 -9.69 81.19
CA GLY A 375 104.41 -9.87 82.62
C GLY A 375 105.75 -9.83 83.32
N LEU A 376 105.69 -9.51 84.61
CA LEU A 376 106.85 -9.49 85.49
C LEU A 376 106.47 -10.21 86.76
N MET A 377 107.48 -10.69 87.49
CA MET A 377 107.21 -11.36 88.75
C MET A 377 108.14 -10.85 89.84
N MET A 378 107.62 -10.84 91.07
CA MET A 378 108.40 -10.66 92.28
C MET A 378 108.17 -11.87 93.16
N ALA A 379 109.25 -12.45 93.67
CA ALA A 379 109.15 -13.73 94.35
C ALA A 379 110.13 -13.78 95.52
N ASN A 380 109.69 -14.45 96.59
CA ASN A 380 110.55 -14.72 97.74
C ASN A 380 111.10 -16.13 97.61
N HIS A 381 112.38 -16.25 97.33
CA HIS A 381 113.04 -17.53 97.11
C HIS A 381 114.13 -17.74 98.14
N THR A 382 114.32 -18.99 98.55
CA THR A 382 115.43 -19.37 99.41
C THR A 382 116.76 -19.47 98.66
N SER A 383 116.76 -19.33 97.34
CA SER A 383 118.00 -19.46 96.57
C SER A 383 118.93 -18.28 96.78
N ILE A 384 118.40 -17.14 97.25
CA ILE A 384 119.25 -15.98 97.52
C ILE A 384 120.12 -16.20 98.76
N SER A 385 119.77 -17.19 99.60
CA SER A 385 120.63 -17.60 100.71
C SER A 385 121.98 -18.09 100.21
N SER A 386 122.01 -18.72 99.03
CA SER A 386 123.26 -19.18 98.45
C SER A 386 124.17 -18.00 98.11
N LEU A 387 123.60 -16.95 97.53
CA LEU A 387 124.38 -15.76 97.20
C LEU A 387 124.86 -15.05 98.45
N PHE A 388 124.01 -15.02 99.47
CA PHE A 388 124.40 -14.45 100.76
C PHE A 388 125.55 -15.21 101.40
N GLU A 389 125.48 -16.54 101.41
CA GLU A 389 126.55 -17.31 102.03
C GLU A 389 127.81 -17.32 101.18
N ARG A 390 127.69 -17.11 99.86
CA ARG A 390 128.89 -16.90 99.04
C ARG A 390 129.62 -15.65 99.44
N THR A 391 128.89 -14.54 99.59
CA THR A 391 129.51 -13.29 100.02
C THR A 391 130.00 -13.40 101.46
N CYS A 392 129.27 -14.15 102.29
CA CYS A 392 129.74 -14.45 103.64
C CYS A 392 131.02 -15.25 103.62
N ARG A 393 131.17 -16.16 102.66
CA ARG A 393 132.38 -16.96 102.55
C ARG A 393 133.55 -16.11 102.10
N GLN A 394 133.29 -15.16 101.19
CA GLN A 394 134.32 -14.20 100.80
C GLN A 394 134.76 -13.34 101.99
N TYR A 395 133.78 -12.86 102.77
CA TYR A 395 134.09 -12.10 103.98
C TYR A 395 134.86 -12.95 104.98
N ASP A 396 134.47 -14.22 105.14
CA ASP A 396 135.13 -15.12 106.07
C ASP A 396 136.56 -15.39 105.66
N LYS A 397 136.79 -15.51 104.34
CA LYS A 397 138.15 -15.70 103.84
C LYS A 397 139.02 -14.49 104.13
N LEU A 398 138.56 -13.30 103.74
CA LEU A 398 139.35 -12.09 103.96
C LEU A 398 139.47 -11.76 105.44
N ARG A 399 138.49 -12.18 106.24
CA ARG A 399 138.53 -11.91 107.68
C ARG A 399 139.47 -12.89 108.38
N LYS A 400 139.56 -14.11 107.90
CA LYS A 400 140.48 -15.09 108.47
C LYS A 400 141.90 -14.74 108.12
N ARG A 401 142.11 -14.23 106.89
CA ARG A 401 143.47 -13.89 106.47
C ARG A 401 144.00 -12.67 107.20
N GLU A 402 143.11 -11.72 107.56
CA GLU A 402 143.44 -10.45 108.21
C GLU A 402 144.50 -9.66 107.45
N ALA A 403 144.26 -9.46 106.16
CA ALA A 403 145.15 -8.64 105.35
C ALA A 403 144.37 -7.74 104.39
N PHE A 404 143.05 -7.66 104.57
CA PHE A 404 142.19 -7.02 103.59
C PHE A 404 141.22 -6.03 104.23
N LEU A 405 141.50 -5.61 105.46
CA LEU A 405 140.83 -4.44 106.01
C LEU A 405 141.48 -3.16 105.50
N GLU A 406 142.75 -3.26 105.06
CA GLU A 406 143.58 -2.22 104.44
C GLU A 406 143.95 -1.09 105.39
N GLN A 407 143.55 -1.22 106.67
CA GLN A 407 143.62 -0.18 107.70
C GLN A 407 143.05 1.14 107.17
N PHE A 408 141.76 1.15 106.86
CA PHE A 408 141.09 2.39 106.54
C PHE A 408 140.89 3.15 107.84
N ARG A 409 141.22 4.45 107.80
CA ARG A 409 141.25 5.25 109.02
C ARG A 409 139.85 5.49 109.56
N LYS A 410 138.87 5.65 108.67
CA LYS A 410 137.49 5.79 109.11
C LYS A 410 136.96 4.48 109.67
N GLU A 411 137.44 3.36 109.13
CA GLU A 411 137.05 2.05 109.65
C GLU A 411 137.61 1.81 111.05
N ASP A 412 138.84 2.28 111.28
CA ASP A 412 139.44 2.15 112.61
C ASP A 412 138.79 3.11 113.60
N MET A 413 138.57 4.36 113.20
CA MET A 413 138.03 5.35 114.12
C MET A 413 136.55 5.11 114.40
N PHE A 414 135.84 4.54 113.44
CA PHE A 414 134.44 4.20 113.64
C PHE A 414 134.28 3.06 114.64
N LYS A 415 135.12 2.04 114.52
CA LYS A 415 135.09 0.92 115.45
C LYS A 415 136.51 0.39 115.59
N ASP A 416 137.16 0.71 116.72
CA ASP A 416 138.52 0.25 116.94
C ASP A 416 138.57 -1.24 117.22
N ASN A 417 137.48 -1.81 117.71
CA ASN A 417 137.41 -3.22 118.03
C ASN A 417 136.81 -4.05 116.90
N PHE A 418 136.14 -3.40 115.95
CA PHE A 418 135.52 -4.03 114.76
C PHE A 418 134.51 -5.10 115.16
N ASP A 419 133.77 -4.84 116.25
CA ASP A 419 132.76 -5.77 116.72
C ASP A 419 131.48 -5.68 115.91
N GLU A 420 131.30 -4.61 115.15
CA GLU A 420 130.14 -4.49 114.27
C GLU A 420 130.21 -5.51 113.15
N MET A 421 131.41 -5.86 112.71
CA MET A 421 131.56 -6.93 111.73
C MET A 421 131.13 -8.28 112.31
N ASP A 422 131.45 -8.50 113.59
CA ASP A 422 131.02 -9.73 114.26
C ASP A 422 129.51 -9.76 114.45
N THR A 423 128.92 -8.61 114.81
CA THR A 423 127.48 -8.52 115.00
C THR A 423 126.74 -8.73 113.69
N SER A 424 127.24 -8.14 112.61
CA SER A 424 126.66 -8.32 111.29
C SER A 424 126.82 -9.75 110.81
N ARG A 425 127.94 -10.39 111.13
CA ARG A 425 128.13 -11.80 110.80
C ARG A 425 127.15 -12.68 111.55
N GLU A 426 126.90 -12.36 112.82
CA GLU A 426 125.91 -13.09 113.60
C GLU A 426 124.50 -12.91 113.04
N ILE A 427 124.16 -11.69 112.65
CA ILE A 427 122.84 -11.40 112.12
C ILE A 427 122.63 -12.09 110.78
N VAL A 428 123.65 -12.07 109.91
CA VAL A 428 123.51 -12.74 108.62
C VAL A 428 123.56 -14.25 108.80
N GLN A 429 124.19 -14.74 109.86
CA GLN A 429 124.15 -16.18 110.12
C GLN A 429 122.77 -16.61 110.60
N GLN A 430 122.15 -15.80 111.46
CA GLN A 430 120.77 -16.04 111.87
C GLN A 430 119.83 -15.96 110.68
N LEU A 431 120.13 -15.07 109.75
CA LEU A 431 119.33 -14.94 108.53
C LEU A 431 119.43 -16.19 107.66
N ILE A 432 120.64 -16.71 107.48
CA ILE A 432 120.85 -17.95 106.73
C ILE A 432 120.15 -19.13 107.41
N ASP A 433 120.21 -19.17 108.75
CA ASP A 433 119.55 -20.24 109.49
C ASP A 433 118.04 -20.15 109.38
N GLU A 434 117.49 -18.94 109.41
CA GLU A 434 116.05 -18.78 109.25
C GLU A 434 115.61 -19.10 107.83
N TYR A 435 116.46 -18.80 106.84
CA TYR A 435 116.21 -19.22 105.46
C TYR A 435 116.12 -20.74 105.34
N HIS A 436 117.11 -21.43 105.91
CA HIS A 436 117.13 -22.88 105.88
C HIS A 436 116.01 -23.48 106.72
N ALA A 437 115.57 -22.78 107.76
CA ALA A 437 114.46 -23.26 108.56
C ALA A 437 113.14 -23.10 107.83
N ALA A 438 113.00 -22.02 107.06
CA ALA A 438 111.82 -21.84 106.22
C ALA A 438 111.79 -22.83 105.08
N THR A 439 112.97 -23.31 104.67
CA THR A 439 113.04 -24.38 103.69
C THR A 439 112.43 -25.67 104.21
N ARG A 440 112.49 -25.89 105.53
CA ARG A 440 112.02 -27.13 106.12
C ARG A 440 110.50 -27.21 106.10
N PRO A 441 109.94 -28.42 106.17
CA PRO A 441 108.48 -28.54 106.35
C PRO A 441 108.00 -28.07 107.70
N ASP A 442 108.88 -27.96 108.68
CA ASP A 442 108.56 -27.35 109.96
C ASP A 442 109.19 -25.98 109.99
N TYR A 443 108.37 -24.96 110.25
CA TYR A 443 108.91 -23.65 110.56
C TYR A 443 108.38 -23.27 111.92
N ILE A 444 108.17 -24.30 112.75
CA ILE A 444 108.11 -24.17 114.20
C ILE A 444 109.49 -24.50 114.77
N SER A 445 110.50 -24.45 113.92
CA SER A 445 111.90 -24.54 114.30
C SER A 445 112.61 -23.33 113.69
N TRP A 446 113.21 -22.52 114.55
CA TRP A 446 113.61 -21.17 114.17
C TRP A 446 115.13 -21.02 114.21
N GLY A 447 115.59 -19.81 113.91
CA GLY A 447 117.01 -19.53 113.89
C GLY A 447 117.31 -18.06 114.07
N ARG B 3 85.06 51.46 100.06
CA ARG B 3 84.87 52.50 99.06
C ARG B 3 86.11 52.65 98.19
N GLU B 4 86.88 53.71 98.42
CA GLU B 4 88.08 53.97 97.65
C GLU B 4 89.31 53.76 98.52
N ILE B 5 90.34 53.15 97.95
CA ILE B 5 91.55 52.79 98.67
C ILE B 5 92.71 53.61 98.10
N ILE B 6 93.47 54.24 99.00
CA ILE B 6 94.68 54.96 98.63
C ILE B 6 95.87 54.14 99.09
N THR B 7 96.70 53.73 98.14
CA THR B 7 97.77 52.77 98.38
C THR B 7 99.09 53.53 98.54
N LEU B 8 99.83 53.18 99.59
CA LEU B 8 101.06 53.86 99.93
C LEU B 8 102.21 52.89 99.72
N GLN B 9 103.26 53.36 99.07
CA GLN B 9 104.43 52.50 98.81
C GLN B 9 105.68 53.27 99.18
N LEU B 10 106.62 52.57 99.83
CA LEU B 10 107.80 53.20 100.39
C LEU B 10 108.87 52.14 100.56
N GLY B 11 110.13 52.56 100.48
CA GLY B 11 111.24 51.65 100.49
C GLY B 11 111.43 50.99 99.13
N GLN B 12 112.61 50.39 98.93
CA GLN B 12 112.88 49.75 97.64
C GLN B 12 112.06 48.50 97.46
N CYS B 13 111.93 47.69 98.51
CA CYS B 13 111.11 46.50 98.45
C CYS B 13 109.63 46.84 98.35
N GLY B 14 109.20 47.87 99.08
CA GLY B 14 107.80 48.30 99.02
C GLY B 14 107.44 48.92 97.68
N ASN B 15 108.35 49.70 97.10
CA ASN B 15 108.10 50.23 95.76
C ASN B 15 108.18 49.13 94.72
N GLN B 16 108.97 48.09 94.96
CA GLN B 16 109.01 46.95 94.07
C GLN B 16 107.68 46.21 94.04
N ILE B 17 107.14 45.87 95.22
CA ILE B 17 105.86 45.17 95.27
C ILE B 17 104.71 46.06 94.82
N GLY B 18 104.78 47.37 95.07
CA GLY B 18 103.77 48.27 94.54
C GLY B 18 103.83 48.39 93.04
N PHE B 19 105.04 48.38 92.47
CA PHE B 19 105.23 48.44 91.03
C PHE B 19 104.64 47.21 90.36
N GLU B 20 104.93 46.02 90.91
CA GLU B 20 104.38 44.81 90.31
C GLU B 20 102.89 44.70 90.52
N PHE B 21 102.37 45.21 91.65
CA PHE B 21 100.94 45.19 91.87
C PHE B 21 100.20 46.14 90.93
N TRP B 22 100.78 47.32 90.69
CA TRP B 22 100.17 48.26 89.76
C TRP B 22 100.23 47.74 88.34
N LYS B 23 101.33 47.10 87.97
CA LYS B 23 101.43 46.47 86.65
C LYS B 23 100.43 45.33 86.51
N GLN B 24 100.21 44.58 87.60
CA GLN B 24 99.24 43.49 87.59
C GLN B 24 97.82 44.01 87.42
N LEU B 25 97.47 45.07 88.14
CA LEU B 25 96.14 45.65 87.96
C LEU B 25 95.99 46.40 86.66
N CYS B 26 97.09 46.86 86.06
CA CYS B 26 97.04 47.46 84.73
C CYS B 26 96.74 46.40 83.68
N ALA B 27 97.40 45.25 83.77
CA ALA B 27 97.12 44.15 82.86
C ALA B 27 95.74 43.57 83.11
N GLU B 28 95.28 43.61 84.37
CA GLU B 28 94.02 42.98 84.71
C GLU B 28 92.84 43.79 84.18
N HIS B 29 92.79 45.07 84.51
CA HIS B 29 91.70 45.91 84.05
C HIS B 29 91.99 46.37 82.62
N GLY B 30 90.96 46.94 81.99
CA GLY B 30 91.08 47.34 80.60
C GLY B 30 91.74 48.69 80.41
N ILE B 31 93.05 48.76 80.68
CA ILE B 31 93.82 49.98 80.53
C ILE B 31 95.16 49.66 79.91
N SER B 32 95.70 50.63 79.19
CA SER B 32 97.05 50.60 78.67
C SER B 32 98.04 50.98 79.77
N PRO B 33 99.35 50.81 79.56
CA PRO B 33 100.32 51.39 80.51
C PRO B 33 100.32 52.91 80.54
N GLU B 34 99.76 53.56 79.52
CA GLU B 34 99.46 54.98 79.62
C GLU B 34 98.17 55.23 80.38
N GLY B 35 97.25 54.26 80.35
CA GLY B 35 95.93 54.43 80.91
C GLY B 35 94.82 54.53 79.88
N ILE B 36 95.06 54.04 78.68
CA ILE B 36 94.10 54.21 77.60
C ILE B 36 93.02 53.14 77.71
N VAL B 37 91.76 53.56 77.60
CA VAL B 37 90.61 52.72 77.89
C VAL B 37 90.48 51.62 76.83
N GLU B 38 90.08 50.44 77.27
CA GLU B 38 89.83 49.33 76.35
C GLU B 38 88.34 49.16 76.13
N GLU B 39 88.00 48.27 75.19
CA GLU B 39 86.61 48.11 74.80
C GLU B 39 85.90 47.02 75.60
N PHE B 40 86.62 46.30 76.46
CA PHE B 40 85.98 45.27 77.26
C PHE B 40 85.77 45.74 78.70
N ALA B 41 86.09 46.99 79.00
CA ALA B 41 85.97 47.52 80.34
C ALA B 41 85.68 49.02 80.29
N THR B 45 79.91 43.73 85.37
CA THR B 45 79.87 44.12 86.79
C THR B 45 81.29 44.29 87.34
N ASP B 46 81.76 45.52 87.33
CA ASP B 46 83.13 45.84 87.73
C ASP B 46 83.14 47.11 88.58
N ARG B 47 84.35 47.56 88.94
CA ARG B 47 84.57 48.92 89.43
C ARG B 47 86.01 49.31 89.14
N LYS B 48 86.20 50.55 88.70
CA LYS B 48 87.54 51.08 88.43
C LYS B 48 87.74 52.36 89.24
N ASP B 49 87.31 52.35 90.50
CA ASP B 49 87.40 53.52 91.35
C ASP B 49 87.85 53.13 92.75
N VAL B 50 88.46 51.95 92.88
CA VAL B 50 88.88 51.47 94.19
C VAL B 50 90.33 51.83 94.45
N PHE B 51 91.21 51.52 93.51
CA PHE B 51 92.59 51.96 93.56
C PHE B 51 92.85 53.07 92.56
N PHE B 52 91.93 53.28 91.63
CA PHE B 52 92.12 54.17 90.50
C PHE B 52 91.28 55.41 90.72
N TYR B 53 91.89 56.57 90.52
CA TYR B 53 91.07 57.74 90.28
C TYR B 53 90.76 57.81 88.79
N GLN B 54 89.52 58.16 88.46
CA GLN B 54 89.18 58.57 87.11
C GLN B 54 89.90 59.90 86.92
N ALA B 55 91.09 59.84 86.36
CA ALA B 55 91.94 61.02 86.36
C ALA B 55 91.83 61.74 85.03
N ASP B 56 92.49 62.88 84.97
CA ASP B 56 91.98 63.99 84.17
C ASP B 56 92.62 64.10 82.81
N ASP B 57 93.25 63.03 82.33
CA ASP B 57 93.66 62.90 80.95
C ASP B 57 93.23 61.58 80.34
N GLU B 58 92.09 61.05 80.83
CA GLU B 58 91.45 59.79 80.40
C GLU B 58 92.39 58.61 80.67
N HIS B 59 93.23 58.76 81.68
CA HIS B 59 94.00 57.66 82.24
C HIS B 59 93.49 57.43 83.65
N TYR B 60 93.15 56.18 83.96
CA TYR B 60 92.72 55.85 85.33
C TYR B 60 93.97 55.77 86.19
N ILE B 61 94.45 56.93 86.63
CA ILE B 61 95.71 57.04 87.35
C ILE B 61 95.49 56.59 88.78
N PRO B 62 96.22 55.59 89.26
CA PRO B 62 96.08 55.17 90.65
C PRO B 62 96.57 56.21 91.62
N ARG B 63 95.90 56.29 92.76
CA ARG B 63 96.34 57.15 93.85
C ARG B 63 97.45 56.44 94.61
N ALA B 64 98.69 56.71 94.24
CA ALA B 64 99.85 56.07 94.84
C ALA B 64 100.82 57.14 95.33
N VAL B 65 101.28 56.97 96.57
CA VAL B 65 102.31 57.84 97.13
C VAL B 65 103.66 57.22 96.85
N LEU B 66 104.49 57.91 96.08
CA LEU B 66 105.79 57.42 95.67
C LEU B 66 106.83 58.00 96.61
N LEU B 67 107.44 57.12 97.40
CA LEU B 67 108.46 57.52 98.35
C LEU B 67 109.75 56.79 98.01
N ASP B 68 110.86 57.53 98.06
CA ASP B 68 112.15 56.95 97.73
C ASP B 68 113.14 57.25 98.84
N LEU B 69 113.98 56.26 99.14
CA LEU B 69 115.03 56.38 100.12
C LEU B 69 116.20 55.53 99.65
N GLU B 70 117.28 56.20 99.21
CA GLU B 70 118.40 55.63 98.48
C GLU B 70 117.89 54.87 97.26
N PRO B 71 117.38 55.59 96.24
CA PRO B 71 116.68 54.90 95.14
C PRO B 71 117.64 54.25 94.16
N ARG B 72 117.42 52.96 93.91
CA ARG B 72 118.15 52.27 92.86
C ARG B 72 117.14 51.68 91.89
N VAL B 73 116.22 50.87 92.40
CA VAL B 73 115.19 50.26 91.56
C VAL B 73 114.07 51.25 91.27
N ILE B 74 113.96 52.30 92.08
CA ILE B 74 112.95 53.33 91.85
C ILE B 74 113.31 54.16 90.63
N HIS B 75 114.61 54.28 90.34
CA HIS B 75 115.04 54.87 89.08
C HIS B 75 114.59 54.03 87.89
N SER B 76 114.62 52.70 88.03
CA SER B 76 114.11 51.84 86.97
C SER B 76 112.59 51.93 86.85
N ILE B 77 111.92 52.19 87.97
CA ILE B 77 110.48 52.45 87.94
C ILE B 77 110.20 53.76 87.21
N LEU B 78 111.15 54.71 87.29
CA LEU B 78 110.97 56.01 86.63
C LEU B 78 110.97 55.89 85.10
N ASN B 79 112.02 55.32 84.52
CA ASN B 79 112.03 55.15 83.07
C ASN B 79 111.30 53.86 82.70
N SER B 80 109.98 53.93 82.67
CA SER B 80 109.17 52.72 82.50
C SER B 80 107.85 53.11 81.86
N PRO B 81 107.21 52.21 81.12
CA PRO B 81 105.89 52.52 80.55
C PRO B 81 104.78 52.60 81.57
N TYR B 82 105.01 52.11 82.79
CA TYR B 82 104.04 52.22 83.86
C TYR B 82 104.25 53.48 84.69
N ALA B 83 105.20 54.33 84.28
CA ALA B 83 105.30 55.68 84.82
C ALA B 83 104.39 56.65 84.11
N LYS B 84 103.76 56.23 83.01
CA LYS B 84 102.68 56.97 82.39
C LYS B 84 101.33 56.58 82.97
N LEU B 85 101.27 55.50 83.75
CA LEU B 85 100.03 55.12 84.43
C LEU B 85 99.85 55.91 85.73
N TYR B 86 100.86 55.91 86.59
CA TYR B 86 100.79 56.65 87.84
C TYR B 86 102.07 57.47 88.04
N ASN B 87 101.87 58.78 88.16
CA ASN B 87 102.84 59.76 88.64
C ASN B 87 102.14 61.07 88.98
N PRO B 88 101.57 61.22 90.18
CA PRO B 88 101.06 62.53 90.59
C PRO B 88 102.16 63.47 91.08
N GLU B 89 103.43 63.14 90.83
CA GLU B 89 104.62 63.95 91.03
C GLU B 89 104.76 64.34 92.50
N ASN B 90 105.01 63.34 93.34
CA ASN B 90 105.14 63.54 94.78
C ASN B 90 106.34 62.78 95.32
N ILE B 91 107.30 62.49 94.44
CA ILE B 91 108.50 61.76 94.82
C ILE B 91 109.39 62.67 95.66
N TYR B 92 109.70 62.23 96.88
CA TYR B 92 110.51 63.02 97.80
C TYR B 92 111.37 62.08 98.62
N LEU B 93 112.65 62.44 98.76
CA LEU B 93 113.60 61.62 99.50
C LEU B 93 113.34 61.65 100.98
N GLY B 101 117.19 53.51 105.56
CA GLY B 101 118.18 53.17 104.55
C GLY B 101 118.66 51.74 104.69
N ASN B 102 119.51 51.51 105.70
CA ASN B 102 119.91 50.17 106.10
C ASN B 102 119.64 49.93 107.57
N ASN B 103 118.91 50.84 108.21
CA ASN B 103 118.63 50.72 109.63
C ASN B 103 117.24 51.25 109.94
N TRP B 104 116.69 50.76 111.04
CA TRP B 104 115.41 51.24 111.52
C TRP B 104 115.54 52.65 112.11
N ALA B 105 116.61 52.89 112.85
CA ALA B 105 116.80 54.20 113.49
C ALA B 105 117.05 55.29 112.45
N SER B 106 117.80 54.97 111.39
CA SER B 106 118.09 55.96 110.36
C SER B 106 116.84 56.33 109.58
N GLY B 107 116.05 55.32 109.17
CA GLY B 107 114.81 55.59 108.46
C GLY B 107 113.78 56.27 109.33
N PHE B 108 113.73 55.91 110.61
CA PHE B 108 112.82 56.56 111.55
C PHE B 108 113.17 58.03 111.74
N SER B 109 114.45 58.33 111.95
CA SER B 109 114.88 59.71 112.17
C SER B 109 114.74 60.55 110.91
N GLN B 110 115.05 59.96 109.75
CA GLN B 110 114.88 60.68 108.49
C GLN B 110 113.41 60.95 108.20
N GLY B 111 112.53 60.00 108.54
CA GLY B 111 111.11 60.26 108.39
C GLY B 111 110.59 61.28 109.40
N GLU B 112 111.22 61.33 110.57
CA GLU B 112 110.81 62.26 111.62
C GLU B 112 111.03 63.70 111.21
N LYS B 113 112.19 64.00 110.61
CA LYS B 113 112.55 65.39 110.35
C LYS B 113 111.76 65.99 109.18
N ILE B 114 111.14 65.17 108.34
CA ILE B 114 110.44 65.68 107.16
C ILE B 114 108.97 65.25 107.11
N HIS B 115 108.33 65.04 108.26
CA HIS B 115 106.98 64.47 108.28
C HIS B 115 105.94 65.43 107.70
N GLU B 116 106.29 66.72 107.61
CA GLU B 116 105.31 67.76 107.31
C GLU B 116 104.86 67.71 105.86
N ASP B 117 105.81 67.76 104.93
CA ASP B 117 105.44 67.85 103.52
C ASP B 117 104.98 66.49 102.98
N ILE B 118 105.49 65.39 103.54
CA ILE B 118 104.97 64.10 103.14
C ILE B 118 103.57 63.89 103.71
N PHE B 119 103.29 64.51 104.86
CA PHE B 119 101.91 64.52 105.35
C PHE B 119 101.04 65.41 104.49
N ASP B 120 101.62 66.46 103.90
CA ASP B 120 100.90 67.27 102.92
C ASP B 120 100.63 66.48 101.64
N ILE B 121 101.57 65.60 101.26
CA ILE B 121 101.35 64.69 100.13
C ILE B 121 100.20 63.75 100.41
N ILE B 122 100.16 63.21 101.63
CA ILE B 122 99.04 62.37 102.09
C ILE B 122 97.75 63.17 102.08
N ASP B 123 97.83 64.45 102.48
CA ASP B 123 96.64 65.31 102.53
C ASP B 123 96.13 65.64 101.14
N ARG B 124 97.06 65.80 100.19
CA ARG B 124 96.71 66.07 98.80
C ARG B 124 95.91 64.92 98.20
N GLU B 125 96.39 63.69 98.38
CA GLU B 125 95.64 62.55 97.83
C GLU B 125 94.40 62.24 98.65
N ALA B 126 94.40 62.58 99.95
CA ALA B 126 93.19 62.44 100.76
C ALA B 126 92.11 63.41 100.29
N ASP B 127 92.53 64.61 99.88
CA ASP B 127 91.60 65.52 99.23
C ASP B 127 91.30 65.07 97.80
N GLY B 128 92.16 64.21 97.23
CA GLY B 128 91.97 63.81 95.84
C GLY B 128 90.74 62.96 95.61
N SER B 129 90.55 61.93 96.43
CA SER B 129 89.41 61.05 96.24
C SER B 129 88.19 61.57 97.00
N ASP B 130 87.00 61.20 96.50
CA ASP B 130 85.78 61.63 97.15
C ASP B 130 85.52 60.87 98.45
N SER B 131 85.77 59.57 98.44
CA SER B 131 85.58 58.73 99.62
C SER B 131 86.87 57.98 99.92
N LEU B 132 86.93 57.40 101.11
CA LEU B 132 88.12 56.68 101.54
C LEU B 132 87.71 55.50 102.39
N GLU B 133 88.40 54.37 102.21
CA GLU B 133 88.12 53.20 103.01
C GLU B 133 89.32 52.82 103.87
N GLY B 134 90.53 52.94 103.33
CA GLY B 134 91.70 52.54 104.09
C GLY B 134 92.99 52.96 103.42
N PHE B 135 94.09 52.77 104.17
CA PHE B 135 95.43 53.02 103.68
C PHE B 135 96.21 51.71 103.68
N VAL B 136 96.58 51.25 102.49
CA VAL B 136 97.32 50.00 102.32
C VAL B 136 98.78 50.37 102.14
N LEU B 137 99.62 49.88 103.06
CA LEU B 137 101.04 50.21 103.08
C LEU B 137 101.83 49.07 102.47
N CYS B 138 102.51 49.35 101.35
CA CYS B 138 103.49 48.43 100.79
C CYS B 138 104.74 48.54 101.66
N HIS B 139 104.99 47.51 102.45
CA HIS B 139 105.99 47.60 103.50
C HIS B 139 106.81 46.32 103.53
N SER B 140 108.07 46.46 103.92
CA SER B 140 108.95 45.33 104.15
C SER B 140 109.51 45.45 105.56
N ILE B 141 109.38 44.37 106.33
CA ILE B 141 109.80 44.36 107.73
C ILE B 141 111.29 44.07 107.77
N ALA B 142 112.04 44.98 108.39
CA ALA B 142 113.50 44.96 108.48
C ALA B 142 114.14 44.89 107.09
N GLY B 143 113.56 45.62 106.15
CA GLY B 143 114.12 45.73 104.82
C GLY B 143 115.14 46.83 104.69
N GLY B 144 115.40 47.55 105.78
CA GLY B 144 116.36 48.63 105.77
C GLY B 144 115.74 49.91 105.24
N THR B 145 115.47 49.92 103.93
CA THR B 145 114.86 51.08 103.30
C THR B 145 113.43 51.31 103.78
N GLY B 146 112.63 50.24 103.84
CA GLY B 146 111.27 50.39 104.32
C GLY B 146 111.20 50.59 105.83
N SER B 147 112.17 50.04 106.55
CA SER B 147 112.15 49.99 108.01
C SER B 147 112.41 51.36 108.60
N GLY B 148 111.75 51.60 109.74
CA GLY B 148 111.91 52.86 110.45
C GLY B 148 111.02 53.96 109.91
N LEU B 149 111.23 54.31 108.65
CA LEU B 149 110.34 55.24 107.97
C LEU B 149 108.92 54.70 107.89
N GLY B 150 108.78 53.39 107.65
CA GLY B 150 107.46 52.79 107.64
C GLY B 150 106.79 52.78 108.99
N SER B 151 107.56 52.51 110.05
CA SER B 151 106.99 52.51 111.39
C SER B 151 106.61 53.92 111.83
N TYR B 152 107.44 54.91 111.48
CA TYR B 152 107.14 56.29 111.82
C TYR B 152 105.92 56.80 111.07
N LEU B 153 105.83 56.48 109.78
CA LEU B 153 104.66 56.86 108.99
C LEU B 153 103.42 56.13 109.46
N LEU B 154 103.57 54.92 109.99
CA LEU B 154 102.44 54.22 110.58
C LEU B 154 101.90 54.95 111.81
N GLU B 155 102.83 55.47 112.63
CA GLU B 155 102.43 56.30 113.77
C GLU B 155 101.75 57.57 113.30
N ARG B 156 102.26 58.20 112.23
CA ARG B 156 101.67 59.43 111.74
C ARG B 156 100.27 59.20 111.19
N LEU B 157 100.07 58.11 110.46
CA LEU B 157 98.78 57.83 109.84
C LEU B 157 97.73 57.47 110.87
N ASN B 158 98.08 56.62 111.85
CA ASN B 158 97.07 56.19 112.81
C ASN B 158 96.76 57.30 113.81
N ASP B 159 97.73 58.17 114.10
CA ASP B 159 97.44 59.30 114.99
C ASP B 159 96.63 60.37 114.28
N ARG B 160 96.98 60.67 113.02
CA ARG B 160 96.37 61.80 112.35
C ARG B 160 94.94 61.49 111.92
N TYR B 161 94.67 60.26 111.53
CA TYR B 161 93.32 59.87 111.08
C TYR B 161 92.84 58.66 111.87
N PRO B 162 92.03 58.87 112.90
CA PRO B 162 91.54 57.73 113.68
C PRO B 162 90.26 57.11 113.12
N LYS B 163 89.72 57.68 112.05
CA LYS B 163 88.43 57.23 111.52
C LYS B 163 88.57 56.26 110.37
N LYS B 164 89.78 56.02 109.88
CA LYS B 164 89.99 55.17 108.73
C LYS B 164 90.73 53.90 109.12
N LEU B 165 90.94 53.03 108.14
CA LEU B 165 91.62 51.75 108.33
C LEU B 165 93.06 51.85 107.88
N VAL B 166 93.93 51.12 108.57
CA VAL B 166 95.34 51.01 108.21
C VAL B 166 95.64 49.55 107.92
N GLN B 167 96.10 49.26 106.71
CA GLN B 167 96.54 47.92 106.34
C GLN B 167 98.03 47.95 106.01
N THR B 168 98.73 46.90 106.43
CA THR B 168 100.15 46.78 106.21
C THR B 168 100.46 45.38 105.69
N TYR B 169 100.76 45.28 104.40
CA TYR B 169 101.23 44.04 103.83
C TYR B 169 102.69 43.88 104.20
N SER B 170 103.00 42.81 104.92
CA SER B 170 104.30 42.70 105.57
C SER B 170 104.90 41.33 105.25
N VAL B 171 106.22 41.30 105.20
CA VAL B 171 106.98 40.07 105.05
C VAL B 171 107.55 39.70 106.40
N PHE B 172 107.87 38.42 106.61
CA PHE B 172 108.53 38.03 107.84
C PHE B 172 110.03 37.87 107.58
N PRO B 173 110.87 38.58 108.32
CA PRO B 173 112.30 38.68 107.94
C PRO B 173 113.08 37.40 108.22
N ASN B 174 112.96 36.44 107.29
CA ASN B 174 113.79 35.24 107.30
C ASN B 174 114.04 34.84 105.85
N GLN B 175 115.19 35.24 105.32
CA GLN B 175 115.52 34.97 103.94
C GLN B 175 116.74 34.05 103.81
N ASP B 176 116.96 33.17 104.80
CA ASP B 176 118.07 32.24 104.88
C ASP B 176 119.40 32.97 104.88
N GLU B 177 119.45 34.07 105.62
CA GLU B 177 120.60 34.97 105.64
C GLU B 177 121.79 34.36 106.36
N ASP B 180 125.98 40.79 106.12
CA ASP B 180 125.11 40.21 107.14
C ASP B 180 124.65 41.27 108.12
N VAL B 181 123.36 41.24 108.46
CA VAL B 181 122.76 42.22 109.36
C VAL B 181 122.34 41.53 110.65
N VAL B 182 122.94 41.96 111.77
CA VAL B 182 122.63 41.40 113.07
C VAL B 182 121.78 42.34 113.91
N VAL B 183 121.53 43.56 113.43
CA VAL B 183 120.61 44.48 114.07
C VAL B 183 119.18 44.24 113.59
N GLN B 184 119.02 43.32 112.62
CA GLN B 184 117.71 42.96 112.08
C GLN B 184 116.68 42.47 113.11
N PRO B 185 117.02 41.67 114.15
CA PRO B 185 115.99 41.39 115.18
C PRO B 185 115.55 42.61 115.95
N TYR B 186 116.46 43.55 116.22
CA TYR B 186 116.08 44.79 116.91
C TYR B 186 115.14 45.62 116.05
N ASN B 187 115.46 45.73 114.76
CA ASN B 187 114.63 46.50 113.82
C ASN B 187 113.25 45.87 113.67
N SER B 188 113.21 44.55 113.50
CA SER B 188 111.93 43.85 113.36
C SER B 188 111.12 43.91 114.64
N LEU B 189 111.79 43.90 115.79
CA LEU B 189 111.09 43.99 117.07
C LEU B 189 110.45 45.35 117.27
N LEU B 190 111.19 46.42 116.95
CA LEU B 190 110.63 47.77 117.06
C LEU B 190 109.51 47.99 116.06
N THR B 191 109.69 47.49 114.83
CA THR B 191 108.65 47.61 113.82
C THR B 191 107.41 46.80 114.19
N LEU B 192 107.61 45.65 114.84
CA LEU B 192 106.48 44.83 115.26
C LEU B 192 105.72 45.48 116.41
N LYS B 193 106.44 46.19 117.29
CA LYS B 193 105.78 47.00 118.32
C LYS B 193 104.87 48.04 117.68
N ARG B 194 105.36 48.71 116.64
CA ARG B 194 104.55 49.68 115.92
C ARG B 194 103.39 49.01 115.21
N LEU B 195 103.61 47.80 114.68
CA LEU B 195 102.55 47.08 113.98
C LEU B 195 101.44 46.65 114.92
N THR B 196 101.78 46.21 116.13
CA THR B 196 100.76 45.81 117.08
C THR B 196 100.00 46.99 117.63
N GLN B 197 100.66 48.14 117.79
CA GLN B 197 100.05 49.26 118.47
C GLN B 197 99.43 50.29 117.56
N ASN B 198 99.91 50.41 116.32
CA ASN B 198 99.51 51.51 115.43
C ASN B 198 98.85 51.03 114.16
N ALA B 199 98.27 49.82 114.16
CA ALA B 199 97.63 49.30 112.97
C ALA B 199 96.32 48.63 113.34
N ASP B 200 95.35 48.69 112.43
CA ASP B 200 94.07 48.01 112.58
C ASP B 200 94.13 46.57 112.13
N CYS B 201 94.92 46.27 111.10
CA CYS B 201 95.06 44.92 110.58
C CYS B 201 96.41 44.83 109.89
N VAL B 202 97.05 43.66 109.98
CA VAL B 202 98.34 43.41 109.36
C VAL B 202 98.23 42.09 108.59
N VAL B 203 98.64 42.12 107.32
CA VAL B 203 98.76 40.92 106.51
C VAL B 203 100.24 40.54 106.46
N VAL B 204 100.57 39.37 106.99
CA VAL B 204 101.96 38.95 107.13
C VAL B 204 102.20 37.74 106.24
N LEU B 205 103.36 37.74 105.58
CA LEU B 205 103.82 36.59 104.81
C LEU B 205 105.22 36.23 105.27
N ASP B 206 105.66 35.01 104.95
CA ASP B 206 107.00 34.56 105.26
C ASP B 206 107.83 34.55 104.00
N ASN B 207 109.03 35.14 104.06
CA ASN B 207 109.93 35.13 102.92
C ASN B 207 110.47 33.73 102.66
N THR B 208 110.70 32.96 103.72
CA THR B 208 111.23 31.61 103.55
C THR B 208 110.18 30.68 102.95
N ALA B 209 108.91 30.90 103.29
CA ALA B 209 107.83 30.07 102.75
C ALA B 209 107.67 30.28 101.25
N LEU B 210 107.61 31.55 100.83
CA LEU B 210 107.53 31.87 99.41
C LEU B 210 108.81 31.46 98.68
N ASN B 211 109.95 31.51 99.37
CA ASN B 211 111.19 31.05 98.78
C ASN B 211 111.18 29.55 98.54
N ARG B 212 110.65 28.79 99.50
CA ARG B 212 110.51 27.34 99.35
C ARG B 212 109.55 27.00 98.22
N ILE B 213 108.42 27.71 98.14
CA ILE B 213 107.43 27.46 97.10
C ILE B 213 107.99 27.80 95.72
N ALA B 214 108.78 28.88 95.64
CA ALA B 214 109.36 29.28 94.35
C ALA B 214 110.45 28.31 93.90
N THR B 215 111.33 27.89 94.82
CA THR B 215 112.34 26.89 94.49
C THR B 215 111.72 25.51 94.27
N ASP B 216 110.47 25.31 94.71
CA ASP B 216 109.75 24.10 94.38
C ASP B 216 109.20 24.13 92.96
N ARG B 217 108.35 25.13 92.66
CA ARG B 217 107.58 25.10 91.41
C ARG B 217 108.46 25.33 90.18
N LEU B 218 109.52 26.11 90.33
CA LEU B 218 110.56 26.20 89.32
C LEU B 218 111.87 25.73 89.94
N HIS B 219 112.96 25.96 89.22
CA HIS B 219 114.29 25.61 89.70
C HIS B 219 115.14 26.87 89.69
N ILE B 220 114.55 27.96 90.17
CA ILE B 220 115.21 29.25 90.25
C ILE B 220 115.88 29.37 91.60
N GLN B 221 117.07 29.95 91.61
CA GLN B 221 117.80 30.19 92.85
C GLN B 221 118.18 31.65 92.99
N ASN B 222 118.62 32.28 91.90
CA ASN B 222 119.06 33.68 91.93
C ASN B 222 117.92 34.72 91.83
N PRO B 223 116.97 34.67 90.85
CA PRO B 223 115.97 35.74 90.80
C PRO B 223 114.77 35.52 91.73
N SER B 224 115.03 35.19 92.99
CA SER B 224 113.94 34.85 93.91
C SER B 224 113.10 36.07 94.25
N PHE B 225 113.72 37.26 94.28
CA PHE B 225 113.03 38.49 94.67
C PHE B 225 111.87 38.80 93.73
N SER B 226 112.15 38.79 92.42
CA SER B 226 111.16 39.17 91.41
C SER B 226 109.99 38.19 91.38
N GLN B 227 110.28 36.91 91.61
CA GLN B 227 109.22 35.91 91.58
C GLN B 227 108.35 35.99 92.82
N ILE B 228 108.97 36.25 93.98
CA ILE B 228 108.21 36.57 95.18
C ILE B 228 107.33 37.79 94.97
N ASN B 229 107.82 38.79 94.22
CA ASN B 229 107.02 39.97 93.89
C ASN B 229 105.77 39.59 93.08
N GLN B 230 105.92 38.63 92.16
CA GLN B 230 104.78 38.11 91.40
C GLN B 230 103.76 37.49 92.32
N LEU B 231 104.24 36.73 93.31
CA LEU B 231 103.34 36.06 94.25
C LEU B 231 102.55 37.06 95.09
N VAL B 232 103.23 38.07 95.66
CA VAL B 232 102.52 38.98 96.57
C VAL B 232 101.58 39.87 95.78
N SER B 233 101.96 40.24 94.54
CA SER B 233 101.07 41.04 93.71
C SER B 233 99.82 40.26 93.32
N THR B 234 99.98 38.97 93.02
CA THR B 234 98.80 38.14 92.72
C THR B 234 97.91 37.99 93.95
N ILE B 235 98.51 37.86 95.13
CA ILE B 235 97.73 37.75 96.37
C ILE B 235 96.99 39.05 96.65
N MET B 236 97.66 40.19 96.41
CA MET B 236 97.05 41.49 96.69
C MET B 236 95.92 41.80 95.71
N SER B 237 96.05 41.35 94.47
CA SER B 237 94.94 41.49 93.53
C SER B 237 93.79 40.56 93.92
N ALA B 238 94.13 39.34 94.37
CA ALA B 238 93.11 38.36 94.71
C ALA B 238 92.32 38.77 95.95
N SER B 239 92.99 39.43 96.90
CA SER B 239 92.32 39.84 98.13
C SER B 239 91.35 40.99 97.90
N THR B 240 91.66 41.90 96.98
CA THR B 240 90.81 43.04 96.70
C THR B 240 89.96 42.88 95.45
N THR B 241 89.94 41.68 94.86
CA THR B 241 88.99 41.39 93.79
C THR B 241 87.53 41.57 94.23
N THR B 242 87.22 41.21 95.48
CA THR B 242 85.84 41.35 95.96
C THR B 242 85.48 42.81 96.21
N LEU B 243 86.46 43.69 96.38
CA LEU B 243 86.19 45.12 96.45
C LEU B 243 86.14 45.73 95.06
N ARG B 244 87.04 45.30 94.17
CA ARG B 244 87.11 45.88 92.84
C ARG B 244 85.97 45.40 91.97
N TYR B 245 85.39 44.24 92.26
CA TYR B 245 84.25 43.74 91.51
C TYR B 245 83.08 43.64 92.47
N PRO B 246 81.94 44.26 92.13
CA PRO B 246 80.85 44.40 93.10
C PRO B 246 80.18 43.08 93.41
N GLY B 247 80.21 42.72 94.68
CA GLY B 247 79.55 41.54 95.15
C GLY B 247 78.37 41.89 96.04
N TYR B 248 78.39 41.31 97.24
CA TYR B 248 77.32 41.48 98.19
C TYR B 248 77.86 41.83 99.55
N MET B 249 79.12 41.45 99.81
CA MET B 249 79.82 41.71 101.05
C MET B 249 81.30 41.81 100.70
N ASN B 250 82.04 42.51 101.54
CA ASN B 250 83.45 42.84 101.37
C ASN B 250 83.65 43.63 100.08
N ASN B 251 82.71 44.52 99.80
CA ASN B 251 82.93 45.63 98.90
C ASN B 251 83.42 46.85 99.68
N ASP B 252 83.64 46.67 100.98
CA ASP B 252 84.40 47.56 101.83
C ASP B 252 85.41 46.70 102.56
N LEU B 253 86.49 47.34 102.99
CA LEU B 253 87.59 46.59 103.60
C LEU B 253 87.21 46.06 104.98
N ILE B 254 86.44 46.86 105.73
CA ILE B 254 86.21 46.61 107.15
C ILE B 254 85.38 45.34 107.35
N GLY B 255 84.56 44.97 106.37
CA GLY B 255 83.80 43.74 106.49
C GLY B 255 84.66 42.49 106.41
N LEU B 256 85.63 42.48 105.51
CA LEU B 256 86.59 41.39 105.44
C LEU B 256 87.51 41.40 106.65
N ILE B 257 87.86 42.60 107.12
CA ILE B 257 88.72 42.74 108.30
C ILE B 257 88.01 42.29 109.57
N ALA B 258 86.68 42.38 109.60
CA ALA B 258 85.91 42.23 110.83
C ALA B 258 85.91 40.79 111.35
N SER B 259 85.64 39.82 110.48
CA SER B 259 85.40 38.46 110.95
C SER B 259 86.67 37.78 111.43
N LEU B 260 87.80 38.06 110.78
CA LEU B 260 89.03 37.38 111.12
C LEU B 260 89.63 37.91 112.42
N ILE B 261 89.36 39.17 112.75
CA ILE B 261 89.97 39.84 113.89
C ILE B 261 88.96 39.90 115.03
N PRO B 262 89.17 39.13 116.11
CA PRO B 262 88.16 39.08 117.16
C PRO B 262 88.36 40.15 118.23
N THR B 263 89.53 40.81 118.22
CA THR B 263 89.98 41.67 119.31
C THR B 263 91.17 42.46 118.77
N PRO B 264 91.41 43.67 119.30
CA PRO B 264 92.45 44.55 118.69
C PRO B 264 93.88 44.05 118.76
N ARG B 265 94.16 42.99 119.49
CA ARG B 265 95.53 42.50 119.57
C ARG B 265 95.82 41.42 118.55
N LEU B 266 94.83 40.58 118.22
CA LEU B 266 95.04 39.53 117.24
C LEU B 266 94.52 40.03 115.90
N HIS B 267 95.38 40.72 115.16
CA HIS B 267 94.96 41.31 113.89
C HIS B 267 95.91 40.91 112.76
N PHE B 268 96.63 39.81 112.96
CA PHE B 268 97.64 39.33 112.02
C PHE B 268 97.09 38.12 111.29
N LEU B 269 97.13 38.16 109.95
CA LEU B 269 96.37 37.23 109.12
C LEU B 269 97.30 36.40 108.27
N MET B 270 97.07 35.10 108.24
CA MET B 270 97.82 34.21 107.36
C MET B 270 97.32 34.32 105.93
N THR B 271 98.20 34.02 104.98
CA THR B 271 97.86 34.09 103.57
C THR B 271 97.75 32.68 103.00
N GLY B 272 96.63 32.42 102.34
CA GLY B 272 96.48 31.21 101.56
C GLY B 272 95.92 31.49 100.19
N TYR B 273 96.25 30.63 99.24
CA TYR B 273 95.79 30.71 97.86
C TYR B 273 96.02 29.35 97.23
N THR B 274 94.94 28.73 96.72
CA THR B 274 94.94 27.28 96.57
C THR B 274 95.70 26.79 95.33
N PRO B 275 95.59 27.42 94.15
CA PRO B 275 96.64 27.19 93.17
C PRO B 275 97.90 27.87 93.67
N LEU B 276 99.00 27.15 93.70
CA LEU B 276 100.29 27.81 93.63
C LEU B 276 100.72 27.95 92.17
N THR B 277 99.84 27.59 91.25
CA THR B 277 100.12 27.51 89.83
C THR B 277 99.23 28.47 89.05
N THR B 278 99.84 29.18 88.10
CA THR B 278 99.13 29.77 86.97
C THR B 278 99.96 29.61 85.71
N ASP B 279 101.21 29.18 85.87
CA ASP B 279 102.15 29.06 84.78
C ASP B 279 102.07 27.67 84.15
N LYS B 287 86.83 20.11 85.25
CA LYS B 287 88.25 19.94 85.55
C LYS B 287 88.47 20.07 87.05
N THR B 288 88.49 21.32 87.53
CA THR B 288 88.65 21.59 88.95
C THR B 288 87.30 21.98 89.55
N THR B 289 87.05 21.50 90.76
CA THR B 289 85.82 21.84 91.46
C THR B 289 86.15 22.57 92.76
N VAL B 290 85.10 23.08 93.39
CA VAL B 290 85.25 23.78 94.66
C VAL B 290 85.64 22.80 95.77
N LEU B 291 85.14 21.57 95.67
CA LEU B 291 85.33 20.56 96.70
C LEU B 291 86.80 20.19 96.84
N ASP B 292 87.46 19.98 95.70
CA ASP B 292 88.87 19.61 95.69
C ASP B 292 89.74 20.76 96.13
N VAL B 293 89.42 21.98 95.70
CA VAL B 293 90.29 23.09 96.08
C VAL B 293 90.05 23.48 97.54
N MET B 294 88.90 23.14 98.12
CA MET B 294 88.71 23.36 99.55
C MET B 294 89.59 22.44 100.36
N ARG B 295 89.56 21.14 100.03
CA ARG B 295 90.42 20.19 100.75
C ARG B 295 91.90 20.42 100.42
N ARG B 296 92.19 20.98 99.25
CA ARG B 296 93.57 21.32 98.91
C ARG B 296 94.01 22.59 99.62
N LEU B 297 93.07 23.45 99.98
CA LEU B 297 93.42 24.68 100.68
C LEU B 297 93.74 24.41 102.13
N LEU B 298 93.03 23.46 102.76
CA LEU B 298 93.12 23.31 104.21
C LEU B 298 94.44 22.70 104.69
N GLN B 299 95.33 22.25 103.82
CA GLN B 299 96.60 21.73 104.32
C GLN B 299 97.55 22.89 104.62
N PRO B 300 98.48 22.73 105.57
CA PRO B 300 99.41 23.83 105.87
C PRO B 300 100.58 23.93 104.90
N LYS B 301 100.56 23.17 103.81
CA LYS B 301 101.57 23.29 102.77
C LYS B 301 101.03 23.83 101.45
N ASN B 302 99.72 24.09 101.37
CA ASN B 302 99.22 25.07 100.42
C ASN B 302 99.04 26.44 101.07
N VAL B 303 99.46 26.60 102.32
CA VAL B 303 99.54 27.92 102.95
C VAL B 303 100.88 28.54 102.60
N MET B 304 100.86 29.81 102.20
CA MET B 304 102.06 30.52 101.79
C MET B 304 102.77 31.18 102.98
N VAL B 305 102.37 30.81 104.19
CA VAL B 305 103.09 31.14 105.42
C VAL B 305 103.44 29.84 106.11
N SER B 306 104.73 29.49 106.11
CA SER B 306 105.17 28.22 106.64
C SER B 306 106.09 28.42 107.84
N THR B 313 102.15 21.01 121.07
CA THR B 313 101.19 21.97 121.58
C THR B 313 99.96 22.05 120.68
N ASN B 314 98.94 22.78 121.16
CA ASN B 314 97.73 22.96 120.39
C ASN B 314 97.75 24.29 119.64
N HIS B 315 97.69 24.20 118.31
CA HIS B 315 97.60 25.38 117.47
C HIS B 315 96.27 25.37 116.71
N CYS B 316 95.53 26.46 116.85
CA CYS B 316 94.15 26.48 116.40
C CYS B 316 93.86 27.84 115.80
N TYR B 317 93.17 27.83 114.65
CA TYR B 317 92.79 29.08 114.02
C TYR B 317 91.74 29.79 114.85
N ILE B 318 91.79 31.11 114.83
CA ILE B 318 90.70 31.91 115.37
C ILE B 318 89.54 31.97 114.39
N ALA B 319 89.80 32.38 113.16
CA ALA B 319 88.79 32.47 112.12
C ALA B 319 89.45 32.41 110.77
N ILE B 320 88.81 31.72 109.84
CA ILE B 320 89.28 31.62 108.47
C ILE B 320 88.23 32.26 107.58
N LEU B 321 88.66 32.87 106.49
CA LEU B 321 87.73 33.31 105.47
C LEU B 321 88.33 32.99 104.12
N ASN B 322 87.56 32.32 103.28
CA ASN B 322 88.01 31.97 101.95
C ASN B 322 87.13 32.67 100.93
N ILE B 323 87.76 33.12 99.85
CA ILE B 323 87.07 33.76 98.74
C ILE B 323 87.43 33.00 97.48
N ILE B 324 86.42 32.60 96.71
CA ILE B 324 86.61 31.81 95.52
C ILE B 324 86.15 32.61 94.31
N GLN B 325 86.79 32.37 93.18
CA GLN B 325 86.48 33.06 91.93
C GLN B 325 86.54 32.04 90.78
N GLY B 326 85.43 31.89 90.08
CA GLY B 326 85.42 31.00 88.95
C GLY B 326 84.03 30.63 88.47
N GLU B 327 83.97 29.50 87.75
CA GLU B 327 82.74 28.98 87.18
C GLU B 327 82.04 28.08 88.20
N VAL B 328 81.65 28.66 89.32
CA VAL B 328 81.26 27.89 90.49
C VAL B 328 79.79 27.50 90.40
N ASP B 329 79.53 26.20 90.38
CA ASP B 329 78.19 25.71 90.65
C ASP B 329 77.84 25.99 92.10
N PRO B 330 76.67 26.57 92.38
CA PRO B 330 76.36 26.98 93.76
C PRO B 330 76.09 25.82 94.72
N THR B 331 75.82 24.63 94.19
CA THR B 331 75.67 23.46 95.05
C THR B 331 77.03 22.93 95.51
N GLN B 332 78.10 23.28 94.79
CA GLN B 332 79.42 22.73 95.10
C GLN B 332 79.97 23.27 96.40
N VAL B 333 79.79 24.57 96.67
CA VAL B 333 80.28 25.16 97.92
C VAL B 333 79.53 24.59 99.11
N HIS B 334 78.27 24.18 98.87
CA HIS B 334 77.36 23.70 99.89
C HIS B 334 77.80 22.33 100.40
N LYS B 335 77.99 21.39 99.48
CA LYS B 335 78.42 20.05 99.86
C LYS B 335 79.90 19.99 100.18
N SER B 336 80.71 20.90 99.61
CA SER B 336 82.09 21.02 100.04
C SER B 336 82.19 21.43 101.49
N LEU B 337 81.35 22.38 101.92
CA LEU B 337 81.38 22.79 103.32
C LEU B 337 80.83 21.70 104.23
N GLN B 338 79.87 20.90 103.72
CA GLN B 338 79.49 19.64 104.37
C GLN B 338 80.70 18.74 104.63
N ARG B 339 81.50 18.48 103.58
CA ARG B 339 82.65 17.58 103.71
C ARG B 339 83.70 18.15 104.66
N ILE B 340 83.90 19.47 104.61
CA ILE B 340 84.85 20.13 105.50
C ILE B 340 84.41 20.02 106.95
N ARG B 341 83.10 20.03 107.20
CA ARG B 341 82.64 19.84 108.57
C ARG B 341 82.91 18.43 109.08
N GLU B 342 82.43 17.42 108.38
CA GLU B 342 82.48 16.08 108.96
C GLU B 342 83.87 15.46 108.80
N ARG B 343 84.73 16.05 107.99
CA ARG B 343 86.13 15.62 108.00
C ARG B 343 86.94 16.27 109.10
N LYS B 344 86.60 17.52 109.47
CA LYS B 344 87.31 18.33 110.45
C LYS B 344 88.78 18.55 110.06
N LEU B 345 88.99 19.11 108.85
CA LEU B 345 90.34 19.35 108.37
C LEU B 345 90.84 20.77 108.60
N ALA B 346 90.15 21.53 109.45
CA ALA B 346 90.46 22.92 109.78
C ALA B 346 90.57 23.00 111.28
N ASN B 347 91.41 23.91 111.78
CA ASN B 347 91.58 24.04 113.22
C ASN B 347 90.59 25.06 113.74
N PHE B 348 89.91 24.68 114.82
CA PHE B 348 88.68 25.24 115.34
C PHE B 348 89.00 26.42 116.24
N ILE B 349 87.96 27.09 116.71
CA ILE B 349 88.14 28.08 117.77
C ILE B 349 87.43 27.58 119.03
N PRO B 350 88.13 27.50 120.18
CA PRO B 350 87.45 27.08 121.42
C PRO B 350 86.34 28.01 121.86
N TRP B 351 86.69 29.27 122.14
CA TRP B 351 85.77 30.21 122.75
C TRP B 351 84.83 30.85 121.74
N GLY B 352 83.98 30.06 121.11
CA GLY B 352 82.99 30.61 120.23
C GLY B 352 82.85 29.86 118.92
N PRO B 353 81.94 30.34 118.06
CA PRO B 353 82.02 29.99 116.65
C PRO B 353 82.63 31.10 115.81
N ALA B 354 83.69 30.76 115.07
CA ALA B 354 84.27 31.63 114.07
C ALA B 354 85.04 30.77 113.07
N SER B 355 84.42 30.49 111.94
CA SER B 355 84.88 29.38 111.10
C SER B 355 85.16 29.87 109.69
N ILE B 356 85.61 28.94 108.85
CA ILE B 356 85.90 29.26 107.46
C ILE B 356 84.60 29.59 106.72
N GLN B 357 84.59 30.76 106.09
CA GLN B 357 83.40 31.30 105.46
C GLN B 357 83.60 31.27 103.96
N VAL B 358 82.59 30.79 103.25
CA VAL B 358 82.65 30.68 101.80
C VAL B 358 82.19 31.99 101.19
N ALA B 359 83.06 32.59 100.41
CA ALA B 359 82.72 33.78 99.64
C ALA B 359 82.99 33.51 98.18
N LEU B 360 82.11 34.04 97.34
CA LEU B 360 82.17 33.82 95.90
C LEU B 360 82.40 35.16 95.22
N SER B 361 83.34 35.18 94.29
CA SER B 361 83.65 36.39 93.55
C SER B 361 83.70 36.10 92.06
N ARG B 362 83.71 37.17 91.28
CA ARG B 362 83.63 37.10 89.83
C ARG B 362 85.00 36.80 89.26
N LYS B 363 85.03 36.00 88.20
CA LYS B 363 86.27 35.77 87.49
C LYS B 363 86.63 37.02 86.69
N SER B 364 87.89 37.46 86.81
CA SER B 364 88.30 38.73 86.23
C SER B 364 88.48 38.61 84.72
N PRO B 365 88.21 39.68 83.97
CA PRO B 365 88.53 39.68 82.53
C PRO B 365 90.02 39.77 82.30
N TYR B 366 90.49 39.02 81.29
CA TYR B 366 91.87 39.02 80.80
C TYR B 366 92.82 38.45 81.86
N LEU B 367 92.39 37.41 82.54
CA LEU B 367 93.27 36.63 83.39
C LEU B 367 93.52 35.28 82.70
N PRO B 368 94.71 34.69 82.86
CA PRO B 368 95.02 33.45 82.15
C PRO B 368 94.19 32.27 82.62
N SER B 369 93.74 31.47 81.66
CA SER B 369 92.75 30.42 81.89
C SER B 369 93.40 29.13 82.38
N ALA B 370 94.04 29.20 83.53
CA ALA B 370 94.48 28.01 84.26
C ALA B 370 93.90 28.08 85.66
N HIS B 371 93.51 26.93 86.20
CA HIS B 371 92.78 26.80 87.46
C HIS B 371 91.52 27.66 87.44
N ARG B 372 90.57 27.28 86.58
CA ARG B 372 89.34 28.03 86.35
C ARG B 372 88.53 28.26 87.62
N VAL B 373 88.54 27.31 88.54
CA VAL B 373 88.00 27.50 89.87
C VAL B 373 89.17 27.71 90.82
N SER B 374 89.33 28.94 91.30
CA SER B 374 90.50 29.29 92.09
C SER B 374 90.06 30.07 93.32
N GLY B 375 90.58 29.67 94.48
CA GLY B 375 90.23 30.31 95.73
C GLY B 375 91.47 30.68 96.51
N LEU B 376 91.28 31.66 97.41
CA LEU B 376 92.32 32.11 98.32
C LEU B 376 91.70 32.21 99.70
N MET B 377 92.54 32.17 100.73
CA MET B 377 92.04 32.30 102.08
C MET B 377 92.88 33.30 102.87
N MET B 378 92.22 33.98 103.80
CA MET B 378 92.85 34.78 104.83
C MET B 378 92.37 34.25 106.17
N ALA B 379 93.30 34.01 107.09
CA ALA B 379 92.96 33.31 108.32
C ALA B 379 93.76 33.87 109.49
N ASN B 380 93.12 33.91 110.65
CA ASN B 380 93.79 34.28 111.89
C ASN B 380 94.18 33.00 112.64
N HIS B 381 95.47 32.71 112.68
CA HIS B 381 95.98 31.49 113.29
C HIS B 381 96.91 31.85 114.44
N THR B 382 96.89 31.02 115.48
CA THR B 382 97.83 31.13 116.58
C THR B 382 99.22 30.60 116.25
N SER B 383 99.41 29.99 115.07
CA SER B 383 100.71 29.42 114.72
C SER B 383 101.74 30.50 114.42
N ILE B 384 101.30 31.72 114.12
CA ILE B 384 102.23 32.82 113.87
C ILE B 384 102.91 33.28 115.17
N SER B 385 102.34 32.91 116.32
CA SER B 385 103.01 33.16 117.61
C SER B 385 104.33 32.43 117.69
N SER B 386 104.43 31.25 117.06
CA SER B 386 105.69 30.51 117.02
C SER B 386 106.76 31.28 116.27
N LEU B 387 106.40 31.88 115.13
CA LEU B 387 107.36 32.66 114.36
C LEU B 387 107.75 33.92 115.11
N PHE B 388 106.79 34.54 115.80
CA PHE B 388 107.07 35.70 116.63
C PHE B 388 108.04 35.37 117.75
N GLU B 389 107.82 34.25 118.45
CA GLU B 389 108.70 33.91 119.57
C GLU B 389 110.05 33.41 119.08
N ARG B 390 110.11 32.87 117.86
CA ARG B 390 111.42 32.56 117.27
C ARG B 390 112.24 33.81 117.06
N THR B 391 111.64 34.84 116.47
CA THR B 391 112.35 36.10 116.27
C THR B 391 112.64 36.78 117.60
N CYS B 392 111.73 36.62 118.57
CA CYS B 392 111.98 37.10 119.92
C CYS B 392 113.15 36.36 120.56
N ARG B 393 113.30 35.07 120.26
CA ARG B 393 114.41 34.31 120.81
C ARG B 393 115.72 34.73 120.18
N GLN B 394 115.70 35.05 118.88
CA GLN B 394 116.88 35.60 118.21
C GLN B 394 117.26 36.96 118.82
N TYR B 395 116.26 37.82 119.05
CA TYR B 395 116.51 39.10 119.70
C TYR B 395 117.03 38.91 121.11
N ASP B 396 116.48 37.95 121.85
CA ASP B 396 116.90 37.68 123.21
C ASP B 396 118.33 37.18 123.25
N LYS B 397 118.70 36.36 122.27
CA LYS B 397 120.08 35.88 122.19
C LYS B 397 121.05 37.02 121.94
N LEU B 398 120.79 37.82 120.90
CA LEU B 398 121.69 38.93 120.57
C LEU B 398 121.66 40.01 121.66
N ARG B 399 120.54 40.13 122.37
CA ARG B 399 120.43 41.12 123.43
C ARG B 399 121.15 40.66 124.68
N LYS B 400 121.14 39.37 124.96
CA LYS B 400 121.87 38.84 126.11
C LYS B 400 123.36 38.88 125.87
N ARG B 401 123.78 38.65 124.62
CA ARG B 401 125.20 38.66 124.32
C ARG B 401 125.79 40.06 124.37
N GLU B 402 124.98 41.07 124.01
CA GLU B 402 125.37 42.49 123.92
C GLU B 402 126.61 42.70 123.05
N ALA B 403 126.56 42.17 121.83
CA ALA B 403 127.63 42.39 120.88
C ALA B 403 127.09 42.65 119.48
N PHE B 404 125.79 42.85 119.36
CA PHE B 404 125.13 42.89 118.06
C PHE B 404 124.22 44.09 117.90
N LEU B 405 124.38 45.12 118.74
CA LEU B 405 123.81 46.41 118.46
C LEU B 405 124.66 47.19 117.46
N GLU B 406 125.96 46.82 117.37
CA GLU B 406 126.97 47.33 116.44
C GLU B 406 127.35 48.79 116.70
N GLN B 407 126.79 49.38 117.75
CA GLN B 407 126.84 50.81 118.06
C GLN B 407 126.51 51.65 116.83
N PHE B 408 125.29 51.53 116.35
CA PHE B 408 124.81 52.41 115.31
C PHE B 408 124.55 53.77 115.94
N ARG B 409 125.03 54.82 115.28
CA ARG B 409 125.00 56.16 115.88
C ARG B 409 123.59 56.69 115.96
N LYS B 410 122.74 56.38 114.97
CA LYS B 410 121.34 56.79 115.02
C LYS B 410 120.60 56.01 116.09
N GLU B 411 121.00 54.76 116.32
CA GLU B 411 120.39 53.95 117.38
C GLU B 411 120.75 54.50 118.76
N ASP B 412 121.98 54.98 118.91
CA ASP B 412 122.39 55.57 120.19
C ASP B 412 121.74 56.94 120.40
N MET B 413 121.74 57.78 119.36
CA MET B 413 121.20 59.14 119.50
C MET B 413 119.68 59.12 119.61
N PHE B 414 119.03 58.14 118.99
CA PHE B 414 117.58 58.02 119.10
C PHE B 414 117.17 57.62 120.50
N LYS B 415 117.88 56.65 121.09
CA LYS B 415 117.61 56.22 122.46
C LYS B 415 118.93 55.82 123.09
N ASP B 416 119.45 56.67 123.97
CA ASP B 416 120.72 56.38 124.64
C ASP B 416 120.55 55.27 125.67
N ASN B 417 119.34 55.10 126.19
CA ASN B 417 119.06 54.09 127.20
C ASN B 417 118.52 52.79 126.60
N PHE B 418 118.06 52.84 125.34
CA PHE B 418 117.53 51.70 124.59
C PHE B 418 116.34 51.04 125.32
N ASP B 419 115.52 51.87 125.95
CA ASP B 419 114.34 51.39 126.66
C ASP B 419 113.19 51.07 125.73
N GLU B 420 113.24 51.55 124.49
CA GLU B 420 112.22 51.21 123.51
C GLU B 420 112.31 49.74 123.13
N MET B 421 113.51 49.18 123.16
CA MET B 421 113.66 47.73 122.94
C MET B 421 113.00 46.95 124.06
N ASP B 422 113.13 47.44 125.30
CA ASP B 422 112.47 46.79 126.43
C ASP B 422 110.95 46.92 126.36
N THR B 423 110.47 48.10 125.94
CA THR B 423 109.03 48.31 125.80
C THR B 423 108.45 47.45 124.70
N SER B 424 109.15 47.35 123.57
CA SER B 424 108.72 46.49 122.48
C SER B 424 108.76 45.02 122.88
N ARG B 425 109.75 44.63 123.67
CA ARG B 425 109.81 43.26 124.18
C ARG B 425 108.64 42.96 125.10
N GLU B 426 108.28 43.94 125.94
CA GLU B 426 107.11 43.78 126.81
C GLU B 426 105.82 43.67 126.01
N ILE B 427 105.68 44.49 124.97
CA ILE B 427 104.48 44.49 124.15
C ILE B 427 104.36 43.19 123.37
N VAL B 428 105.47 42.70 122.82
CA VAL B 428 105.42 41.44 122.08
C VAL B 428 105.26 40.26 123.04
N GLN B 429 105.69 40.41 124.29
CA GLN B 429 105.45 39.35 125.26
C GLN B 429 103.98 39.30 125.64
N GLN B 430 103.36 40.47 125.83
CA GLN B 430 101.92 40.53 126.06
C GLN B 430 101.15 39.98 124.87
N LEU B 431 101.67 40.21 123.67
CA LEU B 431 101.06 39.68 122.46
C LEU B 431 101.11 38.15 122.42
N ILE B 432 102.27 37.58 122.77
CA ILE B 432 102.41 36.12 122.83
C ILE B 432 101.50 35.53 123.91
N ASP B 433 101.38 36.23 125.04
CA ASP B 433 100.52 35.75 126.12
C ASP B 433 99.05 35.81 125.73
N GLU B 434 98.65 36.86 125.00
CA GLU B 434 97.27 36.96 124.54
C GLU B 434 96.98 35.93 123.46
N TYR B 435 97.98 35.61 122.63
CA TYR B 435 97.85 34.52 121.66
C TYR B 435 97.61 33.19 122.36
N HIS B 436 98.42 32.89 123.37
CA HIS B 436 98.27 31.65 124.11
C HIS B 436 96.99 31.64 124.93
N ALA B 437 96.51 32.82 125.35
CA ALA B 437 95.26 32.88 126.08
C ALA B 437 94.07 32.67 125.16
N ALA B 438 94.15 33.16 123.92
CA ALA B 438 93.12 32.89 122.93
C ALA B 438 93.12 31.43 122.51
N THR B 439 94.28 30.77 122.63
CA THR B 439 94.34 29.33 122.39
C THR B 439 93.51 28.56 123.41
N ARG B 440 93.38 29.09 124.62
CA ARG B 440 92.70 28.39 125.70
C ARG B 440 91.19 28.35 125.46
N PRO B 441 90.48 27.40 126.07
CA PRO B 441 89.02 27.45 126.03
C PRO B 441 88.42 28.60 126.82
N ASP B 442 89.19 29.19 127.73
CA ASP B 442 88.78 30.40 128.41
C ASP B 442 89.56 31.55 127.81
N TYR B 443 88.85 32.57 127.36
CA TYR B 443 89.49 33.81 127.00
C TYR B 443 88.84 34.90 127.84
N ILE B 444 88.40 34.49 129.03
CA ILE B 444 88.18 35.39 130.15
C ILE B 444 89.43 35.39 131.04
N SER B 445 90.54 34.93 130.48
CA SER B 445 91.86 35.02 131.08
C SER B 445 92.78 35.67 130.07
N TRP B 446 93.36 36.81 130.45
CA TRP B 446 93.96 37.72 129.48
C TRP B 446 95.47 37.81 129.69
N GLY B 447 96.11 38.65 128.88
CA GLY B 447 97.54 38.83 128.95
C GLY B 447 97.99 40.15 128.37
N LEU C 150 -95.77 -15.09 73.09
CA LEU C 150 -96.20 -15.80 74.29
C LEU C 150 -96.27 -14.84 75.47
N GLN C 151 -96.84 -15.30 76.59
CA GLN C 151 -97.13 -14.43 77.71
C GLN C 151 -95.90 -14.18 78.58
N GLN C 152 -95.28 -15.27 79.05
CA GLN C 152 -94.22 -15.20 80.05
C GLN C 152 -92.95 -14.55 79.50
N SER C 153 -92.77 -14.54 78.18
CA SER C 153 -91.58 -13.93 77.59
C SER C 153 -91.75 -12.43 77.42
N LEU C 154 -92.99 -11.97 77.25
CA LEU C 154 -93.26 -10.55 77.05
C LEU C 154 -92.91 -9.73 78.28
N GLU C 155 -93.06 -10.31 79.47
CA GLU C 155 -92.61 -9.65 80.71
C GLU C 155 -91.11 -9.42 80.71
N LEU C 156 -90.35 -10.46 80.33
CA LEU C 156 -88.90 -10.41 80.25
C LEU C 156 -88.46 -9.33 79.27
N LYS C 157 -89.12 -9.29 78.11
CA LYS C 157 -88.85 -8.25 77.11
C LYS C 157 -89.17 -6.86 77.66
N ARG C 158 -90.29 -6.73 78.39
CA ARG C 158 -90.73 -5.45 78.92
C ARG C 158 -89.79 -4.91 79.99
N LYS C 159 -89.12 -5.79 80.73
CA LYS C 159 -88.12 -5.33 81.67
C LYS C 159 -86.83 -4.92 80.95
N MET C 160 -86.32 -5.80 80.08
CA MET C 160 -85.02 -5.58 79.48
C MET C 160 -85.01 -4.41 78.51
N LEU C 161 -86.17 -4.06 77.93
CA LEU C 161 -86.22 -2.90 77.05
C LEU C 161 -85.95 -1.61 77.81
N ARG C 162 -86.52 -1.46 79.02
CA ARG C 162 -86.26 -0.26 79.79
C ARG C 162 -84.84 -0.27 80.35
N ASP C 163 -84.34 -1.48 80.68
CA ASP C 163 -82.96 -1.61 81.15
C ASP C 163 -81.96 -1.13 80.09
N LYS C 164 -82.19 -1.48 78.83
CA LYS C 164 -81.27 -1.07 77.77
C LYS C 164 -81.56 0.36 77.31
N GLN C 165 -82.81 0.81 77.43
CA GLN C 165 -83.17 2.16 76.99
C GLN C 165 -82.59 3.21 77.91
N ASN C 166 -82.53 2.90 79.22
CA ASN C 166 -81.96 3.80 80.23
C ASN C 166 -80.51 4.19 79.93
N LYS C 167 -79.71 3.25 79.42
CA LYS C 167 -78.32 3.53 79.12
C LYS C 167 -78.18 4.40 77.87
N LYS C 168 -79.04 4.18 76.87
CA LYS C 168 -78.87 4.83 75.58
C LYS C 168 -79.21 6.32 75.64
N ASN C 169 -78.40 7.13 74.92
CA ASN C 169 -78.73 8.55 74.77
C ASN C 169 -78.57 9.05 73.34
N SER C 170 -78.38 8.16 72.37
CA SER C 170 -78.24 8.53 70.97
C SER C 170 -79.14 7.65 70.12
N GLY C 171 -79.61 6.55 70.71
CA GLY C 171 -80.49 5.63 70.02
C GLY C 171 -81.93 6.06 70.14
N GLN C 172 -82.82 5.12 69.83
CA GLN C 172 -84.26 5.32 69.97
C GLN C 172 -84.85 4.08 70.61
N HIS C 173 -86.17 4.07 70.73
CA HIS C 173 -86.87 2.93 71.30
C HIS C 173 -86.85 1.75 70.32
N LEU C 174 -86.71 0.56 70.89
CA LEU C 174 -86.51 -0.63 70.08
C LEU C 174 -87.84 -1.16 69.58
N PRO C 175 -87.99 -1.42 68.28
CA PRO C 175 -89.26 -1.97 67.79
C PRO C 175 -89.39 -3.43 68.19
N ILE C 176 -90.63 -3.84 68.46
CA ILE C 176 -90.94 -5.24 68.72
C ILE C 176 -91.72 -5.77 67.52
N PHE C 177 -91.85 -7.10 67.47
CA PHE C 177 -92.65 -7.74 66.44
C PHE C 177 -94.12 -7.34 66.59
N PRO C 178 -94.84 -7.19 65.48
CA PRO C 178 -96.26 -6.81 65.54
C PRO C 178 -97.13 -7.83 66.24
N ALA C 179 -98.37 -7.41 66.49
CA ALA C 179 -99.30 -8.19 67.29
C ALA C 179 -99.83 -9.41 66.53
N TRP C 180 -99.98 -9.28 65.20
CA TRP C 180 -100.60 -10.33 64.40
C TRP C 180 -99.75 -11.60 64.36
N VAL C 181 -98.43 -11.46 64.47
CA VAL C 181 -97.49 -12.57 64.26
C VAL C 181 -97.69 -13.65 65.32
N TYR C 182 -97.85 -13.23 66.58
CA TYR C 182 -98.10 -14.18 67.65
C TYR C 182 -99.50 -14.78 67.57
N GLU C 183 -100.44 -14.07 66.95
CA GLU C 183 -101.86 -14.39 67.09
C GLU C 183 -102.24 -15.63 66.27
N ARG C 184 -101.69 -15.77 65.08
CA ARG C 184 -102.05 -16.88 64.21
C ARG C 184 -101.46 -18.18 64.73
N PRO C 185 -102.21 -19.30 64.69
CA PRO C 185 -101.58 -20.59 64.95
C PRO C 185 -101.03 -21.23 63.68
N ALA C 186 -100.47 -20.41 62.78
CA ALA C 186 -99.91 -20.90 61.53
C ALA C 186 -98.67 -20.11 61.12
N LEU C 187 -98.29 -19.13 61.95
CA LEU C 187 -97.03 -18.41 61.79
C LEU C 187 -96.04 -18.81 62.87
N ILE C 188 -96.50 -19.59 63.85
CA ILE C 188 -95.74 -20.08 64.97
C ILE C 188 -95.74 -21.60 64.83
N GLY C 189 -95.00 -22.30 65.68
CA GLY C 189 -94.93 -23.75 65.67
C GLY C 189 -96.21 -24.49 66.01
N ASP C 190 -96.06 -25.77 66.37
CA ASP C 190 -97.17 -26.73 66.49
C ASP C 190 -98.23 -26.25 67.48
N PHE C 191 -99.45 -26.09 66.96
CA PHE C 191 -100.59 -25.68 67.76
C PHE C 191 -101.23 -26.90 68.39
N PRO C 204 -115.99 -49.71 63.91
CA PRO C 204 -115.66 -50.25 62.58
C PRO C 204 -114.22 -49.96 62.17
N ILE C 205 -113.70 -48.81 62.59
CA ILE C 205 -112.31 -48.47 62.29
C ILE C 205 -111.36 -49.41 63.03
N GLY C 206 -111.76 -49.85 64.22
CA GLY C 206 -110.94 -50.77 65.00
C GLY C 206 -110.91 -52.20 64.48
N THR C 207 -111.82 -52.56 63.57
CA THR C 207 -111.84 -53.92 63.02
C THR C 207 -110.97 -54.09 61.79
N LEU C 208 -110.56 -53.00 61.15
CA LEU C 208 -109.85 -53.07 59.88
C LEU C 208 -108.43 -53.61 60.08
N PRO C 209 -107.84 -54.25 59.04
CA PRO C 209 -106.47 -54.80 59.17
C PRO C 209 -105.37 -53.79 59.47
N LEU C 210 -104.18 -54.33 59.77
CA LEU C 210 -103.08 -53.50 60.26
C LEU C 210 -102.50 -52.61 59.16
N ALA C 211 -102.63 -53.01 57.89
CA ALA C 211 -101.98 -52.30 56.81
C ALA C 211 -102.62 -50.94 56.56
N SER C 212 -103.96 -50.90 56.55
CA SER C 212 -104.68 -49.64 56.36
C SER C 212 -104.49 -48.70 57.54
N GLN C 213 -104.62 -49.25 58.76
CA GLN C 213 -104.38 -48.50 59.99
C GLN C 213 -102.95 -47.99 60.04
N GLU C 214 -102.02 -48.82 59.56
CA GLU C 214 -100.60 -48.48 59.52
C GLU C 214 -100.33 -47.33 58.58
N SER C 215 -100.92 -47.37 57.38
CA SER C 215 -100.73 -46.30 56.41
C SER C 215 -101.29 -44.98 56.93
N ALA C 216 -102.48 -45.04 57.54
CA ALA C 216 -103.10 -43.84 58.09
C ALA C 216 -102.25 -43.24 59.21
N VAL C 217 -101.77 -44.09 60.14
CA VAL C 217 -101.08 -43.54 61.30
C VAL C 217 -99.68 -43.06 60.93
N VAL C 218 -99.04 -43.69 59.94
CA VAL C 218 -97.71 -43.21 59.57
C VAL C 218 -97.82 -41.89 58.82
N GLU C 219 -98.93 -41.69 58.09
CA GLU C 219 -99.12 -40.39 57.45
C GLU C 219 -99.41 -39.29 58.45
N ASP C 220 -100.27 -39.57 59.44
CA ASP C 220 -100.57 -38.56 60.46
C ASP C 220 -99.35 -38.24 61.33
N LEU C 221 -98.55 -39.25 61.63
CA LEU C 221 -97.32 -39.03 62.38
C LEU C 221 -96.30 -38.24 61.57
N LEU C 222 -96.24 -38.51 60.26
CA LEU C 222 -95.38 -37.72 59.37
C LEU C 222 -95.86 -36.27 59.30
N TYR C 223 -97.17 -36.06 59.44
CA TYR C 223 -97.72 -34.71 59.45
C TYR C 223 -97.33 -33.96 60.71
N VAL C 224 -97.43 -34.60 61.88
CA VAL C 224 -97.19 -33.87 63.12
C VAL C 224 -95.69 -33.59 63.32
N LEU C 225 -94.81 -34.24 62.54
CA LEU C 225 -93.39 -33.90 62.56
C LEU C 225 -93.14 -32.47 62.09
N VAL C 226 -93.93 -32.00 61.13
CA VAL C 226 -93.68 -30.68 60.55
C VAL C 226 -94.59 -29.62 61.14
N GLY C 227 -95.34 -29.94 62.19
CA GLY C 227 -96.06 -28.97 62.97
C GLY C 227 -97.52 -28.77 62.61
N VAL C 228 -98.16 -29.77 62.00
CA VAL C 228 -99.58 -29.72 61.65
C VAL C 228 -100.20 -31.06 62.07
N ASP C 229 -101.37 -31.00 62.69
CA ASP C 229 -102.01 -32.20 63.24
C ASP C 229 -102.53 -33.13 62.13
N GLY C 230 -102.48 -34.42 62.42
CA GLY C 230 -103.03 -35.46 61.57
C GLY C 230 -104.42 -35.89 62.02
N ARG C 231 -104.75 -37.15 61.73
CA ARG C 231 -106.08 -37.69 62.09
C ARG C 231 -106.04 -38.43 63.42
N TYR C 232 -105.27 -39.53 63.49
CA TYR C 232 -105.30 -40.39 64.67
C TYR C 232 -104.53 -39.77 65.82
N VAL C 233 -103.29 -39.40 65.55
CA VAL C 233 -102.50 -38.65 66.51
C VAL C 233 -102.79 -37.17 66.30
N SER C 234 -102.88 -36.43 67.40
CA SER C 234 -103.22 -35.01 67.35
C SER C 234 -102.53 -34.32 68.52
N ALA C 235 -101.74 -33.29 68.20
CA ALA C 235 -101.04 -32.54 69.23
C ALA C 235 -102.05 -31.79 70.10
N GLN C 236 -101.89 -31.93 71.41
CA GLN C 236 -102.81 -31.28 72.34
C GLN C 236 -102.59 -29.77 72.32
N PRO C 237 -103.68 -28.96 72.36
CA PRO C 237 -103.63 -27.52 72.01
C PRO C 237 -102.58 -26.67 72.71
N LEU C 238 -102.03 -25.72 71.95
CA LEU C 238 -101.00 -24.84 72.48
C LEU C 238 -101.58 -23.85 73.47
N ALA C 239 -100.98 -23.80 74.66
CA ALA C 239 -101.24 -22.77 75.65
C ALA C 239 -100.02 -22.65 76.55
N GLY C 240 -99.35 -21.50 76.50
CA GLY C 240 -98.13 -21.25 77.25
C GLY C 240 -96.97 -22.16 76.86
N ARG C 241 -95.95 -22.15 77.72
CA ARG C 241 -94.79 -23.01 77.55
C ARG C 241 -95.12 -24.41 78.08
N GLN C 242 -94.93 -25.43 77.25
CA GLN C 242 -95.24 -26.80 77.61
C GLN C 242 -94.19 -27.74 77.03
N SER C 243 -94.10 -28.92 77.63
CA SER C 243 -93.60 -30.11 76.97
C SER C 243 -94.83 -30.87 76.47
N ARG C 244 -94.90 -31.09 75.16
CA ARG C 244 -96.16 -31.46 74.55
C ARG C 244 -96.52 -32.92 74.78
N THR C 245 -97.83 -33.16 74.87
CA THR C 245 -98.42 -34.47 75.05
C THR C 245 -99.40 -34.71 73.91
N PHE C 246 -99.53 -35.96 73.48
CA PHE C 246 -100.27 -36.30 72.26
C PHE C 246 -101.32 -37.36 72.56
N LEU C 247 -102.46 -37.25 71.90
CA LEU C 247 -103.48 -38.29 71.98
C LEU C 247 -103.27 -39.32 70.88
N VAL C 248 -103.86 -40.49 71.11
CA VAL C 248 -103.97 -41.51 70.08
C VAL C 248 -105.37 -42.10 70.20
N ASP C 249 -105.93 -42.52 69.06
CA ASP C 249 -107.23 -43.16 69.13
C ASP C 249 -107.11 -44.56 69.74
N PRO C 250 -108.13 -45.08 70.41
CA PRO C 250 -108.04 -46.46 70.91
C PRO C 250 -108.42 -47.52 69.89
N ASN C 251 -108.48 -47.14 68.60
CA ASN C 251 -108.79 -48.10 67.55
C ASN C 251 -107.56 -48.83 67.01
N LEU C 252 -106.37 -48.50 67.50
CA LEU C 252 -105.15 -49.09 66.96
C LEU C 252 -104.78 -50.37 67.69
N ASP C 253 -104.11 -51.28 66.96
CA ASP C 253 -103.58 -52.50 67.54
C ASP C 253 -102.37 -52.18 68.41
N LEU C 254 -102.13 -53.06 69.39
CA LEU C 254 -101.18 -52.78 70.48
C LEU C 254 -99.75 -52.64 69.96
N SER C 255 -99.40 -53.38 68.90
CA SER C 255 -98.09 -53.26 68.28
C SER C 255 -97.92 -51.88 67.67
N ILE C 256 -98.94 -51.39 66.99
CA ILE C 256 -98.84 -50.04 66.45
C ILE C 256 -98.81 -49.02 67.57
N ARG C 257 -99.59 -49.24 68.64
CA ARG C 257 -99.64 -48.34 69.77
C ARG C 257 -98.33 -48.24 70.53
N GLU C 258 -97.49 -49.28 70.51
CA GLU C 258 -96.16 -49.00 71.05
C GLU C 258 -95.28 -48.34 70.00
N LEU C 259 -95.34 -48.83 68.75
CA LEU C 259 -94.39 -48.39 67.73
C LEU C 259 -94.55 -46.91 67.39
N VAL C 260 -95.75 -46.34 67.56
CA VAL C 260 -95.90 -44.89 67.42
C VAL C 260 -95.22 -44.17 68.59
N HIS C 261 -95.35 -44.72 69.81
CA HIS C 261 -94.92 -44.02 71.02
C HIS C 261 -93.40 -43.92 71.12
N ARG C 262 -92.65 -44.69 70.35
CA ARG C 262 -91.20 -44.50 70.31
C ARG C 262 -90.85 -43.21 69.59
N ILE C 263 -91.70 -42.81 68.65
CA ILE C 263 -91.38 -41.73 67.74
C ILE C 263 -91.81 -40.37 68.29
N LEU C 264 -92.93 -40.33 69.02
CA LEU C 264 -93.52 -39.14 69.67
C LEU C 264 -92.59 -38.20 70.45
N PRO C 265 -91.48 -38.69 71.12
CA PRO C 265 -90.44 -37.76 71.59
C PRO C 265 -89.90 -36.74 70.60
N VAL C 266 -89.62 -37.11 69.35
CA VAL C 266 -89.06 -36.12 68.42
C VAL C 266 -90.12 -35.11 67.98
N ALA C 267 -91.40 -35.53 67.96
CA ALA C 267 -92.48 -34.60 67.62
C ALA C 267 -92.67 -33.57 68.72
N ALA C 268 -92.67 -34.04 69.97
CA ALA C 268 -92.76 -33.16 71.13
C ALA C 268 -91.57 -32.20 71.19
N SER C 269 -90.37 -32.68 70.83
CA SER C 269 -89.19 -31.81 70.83
C SER C 269 -89.25 -30.76 69.72
N TYR C 270 -89.75 -31.16 68.54
CA TYR C 270 -89.91 -30.24 67.41
C TYR C 270 -90.81 -29.07 67.76
N SER C 271 -91.92 -29.36 68.45
CA SER C 271 -92.88 -28.35 68.88
C SER C 271 -92.23 -27.26 69.73
N ALA C 272 -91.34 -27.66 70.64
CA ALA C 272 -90.67 -26.70 71.50
C ALA C 272 -89.64 -25.88 70.72
N VAL C 273 -88.91 -26.55 69.82
CA VAL C 273 -87.84 -25.86 69.08
C VAL C 273 -88.41 -24.77 68.18
N THR C 274 -89.57 -25.05 67.56
CA THR C 274 -90.18 -24.07 66.66
C THR C 274 -90.68 -22.84 67.40
N ARG C 275 -91.24 -23.01 68.60
CA ARG C 275 -91.66 -21.87 69.38
C ARG C 275 -90.45 -21.08 69.88
N PHE C 276 -89.35 -21.78 70.16
CA PHE C 276 -88.14 -21.12 70.65
C PHE C 276 -87.52 -20.24 69.58
N ILE C 277 -87.51 -20.70 68.32
CA ILE C 277 -86.78 -19.99 67.28
C ILE C 277 -87.43 -18.65 66.95
N GLU C 278 -88.75 -18.60 66.86
CA GLU C 278 -89.45 -17.39 66.45
C GLU C 278 -89.82 -16.50 67.63
N GLU C 279 -89.38 -16.84 68.83
CA GLU C 279 -89.51 -15.98 69.99
C GLU C 279 -88.18 -15.31 70.35
N LYS C 280 -87.09 -16.06 70.33
CA LYS C 280 -85.78 -15.54 70.71
C LYS C 280 -85.08 -14.80 69.59
N SER C 281 -85.77 -14.55 68.48
CA SER C 281 -85.34 -13.59 67.48
C SER C 281 -85.77 -12.18 67.83
N SER C 282 -86.49 -12.01 68.94
CA SER C 282 -86.87 -10.68 69.39
C SER C 282 -85.64 -9.93 69.91
N PHE C 283 -85.73 -8.59 69.85
CA PHE C 283 -84.54 -7.75 69.72
C PHE C 283 -83.84 -7.58 71.06
N GLU C 284 -84.58 -7.65 72.16
CA GLU C 284 -84.03 -7.32 73.48
C GLU C 284 -83.03 -8.37 73.94
N TYR C 285 -83.16 -9.59 73.43
CA TYR C 285 -82.31 -10.71 73.83
C TYR C 285 -80.87 -10.54 73.37
N GLY C 286 -80.61 -9.67 72.42
CA GLY C 286 -79.25 -9.46 71.95
C GLY C 286 -78.88 -10.42 70.84
N GLN C 287 -77.76 -10.10 70.19
CA GLN C 287 -77.44 -10.66 68.89
C GLN C 287 -77.04 -12.13 68.96
N VAL C 288 -76.48 -12.56 70.10
CA VAL C 288 -76.02 -13.94 70.25
C VAL C 288 -77.20 -14.90 70.31
N ASN C 289 -78.27 -14.51 71.00
CA ASN C 289 -79.46 -15.33 71.12
C ASN C 289 -80.19 -15.45 69.79
N HIS C 290 -80.21 -14.35 69.05
CA HIS C 290 -80.75 -14.34 67.69
C HIS C 290 -79.99 -15.30 66.79
N ALA C 291 -78.65 -15.30 66.88
CA ALA C 291 -77.85 -16.22 66.08
C ALA C 291 -78.04 -17.68 66.50
N LEU C 292 -78.28 -17.93 67.80
CA LEU C 292 -78.62 -19.27 68.25
C LEU C 292 -79.91 -19.76 67.61
N ALA C 293 -80.93 -18.88 67.59
CA ALA C 293 -82.20 -19.21 66.94
C ALA C 293 -82.02 -19.46 65.44
N ALA C 294 -81.12 -18.70 64.80
CA ALA C 294 -80.92 -18.85 63.36
C ALA C 294 -80.21 -20.16 63.01
N ALA C 295 -79.23 -20.56 63.82
CA ALA C 295 -78.56 -21.84 63.58
C ALA C 295 -79.53 -23.01 63.79
N MET C 296 -80.38 -22.90 64.82
CA MET C 296 -81.42 -23.91 65.00
C MET C 296 -82.42 -23.91 63.84
N ARG C 297 -82.65 -22.75 63.23
CA ARG C 297 -83.53 -22.65 62.07
C ARG C 297 -82.97 -23.42 60.87
N THR C 298 -81.67 -23.25 60.62
CA THR C 298 -80.99 -24.05 59.58
C THR C 298 -81.12 -25.54 59.88
N LEU C 299 -81.04 -25.93 61.15
CA LEU C 299 -81.19 -27.33 61.49
C LEU C 299 -82.62 -27.83 61.27
N VAL C 300 -83.61 -26.99 61.56
CA VAL C 300 -85.02 -27.35 61.35
C VAL C 300 -85.30 -27.54 59.87
N LYS C 301 -84.57 -26.82 59.01
CA LYS C 301 -84.78 -26.87 57.57
C LYS C 301 -84.54 -28.26 56.95
N GLU C 302 -83.55 -29.01 57.46
CA GLU C 302 -83.20 -30.30 56.86
C GLU C 302 -84.26 -31.36 57.16
N HIS C 303 -84.94 -31.21 58.30
CA HIS C 303 -85.97 -32.14 58.72
C HIS C 303 -87.13 -32.18 57.74
N LEU C 304 -87.48 -31.01 57.20
CA LEU C 304 -88.54 -30.89 56.20
C LEU C 304 -88.17 -31.63 54.92
N ILE C 305 -86.89 -31.58 54.54
CA ILE C 305 -86.39 -32.29 53.37
C ILE C 305 -86.58 -33.79 53.53
N LEU C 306 -86.24 -34.30 54.72
CA LEU C 306 -86.43 -35.73 54.98
C LEU C 306 -87.90 -36.12 54.94
N VAL C 307 -88.77 -35.32 55.57
CA VAL C 307 -90.22 -35.60 55.60
C VAL C 307 -90.80 -35.64 54.19
N SER C 308 -90.37 -34.69 53.35
CA SER C 308 -90.88 -34.62 51.99
C SER C 308 -90.43 -35.80 51.15
N GLN C 309 -89.22 -36.31 51.37
CA GLN C 309 -88.84 -37.54 50.69
C GLN C 309 -89.65 -38.73 51.19
N LEU C 310 -89.98 -38.72 52.48
CA LEU C 310 -90.66 -39.86 53.08
C LEU C 310 -92.09 -40.01 52.55
N GLU C 311 -92.74 -38.88 52.20
CA GLU C 311 -94.07 -39.00 51.57
C GLU C 311 -94.00 -39.75 50.23
N GLN C 312 -93.00 -39.42 49.40
CA GLN C 312 -92.77 -40.10 48.14
C GLN C 312 -92.49 -41.58 48.34
N LEU C 313 -91.73 -41.90 49.39
CA LEU C 313 -91.53 -43.31 49.74
C LEU C 313 -92.85 -43.99 50.13
N HIS C 314 -93.69 -43.30 50.89
CA HIS C 314 -94.89 -43.91 51.44
C HIS C 314 -95.93 -44.19 50.37
N ARG C 315 -95.99 -43.36 49.33
CA ARG C 315 -96.92 -43.64 48.22
C ARG C 315 -96.56 -44.92 47.48
N GLN C 316 -95.26 -45.19 47.35
CA GLN C 316 -94.79 -46.38 46.63
C GLN C 316 -94.78 -47.63 47.49
N GLY C 317 -95.33 -47.57 48.70
CA GLY C 317 -95.31 -48.71 49.60
C GLY C 317 -93.93 -48.98 50.17
N LEU C 318 -93.27 -47.94 50.68
CA LEU C 318 -92.00 -48.11 51.37
C LEU C 318 -91.89 -47.23 52.61
N LEU C 319 -92.93 -47.18 53.43
CA LEU C 319 -92.83 -46.53 54.75
C LEU C 319 -93.72 -47.23 55.75
N SER C 320 -93.14 -47.57 56.89
CA SER C 320 -93.87 -47.97 58.08
C SER C 320 -93.14 -47.37 59.28
N LEU C 321 -93.65 -47.67 60.48
CA LEU C 321 -93.16 -47.03 61.70
C LEU C 321 -91.72 -47.43 62.00
N GLN C 322 -91.37 -48.68 61.70
CA GLN C 322 -90.04 -49.20 61.98
C GLN C 322 -89.02 -48.51 61.09
N LYS C 323 -89.34 -48.43 59.80
CA LYS C 323 -88.49 -47.76 58.83
C LYS C 323 -88.35 -46.27 59.14
N LEU C 324 -89.46 -45.62 59.50
CA LEU C 324 -89.42 -44.20 59.84
C LEU C 324 -88.52 -43.96 61.03
N TRP C 325 -88.70 -44.79 62.07
CA TRP C 325 -87.90 -44.73 63.30
C TRP C 325 -86.42 -44.98 63.01
N PHE C 326 -86.16 -45.96 62.15
CA PHE C 326 -84.82 -46.30 61.68
C PHE C 326 -84.16 -45.11 60.99
N TYR C 327 -84.92 -44.41 60.15
CA TYR C 327 -84.35 -43.28 59.40
C TYR C 327 -84.05 -42.10 60.32
N ILE C 328 -84.90 -41.85 61.33
CA ILE C 328 -84.82 -40.61 62.10
C ILE C 328 -83.94 -40.77 63.33
N GLN C 329 -83.14 -41.82 63.36
CA GLN C 329 -82.22 -42.03 64.49
C GLN C 329 -81.20 -40.89 64.69
N PRO C 330 -80.60 -40.26 63.66
CA PRO C 330 -79.80 -39.06 63.96
C PRO C 330 -80.64 -37.85 64.39
N ALA C 331 -81.80 -37.68 63.75
CA ALA C 331 -82.56 -36.44 63.86
C ALA C 331 -83.17 -36.29 65.24
N MET C 332 -83.62 -37.41 65.84
CA MET C 332 -84.24 -37.38 67.16
C MET C 332 -83.25 -36.95 68.23
N ARG C 333 -81.99 -37.36 68.09
CA ARG C 333 -80.94 -37.02 69.06
C ARG C 333 -80.55 -35.56 68.93
N THR C 334 -80.40 -35.10 67.68
CA THR C 334 -80.13 -33.69 67.42
C THR C 334 -81.23 -32.79 68.02
N MET C 335 -82.50 -33.14 67.75
CA MET C 335 -83.62 -32.34 68.24
C MET C 335 -83.73 -32.40 69.75
N ASP C 336 -83.37 -33.54 70.36
CA ASP C 336 -83.43 -33.67 71.82
C ASP C 336 -82.41 -32.76 72.51
N ILE C 337 -81.18 -32.72 71.98
CA ILE C 337 -80.15 -31.84 72.54
C ILE C 337 -80.56 -30.37 72.38
N LEU C 338 -81.15 -30.04 71.23
CA LEU C 338 -81.70 -28.69 71.01
C LEU C 338 -82.80 -28.36 72.01
N ALA C 339 -83.63 -29.35 72.38
CA ALA C 339 -84.73 -29.11 73.31
C ALA C 339 -84.21 -28.80 74.71
N SER C 340 -83.16 -29.52 75.13
CA SER C 340 -82.53 -29.21 76.42
C SER C 340 -81.99 -27.79 76.44
N LEU C 341 -81.31 -27.39 75.35
CA LEU C 341 -80.81 -26.01 75.28
C LEU C 341 -81.91 -24.97 75.26
N ALA C 342 -83.00 -25.23 74.54
CA ALA C 342 -84.11 -24.29 74.43
C ALA C 342 -84.79 -24.06 75.77
N THR C 343 -85.05 -25.15 76.49
CA THR C 343 -85.68 -24.98 77.79
C THR C 343 -84.74 -24.38 78.82
N SER C 344 -83.43 -24.60 78.72
CA SER C 344 -82.54 -23.96 79.68
C SER C 344 -82.35 -22.47 79.37
N VAL C 345 -82.48 -22.07 78.11
CA VAL C 345 -82.34 -20.64 77.81
C VAL C 345 -83.63 -19.90 78.16
N ASP C 346 -84.79 -20.54 78.00
CA ASP C 346 -86.04 -19.79 78.20
C ASP C 346 -86.39 -19.61 79.68
N LYS C 347 -86.32 -20.69 80.48
CA LYS C 347 -87.00 -20.76 81.79
C LYS C 347 -86.51 -19.68 82.75
N GLY C 348 -85.19 -19.50 82.86
CA GLY C 348 -84.61 -18.38 83.54
C GLY C 348 -83.98 -17.46 82.50
N GLU C 349 -83.51 -16.32 82.97
CA GLU C 349 -82.99 -15.32 82.06
C GLU C 349 -81.58 -15.69 81.61
N CYS C 350 -81.42 -15.84 80.31
CA CYS C 350 -80.12 -16.12 79.72
C CYS C 350 -79.98 -15.27 78.48
N LEU C 351 -79.02 -14.35 78.52
CA LEU C 351 -78.72 -13.44 77.43
C LEU C 351 -77.26 -13.03 77.59
N GLY C 352 -76.65 -12.69 76.47
CA GLY C 352 -75.22 -12.43 76.52
C GLY C 352 -74.44 -13.72 76.69
N GLY C 353 -73.52 -13.71 77.67
CA GLY C 353 -72.53 -14.77 77.75
C GLY C 353 -73.04 -16.06 78.36
N SER C 354 -74.22 -16.03 78.98
CA SER C 354 -74.78 -17.24 79.59
C SER C 354 -75.12 -18.29 78.55
N THR C 355 -75.82 -17.88 77.49
CA THR C 355 -76.20 -18.77 76.41
C THR C 355 -75.06 -19.01 75.40
N LEU C 356 -73.88 -18.45 75.67
CA LEU C 356 -72.65 -18.76 74.93
C LEU C 356 -71.74 -19.69 75.72
N SER C 357 -71.79 -19.61 77.05
CA SER C 357 -71.08 -20.54 77.92
C SER C 357 -71.80 -21.89 77.95
N LEU C 358 -73.13 -21.85 77.94
CA LEU C 358 -73.95 -23.05 78.02
C LEU C 358 -73.70 -23.99 76.87
N LEU C 359 -73.41 -23.44 75.69
CA LEU C 359 -73.02 -24.25 74.55
C LEU C 359 -71.56 -24.67 74.56
N HIS C 360 -70.72 -24.00 75.35
CA HIS C 360 -69.33 -24.43 75.52
C HIS C 360 -69.20 -25.55 76.53
N ASP C 361 -70.16 -25.66 77.45
CA ASP C 361 -70.17 -26.77 78.40
C ASP C 361 -71.14 -27.88 78.03
N ARG C 362 -72.02 -27.65 77.06
CA ARG C 362 -72.76 -28.74 76.44
C ARG C 362 -71.98 -29.37 75.29
N SER C 363 -70.76 -28.90 75.04
CA SER C 363 -69.81 -29.57 74.17
C SER C 363 -68.86 -30.46 74.95
N PHE C 364 -68.98 -30.50 76.27
CA PHE C 364 -68.21 -31.40 77.10
C PHE C 364 -69.12 -32.42 77.80
N SER C 365 -70.40 -32.45 77.44
CA SER C 365 -71.25 -33.59 77.75
C SER C 365 -71.12 -34.69 76.72
N TYR C 366 -70.43 -34.41 75.61
CA TYR C 366 -69.99 -35.43 74.67
C TYR C 366 -68.55 -35.13 74.31
N THR C 367 -67.66 -36.07 74.67
CA THR C 367 -66.24 -35.93 74.38
C THR C 367 -65.87 -36.45 73.00
N GLY C 368 -66.71 -37.29 72.42
CA GLY C 368 -66.63 -37.63 71.01
C GLY C 368 -67.80 -38.47 70.58
N ASP C 369 -68.49 -38.05 69.52
CA ASP C 369 -69.51 -38.87 68.88
C ASP C 369 -69.28 -38.99 67.38
N SER C 370 -69.01 -37.83 66.75
CA SER C 370 -69.04 -37.42 65.34
C SER C 370 -70.44 -37.05 64.85
N GLN C 371 -71.45 -37.02 65.72
CA GLN C 371 -72.71 -36.37 65.38
C GLN C 371 -72.98 -35.16 66.25
N ALA C 372 -72.86 -35.31 67.58
CA ALA C 372 -73.02 -34.19 68.47
C ALA C 372 -71.90 -33.16 68.33
N GLN C 373 -70.71 -33.60 67.91
CA GLN C 373 -69.55 -32.72 67.78
C GLN C 373 -69.81 -31.59 66.78
N GLU C 374 -70.32 -31.96 65.60
CA GLU C 374 -70.70 -31.00 64.57
C GLU C 374 -71.76 -30.04 65.10
N LEU C 375 -72.72 -30.57 65.85
CA LEU C 375 -73.87 -29.79 66.32
C LEU C 375 -73.44 -28.69 67.28
N CYS C 376 -72.66 -29.07 68.30
CA CYS C 376 -72.25 -28.09 69.30
C CYS C 376 -71.22 -27.12 68.74
N LEU C 377 -70.29 -27.62 67.92
CA LEU C 377 -69.29 -26.75 67.29
C LEU C 377 -69.95 -25.73 66.36
N TYR C 378 -70.96 -26.18 65.62
CA TYR C 378 -71.69 -25.31 64.71
C TYR C 378 -72.45 -24.23 65.47
N LEU C 379 -73.20 -24.63 66.51
CA LEU C 379 -74.03 -23.67 67.22
C LEU C 379 -73.20 -22.63 67.97
N THR C 380 -72.07 -23.07 68.56
CA THR C 380 -71.13 -22.14 69.18
C THR C 380 -70.51 -21.19 68.17
N LYS C 381 -69.97 -21.72 67.07
CA LYS C 381 -69.27 -20.91 66.10
C LYS C 381 -70.20 -19.89 65.45
N ALA C 382 -71.46 -20.28 65.24
CA ALA C 382 -72.45 -19.35 64.72
C ALA C 382 -72.81 -18.29 65.75
N ALA C 383 -73.03 -18.67 67.00
CA ALA C 383 -73.47 -17.69 67.98
C ALA C 383 -72.35 -16.83 68.53
N SER C 384 -71.09 -17.21 68.29
CA SER C 384 -69.98 -16.43 68.79
C SER C 384 -69.57 -15.30 67.86
N ALA C 385 -69.95 -15.40 66.59
CA ALA C 385 -69.68 -14.30 65.65
C ALA C 385 -70.32 -12.97 66.06
N PRO C 386 -71.60 -12.89 66.47
CA PRO C 386 -72.10 -11.56 66.87
C PRO C 386 -71.52 -11.06 68.19
N TYR C 387 -71.12 -11.96 69.08
CA TYR C 387 -70.43 -11.54 70.29
C TYR C 387 -69.04 -11.00 69.96
N PHE C 388 -68.36 -11.68 69.03
CA PHE C 388 -67.05 -11.22 68.57
C PHE C 388 -67.15 -9.89 67.85
N GLU C 389 -68.29 -9.61 67.22
CA GLU C 389 -68.53 -8.31 66.61
C GLU C 389 -68.44 -7.18 67.64
N VAL C 390 -69.07 -7.36 68.80
CA VAL C 390 -68.97 -6.38 69.87
C VAL C 390 -67.56 -6.37 70.44
N LEU C 391 -66.95 -7.56 70.54
CA LEU C 391 -65.67 -7.71 71.22
C LEU C 391 -64.53 -7.03 70.46
N GLU C 392 -64.53 -7.16 69.13
CA GLU C 392 -63.39 -6.73 68.33
C GLU C 392 -63.29 -5.22 68.23
N LYS C 393 -64.38 -4.50 68.47
CA LYS C 393 -64.29 -3.05 68.56
C LYS C 393 -63.83 -2.60 69.93
N TRP C 394 -63.88 -3.48 70.92
CA TRP C 394 -63.47 -3.15 72.27
C TRP C 394 -62.01 -3.50 72.53
N ILE C 395 -61.50 -4.58 71.96
CA ILE C 395 -60.11 -4.94 72.24
C ILE C 395 -59.15 -4.22 71.28
N TYR C 396 -59.47 -4.14 69.99
CA TYR C 396 -58.53 -3.58 69.03
C TYR C 396 -58.66 -2.07 68.95
N ARG C 397 -59.88 -1.55 69.05
CA ARG C 397 -60.13 -0.12 68.97
C ARG C 397 -60.28 0.53 70.34
N GLY C 398 -61.08 -0.07 71.21
CA GLY C 398 -61.24 0.42 72.56
C GLY C 398 -62.57 1.07 72.87
N ILE C 399 -63.58 0.89 72.02
CA ILE C 399 -64.92 1.40 72.29
C ILE C 399 -65.86 0.20 72.36
N ILE C 400 -66.85 0.27 73.25
CA ILE C 400 -67.73 -0.87 73.46
C ILE C 400 -68.65 -1.05 72.26
N HIS C 401 -69.52 -0.07 72.01
CA HIS C 401 -70.60 -0.08 71.01
C HIS C 401 -71.40 -1.38 71.05
N ASP C 402 -72.12 -1.62 72.15
CA ASP C 402 -73.08 -2.70 72.12
C ASP C 402 -74.43 -2.13 71.72
N PRO C 403 -74.97 -2.54 70.56
CA PRO C 403 -76.33 -2.10 70.20
C PRO C 403 -77.39 -2.70 71.09
N TYR C 404 -77.13 -3.86 71.67
CA TYR C 404 -77.95 -4.44 72.73
C TYR C 404 -77.00 -4.89 73.82
N SER C 405 -77.39 -4.66 75.07
CA SER C 405 -76.51 -4.97 76.20
C SER C 405 -76.38 -6.47 76.35
N GLU C 406 -75.26 -7.01 75.87
CA GLU C 406 -74.97 -8.43 75.96
C GLU C 406 -73.50 -8.64 76.30
N PHE C 407 -72.71 -7.59 76.18
CA PHE C 407 -71.26 -7.67 76.32
C PHE C 407 -70.85 -7.78 77.78
N MET C 408 -69.62 -8.28 78.00
CA MET C 408 -69.14 -8.52 79.35
C MET C 408 -68.87 -7.23 80.10
N VAL C 409 -68.40 -6.19 79.41
CA VAL C 409 -68.08 -4.91 80.02
C VAL C 409 -69.22 -3.95 79.73
N GLU C 410 -69.78 -3.35 80.78
CA GLU C 410 -70.84 -2.37 80.62
C GLU C 410 -70.32 -0.97 80.95
N GLU C 411 -70.90 0.00 80.27
CA GLU C 411 -70.60 1.41 80.49
C GLU C 411 -71.89 2.13 80.81
N HIS C 412 -71.98 2.67 82.00
CA HIS C 412 -73.06 3.58 82.35
C HIS C 412 -72.38 4.90 82.65
N GLU C 413 -72.78 5.95 81.95
CA GLU C 413 -72.23 7.27 82.20
C GLU C 413 -72.79 7.82 83.51
N LEU C 414 -71.99 8.63 84.19
CA LEU C 414 -72.42 9.20 85.46
C LEU C 414 -72.37 10.73 85.44
N ASP C 425 -59.90 14.11 86.30
CA ASP C 425 -60.97 13.62 87.16
C ASP C 425 -60.80 12.13 87.28
N LYS C 426 -61.86 11.46 87.76
CA LYS C 426 -61.87 10.01 87.90
C LYS C 426 -63.09 9.42 87.21
N TYR C 427 -62.91 8.93 85.98
CA TYR C 427 -63.81 7.91 85.43
C TYR C 427 -63.01 6.78 84.75
N TRP C 428 -61.82 6.51 85.29
CA TRP C 428 -60.78 5.74 84.61
C TRP C 428 -60.92 4.22 84.74
N ASP C 429 -61.52 3.70 85.81
CA ASP C 429 -61.85 2.28 85.89
C ASP C 429 -63.23 2.19 86.50
N GLN C 430 -63.83 3.34 86.72
CA GLN C 430 -65.15 3.49 87.30
C GLN C 430 -66.24 3.60 86.24
N ARG C 431 -65.87 3.81 84.98
CA ARG C 431 -66.81 3.86 83.88
C ARG C 431 -67.02 2.49 83.25
N TYR C 432 -66.08 1.57 83.42
CA TYR C 432 -66.15 0.24 82.86
C TYR C 432 -66.16 -0.76 84.00
N THR C 433 -67.28 -1.43 84.17
CA THR C 433 -67.41 -2.48 85.17
C THR C 433 -67.64 -3.82 84.46
N ILE C 434 -67.88 -4.86 85.24
CA ILE C 434 -67.97 -6.22 84.74
C ILE C 434 -69.24 -6.86 85.29
N VAL C 435 -69.85 -7.74 84.49
CA VAL C 435 -70.99 -8.53 84.93
C VAL C 435 -70.69 -9.98 84.60
N GLN C 436 -70.85 -10.85 85.60
CA GLN C 436 -70.35 -12.22 85.55
C GLN C 436 -71.08 -13.07 84.51
N GLN C 437 -72.39 -12.83 84.32
CA GLN C 437 -73.18 -13.67 83.42
C GLN C 437 -72.81 -13.45 81.96
N GLN C 438 -72.40 -12.22 81.61
CA GLN C 438 -72.18 -11.87 80.21
C GLN C 438 -70.86 -12.39 79.66
N ILE C 439 -70.04 -13.02 80.50
CA ILE C 439 -68.77 -13.58 80.07
C ILE C 439 -69.01 -14.99 79.52
N PRO C 440 -68.51 -15.34 78.34
CA PRO C 440 -68.53 -16.73 77.92
C PRO C 440 -67.46 -17.53 78.62
N SER C 441 -67.72 -18.84 78.77
CA SER C 441 -66.87 -19.68 79.61
C SER C 441 -65.51 -19.91 78.99
N PHE C 442 -65.42 -19.89 77.66
CA PHE C 442 -64.12 -20.14 77.05
C PHE C 442 -63.22 -18.90 77.14
N LEU C 443 -63.80 -17.72 77.40
CA LEU C 443 -63.03 -16.50 77.64
C LEU C 443 -63.05 -16.07 79.11
N GLN C 444 -63.51 -16.94 80.01
CA GLN C 444 -63.63 -16.57 81.42
C GLN C 444 -62.26 -16.34 82.04
N LYS C 445 -61.27 -17.13 81.63
CA LYS C 445 -59.91 -16.98 82.14
C LYS C 445 -59.30 -15.66 81.71
N MET C 446 -59.67 -15.16 80.53
CA MET C 446 -59.11 -13.93 79.99
C MET C 446 -60.04 -12.73 80.14
N ALA C 447 -61.15 -12.89 80.86
CA ALA C 447 -62.17 -11.84 80.99
C ALA C 447 -61.60 -10.52 81.53
N ASP C 448 -60.74 -10.59 82.55
CA ASP C 448 -60.14 -9.38 83.11
C ASP C 448 -59.22 -8.69 82.10
N LYS C 449 -58.48 -9.47 81.31
CA LYS C 449 -57.60 -8.90 80.28
C LYS C 449 -58.42 -8.22 79.18
N ILE C 450 -59.52 -8.87 78.78
CA ILE C 450 -60.43 -8.32 77.77
C ILE C 450 -61.06 -7.02 78.28
N LEU C 451 -61.30 -6.94 79.59
CA LEU C 451 -61.72 -5.67 80.18
C LEU C 451 -60.62 -4.63 80.13
N SER C 452 -59.36 -5.03 80.36
CA SER C 452 -58.28 -4.05 80.54
C SER C 452 -57.91 -3.37 79.23
N THR C 453 -58.05 -4.10 78.10
CA THR C 453 -57.57 -3.59 76.82
C THR C 453 -58.30 -2.31 76.37
N GLY C 454 -59.63 -2.34 76.38
CA GLY C 454 -60.39 -1.18 75.94
C GLY C 454 -60.26 -0.01 76.88
N LYS C 455 -60.17 -0.30 78.19
CA LYS C 455 -59.90 0.73 79.19
C LYS C 455 -58.57 1.43 78.94
N TYR C 456 -57.56 0.67 78.50
CA TYR C 456 -56.26 1.28 78.23
C TYR C 456 -56.28 2.10 76.94
N LEU C 457 -56.95 1.60 75.91
CA LEU C 457 -56.94 2.31 74.63
C LEU C 457 -57.92 3.45 74.58
N ASN C 458 -58.86 3.50 75.51
CA ASN C 458 -59.83 4.58 75.57
C ASN C 458 -59.15 5.92 75.86
N VAL C 459 -58.14 5.89 76.72
CA VAL C 459 -57.64 7.12 77.31
C VAL C 459 -56.76 7.88 76.30
N VAL C 460 -56.25 7.18 75.29
CA VAL C 460 -55.44 7.85 74.29
C VAL C 460 -56.32 8.66 73.33
N ARG C 461 -57.58 8.25 73.16
CA ARG C 461 -58.45 8.90 72.18
C ARG C 461 -58.80 10.34 72.56
N GLU C 462 -58.93 10.64 73.86
CA GLU C 462 -59.46 11.94 74.25
C GLU C 462 -58.46 13.07 74.06
N CYS C 463 -57.17 12.81 74.26
CA CYS C 463 -56.19 13.85 73.96
C CYS C 463 -56.07 14.06 72.46
N GLY C 464 -56.16 12.99 71.68
CA GLY C 464 -56.20 13.05 70.22
C GLY C 464 -55.75 11.72 69.64
N HIS C 465 -55.92 11.51 68.33
CA HIS C 465 -55.43 10.33 67.60
C HIS C 465 -55.97 8.97 68.05
N ASP C 466 -57.12 8.56 67.52
CA ASP C 466 -57.60 7.19 67.65
C ASP C 466 -56.64 6.21 67.00
N VAL C 467 -56.22 5.20 67.76
CA VAL C 467 -55.32 4.17 67.28
C VAL C 467 -56.09 2.84 67.17
N THR C 468 -55.89 2.15 66.06
CA THR C 468 -56.45 0.82 65.87
C THR C 468 -55.31 -0.16 65.65
N CYS C 469 -55.47 -1.37 66.16
CA CYS C 469 -54.40 -2.35 66.12
C CYS C 469 -54.21 -2.87 64.70
N PRO C 470 -52.98 -3.00 64.20
CA PRO C 470 -52.77 -3.61 62.88
C PRO C 470 -52.93 -5.12 62.89
N VAL C 471 -53.00 -5.74 64.07
CA VAL C 471 -53.09 -7.19 64.29
C VAL C 471 -54.29 -7.79 63.57
N ALA C 472 -54.12 -9.02 63.05
CA ALA C 472 -55.22 -9.80 62.48
C ALA C 472 -56.38 -9.92 63.46
N LYS C 473 -57.58 -9.63 62.96
CA LYS C 473 -58.78 -9.59 63.79
C LYS C 473 -59.67 -10.79 63.57
N GLU C 474 -59.11 -11.86 63.02
CA GLU C 474 -59.84 -13.10 62.83
C GLU C 474 -59.65 -14.00 64.04
N ILE C 475 -60.74 -14.23 64.77
CA ILE C 475 -60.77 -15.13 65.92
C ILE C 475 -61.96 -16.05 65.71
N ILE C 476 -61.77 -17.36 65.87
CA ILE C 476 -62.83 -18.30 65.56
C ILE C 476 -62.88 -19.38 66.64
N TYR C 477 -64.09 -19.77 67.02
CA TYR C 477 -64.27 -20.84 67.99
C TYR C 477 -63.96 -22.17 67.32
N THR C 478 -63.17 -22.98 68.01
CA THR C 478 -62.80 -24.33 67.60
C THR C 478 -63.10 -25.28 68.74
N LEU C 479 -63.81 -26.37 68.45
CA LEU C 479 -63.95 -27.43 69.42
C LEU C 479 -62.66 -28.23 69.44
N LYS C 480 -62.15 -28.48 70.66
CA LYS C 480 -60.93 -29.21 71.04
C LYS C 480 -59.65 -28.47 70.70
N GLU C 481 -59.72 -27.18 70.34
CA GLU C 481 -58.52 -26.36 70.20
C GLU C 481 -58.78 -25.00 70.81
N ARG C 482 -57.78 -24.44 71.47
CA ARG C 482 -57.85 -23.08 71.98
C ARG C 482 -57.06 -22.14 71.07
N ALA C 483 -57.49 -22.02 69.83
CA ALA C 483 -56.88 -21.05 68.92
C ALA C 483 -57.38 -19.65 69.17
N TYR C 484 -58.47 -19.49 69.89
CA TYR C 484 -59.04 -18.19 70.21
C TYR C 484 -58.34 -17.48 71.35
N VAL C 485 -57.24 -18.04 71.85
CA VAL C 485 -56.49 -17.46 72.96
C VAL C 485 -55.49 -16.46 72.43
N GLU C 486 -54.66 -16.90 71.48
CA GLU C 486 -53.39 -16.23 71.20
C GLU C 486 -53.58 -14.87 70.55
N GLN C 487 -54.66 -14.69 69.79
CA GLN C 487 -54.97 -13.39 69.20
C GLN C 487 -55.24 -12.35 70.27
N ILE C 488 -56.07 -12.73 71.25
CA ILE C 488 -56.40 -11.87 72.38
C ILE C 488 -55.15 -11.58 73.20
N GLU C 489 -54.28 -12.57 73.35
CA GLU C 489 -53.05 -12.39 74.12
C GLU C 489 -52.11 -11.40 73.45
N LYS C 490 -51.92 -11.54 72.13
CA LYS C 490 -51.12 -10.59 71.38
C LYS C 490 -51.71 -9.19 71.42
N ALA C 491 -53.03 -9.09 71.28
CA ALA C 491 -53.69 -7.79 71.30
C ALA C 491 -53.57 -7.13 72.65
N PHE C 492 -53.67 -7.93 73.72
CA PHE C 492 -53.53 -7.43 75.08
C PHE C 492 -52.11 -6.92 75.34
N ASN C 493 -51.11 -7.65 74.83
CA ASN C 493 -49.71 -7.23 74.95
C ASN C 493 -49.45 -5.93 74.22
N TYR C 494 -49.88 -5.87 72.95
CA TYR C 494 -49.75 -4.66 72.14
C TYR C 494 -50.47 -3.49 72.77
N ALA C 495 -51.66 -3.75 73.33
CA ALA C 495 -52.49 -2.71 73.94
C ALA C 495 -51.81 -2.07 75.13
N SER C 496 -51.35 -2.91 76.06
CA SER C 496 -50.64 -2.43 77.24
C SER C 496 -49.36 -1.71 76.84
N LYS C 497 -48.67 -2.22 75.82
CA LYS C 497 -47.47 -1.56 75.31
C LYS C 497 -47.79 -0.16 74.78
N VAL C 498 -48.91 -0.02 74.08
CA VAL C 498 -49.24 1.26 73.45
C VAL C 498 -49.55 2.31 74.51
N LEU C 499 -50.30 1.93 75.55
CA LEU C 499 -50.54 2.90 76.62
C LEU C 499 -49.25 3.25 77.37
N LEU C 500 -48.43 2.24 77.68
CA LEU C 500 -47.16 2.49 78.38
C LEU C 500 -46.23 3.37 77.56
N ASP C 501 -46.11 3.07 76.26
CA ASP C 501 -45.22 3.81 75.36
C ASP C 501 -45.72 5.24 75.16
N PHE C 502 -47.03 5.40 75.00
CA PHE C 502 -47.66 6.71 74.89
C PHE C 502 -47.32 7.59 76.09
N LEU C 503 -47.39 7.01 77.29
CA LEU C 503 -47.05 7.79 78.48
C LEU C 503 -45.55 8.06 78.56
N MET C 504 -44.72 7.06 78.30
CA MET C 504 -43.27 7.23 78.46
C MET C 504 -42.64 8.12 77.40
N GLU C 505 -43.36 8.46 76.33
CA GLU C 505 -42.83 9.46 75.40
C GLU C 505 -43.42 10.85 75.58
N GLU C 506 -44.71 10.97 75.90
CA GLU C 506 -45.26 12.27 76.27
C GLU C 506 -46.20 12.09 77.45
N LYS C 507 -46.25 13.12 78.30
CA LYS C 507 -46.71 13.03 79.70
C LYS C 507 -45.92 11.96 80.44
N GLU C 508 -44.60 12.14 80.48
CA GLU C 508 -43.69 11.12 80.99
C GLU C 508 -43.72 11.06 82.51
N LEU C 509 -43.55 9.85 83.02
CA LEU C 509 -43.70 9.58 84.44
C LEU C 509 -42.53 10.12 85.24
N VAL C 510 -41.36 10.29 84.62
CA VAL C 510 -40.11 10.58 85.28
C VAL C 510 -39.90 12.11 85.30
N ALA C 511 -40.97 12.83 85.01
CA ALA C 511 -41.12 14.23 85.38
C ALA C 511 -42.18 14.42 86.46
N HIS C 512 -43.34 13.78 86.28
CA HIS C 512 -44.46 13.93 87.20
C HIS C 512 -44.12 13.40 88.59
N LEU C 513 -43.52 12.21 88.66
CA LEU C 513 -43.12 11.68 89.96
C LEU C 513 -41.91 12.41 90.51
N ARG C 514 -41.00 12.81 89.60
CA ARG C 514 -39.73 13.43 89.99
C ARG C 514 -39.91 14.79 90.63
N SER C 515 -40.94 15.55 90.25
CA SER C 515 -41.15 16.84 90.92
C SER C 515 -41.77 16.71 92.31
N ILE C 516 -42.68 15.73 92.49
CA ILE C 516 -43.16 15.38 93.83
C ILE C 516 -42.00 14.98 94.73
N LYS C 517 -41.07 14.20 94.17
CA LYS C 517 -39.84 13.87 94.89
C LYS C 517 -38.99 15.11 95.14
N ARG C 518 -38.99 16.05 94.19
CA ARG C 518 -38.12 17.23 94.28
C ARG C 518 -38.54 18.15 95.40
N TYR C 519 -39.83 18.25 95.67
CA TYR C 519 -40.28 19.18 96.71
C TYR C 519 -40.73 18.50 97.99
N PHE C 520 -41.50 17.42 97.91
CA PHE C 520 -41.99 16.74 99.10
C PHE C 520 -40.85 16.00 99.79
N LEU C 521 -40.08 15.22 99.03
CA LEU C 521 -38.99 14.42 99.53
C LEU C 521 -37.66 15.15 99.45
N MET C 522 -37.69 16.40 98.96
CA MET C 522 -36.69 17.45 99.21
C MET C 522 -35.34 17.22 98.52
N ASP C 523 -35.40 16.72 97.27
CA ASP C 523 -34.22 16.68 96.40
C ASP C 523 -33.63 18.08 96.21
N GLN C 524 -34.47 19.10 96.17
CA GLN C 524 -34.07 20.46 96.43
C GLN C 524 -34.18 20.72 97.93
N GLY C 525 -33.06 21.14 98.52
CA GLY C 525 -33.09 21.72 99.85
C GLY C 525 -32.72 23.19 99.72
N ASP C 526 -32.62 23.63 98.47
CA ASP C 526 -32.48 25.05 98.20
C ASP C 526 -33.81 25.73 97.99
N PHE C 527 -34.83 24.96 97.61
CA PHE C 527 -36.19 25.47 97.58
C PHE C 527 -36.74 25.70 98.99
N PHE C 528 -36.06 25.23 100.02
CA PHE C 528 -36.52 25.39 101.39
C PHE C 528 -35.66 26.33 102.23
N VAL C 529 -34.36 26.47 101.94
CA VAL C 529 -33.47 27.27 102.78
C VAL C 529 -33.80 28.76 102.65
N HIS C 530 -34.21 29.21 101.46
CA HIS C 530 -34.77 30.56 101.35
C HIS C 530 -36.08 30.66 102.12
N PHE C 531 -36.95 29.67 101.92
CA PHE C 531 -38.35 29.82 102.28
C PHE C 531 -38.56 29.79 103.80
N MET C 532 -37.83 28.93 104.50
CA MET C 532 -37.91 28.89 105.96
C MET C 532 -37.41 30.22 106.57
N ASP C 533 -36.30 30.74 106.04
CA ASP C 533 -35.70 31.97 106.55
C ASP C 533 -36.57 33.17 106.22
N LEU C 534 -37.23 33.11 105.07
CA LEU C 534 -38.02 34.25 104.61
C LEU C 534 -39.38 34.29 105.29
N ALA C 535 -39.99 33.12 105.57
CA ALA C 535 -41.35 33.09 106.08
C ALA C 535 -41.48 32.51 107.49
N GLU C 536 -40.39 32.46 108.27
CA GLU C 536 -40.45 31.96 109.65
C GLU C 536 -41.41 32.76 110.53
N GLU C 537 -41.51 34.07 110.31
CA GLU C 537 -42.39 34.90 111.14
C GLU C 537 -43.84 34.74 110.71
N GLU C 538 -44.10 34.85 109.41
CA GLU C 538 -45.45 34.84 108.88
C GLU C 538 -46.07 33.44 108.82
N LEU C 539 -45.30 32.38 109.09
CA LEU C 539 -45.90 31.08 109.28
C LEU C 539 -46.31 30.83 110.73
N ARG C 540 -45.52 31.37 111.68
CA ARG C 540 -45.68 31.07 113.10
C ARG C 540 -46.98 31.60 113.68
N LYS C 541 -47.62 32.54 113.01
CA LYS C 541 -48.94 33.03 113.39
C LYS C 541 -49.98 31.92 113.25
N PRO C 542 -51.13 32.03 113.95
CA PRO C 542 -52.16 30.99 113.86
C PRO C 542 -52.72 30.82 112.45
N VAL C 543 -53.27 29.63 112.20
CA VAL C 543 -53.69 29.24 110.86
C VAL C 543 -54.90 30.06 110.40
N GLU C 544 -55.75 30.46 111.35
CA GLU C 544 -56.90 31.28 111.01
C GLU C 544 -56.48 32.72 110.73
N ASP C 545 -55.42 33.18 111.40
CA ASP C 545 -54.90 34.53 111.20
C ASP C 545 -54.33 34.71 109.79
N ILE C 546 -53.62 33.70 109.29
CA ILE C 546 -52.89 33.82 108.03
C ILE C 546 -53.86 33.72 106.86
N THR C 547 -53.71 34.68 105.81
CA THR C 547 -54.55 34.59 104.63
C THR C 547 -53.87 33.74 103.55
N PRO C 548 -54.64 33.02 102.72
CA PRO C 548 -54.04 32.13 101.69
C PRO C 548 -53.23 32.82 100.59
N PRO C 549 -53.59 34.03 100.07
CA PRO C 549 -52.73 34.59 98.98
C PRO C 549 -51.30 34.94 99.38
N ARG C 550 -51.09 35.34 100.64
CA ARG C 550 -49.78 35.79 101.09
C ARG C 550 -48.74 34.68 101.04
N LEU C 551 -49.17 33.46 101.41
CA LEU C 551 -48.31 32.27 101.36
C LEU C 551 -47.86 31.98 99.94
N GLU C 552 -48.81 31.99 98.99
CA GLU C 552 -48.54 31.67 97.60
C GLU C 552 -47.59 32.68 96.97
N ALA C 553 -47.75 33.96 97.31
CA ALA C 553 -46.87 34.98 96.75
C ALA C 553 -45.44 34.82 97.27
N LEU C 554 -45.27 34.70 98.60
CA LEU C 554 -43.96 34.47 99.21
C LEU C 554 -43.29 33.20 98.66
N LEU C 555 -44.10 32.18 98.39
CA LEU C 555 -43.63 30.96 97.77
C LEU C 555 -43.08 31.21 96.37
N GLU C 556 -43.72 32.10 95.61
CA GLU C 556 -43.18 32.42 94.28
C GLU C 556 -41.86 33.19 94.35
N LEU C 557 -41.71 34.06 95.35
CA LEU C 557 -40.42 34.72 95.59
C LEU C 557 -39.30 33.71 95.80
N ALA C 558 -39.50 32.80 96.76
CA ALA C 558 -38.50 31.78 97.05
C ALA C 558 -38.35 30.76 95.93
N LEU C 559 -39.37 30.61 95.08
CA LEU C 559 -39.26 29.79 93.89
C LEU C 559 -38.30 30.41 92.89
N ARG C 560 -38.32 31.74 92.78
CA ARG C 560 -37.42 32.38 91.83
C ARG C 560 -35.99 32.42 92.35
N MET C 561 -35.81 32.55 93.67
CA MET C 561 -34.45 32.48 94.22
C MET C 561 -33.84 31.10 94.07
N SER C 562 -34.65 30.04 94.13
CA SER C 562 -34.18 28.68 94.02
C SER C 562 -33.91 28.33 92.55
N THR C 563 -33.17 27.23 92.34
CA THR C 563 -32.98 26.77 90.97
C THR C 563 -34.09 25.81 90.52
N ALA C 564 -35.09 25.58 91.36
CA ALA C 564 -36.34 24.97 90.91
C ALA C 564 -37.12 25.85 89.96
N ASN C 565 -36.74 27.12 89.84
CA ASN C 565 -37.21 27.99 88.77
C ASN C 565 -36.86 27.42 87.39
N THR C 566 -35.68 26.81 87.25
CA THR C 566 -35.29 26.28 85.95
C THR C 566 -35.89 24.91 85.66
N ASP C 567 -36.64 24.36 86.61
CA ASP C 567 -37.44 23.18 86.40
C ASP C 567 -38.77 23.63 85.82
N PRO C 568 -39.19 23.14 84.65
CA PRO C 568 -40.46 23.61 84.06
C PRO C 568 -41.69 23.29 84.89
N PHE C 569 -41.65 22.25 85.71
CA PHE C 569 -42.79 21.91 86.55
C PHE C 569 -42.56 22.52 87.92
N LYS C 570 -43.04 23.75 88.07
CA LYS C 570 -43.07 24.50 89.31
C LYS C 570 -44.41 25.20 89.37
N ASP C 571 -45.26 24.90 88.40
CA ASP C 571 -46.56 25.54 88.23
C ASP C 571 -47.67 24.77 88.94
N ASP C 572 -47.31 23.78 89.76
CA ASP C 572 -48.28 23.02 90.51
C ASP C 572 -48.00 23.13 92.01
N LEU C 573 -47.50 24.29 92.43
CA LEU C 573 -47.23 24.60 93.83
C LEU C 573 -48.37 25.50 94.31
N LYS C 574 -49.26 24.93 95.12
CA LYS C 574 -50.50 25.59 95.49
C LYS C 574 -50.64 25.68 97.00
N ILE C 575 -51.83 26.06 97.47
CA ILE C 575 -52.12 26.14 98.89
C ILE C 575 -53.20 25.12 99.23
N ASP C 576 -52.93 24.32 100.25
CA ASP C 576 -53.96 23.56 100.93
C ASP C 576 -53.61 23.58 102.42
N LEU C 577 -54.58 23.95 103.25
CA LEU C 577 -54.40 23.94 104.69
C LEU C 577 -55.09 22.70 105.24
N MET C 578 -54.41 22.01 106.16
CA MET C 578 -54.82 20.70 106.62
C MET C 578 -54.82 20.69 108.15
N PRO C 579 -55.76 19.94 108.78
CA PRO C 579 -55.93 20.06 110.24
C PRO C 579 -54.79 19.52 111.10
N HIS C 580 -54.35 18.28 110.88
CA HIS C 580 -53.38 17.63 111.76
C HIS C 580 -52.90 16.34 111.08
N ASP C 581 -51.70 15.90 111.45
CA ASP C 581 -51.22 14.59 111.05
C ASP C 581 -50.90 13.72 112.27
N LEU C 582 -51.36 14.10 113.45
CA LEU C 582 -51.31 13.26 114.64
C LEU C 582 -52.71 12.84 115.06
N ILE C 583 -53.68 13.06 114.17
CA ILE C 583 -55.01 12.46 114.25
C ILE C 583 -54.93 11.16 113.47
N THR C 584 -56.02 10.37 113.48
CA THR C 584 -56.14 8.91 113.58
C THR C 584 -55.01 8.03 113.06
N GLN C 585 -55.24 6.74 112.87
CA GLN C 585 -54.22 6.03 112.11
C GLN C 585 -54.11 6.70 110.72
N ALA C 609 -51.80 21.72 111.49
CA ALA C 609 -51.72 22.07 112.90
C ALA C 609 -52.69 23.19 113.24
N LEU C 610 -52.31 23.98 114.25
CA LEU C 610 -53.06 25.16 114.67
C LEU C 610 -52.38 26.45 114.22
N SER C 611 -51.16 26.37 113.72
CA SER C 611 -50.45 27.47 113.11
C SER C 611 -50.24 27.17 111.64
N GLY C 612 -49.72 28.16 110.91
CA GLY C 612 -49.58 28.02 109.47
C GLY C 612 -48.58 26.96 109.07
N LEU C 613 -47.47 26.86 109.80
CA LEU C 613 -46.57 25.73 109.64
C LEU C 613 -47.25 24.47 110.16
N GLU C 614 -47.03 23.36 109.43
CA GLU C 614 -47.53 21.99 109.60
C GLU C 614 -49.00 21.87 109.19
N ALA C 615 -49.72 22.98 109.11
CA ALA C 615 -51.01 22.97 108.43
C ALA C 615 -50.80 23.10 106.94
N PHE C 616 -49.75 23.81 106.55
CA PHE C 616 -49.45 24.12 105.16
C PHE C 616 -49.13 22.86 104.36
N SER C 617 -49.63 22.83 103.13
CA SER C 617 -49.37 21.74 102.21
C SER C 617 -49.43 22.29 100.80
N PHE C 618 -48.86 21.53 99.86
CA PHE C 618 -49.01 21.80 98.45
C PHE C 618 -50.14 20.96 97.89
N ASP C 619 -50.69 21.39 96.76
CA ASP C 619 -51.65 20.59 96.01
C ASP C 619 -51.14 20.39 94.60
N TYR C 620 -50.89 19.14 94.24
CA TYR C 620 -50.44 18.77 92.91
C TYR C 620 -51.65 18.47 92.05
N ILE C 621 -51.64 18.96 90.81
CA ILE C 621 -52.73 18.72 89.88
C ILE C 621 -52.16 17.98 88.67
N VAL C 622 -52.87 16.94 88.24
CA VAL C 622 -52.39 16.06 87.20
C VAL C 622 -53.39 16.05 86.05
N LYS C 623 -52.98 15.40 84.97
CA LYS C 623 -53.71 15.41 83.74
C LYS C 623 -54.57 14.18 83.66
N TRP C 624 -55.28 14.06 82.55
CA TRP C 624 -56.30 13.02 82.46
C TRP C 624 -55.72 11.59 82.48
N PRO C 625 -54.70 11.22 81.67
CA PRO C 625 -54.26 9.82 81.75
C PRO C 625 -53.31 9.55 82.90
N LEU C 626 -53.17 10.48 83.84
CA LEU C 626 -52.35 10.26 85.01
C LEU C 626 -53.21 9.99 86.24
N SER C 627 -54.47 9.62 86.02
CA SER C 627 -55.32 9.09 87.08
C SER C 627 -55.09 7.60 87.31
N LEU C 628 -54.47 6.92 86.36
CA LEU C 628 -54.20 5.49 86.44
C LEU C 628 -52.90 5.19 87.19
N ILE C 629 -52.12 6.23 87.51
CA ILE C 629 -50.93 6.07 88.35
C ILE C 629 -51.07 6.99 89.56
N ILE C 630 -51.21 8.28 89.32
CA ILE C 630 -51.30 9.26 90.41
C ILE C 630 -52.75 9.38 90.85
N ASN C 631 -52.99 9.16 92.14
CA ASN C 631 -54.35 9.01 92.68
C ASN C 631 -54.59 10.09 93.74
N ARG C 632 -55.87 10.26 94.09
CA ARG C 632 -56.26 11.18 95.14
C ARG C 632 -55.80 10.69 96.51
N LYS C 633 -55.96 9.39 96.79
CA LYS C 633 -55.50 8.81 98.04
C LYS C 633 -53.98 8.93 98.17
N ALA C 634 -53.27 8.84 97.06
CA ALA C 634 -51.81 8.98 97.05
C ALA C 634 -51.40 10.41 97.32
N LEU C 635 -52.15 11.37 96.78
CA LEU C 635 -51.89 12.79 97.05
C LEU C 635 -52.08 13.10 98.53
N THR C 636 -53.16 12.57 99.12
CA THR C 636 -53.44 12.74 100.54
C THR C 636 -52.33 12.15 101.39
N ARG C 637 -51.80 10.98 100.99
CA ARG C 637 -50.74 10.36 101.79
C ARG C 637 -49.40 11.07 101.62
N TYR C 638 -49.15 11.67 100.44
CA TYR C 638 -47.91 12.43 100.22
C TYR C 638 -47.86 13.70 101.08
N GLN C 639 -49.03 14.35 101.25
CA GLN C 639 -49.09 15.61 101.99
C GLN C 639 -48.60 15.46 103.43
N MET C 640 -49.05 14.40 104.12
CA MET C 640 -48.67 14.15 105.51
C MET C 640 -47.17 13.91 105.65
N LEU C 641 -46.59 13.23 104.67
CA LEU C 641 -45.16 12.95 104.63
C LEU C 641 -44.35 14.24 104.59
N PHE C 642 -44.76 15.17 103.72
CA PHE C 642 -44.11 16.48 103.67
C PHE C 642 -44.26 17.22 105.00
N ARG C 643 -45.45 17.20 105.59
CA ARG C 643 -45.69 17.95 106.83
C ARG C 643 -44.86 17.42 107.99
N HIS C 644 -44.69 16.09 108.03
CA HIS C 644 -43.81 15.45 109.00
C HIS C 644 -42.38 15.97 108.90
N MET C 645 -41.82 15.92 107.67
CA MET C 645 -40.47 16.43 107.45
C MET C 645 -40.37 17.93 107.72
N PHE C 646 -41.47 18.65 107.50
CA PHE C 646 -41.53 20.09 107.67
C PHE C 646 -41.41 20.48 109.15
N TYR C 647 -42.12 19.75 110.02
CA TYR C 647 -41.98 19.92 111.46
C TYR C 647 -40.54 19.63 111.90
N CYS C 648 -39.97 18.53 111.37
CA CYS C 648 -38.57 18.21 111.69
C CYS C 648 -37.56 19.25 111.19
N LYS C 649 -37.88 19.99 110.13
CA LYS C 649 -36.99 21.03 109.65
C LYS C 649 -37.11 22.32 110.46
N HIS C 650 -38.36 22.63 110.86
CA HIS C 650 -38.65 23.78 111.71
C HIS C 650 -37.88 23.71 113.03
N VAL C 651 -37.86 22.53 113.65
CA VAL C 651 -37.13 22.43 114.91
C VAL C 651 -35.63 22.53 114.70
N GLU C 652 -35.12 22.08 113.54
CA GLU C 652 -33.69 22.22 113.25
C GLU C 652 -33.29 23.68 113.17
N ARG C 653 -34.15 24.50 112.55
CA ARG C 653 -33.92 25.94 112.50
C ARG C 653 -33.87 26.56 113.91
N GLN C 654 -34.81 26.14 114.77
CA GLN C 654 -34.84 26.66 116.14
C GLN C 654 -33.55 26.30 116.92
N LEU C 655 -33.16 25.03 116.82
CA LEU C 655 -32.02 24.54 117.57
C LEU C 655 -30.70 25.17 117.12
N CYS C 656 -30.57 25.47 115.82
CA CYS C 656 -29.34 26.16 115.40
C CYS C 656 -29.34 27.63 115.86
N SER C 657 -30.53 28.26 115.86
CA SER C 657 -30.65 29.66 116.29
C SER C 657 -30.20 29.83 117.73
N VAL C 658 -30.50 28.85 118.60
CA VAL C 658 -30.14 28.96 120.01
C VAL C 658 -28.62 29.02 120.20
N TRP C 659 -27.88 28.15 119.51
CA TRP C 659 -26.42 28.12 119.65
C TRP C 659 -25.80 29.40 119.13
N ILE C 660 -26.30 29.94 118.02
CA ILE C 660 -25.63 31.12 117.48
C ILE C 660 -25.94 32.36 118.33
N SER C 661 -27.16 32.47 118.87
CA SER C 661 -27.47 33.65 119.66
C SER C 661 -26.83 33.56 121.05
N ASN C 662 -26.76 32.34 121.60
CA ASN C 662 -26.29 32.14 122.97
C ASN C 662 -24.81 32.50 123.13
N LYS C 663 -24.03 32.31 122.07
CA LYS C 663 -22.66 32.82 122.07
C LYS C 663 -22.66 34.34 122.07
N THR C 664 -22.19 34.93 123.17
CA THR C 664 -22.03 36.37 123.29
C THR C 664 -20.54 36.68 123.35
N ALA C 665 -20.11 37.66 122.55
CA ALA C 665 -18.70 37.92 122.32
C ALA C 665 -18.01 38.57 123.53
N TRP C 675 -23.73 31.98 131.64
CA TRP C 675 -24.75 31.45 132.52
C TRP C 675 -24.50 29.99 132.87
N PHE C 676 -24.80 29.07 131.94
CA PHE C 676 -24.64 27.67 132.28
C PHE C 676 -24.34 26.84 131.04
N ALA C 677 -23.73 25.69 131.29
CA ALA C 677 -23.48 24.66 130.30
C ALA C 677 -24.49 23.51 130.40
N GLY C 678 -25.54 23.67 131.20
CA GLY C 678 -26.51 22.61 131.36
C GLY C 678 -27.37 22.40 130.13
N ALA C 679 -27.58 23.47 129.35
CA ALA C 679 -28.33 23.40 128.11
C ALA C 679 -27.46 23.16 126.90
N PHE C 680 -26.14 23.19 127.07
CA PHE C 680 -25.22 22.89 125.97
C PHE C 680 -25.35 21.42 125.58
N THR C 681 -25.27 20.54 126.58
CA THR C 681 -25.38 19.11 126.33
C THR C 681 -26.81 18.70 125.99
N LEU C 682 -27.80 19.46 126.47
CA LEU C 682 -29.19 19.17 126.12
C LEU C 682 -29.45 19.50 124.67
N ARG C 683 -28.88 20.60 124.18
CA ARG C 683 -29.00 20.97 122.78
C ARG C 683 -28.20 20.04 121.88
N GLN C 684 -27.07 19.55 122.38
CA GLN C 684 -26.28 18.57 121.63
C GLN C 684 -27.01 17.23 121.49
N ARG C 685 -27.95 16.93 122.39
CA ARG C 685 -28.74 15.71 122.30
C ARG C 685 -30.04 15.88 121.51
N MET C 686 -30.42 17.11 121.18
CA MET C 686 -31.65 17.37 120.42
C MET C 686 -31.39 17.48 118.93
N LEU C 687 -30.38 18.29 118.56
CA LEU C 687 -30.04 18.52 117.16
C LEU C 687 -29.49 17.27 116.50
N ASN C 688 -28.56 16.60 117.20
CA ASN C 688 -28.00 15.32 116.80
C ASN C 688 -28.97 14.16 117.00
N PHE C 689 -30.19 14.43 117.46
CA PHE C 689 -31.30 13.48 117.32
C PHE C 689 -31.99 13.68 115.98
N VAL C 690 -32.45 14.91 115.71
CA VAL C 690 -33.39 15.14 114.62
C VAL C 690 -32.69 15.05 113.27
N GLN C 691 -31.41 15.46 113.20
CA GLN C 691 -30.64 15.35 111.97
C GLN C 691 -30.48 13.89 111.53
N ASN C 692 -30.36 12.99 112.49
CA ASN C 692 -30.13 11.58 112.19
C ASN C 692 -31.39 10.84 111.81
N ILE C 693 -32.57 11.28 112.28
CA ILE C 693 -33.82 10.74 111.78
C ILE C 693 -33.97 11.06 110.31
N GLN C 694 -33.49 12.24 109.88
CA GLN C 694 -33.49 12.58 108.45
C GLN C 694 -32.52 11.70 107.68
N TYR C 695 -31.30 11.52 108.20
CA TYR C 695 -30.30 10.68 107.52
C TYR C 695 -30.80 9.25 107.34
N TYR C 696 -31.41 8.68 108.38
CA TYR C 696 -32.00 7.34 108.27
C TYR C 696 -33.17 7.32 107.32
N MET C 697 -34.20 8.14 107.60
CA MET C 697 -35.48 8.16 106.90
C MET C 697 -35.30 8.38 105.41
N MET C 698 -34.32 9.18 105.03
CA MET C 698 -33.97 9.26 103.64
C MET C 698 -33.10 8.07 103.24
N PHE C 699 -31.82 8.04 103.63
CA PHE C 699 -30.85 7.19 102.93
C PHE C 699 -31.03 5.68 103.18
N GLU C 700 -32.09 5.23 103.85
CA GLU C 700 -32.39 3.81 103.85
C GLU C 700 -33.75 3.51 103.20
N VAL C 701 -34.75 4.34 103.47
CA VAL C 701 -36.08 4.07 102.92
C VAL C 701 -36.23 4.67 101.53
N MET C 702 -35.96 5.96 101.39
CA MET C 702 -36.41 6.70 100.21
C MET C 702 -35.54 6.41 98.99
N GLU C 703 -34.26 6.79 99.05
CA GLU C 703 -33.39 6.66 97.88
C GLU C 703 -33.18 5.22 97.36
N PRO C 704 -32.93 4.14 98.20
CA PRO C 704 -32.83 2.78 97.64
C PRO C 704 -34.03 2.31 96.83
N THR C 705 -35.21 2.45 97.44
CA THR C 705 -36.44 2.00 96.80
C THR C 705 -36.78 2.86 95.58
N TRP C 706 -36.44 4.16 95.62
CA TRP C 706 -36.66 5.02 94.46
C TRP C 706 -35.75 4.62 93.30
N HIS C 707 -34.50 4.22 93.60
CA HIS C 707 -33.61 3.79 92.54
C HIS C 707 -34.01 2.42 92.00
N ILE C 708 -34.60 1.57 92.85
CA ILE C 708 -35.16 0.32 92.35
C ILE C 708 -36.41 0.59 91.53
N LEU C 709 -37.19 1.60 91.91
CA LEU C 709 -38.39 1.97 91.17
C LEU C 709 -38.08 2.56 89.80
N GLU C 710 -36.87 3.07 89.60
CA GLU C 710 -36.44 3.42 88.25
C GLU C 710 -36.10 2.21 87.42
N LYS C 711 -35.75 1.09 88.05
CA LYS C 711 -35.58 -0.17 87.37
C LYS C 711 -36.92 -0.87 87.12
N ASN C 712 -37.96 -0.47 87.86
CA ASN C 712 -39.31 -0.90 87.57
C ASN C 712 -39.95 -0.10 86.45
N LEU C 713 -39.41 1.09 86.15
CA LEU C 713 -39.90 1.93 85.06
C LEU C 713 -39.04 1.78 83.81
N LYS C 714 -38.14 0.81 83.80
CA LYS C 714 -37.54 0.34 82.56
C LYS C 714 -38.00 -1.06 82.23
N SER C 715 -38.01 -1.96 83.22
CA SER C 715 -38.45 -3.34 83.05
C SER C 715 -39.73 -3.53 83.86
N ALA C 716 -40.86 -3.22 83.22
CA ALA C 716 -42.21 -3.67 83.53
C ALA C 716 -43.05 -3.29 82.32
N SER C 717 -43.85 -4.21 81.79
CA SER C 717 -44.43 -4.03 80.47
C SER C 717 -45.87 -3.56 80.49
N ASN C 718 -46.45 -3.36 81.68
CA ASN C 718 -47.84 -2.93 81.78
C ASN C 718 -47.98 -1.88 82.87
N ILE C 719 -49.21 -1.44 83.06
CA ILE C 719 -49.52 -0.36 83.98
C ILE C 719 -49.94 -0.91 85.34
N ASP C 720 -50.58 -2.10 85.37
CA ASP C 720 -50.98 -2.64 86.67
C ASP C 720 -49.82 -3.28 87.45
N ASP C 721 -48.60 -3.29 86.93
CA ASP C 721 -47.40 -3.46 87.75
C ASP C 721 -46.94 -2.16 88.38
N VAL C 722 -46.88 -1.11 87.54
CA VAL C 722 -46.33 0.18 87.93
C VAL C 722 -47.17 0.82 89.02
N LEU C 723 -48.50 0.67 88.91
CA LEU C 723 -49.44 1.16 89.92
C LEU C 723 -49.17 0.51 91.28
N GLY C 724 -48.95 -0.81 91.29
CA GLY C 724 -48.67 -1.51 92.54
C GLY C 724 -47.31 -1.17 93.11
N HIS C 725 -46.29 -1.03 92.25
CA HIS C 725 -44.96 -0.62 92.68
C HIS C 725 -44.97 0.75 93.35
N HIS C 726 -45.68 1.69 92.74
CA HIS C 726 -45.80 3.03 93.28
C HIS C 726 -46.51 3.01 94.64
N THR C 727 -47.65 2.29 94.72
CA THR C 727 -48.39 2.17 95.98
C THR C 727 -47.54 1.54 97.09
N GLY C 728 -46.73 0.54 96.72
CA GLY C 728 -45.86 -0.10 97.70
C GLY C 728 -44.78 0.83 98.23
N PHE C 729 -44.19 1.65 97.35
CA PHE C 729 -43.19 2.63 97.79
C PHE C 729 -43.81 3.65 98.75
N LEU C 730 -45.02 4.12 98.45
CA LEU C 730 -45.66 5.10 99.34
C LEU C 730 -46.04 4.48 100.68
N ASP C 731 -46.60 3.26 100.64
CA ASP C 731 -47.06 2.59 101.84
C ASP C 731 -45.90 2.25 102.78
N THR C 732 -44.77 1.82 102.21
CA THR C 732 -43.60 1.54 103.04
C THR C 732 -42.95 2.83 103.54
N CYS C 733 -42.95 3.91 102.72
CA CYS C 733 -42.32 5.14 103.18
C CYS C 733 -43.15 5.81 104.28
N LEU C 734 -44.42 5.45 104.41
CA LEU C 734 -45.15 5.82 105.63
C LEU C 734 -44.88 4.80 106.76
N LYS C 735 -45.12 3.51 106.48
CA LYS C 735 -45.22 2.50 107.53
C LYS C 735 -43.91 2.20 108.24
N ASP C 736 -42.78 2.32 107.54
CA ASP C 736 -41.48 2.11 108.15
C ASP C 736 -41.01 3.32 108.96
N CYS C 737 -41.87 4.31 109.14
CA CYS C 737 -41.63 5.51 109.92
C CYS C 737 -42.76 5.66 110.94
N MET C 738 -42.88 6.84 111.54
CA MET C 738 -43.82 7.08 112.64
C MET C 738 -45.19 7.57 112.18
N LEU C 739 -45.54 7.39 110.91
CA LEU C 739 -46.73 8.05 110.37
C LEU C 739 -48.02 7.25 110.57
N THR C 740 -48.12 6.07 109.94
CA THR C 740 -49.26 5.19 110.11
C THR C 740 -48.91 3.98 110.98
N ASN C 741 -47.93 4.15 111.85
CA ASN C 741 -47.74 3.26 112.98
C ASN C 741 -49.03 3.23 113.81
N PRO C 742 -49.45 2.05 114.28
CA PRO C 742 -50.81 1.93 114.86
C PRO C 742 -51.02 2.71 116.15
N GLU C 743 -50.02 2.78 117.02
CA GLU C 743 -50.07 3.66 118.19
C GLU C 743 -49.21 4.91 118.00
N LEU C 744 -48.67 5.11 116.79
CA LEU C 744 -47.95 6.28 116.27
C LEU C 744 -46.54 6.43 116.82
N LEU C 745 -46.20 5.64 117.86
CA LEU C 745 -45.08 5.93 118.77
C LEU C 745 -45.21 7.37 119.25
N LYS C 746 -46.18 7.61 120.15
CA LYS C 746 -46.55 8.96 120.61
C LYS C 746 -45.42 9.71 121.30
N VAL C 747 -44.35 9.02 121.70
CA VAL C 747 -43.20 9.65 122.37
C VAL C 747 -42.49 10.63 121.44
N PHE C 748 -42.64 10.46 120.13
CA PHE C 748 -41.99 11.38 119.18
C PHE C 748 -42.61 12.78 119.26
N SER C 749 -43.94 12.84 119.31
CA SER C 749 -44.63 14.13 119.45
C SER C 749 -44.28 14.79 120.79
N LYS C 750 -44.14 13.98 121.84
CA LYS C 750 -43.79 14.49 123.16
C LYS C 750 -42.38 15.05 123.19
N LEU C 751 -41.43 14.35 122.54
CA LEU C 751 -40.06 14.85 122.51
C LEU C 751 -39.96 16.13 121.71
N MET C 752 -40.72 16.22 120.59
CA MET C 752 -40.71 17.43 119.79
C MET C 752 -41.33 18.60 120.56
N SER C 753 -42.33 18.30 121.40
CA SER C 753 -42.89 19.32 122.27
C SER C 753 -41.85 19.82 123.28
N VAL C 754 -41.06 18.91 123.84
CA VAL C 754 -40.01 19.35 124.76
C VAL C 754 -38.94 20.16 124.03
N CYS C 755 -38.66 19.80 122.77
CA CYS C 755 -37.74 20.59 121.94
C CYS C 755 -38.25 22.02 121.75
N VAL C 756 -39.52 22.20 121.38
CA VAL C 756 -40.00 23.54 121.06
C VAL C 756 -40.08 24.40 122.33
N MET C 757 -40.43 23.78 123.48
CA MET C 757 -40.42 24.53 124.73
C MET C 757 -39.00 24.94 125.14
N PHE C 758 -38.02 24.04 124.97
CA PHE C 758 -36.64 24.32 125.31
C PHE C 758 -36.09 25.47 124.48
N THR C 759 -36.33 25.46 123.16
CA THR C 759 -35.77 26.52 122.34
C THR C 759 -36.47 27.85 122.59
N ASN C 760 -37.77 27.80 122.97
CA ASN C 760 -38.47 29.02 123.34
C ASN C 760 -37.88 29.65 124.59
N CYS C 761 -37.56 28.83 125.60
CA CYS C 761 -36.95 29.39 126.80
C CYS C 761 -35.52 29.83 126.55
N MET C 762 -34.76 29.07 125.74
CA MET C 762 -33.36 29.39 125.54
C MET C 762 -33.16 30.62 124.68
N GLN C 763 -34.15 30.99 123.86
CA GLN C 763 -34.04 32.24 123.13
C GLN C 763 -34.16 33.45 124.06
N LYS C 764 -34.83 33.30 125.20
CA LYS C 764 -34.88 34.37 126.19
C LYS C 764 -33.74 34.24 127.20
N PHE C 765 -32.51 34.11 126.67
CA PHE C 765 -31.31 34.09 127.49
C PHE C 765 -30.93 35.50 127.94
N THR C 766 -31.45 36.52 127.27
CA THR C 766 -31.18 37.91 127.63
C THR C 766 -31.79 38.24 128.99
N GLN C 767 -30.99 38.86 129.86
CA GLN C 767 -31.53 39.25 131.15
C GLN C 767 -32.29 40.56 131.06
N SER C 768 -31.57 41.66 130.84
CA SER C 768 -32.18 42.97 130.82
C SER C 768 -31.97 43.59 129.45
N LEU C 814 -34.23 35.65 136.03
CA LEU C 814 -33.27 34.98 136.89
C LEU C 814 -32.54 33.87 136.14
N VAL C 815 -31.22 33.79 136.33
CA VAL C 815 -30.44 32.71 135.73
C VAL C 815 -30.81 31.37 136.36
N SER C 816 -31.24 31.39 137.63
CA SER C 816 -31.63 30.17 138.32
C SER C 816 -32.97 29.64 137.81
N GLY C 817 -33.90 30.54 137.47
CA GLY C 817 -35.19 30.09 136.97
C GLY C 817 -35.09 29.45 135.60
N PHE C 818 -34.28 30.05 134.72
CA PHE C 818 -33.93 29.41 133.45
C PHE C 818 -33.24 28.08 133.68
N GLU C 819 -32.26 28.03 134.60
CA GLU C 819 -31.55 26.78 134.86
C GLU C 819 -32.47 25.68 135.37
N ALA C 820 -33.44 26.03 136.20
CA ALA C 820 -34.39 25.06 136.73
C ALA C 820 -35.35 24.57 135.65
N THR C 821 -35.86 25.45 134.79
CA THR C 821 -36.77 24.96 133.75
C THR C 821 -36.02 24.16 132.67
N ILE C 822 -34.74 24.50 132.42
CA ILE C 822 -33.94 23.72 131.48
C ILE C 822 -33.66 22.33 132.05
N ASN C 823 -33.44 22.23 133.36
CA ASN C 823 -33.21 20.89 133.93
C ASN C 823 -34.49 20.07 134.00
N LYS C 824 -35.63 20.71 134.28
CA LYS C 824 -36.93 20.04 134.18
C LYS C 824 -37.15 19.47 132.79
N PHE C 825 -36.83 20.27 131.76
CA PHE C 825 -36.88 19.80 130.37
C PHE C 825 -35.89 18.68 130.14
N ASP C 826 -34.73 18.72 130.81
CA ASP C 826 -33.70 17.71 130.61
C ASP C 826 -34.16 16.35 131.12
N LYS C 827 -34.83 16.34 132.28
CA LYS C 827 -35.45 15.10 132.76
C LYS C 827 -36.50 14.60 131.78
N ASN C 828 -37.42 15.50 131.39
CA ASN C 828 -38.51 15.16 130.47
C ASN C 828 -38.00 14.64 129.12
N PHE C 829 -36.86 15.17 128.67
CA PHE C 829 -36.32 14.78 127.37
C PHE C 829 -35.59 13.45 127.46
N SER C 830 -34.70 13.31 128.46
CA SER C 830 -33.83 12.15 128.53
C SER C 830 -34.64 10.88 128.79
N ALA C 831 -35.68 11.00 129.62
CA ALA C 831 -36.61 9.89 129.84
C ALA C 831 -37.25 9.45 128.53
N HIS C 832 -37.77 10.39 127.76
CA HIS C 832 -38.48 10.05 126.52
C HIS C 832 -37.55 9.55 125.43
N LEU C 833 -36.28 9.98 125.44
CA LEU C 833 -35.32 9.45 124.48
C LEU C 833 -35.02 7.98 124.79
N LEU C 834 -34.85 7.66 126.07
CA LEU C 834 -34.68 6.25 126.45
C LEU C 834 -35.95 5.44 126.19
N ASP C 835 -37.12 6.06 126.39
CA ASP C 835 -38.39 5.40 126.11
C ASP C 835 -38.54 5.14 124.62
N LEU C 836 -38.06 6.05 123.78
CA LEU C 836 -38.09 5.85 122.34
C LEU C 836 -37.21 4.67 121.94
N LEU C 837 -35.98 4.63 122.46
CA LEU C 837 -35.08 3.54 122.13
C LEU C 837 -35.63 2.20 122.59
N ALA C 838 -36.25 2.16 123.77
CA ALA C 838 -36.89 0.94 124.26
C ALA C 838 -38.10 0.53 123.40
N ARG C 839 -39.03 1.47 123.20
CA ARG C 839 -40.28 1.21 122.49
C ARG C 839 -40.03 0.80 121.03
N LEU C 840 -39.00 1.38 120.41
CA LEU C 840 -38.64 0.96 119.06
C LEU C 840 -37.92 -0.38 119.05
N SER C 841 -37.12 -0.66 120.09
CA SER C 841 -36.38 -1.92 120.12
C SER C 841 -37.31 -3.11 120.30
N ILE C 842 -38.40 -2.94 121.04
CA ILE C 842 -39.36 -4.04 121.19
C ILE C 842 -40.18 -4.22 119.91
N TYR C 843 -40.55 -3.11 119.26
CA TYR C 843 -41.31 -3.16 118.02
C TYR C 843 -40.46 -3.77 116.90
N SER C 844 -41.13 -4.52 116.03
CA SER C 844 -40.47 -5.23 114.94
C SER C 844 -40.03 -4.28 113.83
N GLY C 851 -33.12 -3.48 110.96
CA GLY C 851 -33.89 -2.26 110.78
C GLY C 851 -33.97 -1.46 112.06
N MET C 852 -33.97 -2.17 113.18
CA MET C 852 -33.88 -1.50 114.48
C MET C 852 -32.46 -1.01 114.72
N ALA C 853 -31.48 -1.90 114.54
CA ALA C 853 -30.08 -1.63 114.87
C ALA C 853 -29.51 -0.49 114.04
N SER C 854 -30.02 -0.29 112.83
CA SER C 854 -29.59 0.83 112.00
C SER C 854 -29.90 2.17 112.64
N VAL C 855 -31.17 2.41 113.00
CA VAL C 855 -31.56 3.69 113.55
C VAL C 855 -31.06 3.84 114.99
N ILE C 856 -30.92 2.72 115.72
CA ILE C 856 -30.39 2.79 117.09
C ILE C 856 -28.91 3.16 117.07
N SER C 857 -28.14 2.54 116.17
CA SER C 857 -26.72 2.86 116.07
C SER C 857 -26.51 4.26 115.52
N ARG C 858 -27.45 4.74 114.68
CA ARG C 858 -27.40 6.13 114.23
C ARG C 858 -27.63 7.09 115.40
N LEU C 859 -28.57 6.77 116.29
CA LEU C 859 -28.91 7.70 117.36
C LEU C 859 -27.87 7.70 118.48
N ASP C 860 -27.43 6.52 118.93
CA ASP C 860 -26.22 6.45 119.75
C ASP C 860 -25.33 5.34 119.23
N PHE C 861 -24.04 5.66 119.24
CA PHE C 861 -22.92 4.88 118.75
C PHE C 861 -21.97 4.54 119.88
N ASN C 862 -21.73 5.51 120.76
CA ASN C 862 -20.90 5.32 121.94
C ASN C 862 -21.58 4.38 122.93
N GLY C 863 -22.89 4.47 123.05
CA GLY C 863 -23.59 3.71 124.07
C GLY C 863 -23.51 4.40 125.41
N PHE C 864 -23.54 5.73 125.39
CA PHE C 864 -23.58 6.50 126.62
C PHE C 864 -24.90 6.26 127.34
N TYR C 865 -25.98 6.17 126.58
CA TYR C 865 -27.23 5.60 127.04
C TYR C 865 -27.47 4.30 126.28
N THR C 866 -27.73 3.22 127.01
CA THR C 866 -28.14 1.97 126.39
C THR C 866 -29.31 1.36 127.13
N GLU C 867 -30.52 1.75 126.76
CA GLU C 867 -31.75 1.17 127.26
C GLU C 867 -32.84 1.47 126.24
N ILE D 245 -115.09 -32.09 48.51
CA ILE D 245 -113.89 -31.40 48.05
C ILE D 245 -112.69 -32.36 48.07
N THR D 246 -111.89 -32.34 47.00
CA THR D 246 -110.70 -33.17 46.87
C THR D 246 -109.43 -32.37 47.14
N GLU D 247 -108.36 -33.10 47.48
CA GLU D 247 -107.03 -32.51 47.55
C GLU D 247 -106.58 -31.98 46.20
N ALA D 248 -107.07 -32.61 45.12
CA ALA D 248 -106.76 -32.21 43.75
C ALA D 248 -107.27 -30.81 43.43
N ALA D 249 -108.35 -30.36 44.09
CA ALA D 249 -108.78 -28.98 43.92
C ALA D 249 -107.85 -28.02 44.67
N LEU D 250 -107.51 -28.36 45.91
CA LEU D 250 -106.83 -27.42 46.80
C LEU D 250 -105.38 -27.21 46.42
N VAL D 251 -104.77 -28.20 45.78
CA VAL D 251 -103.38 -28.05 45.38
C VAL D 251 -103.22 -26.94 44.34
N ARG D 252 -104.24 -26.69 43.52
CA ARG D 252 -104.20 -25.53 42.63
C ARG D 252 -104.71 -24.26 43.30
N ASP D 253 -105.77 -24.40 44.10
CA ASP D 253 -106.36 -23.23 44.76
C ASP D 253 -105.39 -22.53 45.69
N ILE D 254 -104.52 -23.29 46.37
CA ILE D 254 -103.58 -22.68 47.32
C ILE D 254 -102.47 -21.95 46.58
N LEU D 255 -102.10 -22.43 45.38
CA LEU D 255 -101.10 -21.72 44.58
C LEU D 255 -101.66 -20.40 44.10
N TYR D 256 -102.96 -20.38 43.81
CA TYR D 256 -103.58 -19.11 43.47
C TYR D 256 -103.67 -18.19 44.69
N VAL D 257 -103.89 -18.78 45.87
CA VAL D 257 -103.98 -17.99 47.10
C VAL D 257 -102.65 -17.36 47.47
N PHE D 258 -101.52 -17.97 47.06
CA PHE D 258 -100.20 -17.37 47.31
C PHE D 258 -100.02 -16.07 46.52
N GLN D 259 -100.68 -15.95 45.37
CA GLN D 259 -100.57 -14.76 44.55
C GLN D 259 -101.28 -13.55 45.15
N GLY D 260 -102.06 -13.74 46.20
CA GLY D 260 -103.02 -12.75 46.64
C GLY D 260 -104.36 -12.90 45.98
N ILE D 261 -104.60 -14.01 45.28
CA ILE D 261 -105.84 -14.28 44.60
C ILE D 261 -106.57 -15.33 45.43
N ASP D 262 -107.57 -14.91 46.22
CA ASP D 262 -108.30 -15.87 47.04
C ASP D 262 -109.10 -16.83 46.17
N GLY D 263 -109.07 -18.10 46.56
CA GLY D 263 -109.37 -19.17 45.63
C GLY D 263 -110.86 -19.39 45.42
N LYS D 264 -111.15 -20.56 44.88
CA LYS D 264 -112.52 -21.00 44.68
C LYS D 264 -113.08 -21.65 45.95
N ASN D 265 -112.32 -22.57 46.54
CA ASN D 265 -112.67 -23.21 47.80
C ASN D 265 -111.96 -22.56 48.98
N ILE D 266 -111.14 -21.54 48.72
CA ILE D 266 -110.44 -20.79 49.76
C ILE D 266 -110.79 -19.32 49.61
N LYS D 267 -111.02 -18.65 50.73
CA LYS D 267 -111.28 -17.22 50.74
C LYS D 267 -110.45 -16.59 51.85
N MET D 268 -110.20 -15.29 51.71
CA MET D 268 -109.79 -14.54 52.89
C MET D 268 -110.97 -14.48 53.84
N ASN D 269 -110.68 -14.55 55.13
CA ASN D 269 -111.75 -14.42 56.11
C ASN D 269 -112.31 -13.01 56.08
N ASN D 270 -113.59 -12.88 56.45
CA ASN D 270 -114.27 -11.59 56.36
C ASN D 270 -114.27 -10.82 57.66
N THR D 271 -114.06 -11.49 58.79
CA THR D 271 -113.90 -10.84 60.08
C THR D 271 -112.45 -10.79 60.52
N GLU D 272 -111.60 -11.68 60.02
CA GLU D 272 -110.17 -11.59 60.30
C GLU D 272 -109.42 -11.43 59.01
N ASN D 273 -108.24 -10.84 59.07
CA ASN D 273 -107.43 -10.68 57.87
C ASN D 273 -106.78 -11.95 57.42
N CYS D 274 -106.69 -12.98 58.27
CA CYS D 274 -106.15 -14.29 57.91
C CYS D 274 -107.06 -15.01 56.93
N TYR D 275 -106.66 -16.19 56.49
CA TYR D 275 -107.44 -16.89 55.48
C TYR D 275 -108.36 -17.96 56.05
N LYS D 276 -109.53 -18.10 55.41
CA LYS D 276 -110.54 -19.07 55.79
C LYS D 276 -110.64 -20.12 54.71
N VAL D 277 -110.62 -21.38 55.11
CA VAL D 277 -110.69 -22.47 54.15
C VAL D 277 -112.08 -23.09 54.24
N GLU D 278 -112.71 -23.23 53.08
CA GLU D 278 -114.03 -23.81 53.02
C GLU D 278 -113.92 -25.27 52.60
N GLY D 279 -114.19 -26.17 53.54
CA GLY D 279 -114.40 -27.57 53.25
C GLY D 279 -115.87 -27.88 53.36
N LYS D 280 -116.39 -28.57 52.36
CA LYS D 280 -117.82 -28.85 52.28
C LYS D 280 -118.19 -30.22 52.83
N ALA D 281 -117.36 -31.23 52.56
CA ALA D 281 -117.26 -32.46 53.32
C ALA D 281 -115.90 -33.06 52.99
N ASN D 282 -114.99 -33.05 53.95
CA ASN D 282 -113.61 -33.43 53.68
C ASN D 282 -113.02 -34.00 54.96
N LEU D 283 -111.81 -34.52 54.85
CA LEU D 283 -111.01 -34.86 56.03
C LEU D 283 -110.45 -33.56 56.58
N SER D 284 -111.05 -33.07 57.66
CA SER D 284 -110.86 -31.69 58.08
C SER D 284 -109.65 -31.50 58.97
N ARG D 285 -108.75 -32.49 59.02
CA ARG D 285 -107.46 -32.34 59.68
C ARG D 285 -106.28 -32.67 58.78
N SER D 286 -106.45 -33.56 57.79
CA SER D 286 -105.39 -33.84 56.83
C SER D 286 -105.45 -32.96 55.61
N LEU D 287 -106.49 -32.15 55.46
CA LEU D 287 -106.55 -31.18 54.37
C LEU D 287 -106.71 -29.75 54.90
N ARG D 288 -107.62 -29.57 55.86
CA ARG D 288 -108.04 -28.24 56.27
C ARG D 288 -106.94 -27.50 57.03
N ASP D 289 -106.29 -28.21 57.96
CA ASP D 289 -105.25 -27.63 58.79
C ASP D 289 -104.05 -27.22 57.96
N THR D 290 -103.65 -28.07 57.02
CA THR D 290 -102.54 -27.78 56.12
C THR D 290 -102.85 -26.55 55.26
N ALA D 291 -104.10 -26.40 54.84
CA ALA D 291 -104.49 -25.28 54.00
C ALA D 291 -104.45 -23.96 54.77
N VAL D 292 -104.94 -23.98 56.03
CA VAL D 292 -104.80 -22.80 56.90
C VAL D 292 -103.32 -22.47 57.11
N ARG D 293 -102.51 -23.52 57.34
CA ARG D 293 -101.09 -23.35 57.62
C ARG D 293 -100.35 -22.71 56.46
N LEU D 294 -100.72 -23.07 55.23
CA LEU D 294 -100.10 -22.48 54.05
C LEU D 294 -100.61 -21.09 53.73
N SER D 295 -101.90 -20.82 53.97
CA SER D 295 -102.56 -19.71 53.28
C SER D 295 -102.23 -18.34 53.88
N GLU D 296 -101.67 -18.29 55.09
CA GLU D 296 -101.28 -17.03 55.74
C GLU D 296 -100.29 -16.22 54.91
N LEU D 297 -99.43 -16.94 54.19
CA LEU D 297 -98.43 -16.38 53.32
C LEU D 297 -99.03 -15.50 52.22
N GLY D 298 -100.24 -15.84 51.75
CA GLY D 298 -100.89 -15.02 50.76
C GLY D 298 -101.48 -13.75 51.34
N TRP D 299 -102.01 -13.84 52.57
CA TRP D 299 -102.49 -12.64 53.22
C TRP D 299 -101.36 -11.66 53.48
N LEU D 300 -100.17 -12.16 53.85
CA LEU D 300 -99.05 -11.24 53.98
C LEU D 300 -98.66 -10.57 52.66
N HIS D 301 -98.81 -11.28 51.54
CA HIS D 301 -98.58 -10.76 50.20
C HIS D 301 -99.65 -9.79 49.75
N ASN D 302 -100.79 -9.76 50.42
CA ASN D 302 -101.77 -8.69 50.23
C ASN D 302 -101.54 -7.50 51.14
N LYS D 303 -101.13 -7.76 52.37
CA LYS D 303 -100.87 -6.72 53.34
C LYS D 303 -99.72 -5.83 52.90
N ILE D 304 -98.72 -6.41 52.25
CA ILE D 304 -97.59 -5.61 51.77
C ILE D 304 -98.01 -4.80 50.54
N ARG D 305 -98.84 -5.38 49.68
CA ARG D 305 -99.19 -4.75 48.42
C ARG D 305 -100.13 -3.57 48.66
N ARG D 306 -100.98 -3.69 49.68
CA ARG D 306 -101.88 -2.60 50.06
C ARG D 306 -101.11 -1.33 50.41
N TYR D 307 -100.10 -1.45 51.27
CA TYR D 307 -99.25 -0.33 51.65
C TYR D 307 -98.51 0.24 50.44
N THR D 308 -97.86 -0.63 49.66
CA THR D 308 -97.00 -0.15 48.59
C THR D 308 -97.79 0.50 47.47
N ASP D 309 -98.96 -0.05 47.13
CA ASP D 309 -99.83 0.59 46.15
C ASP D 309 -100.39 1.89 46.68
N GLN D 310 -100.67 1.95 47.98
CA GLN D 310 -101.39 3.08 48.52
C GLN D 310 -100.49 4.31 48.66
N ARG D 311 -99.28 4.13 49.16
CA ARG D 311 -98.45 5.28 49.47
C ARG D 311 -97.60 5.76 48.30
N SER D 312 -97.56 5.03 47.19
CA SER D 312 -96.84 5.48 46.01
C SER D 312 -97.63 6.50 45.21
N LEU D 313 -98.96 6.46 45.29
CA LEU D 313 -99.78 7.54 44.74
C LEU D 313 -99.60 8.80 45.55
N ASP D 314 -99.46 8.65 46.86
CA ASP D 314 -99.30 9.78 47.75
C ASP D 314 -97.92 10.41 47.59
N ARG D 315 -97.88 11.74 47.48
CA ARG D 315 -96.64 12.47 47.31
C ARG D 315 -96.26 13.28 48.53
N SER D 316 -97.07 13.27 49.59
CA SER D 316 -96.61 13.73 50.89
C SER D 316 -95.86 12.64 51.63
N PHE D 317 -95.64 11.49 50.98
CA PHE D 317 -94.81 10.38 51.45
C PHE D 317 -93.42 10.42 50.83
N GLY D 318 -93.23 11.26 49.82
CA GLY D 318 -91.93 11.59 49.30
C GLY D 318 -91.21 10.63 48.37
N LEU D 319 -90.16 11.19 47.74
CA LEU D 319 -89.29 10.49 46.80
C LEU D 319 -88.28 9.59 47.50
N VAL D 320 -88.33 9.49 48.82
CA VAL D 320 -87.71 8.38 49.53
C VAL D 320 -88.69 7.21 49.67
N GLY D 321 -89.99 7.53 49.81
CA GLY D 321 -90.99 6.51 49.73
C GLY D 321 -91.10 5.90 48.35
N GLN D 322 -90.72 6.67 47.32
CA GLN D 322 -90.56 6.14 45.97
C GLN D 322 -89.59 4.96 45.92
N SER D 323 -88.40 5.14 46.49
CA SER D 323 -87.40 4.06 46.48
C SER D 323 -87.84 2.89 47.34
N PHE D 324 -88.49 3.19 48.48
CA PHE D 324 -89.02 2.15 49.36
C PHE D 324 -90.04 1.26 48.64
N CYS D 325 -91.02 1.89 47.98
CA CYS D 325 -92.01 1.10 47.26
C CYS D 325 -91.49 0.53 45.97
N ALA D 326 -90.32 0.97 45.49
CA ALA D 326 -89.72 0.21 44.41
C ALA D 326 -89.15 -1.10 44.92
N ALA D 327 -88.44 -1.03 46.05
CA ALA D 327 -87.77 -2.21 46.59
C ALA D 327 -88.77 -3.28 47.02
N LEU D 328 -89.87 -2.86 47.64
CA LEU D 328 -90.77 -3.85 48.21
C LEU D 328 -91.71 -4.49 47.19
N HIS D 329 -91.67 -4.08 45.92
CA HIS D 329 -92.24 -4.78 44.77
C HIS D 329 -91.20 -5.60 44.01
N GLN D 330 -89.99 -5.05 43.95
CA GLN D 330 -88.86 -5.74 43.34
C GLN D 330 -88.58 -7.07 44.04
N GLU D 331 -88.86 -7.13 45.35
CA GLU D 331 -88.82 -8.41 46.05
C GLU D 331 -89.89 -9.38 45.53
N LEU D 332 -91.09 -8.88 45.21
CA LEU D 332 -92.19 -9.75 44.79
C LEU D 332 -91.95 -10.35 43.41
N ARG D 333 -91.06 -9.72 42.63
CA ARG D 333 -90.66 -10.29 41.33
C ARG D 333 -90.18 -11.75 41.44
N GLU D 334 -89.30 -12.02 42.40
CA GLU D 334 -88.76 -13.38 42.57
C GLU D 334 -89.84 -14.33 43.08
N TYR D 335 -90.75 -13.80 43.88
CA TYR D 335 -91.90 -14.57 44.35
C TYR D 335 -92.74 -15.07 43.18
N TYR D 336 -93.00 -14.18 42.23
CA TYR D 336 -93.74 -14.57 41.02
C TYR D 336 -92.96 -15.58 40.19
N ARG D 337 -91.62 -15.45 40.19
CA ARG D 337 -90.78 -16.42 39.49
C ARG D 337 -90.95 -17.83 40.05
N LEU D 338 -90.94 -17.95 41.39
CA LEU D 338 -91.11 -19.25 42.01
C LEU D 338 -92.50 -19.81 41.78
N LEU D 339 -93.52 -18.95 41.84
CA LEU D 339 -94.88 -19.41 41.58
C LEU D 339 -95.02 -19.95 40.16
N SER D 340 -94.35 -19.32 39.19
CA SER D 340 -94.39 -19.79 37.81
C SER D 340 -93.67 -21.14 37.65
N VAL D 341 -92.52 -21.32 38.33
CA VAL D 341 -91.79 -22.58 38.16
C VAL D 341 -92.55 -23.74 38.79
N LEU D 342 -93.33 -23.47 39.85
CA LEU D 342 -94.20 -24.52 40.39
C LEU D 342 -95.36 -24.79 39.44
N HIS D 343 -95.98 -23.71 38.95
CA HIS D 343 -97.16 -23.75 38.11
C HIS D 343 -96.93 -24.50 36.82
N SER D 344 -95.68 -24.53 36.32
CA SER D 344 -95.38 -25.25 35.10
C SER D 344 -95.45 -26.77 35.25
N GLN D 345 -95.24 -27.31 36.46
CA GLN D 345 -95.34 -28.74 36.68
C GLN D 345 -96.50 -29.11 37.58
N LEU D 346 -97.38 -28.15 37.88
CA LEU D 346 -98.47 -28.38 38.80
C LEU D 346 -99.45 -29.40 38.27
N GLN D 347 -99.75 -29.34 36.98
CA GLN D 347 -100.59 -30.34 36.36
C GLN D 347 -99.71 -31.24 35.50
N SER D 361 -98.02 -33.55 39.03
CA SER D 361 -98.09 -33.63 40.47
C SER D 361 -97.34 -32.49 41.14
N LEU D 362 -96.08 -32.76 41.49
CA LEU D 362 -95.23 -31.90 42.33
C LEU D 362 -95.95 -31.60 43.66
N THR D 363 -96.32 -32.66 44.37
CA THR D 363 -96.88 -32.54 45.70
C THR D 363 -95.79 -32.97 46.67
N LEU D 364 -95.21 -32.01 47.36
CA LEU D 364 -94.15 -32.28 48.32
C LEU D 364 -94.59 -31.66 49.64
N ARG D 365 -95.20 -32.50 50.49
CA ARG D 365 -95.97 -32.11 51.67
C ARG D 365 -97.07 -31.11 51.32
N ARG D 366 -97.65 -31.29 50.13
CA ARG D 366 -98.67 -30.42 49.54
C ARG D 366 -98.19 -28.97 49.53
N LEU D 367 -96.99 -28.79 48.96
CA LEU D 367 -96.29 -27.52 48.75
C LEU D 367 -95.94 -26.81 50.04
N LEU D 368 -95.73 -27.57 51.12
CA LEU D 368 -95.29 -26.96 52.36
C LEU D 368 -93.79 -26.67 52.33
N VAL D 369 -93.03 -27.51 51.62
CA VAL D 369 -91.58 -27.40 51.64
C VAL D 369 -91.12 -26.18 50.83
N TRP D 370 -91.84 -25.85 49.76
CA TRP D 370 -91.41 -24.78 48.87
C TRP D 370 -91.66 -23.41 49.45
N THR D 371 -92.41 -23.31 50.53
CA THR D 371 -92.81 -22.03 51.08
C THR D 371 -92.27 -21.80 52.48
N TYR D 372 -91.40 -22.66 52.98
CA TYR D 372 -90.73 -22.39 54.26
C TYR D 372 -89.77 -21.22 54.12
N ASP D 373 -88.93 -21.27 53.08
CA ASP D 373 -87.92 -20.22 52.88
C ASP D 373 -88.52 -18.86 52.50
N PRO D 374 -89.62 -18.76 51.74
CA PRO D 374 -90.27 -17.43 51.65
C PRO D 374 -90.96 -16.97 52.93
N LYS D 375 -91.44 -17.91 53.76
CA LYS D 375 -92.29 -17.56 54.89
C LYS D 375 -91.54 -16.73 55.92
N ILE D 376 -90.25 -17.01 56.10
CA ILE D 376 -89.42 -16.24 57.01
C ILE D 376 -89.30 -14.79 56.52
N ARG D 377 -89.15 -14.62 55.21
CA ARG D 377 -89.00 -13.30 54.61
C ARG D 377 -90.28 -12.46 54.72
N LEU D 378 -91.43 -13.11 54.54
CA LEU D 378 -92.68 -12.35 54.49
C LEU D 378 -93.12 -11.85 55.85
N LYS D 379 -92.80 -12.57 56.93
CA LYS D 379 -93.07 -12.12 58.30
C LYS D 379 -92.09 -11.05 58.76
N THR D 380 -91.11 -10.68 57.94
CA THR D 380 -90.28 -9.51 58.16
C THR D 380 -90.77 -8.32 57.37
N LEU D 381 -91.11 -8.54 56.10
CA LEU D 381 -91.60 -7.44 55.27
C LEU D 381 -92.95 -6.92 55.77
N ALA D 382 -93.81 -7.81 56.29
CA ALA D 382 -95.08 -7.38 56.85
C ALA D 382 -94.87 -6.52 58.09
N ALA D 383 -93.89 -6.88 58.92
CA ALA D 383 -93.52 -6.05 60.07
C ALA D 383 -93.02 -4.69 59.64
N LEU D 384 -92.27 -4.64 58.53
CA LEU D 384 -91.81 -3.39 57.96
C LEU D 384 -92.96 -2.48 57.57
N VAL D 385 -93.94 -3.02 56.84
CA VAL D 385 -95.03 -2.16 56.36
C VAL D 385 -95.98 -1.78 57.49
N ASP D 386 -96.09 -2.64 58.52
CA ASP D 386 -96.90 -2.29 59.68
C ASP D 386 -96.24 -1.18 60.49
N HIS D 387 -94.92 -1.24 60.63
CA HIS D 387 -94.21 -0.31 61.50
C HIS D 387 -94.04 1.06 60.85
N CYS D 388 -93.73 1.09 59.55
CA CYS D 388 -93.46 2.35 58.86
C CYS D 388 -94.72 3.16 58.60
N GLN D 389 -95.90 2.59 58.81
CA GLN D 389 -97.16 3.28 58.56
C GLN D 389 -97.38 4.35 59.61
N GLY D 390 -97.55 5.59 59.16
CA GLY D 390 -97.58 6.74 60.04
C GLY D 390 -96.31 7.55 60.06
N ARG D 391 -95.32 7.19 59.23
CA ARG D 391 -94.04 7.86 59.19
C ARG D 391 -93.72 8.30 57.78
N LYS D 392 -92.82 9.25 57.66
CA LYS D 392 -92.47 9.84 56.38
C LYS D 392 -91.07 10.44 56.52
N GLY D 393 -90.40 10.64 55.38
CA GLY D 393 -89.23 11.51 55.30
C GLY D 393 -88.00 10.77 55.75
N GLY D 394 -87.16 11.47 56.49
CA GLY D 394 -85.99 10.84 57.04
C GLY D 394 -86.26 9.87 58.16
N GLU D 395 -87.52 9.76 58.60
CA GLU D 395 -87.96 8.75 59.54
C GLU D 395 -88.27 7.42 58.86
N LEU D 396 -88.36 7.41 57.53
CA LEU D 396 -88.41 6.19 56.74
C LEU D 396 -87.00 5.68 56.43
N ALA D 397 -85.99 6.26 57.06
CA ALA D 397 -84.68 5.65 57.20
C ALA D 397 -84.40 5.21 58.62
N SER D 398 -85.12 5.77 59.59
CA SER D 398 -84.95 5.35 60.97
C SER D 398 -85.58 3.98 61.22
N ALA D 399 -86.80 3.76 60.72
CA ALA D 399 -87.53 2.54 61.01
C ALA D 399 -86.96 1.34 60.27
N VAL D 400 -86.61 1.54 58.99
CA VAL D 400 -86.00 0.49 58.20
C VAL D 400 -84.65 0.07 58.79
N HIS D 401 -83.86 1.04 59.25
CA HIS D 401 -82.60 0.71 59.90
C HIS D 401 -82.81 0.08 61.26
N ALA D 402 -83.88 0.48 61.97
CA ALA D 402 -84.20 -0.14 63.24
C ALA D 402 -84.51 -1.63 63.07
N TYR D 403 -85.13 -1.98 61.94
CA TYR D 403 -85.31 -3.40 61.67
C TYR D 403 -84.08 -4.06 61.05
N THR D 404 -83.12 -3.30 60.49
CA THR D 404 -81.90 -3.92 60.00
C THR D 404 -81.10 -4.56 61.12
N LYS D 405 -81.03 -3.89 62.27
CA LYS D 405 -80.24 -4.38 63.38
C LYS D 405 -80.99 -5.52 64.06
N THR D 406 -80.53 -6.75 63.83
CA THR D 406 -81.01 -7.85 64.64
C THR D 406 -79.88 -8.57 65.36
N GLY D 407 -78.94 -9.09 64.58
CA GLY D 407 -78.03 -10.09 65.10
C GLY D 407 -78.28 -11.44 64.46
N ASP D 408 -79.12 -11.45 63.42
CA ASP D 408 -79.40 -12.63 62.61
C ASP D 408 -79.01 -12.30 61.18
N PRO D 409 -78.22 -13.15 60.50
CA PRO D 409 -77.85 -12.88 59.09
C PRO D 409 -78.91 -13.34 58.09
N TYR D 410 -80.17 -13.07 58.39
CA TYR D 410 -81.25 -13.19 57.43
C TYR D 410 -82.27 -12.08 57.75
N MET D 411 -81.83 -11.08 58.50
CA MET D 411 -82.61 -9.88 58.77
C MET D 411 -81.68 -8.71 58.60
N ARG D 412 -80.43 -9.03 58.22
CA ARG D 412 -79.35 -8.05 58.18
C ARG D 412 -78.58 -8.19 56.86
N SER D 413 -79.14 -8.93 55.92
CA SER D 413 -78.66 -8.96 54.55
C SER D 413 -79.82 -8.90 53.56
N LEU D 414 -81.05 -8.86 54.05
CA LEU D 414 -82.21 -8.50 53.25
C LEU D 414 -82.62 -7.06 53.48
N VAL D 415 -82.72 -6.63 54.73
CA VAL D 415 -83.01 -5.24 55.00
C VAL D 415 -81.74 -4.40 54.96
N GLN D 416 -80.58 -5.04 54.84
CA GLN D 416 -79.37 -4.31 54.47
C GLN D 416 -79.30 -4.00 52.99
N HIS D 417 -80.15 -4.61 52.15
CA HIS D 417 -80.25 -4.09 50.79
C HIS D 417 -81.44 -3.16 50.64
N ILE D 418 -82.51 -3.37 51.40
CA ILE D 418 -83.62 -2.42 51.41
C ILE D 418 -83.18 -1.09 52.05
N LEU D 419 -82.31 -1.18 53.06
CA LEU D 419 -81.75 0.01 53.69
C LEU D 419 -80.80 0.73 52.75
N SER D 420 -79.98 -0.02 52.01
CA SER D 420 -79.07 0.63 51.07
C SER D 420 -79.81 1.18 49.86
N LEU D 421 -81.05 0.75 49.64
CA LEU D 421 -81.87 1.42 48.63
C LEU D 421 -82.51 2.69 49.17
N VAL D 422 -83.09 2.65 50.38
CA VAL D 422 -83.76 3.83 50.89
C VAL D 422 -82.78 4.87 51.41
N SER D 423 -81.49 4.53 51.52
CA SER D 423 -80.47 5.50 51.88
C SER D 423 -80.27 6.50 50.75
N HIS D 424 -80.29 6.02 49.51
CA HIS D 424 -79.79 6.76 48.35
C HIS D 424 -80.46 8.12 48.06
N PRO D 425 -81.83 8.32 48.22
CA PRO D 425 -82.36 9.69 48.08
C PRO D 425 -81.76 10.66 49.07
N VAL D 426 -81.80 10.26 50.34
CA VAL D 426 -81.28 11.07 51.44
C VAL D 426 -79.79 11.32 51.26
N LEU D 427 -79.05 10.30 50.83
CA LEU D 427 -77.60 10.45 50.69
C LEU D 427 -77.26 11.34 49.51
N SER D 428 -78.08 11.29 48.46
CA SER D 428 -77.91 12.22 47.33
C SER D 428 -78.14 13.65 47.77
N PHE D 429 -79.12 13.87 48.65
CA PHE D 429 -79.33 15.23 49.16
C PHE D 429 -78.17 15.65 50.05
N LEU D 430 -77.66 14.69 50.82
CA LEU D 430 -76.54 14.90 51.72
C LEU D 430 -75.24 15.14 50.98
N TYR D 431 -75.15 14.75 49.70
CA TYR D 431 -73.97 15.06 48.91
C TYR D 431 -74.20 16.26 48.02
N ARG D 432 -75.36 16.89 48.13
CA ARG D 432 -75.60 18.22 47.60
C ARG D 432 -75.83 19.20 48.74
N TRP D 433 -75.51 18.80 49.96
CA TRP D 433 -75.63 19.68 51.11
C TRP D 433 -74.24 20.00 51.62
N ILE D 434 -73.31 19.05 51.46
CA ILE D 434 -71.92 19.28 51.80
C ILE D 434 -71.10 19.63 50.56
N TYR D 435 -71.74 19.77 49.41
CA TYR D 435 -71.04 20.18 48.21
C TYR D 435 -71.79 21.27 47.47
N ASP D 436 -73.06 21.48 47.79
CA ASP D 436 -73.76 22.62 47.21
C ASP D 436 -74.61 23.36 48.24
N GLY D 437 -74.84 22.73 49.39
CA GLY D 437 -75.60 23.38 50.43
C GLY D 437 -77.08 23.56 50.13
N GLU D 438 -77.64 22.75 49.25
CA GLU D 438 -79.08 22.79 48.97
C GLU D 438 -79.74 21.59 49.64
N LEU D 439 -80.88 21.84 50.27
CA LEU D 439 -81.57 20.83 51.08
C LEU D 439 -82.02 19.66 50.21
N GLU D 440 -82.64 19.98 49.07
CA GLU D 440 -83.26 19.02 48.13
C GLU D 440 -84.27 18.12 48.85
N ASP D 441 -85.08 18.74 49.71
CA ASP D 441 -86.28 18.10 50.20
C ASP D 441 -87.47 18.90 49.72
N THR D 442 -88.54 18.18 49.39
CA THR D 442 -89.79 18.80 49.02
C THR D 442 -90.91 18.43 49.99
N TYR D 443 -90.72 17.36 50.77
CA TYR D 443 -91.66 16.96 51.81
C TYR D 443 -90.91 16.57 53.07
N HIS D 444 -89.78 17.25 53.34
CA HIS D 444 -88.91 17.08 54.50
C HIS D 444 -88.32 15.66 54.56
N GLU D 445 -87.62 15.30 53.49
CA GLU D 445 -86.78 14.11 53.42
C GLU D 445 -85.38 14.37 53.94
N PHE D 446 -85.14 15.56 54.45
CA PHE D 446 -83.84 15.94 54.98
C PHE D 446 -84.10 16.73 56.24
N PHE D 447 -83.13 16.73 57.13
CA PHE D 447 -83.37 17.28 58.45
C PHE D 447 -83.30 18.81 58.44
N VAL D 448 -82.37 19.39 57.67
CA VAL D 448 -82.25 20.85 57.65
C VAL D 448 -83.44 21.45 56.92
N ALA D 449 -84.03 22.50 57.49
CA ALA D 449 -85.06 23.29 56.83
C ALA D 449 -84.62 24.75 56.80
N SER D 450 -85.22 25.52 55.91
CA SER D 450 -84.78 26.87 55.58
C SER D 450 -85.87 27.89 55.87
N ASP D 451 -85.55 28.86 56.73
CA ASP D 451 -86.40 30.02 56.96
C ASP D 451 -85.86 31.18 56.15
N PRO D 452 -86.65 31.81 55.27
CA PRO D 452 -86.18 32.99 54.55
C PRO D 452 -85.96 34.17 55.49
N THR D 453 -84.72 34.65 55.52
CA THR D 453 -84.30 35.72 56.41
C THR D 453 -84.21 37.03 55.61
N VAL D 454 -83.64 38.06 56.24
CA VAL D 454 -83.44 39.33 55.57
C VAL D 454 -82.24 39.32 54.62
N LYS D 455 -81.37 38.30 54.72
CA LYS D 455 -80.19 38.05 53.88
C LYS D 455 -79.11 39.12 54.07
N THR D 456 -78.95 39.61 55.31
CA THR D 456 -77.91 40.59 55.67
C THR D 456 -77.24 40.11 56.96
N ASP D 457 -76.68 38.89 56.88
CA ASP D 457 -75.85 38.17 57.84
C ASP D 457 -76.69 37.53 58.95
N ARG D 458 -78.02 37.60 58.86
CA ARG D 458 -78.89 36.84 59.74
C ARG D 458 -79.26 35.49 59.15
N LEU D 459 -78.73 35.18 57.97
CA LEU D 459 -78.71 33.81 57.46
C LEU D 459 -78.07 32.88 58.49
N TRP D 460 -76.89 33.28 58.98
CA TRP D 460 -76.02 32.39 59.76
C TRP D 460 -76.66 31.97 61.09
N HIS D 461 -77.47 32.84 61.67
CA HIS D 461 -77.96 32.63 63.01
C HIS D 461 -79.41 32.18 63.06
N ASP D 462 -80.14 32.23 61.95
CA ASP D 462 -81.55 31.88 62.00
C ASP D 462 -82.03 30.96 60.88
N LYS D 463 -81.33 30.90 59.75
CA LYS D 463 -81.90 30.31 58.54
C LYS D 463 -82.05 28.79 58.64
N TYR D 464 -80.97 28.09 58.96
CA TYR D 464 -80.96 26.65 59.06
C TYR D 464 -80.97 26.25 60.53
N THR D 465 -81.95 25.43 60.91
CA THR D 465 -81.98 24.80 62.22
C THR D 465 -82.39 23.35 62.06
N LEU D 466 -81.90 22.52 62.97
CA LEU D 466 -82.05 21.06 62.88
C LEU D 466 -83.49 20.64 63.13
N ARG D 467 -83.96 19.68 62.34
CA ARG D 467 -85.17 18.91 62.67
C ARG D 467 -84.73 17.52 63.07
N LYS D 468 -85.04 17.12 64.31
CA LYS D 468 -84.49 15.92 64.90
C LYS D 468 -85.30 14.67 64.59
N SER D 469 -86.33 14.78 63.75
CA SER D 469 -87.20 13.67 63.40
C SER D 469 -86.84 13.03 62.08
N MET D 470 -86.07 13.70 61.24
CA MET D 470 -85.71 13.16 59.93
C MET D 470 -84.21 12.90 59.81
N ILE D 471 -83.47 12.99 60.90
CA ILE D 471 -82.08 12.53 60.95
C ILE D 471 -82.11 11.01 60.85
N PRO D 472 -81.41 10.41 59.88
CA PRO D 472 -81.40 8.94 59.79
C PRO D 472 -80.69 8.32 60.98
N SER D 473 -81.23 7.18 61.42
CA SER D 473 -80.77 6.54 62.63
C SER D 473 -79.36 5.98 62.50
N PHE D 474 -78.92 5.68 61.28
CA PHE D 474 -77.55 5.25 61.09
C PHE D 474 -76.58 6.42 61.02
N MET D 475 -77.08 7.64 61.04
CA MET D 475 -76.28 8.84 61.17
C MET D 475 -76.38 9.34 62.61
N THR D 476 -75.24 9.69 63.19
CA THR D 476 -75.24 10.18 64.57
C THR D 476 -75.47 11.68 64.58
N MET D 477 -75.93 12.17 65.75
CA MET D 477 -76.36 13.56 65.90
C MET D 477 -75.19 14.53 65.77
N ASP D 478 -74.00 14.10 66.18
CA ASP D 478 -72.79 14.91 66.05
C ASP D 478 -72.47 15.19 64.59
N GLN D 479 -72.55 14.15 63.74
CA GLN D 479 -72.39 14.32 62.31
C GLN D 479 -73.48 15.21 61.73
N SER D 480 -74.71 15.10 62.24
CA SER D 480 -75.82 15.91 61.75
C SER D 480 -75.59 17.39 62.03
N ARG D 481 -75.01 17.70 63.19
CA ARG D 481 -74.65 19.08 63.47
C ARG D 481 -73.48 19.53 62.61
N LYS D 482 -72.50 18.64 62.40
CA LYS D 482 -71.30 19.02 61.68
C LYS D 482 -71.57 19.32 60.20
N VAL D 483 -72.46 18.55 59.58
CA VAL D 483 -72.73 18.75 58.15
C VAL D 483 -73.55 20.02 57.91
N LEU D 484 -74.18 20.53 58.95
CA LEU D 484 -74.86 21.82 58.83
C LEU D 484 -73.86 22.96 58.62
N LEU D 485 -72.68 22.86 59.24
CA LEU D 485 -71.69 23.94 59.15
C LEU D 485 -71.04 24.03 57.79
N ILE D 486 -70.84 22.89 57.11
CA ILE D 486 -70.30 22.91 55.75
C ILE D 486 -71.38 23.21 54.72
N GLY D 487 -72.65 23.03 55.08
CA GLY D 487 -73.76 23.52 54.28
C GLY D 487 -74.16 24.92 54.63
N LYS D 488 -73.57 25.49 55.69
CA LYS D 488 -73.79 26.88 56.05
C LYS D 488 -72.56 27.71 55.72
N SER D 489 -71.57 27.08 55.07
CA SER D 489 -70.44 27.80 54.50
C SER D 489 -70.65 28.06 53.02
N ILE D 490 -71.07 27.02 52.30
CA ILE D 490 -71.30 27.11 50.86
C ILE D 490 -72.46 28.06 50.57
N ASN D 491 -73.56 27.90 51.32
CA ASN D 491 -74.74 28.72 51.14
C ASN D 491 -74.47 30.18 51.52
N PHE D 492 -73.77 30.39 52.64
CA PHE D 492 -73.48 31.76 53.09
C PHE D 492 -72.57 32.48 52.11
N LEU D 493 -71.55 31.78 51.61
CA LEU D 493 -70.64 32.35 50.62
C LEU D 493 -71.37 32.68 49.33
N HIS D 494 -72.37 31.88 48.95
CA HIS D 494 -73.04 32.19 47.71
C HIS D 494 -74.20 33.16 47.87
N GLN D 495 -74.63 33.46 49.09
CA GLN D 495 -75.77 34.37 49.24
C GLN D 495 -75.38 35.73 49.80
N VAL D 496 -74.66 35.79 50.92
CA VAL D 496 -74.44 37.09 51.56
C VAL D 496 -73.08 37.63 51.13
N CYS D 497 -72.17 36.73 50.75
CA CYS D 497 -70.87 37.13 50.27
C CYS D 497 -70.80 37.37 48.78
N HIS D 498 -71.72 36.74 48.01
CA HIS D 498 -71.98 36.92 46.58
C HIS D 498 -70.90 36.37 45.67
N ASP D 499 -69.75 35.94 46.20
CA ASP D 499 -68.66 35.55 45.34
C ASP D 499 -68.87 34.13 44.84
N GLN D 500 -68.91 33.97 43.52
CA GLN D 500 -69.12 32.68 42.88
C GLN D 500 -67.75 32.04 42.65
N THR D 501 -67.42 31.07 43.49
CA THR D 501 -66.10 30.45 43.54
C THR D 501 -66.24 28.94 43.53
N PRO D 502 -65.16 28.21 43.22
CA PRO D 502 -65.04 26.84 43.70
C PRO D 502 -65.13 26.75 45.21
N THR D 503 -66.01 25.90 45.72
CA THR D 503 -66.01 25.55 47.14
C THR D 503 -66.31 24.06 47.26
N THR D 504 -66.39 23.38 46.12
CA THR D 504 -66.79 21.98 46.07
C THR D 504 -65.58 21.04 46.18
N THR D 524 -73.24 2.30 60.42
CA THR D 524 -73.58 1.24 61.37
C THR D 524 -73.74 -0.09 60.64
N ASP D 525 -74.84 -0.26 59.92
CA ASP D 525 -74.99 -1.39 59.01
C ASP D 525 -74.58 -1.07 57.59
N LEU D 526 -74.39 0.21 57.27
CA LEU D 526 -73.65 0.62 56.09
C LEU D 526 -72.21 0.98 56.44
N GLU D 527 -71.81 0.68 57.68
CA GLU D 527 -70.43 0.77 58.17
C GLU D 527 -69.83 2.17 58.04
N ASN D 528 -70.62 3.18 58.45
CA ASN D 528 -70.20 4.57 58.59
C ASN D 528 -69.69 5.16 57.27
N ALA D 529 -70.58 5.29 56.30
CA ALA D 529 -70.19 5.83 54.99
C ALA D 529 -69.88 7.32 55.06
N PHE D 530 -70.50 8.03 56.01
CA PHE D 530 -70.42 9.49 56.08
C PHE D 530 -69.00 9.97 56.34
N GLN D 531 -68.34 9.33 57.32
CA GLN D 531 -67.06 9.79 57.87
C GLN D 531 -65.95 9.82 56.83
N GLY D 532 -66.04 8.95 55.81
CA GLY D 532 -65.03 8.93 54.77
C GLY D 532 -64.99 10.21 53.95
N LYS D 533 -66.16 10.68 53.50
CA LYS D 533 -66.20 11.89 52.70
C LYS D 533 -66.08 13.16 53.52
N ILE D 534 -66.75 13.20 54.69
CA ILE D 534 -67.04 14.46 55.36
C ILE D 534 -65.77 15.13 55.87
N ASP D 535 -64.88 14.34 56.49
CA ASP D 535 -63.67 14.89 57.10
C ASP D 535 -62.77 15.54 56.06
N ALA D 536 -62.54 14.81 54.96
CA ALA D 536 -61.77 15.28 53.83
C ALA D 536 -62.36 16.56 53.24
N ALA D 537 -63.68 16.56 53.02
CA ALA D 537 -64.33 17.73 52.42
C ALA D 537 -64.30 18.93 53.38
N TYR D 538 -64.42 18.65 54.67
CA TYR D 538 -64.58 19.68 55.69
C TYR D 538 -63.32 20.50 55.86
N PHE D 539 -62.17 19.79 55.98
CA PHE D 539 -60.86 20.43 56.20
C PHE D 539 -60.48 21.39 55.09
N GLU D 540 -61.02 21.19 53.89
CA GLU D 540 -60.77 22.06 52.74
C GLU D 540 -61.78 23.20 52.71
N THR D 541 -63.08 22.86 52.80
CA THR D 541 -64.16 23.79 52.52
C THR D 541 -64.21 24.95 53.51
N SER D 542 -64.14 24.63 54.81
CA SER D 542 -64.29 25.68 55.82
C SER D 542 -63.13 26.65 55.78
N LYS D 543 -61.92 26.11 55.53
CA LYS D 543 -60.74 26.93 55.37
C LYS D 543 -60.84 27.81 54.13
N TYR D 544 -61.50 27.33 53.05
CA TYR D 544 -61.66 28.18 51.88
C TYR D 544 -62.59 29.36 52.15
N LEU D 545 -63.66 29.12 52.92
CA LEU D 545 -64.50 30.25 53.34
C LEU D 545 -63.69 31.25 54.17
N LEU D 546 -62.76 30.76 54.97
CA LEU D 546 -61.87 31.66 55.69
C LEU D 546 -60.61 32.04 54.89
N ASP D 547 -60.61 31.81 53.58
CA ASP D 547 -59.56 32.37 52.72
C ASP D 547 -60.09 33.51 51.86
N VAL D 548 -61.23 33.27 51.22
CA VAL D 548 -61.72 34.23 50.22
C VAL D 548 -62.23 35.50 50.92
N LEU D 549 -62.88 35.33 52.08
CA LEU D 549 -63.36 36.45 52.86
C LEU D 549 -62.21 37.21 53.51
N ASN D 550 -61.07 36.55 53.66
CA ASN D 550 -59.88 37.17 54.23
C ASN D 550 -59.11 37.95 53.18
N LYS D 551 -59.22 37.58 51.92
CA LYS D 551 -58.51 38.30 50.88
C LYS D 551 -59.36 39.31 50.10
N LYS D 552 -60.69 39.27 50.22
CA LYS D 552 -61.49 40.32 49.59
C LYS D 552 -61.99 41.38 50.55
N TYR D 553 -62.26 41.01 51.80
CA TYR D 553 -62.46 41.92 52.91
C TYR D 553 -61.42 41.53 53.96
N SER D 554 -61.44 42.17 55.13
CA SER D 554 -60.53 41.75 56.18
C SER D 554 -61.19 41.82 57.54
N LEU D 555 -61.58 40.66 58.06
CA LEU D 555 -62.15 40.56 59.39
C LEU D 555 -61.11 40.89 60.47
N LEU D 556 -59.82 40.64 60.20
CA LEU D 556 -58.78 40.92 61.18
C LEU D 556 -58.60 42.42 61.39
N ASP D 557 -58.59 43.19 60.29
CA ASP D 557 -58.35 44.63 60.38
C ASP D 557 -59.51 45.34 61.06
N HIS D 558 -60.74 44.91 60.79
CA HIS D 558 -61.87 45.53 61.46
C HIS D 558 -61.94 45.16 62.92
N MET D 559 -61.55 43.94 63.28
CA MET D 559 -61.53 43.57 64.68
C MET D 559 -60.40 44.25 65.44
N GLN D 560 -59.30 44.60 64.77
CA GLN D 560 -58.25 45.38 65.41
C GLN D 560 -58.64 46.85 65.54
N ALA D 561 -59.29 47.39 64.50
CA ALA D 561 -59.79 48.76 64.53
C ALA D 561 -60.91 48.94 65.53
N MET D 562 -61.63 47.85 65.85
CA MET D 562 -62.63 47.86 66.92
C MET D 562 -62.04 48.32 68.24
N ARG D 563 -60.92 47.70 68.64
CA ARG D 563 -60.26 48.04 69.90
C ARG D 563 -59.77 49.48 69.90
N ARG D 564 -59.32 49.99 68.76
CA ARG D 564 -58.73 51.32 68.72
C ARG D 564 -59.80 52.40 68.71
N TYR D 565 -60.71 52.35 67.73
CA TYR D 565 -61.69 53.41 67.60
C TYR D 565 -62.81 53.25 68.61
N LEU D 566 -63.34 52.03 68.76
CA LEU D 566 -64.47 51.90 69.67
C LEU D 566 -64.01 51.67 71.10
N LEU D 567 -62.99 50.86 71.35
CA LEU D 567 -62.56 50.64 72.73
C LEU D 567 -61.37 51.51 73.12
N LEU D 568 -61.26 52.71 72.54
CA LEU D 568 -60.30 53.77 72.85
C LEU D 568 -58.84 53.32 72.76
N GLY D 569 -58.55 52.24 72.04
CA GLY D 569 -57.26 51.61 72.16
C GLY D 569 -56.14 52.33 71.46
N GLN D 570 -56.47 53.21 70.51
CA GLN D 570 -55.43 53.91 69.77
C GLN D 570 -54.67 54.90 70.66
N GLY D 571 -55.38 55.75 71.36
CA GLY D 571 -54.75 56.60 72.35
C GLY D 571 -54.28 57.94 71.84
N ASP D 572 -53.46 57.94 70.78
CA ASP D 572 -53.01 59.18 70.17
C ASP D 572 -54.17 59.94 69.54
N PHE D 573 -55.07 59.20 68.89
CA PHE D 573 -56.22 59.81 68.23
C PHE D 573 -57.27 60.25 69.24
N ILE D 574 -57.43 59.49 70.33
CA ILE D 574 -58.48 59.73 71.31
C ILE D 574 -58.21 61.01 72.11
N ARG D 575 -56.95 61.42 72.24
CA ARG D 575 -56.63 62.68 72.91
C ARG D 575 -57.02 63.88 72.05
N HIS D 576 -56.60 63.86 70.78
CA HIS D 576 -56.82 64.99 69.88
C HIS D 576 -58.29 65.17 69.55
N LEU D 577 -59.00 64.05 69.33
CA LEU D 577 -60.43 64.08 69.02
C LEU D 577 -61.24 64.73 70.12
N MET D 578 -60.85 64.53 71.37
CA MET D 578 -61.54 65.19 72.48
C MET D 578 -61.01 66.58 72.77
N ASP D 579 -59.79 66.90 72.32
CA ASP D 579 -59.35 68.28 72.42
C ASP D 579 -60.07 69.20 71.43
N LEU D 580 -60.58 68.65 70.32
CA LEU D 580 -61.46 69.45 69.47
C LEU D 580 -62.93 69.40 69.90
N LEU D 581 -63.41 68.24 70.34
CA LEU D 581 -64.83 68.01 70.62
C LEU D 581 -65.20 68.35 72.07
N LYS D 582 -64.26 68.91 72.85
CA LYS D 582 -64.53 69.34 74.22
C LYS D 582 -65.66 70.37 74.36
N PRO D 583 -65.71 71.49 73.60
CA PRO D 583 -66.78 72.47 73.85
C PRO D 583 -68.17 71.96 73.45
N GLU D 584 -68.26 71.18 72.37
CA GLU D 584 -69.55 70.63 71.97
C GLU D 584 -70.03 69.56 72.94
N LEU D 585 -69.11 68.86 73.62
CA LEU D 585 -69.53 67.84 74.56
C LEU D 585 -69.90 68.43 75.92
N VAL D 586 -69.24 69.52 76.35
CA VAL D 586 -69.63 70.12 77.63
C VAL D 586 -70.90 70.96 77.52
N ARG D 587 -71.50 71.06 76.35
CA ARG D 587 -72.81 71.58 76.02
C ARG D 587 -73.84 70.45 76.01
N PRO D 588 -75.11 70.75 76.30
CA PRO D 588 -76.14 69.74 76.13
C PRO D 588 -76.40 69.44 74.67
N ALA D 589 -77.28 68.46 74.42
CA ALA D 589 -77.56 67.99 73.07
C ALA D 589 -78.63 68.83 72.37
N THR D 590 -78.79 70.07 72.84
CA THR D 590 -79.77 71.01 72.33
C THR D 590 -79.25 71.88 71.20
N THR D 591 -77.96 72.21 71.21
CA THR D 591 -77.32 72.94 70.13
C THR D 591 -76.43 72.03 69.29
N LEU D 592 -76.56 70.72 69.46
CA LEU D 592 -75.81 69.75 68.69
C LEU D 592 -76.71 69.08 67.67
N TYR D 593 -76.19 68.96 66.46
CA TYR D 593 -76.83 68.20 65.39
C TYR D 593 -75.72 67.39 64.74
N GLN D 594 -76.07 66.20 64.24
CA GLN D 594 -75.11 65.13 64.00
C GLN D 594 -74.03 65.51 63.00
N HIS D 595 -74.42 66.22 61.93
CA HIS D 595 -73.54 66.54 60.81
C HIS D 595 -72.35 67.42 61.22
N ASN D 596 -72.59 68.38 62.12
CA ASN D 596 -71.54 69.22 62.67
C ASN D 596 -70.45 68.39 63.35
N LEU D 597 -70.85 67.46 64.23
CA LEU D 597 -69.86 66.67 64.96
C LEU D 597 -69.22 65.61 64.07
N THR D 598 -69.91 65.14 63.03
CA THR D 598 -69.29 64.21 62.08
C THR D 598 -68.14 64.87 61.35
N GLY D 599 -68.32 66.14 60.97
CA GLY D 599 -67.28 66.86 60.25
C GLY D 599 -65.97 67.01 61.00
N ILE D 600 -66.06 67.04 62.34
CA ILE D 600 -64.92 67.35 63.19
C ILE D 600 -63.86 66.23 63.14
N LEU D 601 -64.33 64.97 63.08
CA LEU D 601 -63.50 63.76 63.10
C LEU D 601 -62.38 63.71 62.07
N GLU D 602 -62.66 64.23 60.87
CA GLU D 602 -61.75 64.12 59.74
C GLU D 602 -60.43 64.84 60.01
N THR D 603 -60.53 66.04 60.60
CA THR D 603 -59.37 66.86 60.92
C THR D 603 -58.44 66.15 61.89
N ALA D 604 -59.01 65.53 62.93
CA ALA D 604 -58.20 64.86 63.94
C ALA D 604 -57.60 63.55 63.43
N VAL D 605 -58.35 62.81 62.59
CA VAL D 605 -57.84 61.57 62.00
C VAL D 605 -56.65 61.88 61.08
N ARG D 606 -56.79 62.93 60.25
CA ARG D 606 -55.67 63.37 59.42
C ARG D 606 -54.51 63.88 60.27
N ALA D 607 -54.81 64.52 61.39
CA ALA D 607 -53.77 65.14 62.21
C ALA D 607 -52.95 64.10 62.97
N THR D 608 -53.60 63.07 63.52
CA THR D 608 -52.87 62.02 64.20
C THR D 608 -52.52 60.92 63.22
N ASN D 609 -51.85 59.87 63.72
CA ASN D 609 -51.25 58.86 62.85
C ASN D 609 -52.19 57.67 62.72
N ALA D 610 -53.27 57.92 61.98
CA ALA D 610 -54.08 56.86 61.37
C ALA D 610 -54.33 57.30 59.94
N GLN D 611 -53.51 58.24 59.47
CA GLN D 611 -53.54 58.69 58.09
C GLN D 611 -52.77 57.76 57.18
N PHE D 612 -51.94 56.88 57.73
CA PHE D 612 -51.24 55.86 56.97
C PHE D 612 -52.03 54.56 56.90
N ASP D 613 -53.14 54.47 57.62
CA ASP D 613 -54.05 53.36 57.50
C ASP D 613 -54.71 53.36 56.12
N SER D 614 -55.27 52.21 55.77
CA SER D 614 -56.06 52.14 54.56
C SER D 614 -57.31 53.00 54.72
N PRO D 615 -57.72 53.71 53.66
CA PRO D 615 -58.90 54.59 53.74
C PRO D 615 -60.20 53.88 54.11
N GLU D 616 -60.28 52.57 53.89
CA GLU D 616 -61.50 51.82 54.16
C GLU D 616 -61.83 51.77 55.65
N ILE D 617 -60.85 51.49 56.50
CA ILE D 617 -61.14 51.40 57.92
C ILE D 617 -61.31 52.77 58.56
N LEU D 618 -60.96 53.84 57.84
CA LEU D 618 -61.32 55.19 58.29
C LEU D 618 -62.71 55.59 57.81
N ARG D 619 -63.13 55.09 56.64
CA ARG D 619 -64.50 55.33 56.20
C ARG D 619 -65.50 54.57 57.06
N ARG D 620 -65.14 53.35 57.47
CA ARG D 620 -66.05 52.54 58.27
C ARG D 620 -66.25 53.11 59.66
N LEU D 621 -65.30 53.89 60.16
CA LEU D 621 -65.51 54.66 61.37
C LEU D 621 -66.55 55.73 61.10
N ASP D 622 -67.50 55.89 62.03
CA ASP D 622 -68.61 56.81 61.85
C ASP D 622 -69.04 57.36 63.19
N VAL D 623 -69.58 58.57 63.17
CA VAL D 623 -70.13 59.22 64.35
C VAL D 623 -71.63 59.00 64.37
N ARG D 624 -72.21 58.91 65.56
CA ARG D 624 -73.64 59.05 65.72
C ARG D 624 -73.94 60.11 66.78
N LEU D 625 -75.19 60.55 66.81
CA LEU D 625 -75.73 61.36 67.89
C LEU D 625 -77.05 60.76 68.30
N LEU D 626 -77.16 60.39 69.58
CA LEU D 626 -78.26 59.53 70.02
C LEU D 626 -79.56 60.33 70.16
N GLU D 627 -80.54 59.67 70.78
CA GLU D 627 -81.88 60.20 70.97
C GLU D 627 -81.83 61.49 71.78
N VAL D 628 -82.53 62.51 71.29
CA VAL D 628 -82.66 63.77 72.00
C VAL D 628 -84.06 63.85 72.62
N SER D 629 -84.08 64.00 73.94
CA SER D 629 -85.28 64.16 74.75
C SER D 629 -84.87 64.97 75.96
N PRO D 630 -85.80 65.72 76.57
CA PRO D 630 -85.43 66.60 77.69
C PRO D 630 -84.80 65.86 78.88
N GLY D 631 -83.76 66.46 79.44
CA GLY D 631 -82.85 65.79 80.34
C GLY D 631 -81.51 65.57 79.68
N ASP D 632 -81.24 66.35 78.63
CA ASP D 632 -80.05 66.19 77.81
C ASP D 632 -78.78 66.63 78.55
N THR D 633 -77.71 65.89 78.32
CA THR D 633 -76.37 66.38 78.54
C THR D 633 -75.49 65.89 77.40
N GLY D 634 -74.18 66.13 77.52
CA GLY D 634 -73.29 65.81 76.43
C GLY D 634 -72.47 64.55 76.60
N TRP D 635 -72.58 63.90 77.77
CA TRP D 635 -71.85 62.67 78.05
C TRP D 635 -72.82 61.58 78.46
N ASP D 636 -74.08 61.71 78.02
CA ASP D 636 -75.09 60.68 78.11
C ASP D 636 -75.79 60.65 76.76
N VAL D 637 -75.68 61.75 76.01
CA VAL D 637 -76.09 61.81 74.60
C VAL D 637 -74.89 62.30 73.79
N PHE D 638 -74.13 61.34 73.25
CA PHE D 638 -73.22 61.41 72.11
C PHE D 638 -72.69 59.98 71.95
N SER D 639 -72.30 59.55 70.75
CA SER D 639 -71.60 58.28 70.64
C SER D 639 -70.65 58.29 69.45
N LEU D 640 -69.53 57.58 69.61
CA LEU D 640 -68.80 57.09 68.44
C LEU D 640 -69.38 55.74 68.06
N ASP D 641 -68.99 55.26 66.88
CA ASP D 641 -69.48 53.98 66.38
C ASP D 641 -68.46 53.43 65.39
N TYR D 642 -68.54 52.13 65.15
CA TYR D 642 -67.73 51.48 64.12
C TYR D 642 -68.64 50.43 63.47
N HIS D 643 -69.32 50.85 62.40
CA HIS D 643 -70.33 49.99 61.80
C HIS D 643 -69.69 48.81 61.09
N VAL D 644 -70.52 47.82 60.75
CA VAL D 644 -70.09 46.68 59.94
C VAL D 644 -71.12 46.45 58.84
N ASP D 645 -70.67 46.59 57.60
CA ASP D 645 -71.50 46.44 56.42
C ASP D 645 -70.85 45.41 55.51
N GLY D 646 -71.64 44.45 55.02
CA GLY D 646 -71.14 43.46 54.10
C GLY D 646 -71.13 42.07 54.69
N PRO D 647 -70.38 41.16 54.08
CA PRO D 647 -70.36 39.76 54.55
C PRO D 647 -69.43 39.53 55.72
N ILE D 648 -68.91 40.61 56.29
CA ILE D 648 -68.06 40.59 57.46
C ILE D 648 -68.85 40.82 58.74
N ALA D 649 -70.15 41.06 58.62
CA ALA D 649 -71.00 41.35 59.76
C ALA D 649 -71.64 40.11 60.34
N THR D 650 -71.17 38.92 59.96
CA THR D 650 -71.57 37.67 60.58
C THR D 650 -70.64 37.29 61.73
N VAL D 651 -69.63 38.12 61.99
CA VAL D 651 -68.78 38.01 63.17
C VAL D 651 -69.42 38.73 64.36
N PHE D 652 -70.28 39.71 64.11
CA PHE D 652 -70.91 40.51 65.14
C PHE D 652 -72.42 40.43 64.98
N THR D 653 -73.13 40.14 66.07
CA THR D 653 -74.57 40.32 65.98
C THR D 653 -74.90 41.78 66.26
N ARG D 654 -76.17 42.14 66.05
CA ARG D 654 -76.62 43.50 66.35
C ARG D 654 -76.55 43.77 67.84
N GLU D 655 -76.90 42.76 68.64
CA GLU D 655 -76.84 42.90 70.08
C GLU D 655 -75.40 43.01 70.56
N CYS D 656 -74.47 42.36 69.85
CA CYS D 656 -73.07 42.42 70.22
C CYS D 656 -72.50 43.83 70.07
N MET D 657 -72.89 44.52 68.99
CA MET D 657 -72.49 45.90 68.83
C MET D 657 -73.21 46.83 69.80
N SER D 658 -74.47 46.52 70.15
CA SER D 658 -75.15 47.28 71.19
C SER D 658 -74.44 47.18 72.54
N HIS D 659 -73.89 46.01 72.85
CA HIS D 659 -73.06 45.85 74.03
C HIS D 659 -71.71 46.54 73.90
N TYR D 660 -71.13 46.55 72.69
CA TYR D 660 -69.88 47.27 72.44
C TYR D 660 -70.05 48.78 72.49
N LEU D 661 -71.29 49.27 72.46
CA LEU D 661 -71.60 50.67 72.70
C LEU D 661 -71.88 50.93 74.19
N ARG D 662 -72.54 49.97 74.83
CA ARG D 662 -72.77 50.02 76.27
C ARG D 662 -71.46 50.06 77.05
N VAL D 663 -70.41 49.44 76.53
CA VAL D 663 -69.09 49.58 77.16
C VAL D 663 -68.51 50.95 76.87
N PHE D 664 -68.85 51.51 75.69
CA PHE D 664 -68.16 52.69 75.20
C PHE D 664 -68.49 53.92 76.00
N ASN D 665 -69.75 54.04 76.42
CA ASN D 665 -70.15 55.25 77.13
C ASN D 665 -69.46 55.36 78.49
N PHE D 666 -69.32 54.22 79.18
CA PHE D 666 -68.58 54.16 80.44
C PHE D 666 -67.10 54.48 80.25
N LEU D 667 -66.49 53.90 79.21
CA LEU D 667 -65.10 54.19 78.89
C LEU D 667 -64.87 55.66 78.58
N TRP D 668 -65.81 56.27 77.87
CA TRP D 668 -65.75 57.67 77.49
C TRP D 668 -65.86 58.58 78.71
N ARG D 669 -66.70 58.19 79.68
CA ARG D 669 -66.80 58.91 80.96
C ARG D 669 -65.46 58.95 81.68
N ALA D 670 -64.83 57.77 81.83
CA ALA D 670 -63.55 57.69 82.53
C ALA D 670 -62.47 58.49 81.80
N LYS D 671 -62.47 58.41 80.47
CA LYS D 671 -61.49 59.13 79.66
C LYS D 671 -61.67 60.65 79.79
N ARG D 672 -62.92 61.11 79.94
CA ARG D 672 -63.19 62.53 80.16
C ARG D 672 -62.66 63.01 81.51
N MET D 673 -62.93 62.22 82.57
CA MET D 673 -62.52 62.60 83.91
C MET D 673 -61.00 62.71 84.03
N GLU D 674 -60.27 61.89 83.25
CA GLU D 674 -58.82 62.02 83.24
C GLU D 674 -58.34 63.36 82.68
N TYR D 675 -59.09 64.04 81.83
CA TYR D 675 -58.70 65.36 81.38
C TYR D 675 -59.18 66.46 82.30
N ILE D 676 -60.32 66.28 82.98
CA ILE D 676 -60.73 67.26 83.99
C ILE D 676 -59.70 67.35 85.11
N LEU D 677 -59.18 66.20 85.57
CA LEU D 677 -58.18 66.24 86.63
C LEU D 677 -56.83 66.79 86.14
N THR D 678 -56.45 66.54 84.88
CA THR D 678 -55.21 67.13 84.41
C THR D 678 -55.36 68.62 84.19
N ASP D 679 -56.57 69.11 83.91
CA ASP D 679 -56.77 70.56 83.91
C ASP D 679 -56.57 71.12 85.32
N ILE D 680 -57.03 70.38 86.34
CA ILE D 680 -56.78 70.76 87.73
C ILE D 680 -55.28 70.81 88.02
N ARG D 681 -54.56 69.75 87.62
CA ARG D 681 -53.13 69.63 87.85
C ARG D 681 -52.34 70.69 87.09
N LYS D 682 -52.78 70.96 85.85
CA LYS D 682 -52.24 72.03 85.03
C LYS D 682 -52.33 73.35 85.76
N GLY D 683 -53.53 73.66 86.25
CA GLY D 683 -53.74 74.92 86.96
C GLY D 683 -52.95 75.03 88.25
N HIS D 684 -52.74 73.90 88.94
CA HIS D 684 -51.86 73.90 90.11
C HIS D 684 -50.45 74.34 89.74
N MET D 685 -49.90 73.73 88.69
CA MET D 685 -48.55 74.08 88.25
C MET D 685 -48.46 75.51 87.78
N CYS D 686 -49.48 76.00 87.07
CA CYS D 686 -49.48 77.38 86.59
C CYS D 686 -49.57 78.38 87.74
N ASN D 687 -50.34 78.04 88.77
CA ASN D 687 -50.67 78.98 89.81
C ASN D 687 -49.79 78.85 91.05
N ALA D 688 -48.77 78.02 91.00
CA ALA D 688 -47.68 78.19 91.96
C ALA D 688 -46.43 78.76 91.32
N LYS D 689 -46.52 79.27 90.10
CA LYS D 689 -45.41 80.02 89.51
C LYS D 689 -45.89 81.28 88.82
N LEU D 690 -47.16 81.66 88.98
CA LEU D 690 -47.61 82.98 88.52
C LEU D 690 -47.99 83.85 89.71
N LEU D 691 -48.95 83.43 90.52
CA LEU D 691 -49.21 84.07 91.79
C LEU D 691 -48.47 83.31 92.89
N ARG D 692 -47.27 83.79 93.22
CA ARG D 692 -46.56 83.34 94.42
C ARG D 692 -45.73 84.47 95.02
N ASN D 693 -46.03 85.72 94.66
CA ASN D 693 -45.18 86.84 95.06
C ASN D 693 -45.25 87.14 96.55
N MET D 694 -46.35 86.78 97.21
CA MET D 694 -46.45 86.90 98.65
C MET D 694 -46.48 85.52 99.28
N PRO D 695 -46.06 85.39 100.54
CA PRO D 695 -46.27 84.12 101.27
C PRO D 695 -47.65 84.01 101.89
N GLU D 696 -48.60 84.86 101.47
CA GLU D 696 -49.93 84.83 102.03
C GLU D 696 -50.80 83.74 101.43
N PHE D 697 -50.39 83.12 100.32
CA PHE D 697 -51.22 82.18 99.58
C PHE D 697 -50.92 80.72 99.90
N SER D 698 -49.93 80.47 100.77
CA SER D 698 -49.24 79.18 100.84
C SER D 698 -50.16 78.08 101.35
N GLY D 699 -50.94 78.36 102.39
CA GLY D 699 -51.80 77.38 103.03
C GLY D 699 -52.87 76.80 102.11
N VAL D 700 -53.68 77.70 101.55
CA VAL D 700 -54.75 77.29 100.64
C VAL D 700 -54.17 76.60 99.41
N LEU D 701 -53.03 77.12 98.89
CA LEU D 701 -52.44 76.59 97.69
C LEU D 701 -51.94 75.16 97.88
N HIS D 702 -51.10 74.96 98.90
CA HIS D 702 -50.52 73.66 99.22
C HIS D 702 -51.60 72.63 99.52
N GLN D 703 -52.64 73.04 100.24
CA GLN D 703 -53.70 72.13 100.66
C GLN D 703 -54.49 71.61 99.47
N CYS D 704 -54.82 72.50 98.52
CA CYS D 704 -55.47 72.04 97.28
C CYS D 704 -54.56 71.12 96.46
N HIS D 705 -53.24 71.38 96.49
CA HIS D 705 -52.32 70.57 95.70
C HIS D 705 -52.28 69.13 96.20
N ILE D 706 -52.24 68.97 97.52
CA ILE D 706 -52.23 67.62 98.10
C ILE D 706 -53.59 66.94 97.86
N LEU D 707 -54.67 67.72 97.93
CA LEU D 707 -56.00 67.18 97.63
C LEU D 707 -56.09 66.68 96.19
N ALA D 708 -55.38 67.31 95.25
CA ALA D 708 -55.32 66.81 93.88
C ALA D 708 -54.55 65.50 93.81
N SER D 709 -53.40 65.44 94.49
CA SER D 709 -52.56 64.25 94.40
C SER D 709 -53.22 63.02 95.01
N GLU D 710 -54.18 63.24 95.93
CA GLU D 710 -55.01 62.13 96.40
C GLU D 710 -55.82 61.51 95.27
N MET D 711 -56.38 62.35 94.39
CA MET D 711 -57.17 61.82 93.28
C MET D 711 -56.29 61.27 92.18
N VAL D 712 -55.09 61.82 92.02
CA VAL D 712 -54.27 61.54 90.84
C VAL D 712 -53.81 60.09 90.83
N HIS D 713 -53.33 59.59 91.97
CA HIS D 713 -52.84 58.22 92.04
C HIS D 713 -53.97 57.21 92.01
N PHE D 714 -55.15 57.61 92.45
CA PHE D 714 -56.34 56.78 92.35
C PHE D 714 -56.75 56.61 90.89
N ILE D 715 -57.01 57.72 90.20
CA ILE D 715 -57.60 57.67 88.86
C ILE D 715 -56.60 57.22 87.80
N HIS D 716 -55.34 57.69 87.89
CA HIS D 716 -54.29 57.34 86.93
C HIS D 716 -54.04 55.84 86.90
N GLN D 717 -53.94 55.23 88.09
CA GLN D 717 -53.73 53.80 88.21
C GLN D 717 -54.97 53.01 87.82
N MET D 718 -56.17 53.56 88.06
CA MET D 718 -57.39 52.90 87.59
C MET D 718 -57.45 52.86 86.06
N GLN D 719 -57.07 53.97 85.43
CA GLN D 719 -56.96 54.04 83.97
C GLN D 719 -55.89 53.11 83.44
N TYR D 720 -54.85 52.82 84.23
CA TYR D 720 -53.88 51.78 83.88
C TYR D 720 -54.45 50.37 84.04
N TYR D 721 -55.37 50.19 84.98
CA TYR D 721 -55.93 48.86 85.22
C TYR D 721 -56.80 48.42 84.07
N ILE D 722 -57.70 49.32 83.65
CA ILE D 722 -58.51 49.13 82.44
C ILE D 722 -57.63 48.75 81.27
N THR D 723 -56.55 49.48 81.13
CA THR D 723 -55.53 49.37 80.10
C THR D 723 -54.84 48.01 80.07
N PHE D 724 -54.22 47.55 81.16
CA PHE D 724 -53.41 46.34 81.09
C PHE D 724 -54.13 45.10 81.57
N GLU D 725 -55.39 45.20 81.99
CA GLU D 725 -56.13 43.99 82.33
C GLU D 725 -57.40 43.85 81.52
N VAL D 726 -58.23 44.88 81.50
CA VAL D 726 -59.57 44.74 80.96
C VAL D 726 -59.56 44.73 79.43
N LEU D 727 -58.52 45.29 78.82
CA LEU D 727 -58.45 45.41 77.37
C LEU D 727 -57.34 44.55 76.77
N GLU D 728 -56.10 44.71 77.23
CA GLU D 728 -54.99 43.99 76.61
C GLU D 728 -55.03 42.50 76.94
N CYS D 729 -55.40 42.14 78.19
CA CYS D 729 -55.51 40.74 78.55
C CYS D 729 -56.74 40.06 77.98
N SER D 730 -57.80 40.82 77.71
CA SER D 730 -58.95 40.24 77.03
C SER D 730 -58.74 40.16 75.53
N TRP D 731 -57.81 40.97 75.01
CA TRP D 731 -57.39 40.89 73.62
C TRP D 731 -56.43 39.73 73.41
N ASP D 732 -55.66 39.40 74.45
CA ASP D 732 -54.81 38.22 74.43
C ASP D 732 -55.61 36.95 74.20
N GLU D 733 -56.72 36.80 74.93
CA GLU D 733 -57.67 35.71 74.74
C GLU D 733 -58.15 35.62 73.30
N LEU D 734 -58.48 36.79 72.73
CA LEU D 734 -59.03 36.82 71.38
C LEU D 734 -58.01 36.39 70.35
N TRP D 735 -56.77 36.89 70.49
CA TRP D 735 -55.74 36.54 69.49
C TRP D 735 -55.38 35.07 69.57
N ASN D 736 -55.28 34.53 70.80
CA ASN D 736 -55.00 33.12 70.96
C ASN D 736 -56.14 32.25 70.43
N LYS D 737 -57.38 32.71 70.56
CA LYS D 737 -58.50 31.94 70.03
C LYS D 737 -58.76 32.20 68.55
N VAL D 738 -58.15 33.22 67.96
CA VAL D 738 -58.22 33.40 66.51
C VAL D 738 -57.20 32.52 65.80
N GLN D 739 -55.99 32.40 66.38
CA GLN D 739 -54.95 31.58 65.76
C GLN D 739 -55.32 30.11 65.68
N GLN D 740 -56.10 29.60 66.64
CA GLN D 740 -56.46 28.18 66.61
C GLN D 740 -57.67 27.92 65.70
N ALA D 741 -58.52 28.93 65.52
CA ALA D 741 -59.82 28.73 64.90
C ALA D 741 -59.68 28.40 63.41
N GLN D 742 -60.45 27.41 62.99
CA GLN D 742 -60.48 26.99 61.60
C GLN D 742 -61.91 26.97 61.08
N ASP D 743 -62.86 27.48 61.85
CA ASP D 743 -64.27 27.60 61.48
C ASP D 743 -64.80 28.85 62.17
N LEU D 744 -65.84 29.45 61.59
CA LEU D 744 -66.28 30.79 62.00
C LEU D 744 -66.88 30.80 63.40
N ASP D 745 -67.48 29.68 63.82
CA ASP D 745 -68.21 29.63 65.08
C ASP D 745 -67.31 29.88 66.27
N HIS D 746 -66.06 29.40 66.18
CA HIS D 746 -65.05 29.74 67.20
C HIS D 746 -64.73 31.23 67.20
N ILE D 747 -64.71 31.86 66.02
CA ILE D 747 -64.34 33.27 65.96
C ILE D 747 -65.45 34.15 66.53
N ILE D 748 -66.71 33.81 66.28
CA ILE D 748 -67.78 34.59 66.91
C ILE D 748 -67.91 34.23 68.39
N ALA D 749 -67.54 32.99 68.78
CA ALA D 749 -67.55 32.64 70.19
C ALA D 749 -66.45 33.36 70.95
N ALA D 750 -65.34 33.66 70.28
CA ALA D 750 -64.23 34.36 70.93
C ALA D 750 -64.61 35.79 71.26
N HIS D 751 -65.44 36.42 70.43
CA HIS D 751 -66.00 37.71 70.81
C HIS D 751 -66.96 37.58 71.98
N GLU D 752 -67.60 36.42 72.12
CA GLU D 752 -68.59 36.20 73.17
C GLU D 752 -67.95 35.91 74.52
N VAL D 753 -66.65 35.75 74.60
CA VAL D 753 -65.95 35.86 75.86
C VAL D 753 -65.32 37.24 76.02
N PHE D 754 -64.71 37.78 74.95
CA PHE D 754 -64.09 39.11 74.82
C PHE D 754 -65.12 40.24 74.96
N LEU D 755 -66.41 39.92 75.02
CA LEU D 755 -67.44 40.86 75.43
C LEU D 755 -67.72 40.77 76.93
N ASP D 756 -68.03 39.55 77.41
CA ASP D 756 -68.47 39.36 78.78
C ASP D 756 -67.36 39.61 79.81
N THR D 757 -66.10 39.38 79.46
CA THR D 757 -65.02 39.70 80.40
C THR D 757 -64.92 41.21 80.63
N ILE D 758 -65.08 42.00 79.56
CA ILE D 758 -64.98 43.45 79.66
C ILE D 758 -66.15 44.00 80.45
N ILE D 759 -67.33 43.41 80.27
CA ILE D 759 -68.54 43.89 80.93
C ILE D 759 -68.53 43.54 82.41
N SER D 760 -68.11 42.32 82.75
CA SER D 760 -67.99 41.96 84.17
C SER D 760 -66.92 42.79 84.87
N ARG D 761 -65.86 43.14 84.16
CA ARG D 761 -64.79 43.94 84.73
C ARG D 761 -65.03 45.44 84.64
N CYS D 762 -66.01 45.92 83.86
CA CYS D 762 -66.31 47.34 83.86
C CYS D 762 -67.52 47.67 84.72
N LEU D 763 -67.98 46.72 85.54
CA LEU D 763 -69.09 46.82 86.48
C LEU D 763 -70.43 47.10 85.82
N LEU D 764 -70.54 46.91 84.52
CA LEU D 764 -71.82 47.07 83.83
C LEU D 764 -72.67 45.80 83.88
N ASP D 765 -72.23 44.77 84.58
CA ASP D 765 -73.06 43.61 84.87
C ASP D 765 -74.10 43.93 85.94
N SER D 766 -75.14 43.10 86.00
CA SER D 766 -76.14 43.24 87.05
C SER D 766 -75.63 42.79 88.40
N ASP D 767 -74.58 41.97 88.43
CA ASP D 767 -74.04 41.43 89.67
C ASP D 767 -73.51 42.52 90.58
N SER D 768 -72.76 43.48 90.01
CA SER D 768 -72.12 44.53 90.79
C SER D 768 -72.44 45.88 90.14
N ARG D 769 -73.61 46.42 90.45
CA ARG D 769 -73.93 47.80 90.09
C ARG D 769 -73.57 48.75 91.23
N ALA D 770 -73.60 48.22 92.45
CA ALA D 770 -73.31 49.01 93.64
C ALA D 770 -71.88 49.53 93.65
N LEU D 771 -70.95 48.77 93.07
CA LEU D 771 -69.58 49.23 92.93
C LEU D 771 -69.50 50.40 91.97
N LEU D 772 -70.28 50.35 90.89
CA LEU D 772 -70.29 51.43 89.89
C LEU D 772 -70.89 52.71 90.44
N ASN D 773 -71.86 52.56 91.35
CA ASN D 773 -72.57 53.72 91.92
C ASN D 773 -71.65 54.66 92.67
N GLN D 774 -70.58 54.14 93.26
CA GLN D 774 -69.63 54.95 94.02
C GLN D 774 -68.55 55.57 93.15
N LEU D 775 -68.16 54.89 92.07
CA LEU D 775 -67.26 55.48 91.09
C LEU D 775 -67.89 56.71 90.44
N ARG D 776 -69.20 56.64 90.19
CA ARG D 776 -69.94 57.82 89.72
C ARG D 776 -69.86 58.98 90.72
N ALA D 777 -69.92 58.66 92.02
CA ALA D 777 -69.84 59.69 93.05
C ALA D 777 -68.45 60.31 93.11
N VAL D 778 -67.42 59.51 92.84
CA VAL D 778 -66.05 60.02 92.76
C VAL D 778 -65.92 61.01 91.60
N PHE D 779 -66.60 60.72 90.48
CA PHE D 779 -66.56 61.65 89.34
C PHE D 779 -67.26 62.97 89.67
N ASP D 780 -68.39 62.88 90.38
CA ASP D 780 -69.05 64.06 90.97
C ASP D 780 -68.07 64.89 91.79
N GLN D 781 -67.26 64.21 92.62
CA GLN D 781 -66.30 64.89 93.47
C GLN D 781 -65.26 65.63 92.66
N ILE D 782 -64.78 65.03 91.55
CA ILE D 782 -63.80 65.70 90.69
C ILE D 782 -64.36 67.02 90.15
N ILE D 783 -65.64 67.02 89.76
CA ILE D 783 -66.26 68.25 89.29
C ILE D 783 -66.35 69.29 90.41
N GLU D 784 -66.71 68.86 91.62
CA GLU D 784 -66.84 69.80 92.74
C GLU D 784 -65.50 70.42 93.12
N LEU D 785 -64.44 69.61 93.08
CA LEU D 785 -63.10 70.13 93.38
C LEU D 785 -62.66 71.14 92.34
N GLN D 786 -62.94 70.85 91.06
CA GLN D 786 -62.66 71.79 89.98
C GLN D 786 -63.36 73.14 90.20
N ASN D 787 -64.63 73.08 90.62
CA ASN D 787 -65.41 74.29 90.91
C ASN D 787 -64.80 75.12 92.03
N ALA D 788 -64.55 74.49 93.19
CA ALA D 788 -64.03 75.22 94.34
C ALA D 788 -62.64 75.78 94.07
N GLN D 789 -61.81 75.05 93.32
CA GLN D 789 -60.46 75.53 93.08
C GLN D 789 -60.44 76.73 92.14
N ASP D 790 -61.28 76.72 91.07
CA ASP D 790 -61.24 77.88 90.18
C ASP D 790 -61.87 79.09 90.84
N ALA D 791 -62.85 78.86 91.74
CA ALA D 791 -63.43 79.97 92.48
C ALA D 791 -62.41 80.66 93.39
N ILE D 792 -61.69 79.87 94.20
CA ILE D 792 -60.77 80.46 95.17
C ILE D 792 -59.57 81.08 94.47
N TYR D 793 -59.10 80.42 93.39
CA TYR D 793 -57.97 80.98 92.64
C TYR D 793 -58.37 82.24 91.92
N ARG D 794 -59.63 82.34 91.46
CA ARG D 794 -60.12 83.56 90.84
C ARG D 794 -60.17 84.71 91.84
N ALA D 795 -60.69 84.44 93.04
CA ALA D 795 -60.78 85.45 94.08
C ALA D 795 -59.39 85.98 94.45
N ALA D 796 -58.43 85.07 94.63
CA ALA D 796 -57.09 85.48 95.02
C ALA D 796 -56.37 86.21 93.90
N LEU D 797 -56.57 85.79 92.63
CA LEU D 797 -55.89 86.45 91.53
C LEU D 797 -56.42 87.86 91.30
N GLU D 798 -57.75 88.04 91.35
CA GLU D 798 -58.30 89.36 91.09
C GLU D 798 -58.03 90.28 92.28
N GLU D 799 -57.92 89.69 93.47
CA GLU D 799 -57.41 90.41 94.63
C GLU D 799 -55.99 90.91 94.38
N LEU D 800 -55.13 90.03 93.88
CA LEU D 800 -53.72 90.38 93.66
C LEU D 800 -53.59 91.45 92.58
N GLN D 801 -54.38 91.33 91.52
CA GLN D 801 -54.33 92.30 90.43
C GLN D 801 -54.83 93.67 90.90
N ARG D 802 -55.83 93.65 91.79
CA ARG D 802 -56.26 94.88 92.46
C ARG D 802 -55.12 95.49 93.27
N ARG D 803 -54.43 94.66 94.05
CA ARG D 803 -53.31 95.15 94.86
C ARG D 803 -52.15 95.66 93.99
N LEU D 804 -51.95 95.07 92.80
CA LEU D 804 -50.86 95.51 91.92
C LEU D 804 -51.19 96.82 91.22
N GLN D 805 -52.43 97.00 90.77
CA GLN D 805 -52.78 98.30 90.21
C GLN D 805 -52.90 99.36 91.29
N PHE D 806 -53.03 98.97 92.55
CA PHE D 806 -52.78 99.94 93.61
C PHE D 806 -51.27 100.17 93.81
N GLU D 807 -50.47 99.11 93.61
CA GLU D 807 -49.05 99.15 93.90
C GLU D 807 -48.32 100.06 92.92
N GLU D 808 -48.84 100.19 91.69
CA GLU D 808 -48.33 101.27 90.85
C GLU D 808 -48.69 102.65 91.38
N LYS D 809 -49.97 102.82 91.79
CA LYS D 809 -50.51 104.12 92.20
C LYS D 809 -49.76 104.69 93.38
N LYS D 810 -49.16 103.82 94.21
CA LYS D 810 -48.16 104.24 95.19
C LYS D 810 -47.04 105.06 94.53
N LYS D 811 -46.40 104.51 93.50
CA LYS D 811 -45.22 105.17 92.94
C LYS D 811 -45.57 106.33 92.04
N GLN D 812 -46.71 106.30 91.36
CA GLN D 812 -47.07 107.50 90.59
C GLN D 812 -47.74 108.55 91.46
N ARG D 813 -48.10 108.23 92.70
CA ARG D 813 -48.62 109.24 93.60
C ARG D 813 -47.51 110.00 94.31
N GLU D 814 -46.49 109.27 94.79
CA GLU D 814 -45.46 109.90 95.60
C GLU D 814 -44.47 110.69 94.74
N ILE D 815 -43.93 110.04 93.72
CA ILE D 815 -42.98 110.70 92.83
C ILE D 815 -43.52 110.73 91.40
N ALA D 823 -50.82 107.92 103.13
CA ALA D 823 -52.02 107.15 103.45
C ALA D 823 -53.26 107.77 102.82
N ALA D 824 -53.58 107.34 101.59
CA ALA D 824 -54.77 107.87 100.91
C ALA D 824 -55.57 106.76 100.26
N GLU D 825 -54.92 105.66 99.92
CA GLU D 825 -55.60 104.47 99.40
C GLU D 825 -54.89 103.22 99.91
N GLU D 826 -53.87 103.40 100.75
CA GLU D 826 -53.18 102.25 101.30
C GLU D 826 -53.95 101.64 102.47
N GLU D 827 -54.68 102.48 103.23
CA GLU D 827 -55.44 101.99 104.37
C GLU D 827 -56.50 100.99 103.94
N GLU D 828 -57.21 101.30 102.84
CA GLU D 828 -58.22 100.38 102.35
C GLU D 828 -57.59 99.13 101.74
N GLU D 829 -56.35 99.22 101.22
CA GLU D 829 -55.68 98.01 100.73
C GLU D 829 -55.28 97.11 101.90
N ASN D 830 -54.85 97.71 103.01
CA ASN D 830 -54.66 96.95 104.24
C ASN D 830 -55.94 96.27 104.68
N LYS D 831 -57.07 96.96 104.53
CA LYS D 831 -58.36 96.35 104.85
C LYS D 831 -58.70 95.21 103.92
N ARG D 832 -58.35 95.32 102.63
CA ARG D 832 -58.65 94.26 101.67
C ARG D 832 -57.85 93.00 101.99
N ILE D 833 -56.57 93.16 102.33
CA ILE D 833 -55.76 92.02 102.73
C ILE D 833 -56.27 91.45 104.06
N GLY D 834 -56.70 92.33 104.98
CA GLY D 834 -57.28 91.87 106.24
C GLY D 834 -58.55 91.06 106.05
N GLU D 835 -59.38 91.49 105.10
CA GLU D 835 -60.59 90.77 104.74
C GLU D 835 -60.26 89.40 104.16
N PHE D 836 -59.23 89.34 103.31
CA PHE D 836 -58.85 88.07 102.70
C PHE D 836 -58.32 87.08 103.73
N LYS D 837 -57.42 87.55 104.61
CA LYS D 837 -56.81 86.65 105.60
C LYS D 837 -57.83 86.21 106.63
N GLU D 838 -58.85 87.02 106.90
CA GLU D 838 -59.89 86.52 107.79
C GLU D 838 -60.99 85.74 107.06
N SER D 839 -61.00 85.73 105.74
CA SER D 839 -61.88 84.81 105.03
C SER D 839 -61.24 83.45 104.77
N ILE D 840 -59.92 83.35 104.98
CA ILE D 840 -59.21 82.05 104.88
C ILE D 840 -59.83 80.88 105.67
N PRO D 841 -60.19 81.00 106.98
CA PRO D 841 -60.59 79.78 107.74
C PRO D 841 -61.82 79.05 107.24
N LYS D 842 -62.80 79.77 106.69
CA LYS D 842 -63.96 79.14 106.06
C LYS D 842 -63.56 78.34 104.83
N MET D 843 -62.66 78.90 104.01
CA MET D 843 -62.13 78.20 102.84
C MET D 843 -61.35 76.95 103.25
N CYS D 844 -60.57 77.07 104.33
CA CYS D 844 -59.77 75.96 104.84
C CYS D 844 -60.67 74.82 105.31
N SER D 845 -61.75 75.15 106.02
CA SER D 845 -62.72 74.13 106.43
C SER D 845 -63.40 73.49 105.23
N GLN D 846 -63.70 74.28 104.20
CA GLN D 846 -64.29 73.74 102.97
C GLN D 846 -63.40 72.70 102.32
N LEU D 847 -62.11 73.03 102.16
CA LEU D 847 -61.17 72.11 101.53
C LEU D 847 -60.95 70.87 102.39
N ARG D 848 -60.92 71.03 103.72
CA ARG D 848 -60.68 69.89 104.59
C ARG D 848 -61.86 68.93 104.61
N ILE D 849 -63.10 69.45 104.59
CA ILE D 849 -64.28 68.59 104.53
C ILE D 849 -64.31 67.84 103.21
N LEU D 850 -63.91 68.52 102.13
CA LEU D 850 -63.80 67.87 100.82
C LEU D 850 -62.80 66.71 100.84
N THR D 851 -61.66 66.93 101.49
CA THR D 851 -60.63 65.90 101.65
C THR D 851 -61.15 64.69 102.42
N HIS D 852 -61.77 64.95 103.58
CA HIS D 852 -62.24 63.86 104.45
C HIS D 852 -63.35 63.08 103.80
N PHE D 853 -64.24 63.76 103.06
CA PHE D 853 -65.31 63.10 102.32
C PHE D 853 -64.73 62.18 101.27
N TYR D 854 -63.71 62.65 100.53
CA TYR D 854 -63.09 61.82 99.50
C TYR D 854 -62.41 60.59 100.09
N GLN D 855 -61.67 60.78 101.20
CA GLN D 855 -60.97 59.66 101.84
C GLN D 855 -61.95 58.63 102.42
N GLY D 856 -63.05 59.10 103.01
CA GLY D 856 -64.06 58.19 103.51
C GLY D 856 -64.87 57.49 102.45
N ILE D 857 -64.89 58.01 101.23
CA ILE D 857 -65.43 57.24 100.11
C ILE D 857 -64.46 56.17 99.63
N VAL D 858 -63.16 56.50 99.55
CA VAL D 858 -62.16 55.54 99.08
C VAL D 858 -62.00 54.38 100.05
N GLN D 859 -62.13 54.66 101.37
CA GLN D 859 -62.11 53.61 102.39
C GLN D 859 -63.16 52.53 102.14
N GLN D 860 -64.36 52.96 101.76
CA GLN D 860 -65.43 52.01 101.47
C GLN D 860 -65.24 51.34 100.13
N PHE D 861 -64.72 52.10 99.15
CA PHE D 861 -64.48 51.58 97.81
C PHE D 861 -63.48 50.42 97.82
N LEU D 862 -62.44 50.55 98.65
CA LEU D 862 -61.41 49.52 98.70
C LEU D 862 -61.90 48.22 99.36
N VAL D 863 -62.72 48.32 100.40
CA VAL D 863 -63.23 47.15 101.08
C VAL D 863 -64.40 46.54 100.35
N LEU D 864 -64.92 47.22 99.33
CA LEU D 864 -65.95 46.68 98.46
C LEU D 864 -65.33 46.01 97.25
N LEU D 865 -64.00 45.96 97.17
CA LEU D 865 -63.28 45.25 96.12
C LEU D 865 -62.50 44.07 96.68
N THR D 866 -62.73 43.72 97.94
CA THR D 866 -62.15 42.53 98.53
C THR D 866 -63.23 41.65 99.14
N THR D 867 -64.50 42.04 99.05
CA THR D 867 -65.64 41.19 99.34
C THR D 867 -66.34 40.78 98.05
N SER D 868 -65.68 40.99 96.91
CA SER D 868 -66.27 40.82 95.59
C SER D 868 -66.21 39.35 95.16
N SER D 869 -66.99 39.04 94.13
CA SER D 869 -66.88 37.79 93.41
C SER D 869 -65.77 37.95 92.39
N ASP D 870 -65.04 36.85 92.09
CA ASP D 870 -64.01 36.84 91.05
C ASP D 870 -62.77 37.68 91.29
N GLU D 871 -61.65 37.00 91.62
CA GLU D 871 -60.27 37.55 91.64
C GLU D 871 -60.02 38.74 90.73
N SER D 872 -60.59 38.74 89.51
CA SER D 872 -60.39 39.77 88.49
C SER D 872 -60.58 41.19 89.02
N LEU D 873 -61.63 41.42 89.81
CA LEU D 873 -61.89 42.76 90.32
C LEU D 873 -61.18 43.03 91.63
N ARG D 874 -60.71 41.99 92.32
CA ARG D 874 -59.90 42.18 93.51
C ARG D 874 -58.53 42.77 93.17
N PHE D 875 -58.08 42.57 91.92
CA PHE D 875 -56.76 42.99 91.50
C PHE D 875 -56.63 44.50 91.49
N LEU D 876 -57.74 45.20 91.20
CA LEU D 876 -57.75 46.65 91.18
C LEU D 876 -57.45 47.23 92.56
N SER D 877 -57.95 46.56 93.60
CA SER D 877 -57.85 47.06 94.97
C SER D 877 -56.42 47.12 95.48
N PHE D 878 -55.53 46.33 94.90
CA PHE D 878 -54.13 46.33 95.31
C PHE D 878 -53.33 47.43 94.64
N ARG D 879 -53.60 47.64 93.35
CA ARG D 879 -52.90 48.69 92.58
C ARG D 879 -53.17 50.07 93.16
N LEU D 880 -54.39 50.32 93.61
CA LEU D 880 -54.78 51.63 94.10
C LEU D 880 -54.32 51.86 95.53
N ASP D 881 -54.27 50.81 96.33
CA ASP D 881 -53.86 50.91 97.73
C ASP D 881 -52.76 49.87 97.92
N PHE D 882 -51.54 50.31 97.72
CA PHE D 882 -50.35 49.48 97.90
C PHE D 882 -49.81 49.52 99.32
N ASN D 883 -49.71 50.71 99.89
CA ASN D 883 -48.94 50.95 101.10
C ASN D 883 -49.65 50.53 102.38
N GLU D 884 -50.98 50.32 102.32
CA GLU D 884 -51.87 50.22 103.49
C GLU D 884 -51.71 51.41 104.43
N HIS D 885 -51.45 52.58 103.86
CA HIS D 885 -51.71 53.85 104.51
C HIS D 885 -53.20 54.12 104.58
N TYR D 886 -53.98 53.40 103.80
CA TYR D 886 -55.42 53.40 103.87
C TYR D 886 -55.80 51.93 104.04
N LYS D 887 -56.87 51.66 104.78
CA LYS D 887 -57.46 50.31 104.94
C LYS D 887 -56.58 49.24 105.61
N ALA D 888 -56.54 49.23 106.94
CA ALA D 888 -56.37 47.99 107.67
C ALA D 888 -57.49 47.89 108.70
N ARG D 889 -58.29 48.95 108.77
CA ARG D 889 -59.49 49.04 109.57
C ARG D 889 -60.40 50.01 108.84
N GLU D 890 -61.55 50.32 109.46
CA GLU D 890 -62.54 51.12 108.75
C GLU D 890 -62.16 52.60 108.56
N PRO D 891 -61.52 53.30 109.49
CA PRO D 891 -60.85 54.55 109.11
C PRO D 891 -59.45 54.30 108.59
N ARG D 892 -58.89 55.33 107.95
CA ARG D 892 -57.57 55.23 107.34
C ARG D 892 -56.49 55.19 108.41
N LEU D 893 -55.27 54.88 107.97
CA LEU D 893 -54.16 54.71 108.89
C LEU D 893 -53.16 55.82 108.72
N LEU E 150 -112.26 10.52 18.50
CA LEU E 150 -112.48 11.43 19.63
C LEU E 150 -112.70 12.86 19.15
N GLN E 151 -113.75 13.49 19.68
CA GLN E 151 -114.18 14.79 19.19
C GLN E 151 -113.19 15.90 19.56
N GLN E 152 -112.60 15.81 20.76
CA GLN E 152 -111.84 16.90 21.39
C GLN E 152 -110.66 17.38 20.53
N SER E 153 -110.05 16.45 19.79
CA SER E 153 -108.81 16.72 19.06
C SER E 153 -109.02 17.72 17.94
N LEU E 154 -110.19 17.70 17.31
CA LEU E 154 -110.50 18.60 16.19
C LEU E 154 -110.49 20.06 16.62
N GLU E 155 -111.17 20.33 17.75
CA GLU E 155 -111.19 21.66 18.35
C GLU E 155 -109.79 22.09 18.75
N LEU E 156 -109.01 21.16 19.32
CA LEU E 156 -107.64 21.47 19.72
C LEU E 156 -106.78 21.86 18.52
N LYS E 157 -106.93 21.15 17.40
CA LYS E 157 -106.15 21.43 16.20
C LYS E 157 -106.50 22.79 15.60
N ARG E 158 -107.78 23.13 15.58
CA ARG E 158 -108.19 24.43 15.04
C ARG E 158 -107.65 25.58 15.88
N LYS E 159 -107.74 25.45 17.22
CA LYS E 159 -107.23 26.48 18.11
C LYS E 159 -105.74 26.65 17.98
N MET E 160 -105.00 25.54 17.96
CA MET E 160 -103.55 25.56 17.78
C MET E 160 -103.17 26.24 16.48
N LEU E 161 -103.86 25.89 15.38
CA LEU E 161 -103.56 26.44 14.06
C LEU E 161 -103.75 27.95 14.01
N ARG E 162 -104.84 28.44 14.59
CA ARG E 162 -105.08 29.88 14.66
C ARG E 162 -103.97 30.59 15.42
N ASP E 163 -103.60 30.03 16.59
CA ASP E 163 -102.56 30.60 17.44
C ASP E 163 -101.21 30.64 16.73
N LYS E 164 -100.86 29.58 15.98
CA LYS E 164 -99.63 29.60 15.20
C LYS E 164 -99.66 30.70 14.15
N GLN E 165 -100.82 30.89 13.52
CA GLN E 165 -100.91 31.74 12.35
C GLN E 165 -100.67 33.21 12.67
N ASN E 166 -101.24 33.71 13.78
CA ASN E 166 -101.27 35.16 13.93
C ASN E 166 -99.91 35.78 14.29
N LYS E 167 -98.93 34.98 14.75
CA LYS E 167 -97.68 35.54 15.25
C LYS E 167 -96.81 36.11 14.13
N LYS E 168 -96.66 35.38 13.03
CA LYS E 168 -95.97 35.87 11.84
C LYS E 168 -96.79 35.45 10.64
N ASN E 169 -96.89 36.31 9.64
CA ASN E 169 -97.79 36.10 8.52
C ASN E 169 -97.15 35.40 7.32
N SER E 170 -95.84 35.16 7.36
CA SER E 170 -95.19 34.39 6.31
C SER E 170 -95.29 32.88 6.54
N GLY E 171 -95.73 32.48 7.74
CA GLY E 171 -96.10 31.12 8.04
C GLY E 171 -97.52 30.86 7.58
N GLN E 172 -97.68 30.53 6.31
CA GLN E 172 -99.02 30.44 5.72
C GLN E 172 -99.08 29.24 4.80
N HIS E 173 -100.31 28.74 4.57
CA HIS E 173 -100.61 27.48 3.89
C HIS E 173 -100.01 26.30 4.64
N LEU E 174 -100.27 26.24 5.94
CA LEU E 174 -99.72 25.21 6.83
C LEU E 174 -100.26 23.82 6.45
N PRO E 175 -99.45 22.76 6.60
CA PRO E 175 -99.93 21.43 6.25
C PRO E 175 -100.62 20.71 7.40
N ILE E 176 -101.69 19.97 7.03
CA ILE E 176 -102.45 19.14 7.96
C ILE E 176 -102.48 17.73 7.38
N PHE E 177 -102.35 16.73 8.25
CA PHE E 177 -102.40 15.33 7.86
C PHE E 177 -103.80 14.97 7.32
N PRO E 178 -103.91 13.90 6.51
CA PRO E 178 -105.19 13.58 5.86
C PRO E 178 -106.31 13.22 6.84
N ALA E 179 -107.53 13.24 6.30
CA ALA E 179 -108.72 13.13 7.13
C ALA E 179 -108.97 11.69 7.60
N TRP E 180 -108.54 10.71 6.80
CA TRP E 180 -108.92 9.31 7.06
C TRP E 180 -108.26 8.74 8.31
N VAL E 181 -107.20 9.39 8.80
CA VAL E 181 -106.56 8.99 10.05
C VAL E 181 -107.54 9.09 11.21
N TYR E 182 -108.30 10.20 11.25
CA TYR E 182 -109.23 10.47 12.34
C TYR E 182 -110.48 9.63 12.19
N GLU E 183 -110.99 9.56 10.96
CA GLU E 183 -112.28 8.96 10.69
C GLU E 183 -112.25 7.45 10.92
N ARG E 184 -111.25 6.79 10.41
CA ARG E 184 -111.16 5.34 10.49
C ARG E 184 -110.42 4.94 11.76
N PRO E 185 -110.95 4.01 12.54
CA PRO E 185 -110.31 3.61 13.79
C PRO E 185 -109.24 2.54 13.66
N ALA E 186 -108.80 2.20 12.44
CA ALA E 186 -107.95 1.04 12.20
C ALA E 186 -106.50 1.42 11.95
N LEU E 187 -106.19 2.70 11.96
CA LEU E 187 -104.82 3.18 12.09
C LEU E 187 -104.43 3.38 13.54
N ILE E 188 -105.43 3.42 14.42
CA ILE E 188 -105.24 3.52 15.85
C ILE E 188 -105.42 2.12 16.40
N GLY E 189 -104.69 1.79 17.47
CA GLY E 189 -104.73 0.44 18.00
C GLY E 189 -106.08 0.06 18.58
N ASP E 190 -106.61 0.87 19.48
CA ASP E 190 -107.87 0.52 20.14
C ASP E 190 -109.05 0.76 19.20
N PHE E 191 -110.07 -0.07 19.38
CA PHE E 191 -111.28 0.00 18.56
C PHE E 191 -112.50 0.28 19.45
N ALA E 202 -120.08 -13.80 24.20
CA ALA E 202 -119.40 -14.20 22.98
C ALA E 202 -119.46 -15.71 22.79
N LEU E 203 -118.42 -16.40 23.23
CA LEU E 203 -118.31 -17.85 23.18
C LEU E 203 -118.55 -18.45 24.57
N PRO E 204 -119.08 -19.68 24.66
CA PRO E 204 -119.44 -20.25 25.97
C PRO E 204 -118.23 -20.47 26.88
N ILE E 205 -118.45 -20.24 28.18
CA ILE E 205 -117.36 -20.34 29.14
C ILE E 205 -117.80 -21.07 30.42
N GLY E 206 -119.11 -21.14 30.66
CA GLY E 206 -119.62 -21.68 31.91
C GLY E 206 -119.78 -23.17 31.94
N THR E 207 -119.57 -23.84 30.82
CA THR E 207 -119.63 -25.30 30.73
C THR E 207 -118.29 -25.86 30.25
N LEU E 208 -117.22 -25.14 30.49
CA LEU E 208 -115.90 -25.46 30.00
C LEU E 208 -114.99 -25.88 31.17
N PRO E 209 -114.07 -26.83 30.95
CA PRO E 209 -113.17 -27.27 32.02
C PRO E 209 -112.24 -26.19 32.58
N LEU E 210 -111.59 -26.50 33.71
CA LEU E 210 -110.80 -25.50 34.45
C LEU E 210 -109.57 -25.05 33.65
N ALA E 211 -108.87 -26.01 33.06
CA ALA E 211 -107.73 -25.69 32.20
C ALA E 211 -108.17 -24.88 30.99
N SER E 212 -109.39 -25.13 30.51
CA SER E 212 -109.93 -24.37 29.40
C SER E 212 -110.20 -22.93 29.80
N GLN E 213 -110.61 -22.70 31.06
CA GLN E 213 -110.72 -21.34 31.58
C GLN E 213 -109.38 -20.64 31.51
N GLU E 214 -108.33 -21.31 31.99
CA GLU E 214 -107.00 -20.69 31.99
C GLU E 214 -106.51 -20.39 30.57
N SER E 215 -106.70 -21.34 29.66
CA SER E 215 -106.20 -21.17 28.30
C SER E 215 -106.99 -20.12 27.54
N ALA E 216 -108.32 -20.13 27.67
CA ALA E 216 -109.15 -19.14 26.98
C ALA E 216 -108.85 -17.74 27.48
N VAL E 217 -108.62 -17.57 28.78
CA VAL E 217 -108.41 -16.24 29.31
C VAL E 217 -107.00 -15.74 28.96
N VAL E 218 -105.99 -16.62 28.98
CA VAL E 218 -104.66 -16.16 28.60
C VAL E 218 -104.62 -15.86 27.10
N GLU E 219 -105.46 -16.54 26.32
CA GLU E 219 -105.61 -16.25 24.90
C GLU E 219 -106.24 -14.88 24.67
N ASP E 220 -107.33 -14.57 25.39
CA ASP E 220 -108.00 -13.30 25.13
C ASP E 220 -107.16 -12.13 25.62
N LEU E 221 -106.43 -12.34 26.71
CA LEU E 221 -105.53 -11.31 27.21
C LEU E 221 -104.41 -11.03 26.21
N LEU E 222 -103.92 -12.07 25.52
CA LEU E 222 -102.89 -11.87 24.51
C LEU E 222 -103.38 -10.97 23.38
N TYR E 223 -104.68 -11.03 23.07
CA TYR E 223 -105.23 -10.11 22.08
C TYR E 223 -105.40 -8.72 22.65
N VAL E 224 -105.91 -8.63 23.89
CA VAL E 224 -106.35 -7.36 24.45
C VAL E 224 -105.17 -6.42 24.71
N LEU E 225 -103.95 -6.96 24.86
CA LEU E 225 -102.76 -6.11 25.04
C LEU E 225 -102.46 -5.30 23.79
N VAL E 226 -102.83 -5.81 22.63
CA VAL E 226 -102.68 -5.10 21.38
C VAL E 226 -104.09 -4.83 20.86
N GLY E 227 -104.22 -4.29 19.66
CA GLY E 227 -105.51 -3.79 19.20
C GLY E 227 -106.56 -4.84 18.92
N VAL E 228 -106.20 -6.11 18.78
CA VAL E 228 -107.19 -7.14 18.46
C VAL E 228 -108.06 -7.46 19.68
N ASP E 229 -109.35 -7.68 19.43
CA ASP E 229 -110.34 -8.01 20.44
C ASP E 229 -110.40 -9.51 20.68
N GLY E 230 -110.24 -9.92 21.94
CA GLY E 230 -110.47 -11.31 22.32
C GLY E 230 -111.94 -11.69 22.24
N ARG E 231 -112.19 -12.99 22.44
CA ARG E 231 -113.51 -13.56 22.26
C ARG E 231 -114.07 -14.13 23.56
N TYR E 232 -113.53 -13.69 24.70
CA TYR E 232 -114.06 -14.05 26.00
C TYR E 232 -114.18 -12.83 26.90
N VAL E 233 -113.82 -11.65 26.37
CA VAL E 233 -114.15 -10.37 26.99
C VAL E 233 -114.25 -9.39 25.83
N SER E 234 -115.08 -8.36 26.00
CA SER E 234 -115.26 -7.37 24.96
C SER E 234 -115.22 -5.98 25.58
N ALA E 235 -115.22 -4.99 24.70
CA ALA E 235 -114.92 -3.61 25.04
C ALA E 235 -116.10 -2.72 24.70
N GLN E 236 -116.65 -2.00 25.71
CA GLN E 236 -117.66 -1.00 25.36
C GLN E 236 -117.03 0.39 25.31
N PRO E 237 -117.64 1.37 24.57
CA PRO E 237 -117.03 2.71 24.40
C PRO E 237 -116.67 3.49 25.66
N LEU E 238 -115.63 4.33 25.54
CA LEU E 238 -115.01 5.07 26.65
C LEU E 238 -115.16 6.57 26.54
N ALA E 239 -116.22 7.07 25.90
CA ALA E 239 -116.20 8.14 24.88
C ALA E 239 -115.14 9.21 25.15
N GLY E 240 -115.20 9.98 26.24
CA GLY E 240 -114.20 11.02 26.46
C GLY E 240 -113.08 10.60 27.39
N ARG E 241 -113.31 9.56 28.18
CA ARG E 241 -112.37 9.09 29.20
C ARG E 241 -111.11 8.51 28.53
N GLN E 242 -110.01 8.51 29.29
CA GLN E 242 -108.71 8.06 28.80
C GLN E 242 -108.36 6.66 29.29
N SER E 243 -109.35 5.89 29.75
CA SER E 243 -109.09 4.55 30.24
C SER E 243 -110.17 3.62 29.71
N ARG E 244 -109.79 2.35 29.56
CA ARG E 244 -110.68 1.39 28.92
C ARG E 244 -111.70 0.83 29.89
N THR E 245 -112.86 0.51 29.35
CA THR E 245 -113.87 -0.24 30.08
C THR E 245 -114.20 -1.50 29.29
N PHE E 246 -114.36 -2.61 30.02
CA PHE E 246 -114.57 -3.90 29.39
C PHE E 246 -115.81 -4.57 29.95
N LEU E 247 -116.17 -5.67 29.31
CA LEU E 247 -117.49 -6.27 29.42
C LEU E 247 -117.27 -7.78 29.56
N VAL E 248 -117.24 -8.25 30.81
CA VAL E 248 -116.82 -9.61 31.09
C VAL E 248 -117.95 -10.57 30.70
N ASP E 249 -117.55 -11.75 30.22
CA ASP E 249 -118.49 -12.76 29.75
C ASP E 249 -118.99 -13.57 30.95
N PRO E 250 -120.33 -13.62 31.20
CA PRO E 250 -120.88 -14.30 32.40
C PRO E 250 -120.55 -15.78 32.57
N ASN E 251 -120.72 -16.27 33.81
CA ASN E 251 -120.39 -17.61 34.29
C ASN E 251 -118.89 -17.91 34.21
N LEU E 252 -118.07 -16.86 34.22
CA LEU E 252 -116.63 -16.98 34.29
C LEU E 252 -116.23 -17.09 35.75
N ASP E 253 -115.12 -17.79 36.00
CA ASP E 253 -114.66 -18.02 37.36
C ASP E 253 -114.25 -16.73 38.04
N LEU E 254 -114.71 -16.55 39.27
CA LEU E 254 -114.52 -15.33 40.03
C LEU E 254 -113.16 -15.27 40.69
N SER E 255 -112.45 -16.40 40.77
CA SER E 255 -111.05 -16.37 41.16
C SER E 255 -110.23 -15.66 40.09
N ILE E 256 -110.42 -16.05 38.84
CA ILE E 256 -109.61 -15.56 37.74
C ILE E 256 -109.88 -14.09 37.46
N ARG E 257 -111.13 -13.65 37.70
CA ARG E 257 -111.57 -12.31 37.36
C ARG E 257 -110.74 -11.23 38.05
N GLU E 258 -110.29 -11.51 39.28
CA GLU E 258 -109.50 -10.53 40.04
C GLU E 258 -108.09 -10.40 39.49
N LEU E 259 -107.43 -11.53 39.19
CA LEU E 259 -106.13 -11.48 38.54
C LEU E 259 -106.24 -10.83 37.16
N VAL E 260 -107.37 -11.06 36.49
CA VAL E 260 -107.66 -10.38 35.24
C VAL E 260 -107.72 -8.88 35.46
N HIS E 261 -108.41 -8.44 36.51
CA HIS E 261 -108.46 -7.03 36.90
C HIS E 261 -107.10 -6.46 37.29
N ARG E 262 -106.13 -7.30 37.60
CA ARG E 262 -104.77 -6.81 37.75
C ARG E 262 -104.02 -6.74 36.43
N ILE E 263 -104.43 -7.54 35.45
CA ILE E 263 -103.75 -7.52 34.16
C ILE E 263 -104.40 -6.48 33.23
N LEU E 264 -105.69 -6.29 33.37
CA LEU E 264 -106.52 -5.34 32.65
C LEU E 264 -106.06 -3.87 32.61
N PRO E 265 -105.40 -3.29 33.61
CA PRO E 265 -104.90 -1.91 33.45
C PRO E 265 -103.84 -1.73 32.38
N VAL E 266 -103.23 -2.81 31.88
CA VAL E 266 -102.23 -2.69 30.81
C VAL E 266 -102.88 -2.19 29.52
N ALA E 267 -104.01 -2.79 29.13
CA ALA E 267 -104.68 -2.38 27.91
C ALA E 267 -105.28 -0.98 28.01
N ALA E 268 -105.72 -0.59 29.19
CA ALA E 268 -106.16 0.79 29.40
C ALA E 268 -104.98 1.74 29.34
N SER E 269 -103.80 1.31 29.80
CA SER E 269 -102.58 2.10 29.66
C SER E 269 -101.91 1.90 28.31
N TYR E 270 -102.58 1.24 27.37
CA TYR E 270 -102.22 1.15 25.97
C TYR E 270 -103.13 1.97 25.05
N SER E 271 -104.42 2.06 25.44
CA SER E 271 -105.43 2.74 24.64
C SER E 271 -105.14 4.22 24.50
N ALA E 272 -104.74 4.88 25.58
CA ALA E 272 -104.37 6.29 25.56
C ALA E 272 -102.87 6.47 25.36
N VAL E 273 -102.25 5.53 24.66
CA VAL E 273 -100.90 5.66 24.16
C VAL E 273 -100.86 5.59 22.64
N THR E 274 -101.65 4.69 22.05
CA THR E 274 -101.83 4.77 20.60
C THR E 274 -102.60 6.03 20.20
N ARG E 275 -103.49 6.51 21.06
CA ARG E 275 -104.16 7.77 20.80
C ARG E 275 -103.24 8.95 21.03
N PHE E 276 -102.12 8.75 21.72
CA PHE E 276 -101.05 9.75 21.73
C PHE E 276 -100.32 9.76 20.40
N ILE E 277 -99.96 8.56 19.90
CA ILE E 277 -99.19 8.47 18.66
C ILE E 277 -99.98 9.02 17.48
N GLU E 278 -101.23 8.61 17.36
CA GLU E 278 -102.03 8.92 16.20
C GLU E 278 -102.73 10.27 16.32
N GLU E 279 -102.33 11.08 17.29
CA GLU E 279 -102.84 12.44 17.36
C GLU E 279 -101.71 13.45 17.51
N LYS E 280 -100.71 13.07 18.29
CA LYS E 280 -99.64 13.98 18.65
C LYS E 280 -98.56 14.00 17.60
N SER E 281 -98.72 13.18 16.57
CA SER E 281 -97.92 13.28 15.36
C SER E 281 -98.29 14.50 14.52
N SER E 282 -99.38 15.19 14.85
CA SER E 282 -99.85 16.31 14.05
C SER E 282 -98.96 17.53 14.23
N PHE E 283 -98.91 18.36 13.17
CA PHE E 283 -98.12 19.59 13.18
C PHE E 283 -98.63 20.58 14.24
N GLU E 284 -99.95 20.62 14.43
CA GLU E 284 -100.61 21.64 15.23
C GLU E 284 -100.20 21.55 16.69
N TYR E 285 -99.87 20.35 17.15
CA TYR E 285 -99.44 20.13 18.52
C TYR E 285 -98.01 20.62 18.72
N GLY E 286 -97.35 21.00 17.64
CA GLY E 286 -96.04 21.61 17.67
C GLY E 286 -95.00 20.68 17.08
N GLN E 287 -93.77 21.19 17.06
CA GLN E 287 -92.63 20.43 16.56
C GLN E 287 -91.83 19.78 17.69
N VAL E 288 -92.44 19.61 18.86
CA VAL E 288 -91.82 18.87 19.95
C VAL E 288 -92.66 17.62 20.16
N ASN E 289 -93.97 17.76 19.91
CA ASN E 289 -94.87 16.61 19.94
C ASN E 289 -94.62 15.64 18.79
N HIS E 290 -93.87 16.07 17.77
CA HIS E 290 -93.41 15.17 16.72
C HIS E 290 -92.46 14.11 17.26
N ALA E 291 -91.35 14.53 17.87
CA ALA E 291 -90.39 13.58 18.42
C ALA E 291 -90.84 12.96 19.72
N LEU E 292 -91.82 13.59 20.40
CA LEU E 292 -92.43 12.98 21.57
C LEU E 292 -93.19 11.71 21.20
N ALA E 293 -93.88 11.75 20.06
CA ALA E 293 -94.71 10.64 19.62
C ALA E 293 -94.00 9.73 18.64
N ALA E 294 -92.73 10.02 18.33
CA ALA E 294 -91.86 9.07 17.64
C ALA E 294 -90.96 8.35 18.62
N ALA E 295 -91.01 8.73 19.88
CA ALA E 295 -90.37 7.99 20.96
C ALA E 295 -91.40 7.40 21.91
N MET E 296 -92.69 7.60 21.63
CA MET E 296 -93.74 6.78 22.20
C MET E 296 -94.30 5.79 21.19
N ARG E 297 -93.84 5.89 19.93
CA ARG E 297 -94.11 4.89 18.92
C ARG E 297 -93.14 3.73 19.00
N THR E 298 -91.89 4.04 19.34
CA THR E 298 -90.86 3.03 19.55
C THR E 298 -91.24 2.10 20.71
N LEU E 299 -91.82 2.67 21.77
CA LEU E 299 -92.18 1.88 22.95
C LEU E 299 -93.34 0.94 22.67
N VAL E 300 -94.27 1.36 21.82
CA VAL E 300 -95.37 0.49 21.44
C VAL E 300 -94.85 -0.66 20.58
N LYS E 301 -93.80 -0.42 19.80
CA LYS E 301 -93.16 -1.51 19.06
C LYS E 301 -92.48 -2.48 20.01
N GLU E 302 -91.91 -1.98 21.11
CA GLU E 302 -91.34 -2.87 22.11
C GLU E 302 -92.39 -3.78 22.73
N HIS E 303 -93.57 -3.21 23.03
CA HIS E 303 -94.68 -4.02 23.53
C HIS E 303 -95.10 -5.08 22.52
N LEU E 304 -95.11 -4.71 21.24
CA LEU E 304 -95.46 -5.65 20.17
C LEU E 304 -94.44 -6.78 20.06
N ILE E 305 -93.18 -6.52 20.38
CA ILE E 305 -92.18 -7.58 20.42
C ILE E 305 -92.49 -8.60 21.52
N LEU E 306 -92.83 -8.09 22.70
CA LEU E 306 -93.18 -8.95 23.85
C LEU E 306 -94.33 -9.89 23.50
N VAL E 307 -95.39 -9.33 22.91
CA VAL E 307 -96.60 -10.09 22.63
C VAL E 307 -96.34 -11.24 21.67
N SER E 308 -95.44 -11.01 20.71
CA SER E 308 -95.11 -12.02 19.71
C SER E 308 -94.37 -13.21 20.32
N GLN E 309 -93.39 -12.91 21.20
CA GLN E 309 -92.68 -13.97 21.90
C GLN E 309 -93.64 -14.82 22.72
N LEU E 310 -94.56 -14.15 23.42
CA LEU E 310 -95.52 -14.86 24.25
C LEU E 310 -96.49 -15.69 23.41
N GLU E 311 -96.77 -15.24 22.19
CA GLU E 311 -97.62 -16.01 21.27
C GLU E 311 -96.96 -17.33 20.90
N GLN E 312 -95.66 -17.27 20.58
CA GLN E 312 -94.90 -18.48 20.31
C GLN E 312 -94.93 -19.44 21.50
N LEU E 313 -94.87 -18.88 22.72
CA LEU E 313 -94.99 -19.73 23.90
C LEU E 313 -96.38 -20.35 24.02
N HIS E 314 -97.42 -19.59 23.69
CA HIS E 314 -98.79 -20.04 24.00
C HIS E 314 -99.22 -21.16 23.09
N ARG E 315 -98.65 -21.24 21.87
CA ARG E 315 -99.08 -22.32 20.98
C ARG E 315 -98.60 -23.70 21.47
N GLN E 316 -97.53 -23.75 22.24
CA GLN E 316 -97.03 -25.01 22.77
C GLN E 316 -97.66 -25.38 24.10
N GLY E 317 -98.77 -24.74 24.47
CA GLY E 317 -99.36 -24.94 25.76
C GLY E 317 -98.55 -24.40 26.92
N LEU E 318 -97.60 -23.50 26.65
CA LEU E 318 -96.60 -23.10 27.64
C LEU E 318 -96.75 -21.65 28.08
N LEU E 319 -97.86 -21.00 27.76
CA LEU E 319 -98.18 -19.71 28.34
C LEU E 319 -99.44 -19.85 29.16
N SER E 320 -99.35 -19.51 30.44
CA SER E 320 -100.44 -19.55 31.38
C SER E 320 -100.45 -18.23 32.15
N LEU E 321 -101.51 -18.05 32.93
CA LEU E 321 -101.80 -16.76 33.56
C LEU E 321 -100.71 -16.32 34.53
N GLN E 322 -100.12 -17.28 35.25
CA GLN E 322 -99.06 -16.98 36.21
C GLN E 322 -97.81 -16.48 35.50
N LYS E 323 -97.39 -17.18 34.45
CA LYS E 323 -96.20 -16.82 33.70
C LYS E 323 -96.38 -15.47 33.04
N LEU E 324 -97.56 -15.24 32.46
CA LEU E 324 -97.88 -13.95 31.84
C LEU E 324 -97.85 -12.83 32.87
N TRP E 325 -98.43 -13.07 34.04
CA TRP E 325 -98.48 -12.08 35.10
C TRP E 325 -97.09 -11.72 35.60
N PHE E 326 -96.20 -12.72 35.66
CA PHE E 326 -94.80 -12.44 35.96
C PHE E 326 -94.15 -11.61 34.86
N TYR E 327 -94.49 -11.91 33.61
CA TYR E 327 -93.87 -11.20 32.48
C TYR E 327 -94.24 -9.73 32.45
N ILE E 328 -95.52 -9.43 32.69
CA ILE E 328 -96.01 -8.07 32.46
C ILE E 328 -95.74 -7.15 33.63
N GLN E 329 -95.38 -7.68 34.81
CA GLN E 329 -95.26 -6.85 36.00
C GLN E 329 -94.11 -5.85 35.92
N PRO E 330 -92.95 -6.15 35.31
CA PRO E 330 -92.02 -5.05 34.99
C PRO E 330 -92.55 -4.07 33.95
N ALA E 331 -93.55 -4.46 33.16
CA ALA E 331 -94.06 -3.63 32.08
C ALA E 331 -95.31 -2.84 32.49
N MET E 332 -95.70 -2.93 33.75
CA MET E 332 -96.66 -1.98 34.31
C MET E 332 -95.97 -0.82 34.98
N ARG E 333 -94.64 -0.85 35.05
CA ARG E 333 -93.85 0.32 35.34
C ARG E 333 -93.24 0.86 34.06
N THR E 334 -93.71 0.35 32.92
CA THR E 334 -93.28 0.84 31.63
C THR E 334 -94.45 1.44 30.86
N MET E 335 -95.53 0.67 30.73
CA MET E 335 -96.65 1.11 29.91
C MET E 335 -97.58 2.06 30.68
N ASP E 336 -97.73 1.85 31.98
CA ASP E 336 -98.63 2.68 32.76
C ASP E 336 -98.08 4.09 32.94
N ILE E 337 -96.75 4.23 32.88
CA ILE E 337 -96.12 5.55 32.96
C ILE E 337 -96.48 6.38 31.74
N LEU E 338 -96.64 5.71 30.59
CA LEU E 338 -97.02 6.40 29.38
C LEU E 338 -98.45 6.90 29.43
N ALA E 339 -99.31 6.25 30.21
CA ALA E 339 -100.70 6.68 30.33
C ALA E 339 -100.89 7.86 31.27
N SER E 340 -99.82 8.42 31.82
CA SER E 340 -99.89 9.59 32.70
C SER E 340 -99.34 10.84 32.04
N LEU E 341 -98.15 10.73 31.44
CA LEU E 341 -97.57 11.84 30.70
C LEU E 341 -98.44 12.22 29.51
N ALA E 342 -99.05 11.23 28.88
CA ALA E 342 -99.96 11.49 27.76
C ALA E 342 -101.19 12.26 28.21
N THR E 343 -101.69 11.96 29.40
CA THR E 343 -102.90 12.61 29.88
C THR E 343 -102.64 13.89 30.65
N SER E 344 -101.37 14.26 30.85
CA SER E 344 -101.05 15.60 31.32
C SER E 344 -100.59 16.53 30.22
N VAL E 345 -99.89 16.02 29.20
CA VAL E 345 -99.44 16.88 28.10
C VAL E 345 -100.62 17.26 27.21
N ASP E 346 -101.51 16.30 26.94
CA ASP E 346 -102.67 16.56 26.09
C ASP E 346 -103.68 17.48 26.77
N LYS E 347 -103.85 17.32 28.08
CA LYS E 347 -104.79 18.15 28.82
C LYS E 347 -104.31 19.58 28.89
N GLY E 348 -105.23 20.52 28.65
CA GLY E 348 -104.83 21.90 28.47
C GLY E 348 -104.14 22.07 27.13
N GLU E 349 -103.31 23.10 27.06
CA GLU E 349 -102.43 23.32 25.91
C GLU E 349 -101.00 23.33 26.40
N CYS E 350 -100.29 22.24 26.13
CA CYS E 350 -98.86 22.17 26.40
C CYS E 350 -98.15 21.85 25.10
N LEU E 351 -97.25 22.75 24.71
CA LEU E 351 -96.40 22.58 23.54
C LEU E 351 -95.03 23.10 23.90
N GLY E 352 -94.03 22.69 23.12
CA GLY E 352 -92.68 23.23 23.17
C GLY E 352 -91.99 23.18 24.52
N GLY E 353 -91.68 24.35 25.05
CA GLY E 353 -90.98 24.43 26.32
C GLY E 353 -91.84 24.09 27.52
N SER E 354 -93.16 24.29 27.41
CA SER E 354 -94.05 24.05 28.54
C SER E 354 -94.19 22.55 28.82
N THR E 355 -94.25 21.74 27.77
CA THR E 355 -94.21 20.30 27.93
C THR E 355 -92.87 19.85 28.52
N LEU E 356 -91.78 20.48 28.08
CA LEU E 356 -90.44 20.05 28.46
C LEU E 356 -90.08 20.40 29.90
N SER E 357 -90.72 21.44 30.47
CA SER E 357 -90.67 21.67 31.91
C SER E 357 -91.54 20.67 32.65
N LEU E 358 -92.71 20.35 32.07
CA LEU E 358 -93.62 19.38 32.65
C LEU E 358 -93.04 17.98 32.60
N LEU E 359 -92.13 17.70 31.67
CA LEU E 359 -91.43 16.42 31.61
C LEU E 359 -90.09 16.44 32.29
N HIS E 360 -89.62 17.61 32.73
CA HIS E 360 -88.51 17.71 33.67
C HIS E 360 -89.02 17.63 35.09
N ASP E 361 -90.29 17.98 35.29
CA ASP E 361 -91.02 17.78 36.53
C ASP E 361 -91.41 16.33 36.75
N ARG E 362 -91.42 15.51 35.70
CA ARG E 362 -91.85 14.12 35.82
C ARG E 362 -90.69 13.13 35.80
N SER E 363 -89.46 13.62 35.81
CA SER E 363 -88.30 12.81 36.14
C SER E 363 -87.82 13.08 37.55
N PHE E 364 -88.46 14.03 38.23
CA PHE E 364 -88.33 14.17 39.67
C PHE E 364 -89.54 13.59 40.37
N SER E 365 -90.51 13.05 39.63
CA SER E 365 -91.54 12.18 40.18
C SER E 365 -91.20 10.72 39.94
N TYR E 366 -90.10 10.46 39.25
CA TYR E 366 -89.58 9.11 39.11
C TYR E 366 -88.06 9.19 39.21
N THR E 367 -87.56 8.99 40.42
CA THR E 367 -86.13 9.02 40.66
C THR E 367 -85.75 7.93 41.66
N GLY E 368 -86.69 7.04 42.00
CA GLY E 368 -86.43 5.99 42.95
C GLY E 368 -86.95 4.63 42.53
N ASP E 369 -87.65 4.58 41.40
CA ASP E 369 -88.18 3.35 40.84
C ASP E 369 -87.15 2.64 39.97
N SER E 370 -86.50 3.43 39.09
CA SER E 370 -85.51 3.10 38.08
C SER E 370 -86.08 2.33 36.90
N GLN E 371 -87.28 1.74 37.05
CA GLN E 371 -87.92 1.07 35.93
C GLN E 371 -88.64 2.09 35.05
N ALA E 372 -89.23 3.10 35.69
CA ALA E 372 -89.90 4.19 34.99
C ALA E 372 -88.94 5.30 34.60
N GLN E 373 -87.86 5.46 35.38
CA GLN E 373 -86.95 6.59 35.23
C GLN E 373 -86.21 6.53 33.90
N GLU E 374 -85.85 5.32 33.46
CA GLU E 374 -85.17 5.14 32.18
C GLU E 374 -86.04 5.61 31.02
N LEU E 375 -87.36 5.38 31.13
CA LEU E 375 -88.29 5.83 30.11
C LEU E 375 -88.40 7.35 30.11
N CYS E 376 -88.52 7.94 31.31
CA CYS E 376 -88.60 9.40 31.39
C CYS E 376 -87.37 10.08 30.79
N LEU E 377 -86.18 9.53 31.06
CA LEU E 377 -84.96 10.08 30.50
C LEU E 377 -84.89 9.92 28.99
N TYR E 378 -85.34 8.77 28.47
CA TYR E 378 -85.38 8.59 27.01
C TYR E 378 -86.35 9.56 26.35
N LEU E 379 -87.55 9.68 26.92
CA LEU E 379 -88.61 10.49 26.31
C LEU E 379 -88.24 11.96 26.30
N THR E 380 -87.58 12.44 27.36
CA THR E 380 -87.16 13.83 27.34
C THR E 380 -85.81 14.03 26.68
N LYS E 381 -85.08 12.96 26.38
CA LYS E 381 -83.93 13.09 25.51
C LYS E 381 -84.32 13.18 24.05
N ALA E 382 -85.49 12.65 23.68
CA ALA E 382 -85.99 12.85 22.33
C ALA E 382 -86.76 14.15 22.16
N ALA E 383 -87.45 14.61 23.20
CA ALA E 383 -88.20 15.85 23.13
C ALA E 383 -87.31 17.08 23.25
N SER E 384 -86.06 16.90 23.67
CA SER E 384 -85.11 18.01 23.73
C SER E 384 -84.43 18.26 22.40
N ALA E 385 -84.44 17.29 21.49
CA ALA E 385 -83.74 17.41 20.22
C ALA E 385 -84.25 18.54 19.32
N PRO E 386 -85.56 18.72 19.05
CA PRO E 386 -85.93 19.87 18.19
C PRO E 386 -85.72 21.20 18.88
N TYR E 387 -85.91 21.23 20.20
CA TYR E 387 -85.59 22.42 20.98
C TYR E 387 -84.10 22.74 20.90
N PHE E 388 -83.25 21.71 20.94
CA PHE E 388 -81.83 21.97 20.81
C PHE E 388 -81.49 22.47 19.43
N GLU E 389 -82.23 22.00 18.42
CA GLU E 389 -82.01 22.46 17.05
C GLU E 389 -82.31 23.94 16.90
N VAL E 390 -83.42 24.42 17.47
CA VAL E 390 -83.71 25.84 17.33
C VAL E 390 -82.80 26.66 18.25
N LEU E 391 -82.39 26.10 19.39
CA LEU E 391 -81.38 26.71 20.23
C LEU E 391 -80.01 26.72 19.58
N GLU E 392 -79.78 25.85 18.59
CA GLU E 392 -78.58 25.93 17.78
C GLU E 392 -78.74 26.90 16.63
N LYS E 393 -79.90 27.53 16.49
CA LYS E 393 -80.01 28.63 15.54
C LYS E 393 -79.75 29.93 16.27
N TRP E 394 -80.53 30.21 17.32
CA TRP E 394 -80.61 31.55 17.87
C TRP E 394 -79.31 31.97 18.55
N ILE E 395 -78.64 31.04 19.22
CA ILE E 395 -77.45 31.42 19.96
C ILE E 395 -76.26 31.61 19.02
N TYR E 396 -76.08 30.69 18.08
CA TYR E 396 -74.92 30.69 17.21
C TYR E 396 -75.24 31.31 15.85
N ARG E 397 -76.37 32.00 15.76
CA ARG E 397 -76.66 32.95 14.69
C ARG E 397 -77.33 34.14 15.35
N GLY E 398 -78.01 34.96 14.56
CA GLY E 398 -78.83 36.03 15.08
C GLY E 398 -80.19 35.91 14.43
N ILE E 399 -80.51 34.68 14.03
CA ILE E 399 -81.70 34.35 13.26
C ILE E 399 -82.48 33.29 14.01
N ILE E 400 -83.80 33.48 14.13
CA ILE E 400 -84.75 32.43 14.44
C ILE E 400 -85.68 32.27 13.24
N HIS E 401 -86.45 31.18 13.25
CA HIS E 401 -87.70 31.21 12.50
C HIS E 401 -88.92 30.89 13.38
N ASP E 402 -88.93 29.69 13.97
CA ASP E 402 -89.95 29.18 14.90
C ASP E 402 -91.39 29.33 14.42
N PRO E 403 -91.86 28.51 13.48
CA PRO E 403 -93.25 28.63 13.03
C PRO E 403 -94.27 27.95 13.95
N TYR E 404 -93.84 26.96 14.74
CA TYR E 404 -94.75 26.26 15.63
C TYR E 404 -94.50 26.61 17.09
N SER E 405 -93.79 27.71 17.33
CA SER E 405 -93.77 28.43 18.62
C SER E 405 -93.21 27.58 19.75
N GLU E 406 -92.29 26.67 19.41
CA GLU E 406 -91.72 25.76 20.39
C GLU E 406 -90.66 26.43 21.25
N PHE E 407 -90.13 27.58 20.84
CA PHE E 407 -88.92 28.16 21.39
C PHE E 407 -89.21 29.54 21.95
N MET E 408 -88.38 29.97 22.92
CA MET E 408 -88.69 31.16 23.71
C MET E 408 -88.57 32.45 22.90
N VAL E 409 -87.49 32.62 22.16
CA VAL E 409 -87.27 33.87 21.44
C VAL E 409 -87.82 33.71 20.03
N GLU E 410 -88.75 34.58 19.65
CA GLU E 410 -89.28 34.56 18.31
C GLU E 410 -89.69 35.97 17.90
N GLU E 411 -89.81 36.16 16.59
CA GLU E 411 -90.16 37.47 16.03
C GLU E 411 -91.61 37.79 16.34
N HIS E 412 -91.81 38.97 16.90
CA HIS E 412 -93.15 39.49 17.11
C HIS E 412 -93.41 40.57 16.08
N GLU E 413 -94.59 40.52 15.48
CA GLU E 413 -94.92 41.34 14.31
C GLU E 413 -95.41 42.74 14.68
N LEU E 414 -95.14 43.20 15.91
CA LEU E 414 -95.61 44.46 16.48
C LEU E 414 -97.13 44.57 16.43
N TYR E 427 -87.96 46.56 17.64
CA TYR E 427 -86.78 45.81 17.24
C TYR E 427 -85.96 45.42 18.46
N TRP E 428 -85.55 46.42 19.22
CA TRP E 428 -84.64 46.22 20.34
C TRP E 428 -85.36 45.79 21.62
N ASP E 429 -86.67 45.99 21.70
CA ASP E 429 -87.43 45.42 22.79
C ASP E 429 -88.82 44.98 22.35
N GLN E 430 -89.13 45.15 21.06
CA GLN E 430 -90.48 44.93 20.57
C GLN E 430 -90.64 43.69 19.71
N ARG E 431 -89.57 43.26 19.07
CA ARG E 431 -89.64 42.14 18.12
C ARG E 431 -89.04 40.88 18.70
N TYR E 432 -87.84 40.96 19.23
CA TYR E 432 -87.18 39.84 19.88
C TYR E 432 -87.49 39.93 21.36
N THR E 433 -88.42 39.09 21.81
CA THR E 433 -88.85 39.09 23.20
C THR E 433 -88.90 37.65 23.66
N ILE E 434 -88.79 37.46 24.98
CA ILE E 434 -88.82 36.14 25.57
C ILE E 434 -90.28 35.71 25.73
N VAL E 435 -90.68 34.68 25.01
CA VAL E 435 -91.98 34.04 25.26
C VAL E 435 -91.80 33.16 26.48
N GLN E 436 -92.56 33.46 27.53
CA GLN E 436 -92.22 33.04 28.88
C GLN E 436 -92.65 31.61 29.21
N GLN E 437 -93.58 31.03 28.44
CA GLN E 437 -93.96 29.64 28.64
C GLN E 437 -93.23 28.70 27.68
N GLN E 438 -92.31 29.21 26.88
CA GLN E 438 -91.50 28.39 25.99
C GLN E 438 -90.07 28.26 26.50
N ILE E 439 -89.87 28.44 27.80
CA ILE E 439 -88.59 28.21 28.45
C ILE E 439 -88.72 26.91 29.25
N PRO E 440 -87.88 25.91 28.99
CA PRO E 440 -87.83 24.76 29.89
C PRO E 440 -87.29 25.16 31.24
N SER E 441 -87.64 24.33 32.24
CA SER E 441 -87.38 24.65 33.64
C SER E 441 -85.89 24.76 33.93
N PHE E 442 -85.07 24.02 33.21
CA PHE E 442 -83.64 23.95 33.41
C PHE E 442 -82.85 24.94 32.56
N LEU E 443 -83.55 25.83 31.84
CA LEU E 443 -82.92 26.94 31.13
C LEU E 443 -83.37 28.28 31.68
N GLN E 444 -84.14 28.24 32.78
CA GLN E 444 -84.79 29.42 33.32
C GLN E 444 -83.77 30.44 33.82
N LYS E 445 -82.65 29.97 34.35
CA LYS E 445 -81.66 30.87 34.92
C LYS E 445 -80.93 31.66 33.84
N MET E 446 -80.73 31.07 32.66
CA MET E 446 -79.94 31.68 31.61
C MET E 446 -80.76 32.15 30.43
N ALA E 447 -82.10 32.20 30.58
CA ALA E 447 -82.99 32.77 29.57
C ALA E 447 -82.57 34.17 29.10
N ASP E 448 -82.14 35.03 30.02
CA ASP E 448 -81.73 36.38 29.63
C ASP E 448 -80.46 36.35 28.80
N LYS E 449 -79.55 35.43 29.13
CA LYS E 449 -78.35 35.23 28.32
C LYS E 449 -78.70 34.71 26.93
N ILE E 450 -79.74 33.85 26.88
CA ILE E 450 -80.20 33.29 25.60
C ILE E 450 -80.68 34.40 24.67
N LEU E 451 -81.48 35.33 25.20
CA LEU E 451 -81.93 36.47 24.42
C LEU E 451 -80.75 37.37 24.00
N SER E 452 -79.83 37.60 24.95
CA SER E 452 -78.72 38.53 24.76
C SER E 452 -77.81 38.09 23.62
N THR E 453 -77.39 36.82 23.66
CA THR E 453 -76.39 36.29 22.73
C THR E 453 -76.88 36.35 21.28
N GLY E 454 -78.15 36.05 21.05
CA GLY E 454 -78.70 36.14 19.71
C GLY E 454 -78.83 37.57 19.23
N LYS E 455 -79.17 38.50 20.13
CA LYS E 455 -79.27 39.91 19.73
C LYS E 455 -77.92 40.49 19.30
N TYR E 456 -76.85 40.08 20.00
CA TYR E 456 -75.55 40.75 19.83
C TYR E 456 -74.95 40.52 18.45
N LEU E 457 -75.01 39.28 17.95
CA LEU E 457 -74.51 39.01 16.61
C LEU E 457 -75.40 39.60 15.53
N ASN E 458 -76.69 39.72 15.83
CA ASN E 458 -77.64 40.26 14.88
C ASN E 458 -77.37 41.73 14.60
N VAL E 459 -77.04 42.50 15.64
CA VAL E 459 -76.90 43.94 15.40
C VAL E 459 -75.58 44.29 14.73
N VAL E 460 -74.59 43.38 14.75
CA VAL E 460 -73.39 43.64 13.94
C VAL E 460 -73.60 43.12 12.52
N ARG E 461 -74.49 42.14 12.34
CA ARG E 461 -74.97 41.75 11.04
C ARG E 461 -75.83 42.85 10.42
N GLU E 462 -76.36 43.76 11.23
CA GLU E 462 -77.13 44.91 10.76
C GLU E 462 -76.24 46.02 10.19
N CYS E 463 -75.03 46.18 10.69
CA CYS E 463 -74.06 47.11 10.11
C CYS E 463 -73.01 46.39 9.29
N GLY E 464 -73.27 45.13 8.97
CA GLY E 464 -72.45 44.38 8.05
C GLY E 464 -71.32 43.66 8.72
N HIS E 465 -71.49 42.34 8.82
CA HIS E 465 -70.50 41.29 9.02
C HIS E 465 -71.26 39.97 9.06
N ASP E 466 -70.53 38.87 8.99
CA ASP E 466 -71.11 37.55 9.16
C ASP E 466 -71.78 37.41 10.52
N VAL E 467 -72.80 36.56 10.55
CA VAL E 467 -73.57 36.30 11.76
C VAL E 467 -73.16 35.00 12.42
N THR E 468 -72.34 34.18 11.75
CA THR E 468 -72.01 32.85 12.23
C THR E 468 -71.07 32.89 13.43
N CYS E 469 -71.15 31.85 14.23
CA CYS E 469 -70.22 31.59 15.33
C CYS E 469 -69.10 30.67 14.83
N PRO E 470 -67.83 31.02 15.02
CA PRO E 470 -66.73 30.18 14.54
C PRO E 470 -66.50 28.89 15.32
N VAL E 471 -67.27 28.63 16.37
CA VAL E 471 -67.25 27.33 17.02
C VAL E 471 -68.67 26.79 17.04
N ALA E 472 -68.84 25.60 16.49
CA ALA E 472 -70.14 24.96 16.42
C ALA E 472 -70.30 24.11 17.66
N LYS E 473 -71.20 24.52 18.54
CA LYS E 473 -71.55 23.76 19.73
C LYS E 473 -72.85 23.02 19.48
N GLU E 474 -72.91 21.77 19.90
CA GLU E 474 -74.06 20.93 19.63
C GLU E 474 -74.53 20.31 20.94
N ILE E 475 -75.83 20.41 21.19
CA ILE E 475 -76.38 20.40 22.55
C ILE E 475 -77.05 19.06 22.80
N ILE E 476 -76.81 18.49 23.98
CA ILE E 476 -77.38 17.23 24.39
C ILE E 476 -77.88 17.36 25.83
N TYR E 477 -78.94 16.62 26.14
CA TYR E 477 -79.56 16.62 27.46
C TYR E 477 -78.67 15.89 28.47
N THR E 478 -78.46 16.51 29.63
CA THR E 478 -77.76 15.88 30.74
C THR E 478 -78.45 16.25 32.04
N LEU E 479 -78.86 15.24 32.80
CA LEU E 479 -79.43 15.45 34.12
C LEU E 479 -78.34 15.15 35.15
N LYS E 480 -78.18 16.09 36.10
CA LYS E 480 -77.24 16.16 37.23
C LYS E 480 -75.82 16.55 36.81
N GLU E 481 -75.56 16.70 35.51
CA GLU E 481 -74.28 17.23 35.05
C GLU E 481 -74.49 18.17 33.85
N ARG E 482 -75.43 19.11 33.98
CA ARG E 482 -75.83 19.98 32.86
C ARG E 482 -74.71 20.96 32.52
N ALA E 483 -74.18 20.83 31.30
CA ALA E 483 -73.13 21.71 30.80
C ALA E 483 -73.58 22.48 29.58
N TYR E 484 -74.85 22.37 29.22
CA TYR E 484 -75.46 23.17 28.17
C TYR E 484 -76.14 24.40 28.76
N VAL E 485 -76.23 24.45 30.08
CA VAL E 485 -76.42 25.69 30.83
C VAL E 485 -75.11 26.45 30.94
N GLU E 486 -73.99 25.76 30.67
CA GLU E 486 -72.66 26.35 30.64
C GLU E 486 -72.28 26.84 29.24
N GLN E 487 -72.72 26.14 28.21
CA GLN E 487 -72.37 26.46 26.83
C GLN E 487 -72.90 27.82 26.39
N ILE E 488 -73.99 28.28 27.00
CA ILE E 488 -74.57 29.58 26.67
C ILE E 488 -73.60 30.71 26.99
N GLU E 489 -72.85 30.57 28.08
CA GLU E 489 -72.00 31.64 28.55
C GLU E 489 -70.75 31.80 27.70
N LYS E 490 -70.22 30.71 27.16
CA LYS E 490 -69.08 30.79 26.26
C LYS E 490 -69.45 31.36 24.90
N ALA E 491 -70.74 31.45 24.58
CA ALA E 491 -71.20 32.13 23.39
C ALA E 491 -71.56 33.58 23.67
N PHE E 492 -72.14 33.82 24.85
CA PHE E 492 -72.39 35.15 25.38
C PHE E 492 -71.10 35.96 25.42
N ASN E 493 -70.03 35.36 25.92
CA ASN E 493 -68.70 35.95 26.01
C ASN E 493 -67.92 35.86 24.72
N TYR E 494 -68.58 35.57 23.61
CA TYR E 494 -67.99 35.78 22.30
C TYR E 494 -68.76 36.84 21.53
N ALA E 495 -70.09 36.73 21.54
CA ALA E 495 -70.94 37.64 20.80
C ALA E 495 -70.84 39.05 21.37
N SER E 496 -70.94 39.17 22.70
CA SER E 496 -70.92 40.49 23.33
C SER E 496 -69.54 41.11 23.33
N LYS E 497 -68.51 40.39 22.92
CA LYS E 497 -67.18 40.96 22.82
C LYS E 497 -66.78 41.31 21.41
N VAL E 498 -67.19 40.51 20.42
CA VAL E 498 -66.98 40.94 19.04
C VAL E 498 -67.87 42.14 18.73
N LEU E 499 -69.05 42.25 19.35
CA LEU E 499 -69.91 43.40 19.12
C LEU E 499 -69.32 44.66 19.75
N LEU E 500 -68.83 44.54 20.99
CA LEU E 500 -68.24 45.67 21.70
C LEU E 500 -67.01 46.18 20.98
N ASP E 501 -66.14 45.25 20.55
CA ASP E 501 -64.93 45.64 19.86
C ASP E 501 -65.21 46.21 18.48
N PHE E 502 -66.32 45.79 17.84
CA PHE E 502 -66.75 46.48 16.64
C PHE E 502 -67.14 47.91 16.98
N LEU E 503 -68.00 48.08 17.98
CA LEU E 503 -68.68 49.34 18.21
C LEU E 503 -67.72 50.44 18.60
N MET E 504 -66.68 50.10 19.34
CA MET E 504 -65.81 51.17 19.83
C MET E 504 -64.89 51.73 18.74
N GLU E 505 -64.62 50.98 17.68
CA GLU E 505 -63.70 51.45 16.65
C GLU E 505 -64.31 51.59 15.27
N GLU E 506 -65.50 51.03 15.04
CA GLU E 506 -66.22 51.26 13.80
C GLU E 506 -67.61 51.69 14.18
N LYS E 507 -68.05 52.84 13.66
CA LYS E 507 -69.23 53.61 14.07
C LYS E 507 -69.06 54.01 15.53
N GLU E 508 -67.87 54.54 15.85
CA GLU E 508 -67.31 54.78 17.19
C GLU E 508 -68.24 55.37 18.24
N LEU E 509 -68.30 54.72 19.39
CA LEU E 509 -68.89 55.30 20.58
C LEU E 509 -67.83 55.87 21.51
N VAL E 510 -66.56 55.54 21.29
CA VAL E 510 -65.50 56.17 22.07
C VAL E 510 -65.34 57.63 21.66
N ALA E 511 -65.60 57.95 20.39
CA ALA E 511 -65.44 59.31 19.90
C ALA E 511 -66.69 60.14 20.16
N HIS E 512 -67.85 59.48 20.17
CA HIS E 512 -69.11 60.19 20.24
C HIS E 512 -69.31 60.85 21.60
N LEU E 513 -68.88 60.18 22.67
CA LEU E 513 -69.00 60.77 24.00
C LEU E 513 -68.06 61.96 24.17
N ARG E 514 -66.87 61.88 23.57
CA ARG E 514 -65.94 63.02 23.57
C ARG E 514 -66.54 64.20 22.82
N SER E 515 -67.21 63.93 21.70
CA SER E 515 -67.80 65.00 20.92
C SER E 515 -69.13 65.48 21.50
N ILE E 516 -69.72 64.76 22.45
CA ILE E 516 -70.81 65.34 23.26
C ILE E 516 -70.23 66.24 24.33
N LYS E 517 -69.14 65.78 24.97
CA LYS E 517 -68.46 66.55 26.01
C LYS E 517 -67.95 67.88 25.49
N ARG E 518 -67.59 67.92 24.20
CA ARG E 518 -66.95 69.07 23.59
C ARG E 518 -67.86 70.30 23.58
N TYR E 519 -69.17 70.09 23.45
CA TYR E 519 -70.12 71.19 23.34
C TYR E 519 -71.11 71.24 24.48
N PHE E 520 -71.80 70.12 24.74
CA PHE E 520 -72.90 70.09 25.71
C PHE E 520 -72.41 70.41 27.11
N LEU E 521 -71.26 69.85 27.47
CA LEU E 521 -70.66 70.06 28.77
C LEU E 521 -69.64 71.19 28.73
N MET E 522 -69.63 71.96 27.62
CA MET E 522 -68.93 73.24 27.49
C MET E 522 -67.42 73.10 27.67
N ASP E 523 -66.85 72.01 27.13
CA ASP E 523 -65.43 71.76 27.32
C ASP E 523 -64.57 72.72 26.54
N GLN E 524 -65.01 73.11 25.34
CA GLN E 524 -64.33 74.17 24.63
C GLN E 524 -64.62 75.50 25.31
N GLY E 525 -63.64 76.40 25.27
CA GLY E 525 -63.83 77.73 25.79
C GLY E 525 -63.70 78.79 24.72
N ASP E 526 -62.84 78.56 23.74
CA ASP E 526 -62.56 79.58 22.73
C ASP E 526 -63.71 79.73 21.75
N PHE E 527 -64.18 78.58 21.22
CA PHE E 527 -65.46 78.49 20.50
C PHE E 527 -66.57 79.20 21.26
N PHE E 528 -66.64 79.02 22.58
CA PHE E 528 -67.78 79.53 23.32
C PHE E 528 -67.64 81.03 23.65
N VAL E 529 -66.41 81.53 23.88
CA VAL E 529 -66.28 82.97 24.14
C VAL E 529 -66.41 83.76 22.85
N HIS E 530 -66.07 83.18 21.70
CA HIS E 530 -66.47 83.82 20.44
C HIS E 530 -67.98 83.77 20.28
N PHE E 531 -68.55 82.60 20.57
CA PHE E 531 -69.93 82.30 20.23
C PHE E 531 -70.91 83.16 21.02
N MET E 532 -70.63 83.38 22.31
CA MET E 532 -71.55 84.15 23.15
C MET E 532 -71.63 85.60 22.69
N ASP E 533 -70.48 86.22 22.42
CA ASP E 533 -70.47 87.62 22.00
C ASP E 533 -71.01 87.78 20.59
N LEU E 534 -70.73 86.83 19.70
CA LEU E 534 -71.19 86.94 18.32
C LEU E 534 -72.70 86.77 18.23
N ALA E 535 -73.27 85.91 19.05
CA ALA E 535 -74.71 85.64 19.03
C ALA E 535 -75.49 86.45 20.04
N GLU E 536 -74.84 87.41 20.71
CA GLU E 536 -75.42 88.09 21.87
C GLU E 536 -76.67 88.89 21.52
N GLU E 537 -76.57 89.71 20.47
CA GLU E 537 -77.72 90.46 19.96
C GLU E 537 -78.85 89.52 19.55
N GLU E 538 -78.50 88.40 18.93
CA GLU E 538 -79.49 87.46 18.43
C GLU E 538 -80.12 86.67 19.56
N LEU E 539 -79.34 86.38 20.61
CA LEU E 539 -79.90 85.75 21.80
C LEU E 539 -80.87 86.69 22.51
N ARG E 540 -80.61 88.00 22.44
CA ARG E 540 -81.53 88.95 23.07
C ARG E 540 -82.90 88.98 22.40
N LYS E 541 -82.96 88.65 21.12
CA LYS E 541 -84.24 88.60 20.41
C LYS E 541 -85.06 87.41 20.89
N PRO E 542 -86.35 87.60 21.19
CA PRO E 542 -87.18 86.47 21.59
C PRO E 542 -87.58 85.57 20.42
N VAL E 543 -88.32 84.49 20.74
CA VAL E 543 -88.80 83.53 19.76
C VAL E 543 -90.10 84.09 19.19
N GLU E 544 -90.48 83.63 17.98
CA GLU E 544 -91.41 84.16 16.96
C GLU E 544 -90.82 85.37 16.26
N ASP E 545 -89.63 85.81 16.67
CA ASP E 545 -88.93 86.95 16.13
C ASP E 545 -87.55 86.50 15.65
N ILE E 546 -87.23 85.24 15.88
CA ILE E 546 -85.93 84.64 15.62
C ILE E 546 -85.94 84.01 14.24
N THR E 547 -84.76 83.89 13.63
CA THR E 547 -84.59 83.32 12.30
C THR E 547 -83.72 82.06 12.36
N PRO E 548 -84.29 80.89 12.09
CA PRO E 548 -83.50 79.62 12.09
C PRO E 548 -82.30 79.59 11.15
N PRO E 549 -82.33 80.07 9.89
CA PRO E 549 -81.13 79.87 9.05
C PRO E 549 -79.94 80.71 9.47
N ARG E 550 -80.18 81.90 9.99
CA ARG E 550 -79.12 82.82 10.40
C ARG E 550 -78.30 82.26 11.55
N LEU E 551 -78.96 81.63 12.51
CA LEU E 551 -78.27 81.06 13.65
C LEU E 551 -77.49 79.81 13.29
N GLU E 552 -77.99 79.02 12.34
CA GLU E 552 -77.23 77.89 11.83
C GLU E 552 -75.98 78.34 11.10
N ALA E 553 -76.08 79.45 10.34
CA ALA E 553 -74.91 80.00 9.67
C ALA E 553 -73.87 80.49 10.67
N LEU E 554 -74.32 81.23 11.70
CA LEU E 554 -73.42 81.75 12.72
C LEU E 554 -72.73 80.61 13.48
N LEU E 555 -73.48 79.56 13.81
CA LEU E 555 -72.94 78.42 14.53
C LEU E 555 -71.89 77.68 13.71
N GLU E 556 -72.25 77.37 12.45
CA GLU E 556 -71.35 76.60 11.58
C GLU E 556 -70.05 77.35 11.32
N LEU E 557 -70.13 78.67 11.11
CA LEU E 557 -68.89 79.43 10.89
C LEU E 557 -68.04 79.55 12.15
N ALA E 558 -68.67 79.91 13.28
CA ALA E 558 -67.92 80.15 14.51
C ALA E 558 -67.23 78.89 15.01
N LEU E 559 -67.82 77.72 14.74
CA LEU E 559 -67.14 76.48 15.05
C LEU E 559 -65.94 76.25 14.13
N ARG E 560 -66.08 76.59 12.85
CA ARG E 560 -65.04 76.32 11.86
C ARG E 560 -63.80 77.17 12.08
N MET E 561 -63.98 78.37 12.66
CA MET E 561 -62.82 79.22 12.91
C MET E 561 -61.89 78.67 13.97
N SER E 562 -62.43 78.26 15.11
CA SER E 562 -61.63 77.84 16.24
C SER E 562 -61.00 76.46 16.00
N THR E 563 -60.12 76.06 16.89
CA THR E 563 -59.54 74.72 16.88
C THR E 563 -60.43 73.83 17.74
N ALA E 564 -61.64 73.61 17.25
CA ALA E 564 -62.49 72.48 17.59
C ALA E 564 -63.00 72.02 16.24
N ASN E 565 -62.31 72.49 15.20
CA ASN E 565 -62.46 72.07 13.81
C ASN E 565 -61.73 70.76 13.54
N THR E 566 -61.29 70.08 14.59
CA THR E 566 -60.32 68.99 14.54
C THR E 566 -60.97 67.62 14.62
N ASP E 567 -62.28 67.56 14.73
CA ASP E 567 -63.06 66.32 14.73
C ASP E 567 -64.01 66.39 13.56
N PRO E 568 -64.39 65.24 13.00
CA PRO E 568 -65.32 65.30 11.85
C PRO E 568 -66.77 65.28 12.28
N PHE E 569 -67.03 65.42 13.59
CA PHE E 569 -68.39 65.36 14.12
C PHE E 569 -68.94 66.71 14.52
N LYS E 570 -68.23 67.79 14.21
CA LYS E 570 -68.68 69.15 14.53
C LYS E 570 -69.93 69.53 13.75
N ASP E 571 -70.15 68.90 12.60
CA ASP E 571 -71.27 69.21 11.72
C ASP E 571 -72.60 68.81 12.34
N ASP E 572 -72.57 67.86 13.29
CA ASP E 572 -73.76 67.23 13.83
C ASP E 572 -74.67 68.17 14.60
N LEU E 573 -74.16 69.32 15.03
CA LEU E 573 -74.99 70.30 15.72
C LEU E 573 -75.98 70.93 14.75
N LYS E 574 -77.25 70.91 15.11
CA LYS E 574 -78.29 71.64 14.39
C LYS E 574 -79.01 72.55 15.37
N ILE E 575 -79.62 73.59 14.84
CA ILE E 575 -80.35 74.54 15.68
C ILE E 575 -81.65 73.91 16.13
N ASP E 576 -81.83 73.79 17.44
CA ASP E 576 -83.03 73.20 18.01
C ASP E 576 -83.70 74.25 18.86
N LEU E 577 -84.94 74.56 18.50
CA LEU E 577 -85.78 75.45 19.29
C LEU E 577 -86.59 74.64 20.28
N MET E 578 -86.53 75.08 21.52
CA MET E 578 -87.39 74.58 22.58
C MET E 578 -87.51 75.70 23.59
N PRO E 579 -88.71 76.26 23.80
CA PRO E 579 -88.88 77.27 24.83
C PRO E 579 -89.17 76.68 26.19
N HIS E 580 -89.28 75.37 26.33
CA HIS E 580 -89.74 74.85 27.60
C HIS E 580 -88.60 74.79 28.59
N ASP E 581 -88.77 75.51 29.70
CA ASP E 581 -87.80 75.56 30.80
C ASP E 581 -88.55 75.12 32.05
N LEU E 582 -88.44 73.83 32.36
CA LEU E 582 -89.04 73.18 33.52
C LEU E 582 -90.57 73.22 33.50
N ILE E 583 -91.14 73.32 32.30
CA ILE E 583 -92.57 73.05 32.13
C ILE E 583 -92.79 71.55 31.97
N THR E 584 -91.83 70.82 31.40
CA THR E 584 -91.83 69.37 31.45
C THR E 584 -91.47 68.84 32.83
N GLN E 585 -90.95 69.68 33.71
CA GLN E 585 -90.53 69.27 35.03
C GLN E 585 -91.69 69.43 36.00
N LEU E 586 -91.94 68.38 36.77
CA LEU E 586 -93.00 68.41 37.76
C LEU E 586 -92.48 68.95 39.09
N ALA E 609 -92.30 85.25 22.13
CA ALA E 609 -92.51 85.32 23.58
C ALA E 609 -91.19 85.24 24.31
N LEU E 610 -90.71 84.02 24.49
CA LEU E 610 -89.62 83.77 25.39
C LEU E 610 -88.28 84.12 24.75
N SER E 611 -87.34 84.53 25.60
CA SER E 611 -85.99 84.93 25.21
C SER E 611 -85.29 83.86 24.39
N GLY E 612 -84.48 84.32 23.43
CA GLY E 612 -83.83 83.41 22.52
C GLY E 612 -82.78 82.52 23.16
N LEU E 613 -82.28 82.94 24.33
CA LEU E 613 -81.24 82.16 25.01
C LEU E 613 -81.78 80.82 25.50
N GLU E 614 -82.99 80.83 26.07
CA GLU E 614 -83.66 79.61 26.50
C GLU E 614 -84.70 79.16 25.48
N ALA E 615 -84.62 79.68 24.26
CA ALA E 615 -85.15 79.04 23.08
C ALA E 615 -84.03 78.50 22.21
N PHE E 616 -82.81 78.52 22.72
CA PHE E 616 -81.62 77.99 22.04
C PHE E 616 -81.19 76.72 22.74
N SER E 617 -81.02 75.65 21.97
CA SER E 617 -80.48 74.40 22.47
C SER E 617 -79.90 73.59 21.32
N PHE E 618 -78.96 72.71 21.65
CA PHE E 618 -78.31 71.89 20.64
C PHE E 618 -79.16 70.70 20.25
N ASP E 619 -79.03 70.27 19.00
CA ASP E 619 -79.50 68.96 18.55
C ASP E 619 -78.33 68.24 17.88
N TYR E 620 -77.97 67.10 18.43
CA TYR E 620 -76.90 66.26 17.88
C TYR E 620 -77.53 65.12 17.10
N ILE E 621 -76.92 64.77 15.97
CA ILE E 621 -77.44 63.69 15.15
C ILE E 621 -76.66 62.42 15.45
N VAL E 622 -77.39 61.31 15.51
CA VAL E 622 -76.82 59.98 15.68
C VAL E 622 -77.49 59.04 14.69
N LYS E 623 -76.93 57.85 14.56
CA LYS E 623 -77.46 56.85 13.64
C LYS E 623 -78.22 55.79 14.42
N TRP E 624 -79.06 55.06 13.69
CA TRP E 624 -79.94 54.07 14.31
C TRP E 624 -79.25 52.94 15.07
N PRO E 625 -78.11 52.35 14.64
CA PRO E 625 -77.47 51.34 15.51
C PRO E 625 -76.98 51.89 16.84
N LEU E 626 -76.53 53.15 16.86
CA LEU E 626 -76.11 53.77 18.11
C LEU E 626 -77.27 54.33 18.91
N SER E 627 -78.46 54.42 18.31
CA SER E 627 -79.64 54.83 19.07
C SER E 627 -80.02 53.77 20.09
N LEU E 628 -79.73 52.50 19.80
CA LEU E 628 -79.96 51.35 20.66
C LEU E 628 -79.35 51.53 22.05
N ILE E 629 -78.19 52.17 22.12
CA ILE E 629 -77.63 52.57 23.41
C ILE E 629 -78.08 53.98 23.76
N ILE E 630 -77.68 54.97 22.98
CA ILE E 630 -78.02 56.35 23.35
C ILE E 630 -79.29 56.77 22.60
N ASN E 631 -80.43 56.62 23.27
CA ASN E 631 -81.71 56.88 22.64
C ASN E 631 -82.22 58.28 23.02
N ARG E 632 -83.52 58.51 22.77
CA ARG E 632 -84.20 59.77 23.01
C ARG E 632 -84.03 60.26 24.44
N LYS E 633 -84.10 59.34 25.42
CA LYS E 633 -84.03 59.69 26.84
C LYS E 633 -82.69 60.32 27.18
N ALA E 634 -81.61 59.69 26.71
CA ALA E 634 -80.24 60.19 26.95
C ALA E 634 -80.04 61.58 26.35
N LEU E 635 -80.51 61.77 25.12
CA LEU E 635 -80.32 63.04 24.42
C LEU E 635 -81.09 64.16 25.09
N THR E 636 -82.31 63.87 25.58
CA THR E 636 -83.10 64.86 26.28
C THR E 636 -82.42 65.31 27.57
N ARG E 637 -81.88 64.33 28.32
CA ARG E 637 -81.18 64.66 29.55
C ARG E 637 -79.92 65.48 29.29
N TYR E 638 -79.21 65.13 28.21
CA TYR E 638 -78.02 65.88 27.77
C TYR E 638 -78.36 67.32 27.45
N GLN E 639 -79.48 67.52 26.74
CA GLN E 639 -79.90 68.85 26.32
C GLN E 639 -80.24 69.73 27.52
N MET E 640 -80.94 69.15 28.51
CA MET E 640 -81.30 69.95 29.68
C MET E 640 -80.08 70.32 30.52
N LEU E 641 -79.09 69.42 30.59
CA LEU E 641 -77.83 69.73 31.27
C LEU E 641 -77.12 70.91 30.63
N PHE E 642 -77.00 70.88 29.30
CA PHE E 642 -76.39 71.99 28.57
C PHE E 642 -77.17 73.28 28.77
N ARG E 643 -78.49 73.18 28.84
CA ARG E 643 -79.34 74.35 29.03
C ARG E 643 -79.07 75.03 30.36
N HIS E 644 -78.83 74.24 31.41
CA HIS E 644 -78.50 74.84 32.70
C HIS E 644 -77.14 75.51 32.69
N MET E 645 -76.12 74.85 32.12
CA MET E 645 -74.78 75.44 32.13
C MET E 645 -74.69 76.72 31.30
N PHE E 646 -75.55 76.79 30.28
CA PHE E 646 -75.65 77.95 29.41
C PHE E 646 -75.95 79.22 30.18
N TYR E 647 -76.84 79.14 31.17
CA TYR E 647 -77.26 80.32 31.92
C TYR E 647 -76.11 80.89 32.73
N CYS E 648 -75.30 80.01 33.33
CA CYS E 648 -74.17 80.44 34.13
C CYS E 648 -73.17 81.20 33.28
N LYS E 649 -72.83 80.64 32.11
CA LYS E 649 -71.96 81.35 31.17
C LYS E 649 -72.57 82.69 30.74
N HIS E 650 -73.88 82.67 30.49
CA HIS E 650 -74.58 83.84 29.97
C HIS E 650 -74.57 85.00 30.95
N VAL E 651 -74.93 84.73 32.21
CA VAL E 651 -74.99 85.81 33.18
C VAL E 651 -73.59 86.28 33.57
N GLU E 652 -72.58 85.39 33.45
CA GLU E 652 -71.21 85.84 33.68
C GLU E 652 -70.80 86.94 32.71
N ARG E 653 -71.14 86.75 31.41
CA ARG E 653 -70.86 87.81 30.44
C ARG E 653 -71.55 89.14 30.77
N GLN E 654 -72.78 89.07 31.31
CA GLN E 654 -73.54 90.28 31.61
C GLN E 654 -72.91 91.04 32.76
N LEU E 655 -72.39 90.34 33.77
CA LEU E 655 -71.68 91.03 34.84
C LEU E 655 -70.37 91.65 34.34
N CYS E 656 -69.63 90.89 33.52
CA CYS E 656 -68.31 91.37 33.11
C CYS E 656 -68.37 92.56 32.16
N SER E 657 -69.41 92.66 31.34
CA SER E 657 -69.59 93.85 30.51
C SER E 657 -69.79 95.11 31.36
N VAL E 658 -70.56 94.95 32.45
CA VAL E 658 -70.83 96.05 33.37
C VAL E 658 -69.54 96.51 34.03
N TRP E 659 -68.64 95.56 34.33
CA TRP E 659 -67.37 95.90 34.99
C TRP E 659 -66.52 96.88 34.16
N ILE E 660 -66.42 96.66 32.86
CA ILE E 660 -65.58 97.55 32.06
C ILE E 660 -66.35 98.83 31.69
N SER E 661 -67.68 98.74 31.58
CA SER E 661 -68.42 99.88 31.02
C SER E 661 -68.50 101.03 32.01
N ASN E 662 -68.73 100.72 33.30
CA ASN E 662 -68.77 101.77 34.29
C ASN E 662 -67.38 102.35 34.53
N LYS E 663 -66.38 101.48 34.65
CA LYS E 663 -65.02 101.94 34.92
C LYS E 663 -64.05 101.26 33.96
N ALA E 673 -66.42 106.37 41.80
CA ALA E 673 -64.99 106.47 41.55
C ALA E 673 -64.22 106.61 42.86
N GLN E 674 -63.87 107.86 43.20
CA GLN E 674 -63.31 108.24 44.49
C GLN E 674 -64.41 108.46 45.52
N TRP E 675 -65.64 108.40 45.02
CA TRP E 675 -66.75 109.17 45.54
C TRP E 675 -67.96 108.27 45.63
N PHE E 676 -67.85 107.14 44.95
CA PHE E 676 -68.97 106.23 44.73
C PHE E 676 -68.43 104.82 44.74
N ALA E 677 -69.04 103.95 45.55
CA ALA E 677 -68.62 102.56 45.61
C ALA E 677 -69.82 101.64 45.77
N GLY E 678 -70.99 102.08 45.33
CA GLY E 678 -72.21 101.35 45.59
C GLY E 678 -72.32 100.07 44.77
N ALA E 679 -72.01 100.15 43.47
CA ALA E 679 -72.09 98.99 42.59
C ALA E 679 -70.87 98.09 42.72
N PHE E 680 -69.75 98.63 43.22
CA PHE E 680 -68.48 97.92 43.38
C PHE E 680 -68.61 96.72 44.29
N THR E 681 -69.61 96.72 45.18
CA THR E 681 -69.84 95.69 46.18
C THR E 681 -70.86 94.66 45.75
N LEU E 682 -72.01 95.12 45.23
CA LEU E 682 -73.06 94.22 44.78
C LEU E 682 -72.59 93.37 43.61
N ARG E 683 -71.89 94.01 42.66
CA ARG E 683 -71.35 93.28 41.51
C ARG E 683 -70.34 92.25 41.94
N GLN E 684 -69.52 92.57 42.93
CA GLN E 684 -68.49 91.65 43.41
C GLN E 684 -69.10 90.44 44.09
N ARG E 685 -70.15 90.65 44.91
CA ARG E 685 -70.84 89.56 45.58
C ARG E 685 -71.43 88.56 44.57
N MET E 686 -72.20 89.10 43.61
CA MET E 686 -72.78 88.25 42.57
C MET E 686 -71.71 87.55 41.73
N LEU E 687 -70.59 88.24 41.51
CA LEU E 687 -69.50 87.74 40.67
C LEU E 687 -68.85 86.51 41.26
N ASN E 688 -68.45 86.61 42.55
CA ASN E 688 -67.81 85.48 43.22
C ASN E 688 -68.77 84.30 43.32
N PHE E 689 -70.06 84.58 43.58
CA PHE E 689 -71.03 83.48 43.71
C PHE E 689 -71.21 82.72 42.40
N VAL E 690 -71.40 83.43 41.28
CA VAL E 690 -71.69 82.72 40.04
C VAL E 690 -70.43 82.19 39.37
N GLN E 691 -69.24 82.57 39.81
CA GLN E 691 -68.08 81.81 39.34
C GLN E 691 -67.76 80.61 40.22
N ASN E 692 -68.15 80.64 41.48
CA ASN E 692 -67.91 79.47 42.32
C ASN E 692 -68.94 78.36 42.11
N ILE E 693 -70.17 78.70 41.67
CA ILE E 693 -71.06 77.62 41.21
C ILE E 693 -70.48 76.94 39.97
N GLN E 694 -69.79 77.72 39.12
CA GLN E 694 -69.17 77.30 37.87
C GLN E 694 -67.90 76.51 38.11
N TYR E 695 -67.28 76.69 39.28
CA TYR E 695 -66.16 75.81 39.63
C TYR E 695 -66.65 74.52 40.27
N TYR E 696 -67.63 74.62 41.17
CA TYR E 696 -68.17 73.49 41.91
C TYR E 696 -68.72 72.43 40.97
N MET E 697 -69.60 72.84 40.05
CA MET E 697 -70.20 71.91 39.10
C MET E 697 -69.15 71.27 38.21
N MET E 698 -68.32 72.10 37.54
CA MET E 698 -67.40 71.61 36.52
C MET E 698 -66.34 70.70 37.09
N PHE E 699 -65.75 71.05 38.23
CA PHE E 699 -64.64 70.26 38.74
C PHE E 699 -65.05 69.23 39.77
N GLU E 700 -66.32 69.20 40.19
CA GLU E 700 -66.72 68.16 41.14
C GLU E 700 -67.80 67.26 40.57
N VAL E 701 -68.88 67.87 40.07
CA VAL E 701 -70.04 67.07 39.71
C VAL E 701 -69.79 66.32 38.42
N MET E 702 -69.08 66.95 37.48
CA MET E 702 -68.94 66.41 36.14
C MET E 702 -67.61 65.70 35.92
N GLU E 703 -66.50 66.40 36.08
CA GLU E 703 -65.22 65.96 35.51
C GLU E 703 -64.61 64.70 36.14
N PRO E 704 -64.63 64.49 37.47
CA PRO E 704 -64.23 63.17 37.96
C PRO E 704 -65.14 62.07 37.51
N THR E 705 -66.45 62.30 37.52
CA THR E 705 -67.40 61.25 37.14
C THR E 705 -67.28 60.93 35.66
N TRP E 706 -66.99 61.94 34.86
CA TRP E 706 -66.71 61.75 33.44
C TRP E 706 -65.45 60.93 33.23
N HIS E 707 -64.39 61.27 33.97
CA HIS E 707 -63.15 60.50 33.94
C HIS E 707 -63.35 59.07 34.41
N ILE E 708 -64.25 58.87 35.37
CA ILE E 708 -64.57 57.53 35.87
C ILE E 708 -65.26 56.71 34.79
N LEU E 709 -66.24 57.32 34.11
CA LEU E 709 -66.96 56.64 33.04
C LEU E 709 -66.03 56.24 31.91
N GLU E 710 -65.06 57.10 31.59
CA GLU E 710 -64.16 56.80 30.48
C GLU E 710 -63.15 55.71 30.80
N LYS E 711 -62.91 55.44 32.08
CA LYS E 711 -62.16 54.24 32.42
C LYS E 711 -63.08 53.03 32.54
N ASN E 712 -64.31 53.25 33.01
CA ASN E 712 -65.22 52.14 33.29
C ASN E 712 -65.76 51.50 32.02
N LEU E 713 -65.82 52.25 30.93
CA LEU E 713 -66.28 51.67 29.67
C LEU E 713 -65.30 50.62 29.15
N LYS E 714 -64.00 50.82 29.42
CA LYS E 714 -63.00 49.84 29.04
C LYS E 714 -62.96 48.65 29.99
N SER E 715 -63.63 48.73 31.15
CA SER E 715 -63.77 47.58 32.02
C SER E 715 -65.15 46.95 31.87
N ALA E 716 -65.82 47.19 30.75
CA ALA E 716 -67.06 46.50 30.44
C ALA E 716 -66.77 45.41 29.43
N SER E 717 -67.56 44.34 29.48
CA SER E 717 -67.35 43.19 28.62
C SER E 717 -68.63 42.74 27.92
N ASN E 718 -69.76 43.38 28.19
CA ASN E 718 -71.00 43.16 27.47
C ASN E 718 -71.78 44.46 27.51
N ILE E 719 -72.80 44.53 26.64
CA ILE E 719 -73.60 45.75 26.46
C ILE E 719 -74.38 46.09 27.73
N ASP E 720 -74.67 45.09 28.55
CA ASP E 720 -75.40 45.31 29.81
C ASP E 720 -74.60 46.17 30.78
N ASP E 721 -73.28 45.99 30.82
CA ASP E 721 -72.43 46.83 31.67
C ASP E 721 -72.28 48.23 31.09
N VAL E 722 -72.16 48.30 29.76
CA VAL E 722 -71.98 49.56 29.05
C VAL E 722 -73.17 50.48 29.28
N LEU E 723 -74.37 49.95 29.11
CA LEU E 723 -75.59 50.71 29.34
C LEU E 723 -75.79 51.07 30.80
N GLY E 724 -75.20 50.33 31.73
CA GLY E 724 -75.26 50.70 33.12
C GLY E 724 -74.43 51.94 33.42
N HIS E 725 -73.19 51.97 32.89
CA HIS E 725 -72.24 53.03 33.24
C HIS E 725 -72.71 54.41 32.78
N HIS E 726 -73.22 54.48 31.54
CA HIS E 726 -73.65 55.75 30.97
C HIS E 726 -74.88 56.30 31.68
N THR E 727 -75.86 55.43 31.92
CA THR E 727 -77.07 55.79 32.66
C THR E 727 -76.72 56.29 34.06
N GLY E 728 -75.76 55.63 34.72
CA GLY E 728 -75.24 56.09 35.99
C GLY E 728 -74.64 57.49 35.96
N PHE E 729 -73.70 57.72 35.03
CA PHE E 729 -73.04 59.03 34.91
C PHE E 729 -74.05 60.13 34.66
N LEU E 730 -74.92 59.92 33.66
CA LEU E 730 -75.89 60.92 33.28
C LEU E 730 -76.88 61.19 34.39
N ASP E 731 -77.46 60.14 34.98
CA ASP E 731 -78.53 60.28 35.95
C ASP E 731 -78.04 60.89 37.25
N THR E 732 -76.89 60.44 37.75
CA THR E 732 -76.39 60.99 39.01
C THR E 732 -75.93 62.44 38.85
N CYS E 733 -75.28 62.77 37.72
CA CYS E 733 -74.84 64.14 37.51
C CYS E 733 -76.02 65.10 37.31
N LEU E 734 -77.09 64.66 36.64
CA LEU E 734 -78.24 65.55 36.51
C LEU E 734 -78.97 65.72 37.82
N LYS E 735 -79.02 64.68 38.64
CA LYS E 735 -79.72 64.82 39.91
C LYS E 735 -78.94 65.72 40.86
N ASP E 736 -77.60 65.77 40.75
CA ASP E 736 -76.86 66.73 41.56
C ASP E 736 -77.12 68.16 41.09
N CYS E 737 -77.24 68.37 39.79
CA CYS E 737 -77.50 69.70 39.27
C CYS E 737 -78.95 70.12 39.49
N MET E 738 -79.24 71.39 39.16
CA MET E 738 -80.50 71.99 39.58
C MET E 738 -81.71 71.53 38.79
N LEU E 739 -81.55 70.73 37.74
CA LEU E 739 -82.66 70.37 36.87
C LEU E 739 -83.68 69.48 37.59
N THR E 740 -83.19 68.43 38.23
CA THR E 740 -84.03 67.64 39.12
C THR E 740 -83.33 67.56 40.47
N ASN E 741 -84.12 67.88 41.48
CA ASN E 741 -83.71 67.96 42.87
C ASN E 741 -84.94 67.63 43.70
N PRO E 742 -84.77 67.35 45.00
CA PRO E 742 -85.96 67.19 45.86
C PRO E 742 -86.86 68.42 45.90
N GLU E 743 -86.28 69.62 46.02
CA GLU E 743 -87.08 70.83 46.02
C GLU E 743 -87.09 71.54 44.67
N LEU E 744 -86.24 71.07 43.72
CA LEU E 744 -85.85 71.64 42.42
C LEU E 744 -84.92 72.84 42.61
N LEU E 745 -84.80 73.29 43.86
CA LEU E 745 -84.03 74.44 44.29
C LEU E 745 -84.33 75.66 43.41
N LYS E 746 -85.60 76.10 43.52
CA LYS E 746 -86.16 77.26 42.81
C LYS E 746 -85.50 78.56 43.21
N VAL E 747 -84.82 78.56 44.37
CA VAL E 747 -83.99 79.66 44.82
C VAL E 747 -82.92 80.01 43.80
N PHE E 748 -82.45 79.03 43.02
CA PHE E 748 -81.45 79.30 42.00
C PHE E 748 -82.03 80.12 40.85
N SER E 749 -83.24 79.77 40.41
CA SER E 749 -83.91 80.55 39.37
C SER E 749 -84.19 81.97 39.84
N LYS E 750 -84.60 82.12 41.10
CA LYS E 750 -84.82 83.46 41.62
C LYS E 750 -83.51 84.23 41.81
N LEU E 751 -82.40 83.53 42.05
CA LEU E 751 -81.11 84.18 42.13
C LEU E 751 -80.67 84.69 40.77
N MET E 752 -80.90 83.90 39.73
CA MET E 752 -80.64 84.36 38.37
C MET E 752 -81.56 85.52 38.00
N SER E 753 -82.78 85.56 38.57
CA SER E 753 -83.66 86.70 38.34
C SER E 753 -83.11 87.98 38.98
N VAL E 754 -82.58 87.89 40.20
CA VAL E 754 -82.06 89.13 40.78
C VAL E 754 -80.76 89.53 40.09
N CYS E 755 -80.02 88.55 39.55
CA CYS E 755 -78.83 88.87 38.75
C CYS E 755 -79.20 89.64 37.47
N VAL E 756 -80.21 89.18 36.74
CA VAL E 756 -80.56 89.87 35.49
C VAL E 756 -81.17 91.23 35.79
N MET E 757 -81.88 91.37 36.92
CA MET E 757 -82.39 92.69 37.33
C MET E 757 -81.26 93.68 37.61
N PHE E 758 -80.18 93.21 38.25
CA PHE E 758 -79.04 94.11 38.48
C PHE E 758 -78.35 94.46 37.18
N THR E 759 -78.06 93.46 36.35
CA THR E 759 -77.16 93.68 35.23
C THR E 759 -77.83 94.42 34.09
N ASN E 760 -79.09 94.19 33.89
CA ASN E 760 -79.71 94.72 32.68
C ASN E 760 -80.88 95.62 32.98
N CYS E 761 -81.66 95.31 34.02
CA CYS E 761 -82.82 96.10 34.38
C CYS E 761 -82.47 97.20 35.38
N MET E 762 -81.19 97.37 35.70
CA MET E 762 -80.73 98.54 36.44
C MET E 762 -79.47 99.09 35.78
N GLN E 763 -78.82 98.27 34.98
CA GLN E 763 -77.50 98.60 34.45
C GLN E 763 -77.52 98.21 32.99
N LYS E 764 -76.39 97.73 32.46
CA LYS E 764 -76.07 97.57 31.03
C LYS E 764 -75.91 98.95 30.40
N PHE E 765 -74.73 99.53 30.66
CA PHE E 765 -74.26 100.86 30.26
C PHE E 765 -74.91 101.95 31.07
N THR E 766 -75.33 101.61 32.30
CA THR E 766 -76.16 102.42 33.18
C THR E 766 -77.44 102.90 32.48
N GLN E 767 -77.98 102.05 31.61
CA GLN E 767 -78.95 102.39 30.58
C GLN E 767 -78.62 103.69 29.87
N SER E 768 -77.36 103.86 29.47
CA SER E 768 -76.86 105.01 28.71
C SER E 768 -77.10 106.34 29.43
N MET E 769 -77.16 106.30 30.76
CA MET E 769 -77.32 107.51 31.57
C MET E 769 -75.98 108.15 31.87
N LYS E 770 -74.89 107.50 31.51
CA LYS E 770 -73.56 108.08 31.56
C LYS E 770 -73.19 108.75 30.26
N LEU E 771 -74.01 108.59 29.22
CA LEU E 771 -73.72 109.17 27.92
C LEU E 771 -74.49 110.46 27.76
N LEU E 814 -78.75 110.84 38.42
CA LEU E 814 -80.21 110.90 38.46
C LEU E 814 -80.60 111.79 39.65
N VAL E 815 -81.28 111.19 40.62
CA VAL E 815 -81.81 111.82 41.81
C VAL E 815 -81.43 110.88 42.94
N SER E 816 -80.46 109.99 42.63
CA SER E 816 -79.95 108.86 43.41
C SER E 816 -80.93 107.70 43.50
N GLY E 817 -81.84 107.59 42.53
CA GLY E 817 -82.75 106.46 42.51
C GLY E 817 -82.06 105.14 42.20
N PHE E 818 -80.97 105.20 41.44
CA PHE E 818 -80.25 103.97 41.16
C PHE E 818 -79.57 103.42 42.40
N GLU E 819 -79.22 104.28 43.36
CA GLU E 819 -78.78 103.81 44.67
C GLU E 819 -79.89 103.10 45.44
N ALA E 820 -81.13 103.56 45.30
CA ALA E 820 -82.26 102.89 45.94
C ALA E 820 -82.47 101.50 45.36
N THR E 821 -82.31 101.36 44.04
CA THR E 821 -82.42 100.02 43.46
C THR E 821 -81.23 99.14 43.85
N ILE E 822 -80.02 99.73 44.00
CA ILE E 822 -78.87 98.99 44.53
C ILE E 822 -79.20 98.40 45.90
N ASN E 823 -79.81 99.23 46.76
CA ASN E 823 -80.15 98.79 48.11
C ASN E 823 -81.18 97.66 48.11
N LYS E 824 -82.27 97.84 47.36
CA LYS E 824 -83.34 96.86 47.32
C LYS E 824 -82.86 95.51 46.79
N PHE E 825 -82.10 95.54 45.69
CA PHE E 825 -81.65 94.29 45.09
C PHE E 825 -80.54 93.63 45.90
N ASP E 826 -79.72 94.40 46.60
CA ASP E 826 -78.69 93.78 47.44
C ASP E 826 -79.32 93.06 48.62
N LYS E 827 -80.37 93.63 49.20
CA LYS E 827 -81.04 92.96 50.32
C LYS E 827 -81.76 91.68 49.86
N ASN E 828 -82.44 91.76 48.71
CA ASN E 828 -83.05 90.57 48.12
C ASN E 828 -82.00 89.50 47.79
N PHE E 829 -80.83 89.94 47.33
CA PHE E 829 -79.77 89.03 46.95
C PHE E 829 -79.19 88.31 48.16
N SER E 830 -79.05 89.03 49.28
CA SER E 830 -78.55 88.40 50.50
C SER E 830 -79.50 87.32 51.00
N ALA E 831 -80.81 87.63 51.00
CA ALA E 831 -81.81 86.64 51.44
C ALA E 831 -81.79 85.39 50.56
N HIS E 832 -81.81 85.58 49.24
CA HIS E 832 -81.89 84.44 48.31
C HIS E 832 -80.61 83.62 48.33
N LEU E 833 -79.45 84.29 48.42
CA LEU E 833 -78.15 83.63 48.46
C LEU E 833 -78.02 82.76 49.69
N LEU E 834 -78.44 83.28 50.86
CA LEU E 834 -78.37 82.49 52.08
C LEU E 834 -79.29 81.28 52.04
N ASP E 835 -80.48 81.44 51.43
CA ASP E 835 -81.39 80.29 51.32
C ASP E 835 -80.81 79.18 50.46
N LEU E 836 -80.19 79.53 49.33
CA LEU E 836 -79.57 78.52 48.47
C LEU E 836 -78.39 77.82 49.16
N LEU E 837 -77.51 78.59 49.80
CA LEU E 837 -76.34 78.00 50.44
C LEU E 837 -76.73 77.12 51.62
N ALA E 838 -77.78 77.52 52.36
CA ALA E 838 -78.27 76.71 53.47
C ALA E 838 -78.85 75.39 52.97
N ARG E 839 -79.59 75.43 51.87
CA ARG E 839 -80.16 74.18 51.34
C ARG E 839 -79.09 73.26 50.77
N LEU E 840 -78.03 73.83 50.19
CA LEU E 840 -76.95 73.00 49.68
C LEU E 840 -76.14 72.37 50.81
N SER E 841 -76.04 73.07 51.95
CA SER E 841 -75.36 72.47 53.09
C SER E 841 -76.20 71.36 53.73
N ILE E 842 -77.51 71.60 53.92
CA ILE E 842 -78.30 70.69 54.74
C ILE E 842 -78.57 69.37 54.01
N TYR E 843 -78.61 69.40 52.68
CA TYR E 843 -78.75 68.18 51.91
C TYR E 843 -77.37 67.74 51.44
N SER E 844 -76.84 66.70 52.10
CA SER E 844 -75.53 66.05 51.87
C SER E 844 -74.36 66.95 51.47
N ALA E 853 -72.12 71.11 50.11
CA ALA E 853 -71.27 71.39 51.24
C ALA E 853 -70.01 72.15 50.82
N SER E 854 -69.39 71.68 49.73
CA SER E 854 -68.06 72.12 49.36
C SER E 854 -68.05 73.57 48.87
N VAL E 855 -69.08 73.98 48.13
CA VAL E 855 -69.12 75.34 47.61
C VAL E 855 -69.33 76.35 48.74
N ILE E 856 -70.08 75.96 49.77
CA ILE E 856 -70.20 76.79 50.96
C ILE E 856 -68.89 76.79 51.72
N SER E 857 -68.22 75.62 51.79
CA SER E 857 -66.98 75.49 52.56
C SER E 857 -65.89 76.38 52.00
N ARG E 858 -65.80 76.49 50.68
CA ARG E 858 -64.80 77.36 50.10
C ARG E 858 -65.28 78.79 49.90
N LEU E 859 -66.60 79.02 49.83
CA LEU E 859 -67.12 80.36 49.64
C LEU E 859 -66.89 81.21 50.88
N ASP E 860 -67.47 80.82 52.01
CA ASP E 860 -66.99 81.30 53.31
C ASP E 860 -65.78 80.47 53.77
N PHE E 861 -64.67 80.72 53.05
CA PHE E 861 -63.39 80.04 53.26
C PHE E 861 -62.89 80.26 54.68
N ASN E 862 -63.27 81.37 55.31
CA ASN E 862 -63.19 81.52 56.77
C ASN E 862 -64.33 82.16 57.54
N GLY E 863 -65.55 81.70 57.39
CA GLY E 863 -66.59 82.17 58.25
C GLY E 863 -66.86 83.65 58.11
N PHE E 864 -66.54 84.22 56.95
CA PHE E 864 -66.93 85.58 56.59
C PHE E 864 -68.20 85.51 55.76
N TYR E 865 -69.15 86.39 56.06
CA TYR E 865 -70.50 86.37 55.51
C TYR E 865 -71.08 84.95 55.45
N THR E 866 -70.87 84.21 56.54
CA THR E 866 -71.46 82.92 56.82
C THR E 866 -72.63 83.03 57.79
N GLU E 867 -72.74 84.17 58.47
CA GLU E 867 -73.86 84.50 59.31
C GLU E 867 -74.39 85.84 58.81
N ARG E 868 -75.40 85.77 57.97
CA ARG E 868 -76.25 86.91 57.69
C ARG E 868 -77.56 86.82 58.44
N LEU E 869 -78.02 85.60 58.71
CA LEU E 869 -79.00 85.20 59.71
C LEU E 869 -78.86 83.69 59.76
N GLU E 870 -79.17 83.06 60.88
CA GLU E 870 -79.25 81.61 60.91
C GLU E 870 -80.71 81.21 60.96
N ARG E 871 -81.03 80.10 60.30
CA ARG E 871 -82.41 79.64 60.20
C ARG E 871 -82.90 79.17 61.58
N LEU E 872 -84.04 79.70 62.00
CA LEU E 872 -84.64 79.34 63.27
C LEU E 872 -86.14 79.65 63.25
N ILE F 245 -116.30 -19.69 8.86
CA ILE F 245 -115.22 -19.77 7.88
C ILE F 245 -113.91 -20.11 8.60
N THR F 246 -112.78 -19.98 7.90
CA THR F 246 -111.50 -20.45 8.42
C THR F 246 -110.44 -19.37 8.36
N GLU F 247 -109.57 -19.37 9.38
CA GLU F 247 -108.43 -18.46 9.42
C GLU F 247 -107.37 -18.85 8.40
N ALA F 248 -107.34 -20.13 8.05
CA ALA F 248 -106.39 -20.66 7.07
C ALA F 248 -106.58 -20.03 5.71
N ALA F 249 -107.82 -19.69 5.35
CA ALA F 249 -108.02 -18.93 4.13
C ALA F 249 -107.70 -17.45 4.36
N LEU F 250 -107.84 -16.98 5.58
CA LEU F 250 -107.64 -15.55 5.83
C LEU F 250 -106.18 -15.16 5.69
N VAL F 251 -105.26 -16.07 5.99
CA VAL F 251 -103.84 -15.70 5.90
C VAL F 251 -103.40 -15.57 4.43
N ARG F 252 -103.80 -16.52 3.57
CA ARG F 252 -103.47 -16.41 2.15
C ARG F 252 -104.18 -15.22 1.51
N ASP F 253 -105.41 -14.95 1.95
CA ASP F 253 -106.14 -13.84 1.34
C ASP F 253 -105.59 -12.49 1.80
N ILE F 254 -105.08 -12.39 3.03
CA ILE F 254 -104.53 -11.11 3.47
C ILE F 254 -103.19 -10.85 2.79
N LEU F 255 -102.47 -11.93 2.41
CA LEU F 255 -101.30 -11.77 1.56
C LEU F 255 -101.69 -11.18 0.20
N TYR F 256 -102.72 -11.75 -0.43
CA TYR F 256 -103.23 -11.24 -1.71
C TYR F 256 -103.65 -9.79 -1.62
N VAL F 257 -104.34 -9.44 -0.53
CA VAL F 257 -104.93 -8.12 -0.38
C VAL F 257 -103.84 -7.08 -0.17
N PHE F 258 -102.78 -7.45 0.56
CA PHE F 258 -101.58 -6.62 0.66
C PHE F 258 -100.98 -6.34 -0.70
N GLN F 259 -100.95 -7.35 -1.55
CA GLN F 259 -100.41 -7.13 -2.90
C GLN F 259 -101.29 -6.24 -3.76
N GLY F 260 -102.51 -5.93 -3.34
CA GLY F 260 -103.41 -5.14 -4.13
C GLY F 260 -104.32 -5.96 -5.01
N ILE F 261 -104.57 -7.21 -4.66
CA ILE F 261 -105.38 -8.13 -5.45
C ILE F 261 -106.48 -8.69 -4.55
N ASP F 262 -107.71 -8.69 -5.05
CA ASP F 262 -108.87 -9.14 -4.28
C ASP F 262 -108.78 -10.63 -3.99
N GLY F 263 -108.76 -10.98 -2.71
CA GLY F 263 -108.71 -12.36 -2.28
C GLY F 263 -110.05 -13.06 -2.43
N LYS F 264 -110.12 -14.27 -1.88
CA LYS F 264 -111.27 -15.12 -2.08
C LYS F 264 -112.35 -14.91 -1.03
N ASN F 265 -111.98 -14.92 0.25
CA ASN F 265 -112.91 -14.58 1.32
C ASN F 265 -112.88 -13.10 1.66
N ILE F 266 -111.77 -12.43 1.41
CA ILE F 266 -111.65 -10.99 1.63
C ILE F 266 -111.81 -10.32 0.28
N LYS F 267 -112.83 -9.48 0.17
CA LYS F 267 -113.08 -8.79 -1.07
C LYS F 267 -113.06 -7.29 -0.81
N MET F 268 -112.62 -6.55 -1.82
CA MET F 268 -112.67 -5.10 -1.76
C MET F 268 -114.12 -4.64 -1.70
N ASN F 269 -114.36 -3.63 -0.86
CA ASN F 269 -115.70 -3.09 -0.66
C ASN F 269 -115.74 -1.69 -1.26
N ASN F 270 -116.62 -1.48 -2.24
CA ASN F 270 -116.70 -0.23 -2.98
C ASN F 270 -117.77 0.71 -2.46
N THR F 271 -118.36 0.40 -1.31
CA THR F 271 -119.21 1.34 -0.59
C THR F 271 -118.47 2.03 0.51
N GLU F 272 -117.40 1.43 1.01
CA GLU F 272 -116.38 2.03 1.84
C GLU F 272 -115.15 2.18 0.96
N ASN F 273 -114.03 2.53 1.58
CA ASN F 273 -112.78 2.78 0.87
C ASN F 273 -111.80 1.62 1.06
N CYS F 274 -112.16 0.63 1.87
CA CYS F 274 -111.22 -0.42 2.24
C CYS F 274 -111.86 -1.78 2.03
N TYR F 275 -111.03 -2.82 2.19
CA TYR F 275 -111.46 -4.20 2.03
C TYR F 275 -112.27 -4.63 3.24
N LYS F 276 -113.26 -5.49 3.00
CA LYS F 276 -114.13 -5.97 4.05
C LYS F 276 -114.30 -7.47 3.89
N VAL F 277 -114.11 -8.19 4.99
CA VAL F 277 -114.22 -9.64 4.99
C VAL F 277 -115.68 -10.03 4.87
N GLU F 278 -115.93 -11.12 4.15
CA GLU F 278 -117.25 -11.74 4.06
C GLU F 278 -117.77 -12.18 5.43
N SER F 286 -113.28 -10.55 17.92
CA SER F 286 -113.10 -11.74 17.12
C SER F 286 -112.01 -11.53 16.07
N LEU F 287 -111.83 -12.54 15.21
CA LEU F 287 -110.86 -12.50 14.12
C LEU F 287 -111.22 -11.51 13.03
N ARG F 288 -112.50 -11.16 12.90
CA ARG F 288 -112.94 -10.15 11.96
C ARG F 288 -112.23 -8.82 12.20
N ASP F 289 -112.09 -8.45 13.47
CA ASP F 289 -111.37 -7.23 13.86
C ASP F 289 -109.89 -7.32 13.51
N THR F 290 -109.30 -8.52 13.66
CA THR F 290 -107.90 -8.72 13.33
C THR F 290 -107.65 -8.44 11.86
N ALA F 291 -108.56 -8.90 11.00
CA ALA F 291 -108.44 -8.59 9.59
C ALA F 291 -108.63 -7.11 9.32
N VAL F 292 -109.57 -6.49 10.04
CA VAL F 292 -109.92 -5.09 9.79
C VAL F 292 -108.76 -4.15 10.11
N ARG F 293 -108.01 -4.46 11.18
CA ARG F 293 -106.85 -3.64 11.53
C ARG F 293 -105.78 -3.69 10.44
N LEU F 294 -105.67 -4.82 9.75
CA LEU F 294 -104.58 -4.99 8.80
C LEU F 294 -104.94 -4.51 7.40
N SER F 295 -106.25 -4.52 7.05
CA SER F 295 -106.70 -4.21 5.68
C SER F 295 -106.32 -2.81 5.20
N GLU F 296 -106.09 -1.89 6.14
CA GLU F 296 -105.62 -0.56 5.81
C GLU F 296 -104.28 -0.59 5.09
N LEU F 297 -103.42 -1.57 5.40
CA LEU F 297 -102.12 -1.69 4.75
C LEU F 297 -102.25 -1.96 3.26
N GLY F 298 -103.24 -2.75 2.85
CA GLY F 298 -103.48 -2.97 1.44
C GLY F 298 -104.03 -1.74 0.75
N TRP F 299 -104.95 -1.03 1.41
CA TRP F 299 -105.50 0.17 0.78
C TRP F 299 -104.46 1.28 0.60
N LEU F 300 -103.63 1.51 1.62
CA LEU F 300 -102.59 2.53 1.62
C LEU F 300 -101.53 2.31 0.55
N HIS F 301 -101.49 1.11 -0.03
CA HIS F 301 -100.70 0.71 -1.18
C HIS F 301 -101.42 0.94 -2.50
N ASN F 302 -102.72 0.62 -2.52
CA ASN F 302 -103.55 0.80 -3.72
C ASN F 302 -103.53 2.25 -4.20
N LYS F 303 -103.65 3.20 -3.27
CA LYS F 303 -103.73 4.63 -3.65
C LYS F 303 -102.46 5.10 -4.37
N ILE F 304 -101.29 4.80 -3.79
CA ILE F 304 -100.05 5.34 -4.33
C ILE F 304 -99.66 4.66 -5.63
N ARG F 305 -99.92 3.34 -5.77
CA ARG F 305 -99.59 2.67 -7.03
C ARG F 305 -100.50 3.16 -8.16
N ARG F 306 -101.78 3.44 -7.84
CA ARG F 306 -102.71 3.92 -8.85
C ARG F 306 -102.31 5.30 -9.35
N TYR F 307 -102.01 6.21 -8.43
CA TYR F 307 -101.69 7.59 -8.82
C TYR F 307 -100.39 7.66 -9.62
N THR F 308 -99.37 6.94 -9.17
CA THR F 308 -98.10 7.01 -9.85
C THR F 308 -98.10 6.27 -11.19
N ASP F 309 -99.00 5.31 -11.38
CA ASP F 309 -99.12 4.75 -12.72
C ASP F 309 -100.00 5.59 -13.63
N GLN F 310 -100.97 6.31 -13.06
CA GLN F 310 -101.83 7.18 -13.85
C GLN F 310 -101.04 8.36 -14.40
N ARG F 311 -100.14 8.92 -13.61
CA ARG F 311 -99.36 10.07 -14.06
C ARG F 311 -98.16 9.70 -14.93
N SER F 312 -97.90 8.41 -15.13
CA SER F 312 -96.93 7.98 -16.13
C SER F 312 -97.58 7.74 -17.48
N LEU F 313 -98.90 7.84 -17.56
CA LEU F 313 -99.60 7.98 -18.82
C LEU F 313 -99.99 9.43 -19.06
N ASP F 314 -99.48 10.34 -18.24
CA ASP F 314 -99.68 11.77 -18.39
C ASP F 314 -98.34 12.43 -18.69
N ARG F 315 -98.34 13.32 -19.69
CA ARG F 315 -97.19 14.16 -19.98
C ARG F 315 -97.46 15.62 -19.69
N SER F 316 -98.72 16.00 -19.44
CA SER F 316 -99.07 17.32 -18.96
C SER F 316 -98.94 17.43 -17.45
N PHE F 317 -98.23 16.50 -16.83
CA PHE F 317 -97.91 16.49 -15.42
C PHE F 317 -96.55 17.11 -15.15
N GLY F 318 -95.90 17.65 -16.19
CA GLY F 318 -94.59 18.25 -16.05
C GLY F 318 -93.48 17.21 -16.00
N LEU F 319 -92.26 17.72 -15.84
CA LEU F 319 -91.07 16.88 -15.70
C LEU F 319 -90.57 16.83 -14.27
N VAL F 320 -91.20 17.60 -13.38
CA VAL F 320 -90.92 17.56 -11.96
C VAL F 320 -91.89 16.54 -11.36
N GLY F 321 -93.10 16.50 -11.93
CA GLY F 321 -94.05 15.46 -11.58
C GLY F 321 -93.55 14.07 -11.94
N GLN F 322 -92.82 13.97 -13.04
CA GLN F 322 -92.21 12.70 -13.43
C GLN F 322 -91.07 12.28 -12.50
N SER F 323 -90.36 13.24 -11.88
CA SER F 323 -89.33 12.92 -10.91
C SER F 323 -89.90 12.49 -9.58
N PHE F 324 -90.94 13.21 -9.15
CA PHE F 324 -91.78 12.80 -8.03
C PHE F 324 -92.27 11.37 -8.23
N CYS F 325 -92.79 11.08 -9.43
CA CYS F 325 -93.34 9.76 -9.72
C CYS F 325 -92.27 8.67 -9.78
N ALA F 326 -91.08 9.01 -10.29
CA ALA F 326 -89.98 8.05 -10.30
C ALA F 326 -89.57 7.67 -8.88
N ALA F 327 -89.51 8.68 -8.00
CA ALA F 327 -89.26 8.42 -6.57
C ALA F 327 -90.33 7.51 -5.98
N LEU F 328 -91.59 7.72 -6.37
CA LEU F 328 -92.67 6.89 -5.79
C LEU F 328 -92.58 5.44 -6.28
N HIS F 329 -92.19 5.23 -7.55
CA HIS F 329 -91.89 3.88 -8.05
C HIS F 329 -90.83 3.20 -7.20
N GLN F 330 -89.76 3.93 -6.88
CA GLN F 330 -88.68 3.32 -6.10
C GLN F 330 -89.10 3.02 -4.67
N GLU F 331 -89.98 3.86 -4.10
CA GLU F 331 -90.52 3.56 -2.78
C GLU F 331 -91.41 2.33 -2.81
N LEU F 332 -92.12 2.14 -3.92
CA LEU F 332 -93.00 1.00 -4.12
C LEU F 332 -92.21 -0.31 -4.17
N ARG F 333 -90.98 -0.22 -4.67
CA ARG F 333 -90.13 -1.40 -4.82
C ARG F 333 -89.83 -2.10 -3.49
N GLU F 334 -89.60 -1.33 -2.42
CA GLU F 334 -89.30 -1.93 -1.12
C GLU F 334 -90.51 -2.62 -0.50
N TYR F 335 -91.69 -2.07 -0.73
CA TYR F 335 -92.89 -2.75 -0.30
C TYR F 335 -93.17 -4.01 -1.11
N TYR F 336 -92.66 -4.09 -2.34
CA TYR F 336 -92.71 -5.38 -3.01
C TYR F 336 -91.66 -6.36 -2.48
N ARG F 337 -90.54 -5.85 -1.98
CA ARG F 337 -89.52 -6.70 -1.36
C ARG F 337 -90.08 -7.45 -0.15
N LEU F 338 -90.81 -6.71 0.69
CA LEU F 338 -91.46 -7.31 1.85
C LEU F 338 -92.42 -8.44 1.45
N LEU F 339 -93.27 -8.16 0.47
CA LEU F 339 -94.28 -9.10 0.03
C LEU F 339 -93.70 -10.27 -0.75
N SER F 340 -92.45 -10.14 -1.19
CA SER F 340 -91.75 -11.30 -1.72
C SER F 340 -91.37 -12.25 -0.58
N VAL F 341 -90.75 -11.68 0.46
CA VAL F 341 -90.32 -12.46 1.63
C VAL F 341 -91.50 -13.21 2.23
N LEU F 342 -92.63 -12.51 2.34
CA LEU F 342 -93.80 -13.10 2.99
C LEU F 342 -94.42 -14.19 2.14
N HIS F 343 -94.33 -14.06 0.80
CA HIS F 343 -94.92 -15.04 -0.08
C HIS F 343 -94.15 -16.34 -0.04
N SER F 344 -92.84 -16.28 0.24
CA SER F 344 -92.07 -17.51 0.38
C SER F 344 -92.55 -18.35 1.56
N GLN F 345 -92.92 -17.70 2.66
CA GLN F 345 -93.40 -18.41 3.84
C GLN F 345 -94.74 -19.09 3.63
N LEU F 346 -95.52 -18.63 2.67
CA LEU F 346 -96.74 -19.33 2.31
C LEU F 346 -96.36 -20.61 1.59
N ARG F 366 -98.81 -14.87 13.35
CA ARG F 366 -99.74 -13.78 13.14
C ARG F 366 -99.08 -12.64 12.39
N LEU F 367 -97.80 -12.42 12.70
CA LEU F 367 -96.90 -11.51 11.98
C LEU F 367 -97.37 -10.05 12.07
N LEU F 368 -97.87 -9.66 13.25
CA LEU F 368 -98.20 -8.27 13.50
C LEU F 368 -96.98 -7.37 13.47
N VAL F 369 -95.88 -7.85 14.06
CA VAL F 369 -94.66 -7.06 14.17
C VAL F 369 -94.06 -6.82 12.80
N TRP F 370 -94.17 -7.81 11.92
CA TRP F 370 -93.85 -7.62 10.51
C TRP F 370 -94.69 -6.51 9.90
N THR F 371 -95.99 -6.51 10.19
CA THR F 371 -96.94 -5.69 9.47
C THR F 371 -97.25 -4.39 10.18
N TYR F 372 -96.59 -4.11 11.30
CA TYR F 372 -96.79 -2.85 12.01
C TYR F 372 -95.92 -1.74 11.46
N ASP F 373 -94.70 -2.07 11.07
CA ASP F 373 -93.71 -1.11 10.58
C ASP F 373 -94.06 -0.51 9.22
N PRO F 374 -94.60 -1.24 8.23
CA PRO F 374 -95.09 -0.54 7.03
C PRO F 374 -96.48 0.06 7.19
N LYS F 375 -97.25 -0.31 8.21
CA LYS F 375 -98.54 0.33 8.44
C LYS F 375 -98.38 1.76 8.95
N ILE F 376 -97.19 2.12 9.41
CA ILE F 376 -96.81 3.51 9.63
C ILE F 376 -96.27 4.13 8.35
N ARG F 377 -95.51 3.34 7.58
CA ARG F 377 -94.75 3.89 6.46
C ARG F 377 -95.65 4.27 5.29
N LEU F 378 -96.64 3.41 4.97
CA LEU F 378 -97.49 3.66 3.80
C LEU F 378 -98.43 4.84 4.02
N LYS F 379 -98.82 5.07 5.28
CA LYS F 379 -99.63 6.21 5.68
C LYS F 379 -99.00 7.52 5.27
N THR F 380 -97.73 7.72 5.63
CA THR F 380 -97.06 8.99 5.39
C THR F 380 -96.81 9.21 3.90
N LEU F 381 -96.59 8.11 3.16
CA LEU F 381 -96.39 8.21 1.72
C LEU F 381 -97.68 8.63 1.01
N ALA F 382 -98.80 7.98 1.34
CA ALA F 382 -100.08 8.39 0.77
C ALA F 382 -100.49 9.79 1.22
N ALA F 383 -100.07 10.20 2.41
CA ALA F 383 -100.28 11.57 2.88
C ALA F 383 -99.49 12.57 2.05
N LEU F 384 -98.25 12.20 1.71
CA LEU F 384 -97.41 13.02 0.85
C LEU F 384 -98.00 13.13 -0.56
N VAL F 385 -98.55 12.03 -1.05
CA VAL F 385 -99.23 12.03 -2.35
C VAL F 385 -100.46 12.93 -2.32
N ASP F 386 -101.25 12.83 -1.25
CA ASP F 386 -102.49 13.57 -1.15
C ASP F 386 -102.25 15.06 -0.96
N HIS F 387 -101.16 15.42 -0.26
CA HIS F 387 -100.82 16.83 -0.10
C HIS F 387 -100.39 17.45 -1.43
N CYS F 388 -99.75 16.67 -2.28
CA CYS F 388 -99.24 17.15 -3.56
C CYS F 388 -100.21 16.87 -4.69
N GLN F 389 -101.50 16.96 -4.38
CA GLN F 389 -102.56 16.68 -5.34
C GLN F 389 -102.60 17.76 -6.42
N GLY F 390 -102.38 17.36 -7.67
CA GLY F 390 -102.51 18.24 -8.82
C GLY F 390 -101.48 19.35 -8.90
N ARG F 391 -100.20 19.00 -8.94
CA ARG F 391 -99.13 19.99 -8.93
C ARG F 391 -98.13 19.70 -10.03
N LYS F 392 -97.34 20.72 -10.32
CA LYS F 392 -96.14 20.63 -11.14
C LYS F 392 -95.28 21.84 -10.84
N GLY F 393 -93.97 21.69 -11.05
CA GLY F 393 -93.07 22.81 -10.91
C GLY F 393 -92.83 23.20 -9.46
N GLY F 394 -92.61 24.50 -9.25
CA GLY F 394 -92.20 25.04 -7.98
C GLY F 394 -93.27 25.05 -6.90
N GLU F 395 -94.50 24.70 -7.22
CA GLU F 395 -95.51 24.43 -6.22
C GLU F 395 -95.50 22.98 -5.77
N LEU F 396 -94.90 22.10 -6.57
CA LEU F 396 -94.57 20.75 -6.13
C LEU F 396 -93.23 20.71 -5.44
N ALA F 397 -92.41 21.75 -5.60
CA ALA F 397 -91.24 21.96 -4.76
C ALA F 397 -91.55 22.95 -3.64
N SER F 398 -92.84 23.19 -3.42
CA SER F 398 -93.33 23.89 -2.25
C SER F 398 -94.58 23.17 -1.74
N ALA F 399 -94.67 21.88 -2.08
CA ALA F 399 -95.51 20.93 -1.36
C ALA F 399 -94.76 19.66 -1.03
N VAL F 400 -93.55 19.50 -1.52
CA VAL F 400 -92.66 18.47 -1.05
C VAL F 400 -91.55 19.03 -0.15
N HIS F 401 -91.15 20.30 -0.33
CA HIS F 401 -90.24 20.94 0.62
C HIS F 401 -90.95 21.71 1.72
N ALA F 402 -92.18 22.15 1.49
CA ALA F 402 -93.01 22.75 2.53
C ALA F 402 -93.67 21.69 3.41
N TYR F 403 -93.47 20.43 3.09
CA TYR F 403 -94.02 19.29 3.81
C TYR F 403 -92.91 18.55 4.56
N THR F 404 -91.79 19.25 4.80
CA THR F 404 -90.66 18.76 5.58
C THR F 404 -90.49 19.51 6.88
N LYS F 405 -91.59 19.97 7.47
CA LYS F 405 -91.48 20.80 8.66
C LYS F 405 -91.80 20.02 9.92
N THR F 406 -91.35 18.77 9.98
CA THR F 406 -91.58 17.88 11.11
C THR F 406 -90.32 17.76 11.95
N GLY F 407 -90.47 17.07 13.08
CA GLY F 407 -89.33 16.71 13.92
C GLY F 407 -89.26 15.20 14.08
N ASP F 408 -90.18 14.53 13.40
CA ASP F 408 -90.30 13.07 13.33
C ASP F 408 -89.19 12.53 12.43
N PRO F 409 -88.18 11.85 12.98
CA PRO F 409 -87.03 11.44 12.17
C PRO F 409 -87.33 10.31 11.19
N TYR F 410 -88.45 9.61 11.37
CA TYR F 410 -88.87 8.58 10.44
C TYR F 410 -89.45 9.17 9.17
N MET F 411 -90.04 10.36 9.27
CA MET F 411 -90.53 11.08 8.09
C MET F 411 -89.41 11.86 7.42
N ARG F 412 -88.46 12.35 8.23
CA ARG F 412 -87.29 13.04 7.71
C ARG F 412 -86.48 12.13 6.80
N SER F 413 -86.41 10.84 7.15
CA SER F 413 -85.77 9.86 6.29
C SER F 413 -86.61 9.57 5.05
N LEU F 414 -87.93 9.70 5.16
CA LEU F 414 -88.81 9.35 4.05
C LEU F 414 -88.76 10.40 2.96
N VAL F 415 -88.61 11.67 3.34
CA VAL F 415 -88.70 12.74 2.36
C VAL F 415 -87.46 12.78 1.46
N GLN F 416 -86.27 12.64 2.04
CA GLN F 416 -85.09 12.30 1.25
C GLN F 416 -85.38 10.95 0.61
N HIS F 417 -84.95 10.79 -0.66
CA HIS F 417 -85.33 9.83 -1.71
C HIS F 417 -86.62 10.24 -2.44
N ILE F 418 -87.23 11.37 -2.06
CA ILE F 418 -88.23 12.01 -2.89
C ILE F 418 -87.82 13.43 -3.25
N LEU F 419 -87.42 14.22 -2.25
CA LEU F 419 -86.99 15.60 -2.45
C LEU F 419 -85.78 15.70 -3.36
N SER F 420 -84.87 14.72 -3.25
CA SER F 420 -83.65 14.69 -4.04
C SER F 420 -83.95 14.56 -5.52
N LEU F 421 -84.93 13.74 -5.88
CA LEU F 421 -85.30 13.59 -7.29
C LEU F 421 -86.06 14.81 -7.79
N VAL F 422 -86.92 15.37 -6.95
CA VAL F 422 -87.77 16.49 -7.34
C VAL F 422 -86.94 17.74 -7.62
N SER F 423 -85.91 17.99 -6.80
CA SER F 423 -85.14 19.23 -6.96
C SER F 423 -84.28 19.22 -8.23
N HIS F 424 -84.01 18.04 -8.78
CA HIS F 424 -83.04 17.91 -9.88
C HIS F 424 -83.46 18.59 -11.18
N PRO F 425 -84.70 18.48 -11.69
CA PRO F 425 -85.02 19.24 -12.92
C PRO F 425 -85.04 20.74 -12.71
N VAL F 426 -85.56 21.18 -11.56
CA VAL F 426 -85.63 22.60 -11.20
C VAL F 426 -84.25 23.23 -11.19
N LEU F 427 -83.27 22.51 -10.67
CA LEU F 427 -81.91 23.01 -10.59
C LEU F 427 -81.13 22.79 -11.86
N SER F 428 -81.56 21.82 -12.67
CA SER F 428 -81.04 21.73 -14.02
C SER F 428 -81.38 22.98 -14.80
N PHE F 429 -82.61 23.48 -14.62
CA PHE F 429 -83.02 24.68 -15.35
C PHE F 429 -82.29 25.90 -14.85
N LEU F 430 -81.83 25.86 -13.58
CA LEU F 430 -81.06 26.94 -13.00
C LEU F 430 -79.59 26.85 -13.33
N TYR F 431 -79.17 25.94 -14.21
CA TYR F 431 -77.81 25.99 -14.71
C TYR F 431 -77.81 26.47 -16.15
N ARG F 432 -79.01 26.82 -16.64
CA ARG F 432 -79.21 27.57 -17.86
C ARG F 432 -79.76 28.94 -17.51
N TRP F 433 -79.74 29.29 -16.24
CA TRP F 433 -80.18 30.61 -15.81
C TRP F 433 -79.21 31.19 -14.78
N ILE F 434 -78.28 30.37 -14.27
CA ILE F 434 -77.16 30.92 -13.53
C ILE F 434 -76.05 31.29 -14.51
N TYR F 435 -76.06 30.69 -15.68
CA TYR F 435 -75.13 31.03 -16.74
C TYR F 435 -75.96 31.15 -17.99
N ASP F 436 -75.31 31.16 -19.14
CA ASP F 436 -76.00 31.27 -20.41
C ASP F 436 -76.92 30.09 -20.62
N GLY F 437 -78.03 30.37 -21.26
CA GLY F 437 -79.09 29.41 -21.44
C GLY F 437 -80.36 30.21 -21.62
N GLU F 438 -81.47 29.48 -21.72
CA GLU F 438 -82.75 30.11 -21.96
C GLU F 438 -83.81 29.16 -21.44
N LEU F 439 -84.97 29.72 -21.11
CA LEU F 439 -86.09 28.89 -20.69
C LEU F 439 -86.58 28.05 -21.85
N GLU F 440 -86.74 26.76 -21.61
CA GLU F 440 -87.35 25.87 -22.59
C GLU F 440 -88.13 24.80 -21.83
N ASP F 441 -89.46 24.94 -21.85
CA ASP F 441 -90.43 23.90 -21.50
C ASP F 441 -91.79 24.35 -22.00
N THR F 442 -92.61 23.42 -22.45
CA THR F 442 -93.97 23.78 -22.79
C THR F 442 -94.77 24.02 -21.51
N TYR F 443 -94.53 23.20 -20.50
CA TYR F 443 -95.17 23.35 -19.19
C TYR F 443 -94.23 24.16 -18.33
N HIS F 444 -94.59 25.42 -18.08
CA HIS F 444 -93.73 26.36 -17.38
C HIS F 444 -93.67 25.98 -15.92
N GLU F 445 -92.68 25.16 -15.60
CA GLU F 445 -92.43 24.68 -14.25
C GLU F 445 -91.41 25.54 -13.54
N PHE F 446 -90.66 26.30 -14.30
CA PHE F 446 -89.63 27.21 -13.84
C PHE F 446 -90.27 28.57 -13.61
N PHE F 447 -89.66 29.37 -12.73
CA PHE F 447 -90.28 30.63 -12.33
C PHE F 447 -90.23 31.67 -13.44
N VAL F 448 -89.28 31.53 -14.37
CA VAL F 448 -89.14 32.50 -15.44
C VAL F 448 -90.35 32.43 -16.35
N ALA F 449 -90.93 33.58 -16.64
CA ALA F 449 -92.01 33.71 -17.61
C ALA F 449 -91.50 34.69 -18.65
N SER F 450 -90.80 34.16 -19.65
CA SER F 450 -90.16 34.98 -20.66
C SER F 450 -91.18 35.64 -21.57
N ASP F 451 -90.77 36.74 -22.19
CA ASP F 451 -91.59 37.44 -23.16
C ASP F 451 -90.95 37.31 -24.54
N PRO F 452 -91.60 36.65 -25.50
CA PRO F 452 -91.04 36.57 -26.85
C PRO F 452 -91.08 37.90 -27.57
N THR F 453 -90.30 37.96 -28.65
CA THR F 453 -90.31 38.99 -29.71
C THR F 453 -90.05 40.41 -29.21
N VAL F 454 -89.51 40.58 -28.01
CA VAL F 454 -89.03 41.87 -27.54
C VAL F 454 -87.51 41.71 -27.44
N LYS F 455 -86.82 41.99 -28.55
CA LYS F 455 -85.38 41.82 -28.61
C LYS F 455 -84.74 42.91 -29.48
N THR F 456 -85.49 43.98 -29.74
CA THR F 456 -85.06 44.98 -30.72
C THR F 456 -83.76 45.65 -30.29
N ASP F 457 -83.80 46.42 -29.21
CA ASP F 457 -82.60 46.58 -28.40
C ASP F 457 -82.95 46.71 -26.92
N ARG F 458 -84.24 46.60 -26.60
CA ARG F 458 -84.72 46.78 -25.23
C ARG F 458 -85.09 45.42 -24.67
N LEU F 459 -84.19 44.85 -23.85
CA LEU F 459 -84.59 43.73 -23.00
C LEU F 459 -83.92 43.81 -21.64
N TRP F 460 -83.24 44.92 -21.35
CA TRP F 460 -82.68 45.18 -20.02
C TRP F 460 -83.70 45.87 -19.13
N HIS F 461 -84.94 45.92 -19.60
CA HIS F 461 -86.16 46.16 -18.85
C HIS F 461 -86.95 44.88 -19.05
N ASP F 462 -88.24 44.86 -18.76
CA ASP F 462 -89.01 43.62 -18.63
C ASP F 462 -89.04 42.81 -19.93
N LYS F 463 -88.48 41.60 -19.86
CA LYS F 463 -88.63 40.59 -20.89
C LYS F 463 -88.78 39.22 -20.22
N TYR F 464 -88.64 39.19 -18.89
CA TYR F 464 -88.66 37.95 -18.11
C TYR F 464 -89.40 38.24 -16.81
N THR F 465 -90.69 37.96 -16.79
CA THR F 465 -91.48 38.18 -15.59
C THR F 465 -91.21 37.06 -14.58
N LEU F 466 -91.19 37.42 -13.30
CA LEU F 466 -90.98 36.47 -12.21
C LEU F 466 -92.34 35.96 -11.75
N ARG F 467 -92.60 34.68 -12.02
CA ARG F 467 -93.84 34.05 -11.59
C ARG F 467 -93.63 33.43 -10.21
N LYS F 468 -94.42 33.87 -9.23
CA LYS F 468 -94.15 33.50 -7.85
C LYS F 468 -94.59 32.07 -7.54
N SER F 469 -95.56 31.54 -8.30
CA SER F 469 -96.06 30.21 -8.01
C SER F 469 -95.10 29.12 -8.42
N MET F 470 -94.15 29.41 -9.31
CA MET F 470 -93.16 28.44 -9.73
C MET F 470 -91.76 28.77 -9.21
N ILE F 471 -91.67 29.55 -8.14
CA ILE F 471 -90.46 29.64 -7.33
C ILE F 471 -90.55 28.51 -6.31
N PRO F 472 -89.49 27.73 -6.10
CA PRO F 472 -89.54 26.65 -5.11
C PRO F 472 -89.21 27.16 -3.71
N SER F 473 -89.51 26.30 -2.72
CA SER F 473 -89.47 26.71 -1.33
C SER F 473 -88.07 26.92 -0.79
N PHE F 474 -87.07 26.24 -1.33
CA PHE F 474 -85.69 26.45 -0.93
C PHE F 474 -85.05 27.62 -1.67
N MET F 475 -85.77 28.25 -2.60
CA MET F 475 -85.34 29.49 -3.21
C MET F 475 -86.16 30.61 -2.61
N THR F 476 -85.51 31.45 -1.83
CA THR F 476 -86.21 32.60 -1.28
C THR F 476 -86.30 33.70 -2.33
N MET F 477 -86.87 34.82 -1.91
CA MET F 477 -87.04 35.97 -2.80
C MET F 477 -85.70 36.58 -3.16
N ASP F 478 -84.78 36.61 -2.19
CA ASP F 478 -83.46 37.17 -2.41
C ASP F 478 -82.63 36.32 -3.37
N GLN F 479 -82.91 35.02 -3.42
CA GLN F 479 -82.29 34.16 -4.42
C GLN F 479 -83.00 34.26 -5.76
N SER F 480 -84.33 34.28 -5.75
CA SER F 480 -85.08 34.28 -7.01
C SER F 480 -84.94 35.58 -7.76
N ARG F 481 -84.82 36.70 -7.06
CA ARG F 481 -84.51 37.98 -7.69
C ARG F 481 -83.03 38.30 -7.52
N LYS F 482 -82.18 37.35 -7.91
CA LYS F 482 -80.81 37.65 -8.28
C LYS F 482 -80.48 36.89 -9.55
N VAL F 483 -81.04 35.68 -9.63
CA VAL F 483 -80.78 34.79 -10.76
C VAL F 483 -81.45 35.32 -12.01
N LEU F 484 -82.53 36.07 -11.87
CA LEU F 484 -83.14 36.71 -13.02
C LEU F 484 -82.27 37.83 -13.56
N LEU F 485 -81.53 38.51 -12.69
CA LEU F 485 -80.57 39.51 -13.13
C LEU F 485 -79.26 38.90 -13.61
N ILE F 486 -79.02 37.61 -13.36
CA ILE F 486 -77.96 36.92 -14.11
C ILE F 486 -78.47 36.39 -15.45
N GLY F 487 -79.74 36.00 -15.53
CA GLY F 487 -80.25 35.44 -16.77
C GLY F 487 -80.46 36.50 -17.83
N LYS F 488 -81.14 37.59 -17.43
CA LYS F 488 -81.37 38.72 -18.32
C LYS F 488 -80.07 39.34 -18.82
N SER F 489 -79.07 39.41 -17.94
CA SER F 489 -77.78 40.01 -18.29
C SER F 489 -77.02 39.17 -19.31
N ILE F 490 -76.96 37.85 -19.07
CA ILE F 490 -76.18 37.00 -19.98
C ILE F 490 -76.88 36.89 -21.33
N ASN F 491 -78.21 36.87 -21.33
CA ASN F 491 -78.93 36.81 -22.60
C ASN F 491 -78.85 38.14 -23.33
N PHE F 492 -78.86 39.25 -22.57
CA PHE F 492 -78.73 40.59 -23.13
C PHE F 492 -77.38 40.79 -23.79
N LEU F 493 -76.31 40.47 -23.04
CA LEU F 493 -74.94 40.53 -23.54
C LEU F 493 -74.78 39.71 -24.80
N HIS F 494 -75.27 38.47 -24.77
CA HIS F 494 -75.14 37.57 -25.91
C HIS F 494 -75.90 38.05 -27.13
N GLN F 495 -77.17 38.40 -26.96
CA GLN F 495 -78.03 38.64 -28.10
C GLN F 495 -78.04 40.08 -28.56
N VAL F 496 -77.36 40.99 -27.86
CA VAL F 496 -77.27 42.36 -28.36
C VAL F 496 -75.80 42.73 -28.55
N CYS F 497 -74.99 42.56 -27.50
CA CYS F 497 -73.65 43.11 -27.54
C CYS F 497 -72.70 42.28 -28.36
N HIS F 498 -73.12 41.07 -28.74
CA HIS F 498 -72.36 40.10 -29.51
C HIS F 498 -71.07 39.73 -28.81
N ASP F 499 -71.18 39.40 -27.53
CA ASP F 499 -70.10 38.73 -26.80
C ASP F 499 -70.71 37.44 -26.25
N GLN F 500 -70.36 36.30 -26.85
CA GLN F 500 -70.92 35.00 -26.49
C GLN F 500 -69.81 33.95 -26.37
N THR F 501 -70.15 32.88 -25.64
CA THR F 501 -69.43 31.62 -25.76
C THR F 501 -70.28 30.66 -26.56
N PRO F 502 -69.80 30.15 -27.70
CA PRO F 502 -70.43 28.92 -28.20
C PRO F 502 -70.01 27.75 -27.34
N GLN F 531 -77.08 31.00 -1.96
CA GLN F 531 -76.25 32.08 -2.46
C GLN F 531 -74.80 31.66 -2.55
N GLY F 532 -74.56 30.35 -2.41
CA GLY F 532 -73.20 29.85 -2.49
C GLY F 532 -72.63 29.98 -3.89
N LYS F 533 -73.40 29.57 -4.90
CA LYS F 533 -73.02 29.78 -6.28
C LYS F 533 -73.43 31.15 -6.79
N ILE F 534 -74.57 31.65 -6.28
CA ILE F 534 -75.31 32.72 -6.96
C ILE F 534 -74.57 34.05 -6.87
N ASP F 535 -73.92 34.31 -5.73
CA ASP F 535 -73.29 35.61 -5.52
C ASP F 535 -72.07 35.80 -6.43
N ALA F 536 -71.24 34.76 -6.53
CA ALA F 536 -70.04 34.84 -7.36
C ALA F 536 -70.41 34.90 -8.83
N ALA F 537 -71.48 34.21 -9.22
CA ALA F 537 -71.94 34.24 -10.60
C ALA F 537 -72.49 35.60 -10.98
N TYR F 538 -73.26 36.21 -10.07
CA TYR F 538 -73.79 37.56 -10.30
C TYR F 538 -72.68 38.57 -10.43
N PHE F 539 -71.67 38.46 -9.57
CA PHE F 539 -70.52 39.37 -9.61
C PHE F 539 -69.74 39.19 -10.90
N GLU F 540 -69.57 37.93 -11.32
CA GLU F 540 -68.76 37.64 -12.49
C GLU F 540 -69.43 38.11 -13.78
N THR F 541 -70.75 37.90 -13.89
CA THR F 541 -71.41 38.26 -15.15
C THR F 541 -71.68 39.75 -15.25
N SER F 542 -71.90 40.41 -14.10
CA SER F 542 -72.11 41.85 -14.10
C SER F 542 -70.88 42.60 -14.58
N LYS F 543 -69.68 42.04 -14.33
CA LYS F 543 -68.45 42.66 -14.79
C LYS F 543 -68.38 42.69 -16.31
N TYR F 544 -68.78 41.61 -16.97
CA TYR F 544 -68.84 41.58 -18.43
C TYR F 544 -69.85 42.59 -18.95
N LEU F 545 -71.01 42.65 -18.26
CA LEU F 545 -72.07 43.58 -18.65
C LEU F 545 -71.59 45.03 -18.60
N LEU F 546 -70.79 45.37 -17.58
CA LEU F 546 -70.22 46.71 -17.52
C LEU F 546 -69.14 46.90 -18.56
N ASP F 547 -68.30 45.88 -18.78
CA ASP F 547 -67.10 46.06 -19.58
C ASP F 547 -67.43 46.19 -21.07
N VAL F 548 -68.49 45.51 -21.52
CA VAL F 548 -68.77 45.49 -22.96
C VAL F 548 -69.27 46.85 -23.47
N LEU F 549 -69.82 47.69 -22.59
CA LEU F 549 -70.29 49.00 -23.01
C LEU F 549 -69.25 50.08 -22.80
N ASN F 550 -68.19 49.78 -22.06
CA ASN F 550 -67.13 50.73 -21.80
C ASN F 550 -65.86 50.37 -22.55
N LYS F 551 -65.84 49.24 -23.24
CA LYS F 551 -64.72 48.90 -24.10
C LYS F 551 -65.16 48.84 -25.56
N LYS F 552 -66.14 47.99 -25.84
CA LYS F 552 -66.52 47.72 -27.22
C LYS F 552 -67.59 48.66 -27.71
N TYR F 553 -68.32 49.29 -26.81
CA TYR F 553 -69.18 50.40 -27.17
C TYR F 553 -68.79 51.60 -26.33
N SER F 554 -69.62 52.64 -26.37
CA SER F 554 -69.37 53.85 -25.63
C SER F 554 -70.62 54.24 -24.86
N LEU F 555 -70.53 54.22 -23.54
CA LEU F 555 -71.59 54.70 -22.66
C LEU F 555 -71.10 55.94 -21.93
N LEU F 556 -69.93 55.88 -21.31
CA LEU F 556 -69.42 56.96 -20.48
C LEU F 556 -68.87 58.11 -21.35
N ASP F 557 -68.08 57.75 -22.36
CA ASP F 557 -67.49 58.69 -23.30
C ASP F 557 -68.56 59.55 -23.96
N HIS F 558 -69.66 58.91 -24.40
CA HIS F 558 -70.73 59.64 -25.08
C HIS F 558 -71.57 60.46 -24.09
N MET F 559 -71.65 60.02 -22.84
CA MET F 559 -72.35 60.78 -21.82
C MET F 559 -71.65 62.10 -21.54
N GLN F 560 -70.32 62.13 -21.66
CA GLN F 560 -69.60 63.40 -21.55
C GLN F 560 -69.99 64.38 -22.66
N ALA F 561 -70.17 63.87 -23.89
CA ALA F 561 -70.60 64.72 -24.99
C ALA F 561 -72.00 65.25 -24.77
N MET F 562 -72.87 64.40 -24.20
CA MET F 562 -74.22 64.84 -23.82
C MET F 562 -74.17 66.00 -22.83
N ARG F 563 -73.20 65.96 -21.90
CA ARG F 563 -73.01 67.12 -21.02
C ARG F 563 -72.56 68.35 -21.79
N ARG F 564 -71.63 68.17 -22.73
CA ARG F 564 -70.99 69.31 -23.39
C ARG F 564 -71.95 70.09 -24.25
N TYR F 565 -72.77 69.40 -25.04
CA TYR F 565 -73.61 70.13 -25.99
C TYR F 565 -75.03 70.37 -25.47
N LEU F 566 -75.70 69.31 -25.01
CA LEU F 566 -77.11 69.43 -24.65
C LEU F 566 -77.30 70.19 -23.35
N LEU F 567 -76.42 69.94 -22.37
CA LEU F 567 -76.48 70.64 -21.10
C LEU F 567 -75.64 71.91 -21.09
N LEU F 568 -75.08 72.28 -22.25
CA LEU F 568 -74.29 73.49 -22.46
C LEU F 568 -73.06 73.52 -21.56
N GLY F 569 -72.38 72.38 -21.49
CA GLY F 569 -71.17 72.29 -20.71
C GLY F 569 -70.03 72.97 -21.45
N GLN F 570 -69.98 72.77 -22.76
CA GLN F 570 -68.99 73.43 -23.60
C GLN F 570 -69.62 74.73 -24.10
N GLY F 571 -69.25 75.85 -23.47
CA GLY F 571 -69.86 77.12 -23.76
C GLY F 571 -69.28 77.86 -24.94
N ASP F 572 -68.03 77.59 -25.30
CA ASP F 572 -67.41 78.21 -26.46
C ASP F 572 -68.09 77.78 -27.75
N PHE F 573 -68.43 76.49 -27.82
CA PHE F 573 -69.15 75.92 -28.96
C PHE F 573 -70.52 76.57 -29.12
N ILE F 574 -71.26 76.69 -28.02
CA ILE F 574 -72.60 77.26 -28.06
C ILE F 574 -72.55 78.76 -28.34
N ARG F 575 -71.51 79.45 -27.84
CA ARG F 575 -71.31 80.87 -28.12
C ARG F 575 -71.12 81.11 -29.60
N HIS F 576 -70.16 80.42 -30.22
CA HIS F 576 -69.93 80.66 -31.64
C HIS F 576 -71.04 80.08 -32.51
N LEU F 577 -71.77 79.08 -31.99
CA LEU F 577 -72.98 78.60 -32.66
C LEU F 577 -74.04 79.69 -32.72
N MET F 578 -74.28 80.39 -31.62
CA MET F 578 -75.22 81.51 -31.65
C MET F 578 -74.66 82.70 -32.42
N ASP F 579 -73.33 82.83 -32.46
CA ASP F 579 -72.67 83.91 -33.18
C ASP F 579 -72.93 83.81 -34.68
N LEU F 580 -72.66 82.66 -35.28
CA LEU F 580 -72.86 82.52 -36.72
C LEU F 580 -74.33 82.34 -37.07
N LEU F 581 -75.10 81.69 -36.20
CA LEU F 581 -76.54 81.53 -36.40
C LEU F 581 -77.32 82.67 -35.75
N LYS F 582 -76.90 83.90 -35.99
CA LYS F 582 -77.72 85.03 -35.58
C LYS F 582 -78.84 85.33 -36.59
N PRO F 583 -78.56 85.52 -37.95
CA PRO F 583 -79.69 85.82 -38.84
C PRO F 583 -80.63 84.64 -38.96
N GLU F 584 -80.05 83.44 -38.94
CA GLU F 584 -80.84 82.24 -39.15
C GLU F 584 -81.78 81.96 -37.99
N LEU F 585 -81.43 82.40 -36.78
CA LEU F 585 -82.37 82.30 -35.68
C LEU F 585 -83.48 83.34 -35.80
N VAL F 586 -83.11 84.60 -36.07
CA VAL F 586 -84.11 85.67 -36.11
C VAL F 586 -85.00 85.55 -37.34
N ARG F 587 -84.52 84.88 -38.39
CA ARG F 587 -85.32 84.69 -39.59
C ARG F 587 -86.45 83.73 -39.28
N PRO F 588 -87.64 83.92 -39.86
CA PRO F 588 -88.81 83.10 -39.49
C PRO F 588 -88.62 81.63 -39.84
N ALA F 589 -89.30 80.79 -39.06
CA ALA F 589 -89.14 79.34 -39.12
C ALA F 589 -90.02 78.68 -40.18
N THR F 590 -90.46 79.42 -41.18
CA THR F 590 -91.21 78.84 -42.28
C THR F 590 -90.42 78.87 -43.59
N THR F 591 -89.29 79.57 -43.60
CA THR F 591 -88.30 79.46 -44.67
C THR F 591 -87.01 78.83 -44.18
N LEU F 592 -86.93 78.43 -42.92
CA LEU F 592 -85.77 77.79 -42.33
C LEU F 592 -85.89 76.28 -42.43
N TYR F 593 -84.81 75.66 -42.90
CA TYR F 593 -84.78 74.22 -43.01
C TYR F 593 -83.52 73.71 -42.33
N GLN F 594 -83.50 72.39 -42.14
CA GLN F 594 -82.41 71.73 -41.43
C GLN F 594 -81.10 71.82 -42.20
N HIS F 595 -81.18 71.99 -43.52
CA HIS F 595 -79.98 71.95 -44.34
C HIS F 595 -79.13 73.21 -44.16
N ASN F 596 -79.78 74.35 -43.91
CA ASN F 596 -79.06 75.58 -43.61
C ASN F 596 -78.26 75.44 -42.33
N LEU F 597 -78.87 74.86 -41.30
CA LEU F 597 -78.22 74.70 -40.00
C LEU F 597 -77.10 73.66 -40.09
N THR F 598 -77.33 72.59 -40.84
CA THR F 598 -76.29 71.58 -41.06
C THR F 598 -75.09 72.18 -41.80
N GLY F 599 -75.35 72.91 -42.88
CA GLY F 599 -74.27 73.46 -43.68
C GLY F 599 -73.47 74.52 -42.94
N ILE F 600 -74.14 75.31 -42.10
CA ILE F 600 -73.37 76.29 -41.33
C ILE F 600 -72.65 75.61 -40.17
N LEU F 601 -73.18 74.48 -39.66
CA LEU F 601 -72.51 73.74 -38.61
C LEU F 601 -71.21 73.13 -39.11
N GLU F 602 -71.18 72.77 -40.41
CA GLU F 602 -69.99 72.17 -41.01
C GLU F 602 -68.77 73.09 -40.92
N THR F 603 -68.93 74.37 -41.21
CA THR F 603 -67.81 75.28 -41.02
C THR F 603 -67.73 75.82 -39.59
N ALA F 604 -68.84 75.80 -38.86
CA ALA F 604 -68.85 76.37 -37.51
C ALA F 604 -68.01 75.54 -36.58
N VAL F 605 -68.06 74.21 -36.76
CA VAL F 605 -67.33 73.35 -35.84
C VAL F 605 -65.83 73.34 -36.15
N ARG F 606 -65.45 73.72 -37.37
CA ARG F 606 -64.05 73.89 -37.74
C ARG F 606 -63.61 75.34 -37.66
N ALA F 607 -64.46 76.21 -37.08
CA ALA F 607 -64.08 77.58 -36.79
C ALA F 607 -64.15 77.92 -35.31
N THR F 608 -64.73 77.07 -34.47
CA THR F 608 -64.62 77.17 -33.04
C THR F 608 -63.96 75.89 -32.55
N ASN F 609 -63.48 75.89 -31.31
CA ASN F 609 -62.70 74.75 -30.83
C ASN F 609 -63.61 73.73 -30.18
N ALA F 610 -64.13 72.85 -31.03
CA ALA F 610 -64.85 71.66 -30.61
C ALA F 610 -64.34 70.50 -31.46
N GLN F 611 -63.45 70.80 -32.41
CA GLN F 611 -62.89 69.78 -33.28
C GLN F 611 -61.74 69.03 -32.63
N PHE F 612 -61.27 69.48 -31.46
CA PHE F 612 -60.32 68.71 -30.68
C PHE F 612 -60.93 67.40 -30.20
N ASP F 613 -62.23 67.39 -29.96
CA ASP F 613 -62.92 66.18 -29.53
C ASP F 613 -62.86 65.12 -30.63
N SER F 614 -63.04 63.88 -30.21
CA SER F 614 -62.92 62.67 -31.01
C SER F 614 -63.92 62.64 -32.16
N PRO F 615 -63.53 62.14 -33.34
CA PRO F 615 -64.41 62.21 -34.53
C PRO F 615 -65.75 61.51 -34.39
N GLU F 616 -65.82 60.43 -33.60
CA GLU F 616 -67.10 59.75 -33.35
C GLU F 616 -68.07 60.68 -32.62
N ILE F 617 -67.54 61.53 -31.74
CA ILE F 617 -68.37 62.40 -30.90
C ILE F 617 -69.02 63.48 -31.75
N LEU F 618 -68.24 64.11 -32.62
CA LEU F 618 -68.83 65.12 -33.50
C LEU F 618 -69.66 64.50 -34.60
N ARG F 619 -69.36 63.25 -34.98
CA ARG F 619 -70.21 62.55 -35.93
C ARG F 619 -71.60 62.30 -35.37
N ARG F 620 -71.67 61.84 -34.12
CA ARG F 620 -72.97 61.49 -33.54
C ARG F 620 -73.82 62.71 -33.20
N LEU F 621 -73.25 63.91 -33.22
CA LEU F 621 -74.03 65.12 -33.11
C LEU F 621 -74.89 65.31 -34.37
N ASP F 622 -76.13 65.74 -34.17
CA ASP F 622 -76.88 66.30 -35.30
C ASP F 622 -77.84 67.38 -34.80
N VAL F 623 -78.29 68.19 -35.74
CA VAL F 623 -79.28 69.22 -35.49
C VAL F 623 -80.64 68.59 -35.72
N ARG F 624 -81.62 68.97 -34.90
CA ARG F 624 -82.99 68.52 -35.06
C ARG F 624 -83.93 69.71 -35.05
N LEU F 625 -84.96 69.66 -35.88
CA LEU F 625 -86.02 70.65 -35.84
C LEU F 625 -87.07 70.25 -34.83
N LEU F 626 -87.63 71.25 -34.14
CA LEU F 626 -88.72 71.04 -33.21
C LEU F 626 -90.04 71.19 -33.97
N GLU F 627 -91.15 70.83 -33.31
CA GLU F 627 -92.50 70.80 -33.88
C GLU F 627 -92.90 72.09 -34.58
N VAL F 628 -93.74 71.95 -35.62
CA VAL F 628 -94.10 73.01 -36.56
C VAL F 628 -94.70 74.22 -35.85
N SER F 629 -94.48 75.40 -36.43
CA SER F 629 -94.88 76.70 -35.92
C SER F 629 -95.86 77.36 -36.88
N PRO F 630 -96.81 78.14 -36.38
CA PRO F 630 -97.70 78.90 -37.25
C PRO F 630 -97.07 80.14 -37.88
N GLY F 631 -95.76 80.32 -37.72
CA GLY F 631 -95.10 81.51 -38.21
C GLY F 631 -94.18 82.12 -37.18
N ASP F 632 -94.07 81.49 -36.01
CA ASP F 632 -93.11 81.92 -35.00
C ASP F 632 -91.69 81.76 -35.52
N THR F 633 -90.79 82.58 -35.00
CA THR F 633 -89.41 82.68 -35.45
C THR F 633 -88.59 81.40 -35.34
N GLY F 634 -87.45 81.38 -36.03
CA GLY F 634 -86.55 80.25 -35.97
C GLY F 634 -85.82 80.06 -34.66
N TRP F 635 -85.88 81.06 -33.78
CA TRP F 635 -85.41 80.93 -32.41
C TRP F 635 -86.11 79.81 -31.66
N ASP F 636 -87.35 79.51 -32.00
CA ASP F 636 -88.18 78.60 -31.22
C ASP F 636 -88.08 77.16 -31.67
N VAL F 637 -87.52 76.89 -32.84
CA VAL F 637 -87.51 75.53 -33.38
C VAL F 637 -86.10 74.96 -33.45
N PHE F 638 -85.11 75.67 -32.93
CA PHE F 638 -83.75 75.14 -32.91
C PHE F 638 -83.63 74.13 -31.80
N SER F 639 -83.14 72.94 -32.13
CA SER F 639 -82.88 71.93 -31.12
C SER F 639 -81.63 71.16 -31.51
N LEU F 640 -81.13 70.40 -30.57
CA LEU F 640 -80.03 69.49 -30.78
C LEU F 640 -80.49 68.10 -30.40
N ASP F 641 -79.99 67.11 -31.13
CA ASP F 641 -80.21 65.72 -30.80
C ASP F 641 -78.86 65.05 -30.82
N TYR F 642 -78.62 64.18 -29.85
CA TYR F 642 -77.46 63.30 -29.86
C TYR F 642 -77.99 61.89 -30.05
N HIS F 643 -77.61 61.25 -31.14
CA HIS F 643 -78.19 59.97 -31.44
C HIS F 643 -77.10 58.94 -31.65
N VAL F 644 -77.07 57.98 -30.74
CA VAL F 644 -76.44 56.68 -30.93
C VAL F 644 -77.21 55.74 -30.01
N ASP F 645 -77.54 54.56 -30.52
CA ASP F 645 -78.47 53.67 -29.84
C ASP F 645 -77.89 52.26 -29.86
N GLY F 646 -78.72 51.27 -29.55
CA GLY F 646 -78.28 49.90 -29.53
C GLY F 646 -78.41 49.33 -28.14
N PRO F 647 -77.34 48.70 -27.62
CA PRO F 647 -77.39 48.18 -26.25
C PRO F 647 -77.54 49.28 -25.20
N ILE F 648 -76.86 50.41 -25.43
CA ILE F 648 -76.91 51.56 -24.54
C ILE F 648 -78.22 52.32 -24.61
N ALA F 649 -79.10 51.98 -25.55
CA ALA F 649 -80.40 52.63 -25.66
C ALA F 649 -81.35 52.28 -24.54
N THR F 650 -80.99 51.33 -23.68
CA THR F 650 -81.75 51.05 -22.47
C THR F 650 -81.28 51.92 -21.31
N VAL F 651 -79.97 52.07 -21.15
CA VAL F 651 -79.43 52.96 -20.12
C VAL F 651 -79.72 54.41 -20.50
N PHE F 652 -79.48 54.77 -21.77
CA PHE F 652 -79.97 56.04 -22.30
C PHE F 652 -81.44 55.83 -22.66
N THR F 653 -82.30 55.94 -21.65
CA THR F 653 -83.74 55.76 -21.83
C THR F 653 -84.30 56.88 -22.70
N ARG F 654 -85.16 56.50 -23.65
CA ARG F 654 -85.72 57.46 -24.60
C ARG F 654 -86.61 58.50 -23.91
N GLU F 655 -87.38 58.05 -22.91
CA GLU F 655 -88.22 58.97 -22.15
C GLU F 655 -87.39 60.00 -21.41
N CYS F 656 -86.25 59.55 -20.88
CA CYS F 656 -85.31 60.45 -20.21
C CYS F 656 -84.72 61.48 -21.17
N MET F 657 -84.36 61.04 -22.38
CA MET F 657 -83.85 61.97 -23.38
C MET F 657 -84.92 62.95 -23.84
N SER F 658 -86.16 62.47 -23.98
CA SER F 658 -87.26 63.33 -24.35
C SER F 658 -87.50 64.40 -23.30
N HIS F 659 -87.28 64.07 -22.04
CA HIS F 659 -87.36 65.08 -21.00
C HIS F 659 -86.16 66.03 -21.03
N TYR F 660 -85.00 65.53 -21.48
CA TYR F 660 -83.84 66.41 -21.67
C TYR F 660 -84.13 67.50 -22.68
N LEU F 661 -84.93 67.18 -23.70
CA LEU F 661 -85.31 68.20 -24.66
C LEU F 661 -86.18 69.28 -24.02
N ARG F 662 -87.03 68.89 -23.07
CA ARG F 662 -87.83 69.87 -22.34
C ARG F 662 -86.94 70.73 -21.45
N VAL F 663 -85.88 70.14 -20.90
CA VAL F 663 -84.86 70.92 -20.20
C VAL F 663 -84.20 71.90 -21.16
N PHE F 664 -83.92 71.44 -22.37
CA PHE F 664 -83.25 72.25 -23.37
C PHE F 664 -84.12 73.40 -23.83
N ASN F 665 -85.44 73.25 -23.75
CA ASN F 665 -86.35 74.36 -24.05
C ASN F 665 -86.12 75.55 -23.11
N PHE F 666 -86.17 75.30 -21.80
CA PHE F 666 -85.90 76.34 -20.81
C PHE F 666 -84.49 76.85 -20.92
N LEU F 667 -83.54 75.93 -21.14
CA LEU F 667 -82.15 76.34 -21.25
C LEU F 667 -81.94 77.22 -22.44
N TRP F 668 -82.59 76.91 -23.57
CA TRP F 668 -82.43 77.73 -24.76
C TRP F 668 -83.09 79.08 -24.59
N ARG F 669 -84.21 79.14 -23.86
CA ARG F 669 -84.83 80.42 -23.53
C ARG F 669 -83.89 81.27 -22.67
N ALA F 670 -83.26 80.65 -21.67
CA ALA F 670 -82.44 81.38 -20.72
C ALA F 670 -81.02 81.62 -21.22
N LYS F 671 -80.64 81.05 -22.35
CA LYS F 671 -79.41 81.48 -23.04
C LYS F 671 -79.70 82.53 -24.09
N ARG F 672 -80.86 82.38 -24.75
CA ARG F 672 -81.37 83.37 -25.68
C ARG F 672 -81.41 84.74 -25.03
N MET F 673 -82.10 84.84 -23.89
CA MET F 673 -82.31 86.13 -23.23
C MET F 673 -81.00 86.73 -22.71
N GLU F 674 -80.04 85.90 -22.30
CA GLU F 674 -78.75 86.43 -21.90
C GLU F 674 -77.99 87.01 -23.09
N TYR F 675 -78.00 86.29 -24.22
CA TYR F 675 -77.38 86.79 -25.44
C TYR F 675 -78.01 88.10 -25.89
N ILE F 676 -79.35 88.18 -25.79
CA ILE F 676 -80.09 89.40 -26.10
C ILE F 676 -79.65 90.54 -25.19
N LEU F 677 -79.46 90.25 -23.90
CA LEU F 677 -79.08 91.28 -22.94
C LEU F 677 -77.64 91.75 -23.16
N THR F 678 -76.77 90.84 -23.56
CA THR F 678 -75.40 91.20 -23.86
C THR F 678 -75.35 92.12 -25.07
N ASP F 679 -76.29 91.97 -26.01
CA ASP F 679 -76.42 92.98 -27.05
C ASP F 679 -76.80 94.36 -26.51
N ILE F 680 -77.59 94.42 -25.43
CA ILE F 680 -77.94 95.72 -24.85
C ILE F 680 -76.72 96.40 -24.27
N ARG F 681 -75.91 95.64 -23.54
CA ARG F 681 -74.66 96.16 -22.99
C ARG F 681 -73.72 96.61 -24.09
N LYS F 682 -73.69 95.83 -25.17
CA LYS F 682 -72.87 96.14 -26.33
C LYS F 682 -73.31 97.43 -26.99
N GLY F 683 -74.61 97.69 -27.03
CA GLY F 683 -75.06 98.97 -27.55
C GLY F 683 -74.72 100.11 -26.61
N HIS F 684 -74.77 99.84 -25.30
CA HIS F 684 -74.62 100.88 -24.28
C HIS F 684 -73.26 101.54 -24.34
N MET F 685 -72.18 100.74 -24.39
CA MET F 685 -70.90 101.45 -24.32
C MET F 685 -70.53 102.09 -25.66
N CYS F 686 -71.06 101.57 -26.77
CA CYS F 686 -70.71 102.14 -28.07
C CYS F 686 -71.38 103.49 -28.28
N ASN F 687 -72.68 103.58 -28.01
CA ASN F 687 -73.42 104.77 -28.44
C ASN F 687 -73.09 106.00 -27.61
N ALA F 688 -72.61 105.77 -26.38
CA ALA F 688 -72.33 106.86 -25.45
C ALA F 688 -71.24 107.78 -25.97
N LYS F 689 -70.20 107.20 -26.60
CA LYS F 689 -69.07 107.98 -27.08
C LYS F 689 -69.46 108.93 -28.19
N LEU F 690 -70.40 108.51 -29.04
CA LEU F 690 -70.91 109.43 -30.05
C LEU F 690 -71.84 110.45 -29.42
N LEU F 691 -72.65 110.01 -28.45
CA LEU F 691 -73.70 110.83 -27.84
C LEU F 691 -73.19 111.73 -26.71
N ARG F 692 -71.87 111.76 -26.47
CA ARG F 692 -71.25 112.63 -25.47
C ARG F 692 -71.28 114.11 -25.80
N ASN F 693 -71.51 114.49 -27.04
CA ASN F 693 -71.42 115.88 -27.44
C ASN F 693 -72.72 116.66 -27.20
N MET F 694 -73.69 116.05 -26.51
CA MET F 694 -74.94 116.71 -26.18
C MET F 694 -75.14 116.67 -24.67
N PRO F 695 -75.29 117.82 -24.02
CA PRO F 695 -75.56 117.80 -22.57
C PRO F 695 -77.03 117.76 -22.25
N GLU F 696 -77.82 116.97 -22.97
CA GLU F 696 -79.22 116.82 -22.63
C GLU F 696 -79.67 115.39 -22.84
N PHE F 697 -78.89 114.63 -23.61
CA PHE F 697 -79.21 113.23 -23.79
C PHE F 697 -78.75 112.42 -22.61
N SER F 698 -77.85 112.99 -21.81
CA SER F 698 -77.14 112.28 -20.75
C SER F 698 -78.07 111.69 -19.70
N GLY F 699 -79.15 112.40 -19.37
CA GLY F 699 -80.06 111.91 -18.35
C GLY F 699 -80.80 110.66 -18.75
N VAL F 700 -81.44 110.70 -19.92
CA VAL F 700 -82.17 109.53 -20.40
C VAL F 700 -81.19 108.43 -20.82
N LEU F 701 -79.98 108.80 -21.25
CA LEU F 701 -78.93 107.83 -21.55
C LEU F 701 -78.54 107.02 -20.32
N HIS F 702 -78.39 107.69 -19.18
CA HIS F 702 -78.11 107.01 -17.93
C HIS F 702 -79.33 106.21 -17.46
N GLN F 703 -80.52 106.72 -17.77
CA GLN F 703 -81.75 106.06 -17.39
C GLN F 703 -81.95 104.74 -18.14
N CYS F 704 -81.36 104.62 -19.33
CA CYS F 704 -81.28 103.31 -19.96
C CYS F 704 -80.36 102.37 -19.18
N HIS F 705 -79.23 102.90 -18.73
CA HIS F 705 -78.18 102.10 -18.10
C HIS F 705 -78.67 101.47 -16.82
N ILE F 706 -79.52 102.19 -16.08
CA ILE F 706 -79.95 101.67 -14.78
C ILE F 706 -80.92 100.49 -14.96
N LEU F 707 -81.79 100.54 -15.97
CA LEU F 707 -82.70 99.44 -16.26
C LEU F 707 -81.95 98.20 -16.71
N ALA F 708 -80.91 98.41 -17.53
CA ALA F 708 -80.01 97.32 -17.88
C ALA F 708 -79.36 96.74 -16.63
N SER F 709 -78.78 97.59 -15.79
CA SER F 709 -78.06 97.18 -14.59
C SER F 709 -78.95 96.45 -13.57
N GLU F 710 -80.27 96.61 -13.65
CA GLU F 710 -81.14 95.72 -12.90
C GLU F 710 -81.25 94.35 -13.56
N MET F 711 -81.51 94.34 -14.87
CA MET F 711 -81.67 93.06 -15.57
C MET F 711 -80.38 92.24 -15.61
N VAL F 712 -79.24 92.93 -15.55
CA VAL F 712 -77.93 92.26 -15.54
C VAL F 712 -77.76 91.47 -14.26
N HIS F 713 -78.07 92.09 -13.12
CA HIS F 713 -78.03 91.38 -11.84
C HIS F 713 -78.98 90.19 -11.83
N PHE F 714 -80.14 90.31 -12.49
CA PHE F 714 -81.01 89.14 -12.48
C PHE F 714 -80.47 87.99 -13.33
N ILE F 715 -80.15 88.26 -14.61
CA ILE F 715 -79.84 87.18 -15.53
C ILE F 715 -78.43 86.60 -15.28
N HIS F 716 -77.48 87.47 -14.95
CA HIS F 716 -76.11 87.10 -14.61
C HIS F 716 -76.02 86.22 -13.38
N GLN F 717 -77.07 86.20 -12.56
CA GLN F 717 -77.18 85.32 -11.41
C GLN F 717 -78.02 84.09 -11.69
N MET F 718 -79.03 84.22 -12.56
CA MET F 718 -79.84 83.07 -12.94
C MET F 718 -78.99 82.01 -13.61
N GLN F 719 -78.11 82.43 -14.53
CA GLN F 719 -77.18 81.52 -15.18
C GLN F 719 -76.27 80.81 -14.19
N TYR F 720 -75.82 81.53 -13.17
CA TYR F 720 -74.85 80.98 -12.22
C TYR F 720 -75.53 79.97 -11.31
N TYR F 721 -76.75 80.32 -10.89
CA TYR F 721 -77.62 79.44 -10.15
C TYR F 721 -77.80 78.13 -10.89
N ILE F 722 -78.20 78.22 -12.16
CA ILE F 722 -78.41 77.04 -12.99
C ILE F 722 -77.13 76.22 -13.08
N THR F 723 -76.02 76.89 -13.40
CA THR F 723 -74.73 76.25 -13.63
C THR F 723 -74.25 75.45 -12.43
N PHE F 724 -74.21 76.06 -11.26
CA PHE F 724 -73.62 75.36 -10.14
C PHE F 724 -74.61 74.51 -9.40
N GLU F 725 -75.82 75.00 -9.20
CA GLU F 725 -76.75 74.29 -8.36
C GLU F 725 -77.53 73.22 -9.10
N VAL F 726 -78.01 73.51 -10.31
CA VAL F 726 -78.96 72.58 -10.92
C VAL F 726 -78.21 71.55 -11.75
N LEU F 727 -77.07 71.94 -12.32
CA LEU F 727 -76.38 71.13 -13.29
C LEU F 727 -75.15 70.43 -12.73
N GLU F 728 -74.22 71.20 -12.14
CA GLU F 728 -72.99 70.63 -11.62
C GLU F 728 -73.27 69.69 -10.45
N CYS F 729 -74.18 70.07 -9.56
CA CYS F 729 -74.51 69.24 -8.40
C CYS F 729 -75.14 67.91 -8.81
N SER F 730 -76.07 67.94 -9.77
CA SER F 730 -76.72 66.71 -10.21
C SER F 730 -75.75 65.82 -10.96
N TRP F 731 -74.86 66.42 -11.75
CA TRP F 731 -73.82 65.69 -12.45
C TRP F 731 -72.82 65.03 -11.48
N ASP F 732 -72.54 65.67 -10.34
CA ASP F 732 -71.65 65.11 -9.32
C ASP F 732 -72.16 63.75 -8.82
N GLU F 733 -73.45 63.70 -8.46
CA GLU F 733 -74.09 62.48 -8.00
C GLU F 733 -74.08 61.42 -9.09
N LEU F 734 -74.39 61.84 -10.33
CA LEU F 734 -74.40 60.91 -11.45
C LEU F 734 -73.03 60.26 -11.67
N TRP F 735 -71.98 61.09 -11.67
CA TRP F 735 -70.62 60.63 -11.91
C TRP F 735 -70.15 59.69 -10.80
N ASN F 736 -70.43 60.07 -9.54
CA ASN F 736 -70.09 59.21 -8.41
C ASN F 736 -70.81 57.87 -8.50
N LYS F 737 -72.11 57.89 -8.77
CA LYS F 737 -72.89 56.67 -8.68
C LYS F 737 -72.62 55.73 -9.84
N VAL F 738 -72.26 56.26 -11.01
CA VAL F 738 -71.84 55.35 -12.07
C VAL F 738 -70.45 54.82 -11.77
N GLN F 739 -69.60 55.63 -11.11
CA GLN F 739 -68.23 55.21 -10.85
C GLN F 739 -68.18 54.07 -9.84
N GLN F 740 -68.91 54.19 -8.74
CA GLN F 740 -68.74 53.21 -7.69
C GLN F 740 -69.49 51.91 -7.97
N ALA F 741 -70.59 51.98 -8.72
CA ALA F 741 -71.55 50.88 -8.76
C ALA F 741 -71.02 49.67 -9.52
N GLN F 742 -71.53 48.50 -9.15
CA GLN F 742 -71.18 47.24 -9.80
C GLN F 742 -72.36 46.67 -10.56
N ASP F 743 -73.47 47.41 -10.65
CA ASP F 743 -74.67 46.96 -11.33
C ASP F 743 -75.09 48.01 -12.34
N LEU F 744 -75.54 47.56 -13.50
CA LEU F 744 -76.07 48.44 -14.53
C LEU F 744 -77.56 48.70 -14.33
N ASP F 745 -78.18 47.98 -13.39
CA ASP F 745 -79.49 48.41 -12.92
C ASP F 745 -79.37 49.63 -12.03
N HIS F 746 -78.23 49.78 -11.37
CA HIS F 746 -77.95 50.92 -10.49
C HIS F 746 -77.20 52.02 -11.22
N ILE F 747 -76.99 51.85 -12.52
CA ILE F 747 -76.55 52.94 -13.39
C ILE F 747 -77.75 53.56 -14.10
N ILE F 748 -78.84 52.81 -14.24
CA ILE F 748 -80.16 53.35 -14.55
C ILE F 748 -80.79 53.98 -13.30
N ALA F 749 -80.13 53.86 -12.15
CA ALA F 749 -80.47 54.66 -10.99
C ALA F 749 -79.56 55.86 -10.76
N ALA F 750 -78.55 56.09 -11.60
CA ALA F 750 -77.73 57.29 -11.50
C ALA F 750 -78.16 58.35 -12.50
N HIS F 751 -78.44 57.91 -13.73
CA HIS F 751 -79.03 58.70 -14.80
C HIS F 751 -80.37 59.29 -14.37
N GLU F 752 -81.21 58.43 -13.77
CA GLU F 752 -82.59 58.78 -13.46
C GLU F 752 -82.68 59.81 -12.33
N VAL F 753 -81.87 59.64 -11.28
CA VAL F 753 -81.89 60.62 -10.19
C VAL F 753 -81.28 61.94 -10.64
N PHE F 754 -80.38 61.91 -11.63
CA PHE F 754 -79.82 63.13 -12.19
C PHE F 754 -80.89 63.93 -12.90
N LEU F 755 -81.73 63.25 -13.68
CA LEU F 755 -82.90 63.91 -14.26
C LEU F 755 -83.85 64.41 -13.18
N ASP F 756 -84.12 63.59 -12.17
CA ASP F 756 -85.09 63.92 -11.13
C ASP F 756 -84.65 65.13 -10.32
N THR F 757 -83.35 65.35 -10.20
CA THR F 757 -82.84 66.57 -9.58
C THR F 757 -83.09 67.78 -10.46
N ILE F 758 -82.85 67.62 -11.77
CA ILE F 758 -83.06 68.75 -12.69
C ILE F 758 -84.53 69.16 -12.73
N ILE F 759 -85.44 68.19 -12.70
CA ILE F 759 -86.88 68.47 -12.79
C ILE F 759 -87.41 69.12 -11.53
N SER F 760 -86.72 68.98 -10.41
CA SER F 760 -87.18 69.53 -9.14
C SER F 760 -86.55 70.86 -8.80
N ARG F 761 -85.23 71.01 -8.98
CA ARG F 761 -84.59 72.28 -8.65
C ARG F 761 -84.99 73.37 -9.65
N CYS F 762 -84.90 73.06 -10.93
CA CYS F 762 -85.30 74.01 -11.95
C CYS F 762 -86.82 74.00 -12.11
N LEU F 763 -87.33 75.09 -12.67
CA LEU F 763 -88.77 75.39 -12.68
C LEU F 763 -89.39 74.69 -13.88
N LEU F 764 -89.49 73.36 -13.78
CA LEU F 764 -89.96 72.55 -14.90
C LEU F 764 -91.15 71.67 -14.58
N ASP F 765 -91.42 71.37 -13.31
CA ASP F 765 -92.49 70.45 -12.97
C ASP F 765 -93.82 71.19 -12.82
N SER F 766 -94.88 70.42 -12.54
CA SER F 766 -96.25 70.89 -12.68
C SER F 766 -96.61 71.94 -11.62
N ASP F 767 -96.04 71.81 -10.41
CA ASP F 767 -96.30 72.80 -9.37
C ASP F 767 -95.61 74.12 -9.68
N SER F 768 -94.39 74.07 -10.22
CA SER F 768 -93.60 75.25 -10.52
C SER F 768 -94.05 75.97 -11.78
N ARG F 769 -95.14 75.53 -12.40
CA ARG F 769 -95.69 76.23 -13.56
C ARG F 769 -96.12 77.64 -13.18
N ALA F 770 -96.70 77.81 -11.99
CA ALA F 770 -97.12 79.14 -11.55
C ALA F 770 -95.93 80.06 -11.32
N LEU F 771 -94.81 79.51 -10.86
CA LEU F 771 -93.60 80.31 -10.70
C LEU F 771 -93.01 80.66 -12.06
N LEU F 772 -93.05 79.69 -12.98
CA LEU F 772 -92.57 79.90 -14.33
C LEU F 772 -93.40 80.95 -15.05
N ASN F 773 -94.71 81.01 -14.73
CA ASN F 773 -95.60 82.02 -15.29
C ASN F 773 -95.15 83.43 -14.91
N GLN F 774 -94.59 83.58 -13.72
CA GLN F 774 -94.02 84.87 -13.34
C GLN F 774 -92.71 85.10 -14.07
N LEU F 775 -91.92 84.04 -14.26
CA LEU F 775 -90.63 84.19 -14.91
C LEU F 775 -90.76 84.60 -16.37
N ARG F 776 -91.87 84.20 -17.01
CA ARG F 776 -92.11 84.57 -18.39
C ARG F 776 -92.29 86.07 -18.57
N ALA F 777 -92.93 86.72 -17.59
CA ALA F 777 -93.10 88.16 -17.63
C ALA F 777 -91.75 88.87 -17.58
N VAL F 778 -90.81 88.34 -16.80
CA VAL F 778 -89.47 88.90 -16.72
C VAL F 778 -88.74 88.73 -18.05
N PHE F 779 -88.91 87.57 -18.67
CA PHE F 779 -88.31 87.33 -19.99
C PHE F 779 -88.87 88.29 -21.04
N ASP F 780 -90.16 88.59 -20.93
CA ASP F 780 -90.79 89.60 -21.79
C ASP F 780 -90.21 90.99 -21.53
N GLN F 781 -89.97 91.33 -20.26
CA GLN F 781 -89.39 92.63 -19.94
C GLN F 781 -87.99 92.78 -20.51
N ILE F 782 -87.25 91.66 -20.56
CA ILE F 782 -85.92 91.67 -21.16
C ILE F 782 -86.01 91.94 -22.65
N ILE F 783 -86.87 91.21 -23.36
CA ILE F 783 -86.95 91.41 -24.82
C ILE F 783 -87.56 92.76 -25.17
N GLU F 784 -88.27 93.39 -24.23
CA GLU F 784 -88.77 94.74 -24.46
C GLU F 784 -87.65 95.77 -24.52
N LEU F 785 -86.60 95.58 -23.71
CA LEU F 785 -85.50 96.53 -23.68
C LEU F 785 -84.73 96.55 -24.99
N GLN F 786 -84.72 95.41 -25.70
CA GLN F 786 -84.14 95.28 -27.04
C GLN F 786 -84.84 96.16 -28.06
N ASN F 787 -86.01 96.72 -27.74
CA ASN F 787 -86.67 97.73 -28.54
C ASN F 787 -86.58 99.11 -27.93
N ALA F 788 -86.73 99.18 -26.61
CA ALA F 788 -86.78 100.45 -25.91
C ALA F 788 -85.47 101.20 -26.01
N GLN F 789 -84.36 100.47 -26.07
CA GLN F 789 -83.04 101.09 -26.19
C GLN F 789 -82.89 101.79 -27.53
N ASP F 790 -83.17 101.06 -28.62
CA ASP F 790 -82.98 101.63 -29.96
C ASP F 790 -84.02 102.69 -30.26
N ALA F 791 -85.17 102.63 -29.58
CA ALA F 791 -86.25 103.59 -29.82
C ALA F 791 -85.78 105.01 -29.53
N ILE F 792 -84.88 105.17 -28.57
CA ILE F 792 -84.25 106.47 -28.35
C ILE F 792 -83.27 106.78 -29.47
N TYR F 793 -82.41 105.81 -29.79
CA TYR F 793 -81.20 106.10 -30.53
C TYR F 793 -81.49 106.40 -31.99
N ARG F 794 -82.40 105.62 -32.59
CA ARG F 794 -82.73 105.80 -33.99
C ARG F 794 -83.42 107.12 -34.26
N ALA F 795 -83.96 107.76 -33.23
CA ALA F 795 -84.48 109.12 -33.36
C ALA F 795 -83.44 110.18 -33.01
N ALA F 796 -82.60 109.92 -32.01
CA ALA F 796 -81.67 110.95 -31.54
C ALA F 796 -80.47 111.08 -32.48
N LEU F 797 -79.83 109.95 -32.77
CA LEU F 797 -78.71 109.90 -33.68
C LEU F 797 -79.07 110.37 -35.07
N GLU F 798 -80.33 110.21 -35.46
CA GLU F 798 -80.86 110.73 -36.71
C GLU F 798 -80.65 112.24 -36.82
N GLU F 799 -81.03 112.98 -35.78
CA GLU F 799 -80.77 114.40 -35.75
C GLU F 799 -79.28 114.68 -35.73
N LEU F 800 -78.51 113.87 -34.99
CA LEU F 800 -77.06 114.12 -34.92
C LEU F 800 -76.41 114.06 -36.29
N GLN F 801 -76.79 113.05 -37.08
CA GLN F 801 -76.44 112.97 -38.49
C GLN F 801 -76.84 114.23 -39.24
N ARG F 802 -78.11 114.63 -39.08
CA ARG F 802 -78.63 115.78 -39.83
C ARG F 802 -77.92 117.08 -39.46
N ARG F 803 -77.59 117.26 -38.18
CA ARG F 803 -76.91 118.47 -37.73
C ARG F 803 -75.50 118.53 -38.28
N LEU F 804 -74.81 117.39 -38.31
CA LEU F 804 -73.46 117.40 -38.89
C LEU F 804 -73.50 117.72 -40.38
N GLN F 805 -74.47 117.16 -41.10
CA GLN F 805 -74.57 117.46 -42.54
C GLN F 805 -74.97 118.92 -42.76
N PHE F 806 -75.85 119.45 -41.92
CA PHE F 806 -76.27 120.84 -42.03
C PHE F 806 -75.11 121.77 -41.73
N GLU F 807 -74.30 121.41 -40.74
CA GLU F 807 -73.12 122.20 -40.38
C GLU F 807 -72.12 122.22 -41.51
N GLU F 808 -71.91 121.07 -42.16
CA GLU F 808 -71.05 121.02 -43.32
C GLU F 808 -71.65 121.75 -44.51
N LYS F 809 -72.99 121.82 -44.56
CA LYS F 809 -73.66 122.56 -45.63
C LYS F 809 -73.42 124.06 -45.48
N LYS F 810 -73.29 124.54 -44.23
CA LYS F 810 -73.02 125.95 -44.03
C LYS F 810 -71.59 126.32 -44.41
N LYS F 811 -70.67 125.38 -44.41
CA LYS F 811 -69.31 125.66 -44.80
C LYS F 811 -69.21 125.80 -46.32
N ALA F 823 -76.94 133.68 -41.13
CA ALA F 823 -77.56 132.69 -41.99
C ALA F 823 -78.80 133.26 -42.61
N ALA F 824 -79.60 132.38 -43.22
CA ALA F 824 -80.90 132.79 -43.73
C ALA F 824 -81.94 131.71 -43.50
N GLU F 825 -81.53 130.58 -42.90
CA GLU F 825 -82.41 129.42 -42.75
C GLU F 825 -82.23 128.76 -41.39
N GLU F 826 -81.78 129.52 -40.39
CA GLU F 826 -81.31 128.97 -39.13
C GLU F 826 -82.43 128.42 -38.27
N GLU F 827 -83.68 128.84 -38.53
CA GLU F 827 -84.87 128.42 -37.81
C GLU F 827 -85.19 126.95 -37.98
N GLU F 828 -84.62 126.30 -39.01
CA GLU F 828 -84.62 124.84 -39.10
C GLU F 828 -84.05 124.22 -37.84
N GLU F 829 -82.91 124.74 -37.39
CA GLU F 829 -82.28 124.22 -36.18
C GLU F 829 -83.12 124.51 -34.94
N ASN F 830 -83.79 125.66 -34.90
CA ASN F 830 -84.69 125.98 -33.80
C ASN F 830 -85.86 125.02 -33.75
N LYS F 831 -86.34 124.60 -34.92
CA LYS F 831 -87.40 123.60 -34.98
C LYS F 831 -86.92 122.24 -34.50
N ARG F 832 -85.67 121.89 -34.82
CA ARG F 832 -85.16 120.61 -34.33
C ARG F 832 -84.94 120.63 -32.81
N ILE F 833 -84.51 121.77 -32.27
CA ILE F 833 -84.44 121.93 -30.81
C ILE F 833 -85.84 121.83 -30.18
N GLY F 834 -86.86 122.31 -30.91
CA GLY F 834 -88.22 122.16 -30.44
C GLY F 834 -88.66 120.71 -30.35
N GLU F 835 -88.34 119.91 -31.38
CA GLU F 835 -88.73 118.50 -31.35
C GLU F 835 -87.99 117.72 -30.29
N PHE F 836 -86.72 118.10 -30.02
CA PHE F 836 -86.01 117.62 -28.84
C PHE F 836 -86.81 117.84 -27.58
N LYS F 837 -87.06 119.10 -27.27
CA LYS F 837 -87.55 119.44 -25.95
C LYS F 837 -89.00 119.03 -25.78
N GLU F 838 -89.69 118.66 -26.86
CA GLU F 838 -90.97 118.01 -26.66
C GLU F 838 -90.89 116.49 -26.69
N SER F 839 -89.87 115.89 -27.31
CA SER F 839 -89.80 114.44 -27.34
C SER F 839 -89.21 113.86 -26.07
N ILE F 840 -88.38 114.63 -25.36
CA ILE F 840 -87.86 114.17 -24.06
C ILE F 840 -88.94 113.79 -23.05
N PRO F 841 -90.02 114.57 -22.83
CA PRO F 841 -91.02 114.16 -21.83
C PRO F 841 -91.78 112.88 -22.15
N LYS F 842 -91.78 112.42 -23.39
CA LYS F 842 -92.39 111.13 -23.69
C LYS F 842 -91.42 109.98 -23.50
N MET F 843 -90.19 110.19 -23.96
CA MET F 843 -89.19 109.13 -23.88
C MET F 843 -88.78 108.85 -22.44
N CYS F 844 -88.61 109.91 -21.64
CA CYS F 844 -88.30 109.70 -20.23
C CYS F 844 -89.42 108.99 -19.50
N SER F 845 -90.67 109.31 -19.85
CA SER F 845 -91.80 108.73 -19.14
C SER F 845 -91.99 107.26 -19.50
N GLN F 846 -91.78 106.88 -20.77
CA GLN F 846 -91.85 105.47 -21.11
C GLN F 846 -90.76 104.69 -20.41
N LEU F 847 -89.56 105.29 -20.31
CA LEU F 847 -88.48 104.58 -19.65
C LEU F 847 -88.75 104.44 -18.16
N ARG F 848 -89.36 105.45 -17.54
CA ARG F 848 -89.64 105.39 -16.12
C ARG F 848 -90.74 104.37 -15.81
N ILE F 849 -91.81 104.34 -16.61
CA ILE F 849 -92.87 103.36 -16.36
C ILE F 849 -92.37 101.95 -16.62
N LEU F 850 -91.39 101.80 -17.53
CA LEU F 850 -90.81 100.47 -17.73
C LEU F 850 -89.97 100.05 -16.53
N THR F 851 -89.19 100.97 -15.96
CA THR F 851 -88.40 100.62 -14.78
C THR F 851 -89.30 100.30 -13.59
N HIS F 852 -90.39 101.05 -13.44
CA HIS F 852 -91.35 100.77 -12.37
C HIS F 852 -92.02 99.43 -12.58
N PHE F 853 -92.33 99.09 -13.83
CA PHE F 853 -92.92 97.80 -14.13
C PHE F 853 -91.95 96.67 -13.83
N TYR F 854 -90.67 96.86 -14.16
CA TYR F 854 -89.68 95.83 -13.89
C TYR F 854 -89.49 95.61 -12.40
N GLN F 855 -89.44 96.69 -11.62
CA GLN F 855 -89.29 96.54 -10.18
C GLN F 855 -90.54 95.96 -9.54
N GLY F 856 -91.73 96.31 -10.06
CA GLY F 856 -92.95 95.72 -9.55
C GLY F 856 -93.06 94.24 -9.84
N ILE F 857 -92.64 93.82 -11.03
CA ILE F 857 -92.77 92.41 -11.36
C ILE F 857 -91.69 91.58 -10.66
N VAL F 858 -90.49 92.14 -10.45
CA VAL F 858 -89.49 91.37 -9.71
C VAL F 858 -89.84 91.34 -8.23
N GLN F 859 -90.55 92.37 -7.75
CA GLN F 859 -91.01 92.35 -6.37
C GLN F 859 -92.11 91.33 -6.17
N GLN F 860 -93.03 91.26 -7.12
CA GLN F 860 -94.10 90.26 -7.08
C GLN F 860 -93.53 88.85 -7.16
N PHE F 861 -92.56 88.65 -8.05
CA PHE F 861 -91.91 87.35 -8.17
C PHE F 861 -91.13 86.99 -6.91
N LEU F 862 -90.48 87.98 -6.29
CA LEU F 862 -89.72 87.72 -5.08
C LEU F 862 -90.61 87.39 -3.91
N VAL F 863 -91.78 88.03 -3.79
CA VAL F 863 -92.69 87.62 -2.71
C VAL F 863 -93.35 86.29 -3.01
N LEU F 864 -93.39 85.87 -4.28
CA LEU F 864 -93.84 84.50 -4.53
C LEU F 864 -92.82 83.47 -4.07
N LEU F 865 -91.56 83.85 -3.91
CA LEU F 865 -90.55 82.88 -3.46
C LEU F 865 -90.47 82.82 -1.94
N THR F 866 -91.64 82.69 -1.33
CA THR F 866 -91.81 82.28 0.05
C THR F 866 -92.72 81.08 0.18
N THR F 867 -93.49 80.78 -0.86
CA THR F 867 -94.36 79.62 -0.91
C THR F 867 -93.82 78.56 -1.84
N SER F 868 -92.55 78.67 -2.22
CA SER F 868 -91.92 77.86 -3.24
C SER F 868 -91.25 76.61 -2.67
N SER F 869 -90.33 76.04 -3.44
CA SER F 869 -89.50 74.90 -3.03
C SER F 869 -88.86 75.12 -1.66
N ASP F 870 -88.26 76.29 -1.45
CA ASP F 870 -87.59 76.77 -0.23
C ASP F 870 -86.35 75.94 0.12
N GLU F 871 -85.98 74.95 -0.66
CA GLU F 871 -84.73 74.26 -0.47
C GLU F 871 -83.86 74.37 -1.71
N SER F 872 -84.44 74.78 -2.82
CA SER F 872 -83.68 75.22 -3.98
C SER F 872 -83.98 76.66 -4.36
N LEU F 873 -85.21 77.14 -4.24
CA LEU F 873 -85.54 78.49 -4.64
C LEU F 873 -85.52 79.46 -3.47
N ARG F 874 -85.19 78.97 -2.28
CA ARG F 874 -84.82 79.85 -1.18
C ARG F 874 -83.56 80.63 -1.51
N PHE F 875 -82.70 80.03 -2.33
CA PHE F 875 -81.48 80.68 -2.76
C PHE F 875 -81.71 81.63 -3.92
N LEU F 876 -82.81 81.49 -4.65
CA LEU F 876 -83.21 82.53 -5.59
C LEU F 876 -83.72 83.77 -4.86
N SER F 877 -84.61 83.56 -3.88
CA SER F 877 -85.10 84.65 -3.04
C SER F 877 -83.97 85.31 -2.28
N PHE F 878 -82.99 84.50 -1.89
CA PHE F 878 -81.71 84.98 -1.41
C PHE F 878 -81.03 85.87 -2.43
N ARG F 879 -80.79 85.36 -3.64
CA ARG F 879 -79.92 86.00 -4.60
C ARG F 879 -80.60 87.09 -5.40
N LEU F 880 -81.85 87.42 -5.09
CA LEU F 880 -82.42 88.68 -5.53
C LEU F 880 -82.35 89.72 -4.42
N ASP F 881 -82.96 89.42 -3.26
CA ASP F 881 -82.76 90.21 -2.04
C ASP F 881 -81.39 89.89 -1.42
N PHE F 882 -80.37 90.31 -2.12
CA PHE F 882 -78.97 90.01 -1.89
C PHE F 882 -78.38 91.42 -1.85
N ASN F 883 -77.50 91.70 -0.88
CA ASN F 883 -76.75 92.95 -0.57
C ASN F 883 -77.53 94.22 -0.19
N GLU F 884 -78.59 94.06 0.63
CA GLU F 884 -79.37 95.16 1.19
C GLU F 884 -79.94 96.04 0.07
N HIS F 885 -80.82 95.43 -0.72
CA HIS F 885 -81.54 96.28 -1.67
C HIS F 885 -83.04 96.06 -1.75
N TYR F 886 -83.52 94.87 -1.44
CA TYR F 886 -84.94 94.63 -1.55
C TYR F 886 -85.45 94.62 -0.12
N LYS F 887 -86.76 94.46 0.03
CA LYS F 887 -87.47 94.36 1.31
C LYS F 887 -87.43 95.65 2.14
N ALA F 888 -86.92 96.75 1.58
CA ALA F 888 -87.03 98.07 2.19
C ALA F 888 -87.20 99.12 1.10
N ARG F 889 -87.33 98.63 -0.14
CA ARG F 889 -87.47 99.44 -1.36
C ARG F 889 -86.30 100.36 -1.61
N GLU F 890 -85.21 99.77 -2.05
CA GLU F 890 -84.19 100.44 -2.85
C GLU F 890 -83.29 101.37 -2.07
N ALA G 11 9.26 55.73 112.74
CA ALA G 11 8.55 54.63 112.10
C ALA G 11 9.18 53.29 112.48
N ALA G 12 9.37 52.42 111.49
CA ALA G 12 10.10 51.18 111.66
C ALA G 12 11.43 51.21 110.92
N ALA G 13 11.41 51.54 109.63
CA ALA G 13 12.65 51.73 108.87
C ALA G 13 13.42 52.96 109.33
N ALA G 14 12.71 53.98 109.84
CA ALA G 14 13.34 55.16 110.41
C ALA G 14 14.06 54.87 111.73
N ALA G 15 13.79 53.71 112.35
CA ALA G 15 14.62 53.20 113.42
C ALA G 15 15.67 52.19 112.93
N ALA G 16 15.45 51.59 111.75
CA ALA G 16 16.50 50.78 111.15
C ALA G 16 17.69 51.62 110.71
N ASN G 17 17.47 52.87 110.34
CA ASN G 17 18.61 53.75 110.10
C ASN G 17 19.36 54.08 111.39
N LEU G 18 18.64 54.22 112.51
CA LEU G 18 19.24 54.31 113.84
C LEU G 18 20.04 53.06 114.21
N ASN G 19 19.63 51.88 113.73
CA ASN G 19 20.44 50.68 113.89
C ASN G 19 21.75 50.80 113.09
N ALA G 20 21.65 51.26 111.84
CA ALA G 20 22.83 51.41 110.98
C ALA G 20 23.80 52.49 111.44
N VAL G 21 23.38 53.41 112.33
CA VAL G 21 24.32 54.41 112.86
C VAL G 21 25.05 53.87 114.09
N ARG G 22 24.32 53.17 114.98
CA ARG G 22 24.95 52.50 116.12
C ARG G 22 25.97 51.46 115.67
N GLU G 23 25.73 50.83 114.51
CA GLU G 23 26.72 49.93 113.91
C GLU G 23 28.00 50.67 113.50
N THR G 24 27.85 51.84 112.85
CA THR G 24 28.98 52.67 112.43
C THR G 24 29.84 53.04 113.62
N MET G 25 29.18 53.46 114.66
CA MET G 25 29.76 53.83 115.91
C MET G 25 30.51 52.67 116.59
N ASP G 26 30.00 51.45 116.51
CA ASP G 26 30.71 50.30 117.05
C ASP G 26 31.91 49.87 116.20
N VAL G 27 31.78 49.89 114.87
CA VAL G 27 32.88 49.42 114.04
C VAL G 27 34.04 50.42 114.08
N LEU G 28 33.73 51.72 114.20
CA LEU G 28 34.81 52.69 114.38
C LEU G 28 35.47 52.58 115.75
N LEU G 29 34.78 52.01 116.75
CA LEU G 29 35.43 51.73 118.02
C LEU G 29 36.36 50.53 117.96
N GLU G 30 36.03 49.52 117.14
CA GLU G 30 37.01 48.45 116.92
C GLU G 30 38.25 48.99 116.21
N ILE G 31 38.04 49.88 115.23
CA ILE G 31 39.17 50.56 114.58
C ILE G 31 39.90 51.46 115.58
N SER G 32 39.18 51.98 116.58
CA SER G 32 39.78 52.84 117.60
C SER G 32 40.66 52.07 118.56
N ARG G 33 40.28 50.84 118.91
CA ARG G 33 41.13 50.09 119.83
C ARG G 33 42.32 49.44 119.14
N ILE G 34 42.21 49.08 117.85
CA ILE G 34 43.37 48.43 117.24
C ILE G 34 44.47 49.42 116.89
N LEU G 35 44.14 50.71 116.75
CA LEU G 35 45.15 51.75 116.65
C LEU G 35 45.50 52.34 118.01
N ASN G 36 44.79 51.91 119.06
CA ASN G 36 45.04 52.23 120.46
C ASN G 36 44.91 53.72 120.74
N THR G 37 43.79 54.31 120.35
CA THR G 37 43.51 55.69 120.75
C THR G 37 42.69 55.71 122.03
N GLY G 38 42.66 56.87 122.68
CA GLY G 38 42.02 56.97 123.98
C GLY G 38 40.54 57.20 123.94
N LEU G 39 39.99 57.50 122.75
CA LEU G 39 38.57 57.77 122.61
C LEU G 39 37.74 56.56 122.97
N ASP G 40 36.68 56.79 123.73
CA ASP G 40 35.74 55.74 124.04
C ASP G 40 34.53 55.91 123.13
N MET G 41 33.47 55.15 123.44
CA MET G 41 32.28 55.14 122.61
C MET G 41 31.56 56.48 122.62
N GLU G 42 31.39 57.07 123.80
CA GLU G 42 30.63 58.30 123.96
C GLU G 42 31.29 59.48 123.22
N THR G 43 32.61 59.56 123.32
CA THR G 43 33.38 60.58 122.60
C THR G 43 33.35 60.35 121.09
N LEU G 44 33.46 59.08 120.67
CA LEU G 44 33.44 58.74 119.26
C LEU G 44 32.12 59.10 118.61
N SER G 45 31.03 59.07 119.39
CA SER G 45 29.75 59.54 118.86
C SER G 45 29.74 61.05 118.62
N ILE G 46 30.56 61.83 119.32
CA ILE G 46 30.76 63.23 118.97
C ILE G 46 31.63 63.35 117.72
N CYS G 47 32.68 62.52 117.66
CA CYS G 47 33.67 62.59 116.58
C CYS G 47 33.08 62.24 115.20
N VAL G 48 32.06 61.38 115.12
CA VAL G 48 31.46 61.10 113.81
C VAL G 48 30.52 62.24 113.42
N ARG G 49 29.83 62.83 114.40
CA ARG G 49 28.93 63.96 114.16
C ARG G 49 29.68 65.17 113.60
N LEU G 50 30.88 65.43 114.13
CA LEU G 50 31.68 66.56 113.63
C LEU G 50 32.07 66.38 112.17
N CYS G 51 32.31 65.13 111.76
CA CYS G 51 32.83 64.80 110.45
C CYS G 51 31.76 64.87 109.36
N GLU G 52 30.49 64.88 109.75
CA GLU G 52 29.41 65.00 108.77
C GLU G 52 29.34 66.40 108.18
N GLN G 53 29.61 67.42 109.00
CA GLN G 53 29.77 68.76 108.48
C GLN G 53 31.09 68.94 107.75
N GLY G 54 32.08 68.09 108.01
CA GLY G 54 33.39 68.24 107.41
C GLY G 54 34.29 69.08 108.28
N ILE G 55 35.46 68.53 108.62
CA ILE G 55 36.36 69.14 109.58
C ILE G 55 37.74 68.54 109.37
N ASN G 56 38.77 69.30 109.70
CA ASN G 56 40.14 68.84 109.60
C ASN G 56 40.46 67.88 110.74
N PRO G 57 40.87 66.64 110.45
CA PRO G 57 41.40 65.77 111.51
C PRO G 57 42.74 66.24 112.04
N GLU G 58 43.52 66.94 111.21
CA GLU G 58 44.77 67.56 111.66
C GLU G 58 44.53 68.62 112.71
N ALA G 59 43.37 69.28 112.67
CA ALA G 59 43.01 70.25 113.69
C ALA G 59 42.44 69.59 114.94
N LEU G 60 41.66 68.52 114.77
CA LEU G 60 41.00 67.88 115.90
C LEU G 60 41.98 67.07 116.74
N SER G 61 42.99 66.47 116.10
CA SER G 61 43.95 65.62 116.80
C SER G 61 44.77 66.38 117.84
N SER G 62 45.13 67.62 117.55
CA SER G 62 45.90 68.41 118.51
C SER G 62 45.03 68.82 119.69
N VAL G 63 43.74 69.04 119.45
CA VAL G 63 42.83 69.36 120.55
C VAL G 63 42.65 68.14 121.45
N ILE G 64 42.48 66.95 120.85
CA ILE G 64 42.31 65.74 121.65
C ILE G 64 43.60 65.39 122.38
N LYS G 65 44.74 65.57 121.71
CA LYS G 65 46.06 65.36 122.31
C LYS G 65 46.43 66.45 123.31
N GLU G 66 45.68 67.56 123.38
CA GLU G 66 45.82 68.52 124.47
C GLU G 66 44.86 68.24 125.61
N LEU G 67 43.63 67.82 125.28
CA LEU G 67 42.64 67.56 126.32
C LEU G 67 42.99 66.31 127.11
N ARG G 68 43.68 65.35 126.50
CA ARG G 68 44.21 64.22 127.26
C ARG G 68 45.47 64.59 128.04
N LYS G 69 46.15 65.69 127.68
CA LYS G 69 47.27 66.27 128.41
C LYS G 69 46.79 67.40 129.35
N ALA G 70 45.49 67.65 129.41
CA ALA G 70 44.99 68.63 130.36
C ALA G 70 43.95 68.07 131.32
N THR G 71 43.80 66.74 131.42
CA THR G 71 42.97 66.15 132.45
C THR G 71 43.79 65.64 133.64
N GLU G 72 45.10 65.44 133.47
CA GLU G 72 46.00 65.13 134.58
C GLU G 72 46.85 66.33 134.99
N ALA G 73 46.79 67.43 134.23
CA ALA G 73 47.43 68.67 134.60
C ALA G 73 46.46 69.64 135.25
N LEU G 74 45.17 69.50 134.98
CA LEU G 74 44.12 70.16 135.75
C LEU G 74 43.61 69.24 136.86
N LYS G 75 44.39 68.23 137.22
CA LYS G 75 44.08 67.29 138.29
C LYS G 75 44.58 67.81 139.64
N ILE H 245 -94.08 -38.24 -25.09
CA ILE H 245 -92.66 -38.51 -25.30
C ILE H 245 -91.82 -37.60 -24.43
N THR H 246 -90.56 -37.97 -24.21
CA THR H 246 -89.73 -37.28 -23.24
C THR H 246 -89.00 -36.11 -23.88
N GLU H 247 -88.69 -35.13 -23.03
CA GLU H 247 -88.05 -33.89 -23.44
C GLU H 247 -86.55 -34.05 -23.64
N ALA H 248 -85.93 -34.98 -22.91
CA ALA H 248 -84.49 -35.18 -23.02
C ALA H 248 -84.10 -35.74 -24.37
N ALA H 249 -85.03 -36.38 -25.07
CA ALA H 249 -84.77 -36.80 -26.44
C ALA H 249 -84.74 -35.61 -27.38
N LEU H 250 -85.56 -34.59 -27.11
CA LEU H 250 -85.74 -33.48 -28.03
C LEU H 250 -84.47 -32.69 -28.24
N VAL H 251 -83.66 -32.53 -27.19
CA VAL H 251 -82.47 -31.69 -27.30
C VAL H 251 -81.42 -32.36 -28.19
N ARG H 252 -81.22 -33.67 -28.03
CA ARG H 252 -80.24 -34.35 -28.88
C ARG H 252 -80.74 -34.50 -30.30
N ASP H 253 -82.07 -34.59 -30.52
CA ASP H 253 -82.57 -34.65 -31.88
C ASP H 253 -82.39 -33.31 -32.61
N ILE H 254 -82.79 -32.21 -31.97
CA ILE H 254 -82.71 -30.89 -32.60
C ILE H 254 -81.26 -30.48 -32.80
N LEU H 255 -80.37 -30.98 -31.94
CA LEU H 255 -78.93 -30.89 -32.16
C LEU H 255 -78.53 -31.44 -33.53
N TYR H 256 -79.09 -32.59 -33.91
CA TYR H 256 -78.74 -33.18 -35.19
C TYR H 256 -79.38 -32.42 -36.33
N VAL H 257 -80.58 -31.92 -36.08
CA VAL H 257 -81.33 -31.14 -37.06
C VAL H 257 -80.57 -29.87 -37.42
N PHE H 258 -79.82 -29.31 -36.46
CA PHE H 258 -78.90 -28.20 -36.75
C PHE H 258 -77.91 -28.58 -37.84
N GLN H 259 -77.32 -29.75 -37.71
CA GLN H 259 -76.43 -30.31 -38.70
C GLN H 259 -77.16 -30.80 -39.95
N GLY H 260 -78.49 -30.78 -39.94
CA GLY H 260 -79.29 -31.33 -41.02
C GLY H 260 -79.52 -32.81 -40.90
N ILE H 261 -78.82 -33.47 -39.98
CA ILE H 261 -78.92 -34.91 -39.81
C ILE H 261 -80.26 -35.25 -39.19
N ASP H 262 -80.82 -36.39 -39.63
CA ASP H 262 -82.11 -36.91 -39.17
C ASP H 262 -82.19 -37.00 -37.66
N GLY H 263 -83.40 -36.79 -37.13
CA GLY H 263 -83.65 -36.90 -35.71
C GLY H 263 -84.29 -38.23 -35.36
N LYS H 264 -85.08 -38.27 -34.29
CA LYS H 264 -85.88 -39.46 -34.00
C LYS H 264 -87.28 -39.06 -33.56
N ASN H 265 -87.43 -37.85 -33.03
CA ASN H 265 -88.73 -37.28 -32.69
C ASN H 265 -89.18 -36.29 -33.75
N ILE H 266 -88.38 -36.12 -34.78
CA ILE H 266 -88.70 -35.24 -35.89
C ILE H 266 -88.17 -35.93 -37.13
N LYS H 267 -89.07 -36.29 -38.02
CA LYS H 267 -88.72 -37.10 -39.17
C LYS H 267 -88.64 -36.26 -40.42
N MET H 268 -88.86 -34.96 -40.30
CA MET H 268 -88.74 -34.01 -41.39
C MET H 268 -87.30 -33.52 -41.49
N ASN H 269 -86.87 -33.33 -42.73
CA ASN H 269 -85.62 -32.66 -43.01
C ASN H 269 -85.85 -31.68 -44.14
N ASN H 270 -86.84 -30.77 -43.97
CA ASN H 270 -87.25 -29.77 -44.98
C ASN H 270 -87.88 -30.52 -46.18
N THR H 271 -88.46 -31.69 -45.87
CA THR H 271 -89.09 -32.52 -46.88
C THR H 271 -90.46 -31.99 -47.28
N GLU H 272 -91.19 -31.40 -46.33
CA GLU H 272 -92.44 -30.73 -46.61
C GLU H 272 -92.26 -29.24 -46.78
N ASN H 273 -91.08 -28.83 -47.29
CA ASN H 273 -90.51 -27.48 -47.45
C ASN H 273 -90.07 -26.88 -46.11
N CYS H 274 -90.38 -27.55 -45.02
CA CYS H 274 -89.94 -27.14 -43.69
C CYS H 274 -90.07 -28.32 -42.75
N TYR H 275 -89.63 -28.11 -41.52
CA TYR H 275 -89.64 -29.15 -40.51
C TYR H 275 -90.93 -29.06 -39.70
N LYS H 276 -91.58 -30.19 -39.50
CA LYS H 276 -92.75 -30.31 -38.63
C LYS H 276 -92.46 -31.40 -37.62
N VAL H 277 -93.27 -31.47 -36.58
CA VAL H 277 -93.00 -32.34 -35.43
C VAL H 277 -93.95 -33.52 -35.50
N GLU H 278 -93.38 -34.72 -35.41
CA GLU H 278 -94.16 -35.93 -35.20
C GLU H 278 -94.00 -36.39 -33.76
N GLY H 279 -95.08 -36.91 -33.19
CA GLY H 279 -95.07 -37.35 -31.82
C GLY H 279 -95.43 -36.22 -30.88
N LYS H 280 -96.41 -36.45 -30.03
CA LYS H 280 -96.87 -35.45 -29.09
C LYS H 280 -96.59 -35.89 -27.66
N ALA H 281 -96.68 -34.93 -26.75
CA ALA H 281 -96.82 -35.21 -25.34
C ALA H 281 -97.85 -34.31 -24.69
N ASN H 282 -98.68 -33.61 -25.48
CA ASN H 282 -99.59 -32.52 -25.16
C ASN H 282 -98.86 -31.25 -24.75
N LEU H 283 -97.56 -31.16 -25.01
CA LEU H 283 -96.86 -29.89 -24.88
C LEU H 283 -97.07 -29.09 -26.15
N SER H 284 -97.74 -27.96 -26.02
CA SER H 284 -98.18 -27.18 -27.14
C SER H 284 -97.19 -26.09 -27.53
N ARG H 285 -96.20 -25.83 -26.68
CA ARG H 285 -95.22 -24.78 -26.98
C ARG H 285 -93.83 -25.16 -26.54
N SER H 286 -93.73 -26.27 -25.82
CA SER H 286 -92.45 -26.74 -25.30
C SER H 286 -92.04 -28.04 -25.98
N LEU H 287 -92.83 -28.48 -26.95
CA LEU H 287 -92.44 -29.58 -27.81
C LEU H 287 -92.74 -29.16 -29.24
N ARG H 288 -93.55 -28.12 -29.39
CA ARG H 288 -94.00 -27.70 -30.70
C ARG H 288 -93.40 -26.37 -31.12
N ASP H 289 -93.58 -25.31 -30.33
CA ASP H 289 -93.16 -23.97 -30.74
C ASP H 289 -91.65 -23.86 -30.76
N THR H 290 -91.01 -24.36 -29.70
CA THR H 290 -89.57 -24.27 -29.58
C THR H 290 -88.88 -25.11 -30.64
N ALA H 291 -89.38 -26.32 -30.87
CA ALA H 291 -88.77 -27.23 -31.83
C ALA H 291 -88.84 -26.68 -33.25
N VAL H 292 -90.01 -26.14 -33.62
CA VAL H 292 -90.18 -25.57 -34.95
C VAL H 292 -89.34 -24.29 -35.08
N ARG H 293 -89.21 -23.53 -33.97
CA ARG H 293 -88.36 -22.34 -33.98
C ARG H 293 -86.91 -22.70 -34.23
N LEU H 294 -86.42 -23.76 -33.60
CA LEU H 294 -85.01 -24.09 -33.73
C LEU H 294 -84.70 -24.84 -35.02
N SER H 295 -85.69 -25.47 -35.65
CA SER H 295 -85.43 -26.24 -36.87
C SER H 295 -85.09 -25.38 -38.07
N GLU H 296 -85.39 -24.08 -38.02
CA GLU H 296 -85.07 -23.24 -39.17
C GLU H 296 -83.60 -22.83 -39.21
N LEU H 297 -82.91 -22.92 -38.07
CA LEU H 297 -81.44 -22.90 -38.08
C LEU H 297 -80.90 -24.02 -38.96
N GLY H 298 -81.51 -25.21 -38.89
CA GLY H 298 -81.12 -26.30 -39.75
C GLY H 298 -81.54 -26.12 -41.20
N TRP H 299 -82.69 -25.47 -41.42
CA TRP H 299 -83.10 -25.09 -42.79
C TRP H 299 -82.05 -24.18 -43.44
N LEU H 300 -81.60 -23.18 -42.69
CA LEU H 300 -80.54 -22.29 -43.17
C LEU H 300 -79.24 -23.06 -43.39
N HIS H 301 -78.97 -24.05 -42.53
CA HIS H 301 -77.80 -24.90 -42.73
C HIS H 301 -77.89 -25.70 -44.02
N ASN H 302 -79.08 -26.22 -44.31
CA ASN H 302 -79.32 -26.95 -45.56
C ASN H 302 -79.04 -26.07 -46.76
N LYS H 303 -79.48 -24.81 -46.71
CA LYS H 303 -79.24 -23.89 -47.83
C LYS H 303 -77.75 -23.59 -48.01
N ILE H 304 -77.10 -23.18 -46.92
CA ILE H 304 -75.71 -22.72 -47.02
C ILE H 304 -74.77 -23.87 -47.34
N ARG H 305 -75.12 -25.09 -46.93
CA ARG H 305 -74.33 -26.24 -47.31
C ARG H 305 -74.68 -26.73 -48.70
N ARG H 306 -75.93 -26.50 -49.13
CA ARG H 306 -76.38 -26.96 -50.44
C ARG H 306 -75.63 -26.26 -51.56
N TYR H 307 -75.40 -24.96 -51.41
CA TYR H 307 -74.67 -24.21 -52.44
C TYR H 307 -73.24 -24.75 -52.61
N THR H 308 -72.55 -24.93 -51.49
CA THR H 308 -71.19 -25.45 -51.48
C THR H 308 -71.15 -26.89 -51.98
N ASP H 309 -72.22 -27.64 -51.73
CA ASP H 309 -72.32 -29.05 -52.14
C ASP H 309 -72.30 -29.20 -53.65
N GLN H 310 -72.69 -28.16 -54.39
CA GLN H 310 -72.60 -28.16 -55.84
C GLN H 310 -71.39 -27.41 -56.36
N ARG H 311 -70.96 -26.34 -55.70
CA ARG H 311 -69.87 -25.54 -56.26
C ARG H 311 -68.53 -26.26 -56.15
N SER H 312 -68.39 -27.16 -55.17
CA SER H 312 -67.17 -27.94 -55.03
C SER H 312 -67.05 -29.03 -56.07
N LEU H 313 -68.13 -29.32 -56.80
CA LEU H 313 -68.07 -30.15 -57.99
C LEU H 313 -68.16 -29.32 -59.25
N ASP H 314 -68.27 -28.00 -59.10
CA ASP H 314 -68.30 -27.07 -60.21
C ASP H 314 -66.89 -26.53 -60.43
N ARG H 315 -66.25 -26.95 -61.52
CA ARG H 315 -64.89 -26.54 -61.83
C ARG H 315 -64.85 -25.38 -62.80
N SER H 316 -66.00 -24.96 -63.33
CA SER H 316 -66.10 -23.76 -64.14
C SER H 316 -66.97 -22.78 -63.35
N PHE H 317 -66.34 -22.08 -62.41
CA PHE H 317 -67.02 -21.08 -61.59
C PHE H 317 -66.04 -19.91 -61.39
N GLY H 318 -64.86 -20.01 -62.00
CA GLY H 318 -63.84 -18.99 -61.91
C GLY H 318 -62.73 -19.43 -60.96
N LEU H 319 -62.09 -18.44 -60.33
CA LEU H 319 -61.20 -18.70 -59.21
C LEU H 319 -61.46 -17.63 -58.16
N VAL H 320 -62.34 -16.68 -58.50
CA VAL H 320 -62.87 -15.76 -57.52
C VAL H 320 -64.18 -16.26 -56.94
N GLY H 321 -64.86 -17.17 -57.64
CA GLY H 321 -66.04 -17.83 -57.11
C GLY H 321 -65.64 -19.06 -56.32
N GLN H 322 -64.51 -19.65 -56.67
CA GLN H 322 -63.97 -20.78 -55.92
C GLN H 322 -63.05 -20.34 -54.79
N SER H 323 -62.87 -19.03 -54.59
CA SER H 323 -62.38 -18.49 -53.33
C SER H 323 -63.52 -18.00 -52.47
N PHE H 324 -64.61 -17.56 -53.11
CA PHE H 324 -65.87 -17.30 -52.42
C PHE H 324 -66.40 -18.57 -51.78
N CYS H 325 -66.30 -19.69 -52.48
CA CYS H 325 -66.67 -21.00 -51.95
C CYS H 325 -65.67 -21.50 -50.91
N ALA H 326 -64.46 -20.95 -50.89
CA ALA H 326 -63.48 -21.33 -49.88
C ALA H 326 -63.63 -20.54 -48.59
N ALA H 327 -64.20 -19.35 -48.66
CA ALA H 327 -64.70 -18.67 -47.47
C ALA H 327 -66.04 -19.25 -47.02
N LEU H 328 -66.64 -20.09 -47.86
CA LEU H 328 -67.91 -20.75 -47.57
C LEU H 328 -67.66 -22.19 -47.13
N HIS H 329 -66.43 -22.66 -47.20
CA HIS H 329 -66.01 -23.82 -46.43
C HIS H 329 -65.79 -23.46 -44.97
N GLN H 330 -65.18 -22.31 -44.72
CA GLN H 330 -64.93 -21.83 -43.36
C GLN H 330 -66.21 -21.59 -42.59
N GLU H 331 -67.25 -21.12 -43.27
CA GLU H 331 -68.53 -20.84 -42.64
C GLU H 331 -69.33 -22.10 -42.34
N LEU H 332 -68.87 -23.25 -42.82
CA LEU H 332 -69.36 -24.53 -42.34
C LEU H 332 -68.50 -25.08 -41.23
N ARG H 333 -67.18 -24.84 -41.31
CA ARG H 333 -66.24 -25.25 -40.28
C ARG H 333 -66.57 -24.63 -38.93
N GLU H 334 -66.89 -23.33 -38.92
CA GLU H 334 -67.20 -22.65 -37.66
C GLU H 334 -68.52 -23.14 -37.07
N TYR H 335 -69.49 -23.43 -37.93
CA TYR H 335 -70.76 -24.01 -37.51
C TYR H 335 -70.53 -25.35 -36.81
N TYR H 336 -69.65 -26.18 -37.37
CA TYR H 336 -69.30 -27.44 -36.74
C TYR H 336 -68.59 -27.22 -35.41
N ARG H 337 -67.78 -26.16 -35.31
CA ARG H 337 -67.07 -25.87 -34.05
C ARG H 337 -68.04 -25.52 -32.93
N LEU H 338 -69.02 -24.68 -33.24
CA LEU H 338 -70.06 -24.33 -32.29
C LEU H 338 -70.85 -25.57 -31.85
N LEU H 339 -71.19 -26.42 -32.82
CA LEU H 339 -71.93 -27.65 -32.51
C LEU H 339 -71.11 -28.58 -31.62
N SER H 340 -69.80 -28.63 -31.85
CA SER H 340 -68.90 -29.43 -31.03
C SER H 340 -68.90 -28.96 -29.58
N VAL H 341 -68.85 -27.64 -29.37
CA VAL H 341 -68.78 -27.14 -27.99
C VAL H 341 -70.10 -27.39 -27.27
N LEU H 342 -71.23 -27.15 -27.94
CA LEU H 342 -72.52 -27.33 -27.28
C LEU H 342 -72.81 -28.80 -26.97
N HIS H 343 -72.31 -29.71 -27.81
CA HIS H 343 -72.59 -31.12 -27.65
C HIS H 343 -72.00 -31.68 -26.36
N SER H 344 -70.81 -31.21 -25.97
CA SER H 344 -70.19 -31.67 -24.74
C SER H 344 -70.91 -31.15 -23.51
N GLN H 345 -71.39 -29.92 -23.58
CA GLN H 345 -72.05 -29.29 -22.45
C GLN H 345 -73.50 -29.71 -22.29
N LEU H 346 -74.01 -30.54 -23.19
CA LEU H 346 -75.36 -31.02 -23.05
C LEU H 346 -75.46 -32.12 -22.01
N GLN H 347 -74.37 -32.81 -21.71
CA GLN H 347 -74.40 -33.82 -20.68
C GLN H 347 -74.36 -33.14 -19.32
N LEU H 362 -81.99 -32.37 -21.50
CA LEU H 362 -82.15 -31.33 -20.49
C LEU H 362 -82.32 -29.98 -21.17
N THR H 363 -83.39 -29.26 -20.83
CA THR H 363 -83.65 -27.98 -21.45
C THR H 363 -82.64 -26.94 -20.99
N LEU H 364 -82.33 -26.03 -21.89
CA LEU H 364 -81.40 -24.92 -21.67
C LEU H 364 -82.02 -23.64 -22.17
N ARG H 365 -83.25 -23.39 -21.68
CA ARG H 365 -84.20 -22.45 -22.26
C ARG H 365 -84.47 -22.87 -23.71
N ARG H 366 -84.55 -24.20 -23.91
CA ARG H 366 -84.68 -24.84 -25.22
C ARG H 366 -83.62 -24.36 -26.20
N LEU H 367 -82.39 -24.21 -25.70
CA LEU H 367 -81.17 -23.89 -26.46
C LEU H 367 -81.22 -22.49 -27.06
N LEU H 368 -82.02 -21.61 -26.47
CA LEU H 368 -82.10 -20.25 -26.94
C LEU H 368 -81.06 -19.36 -26.26
N VAL H 369 -80.25 -19.91 -25.37
CA VAL H 369 -79.11 -19.16 -24.85
C VAL H 369 -77.99 -19.15 -25.87
N TRP H 370 -77.90 -20.19 -26.66
CA TRP H 370 -76.78 -20.41 -27.54
C TRP H 370 -77.09 -19.94 -28.94
N THR H 371 -78.33 -19.58 -29.19
CA THR H 371 -78.73 -18.92 -30.41
C THR H 371 -79.23 -17.52 -30.06
N TYR H 372 -79.75 -16.87 -31.11
CA TYR H 372 -80.11 -15.46 -31.35
C TYR H 372 -78.92 -14.56 -31.69
N ASP H 373 -77.69 -14.94 -31.34
CA ASP H 373 -76.56 -14.30 -31.99
C ASP H 373 -76.16 -15.09 -33.24
N PRO H 374 -76.18 -16.43 -33.21
CA PRO H 374 -76.50 -17.17 -34.43
C PRO H 374 -77.84 -16.68 -34.97
N LYS H 375 -77.99 -16.74 -36.30
CA LYS H 375 -79.02 -16.11 -37.14
C LYS H 375 -78.83 -14.60 -37.24
N ILE H 376 -77.59 -14.14 -37.30
CA ILE H 376 -77.24 -12.87 -37.93
C ILE H 376 -76.30 -13.10 -39.11
N ARG H 377 -75.35 -14.01 -38.94
CA ARG H 377 -74.50 -14.45 -40.03
C ARG H 377 -75.29 -15.26 -41.05
N LEU H 378 -76.18 -16.14 -40.56
CA LEU H 378 -77.02 -16.93 -41.45
C LEU H 378 -78.01 -16.04 -42.19
N LYS H 379 -78.49 -14.99 -41.52
CA LYS H 379 -79.39 -14.04 -42.16
C LYS H 379 -78.70 -13.30 -43.29
N THR H 380 -77.43 -12.95 -43.11
CA THR H 380 -76.67 -12.26 -44.15
C THR H 380 -76.32 -13.20 -45.29
N LEU H 381 -75.88 -14.41 -44.96
CA LEU H 381 -75.54 -15.36 -45.98
C LEU H 381 -76.76 -15.97 -46.67
N ALA H 382 -77.95 -15.82 -46.10
CA ALA H 382 -79.16 -16.21 -46.83
C ALA H 382 -79.45 -15.28 -48.00
N ALA H 383 -78.90 -14.07 -48.00
CA ALA H 383 -78.95 -13.18 -49.14
C ALA H 383 -77.74 -13.34 -50.04
N LEU H 384 -76.57 -13.63 -49.46
CA LEU H 384 -75.41 -13.93 -50.31
C LEU H 384 -75.55 -15.24 -51.07
N VAL H 385 -76.36 -16.18 -50.56
CA VAL H 385 -76.60 -17.48 -51.19
C VAL H 385 -77.97 -17.50 -51.89
N ASP H 386 -78.61 -16.34 -52.01
CA ASP H 386 -79.75 -16.21 -52.90
C ASP H 386 -79.44 -15.28 -54.06
N HIS H 387 -78.82 -14.14 -53.77
CA HIS H 387 -78.50 -13.14 -54.79
C HIS H 387 -77.41 -13.62 -55.72
N CYS H 388 -76.35 -14.19 -55.17
CA CYS H 388 -75.23 -14.69 -55.97
C CYS H 388 -75.58 -16.11 -56.44
N GLN H 389 -76.07 -16.19 -57.67
CA GLN H 389 -76.42 -17.45 -58.30
C GLN H 389 -76.24 -17.26 -59.80
N GLY H 390 -75.12 -17.75 -60.34
CA GLY H 390 -74.75 -17.43 -61.69
C GLY H 390 -73.93 -16.16 -61.80
N ARG H 391 -73.08 -15.88 -60.82
CA ARG H 391 -72.16 -14.75 -60.87
C ARG H 391 -70.75 -15.27 -60.73
N LYS H 392 -69.91 -14.96 -61.72
CA LYS H 392 -68.49 -15.26 -61.61
C LYS H 392 -67.72 -14.09 -62.20
N GLY H 393 -66.49 -13.91 -61.74
CA GLY H 393 -65.74 -12.75 -62.14
C GLY H 393 -66.18 -11.51 -61.37
N GLY H 394 -65.88 -10.35 -61.95
CA GLY H 394 -66.07 -9.07 -61.29
C GLY H 394 -67.51 -8.69 -61.01
N GLU H 395 -68.48 -9.39 -61.62
CA GLU H 395 -69.88 -9.23 -61.25
C GLU H 395 -70.20 -9.88 -59.92
N LEU H 396 -69.31 -10.70 -59.39
CA LEU H 396 -69.46 -11.21 -58.03
C LEU H 396 -68.81 -10.29 -57.01
N ALA H 397 -67.69 -9.66 -57.36
CA ALA H 397 -67.01 -8.70 -56.51
C ALA H 397 -67.73 -7.36 -56.44
N SER H 398 -68.82 -7.20 -57.16
CA SER H 398 -69.77 -6.14 -56.93
C SER H 398 -71.03 -6.63 -56.23
N ALA H 399 -71.23 -7.95 -56.17
CA ALA H 399 -72.38 -8.55 -55.50
C ALA H 399 -72.05 -8.98 -54.07
N VAL H 400 -70.80 -8.83 -53.66
CA VAL H 400 -70.42 -8.87 -52.25
C VAL H 400 -70.05 -7.49 -51.75
N HIS H 401 -69.99 -6.51 -52.64
CA HIS H 401 -69.69 -5.12 -52.35
C HIS H 401 -70.95 -4.30 -52.17
N ALA H 402 -72.11 -4.89 -52.44
CA ALA H 402 -73.39 -4.25 -52.13
C ALA H 402 -73.95 -4.71 -50.80
N TYR H 403 -73.38 -5.74 -50.20
CA TYR H 403 -73.77 -6.18 -48.87
C TYR H 403 -72.79 -5.68 -47.82
N THR H 404 -71.87 -4.79 -48.21
CA THR H 404 -70.95 -4.13 -47.28
C THR H 404 -71.32 -2.68 -47.05
N LYS H 405 -72.51 -2.28 -47.49
CA LYS H 405 -73.09 -1.00 -47.11
C LYS H 405 -74.05 -1.13 -45.94
N THR H 406 -74.06 -2.28 -45.25
CA THR H 406 -75.05 -2.57 -44.22
C THR H 406 -74.91 -1.64 -43.02
N GLY H 407 -76.06 -1.33 -42.40
CA GLY H 407 -76.10 -0.39 -41.30
C GLY H 407 -75.69 -0.95 -39.95
N ASP H 408 -75.85 -2.26 -39.74
CA ASP H 408 -75.39 -2.93 -38.51
C ASP H 408 -73.87 -3.04 -38.53
N PRO H 409 -73.18 -2.53 -37.51
CA PRO H 409 -71.71 -2.63 -37.47
C PRO H 409 -71.18 -4.05 -37.49
N TYR H 410 -71.96 -5.02 -37.00
CA TYR H 410 -71.62 -6.43 -37.10
C TYR H 410 -71.57 -6.87 -38.56
N MET H 411 -72.58 -6.50 -39.34
CA MET H 411 -72.71 -7.02 -40.69
C MET H 411 -71.69 -6.41 -41.64
N ARG H 412 -71.34 -5.14 -41.43
CA ARG H 412 -70.43 -4.45 -42.36
C ARG H 412 -69.02 -5.03 -42.29
N SER H 413 -68.61 -5.50 -41.12
CA SER H 413 -67.31 -6.09 -40.88
C SER H 413 -67.30 -7.57 -41.17
N LEU H 414 -68.49 -8.17 -41.25
CA LEU H 414 -68.70 -9.56 -41.58
C LEU H 414 -68.38 -9.85 -43.03
N VAL H 415 -68.88 -8.99 -43.91
CA VAL H 415 -68.63 -9.08 -45.34
C VAL H 415 -67.40 -8.29 -45.76
N GLN H 416 -66.83 -7.50 -44.86
CA GLN H 416 -65.50 -6.97 -45.05
C GLN H 416 -64.43 -8.00 -44.75
N HIS H 417 -64.82 -9.10 -44.12
CA HIS H 417 -64.00 -10.28 -43.96
C HIS H 417 -64.08 -11.20 -45.18
N ILE H 418 -65.32 -11.45 -45.61
CA ILE H 418 -65.58 -12.22 -46.82
C ILE H 418 -64.97 -11.53 -48.04
N LEU H 419 -65.18 -10.22 -48.16
CA LEU H 419 -64.61 -9.43 -49.24
C LEU H 419 -63.12 -9.20 -49.07
N SER H 420 -62.57 -9.32 -47.87
CA SER H 420 -61.12 -9.34 -47.76
C SER H 420 -60.57 -10.62 -48.37
N LEU H 421 -61.28 -11.74 -48.19
CA LEU H 421 -60.82 -12.99 -48.79
C LEU H 421 -61.04 -13.02 -50.30
N VAL H 422 -62.19 -12.52 -50.75
CA VAL H 422 -62.57 -12.59 -52.17
C VAL H 422 -61.65 -11.70 -53.01
N SER H 423 -61.18 -10.60 -52.44
CA SER H 423 -60.39 -9.65 -53.21
C SER H 423 -58.91 -10.00 -53.28
N HIS H 424 -58.55 -11.24 -52.95
CA HIS H 424 -57.18 -11.71 -53.09
C HIS H 424 -56.80 -12.12 -54.52
N PRO H 425 -57.62 -12.87 -55.29
CA PRO H 425 -57.25 -13.07 -56.70
C PRO H 425 -57.25 -11.80 -57.52
N VAL H 426 -58.15 -10.87 -57.20
CA VAL H 426 -58.20 -9.62 -57.94
C VAL H 426 -57.08 -8.68 -57.52
N LEU H 427 -56.37 -8.97 -56.43
CA LEU H 427 -55.15 -8.26 -56.15
C LEU H 427 -53.94 -9.01 -56.69
N SER H 428 -54.16 -10.16 -57.31
CA SER H 428 -53.10 -10.82 -58.07
C SER H 428 -53.33 -10.76 -59.56
N PHE H 429 -54.56 -10.51 -60.00
CA PHE H 429 -54.78 -10.13 -61.39
C PHE H 429 -54.37 -8.70 -61.64
N LEU H 430 -54.54 -7.84 -60.64
CA LEU H 430 -54.11 -6.46 -60.71
C LEU H 430 -52.62 -6.31 -60.45
N TYR H 431 -51.96 -7.36 -59.97
CA TYR H 431 -50.53 -7.32 -59.80
C TYR H 431 -49.81 -7.94 -61.00
N ARG H 432 -50.56 -8.34 -62.02
CA ARG H 432 -49.88 -8.84 -63.21
C ARG H 432 -50.46 -8.30 -64.51
N TRP H 433 -51.51 -7.49 -64.47
CA TRP H 433 -51.83 -6.64 -65.60
C TRP H 433 -51.02 -5.35 -65.54
N ILE H 434 -50.43 -5.07 -64.40
CA ILE H 434 -49.61 -3.87 -64.19
C ILE H 434 -48.13 -4.20 -64.24
N TYR H 435 -47.71 -5.21 -63.49
CA TYR H 435 -46.28 -5.42 -63.28
C TYR H 435 -45.67 -6.28 -64.37
N ASP H 436 -46.25 -7.45 -64.59
CA ASP H 436 -45.89 -8.20 -65.79
C ASP H 436 -46.44 -7.52 -67.03
N GLY H 437 -47.61 -6.90 -66.90
CA GLY H 437 -48.21 -6.18 -67.99
C GLY H 437 -49.01 -7.05 -68.93
N GLU H 438 -48.98 -8.36 -68.75
CA GLU H 438 -49.77 -9.27 -69.55
C GLU H 438 -50.50 -10.22 -68.62
N LEU H 439 -51.79 -10.42 -68.87
CA LEU H 439 -52.63 -11.30 -68.09
C LEU H 439 -53.18 -12.39 -69.01
N GLU H 440 -53.43 -13.56 -68.43
CA GLU H 440 -53.92 -14.70 -69.18
C GLU H 440 -54.82 -15.52 -68.27
N ASP H 441 -56.09 -15.65 -68.64
CA ASP H 441 -56.98 -16.58 -67.97
C ASP H 441 -57.94 -17.20 -68.97
N THR H 442 -58.32 -18.44 -68.69
CA THR H 442 -59.24 -19.17 -69.55
C THR H 442 -60.69 -19.00 -69.13
N TYR H 443 -60.92 -18.60 -67.88
CA TYR H 443 -62.20 -18.07 -67.44
C TYR H 443 -62.00 -16.59 -67.21
N HIS H 444 -62.73 -15.76 -67.95
CA HIS H 444 -62.56 -14.31 -67.86
C HIS H 444 -63.09 -13.81 -66.53
N GLU H 445 -62.19 -13.52 -65.61
CA GLU H 445 -62.52 -12.81 -64.39
C GLU H 445 -61.98 -11.40 -64.38
N PHE H 446 -61.23 -11.02 -65.42
CA PHE H 446 -60.64 -9.71 -65.56
C PHE H 446 -61.21 -9.09 -66.83
N PHE H 447 -61.07 -7.78 -66.95
CA PHE H 447 -61.82 -7.01 -67.94
C PHE H 447 -61.09 -6.83 -69.26
N VAL H 448 -59.93 -7.45 -69.44
CA VAL H 448 -59.26 -7.40 -70.74
C VAL H 448 -59.99 -8.36 -71.67
N ALA H 449 -60.48 -7.83 -72.78
CA ALA H 449 -61.13 -8.65 -73.81
C ALA H 449 -60.24 -8.58 -75.04
N SER H 450 -59.34 -9.55 -75.18
CA SER H 450 -58.38 -9.57 -76.26
C SER H 450 -59.06 -9.93 -77.58
N ASP H 451 -58.51 -9.38 -78.67
CA ASP H 451 -59.03 -9.64 -80.01
C ASP H 451 -58.04 -10.53 -80.75
N PRO H 452 -58.40 -11.79 -81.06
CA PRO H 452 -57.49 -12.71 -81.76
C PRO H 452 -56.99 -12.23 -83.11
N THR H 453 -55.78 -12.69 -83.47
CA THR H 453 -55.03 -12.31 -84.68
C THR H 453 -54.90 -10.80 -84.82
N VAL H 454 -54.53 -10.15 -83.71
CA VAL H 454 -54.08 -8.76 -83.71
C VAL H 454 -52.65 -8.82 -83.17
N LYS H 455 -51.67 -8.76 -84.07
CA LYS H 455 -50.28 -8.90 -83.66
C LYS H 455 -49.38 -7.91 -84.40
N THR H 456 -49.96 -7.18 -85.33
CA THR H 456 -49.27 -6.23 -86.21
C THR H 456 -49.32 -4.84 -85.60
N ASP H 457 -49.20 -3.80 -86.42
CA ASP H 457 -49.26 -2.43 -85.92
C ASP H 457 -50.68 -1.93 -85.65
N ARG H 458 -51.68 -2.81 -85.67
CA ARG H 458 -52.95 -2.52 -85.03
C ARG H 458 -52.96 -2.95 -83.57
N LEU H 459 -51.78 -3.28 -83.03
CA LEU H 459 -51.64 -3.64 -81.62
C LEU H 459 -51.90 -2.44 -80.72
N TRP H 460 -51.31 -1.29 -81.06
CA TRP H 460 -51.48 -0.09 -80.26
C TRP H 460 -52.91 0.44 -80.30
N HIS H 461 -53.69 0.06 -81.30
CA HIS H 461 -55.05 0.52 -81.42
C HIS H 461 -56.07 -0.49 -80.93
N ASP H 462 -55.88 -1.78 -81.17
CA ASP H 462 -56.86 -2.80 -80.86
C ASP H 462 -56.28 -3.79 -79.86
N LYS H 463 -57.02 -4.90 -79.68
CA LYS H 463 -56.72 -6.07 -78.85
C LYS H 463 -56.93 -5.78 -77.36
N TYR H 464 -57.49 -4.62 -77.04
CA TYR H 464 -57.88 -4.31 -75.67
C TYR H 464 -59.19 -3.58 -75.70
N THR H 465 -60.24 -4.18 -75.14
CA THR H 465 -61.52 -3.53 -74.97
C THR H 465 -61.98 -3.79 -73.54
N LEU H 466 -62.38 -2.74 -72.84
CA LEU H 466 -62.74 -2.82 -71.43
C LEU H 466 -64.05 -3.57 -71.32
N ARG H 467 -63.97 -4.85 -70.96
CA ARG H 467 -65.17 -5.66 -70.75
C ARG H 467 -65.89 -5.20 -69.49
N LYS H 468 -67.19 -4.98 -69.60
CA LYS H 468 -67.95 -4.28 -68.57
C LYS H 468 -68.93 -5.21 -67.88
N SER H 469 -68.50 -6.45 -67.65
CA SER H 469 -69.20 -7.36 -66.75
C SER H 469 -68.24 -7.96 -65.74
N MET H 470 -66.99 -7.53 -65.74
CA MET H 470 -65.97 -8.07 -64.85
C MET H 470 -65.25 -6.98 -64.06
N ILE H 471 -65.75 -5.75 -64.09
CA ILE H 471 -65.15 -4.66 -63.32
C ILE H 471 -65.65 -4.81 -61.89
N PRO H 472 -64.77 -4.78 -60.90
CA PRO H 472 -65.22 -4.74 -59.51
C PRO H 472 -65.67 -3.32 -59.16
N SER H 473 -66.36 -3.21 -58.04
CA SER H 473 -66.93 -1.95 -57.62
C SER H 473 -66.06 -1.21 -56.62
N PHE H 474 -64.90 -1.76 -56.28
CA PHE H 474 -63.88 -0.96 -55.60
C PHE H 474 -62.97 -0.25 -56.59
N MET H 475 -63.20 -0.43 -57.88
CA MET H 475 -62.59 0.39 -58.91
C MET H 475 -63.71 1.07 -59.67
N THR H 476 -63.67 2.39 -59.69
CA THR H 476 -64.58 3.08 -60.59
C THR H 476 -64.03 2.99 -62.01
N MET H 477 -64.83 3.51 -62.95
CA MET H 477 -64.56 3.33 -64.39
C MET H 477 -63.22 3.91 -64.80
N ASP H 478 -62.89 5.11 -64.31
CA ASP H 478 -61.64 5.80 -64.64
C ASP H 478 -60.42 5.00 -64.17
N GLN H 479 -60.53 4.38 -62.99
CA GLN H 479 -59.46 3.55 -62.45
C GLN H 479 -59.14 2.38 -63.37
N SER H 480 -60.16 1.80 -63.99
CA SER H 480 -59.94 0.76 -64.97
C SER H 480 -59.57 1.31 -66.34
N ARG H 481 -59.87 2.56 -66.63
CA ARG H 481 -59.45 3.16 -67.89
C ARG H 481 -57.96 3.46 -67.93
N LYS H 482 -57.33 3.63 -66.77
CA LYS H 482 -55.90 3.92 -66.80
C LYS H 482 -55.02 2.67 -66.93
N VAL H 483 -55.41 1.57 -66.27
CA VAL H 483 -54.57 0.38 -66.21
C VAL H 483 -54.49 -0.29 -67.57
N LEU H 484 -55.53 -0.12 -68.38
CA LEU H 484 -55.51 -0.61 -69.76
C LEU H 484 -54.44 0.11 -70.56
N LEU H 485 -54.28 1.42 -70.34
CA LEU H 485 -53.24 2.19 -71.03
C LEU H 485 -51.85 1.74 -70.61
N ILE H 486 -51.67 1.48 -69.31
CA ILE H 486 -50.38 0.99 -68.81
C ILE H 486 -50.03 -0.34 -69.45
N GLY H 487 -50.98 -1.29 -69.44
CA GLY H 487 -50.72 -2.62 -69.98
C GLY H 487 -50.50 -2.60 -71.49
N LYS H 488 -51.25 -1.75 -72.19
CA LYS H 488 -51.10 -1.61 -73.63
C LYS H 488 -49.72 -1.10 -73.99
N SER H 489 -49.28 -0.03 -73.29
CA SER H 489 -47.97 0.55 -73.56
C SER H 489 -46.83 -0.41 -73.24
N ILE H 490 -46.95 -1.18 -72.15
CA ILE H 490 -45.85 -2.09 -71.79
C ILE H 490 -45.77 -3.27 -72.78
N ASN H 491 -46.93 -3.77 -73.23
CA ASN H 491 -46.93 -4.86 -74.21
C ASN H 491 -46.43 -4.38 -75.58
N PHE H 492 -46.78 -3.15 -75.95
CA PHE H 492 -46.33 -2.60 -77.23
C PHE H 492 -44.82 -2.36 -77.21
N LEU H 493 -44.31 -1.83 -76.10
CA LEU H 493 -42.88 -1.55 -75.98
C LEU H 493 -42.06 -2.83 -76.06
N HIS H 494 -42.58 -3.91 -75.49
CA HIS H 494 -41.88 -5.18 -75.61
C HIS H 494 -41.98 -5.79 -77.00
N GLN H 495 -43.20 -5.99 -77.50
CA GLN H 495 -43.40 -6.85 -78.66
C GLN H 495 -42.92 -6.18 -79.95
N VAL H 496 -43.14 -4.87 -80.06
CA VAL H 496 -42.99 -4.16 -81.32
C VAL H 496 -41.84 -3.15 -81.26
N CYS H 497 -41.70 -2.46 -80.13
CA CYS H 497 -40.64 -1.47 -80.00
C CYS H 497 -39.29 -2.11 -79.65
N HIS H 498 -39.31 -3.41 -79.34
CA HIS H 498 -38.13 -4.26 -79.18
C HIS H 498 -37.22 -3.80 -78.05
N ASP H 499 -37.81 -3.52 -76.90
CA ASP H 499 -37.06 -3.24 -75.68
C ASP H 499 -37.76 -3.92 -74.53
N GLN H 500 -37.05 -4.82 -73.84
CA GLN H 500 -37.62 -5.60 -72.75
C GLN H 500 -36.89 -5.25 -71.46
N THR H 501 -37.64 -4.73 -70.50
CA THR H 501 -37.15 -4.32 -69.19
C THR H 501 -38.35 -4.33 -68.23
N PRO H 502 -38.10 -4.44 -66.91
CA PRO H 502 -39.06 -3.83 -65.96
C PRO H 502 -39.31 -2.37 -66.32
N THR H 503 -40.57 -1.98 -66.36
CA THR H 503 -40.88 -0.59 -66.61
C THR H 503 -41.39 0.09 -65.36
N THR H 504 -41.58 -0.68 -64.28
CA THR H 504 -42.13 -0.18 -63.03
C THR H 504 -41.41 -0.89 -61.89
N LYS H 505 -41.31 -0.21 -60.76
CA LYS H 505 -40.63 -0.79 -59.61
C LYS H 505 -41.60 -1.14 -58.48
N THR H 524 -65.63 2.47 -55.10
CA THR H 524 -64.44 3.17 -54.62
C THR H 524 -63.62 2.26 -53.72
N ASP H 525 -62.30 2.39 -53.79
CA ASP H 525 -61.38 1.47 -53.13
C ASP H 525 -61.40 1.67 -51.61
N LEU H 526 -61.06 0.60 -50.90
CA LEU H 526 -60.99 0.62 -49.44
C LEU H 526 -59.60 1.09 -49.02
N GLU H 527 -59.56 2.21 -48.29
CA GLU H 527 -58.41 2.88 -47.68
C GLU H 527 -57.45 3.48 -48.71
N ASN H 528 -57.82 3.49 -50.01
CA ASN H 528 -57.14 4.20 -51.10
C ASN H 528 -55.68 3.72 -51.25
N ALA H 529 -55.56 2.44 -51.56
CA ALA H 529 -54.25 1.86 -51.81
C ALA H 529 -53.85 1.96 -53.28
N PHE H 530 -54.81 1.73 -54.17
CA PHE H 530 -54.51 1.35 -55.55
C PHE H 530 -54.00 2.51 -56.37
N GLN H 531 -54.60 3.68 -56.13
CA GLN H 531 -54.50 4.79 -57.06
C GLN H 531 -53.09 5.28 -57.20
N GLY H 532 -52.36 5.35 -56.07
CA GLY H 532 -51.01 5.88 -56.10
C GLY H 532 -50.02 5.01 -56.86
N LYS H 533 -50.08 3.69 -56.62
CA LYS H 533 -49.20 2.81 -57.36
C LYS H 533 -49.57 2.75 -58.84
N ILE H 534 -50.87 2.88 -59.15
CA ILE H 534 -51.30 2.93 -60.54
C ILE H 534 -50.78 4.20 -61.22
N ASP H 535 -50.79 5.32 -60.51
CA ASP H 535 -50.30 6.58 -61.06
C ASP H 535 -48.81 6.52 -61.35
N ALA H 536 -48.01 6.12 -60.35
CA ALA H 536 -46.56 6.00 -60.52
C ALA H 536 -46.21 5.03 -61.64
N ALA H 537 -46.96 3.92 -61.72
CA ALA H 537 -46.77 2.94 -62.77
C ALA H 537 -47.05 3.54 -64.14
N TYR H 538 -48.14 4.28 -64.25
CA TYR H 538 -48.57 4.91 -65.48
C TYR H 538 -47.51 5.87 -66.01
N PHE H 539 -47.00 6.70 -65.09
CA PHE H 539 -46.01 7.70 -65.47
C PHE H 539 -44.76 7.06 -65.98
N GLU H 540 -44.15 6.17 -65.18
CA GLU H 540 -42.85 5.61 -65.54
C GLU H 540 -42.92 4.76 -66.81
N THR H 541 -44.05 4.04 -67.00
CA THR H 541 -44.21 3.20 -68.19
C THR H 541 -44.28 4.04 -69.45
N SER H 542 -45.18 5.03 -69.48
CA SER H 542 -45.34 5.83 -70.68
C SER H 542 -44.10 6.67 -70.96
N LYS H 543 -43.42 7.15 -69.92
CA LYS H 543 -42.21 7.93 -70.13
C LYS H 543 -41.10 7.09 -70.74
N TYR H 544 -40.96 5.84 -70.29
CA TYR H 544 -39.94 4.95 -70.84
C TYR H 544 -40.19 4.69 -72.33
N LEU H 545 -41.45 4.41 -72.67
CA LEU H 545 -41.82 4.19 -74.07
C LEU H 545 -41.53 5.42 -74.93
N LEU H 546 -41.86 6.60 -74.41
CA LEU H 546 -41.61 7.83 -75.17
C LEU H 546 -40.13 8.16 -75.26
N ASP H 547 -39.34 7.76 -74.25
CA ASP H 547 -37.90 7.97 -74.30
C ASP H 547 -37.27 7.18 -75.42
N VAL H 548 -37.66 5.91 -75.56
CA VAL H 548 -37.03 5.09 -76.58
C VAL H 548 -37.65 5.25 -77.96
N LEU H 549 -38.87 5.79 -78.06
CA LEU H 549 -39.43 6.07 -79.37
C LEU H 549 -39.02 7.44 -79.89
N ASN H 550 -38.83 8.41 -78.99
CA ASN H 550 -38.52 9.77 -79.41
C ASN H 550 -37.11 9.85 -80.00
N LYS H 551 -36.15 9.18 -79.38
CA LYS H 551 -34.78 9.33 -79.81
C LYS H 551 -34.35 8.27 -80.81
N LYS H 552 -34.48 7.01 -80.40
CA LYS H 552 -33.75 5.93 -81.06
C LYS H 552 -34.37 5.57 -82.39
N TYR H 553 -35.69 5.49 -82.43
CA TYR H 553 -36.42 5.31 -83.67
C TYR H 553 -36.77 6.63 -84.33
N SER H 554 -36.43 7.75 -83.68
CA SER H 554 -36.36 9.06 -84.30
C SER H 554 -37.72 9.54 -84.80
N LEU H 555 -38.72 9.46 -83.90
CA LEU H 555 -40.04 10.03 -84.14
C LEU H 555 -39.93 11.51 -84.52
N LEU H 556 -39.03 12.23 -83.83
CA LEU H 556 -38.92 13.68 -83.93
C LEU H 556 -38.45 14.12 -85.32
N ASP H 557 -37.45 13.44 -85.88
CA ASP H 557 -36.94 13.82 -87.19
C ASP H 557 -37.90 13.44 -88.30
N HIS H 558 -38.69 12.38 -88.09
CA HIS H 558 -39.70 12.00 -89.06
C HIS H 558 -40.80 13.05 -89.14
N MET H 559 -41.26 13.54 -87.99
CA MET H 559 -42.20 14.66 -88.00
C MET H 559 -41.54 15.94 -88.52
N GLN H 560 -40.22 16.07 -88.36
CA GLN H 560 -39.52 17.24 -88.90
C GLN H 560 -39.49 17.23 -90.43
N ALA H 561 -39.23 16.06 -91.03
CA ALA H 561 -39.09 15.96 -92.47
C ALA H 561 -40.43 15.85 -93.20
N MET H 562 -41.49 15.46 -92.49
CA MET H 562 -42.84 15.47 -93.07
C MET H 562 -43.22 16.85 -93.60
N ARG H 563 -42.88 17.89 -92.84
CA ARG H 563 -43.14 19.27 -93.27
C ARG H 563 -42.32 19.63 -94.49
N ARG H 564 -41.05 19.22 -94.52
CA ARG H 564 -40.14 19.61 -95.59
C ARG H 564 -40.55 19.01 -96.92
N TYR H 565 -41.08 17.79 -96.90
CA TYR H 565 -41.26 17.10 -98.16
C TYR H 565 -42.71 16.85 -98.57
N LEU H 566 -43.61 16.60 -97.63
CA LEU H 566 -44.99 16.35 -98.03
C LEU H 566 -45.82 17.62 -98.02
N LEU H 567 -45.30 18.67 -97.40
CA LEU H 567 -45.95 19.97 -97.32
C LEU H 567 -45.13 21.04 -98.02
N LEU H 568 -44.11 20.62 -98.80
CA LEU H 568 -43.33 21.48 -99.70
C LEU H 568 -42.57 22.55 -98.94
N GLY H 569 -42.16 22.22 -97.71
CA GLY H 569 -41.41 23.14 -96.88
C GLY H 569 -39.96 23.29 -97.27
N GLN H 570 -39.48 22.41 -98.15
CA GLN H 570 -38.13 22.60 -98.68
C GLN H 570 -38.14 23.68 -99.75
N GLY H 571 -39.11 23.63 -100.65
CA GLY H 571 -39.25 24.67 -101.66
C GLY H 571 -38.28 24.58 -102.82
N ASP H 572 -37.00 24.63 -102.51
CA ASP H 572 -35.91 24.54 -103.50
C ASP H 572 -35.97 23.20 -104.23
N PHE H 573 -36.22 22.14 -103.46
CA PHE H 573 -36.19 20.78 -103.97
C PHE H 573 -37.36 20.53 -104.91
N ILE H 574 -38.52 21.11 -104.60
CA ILE H 574 -39.70 20.89 -105.44
C ILE H 574 -39.57 21.61 -106.77
N ARG H 575 -39.01 22.83 -106.77
CA ARG H 575 -38.87 23.55 -108.04
C ARG H 575 -37.77 22.93 -108.90
N HIS H 576 -36.69 22.41 -108.28
CA HIS H 576 -35.73 21.63 -109.06
C HIS H 576 -36.35 20.36 -109.62
N LEU H 577 -37.15 19.67 -108.80
CA LEU H 577 -37.79 18.42 -109.18
C LEU H 577 -38.76 18.63 -110.34
N MET H 578 -39.47 19.77 -110.34
CA MET H 578 -40.33 20.11 -111.46
C MET H 578 -39.50 20.50 -112.68
N ASP H 579 -38.39 21.22 -112.47
CA ASP H 579 -37.59 21.76 -113.58
C ASP H 579 -36.96 20.63 -114.39
N LEU H 580 -36.30 19.69 -113.71
CA LEU H 580 -35.64 18.61 -114.42
C LEU H 580 -36.63 17.61 -115.02
N LEU H 581 -37.80 17.44 -114.40
CA LEU H 581 -38.80 16.49 -114.85
C LEU H 581 -39.94 17.16 -115.61
N LYS H 582 -39.74 18.41 -116.07
CA LYS H 582 -40.79 19.06 -116.86
C LYS H 582 -41.16 18.34 -118.16
N PRO H 583 -40.23 17.95 -119.07
CA PRO H 583 -40.69 17.43 -120.37
C PRO H 583 -41.43 16.11 -120.29
N GLU H 584 -41.11 15.29 -119.29
CA GLU H 584 -41.78 14.02 -119.14
C GLU H 584 -43.16 14.21 -118.55
N LEU H 585 -43.31 15.17 -117.64
CA LEU H 585 -44.60 15.39 -116.98
C LEU H 585 -45.58 16.11 -117.90
N VAL H 586 -45.09 17.06 -118.71
CA VAL H 586 -46.00 17.77 -119.60
C VAL H 586 -46.44 16.85 -120.74
N ARG H 587 -45.58 15.91 -121.12
CA ARG H 587 -45.96 14.88 -122.05
C ARG H 587 -46.90 13.89 -121.35
N PRO H 588 -47.89 13.32 -122.08
CA PRO H 588 -48.80 12.35 -121.46
C PRO H 588 -48.14 11.13 -120.85
N ALA H 589 -48.83 10.51 -119.90
CA ALA H 589 -48.26 9.53 -118.99
C ALA H 589 -48.14 8.14 -119.59
N THR H 590 -48.46 7.96 -120.88
CA THR H 590 -48.25 6.68 -121.54
C THR H 590 -46.76 6.35 -121.61
N THR H 591 -45.91 7.37 -121.71
CA THR H 591 -44.47 7.20 -121.69
C THR H 591 -43.90 7.07 -120.29
N LEU H 592 -44.64 7.49 -119.27
CA LEU H 592 -44.11 7.59 -117.92
C LEU H 592 -44.03 6.21 -117.25
N TYR H 593 -42.97 6.02 -116.48
CA TYR H 593 -42.78 4.80 -115.69
C TYR H 593 -42.05 5.18 -114.41
N GLN H 594 -42.24 4.36 -113.36
CA GLN H 594 -41.82 4.75 -112.01
C GLN H 594 -40.31 4.73 -111.85
N HIS H 595 -39.61 3.82 -112.55
CA HIS H 595 -38.18 3.65 -112.38
C HIS H 595 -37.42 4.89 -112.85
N ASN H 596 -37.93 5.55 -113.89
CA ASN H 596 -37.43 6.86 -114.31
C ASN H 596 -37.51 7.88 -113.18
N LEU H 597 -38.64 7.89 -112.46
CA LEU H 597 -38.86 8.92 -111.46
C LEU H 597 -38.00 8.69 -110.23
N THR H 598 -37.77 7.42 -109.86
CA THR H 598 -36.76 7.10 -108.85
C THR H 598 -35.38 7.58 -109.28
N GLY H 599 -35.01 7.27 -110.54
CA GLY H 599 -33.68 7.61 -111.02
C GLY H 599 -33.43 9.10 -111.10
N ILE H 600 -34.46 9.87 -111.45
CA ILE H 600 -34.28 11.32 -111.46
C ILE H 600 -34.30 11.87 -110.04
N LEU H 601 -35.01 11.18 -109.12
CA LEU H 601 -35.12 11.68 -107.76
C LEU H 601 -33.79 11.59 -107.01
N GLU H 602 -32.99 10.55 -107.30
CA GLU H 602 -31.66 10.43 -106.70
C GLU H 602 -30.78 11.63 -107.03
N THR H 603 -30.61 11.88 -108.33
CA THR H 603 -29.78 12.98 -108.82
C THR H 603 -30.34 14.33 -108.38
N ALA H 604 -31.67 14.45 -108.29
CA ALA H 604 -32.29 15.70 -107.85
C ALA H 604 -32.01 15.98 -106.38
N VAL H 605 -32.03 14.93 -105.54
CA VAL H 605 -31.68 15.11 -104.12
C VAL H 605 -30.23 15.50 -103.97
N ARG H 606 -29.34 14.90 -104.78
CA ARG H 606 -27.92 15.29 -104.71
C ARG H 606 -27.69 16.70 -105.22
N ALA H 607 -28.53 17.17 -106.16
CA ALA H 607 -28.31 18.47 -106.77
C ALA H 607 -28.58 19.61 -105.79
N THR H 608 -29.68 19.53 -105.05
CA THR H 608 -29.98 20.53 -104.03
C THR H 608 -29.26 20.18 -102.73
N ASN H 609 -29.35 21.09 -101.77
CA ASN H 609 -28.69 20.90 -100.47
C ASN H 609 -29.63 20.15 -99.54
N ALA H 610 -29.79 18.85 -99.83
CA ALA H 610 -30.54 17.97 -98.93
C ALA H 610 -29.86 16.62 -98.78
N GLN H 611 -28.59 16.51 -99.15
CA GLN H 611 -27.82 15.28 -99.00
C GLN H 611 -27.10 15.23 -97.67
N PHE H 612 -27.32 16.22 -96.81
CA PHE H 612 -26.81 16.21 -95.45
C PHE H 612 -27.84 15.72 -94.47
N ASP H 613 -29.03 15.38 -94.96
CA ASP H 613 -30.10 14.85 -94.14
C ASP H 613 -29.76 13.45 -93.63
N SER H 614 -30.57 12.99 -92.68
CA SER H 614 -30.41 11.68 -92.10
C SER H 614 -30.67 10.60 -93.15
N PRO H 615 -30.00 9.45 -93.05
CA PRO H 615 -30.20 8.40 -94.07
C PRO H 615 -31.58 7.77 -94.03
N GLU H 616 -32.27 7.86 -92.89
CA GLU H 616 -33.55 7.18 -92.72
C GLU H 616 -34.64 7.83 -93.56
N ILE H 617 -34.74 9.15 -93.47
CA ILE H 617 -35.80 9.89 -94.16
C ILE H 617 -35.57 9.87 -95.66
N LEU H 618 -34.31 9.75 -96.09
CA LEU H 618 -34.02 9.62 -97.52
C LEU H 618 -34.44 8.27 -98.05
N ARG H 619 -34.56 7.27 -97.17
CA ARG H 619 -35.09 5.98 -97.55
C ARG H 619 -36.61 5.95 -97.53
N ARG H 620 -37.22 6.69 -96.59
CA ARG H 620 -38.68 6.63 -96.43
C ARG H 620 -39.42 7.15 -97.65
N LEU H 621 -38.89 8.20 -98.28
CA LEU H 621 -39.43 8.63 -99.55
C LEU H 621 -39.10 7.62 -100.64
N ASP H 622 -40.06 7.44 -101.56
CA ASP H 622 -39.91 6.91 -102.92
C ASP H 622 -41.18 7.32 -103.64
N VAL H 623 -41.07 7.67 -104.92
CA VAL H 623 -42.24 8.08 -105.68
C VAL H 623 -43.17 6.89 -105.94
N ARG H 624 -44.47 7.14 -105.99
CA ARG H 624 -45.42 6.16 -106.48
C ARG H 624 -46.09 6.70 -107.74
N LEU H 625 -46.15 5.86 -108.77
CA LEU H 625 -46.90 6.21 -109.96
C LEU H 625 -48.38 6.04 -109.68
N LEU H 626 -49.19 6.78 -110.43
CA LEU H 626 -50.63 6.60 -110.39
C LEU H 626 -51.11 6.28 -111.80
N GLU H 627 -52.08 5.36 -111.90
CA GLU H 627 -52.46 4.64 -113.12
C GLU H 627 -52.78 5.54 -114.32
N VAL H 628 -52.45 5.05 -115.52
CA VAL H 628 -52.58 5.83 -116.74
C VAL H 628 -53.98 5.67 -117.32
N SER H 629 -54.50 6.75 -117.86
CA SER H 629 -55.73 6.79 -118.64
C SER H 629 -55.44 7.60 -119.88
N PRO H 630 -56.23 7.43 -120.95
CA PRO H 630 -56.09 8.30 -122.13
C PRO H 630 -56.45 9.74 -121.79
N GLY H 631 -55.58 10.67 -122.20
CA GLY H 631 -55.79 12.07 -121.93
C GLY H 631 -55.33 12.53 -120.57
N ASP H 632 -54.65 11.65 -119.83
CA ASP H 632 -54.13 11.95 -118.51
C ASP H 632 -52.70 12.48 -118.66
N THR H 633 -52.44 13.64 -118.07
CA THR H 633 -51.12 14.25 -118.18
C THR H 633 -50.31 13.97 -116.92
N GLY H 634 -48.99 14.00 -117.08
CA GLY H 634 -48.09 13.44 -116.09
C GLY H 634 -48.05 14.20 -114.77
N TRP H 635 -48.36 15.50 -114.81
CA TRP H 635 -48.39 16.30 -113.58
C TRP H 635 -49.44 15.79 -112.60
N ASP H 636 -50.58 15.30 -113.12
CA ASP H 636 -51.59 14.73 -112.26
C ASP H 636 -51.17 13.39 -111.67
N VAL H 637 -50.29 12.66 -112.35
CA VAL H 637 -49.88 11.37 -111.80
C VAL H 637 -48.40 11.42 -111.44
N PHE H 638 -48.15 11.93 -110.25
CA PHE H 638 -46.82 11.98 -109.64
C PHE H 638 -47.06 12.27 -108.18
N SER H 639 -46.72 11.32 -107.31
CA SER H 639 -46.91 11.55 -105.89
C SER H 639 -45.85 10.79 -105.13
N LEU H 640 -45.25 11.46 -104.15
CA LEU H 640 -44.31 10.82 -103.27
C LEU H 640 -45.03 9.81 -102.38
N ASP H 641 -44.30 8.76 -102.00
CA ASP H 641 -44.76 7.80 -101.02
C ASP H 641 -43.70 7.74 -99.93
N TYR H 642 -44.09 8.13 -98.72
CA TYR H 642 -43.22 8.35 -97.58
C TYR H 642 -43.30 7.16 -96.64
N HIS H 643 -43.33 5.96 -97.23
CA HIS H 643 -43.60 4.69 -96.57
C HIS H 643 -42.74 4.42 -95.34
N VAL H 644 -43.31 3.72 -94.38
CA VAL H 644 -42.65 3.50 -93.10
C VAL H 644 -43.03 2.12 -92.57
N ASP H 645 -42.04 1.40 -92.06
CA ASP H 645 -42.29 0.20 -91.29
C ASP H 645 -41.44 0.27 -90.04
N GLY H 646 -41.91 -0.39 -88.99
CA GLY H 646 -41.27 -0.34 -87.70
C GLY H 646 -42.29 -0.01 -86.63
N PRO H 647 -41.83 0.26 -85.41
CA PRO H 647 -42.75 0.72 -84.38
C PRO H 647 -43.27 2.14 -84.63
N ILE H 648 -42.50 2.92 -85.38
CA ILE H 648 -42.88 4.29 -85.76
C ILE H 648 -44.04 4.34 -86.74
N ALA H 649 -44.47 3.20 -87.29
CA ALA H 649 -45.59 3.20 -88.21
C ALA H 649 -46.92 3.43 -87.50
N THR H 650 -46.98 3.22 -86.18
CA THR H 650 -48.25 3.32 -85.47
C THR H 650 -48.74 4.75 -85.39
N VAL H 651 -47.81 5.72 -85.34
CA VAL H 651 -48.24 7.11 -85.36
C VAL H 651 -48.58 7.55 -86.78
N PHE H 652 -47.79 7.13 -87.76
CA PHE H 652 -47.96 7.51 -89.16
C PHE H 652 -48.51 6.30 -89.89
N THR H 653 -49.82 6.12 -89.85
CA THR H 653 -50.43 4.95 -90.48
C THR H 653 -50.68 5.21 -91.96
N ARG H 654 -51.19 4.18 -92.64
CA ARG H 654 -51.41 4.25 -94.09
C ARG H 654 -52.52 5.25 -94.42
N GLU H 655 -53.54 5.31 -93.58
CA GLU H 655 -54.65 6.25 -93.78
C GLU H 655 -54.15 7.69 -93.70
N CYS H 656 -53.19 7.94 -92.81
CA CYS H 656 -52.56 9.25 -92.73
C CYS H 656 -51.80 9.59 -94.01
N MET H 657 -51.05 8.63 -94.56
CA MET H 657 -50.31 8.86 -95.79
C MET H 657 -51.24 9.12 -96.96
N SER H 658 -52.36 8.40 -97.00
CA SER H 658 -53.37 8.60 -98.02
C SER H 658 -53.99 9.99 -97.92
N HIS H 659 -54.08 10.53 -96.70
CA HIS H 659 -54.60 11.89 -96.62
C HIS H 659 -53.51 12.94 -96.88
N TYR H 660 -52.23 12.60 -96.67
CA TYR H 660 -51.17 13.54 -97.01
C TYR H 660 -51.04 13.70 -98.52
N LEU H 661 -51.28 12.60 -99.28
CA LEU H 661 -51.04 12.67 -100.72
C LEU H 661 -52.05 13.58 -101.42
N ARG H 662 -53.26 13.72 -100.86
CA ARG H 662 -54.22 14.67 -101.40
C ARG H 662 -53.71 16.10 -101.25
N VAL H 663 -53.11 16.40 -100.09
CA VAL H 663 -52.48 17.69 -99.86
C VAL H 663 -51.36 17.92 -100.86
N PHE H 664 -50.51 16.91 -101.02
CA PHE H 664 -49.36 17.02 -101.90
C PHE H 664 -49.80 17.22 -103.35
N ASN H 665 -50.88 16.54 -103.75
CA ASN H 665 -51.48 16.72 -105.06
C ASN H 665 -52.00 18.13 -105.25
N PHE H 666 -52.69 18.66 -104.23
CA PHE H 666 -53.28 19.98 -104.30
C PHE H 666 -52.21 21.07 -104.40
N LEU H 667 -51.19 21.00 -103.55
CA LEU H 667 -50.12 21.97 -103.57
C LEU H 667 -49.25 21.83 -104.80
N TRP H 668 -49.14 20.62 -105.34
CA TRP H 668 -48.45 20.43 -106.61
C TRP H 668 -49.20 21.10 -107.75
N ARG H 669 -50.53 21.03 -107.70
CA ARG H 669 -51.35 21.73 -108.70
C ARG H 669 -51.16 23.24 -108.61
N ALA H 670 -51.27 23.79 -107.41
CA ALA H 670 -51.13 25.22 -107.21
C ALA H 670 -49.67 25.65 -107.06
N LYS H 671 -48.73 24.76 -107.37
CA LYS H 671 -47.37 25.13 -107.66
C LYS H 671 -47.05 25.05 -109.14
N ARG H 672 -47.63 24.07 -109.84
CA ARG H 672 -47.53 24.02 -111.29
C ARG H 672 -48.14 25.26 -111.92
N MET H 673 -49.39 25.58 -111.54
CA MET H 673 -50.08 26.74 -112.12
C MET H 673 -49.39 28.03 -111.75
N GLU H 674 -48.70 28.06 -110.61
CA GLU H 674 -47.91 29.21 -110.22
C GLU H 674 -46.65 29.34 -111.07
N TYR H 675 -45.98 28.23 -111.33
CA TYR H 675 -44.77 28.32 -112.13
C TYR H 675 -45.06 28.50 -113.61
N ILE H 676 -46.28 28.15 -114.04
CA ILE H 676 -46.74 28.60 -115.34
C ILE H 676 -46.79 30.11 -115.41
N LEU H 677 -47.35 30.75 -114.38
CA LEU H 677 -47.41 32.20 -114.32
C LEU H 677 -46.03 32.83 -114.22
N THR H 678 -45.11 32.14 -113.55
CA THR H 678 -43.73 32.59 -113.50
C THR H 678 -43.06 32.51 -114.87
N ASP H 679 -43.34 31.44 -115.62
CA ASP H 679 -42.77 31.32 -116.96
C ASP H 679 -43.43 32.31 -117.92
N ILE H 680 -44.69 32.64 -117.67
CA ILE H 680 -45.37 33.72 -118.38
C ILE H 680 -44.60 35.03 -118.20
N ARG H 681 -44.27 35.37 -116.95
CA ARG H 681 -43.54 36.60 -116.67
C ARG H 681 -42.12 36.57 -117.22
N LYS H 682 -41.46 35.39 -117.20
CA LYS H 682 -40.15 35.23 -117.82
C LYS H 682 -40.22 35.51 -119.32
N GLY H 683 -41.28 35.00 -119.97
CA GLY H 683 -41.45 35.27 -121.38
C GLY H 683 -41.70 36.73 -121.68
N HIS H 684 -42.52 37.39 -120.86
CA HIS H 684 -42.77 38.83 -121.01
C HIS H 684 -41.48 39.62 -120.91
N MET H 685 -40.75 39.43 -119.81
CA MET H 685 -39.56 40.22 -119.53
C MET H 685 -38.47 39.99 -120.56
N CYS H 686 -38.28 38.74 -120.99
CA CYS H 686 -37.19 38.46 -121.90
C CYS H 686 -37.58 38.51 -123.37
N ASN H 687 -38.84 38.79 -123.70
CA ASN H 687 -39.19 39.02 -125.09
C ASN H 687 -39.48 40.48 -125.41
N ALA H 688 -40.08 41.22 -124.48
CA ALA H 688 -40.40 42.61 -124.80
C ALA H 688 -39.17 43.51 -124.82
N LYS H 689 -38.07 43.08 -124.21
CA LYS H 689 -36.87 43.92 -124.17
C LYS H 689 -36.12 43.93 -125.50
N LEU H 690 -36.41 42.98 -126.39
CA LEU H 690 -35.95 43.07 -127.76
C LEU H 690 -37.02 43.64 -128.68
N LEU H 691 -38.24 43.81 -128.19
CA LEU H 691 -39.32 44.41 -128.97
C LEU H 691 -39.31 45.93 -128.77
N ARG H 692 -38.22 46.54 -129.25
CA ARG H 692 -38.06 47.99 -129.26
C ARG H 692 -38.24 48.53 -130.68
N ASN H 693 -38.91 47.74 -131.51
CA ASN H 693 -39.32 48.05 -132.87
C ASN H 693 -40.59 48.88 -132.86
N MET H 694 -41.34 48.81 -133.97
CA MET H 694 -42.54 49.62 -134.22
C MET H 694 -43.50 49.59 -133.03
N PRO H 695 -44.12 50.74 -132.70
CA PRO H 695 -45.06 50.79 -131.57
C PRO H 695 -46.44 50.27 -131.87
N GLU H 696 -46.63 49.57 -133.00
CA GLU H 696 -47.92 48.99 -133.32
C GLU H 696 -48.30 47.87 -132.35
N PHE H 697 -47.30 47.23 -131.76
CA PHE H 697 -47.55 46.07 -130.90
C PHE H 697 -47.81 46.47 -129.46
N SER H 698 -47.33 47.65 -129.06
CA SER H 698 -47.07 47.97 -127.66
C SER H 698 -48.32 47.97 -126.80
N GLY H 699 -49.47 48.33 -127.38
CA GLY H 699 -50.73 48.37 -126.65
C GLY H 699 -51.23 47.03 -126.13
N VAL H 700 -51.41 46.07 -127.05
CA VAL H 700 -51.92 44.76 -126.67
C VAL H 700 -50.87 43.98 -125.88
N LEU H 701 -49.59 44.21 -126.19
CA LEU H 701 -48.48 43.70 -125.39
C LEU H 701 -48.58 44.17 -123.95
N HIS H 702 -48.92 45.45 -123.77
CA HIS H 702 -49.06 45.98 -122.43
C HIS H 702 -50.27 45.41 -121.71
N GLN H 703 -51.34 45.15 -122.46
CA GLN H 703 -52.52 44.49 -121.90
C GLN H 703 -52.18 43.09 -121.37
N CYS H 704 -51.33 42.37 -122.10
CA CYS H 704 -50.80 41.09 -121.59
C CYS H 704 -50.01 41.30 -120.30
N HIS H 705 -49.17 42.33 -120.26
CA HIS H 705 -48.34 42.61 -119.09
C HIS H 705 -49.19 42.88 -117.86
N ILE H 706 -50.27 43.65 -118.00
CA ILE H 706 -51.06 44.00 -116.83
C ILE H 706 -51.89 42.83 -116.36
N LEU H 707 -52.28 41.94 -117.30
CA LEU H 707 -52.98 40.71 -116.87
C LEU H 707 -52.06 39.84 -116.02
N ALA H 708 -50.81 39.68 -116.45
CA ALA H 708 -49.83 38.91 -115.68
C ALA H 708 -49.54 39.57 -114.33
N SER H 709 -49.43 40.90 -114.32
CA SER H 709 -49.09 41.64 -113.11
C SER H 709 -50.19 41.52 -112.07
N GLU H 710 -51.45 41.62 -112.51
CA GLU H 710 -52.57 41.49 -111.57
C GLU H 710 -52.69 40.06 -111.07
N MET H 711 -52.38 39.08 -111.91
CA MET H 711 -52.55 37.69 -111.49
C MET H 711 -51.48 37.24 -110.51
N VAL H 712 -50.25 37.77 -110.64
CA VAL H 712 -49.16 37.25 -109.83
C VAL H 712 -49.29 37.68 -108.37
N HIS H 713 -49.85 38.88 -108.13
CA HIS H 713 -50.13 39.33 -106.77
C HIS H 713 -51.15 38.43 -106.09
N PHE H 714 -52.18 38.03 -106.83
CA PHE H 714 -53.25 37.15 -106.38
C PHE H 714 -52.70 35.78 -105.96
N ILE H 715 -51.99 35.13 -106.88
CA ILE H 715 -51.46 33.79 -106.63
C ILE H 715 -50.41 33.82 -105.52
N HIS H 716 -49.63 34.90 -105.47
CA HIS H 716 -48.55 35.02 -104.51
C HIS H 716 -49.08 35.24 -103.09
N GLN H 717 -50.15 36.03 -102.93
CA GLN H 717 -50.73 36.24 -101.61
C GLN H 717 -51.48 35.00 -101.12
N MET H 718 -52.13 34.24 -102.02
CA MET H 718 -52.78 33.02 -101.55
C MET H 718 -51.74 31.95 -101.22
N GLN H 719 -50.59 31.97 -101.89
CA GLN H 719 -49.46 31.15 -101.48
C GLN H 719 -49.00 31.53 -100.07
N TYR H 720 -48.97 32.84 -99.77
CA TYR H 720 -48.63 33.30 -98.43
C TYR H 720 -49.61 32.80 -97.38
N TYR H 721 -50.91 32.80 -97.71
CA TYR H 721 -51.89 32.33 -96.71
C TYR H 721 -51.73 30.85 -96.45
N ILE H 722 -51.54 30.05 -97.50
CA ILE H 722 -51.35 28.60 -97.30
C ILE H 722 -50.05 28.34 -96.56
N THR H 723 -49.02 29.17 -96.81
CA THR H 723 -47.71 28.98 -96.19
C THR H 723 -47.75 29.30 -94.70
N PHE H 724 -48.24 30.47 -94.34
CA PHE H 724 -48.11 30.95 -92.97
C PHE H 724 -49.32 30.69 -92.10
N GLU H 725 -50.47 30.34 -92.66
CA GLU H 725 -51.67 30.22 -91.86
C GLU H 725 -52.30 28.83 -91.89
N VAL H 726 -51.79 27.92 -92.72
CA VAL H 726 -52.34 26.58 -92.79
C VAL H 726 -51.23 25.61 -92.41
N LEU H 727 -49.99 25.99 -92.69
CA LEU H 727 -48.86 25.10 -92.54
C LEU H 727 -47.80 25.62 -91.59
N GLU H 728 -48.03 26.75 -90.94
CA GLU H 728 -47.16 27.20 -89.86
C GLU H 728 -47.88 27.26 -88.53
N CYS H 729 -49.12 27.76 -88.53
CA CYS H 729 -49.95 27.69 -87.33
C CYS H 729 -50.31 26.25 -86.96
N SER H 730 -50.56 25.38 -87.96
CA SER H 730 -50.81 23.97 -87.66
C SER H 730 -49.55 23.30 -87.12
N TRP H 731 -48.40 23.70 -87.66
CA TRP H 731 -47.13 23.19 -87.18
C TRP H 731 -46.86 23.66 -85.75
N ASP H 732 -47.29 24.88 -85.43
CA ASP H 732 -47.16 25.43 -84.08
C ASP H 732 -48.02 24.67 -83.07
N GLU H 733 -49.31 24.47 -83.38
CA GLU H 733 -50.19 23.78 -82.43
C GLU H 733 -49.79 22.33 -82.26
N LEU H 734 -49.36 21.70 -83.36
CA LEU H 734 -48.87 20.33 -83.29
C LEU H 734 -47.61 20.25 -82.44
N TRP H 735 -46.74 21.26 -82.55
CA TRP H 735 -45.48 21.25 -81.82
C TRP H 735 -45.70 21.37 -80.32
N ASN H 736 -46.61 22.26 -79.92
CA ASN H 736 -46.93 22.35 -78.49
C ASN H 736 -47.60 21.09 -77.98
N LYS H 737 -48.48 20.48 -78.77
CA LYS H 737 -49.14 19.29 -78.27
C LYS H 737 -48.25 18.05 -78.32
N VAL H 738 -47.20 18.03 -79.13
CA VAL H 738 -46.29 16.89 -79.05
C VAL H 738 -45.32 17.07 -77.90
N GLN H 739 -44.83 18.30 -77.66
CA GLN H 739 -43.80 18.42 -76.64
C GLN H 739 -44.35 18.38 -75.23
N GLN H 740 -45.66 18.58 -75.07
CA GLN H 740 -46.29 18.46 -73.77
C GLN H 740 -46.83 17.08 -73.49
N ALA H 741 -46.81 16.20 -74.50
CA ALA H 741 -47.43 14.88 -74.37
C ALA H 741 -46.64 14.00 -73.42
N GLN H 742 -47.38 13.24 -72.61
CA GLN H 742 -46.78 12.19 -71.81
C GLN H 742 -47.38 10.83 -72.13
N ASP H 743 -48.38 10.77 -73.01
CA ASP H 743 -48.77 9.52 -73.63
C ASP H 743 -48.72 9.66 -75.15
N LEU H 744 -48.49 8.53 -75.80
CA LEU H 744 -48.37 8.47 -77.25
C LEU H 744 -49.70 8.73 -77.94
N ASP H 745 -50.81 8.44 -77.23
CA ASP H 745 -52.14 8.72 -77.73
C ASP H 745 -52.36 10.20 -77.98
N HIS H 746 -51.74 11.07 -77.19
CA HIS H 746 -51.84 12.50 -77.46
C HIS H 746 -51.06 12.91 -78.69
N ILE H 747 -49.94 12.24 -78.97
CA ILE H 747 -49.20 12.52 -80.20
C ILE H 747 -50.05 12.19 -81.42
N ILE H 748 -50.72 11.03 -81.38
CA ILE H 748 -51.58 10.63 -82.50
C ILE H 748 -52.79 11.55 -82.60
N ALA H 749 -53.46 11.80 -81.48
CA ALA H 749 -54.68 12.59 -81.44
C ALA H 749 -54.42 14.08 -81.63
N ALA H 750 -53.17 14.53 -81.59
CA ALA H 750 -52.81 15.88 -82.01
C ALA H 750 -52.48 15.96 -83.48
N HIS H 751 -51.78 14.94 -84.00
CA HIS H 751 -51.45 14.92 -85.40
C HIS H 751 -52.68 14.81 -86.28
N GLU H 752 -53.72 14.11 -85.80
CA GLU H 752 -54.95 14.02 -86.58
C GLU H 752 -55.65 15.37 -86.72
N VAL H 753 -55.62 16.18 -85.66
CA VAL H 753 -56.18 17.53 -85.73
C VAL H 753 -55.36 18.40 -86.65
N PHE H 754 -54.03 18.25 -86.59
CA PHE H 754 -53.12 18.94 -87.51
C PHE H 754 -53.48 18.66 -88.97
N LEU H 755 -53.72 17.38 -89.28
CA LEU H 755 -54.12 16.99 -90.62
C LEU H 755 -55.47 17.58 -91.01
N ASP H 756 -56.48 17.40 -90.16
CA ASP H 756 -57.85 17.79 -90.50
C ASP H 756 -58.06 19.30 -90.39
N THR H 757 -57.10 20.06 -89.87
CA THR H 757 -57.17 21.51 -90.05
C THR H 757 -56.42 22.00 -91.26
N ILE H 758 -55.41 21.27 -91.73
CA ILE H 758 -54.85 21.60 -93.05
C ILE H 758 -55.87 21.33 -94.14
N ILE H 759 -56.64 20.23 -94.01
CA ILE H 759 -57.66 19.88 -95.01
C ILE H 759 -58.80 20.90 -95.05
N SER H 760 -59.02 21.62 -93.96
CA SER H 760 -60.15 22.53 -93.90
C SER H 760 -59.77 23.98 -94.15
N ARG H 761 -58.57 24.42 -93.76
CA ARG H 761 -58.17 25.80 -94.07
C ARG H 761 -57.90 26.00 -95.55
N CYS H 762 -57.54 24.93 -96.26
CA CYS H 762 -57.57 24.92 -97.71
C CYS H 762 -58.97 24.65 -98.22
N LEU H 763 -59.09 24.30 -99.49
CA LEU H 763 -60.39 24.05 -100.10
C LEU H 763 -60.62 22.56 -100.29
N LEU H 764 -59.84 21.73 -99.61
CA LEU H 764 -59.90 20.28 -99.73
C LEU H 764 -61.00 19.65 -98.90
N ASP H 765 -61.76 20.45 -98.16
CA ASP H 765 -62.93 19.93 -97.46
C ASP H 765 -64.09 19.74 -98.44
N SER H 766 -65.02 18.85 -98.08
CA SER H 766 -66.10 18.45 -98.96
C SER H 766 -67.20 19.49 -99.11
N ASP H 767 -67.22 20.52 -98.26
CA ASP H 767 -68.19 21.60 -98.43
C ASP H 767 -67.58 22.85 -98.99
N SER H 768 -66.25 22.97 -98.97
CA SER H 768 -65.51 23.96 -99.74
C SER H 768 -65.27 23.50 -101.17
N ARG H 769 -65.87 22.38 -101.56
CA ARG H 769 -65.63 21.78 -102.88
C ARG H 769 -66.16 22.66 -104.00
N ALA H 770 -67.30 23.34 -103.77
CA ALA H 770 -67.89 24.20 -104.79
C ALA H 770 -66.97 25.35 -105.14
N LEU H 771 -66.35 25.95 -104.12
CA LEU H 771 -65.36 26.99 -104.35
C LEU H 771 -64.11 26.42 -105.03
N LEU H 772 -63.80 25.15 -104.78
CA LEU H 772 -62.65 24.53 -105.45
C LEU H 772 -62.95 24.32 -106.93
N ASN H 773 -64.19 23.91 -107.24
CA ASN H 773 -64.66 23.85 -108.62
C ASN H 773 -64.56 25.21 -109.29
N GLN H 774 -64.88 26.27 -108.55
CA GLN H 774 -64.73 27.61 -109.11
C GLN H 774 -63.25 28.00 -109.25
N LEU H 775 -62.39 27.47 -108.38
CA LEU H 775 -60.96 27.75 -108.46
C LEU H 775 -60.35 27.12 -109.70
N ARG H 776 -60.94 26.01 -110.15
CA ARG H 776 -60.47 25.33 -111.37
C ARG H 776 -60.58 26.24 -112.59
N ALA H 777 -61.58 27.12 -112.63
CA ALA H 777 -61.76 27.96 -113.81
C ALA H 777 -60.65 29.00 -113.94
N VAL H 778 -60.22 29.57 -112.81
CA VAL H 778 -59.05 30.44 -112.80
C VAL H 778 -57.81 29.64 -113.20
N PHE H 779 -57.69 28.42 -112.69
CA PHE H 779 -56.59 27.54 -113.07
C PHE H 779 -56.60 27.14 -114.54
N ASP H 780 -57.74 27.27 -115.21
CA ASP H 780 -57.86 27.06 -116.65
C ASP H 780 -57.40 28.28 -117.43
N GLN H 781 -57.92 29.46 -117.05
CA GLN H 781 -57.57 30.68 -117.78
C GLN H 781 -56.10 31.06 -117.64
N ILE H 782 -55.45 30.64 -116.55
CA ILE H 782 -54.02 30.94 -116.36
C ILE H 782 -53.17 30.24 -117.41
N ILE H 783 -53.36 28.93 -117.59
CA ILE H 783 -52.61 28.22 -118.63
C ILE H 783 -53.09 28.62 -120.03
N GLU H 784 -54.31 29.13 -120.16
CA GLU H 784 -54.74 29.65 -121.46
C GLU H 784 -53.94 30.90 -121.85
N LEU H 785 -53.66 31.76 -120.87
CA LEU H 785 -52.85 32.95 -121.11
C LEU H 785 -51.45 32.62 -121.61
N GLN H 786 -50.92 31.46 -121.20
CA GLN H 786 -49.61 31.02 -121.65
C GLN H 786 -49.58 30.77 -123.16
N ASN H 787 -50.68 30.31 -123.74
CA ASN H 787 -50.77 30.14 -125.18
C ASN H 787 -51.13 31.45 -125.89
N ALA H 788 -52.01 32.24 -125.26
CA ALA H 788 -52.42 33.51 -125.84
C ALA H 788 -51.24 34.47 -125.96
N GLN H 789 -50.27 34.37 -125.05
CA GLN H 789 -49.08 35.21 -125.10
C GLN H 789 -48.14 34.81 -126.23
N ASP H 790 -47.83 33.51 -126.33
CA ASP H 790 -46.77 33.09 -127.25
C ASP H 790 -47.23 33.13 -128.70
N ALA H 791 -48.56 33.00 -128.93
CA ALA H 791 -49.08 33.09 -130.29
C ALA H 791 -48.83 34.46 -130.91
N ILE H 792 -48.79 35.51 -130.09
CA ILE H 792 -48.51 36.85 -130.59
C ILE H 792 -47.03 36.99 -130.91
N TYR H 793 -46.17 36.46 -130.05
CA TYR H 793 -44.73 36.60 -130.22
C TYR H 793 -44.25 35.88 -131.47
N ARG H 794 -44.73 34.65 -131.68
CA ARG H 794 -44.30 33.86 -132.82
C ARG H 794 -44.82 34.41 -134.14
N ALA H 795 -45.80 35.28 -134.10
CA ALA H 795 -46.28 35.96 -135.30
C ALA H 795 -45.68 37.34 -135.44
N ALA H 796 -45.34 37.99 -134.33
CA ALA H 796 -44.82 39.35 -134.39
C ALA H 796 -43.35 39.34 -134.79
N LEU H 797 -42.53 38.58 -134.06
CA LEU H 797 -41.07 38.67 -134.17
C LEU H 797 -40.56 38.17 -135.52
N GLU H 798 -41.25 37.15 -136.07
CA GLU H 798 -40.87 36.55 -137.34
C GLU H 798 -40.85 37.58 -138.46
N GLU H 799 -41.80 38.52 -138.45
CA GLU H 799 -41.93 39.49 -139.51
C GLU H 799 -40.80 40.48 -139.47
N LEU H 800 -40.35 40.83 -138.27
CA LEU H 800 -39.31 41.84 -138.13
C LEU H 800 -37.97 41.29 -138.59
N GLN H 801 -37.66 40.03 -138.21
CA GLN H 801 -36.44 39.41 -138.74
C GLN H 801 -36.54 39.21 -140.25
N ARG H 802 -37.72 38.81 -140.71
CA ARG H 802 -37.98 38.63 -142.13
C ARG H 802 -37.86 39.93 -142.90
N ARG H 803 -38.25 41.05 -142.28
CA ARG H 803 -38.14 42.35 -142.92
C ARG H 803 -36.69 42.80 -143.02
N LEU H 804 -35.87 42.44 -142.01
CA LEU H 804 -34.44 42.67 -142.13
C LEU H 804 -33.85 41.90 -143.30
N GLN H 805 -34.21 40.62 -143.43
CA GLN H 805 -33.71 39.83 -144.56
C GLN H 805 -34.27 40.32 -145.88
N PHE H 806 -35.49 40.86 -145.88
CA PHE H 806 -36.08 41.42 -147.10
C PHE H 806 -35.38 42.70 -147.52
N GLU H 807 -35.05 43.56 -146.55
CA GLU H 807 -34.39 44.81 -146.86
C GLU H 807 -32.96 44.60 -147.32
N GLU H 808 -32.32 43.53 -146.83
CA GLU H 808 -30.99 43.20 -147.34
C GLU H 808 -31.01 42.78 -148.80
N LYS H 809 -32.16 42.34 -149.32
CA LYS H 809 -32.29 42.13 -150.75
C LYS H 809 -32.42 43.45 -151.50
N LYS H 810 -33.17 44.40 -150.94
CA LYS H 810 -33.39 45.68 -151.61
C LYS H 810 -32.12 46.53 -151.65
N LYS H 811 -31.22 46.34 -150.70
CA LYS H 811 -29.96 47.07 -150.65
C LYS H 811 -29.05 46.71 -151.84
N GLU H 827 -42.20 46.83 -150.39
CA GLU H 827 -43.59 47.27 -150.51
C GLU H 827 -44.52 46.11 -150.20
N GLU H 828 -44.01 44.88 -150.36
CA GLU H 828 -44.75 43.71 -149.91
C GLU H 828 -44.82 43.67 -148.40
N GLU H 829 -43.76 44.11 -147.73
CA GLU H 829 -43.71 44.08 -146.27
C GLU H 829 -44.60 45.14 -145.63
N ASN H 830 -45.09 46.10 -146.41
CA ASN H 830 -46.15 46.95 -145.93
C ASN H 830 -47.49 46.24 -145.86
N LYS H 831 -47.69 45.22 -146.71
CA LYS H 831 -48.91 44.42 -146.61
C LYS H 831 -48.91 43.52 -145.39
N ARG H 832 -47.75 43.12 -144.89
CA ARG H 832 -47.69 42.35 -143.66
C ARG H 832 -48.06 43.24 -142.46
N ILE H 833 -47.60 44.48 -142.47
CA ILE H 833 -48.04 45.46 -141.48
C ILE H 833 -49.54 45.74 -141.62
N GLY H 834 -50.05 45.73 -142.85
CA GLY H 834 -51.48 45.92 -143.06
C GLY H 834 -52.30 44.78 -142.48
N GLU H 835 -51.82 43.56 -142.65
CA GLU H 835 -52.50 42.40 -142.04
C GLU H 835 -52.38 42.44 -140.52
N PHE H 836 -51.26 42.90 -139.99
CA PHE H 836 -51.11 42.96 -138.54
C PHE H 836 -52.05 43.99 -137.93
N LYS H 837 -52.08 45.20 -138.51
CA LYS H 837 -52.79 46.32 -137.92
C LYS H 837 -54.30 46.18 -137.96
N GLU H 838 -54.83 45.25 -138.74
CA GLU H 838 -56.25 44.93 -138.64
C GLU H 838 -56.52 43.76 -137.71
N SER H 839 -55.51 42.94 -137.42
CA SER H 839 -55.66 41.88 -136.44
C SER H 839 -55.48 42.39 -135.03
N ILE H 840 -54.71 43.48 -134.86
CA ILE H 840 -54.51 44.07 -133.54
C ILE H 840 -55.81 44.49 -132.85
N PRO H 841 -56.82 45.09 -133.52
CA PRO H 841 -58.09 45.33 -132.79
C PRO H 841 -58.81 44.06 -132.38
N LYS H 842 -58.75 43.00 -133.19
CA LYS H 842 -59.34 41.73 -132.81
C LYS H 842 -58.62 41.13 -131.62
N MET H 843 -57.29 41.19 -131.62
CA MET H 843 -56.50 40.72 -130.49
C MET H 843 -56.78 41.54 -129.23
N CYS H 844 -56.96 42.85 -129.40
CA CYS H 844 -57.24 43.74 -128.29
C CYS H 844 -58.58 43.42 -127.65
N SER H 845 -59.63 43.30 -128.46
CA SER H 845 -60.96 43.04 -127.91
C SER H 845 -61.07 41.64 -127.35
N GLN H 846 -60.40 40.66 -127.98
CA GLN H 846 -60.39 39.30 -127.46
C GLN H 846 -59.67 39.21 -126.12
N LEU H 847 -58.53 39.90 -126.00
CA LEU H 847 -57.84 39.95 -124.72
C LEU H 847 -58.63 40.74 -123.68
N ARG H 848 -59.41 41.73 -124.13
CA ARG H 848 -60.26 42.50 -123.22
C ARG H 848 -61.38 41.64 -122.65
N ILE H 849 -62.05 40.85 -123.49
CA ILE H 849 -63.11 40.00 -122.99
C ILE H 849 -62.53 38.87 -122.15
N LEU H 850 -61.27 38.49 -122.40
CA LEU H 850 -60.59 37.55 -121.51
C LEU H 850 -60.35 38.16 -120.13
N THR H 851 -59.89 39.41 -120.08
CA THR H 851 -59.68 40.09 -118.81
C THR H 851 -60.99 40.29 -118.05
N HIS H 852 -62.04 40.64 -118.78
CA HIS H 852 -63.35 40.82 -118.16
C HIS H 852 -63.91 39.50 -117.68
N PHE H 853 -63.60 38.40 -118.37
CA PHE H 853 -64.01 37.08 -117.89
C PHE H 853 -63.27 36.71 -116.61
N TYR H 854 -61.98 37.07 -116.53
CA TYR H 854 -61.20 36.81 -115.32
C TYR H 854 -61.77 37.57 -114.13
N GLN H 855 -62.08 38.86 -114.31
CA GLN H 855 -62.65 39.64 -113.23
C GLN H 855 -64.07 39.17 -112.88
N GLY H 856 -64.84 38.77 -113.91
CA GLY H 856 -66.19 38.30 -113.68
C GLY H 856 -66.25 36.98 -112.93
N ILE H 857 -65.25 36.12 -113.13
CA ILE H 857 -65.25 34.88 -112.37
C ILE H 857 -64.70 35.11 -110.97
N VAL H 858 -63.71 36.01 -110.81
CA VAL H 858 -63.08 36.08 -109.49
C VAL H 858 -63.90 36.91 -108.53
N GLN H 859 -64.69 37.89 -109.01
CA GLN H 859 -65.55 38.61 -108.06
C GLN H 859 -66.68 37.71 -107.57
N GLN H 860 -67.18 36.84 -108.45
CA GLN H 860 -68.19 35.87 -108.05
C GLN H 860 -67.60 34.85 -107.09
N PHE H 861 -66.34 34.47 -107.34
CA PHE H 861 -65.61 33.58 -106.44
C PHE H 861 -65.45 34.19 -105.06
N LEU H 862 -65.04 35.46 -104.99
CA LEU H 862 -64.79 36.09 -103.71
C LEU H 862 -66.08 36.39 -102.95
N VAL H 863 -67.15 36.71 -103.67
CA VAL H 863 -68.39 37.00 -102.95
C VAL H 863 -69.09 35.71 -102.52
N LEU H 864 -68.87 34.60 -103.22
CA LEU H 864 -69.35 33.33 -102.69
C LEU H 864 -68.47 32.86 -101.54
N LEU H 865 -67.20 33.26 -101.57
CA LEU H 865 -66.22 32.84 -100.56
C LEU H 865 -66.60 33.33 -99.18
N THR H 866 -67.03 34.57 -99.08
CA THR H 866 -67.51 35.10 -97.81
C THR H 866 -68.87 34.51 -97.47
N THR H 867 -69.19 34.55 -96.17
CA THR H 867 -70.37 33.94 -95.55
C THR H 867 -70.56 32.49 -95.97
N SER H 868 -69.45 31.75 -95.94
CA SER H 868 -69.50 30.31 -95.94
C SER H 868 -69.03 29.71 -94.61
N SER H 869 -67.89 30.16 -94.08
CA SER H 869 -67.68 30.08 -92.64
C SER H 869 -67.05 31.37 -92.09
N ASP H 870 -66.16 31.98 -92.89
CA ASP H 870 -65.32 33.12 -92.50
C ASP H 870 -64.56 32.87 -91.20
N GLU H 871 -64.01 31.67 -91.07
CA GLU H 871 -63.02 31.38 -90.05
C GLU H 871 -61.61 31.42 -90.61
N SER H 872 -61.46 31.20 -91.91
CA SER H 872 -60.20 31.39 -92.60
C SER H 872 -60.52 32.02 -93.95
N LEU H 873 -61.81 32.24 -94.19
CA LEU H 873 -62.30 32.66 -95.50
C LEU H 873 -62.44 34.16 -95.62
N ARG H 874 -62.82 34.82 -94.53
CA ARG H 874 -62.74 36.27 -94.47
C ARG H 874 -61.30 36.74 -94.60
N PHE H 875 -60.37 35.98 -94.03
CA PHE H 875 -58.97 36.34 -93.97
C PHE H 875 -58.19 35.87 -95.18
N LEU H 876 -58.82 35.09 -96.05
CA LEU H 876 -58.28 34.85 -97.38
C LEU H 876 -58.74 35.91 -98.37
N SER H 877 -60.03 36.27 -98.31
CA SER H 877 -60.57 37.35 -99.13
C SER H 877 -59.91 38.67 -98.79
N PHE H 878 -59.55 38.86 -97.52
CA PHE H 878 -58.83 40.05 -97.10
C PHE H 878 -57.47 40.16 -97.80
N ARG H 879 -56.74 39.05 -97.84
CA ARG H 879 -55.41 39.07 -98.43
C ARG H 879 -55.49 39.17 -99.95
N LEU H 880 -56.51 38.57 -100.55
CA LEU H 880 -56.59 38.66 -102.01
C LEU H 880 -57.10 40.02 -102.45
N ASP H 881 -57.97 40.64 -101.65
CA ASP H 881 -58.55 41.93 -102.00
C ASP H 881 -57.84 43.01 -101.22
N PHE H 882 -57.01 43.77 -101.90
CA PHE H 882 -56.49 45.00 -101.38
C PHE H 882 -56.95 46.14 -102.28
N ASN H 883 -56.84 47.37 -101.73
CA ASN H 883 -57.35 48.65 -102.26
C ASN H 883 -58.89 48.72 -102.20
N GLU H 884 -59.52 47.63 -101.73
CA GLU H 884 -60.97 47.38 -101.83
C GLU H 884 -61.46 47.52 -103.27
N HIS H 885 -60.65 47.04 -104.21
CA HIS H 885 -61.01 47.03 -105.62
C HIS H 885 -62.21 46.12 -105.85
N TYR H 886 -62.17 44.92 -105.30
CA TYR H 886 -63.33 44.05 -105.22
C TYR H 886 -64.19 44.48 -104.05
N LYS H 887 -65.49 44.13 -104.13
CA LYS H 887 -66.62 44.48 -103.26
C LYS H 887 -66.98 45.96 -103.39
N ALA H 888 -66.25 46.73 -104.19
CA ALA H 888 -66.72 47.98 -104.74
C ALA H 888 -67.20 47.80 -106.18
N ARG H 889 -67.34 46.54 -106.61
CA ARG H 889 -67.63 46.15 -107.99
C ARG H 889 -66.60 46.74 -108.95
N GLU H 890 -65.35 46.32 -108.75
CA GLU H 890 -64.17 46.64 -109.57
C GLU H 890 -63.85 48.13 -109.59
N LEU I 150 -56.59 -53.46 -60.90
CA LEU I 150 -56.45 -54.75 -60.24
C LEU I 150 -55.24 -55.51 -60.76
N GLN I 151 -55.39 -56.17 -61.91
CA GLN I 151 -54.30 -56.95 -62.50
C GLN I 151 -53.50 -56.16 -63.53
N GLN I 152 -53.91 -54.93 -63.86
CA GLN I 152 -53.25 -54.15 -64.92
C GLN I 152 -51.86 -53.69 -64.51
N SER I 153 -51.65 -53.47 -63.20
CA SER I 153 -50.39 -52.93 -62.68
C SER I 153 -49.24 -53.92 -62.91
N LEU I 154 -49.54 -55.20 -62.71
CA LEU I 154 -48.61 -56.31 -62.96
C LEU I 154 -48.08 -56.27 -64.38
N GLU I 155 -48.94 -55.90 -65.33
CA GLU I 155 -48.50 -55.75 -66.72
C GLU I 155 -47.61 -54.52 -66.89
N LEU I 156 -48.10 -53.36 -66.42
CA LEU I 156 -47.49 -52.05 -66.63
C LEU I 156 -46.02 -51.97 -66.23
N LYS I 157 -45.68 -52.60 -65.10
CA LYS I 157 -44.30 -52.60 -64.61
C LYS I 157 -43.34 -53.22 -65.63
N ARG I 158 -43.67 -54.43 -66.10
CA ARG I 158 -42.82 -55.16 -67.05
C ARG I 158 -42.71 -54.42 -68.37
N LYS I 159 -43.85 -53.93 -68.87
CA LYS I 159 -43.89 -53.21 -70.15
C LYS I 159 -42.98 -51.99 -70.13
N MET I 160 -42.99 -51.24 -69.02
CA MET I 160 -42.15 -50.05 -68.96
C MET I 160 -40.67 -50.38 -68.81
N LEU I 161 -40.36 -51.45 -68.07
CA LEU I 161 -38.94 -51.78 -67.83
C LEU I 161 -38.23 -52.20 -69.11
N ARG I 162 -38.94 -52.90 -70.01
CA ARG I 162 -38.30 -53.37 -71.24
C ARG I 162 -37.85 -52.24 -72.15
N ASP I 163 -38.54 -51.10 -72.10
CA ASP I 163 -38.20 -49.96 -72.94
C ASP I 163 -36.86 -49.37 -72.57
N LYS I 164 -36.60 -49.20 -71.28
CA LYS I 164 -35.30 -48.73 -70.84
C LYS I 164 -34.20 -49.75 -71.05
N GLN I 165 -34.54 -51.05 -71.00
CA GLN I 165 -33.51 -52.04 -71.33
C GLN I 165 -33.12 -51.98 -72.81
N ASN I 166 -34.09 -51.79 -73.71
CA ASN I 166 -33.71 -51.82 -75.13
C ASN I 166 -33.13 -50.49 -75.60
N LYS I 167 -33.51 -49.38 -74.96
CA LYS I 167 -32.97 -48.08 -75.38
C LYS I 167 -31.49 -47.94 -75.03
N LYS I 168 -31.12 -48.31 -73.81
CA LYS I 168 -29.73 -48.25 -73.37
C LYS I 168 -29.28 -49.64 -72.98
N ASN I 169 -28.27 -50.15 -73.67
CA ASN I 169 -27.61 -51.39 -73.28
C ASN I 169 -26.35 -51.14 -72.47
N SER I 170 -26.01 -49.86 -72.24
CA SER I 170 -25.00 -49.51 -71.25
C SER I 170 -25.54 -49.64 -69.83
N GLY I 171 -26.85 -49.45 -69.65
CA GLY I 171 -27.48 -49.72 -68.38
C GLY I 171 -27.87 -51.17 -68.28
N GLN I 172 -27.07 -51.96 -67.56
CA GLN I 172 -27.23 -53.41 -67.50
C GLN I 172 -27.67 -53.81 -66.11
N HIS I 173 -28.57 -54.81 -66.06
CA HIS I 173 -29.12 -55.39 -64.82
C HIS I 173 -29.87 -54.33 -64.00
N LEU I 174 -30.88 -53.71 -64.62
CA LEU I 174 -31.71 -52.72 -63.95
C LEU I 174 -32.55 -53.39 -62.86
N PRO I 175 -32.52 -52.88 -61.64
CA PRO I 175 -33.05 -53.66 -60.50
C PRO I 175 -34.57 -53.68 -60.49
N ILE I 176 -35.09 -54.73 -59.85
CA ILE I 176 -36.51 -54.86 -59.54
C ILE I 176 -36.58 -55.39 -58.11
N PHE I 177 -37.68 -55.08 -57.43
CA PHE I 177 -37.86 -55.56 -56.06
C PHE I 177 -38.20 -57.06 -56.06
N PRO I 178 -37.97 -57.76 -54.95
CA PRO I 178 -38.39 -59.17 -54.85
C PRO I 178 -39.89 -59.33 -54.97
N ALA I 179 -40.31 -60.55 -55.33
CA ALA I 179 -41.69 -60.80 -55.75
C ALA I 179 -42.68 -60.63 -54.60
N TRP I 180 -42.24 -60.91 -53.37
CA TRP I 180 -43.12 -60.80 -52.22
C TRP I 180 -43.47 -59.35 -51.91
N VAL I 181 -42.65 -58.40 -52.37
CA VAL I 181 -42.95 -56.98 -52.19
C VAL I 181 -44.22 -56.60 -52.95
N TYR I 182 -44.38 -57.16 -54.15
CA TYR I 182 -45.60 -56.91 -54.92
C TYR I 182 -46.74 -57.83 -54.53
N GLU I 183 -46.44 -59.05 -54.06
CA GLU I 183 -47.48 -60.06 -53.90
C GLU I 183 -48.35 -59.81 -52.67
N ARG I 184 -47.73 -59.47 -51.55
CA ARG I 184 -48.49 -59.41 -50.30
C ARG I 184 -49.35 -58.15 -50.23
N PRO I 185 -50.59 -58.26 -49.73
CA PRO I 185 -51.38 -57.06 -49.44
C PRO I 185 -51.20 -56.63 -47.99
N ALA I 186 -50.24 -57.23 -47.30
CA ALA I 186 -49.90 -56.84 -45.94
C ALA I 186 -49.02 -55.61 -45.89
N LEU I 187 -48.57 -55.10 -47.03
CA LEU I 187 -47.77 -53.89 -47.09
C LEU I 187 -48.59 -52.66 -47.44
N ILE I 188 -49.91 -52.80 -47.55
CA ILE I 188 -50.83 -51.68 -47.68
C ILE I 188 -51.75 -51.69 -46.47
N GLY I 189 -52.53 -50.60 -46.34
CA GLY I 189 -53.26 -50.37 -45.10
C GLY I 189 -54.45 -51.30 -44.90
N ASP I 190 -55.01 -51.83 -45.98
CA ASP I 190 -56.14 -52.75 -45.91
C ASP I 190 -55.70 -54.13 -46.37
N PHE I 191 -55.96 -55.14 -45.55
CA PHE I 191 -55.68 -56.52 -45.93
C PHE I 191 -56.70 -56.98 -46.95
N THR I 201 -67.62 -58.15 -31.24
CA THR I 201 -67.41 -59.21 -32.22
C THR I 201 -68.52 -59.13 -33.28
N ALA I 202 -69.65 -59.79 -33.01
CA ALA I 202 -70.81 -59.73 -33.88
C ALA I 202 -72.04 -59.59 -33.00
N LEU I 203 -72.74 -58.47 -33.11
CA LEU I 203 -73.77 -58.11 -32.15
C LEU I 203 -74.84 -57.29 -32.86
N PRO I 204 -76.09 -57.31 -32.36
CA PRO I 204 -77.12 -56.32 -32.80
C PRO I 204 -77.01 -55.00 -32.04
N ILE I 205 -76.15 -54.13 -32.55
CA ILE I 205 -75.79 -52.91 -31.84
C ILE I 205 -76.91 -51.87 -31.85
N GLY I 206 -77.88 -52.00 -32.76
CA GLY I 206 -78.93 -51.00 -32.86
C GLY I 206 -79.88 -51.00 -31.68
N THR I 207 -80.07 -52.16 -31.04
CA THR I 207 -81.00 -52.29 -29.93
C THR I 207 -80.41 -51.84 -28.59
N LEU I 208 -79.16 -51.42 -28.57
CA LEU I 208 -78.46 -51.04 -27.36
C LEU I 208 -78.77 -49.61 -26.99
N PRO I 209 -78.37 -49.15 -25.77
CA PRO I 209 -78.43 -47.71 -25.46
C PRO I 209 -77.65 -46.81 -26.42
N LEU I 210 -77.93 -45.52 -26.35
CA LEU I 210 -77.35 -44.55 -27.28
C LEU I 210 -75.85 -44.37 -27.02
N ALA I 211 -75.50 -44.14 -25.76
CA ALA I 211 -74.15 -43.76 -25.38
C ALA I 211 -73.20 -44.96 -25.31
N SER I 212 -73.69 -46.16 -25.60
CA SER I 212 -72.82 -47.28 -25.92
C SER I 212 -72.53 -47.35 -27.40
N GLN I 213 -73.53 -46.99 -28.22
CA GLN I 213 -73.35 -46.95 -29.65
C GLN I 213 -72.34 -45.89 -30.05
N GLU I 214 -72.35 -44.73 -29.37
CA GLU I 214 -71.36 -43.71 -29.72
C GLU I 214 -69.94 -44.16 -29.41
N SER I 215 -69.76 -44.82 -28.26
CA SER I 215 -68.47 -45.39 -27.88
C SER I 215 -67.99 -46.40 -28.92
N ALA I 216 -68.87 -47.32 -29.30
CA ALA I 216 -68.51 -48.36 -30.26
C ALA I 216 -68.20 -47.78 -31.63
N VAL I 217 -68.99 -46.79 -32.07
CA VAL I 217 -68.82 -46.24 -33.41
C VAL I 217 -67.54 -45.43 -33.51
N VAL I 218 -67.24 -44.63 -32.48
CA VAL I 218 -65.99 -43.88 -32.43
C VAL I 218 -64.80 -44.83 -32.44
N GLU I 219 -64.91 -45.94 -31.70
CA GLU I 219 -63.85 -46.94 -31.64
C GLU I 219 -63.59 -47.58 -33.00
N ASP I 220 -64.65 -48.05 -33.67
CA ASP I 220 -64.45 -48.77 -34.93
C ASP I 220 -64.04 -47.83 -36.05
N LEU I 221 -64.60 -46.61 -36.06
CA LEU I 221 -64.27 -45.65 -37.10
C LEU I 221 -62.82 -45.18 -36.99
N LEU I 222 -62.32 -45.08 -35.75
CA LEU I 222 -60.92 -44.68 -35.56
C LEU I 222 -59.95 -45.68 -36.19
N TYR I 223 -60.32 -46.96 -36.23
CA TYR I 223 -59.51 -47.94 -36.94
C TYR I 223 -59.72 -47.84 -38.44
N VAL I 224 -60.97 -47.60 -38.86
CA VAL I 224 -61.30 -47.53 -40.28
C VAL I 224 -60.56 -46.38 -40.96
N LEU I 225 -60.28 -45.30 -40.23
CA LEU I 225 -59.53 -44.16 -40.78
C LEU I 225 -58.11 -44.55 -41.19
N VAL I 226 -57.52 -45.54 -40.54
CA VAL I 226 -56.12 -45.86 -40.78
C VAL I 226 -56.00 -47.23 -41.44
N GLY I 227 -57.01 -47.57 -42.26
CA GLY I 227 -56.90 -48.69 -43.15
C GLY I 227 -57.52 -49.99 -42.65
N VAL I 228 -57.04 -50.45 -41.49
CA VAL I 228 -57.49 -51.71 -40.94
C VAL I 228 -58.99 -51.60 -40.58
N ASP I 229 -59.70 -52.71 -40.79
CA ASP I 229 -61.15 -52.77 -40.61
C ASP I 229 -61.53 -52.51 -39.15
N GLY I 230 -62.81 -52.21 -38.94
CA GLY I 230 -63.27 -51.83 -37.63
C GLY I 230 -63.72 -53.01 -36.80
N ARG I 231 -65.01 -53.08 -36.47
CA ARG I 231 -65.54 -54.27 -35.84
C ARG I 231 -66.80 -54.76 -36.52
N TYR I 232 -67.67 -53.80 -36.87
CA TYR I 232 -68.97 -54.10 -37.46
C TYR I 232 -69.12 -53.45 -38.82
N VAL I 233 -68.03 -52.89 -39.36
CA VAL I 233 -68.03 -52.29 -40.69
C VAL I 233 -66.97 -53.01 -41.50
N SER I 234 -67.39 -53.65 -42.59
CA SER I 234 -66.51 -54.52 -43.36
C SER I 234 -66.20 -53.88 -44.71
N ALA I 235 -64.92 -53.97 -45.10
CA ALA I 235 -64.45 -53.41 -46.36
C ALA I 235 -64.74 -54.41 -47.48
N GLN I 236 -65.52 -54.00 -48.46
CA GLN I 236 -65.91 -54.90 -49.53
C GLN I 236 -64.74 -55.12 -50.49
N PRO I 237 -64.50 -56.36 -50.90
CA PRO I 237 -63.25 -56.69 -51.61
C PRO I 237 -63.27 -56.22 -53.06
N LEU I 238 -62.49 -55.18 -53.35
CA LEU I 238 -62.20 -54.83 -54.73
C LEU I 238 -60.71 -54.96 -55.01
N ALA I 239 -59.90 -54.26 -54.21
CA ALA I 239 -58.44 -54.13 -54.30
C ALA I 239 -57.99 -53.47 -55.61
N GLY I 240 -58.94 -52.90 -56.35
CA GLY I 240 -58.66 -52.21 -57.59
C GLY I 240 -58.48 -50.72 -57.36
N ARG I 241 -58.74 -49.98 -58.44
CA ARG I 241 -57.99 -48.81 -58.87
C ARG I 241 -57.56 -47.83 -57.76
N GLN I 242 -58.47 -47.08 -57.15
CA GLN I 242 -58.23 -46.27 -55.96
C GLN I 242 -59.48 -46.31 -55.10
N SER I 243 -60.50 -47.03 -55.55
CA SER I 243 -61.78 -47.04 -54.87
C SER I 243 -61.80 -48.10 -53.78
N ARG I 244 -62.69 -47.91 -52.82
CA ARG I 244 -62.92 -48.87 -51.76
C ARG I 244 -64.30 -48.57 -51.22
N THR I 245 -65.07 -49.62 -50.95
CA THR I 245 -66.36 -49.44 -50.32
C THR I 245 -66.38 -50.21 -49.01
N PHE I 246 -67.30 -49.82 -48.15
CA PHE I 246 -67.42 -50.37 -46.81
C PHE I 246 -68.88 -50.68 -46.56
N LEU I 247 -69.12 -51.68 -45.72
CA LEU I 247 -70.48 -52.13 -45.45
C LEU I 247 -70.77 -51.96 -43.97
N VAL I 248 -71.64 -51.03 -43.64
CA VAL I 248 -71.98 -50.70 -42.27
C VAL I 248 -73.02 -51.71 -41.77
N ASP I 249 -73.12 -51.82 -40.44
CA ASP I 249 -73.91 -52.88 -39.81
C ASP I 249 -75.39 -52.68 -40.08
N PRO I 250 -76.15 -53.77 -40.29
CA PRO I 250 -77.56 -53.65 -40.68
C PRO I 250 -78.49 -53.01 -39.66
N ASN I 251 -78.14 -52.93 -38.37
CA ASN I 251 -78.96 -52.18 -37.44
C ASN I 251 -78.09 -51.19 -36.68
N LEU I 252 -78.47 -49.91 -36.73
CA LEU I 252 -77.78 -48.79 -36.10
C LEU I 252 -78.70 -47.58 -36.15
N ASP I 253 -78.57 -46.71 -35.14
CA ASP I 253 -79.31 -45.46 -35.09
C ASP I 253 -78.99 -44.58 -36.30
N LEU I 254 -80.03 -43.91 -36.80
CA LEU I 254 -80.00 -43.30 -38.13
C LEU I 254 -79.09 -42.09 -38.19
N SER I 255 -79.08 -41.29 -37.13
CA SER I 255 -78.24 -40.09 -37.06
C SER I 255 -76.77 -40.45 -37.16
N ILE I 256 -76.35 -41.40 -36.33
CA ILE I 256 -74.98 -41.89 -36.33
C ILE I 256 -74.64 -42.52 -37.66
N ARG I 257 -75.58 -43.29 -38.23
CA ARG I 257 -75.39 -43.97 -39.50
C ARG I 257 -75.11 -42.97 -40.62
N GLU I 258 -75.91 -41.90 -40.68
CA GLU I 258 -75.76 -40.87 -41.70
C GLU I 258 -74.43 -40.16 -41.57
N LEU I 259 -73.99 -39.87 -40.34
CA LEU I 259 -72.70 -39.19 -40.19
C LEU I 259 -71.54 -40.11 -40.56
N VAL I 260 -71.66 -41.40 -40.26
CA VAL I 260 -70.61 -42.36 -40.58
C VAL I 260 -70.41 -42.46 -42.09
N HIS I 261 -71.52 -42.42 -42.84
CA HIS I 261 -71.42 -42.35 -44.30
C HIS I 261 -70.63 -41.14 -44.76
N ARG I 262 -70.85 -39.99 -44.12
CA ARG I 262 -70.17 -38.77 -44.51
C ARG I 262 -68.69 -38.81 -44.18
N ILE I 263 -68.30 -39.60 -43.18
CA ILE I 263 -66.90 -39.64 -42.80
C ILE I 263 -66.12 -40.74 -43.54
N LEU I 264 -66.77 -41.78 -44.06
CA LEU I 264 -66.09 -42.83 -44.82
C LEU I 264 -65.20 -42.51 -46.05
N PRO I 265 -65.40 -41.41 -46.81
CA PRO I 265 -64.49 -41.15 -47.93
C PRO I 265 -63.05 -40.85 -47.55
N VAL I 266 -62.76 -40.45 -46.31
CA VAL I 266 -61.35 -40.31 -45.95
C VAL I 266 -60.69 -41.66 -45.72
N ALA I 267 -61.48 -42.72 -45.54
CA ALA I 267 -60.94 -44.08 -45.48
C ALA I 267 -60.76 -44.66 -46.87
N ALA I 268 -61.72 -44.40 -47.76
CA ALA I 268 -61.50 -44.71 -49.17
C ALA I 268 -60.28 -43.97 -49.72
N SER I 269 -60.10 -42.73 -49.30
CA SER I 269 -58.95 -41.90 -49.62
C SER I 269 -57.77 -42.16 -48.68
N TYR I 270 -57.80 -43.25 -47.94
CA TYR I 270 -56.62 -43.79 -47.29
C TYR I 270 -56.11 -45.02 -48.01
N SER I 271 -57.01 -45.92 -48.42
CA SER I 271 -56.61 -47.04 -49.26
C SER I 271 -56.06 -46.55 -50.60
N ALA I 272 -56.73 -45.53 -51.17
CA ALA I 272 -56.27 -44.89 -52.40
C ALA I 272 -54.86 -44.33 -52.25
N VAL I 273 -54.62 -43.62 -51.16
CA VAL I 273 -53.34 -42.95 -51.01
C VAL I 273 -52.24 -43.97 -50.72
N THR I 274 -52.57 -45.04 -50.01
CA THR I 274 -51.52 -45.98 -49.62
C THR I 274 -51.10 -46.90 -50.76
N ARG I 275 -51.97 -47.15 -51.74
CA ARG I 275 -51.58 -48.07 -52.81
C ARG I 275 -50.51 -47.47 -53.73
N PHE I 276 -50.59 -46.15 -53.94
CA PHE I 276 -49.66 -45.46 -54.82
C PHE I 276 -48.24 -45.48 -54.28
N ILE I 277 -48.09 -45.37 -52.96
CA ILE I 277 -46.77 -45.30 -52.36
C ILE I 277 -46.06 -46.64 -52.47
N GLU I 278 -46.80 -47.73 -52.54
CA GLU I 278 -46.20 -49.02 -52.77
C GLU I 278 -45.87 -49.26 -54.24
N GLU I 279 -46.84 -49.04 -55.14
CA GLU I 279 -46.60 -49.48 -56.52
C GLU I 279 -45.74 -48.51 -57.30
N LYS I 280 -45.70 -47.23 -56.91
CA LYS I 280 -45.07 -46.21 -57.72
C LYS I 280 -43.80 -45.64 -57.07
N SER I 281 -43.04 -46.49 -56.40
CA SER I 281 -41.72 -46.10 -55.93
C SER I 281 -40.63 -46.92 -56.58
N SER I 282 -40.97 -47.84 -57.47
CA SER I 282 -40.00 -48.75 -58.04
C SER I 282 -39.39 -48.17 -59.31
N PHE I 283 -38.48 -48.95 -59.89
CA PHE I 283 -37.56 -48.52 -60.93
C PHE I 283 -38.16 -48.62 -62.33
N GLU I 284 -39.46 -48.89 -62.42
CA GLU I 284 -40.17 -48.94 -63.68
C GLU I 284 -40.96 -47.66 -63.91
N TYR I 285 -40.70 -46.64 -63.09
CA TYR I 285 -41.42 -45.38 -63.22
C TYR I 285 -40.50 -44.17 -63.11
N GLY I 286 -39.19 -44.33 -63.23
CA GLY I 286 -38.28 -43.20 -63.31
C GLY I 286 -37.96 -42.59 -61.97
N GLN I 287 -36.92 -41.75 -61.98
CA GLN I 287 -36.31 -41.22 -60.76
C GLN I 287 -37.24 -40.25 -60.03
N VAL I 288 -38.13 -39.58 -60.76
CA VAL I 288 -38.97 -38.56 -60.15
C VAL I 288 -40.10 -39.20 -59.35
N ASN I 289 -40.62 -40.34 -59.82
CA ASN I 289 -41.71 -41.02 -59.13
C ASN I 289 -41.26 -41.59 -57.79
N HIS I 290 -39.98 -41.99 -57.70
CA HIS I 290 -39.40 -42.39 -56.43
C HIS I 290 -39.48 -41.26 -55.42
N ALA I 291 -38.99 -40.07 -55.81
CA ALA I 291 -38.95 -38.94 -54.90
C ALA I 291 -40.33 -38.43 -54.57
N LEU I 292 -41.26 -38.52 -55.53
CA LEU I 292 -42.62 -38.05 -55.30
C LEU I 292 -43.35 -38.96 -54.31
N ALA I 293 -43.25 -40.28 -54.52
CA ALA I 293 -43.94 -41.20 -53.61
C ALA I 293 -43.29 -41.21 -52.23
N ALA I 294 -41.99 -40.95 -52.14
CA ALA I 294 -41.30 -40.92 -50.85
C ALA I 294 -41.58 -39.67 -50.04
N ALA I 295 -42.19 -38.64 -50.64
CA ALA I 295 -42.66 -37.49 -49.89
C ALA I 295 -44.17 -37.47 -49.77
N MET I 296 -44.87 -38.34 -50.48
CA MET I 296 -46.27 -38.61 -50.20
C MET I 296 -46.43 -39.44 -48.93
N ARG I 297 -45.39 -40.17 -48.56
CA ARG I 297 -45.35 -41.02 -47.36
C ARG I 297 -45.40 -40.20 -46.08
N THR I 298 -44.80 -39.00 -46.11
CA THR I 298 -44.80 -38.08 -44.96
C THR I 298 -46.20 -37.67 -44.56
N LEU I 299 -47.08 -37.53 -45.54
CA LEU I 299 -48.44 -37.12 -45.28
C LEU I 299 -49.24 -38.24 -44.63
N VAL I 300 -48.88 -39.49 -44.90
CA VAL I 300 -49.44 -40.61 -44.15
C VAL I 300 -48.93 -40.60 -42.72
N LYS I 301 -47.64 -40.26 -42.57
CA LYS I 301 -47.02 -40.24 -41.24
C LYS I 301 -47.72 -39.24 -40.32
N GLU I 302 -48.05 -38.07 -40.84
CA GLU I 302 -48.71 -37.08 -40.01
C GLU I 302 -50.16 -37.44 -39.72
N HIS I 303 -50.82 -38.21 -40.60
CA HIS I 303 -52.14 -38.73 -40.25
C HIS I 303 -52.06 -39.71 -39.09
N LEU I 304 -51.01 -40.53 -39.08
CA LEU I 304 -50.77 -41.41 -37.93
C LEU I 304 -50.51 -40.61 -36.66
N ILE I 305 -49.78 -39.48 -36.77
CA ILE I 305 -49.58 -38.56 -35.65
C ILE I 305 -50.91 -38.07 -35.10
N LEU I 306 -51.80 -37.65 -36.00
CA LEU I 306 -53.13 -37.18 -35.61
C LEU I 306 -53.92 -38.24 -34.85
N VAL I 307 -54.00 -39.44 -35.43
CA VAL I 307 -54.90 -40.42 -34.86
C VAL I 307 -54.38 -40.98 -33.53
N SER I 308 -53.08 -40.87 -33.27
CA SER I 308 -52.61 -41.18 -31.91
C SER I 308 -53.15 -40.19 -30.88
N GLN I 309 -53.19 -38.90 -31.22
CA GLN I 309 -53.73 -37.87 -30.35
C GLN I 309 -55.20 -38.13 -30.07
N LEU I 310 -55.93 -38.48 -31.12
CA LEU I 310 -57.34 -38.82 -30.95
C LEU I 310 -57.51 -40.02 -30.04
N GLU I 311 -56.63 -41.01 -30.19
CA GLU I 311 -56.73 -42.26 -29.45
C GLU I 311 -56.56 -42.06 -27.95
N GLN I 312 -55.67 -41.14 -27.55
CA GLN I 312 -55.46 -40.90 -26.13
C GLN I 312 -56.71 -40.35 -25.44
N LEU I 313 -57.29 -39.30 -26.02
CA LEU I 313 -58.47 -38.67 -25.44
C LEU I 313 -59.67 -39.60 -25.51
N HIS I 314 -59.76 -40.39 -26.58
CA HIS I 314 -60.81 -41.40 -26.69
C HIS I 314 -60.65 -42.47 -25.63
N ARG I 315 -59.41 -42.82 -25.30
CA ARG I 315 -59.14 -43.79 -24.26
C ARG I 315 -59.58 -43.29 -22.90
N GLN I 316 -59.44 -41.98 -22.66
CA GLN I 316 -59.91 -41.44 -21.39
C GLN I 316 -61.42 -41.17 -21.36
N GLY I 317 -62.16 -41.66 -22.35
CA GLY I 317 -63.60 -41.49 -22.38
C GLY I 317 -64.05 -40.10 -22.71
N LEU I 318 -63.20 -39.30 -23.36
CA LEU I 318 -63.47 -37.89 -23.59
C LEU I 318 -63.79 -37.53 -25.03
N LEU I 319 -63.53 -38.40 -25.99
CA LEU I 319 -63.82 -38.05 -27.37
C LEU I 319 -65.26 -38.40 -27.73
N SER I 320 -65.78 -37.71 -28.74
CA SER I 320 -67.09 -37.99 -29.28
C SER I 320 -67.01 -37.87 -30.78
N LEU I 321 -68.03 -38.44 -31.45
CA LEU I 321 -68.10 -38.48 -32.90
C LEU I 321 -68.14 -37.08 -33.50
N GLN I 322 -68.84 -36.16 -32.86
CA GLN I 322 -68.90 -34.78 -33.29
C GLN I 322 -67.53 -34.11 -33.21
N LYS I 323 -66.79 -34.38 -32.15
CA LYS I 323 -65.45 -33.81 -32.02
C LYS I 323 -64.50 -34.39 -33.05
N LEU I 324 -64.60 -35.71 -33.24
CA LEU I 324 -63.80 -36.44 -34.23
C LEU I 324 -63.97 -35.87 -35.63
N TRP I 325 -65.22 -35.54 -35.99
CA TRP I 325 -65.53 -34.98 -37.30
C TRP I 325 -64.82 -33.65 -37.53
N PHE I 326 -64.90 -32.76 -36.54
CA PHE I 326 -64.25 -31.46 -36.60
C PHE I 326 -62.74 -31.61 -36.71
N TYR I 327 -62.18 -32.57 -36.00
CA TYR I 327 -60.74 -32.76 -36.04
C TYR I 327 -60.28 -33.26 -37.40
N ILE I 328 -61.04 -34.17 -38.01
CA ILE I 328 -60.54 -34.82 -39.22
C ILE I 328 -60.82 -34.07 -40.51
N GLN I 329 -61.69 -33.05 -40.50
CA GLN I 329 -62.01 -32.34 -41.74
C GLN I 329 -60.82 -31.74 -42.54
N PRO I 330 -59.81 -31.06 -41.94
CA PRO I 330 -58.69 -30.57 -42.77
C PRO I 330 -57.88 -31.67 -43.43
N ALA I 331 -57.62 -32.75 -42.71
CA ALA I 331 -56.94 -33.89 -43.28
C ALA I 331 -57.81 -34.66 -44.27
N MET I 332 -59.14 -34.56 -44.15
CA MET I 332 -60.01 -35.10 -45.18
C MET I 332 -59.80 -34.38 -46.50
N ARG I 333 -59.67 -33.04 -46.45
CA ARG I 333 -59.30 -32.28 -47.64
C ARG I 333 -57.94 -32.70 -48.20
N THR I 334 -56.97 -32.89 -47.30
CA THR I 334 -55.61 -33.30 -47.69
C THR I 334 -55.60 -34.63 -48.44
N MET I 335 -56.25 -35.64 -47.85
CA MET I 335 -56.32 -36.97 -48.46
C MET I 335 -57.09 -36.93 -49.76
N ASP I 336 -58.11 -36.06 -49.86
CA ASP I 336 -58.89 -35.96 -51.09
C ASP I 336 -58.04 -35.44 -52.24
N ILE I 337 -57.21 -34.43 -51.98
CA ILE I 337 -56.30 -33.90 -53.00
C ILE I 337 -55.34 -35.00 -53.47
N LEU I 338 -54.76 -35.73 -52.52
CA LEU I 338 -53.84 -36.80 -52.90
C LEU I 338 -54.51 -37.92 -53.68
N ALA I 339 -55.76 -38.25 -53.35
CA ALA I 339 -56.47 -39.32 -54.05
C ALA I 339 -56.79 -38.94 -55.48
N SER I 340 -57.27 -37.70 -55.69
CA SER I 340 -57.56 -37.23 -57.05
C SER I 340 -56.28 -37.19 -57.89
N LEU I 341 -55.18 -36.74 -57.29
CA LEU I 341 -53.91 -36.69 -58.01
C LEU I 341 -53.41 -38.10 -58.35
N ALA I 342 -53.58 -39.05 -57.44
CA ALA I 342 -53.11 -40.42 -57.68
C ALA I 342 -53.91 -41.08 -58.81
N THR I 343 -55.22 -40.86 -58.82
CA THR I 343 -56.06 -41.33 -59.93
C THR I 343 -55.60 -40.75 -61.26
N SER I 344 -55.28 -39.44 -61.27
CA SER I 344 -54.88 -38.81 -62.53
C SER I 344 -53.50 -39.29 -63.01
N VAL I 345 -52.58 -39.52 -62.07
CA VAL I 345 -51.24 -40.02 -62.45
C VAL I 345 -51.35 -41.43 -63.01
N ASP I 346 -52.22 -42.26 -62.43
CA ASP I 346 -52.39 -43.62 -62.95
C ASP I 346 -53.11 -43.63 -64.29
N LYS I 347 -54.12 -42.78 -64.44
CA LYS I 347 -55.02 -42.86 -65.59
C LYS I 347 -54.33 -42.43 -66.87
N GLY I 348 -53.50 -41.39 -66.81
CA GLY I 348 -52.72 -41.00 -67.96
C GLY I 348 -51.41 -41.71 -68.09
N GLU I 349 -51.15 -42.68 -67.19
CA GLU I 349 -49.87 -43.38 -67.05
C GLU I 349 -48.73 -42.39 -66.95
N CYS I 350 -48.87 -41.47 -66.00
CA CYS I 350 -47.94 -40.38 -65.86
C CYS I 350 -46.71 -40.82 -65.07
N LEU I 351 -45.54 -40.52 -65.62
CA LEU I 351 -44.27 -40.92 -65.03
C LEU I 351 -43.19 -40.02 -65.62
N GLY I 352 -42.06 -39.96 -64.93
CA GLY I 352 -40.96 -39.13 -65.35
C GLY I 352 -41.20 -37.64 -65.18
N GLY I 353 -41.35 -36.93 -66.29
CA GLY I 353 -41.63 -35.50 -66.27
C GLY I 353 -43.09 -35.21 -66.59
N SER I 354 -43.79 -36.22 -67.08
CA SER I 354 -45.23 -36.19 -67.30
C SER I 354 -46.00 -36.18 -65.99
N THR I 355 -45.39 -36.60 -64.89
CA THR I 355 -45.95 -36.33 -63.57
C THR I 355 -45.15 -35.26 -62.84
N LEU I 356 -44.48 -34.38 -63.57
CA LEU I 356 -44.08 -33.09 -63.04
C LEU I 356 -44.82 -31.96 -63.75
N SER I 357 -45.50 -32.28 -64.86
CA SER I 357 -46.44 -31.34 -65.42
C SER I 357 -47.74 -31.29 -64.61
N LEU I 358 -48.22 -32.44 -64.16
CA LEU I 358 -49.44 -32.51 -63.35
C LEU I 358 -49.32 -31.74 -62.04
N LEU I 359 -48.19 -31.88 -61.34
CA LEU I 359 -47.96 -31.18 -60.09
C LEU I 359 -47.84 -29.68 -60.31
N HIS I 360 -47.18 -29.31 -61.40
CA HIS I 360 -47.06 -27.92 -61.82
C HIS I 360 -48.43 -27.29 -62.07
N ASP I 361 -49.33 -28.05 -62.69
CA ASP I 361 -50.68 -27.55 -62.93
C ASP I 361 -51.50 -27.45 -61.64
N ARG I 362 -51.39 -28.46 -60.78
CA ARG I 362 -52.21 -28.50 -59.57
C ARG I 362 -51.79 -27.42 -58.57
N SER I 363 -50.49 -27.07 -58.54
CA SER I 363 -50.05 -25.98 -57.67
C SER I 363 -50.57 -24.64 -58.15
N PHE I 364 -50.75 -24.47 -59.46
CA PHE I 364 -51.35 -23.25 -59.98
C PHE I 364 -52.84 -23.20 -59.73
N SER I 365 -53.50 -24.37 -59.77
CA SER I 365 -54.95 -24.48 -59.73
C SER I 365 -55.57 -23.86 -58.48
N TYR I 366 -55.12 -24.29 -57.31
CA TYR I 366 -55.61 -23.70 -56.07
C TYR I 366 -54.79 -22.47 -55.67
N THR I 367 -55.48 -21.38 -55.33
CA THR I 367 -54.91 -20.32 -54.49
C THR I 367 -55.99 -19.76 -53.57
N GLY I 368 -57.14 -20.44 -53.47
CA GLY I 368 -58.28 -19.85 -52.80
C GLY I 368 -58.16 -19.80 -51.28
N ASP I 369 -57.43 -20.75 -50.69
CA ASP I 369 -57.19 -20.80 -49.25
C ASP I 369 -55.72 -20.92 -48.90
N SER I 370 -54.87 -21.36 -49.84
CA SER I 370 -53.45 -21.70 -49.71
C SER I 370 -53.21 -22.88 -48.78
N GLN I 371 -54.23 -23.68 -48.48
CA GLN I 371 -54.02 -24.95 -47.82
C GLN I 371 -53.59 -26.01 -48.81
N ALA I 372 -54.26 -26.06 -49.96
CA ALA I 372 -53.94 -27.01 -51.02
C ALA I 372 -52.71 -26.59 -51.81
N GLN I 373 -52.50 -25.28 -51.95
CA GLN I 373 -51.34 -24.74 -52.64
C GLN I 373 -50.04 -25.16 -51.96
N GLU I 374 -50.04 -25.18 -50.62
CA GLU I 374 -48.86 -25.59 -49.86
C GLU I 374 -48.55 -27.07 -50.06
N LEU I 375 -49.60 -27.89 -50.12
CA LEU I 375 -49.46 -29.32 -50.42
C LEU I 375 -48.76 -29.53 -51.75
N CYS I 376 -49.26 -28.87 -52.78
CA CYS I 376 -48.74 -29.12 -54.12
C CYS I 376 -47.36 -28.51 -54.32
N LEU I 377 -47.08 -27.39 -53.66
CA LEU I 377 -45.74 -26.80 -53.70
C LEU I 377 -44.72 -27.69 -53.00
N TYR I 378 -45.12 -28.32 -51.88
CA TYR I 378 -44.26 -29.28 -51.21
C TYR I 378 -43.98 -30.49 -52.09
N LEU I 379 -45.03 -31.06 -52.68
CA LEU I 379 -44.86 -32.22 -53.57
C LEU I 379 -44.01 -31.89 -54.79
N THR I 380 -44.08 -30.65 -55.27
CA THR I 380 -43.25 -30.26 -56.40
C THR I 380 -41.80 -30.09 -56.00
N LYS I 381 -41.54 -29.42 -54.86
CA LYS I 381 -40.16 -29.21 -54.42
C LYS I 381 -39.48 -30.53 -54.10
N ALA I 382 -40.24 -31.51 -53.62
CA ALA I 382 -39.66 -32.82 -53.39
C ALA I 382 -39.48 -33.60 -54.69
N ALA I 383 -40.45 -33.50 -55.60
CA ALA I 383 -40.38 -34.31 -56.81
C ALA I 383 -39.44 -33.75 -57.87
N SER I 384 -39.12 -32.46 -57.82
CA SER I 384 -38.29 -31.82 -58.83
C SER I 384 -36.80 -31.92 -58.55
N ALA I 385 -36.41 -32.47 -57.40
CA ALA I 385 -34.99 -32.64 -57.10
C ALA I 385 -34.23 -33.51 -58.11
N PRO I 386 -34.69 -34.77 -58.51
CA PRO I 386 -33.88 -35.57 -59.44
C PRO I 386 -33.77 -34.94 -60.82
N TYR I 387 -34.90 -34.37 -61.22
CA TYR I 387 -34.99 -33.71 -62.52
C TYR I 387 -34.05 -32.51 -62.59
N PHE I 388 -34.00 -31.72 -61.51
CA PHE I 388 -33.13 -30.56 -61.51
C PHE I 388 -31.68 -30.96 -61.43
N GLU I 389 -31.39 -32.12 -60.83
CA GLU I 389 -30.03 -32.62 -60.82
C GLU I 389 -29.55 -32.95 -62.24
N VAL I 390 -30.39 -33.68 -62.99
CA VAL I 390 -30.05 -34.01 -64.38
C VAL I 390 -29.94 -32.75 -65.23
N LEU I 391 -30.83 -31.79 -64.97
CA LEU I 391 -30.80 -30.53 -65.70
C LEU I 391 -29.54 -29.75 -65.41
N GLU I 392 -29.10 -29.75 -64.15
CA GLU I 392 -27.88 -29.05 -63.77
C GLU I 392 -26.67 -29.66 -64.46
N LYS I 393 -26.64 -30.99 -64.57
CA LYS I 393 -25.60 -31.67 -65.34
C LYS I 393 -25.58 -31.21 -66.79
N TRP I 394 -26.76 -31.22 -67.43
CA TRP I 394 -26.80 -30.95 -68.87
C TRP I 394 -26.59 -29.47 -69.17
N ILE I 395 -26.99 -28.59 -68.26
CA ILE I 395 -26.79 -27.16 -68.51
C ILE I 395 -25.33 -26.78 -68.28
N TYR I 396 -24.77 -27.16 -67.13
CA TYR I 396 -23.42 -26.73 -66.83
C TYR I 396 -22.34 -27.54 -67.52
N ARG I 397 -22.63 -28.77 -67.89
CA ARG I 397 -21.63 -29.65 -68.48
C ARG I 397 -22.26 -30.37 -69.67
N GLY I 398 -21.42 -31.03 -70.46
CA GLY I 398 -21.92 -31.67 -71.67
C GLY I 398 -22.72 -32.93 -71.41
N ILE I 399 -22.54 -33.52 -70.23
CA ILE I 399 -23.07 -34.85 -69.95
C ILE I 399 -24.56 -34.81 -69.65
N ILE I 400 -25.25 -35.89 -70.00
CA ILE I 400 -26.57 -36.20 -69.48
C ILE I 400 -26.52 -37.59 -68.86
N HIS I 401 -26.93 -37.70 -67.61
CA HIS I 401 -27.10 -39.01 -66.99
C HIS I 401 -28.58 -39.23 -66.76
N ASP I 402 -29.09 -40.35 -67.28
CA ASP I 402 -30.51 -40.61 -67.30
C ASP I 402 -30.72 -42.12 -67.43
N PRO I 403 -30.43 -42.89 -66.37
CA PRO I 403 -30.38 -44.35 -66.51
C PRO I 403 -31.75 -45.00 -66.68
N TYR I 404 -32.81 -44.35 -66.23
CA TYR I 404 -34.16 -44.57 -66.68
C TYR I 404 -34.46 -43.39 -67.58
N SER I 405 -35.14 -43.64 -68.69
CA SER I 405 -35.31 -42.57 -69.67
C SER I 405 -36.51 -41.69 -69.36
N GLU I 406 -36.25 -40.46 -68.92
CA GLU I 406 -37.32 -39.48 -68.80
C GLU I 406 -36.91 -38.05 -69.15
N PHE I 407 -35.63 -37.81 -69.41
CA PHE I 407 -35.16 -36.42 -69.54
C PHE I 407 -35.50 -35.87 -70.93
N MET I 408 -35.61 -34.54 -71.01
CA MET I 408 -36.18 -33.91 -72.20
C MET I 408 -35.30 -34.10 -73.44
N VAL I 409 -33.98 -34.20 -73.26
CA VAL I 409 -33.10 -34.34 -74.40
C VAL I 409 -32.93 -35.81 -74.76
N GLU I 410 -32.94 -36.12 -76.06
CA GLU I 410 -32.64 -37.44 -76.58
C GLU I 410 -31.51 -37.34 -77.58
N GLU I 411 -30.82 -38.46 -77.79
CA GLU I 411 -29.74 -38.50 -78.75
C GLU I 411 -30.08 -39.49 -79.87
N HIS I 412 -30.43 -38.95 -81.03
CA HIS I 412 -30.42 -39.72 -82.27
C HIS I 412 -28.96 -39.85 -82.67
N GLU I 413 -28.39 -41.04 -82.46
CA GLU I 413 -26.96 -41.22 -82.71
C GLU I 413 -26.73 -41.57 -84.19
N LEU I 414 -25.89 -40.76 -84.84
CA LEU I 414 -25.47 -41.02 -86.22
C LEU I 414 -23.95 -41.12 -86.33
N ARG I 415 -23.27 -41.30 -85.20
CA ARG I 415 -21.84 -41.56 -85.24
C ARG I 415 -21.54 -42.97 -85.74
N LYS I 416 -22.47 -43.90 -85.56
CA LYS I 416 -22.32 -45.25 -86.07
C LYS I 416 -22.57 -45.34 -87.57
N GLU I 417 -23.08 -44.28 -88.19
CA GLU I 417 -23.30 -44.26 -89.64
C GLU I 417 -22.34 -43.29 -90.31
N ARG I 418 -22.40 -42.01 -89.94
CA ARG I 418 -21.47 -41.02 -90.47
C ARG I 418 -20.31 -40.88 -89.49
N ILE I 419 -19.12 -41.27 -89.93
CA ILE I 419 -17.92 -41.25 -89.11
C ILE I 419 -16.79 -40.81 -90.04
N GLN I 420 -15.75 -40.17 -89.47
CA GLN I 420 -14.62 -39.37 -90.00
C GLN I 420 -15.05 -38.09 -90.70
N GLU I 421 -16.35 -37.79 -90.76
CA GLU I 421 -16.82 -36.46 -91.13
C GLU I 421 -18.17 -36.24 -90.48
N ASP I 422 -18.58 -34.98 -90.41
CA ASP I 422 -19.91 -34.64 -89.91
C ASP I 422 -20.83 -34.38 -91.10
N TYR I 423 -21.45 -35.45 -91.59
CA TYR I 423 -22.53 -35.37 -92.57
C TYR I 423 -23.83 -35.54 -91.81
N ASN I 424 -24.88 -34.84 -92.27
CA ASN I 424 -26.08 -34.32 -91.60
C ASN I 424 -25.75 -33.04 -90.82
N ASP I 425 -24.46 -32.72 -90.68
CA ASP I 425 -23.95 -31.76 -89.70
C ASP I 425 -24.60 -31.99 -88.33
N LYS I 426 -24.51 -33.25 -87.87
CA LYS I 426 -25.52 -33.84 -86.99
C LYS I 426 -25.58 -33.15 -85.63
N TYR I 427 -24.46 -32.60 -85.17
CA TYR I 427 -24.42 -32.07 -83.82
C TYR I 427 -25.20 -30.77 -83.71
N TRP I 428 -25.02 -29.89 -84.68
CA TRP I 428 -25.75 -28.62 -84.71
C TRP I 428 -27.12 -28.77 -85.36
N ASP I 429 -27.41 -29.90 -86.02
CA ASP I 429 -28.77 -30.03 -86.52
C ASP I 429 -29.59 -31.13 -85.86
N GLN I 430 -29.26 -32.39 -86.12
CA GLN I 430 -30.12 -33.49 -85.71
C GLN I 430 -29.29 -34.55 -85.00
N ARG I 431 -28.95 -34.29 -83.75
CA ARG I 431 -28.55 -35.39 -82.90
C ARG I 431 -29.19 -35.23 -81.53
N TYR I 432 -29.16 -34.01 -81.02
CA TYR I 432 -29.70 -33.69 -79.72
C TYR I 432 -31.05 -33.02 -79.95
N THR I 433 -32.11 -33.80 -79.80
CA THR I 433 -33.46 -33.32 -79.98
C THR I 433 -34.20 -33.48 -78.67
N ILE I 434 -35.49 -33.19 -78.70
CA ILE I 434 -36.29 -33.05 -77.50
C ILE I 434 -37.39 -34.11 -77.52
N VAL I 435 -37.83 -34.52 -76.34
CA VAL I 435 -39.04 -35.34 -76.22
C VAL I 435 -40.14 -34.43 -75.67
N GLN I 436 -41.29 -34.46 -76.33
CA GLN I 436 -42.25 -33.38 -76.21
C GLN I 436 -43.07 -33.45 -74.91
N GLN I 437 -43.47 -34.64 -74.48
CA GLN I 437 -44.40 -34.76 -73.36
C GLN I 437 -43.72 -35.21 -72.07
N GLN I 438 -42.38 -35.27 -72.05
CA GLN I 438 -41.66 -35.44 -70.81
C GLN I 438 -41.22 -34.13 -70.18
N ILE I 439 -41.46 -33.00 -70.86
CA ILE I 439 -41.10 -31.68 -70.36
C ILE I 439 -42.01 -31.39 -69.17
N PRO I 440 -41.49 -30.80 -68.08
CA PRO I 440 -42.30 -30.50 -66.90
C PRO I 440 -43.40 -29.45 -67.06
N SER I 441 -43.57 -28.85 -68.24
CA SER I 441 -44.51 -27.76 -68.51
C SER I 441 -44.24 -26.49 -67.70
N PHE I 442 -43.04 -26.31 -67.16
CA PHE I 442 -42.56 -24.98 -66.84
C PHE I 442 -41.24 -24.64 -67.51
N LEU I 443 -40.54 -25.59 -68.10
CA LEU I 443 -39.33 -25.30 -68.83
C LEU I 443 -39.59 -25.21 -70.32
N GLN I 444 -40.86 -25.27 -70.73
CA GLN I 444 -41.20 -25.06 -72.13
C GLN I 444 -40.88 -23.64 -72.56
N LYS I 445 -40.92 -22.69 -71.64
CA LYS I 445 -40.60 -21.30 -71.93
C LYS I 445 -39.13 -21.12 -72.31
N MET I 446 -38.25 -21.97 -71.76
CA MET I 446 -36.81 -21.90 -71.94
C MET I 446 -36.27 -23.00 -72.84
N ALA I 447 -37.13 -23.82 -73.43
CA ALA I 447 -36.77 -25.15 -73.92
C ALA I 447 -35.69 -25.12 -75.00
N ASP I 448 -35.85 -24.21 -75.95
CA ASP I 448 -34.86 -24.02 -77.03
C ASP I 448 -33.50 -23.62 -76.47
N LYS I 449 -33.49 -22.65 -75.56
CA LYS I 449 -32.26 -22.18 -74.92
C LYS I 449 -31.61 -23.30 -74.12
N ILE I 450 -32.42 -24.10 -73.42
CA ILE I 450 -31.95 -25.24 -72.63
C ILE I 450 -31.21 -26.22 -73.51
N LEU I 451 -31.75 -26.48 -74.71
CA LEU I 451 -31.11 -27.40 -75.64
C LEU I 451 -29.76 -26.87 -76.12
N SER I 452 -29.75 -25.61 -76.57
CA SER I 452 -28.57 -25.01 -77.19
C SER I 452 -27.40 -24.87 -76.22
N THR I 453 -27.70 -24.57 -74.94
CA THR I 453 -26.67 -24.36 -73.93
C THR I 453 -25.77 -25.58 -73.77
N GLY I 454 -26.37 -26.77 -73.68
CA GLY I 454 -25.57 -27.95 -73.54
C GLY I 454 -25.00 -28.41 -74.87
N LYS I 455 -25.64 -28.02 -75.97
CA LYS I 455 -25.11 -28.40 -77.28
C LYS I 455 -23.74 -27.79 -77.55
N TYR I 456 -23.56 -26.53 -77.11
CA TYR I 456 -22.28 -25.82 -77.31
C TYR I 456 -21.09 -26.55 -76.68
N LEU I 457 -21.32 -27.15 -75.51
CA LEU I 457 -20.21 -27.71 -74.75
C LEU I 457 -19.75 -29.03 -75.35
N ASN I 458 -20.68 -29.80 -75.94
CA ASN I 458 -20.29 -30.95 -76.72
C ASN I 458 -19.50 -30.54 -77.96
N VAL I 459 -19.96 -29.51 -78.66
CA VAL I 459 -19.29 -29.21 -79.92
C VAL I 459 -18.00 -28.41 -79.73
N VAL I 460 -17.65 -28.07 -78.49
CA VAL I 460 -16.28 -27.72 -78.18
C VAL I 460 -15.50 -28.90 -77.58
N ARG I 461 -16.17 -29.79 -76.83
CA ARG I 461 -15.53 -30.99 -76.31
C ARG I 461 -15.21 -32.00 -77.40
N GLU I 462 -15.83 -31.85 -78.57
CA GLU I 462 -15.51 -32.63 -79.76
C GLU I 462 -14.11 -32.32 -80.28
N CYS I 463 -13.69 -31.06 -80.20
CA CYS I 463 -12.32 -30.69 -80.52
C CYS I 463 -11.45 -30.62 -79.27
N GLY I 464 -11.91 -31.21 -78.17
CA GLY I 464 -11.03 -31.53 -77.07
C GLY I 464 -10.88 -30.48 -75.99
N HIS I 465 -11.84 -29.57 -75.85
CA HIS I 465 -11.78 -28.57 -74.79
C HIS I 465 -13.00 -28.71 -73.90
N ASP I 466 -12.76 -28.85 -72.59
CA ASP I 466 -13.77 -29.05 -71.58
C ASP I 466 -13.77 -27.86 -70.62
N VAL I 467 -14.97 -27.37 -70.27
CA VAL I 467 -15.16 -26.11 -69.54
C VAL I 467 -16.27 -26.36 -68.50
N THR I 468 -16.17 -25.67 -67.35
CA THR I 468 -17.18 -25.70 -66.30
C THR I 468 -17.75 -24.29 -66.13
N CYS I 469 -18.97 -24.19 -65.59
CA CYS I 469 -19.51 -22.90 -65.18
C CYS I 469 -18.61 -22.23 -64.13
N PRO I 470 -18.47 -20.91 -64.17
CA PRO I 470 -17.59 -20.24 -63.20
C PRO I 470 -18.22 -20.11 -61.82
N VAL I 471 -19.54 -19.92 -61.77
CA VAL I 471 -20.25 -19.86 -60.49
C VAL I 471 -21.37 -20.89 -60.52
N ALA I 472 -21.44 -21.70 -59.47
CA ALA I 472 -22.47 -22.72 -59.37
C ALA I 472 -23.52 -22.26 -58.37
N LYS I 473 -24.75 -22.11 -58.85
CA LYS I 473 -25.90 -21.83 -58.00
C LYS I 473 -26.89 -22.96 -58.21
N GLU I 474 -27.31 -23.58 -57.11
CA GLU I 474 -28.13 -24.77 -57.17
C GLU I 474 -29.59 -24.39 -57.32
N ILE I 475 -30.28 -25.12 -58.17
CA ILE I 475 -31.52 -24.68 -58.79
C ILE I 475 -32.67 -25.47 -58.20
N ILE I 476 -33.69 -24.75 -57.69
CA ILE I 476 -34.80 -25.37 -56.98
C ILE I 476 -36.10 -24.77 -57.50
N TYR I 477 -37.21 -25.45 -57.19
CA TYR I 477 -38.50 -25.03 -57.71
C TYR I 477 -39.03 -23.80 -56.97
N THR I 478 -39.69 -22.91 -57.72
CA THR I 478 -40.31 -21.72 -57.17
C THR I 478 -41.68 -21.52 -57.82
N LEU I 479 -42.65 -21.09 -57.01
CA LEU I 479 -44.06 -21.03 -57.41
C LEU I 479 -44.49 -19.58 -57.60
N LYS I 480 -45.08 -19.28 -58.77
CA LYS I 480 -45.56 -17.93 -59.16
C LYS I 480 -44.43 -16.91 -59.10
N GLU I 481 -43.23 -17.40 -59.36
CA GLU I 481 -41.93 -16.74 -59.24
C GLU I 481 -40.98 -17.80 -59.76
N ARG I 482 -39.86 -17.40 -60.34
CA ARG I 482 -38.96 -18.38 -60.93
C ARG I 482 -37.55 -18.01 -60.55
N ALA I 483 -36.86 -18.91 -59.86
CA ALA I 483 -35.45 -18.73 -59.58
C ALA I 483 -34.57 -19.39 -60.63
N TYR I 484 -35.12 -20.32 -61.40
CA TYR I 484 -34.30 -21.08 -62.32
C TYR I 484 -33.98 -20.29 -63.58
N VAL I 485 -34.87 -19.37 -63.95
CA VAL I 485 -34.82 -18.67 -65.24
C VAL I 485 -33.53 -17.87 -65.37
N GLU I 486 -33.21 -17.11 -64.33
CA GLU I 486 -32.02 -16.27 -64.30
C GLU I 486 -30.75 -17.10 -64.40
N GLN I 487 -30.76 -18.27 -63.76
CA GLN I 487 -29.59 -19.13 -63.78
C GLN I 487 -29.39 -19.77 -65.15
N ILE I 488 -30.49 -20.16 -65.81
CA ILE I 488 -30.40 -20.72 -67.15
C ILE I 488 -29.82 -19.70 -68.13
N GLU I 489 -30.25 -18.44 -68.00
CA GLU I 489 -29.69 -17.39 -68.86
C GLU I 489 -28.21 -17.15 -68.59
N LYS I 490 -27.83 -17.13 -67.30
CA LYS I 490 -26.46 -16.83 -66.91
C LYS I 490 -25.50 -17.93 -67.37
N ALA I 491 -25.99 -19.17 -67.44
CA ALA I 491 -25.14 -20.23 -67.99
C ALA I 491 -25.11 -20.18 -69.52
N PHE I 492 -26.26 -19.86 -70.13
CA PHE I 492 -26.42 -19.87 -71.57
C PHE I 492 -25.47 -18.90 -72.27
N ASN I 493 -25.39 -17.67 -71.75
CA ASN I 493 -24.54 -16.66 -72.38
C ASN I 493 -23.07 -17.06 -72.34
N TYR I 494 -22.63 -17.59 -71.20
CA TYR I 494 -21.26 -18.01 -71.03
C TYR I 494 -20.89 -19.16 -71.95
N ALA I 495 -21.82 -20.10 -72.12
CA ALA I 495 -21.59 -21.25 -73.00
C ALA I 495 -21.36 -20.79 -74.44
N SER I 496 -22.24 -19.88 -74.92
CA SER I 496 -22.11 -19.35 -76.27
C SER I 496 -20.79 -18.61 -76.46
N LYS I 497 -20.39 -17.82 -75.44
CA LYS I 497 -19.16 -17.03 -75.55
C LYS I 497 -17.93 -17.93 -75.60
N VAL I 498 -17.89 -18.97 -74.76
CA VAL I 498 -16.72 -19.86 -74.70
C VAL I 498 -16.57 -20.60 -76.02
N LEU I 499 -17.68 -21.13 -76.55
CA LEU I 499 -17.59 -21.89 -77.80
C LEU I 499 -17.17 -20.99 -78.94
N LEU I 500 -17.82 -19.82 -79.08
CA LEU I 500 -17.52 -18.93 -80.19
C LEU I 500 -16.10 -18.37 -80.11
N ASP I 501 -15.62 -18.07 -78.90
CA ASP I 501 -14.24 -17.60 -78.75
C ASP I 501 -13.25 -18.69 -79.09
N PHE I 502 -13.55 -19.94 -78.76
CA PHE I 502 -12.65 -21.03 -79.10
C PHE I 502 -12.59 -21.26 -80.60
N LEU I 503 -13.72 -21.15 -81.29
CA LEU I 503 -13.73 -21.47 -82.72
C LEU I 503 -12.95 -20.45 -83.55
N MET I 504 -12.85 -19.20 -83.09
CA MET I 504 -12.20 -18.16 -83.88
C MET I 504 -10.70 -18.03 -83.62
N GLU I 505 -10.15 -18.80 -82.69
CA GLU I 505 -8.71 -18.78 -82.46
C GLU I 505 -8.03 -20.04 -82.94
N GLU I 506 -8.57 -21.19 -82.56
CA GLU I 506 -8.08 -22.49 -82.99
C GLU I 506 -9.05 -23.07 -84.01
N LYS I 507 -8.50 -23.56 -85.12
CA LYS I 507 -9.25 -24.01 -86.32
C LYS I 507 -10.19 -22.90 -86.80
N GLU I 508 -9.60 -21.74 -87.10
CA GLU I 508 -10.35 -20.51 -87.25
C GLU I 508 -11.12 -20.48 -88.57
N LEU I 509 -12.26 -19.78 -88.54
CA LEU I 509 -13.16 -19.64 -89.67
C LEU I 509 -12.72 -18.49 -90.57
N VAL I 510 -12.03 -17.52 -89.99
CA VAL I 510 -11.65 -16.30 -90.69
C VAL I 510 -10.66 -16.60 -91.81
N ALA I 511 -9.61 -17.38 -91.50
CA ALA I 511 -8.64 -17.78 -92.51
C ALA I 511 -9.26 -18.73 -93.52
N HIS I 512 -10.24 -19.53 -93.07
CA HIS I 512 -10.95 -20.44 -93.96
C HIS I 512 -11.70 -19.69 -95.06
N LEU I 513 -12.36 -18.59 -94.70
CA LEU I 513 -13.06 -17.81 -95.71
C LEU I 513 -12.08 -16.99 -96.56
N ARG I 514 -10.98 -16.53 -95.95
CA ARG I 514 -10.03 -15.74 -96.73
C ARG I 514 -9.31 -16.58 -97.77
N SER I 515 -9.00 -17.84 -97.45
CA SER I 515 -8.34 -18.72 -98.41
C SER I 515 -9.30 -19.30 -99.45
N ILE I 516 -10.57 -18.90 -99.43
CA ILE I 516 -11.47 -19.13 -100.55
C ILE I 516 -11.63 -17.87 -101.38
N LYS I 517 -11.75 -16.72 -100.69
CA LYS I 517 -11.82 -15.43 -101.36
C LYS I 517 -10.56 -15.14 -102.17
N ARG I 518 -9.40 -15.63 -101.71
CA ARG I 518 -8.12 -15.33 -102.33
C ARG I 518 -8.01 -15.90 -103.74
N TYR I 519 -8.82 -16.90 -104.07
CA TYR I 519 -8.72 -17.64 -105.31
C TYR I 519 -9.98 -17.62 -106.15
N PHE I 520 -11.15 -17.73 -105.51
CA PHE I 520 -12.40 -17.88 -106.27
C PHE I 520 -12.98 -16.52 -106.60
N LEU I 521 -13.07 -15.66 -105.59
CA LEU I 521 -13.24 -14.22 -105.76
C LEU I 521 -11.95 -13.56 -106.27
N MET I 522 -10.86 -14.33 -106.32
CA MET I 522 -9.66 -14.22 -107.14
C MET I 522 -8.59 -13.18 -106.78
N ASP I 523 -8.29 -12.99 -105.48
CA ASP I 523 -7.38 -11.92 -105.00
C ASP I 523 -5.98 -11.99 -105.60
N GLN I 524 -5.62 -13.13 -106.17
CA GLN I 524 -4.41 -13.29 -106.96
C GLN I 524 -4.82 -13.42 -108.42
N GLY I 525 -4.33 -12.53 -109.25
CA GLY I 525 -4.39 -12.74 -110.68
C GLY I 525 -3.12 -13.41 -111.14
N ASP I 526 -2.00 -13.09 -110.45
CA ASP I 526 -0.66 -13.58 -110.79
C ASP I 526 -0.59 -15.09 -110.88
N PHE I 527 -1.20 -15.76 -109.89
CA PHE I 527 -1.38 -17.20 -109.84
C PHE I 527 -2.00 -17.72 -111.14
N PHE I 528 -3.11 -17.11 -111.55
CA PHE I 528 -3.78 -17.55 -112.76
C PHE I 528 -3.00 -17.14 -114.01
N VAL I 529 -2.29 -16.01 -113.97
CA VAL I 529 -1.52 -15.54 -115.13
C VAL I 529 -0.40 -16.51 -115.47
N HIS I 530 0.25 -17.07 -114.46
CA HIS I 530 1.22 -18.13 -114.74
C HIS I 530 0.51 -19.44 -115.11
N PHE I 531 -0.42 -19.88 -114.26
CA PHE I 531 -0.94 -21.25 -114.33
C PHE I 531 -1.79 -21.48 -115.57
N MET I 532 -2.59 -20.49 -115.96
CA MET I 532 -3.49 -20.66 -117.09
C MET I 532 -2.71 -20.77 -118.40
N ASP I 533 -1.67 -19.96 -118.54
CA ASP I 533 -0.77 -20.08 -119.68
C ASP I 533 -0.09 -21.44 -119.68
N LEU I 534 0.39 -21.88 -118.52
CA LEU I 534 1.09 -23.16 -118.49
C LEU I 534 0.16 -24.37 -118.47
N ALA I 535 -1.16 -24.16 -118.43
CA ALA I 535 -2.12 -25.25 -118.30
C ALA I 535 -3.13 -25.35 -119.44
N GLU I 536 -3.27 -24.30 -120.24
CA GLU I 536 -4.37 -24.18 -121.21
C GLU I 536 -4.38 -25.30 -122.23
N GLU I 537 -3.19 -25.70 -122.70
CA GLU I 537 -3.09 -26.73 -123.74
C GLU I 537 -3.55 -28.09 -123.22
N GLU I 538 -3.35 -28.35 -121.93
CA GLU I 538 -3.79 -29.61 -121.37
C GLU I 538 -5.27 -29.56 -121.00
N LEU I 539 -5.72 -28.40 -120.49
CA LEU I 539 -7.13 -28.23 -120.15
C LEU I 539 -8.03 -28.32 -121.37
N ARG I 540 -7.52 -27.87 -122.51
CA ARG I 540 -8.28 -27.83 -123.77
C ARG I 540 -8.67 -29.22 -124.25
N LYS I 541 -7.98 -30.25 -123.81
CA LYS I 541 -8.20 -31.61 -124.24
C LYS I 541 -9.46 -32.20 -123.58
N PRO I 542 -10.14 -33.14 -124.25
CA PRO I 542 -11.39 -33.69 -123.73
C PRO I 542 -11.21 -34.60 -122.52
N VAL I 543 -12.34 -35.22 -122.14
CA VAL I 543 -12.41 -36.08 -120.97
C VAL I 543 -11.58 -37.34 -121.20
N GLU I 544 -11.02 -37.86 -120.11
CA GLU I 544 -10.24 -39.09 -120.06
C GLU I 544 -9.01 -39.02 -120.98
N ASP I 545 -8.51 -37.80 -121.16
CA ASP I 545 -7.31 -37.49 -121.91
C ASP I 545 -6.51 -36.54 -121.05
N ILE I 546 -7.09 -36.19 -119.90
CA ILE I 546 -6.49 -35.34 -118.89
C ILE I 546 -6.36 -36.16 -117.60
N THR I 547 -5.39 -35.78 -116.75
CA THR I 547 -5.28 -36.49 -115.48
C THR I 547 -4.84 -35.55 -114.37
N PRO I 548 -5.41 -35.68 -113.18
CA PRO I 548 -5.12 -34.75 -112.07
C PRO I 548 -3.66 -34.69 -111.60
N PRO I 549 -2.82 -35.76 -111.67
CA PRO I 549 -1.42 -35.57 -111.22
C PRO I 549 -0.61 -34.56 -112.01
N ARG I 550 -0.76 -34.54 -113.34
CA ARG I 550 -0.05 -33.58 -114.18
C ARG I 550 -0.44 -32.15 -113.83
N LEU I 551 -1.76 -31.89 -113.79
CA LEU I 551 -2.26 -30.55 -113.55
C LEU I 551 -2.02 -30.14 -112.12
N GLU I 552 -2.03 -31.12 -111.21
CA GLU I 552 -1.77 -30.86 -109.80
C GLU I 552 -0.32 -30.50 -109.57
N ALA I 553 0.61 -31.14 -110.30
CA ALA I 553 2.02 -30.78 -110.18
C ALA I 553 2.28 -29.37 -110.73
N LEU I 554 1.65 -29.05 -111.86
CA LEU I 554 1.75 -27.69 -112.38
C LEU I 554 1.10 -26.69 -111.42
N LEU I 555 0.03 -27.11 -110.74
CA LEU I 555 -0.65 -26.23 -109.78
C LEU I 555 0.21 -25.98 -108.55
N GLU I 556 0.87 -27.02 -108.05
CA GLU I 556 1.80 -26.87 -106.92
C GLU I 556 2.96 -25.96 -107.28
N LEU I 557 3.54 -26.18 -108.48
CA LEU I 557 4.66 -25.36 -108.93
C LEU I 557 4.24 -23.90 -109.09
N ALA I 558 3.09 -23.68 -109.72
CA ALA I 558 2.63 -22.31 -109.92
C ALA I 558 2.27 -21.65 -108.60
N LEU I 559 1.66 -22.40 -107.68
CA LEU I 559 1.22 -21.83 -106.40
C LEU I 559 2.41 -21.43 -105.54
N ARG I 560 3.45 -22.26 -105.50
CA ARG I 560 4.61 -21.89 -104.71
C ARG I 560 5.45 -20.83 -105.42
N MET I 561 5.55 -20.95 -106.75
CA MET I 561 6.25 -19.95 -107.55
C MET I 561 5.51 -18.62 -107.52
N SER I 562 4.18 -18.64 -107.58
CA SER I 562 3.46 -17.40 -107.36
C SER I 562 3.50 -17.01 -105.89
N THR I 563 2.84 -15.89 -105.60
CA THR I 563 3.07 -15.20 -104.34
C THR I 563 1.83 -15.18 -103.47
N ALA I 564 0.92 -16.14 -103.69
CA ALA I 564 -0.06 -16.59 -102.70
C ALA I 564 0.60 -17.32 -101.54
N ASN I 565 1.92 -17.55 -101.60
CA ASN I 565 2.70 -18.04 -100.49
C ASN I 565 2.81 -16.92 -99.46
N THR I 566 1.81 -16.85 -98.60
CA THR I 566 1.81 -15.93 -97.48
C THR I 566 1.38 -16.70 -96.25
N ASP I 567 0.58 -17.74 -96.45
CA ASP I 567 -0.14 -18.44 -95.40
C ASP I 567 -0.29 -19.90 -95.79
N PRO I 568 -0.27 -20.83 -94.83
CA PRO I 568 -0.24 -22.26 -95.18
C PRO I 568 -1.58 -22.87 -95.55
N PHE I 569 -2.66 -22.11 -95.54
CA PHE I 569 -3.98 -22.61 -95.91
C PHE I 569 -4.23 -22.46 -97.39
N LYS I 570 -3.17 -22.24 -98.16
CA LYS I 570 -3.19 -22.24 -99.61
C LYS I 570 -2.99 -23.62 -100.19
N ASP I 571 -2.57 -24.59 -99.38
CA ASP I 571 -2.29 -25.94 -99.83
C ASP I 571 -3.50 -26.85 -99.70
N ASP I 572 -4.68 -26.29 -99.46
CA ASP I 572 -5.90 -27.06 -99.35
C ASP I 572 -6.61 -27.25 -100.69
N LEU I 573 -6.14 -26.59 -101.75
CA LEU I 573 -6.78 -26.69 -103.06
C LEU I 573 -6.28 -27.93 -103.79
N LYS I 574 -7.20 -28.85 -104.05
CA LYS I 574 -6.91 -30.04 -104.82
C LYS I 574 -7.84 -30.07 -106.03
N ILE I 575 -7.39 -30.70 -107.10
CA ILE I 575 -8.07 -30.61 -108.38
C ILE I 575 -9.05 -31.77 -108.53
N ASP I 576 -10.30 -31.45 -108.88
CA ASP I 576 -11.28 -32.43 -109.31
C ASP I 576 -12.07 -31.83 -110.48
N LEU I 577 -13.18 -32.49 -110.84
CA LEU I 577 -13.95 -32.08 -111.99
C LEU I 577 -15.39 -32.53 -111.85
N MET I 578 -16.31 -31.68 -112.31
CA MET I 578 -17.71 -32.04 -112.44
C MET I 578 -18.08 -31.98 -113.91
N PRO I 579 -18.38 -33.12 -114.56
CA PRO I 579 -18.64 -33.10 -116.01
C PRO I 579 -20.03 -32.62 -116.40
N HIS I 580 -20.92 -32.39 -115.44
CA HIS I 580 -22.33 -32.12 -115.73
C HIS I 580 -22.66 -30.63 -115.79
N ASP I 581 -21.82 -29.84 -116.43
CA ASP I 581 -21.32 -28.50 -116.04
C ASP I 581 -22.37 -27.66 -115.31
N LEU I 582 -23.38 -27.13 -115.99
CA LEU I 582 -24.30 -26.26 -115.26
C LEU I 582 -25.65 -26.89 -115.04
N ILE I 583 -25.81 -28.14 -115.50
CA ILE I 583 -27.06 -28.87 -115.30
C ILE I 583 -27.31 -29.12 -113.81
N THR I 584 -26.23 -29.39 -113.06
CA THR I 584 -26.30 -29.64 -111.62
C THR I 584 -26.78 -28.44 -110.82
N GLN I 585 -26.63 -27.23 -111.32
CA GLN I 585 -27.18 -26.10 -110.61
C GLN I 585 -28.70 -26.11 -110.79
N LEU I 586 -29.43 -26.32 -109.70
CA LEU I 586 -30.89 -26.26 -109.74
C LEU I 586 -31.41 -25.48 -108.54
N GLU I 607 -19.58 -29.41 -120.98
CA GLU I 607 -19.88 -30.46 -121.96
C GLU I 607 -19.16 -31.76 -121.52
N LEU I 608 -19.18 -32.79 -122.38
CA LEU I 608 -18.43 -34.01 -122.18
C LEU I 608 -17.13 -34.05 -122.96
N ALA I 609 -17.00 -33.26 -124.02
CA ALA I 609 -15.73 -33.07 -124.70
C ALA I 609 -15.08 -31.75 -124.33
N LEU I 610 -15.78 -30.88 -123.60
CA LEU I 610 -15.18 -29.72 -122.94
C LEU I 610 -15.13 -30.04 -121.46
N SER I 611 -13.99 -30.57 -121.04
CA SER I 611 -13.74 -31.00 -119.68
C SER I 611 -12.36 -30.52 -119.31
N GLY I 612 -12.23 -29.94 -118.12
CA GLY I 612 -11.12 -29.09 -117.83
C GLY I 612 -11.33 -27.66 -118.27
N LEU I 613 -12.43 -27.40 -118.99
CA LEU I 613 -12.90 -26.05 -119.25
C LEU I 613 -14.28 -25.83 -118.65
N GLU I 614 -15.25 -26.67 -118.98
CA GLU I 614 -16.54 -26.74 -118.31
C GLU I 614 -16.59 -27.90 -117.33
N ALA I 615 -15.43 -28.43 -116.95
CA ALA I 615 -15.32 -29.37 -115.84
C ALA I 615 -14.09 -29.00 -115.01
N PHE I 616 -13.97 -27.74 -114.62
CA PHE I 616 -12.81 -27.30 -113.86
C PHE I 616 -13.26 -26.79 -112.50
N SER I 617 -12.70 -27.36 -111.43
CA SER I 617 -13.06 -26.99 -110.08
C SER I 617 -11.94 -27.39 -109.14
N PHE I 618 -11.96 -26.80 -107.95
CA PHE I 618 -11.03 -27.13 -106.88
C PHE I 618 -11.82 -27.64 -105.68
N ASP I 619 -11.37 -28.75 -105.11
CA ASP I 619 -11.91 -29.23 -103.84
C ASP I 619 -11.10 -28.62 -102.71
N TYR I 620 -11.79 -27.93 -101.80
CA TYR I 620 -11.17 -27.30 -100.65
C TYR I 620 -11.56 -28.09 -99.42
N ILE I 621 -10.57 -28.54 -98.66
CA ILE I 621 -10.84 -29.45 -97.55
C ILE I 621 -11.28 -28.67 -96.33
N VAL I 622 -12.16 -29.30 -95.55
CA VAL I 622 -12.93 -28.73 -94.46
C VAL I 622 -12.16 -28.87 -93.14
N LYS I 623 -12.57 -28.15 -92.10
CA LYS I 623 -12.06 -28.33 -90.76
C LYS I 623 -13.16 -28.83 -89.83
N TRP I 624 -12.75 -29.18 -88.62
CA TRP I 624 -13.63 -30.00 -87.78
C TRP I 624 -14.80 -29.29 -87.12
N PRO I 625 -14.68 -28.08 -86.54
CA PRO I 625 -15.91 -27.36 -86.22
C PRO I 625 -16.57 -26.80 -87.45
N LEU I 626 -15.79 -26.59 -88.51
CA LEU I 626 -16.28 -25.97 -89.72
C LEU I 626 -16.90 -26.97 -90.67
N SER I 627 -17.02 -28.23 -90.26
CA SER I 627 -17.87 -29.18 -90.96
C SER I 627 -19.34 -28.94 -90.65
N LEU I 628 -19.62 -28.31 -89.52
CA LEU I 628 -20.96 -27.84 -89.18
C LEU I 628 -21.19 -26.41 -89.63
N ILE I 629 -20.17 -25.76 -90.20
CA ILE I 629 -20.35 -24.44 -90.79
C ILE I 629 -20.34 -24.60 -92.31
N ILE I 630 -19.23 -25.05 -92.88
CA ILE I 630 -19.14 -25.27 -94.32
C ILE I 630 -19.27 -26.76 -94.59
N ASN I 631 -20.22 -27.12 -95.43
CA ASN I 631 -20.49 -28.53 -95.68
C ASN I 631 -20.60 -28.70 -97.19
N ARG I 632 -21.20 -29.83 -97.61
CA ARG I 632 -21.31 -30.21 -99.01
C ARG I 632 -21.94 -29.11 -99.85
N LYS I 633 -23.05 -28.55 -99.37
CA LYS I 633 -23.82 -27.61 -100.16
C LYS I 633 -23.03 -26.33 -100.42
N ALA I 634 -22.37 -25.80 -99.37
CA ALA I 634 -21.61 -24.57 -99.50
C ALA I 634 -20.38 -24.77 -100.35
N LEU I 635 -19.70 -25.91 -100.16
CA LEU I 635 -18.53 -26.28 -100.95
C LEU I 635 -18.85 -26.37 -102.44
N THR I 636 -19.97 -27.02 -102.75
CA THR I 636 -20.45 -27.12 -104.13
C THR I 636 -20.77 -25.74 -104.70
N ARG I 637 -21.33 -24.85 -103.87
CA ARG I 637 -21.62 -23.50 -104.34
C ARG I 637 -20.34 -22.69 -104.58
N TYR I 638 -19.32 -22.90 -103.73
CA TYR I 638 -18.04 -22.23 -103.93
C TYR I 638 -17.37 -22.69 -105.20
N GLN I 639 -17.56 -23.96 -105.56
CA GLN I 639 -17.03 -24.44 -106.83
C GLN I 639 -17.78 -23.84 -108.01
N MET I 640 -19.11 -23.82 -107.96
CA MET I 640 -19.87 -23.35 -109.11
C MET I 640 -19.89 -21.83 -109.24
N LEU I 641 -19.45 -21.12 -108.21
CA LEU I 641 -19.16 -19.70 -108.39
C LEU I 641 -17.92 -19.52 -109.24
N PHE I 642 -16.83 -20.18 -108.83
CA PHE I 642 -15.55 -20.06 -109.52
C PHE I 642 -15.63 -20.54 -110.96
N ARG I 643 -16.45 -21.55 -111.21
CA ARG I 643 -16.61 -22.05 -112.57
C ARG I 643 -17.31 -21.03 -113.46
N HIS I 644 -18.33 -20.36 -112.92
CA HIS I 644 -19.03 -19.33 -113.68
C HIS I 644 -18.13 -18.13 -113.94
N MET I 645 -17.27 -17.79 -112.97
CA MET I 645 -16.33 -16.70 -113.19
C MET I 645 -15.19 -17.12 -114.11
N PHE I 646 -14.92 -18.41 -114.19
CA PHE I 646 -13.81 -18.94 -114.97
C PHE I 646 -14.01 -18.73 -116.46
N TYR I 647 -15.27 -18.72 -116.90
CA TYR I 647 -15.56 -18.48 -118.31
C TYR I 647 -15.25 -17.03 -118.69
N CYS I 648 -15.58 -16.10 -117.81
CA CYS I 648 -15.21 -14.70 -118.00
C CYS I 648 -13.71 -14.52 -117.96
N LYS I 649 -13.03 -15.31 -117.15
CA LYS I 649 -11.56 -15.27 -117.16
C LYS I 649 -10.99 -15.84 -118.46
N HIS I 650 -11.67 -16.83 -119.04
CA HIS I 650 -11.14 -17.60 -120.16
C HIS I 650 -11.31 -16.87 -121.51
N VAL I 651 -12.52 -16.34 -121.75
CA VAL I 651 -12.76 -15.67 -123.02
C VAL I 651 -12.00 -14.36 -123.10
N GLU I 652 -11.60 -13.83 -121.94
CA GLU I 652 -10.79 -12.63 -121.86
C GLU I 652 -9.43 -12.84 -122.51
N ARG I 653 -8.70 -13.88 -122.08
CA ARG I 653 -7.38 -14.12 -122.66
C ARG I 653 -7.50 -14.60 -124.10
N GLN I 654 -8.62 -15.26 -124.44
CA GLN I 654 -8.89 -15.56 -125.85
C GLN I 654 -9.00 -14.28 -126.68
N LEU I 655 -9.68 -13.26 -126.16
CA LEU I 655 -9.83 -12.02 -126.90
C LEU I 655 -8.51 -11.25 -126.95
N CYS I 656 -7.69 -11.40 -125.91
CA CYS I 656 -6.41 -10.70 -125.90
C CYS I 656 -5.43 -11.28 -126.91
N SER I 657 -5.45 -12.60 -127.09
CA SER I 657 -4.40 -13.22 -127.89
C SER I 657 -4.55 -12.95 -129.39
N VAL I 658 -5.78 -12.74 -129.88
CA VAL I 658 -5.96 -12.50 -131.32
C VAL I 658 -5.46 -11.11 -131.71
N TRP I 659 -5.43 -10.19 -130.74
CA TRP I 659 -5.14 -8.79 -131.02
C TRP I 659 -3.67 -8.56 -131.33
N ILE I 660 -2.79 -9.36 -130.75
CA ILE I 660 -1.35 -9.13 -130.86
C ILE I 660 -0.86 -9.55 -132.23
N SER I 661 -1.70 -10.26 -132.99
CA SER I 661 -1.37 -10.69 -134.34
C SER I 661 -1.49 -9.59 -135.39
N ASN I 662 -1.81 -8.36 -135.00
CA ASN I 662 -1.89 -7.27 -135.97
C ASN I 662 -1.28 -6.00 -135.40
N LYS I 663 -0.31 -5.44 -136.11
CA LYS I 663 0.38 -4.21 -135.73
C LYS I 663 1.11 -3.60 -136.93
N GLN I 674 -4.65 0.02 -145.05
CA GLN I 674 -4.33 -1.30 -144.50
C GLN I 674 -5.53 -1.64 -143.61
N TRP I 675 -5.41 -2.66 -142.72
CA TRP I 675 -6.32 -3.79 -142.42
C TRP I 675 -7.83 -3.54 -142.31
N PHE I 676 -8.61 -4.60 -142.09
CA PHE I 676 -10.06 -4.47 -141.99
C PHE I 676 -10.43 -3.94 -140.62
N ALA I 677 -11.10 -2.78 -140.60
CA ALA I 677 -11.47 -2.13 -139.35
C ALA I 677 -12.81 -2.62 -138.81
N GLY I 678 -13.62 -3.30 -139.63
CA GLY I 678 -14.92 -3.75 -139.18
C GLY I 678 -14.85 -4.84 -138.14
N ALA I 679 -13.85 -5.72 -138.26
CA ALA I 679 -13.62 -6.73 -137.24
C ALA I 679 -13.12 -6.12 -135.93
N PHE I 680 -12.44 -4.98 -136.02
CA PHE I 680 -11.82 -4.37 -134.83
C PHE I 680 -12.87 -3.83 -133.89
N THR I 681 -13.97 -3.29 -134.46
CA THR I 681 -15.09 -2.81 -133.67
C THR I 681 -15.75 -3.93 -132.89
N LEU I 682 -15.97 -5.08 -133.55
CA LEU I 682 -16.59 -6.24 -132.89
C LEU I 682 -15.70 -6.76 -131.78
N ARG I 683 -14.39 -6.81 -132.04
CA ARG I 683 -13.41 -7.22 -131.04
C ARG I 683 -13.46 -6.31 -129.81
N GLN I 684 -13.46 -4.99 -130.04
CA GLN I 684 -13.43 -4.04 -128.92
C GLN I 684 -14.73 -4.06 -128.13
N ARG I 685 -15.88 -4.20 -128.81
CA ARG I 685 -17.15 -4.20 -128.09
C ARG I 685 -17.33 -5.46 -127.25
N MET I 686 -16.92 -6.63 -127.79
CA MET I 686 -16.98 -7.88 -127.02
C MET I 686 -16.08 -7.80 -125.78
N LEU I 687 -14.86 -7.28 -125.98
CA LEU I 687 -13.90 -7.15 -124.88
C LEU I 687 -14.43 -6.22 -123.79
N ASN I 688 -15.06 -5.11 -124.20
CA ASN I 688 -15.61 -4.16 -123.25
C ASN I 688 -16.75 -4.76 -122.44
N PHE I 689 -17.60 -5.56 -123.10
CA PHE I 689 -18.69 -6.22 -122.38
C PHE I 689 -18.17 -7.17 -121.30
N VAL I 690 -17.19 -8.01 -121.67
CA VAL I 690 -16.67 -9.00 -120.73
C VAL I 690 -16.00 -8.34 -119.53
N GLN I 691 -15.22 -7.28 -119.79
CA GLN I 691 -14.51 -6.62 -118.70
C GLN I 691 -15.47 -5.88 -117.77
N ASN I 692 -16.56 -5.34 -118.34
CA ASN I 692 -17.59 -4.71 -117.50
C ASN I 692 -18.31 -5.74 -116.62
N ILE I 693 -18.56 -6.94 -117.14
CA ILE I 693 -19.20 -7.99 -116.33
C ILE I 693 -18.32 -8.37 -115.14
N GLN I 694 -17.02 -8.55 -115.42
CA GLN I 694 -16.06 -8.90 -114.37
C GLN I 694 -15.99 -7.83 -113.29
N TYR I 695 -15.84 -6.56 -113.69
CA TYR I 695 -15.70 -5.47 -112.72
C TYR I 695 -16.98 -5.25 -111.92
N TYR I 696 -18.14 -5.44 -112.58
CA TYR I 696 -19.43 -5.40 -111.91
C TYR I 696 -19.47 -6.36 -110.73
N MET I 697 -19.16 -7.64 -111.00
CA MET I 697 -19.20 -8.64 -109.94
C MET I 697 -18.17 -8.36 -108.86
N MET I 698 -16.96 -7.91 -109.26
CA MET I 698 -15.88 -7.73 -108.29
C MET I 698 -16.19 -6.62 -107.29
N PHE I 699 -16.58 -5.44 -107.77
CA PHE I 699 -16.67 -4.30 -106.88
C PHE I 699 -18.10 -3.82 -106.66
N GLU I 700 -19.08 -4.63 -107.03
CA GLU I 700 -20.46 -4.40 -106.65
C GLU I 700 -20.93 -5.28 -105.52
N VAL I 701 -20.78 -6.59 -105.68
CA VAL I 701 -21.38 -7.59 -104.83
C VAL I 701 -20.34 -8.21 -103.93
N MET I 702 -19.27 -8.73 -104.54
CA MET I 702 -18.42 -9.71 -103.88
C MET I 702 -17.58 -9.05 -102.80
N GLU I 703 -16.91 -7.95 -103.14
CA GLU I 703 -16.14 -7.23 -102.13
C GLU I 703 -16.97 -6.43 -101.12
N PRO I 704 -18.06 -5.72 -101.48
CA PRO I 704 -18.84 -5.05 -100.41
C PRO I 704 -19.48 -6.00 -99.42
N THR I 705 -20.07 -7.09 -99.89
CA THR I 705 -20.67 -8.03 -98.94
C THR I 705 -19.59 -8.82 -98.20
N TRP I 706 -18.40 -8.91 -98.76
CA TRP I 706 -17.29 -9.42 -97.97
C TRP I 706 -16.96 -8.49 -96.80
N HIS I 707 -17.01 -7.18 -97.07
CA HIS I 707 -16.83 -6.17 -96.03
C HIS I 707 -17.97 -6.20 -95.01
N ILE I 708 -19.18 -6.58 -95.41
CA ILE I 708 -20.26 -6.70 -94.41
C ILE I 708 -20.11 -7.97 -93.60
N LEU I 709 -19.54 -9.02 -94.21
CA LEU I 709 -19.37 -10.28 -93.50
C LEU I 709 -18.30 -10.13 -92.42
N GLU I 710 -17.27 -9.35 -92.72
CA GLU I 710 -16.22 -9.04 -91.76
C GLU I 710 -16.71 -8.22 -90.58
N LYS I 711 -17.82 -7.50 -90.72
CA LYS I 711 -18.44 -6.81 -89.61
C LYS I 711 -19.40 -7.71 -88.85
N ASN I 712 -20.14 -8.55 -89.59
CA ASN I 712 -21.13 -9.44 -88.99
C ASN I 712 -20.47 -10.46 -88.08
N LEU I 713 -19.37 -11.03 -88.52
CA LEU I 713 -18.67 -12.02 -87.71
C LEU I 713 -17.85 -11.39 -86.59
N LYS I 714 -17.68 -10.07 -86.59
CA LYS I 714 -17.08 -9.33 -85.50
C LYS I 714 -18.13 -8.98 -84.44
N SER I 715 -19.40 -9.23 -84.73
CA SER I 715 -20.49 -8.92 -83.82
C SER I 715 -21.28 -10.15 -83.40
N ALA I 716 -20.91 -11.35 -83.84
CA ALA I 716 -21.66 -12.55 -83.51
C ALA I 716 -21.55 -12.86 -82.03
N SER I 717 -22.67 -13.29 -81.45
CA SER I 717 -22.72 -13.66 -80.03
C SER I 717 -23.04 -15.13 -79.82
N ASN I 718 -23.41 -15.85 -80.87
CA ASN I 718 -23.63 -17.28 -80.79
C ASN I 718 -23.44 -17.88 -82.18
N ILE I 719 -23.74 -19.17 -82.28
CA ILE I 719 -23.47 -19.93 -83.51
C ILE I 719 -24.73 -19.88 -84.37
N ASP I 720 -25.76 -19.22 -83.88
CA ASP I 720 -26.89 -18.94 -84.74
C ASP I 720 -26.74 -17.62 -85.48
N ASP I 721 -25.85 -16.74 -85.04
CA ASP I 721 -25.50 -15.56 -85.82
C ASP I 721 -24.51 -15.89 -86.92
N VAL I 722 -23.53 -16.74 -86.61
CA VAL I 722 -22.48 -17.11 -87.54
C VAL I 722 -23.06 -17.80 -88.76
N LEU I 723 -23.97 -18.75 -88.53
CA LEU I 723 -24.66 -19.43 -89.61
C LEU I 723 -25.51 -18.46 -90.43
N GLY I 724 -26.15 -17.50 -89.75
CA GLY I 724 -27.00 -16.54 -90.45
C GLY I 724 -26.21 -15.63 -91.38
N HIS I 725 -25.09 -15.09 -90.87
CA HIS I 725 -24.22 -14.25 -91.71
C HIS I 725 -23.62 -15.04 -92.84
N HIS I 726 -23.21 -16.29 -92.57
CA HIS I 726 -22.58 -17.13 -93.58
C HIS I 726 -23.54 -17.46 -94.71
N THR I 727 -24.76 -17.92 -94.35
CA THR I 727 -25.74 -18.26 -95.36
C THR I 727 -26.26 -17.01 -96.05
N GLY I 728 -26.24 -15.87 -95.35
CA GLY I 728 -26.63 -14.63 -95.97
C GLY I 728 -25.65 -14.22 -97.05
N PHE I 729 -24.35 -14.33 -96.76
CA PHE I 729 -23.29 -13.96 -97.70
C PHE I 729 -23.34 -14.83 -98.96
N LEU I 730 -23.48 -16.15 -98.77
CA LEU I 730 -23.53 -17.03 -99.94
C LEU I 730 -24.78 -16.76 -100.79
N ASP I 731 -25.94 -16.57 -100.12
CA ASP I 731 -27.19 -16.32 -100.83
C ASP I 731 -27.15 -15.03 -101.63
N THR I 732 -26.59 -13.95 -101.06
CA THR I 732 -26.60 -12.69 -101.80
C THR I 732 -25.60 -12.71 -102.95
N CYS I 733 -24.43 -13.34 -102.76
CA CYS I 733 -23.45 -13.41 -103.84
C CYS I 733 -23.95 -14.25 -105.01
N LEU I 734 -24.71 -15.32 -104.73
CA LEU I 734 -25.27 -16.08 -105.85
C LEU I 734 -26.45 -15.35 -106.47
N LYS I 735 -27.28 -14.69 -105.64
CA LYS I 735 -28.57 -14.19 -106.11
C LYS I 735 -28.42 -12.94 -106.95
N ASP I 736 -27.60 -11.98 -106.48
CA ASP I 736 -27.51 -10.69 -107.17
C ASP I 736 -26.83 -10.81 -108.53
N CYS I 737 -25.87 -11.71 -108.66
CA CYS I 737 -25.16 -11.89 -109.90
C CYS I 737 -25.88 -12.89 -110.79
N MET I 738 -25.20 -13.31 -111.85
CA MET I 738 -25.80 -14.07 -112.93
C MET I 738 -25.80 -15.56 -112.67
N LEU I 739 -25.45 -16.00 -111.45
CA LEU I 739 -25.57 -17.41 -111.10
C LEU I 739 -27.03 -17.84 -111.11
N THR I 740 -27.90 -17.03 -110.51
CA THR I 740 -29.32 -17.30 -110.45
C THR I 740 -30.07 -16.12 -111.05
N ASN I 741 -30.90 -16.41 -112.04
CA ASN I 741 -31.75 -15.50 -112.78
C ASN I 741 -33.05 -16.27 -113.01
N PRO I 742 -34.19 -15.57 -113.13
CA PRO I 742 -35.46 -16.28 -113.36
C PRO I 742 -35.52 -17.15 -114.62
N GLU I 743 -34.85 -16.75 -115.70
CA GLU I 743 -34.89 -17.51 -116.95
C GLU I 743 -33.57 -18.18 -117.28
N LEU I 744 -32.62 -18.18 -116.35
CA LEU I 744 -31.32 -18.87 -116.41
C LEU I 744 -30.37 -18.33 -117.47
N LEU I 745 -30.67 -17.17 -118.07
CA LEU I 745 -29.80 -16.41 -118.98
C LEU I 745 -29.11 -17.23 -120.06
N LYS I 746 -29.89 -17.94 -120.88
CA LYS I 746 -29.35 -18.71 -122.01
C LYS I 746 -28.64 -17.82 -123.03
N VAL I 747 -29.04 -16.56 -123.05
CA VAL I 747 -28.43 -15.52 -123.85
C VAL I 747 -26.93 -15.34 -123.52
N PHE I 748 -26.56 -15.49 -122.24
CA PHE I 748 -25.16 -15.32 -121.85
C PHE I 748 -24.28 -16.46 -122.38
N SER I 749 -24.82 -17.68 -122.32
CA SER I 749 -24.16 -18.84 -122.91
C SER I 749 -23.98 -18.67 -124.41
N LYS I 750 -25.03 -18.20 -125.09
CA LYS I 750 -24.95 -18.00 -126.54
C LYS I 750 -23.96 -16.89 -126.91
N LEU I 751 -23.88 -15.85 -126.06
CA LEU I 751 -22.92 -14.77 -126.24
C LEU I 751 -21.49 -15.27 -126.19
N MET I 752 -21.19 -16.08 -125.17
CA MET I 752 -19.84 -16.62 -125.04
C MET I 752 -19.52 -17.61 -126.16
N SER I 753 -20.54 -18.33 -126.65
CA SER I 753 -20.36 -19.22 -127.80
C SER I 753 -19.89 -18.46 -129.04
N VAL I 754 -20.58 -17.36 -129.38
CA VAL I 754 -20.16 -16.65 -130.58
C VAL I 754 -18.87 -15.84 -130.36
N CYS I 755 -18.53 -15.50 -129.11
CA CYS I 755 -17.21 -14.90 -128.88
C CYS I 755 -16.06 -15.88 -129.14
N VAL I 756 -16.23 -17.13 -128.70
CA VAL I 756 -15.24 -18.17 -129.02
C VAL I 756 -15.12 -18.37 -130.52
N MET I 757 -16.28 -18.36 -131.21
CA MET I 757 -16.29 -18.48 -132.67
C MET I 757 -15.52 -17.35 -133.35
N PHE I 758 -15.72 -16.11 -132.89
CA PHE I 758 -15.06 -14.95 -133.48
C PHE I 758 -13.55 -15.03 -133.31
N THR I 759 -13.09 -15.33 -132.09
CA THR I 759 -11.65 -15.38 -131.83
C THR I 759 -10.97 -16.47 -132.64
N ASN I 760 -11.57 -17.66 -132.69
CA ASN I 760 -11.01 -18.79 -133.42
C ASN I 760 -10.91 -18.51 -134.91
N CYS I 761 -12.03 -18.10 -135.53
CA CYS I 761 -12.02 -17.95 -136.98
C CYS I 761 -11.17 -16.75 -137.43
N MET I 762 -11.16 -15.66 -136.66
CA MET I 762 -10.32 -14.52 -137.03
C MET I 762 -8.84 -14.87 -136.92
N GLN I 763 -8.45 -15.63 -135.89
CA GLN I 763 -7.05 -16.01 -135.78
C GLN I 763 -6.65 -17.00 -136.87
N LYS I 764 -7.56 -17.88 -137.28
CA LYS I 764 -7.34 -18.75 -138.42
C LYS I 764 -7.09 -17.95 -139.70
N PHE I 765 -7.87 -16.87 -139.90
CA PHE I 765 -7.70 -16.02 -141.06
C PHE I 765 -6.33 -15.33 -141.06
N THR I 766 -5.94 -14.78 -139.90
CA THR I 766 -4.68 -14.05 -139.84
C THR I 766 -3.48 -14.98 -140.00
N GLN I 767 -3.56 -16.22 -139.50
CA GLN I 767 -2.43 -17.12 -139.70
C GLN I 767 -2.31 -17.55 -141.15
N SER I 768 -3.44 -17.81 -141.83
CA SER I 768 -3.35 -18.22 -143.23
C SER I 768 -2.89 -17.08 -144.12
N MET I 769 -3.26 -15.85 -143.78
CA MET I 769 -2.87 -14.70 -144.59
C MET I 769 -1.39 -14.38 -144.42
N LYS I 770 -0.88 -14.46 -143.19
CA LYS I 770 0.52 -14.10 -142.92
C LYS I 770 1.48 -15.10 -143.55
N LEU I 771 1.07 -16.36 -143.66
CA LEU I 771 1.86 -17.36 -144.37
C LEU I 771 1.84 -17.08 -145.86
N LEU I 814 -11.13 -14.03 -146.36
CA LEU I 814 -11.06 -13.17 -147.54
C LEU I 814 -12.18 -12.13 -147.51
N VAL I 815 -13.23 -12.39 -148.30
CA VAL I 815 -14.45 -11.59 -148.31
C VAL I 815 -15.60 -12.56 -148.04
N SER I 816 -15.28 -13.85 -148.02
CA SER I 816 -16.29 -14.87 -147.74
C SER I 816 -15.81 -15.82 -146.65
N GLY I 817 -14.49 -15.92 -146.49
CA GLY I 817 -13.90 -16.62 -145.37
C GLY I 817 -13.55 -15.70 -144.24
N PHE I 818 -13.62 -14.39 -144.46
CA PHE I 818 -13.50 -13.44 -143.37
C PHE I 818 -14.81 -12.69 -143.19
N GLU I 819 -15.22 -11.97 -144.23
CA GLU I 819 -16.15 -10.86 -144.07
C GLU I 819 -17.57 -11.33 -143.76
N ALA I 820 -18.01 -12.40 -144.43
CA ALA I 820 -19.36 -12.92 -144.21
C ALA I 820 -19.51 -13.49 -142.81
N THR I 821 -18.48 -14.20 -142.35
CA THR I 821 -18.52 -14.77 -141.02
C THR I 821 -18.48 -13.70 -139.94
N ILE I 822 -17.71 -12.62 -140.17
CA ILE I 822 -17.66 -11.50 -139.23
C ILE I 822 -19.02 -10.82 -139.16
N ASN I 823 -19.67 -10.67 -140.32
CA ASN I 823 -21.01 -10.08 -140.37
C ASN I 823 -22.03 -10.91 -139.59
N LYS I 824 -21.97 -12.24 -139.77
CA LYS I 824 -22.86 -13.15 -139.05
C LYS I 824 -22.64 -13.09 -137.53
N PHE I 825 -21.36 -13.07 -137.12
CA PHE I 825 -21.01 -12.94 -135.70
C PHE I 825 -21.53 -11.64 -135.12
N ASP I 826 -21.34 -10.54 -135.86
CA ASP I 826 -21.73 -9.22 -135.41
C ASP I 826 -23.24 -9.14 -135.20
N LYS I 827 -24.01 -9.72 -136.13
CA LYS I 827 -25.46 -9.75 -136.00
C LYS I 827 -25.89 -10.52 -134.75
N ASN I 828 -25.37 -11.75 -134.59
CA ASN I 828 -25.80 -12.60 -133.48
C ASN I 828 -25.41 -11.98 -132.14
N PHE I 829 -24.22 -11.38 -132.07
CA PHE I 829 -23.75 -10.79 -130.82
C PHE I 829 -24.56 -9.57 -130.44
N SER I 830 -24.91 -8.71 -131.41
CA SER I 830 -25.71 -7.53 -131.09
C SER I 830 -27.13 -7.91 -130.68
N ALA I 831 -27.74 -8.86 -131.39
CA ALA I 831 -29.11 -9.29 -131.09
C ALA I 831 -29.20 -9.93 -129.71
N HIS I 832 -28.26 -10.83 -129.41
CA HIS I 832 -28.23 -11.45 -128.11
C HIS I 832 -27.90 -10.43 -127.02
N LEU I 833 -27.02 -9.46 -127.28
CA LEU I 833 -26.71 -8.47 -126.26
C LEU I 833 -27.94 -7.66 -125.88
N LEU I 834 -28.74 -7.27 -126.87
CA LEU I 834 -29.95 -6.52 -126.57
C LEU I 834 -30.98 -7.39 -125.85
N ASP I 835 -31.04 -8.68 -126.20
CA ASP I 835 -31.93 -9.60 -125.48
C ASP I 835 -31.50 -9.79 -124.02
N LEU I 836 -30.19 -9.81 -123.77
CA LEU I 836 -29.70 -9.93 -122.40
C LEU I 836 -30.02 -8.69 -121.59
N LEU I 837 -29.75 -7.52 -122.17
CA LEU I 837 -30.00 -6.26 -121.47
C LEU I 837 -31.49 -6.06 -121.20
N ALA I 838 -32.35 -6.63 -122.05
CA ALA I 838 -33.79 -6.59 -121.76
C ALA I 838 -34.19 -7.60 -120.69
N ARG I 839 -33.70 -8.85 -120.80
CA ARG I 839 -34.06 -9.89 -119.86
C ARG I 839 -33.46 -9.68 -118.47
N LEU I 840 -32.48 -8.80 -118.33
CA LEU I 840 -31.94 -8.43 -117.03
C LEU I 840 -32.65 -7.22 -116.43
N SER I 841 -33.20 -6.34 -117.26
CA SER I 841 -33.87 -5.13 -116.79
C SER I 841 -35.15 -5.44 -116.03
N ILE I 842 -35.77 -6.59 -116.27
CA ILE I 842 -36.95 -6.98 -115.50
C ILE I 842 -36.58 -7.33 -114.07
N TYR I 843 -35.35 -7.80 -113.84
CA TYR I 843 -34.93 -8.27 -112.54
C TYR I 843 -34.49 -7.09 -111.69
N SER I 844 -35.04 -7.03 -110.48
CA SER I 844 -34.71 -5.98 -109.52
C SER I 844 -34.62 -6.59 -108.12
N GLY I 851 -27.52 -0.85 -108.33
CA GLY I 851 -28.00 -2.21 -108.18
C GLY I 851 -27.49 -3.09 -109.30
N MET I 852 -28.37 -3.96 -109.82
CA MET I 852 -27.98 -4.83 -110.91
C MET I 852 -28.21 -4.22 -112.29
N ALA I 853 -28.96 -3.12 -112.39
CA ALA I 853 -29.11 -2.40 -113.65
C ALA I 853 -28.01 -1.37 -113.86
N SER I 854 -27.14 -1.20 -112.85
CA SER I 854 -25.99 -0.32 -112.99
C SER I 854 -24.98 -0.84 -114.00
N VAL I 855 -25.02 -2.13 -114.36
CA VAL I 855 -24.15 -2.63 -115.44
C VAL I 855 -24.59 -2.03 -116.77
N ILE I 856 -25.90 -1.94 -116.99
CA ILE I 856 -26.41 -1.34 -118.21
C ILE I 856 -26.18 0.17 -118.18
N SER I 857 -26.26 0.77 -116.98
CA SER I 857 -25.98 2.21 -116.86
C SER I 857 -24.53 2.54 -117.18
N ARG I 858 -23.60 1.75 -116.63
CA ARG I 858 -22.18 2.01 -116.85
C ARG I 858 -21.77 1.68 -118.28
N LEU I 859 -22.36 0.63 -118.85
CA LEU I 859 -21.99 0.21 -120.20
C LEU I 859 -22.38 1.26 -121.23
N ASP I 860 -23.54 1.88 -121.07
CA ASP I 860 -23.99 2.96 -121.95
C ASP I 860 -23.75 4.32 -121.29
N PHE I 861 -22.51 4.74 -121.31
CA PHE I 861 -22.08 6.03 -120.77
C PHE I 861 -22.15 7.14 -121.83
N ASN I 862 -21.99 6.77 -123.11
CA ASN I 862 -22.20 7.73 -124.19
C ASN I 862 -23.68 7.93 -124.49
N GLY I 863 -24.47 6.86 -124.39
CA GLY I 863 -25.82 6.84 -124.91
C GLY I 863 -25.96 6.05 -126.19
N PHE I 864 -24.93 5.32 -126.58
CA PHE I 864 -24.87 4.50 -127.79
C PHE I 864 -25.32 3.10 -127.43
N TYR I 865 -25.99 2.43 -128.38
CA TYR I 865 -26.63 1.13 -128.20
C TYR I 865 -27.63 1.10 -127.04
N THR I 866 -28.27 2.23 -126.74
CA THR I 866 -29.28 2.24 -125.70
C THR I 866 -30.70 2.04 -126.25
N GLU I 867 -30.86 2.11 -127.57
CA GLU I 867 -32.09 1.64 -128.20
C GLU I 867 -31.69 1.05 -129.54
N ARG I 868 -31.44 -0.26 -129.54
CA ARG I 868 -31.30 -1.03 -130.76
C ARG I 868 -32.37 -2.09 -130.86
N LEU I 869 -33.19 -2.26 -129.82
CA LEU I 869 -34.31 -3.20 -129.83
C LEU I 869 -35.26 -2.82 -128.72
N GLU I 870 -36.55 -2.85 -129.04
CA GLU I 870 -37.62 -2.90 -128.06
C GLU I 870 -38.65 -3.86 -128.62
N ARG I 871 -39.39 -4.52 -127.73
CA ARG I 871 -40.31 -5.57 -128.14
C ARG I 871 -41.49 -4.98 -128.91
N LEU I 872 -41.89 -5.65 -129.99
CA LEU I 872 -42.94 -5.11 -130.84
C LEU I 872 -44.30 -5.44 -130.23
N SER I 873 -45.13 -4.42 -130.07
CA SER I 873 -46.35 -4.53 -129.29
C SER I 873 -47.54 -4.92 -130.16
N ALA I 874 -48.42 -5.74 -129.59
CA ALA I 874 -49.66 -6.16 -130.25
C ALA I 874 -50.66 -6.56 -129.17
N GLU I 875 -51.93 -6.48 -129.53
CA GLU I 875 -53.02 -6.88 -128.65
C GLU I 875 -53.81 -8.01 -129.29
N ARG I 876 -54.23 -8.97 -128.46
CA ARG I 876 -54.86 -10.24 -128.87
C ARG I 876 -54.04 -10.99 -129.92
N ILE J 245 -59.14 -62.98 -24.07
CA ILE J 245 -57.74 -62.79 -23.69
C ILE J 245 -57.39 -61.31 -23.81
N THR J 246 -56.54 -60.84 -22.91
CA THR J 246 -56.22 -59.41 -22.85
C THR J 246 -55.33 -59.01 -24.02
N GLU J 247 -55.34 -57.69 -24.30
CA GLU J 247 -54.51 -57.12 -25.36
C GLU J 247 -53.02 -57.26 -25.04
N ALA J 248 -52.70 -57.27 -23.74
CA ALA J 248 -51.31 -57.21 -23.28
C ALA J 248 -50.56 -58.48 -23.64
N ALA J 249 -51.27 -59.59 -23.82
CA ALA J 249 -50.63 -60.80 -24.34
C ALA J 249 -50.10 -60.58 -25.74
N LEU J 250 -50.94 -60.04 -26.63
CA LEU J 250 -50.59 -59.90 -28.03
C LEU J 250 -49.50 -58.87 -28.23
N VAL J 251 -49.53 -57.77 -27.46
CA VAL J 251 -48.51 -56.73 -27.63
C VAL J 251 -47.12 -57.27 -27.28
N ARG J 252 -47.02 -57.97 -26.15
CA ARG J 252 -45.76 -58.59 -25.75
C ARG J 252 -45.31 -59.63 -26.75
N ASP J 253 -46.24 -60.43 -27.29
CA ASP J 253 -45.88 -61.46 -28.26
C ASP J 253 -45.35 -60.86 -29.56
N ILE J 254 -45.93 -59.74 -30.02
CA ILE J 254 -45.43 -59.07 -31.22
C ILE J 254 -44.04 -58.52 -31.00
N LEU J 255 -43.76 -58.07 -29.76
CA LEU J 255 -42.41 -57.58 -29.44
C LEU J 255 -41.31 -58.64 -29.57
N TYR J 256 -41.65 -59.93 -29.61
CA TYR J 256 -40.65 -60.99 -29.64
C TYR J 256 -40.28 -61.43 -31.04
N VAL J 257 -41.22 -61.42 -31.99
CA VAL J 257 -40.91 -61.89 -33.33
C VAL J 257 -40.08 -60.90 -34.12
N PHE J 258 -39.85 -59.69 -33.58
CA PHE J 258 -38.85 -58.79 -34.14
C PHE J 258 -37.44 -59.32 -33.93
N GLN J 259 -37.18 -59.90 -32.76
CA GLN J 259 -35.90 -60.56 -32.51
C GLN J 259 -35.71 -61.78 -33.40
N GLY J 260 -36.79 -62.47 -33.73
CA GLY J 260 -36.72 -63.69 -34.49
C GLY J 260 -36.97 -64.92 -33.63
N ILE J 261 -37.83 -64.75 -32.61
CA ILE J 261 -38.25 -65.81 -31.71
C ILE J 261 -39.76 -65.65 -31.51
N ASP J 262 -40.49 -66.77 -31.56
CA ASP J 262 -41.94 -66.80 -31.46
C ASP J 262 -42.51 -66.18 -30.19
N GLY J 263 -43.79 -65.82 -30.20
CA GLY J 263 -44.43 -65.31 -29.00
C GLY J 263 -44.97 -66.45 -28.17
N LYS J 264 -46.24 -66.37 -27.75
CA LYS J 264 -46.86 -67.53 -27.12
C LYS J 264 -48.22 -67.84 -27.71
N ASN J 265 -49.05 -66.81 -27.86
CA ASN J 265 -50.31 -66.90 -28.57
C ASN J 265 -50.14 -66.48 -30.01
N ILE J 266 -48.90 -66.23 -30.40
CA ILE J 266 -48.48 -66.04 -31.78
C ILE J 266 -47.41 -67.08 -32.05
N LYS J 267 -47.58 -67.84 -33.13
CA LYS J 267 -46.57 -68.79 -33.52
C LYS J 267 -46.38 -68.69 -35.03
N MET J 268 -45.18 -69.07 -35.47
CA MET J 268 -44.86 -69.07 -36.89
C MET J 268 -45.53 -70.27 -37.52
N ASN J 269 -46.55 -70.02 -38.35
CA ASN J 269 -47.39 -71.07 -38.94
C ASN J 269 -46.58 -71.96 -39.87
N ASN J 270 -45.96 -71.35 -40.87
CA ASN J 270 -45.01 -72.02 -41.75
C ASN J 270 -43.83 -71.08 -41.88
N THR J 271 -42.69 -71.62 -42.34
CA THR J 271 -41.49 -70.79 -42.54
C THR J 271 -41.74 -69.74 -43.60
N GLU J 272 -42.40 -70.10 -44.69
CA GLU J 272 -42.72 -69.16 -45.75
C GLU J 272 -43.99 -68.38 -45.46
N ASN J 273 -44.67 -68.68 -44.36
CA ASN J 273 -45.84 -67.93 -43.96
C ASN J 273 -45.42 -66.94 -42.88
N CYS J 274 -46.19 -65.88 -42.73
CA CYS J 274 -45.94 -64.91 -41.68
C CYS J 274 -46.74 -65.29 -40.45
N TYR J 275 -46.32 -64.75 -39.29
CA TYR J 275 -46.81 -65.13 -37.97
C TYR J 275 -48.32 -64.98 -37.84
N LYS J 276 -48.94 -65.93 -37.16
CA LYS J 276 -50.39 -65.98 -37.05
C LYS J 276 -50.81 -66.02 -35.60
N VAL J 277 -51.81 -65.20 -35.28
CA VAL J 277 -52.42 -65.20 -33.96
C VAL J 277 -53.15 -66.52 -33.74
N GLU J 278 -52.95 -67.11 -32.57
CA GLU J 278 -53.59 -68.37 -32.24
C GLU J 278 -54.98 -68.13 -31.64
N ARG J 285 -60.23 -59.50 -32.07
CA ARG J 285 -60.56 -59.62 -33.48
C ARG J 285 -59.97 -58.45 -34.26
N SER J 286 -60.17 -57.23 -33.75
CA SER J 286 -59.49 -56.07 -34.32
C SER J 286 -58.00 -56.18 -34.06
N LEU J 287 -57.66 -56.64 -32.86
CA LEU J 287 -56.27 -56.85 -32.45
C LEU J 287 -55.58 -57.85 -33.37
N ARG J 288 -56.30 -58.94 -33.66
CA ARG J 288 -55.84 -59.98 -34.57
C ARG J 288 -55.56 -59.44 -35.96
N ASP J 289 -56.44 -58.58 -36.47
CA ASP J 289 -56.24 -58.02 -37.80
C ASP J 289 -55.07 -57.03 -37.81
N THR J 290 -54.87 -56.32 -36.71
CA THR J 290 -53.81 -55.31 -36.66
C THR J 290 -52.43 -55.95 -36.68
N ALA J 291 -52.31 -57.14 -36.09
CA ALA J 291 -50.98 -57.72 -35.83
C ALA J 291 -50.14 -58.00 -37.07
N VAL J 292 -50.78 -58.20 -38.23
CA VAL J 292 -50.10 -58.83 -39.37
C VAL J 292 -49.08 -57.88 -40.01
N ARG J 293 -49.46 -56.61 -40.17
CA ARG J 293 -48.61 -55.63 -40.83
C ARG J 293 -47.39 -55.31 -39.97
N LEU J 294 -47.55 -55.41 -38.66
CA LEU J 294 -46.43 -55.20 -37.77
C LEU J 294 -45.49 -56.41 -37.75
N SER J 295 -46.03 -57.61 -37.89
CA SER J 295 -45.18 -58.81 -37.85
C SER J 295 -44.40 -59.03 -39.15
N GLU J 296 -44.78 -58.32 -40.22
CA GLU J 296 -44.00 -58.34 -41.46
C GLU J 296 -42.51 -58.02 -41.25
N LEU J 297 -42.19 -57.14 -40.29
CA LEU J 297 -40.80 -56.76 -40.02
C LEU J 297 -39.96 -57.95 -39.56
N GLY J 298 -40.52 -58.78 -38.68
CA GLY J 298 -39.80 -59.97 -38.24
C GLY J 298 -39.66 -60.99 -39.35
N TRP J 299 -40.70 -61.13 -40.18
CA TRP J 299 -40.62 -62.01 -41.36
C TRP J 299 -39.48 -61.60 -42.28
N LEU J 300 -39.31 -60.29 -42.50
CA LEU J 300 -38.23 -59.81 -43.35
C LEU J 300 -36.86 -59.93 -42.67
N HIS J 301 -36.84 -59.79 -41.34
CA HIS J 301 -35.57 -59.84 -40.61
C HIS J 301 -34.96 -61.23 -40.64
N ASN J 302 -35.82 -62.26 -40.66
CA ASN J 302 -35.35 -63.65 -40.69
C ASN J 302 -34.46 -63.94 -41.90
N LYS J 303 -34.85 -63.45 -43.07
CA LYS J 303 -34.11 -63.70 -44.31
C LYS J 303 -32.72 -63.08 -44.28
N ILE J 304 -32.67 -61.79 -43.92
CA ILE J 304 -31.43 -61.03 -43.92
C ILE J 304 -30.46 -61.58 -42.89
N ARG J 305 -30.97 -61.92 -41.71
CA ARG J 305 -30.09 -62.43 -40.67
C ARG J 305 -29.57 -63.82 -41.02
N ARG J 306 -30.40 -64.66 -41.66
CA ARG J 306 -29.94 -65.97 -42.10
C ARG J 306 -28.85 -65.87 -43.17
N TYR J 307 -29.06 -65.01 -44.16
CA TYR J 307 -28.09 -64.82 -45.24
C TYR J 307 -26.79 -64.20 -44.77
N THR J 308 -26.85 -63.20 -43.89
CA THR J 308 -25.65 -62.56 -43.40
C THR J 308 -24.97 -63.36 -42.30
N ASP J 309 -25.68 -64.35 -41.74
CA ASP J 309 -25.02 -65.37 -40.94
C ASP J 309 -24.20 -66.27 -41.85
N GLN J 310 -24.80 -66.75 -42.94
CA GLN J 310 -24.17 -67.80 -43.73
C GLN J 310 -22.98 -67.27 -44.53
N ARG J 311 -23.13 -66.11 -45.16
CA ARG J 311 -22.08 -65.63 -46.05
C ARG J 311 -20.85 -65.11 -45.30
N SER J 312 -21.01 -64.74 -44.03
CA SER J 312 -19.89 -64.16 -43.29
C SER J 312 -18.83 -65.21 -42.95
N LEU J 313 -19.26 -66.42 -42.62
CA LEU J 313 -18.33 -67.50 -42.33
C LEU J 313 -17.74 -68.11 -43.59
N ASP J 314 -18.35 -67.85 -44.75
CA ASP J 314 -17.94 -68.48 -46.00
C ASP J 314 -16.62 -67.88 -46.47
N ARG J 315 -15.56 -68.69 -46.49
CA ARG J 315 -14.21 -68.23 -46.80
C ARG J 315 -13.82 -68.54 -48.25
N SER J 316 -14.74 -69.13 -49.02
CA SER J 316 -14.57 -69.23 -50.46
C SER J 316 -15.37 -68.15 -51.18
N PHE J 317 -16.00 -67.26 -50.42
CA PHE J 317 -16.84 -66.19 -50.95
C PHE J 317 -16.09 -64.88 -51.07
N GLY J 318 -14.84 -64.85 -50.63
CA GLY J 318 -14.00 -63.71 -50.83
C GLY J 318 -14.18 -62.57 -49.83
N LEU J 319 -13.23 -61.63 -49.94
CA LEU J 319 -13.26 -60.40 -49.14
C LEU J 319 -14.51 -59.58 -49.42
N VAL J 320 -14.83 -59.43 -50.69
CA VAL J 320 -16.10 -58.85 -51.11
C VAL J 320 -17.20 -59.86 -50.86
N GLY J 321 -18.24 -59.41 -50.19
CA GLY J 321 -19.35 -60.26 -49.79
C GLY J 321 -19.31 -60.40 -48.29
N GLN J 322 -18.13 -60.67 -47.74
CA GLN J 322 -17.97 -60.57 -46.30
C GLN J 322 -17.92 -59.12 -45.87
N SER J 323 -17.44 -58.23 -46.73
CA SER J 323 -17.57 -56.80 -46.46
C SER J 323 -19.03 -56.34 -46.55
N PHE J 324 -19.77 -56.93 -47.48
CA PHE J 324 -21.22 -56.73 -47.54
C PHE J 324 -21.89 -57.21 -46.26
N CYS J 325 -21.42 -58.34 -45.72
CA CYS J 325 -21.89 -58.79 -44.42
C CYS J 325 -21.58 -57.79 -43.31
N ALA J 326 -20.38 -57.20 -43.33
CA ALA J 326 -20.02 -56.19 -42.34
C ALA J 326 -20.99 -55.01 -42.35
N ALA J 327 -21.37 -54.56 -43.56
CA ALA J 327 -22.36 -53.50 -43.68
C ALA J 327 -23.74 -53.94 -43.17
N LEU J 328 -24.12 -55.19 -43.46
CA LEU J 328 -25.42 -55.70 -43.00
C LEU J 328 -25.50 -55.79 -41.48
N HIS J 329 -24.44 -56.28 -40.84
CA HIS J 329 -24.34 -56.30 -39.38
C HIS J 329 -24.42 -54.89 -38.80
N GLN J 330 -23.73 -53.95 -39.48
CA GLN J 330 -23.72 -52.56 -39.07
C GLN J 330 -25.12 -51.97 -39.05
N GLU J 331 -25.97 -52.36 -40.01
CA GLU J 331 -27.34 -51.89 -39.98
C GLU J 331 -28.18 -52.60 -38.92
N LEU J 332 -27.91 -53.90 -38.68
CA LEU J 332 -28.70 -54.67 -37.72
C LEU J 332 -28.55 -54.17 -36.28
N ARG J 333 -27.37 -53.59 -35.98
CA ARG J 333 -27.06 -53.01 -34.68
C ARG J 333 -28.11 -52.00 -34.21
N GLU J 334 -28.42 -51.04 -35.07
CA GLU J 334 -29.35 -49.99 -34.70
C GLU J 334 -30.78 -50.51 -34.54
N TYR J 335 -31.15 -51.50 -35.36
CA TYR J 335 -32.47 -52.13 -35.29
C TYR J 335 -32.71 -52.78 -33.92
N TYR J 336 -31.73 -53.51 -33.39
CA TYR J 336 -32.02 -54.08 -32.07
C TYR J 336 -31.86 -53.06 -30.95
N ARG J 337 -31.12 -51.96 -31.18
CA ARG J 337 -31.20 -50.84 -30.22
C ARG J 337 -32.64 -50.36 -30.05
N LEU J 338 -33.36 -50.30 -31.17
CA LEU J 338 -34.79 -49.99 -31.13
C LEU J 338 -35.59 -51.04 -30.35
N LEU J 339 -35.30 -52.32 -30.57
CA LEU J 339 -36.04 -53.39 -29.85
C LEU J 339 -35.84 -53.31 -28.33
N SER J 340 -34.60 -53.05 -27.90
CA SER J 340 -34.30 -52.89 -26.49
C SER J 340 -35.06 -51.71 -25.89
N VAL J 341 -35.18 -50.62 -26.67
CA VAL J 341 -35.96 -49.47 -26.23
C VAL J 341 -37.40 -49.86 -25.95
N LEU J 342 -38.03 -50.60 -26.88
CA LEU J 342 -39.44 -50.97 -26.72
C LEU J 342 -39.65 -51.88 -25.51
N HIS J 343 -38.69 -52.74 -25.21
CA HIS J 343 -38.76 -53.51 -23.97
C HIS J 343 -38.71 -52.62 -22.73
N SER J 344 -37.76 -51.67 -22.71
CA SER J 344 -37.52 -50.89 -21.50
C SER J 344 -38.68 -49.95 -21.18
N GLN J 345 -39.43 -49.54 -22.20
CA GLN J 345 -40.52 -48.59 -22.01
C GLN J 345 -41.74 -49.20 -21.32
N LEU J 346 -41.75 -50.50 -21.07
CA LEU J 346 -42.69 -51.10 -20.14
C LEU J 346 -42.01 -51.15 -18.77
N GLN J 347 -42.57 -50.41 -17.82
CA GLN J 347 -42.07 -50.22 -16.44
C GLN J 347 -40.66 -49.61 -16.36
N SER J 361 -48.79 -51.80 -21.20
CA SER J 361 -48.51 -51.87 -22.62
C SER J 361 -48.17 -50.50 -23.19
N LEU J 362 -47.45 -50.49 -24.32
CA LEU J 362 -47.18 -49.27 -25.06
C LEU J 362 -47.71 -49.48 -26.47
N THR J 363 -49.01 -49.27 -26.65
CA THR J 363 -49.63 -49.33 -27.96
C THR J 363 -49.75 -47.89 -28.45
N LEU J 364 -48.80 -47.47 -29.27
CA LEU J 364 -48.84 -46.16 -29.88
C LEU J 364 -49.23 -46.40 -31.33
N ARG J 365 -50.55 -46.48 -31.56
CA ARG J 365 -51.16 -47.09 -32.75
C ARG J 365 -50.66 -48.53 -32.88
N ARG J 366 -50.53 -49.20 -31.72
CA ARG J 366 -49.78 -50.44 -31.57
C ARG J 366 -48.42 -50.34 -32.26
N LEU J 367 -47.68 -49.28 -31.91
CA LEU J 367 -46.32 -49.01 -32.38
C LEU J 367 -46.21 -48.95 -33.90
N LEU J 368 -47.30 -48.62 -34.61
CA LEU J 368 -47.27 -48.63 -36.06
C LEU J 368 -46.38 -47.51 -36.59
N VAL J 369 -46.38 -46.37 -35.90
CA VAL J 369 -45.51 -45.28 -36.29
C VAL J 369 -44.05 -45.58 -35.93
N TRP J 370 -43.82 -46.41 -34.92
CA TRP J 370 -42.46 -46.73 -34.50
C TRP J 370 -41.81 -47.72 -35.47
N THR J 371 -42.59 -48.65 -35.99
CA THR J 371 -42.11 -49.62 -36.96
C THR J 371 -41.95 -49.03 -38.35
N TYR J 372 -42.52 -47.85 -38.59
CA TYR J 372 -42.77 -47.37 -39.95
C TYR J 372 -41.47 -47.06 -40.70
N ASP J 373 -40.52 -46.43 -40.03
CA ASP J 373 -39.26 -46.08 -40.65
C ASP J 373 -38.28 -47.25 -40.82
N PRO J 374 -38.15 -48.21 -39.89
CA PRO J 374 -37.37 -49.41 -40.23
C PRO J 374 -38.03 -50.29 -41.28
N LYS J 375 -39.35 -50.18 -41.46
CA LYS J 375 -40.10 -51.07 -42.34
C LYS J 375 -39.69 -50.91 -43.79
N ILE J 376 -39.28 -49.71 -44.18
CA ILE J 376 -38.83 -49.48 -45.55
C ILE J 376 -37.44 -50.08 -45.74
N ARG J 377 -36.57 -49.89 -44.75
CA ARG J 377 -35.22 -50.41 -44.76
C ARG J 377 -35.16 -51.92 -44.83
N LEU J 378 -36.14 -52.63 -44.27
CA LEU J 378 -36.08 -54.09 -44.25
C LEU J 378 -36.40 -54.72 -45.59
N LYS J 379 -37.47 -54.28 -46.26
CA LYS J 379 -37.73 -54.76 -47.61
C LYS J 379 -36.64 -54.27 -48.58
N THR J 380 -36.05 -53.10 -48.31
CA THR J 380 -35.01 -52.61 -49.20
C THR J 380 -33.70 -53.40 -49.03
N LEU J 381 -33.36 -53.77 -47.80
CA LEU J 381 -32.21 -54.64 -47.56
C LEU J 381 -32.43 -56.02 -48.17
N ALA J 382 -33.67 -56.52 -48.10
CA ALA J 382 -34.02 -57.77 -48.76
C ALA J 382 -33.88 -57.66 -50.27
N ALA J 383 -34.13 -56.48 -50.83
CA ALA J 383 -33.87 -56.27 -52.26
C ALA J 383 -32.38 -56.33 -52.57
N LEU J 384 -31.57 -55.67 -51.73
CA LEU J 384 -30.12 -55.62 -51.95
C LEU J 384 -29.49 -57.00 -51.91
N VAL J 385 -29.92 -57.86 -50.99
CA VAL J 385 -29.24 -59.16 -50.85
C VAL J 385 -29.61 -60.10 -51.99
N ASP J 386 -30.85 -60.07 -52.44
CA ASP J 386 -31.26 -60.95 -53.54
C ASP J 386 -30.80 -60.42 -54.88
N HIS J 387 -30.50 -59.13 -54.97
CA HIS J 387 -29.88 -58.60 -56.18
C HIS J 387 -28.39 -58.89 -56.25
N CYS J 388 -27.73 -59.10 -55.11
CA CYS J 388 -26.33 -59.52 -55.10
C CYS J 388 -26.17 -61.00 -54.93
N GLN J 389 -27.23 -61.78 -55.14
CA GLN J 389 -27.14 -63.22 -55.10
C GLN J 389 -26.50 -63.74 -56.38
N GLY J 390 -25.50 -64.60 -56.23
CA GLY J 390 -24.80 -65.14 -57.39
C GLY J 390 -23.71 -64.25 -57.92
N ARG J 391 -23.16 -63.35 -57.09
CA ARG J 391 -22.14 -62.42 -57.53
C ARG J 391 -21.07 -62.31 -56.47
N LYS J 392 -19.86 -62.00 -56.90
CA LYS J 392 -18.78 -61.63 -56.00
C LYS J 392 -17.96 -60.56 -56.70
N GLY J 393 -17.05 -59.93 -55.94
CA GLY J 393 -16.10 -58.99 -56.50
C GLY J 393 -16.73 -57.73 -57.06
N GLY J 394 -16.15 -57.26 -58.17
CA GLY J 394 -16.64 -56.04 -58.80
C GLY J 394 -18.03 -56.21 -59.40
N GLU J 395 -18.41 -57.45 -59.68
CA GLU J 395 -19.78 -57.76 -60.10
C GLU J 395 -20.78 -57.40 -59.01
N LEU J 396 -20.52 -57.86 -57.78
CA LEU J 396 -21.35 -57.50 -56.64
C LEU J 396 -21.30 -56.00 -56.36
N ALA J 397 -20.12 -55.39 -56.56
CA ALA J 397 -19.99 -53.94 -56.35
C ALA J 397 -20.83 -53.16 -57.38
N SER J 398 -20.90 -53.67 -58.60
CA SER J 398 -21.84 -53.10 -59.55
C SER J 398 -23.28 -53.29 -59.11
N ALA J 399 -23.60 -54.47 -58.57
CA ALA J 399 -24.97 -54.79 -58.18
C ALA J 399 -25.45 -53.99 -56.98
N VAL J 400 -24.55 -53.42 -56.19
CA VAL J 400 -24.96 -52.42 -55.20
C VAL J 400 -24.94 -51.02 -55.79
N HIS J 401 -24.01 -50.74 -56.72
CA HIS J 401 -23.98 -49.44 -57.41
C HIS J 401 -25.23 -49.22 -58.26
N ALA J 402 -25.95 -50.28 -58.59
CA ALA J 402 -27.19 -50.17 -59.35
C ALA J 402 -28.28 -49.48 -58.54
N TYR J 403 -28.38 -49.78 -57.25
CA TYR J 403 -29.36 -49.14 -56.38
C TYR J 403 -28.95 -47.76 -55.93
N THR J 404 -27.78 -47.26 -56.34
CA THR J 404 -27.50 -45.84 -56.20
C THR J 404 -28.21 -45.02 -57.25
N LYS J 405 -28.64 -45.66 -58.33
CA LYS J 405 -29.46 -44.99 -59.35
C LYS J 405 -30.90 -44.98 -58.85
N THR J 406 -31.18 -44.10 -57.89
CA THR J 406 -32.53 -43.86 -57.38
C THR J 406 -32.70 -42.36 -57.13
N GLY J 407 -33.94 -41.98 -56.82
CA GLY J 407 -34.28 -40.64 -56.44
C GLY J 407 -34.83 -40.54 -55.03
N ASP J 408 -35.18 -41.68 -54.45
CA ASP J 408 -35.61 -41.81 -53.06
C ASP J 408 -34.50 -41.32 -52.13
N PRO J 409 -34.75 -40.32 -51.26
CA PRO J 409 -33.66 -39.79 -50.42
C PRO J 409 -33.23 -40.75 -49.33
N TYR J 410 -34.19 -41.42 -48.69
CA TYR J 410 -33.88 -42.42 -47.67
C TYR J 410 -33.06 -43.56 -48.25
N MET J 411 -33.39 -43.96 -49.49
CA MET J 411 -32.66 -45.04 -50.13
C MET J 411 -31.25 -44.63 -50.47
N ARG J 412 -31.06 -43.36 -50.85
CA ARG J 412 -29.72 -42.82 -51.09
C ARG J 412 -28.89 -42.86 -49.81
N SER J 413 -29.51 -42.47 -48.69
CA SER J 413 -28.84 -42.55 -47.39
C SER J 413 -28.50 -44.00 -47.03
N LEU J 414 -29.41 -44.94 -47.35
CA LEU J 414 -29.19 -46.33 -46.99
C LEU J 414 -28.06 -46.93 -47.81
N VAL J 415 -28.00 -46.62 -49.10
CA VAL J 415 -26.99 -47.27 -49.94
C VAL J 415 -25.61 -46.67 -49.70
N GLN J 416 -25.53 -45.34 -49.48
CA GLN J 416 -24.26 -44.62 -49.62
C GLN J 416 -23.19 -45.02 -48.60
N HIS J 417 -23.58 -45.55 -47.45
CA HIS J 417 -22.57 -46.03 -46.51
C HIS J 417 -22.18 -47.47 -46.82
N ILE J 418 -23.18 -48.29 -47.15
CA ILE J 418 -22.98 -49.69 -47.48
C ILE J 418 -22.03 -49.85 -48.67
N LEU J 419 -22.15 -48.96 -49.65
CA LEU J 419 -21.27 -49.00 -50.82
C LEU J 419 -19.83 -48.67 -50.43
N SER J 420 -19.65 -47.72 -49.52
CA SER J 420 -18.31 -47.35 -49.08
C SER J 420 -17.67 -48.50 -48.33
N LEU J 421 -18.49 -49.31 -47.67
CA LEU J 421 -17.94 -50.48 -46.98
C LEU J 421 -17.57 -51.58 -47.97
N VAL J 422 -18.44 -51.86 -48.95
CA VAL J 422 -18.23 -53.05 -49.79
C VAL J 422 -17.04 -52.84 -50.73
N SER J 423 -16.81 -51.59 -51.16
CA SER J 423 -15.78 -51.31 -52.14
C SER J 423 -14.42 -51.04 -51.50
N HIS J 424 -14.32 -51.28 -50.20
CA HIS J 424 -13.02 -51.13 -49.53
C HIS J 424 -12.03 -52.23 -49.92
N PRO J 425 -12.40 -53.53 -50.00
CA PRO J 425 -11.47 -54.51 -50.60
C PRO J 425 -11.11 -54.20 -52.04
N VAL J 426 -12.08 -53.73 -52.84
CA VAL J 426 -11.84 -53.37 -54.23
C VAL J 426 -10.76 -52.31 -54.34
N LEU J 427 -10.88 -51.26 -53.52
CA LEU J 427 -9.91 -50.18 -53.55
C LEU J 427 -8.57 -50.63 -52.99
N SER J 428 -8.57 -51.58 -52.07
CA SER J 428 -7.30 -52.17 -51.62
C SER J 428 -6.62 -52.91 -52.75
N PHE J 429 -7.39 -53.63 -53.57
CA PHE J 429 -6.80 -54.34 -54.70
C PHE J 429 -6.35 -53.36 -55.76
N LEU J 430 -6.99 -52.20 -55.81
CA LEU J 430 -6.58 -51.13 -56.71
C LEU J 430 -5.22 -50.58 -56.30
N TYR J 431 -5.02 -50.37 -55.01
CA TYR J 431 -3.79 -49.76 -54.52
C TYR J 431 -2.68 -50.79 -54.33
N ARG J 432 -2.95 -52.05 -54.65
CA ARG J 432 -1.93 -53.07 -54.78
C ARG J 432 -1.38 -53.12 -56.20
N TRP J 433 -1.93 -52.27 -57.08
CA TRP J 433 -1.71 -52.40 -58.52
C TRP J 433 -1.48 -51.02 -59.09
N ILE J 434 -1.46 -50.01 -58.22
CA ILE J 434 -0.90 -48.70 -58.57
C ILE J 434 0.38 -48.53 -57.78
N TYR J 435 0.24 -48.48 -56.45
CA TYR J 435 1.37 -48.12 -55.61
C TYR J 435 2.30 -49.30 -55.43
N ASP J 436 1.75 -50.49 -55.24
CA ASP J 436 2.58 -51.67 -55.12
C ASP J 436 3.01 -52.10 -56.51
N GLY J 437 2.06 -52.50 -57.35
CA GLY J 437 2.40 -52.92 -58.69
C GLY J 437 2.37 -54.42 -58.90
N GLU J 438 2.30 -55.19 -57.82
CA GLU J 438 2.21 -56.63 -57.89
C GLU J 438 0.89 -57.05 -57.25
N LEU J 439 -0.07 -57.42 -58.08
CA LEU J 439 -1.36 -57.87 -57.60
C LEU J 439 -1.25 -59.29 -57.04
N GLU J 440 -1.92 -59.53 -55.91
CA GLU J 440 -1.79 -60.79 -55.20
C GLU J 440 -3.14 -61.31 -54.73
N ASP J 441 -4.16 -61.27 -55.59
CA ASP J 441 -5.48 -61.71 -55.14
C ASP J 441 -5.59 -63.23 -55.17
N THR J 442 -6.20 -63.78 -54.12
CA THR J 442 -6.33 -65.22 -53.98
C THR J 442 -7.73 -65.70 -54.38
N TYR J 443 -8.54 -64.80 -54.91
CA TYR J 443 -9.88 -65.12 -55.37
C TYR J 443 -10.12 -64.31 -56.63
N HIS J 444 -11.03 -64.80 -57.46
CA HIS J 444 -11.37 -64.12 -58.72
C HIS J 444 -12.21 -62.90 -58.39
N GLU J 445 -11.54 -61.79 -58.11
CA GLU J 445 -12.24 -60.59 -57.68
C GLU J 445 -11.78 -59.34 -58.43
N PHE J 446 -10.53 -59.33 -58.91
CA PHE J 446 -10.02 -58.20 -59.67
C PHE J 446 -10.36 -58.40 -61.16
N PHE J 447 -10.03 -57.39 -61.98
CA PHE J 447 -10.35 -57.42 -63.39
C PHE J 447 -9.13 -57.72 -64.27
N VAL J 448 -8.09 -58.32 -63.69
CA VAL J 448 -6.88 -58.71 -64.40
C VAL J 448 -6.69 -60.21 -64.22
N ALA J 449 -6.20 -60.89 -65.25
CA ALA J 449 -5.93 -62.33 -65.21
C ALA J 449 -4.43 -62.54 -65.38
N SER J 450 -3.72 -62.61 -64.26
CA SER J 450 -2.29 -62.91 -64.27
C SER J 450 -2.03 -64.35 -64.67
N ASP J 451 -0.93 -64.57 -65.37
CA ASP J 451 -0.46 -65.90 -65.71
C ASP J 451 0.83 -66.19 -64.96
N PRO J 452 0.88 -67.22 -64.12
CA PRO J 452 2.13 -67.57 -63.43
C PRO J 452 3.06 -68.48 -64.21
N THR J 453 2.69 -68.86 -65.43
CA THR J 453 3.58 -69.62 -66.30
C THR J 453 4.80 -68.77 -66.63
N VAL J 454 5.97 -69.41 -66.73
CA VAL J 454 7.26 -68.72 -66.81
C VAL J 454 7.34 -67.87 -68.07
N LYS J 455 7.72 -66.61 -67.90
CA LYS J 455 7.69 -65.64 -68.98
C LYS J 455 8.87 -64.68 -68.77
N THR J 456 9.57 -64.36 -69.84
CA THR J 456 10.63 -63.36 -69.68
C THR J 456 10.45 -62.07 -70.48
N ASP J 457 10.37 -62.14 -71.81
CA ASP J 457 10.10 -60.98 -72.64
C ASP J 457 8.76 -61.11 -73.34
N ARG J 458 8.16 -62.30 -73.28
CA ARG J 458 6.79 -62.60 -73.64
C ARG J 458 5.78 -62.15 -72.59
N LEU J 459 6.27 -61.54 -71.49
CA LEU J 459 5.45 -60.93 -70.46
C LEU J 459 4.46 -59.91 -71.00
N TRP J 460 4.93 -59.02 -71.88
CA TRP J 460 4.20 -57.81 -72.21
C TRP J 460 2.87 -58.12 -72.88
N HIS J 461 2.88 -59.09 -73.79
CA HIS J 461 1.74 -59.28 -74.67
C HIS J 461 0.70 -60.20 -74.05
N ASP J 462 1.09 -61.10 -73.15
CA ASP J 462 0.21 -62.19 -72.76
C ASP J 462 -0.06 -62.36 -71.28
N LYS J 463 0.85 -61.91 -70.39
CA LYS J 463 0.76 -62.30 -68.98
C LYS J 463 -0.41 -61.65 -68.25
N TYR J 464 -0.82 -60.45 -68.67
CA TYR J 464 -1.94 -59.74 -68.05
C TYR J 464 -2.98 -59.42 -69.10
N THR J 465 -4.22 -59.86 -68.85
CA THR J 465 -5.33 -59.63 -69.76
C THR J 465 -6.50 -59.05 -68.98
N LEU J 466 -7.30 -58.25 -69.66
CA LEU J 466 -8.43 -57.55 -69.05
C LEU J 466 -9.63 -58.49 -68.93
N ARG J 467 -9.95 -58.89 -67.71
CA ARG J 467 -11.22 -59.53 -67.43
C ARG J 467 -12.31 -58.45 -67.33
N LYS J 468 -13.49 -58.79 -67.84
CA LYS J 468 -14.56 -57.80 -67.95
C LYS J 468 -15.80 -58.17 -67.15
N SER J 469 -15.69 -59.11 -66.21
CA SER J 469 -16.79 -59.43 -65.32
C SER J 469 -16.66 -58.76 -63.96
N MET J 470 -15.43 -58.47 -63.53
CA MET J 470 -15.19 -57.89 -62.22
C MET J 470 -14.74 -56.44 -62.32
N ILE J 471 -15.18 -55.74 -63.37
CA ILE J 471 -15.10 -54.29 -63.41
C ILE J 471 -16.35 -53.75 -62.74
N PRO J 472 -16.23 -52.95 -61.69
CA PRO J 472 -17.42 -52.33 -61.09
C PRO J 472 -17.99 -51.28 -62.00
N SER J 473 -19.25 -50.93 -61.76
CA SER J 473 -19.94 -50.01 -62.64
C SER J 473 -19.69 -48.56 -62.28
N PHE J 474 -19.09 -48.28 -61.13
CA PHE J 474 -18.63 -46.93 -60.89
C PHE J 474 -17.30 -46.65 -61.58
N MET J 475 -16.59 -47.69 -62.00
CA MET J 475 -15.47 -47.55 -62.91
C MET J 475 -15.95 -47.73 -64.33
N THR J 476 -15.57 -46.81 -65.20
CA THR J 476 -15.85 -47.03 -66.60
C THR J 476 -14.74 -47.89 -67.20
N MET J 477 -14.90 -48.25 -68.48
CA MET J 477 -13.98 -49.17 -69.13
C MET J 477 -12.59 -48.57 -69.30
N ASP J 478 -12.53 -47.25 -69.52
CA ASP J 478 -11.27 -46.51 -69.65
C ASP J 478 -10.40 -46.67 -68.42
N GLN J 479 -10.99 -46.55 -67.23
CA GLN J 479 -10.23 -46.56 -65.99
C GLN J 479 -9.60 -47.93 -65.73
N SER J 480 -10.42 -48.98 -65.86
CA SER J 480 -9.96 -50.35 -65.63
C SER J 480 -8.93 -50.76 -66.67
N ARG J 481 -9.09 -50.27 -67.92
CA ARG J 481 -8.09 -50.57 -68.94
C ARG J 481 -6.78 -49.83 -68.66
N LYS J 482 -6.85 -48.56 -68.26
CA LYS J 482 -5.66 -47.73 -68.18
C LYS J 482 -4.82 -48.06 -66.95
N VAL J 483 -5.45 -48.52 -65.87
CA VAL J 483 -4.69 -48.87 -64.66
C VAL J 483 -3.89 -50.15 -64.88
N LEU J 484 -4.38 -51.03 -65.76
CA LEU J 484 -3.70 -52.27 -66.07
C LEU J 484 -2.37 -51.99 -66.77
N LEU J 485 -2.34 -50.96 -67.61
CA LEU J 485 -1.12 -50.59 -68.32
C LEU J 485 0.00 -50.21 -67.37
N ILE J 486 -0.33 -49.46 -66.32
CA ILE J 486 0.64 -49.06 -65.30
C ILE J 486 1.10 -50.27 -64.51
N GLY J 487 0.16 -51.11 -64.07
CA GLY J 487 0.52 -52.30 -63.31
C GLY J 487 1.36 -53.28 -64.11
N LYS J 488 1.14 -53.31 -65.42
CA LYS J 488 1.96 -54.10 -66.32
C LYS J 488 3.37 -53.53 -66.45
N SER J 489 3.47 -52.20 -66.59
CA SER J 489 4.77 -51.58 -66.85
C SER J 489 5.69 -51.67 -65.64
N ILE J 490 5.13 -51.43 -64.45
CA ILE J 490 5.92 -51.51 -63.23
C ILE J 490 6.34 -52.95 -62.92
N ASN J 491 5.65 -53.93 -63.50
CA ASN J 491 6.02 -55.32 -63.35
C ASN J 491 7.06 -55.75 -64.37
N PHE J 492 7.00 -55.21 -65.60
CA PHE J 492 8.10 -55.41 -66.54
C PHE J 492 9.39 -54.84 -65.98
N LEU J 493 9.31 -53.61 -65.45
CA LEU J 493 10.42 -52.90 -64.86
C LEU J 493 11.05 -53.64 -63.69
N HIS J 494 10.28 -54.47 -62.99
CA HIS J 494 10.80 -55.30 -61.92
C HIS J 494 11.31 -56.63 -62.43
N GLN J 495 10.44 -57.41 -63.07
CA GLN J 495 10.74 -58.80 -63.33
C GLN J 495 11.77 -59.00 -64.43
N VAL J 496 12.02 -58.01 -65.28
CA VAL J 496 13.04 -58.21 -66.29
C VAL J 496 14.26 -57.35 -65.98
N CYS J 497 14.07 -56.03 -65.98
CA CYS J 497 15.19 -55.11 -65.90
C CYS J 497 15.81 -55.12 -64.52
N HIS J 498 14.98 -55.37 -63.49
CA HIS J 498 15.33 -55.36 -62.08
C HIS J 498 15.96 -54.02 -61.72
N ASP J 499 15.32 -52.97 -62.20
CA ASP J 499 15.68 -51.60 -61.89
C ASP J 499 14.43 -50.97 -61.30
N GLN J 500 14.60 -50.27 -60.18
CA GLN J 500 13.43 -49.75 -59.48
C GLN J 500 13.86 -48.54 -58.67
N THR J 501 12.85 -47.82 -58.21
CA THR J 501 12.99 -46.73 -57.26
C THR J 501 11.90 -46.91 -56.21
N PRO J 502 12.26 -47.02 -54.93
CA PRO J 502 11.25 -47.17 -53.86
C PRO J 502 10.18 -46.09 -53.82
N THR J 503 8.96 -46.46 -53.37
CA THR J 503 7.82 -45.57 -53.13
C THR J 503 7.32 -44.83 -54.38
N THR J 504 6.47 -45.48 -55.18
CA THR J 504 5.76 -44.77 -56.24
C THR J 504 4.33 -44.41 -55.82
N LYS J 505 3.97 -43.16 -56.06
CA LYS J 505 2.59 -42.67 -55.96
C LYS J 505 2.20 -42.00 -57.28
N THR J 524 -22.23 -43.28 -56.91
CA THR J 524 -21.23 -42.33 -56.45
C THR J 524 -19.84 -42.84 -56.81
N ASP J 525 -18.99 -41.96 -57.31
CA ASP J 525 -17.60 -42.25 -57.62
C ASP J 525 -16.74 -41.95 -56.40
N LEU J 526 -15.43 -41.87 -56.59
CA LEU J 526 -14.54 -41.23 -55.64
C LEU J 526 -14.39 -39.75 -55.92
N GLU J 527 -15.41 -39.16 -56.59
CA GLU J 527 -15.44 -37.76 -57.01
C GLU J 527 -14.19 -37.40 -57.80
N ASN J 528 -13.92 -38.20 -58.84
CA ASN J 528 -12.75 -38.10 -59.70
C ASN J 528 -11.47 -38.23 -58.89
N ALA J 529 -11.23 -39.41 -58.33
CA ALA J 529 -9.92 -39.74 -57.79
C ALA J 529 -9.19 -40.80 -58.61
N PHE J 530 -9.92 -41.59 -59.41
CA PHE J 530 -9.29 -42.44 -60.41
C PHE J 530 -8.47 -41.61 -61.38
N GLN J 531 -9.11 -40.68 -62.08
CA GLN J 531 -8.45 -39.98 -63.18
C GLN J 531 -7.39 -38.98 -62.73
N GLY J 532 -7.16 -38.82 -61.43
CA GLY J 532 -5.99 -38.11 -60.97
C GLY J 532 -4.85 -39.06 -60.62
N LYS J 533 -5.19 -40.10 -59.87
CA LYS J 533 -4.17 -41.06 -59.42
C LYS J 533 -3.61 -41.85 -60.60
N ILE J 534 -4.47 -42.30 -61.51
CA ILE J 534 -4.06 -43.18 -62.59
C ILE J 534 -3.13 -42.45 -63.57
N ASP J 535 -3.51 -41.25 -64.00
CA ASP J 535 -2.67 -40.58 -65.00
C ASP J 535 -1.38 -40.01 -64.40
N ALA J 536 -1.41 -39.60 -63.12
CA ALA J 536 -0.17 -39.21 -62.44
C ALA J 536 0.83 -40.36 -62.39
N ALA J 537 0.36 -41.54 -61.97
CA ALA J 537 1.22 -42.71 -61.85
C ALA J 537 1.74 -43.17 -63.21
N TYR J 538 0.88 -43.10 -64.24
CA TYR J 538 1.25 -43.50 -65.60
C TYR J 538 2.40 -42.67 -66.13
N PHE J 539 2.31 -41.35 -65.94
CA PHE J 539 3.37 -40.44 -66.35
C PHE J 539 4.70 -40.78 -65.67
N GLU J 540 4.65 -41.00 -64.34
CA GLU J 540 5.89 -41.27 -63.60
C GLU J 540 6.55 -42.60 -64.02
N THR J 541 5.76 -43.68 -64.05
CA THR J 541 6.25 -45.01 -64.43
C THR J 541 6.90 -45.01 -65.81
N SER J 542 6.19 -44.43 -66.79
CA SER J 542 6.67 -44.45 -68.16
C SER J 542 7.93 -43.62 -68.33
N LYS J 543 8.05 -42.48 -67.61
CA LYS J 543 9.26 -41.66 -67.75
C LYS J 543 10.51 -42.40 -67.27
N TYR J 544 10.41 -43.11 -66.12
CA TYR J 544 11.62 -43.75 -65.61
C TYR J 544 11.94 -44.99 -66.43
N LEU J 545 10.89 -45.67 -66.89
CA LEU J 545 11.07 -46.86 -67.72
C LEU J 545 11.83 -46.54 -68.99
N LEU J 546 11.38 -45.49 -69.72
CA LEU J 546 12.03 -45.12 -70.98
C LEU J 546 13.47 -44.66 -70.76
N ASP J 547 13.70 -43.91 -69.67
CA ASP J 547 15.05 -43.49 -69.28
C ASP J 547 16.00 -44.67 -69.18
N VAL J 548 15.63 -45.68 -68.41
CA VAL J 548 16.60 -46.73 -68.12
C VAL J 548 16.72 -47.71 -69.29
N LEU J 549 15.64 -47.91 -70.06
CA LEU J 549 15.76 -48.76 -71.24
C LEU J 549 16.65 -48.15 -72.31
N ASN J 550 16.66 -46.82 -72.44
CA ASN J 550 17.54 -46.23 -73.44
C ASN J 550 18.97 -45.99 -72.95
N LYS J 551 19.31 -46.34 -71.71
CA LYS J 551 20.70 -46.14 -71.30
C LYS J 551 21.35 -47.39 -70.74
N LYS J 552 20.60 -48.17 -69.97
CA LYS J 552 21.16 -49.38 -69.38
C LYS J 552 21.16 -50.54 -70.35
N TYR J 553 20.26 -50.52 -71.34
CA TYR J 553 20.22 -51.53 -72.37
C TYR J 553 20.18 -50.95 -73.78
N SER J 554 20.13 -49.62 -73.90
CA SER J 554 20.36 -48.87 -75.15
C SER J 554 19.45 -49.28 -76.29
N LEU J 555 18.16 -49.03 -76.11
CA LEU J 555 17.15 -49.17 -77.15
C LEU J 555 17.54 -48.43 -78.43
N LEU J 556 18.01 -47.20 -78.28
CA LEU J 556 18.35 -46.32 -79.38
C LEU J 556 19.56 -46.82 -80.17
N ASP J 557 20.55 -47.38 -79.48
CA ASP J 557 21.74 -47.91 -80.15
C ASP J 557 21.38 -49.06 -81.05
N HIS J 558 20.49 -49.93 -80.58
CA HIS J 558 20.02 -51.04 -81.39
C HIS J 558 19.24 -50.55 -82.59
N MET J 559 18.42 -49.51 -82.39
CA MET J 559 17.69 -48.94 -83.53
C MET J 559 18.64 -48.32 -84.56
N GLN J 560 19.71 -47.66 -84.09
CA GLN J 560 20.66 -47.06 -85.02
C GLN J 560 21.48 -48.12 -85.76
N ALA J 561 21.76 -49.24 -85.12
CA ALA J 561 22.50 -50.31 -85.79
C ALA J 561 21.61 -51.30 -86.52
N MET J 562 20.29 -51.11 -86.48
CA MET J 562 19.41 -51.93 -87.31
C MET J 562 19.06 -51.30 -88.65
N ARG J 563 19.40 -50.03 -88.85
CA ARG J 563 19.19 -49.39 -90.14
C ARG J 563 20.50 -49.24 -90.92
N ARG J 564 21.57 -48.87 -90.23
CA ARG J 564 22.88 -48.74 -90.85
C ARG J 564 23.34 -50.06 -91.43
N TYR J 565 23.09 -51.14 -90.70
CA TYR J 565 23.66 -52.43 -91.01
C TYR J 565 22.67 -53.37 -91.67
N LEU J 566 21.50 -53.58 -91.06
CA LEU J 566 20.52 -54.48 -91.63
C LEU J 566 19.85 -53.86 -92.85
N LEU J 567 19.52 -52.57 -92.76
CA LEU J 567 18.85 -51.87 -93.85
C LEU J 567 19.81 -51.14 -94.77
N LEU J 568 21.13 -51.32 -94.57
CA LEU J 568 22.20 -50.73 -95.36
C LEU J 568 22.12 -49.21 -95.38
N GLY J 569 22.25 -48.59 -94.20
CA GLY J 569 22.25 -47.15 -94.08
C GLY J 569 23.63 -46.62 -93.80
N GLN J 570 24.55 -47.57 -93.65
CA GLN J 570 26.00 -47.41 -93.78
C GLN J 570 26.29 -47.75 -95.24
N GLY J 571 27.47 -48.27 -95.56
CA GLY J 571 27.83 -48.53 -96.93
C GLY J 571 29.32 -48.54 -97.18
N ASP J 572 30.13 -48.09 -96.21
CA ASP J 572 31.55 -48.43 -96.20
C ASP J 572 31.76 -49.85 -95.73
N PHE J 573 31.10 -50.18 -94.62
CA PHE J 573 31.12 -51.51 -94.01
C PHE J 573 30.70 -52.58 -95.00
N ILE J 574 29.61 -52.32 -95.72
CA ILE J 574 29.06 -53.27 -96.66
C ILE J 574 29.96 -53.47 -97.87
N ARG J 575 30.56 -52.41 -98.41
CA ARG J 575 31.41 -52.57 -99.58
C ARG J 575 32.74 -53.24 -99.25
N HIS J 576 33.31 -52.97 -98.08
CA HIS J 576 34.51 -53.69 -97.70
C HIS J 576 34.24 -55.15 -97.41
N LEU J 577 33.06 -55.45 -96.84
CA LEU J 577 32.70 -56.85 -96.62
C LEU J 577 32.48 -57.56 -97.94
N MET J 578 31.78 -56.93 -98.89
CA MET J 578 31.57 -57.55 -100.20
C MET J 578 32.87 -57.74 -100.97
N ASP J 579 33.83 -56.84 -100.76
CA ASP J 579 35.13 -57.01 -101.40
C ASP J 579 35.86 -58.23 -100.84
N LEU J 580 35.90 -58.36 -99.51
CA LEU J 580 36.67 -59.46 -98.94
C LEU J 580 35.94 -60.80 -99.02
N LEU J 581 34.61 -60.80 -99.21
CA LEU J 581 33.80 -62.02 -99.19
C LEU J 581 33.48 -62.52 -100.58
N LYS J 582 33.97 -61.87 -101.63
CA LYS J 582 33.80 -62.36 -102.99
C LYS J 582 34.33 -63.78 -103.22
N PRO J 583 35.58 -64.15 -102.87
CA PRO J 583 36.01 -65.53 -103.16
C PRO J 583 35.34 -66.57 -102.29
N GLU J 584 34.89 -66.17 -101.11
CA GLU J 584 34.10 -67.07 -100.28
C GLU J 584 32.76 -67.37 -100.93
N LEU J 585 32.14 -66.35 -101.55
CA LEU J 585 30.80 -66.52 -102.09
C LEU J 585 30.81 -67.27 -103.43
N VAL J 586 31.87 -67.13 -104.22
CA VAL J 586 31.84 -67.72 -105.57
C VAL J 586 31.82 -69.24 -105.59
N ARG J 587 32.20 -69.89 -104.52
CA ARG J 587 32.18 -71.34 -104.47
C ARG J 587 30.91 -71.84 -103.78
N PRO J 588 30.45 -73.07 -104.04
CA PRO J 588 29.23 -73.55 -103.38
C PRO J 588 29.44 -73.77 -101.90
N ALA J 589 28.41 -73.43 -101.11
CA ALA J 589 28.55 -73.25 -99.68
C ALA J 589 28.63 -74.54 -98.88
N THR J 590 28.64 -75.69 -99.57
CA THR J 590 28.91 -76.95 -98.88
C THR J 590 30.35 -77.02 -98.39
N THR J 591 31.27 -76.38 -99.12
CA THR J 591 32.66 -76.28 -98.73
C THR J 591 32.97 -74.94 -98.07
N LEU J 592 31.95 -74.29 -97.50
CA LEU J 592 32.10 -73.05 -96.76
C LEU J 592 31.62 -73.28 -95.34
N TYR J 593 32.41 -72.85 -94.37
CA TYR J 593 32.09 -73.06 -92.98
C TYR J 593 32.23 -71.74 -92.23
N GLN J 594 31.60 -71.68 -91.05
CA GLN J 594 31.38 -70.42 -90.34
C GLN J 594 32.67 -69.81 -89.80
N HIS J 595 33.66 -70.66 -89.50
CA HIS J 595 34.95 -70.16 -89.02
C HIS J 595 35.70 -69.41 -90.12
N ASN J 596 35.37 -69.67 -91.37
CA ASN J 596 35.89 -68.85 -92.46
C ASN J 596 35.13 -67.54 -92.60
N LEU J 597 33.89 -67.47 -92.13
CA LEU J 597 33.11 -66.25 -92.25
C LEU J 597 33.53 -65.22 -91.22
N THR J 598 33.72 -65.66 -89.96
CA THR J 598 33.87 -64.70 -88.87
C THR J 598 35.19 -63.93 -88.95
N GLY J 599 36.24 -64.56 -89.50
CA GLY J 599 37.50 -63.85 -89.62
C GLY J 599 37.46 -62.79 -90.70
N ILE J 600 36.83 -63.09 -91.83
CA ILE J 600 36.68 -62.14 -92.92
C ILE J 600 35.84 -60.94 -92.48
N LEU J 601 34.80 -61.23 -91.69
CA LEU J 601 34.01 -60.16 -91.07
C LEU J 601 34.87 -59.29 -90.17
N GLU J 602 35.74 -59.92 -89.37
CA GLU J 602 36.63 -59.19 -88.47
C GLU J 602 37.59 -58.30 -89.23
N THR J 603 38.17 -58.82 -90.32
CA THR J 603 39.11 -58.08 -91.15
C THR J 603 38.46 -56.86 -91.75
N ALA J 604 37.24 -57.04 -92.28
CA ALA J 604 36.45 -55.94 -92.79
C ALA J 604 36.26 -54.86 -91.73
N VAL J 605 35.84 -55.27 -90.53
CA VAL J 605 35.55 -54.35 -89.43
C VAL J 605 36.79 -53.52 -89.06
N ARG J 606 37.96 -54.15 -89.06
CA ARG J 606 39.18 -53.39 -88.78
C ARG J 606 39.52 -52.46 -89.92
N ALA J 607 39.31 -52.90 -91.16
CA ALA J 607 39.70 -52.08 -92.30
C ALA J 607 38.72 -50.95 -92.54
N THR J 608 37.42 -51.21 -92.42
CA THR J 608 36.42 -50.22 -92.79
C THR J 608 36.08 -49.32 -91.61
N ASN J 609 35.15 -48.38 -91.88
CA ASN J 609 34.66 -47.38 -90.94
C ASN J 609 34.09 -47.96 -89.64
N ALA J 610 33.71 -49.25 -89.63
CA ALA J 610 33.09 -49.90 -88.47
C ALA J 610 33.94 -49.88 -87.20
N GLN J 611 35.26 -49.78 -87.36
CA GLN J 611 36.19 -49.83 -86.22
C GLN J 611 35.96 -48.68 -85.24
N PHE J 612 35.49 -47.54 -85.73
CA PHE J 612 35.32 -46.37 -84.87
C PHE J 612 34.04 -46.46 -84.06
N ASP J 613 33.15 -47.39 -84.41
CA ASP J 613 31.90 -47.54 -83.70
C ASP J 613 32.10 -48.26 -82.36
N SER J 614 31.02 -48.36 -81.61
CA SER J 614 31.03 -48.98 -80.30
C SER J 614 31.22 -50.48 -80.45
N PRO J 615 32.04 -51.12 -79.61
CA PRO J 615 32.35 -52.54 -79.81
C PRO J 615 31.19 -53.47 -79.51
N GLU J 616 30.24 -53.03 -78.69
CA GLU J 616 29.13 -53.89 -78.28
C GLU J 616 28.22 -54.22 -79.45
N ILE J 617 27.85 -53.19 -80.22
CA ILE J 617 26.98 -53.40 -81.38
C ILE J 617 27.72 -54.17 -82.46
N LEU J 618 29.05 -54.03 -82.52
CA LEU J 618 29.83 -54.81 -83.48
C LEU J 618 29.85 -56.27 -83.07
N ARG J 619 29.93 -56.54 -81.77
CA ARG J 619 29.80 -57.90 -81.28
C ARG J 619 28.42 -58.46 -81.58
N ARG J 620 27.39 -57.63 -81.43
CA ARG J 620 26.02 -58.09 -81.64
C ARG J 620 25.67 -58.30 -83.11
N LEU J 621 26.46 -57.78 -84.02
CA LEU J 621 26.39 -58.17 -85.43
C LEU J 621 27.31 -59.37 -85.64
N ASP J 622 26.76 -60.44 -86.20
CA ASP J 622 27.58 -61.61 -86.53
C ASP J 622 26.94 -62.35 -87.69
N VAL J 623 27.72 -63.26 -88.28
CA VAL J 623 27.35 -63.98 -89.49
C VAL J 623 26.38 -65.13 -89.23
N ARG J 624 25.82 -65.69 -90.29
CA ARG J 624 25.02 -66.90 -90.24
C ARG J 624 25.10 -67.63 -91.58
N LEU J 625 24.54 -68.84 -91.58
CA LEU J 625 24.41 -69.68 -92.77
C LEU J 625 22.96 -70.05 -92.96
N LEU J 626 22.60 -70.27 -94.22
CA LEU J 626 21.34 -70.89 -94.58
C LEU J 626 21.59 -72.36 -94.92
N GLU J 627 20.52 -73.15 -94.83
CA GLU J 627 20.56 -74.57 -95.17
C GLU J 627 20.98 -74.79 -96.62
N VAL J 628 21.32 -76.03 -96.96
CA VAL J 628 22.61 -76.44 -97.52
C VAL J 628 23.35 -75.41 -98.36
N SER J 629 22.82 -75.05 -99.52
CA SER J 629 23.45 -74.07 -100.40
C SER J 629 22.35 -73.47 -101.27
N PRO J 630 21.72 -72.35 -100.84
CA PRO J 630 20.62 -71.79 -101.61
C PRO J 630 21.05 -71.26 -102.95
N GLY J 631 20.57 -71.91 -104.01
CA GLY J 631 20.78 -71.48 -105.39
C GLY J 631 21.83 -72.29 -106.13
N ASP J 632 22.85 -72.79 -105.39
CA ASP J 632 24.06 -73.51 -105.83
C ASP J 632 25.05 -72.60 -106.55
N THR J 633 24.63 -71.36 -106.82
CA THR J 633 25.51 -70.35 -107.40
C THR J 633 26.47 -69.80 -106.35
N GLY J 634 26.19 -70.03 -105.08
CA GLY J 634 27.03 -69.63 -103.98
C GLY J 634 26.70 -68.26 -103.43
N TRP J 635 26.20 -67.37 -104.28
CA TRP J 635 26.05 -65.98 -103.91
C TRP J 635 24.78 -65.68 -103.12
N ASP J 636 23.79 -66.57 -103.15
CA ASP J 636 22.66 -66.36 -102.27
C ASP J 636 22.96 -66.79 -100.84
N VAL J 637 23.97 -67.64 -100.64
CA VAL J 637 24.24 -68.19 -99.33
C VAL J 637 25.14 -67.23 -98.59
N PHE J 638 24.55 -66.38 -97.74
CA PHE J 638 25.19 -65.65 -96.64
C PHE J 638 24.08 -64.90 -95.92
N SER J 639 24.30 -64.52 -94.67
CA SER J 639 23.46 -63.50 -94.05
C SER J 639 24.25 -62.84 -92.93
N LEU J 640 23.80 -61.64 -92.59
CA LEU J 640 24.14 -60.98 -91.35
C LEU J 640 22.90 -60.96 -90.48
N ASP J 641 23.06 -61.36 -89.23
CA ASP J 641 22.01 -61.23 -88.24
C ASP J 641 22.55 -60.43 -87.07
N TYR J 642 21.78 -59.46 -86.63
CA TYR J 642 22.07 -58.73 -85.41
C TYR J 642 21.38 -59.44 -84.25
N HIS J 643 22.15 -60.03 -83.34
CA HIS J 643 21.52 -60.75 -82.25
C HIS J 643 21.29 -59.82 -81.07
N VAL J 644 20.12 -59.97 -80.45
CA VAL J 644 19.72 -59.22 -79.27
C VAL J 644 19.61 -60.20 -78.11
N ASP J 645 20.15 -59.81 -76.96
CA ASP J 645 20.07 -60.66 -75.79
C ASP J 645 19.71 -59.86 -74.54
N GLY J 646 19.15 -58.66 -74.71
CA GLY J 646 18.75 -57.85 -73.58
C GLY J 646 17.25 -57.87 -73.37
N PRO J 647 16.77 -57.10 -72.38
CA PRO J 647 15.32 -56.94 -72.19
C PRO J 647 14.62 -56.30 -73.35
N ILE J 648 15.34 -55.51 -74.16
CA ILE J 648 14.78 -54.85 -75.33
C ILE J 648 14.48 -55.80 -76.47
N ALA J 649 14.60 -57.11 -76.28
CA ALA J 649 14.09 -58.11 -77.22
C ALA J 649 12.59 -57.94 -77.49
N THR J 650 11.85 -57.42 -76.50
CA THR J 650 10.41 -57.26 -76.61
C THR J 650 10.00 -56.26 -77.69
N VAL J 651 10.84 -55.27 -78.01
CA VAL J 651 10.52 -54.39 -79.14
C VAL J 651 11.13 -54.92 -80.46
N PHE J 652 12.21 -55.69 -80.40
CA PHE J 652 12.75 -56.27 -81.61
C PHE J 652 12.23 -57.69 -81.69
N THR J 653 10.93 -57.80 -81.93
CA THR J 653 10.21 -59.05 -81.78
C THR J 653 10.60 -60.07 -82.84
N ARG J 654 10.20 -61.31 -82.60
CA ARG J 654 10.74 -62.45 -83.32
C ARG J 654 10.24 -62.52 -84.74
N GLU J 655 9.12 -61.85 -85.03
CA GLU J 655 8.60 -61.77 -86.38
C GLU J 655 9.26 -60.66 -87.21
N CYS J 656 9.81 -59.62 -86.57
CA CYS J 656 10.35 -58.50 -87.32
C CYS J 656 11.80 -58.75 -87.75
N MET J 657 12.50 -59.64 -87.06
CA MET J 657 13.80 -60.08 -87.54
C MET J 657 13.69 -60.78 -88.88
N SER J 658 12.61 -61.54 -89.07
CA SER J 658 12.33 -62.18 -90.35
C SER J 658 12.17 -61.15 -91.47
N HIS J 659 11.48 -60.06 -91.17
CA HIS J 659 11.31 -58.96 -92.12
C HIS J 659 12.63 -58.31 -92.49
N TYR J 660 13.47 -58.08 -91.46
CA TYR J 660 14.81 -57.54 -91.67
C TYR J 660 15.65 -58.42 -92.58
N LEU J 661 15.53 -59.73 -92.41
CA LEU J 661 16.31 -60.63 -93.23
C LEU J 661 15.80 -60.67 -94.67
N ARG J 662 14.48 -60.51 -94.87
CA ARG J 662 13.92 -60.44 -96.23
C ARG J 662 14.42 -59.21 -96.97
N VAL J 663 14.35 -58.05 -96.32
CA VAL J 663 14.74 -56.80 -96.97
C VAL J 663 16.26 -56.79 -97.20
N PHE J 664 17.02 -57.41 -96.30
CA PHE J 664 18.46 -57.54 -96.47
C PHE J 664 18.79 -58.46 -97.62
N ASN J 665 17.96 -59.48 -97.84
CA ASN J 665 18.18 -60.42 -98.93
C ASN J 665 18.04 -59.74 -100.29
N PHE J 666 16.97 -58.96 -100.45
CA PHE J 666 16.81 -58.17 -101.67
C PHE J 666 17.94 -57.14 -101.84
N LEU J 667 18.31 -56.48 -100.74
CA LEU J 667 19.35 -55.46 -100.77
C LEU J 667 20.76 -56.03 -100.76
N TRP J 668 20.88 -57.36 -100.79
CA TRP J 668 22.12 -58.06 -101.01
C TRP J 668 22.27 -58.40 -102.49
N ARG J 669 21.20 -58.93 -103.09
CA ARG J 669 21.24 -59.28 -104.51
C ARG J 669 21.44 -58.05 -105.39
N ALA J 670 20.68 -56.97 -105.11
CA ALA J 670 20.85 -55.76 -105.91
C ALA J 670 22.20 -55.09 -105.69
N LYS J 671 22.71 -55.14 -104.47
CA LYS J 671 24.01 -54.58 -104.12
C LYS J 671 25.15 -55.40 -104.71
N ARG J 672 24.91 -56.65 -105.08
CA ARG J 672 25.87 -57.36 -105.92
C ARG J 672 25.76 -56.96 -107.38
N MET J 673 24.53 -56.90 -107.90
CA MET J 673 24.34 -56.72 -109.34
C MET J 673 24.79 -55.34 -109.80
N GLU J 674 24.66 -54.34 -108.93
CA GLU J 674 25.20 -53.02 -109.25
C GLU J 674 26.71 -53.07 -109.39
N TYR J 675 27.36 -53.89 -108.57
CA TYR J 675 28.79 -53.96 -108.68
C TYR J 675 29.22 -54.83 -109.85
N ILE J 676 28.35 -55.74 -110.30
CA ILE J 676 28.63 -56.50 -111.52
C ILE J 676 28.54 -55.60 -112.76
N LEU J 677 27.58 -54.68 -112.78
CA LEU J 677 27.51 -53.78 -113.93
C LEU J 677 28.61 -52.74 -113.90
N THR J 678 29.08 -52.35 -112.71
CA THR J 678 30.23 -51.48 -112.84
C THR J 678 31.49 -52.26 -113.18
N ASP J 679 31.50 -53.59 -113.01
CA ASP J 679 32.55 -54.36 -113.69
C ASP J 679 32.41 -54.31 -115.20
N ILE J 680 31.18 -54.28 -115.72
CA ILE J 680 30.98 -54.12 -117.16
C ILE J 680 31.58 -52.80 -117.64
N ARG J 681 31.28 -51.72 -116.91
CA ARG J 681 31.78 -50.40 -117.27
C ARG J 681 33.30 -50.30 -117.15
N LYS J 682 33.85 -50.88 -116.07
CA LYS J 682 35.29 -50.95 -115.89
C LYS J 682 35.95 -51.74 -117.02
N GLY J 683 35.28 -52.79 -117.51
CA GLY J 683 35.83 -53.55 -118.60
C GLY J 683 35.85 -52.77 -119.92
N HIS J 684 34.79 -52.00 -120.17
CA HIS J 684 34.77 -51.12 -121.35
C HIS J 684 35.93 -50.13 -121.31
N MET J 685 36.08 -49.45 -120.17
CA MET J 685 37.05 -48.36 -120.04
C MET J 685 38.49 -48.83 -120.15
N CYS J 686 38.77 -50.12 -119.94
CA CYS J 686 40.12 -50.61 -120.15
C CYS J 686 40.30 -51.25 -121.51
N ASN J 687 39.32 -52.06 -121.96
CA ASN J 687 39.55 -52.85 -123.16
C ASN J 687 39.49 -52.02 -124.42
N ALA J 688 38.61 -51.00 -124.45
CA ALA J 688 38.48 -50.18 -125.65
C ALA J 688 39.73 -49.38 -125.97
N LYS J 689 40.64 -49.20 -124.99
CA LYS J 689 41.88 -48.51 -125.31
C LYS J 689 42.93 -49.41 -125.97
N LEU J 690 42.64 -50.69 -126.17
CA LEU J 690 43.51 -51.52 -127.00
C LEU J 690 42.99 -51.61 -128.43
N LEU J 691 41.70 -51.35 -128.60
CA LEU J 691 41.02 -51.38 -129.88
C LEU J 691 41.01 -50.00 -130.54
N ARG J 692 41.90 -49.11 -130.09
CA ARG J 692 42.20 -47.86 -130.77
C ARG J 692 43.12 -48.05 -131.97
N ASN J 693 43.57 -49.28 -132.21
CA ASN J 693 44.36 -49.59 -133.39
C ASN J 693 43.66 -50.58 -134.30
N MET J 694 42.45 -51.02 -133.95
CA MET J 694 41.69 -51.97 -134.76
C MET J 694 40.31 -51.37 -135.02
N PRO J 695 40.14 -50.62 -136.10
CA PRO J 695 38.79 -50.25 -136.55
C PRO J 695 38.11 -51.36 -137.35
N GLU J 696 37.93 -52.50 -136.68
CA GLU J 696 37.15 -53.62 -137.22
C GLU J 696 36.14 -54.09 -136.19
N PHE J 697 36.53 -54.08 -134.91
CA PHE J 697 35.65 -54.45 -133.82
C PHE J 697 34.81 -53.28 -133.35
N SER J 698 35.06 -52.08 -133.89
CA SER J 698 34.51 -50.83 -133.35
C SER J 698 32.97 -50.81 -133.37
N GLY J 699 32.36 -51.46 -134.36
CA GLY J 699 30.91 -51.57 -134.41
C GLY J 699 30.29 -52.31 -133.25
N VAL J 700 30.69 -53.57 -133.06
CA VAL J 700 30.13 -54.39 -131.98
C VAL J 700 30.58 -53.86 -130.62
N LEU J 701 31.83 -53.39 -130.52
CA LEU J 701 32.35 -52.79 -129.30
C LEU J 701 31.59 -51.56 -128.92
N HIS J 702 31.16 -50.79 -129.91
CA HIS J 702 30.37 -49.64 -129.59
C HIS J 702 28.95 -50.01 -129.16
N GLN J 703 28.31 -50.92 -129.89
CA GLN J 703 26.95 -51.36 -129.59
C GLN J 703 26.84 -51.88 -128.16
N CYS J 704 27.90 -52.54 -127.69
CA CYS J 704 27.98 -52.99 -126.31
C CYS J 704 28.02 -51.84 -125.31
N HIS J 705 28.76 -50.75 -125.64
CA HIS J 705 28.88 -49.58 -124.77
C HIS J 705 27.53 -48.95 -124.48
N ILE J 706 26.62 -49.07 -125.42
CA ILE J 706 25.34 -48.39 -125.35
C ILE J 706 24.34 -49.24 -124.59
N LEU J 707 24.38 -50.55 -124.90
CA LEU J 707 23.61 -51.54 -124.14
C LEU J 707 23.93 -51.48 -122.66
N ALA J 708 25.20 -51.25 -122.31
CA ALA J 708 25.59 -51.13 -120.91
C ALA J 708 24.95 -49.92 -120.23
N SER J 709 25.03 -48.76 -120.86
CA SER J 709 24.48 -47.54 -120.28
C SER J 709 22.96 -47.59 -120.13
N GLU J 710 22.28 -48.36 -120.97
CA GLU J 710 20.84 -48.50 -120.77
C GLU J 710 20.50 -49.33 -119.54
N MET J 711 21.37 -50.25 -119.14
CA MET J 711 21.14 -50.99 -117.90
C MET J 711 21.57 -50.18 -116.70
N VAL J 712 22.67 -49.43 -116.84
CA VAL J 712 23.33 -48.71 -115.74
C VAL J 712 22.38 -47.74 -115.06
N HIS J 713 21.53 -47.07 -115.84
CA HIS J 713 20.65 -46.05 -115.29
C HIS J 713 19.56 -46.66 -114.41
N PHE J 714 18.98 -47.78 -114.84
CA PHE J 714 17.85 -48.35 -114.11
C PHE J 714 18.27 -48.97 -112.79
N ILE J 715 19.50 -49.49 -112.72
CA ILE J 715 20.06 -49.90 -111.44
C ILE J 715 20.74 -48.73 -110.72
N HIS J 716 20.64 -47.53 -111.28
CA HIS J 716 20.91 -46.35 -110.48
C HIS J 716 19.66 -45.56 -110.17
N GLN J 717 18.49 -46.02 -110.63
CA GLN J 717 17.24 -45.47 -110.12
C GLN J 717 16.65 -46.31 -109.00
N MET J 718 16.89 -47.63 -109.02
CA MET J 718 16.51 -48.47 -107.89
C MET J 718 17.27 -48.05 -106.64
N GLN J 719 18.58 -47.90 -106.73
CA GLN J 719 19.41 -47.57 -105.58
C GLN J 719 19.28 -46.11 -105.13
N TYR J 720 18.43 -45.32 -105.77
CA TYR J 720 18.04 -44.02 -105.23
C TYR J 720 16.60 -43.99 -104.76
N TYR J 721 15.70 -44.70 -105.44
CA TYR J 721 14.31 -44.79 -105.01
C TYR J 721 14.16 -45.58 -103.72
N ILE J 722 15.12 -46.45 -103.42
CA ILE J 722 15.10 -47.16 -102.15
C ILE J 722 15.57 -46.27 -101.01
N THR J 723 16.30 -45.21 -101.30
CA THR J 723 16.92 -44.43 -100.23
C THR J 723 16.12 -43.22 -99.79
N PHE J 724 15.60 -42.42 -100.72
CA PHE J 724 14.99 -41.15 -100.37
C PHE J 724 13.48 -41.25 -100.22
N GLU J 725 12.92 -42.46 -100.31
CA GLU J 725 11.53 -42.70 -99.97
C GLU J 725 11.33 -43.86 -99.02
N VAL J 726 12.16 -44.90 -99.08
CA VAL J 726 12.00 -46.09 -98.25
C VAL J 726 12.98 -46.05 -97.07
N LEU J 727 13.97 -45.18 -97.12
CA LEU J 727 14.90 -45.10 -95.99
C LEU J 727 15.04 -43.68 -95.44
N GLU J 728 14.14 -42.78 -95.81
CA GLU J 728 14.32 -41.40 -95.38
C GLU J 728 12.97 -40.79 -94.94
N CYS J 729 11.87 -41.18 -95.59
CA CYS J 729 10.55 -40.99 -94.99
C CYS J 729 10.37 -41.93 -93.81
N SER J 730 10.75 -43.19 -93.99
CA SER J 730 10.57 -44.22 -92.98
C SER J 730 11.43 -43.95 -91.74
N TRP J 731 12.64 -43.44 -91.94
CA TRP J 731 13.53 -43.12 -90.82
C TRP J 731 13.02 -41.94 -90.01
N ASP J 732 12.57 -40.89 -90.69
CA ASP J 732 11.99 -39.72 -90.04
C ASP J 732 10.74 -40.08 -89.25
N GLU J 733 9.89 -40.92 -89.86
CA GLU J 733 8.65 -41.39 -89.25
C GLU J 733 8.91 -42.15 -87.97
N LEU J 734 9.86 -43.10 -88.01
CA LEU J 734 10.22 -43.87 -86.83
C LEU J 734 10.86 -42.98 -85.76
N TRP J 735 11.75 -42.07 -86.16
CA TRP J 735 12.49 -41.24 -85.22
C TRP J 735 11.57 -40.30 -84.45
N ASN J 736 10.56 -39.76 -85.13
CA ASN J 736 9.52 -39.02 -84.44
C ASN J 736 8.72 -39.92 -83.50
N LYS J 737 8.26 -41.07 -84.02
CA LYS J 737 7.40 -41.93 -83.21
C LYS J 737 8.13 -42.64 -82.06
N VAL J 738 9.45 -42.47 -81.95
CA VAL J 738 10.09 -42.88 -80.71
C VAL J 738 10.31 -41.66 -79.81
N GLN J 739 10.79 -40.53 -80.37
CA GLN J 739 11.26 -39.42 -79.52
C GLN J 739 10.11 -38.76 -78.75
N GLN J 740 8.88 -38.92 -79.22
CA GLN J 740 7.75 -38.32 -78.50
C GLN J 740 7.13 -39.28 -77.48
N ALA J 741 7.16 -40.59 -77.78
CA ALA J 741 6.14 -41.51 -77.28
C ALA J 741 6.27 -41.75 -75.79
N GLN J 742 5.12 -41.85 -75.12
CA GLN J 742 5.06 -41.98 -73.67
C GLN J 742 4.65 -43.38 -73.23
N ASP J 743 4.89 -44.38 -74.08
CA ASP J 743 4.72 -45.77 -73.68
C ASP J 743 5.62 -46.65 -74.54
N LEU J 744 6.06 -47.76 -73.93
CA LEU J 744 6.74 -48.79 -74.69
C LEU J 744 5.80 -49.44 -75.71
N ASP J 745 4.52 -49.56 -75.35
CA ASP J 745 3.52 -50.17 -76.21
C ASP J 745 3.28 -49.34 -77.47
N HIS J 746 3.61 -48.05 -77.45
CA HIS J 746 3.51 -47.23 -78.64
C HIS J 746 4.77 -47.35 -79.50
N ILE J 747 5.92 -47.48 -78.83
CA ILE J 747 7.19 -47.66 -79.52
C ILE J 747 7.19 -48.94 -80.36
N ILE J 748 6.68 -50.04 -79.76
CA ILE J 748 6.58 -51.33 -80.46
C ILE J 748 5.74 -51.21 -81.71
N ALA J 749 4.52 -50.70 -81.56
CA ALA J 749 3.55 -50.66 -82.64
C ALA J 749 3.87 -49.59 -83.67
N ALA J 750 4.81 -48.70 -83.41
CA ALA J 750 5.40 -47.89 -84.46
C ALA J 750 6.47 -48.63 -85.25
N HIS J 751 7.31 -49.39 -84.53
CA HIS J 751 8.40 -50.12 -85.18
C HIS J 751 7.88 -51.17 -86.15
N GLU J 752 6.83 -51.90 -85.73
CA GLU J 752 6.24 -52.98 -86.52
C GLU J 752 5.78 -52.50 -87.89
N VAL J 753 5.05 -51.39 -87.89
CA VAL J 753 4.44 -50.90 -89.13
C VAL J 753 5.48 -50.22 -90.01
N PHE J 754 6.51 -49.62 -89.40
CA PHE J 754 7.60 -49.03 -90.19
C PHE J 754 8.33 -50.10 -91.01
N LEU J 755 8.57 -51.26 -90.39
CA LEU J 755 9.16 -52.38 -91.13
C LEU J 755 8.19 -52.96 -92.17
N ASP J 756 6.89 -53.02 -91.85
CA ASP J 756 5.89 -53.52 -92.81
C ASP J 756 5.81 -52.64 -94.06
N THR J 757 5.96 -51.33 -93.88
CA THR J 757 5.93 -50.41 -95.01
C THR J 757 7.14 -50.59 -95.91
N ILE J 758 8.31 -50.86 -95.31
CA ILE J 758 9.46 -51.22 -96.14
C ILE J 758 9.22 -52.53 -96.91
N ILE J 759 8.50 -53.48 -96.31
CA ILE J 759 8.15 -54.71 -97.04
C ILE J 759 7.26 -54.42 -98.25
N SER J 760 6.31 -53.49 -98.11
CA SER J 760 5.44 -53.23 -99.24
C SER J 760 6.13 -52.43 -100.34
N ARG J 761 6.94 -51.42 -99.99
CA ARG J 761 7.52 -50.58 -101.04
C ARG J 761 8.65 -51.29 -101.77
N CYS J 762 9.42 -52.11 -101.07
CA CYS J 762 10.31 -53.03 -101.76
C CYS J 762 9.52 -54.19 -102.34
N LEU J 763 10.14 -54.89 -103.28
CA LEU J 763 9.45 -55.92 -104.05
C LEU J 763 9.60 -57.24 -103.30
N LEU J 764 8.79 -57.42 -102.25
CA LEU J 764 8.92 -58.59 -101.39
C LEU J 764 7.58 -59.18 -101.00
N ASP J 765 6.48 -58.65 -101.54
CA ASP J 765 5.18 -59.24 -101.27
C ASP J 765 5.00 -60.52 -102.07
N SER J 766 4.03 -61.33 -101.66
CA SER J 766 3.58 -62.43 -102.50
C SER J 766 2.75 -61.92 -103.67
N ASP J 767 2.17 -60.73 -103.55
CA ASP J 767 1.40 -60.16 -104.65
C ASP J 767 2.31 -59.54 -105.71
N SER J 768 3.46 -59.02 -105.33
CA SER J 768 4.42 -58.45 -106.29
C SER J 768 5.37 -59.49 -106.85
N ARG J 769 4.97 -60.77 -106.84
CA ARG J 769 5.77 -61.83 -107.43
C ARG J 769 5.93 -61.62 -108.94
N ALA J 770 4.88 -61.12 -109.59
CA ALA J 770 4.94 -60.83 -111.02
C ALA J 770 5.95 -59.74 -111.32
N LEU J 771 6.02 -58.72 -110.47
CA LEU J 771 7.02 -57.67 -110.62
C LEU J 771 8.41 -58.21 -110.32
N LEU J 772 8.50 -59.07 -109.31
CA LEU J 772 9.78 -59.65 -108.89
C LEU J 772 10.36 -60.54 -109.97
N ASN J 773 9.51 -61.20 -110.75
CA ASN J 773 9.96 -62.04 -111.84
C ASN J 773 10.66 -61.22 -112.92
N GLN J 774 10.07 -60.09 -113.30
CA GLN J 774 10.70 -59.18 -114.25
C GLN J 774 12.02 -58.65 -113.69
N LEU J 775 12.05 -58.36 -112.39
CA LEU J 775 13.27 -57.86 -111.79
C LEU J 775 14.36 -58.93 -111.74
N ARG J 776 13.97 -60.18 -111.50
CA ARG J 776 14.96 -61.25 -111.56
C ARG J 776 15.43 -61.50 -112.98
N ALA J 777 14.57 -61.26 -113.96
CA ALA J 777 14.99 -61.43 -115.33
C ALA J 777 15.86 -60.29 -115.85
N VAL J 778 15.82 -59.10 -115.23
CA VAL J 778 16.81 -58.08 -115.59
C VAL J 778 18.10 -58.24 -114.76
N PHE J 779 18.04 -58.94 -113.62
CA PHE J 779 19.30 -59.33 -112.99
C PHE J 779 20.00 -60.48 -113.73
N ASP J 780 19.19 -61.35 -114.35
CA ASP J 780 19.66 -62.39 -115.26
C ASP J 780 20.57 -61.82 -116.33
N GLN J 781 20.11 -60.79 -117.02
CA GLN J 781 20.85 -60.17 -118.12
C GLN J 781 22.15 -59.54 -117.65
N ILE J 782 22.19 -59.02 -116.43
CA ILE J 782 23.41 -58.42 -115.91
C ILE J 782 24.48 -59.48 -115.70
N ILE J 783 24.12 -60.60 -115.07
CA ILE J 783 25.16 -61.63 -114.89
C ILE J 783 25.47 -62.35 -116.22
N GLU J 784 24.52 -62.31 -117.16
CA GLU J 784 24.74 -62.90 -118.48
C GLU J 784 25.74 -62.07 -119.30
N LEU J 785 25.61 -60.75 -119.20
CA LEU J 785 26.39 -59.81 -120.00
C LEU J 785 27.87 -59.90 -119.70
N GLN J 786 28.23 -60.29 -118.47
CA GLN J 786 29.62 -60.42 -118.08
C GLN J 786 30.33 -61.49 -118.90
N ASN J 787 29.73 -62.68 -118.98
CA ASN J 787 30.30 -63.78 -119.74
C ASN J 787 30.32 -63.46 -121.22
N ALA J 788 29.22 -62.88 -121.71
CA ALA J 788 29.16 -62.51 -123.13
C ALA J 788 30.21 -61.45 -123.48
N GLN J 789 30.49 -60.55 -122.53
CA GLN J 789 31.47 -59.50 -122.73
C GLN J 789 32.88 -60.07 -122.77
N ASP J 790 33.20 -60.95 -121.82
CA ASP J 790 34.55 -61.50 -121.79
C ASP J 790 34.81 -62.47 -122.92
N ALA J 791 33.76 -63.10 -123.45
CA ALA J 791 33.91 -64.00 -124.59
C ALA J 791 34.39 -63.27 -125.84
N ILE J 792 34.18 -61.96 -125.92
CA ILE J 792 34.81 -61.15 -126.95
C ILE J 792 36.31 -61.11 -126.74
N TYR J 793 36.72 -60.59 -125.58
CA TYR J 793 38.11 -60.24 -125.34
C TYR J 793 39.00 -61.49 -125.28
N ARG J 794 38.42 -62.61 -124.85
CA ARG J 794 39.11 -63.89 -124.87
C ARG J 794 39.27 -64.46 -126.28
N ALA J 795 38.71 -63.81 -127.30
CA ALA J 795 39.00 -64.15 -128.69
C ALA J 795 39.63 -62.99 -129.43
N ALA J 796 39.07 -61.78 -129.28
CA ALA J 796 39.49 -60.61 -130.04
C ALA J 796 40.87 -60.12 -129.63
N LEU J 797 41.00 -59.78 -128.34
CA LEU J 797 42.21 -59.15 -127.85
C LEU J 797 43.40 -60.11 -127.90
N GLU J 798 43.12 -61.41 -127.75
CA GLU J 798 44.18 -62.43 -127.74
C GLU J 798 44.92 -62.49 -129.07
N GLU J 799 44.21 -62.21 -130.16
CA GLU J 799 44.80 -62.25 -131.49
C GLU J 799 45.92 -61.25 -131.65
N LEU J 800 45.77 -60.06 -131.07
CA LEU J 800 46.66 -58.94 -131.37
C LEU J 800 48.04 -59.14 -130.76
N GLN J 801 48.09 -59.70 -129.56
CA GLN J 801 49.36 -59.98 -128.90
C GLN J 801 50.13 -61.03 -129.68
N ARG J 802 49.43 -62.06 -130.16
CA ARG J 802 50.02 -63.07 -131.03
C ARG J 802 50.51 -62.45 -132.34
N ARG J 803 49.77 -61.46 -132.86
CA ARG J 803 50.18 -60.78 -134.08
C ARG J 803 51.49 -60.01 -133.87
N LEU J 804 51.67 -59.43 -132.69
CA LEU J 804 52.93 -58.78 -132.38
C LEU J 804 54.06 -59.80 -132.24
N GLN J 805 53.77 -60.94 -131.62
CA GLN J 805 54.78 -62.00 -131.49
C GLN J 805 55.17 -62.59 -132.84
N PHE J 806 54.27 -62.51 -133.83
CA PHE J 806 54.60 -62.94 -135.18
C PHE J 806 55.71 -62.08 -135.79
N GLU J 807 55.73 -60.78 -135.49
CA GLU J 807 56.86 -59.97 -135.92
C GLU J 807 58.08 -60.24 -135.08
N GLU J 808 57.87 -60.53 -133.78
CA GLU J 808 58.99 -60.83 -132.89
C GLU J 808 59.75 -62.08 -133.30
N LYS J 809 59.08 -63.04 -133.95
CA LYS J 809 59.84 -64.18 -134.47
C LYS J 809 60.59 -63.82 -135.75
N LYS J 810 60.07 -62.87 -136.54
CA LYS J 810 60.72 -62.54 -137.81
C LYS J 810 61.97 -61.71 -137.62
N LYS J 811 62.07 -60.95 -136.53
CA LYS J 811 63.29 -60.24 -136.21
C LYS J 811 64.42 -61.21 -135.87
N GLU J 827 51.09 -66.48 -143.83
CA GLU J 827 50.02 -67.41 -144.18
C GLU J 827 49.18 -67.74 -142.97
N GLU J 828 49.83 -67.85 -141.81
CA GLU J 828 49.10 -68.07 -140.56
C GLU J 828 48.29 -66.84 -140.19
N GLU J 829 48.95 -65.66 -140.14
CA GLU J 829 48.27 -64.41 -139.84
C GLU J 829 47.24 -64.05 -140.91
N ASN J 830 47.42 -64.56 -142.14
CA ASN J 830 46.38 -64.46 -143.15
C ASN J 830 45.13 -65.22 -142.74
N LYS J 831 45.29 -66.38 -142.10
CA LYS J 831 44.12 -67.05 -141.54
C LYS J 831 43.52 -66.29 -140.38
N ARG J 832 44.32 -65.51 -139.66
CA ARG J 832 43.71 -64.69 -138.59
C ARG J 832 42.92 -63.51 -139.15
N ILE J 833 43.40 -62.93 -140.26
CA ILE J 833 42.63 -61.93 -140.98
C ILE J 833 41.33 -62.53 -141.49
N GLY J 834 41.37 -63.79 -141.95
CA GLY J 834 40.14 -64.50 -142.28
C GLY J 834 39.26 -64.73 -141.07
N GLU J 835 39.87 -64.95 -139.91
CA GLU J 835 39.13 -65.20 -138.68
C GLU J 835 38.37 -63.97 -138.20
N PHE J 836 38.86 -62.78 -138.55
CA PHE J 836 38.12 -61.55 -138.23
C PHE J 836 36.73 -61.52 -138.86
N LYS J 837 36.64 -61.91 -140.13
CA LYS J 837 35.39 -61.93 -140.88
C LYS J 837 34.45 -63.03 -140.41
N GLU J 838 34.95 -64.00 -139.65
CA GLU J 838 34.11 -64.99 -139.01
C GLU J 838 33.69 -64.58 -137.61
N SER J 839 34.56 -63.87 -136.90
CA SER J 839 34.27 -63.51 -135.52
C SER J 839 33.27 -62.37 -135.45
N ILE J 840 33.58 -61.23 -136.08
CA ILE J 840 32.84 -59.97 -135.83
C ILE J 840 31.33 -60.04 -136.12
N PRO J 841 30.85 -60.60 -137.25
CA PRO J 841 29.38 -60.64 -137.46
C PRO J 841 28.60 -61.46 -136.46
N LYS J 842 29.13 -62.61 -136.04
CA LYS J 842 28.41 -63.44 -135.07
C LYS J 842 28.36 -62.78 -133.70
N MET J 843 29.42 -62.05 -133.34
CA MET J 843 29.43 -61.26 -132.12
C MET J 843 28.36 -60.16 -132.16
N CYS J 844 28.30 -59.43 -133.28
CA CYS J 844 27.27 -58.39 -133.44
C CYS J 844 25.87 -58.98 -133.38
N SER J 845 25.65 -60.11 -134.04
CA SER J 845 24.32 -60.69 -134.15
C SER J 845 23.85 -61.25 -132.82
N GLN J 846 24.79 -61.71 -132.00
CA GLN J 846 24.46 -62.06 -130.62
C GLN J 846 24.08 -60.81 -129.83
N LEU J 847 24.88 -59.75 -129.95
CA LEU J 847 24.66 -58.54 -129.16
C LEU J 847 23.36 -57.85 -129.52
N ARG J 848 22.95 -57.96 -130.79
CA ARG J 848 21.70 -57.36 -131.25
C ARG J 848 20.49 -58.01 -130.60
N ILE J 849 20.40 -59.34 -130.62
CA ILE J 849 19.23 -60.02 -130.08
C ILE J 849 19.22 -59.91 -128.56
N LEU J 850 20.40 -59.85 -127.94
CA LEU J 850 20.48 -59.64 -126.49
C LEU J 850 19.94 -58.27 -126.12
N THR J 851 20.34 -57.23 -126.88
CA THR J 851 19.87 -55.87 -126.66
C THR J 851 18.35 -55.78 -126.82
N HIS J 852 17.83 -56.32 -127.92
CA HIS J 852 16.41 -56.16 -128.23
C HIS J 852 15.53 -56.92 -127.25
N PHE J 853 15.97 -58.12 -126.87
CA PHE J 853 15.30 -58.90 -125.84
C PHE J 853 15.27 -58.17 -124.50
N TYR J 854 16.37 -57.47 -124.17
CA TYR J 854 16.43 -56.70 -122.93
C TYR J 854 15.46 -55.52 -122.94
N GLN J 855 15.45 -54.77 -124.05
CA GLN J 855 14.54 -53.62 -124.14
C GLN J 855 13.08 -54.04 -124.04
N GLY J 856 12.73 -55.15 -124.70
CA GLY J 856 11.38 -55.67 -124.62
C GLY J 856 10.99 -56.10 -123.22
N ILE J 857 11.89 -56.75 -122.50
CA ILE J 857 11.52 -57.28 -121.19
C ILE J 857 11.41 -56.15 -120.15
N VAL J 858 12.27 -55.13 -120.25
CA VAL J 858 12.16 -54.04 -119.27
C VAL J 858 10.96 -53.16 -119.58
N GLN J 859 10.59 -53.06 -120.85
CA GLN J 859 9.38 -52.33 -121.22
C GLN J 859 8.13 -53.05 -120.72
N GLN J 860 8.12 -54.38 -120.84
CA GLN J 860 7.05 -55.20 -120.29
C GLN J 860 6.95 -55.08 -118.78
N PHE J 861 8.07 -54.89 -118.08
CA PHE J 861 8.01 -54.57 -116.66
C PHE J 861 7.35 -53.21 -116.42
N LEU J 862 7.76 -52.21 -117.21
CA LEU J 862 7.35 -50.83 -116.92
C LEU J 862 5.86 -50.61 -117.11
N VAL J 863 5.26 -51.32 -118.06
CA VAL J 863 3.81 -51.16 -118.24
C VAL J 863 3.05 -51.84 -117.09
N LEU J 864 3.59 -52.94 -116.56
CA LEU J 864 2.94 -53.63 -115.46
C LEU J 864 3.09 -52.86 -114.16
N LEU J 865 4.14 -52.04 -114.07
CA LEU J 865 4.48 -51.35 -112.83
C LEU J 865 3.44 -50.29 -112.44
N THR J 866 2.68 -49.78 -113.40
CA THR J 866 1.80 -48.64 -113.16
C THR J 866 0.69 -48.97 -112.17
N THR J 867 0.08 -50.15 -112.31
CA THR J 867 -0.93 -50.61 -111.37
C THR J 867 -0.52 -51.90 -110.70
N SER J 868 -0.01 -51.79 -109.48
CA SER J 868 -0.19 -52.80 -108.44
C SER J 868 -0.47 -52.02 -107.16
N SER J 869 0.00 -50.78 -107.17
CA SER J 869 -0.21 -49.78 -106.15
C SER J 869 -0.17 -48.45 -106.87
N ASP J 870 -0.85 -47.46 -106.31
CA ASP J 870 -1.28 -46.34 -107.12
C ASP J 870 -0.22 -45.26 -107.29
N GLU J 871 0.58 -44.99 -106.27
CA GLU J 871 1.52 -43.87 -106.37
C GLU J 871 2.96 -44.31 -106.25
N SER J 872 3.24 -45.09 -105.20
CA SER J 872 4.60 -45.41 -104.76
C SER J 872 5.39 -46.18 -105.80
N LEU J 873 4.89 -47.37 -106.17
CA LEU J 873 5.61 -48.20 -107.14
C LEU J 873 5.59 -47.57 -108.52
N ARG J 874 4.52 -46.82 -108.83
CA ARG J 874 4.43 -46.14 -110.11
C ARG J 874 5.51 -45.08 -110.26
N PHE J 875 5.99 -44.53 -109.15
CA PHE J 875 6.85 -43.37 -109.22
C PHE J 875 8.19 -43.67 -109.88
N LEU J 876 8.70 -44.90 -109.72
CA LEU J 876 9.94 -45.31 -110.37
C LEU J 876 9.87 -45.13 -111.87
N SER J 877 8.73 -45.49 -112.47
CA SER J 877 8.55 -45.38 -113.91
C SER J 877 8.58 -43.92 -114.36
N PHE J 878 8.09 -43.02 -113.53
CA PHE J 878 8.16 -41.59 -113.87
C PHE J 878 9.58 -41.07 -113.75
N ARG J 879 10.31 -41.54 -112.73
CA ARG J 879 11.67 -41.07 -112.52
C ARG J 879 12.60 -41.54 -113.61
N LEU J 880 12.41 -42.79 -114.05
CA LEU J 880 13.36 -43.43 -114.94
C LEU J 880 13.37 -42.83 -116.34
N ASP J 881 12.21 -42.58 -116.94
CA ASP J 881 12.23 -41.94 -118.24
C ASP J 881 11.82 -40.48 -118.12
N PHE J 882 12.65 -39.59 -118.62
CA PHE J 882 12.37 -38.18 -118.73
C PHE J 882 12.85 -37.77 -120.13
N ASN J 883 12.63 -38.69 -121.05
CA ASN J 883 12.90 -38.41 -122.42
C ASN J 883 11.72 -38.88 -123.27
N GLU J 884 10.90 -39.77 -122.67
CA GLU J 884 9.79 -40.45 -123.33
C GLU J 884 10.34 -41.26 -124.50
N HIS J 885 11.48 -41.93 -124.26
CA HIS J 885 11.98 -43.01 -125.11
C HIS J 885 10.94 -44.12 -125.30
N TYR J 886 10.19 -44.41 -124.25
CA TYR J 886 9.01 -45.27 -124.33
C TYR J 886 7.78 -44.41 -124.59
N LYS J 887 6.74 -45.05 -125.14
CA LYS J 887 5.53 -44.58 -125.84
C LYS J 887 5.87 -44.14 -127.27
N ALA J 888 7.15 -44.03 -127.59
CA ALA J 888 7.62 -44.11 -128.96
C ALA J 888 8.33 -45.43 -129.19
N ARG J 889 8.47 -46.22 -128.12
CA ARG J 889 8.88 -47.61 -128.23
C ARG J 889 7.85 -48.49 -127.51
N GLU J 890 6.69 -47.95 -127.16
CA GLU J 890 5.69 -48.68 -126.39
C GLU J 890 4.29 -48.42 -126.95
N MET K 1 -30.03 -62.47 -11.05
CA MET K 1 -30.41 -62.99 -12.35
C MET K 1 -29.45 -62.50 -13.36
N ILE K 2 -29.28 -61.19 -13.31
CA ILE K 2 -28.34 -60.46 -14.14
C ILE K 2 -27.11 -60.09 -13.33
N HIS K 3 -26.96 -60.70 -12.16
CA HIS K 3 -25.67 -60.84 -11.50
C HIS K 3 -25.13 -62.27 -11.62
N GLU K 4 -26.02 -63.27 -11.59
CA GLU K 4 -25.62 -64.65 -11.84
C GLU K 4 -25.16 -64.82 -13.28
N LEU K 5 -25.91 -64.24 -14.22
CA LEU K 5 -25.62 -64.42 -15.63
C LEU K 5 -24.32 -63.74 -16.01
N LEU K 6 -24.09 -62.53 -15.51
CA LEU K 6 -22.88 -61.78 -15.82
C LEU K 6 -21.64 -62.32 -15.11
N LEU K 7 -21.79 -63.41 -14.37
CA LEU K 7 -20.71 -64.30 -13.99
C LEU K 7 -20.79 -65.64 -14.69
N ALA K 8 -21.98 -66.06 -15.09
CA ALA K 8 -22.12 -67.32 -15.79
C ALA K 8 -21.50 -67.25 -17.17
N LEU K 9 -21.67 -66.12 -17.85
CA LEU K 9 -20.96 -65.88 -19.10
C LEU K 9 -19.46 -65.75 -18.87
N SER K 10 -19.08 -65.32 -17.68
CA SER K 10 -17.69 -65.26 -17.26
C SER K 10 -17.21 -66.64 -16.83
N GLY K 11 -16.07 -66.68 -16.14
CA GLY K 11 -15.45 -67.94 -15.78
C GLY K 11 -16.07 -68.74 -14.66
N TYR K 12 -17.29 -68.42 -14.21
CA TYR K 12 -17.95 -69.12 -13.11
C TYR K 12 -19.39 -69.41 -13.50
N PRO K 13 -19.64 -70.53 -14.19
CA PRO K 13 -20.95 -70.72 -14.84
C PRO K 13 -22.10 -71.00 -13.89
N GLY K 14 -21.91 -71.83 -12.86
CA GLY K 14 -23.03 -72.22 -12.02
C GLY K 14 -23.83 -73.37 -12.61
N SER K 15 -24.96 -73.66 -11.97
CA SER K 15 -25.75 -74.84 -12.32
C SER K 15 -27.01 -74.51 -13.12
N ILE K 16 -27.38 -73.25 -13.24
CA ILE K 16 -28.41 -72.88 -14.20
C ILE K 16 -27.85 -72.95 -15.61
N PHE K 17 -26.55 -72.69 -15.75
CA PHE K 17 -25.86 -72.75 -17.03
C PHE K 17 -24.69 -73.71 -16.86
N THR K 18 -24.98 -75.00 -17.01
CA THR K 18 -24.01 -76.04 -16.69
C THR K 18 -22.99 -76.18 -17.81
N TRP K 19 -21.72 -76.24 -17.44
CA TRP K 19 -20.66 -76.27 -18.44
C TRP K 19 -20.55 -77.65 -19.07
N ASN K 20 -20.37 -77.65 -20.39
CA ASN K 20 -20.10 -78.84 -21.16
C ASN K 20 -18.96 -78.49 -22.09
N LYS K 21 -18.14 -79.48 -22.43
CA LYS K 21 -17.04 -79.24 -23.35
C LYS K 21 -17.42 -79.52 -24.78
N ARG K 22 -18.65 -79.98 -25.01
CA ARG K 22 -19.16 -80.18 -26.35
C ARG K 22 -20.07 -79.05 -26.79
N SER K 23 -20.92 -78.56 -25.90
CA SER K 23 -21.57 -77.26 -26.03
C SER K 23 -21.93 -76.80 -24.63
N GLY K 24 -21.20 -75.84 -24.11
CA GLY K 24 -21.35 -75.46 -22.72
C GLY K 24 -22.50 -74.51 -22.50
N LEU K 25 -22.67 -74.21 -21.22
CA LEU K 25 -23.75 -73.35 -20.69
C LEU K 25 -25.11 -73.90 -21.09
N GLN K 26 -25.32 -75.17 -20.79
CA GLN K 26 -26.60 -75.80 -21.09
C GLN K 26 -27.66 -75.29 -20.13
N VAL K 27 -28.84 -75.02 -20.66
CA VAL K 27 -29.96 -74.59 -19.83
C VAL K 27 -31.25 -75.17 -20.42
N SER K 28 -31.98 -75.90 -19.58
CA SER K 28 -33.30 -76.37 -19.95
C SER K 28 -34.17 -76.33 -18.70
N GLN K 29 -33.77 -75.48 -17.75
CA GLN K 29 -34.50 -75.35 -16.51
C GLN K 29 -35.85 -74.72 -16.76
N ASP K 30 -36.87 -75.20 -16.05
CA ASP K 30 -38.22 -74.71 -16.18
C ASP K 30 -38.39 -73.47 -15.30
N PHE K 31 -38.59 -72.32 -15.92
CA PHE K 31 -38.86 -71.06 -15.23
C PHE K 31 -40.34 -70.76 -15.35
N PRO K 32 -41.09 -70.63 -14.25
CA PRO K 32 -42.49 -70.22 -14.39
C PRO K 32 -42.64 -68.75 -14.75
N PHE K 33 -41.81 -67.89 -14.16
CA PHE K 33 -41.97 -66.45 -14.29
C PHE K 33 -41.39 -65.92 -15.59
N LEU K 34 -40.39 -66.60 -16.14
CA LEU K 34 -39.94 -66.21 -17.46
C LEU K 34 -40.90 -66.73 -18.52
N HIS K 35 -40.84 -66.12 -19.69
CA HIS K 35 -41.65 -66.53 -20.81
C HIS K 35 -41.20 -67.90 -21.29
N PRO K 36 -42.11 -68.71 -21.85
CA PRO K 36 -41.71 -70.04 -22.33
C PRO K 36 -40.68 -70.03 -23.45
N SER K 37 -40.69 -69.02 -24.33
CA SER K 37 -39.76 -68.94 -25.44
C SER K 37 -38.40 -68.37 -25.05
N GLU K 38 -38.24 -67.93 -23.79
CA GLU K 38 -37.01 -67.29 -23.33
C GLU K 38 -35.79 -68.21 -23.38
N THR K 39 -36.03 -69.52 -23.39
CA THR K 39 -34.97 -70.52 -23.49
C THR K 39 -34.13 -70.35 -24.74
N SER K 40 -34.78 -70.05 -25.87
CA SER K 40 -34.08 -69.85 -27.14
C SER K 40 -33.23 -68.58 -27.13
N VAL K 41 -33.77 -67.49 -26.58
CA VAL K 41 -33.03 -66.26 -26.37
C VAL K 41 -31.78 -66.54 -25.56
N LEU K 42 -31.93 -67.35 -24.53
CA LEU K 42 -30.81 -67.72 -23.69
C LEU K 42 -29.79 -68.54 -24.45
N ASN K 43 -30.24 -69.44 -25.34
CA ASN K 43 -29.31 -70.23 -26.15
C ASN K 43 -28.44 -69.35 -27.04
N ARG K 44 -29.09 -68.40 -27.72
CA ARG K 44 -28.40 -67.41 -28.53
C ARG K 44 -27.38 -66.65 -27.69
N LEU K 45 -27.73 -66.34 -26.45
CA LEU K 45 -26.77 -65.68 -25.57
C LEU K 45 -25.66 -66.63 -25.10
N CYS K 46 -25.96 -67.92 -24.93
CA CYS K 46 -24.99 -68.88 -24.36
C CYS K 46 -23.81 -69.12 -25.29
N ARG K 47 -24.07 -68.92 -26.59
CA ARG K 47 -23.02 -68.95 -27.62
C ARG K 47 -21.78 -68.13 -27.23
N LEU K 48 -21.97 -66.98 -26.60
CA LEU K 48 -20.88 -66.09 -26.23
C LEU K 48 -19.98 -66.70 -25.15
N GLY K 49 -20.61 -67.12 -24.05
CA GLY K 49 -19.86 -67.52 -22.87
C GLY K 49 -19.10 -68.82 -23.08
N THR K 50 -19.65 -69.72 -23.92
CA THR K 50 -18.96 -70.99 -24.19
C THR K 50 -17.58 -70.75 -24.82
N ASP K 51 -17.50 -69.80 -25.75
CA ASP K 51 -16.24 -69.50 -26.41
C ASP K 51 -15.26 -68.80 -25.49
N TYR K 52 -15.76 -67.88 -24.64
CA TYR K 52 -14.85 -67.23 -23.68
C TYR K 52 -14.21 -68.24 -22.72
N ILE K 53 -15.00 -69.21 -22.26
CA ILE K 53 -14.49 -70.26 -21.37
C ILE K 53 -13.46 -71.12 -22.08
N ARG K 54 -13.76 -71.51 -23.33
CA ARG K 54 -12.84 -72.31 -24.14
C ARG K 54 -11.49 -71.60 -24.32
N PHE K 55 -11.53 -70.28 -24.53
CA PHE K 55 -10.30 -69.50 -24.69
C PHE K 55 -9.47 -69.49 -23.42
N THR K 56 -10.13 -69.33 -22.26
CA THR K 56 -9.38 -69.33 -21.00
C THR K 56 -8.71 -70.68 -20.74
N GLU K 57 -9.38 -71.78 -21.08
CA GLU K 57 -8.78 -73.10 -20.93
C GLU K 57 -7.53 -73.25 -21.80
N PHE K 58 -7.61 -72.76 -23.04
CA PHE K 58 -6.46 -72.82 -23.94
C PHE K 58 -5.28 -72.02 -23.41
N ILE K 59 -5.55 -70.83 -22.85
CA ILE K 59 -4.47 -70.03 -22.28
C ILE K 59 -3.87 -70.73 -21.07
N GLU K 60 -4.70 -71.46 -20.32
CA GLU K 60 -4.22 -72.14 -19.11
C GLU K 60 -3.23 -73.25 -19.43
N GLN K 61 -3.59 -74.14 -20.36
CA GLN K 61 -2.90 -75.43 -20.44
C GLN K 61 -1.46 -75.31 -20.97
N TYR K 62 -1.22 -74.40 -21.91
CA TYR K 62 0.05 -74.40 -22.64
C TYR K 62 1.05 -73.38 -22.12
N THR K 63 0.82 -72.79 -20.96
CA THR K 63 1.73 -71.78 -20.46
C THR K 63 2.40 -72.22 -19.16
N GLY K 79 9.10 -81.85 -31.33
CA GLY K 79 8.26 -82.99 -31.03
C GLY K 79 6.90 -82.57 -30.48
N GLY K 80 6.78 -82.57 -29.16
CA GLY K 80 5.58 -82.06 -28.53
C GLY K 80 5.60 -80.55 -28.41
N LEU K 81 4.72 -80.00 -27.60
CA LEU K 81 4.64 -78.56 -27.44
C LEU K 81 5.74 -78.09 -26.50
N HIS K 82 6.58 -77.19 -27.01
CA HIS K 82 7.53 -76.48 -26.16
C HIS K 82 7.85 -75.15 -26.82
N GLY K 83 8.45 -74.26 -26.05
CA GLY K 83 8.75 -72.91 -26.48
C GLY K 83 7.96 -71.88 -25.70
N ILE K 84 8.36 -70.62 -25.91
CA ILE K 84 7.73 -69.48 -25.24
C ILE K 84 6.77 -68.86 -26.27
N TYR K 85 6.58 -69.57 -27.38
CA TYR K 85 5.60 -69.14 -28.38
C TYR K 85 4.18 -69.35 -27.88
N LEU K 86 3.95 -70.45 -27.16
CA LEU K 86 2.65 -70.71 -26.54
C LEU K 86 2.34 -69.74 -25.41
N ARG K 87 3.34 -69.01 -24.94
CA ARG K 87 3.15 -67.88 -24.04
C ARG K 87 3.16 -66.55 -24.78
N ALA K 88 3.05 -66.57 -26.08
CA ALA K 88 2.92 -65.36 -26.90
C ALA K 88 1.63 -65.38 -27.70
N PHE K 89 1.17 -66.56 -28.11
CA PHE K 89 -0.13 -66.70 -28.72
C PHE K 89 -1.24 -66.51 -27.69
N CYS K 90 -1.13 -67.21 -26.55
CA CYS K 90 -2.12 -67.10 -25.49
C CYS K 90 -2.09 -65.71 -24.86
N THR K 91 -0.91 -65.10 -24.79
CA THR K 91 -0.77 -63.76 -24.23
C THR K 91 -1.50 -62.72 -25.08
N GLY K 92 -1.46 -62.88 -26.41
CA GLY K 92 -2.26 -62.01 -27.26
C GLY K 92 -3.75 -62.29 -27.15
N LEU K 93 -4.09 -63.57 -26.96
CA LEU K 93 -5.48 -63.95 -26.70
C LEU K 93 -6.03 -63.31 -25.43
N ASP K 94 -5.17 -62.99 -24.48
CA ASP K 94 -5.60 -62.16 -23.35
C ASP K 94 -6.05 -60.77 -23.80
N SER K 95 -5.24 -60.09 -24.62
CA SER K 95 -5.47 -58.67 -24.90
C SER K 95 -6.65 -58.47 -25.85
N VAL K 96 -6.98 -59.49 -26.65
CA VAL K 96 -8.21 -59.36 -27.43
C VAL K 96 -9.44 -59.46 -26.53
N LEU K 97 -9.32 -60.13 -25.39
CA LEU K 97 -10.46 -60.33 -24.48
C LEU K 97 -10.58 -59.24 -23.43
N GLN K 98 -9.71 -58.24 -23.45
CA GLN K 98 -9.75 -57.19 -22.44
C GLN K 98 -10.95 -56.25 -22.58
N PRO K 99 -11.37 -55.81 -23.79
CA PRO K 99 -12.68 -55.15 -23.86
C PRO K 99 -13.87 -56.11 -23.78
N TYR K 100 -13.67 -57.41 -23.58
CA TYR K 100 -14.77 -58.28 -23.21
C TYR K 100 -14.99 -58.34 -21.71
N ARG K 101 -13.98 -57.98 -20.92
CA ARG K 101 -14.16 -57.95 -19.48
C ARG K 101 -14.71 -56.62 -19.01
N GLN K 102 -14.19 -55.51 -19.54
CA GLN K 102 -14.67 -54.18 -19.22
C GLN K 102 -16.13 -54.00 -19.60
N ALA K 103 -16.52 -54.53 -20.76
CA ALA K 103 -17.89 -54.48 -21.23
C ALA K 103 -18.78 -55.49 -20.52
N LEU K 104 -18.24 -56.36 -19.69
CA LEU K 104 -19.05 -57.11 -18.74
C LEU K 104 -19.29 -56.31 -17.48
N LEU K 105 -18.37 -55.41 -17.13
CA LEU K 105 -18.48 -54.62 -15.91
C LEU K 105 -19.50 -53.49 -16.07
N ASP K 106 -19.48 -52.86 -17.25
CA ASP K 106 -20.37 -51.74 -17.52
C ASP K 106 -21.84 -52.14 -17.36
N LEU K 107 -22.19 -53.34 -17.83
CA LEU K 107 -23.56 -53.83 -17.72
C LEU K 107 -23.99 -54.04 -16.27
N GLU K 108 -23.09 -54.59 -15.45
CA GLU K 108 -23.36 -54.75 -14.02
C GLU K 108 -23.63 -53.40 -13.37
N GLN K 109 -22.84 -52.39 -13.76
CA GLN K 109 -23.02 -51.04 -13.23
C GLN K 109 -24.39 -50.48 -13.58
N GLU K 110 -24.84 -50.67 -14.82
CA GLU K 110 -26.18 -50.23 -15.18
C GLU K 110 -27.24 -51.01 -14.43
N PHE K 111 -27.03 -52.31 -14.27
CA PHE K 111 -28.09 -53.18 -13.78
C PHE K 111 -28.30 -53.02 -12.29
N LEU K 112 -27.29 -52.52 -11.58
CA LEU K 112 -27.43 -52.26 -10.15
C LEU K 112 -28.55 -51.26 -9.85
N GLY K 113 -28.66 -50.22 -10.67
CA GLY K 113 -29.65 -49.20 -10.42
C GLY K 113 -30.97 -49.43 -11.14
N ASP K 114 -30.90 -49.69 -12.44
CA ASP K 114 -32.10 -49.86 -13.24
C ASP K 114 -32.48 -51.34 -13.30
N PRO K 115 -33.66 -51.71 -12.82
CA PRO K 115 -34.15 -53.07 -13.08
C PRO K 115 -35.01 -53.10 -14.33
N HIS K 116 -35.14 -51.95 -14.99
CA HIS K 116 -36.01 -51.80 -16.15
C HIS K 116 -35.43 -52.45 -17.39
N LEU K 117 -34.12 -52.69 -17.42
CA LEU K 117 -33.49 -53.45 -18.48
C LEU K 117 -33.55 -54.94 -18.15
N SER K 118 -33.58 -55.75 -19.19
CA SER K 118 -33.72 -57.20 -19.06
C SER K 118 -32.60 -57.91 -19.81
N ILE K 119 -32.79 -59.22 -20.00
CA ILE K 119 -31.84 -60.09 -20.70
C ILE K 119 -31.53 -59.59 -22.11
N SER K 120 -32.53 -58.95 -22.73
CA SER K 120 -32.44 -58.49 -24.11
C SER K 120 -31.32 -57.48 -24.31
N HIS K 121 -31.06 -56.62 -23.32
CA HIS K 121 -29.99 -55.64 -23.47
C HIS K 121 -28.62 -56.29 -23.42
N VAL K 122 -28.45 -57.34 -22.61
CA VAL K 122 -27.20 -58.10 -22.61
C VAL K 122 -26.97 -58.77 -23.95
N ASN K 123 -28.03 -59.38 -24.48
CA ASN K 123 -27.96 -60.04 -25.78
C ASN K 123 -27.57 -59.04 -26.87
N TYR K 124 -28.15 -57.84 -26.79
CA TYR K 124 -27.90 -56.86 -27.83
C TYR K 124 -26.51 -56.25 -27.70
N PHE K 125 -26.15 -55.77 -26.52
CA PHE K 125 -24.90 -55.05 -26.35
C PHE K 125 -23.71 -55.95 -26.65
N LEU K 126 -23.81 -57.21 -26.25
CA LEU K 126 -22.76 -58.18 -26.49
C LEU K 126 -23.17 -59.12 -27.62
N ASP K 127 -23.50 -58.56 -28.78
CA ASP K 127 -23.72 -59.35 -29.98
C ASP K 127 -22.55 -59.26 -30.94
N GLN K 128 -21.66 -58.29 -30.74
CA GLN K 128 -20.51 -58.08 -31.60
C GLN K 128 -19.40 -59.11 -31.38
N PHE K 129 -19.45 -59.87 -30.29
CA PHE K 129 -18.48 -60.94 -30.08
C PHE K 129 -19.02 -62.31 -30.47
N GLN K 130 -20.28 -62.37 -30.91
CA GLN K 130 -20.84 -63.59 -31.48
C GLN K 130 -20.51 -63.72 -32.95
N LEU K 131 -19.59 -62.92 -33.42
CA LEU K 131 -18.88 -62.99 -34.68
C LEU K 131 -17.38 -63.07 -34.46
N LEU K 132 -16.87 -62.33 -33.48
CA LEU K 132 -15.45 -62.39 -33.15
C LEU K 132 -15.07 -63.76 -32.59
N PHE K 133 -15.88 -64.28 -31.68
CA PHE K 133 -15.57 -65.55 -31.01
C PHE K 133 -15.61 -66.76 -31.96
N PRO K 134 -16.64 -66.98 -32.81
CA PRO K 134 -16.60 -68.20 -33.64
C PRO K 134 -15.54 -68.17 -34.73
N SER K 135 -15.19 -67.00 -35.26
CA SER K 135 -14.21 -66.95 -36.33
C SER K 135 -12.77 -67.07 -35.82
N VAL K 136 -12.55 -66.92 -34.51
CA VAL K 136 -11.27 -67.25 -33.91
C VAL K 136 -11.30 -68.66 -33.33
N MET K 137 -12.50 -69.25 -33.17
CA MET K 137 -12.61 -70.64 -32.75
C MET K 137 -12.01 -71.60 -33.77
N VAL K 138 -12.11 -71.27 -35.06
CA VAL K 138 -11.47 -72.11 -36.07
C VAL K 138 -9.96 -71.98 -36.00
N VAL K 139 -9.47 -70.81 -35.56
CA VAL K 139 -8.04 -70.60 -35.38
C VAL K 139 -7.51 -71.43 -34.22
N VAL K 140 -8.31 -71.59 -33.16
CA VAL K 140 -7.81 -72.42 -32.07
C VAL K 140 -7.90 -73.91 -32.43
N GLU K 141 -8.91 -74.31 -33.21
CA GLU K 141 -8.99 -75.74 -33.54
C GLU K 141 -7.96 -76.15 -34.61
N GLN K 142 -7.55 -75.20 -35.47
CA GLN K 142 -6.66 -75.55 -36.58
C GLN K 142 -5.25 -75.89 -36.11
N ILE K 143 -4.81 -75.25 -35.02
CA ILE K 143 -3.44 -75.40 -34.54
C ILE K 143 -3.25 -76.73 -33.83
N LYS K 144 -4.34 -77.31 -33.35
CA LYS K 144 -4.31 -78.61 -32.70
C LYS K 144 -4.64 -79.74 -33.67
N SER K 145 -5.56 -79.50 -34.61
CA SER K 145 -5.90 -80.53 -35.58
C SER K 145 -4.73 -80.81 -36.51
N GLN K 146 -4.09 -79.76 -37.00
CA GLN K 146 -2.79 -79.86 -37.65
C GLN K 146 -1.79 -79.16 -36.75
N LYS K 147 -0.82 -79.93 -36.22
CA LYS K 147 -0.02 -79.49 -35.10
C LYS K 147 0.93 -78.36 -35.48
N ILE K 148 0.74 -77.21 -34.84
CA ILE K 148 1.73 -76.15 -34.90
C ILE K 148 2.01 -75.74 -33.46
N HIS K 149 3.30 -75.72 -33.09
CA HIS K 149 3.69 -75.19 -31.78
C HIS K 149 4.97 -74.39 -31.90
N GLY K 150 5.43 -74.20 -33.13
CA GLY K 150 6.82 -73.86 -33.31
C GLY K 150 7.11 -72.48 -33.83
N CYS K 151 7.89 -72.40 -34.89
CA CYS K 151 8.18 -71.15 -35.56
C CYS K 151 7.25 -70.92 -36.75
N GLN K 152 6.39 -71.89 -37.07
CA GLN K 152 5.43 -71.78 -38.15
C GLN K 152 4.07 -71.28 -37.68
N ILE K 153 4.01 -70.73 -36.47
CA ILE K 153 2.78 -70.13 -35.96
C ILE K 153 2.46 -68.83 -36.70
N LEU K 154 3.51 -68.03 -36.98
CA LEU K 154 3.36 -66.74 -37.66
C LEU K 154 2.86 -66.93 -39.08
N GLU K 155 3.22 -68.06 -39.69
CA GLU K 155 2.74 -68.42 -41.01
C GLU K 155 1.24 -68.60 -41.04
N THR K 156 0.71 -69.44 -40.14
CA THR K 156 -0.71 -69.73 -40.15
C THR K 156 -1.54 -68.57 -39.59
N VAL K 157 -0.93 -67.61 -38.90
CA VAL K 157 -1.75 -66.48 -38.48
C VAL K 157 -1.70 -65.34 -39.50
N TYR K 158 -0.57 -65.14 -40.19
CA TYR K 158 -0.41 -64.00 -41.10
C TYR K 158 -1.28 -64.13 -42.35
N LYS K 159 -1.88 -65.28 -42.59
CA LYS K 159 -2.76 -65.46 -43.72
C LYS K 159 -4.22 -65.36 -43.34
N HIS K 160 -4.53 -65.59 -42.08
CA HIS K 160 -5.84 -65.32 -41.53
C HIS K 160 -6.02 -63.85 -41.16
N SER K 161 -4.90 -63.13 -40.96
CA SER K 161 -4.96 -61.74 -40.51
C SER K 161 -5.48 -60.82 -41.60
N CYS K 162 -5.42 -61.26 -42.86
CA CYS K 162 -5.99 -60.48 -43.96
C CYS K 162 -7.50 -60.39 -43.82
N GLY K 163 -8.15 -61.47 -43.43
CA GLY K 163 -9.56 -61.59 -43.08
C GLY K 163 -10.52 -61.21 -44.21
N GLY K 164 -11.81 -61.23 -43.88
CA GLY K 164 -12.84 -60.68 -44.76
C GLY K 164 -13.86 -59.84 -44.02
N LEU K 165 -13.85 -59.94 -42.69
CA LEU K 165 -14.68 -59.26 -41.73
C LEU K 165 -13.79 -58.48 -40.77
N PRO K 166 -14.17 -57.26 -40.40
CA PRO K 166 -13.25 -56.37 -39.61
C PRO K 166 -12.90 -56.84 -38.20
N PRO K 167 -13.80 -57.45 -37.38
CA PRO K 167 -13.35 -57.81 -36.02
C PRO K 167 -12.26 -58.86 -35.97
N VAL K 168 -12.38 -59.89 -36.80
CA VAL K 168 -11.34 -60.89 -36.94
C VAL K 168 -10.15 -60.34 -37.72
N ARG K 169 -10.29 -59.18 -38.37
CA ARG K 169 -9.13 -58.50 -38.91
C ARG K 169 -8.32 -57.79 -37.83
N SER K 170 -8.96 -57.17 -36.85
CA SER K 170 -8.21 -56.46 -35.82
C SER K 170 -7.64 -57.36 -34.72
N ALA K 171 -8.39 -58.42 -34.35
CA ALA K 171 -8.02 -59.28 -33.22
C ALA K 171 -6.68 -59.97 -33.45
N LEU K 172 -6.52 -60.56 -34.64
CA LEU K 172 -5.32 -61.33 -34.92
C LEU K 172 -4.10 -60.44 -35.08
N GLU K 173 -4.29 -59.18 -35.51
CA GLU K 173 -3.21 -58.20 -35.48
C GLU K 173 -2.67 -58.01 -34.06
N LYS K 174 -3.59 -57.79 -33.12
CA LYS K 174 -3.22 -57.58 -31.73
C LYS K 174 -2.43 -58.75 -31.16
N ILE K 175 -2.83 -59.98 -31.51
CA ILE K 175 -2.07 -61.17 -31.10
C ILE K 175 -0.71 -61.23 -31.80
N LEU K 176 -0.70 -60.86 -33.08
CA LEU K 176 0.45 -61.11 -33.95
C LEU K 176 1.67 -60.28 -33.56
N ALA K 177 1.43 -59.10 -32.97
CA ALA K 177 2.55 -58.30 -32.46
C ALA K 177 3.34 -59.05 -31.38
N VAL K 178 2.62 -59.69 -30.44
CA VAL K 178 3.25 -60.46 -29.38
C VAL K 178 4.00 -61.65 -29.97
N CYS K 179 3.43 -62.25 -31.02
CA CYS K 179 4.14 -63.34 -31.70
C CYS K 179 5.46 -62.88 -32.35
N HIS K 180 5.50 -61.63 -32.86
CA HIS K 180 6.78 -61.09 -33.33
C HIS K 180 7.80 -60.90 -32.23
N GLY K 181 7.32 -60.62 -31.00
CA GLY K 181 8.22 -60.36 -29.89
C GLY K 181 9.20 -61.48 -29.56
N VAL K 182 8.84 -62.72 -29.87
CA VAL K 182 9.74 -63.85 -29.62
C VAL K 182 10.76 -63.99 -30.74
N MET K 183 10.31 -63.85 -31.98
CA MET K 183 11.20 -63.97 -33.11
C MET K 183 12.20 -62.82 -33.19
N TYR K 184 11.86 -61.66 -32.62
CA TYR K 184 12.83 -60.57 -32.56
C TYR K 184 13.75 -60.68 -31.35
N LYS K 185 13.59 -61.72 -30.54
CA LYS K 185 14.64 -62.13 -29.65
C LYS K 185 15.60 -63.08 -30.32
N GLN K 186 15.05 -64.05 -31.05
CA GLN K 186 15.89 -65.00 -31.81
C GLN K 186 16.73 -64.28 -32.86
N LEU K 187 16.11 -63.45 -33.68
CA LEU K 187 16.76 -62.81 -34.81
C LEU K 187 17.49 -61.53 -34.43
N SER K 188 17.52 -61.17 -33.15
CA SER K 188 18.43 -60.13 -32.71
C SER K 188 19.61 -60.68 -31.93
N ALA K 189 19.42 -61.79 -31.22
CA ALA K 189 20.57 -62.45 -30.61
C ALA K 189 21.44 -63.12 -31.66
N TRP K 190 20.82 -63.55 -32.77
CA TRP K 190 21.58 -64.13 -33.87
C TRP K 190 22.52 -63.11 -34.50
N MET K 191 22.00 -61.94 -34.84
CA MET K 191 22.64 -61.06 -35.81
C MET K 191 23.54 -60.01 -35.20
N LEU K 192 23.65 -59.99 -33.89
CA LEU K 192 24.48 -59.00 -33.22
C LEU K 192 25.62 -59.65 -32.46
N HIS K 193 25.34 -60.79 -31.84
CA HIS K 193 26.33 -61.54 -31.11
C HIS K 193 27.05 -62.54 -32.00
N GLY K 194 26.54 -62.77 -33.21
CA GLY K 194 27.11 -63.76 -34.10
C GLY K 194 26.89 -65.17 -33.61
N LEU K 195 25.76 -65.42 -32.95
CA LEU K 195 25.44 -66.74 -32.42
C LEU K 195 24.50 -67.47 -33.35
N LEU K 196 24.53 -68.79 -33.22
CA LEU K 196 23.73 -69.69 -34.02
C LEU K 196 23.06 -70.67 -33.08
N LEU K 197 21.84 -71.08 -33.44
CA LEU K 197 20.99 -71.99 -32.65
C LEU K 197 20.78 -71.42 -31.23
N ASP K 198 20.10 -70.29 -31.20
CA ASP K 198 19.75 -69.72 -29.90
C ASP K 198 18.61 -70.50 -29.27
N GLN K 199 17.57 -70.80 -30.04
CA GLN K 199 16.51 -71.72 -29.63
C GLN K 199 16.43 -72.83 -30.66
N HIS K 200 16.25 -74.06 -30.18
CA HIS K 200 16.19 -75.22 -31.07
C HIS K 200 14.95 -75.16 -31.96
N GLU K 201 15.07 -75.83 -33.12
CA GLU K 201 14.14 -75.70 -34.25
C GLU K 201 12.72 -76.04 -33.84
N GLU K 202 11.87 -75.01 -33.88
CA GLU K 202 10.47 -75.00 -33.43
C GLU K 202 10.29 -75.29 -31.93
N GLN K 256 29.00 -75.59 -40.67
CA GLN K 256 28.18 -75.82 -39.49
C GLN K 256 26.71 -75.70 -39.84
N PHE K 257 25.85 -76.25 -38.98
CA PHE K 257 24.42 -76.15 -39.18
C PHE K 257 23.94 -74.73 -38.95
N SER K 258 22.88 -74.34 -39.65
CA SER K 258 22.32 -73.00 -39.55
C SER K 258 20.81 -73.11 -39.68
N LEU K 259 20.13 -71.99 -39.42
CA LEU K 259 18.67 -72.00 -39.31
C LEU K 259 18.00 -72.29 -40.65
N ARG K 260 17.05 -73.20 -40.63
CA ARG K 260 16.47 -73.76 -41.83
C ARG K 260 15.40 -72.84 -42.41
N VAL K 261 15.24 -72.91 -43.74
CA VAL K 261 14.30 -72.04 -44.44
C VAL K 261 12.86 -72.50 -44.20
N GLU K 262 12.67 -73.78 -43.89
CA GLU K 262 11.33 -74.36 -43.94
C GLU K 262 10.48 -73.97 -42.74
N ILE K 263 11.10 -73.77 -41.58
CA ILE K 263 10.37 -73.40 -40.38
C ILE K 263 10.26 -71.89 -40.20
N LEU K 264 10.89 -71.11 -41.07
CA LEU K 264 10.86 -69.66 -41.01
C LEU K 264 9.89 -69.16 -42.07
N PRO K 265 8.96 -68.24 -41.75
CA PRO K 265 7.84 -67.93 -42.65
C PRO K 265 8.24 -67.36 -44.00
N SER K 266 7.49 -67.78 -45.03
CA SER K 266 7.83 -67.50 -46.41
C SER K 266 7.57 -66.05 -46.80
N TYR K 267 6.75 -65.33 -46.05
CA TYR K 267 6.51 -63.93 -46.40
C TYR K 267 7.74 -63.07 -46.11
N ILE K 268 8.62 -63.54 -45.22
CA ILE K 268 9.99 -63.04 -45.13
C ILE K 268 10.73 -63.65 -46.31
N PRO K 269 11.45 -62.87 -47.12
CA PRO K 269 11.97 -63.37 -48.39
C PRO K 269 13.12 -64.34 -48.20
N VAL K 270 13.29 -65.20 -49.20
CA VAL K 270 14.30 -66.24 -49.18
C VAL K 270 15.71 -65.67 -49.25
N ARG K 271 15.89 -64.57 -49.99
CA ARG K 271 17.17 -63.89 -50.10
C ARG K 271 17.63 -63.38 -48.73
N VAL K 272 16.71 -62.76 -47.99
CA VAL K 272 16.99 -62.30 -46.64
C VAL K 272 17.24 -63.48 -45.72
N ALA K 273 16.53 -64.59 -45.95
CA ALA K 273 16.69 -65.79 -45.12
C ALA K 273 18.10 -66.36 -45.23
N GLU K 274 18.68 -66.35 -46.43
CA GLU K 274 20.07 -66.77 -46.57
C GLU K 274 21.02 -65.73 -45.98
N LYS K 275 20.66 -64.45 -46.12
CA LYS K 275 21.53 -63.37 -45.63
C LYS K 275 21.69 -63.40 -44.13
N ILE K 276 20.62 -63.72 -43.39
CA ILE K 276 20.66 -63.77 -41.92
C ILE K 276 21.65 -64.83 -41.44
N LEU K 277 21.63 -65.99 -42.09
CA LEU K 277 22.56 -67.07 -41.76
C LEU K 277 23.99 -66.65 -42.06
N PHE K 278 24.18 -65.93 -43.18
CA PHE K 278 25.52 -65.42 -43.51
C PHE K 278 26.06 -64.49 -42.43
N VAL K 279 25.21 -63.58 -41.94
CA VAL K 279 25.59 -62.66 -40.86
C VAL K 279 26.00 -63.43 -39.61
N GLY K 280 25.23 -64.45 -39.25
CA GLY K 280 25.58 -65.26 -38.09
C GLY K 280 26.89 -66.01 -38.26
N GLU K 281 27.11 -66.58 -39.44
CA GLU K 281 28.22 -67.52 -39.64
C GLU K 281 29.56 -66.80 -39.73
N SER K 282 29.57 -65.60 -40.33
CA SER K 282 30.83 -64.94 -40.66
C SER K 282 31.58 -64.40 -39.45
N VAL K 283 30.90 -64.14 -38.34
CA VAL K 283 31.54 -63.56 -37.16
C VAL K 283 32.45 -64.57 -36.48
N GLN K 284 32.03 -65.85 -36.49
CA GLN K 284 32.82 -66.92 -35.89
C GLN K 284 34.19 -67.05 -36.55
N MET K 285 34.21 -66.98 -37.89
CA MET K 285 35.45 -67.00 -38.63
C MET K 285 36.17 -65.67 -38.45
N SER K 298 34.91 -54.62 -33.48
CA SER K 298 34.75 -54.17 -34.86
C SER K 298 33.63 -53.15 -34.98
N ILE K 299 33.20 -52.89 -36.21
CA ILE K 299 32.09 -51.98 -36.46
C ILE K 299 30.78 -52.60 -35.99
N LEU K 300 30.69 -53.93 -36.05
CA LEU K 300 29.49 -54.64 -35.59
C LEU K 300 29.29 -54.49 -34.09
N LYS K 301 30.38 -54.56 -33.32
CA LYS K 301 30.28 -54.29 -31.88
C LYS K 301 29.99 -52.82 -31.61
N ASN K 302 30.50 -51.94 -32.47
CA ASN K 302 30.32 -50.50 -32.27
C ASN K 302 28.88 -50.08 -32.48
N GLN K 303 28.22 -50.66 -33.49
CA GLN K 303 26.84 -50.30 -33.82
C GLN K 303 25.85 -51.38 -33.39
N GLU K 304 26.23 -52.18 -32.39
CA GLU K 304 25.42 -53.31 -31.92
C GLU K 304 24.09 -52.84 -31.33
N ASP K 305 24.14 -51.79 -30.50
CA ASP K 305 22.93 -51.23 -29.89
C ASP K 305 21.99 -50.64 -30.93
N THR K 306 22.54 -50.10 -32.02
CA THR K 306 21.72 -49.57 -33.11
C THR K 306 20.96 -50.68 -33.81
N PHE K 307 21.62 -51.81 -34.04
CA PHE K 307 20.99 -52.96 -34.66
C PHE K 307 19.92 -53.57 -33.77
N ALA K 308 20.10 -53.48 -32.46
CA ALA K 308 19.00 -53.89 -31.58
C ALA K 308 17.89 -52.86 -31.57
N ALA K 309 18.23 -51.57 -31.71
CA ALA K 309 17.24 -50.50 -31.62
C ALA K 309 16.26 -50.54 -32.78
N GLU K 310 16.78 -50.78 -34.00
CA GLU K 310 15.91 -50.80 -35.16
C GLU K 310 15.02 -52.05 -35.17
N LEU K 311 15.57 -53.19 -34.75
CA LEU K 311 14.79 -54.41 -34.66
C LEU K 311 13.71 -54.29 -33.58
N HIS K 312 14.01 -53.56 -32.51
CA HIS K 312 13.01 -53.31 -31.47
C HIS K 312 11.91 -52.37 -31.98
N ARG K 313 12.30 -51.39 -32.80
CA ARG K 313 11.32 -50.52 -33.45
C ARG K 313 10.37 -51.32 -34.34
N LEU K 314 10.92 -52.27 -35.10
CA LEU K 314 10.09 -53.19 -35.88
C LEU K 314 9.24 -54.08 -34.99
N LYS K 315 9.75 -54.44 -33.82
CA LYS K 315 9.01 -55.25 -32.87
C LYS K 315 7.79 -54.53 -32.32
N GLN K 316 7.90 -53.21 -32.16
CA GLN K 316 6.80 -52.46 -31.57
C GLN K 316 5.60 -52.36 -32.50
N GLN K 317 5.83 -52.39 -33.81
CA GLN K 317 4.78 -52.11 -34.76
C GLN K 317 3.75 -53.24 -34.84
N PRO K 318 2.47 -52.92 -35.06
CA PRO K 318 1.46 -53.96 -35.24
C PRO K 318 1.45 -54.55 -36.64
N LEU K 319 2.16 -53.91 -37.55
CA LEU K 319 2.16 -54.26 -38.96
C LEU K 319 3.62 -54.36 -39.37
N PHE K 320 3.90 -55.27 -40.29
CA PHE K 320 5.25 -55.59 -40.69
C PHE K 320 5.41 -55.34 -42.18
N SER K 321 6.59 -54.90 -42.59
CA SER K 321 6.84 -54.66 -44.00
C SER K 321 8.26 -55.04 -44.33
N LEU K 322 8.42 -55.70 -45.48
CA LEU K 322 9.71 -56.27 -45.82
C LEU K 322 10.70 -55.21 -46.28
N VAL K 323 10.20 -54.10 -46.81
CA VAL K 323 11.08 -53.06 -47.34
C VAL K 323 11.81 -52.34 -46.21
N ASP K 324 11.26 -52.40 -45.00
CA ASP K 324 12.00 -51.89 -43.85
C ASP K 324 12.91 -52.96 -43.26
N PHE K 325 12.46 -54.21 -43.28
CA PHE K 325 13.22 -55.30 -42.68
C PHE K 325 14.49 -55.58 -43.45
N GLU K 326 14.49 -55.32 -44.77
CA GLU K 326 15.66 -55.65 -45.58
C GLU K 326 16.85 -54.73 -45.27
N GLN K 327 16.55 -53.47 -44.88
CA GLN K 327 17.59 -52.46 -44.70
C GLN K 327 18.56 -52.82 -43.59
N VAL K 328 18.05 -53.35 -42.48
CA VAL K 328 18.91 -53.62 -41.34
C VAL K 328 19.84 -54.79 -41.63
N VAL K 329 19.32 -55.81 -42.35
CA VAL K 329 20.07 -56.98 -42.77
C VAL K 329 21.16 -56.57 -43.77
N ASP K 330 20.79 -55.69 -44.70
CA ASP K 330 21.74 -55.17 -45.68
C ASP K 330 22.87 -54.41 -45.00
N ARG K 331 22.51 -53.52 -44.08
CA ARG K 331 23.48 -52.63 -43.46
C ARG K 331 24.48 -53.41 -42.62
N ILE K 332 24.01 -54.45 -41.93
CA ILE K 332 24.94 -55.34 -41.24
C ILE K 332 25.76 -56.13 -42.26
N ARG K 333 25.14 -56.51 -43.38
CA ARG K 333 25.78 -57.40 -44.34
C ARG K 333 26.97 -56.75 -45.01
N SER K 334 26.84 -55.44 -45.31
CA SER K 334 27.92 -54.63 -45.86
C SER K 334 29.19 -54.72 -45.03
N THR K 335 29.09 -54.34 -43.76
CA THR K 335 30.23 -54.34 -42.86
C THR K 335 30.75 -55.74 -42.58
N VAL K 336 29.86 -56.75 -42.44
CA VAL K 336 30.34 -58.06 -42.01
C VAL K 336 31.13 -58.74 -43.12
N ALA K 337 30.75 -58.53 -44.39
CA ALA K 337 31.56 -59.10 -45.45
C ALA K 337 32.81 -58.28 -45.73
N GLU K 338 32.71 -56.95 -45.51
CA GLU K 338 33.87 -56.09 -45.62
C GLU K 338 34.95 -56.47 -44.62
N HIS K 339 34.58 -56.97 -43.44
CA HIS K 339 35.60 -57.34 -42.43
C HIS K 339 36.48 -58.49 -42.91
N LEU K 340 35.84 -59.56 -43.41
CA LEU K 340 36.56 -60.70 -43.94
C LEU K 340 37.44 -60.29 -45.12
N TRP K 341 36.89 -59.45 -46.00
CA TRP K 341 37.69 -58.95 -47.12
C TRP K 341 38.83 -58.06 -46.64
N LYS K 342 38.62 -57.31 -45.55
CA LYS K 342 39.64 -56.40 -45.04
C LYS K 342 40.84 -57.16 -44.48
N LEU K 343 40.59 -58.24 -43.76
CA LEU K 343 41.72 -59.03 -43.27
C LEU K 343 42.40 -59.83 -44.36
N MET K 344 41.63 -60.59 -45.15
CA MET K 344 42.23 -61.64 -45.98
C MET K 344 43.14 -61.10 -47.09
N VAL K 345 42.77 -59.97 -47.71
CA VAL K 345 43.59 -59.49 -48.83
C VAL K 345 44.89 -58.89 -48.31
N GLU K 346 44.83 -58.14 -47.21
CA GLU K 346 45.97 -57.36 -46.75
C GLU K 346 46.84 -58.11 -45.77
N GLU K 347 46.23 -58.63 -44.71
CA GLU K 347 47.00 -59.23 -43.63
C GLU K 347 47.18 -60.73 -43.80
N SER K 348 46.35 -61.39 -44.60
CA SER K 348 46.62 -62.77 -44.97
C SER K 348 47.26 -62.90 -46.34
N ASP K 349 47.51 -61.78 -47.05
CA ASP K 349 48.28 -61.73 -48.30
C ASP K 349 47.62 -62.63 -49.37
N LEU K 350 46.34 -62.39 -49.63
CA LEU K 350 45.57 -63.21 -50.56
C LEU K 350 46.16 -63.20 -51.96
N LEU K 351 46.52 -61.99 -52.40
CA LEU K 351 47.10 -61.77 -53.72
C LEU K 351 48.41 -62.53 -53.89
N GLY K 352 49.22 -62.60 -52.84
CA GLY K 352 50.49 -63.30 -52.95
C GLY K 352 50.36 -64.80 -52.88
N GLN K 353 49.35 -65.30 -52.13
CA GLN K 353 49.10 -66.74 -52.07
C GLN K 353 48.59 -67.29 -53.39
N LEU K 354 47.80 -66.48 -54.10
CA LEU K 354 47.31 -66.90 -55.41
C LEU K 354 48.47 -67.05 -56.40
N LYS K 355 49.54 -66.26 -56.22
CA LYS K 355 50.74 -66.42 -57.04
C LYS K 355 51.40 -67.77 -56.82
N ILE K 356 51.39 -68.26 -55.58
CA ILE K 356 51.97 -69.57 -55.27
C ILE K 356 51.14 -70.68 -55.90
N ILE K 357 49.81 -70.49 -55.89
CA ILE K 357 48.90 -71.40 -56.60
C ILE K 357 49.26 -71.46 -58.09
N LYS K 358 49.51 -70.29 -58.69
CA LYS K 358 49.91 -70.23 -60.09
C LYS K 358 51.24 -70.92 -60.34
N ASP K 359 52.20 -70.70 -59.44
CA ASP K 359 53.55 -71.25 -59.58
C ASP K 359 53.52 -72.77 -59.62
N PHE K 360 52.80 -73.38 -58.69
CA PHE K 360 52.96 -74.81 -58.51
C PHE K 360 51.77 -75.63 -59.00
N TYR K 361 50.70 -75.00 -59.44
CA TYR K 361 49.64 -75.71 -60.13
C TYR K 361 49.57 -75.39 -61.60
N LEU K 362 49.81 -74.13 -61.96
CA LEU K 362 49.63 -73.67 -63.32
C LEU K 362 50.97 -73.53 -64.03
N LEU K 363 51.99 -74.23 -63.50
CA LEU K 363 53.33 -74.34 -64.08
C LEU K 363 53.99 -72.96 -64.24
N GLY K 364 53.97 -72.20 -63.15
CA GLY K 364 54.45 -70.84 -63.15
C GLY K 364 55.92 -70.67 -62.89
N ARG K 365 56.61 -71.72 -62.46
CA ARG K 365 58.06 -71.75 -62.42
C ARG K 365 58.53 -72.93 -63.26
N GLY K 366 59.48 -72.67 -64.15
CA GLY K 366 59.94 -73.71 -65.06
C GLY K 366 61.06 -74.54 -64.48
N GLU K 367 61.71 -74.02 -63.44
CA GLU K 367 62.88 -74.68 -62.87
C GLU K 367 62.50 -75.96 -62.15
N LEU K 368 61.37 -75.96 -61.44
CA LEU K 368 61.00 -77.11 -60.62
C LEU K 368 60.57 -78.29 -61.49
N PHE K 369 59.78 -78.04 -62.52
CA PHE K 369 59.16 -79.12 -63.27
C PHE K 369 59.99 -79.55 -64.48
N GLN K 370 61.21 -79.04 -64.61
CA GLN K 370 62.21 -79.59 -65.49
C GLN K 370 63.10 -80.58 -64.76
N ALA K 371 63.69 -80.12 -63.65
CA ALA K 371 64.45 -80.99 -62.78
C ALA K 371 63.60 -82.04 -62.11
N PHE K 372 62.28 -81.82 -61.99
CA PHE K 372 61.43 -82.84 -61.39
C PHE K 372 61.22 -84.01 -62.35
N ILE K 373 61.10 -83.71 -63.64
CA ILE K 373 61.09 -84.78 -64.63
C ILE K 373 62.44 -85.47 -64.67
N ASP K 374 63.52 -84.70 -64.45
CA ASP K 374 64.86 -85.30 -64.46
C ASP K 374 65.08 -86.24 -63.29
N THR K 375 64.71 -85.84 -62.08
CA THR K 375 64.95 -86.63 -60.89
C THR K 375 63.79 -87.57 -60.56
N ALA K 376 62.76 -87.59 -61.40
CA ALA K 376 61.70 -88.58 -61.30
C ALA K 376 61.39 -89.09 -62.71
N GLN K 377 62.45 -89.41 -63.46
CA GLN K 377 62.34 -90.05 -64.77
C GLN K 377 62.07 -91.56 -64.62
N HIS K 378 61.94 -92.03 -63.39
CA HIS K 378 61.74 -93.41 -63.01
C HIS K 378 60.42 -93.57 -62.26
N MET K 379 59.51 -92.62 -62.44
CA MET K 379 58.14 -92.73 -61.94
C MET K 379 57.19 -92.87 -63.11
N LEU K 380 57.71 -93.33 -64.24
CA LEU K 380 56.91 -93.82 -65.36
C LEU K 380 56.56 -95.29 -65.19
N LYS K 381 56.87 -95.86 -64.04
CA LYS K 381 56.53 -97.23 -63.71
C LYS K 381 55.41 -97.25 -62.68
N THR K 382 54.71 -98.37 -62.60
CA THR K 382 53.62 -98.50 -61.65
C THR K 382 54.16 -98.49 -60.22
N PRO K 383 53.50 -97.81 -59.29
CA PRO K 383 53.96 -97.83 -57.91
C PRO K 383 53.33 -98.98 -57.15
N PRO K 384 54.06 -99.54 -56.18
CA PRO K 384 53.41 -100.38 -55.17
C PRO K 384 52.77 -99.58 -54.05
N THR K 385 52.97 -98.26 -54.06
CA THR K 385 52.49 -97.29 -53.07
C THR K 385 52.82 -97.71 -51.64
N ALA K 386 54.08 -98.12 -51.44
CA ALA K 386 54.57 -98.35 -50.10
C ALA K 386 55.95 -97.72 -49.89
N VAL K 387 56.74 -97.62 -50.96
CA VAL K 387 58.04 -96.99 -50.93
C VAL K 387 58.08 -95.75 -51.81
N THR K 388 57.36 -95.79 -52.94
CA THR K 388 57.37 -94.72 -53.91
C THR K 388 56.69 -93.46 -53.38
N GLU K 389 55.71 -93.64 -52.50
CA GLU K 389 54.92 -92.52 -51.96
C GLU K 389 55.79 -91.54 -51.18
N HIS K 390 56.67 -92.06 -50.34
CA HIS K 390 57.64 -91.22 -49.66
C HIS K 390 58.64 -90.63 -50.64
N ASP K 391 59.05 -91.45 -51.61
CA ASP K 391 60.18 -91.13 -52.44
C ASP K 391 59.90 -90.00 -53.41
N VAL K 392 58.64 -89.85 -53.83
CA VAL K 392 58.32 -88.77 -54.77
C VAL K 392 58.41 -87.42 -54.06
N ASN K 393 57.99 -87.37 -52.80
CA ASN K 393 58.11 -86.15 -52.02
C ASN K 393 59.57 -85.83 -51.74
N VAL K 394 60.38 -86.87 -51.51
CA VAL K 394 61.82 -86.67 -51.31
C VAL K 394 62.47 -86.12 -52.57
N ALA K 395 62.12 -86.69 -53.72
CA ALA K 395 62.66 -86.22 -54.99
C ALA K 395 62.23 -84.78 -55.28
N PHE K 396 60.97 -84.45 -54.92
CA PHE K 396 60.43 -83.11 -55.09
C PHE K 396 61.22 -82.09 -54.28
N GLN K 397 61.47 -82.40 -53.00
CA GLN K 397 62.15 -81.46 -52.14
C GLN K 397 63.61 -81.31 -52.54
N GLN K 398 64.22 -82.37 -53.10
CA GLN K 398 65.57 -82.23 -53.63
C GLN K 398 65.59 -81.32 -54.83
N SER K 399 64.63 -81.52 -55.75
CA SER K 399 64.64 -80.84 -57.03
C SER K 399 64.38 -79.35 -56.89
N ALA K 400 63.63 -78.96 -55.86
CA ALA K 400 63.31 -77.54 -55.69
C ALA K 400 64.54 -76.70 -55.32
N HIS K 401 65.53 -77.32 -54.68
CA HIS K 401 66.56 -76.58 -53.96
C HIS K 401 67.65 -75.97 -54.84
N LYS K 402 67.58 -76.10 -56.16
CA LYS K 402 68.78 -75.93 -56.99
C LYS K 402 69.19 -74.45 -57.08
N VAL K 403 68.27 -73.61 -57.54
CA VAL K 403 68.28 -72.18 -57.30
C VAL K 403 66.84 -71.92 -56.86
N LEU K 404 66.55 -70.76 -56.25
CA LEU K 404 65.79 -70.56 -55.00
C LEU K 404 64.97 -71.72 -54.41
N LEU K 405 64.16 -71.41 -53.38
CA LEU K 405 63.29 -72.37 -52.65
C LEU K 405 64.11 -73.26 -51.71
N ASP K 406 65.07 -72.65 -51.02
CA ASP K 406 65.82 -73.31 -49.96
C ASP K 406 65.20 -73.08 -48.58
N ASP K 407 64.48 -71.98 -48.39
CA ASP K 407 63.55 -71.77 -47.29
C ASP K 407 62.19 -72.21 -47.82
N ASP K 408 61.13 -71.97 -47.05
CA ASP K 408 59.94 -72.82 -46.81
C ASP K 408 59.48 -73.66 -48.00
N ASN K 409 58.16 -73.75 -48.19
CA ASN K 409 57.51 -74.40 -49.32
C ASN K 409 57.50 -75.91 -49.09
N LEU K 410 57.15 -76.24 -47.85
CA LEU K 410 56.58 -77.52 -47.47
C LEU K 410 55.08 -77.55 -47.71
N LEU K 411 54.52 -76.50 -48.28
CA LEU K 411 53.11 -76.44 -48.61
C LEU K 411 52.73 -77.40 -49.76
N PRO K 412 53.45 -77.48 -50.89
CA PRO K 412 53.11 -78.57 -51.81
C PRO K 412 53.76 -79.87 -51.38
N LEU K 413 52.96 -80.92 -51.36
CA LEU K 413 53.43 -82.25 -50.99
C LEU K 413 52.87 -83.24 -52.00
N LEU K 414 53.76 -83.92 -52.70
CA LEU K 414 53.35 -84.92 -53.68
C LEU K 414 53.19 -86.27 -53.01
N HIS K 415 52.12 -86.96 -53.38
CA HIS K 415 51.85 -88.28 -52.83
C HIS K 415 51.15 -89.10 -53.90
N LEU K 416 50.95 -90.38 -53.60
CA LEU K 416 50.36 -91.31 -54.54
C LEU K 416 49.05 -91.85 -53.98
N THR K 417 47.98 -91.67 -54.73
CA THR K 417 46.67 -92.12 -54.30
C THR K 417 46.49 -93.60 -54.63
N SER K 448 51.08 -96.21 -63.85
CA SER K 448 52.31 -95.45 -63.68
C SER K 448 52.24 -94.57 -62.45
N GLY K 449 53.33 -93.86 -62.19
CA GLY K 449 53.40 -92.91 -61.10
C GLY K 449 52.95 -91.51 -61.46
N TRP K 450 52.51 -91.29 -62.68
CA TRP K 450 51.77 -90.08 -63.02
C TRP K 450 50.29 -90.34 -63.24
N ALA K 451 49.89 -91.60 -63.38
CA ALA K 451 48.49 -91.96 -63.50
C ALA K 451 47.87 -92.28 -62.15
N ALA K 452 48.61 -92.11 -61.06
CA ALA K 452 48.05 -92.22 -59.72
C ALA K 452 48.70 -91.19 -58.81
N LEU K 453 49.16 -90.09 -59.39
CA LEU K 453 49.81 -89.04 -58.62
C LEU K 453 48.76 -88.15 -57.94
N GLY K 454 49.04 -87.77 -56.69
CA GLY K 454 48.21 -86.82 -55.98
C GLY K 454 49.05 -85.67 -55.44
N LEU K 455 48.36 -84.71 -54.84
CA LEU K 455 49.00 -83.52 -54.31
C LEU K 455 48.17 -83.00 -53.14
N SER K 456 48.84 -82.73 -52.03
CA SER K 456 48.18 -82.12 -50.88
C SER K 456 48.79 -80.74 -50.64
N TYR K 457 47.92 -79.77 -50.40
CA TYR K 457 48.31 -78.41 -50.12
C TYR K 457 47.76 -78.05 -48.76
N LYS K 458 48.24 -76.93 -48.21
CA LYS K 458 47.73 -76.49 -46.93
C LYS K 458 47.68 -74.97 -46.89
N VAL K 459 46.64 -74.45 -46.24
CA VAL K 459 46.50 -73.04 -45.92
C VAL K 459 46.01 -72.94 -44.49
N GLN K 460 46.04 -71.75 -43.94
CA GLN K 460 45.41 -71.51 -42.65
C GLN K 460 43.91 -71.45 -42.82
N TRP K 461 43.21 -72.37 -42.18
CA TRP K 461 41.80 -72.65 -42.47
C TRP K 461 40.80 -71.59 -42.03
N PRO K 462 40.90 -70.95 -40.84
CA PRO K 462 39.96 -69.85 -40.57
C PRO K 462 40.20 -68.62 -41.43
N LEU K 463 41.45 -68.33 -41.78
CA LEU K 463 41.74 -67.18 -42.60
C LEU K 463 41.46 -67.44 -44.08
N HIS K 464 41.15 -68.68 -44.43
CA HIS K 464 40.90 -69.06 -45.81
C HIS K 464 39.80 -70.11 -45.85
N ILE K 465 38.57 -69.66 -46.01
CA ILE K 465 37.46 -70.53 -46.37
C ILE K 465 37.12 -70.42 -47.85
N LEU K 466 37.80 -69.55 -48.60
CA LEU K 466 37.70 -69.58 -50.06
C LEU K 466 38.25 -70.89 -50.61
N PHE K 467 39.24 -71.45 -49.94
CA PHE K 467 39.89 -72.65 -50.41
C PHE K 467 39.27 -73.85 -49.71
N THR K 468 38.68 -74.73 -50.50
CA THR K 468 37.94 -75.90 -50.09
C THR K 468 38.66 -77.12 -50.64
N PRO K 469 38.40 -78.34 -50.14
CA PRO K 469 39.02 -79.53 -50.74
C PRO K 469 38.67 -79.75 -52.22
N ALA K 470 37.47 -79.32 -52.63
CA ALA K 470 37.08 -79.44 -54.03
C ALA K 470 37.93 -78.57 -54.94
N VAL K 471 38.19 -77.32 -54.51
CA VAL K 471 38.93 -76.36 -55.33
C VAL K 471 40.38 -76.81 -55.50
N LEU K 472 40.99 -77.26 -54.39
CA LEU K 472 42.36 -77.75 -54.44
C LEU K 472 42.47 -79.03 -55.25
N GLU K 473 41.43 -79.87 -55.22
CA GLU K 473 41.38 -81.04 -56.09
C GLU K 473 41.39 -80.65 -57.56
N LYS K 474 40.59 -79.65 -57.93
CA LYS K 474 40.52 -79.24 -59.33
C LYS K 474 41.83 -78.61 -59.80
N TYR K 475 42.47 -77.83 -58.91
CA TYR K 475 43.82 -77.35 -59.15
C TYR K 475 44.81 -78.51 -59.36
N ASN K 476 44.63 -79.61 -58.63
CA ASN K 476 45.50 -80.76 -58.86
C ASN K 476 45.30 -81.37 -60.25
N VAL K 477 44.04 -81.41 -60.72
CA VAL K 477 43.74 -81.96 -62.05
C VAL K 477 44.39 -81.11 -63.14
N VAL K 478 44.30 -79.77 -63.01
CA VAL K 478 44.88 -78.89 -64.03
C VAL K 478 46.40 -79.00 -64.01
N PHE K 479 47.00 -79.22 -62.83
CA PHE K 479 48.44 -79.38 -62.74
C PHE K 479 48.91 -80.64 -63.46
N LYS K 480 48.18 -81.74 -63.30
CA LYS K 480 48.55 -82.99 -63.95
C LYS K 480 48.47 -82.89 -65.46
N TYR K 481 47.39 -82.26 -65.95
CA TYR K 481 47.22 -82.13 -67.40
C TYR K 481 48.28 -81.23 -68.01
N LEU K 482 48.60 -80.10 -67.37
CA LEU K 482 49.65 -79.23 -67.89
C LEU K 482 51.03 -79.85 -67.78
N LEU K 483 51.25 -80.74 -66.82
CA LEU K 483 52.55 -81.39 -66.72
C LEU K 483 52.76 -82.42 -67.82
N SER K 484 51.67 -83.08 -68.27
CA SER K 484 51.78 -84.11 -69.31
C SER K 484 52.35 -83.55 -70.62
N VAL K 485 51.95 -82.33 -70.98
CA VAL K 485 52.38 -81.77 -72.27
C VAL K 485 53.87 -81.44 -72.22
N ARG K 486 54.34 -80.93 -71.07
CA ARG K 486 55.74 -80.59 -70.91
C ARG K 486 56.58 -81.86 -70.87
N ARG K 487 56.01 -82.91 -70.30
CA ARG K 487 56.71 -84.18 -70.20
C ARG K 487 56.94 -84.81 -71.56
N VAL K 488 55.89 -84.88 -72.40
CA VAL K 488 56.06 -85.53 -73.70
C VAL K 488 56.91 -84.67 -74.62
N GLN K 489 56.83 -83.34 -74.46
CA GLN K 489 57.65 -82.45 -75.26
C GLN K 489 59.13 -82.53 -74.90
N ALA K 490 59.43 -82.80 -73.63
CA ALA K 490 60.82 -82.97 -73.20
C ALA K 490 61.46 -84.16 -73.91
N GLU K 491 60.71 -85.26 -74.01
CA GLU K 491 61.17 -86.43 -74.75
C GLU K 491 61.36 -86.10 -76.21
N LEU K 492 60.42 -85.33 -76.77
CA LEU K 492 60.51 -85.01 -78.19
C LEU K 492 61.72 -84.14 -78.52
N GLN K 493 62.04 -83.16 -77.67
CA GLN K 493 63.20 -82.34 -77.98
C GLN K 493 64.50 -83.08 -77.69
N HIS K 494 64.49 -84.04 -76.76
CA HIS K 494 65.71 -84.82 -76.58
C HIS K 494 65.92 -85.78 -77.75
N CYS K 495 64.83 -86.33 -78.31
CA CYS K 495 64.93 -87.21 -79.47
C CYS K 495 65.47 -86.50 -80.69
N TRP K 496 65.44 -85.17 -80.71
CA TRP K 496 66.18 -84.37 -81.68
C TRP K 496 67.66 -84.35 -81.33
N ALA K 497 68.26 -85.54 -81.45
CA ALA K 497 69.70 -85.68 -81.63
C ALA K 497 70.01 -85.84 -83.10
N LEU K 498 69.01 -85.61 -83.95
CA LEU K 498 69.14 -85.75 -85.39
C LEU K 498 70.08 -84.70 -85.98
N GLN K 499 69.97 -83.44 -85.51
CA GLN K 499 71.02 -82.43 -85.72
C GLN K 499 72.30 -82.85 -85.08
N MET K 500 72.21 -83.21 -83.79
CA MET K 500 73.38 -83.24 -82.93
C MET K 500 74.38 -84.31 -83.32
N GLN K 501 73.90 -85.46 -83.78
CA GLN K 501 74.81 -86.48 -84.25
C GLN K 501 74.43 -87.10 -85.59
N ARG K 502 73.15 -87.17 -85.95
CA ARG K 502 72.72 -88.02 -87.06
C ARG K 502 72.71 -87.29 -88.39
N LYS K 503 73.27 -86.08 -88.44
CA LYS K 503 73.60 -85.41 -89.69
C LYS K 503 74.85 -84.60 -89.42
N HIS K 504 75.51 -84.87 -88.31
CA HIS K 504 76.71 -84.12 -88.00
C HIS K 504 77.91 -84.98 -88.30
N LEU K 505 78.83 -84.41 -89.08
CA LEU K 505 80.03 -85.03 -89.64
C LEU K 505 79.71 -86.23 -90.51
N LYS K 506 78.46 -86.32 -90.96
CA LYS K 506 77.87 -87.47 -91.62
C LYS K 506 76.78 -86.90 -92.52
N SER K 507 76.25 -87.75 -93.37
CA SER K 507 75.07 -87.32 -94.09
C SER K 507 73.87 -88.22 -93.90
N ASN K 508 73.89 -89.23 -93.02
CA ASN K 508 73.48 -90.63 -93.22
C ASN K 508 72.40 -90.91 -94.27
N GLN K 509 71.72 -92.04 -94.11
CA GLN K 509 70.71 -92.42 -95.09
C GLN K 509 69.71 -91.29 -95.22
N THR K 510 69.89 -90.50 -96.28
CA THR K 510 68.94 -89.48 -96.68
C THR K 510 67.95 -90.19 -97.56
N ASP K 511 66.73 -90.35 -97.02
CA ASP K 511 65.55 -90.57 -97.82
C ASP K 511 65.60 -91.93 -98.51
N ALA K 512 65.77 -92.89 -97.65
CA ALA K 512 65.86 -94.32 -97.74
C ALA K 512 65.18 -94.63 -96.43
N ILE K 513 65.64 -95.66 -95.74
CA ILE K 513 65.23 -95.95 -94.39
C ILE K 513 65.47 -94.73 -93.49
N LYS K 514 64.38 -94.16 -93.00
CA LYS K 514 64.36 -93.14 -91.94
C LYS K 514 62.96 -93.10 -91.36
N TRP K 515 62.80 -92.34 -90.28
CA TRP K 515 61.50 -92.20 -89.64
C TRP K 515 60.74 -90.97 -90.12
N ARG K 516 61.03 -90.49 -91.35
CA ARG K 516 60.42 -89.39 -92.11
C ARG K 516 60.80 -88.01 -91.57
N LEU K 517 61.42 -87.96 -90.39
CA LEU K 517 61.69 -86.75 -89.60
C LEU K 517 60.39 -86.01 -89.33
N ARG K 518 59.40 -86.75 -88.83
CA ARG K 518 58.15 -86.17 -88.32
C ARG K 518 58.37 -85.47 -86.98
N ASN K 519 59.57 -85.65 -86.38
CA ASN K 519 60.00 -85.01 -85.12
C ASN K 519 59.65 -83.52 -85.08
N HIS K 520 59.99 -82.82 -86.15
CA HIS K 520 59.77 -81.38 -86.25
C HIS K 520 58.27 -81.06 -86.31
N MET K 521 57.53 -81.81 -87.14
CA MET K 521 56.09 -81.61 -87.28
C MET K 521 55.36 -81.92 -85.98
N ALA K 522 55.78 -82.99 -85.29
CA ALA K 522 55.16 -83.33 -84.03
C ALA K 522 55.51 -82.31 -82.95
N PHE K 523 56.72 -81.72 -83.02
CA PHE K 523 57.12 -80.72 -82.03
C PHE K 523 56.28 -79.45 -82.17
N LEU K 524 55.94 -79.10 -83.41
CA LEU K 524 55.19 -77.87 -83.63
C LEU K 524 53.78 -77.95 -83.04
N VAL K 525 53.11 -79.08 -83.24
CA VAL K 525 51.75 -79.32 -82.77
C VAL K 525 51.64 -79.27 -81.24
N ASP K 526 52.75 -79.46 -80.53
CA ASP K 526 52.80 -79.27 -79.09
C ASP K 526 53.25 -77.87 -78.67
N ASN K 527 54.19 -77.25 -79.39
CA ASN K 527 54.64 -75.89 -79.06
C ASN K 527 53.54 -74.85 -79.29
N LEU K 528 52.65 -75.08 -80.25
CA LEU K 528 51.56 -74.13 -80.41
C LEU K 528 50.49 -74.31 -79.33
N GLN K 529 50.10 -75.57 -79.06
CA GLN K 529 49.14 -75.93 -78.01
C GLN K 529 49.58 -75.36 -76.67
N TYR K 530 50.89 -75.53 -76.44
CA TYR K 530 51.65 -74.83 -75.41
C TYR K 530 51.33 -73.35 -75.36
N TYR K 531 51.72 -72.60 -76.41
CA TYR K 531 51.66 -71.14 -76.39
C TYR K 531 50.25 -70.64 -76.18
N LEU K 532 49.28 -71.40 -76.69
CA LEU K 532 47.86 -71.18 -76.42
C LEU K 532 47.56 -71.25 -74.92
N GLN K 533 48.02 -72.33 -74.26
CA GLN K 533 47.70 -72.52 -72.85
C GLN K 533 48.28 -71.40 -71.99
N VAL K 534 49.43 -70.86 -72.40
CA VAL K 534 50.02 -69.69 -71.73
C VAL K 534 49.06 -68.50 -71.74
N ASP K 535 48.47 -68.18 -72.89
CA ASP K 535 47.57 -67.05 -72.98
C ASP K 535 46.26 -67.30 -72.23
N VAL K 536 45.78 -68.55 -72.27
CA VAL K 536 44.55 -68.90 -71.57
C VAL K 536 44.72 -68.68 -70.06
N LEU K 537 45.88 -69.05 -69.53
CA LEU K 537 46.12 -68.86 -68.11
C LEU K 537 46.33 -67.39 -67.76
N GLU K 538 47.15 -66.68 -68.55
CA GLU K 538 47.51 -65.30 -68.23
C GLU K 538 46.32 -64.36 -68.34
N SER K 539 45.37 -64.67 -69.23
CA SER K 539 44.17 -63.84 -69.37
C SER K 539 43.30 -63.90 -68.13
N GLN K 540 42.95 -65.11 -67.69
CA GLN K 540 42.12 -65.30 -66.52
C GLN K 540 42.82 -64.78 -65.26
N PHE K 541 44.14 -64.95 -65.20
CA PHE K 541 44.89 -64.43 -64.06
C PHE K 541 44.90 -62.90 -64.04
N SER K 542 44.94 -62.26 -65.22
CA SER K 542 44.87 -60.81 -65.27
C SER K 542 43.49 -60.31 -64.84
N GLN K 543 42.45 -61.06 -65.19
CA GLN K 543 41.09 -60.64 -64.85
C GLN K 543 40.80 -60.80 -63.36
N LEU K 544 41.21 -61.93 -62.78
CA LEU K 544 40.86 -62.20 -61.39
C LEU K 544 41.53 -61.23 -60.44
N LEU K 545 42.82 -60.97 -60.63
CA LEU K 545 43.59 -60.08 -59.78
C LEU K 545 43.21 -58.62 -59.99
N HIS K 546 42.45 -58.32 -61.03
CA HIS K 546 41.86 -57.00 -61.19
C HIS K 546 40.46 -56.94 -60.61
N GLN K 547 39.76 -58.07 -60.57
CA GLN K 547 38.43 -58.10 -59.96
C GLN K 547 38.50 -57.98 -58.45
N ILE K 548 39.48 -58.64 -57.83
CA ILE K 548 39.54 -58.75 -56.36
C ILE K 548 39.68 -57.37 -55.71
N ASN K 549 40.44 -56.47 -56.35
CA ASN K 549 40.73 -55.18 -55.72
C ASN K 549 39.51 -54.27 -55.69
N SER K 550 38.69 -54.31 -56.75
CA SER K 550 37.56 -53.40 -56.84
C SER K 550 36.46 -53.82 -55.88
N THR K 551 36.11 -55.09 -55.87
CA THR K 551 35.05 -55.61 -55.04
C THR K 551 35.54 -55.76 -53.61
N ARG K 552 34.82 -55.15 -52.68
CA ARG K 552 35.19 -55.16 -51.28
C ARG K 552 34.33 -56.10 -50.45
N ASP K 553 33.47 -56.88 -51.10
CA ASP K 553 32.65 -57.87 -50.46
C ASP K 553 33.24 -59.25 -50.73
N PHE K 554 33.26 -60.10 -49.70
CA PHE K 554 33.81 -61.45 -49.84
C PHE K 554 32.93 -62.33 -50.71
N GLU K 555 31.61 -62.09 -50.63
CA GLU K 555 30.64 -62.80 -51.45
C GLU K 555 30.90 -62.58 -52.94
N SER K 556 31.34 -61.37 -53.30
CA SER K 556 31.66 -61.01 -54.69
C SER K 556 32.90 -61.74 -55.18
N ILE K 557 33.91 -61.83 -54.32
CA ILE K 557 35.17 -62.54 -54.54
C ILE K 557 34.89 -63.99 -54.90
N ARG K 558 33.89 -64.57 -54.21
CA ARG K 558 33.52 -65.95 -54.48
C ARG K 558 32.99 -66.15 -55.90
N LEU K 559 32.21 -65.19 -56.43
CA LEU K 559 31.76 -65.30 -57.82
C LEU K 559 32.93 -65.18 -58.80
N ALA K 560 33.87 -64.27 -58.49
CA ALA K 560 35.05 -64.09 -59.35
C ALA K 560 35.85 -65.39 -59.47
N HIS K 561 36.10 -66.03 -58.34
CA HIS K 561 36.84 -67.28 -58.32
C HIS K 561 36.08 -68.42 -59.00
N ASP K 562 34.76 -68.49 -58.75
CA ASP K 562 33.96 -69.59 -59.27
C ASP K 562 33.75 -69.51 -60.78
N HIS K 563 33.87 -68.34 -61.39
CA HIS K 563 33.93 -68.38 -62.85
C HIS K 563 35.35 -68.61 -63.36
N PHE K 564 36.35 -68.14 -62.59
CA PHE K 564 37.74 -68.24 -62.99
C PHE K 564 38.17 -69.69 -63.20
N LEU K 565 37.77 -70.57 -62.25
CA LEU K 565 38.10 -71.99 -62.34
C LEU K 565 37.45 -72.65 -63.57
N SER K 566 36.17 -72.34 -63.81
CA SER K 566 35.41 -73.00 -64.86
C SER K 566 35.89 -72.56 -66.22
N ASN K 567 36.43 -71.36 -66.30
CA ASN K 567 37.05 -70.92 -67.55
C ASN K 567 38.36 -71.64 -67.80
N LEU K 568 39.20 -71.78 -66.75
CA LEU K 568 40.46 -72.49 -66.88
C LEU K 568 40.28 -73.89 -67.44
N LEU K 569 39.31 -74.62 -66.88
CA LEU K 569 39.00 -76.00 -67.25
C LEU K 569 38.61 -76.17 -68.72
N ALA K 570 37.59 -75.44 -69.15
CA ALA K 570 37.09 -75.62 -70.51
C ALA K 570 38.05 -75.05 -71.54
N GLN K 571 38.67 -73.90 -71.25
CA GLN K 571 39.51 -73.25 -72.25
C GLN K 571 40.82 -73.99 -72.44
N SER K 572 41.35 -74.61 -71.37
CA SER K 572 42.52 -75.46 -71.58
C SER K 572 42.14 -76.88 -71.99
N PHE K 573 40.85 -77.14 -72.22
CA PHE K 573 40.26 -78.38 -72.71
C PHE K 573 40.40 -79.52 -71.72
N ILE K 574 40.25 -79.21 -70.43
CA ILE K 574 40.27 -80.21 -69.38
C ILE K 574 38.87 -80.65 -68.99
N LEU K 575 37.85 -79.94 -69.46
CA LEU K 575 36.48 -80.41 -69.29
C LEU K 575 36.27 -81.72 -70.03
N LEU K 576 35.54 -82.65 -69.41
CA LEU K 576 35.33 -83.99 -69.94
C LEU K 576 34.53 -83.88 -71.23
N LYS K 577 35.21 -84.04 -72.33
CA LYS K 577 34.65 -83.94 -73.67
C LYS K 577 35.30 -85.05 -74.49
N PRO K 578 34.75 -85.40 -75.65
CA PRO K 578 35.50 -86.27 -76.58
C PRO K 578 36.82 -85.66 -77.04
N VAL K 579 36.89 -84.33 -77.10
CA VAL K 579 38.08 -83.61 -77.54
C VAL K 579 39.25 -83.89 -76.60
N PHE K 580 38.93 -84.12 -75.32
CA PHE K 580 39.95 -84.31 -74.30
C PHE K 580 40.55 -85.71 -74.42
N HIS K 581 39.70 -86.69 -74.77
CA HIS K 581 40.18 -88.04 -75.07
C HIS K 581 41.09 -88.03 -76.28
N CYS K 582 40.71 -87.29 -77.32
CA CYS K 582 41.55 -87.19 -78.51
C CYS K 582 42.91 -86.57 -78.20
N LEU K 583 42.93 -85.51 -77.37
CA LEU K 583 44.21 -84.88 -77.01
C LEU K 583 45.08 -85.80 -76.17
N ASN K 584 44.47 -86.58 -75.26
CA ASN K 584 45.21 -87.57 -74.49
C ASN K 584 45.85 -88.61 -75.40
N GLU K 585 45.11 -89.03 -76.43
CA GLU K 585 45.68 -89.95 -77.41
C GLU K 585 46.81 -89.33 -78.21
N ILE K 586 46.73 -88.02 -78.49
CA ILE K 586 47.82 -87.31 -79.16
C ILE K 586 49.09 -87.38 -78.32
N LEU K 587 48.95 -87.19 -77.00
CA LEU K 587 50.12 -87.25 -76.12
C LEU K 587 50.72 -88.65 -76.05
N ASP K 588 49.87 -89.69 -75.95
CA ASP K 588 50.36 -91.07 -75.94
C ASP K 588 51.05 -91.44 -77.26
N LEU K 589 50.50 -90.96 -78.38
CA LEU K 589 51.06 -91.21 -79.69
C LEU K 589 52.43 -90.57 -79.85
N CYS K 590 52.61 -89.37 -79.29
CA CYS K 590 53.94 -88.74 -79.31
C CYS K 590 54.94 -89.54 -78.48
N HIS K 591 54.49 -90.05 -77.34
CA HIS K 591 55.37 -90.78 -76.42
C HIS K 591 55.92 -92.06 -77.04
N SER K 592 55.07 -92.83 -77.75
CA SER K 592 55.52 -94.07 -78.38
C SER K 592 56.55 -93.83 -79.48
N PHE K 593 56.32 -92.78 -80.27
CA PHE K 593 57.24 -92.37 -81.33
C PHE K 593 58.60 -91.98 -80.76
N CYS K 594 58.60 -91.27 -79.63
CA CYS K 594 59.84 -90.99 -78.91
C CYS K 594 60.57 -92.26 -78.51
N SER K 595 59.81 -93.26 -78.05
CA SER K 595 60.40 -94.54 -77.65
C SER K 595 61.08 -95.25 -78.82
N LEU K 596 60.51 -95.13 -80.02
CA LEU K 596 61.14 -95.72 -81.20
C LEU K 596 62.45 -95.02 -81.56
N VAL K 597 62.39 -93.70 -81.75
CA VAL K 597 63.54 -92.98 -82.29
C VAL K 597 64.66 -92.88 -81.27
N SER K 598 64.35 -93.10 -79.99
CA SER K 598 65.39 -93.14 -78.96
C SER K 598 66.36 -94.30 -79.19
N GLN K 599 65.84 -95.51 -79.36
CA GLN K 599 66.71 -96.66 -79.56
C GLN K 599 67.24 -96.73 -80.98
N ASN K 600 66.65 -95.96 -81.90
CA ASN K 600 66.91 -96.18 -83.32
C ASN K 600 68.33 -95.79 -83.78
N LEU K 601 69.15 -95.20 -82.90
CA LEU K 601 69.80 -93.87 -83.06
C LEU K 601 69.90 -93.44 -84.53
N GLY K 602 70.81 -93.99 -85.34
CA GLY K 602 70.99 -93.50 -86.69
C GLY K 602 69.93 -94.11 -87.58
N PRO K 603 69.55 -93.46 -88.69
CA PRO K 603 68.44 -93.97 -89.51
C PRO K 603 68.63 -95.40 -90.01
N LEU K 604 67.82 -96.30 -89.46
CA LEU K 604 68.07 -97.74 -89.48
C LEU K 604 66.74 -98.47 -89.40
N ASP K 605 66.67 -99.59 -90.12
CA ASP K 605 65.48 -100.45 -90.09
C ASP K 605 65.64 -101.44 -88.96
N GLU K 606 65.04 -101.12 -87.81
CA GLU K 606 64.90 -102.08 -86.72
C GLU K 606 63.59 -102.83 -86.77
N ARG K 607 62.92 -102.83 -87.94
CA ARG K 607 61.48 -103.01 -88.19
C ARG K 607 60.73 -101.83 -87.55
N GLY K 608 61.35 -100.66 -87.54
CA GLY K 608 60.67 -99.46 -87.08
C GLY K 608 59.61 -98.96 -88.05
N ALA K 609 59.66 -99.42 -89.29
CA ALA K 609 58.77 -98.94 -90.33
C ALA K 609 57.32 -99.36 -90.08
N ALA K 610 57.10 -100.53 -89.47
CA ALA K 610 55.75 -101.00 -89.19
C ALA K 610 55.07 -100.13 -88.14
N GLN K 611 55.77 -99.89 -87.03
CA GLN K 611 55.29 -98.97 -86.01
C GLN K 611 55.08 -97.58 -86.59
N LEU K 612 56.00 -97.13 -87.46
CA LEU K 612 55.88 -95.83 -88.09
C LEU K 612 54.64 -95.74 -88.97
N SER K 613 54.29 -96.83 -89.67
CA SER K 613 53.10 -96.86 -90.51
C SER K 613 51.84 -96.68 -89.68
N ILE K 614 51.74 -97.43 -88.58
CA ILE K 614 50.60 -97.29 -87.66
C ILE K 614 50.55 -95.88 -87.09
N LEU K 615 51.72 -95.32 -86.76
CA LEU K 615 51.81 -94.00 -86.13
C LEU K 615 51.34 -92.90 -87.07
N VAL K 616 51.80 -92.92 -88.32
CA VAL K 616 51.46 -91.85 -89.26
C VAL K 616 49.99 -91.92 -89.64
N LYS K 617 49.44 -93.15 -89.76
CA LYS K 617 48.01 -93.28 -90.09
C LYS K 617 47.13 -92.75 -88.97
N GLY K 618 47.44 -93.13 -87.72
CA GLY K 618 46.64 -92.67 -86.60
C GLY K 618 46.71 -91.18 -86.36
N PHE K 619 47.93 -90.60 -86.48
CA PHE K 619 48.06 -89.16 -86.28
C PHE K 619 47.35 -88.37 -87.37
N SER K 620 47.37 -88.87 -88.62
CA SER K 620 46.62 -88.20 -89.69
C SER K 620 45.12 -88.18 -89.39
N ARG K 621 44.60 -89.32 -88.90
CA ARG K 621 43.16 -89.41 -88.62
C ARG K 621 42.74 -88.48 -87.48
N GLN K 622 43.57 -88.34 -86.45
CA GLN K 622 43.18 -87.43 -85.37
C GLN K 622 43.42 -85.96 -85.75
N SER K 623 44.46 -85.68 -86.53
CA SER K 623 44.77 -84.30 -86.90
C SER K 623 43.72 -83.73 -87.85
N SER K 624 43.00 -84.59 -88.57
CA SER K 624 41.83 -84.11 -89.30
C SER K 624 40.76 -83.56 -88.35
N LEU K 625 40.58 -84.21 -87.20
CA LEU K 625 39.59 -83.75 -86.23
C LEU K 625 40.03 -82.48 -85.52
N LEU K 626 41.34 -82.20 -85.49
CA LEU K 626 41.86 -80.99 -84.82
C LEU K 626 41.31 -79.66 -85.38
N PHE K 627 40.67 -79.63 -86.55
CA PHE K 627 40.06 -78.41 -87.07
C PHE K 627 38.56 -78.38 -86.79
N LYS K 628 38.15 -79.08 -85.74
CA LYS K 628 36.85 -78.88 -85.13
C LYS K 628 37.00 -78.24 -83.76
N ILE K 629 38.22 -77.89 -83.37
CA ILE K 629 38.53 -77.28 -82.07
C ILE K 629 39.27 -75.98 -82.32
N LEU K 630 40.43 -76.09 -82.96
CA LEU K 630 41.23 -74.92 -83.31
C LEU K 630 40.48 -74.03 -84.29
N SER K 631 39.72 -74.64 -85.19
CA SER K 631 38.81 -73.90 -86.04
C SER K 631 37.39 -74.15 -85.55
N PRO L 210 -26.95 -54.63 28.83
CA PRO L 210 -27.29 -53.32 28.25
C PRO L 210 -26.14 -52.30 28.23
N ASP L 211 -26.29 -51.34 27.31
CA ASP L 211 -25.48 -50.15 27.01
C ASP L 211 -24.16 -50.47 26.34
N ASP L 212 -23.61 -51.67 26.54
CA ASP L 212 -22.52 -52.10 25.68
C ASP L 212 -23.07 -53.06 24.63
N ARG L 213 -24.10 -53.80 25.01
CA ARG L 213 -24.78 -54.71 24.08
C ARG L 213 -25.48 -53.94 22.96
N SER L 214 -26.09 -52.81 23.30
CA SER L 214 -26.77 -51.99 22.30
C SER L 214 -25.77 -51.34 21.35
N TRP L 215 -24.70 -50.77 21.92
CA TRP L 215 -23.57 -50.23 21.18
C TRP L 215 -23.00 -51.24 20.20
N LEU L 216 -22.88 -52.50 20.64
CA LEU L 216 -22.51 -53.62 19.78
C LEU L 216 -23.50 -53.78 18.63
N GLU L 217 -24.77 -54.04 18.97
CA GLU L 217 -25.86 -54.30 18.02
C GLU L 217 -25.93 -53.24 16.93
N HIS L 218 -25.70 -51.98 17.30
CA HIS L 218 -25.62 -50.92 16.30
C HIS L 218 -24.35 -50.99 15.47
N HIS L 219 -23.20 -50.69 16.08
CA HIS L 219 -22.09 -50.34 15.21
C HIS L 219 -21.18 -51.49 14.93
N VAL L 220 -21.63 -52.70 15.22
CA VAL L 220 -20.85 -53.90 15.07
C VAL L 220 -21.85 -54.94 14.55
N VAL L 221 -21.39 -55.90 13.71
CA VAL L 221 -22.35 -56.87 13.19
C VAL L 221 -22.27 -58.19 13.96
N HIS L 222 -21.15 -58.92 13.80
CA HIS L 222 -20.75 -60.15 14.51
C HIS L 222 -21.86 -61.19 14.58
N GLN L 223 -22.39 -61.60 13.42
CA GLN L 223 -23.38 -62.67 13.50
C GLN L 223 -23.36 -63.68 12.36
N TYR L 224 -22.36 -63.63 11.52
CA TYR L 224 -22.35 -64.50 10.35
C TYR L 224 -21.13 -65.40 10.24
N TRP L 225 -20.02 -65.08 10.93
CA TRP L 225 -18.93 -66.05 11.08
C TRP L 225 -19.05 -66.88 12.37
N THR L 226 -20.19 -66.74 13.07
CA THR L 226 -20.54 -67.48 14.29
C THR L 226 -21.98 -67.94 14.17
N ALA L 227 -22.39 -68.83 15.07
CA ALA L 227 -23.69 -69.47 14.97
C ALA L 227 -24.75 -68.54 15.56
N ARG L 228 -25.15 -67.55 14.77
CA ARG L 228 -26.26 -66.68 15.10
C ARG L 228 -27.09 -66.50 13.84
N PRO L 229 -28.36 -66.10 13.95
CA PRO L 229 -29.12 -65.75 12.76
C PRO L 229 -28.53 -64.53 12.08
N SER L 230 -28.63 -64.51 10.76
CA SER L 230 -28.10 -63.40 10.00
C SER L 230 -29.20 -62.78 9.14
N GLN L 231 -29.20 -61.45 9.11
CA GLN L 231 -30.02 -60.64 8.23
C GLN L 231 -29.14 -59.52 7.74
N PHE L 232 -29.58 -58.85 6.67
CA PHE L 232 -28.90 -57.68 6.18
C PHE L 232 -30.04 -56.81 5.67
N PRO L 233 -30.06 -55.51 5.99
CA PRO L 233 -31.16 -54.68 5.48
C PRO L 233 -30.96 -54.39 3.99
N HIS L 234 -31.99 -54.71 3.22
CA HIS L 234 -31.83 -54.80 1.77
C HIS L 234 -33.18 -54.70 1.08
N SER L 235 -33.16 -54.71 -0.26
CA SER L 235 -34.34 -54.28 -0.99
C SER L 235 -34.85 -55.26 -2.04
N LEU L 236 -34.90 -56.58 -1.75
CA LEU L 236 -34.71 -57.73 -2.66
C LEU L 236 -35.14 -57.48 -4.09
N HIS L 237 -36.00 -58.34 -4.66
CA HIS L 237 -36.54 -58.20 -6.03
C HIS L 237 -35.63 -58.76 -7.11
N LEU L 238 -36.07 -59.92 -7.60
CA LEU L 238 -35.45 -61.15 -8.08
C LEU L 238 -33.98 -61.14 -8.44
N HIS L 239 -33.49 -60.11 -9.11
CA HIS L 239 -32.09 -60.01 -9.55
C HIS L 239 -31.05 -60.13 -8.44
N SER L 240 -31.46 -59.94 -7.18
CA SER L 240 -30.56 -60.29 -6.09
C SER L 240 -31.22 -61.17 -5.03
N ASN L 241 -32.42 -61.66 -5.27
CA ASN L 241 -33.09 -62.61 -4.39
C ASN L 241 -32.99 -64.03 -4.95
N LEU L 242 -32.16 -64.22 -6.00
CA LEU L 242 -32.29 -65.32 -6.96
C LEU L 242 -32.34 -66.68 -6.32
N ALA L 243 -31.45 -66.91 -5.34
CA ALA L 243 -31.34 -68.20 -4.70
C ALA L 243 -32.64 -68.56 -4.01
N ALA L 244 -33.25 -67.59 -3.31
CA ALA L 244 -34.53 -67.80 -2.68
C ALA L 244 -35.64 -67.99 -3.71
N VAL L 245 -35.55 -67.27 -4.84
CA VAL L 245 -36.53 -67.43 -5.92
C VAL L 245 -36.49 -68.85 -6.47
N TRP L 246 -35.29 -69.37 -6.70
CA TRP L 246 -35.15 -70.72 -7.22
C TRP L 246 -35.57 -71.74 -6.18
N ASP L 247 -35.29 -71.47 -4.91
CA ASP L 247 -35.71 -72.36 -3.84
C ASP L 247 -37.23 -72.46 -3.77
N GLN L 248 -37.92 -71.31 -3.85
CA GLN L 248 -39.37 -71.30 -3.81
C GLN L 248 -39.95 -71.98 -5.03
N HIS L 249 -39.30 -71.81 -6.19
CA HIS L 249 -39.74 -72.52 -7.39
C HIS L 249 -39.61 -74.02 -7.20
N LEU L 250 -38.51 -74.46 -6.61
CA LEU L 250 -38.30 -75.88 -6.36
C LEU L 250 -39.34 -76.42 -5.39
N TYR L 251 -39.58 -75.69 -4.30
CA TYR L 251 -40.53 -76.13 -3.28
C TYR L 251 -41.94 -76.19 -3.83
N SER L 252 -42.28 -75.26 -4.73
CA SER L 252 -43.56 -75.36 -5.42
C SER L 252 -43.58 -76.54 -6.38
N SER L 253 -42.41 -76.90 -6.92
CA SER L 253 -42.33 -77.99 -7.89
C SER L 253 -42.44 -79.38 -7.27
N ASP L 254 -42.52 -79.48 -5.92
CA ASP L 254 -42.55 -80.71 -5.12
C ASP L 254 -41.29 -81.57 -5.28
N PRO L 255 -40.20 -81.24 -4.56
CA PRO L 255 -38.93 -81.95 -4.79
C PRO L 255 -38.88 -83.46 -4.43
N LEU L 256 -39.44 -83.98 -3.32
CA LEU L 256 -40.08 -83.42 -2.11
C LEU L 256 -39.01 -82.93 -1.11
N TYR L 257 -39.44 -82.49 0.09
CA TYR L 257 -39.00 -81.27 0.75
C TYR L 257 -37.52 -80.93 0.74
N VAL L 258 -36.71 -81.63 1.56
CA VAL L 258 -35.28 -81.36 1.76
C VAL L 258 -35.02 -79.89 2.10
N PRO L 259 -35.16 -79.49 3.36
CA PRO L 259 -34.90 -78.09 3.75
C PRO L 259 -33.50 -77.58 3.39
N ASP L 260 -33.42 -76.27 3.24
CA ASP L 260 -32.20 -75.56 2.87
C ASP L 260 -31.68 -74.72 4.02
N ASP L 261 -31.67 -75.31 5.22
CA ASP L 261 -31.27 -74.59 6.43
C ASP L 261 -29.80 -74.20 6.33
N ARG L 262 -29.57 -72.92 6.07
CA ARG L 262 -28.23 -72.34 6.05
C ARG L 262 -28.29 -70.98 6.72
N VAL L 263 -27.13 -70.52 7.19
CA VAL L 263 -27.07 -69.45 8.17
C VAL L 263 -27.17 -68.06 7.51
N LEU L 264 -27.16 -67.98 6.16
CA LEU L 264 -27.12 -66.73 5.38
C LEU L 264 -25.85 -65.91 5.60
N VAL L 265 -24.85 -66.02 4.72
CA VAL L 265 -23.75 -65.05 4.77
C VAL L 265 -24.10 -63.79 3.97
N THR L 266 -23.55 -62.67 4.41
CA THR L 266 -23.62 -61.38 3.73
C THR L 266 -22.55 -61.26 2.65
N GLU L 267 -22.63 -60.18 1.85
CA GLU L 267 -21.94 -60.16 0.55
C GLU L 267 -20.52 -59.63 0.64
N THR L 268 -20.33 -58.40 1.14
CA THR L 268 -19.04 -57.70 1.07
C THR L 268 -17.98 -58.39 1.93
N GLN L 269 -18.44 -59.23 2.82
CA GLN L 269 -17.60 -59.78 3.86
C GLN L 269 -16.95 -61.06 3.41
N VAL L 270 -17.57 -61.73 2.44
CA VAL L 270 -16.87 -62.69 1.60
C VAL L 270 -15.64 -62.04 0.96
N ILE L 271 -15.75 -60.78 0.56
CA ILE L 271 -14.61 -60.11 -0.09
C ILE L 271 -13.52 -59.80 0.94
N ARG L 272 -13.93 -59.46 2.18
CA ARG L 272 -12.93 -59.37 3.26
C ARG L 272 -12.20 -60.71 3.49
N GLU L 273 -12.96 -61.82 3.49
CA GLU L 273 -12.38 -63.14 3.70
C GLU L 273 -11.40 -63.52 2.59
N THR L 274 -11.73 -63.20 1.34
CA THR L 274 -10.84 -63.62 0.27
C THR L 274 -9.55 -62.79 0.25
N LEU L 275 -9.65 -61.49 0.59
CA LEU L 275 -8.42 -60.69 0.72
C LEU L 275 -7.53 -61.22 1.83
N TRP L 276 -8.15 -61.64 2.93
CA TRP L 276 -7.37 -62.14 4.05
C TRP L 276 -6.71 -63.47 3.74
N LEU L 277 -7.44 -64.37 3.07
CA LEU L 277 -6.85 -65.66 2.72
C LEU L 277 -5.70 -65.49 1.74
N LEU L 278 -5.89 -64.65 0.73
CA LEU L 278 -4.88 -64.54 -0.31
C LEU L 278 -3.66 -63.74 0.17
N SER L 279 -3.83 -62.87 1.17
CA SER L 279 -2.72 -62.02 1.61
C SER L 279 -1.62 -62.80 2.30
N GLY L 280 -1.96 -63.85 3.04
CA GLY L 280 -0.93 -64.68 3.62
C GLY L 280 -1.23 -65.21 5.01
N VAL L 281 -2.24 -64.68 5.67
CA VAL L 281 -2.61 -65.19 7.00
C VAL L 281 -3.52 -66.39 6.82
N LYS L 282 -3.42 -67.33 7.74
CA LYS L 282 -4.11 -68.61 7.64
C LYS L 282 -5.34 -68.65 8.55
N LYS L 283 -6.14 -69.72 8.37
CA LYS L 283 -7.26 -70.09 9.25
C LYS L 283 -8.40 -69.08 9.35
N LEU L 284 -9.32 -69.10 8.38
CA LEU L 284 -10.49 -68.21 8.39
C LEU L 284 -11.78 -69.04 8.59
N PHE L 285 -12.91 -68.34 8.62
CA PHE L 285 -14.24 -68.97 8.80
C PHE L 285 -14.75 -69.56 7.49
N ILE L 286 -15.01 -68.69 6.51
CA ILE L 286 -15.03 -69.08 5.11
C ILE L 286 -13.62 -69.59 4.78
N PHE L 287 -13.53 -70.60 3.91
CA PHE L 287 -12.29 -71.35 3.60
C PHE L 287 -11.71 -72.11 4.78
N GLN L 288 -12.24 -73.31 5.05
CA GLN L 288 -11.69 -74.20 6.06
C GLN L 288 -10.86 -75.33 5.42
N LEU L 289 -10.01 -75.96 6.23
CA LEU L 289 -9.27 -77.15 5.85
C LEU L 289 -10.09 -78.41 6.11
N ILE L 290 -9.76 -79.47 5.38
CA ILE L 290 -10.29 -80.79 5.67
C ILE L 290 -9.21 -81.82 5.95
N ASP L 291 -8.01 -81.66 5.41
CA ASP L 291 -6.88 -82.53 5.74
C ASP L 291 -5.64 -81.67 5.92
N GLY L 292 -5.81 -80.36 5.77
CA GLY L 292 -4.69 -79.45 5.73
C GLY L 292 -4.65 -78.72 4.42
N LYS L 293 -5.62 -78.96 3.55
CA LYS L 293 -5.75 -78.23 2.31
C LYS L 293 -7.03 -77.41 2.36
N VAL L 294 -6.92 -76.11 2.12
CA VAL L 294 -8.05 -75.21 2.29
C VAL L 294 -9.02 -75.39 1.13
N THR L 295 -10.31 -75.51 1.44
CA THR L 295 -11.41 -75.65 0.49
C THR L 295 -12.59 -74.80 0.95
N VAL L 296 -13.46 -74.45 0.00
CA VAL L 296 -14.73 -73.75 0.22
C VAL L 296 -15.63 -74.54 1.17
N ARG L 297 -16.34 -73.84 2.07
CA ARG L 297 -17.47 -74.42 2.78
C ARG L 297 -18.76 -74.00 2.10
N ASN L 298 -19.73 -74.91 2.06
CA ASN L 298 -20.99 -74.71 1.36
C ASN L 298 -22.18 -74.65 2.32
N ASN L 299 -21.93 -74.35 3.59
CA ASN L 299 -22.97 -74.23 4.60
C ASN L 299 -23.53 -72.83 4.70
N ILE L 300 -22.99 -71.90 3.92
CA ILE L 300 -23.41 -70.51 3.93
C ILE L 300 -24.14 -70.25 2.61
N ILE L 301 -25.08 -69.32 2.64
CA ILE L 301 -25.81 -68.98 1.42
C ILE L 301 -25.90 -67.46 1.30
N VAL L 302 -25.59 -66.95 0.13
CA VAL L 302 -25.82 -65.57 -0.24
C VAL L 302 -27.22 -65.50 -0.82
N THR L 303 -27.88 -64.34 -0.69
CA THR L 303 -29.25 -64.11 -1.14
C THR L 303 -29.48 -64.40 -2.62
N HIS L 304 -28.43 -64.25 -3.42
CA HIS L 304 -28.44 -64.52 -4.86
C HIS L 304 -27.45 -65.64 -5.16
N LEU L 305 -27.11 -65.82 -6.45
CA LEU L 305 -26.09 -66.71 -7.04
C LEU L 305 -26.46 -68.19 -7.13
N THR L 306 -27.65 -68.58 -6.67
CA THR L 306 -28.25 -69.93 -6.58
C THR L 306 -27.46 -70.97 -5.78
N HIS L 307 -26.37 -70.54 -5.13
CA HIS L 307 -25.50 -71.29 -4.23
C HIS L 307 -24.62 -72.29 -5.00
N SER L 308 -24.63 -72.22 -6.34
CA SER L 308 -23.75 -73.07 -7.13
C SER L 308 -22.59 -72.29 -7.74
N CYS L 309 -22.84 -71.08 -8.23
CA CYS L 309 -21.76 -70.18 -8.66
C CYS L 309 -20.79 -69.88 -7.52
N LEU L 310 -21.33 -69.81 -6.30
CA LEU L 310 -20.56 -69.57 -5.09
C LEU L 310 -19.49 -70.64 -4.90
N ARG L 311 -19.90 -71.91 -4.99
CA ARG L 311 -18.98 -73.03 -4.81
C ARG L 311 -17.83 -72.99 -5.82
N SER L 312 -18.13 -72.63 -7.07
CA SER L 312 -17.09 -72.50 -8.10
C SER L 312 -16.14 -71.36 -7.77
N VAL L 313 -16.69 -70.17 -7.51
CA VAL L 313 -15.85 -68.98 -7.40
C VAL L 313 -14.94 -69.06 -6.18
N LEU L 314 -15.47 -69.62 -5.10
CA LEU L 314 -14.62 -69.83 -3.95
C LEU L 314 -13.70 -71.02 -4.16
N GLU L 315 -14.05 -71.96 -5.03
CA GLU L 315 -13.13 -73.06 -5.28
C GLU L 315 -11.89 -72.60 -6.03
N GLN L 316 -12.05 -71.71 -6.99
CA GLN L 316 -10.88 -71.21 -7.71
C GLN L 316 -10.02 -70.30 -6.83
N ILE L 317 -10.66 -69.46 -6.02
CA ILE L 317 -9.89 -68.65 -5.08
C ILE L 317 -9.23 -69.53 -4.01
N ALA L 318 -9.89 -70.64 -3.65
CA ALA L 318 -9.29 -71.57 -2.69
C ALA L 318 -8.10 -72.29 -3.31
N ALA L 319 -8.13 -72.51 -4.62
CA ALA L 319 -6.98 -73.07 -5.32
C ALA L 319 -5.77 -72.15 -5.24
N TYR L 320 -6.00 -70.83 -5.26
CA TYR L 320 -4.88 -69.93 -4.95
C TYR L 320 -4.48 -69.98 -3.47
N GLY L 321 -5.48 -70.12 -2.60
CA GLY L 321 -5.22 -70.07 -1.16
C GLY L 321 -4.39 -71.23 -0.66
N GLN L 322 -4.52 -72.40 -1.30
CA GLN L 322 -3.69 -73.54 -0.93
C GLN L 322 -2.22 -73.27 -1.24
N VAL L 323 -1.96 -72.59 -2.37
CA VAL L 323 -0.61 -72.23 -2.78
C VAL L 323 0.04 -71.33 -1.76
N VAL L 324 -0.67 -70.28 -1.32
CA VAL L 324 -0.06 -69.41 -0.32
C VAL L 324 -0.02 -70.06 1.07
N PHE L 325 -0.98 -70.96 1.36
CA PHE L 325 -1.06 -71.66 2.64
C PHE L 325 0.16 -72.54 2.86
N ARG L 326 0.58 -73.27 1.83
CA ARG L 326 1.72 -74.17 1.94
C ARG L 326 3.03 -73.40 2.18
N LEU L 327 3.23 -72.32 1.43
CA LEU L 327 4.46 -71.53 1.56
C LEU L 327 4.56 -70.86 2.91
N GLN L 328 3.45 -70.29 3.39
CA GLN L 328 3.45 -69.69 4.71
C GLN L 328 3.63 -70.73 5.81
N GLU L 329 3.14 -71.96 5.58
CA GLU L 329 3.38 -73.05 6.52
C GLU L 329 4.86 -73.38 6.60
N PHE L 330 5.55 -73.43 5.46
CA PHE L 330 6.99 -73.68 5.44
C PHE L 330 7.76 -72.58 6.15
N ILE L 331 7.39 -71.33 5.90
CA ILE L 331 8.12 -70.21 6.49
C ILE L 331 7.87 -70.11 7.99
N ASP L 332 6.64 -70.42 8.43
CA ASP L 332 6.34 -70.42 9.87
C ASP L 332 7.06 -71.55 10.57
N GLU L 333 7.27 -72.67 9.88
CA GLU L 333 8.02 -73.74 10.53
C GLU L 333 9.54 -73.52 10.52
N VAL L 334 10.05 -72.32 10.24
CA VAL L 334 11.48 -72.04 10.34
C VAL L 334 11.75 -71.38 11.68
N MET L 335 10.89 -70.45 12.09
CA MET L 335 11.01 -69.81 13.40
C MET L 335 10.18 -70.52 14.47
N GLY L 336 9.43 -71.55 14.10
CA GLY L 336 8.68 -72.33 15.07
C GLY L 336 7.38 -71.68 15.54
N PRO L 357 24.71 -76.08 10.52
CA PRO L 357 24.09 -75.01 9.75
C PRO L 357 23.36 -75.49 8.52
N PHE L 358 22.54 -74.62 7.93
CA PHE L 358 22.12 -74.91 6.57
C PHE L 358 22.45 -73.81 5.58
N ARG L 359 21.77 -72.66 5.74
CA ARG L 359 21.89 -71.39 5.01
C ARG L 359 21.56 -71.36 3.51
N THR L 360 20.63 -72.17 3.00
CA THR L 360 20.18 -72.05 1.61
C THR L 360 18.65 -71.98 1.50
N TYR L 361 17.99 -72.97 2.11
CA TYR L 361 16.55 -72.96 2.35
C TYR L 361 16.18 -71.80 3.21
N GLN L 362 17.03 -71.52 4.20
CA GLN L 362 16.88 -70.33 5.01
C GLN L 362 17.02 -69.10 4.13
N ALA L 363 18.02 -69.11 3.26
CA ALA L 363 18.22 -68.08 2.27
C ALA L 363 17.13 -68.06 1.20
N PHE L 364 16.38 -69.15 1.03
CA PHE L 364 15.28 -69.11 0.08
C PHE L 364 13.98 -68.65 0.71
N MET L 365 13.69 -69.07 1.95
CA MET L 365 12.50 -68.58 2.64
C MET L 365 12.62 -67.10 2.93
N TRP L 366 13.85 -66.60 3.09
CA TRP L 366 14.07 -65.17 3.23
C TRP L 366 13.66 -64.40 1.99
N ALA L 367 14.05 -64.89 0.80
CA ALA L 367 13.63 -64.26 -0.44
C ALA L 367 12.13 -64.38 -0.66
N LEU L 368 11.55 -65.54 -0.31
CA LEU L 368 10.12 -65.76 -0.45
C LEU L 368 9.33 -64.80 0.44
N TYR L 369 9.83 -64.57 1.66
CA TYR L 369 9.21 -63.64 2.58
C TYR L 369 9.36 -62.20 2.09
N LYS L 370 10.49 -61.90 1.44
CA LYS L 370 10.71 -60.56 0.89
C LYS L 370 9.70 -60.23 -0.21
N TYR L 371 9.39 -61.21 -1.06
CA TYR L 371 8.29 -61.03 -2.00
C TYR L 371 6.95 -60.94 -1.28
N PHE L 372 6.81 -61.73 -0.21
CA PHE L 372 5.51 -61.90 0.45
C PHE L 372 5.03 -60.62 1.13
N ILE L 373 5.95 -59.82 1.66
CA ILE L 373 5.52 -58.62 2.39
C ILE L 373 4.91 -57.59 1.44
N SER L 374 5.47 -57.47 0.23
CA SER L 374 4.89 -56.59 -0.78
C SER L 374 3.54 -57.12 -1.26
N PHE L 375 3.49 -58.42 -1.56
CA PHE L 375 2.25 -59.07 -2.00
C PHE L 375 1.15 -58.93 -0.96
N LYS L 376 1.49 -59.05 0.32
CA LYS L 376 0.52 -58.88 1.39
C LYS L 376 0.10 -57.43 1.53
N GLU L 377 1.04 -56.49 1.31
CA GLU L 377 0.74 -55.06 1.48
C GLU L 377 -0.33 -54.60 0.51
N GLU L 378 -0.24 -55.06 -0.75
CA GLU L 378 -1.24 -54.65 -1.76
C GLU L 378 -2.65 -55.10 -1.37
N LEU L 379 -2.77 -56.34 -0.90
CA LEU L 379 -4.07 -56.93 -0.61
C LEU L 379 -4.66 -56.35 0.67
N ALA L 380 -3.79 -56.06 1.62
CA ALA L 380 -4.19 -55.32 2.82
C ALA L 380 -4.67 -53.90 2.49
N GLU L 381 -3.97 -53.22 1.57
CA GLU L 381 -4.38 -51.90 1.12
C GLU L 381 -5.76 -51.93 0.50
N ILE L 382 -6.08 -52.99 -0.26
CA ILE L 382 -7.45 -53.12 -0.76
C ILE L 382 -8.42 -53.37 0.38
N GLU L 383 -8.02 -54.19 1.37
CA GLU L 383 -8.86 -54.52 2.52
C GLU L 383 -9.26 -53.30 3.34
N LYS L 384 -8.43 -52.24 3.35
CA LYS L 384 -8.76 -51.06 4.16
C LYS L 384 -10.00 -50.34 3.63
N CYS L 385 -10.22 -50.36 2.31
CA CYS L 385 -11.31 -49.58 1.73
C CYS L 385 -12.65 -50.28 1.85
N ILE L 386 -12.67 -51.47 2.43
CA ILE L 386 -13.91 -52.12 2.83
C ILE L 386 -14.26 -51.73 4.28
N ILE L 387 -13.51 -50.76 4.84
CA ILE L 387 -13.86 -50.07 6.06
C ILE L 387 -14.14 -48.62 5.69
N ASN L 388 -13.43 -48.08 4.70
CA ASN L 388 -13.50 -46.66 4.39
C ASN L 388 -14.55 -46.32 3.31
N THR L 391 -18.35 -46.91 -3.03
CA THR L 391 -17.53 -48.07 -3.32
C THR L 391 -18.38 -49.29 -3.57
N THR L 392 -18.55 -49.65 -4.84
CA THR L 392 -19.31 -50.84 -5.21
C THR L 392 -18.52 -52.08 -4.83
N ILE L 393 -19.23 -53.09 -4.32
CA ILE L 393 -18.61 -54.32 -3.84
C ILE L 393 -19.12 -55.47 -4.71
N THR L 394 -18.23 -56.02 -5.53
CA THR L 394 -18.52 -57.23 -6.28
C THR L 394 -17.26 -58.06 -6.41
N LEU L 395 -17.48 -59.37 -6.56
CA LEU L 395 -16.42 -60.38 -6.60
C LEU L 395 -15.48 -60.19 -7.77
N ALA L 396 -16.05 -59.92 -8.95
CA ALA L 396 -15.34 -60.08 -10.21
C ALA L 396 -14.32 -58.99 -10.44
N ILE L 397 -14.42 -57.89 -9.70
CA ILE L 397 -13.47 -56.80 -9.81
C ILE L 397 -12.24 -57.05 -8.95
N VAL L 398 -12.48 -57.52 -7.71
CA VAL L 398 -11.35 -57.71 -6.82
C VAL L 398 -10.53 -58.94 -7.22
N VAL L 399 -11.12 -59.89 -7.95
CA VAL L 399 -10.26 -60.97 -8.47
C VAL L 399 -9.48 -60.49 -9.71
N ASP L 400 -10.14 -59.72 -10.57
CA ASP L 400 -9.54 -59.24 -11.81
C ASP L 400 -8.37 -58.30 -11.54
N LYS L 401 -8.47 -57.51 -10.48
CA LYS L 401 -7.37 -56.64 -10.11
C LYS L 401 -6.14 -57.40 -9.67
N LEU L 402 -6.30 -58.66 -9.27
CA LEU L 402 -5.20 -59.47 -8.76
C LEU L 402 -4.76 -60.54 -9.75
N ALA L 403 -5.39 -60.60 -10.92
CA ALA L 403 -4.98 -61.54 -11.97
C ALA L 403 -3.47 -61.58 -12.30
N PRO L 404 -2.75 -60.48 -12.55
CA PRO L 404 -1.32 -60.63 -12.89
C PRO L 404 -0.40 -60.90 -11.70
N ARG L 405 -0.93 -60.97 -10.48
CA ARG L 405 -0.17 -61.50 -9.37
C ARG L 405 -0.46 -62.97 -9.11
N LEU L 406 -1.75 -63.35 -9.17
CA LEU L 406 -2.15 -64.74 -9.03
C LEU L 406 -1.72 -65.60 -10.20
N SER L 407 -1.33 -65.00 -11.32
CA SER L 407 -0.70 -65.77 -12.39
C SER L 407 0.70 -66.23 -11.97
N GLN L 408 1.50 -65.29 -11.46
CA GLN L 408 2.88 -65.60 -11.04
C GLN L 408 2.90 -66.49 -9.81
N LEU L 409 1.87 -66.37 -8.97
CA LEU L 409 1.75 -67.17 -7.75
C LEU L 409 1.66 -68.65 -8.07
N LYS L 410 0.98 -68.99 -9.17
CA LYS L 410 0.91 -70.39 -9.59
C LYS L 410 2.24 -70.88 -10.12
N VAL L 411 3.01 -69.99 -10.77
CA VAL L 411 4.30 -70.38 -11.35
C VAL L 411 5.28 -70.78 -10.25
N LEU L 412 5.28 -69.99 -9.17
CA LEU L 412 6.15 -70.29 -8.03
C LEU L 412 5.85 -71.66 -7.41
N HIS L 413 4.58 -72.05 -7.41
CA HIS L 413 4.18 -73.34 -6.85
C HIS L 413 4.72 -74.51 -7.64
N LYS L 414 4.99 -74.33 -8.92
CA LYS L 414 5.60 -75.37 -9.73
C LYS L 414 7.12 -75.30 -9.74
N VAL L 415 7.69 -74.11 -9.63
CA VAL L 415 9.15 -73.98 -9.64
C VAL L 415 9.74 -74.53 -8.35
N PHE L 416 9.13 -74.20 -7.21
CA PHE L 416 9.68 -74.60 -5.92
C PHE L 416 9.42 -76.08 -5.61
N SER L 417 8.32 -76.64 -6.12
CA SER L 417 7.94 -78.01 -5.80
C SER L 417 8.95 -79.02 -6.36
N THR L 418 9.61 -78.68 -7.46
CA THR L 418 10.66 -79.51 -8.01
C THR L 418 12.01 -79.26 -7.34
N GLY L 419 12.13 -78.17 -6.60
CA GLY L 419 13.28 -77.88 -5.78
C GLY L 419 13.10 -78.22 -4.32
N VAL L 420 12.03 -78.93 -3.97
CA VAL L 420 11.80 -79.42 -2.62
C VAL L 420 11.64 -80.94 -2.59
N ALA L 421 11.90 -81.61 -3.72
CA ALA L 421 11.59 -83.04 -3.84
C ALA L 421 12.48 -83.89 -2.94
N GLU L 422 13.81 -83.82 -3.16
CA GLU L 422 14.97 -84.25 -2.32
C GLU L 422 16.21 -84.25 -3.23
N THR L 427 18.55 -85.82 1.21
CA THR L 427 19.29 -86.31 2.36
C THR L 427 20.18 -85.21 2.91
N ARG L 428 21.36 -85.09 2.30
CA ARG L 428 22.32 -84.10 2.72
C ARG L 428 21.85 -82.70 2.41
N ASN L 429 22.42 -81.77 3.14
CA ASN L 429 22.05 -80.38 2.97
C ASN L 429 22.63 -79.78 1.70
N VAL L 430 23.59 -80.48 1.07
CA VAL L 430 24.20 -80.05 -0.17
C VAL L 430 23.53 -80.68 -1.39
N VAL L 431 22.97 -81.89 -1.28
CA VAL L 431 22.16 -82.41 -2.38
C VAL L 431 20.80 -81.70 -2.40
N ARG L 432 20.22 -81.47 -1.22
CA ARG L 432 18.92 -80.84 -1.09
C ARG L 432 18.96 -79.36 -1.43
N ALA L 433 20.15 -78.77 -1.49
CA ALA L 433 20.31 -77.44 -2.07
C ALA L 433 20.61 -77.49 -3.55
N SER L 434 21.29 -78.54 -4.02
CA SER L 434 21.76 -78.56 -5.40
C SER L 434 20.63 -78.75 -6.38
N HIS L 435 19.68 -79.65 -6.09
CA HIS L 435 18.57 -79.84 -7.01
C HIS L 435 17.67 -78.62 -7.06
N LEU L 436 17.54 -77.93 -5.92
CA LEU L 436 16.79 -76.69 -5.85
C LEU L 436 17.44 -75.59 -6.70
N LEU L 437 18.75 -75.38 -6.53
CA LEU L 437 19.42 -74.32 -7.27
C LEU L 437 19.48 -74.60 -8.76
N ASN L 438 19.71 -75.86 -9.14
CA ASN L 438 19.69 -76.21 -10.55
C ASN L 438 18.32 -76.06 -11.18
N THR L 439 17.27 -76.38 -10.40
CA THR L 439 15.90 -76.08 -10.81
C THR L 439 15.71 -74.58 -11.05
N LEU L 440 16.30 -73.74 -10.19
CA LEU L 440 16.17 -72.29 -10.32
C LEU L 440 16.83 -71.79 -11.61
N TYR L 441 18.09 -72.17 -11.82
CA TYR L 441 18.82 -71.71 -13.00
C TYR L 441 18.20 -72.27 -14.28
N LYS L 442 17.60 -73.45 -14.23
CA LYS L 442 16.94 -73.97 -15.42
C LYS L 442 15.60 -73.27 -15.67
N ALA L 443 14.84 -73.00 -14.61
CA ALA L 443 13.52 -72.41 -14.78
C ALA L 443 13.58 -70.95 -15.16
N ILE L 444 14.70 -70.26 -14.90
CA ILE L 444 14.83 -68.89 -15.39
C ILE L 444 14.94 -68.86 -16.92
N LEU L 445 15.70 -69.79 -17.49
CA LEU L 445 15.90 -69.82 -18.94
C LEU L 445 14.65 -70.20 -19.71
N GLU L 446 13.69 -70.86 -19.06
CA GLU L 446 12.44 -71.22 -19.73
C GLU L 446 11.61 -69.99 -20.07
N TYR L 447 11.48 -69.06 -19.12
CA TYR L 447 10.71 -67.87 -19.33
C TYR L 447 11.51 -66.72 -19.93
N ASP L 448 12.84 -66.85 -19.97
CA ASP L 448 13.70 -65.83 -20.56
C ASP L 448 13.47 -65.78 -22.06
N GLU L 455 8.54 -60.69 -19.81
CA GLU L 455 7.21 -60.52 -19.26
C GLU L 455 7.30 -59.87 -17.88
N GLN L 456 6.85 -60.60 -16.86
CA GLN L 456 7.05 -60.22 -15.46
C GLN L 456 7.57 -61.37 -14.60
N THR L 457 7.32 -62.61 -15.00
CA THR L 457 7.66 -63.78 -14.18
C THR L 457 9.18 -63.98 -14.06
N VAL L 458 9.92 -63.54 -15.09
CA VAL L 458 11.39 -63.65 -15.09
C VAL L 458 11.99 -62.85 -13.93
N SER L 459 11.47 -61.65 -13.68
CA SER L 459 11.97 -60.81 -12.60
C SER L 459 11.63 -61.41 -11.25
N LEU L 460 10.48 -62.07 -11.17
CA LEU L 460 10.06 -62.78 -9.97
C LEU L 460 11.00 -63.91 -9.62
N LEU L 461 11.37 -64.74 -10.61
CA LEU L 461 12.30 -65.82 -10.32
C LEU L 461 13.72 -65.29 -10.10
N PHE L 462 14.06 -64.15 -10.71
CA PHE L 462 15.37 -63.54 -10.53
C PHE L 462 15.57 -63.04 -9.10
N SER L 463 14.52 -62.43 -8.53
CA SER L 463 14.59 -61.89 -7.19
C SER L 463 14.76 -62.99 -6.14
N LEU L 464 14.32 -64.21 -6.45
CA LEU L 464 14.64 -65.36 -5.61
C LEU L 464 16.00 -65.94 -5.92
N TRP L 465 16.47 -65.80 -7.15
CA TRP L 465 17.76 -66.36 -7.55
C TRP L 465 18.92 -65.70 -6.82
N VAL L 466 18.86 -64.36 -6.73
CA VAL L 466 19.94 -63.57 -6.12
C VAL L 466 20.16 -63.98 -4.67
N GLU L 467 19.07 -64.15 -3.93
CA GLU L 467 19.14 -64.39 -2.50
C GLU L 467 19.39 -65.85 -2.15
N THR L 468 19.60 -66.73 -3.12
CA THR L 468 20.12 -68.05 -2.83
C THR L 468 21.53 -68.26 -3.35
N VAL L 469 21.94 -67.53 -4.38
CA VAL L 469 23.33 -67.60 -4.78
C VAL L 469 24.21 -66.67 -3.95
N ARG L 470 23.59 -65.76 -3.18
CA ARG L 470 24.31 -64.88 -2.25
C ARG L 470 25.25 -65.57 -1.25
N PRO L 471 24.94 -66.73 -0.62
CA PRO L 471 25.98 -67.37 0.22
C PRO L 471 27.18 -67.89 -0.55
N TYR L 472 26.92 -68.48 -1.71
CA TYR L 472 27.94 -69.19 -2.46
C TYR L 472 29.01 -68.22 -2.94
N LEU L 473 28.59 -67.08 -3.47
CA LEU L 473 29.50 -66.07 -3.98
C LEU L 473 30.36 -65.48 -2.88
N GLN L 474 29.80 -65.35 -1.68
CA GLN L 474 30.57 -64.90 -0.53
C GLN L 474 31.68 -65.89 -0.20
N THR L 475 31.34 -67.18 -0.10
CA THR L 475 32.37 -68.16 0.23
C THR L 475 33.36 -68.35 -0.92
N VAL L 476 32.94 -68.06 -2.15
CA VAL L 476 33.86 -68.10 -3.29
C VAL L 476 34.89 -66.97 -3.17
N ASP L 477 34.42 -65.76 -2.87
CA ASP L 477 35.31 -64.61 -2.67
C ASP L 477 36.30 -64.88 -1.54
N GLU L 478 35.80 -65.46 -0.46
CA GLU L 478 36.63 -65.82 0.68
C GLU L 478 37.67 -66.87 0.30
N TRP L 479 37.27 -67.87 -0.50
CA TRP L 479 38.21 -68.87 -0.99
C TRP L 479 39.29 -68.24 -1.86
N ILE L 480 38.95 -67.19 -2.60
CA ILE L 480 39.94 -66.50 -3.41
C ILE L 480 40.93 -65.75 -2.53
N VAL L 481 40.44 -64.74 -1.79
CA VAL L 481 41.40 -63.82 -1.19
C VAL L 481 41.97 -64.35 0.12
N HIS L 482 41.16 -65.04 0.92
CA HIS L 482 41.67 -65.62 2.15
C HIS L 482 42.28 -67.00 1.92
N GLY L 483 42.32 -67.46 0.68
CA GLY L 483 43.10 -68.64 0.32
C GLY L 483 42.50 -69.99 0.63
N HIS L 484 42.10 -70.21 1.87
CA HIS L 484 41.48 -71.48 2.24
C HIS L 484 40.00 -71.46 1.86
N LEU L 485 39.45 -72.65 1.66
CA LEU L 485 38.02 -72.81 1.52
C LEU L 485 37.45 -73.05 2.91
N TRP L 486 36.64 -72.11 3.36
CA TRP L 486 35.89 -72.30 4.59
C TRP L 486 34.41 -72.27 4.24
N ASP L 487 33.77 -73.41 4.43
CA ASP L 487 32.32 -73.54 4.36
C ASP L 487 31.97 -74.71 5.27
N GLY L 488 31.44 -74.40 6.45
CA GLY L 488 31.27 -75.43 7.46
C GLY L 488 30.22 -76.45 7.06
N ALA L 489 30.43 -77.68 7.55
CA ALA L 489 29.58 -78.85 7.31
C ALA L 489 29.49 -79.23 5.83
N ARG L 490 30.55 -78.95 5.07
CA ARG L 490 30.74 -79.36 3.67
C ARG L 490 29.57 -78.93 2.77
N GLU L 491 29.16 -77.67 2.95
CA GLU L 491 28.05 -77.12 2.20
C GLU L 491 28.44 -76.79 0.76
N PHE L 492 29.71 -76.55 0.50
CA PHE L 492 30.15 -76.17 -0.83
C PHE L 492 30.16 -77.38 -1.75
N ILE L 493 29.69 -77.19 -2.99
CA ILE L 493 29.54 -78.28 -3.93
C ILE L 493 30.86 -78.75 -4.53
N ILE L 494 31.93 -78.01 -4.35
CA ILE L 494 33.28 -78.43 -4.75
C ILE L 494 33.90 -79.12 -3.54
N GLN L 495 34.19 -80.40 -3.67
CA GLN L 495 34.77 -81.17 -2.57
C GLN L 495 36.18 -80.70 -2.30
N ARG L 496 36.43 -80.26 -1.07
CA ARG L 496 37.70 -79.63 -0.70
C ARG L 496 38.73 -80.65 -0.26
N THR L 547 24.52 -83.36 -6.24
CA THR L 547 25.37 -82.79 -5.21
C THR L 547 26.21 -81.65 -5.78
N MET L 548 26.00 -81.39 -7.08
CA MET L 548 26.73 -80.36 -7.79
C MET L 548 25.81 -79.76 -8.86
N VAL L 549 26.08 -78.50 -9.21
CA VAL L 549 25.42 -77.86 -10.34
C VAL L 549 26.48 -77.52 -11.37
N SER L 550 26.03 -77.29 -12.60
CA SER L 550 26.91 -76.93 -13.70
C SER L 550 26.85 -75.45 -14.02
N PHE L 551 26.25 -74.66 -13.13
CA PHE L 551 26.10 -73.24 -13.36
C PHE L 551 27.45 -72.53 -13.35
N LEU L 552 28.32 -72.93 -12.45
CA LEU L 552 29.61 -72.29 -12.20
C LEU L 552 30.72 -72.84 -13.08
N LYS L 553 30.39 -73.76 -13.97
CA LYS L 553 31.41 -74.44 -14.78
C LYS L 553 32.27 -73.56 -15.70
N PRO L 554 31.75 -72.55 -16.43
CA PRO L 554 32.64 -71.84 -17.37
C PRO L 554 33.77 -71.01 -16.75
N VAL L 555 33.86 -70.91 -15.42
CA VAL L 555 34.95 -70.21 -14.77
C VAL L 555 35.55 -70.99 -13.59
N LEU L 556 35.25 -72.28 -13.49
CA LEU L 556 35.59 -73.07 -12.30
C LEU L 556 37.09 -73.33 -12.18
N LYS L 557 37.76 -73.50 -13.31
CA LYS L 557 39.21 -73.73 -13.31
C LYS L 557 39.95 -72.56 -12.68
N GLN L 558 39.56 -71.35 -13.04
CA GLN L 558 40.13 -70.15 -12.51
C GLN L 558 39.60 -69.81 -11.12
N ILE L 559 38.55 -70.51 -10.67
CA ILE L 559 38.21 -70.48 -9.24
C ILE L 559 39.23 -71.29 -8.43
N ILE L 560 39.33 -72.59 -8.72
CA ILE L 560 40.12 -73.50 -7.89
C ILE L 560 41.60 -73.15 -7.96
N MET L 561 42.08 -72.86 -9.17
CA MET L 561 43.46 -72.53 -9.42
C MET L 561 43.84 -71.16 -8.89
N ALA L 562 42.87 -70.34 -8.49
CA ALA L 562 43.19 -69.12 -7.76
C ALA L 562 43.21 -69.32 -6.26
N GLY L 563 42.25 -70.08 -5.72
CA GLY L 563 42.19 -70.32 -4.28
C GLY L 563 43.39 -71.03 -3.70
N LYS L 564 43.75 -72.17 -4.33
CA LYS L 564 44.89 -72.95 -3.84
C LYS L 564 46.20 -72.19 -3.99
N SER L 565 46.37 -71.48 -5.12
CA SER L 565 47.57 -70.70 -5.36
C SER L 565 47.68 -69.51 -4.41
N MET L 566 46.54 -68.92 -4.01
CA MET L 566 46.59 -67.86 -3.01
C MET L 566 47.03 -68.39 -1.67
N GLN L 567 46.59 -69.61 -1.31
CA GLN L 567 47.09 -70.20 -0.08
C GLN L 567 48.60 -70.46 -0.15
N LEU L 568 49.07 -70.92 -1.31
CA LEU L 568 50.51 -71.08 -1.49
C LEU L 568 51.28 -69.77 -1.49
N LEU L 569 50.60 -68.66 -1.77
CA LEU L 569 51.20 -67.38 -1.47
C LEU L 569 51.21 -67.11 0.02
N LYS L 570 50.14 -67.50 0.72
CA LYS L 570 50.02 -67.21 2.15
C LYS L 570 51.00 -68.02 2.98
N ASN L 571 51.46 -69.15 2.45
CA ASN L 571 52.43 -69.97 3.17
C ASN L 571 53.84 -69.38 3.13
N LEU L 572 54.05 -68.32 2.37
CA LEU L 572 55.33 -67.64 2.35
C LEU L 572 55.28 -66.39 3.20
N GLU L 637 31.46 -57.94 -1.52
CA GLU L 637 31.91 -59.25 -2.01
C GLU L 637 31.76 -59.31 -3.51
N LEU L 638 31.76 -60.55 -4.02
CA LEU L 638 31.40 -60.76 -5.43
C LEU L 638 29.91 -60.50 -5.63
N ASP L 639 29.15 -60.80 -4.60
CA ASP L 639 27.69 -60.61 -4.63
C ASP L 639 27.33 -59.14 -4.85
N ASP L 640 27.98 -58.27 -4.06
CA ASP L 640 27.82 -56.83 -4.17
C ASP L 640 28.62 -56.20 -5.31
N VAL L 641 29.25 -57.00 -6.16
CA VAL L 641 29.70 -56.51 -7.46
C VAL L 641 28.69 -56.84 -8.54
N HIS L 642 28.10 -58.06 -8.55
CA HIS L 642 27.21 -58.33 -9.67
C HIS L 642 25.89 -57.57 -9.54
N ASP L 643 25.51 -57.15 -8.32
CA ASP L 643 24.29 -56.34 -8.24
C ASP L 643 24.38 -55.00 -9.00
N PRO L 644 25.44 -54.17 -8.93
CA PRO L 644 25.50 -53.04 -9.87
C PRO L 644 25.78 -53.41 -11.32
N LEU L 645 26.28 -54.63 -11.62
CA LEU L 645 26.55 -55.00 -13.01
C LEU L 645 25.26 -55.19 -13.81
N LEU L 646 24.14 -55.46 -13.13
CA LEU L 646 22.87 -55.63 -13.83
C LEU L 646 22.39 -54.32 -14.46
N ALA L 647 22.77 -53.17 -13.90
CA ALA L 647 22.33 -51.90 -14.45
C ALA L 647 23.13 -51.51 -15.70
N ILE L 648 24.46 -51.56 -15.61
CA ILE L 648 25.31 -51.21 -16.74
C ILE L 648 25.44 -52.39 -17.70
N THR L 682 19.26 -63.35 -22.29
CA THR L 682 20.37 -62.39 -22.28
C THR L 682 20.70 -61.97 -20.84
N PHE L 683 19.70 -61.99 -19.97
CA PHE L 683 19.92 -61.81 -18.55
C PHE L 683 20.29 -63.17 -17.96
N GLU L 684 21.39 -63.19 -17.18
CA GLU L 684 21.90 -64.38 -16.49
C GLU L 684 22.29 -65.49 -17.47
N LEU L 685 22.60 -65.10 -18.71
CA LEU L 685 23.31 -66.01 -19.59
C LEU L 685 24.57 -65.38 -20.17
N THR L 686 24.41 -64.29 -20.94
CA THR L 686 25.58 -63.57 -21.41
C THR L 686 25.96 -62.49 -20.40
N LEU L 687 24.96 -62.00 -19.67
CA LEU L 687 25.19 -61.01 -18.61
C LEU L 687 25.97 -61.63 -17.46
N ARG L 688 25.65 -62.87 -17.11
CA ARG L 688 26.40 -63.57 -16.08
C ARG L 688 27.82 -63.88 -16.55
N SER L 689 28.01 -64.05 -17.86
CA SER L 689 29.34 -64.22 -18.42
C SER L 689 30.15 -62.93 -18.44
N CYS L 690 29.57 -61.80 -18.05
CA CYS L 690 30.35 -60.60 -17.78
C CYS L 690 30.87 -60.53 -16.36
N LEU L 691 30.27 -61.29 -15.43
CA LEU L 691 30.76 -61.33 -14.06
C LEU L 691 32.07 -62.11 -13.95
N TYR L 692 32.19 -63.17 -14.74
CA TYR L 692 33.35 -64.07 -14.66
C TYR L 692 34.71 -63.44 -15.00
N PRO L 693 34.84 -62.41 -15.92
CA PRO L 693 36.14 -61.71 -16.04
C PRO L 693 36.73 -61.11 -14.77
N HIS L 694 35.89 -60.83 -13.79
CA HIS L 694 36.35 -60.21 -12.55
C HIS L 694 37.08 -61.21 -11.67
N ILE L 695 36.65 -62.47 -11.66
CA ILE L 695 37.43 -63.48 -10.96
C ILE L 695 38.60 -63.95 -11.82
N ASP L 696 38.51 -63.84 -13.14
CA ASP L 696 39.64 -64.16 -14.01
C ASP L 696 40.82 -63.22 -13.87
N LYS L 697 40.58 -61.90 -13.85
CA LYS L 697 41.66 -60.92 -13.74
C LYS L 697 42.39 -61.06 -12.40
N GLN L 698 41.63 -61.30 -11.32
CA GLN L 698 42.22 -61.49 -10.00
C GLN L 698 43.06 -62.77 -9.96
N TYR L 699 42.55 -63.84 -10.61
CA TYR L 699 43.24 -65.11 -10.65
C TYR L 699 44.57 -65.02 -11.37
N LEU L 700 44.63 -64.22 -12.45
CA LEU L 700 45.87 -64.03 -13.19
C LEU L 700 46.95 -63.38 -12.33
N ASP L 701 46.58 -62.31 -11.60
CA ASP L 701 47.49 -61.64 -10.69
C ASP L 701 48.01 -62.58 -9.62
N CYS L 702 47.11 -63.39 -9.03
CA CYS L 702 47.49 -64.34 -7.98
C CYS L 702 48.52 -65.35 -8.47
N CYS L 703 48.23 -66.02 -9.58
CA CYS L 703 49.10 -67.10 -10.02
C CYS L 703 50.40 -66.59 -10.60
N GLY L 704 50.37 -65.46 -11.32
CA GLY L 704 51.61 -64.85 -11.77
C GLY L 704 52.48 -64.36 -10.64
N ASN L 705 51.87 -63.90 -9.55
CA ASN L 705 52.63 -63.53 -8.36
C ASN L 705 53.31 -64.73 -7.73
N LEU L 706 52.59 -65.85 -7.63
CA LEU L 706 53.16 -67.08 -7.07
C LEU L 706 54.33 -67.58 -7.93
N MET L 707 54.16 -67.55 -9.25
CA MET L 707 55.23 -67.99 -10.14
C MET L 707 56.42 -67.02 -10.11
N GLN L 708 56.16 -65.74 -9.83
CA GLN L 708 57.25 -64.77 -9.71
C GLN L 708 58.07 -65.04 -8.46
N THR L 709 57.41 -65.22 -7.33
CA THR L 709 58.18 -65.49 -6.11
C THR L 709 58.66 -66.94 -6.02
N LEU L 710 58.34 -67.79 -7.00
CA LEU L 710 58.98 -69.08 -7.12
C LEU L 710 60.25 -69.02 -7.97
N LYS L 711 60.49 -67.94 -8.71
CA LYS L 711 61.73 -67.80 -9.48
C LYS L 711 62.64 -66.73 -8.86
N LYS L 712 62.24 -66.15 -7.73
CA LYS L 712 63.13 -65.27 -6.99
C LYS L 712 63.63 -65.89 -5.71
N ASP L 713 62.89 -66.82 -5.12
CA ASP L 713 63.36 -67.72 -4.09
C ASP L 713 62.75 -69.09 -4.39
N TYR L 714 63.50 -70.15 -4.06
CA TYR L 714 63.20 -71.55 -4.45
C TYR L 714 63.12 -71.69 -5.96
N ARG L 715 64.18 -71.23 -6.64
CA ARG L 715 64.23 -71.17 -8.09
C ARG L 715 64.29 -72.55 -8.75
N LEU L 716 63.19 -72.92 -9.42
CA LEU L 716 63.13 -74.19 -10.16
C LEU L 716 64.16 -74.23 -11.28
N VAL L 717 64.48 -73.06 -11.87
CA VAL L 717 65.46 -72.98 -12.95
C VAL L 717 66.85 -73.36 -12.44
N GLU L 718 67.13 -73.11 -11.16
CA GLU L 718 68.42 -73.43 -10.59
C GLU L 718 68.60 -74.95 -10.49
N TYR L 719 67.59 -75.63 -9.96
CA TYR L 719 67.61 -77.09 -9.87
C TYR L 719 67.59 -77.72 -11.25
N LEU L 720 66.93 -77.06 -12.21
CA LEU L 720 66.95 -77.53 -13.60
C LEU L 720 68.34 -77.44 -14.21
N GLN L 721 69.04 -76.32 -13.96
CA GLN L 721 70.40 -76.14 -14.47
C GLN L 721 71.34 -77.16 -13.87
N ALA L 722 71.17 -77.48 -12.59
CA ALA L 722 72.01 -78.48 -11.96
C ALA L 722 71.73 -79.89 -12.50
N MET L 723 70.44 -80.20 -12.74
CA MET L 723 69.97 -81.51 -13.19
C MET L 723 70.65 -82.01 -14.46
N ARG L 724 70.51 -81.25 -15.53
CA ARG L 724 71.06 -81.57 -16.84
C ARG L 724 72.54 -81.29 -16.95
N ASN L 725 73.18 -80.89 -15.85
CA ASN L 725 74.61 -80.82 -15.75
C ASN L 725 75.18 -81.99 -14.97
N PHE L 726 74.36 -82.71 -14.20
CA PHE L 726 74.78 -83.91 -13.52
C PHE L 726 74.67 -85.13 -14.42
N PHE L 727 74.29 -84.93 -15.68
CA PHE L 727 74.70 -85.78 -16.78
C PHE L 727 75.13 -84.82 -17.87
N LEU L 728 76.18 -85.20 -18.61
CA LEU L 728 77.06 -84.37 -19.47
C LEU L 728 77.92 -83.42 -18.63
N ASP L 733 82.58 -83.11 -19.97
CA ASP L 733 83.43 -82.03 -19.47
C ASP L 733 83.87 -82.32 -18.03
N THR L 734 82.94 -82.24 -17.09
CA THR L 734 83.22 -82.54 -15.69
C THR L 734 82.89 -83.97 -15.33
N MET L 735 81.66 -84.41 -15.60
CA MET L 735 81.25 -85.80 -15.38
C MET L 735 81.92 -86.77 -16.34
N TYR L 736 82.59 -86.25 -17.38
CA TYR L 736 83.47 -87.03 -18.22
C TYR L 736 84.71 -87.45 -17.44
N ASP L 737 85.37 -86.49 -16.78
CA ASP L 737 86.60 -86.74 -16.03
C ASP L 737 86.39 -87.74 -14.91
N PHE L 738 85.23 -87.61 -14.24
CA PHE L 738 84.89 -88.44 -13.10
C PHE L 738 84.78 -89.90 -13.50
N TYR L 739 84.17 -90.15 -14.65
CA TYR L 739 83.95 -91.52 -15.09
C TYR L 739 85.21 -92.10 -15.74
N THR L 740 86.02 -91.25 -16.38
CA THR L 740 87.26 -91.74 -16.98
C THR L 740 88.28 -92.15 -15.92
N SER L 741 88.22 -91.54 -14.73
CA SER L 741 89.07 -92.05 -13.65
C SER L 741 88.62 -93.44 -13.20
N ILE L 742 87.32 -93.76 -13.34
CA ILE L 742 86.82 -95.07 -12.94
C ILE L 742 87.18 -96.13 -13.97
N PHE L 743 87.47 -95.73 -15.21
CA PHE L 743 87.94 -96.63 -16.26
C PHE L 743 89.18 -97.40 -15.83
N ASP L 744 90.17 -96.69 -15.31
CA ASP L 744 91.34 -97.34 -14.76
C ASP L 744 90.99 -97.93 -13.41
N GLN L 753 82.67 -102.33 -9.38
CA GLN L 753 83.72 -102.04 -8.43
C GLN L 753 83.16 -101.96 -7.01
N ASN L 754 82.89 -100.76 -6.50
CA ASN L 754 82.42 -100.62 -5.12
C ASN L 754 81.58 -99.36 -4.99
N VAL L 755 80.61 -99.40 -4.06
CA VAL L 755 79.66 -98.29 -3.90
C VAL L 755 80.14 -97.19 -2.97
N SER L 756 81.06 -97.48 -2.05
CA SER L 756 81.60 -96.43 -1.21
C SER L 756 82.82 -95.78 -1.83
N PHE L 757 83.44 -96.48 -2.78
CA PHE L 757 84.51 -95.90 -3.59
C PHE L 757 83.99 -94.74 -4.44
N LEU L 758 82.75 -94.87 -4.92
CA LEU L 758 82.16 -93.87 -5.81
C LEU L 758 81.85 -92.58 -5.09
N ASN L 759 81.40 -92.69 -3.83
CA ASN L 759 81.13 -91.53 -3.00
C ASN L 759 82.37 -90.65 -2.86
N VAL L 760 83.51 -91.28 -2.61
CA VAL L 760 84.71 -90.52 -2.31
C VAL L 760 85.36 -89.99 -3.58
N GLN L 761 85.21 -90.70 -4.70
CA GLN L 761 85.64 -90.13 -5.97
C GLN L 761 84.74 -89.00 -6.40
N LEU L 762 83.44 -89.13 -6.13
CA LEU L 762 82.45 -88.16 -6.56
C LEU L 762 82.61 -86.85 -5.81
N GLN L 763 82.86 -86.93 -4.52
CA GLN L 763 83.07 -85.75 -3.69
C GLN L 763 84.37 -85.05 -4.00
N GLU L 764 85.31 -85.72 -4.65
CA GLU L 764 86.58 -85.10 -5.02
C GLU L 764 86.36 -84.07 -6.12
N LEU L 796 80.63 -99.37 -18.16
CA LEU L 796 79.56 -99.21 -19.14
C LEU L 796 78.60 -98.09 -18.68
N ASP L 797 77.56 -98.45 -17.92
CA ASP L 797 76.72 -97.56 -17.15
C ASP L 797 77.02 -97.78 -15.68
N GLY L 798 76.35 -97.03 -14.82
CA GLY L 798 76.84 -96.92 -13.47
C GLY L 798 76.10 -95.86 -12.70
N LEU L 799 76.88 -94.88 -12.23
CA LEU L 799 76.87 -94.06 -11.02
C LEU L 799 75.56 -93.61 -10.37
N THR L 800 75.65 -93.08 -9.15
CA THR L 800 74.47 -92.61 -8.43
C THR L 800 74.21 -91.15 -8.78
N LEU L 801 72.96 -90.83 -9.07
CA LEU L 801 72.50 -89.48 -9.41
C LEU L 801 71.33 -89.14 -8.50
N SER L 802 71.55 -88.22 -7.55
CA SER L 802 70.48 -87.82 -6.63
C SER L 802 70.78 -86.47 -6.01
N TYR L 803 69.71 -85.70 -5.81
CA TYR L 803 69.69 -84.46 -5.06
C TYR L 803 68.24 -84.18 -4.71
N LYS L 804 68.00 -83.59 -3.54
CA LYS L 804 66.64 -83.34 -3.10
C LYS L 804 66.16 -81.98 -3.61
N VAL L 805 64.86 -81.91 -3.86
CA VAL L 805 64.16 -80.71 -4.32
C VAL L 805 63.37 -80.16 -3.13
N PRO L 806 63.46 -78.86 -2.83
CA PRO L 806 62.62 -78.28 -1.78
C PRO L 806 61.14 -78.43 -2.07
N TRP L 807 60.37 -78.59 -0.99
CA TRP L 807 58.95 -78.98 -1.05
C TRP L 807 58.04 -78.11 -1.93
N PRO L 808 58.19 -76.78 -2.03
CA PRO L 808 57.38 -76.05 -3.03
C PRO L 808 57.73 -76.37 -4.47
N VAL L 809 58.94 -76.84 -4.74
CA VAL L 809 59.29 -77.32 -6.07
C VAL L 809 59.26 -78.85 -6.11
N ASP L 810 59.06 -79.49 -4.96
CA ASP L 810 58.79 -80.92 -4.95
C ASP L 810 57.35 -81.25 -5.28
N ILE L 811 56.46 -80.25 -5.37
CA ILE L 811 55.12 -80.47 -5.87
C ILE L 811 55.04 -80.16 -7.36
N VAL L 812 56.16 -79.85 -8.00
CA VAL L 812 56.17 -79.71 -9.45
C VAL L 812 57.14 -80.73 -10.04
N ILE L 813 58.11 -81.19 -9.24
CA ILE L 813 59.07 -82.20 -9.66
C ILE L 813 58.77 -83.47 -8.88
N SER L 814 58.39 -84.54 -9.58
CA SER L 814 57.96 -85.75 -8.91
C SER L 814 59.17 -86.58 -8.48
N LEU L 815 58.89 -87.57 -7.62
CA LEU L 815 59.90 -88.55 -7.26
C LEU L 815 60.20 -89.50 -8.41
N GLU L 816 59.19 -89.85 -9.20
CA GLU L 816 59.34 -90.70 -10.36
C GLU L 816 59.91 -89.95 -11.56
N CYS L 817 60.17 -88.65 -11.41
CA CYS L 817 60.89 -87.85 -12.38
C CYS L 817 62.40 -88.02 -12.23
N GLN L 818 62.86 -88.38 -11.04
CA GLN L 818 64.29 -88.62 -10.80
C GLN L 818 64.77 -89.88 -11.52
N LYS L 819 63.91 -90.91 -11.56
CA LYS L 819 64.25 -92.17 -12.21
C LYS L 819 64.54 -91.97 -13.68
N ILE L 820 63.84 -91.03 -14.30
CA ILE L 820 63.98 -90.76 -15.73
C ILE L 820 65.30 -90.03 -16.00
N TYR L 821 65.66 -89.08 -15.12
CA TYR L 821 66.98 -88.46 -15.11
C TYR L 821 68.08 -89.52 -15.08
N ASN L 822 67.88 -90.54 -14.23
CA ASN L 822 68.86 -91.62 -14.15
C ASN L 822 68.90 -92.43 -15.44
N GLN L 823 67.75 -92.65 -16.09
CA GLN L 823 67.73 -93.44 -17.32
C GLN L 823 68.57 -92.79 -18.42
N VAL L 824 68.38 -91.49 -18.61
CA VAL L 824 69.16 -90.81 -19.66
C VAL L 824 70.63 -90.72 -19.26
N PHE L 825 70.90 -90.63 -17.94
CA PHE L 825 72.28 -90.70 -17.44
C PHE L 825 72.95 -92.01 -17.83
N LEU L 826 72.25 -93.14 -17.65
CA LEU L 826 72.81 -94.46 -17.95
C LEU L 826 73.16 -94.60 -19.42
N LEU L 827 72.21 -94.20 -20.29
CA LEU L 827 72.43 -94.30 -21.72
C LEU L 827 73.61 -93.43 -22.16
N LEU L 828 73.76 -92.25 -21.56
CA LEU L 828 74.88 -91.38 -21.90
C LEU L 828 76.21 -91.97 -21.45
N LEU L 829 76.22 -92.61 -20.28
CA LEU L 829 77.46 -93.17 -19.74
C LEU L 829 77.99 -94.29 -20.61
N GLN L 830 77.10 -95.09 -21.19
CA GLN L 830 77.55 -96.14 -22.10
C GLN L 830 78.26 -95.59 -23.33
N ILE L 831 77.74 -94.49 -23.89
CA ILE L 831 78.37 -93.86 -25.05
C ILE L 831 79.72 -93.27 -24.69
N LYS L 832 79.81 -92.62 -23.53
CA LYS L 832 81.07 -92.00 -23.14
C LYS L 832 82.13 -93.05 -22.82
N TRP L 833 81.70 -94.18 -22.24
CA TRP L 833 82.58 -95.33 -21.99
C TRP L 833 83.12 -95.91 -23.29
N ALA L 834 82.24 -96.09 -24.28
CA ALA L 834 82.67 -96.61 -25.58
C ALA L 834 83.58 -95.62 -26.29
N LYS L 835 83.31 -94.34 -26.16
CA LYS L 835 84.15 -93.32 -26.78
C LYS L 835 85.53 -93.27 -26.16
N TYR L 836 85.61 -93.35 -24.83
CA TYR L 836 86.91 -93.27 -24.18
C TYR L 836 87.70 -94.55 -24.34
N SER L 837 87.02 -95.71 -24.45
CA SER L 837 87.75 -96.95 -24.71
C SER L 837 88.38 -96.92 -26.09
N LEU L 838 87.68 -96.33 -27.04
CA LEU L 838 88.18 -96.13 -28.40
C LEU L 838 89.11 -94.94 -28.51
N ASP L 839 89.20 -94.10 -27.47
CA ASP L 839 90.13 -92.98 -27.45
C ASP L 839 90.93 -93.08 -26.14
N VAL L 840 91.82 -94.07 -26.09
CA VAL L 840 92.85 -94.14 -25.06
C VAL L 840 94.10 -94.74 -25.68
N LEU L 841 93.92 -95.36 -26.85
CA LEU L 841 95.01 -96.14 -27.44
C LEU L 841 96.04 -95.22 -28.05
N LEU L 842 97.31 -95.54 -27.84
CA LEU L 842 98.39 -94.68 -28.32
C LEU L 842 98.64 -94.93 -29.80
N GLN L 879 99.17 -105.26 -35.18
CA GLN L 879 99.61 -105.18 -36.57
C GLN L 879 100.73 -104.17 -36.72
N ILE L 880 100.51 -103.26 -37.66
CA ILE L 880 101.39 -102.16 -37.99
C ILE L 880 100.35 -101.03 -37.92
N HIS L 881 100.51 -99.94 -38.67
CA HIS L 881 99.51 -98.89 -38.82
C HIS L 881 98.07 -99.35 -39.14
N ARG L 882 97.84 -100.64 -39.47
CA ARG L 882 96.54 -101.23 -39.79
C ARG L 882 95.52 -101.23 -38.64
N MET L 883 95.95 -101.22 -37.37
CA MET L 883 95.00 -101.18 -36.26
C MET L 883 94.21 -99.88 -36.27
N PHE L 884 94.85 -98.85 -36.79
CA PHE L 884 94.39 -97.50 -36.73
C PHE L 884 93.25 -97.24 -37.73
N LEU L 885 93.20 -98.01 -38.83
CA LEU L 885 92.04 -97.93 -39.71
C LEU L 885 90.81 -98.52 -39.04
N LEU L 886 90.99 -99.63 -38.32
CA LEU L 886 89.94 -100.19 -37.48
C LEU L 886 89.49 -99.23 -36.39
N ARG L 887 90.42 -98.39 -35.90
CA ARG L 887 90.07 -97.32 -34.98
C ARG L 887 89.10 -96.34 -35.63
N VAL L 888 89.42 -95.87 -36.84
CA VAL L 888 88.53 -94.90 -37.51
C VAL L 888 87.17 -95.51 -37.83
N LYS L 889 87.17 -96.76 -38.33
CA LYS L 889 85.99 -97.53 -38.73
C LYS L 889 84.93 -97.67 -37.64
N LEU L 890 85.29 -97.52 -36.38
CA LEU L 890 84.36 -97.62 -35.26
C LEU L 890 84.20 -96.30 -34.52
N MET L 891 85.31 -95.56 -34.38
CA MET L 891 85.33 -94.31 -33.63
C MET L 891 84.49 -93.24 -34.30
N HIS L 892 84.46 -93.24 -35.64
CA HIS L 892 83.60 -92.31 -36.37
C HIS L 892 82.13 -92.58 -36.08
N PHE L 893 81.77 -93.87 -36.04
CA PHE L 893 80.39 -94.29 -35.86
C PHE L 893 79.87 -93.89 -34.49
N VAL L 894 80.67 -94.12 -33.45
CA VAL L 894 80.24 -93.73 -32.11
C VAL L 894 80.25 -92.21 -31.94
N ASN L 895 81.18 -91.51 -32.62
CA ASN L 895 81.25 -90.06 -32.49
C ASN L 895 80.06 -89.37 -33.13
N SER L 896 79.66 -89.83 -34.32
CA SER L 896 78.49 -89.29 -35.00
C SER L 896 77.22 -89.57 -34.22
N LEU L 897 77.13 -90.77 -33.63
CA LEU L 897 75.98 -91.10 -32.78
C LEU L 897 75.91 -90.19 -31.56
N HIS L 898 77.06 -89.90 -30.95
CA HIS L 898 77.13 -89.02 -29.78
C HIS L 898 76.65 -87.61 -30.12
N ASN L 899 77.13 -87.07 -31.25
CA ASN L 899 76.68 -85.79 -31.76
C ASN L 899 75.18 -85.74 -31.97
N TYR L 900 74.59 -86.80 -32.53
CA TYR L 900 73.14 -86.91 -32.69
C TYR L 900 72.41 -86.84 -31.36
N ILE L 901 72.79 -87.74 -30.44
CA ILE L 901 72.09 -87.91 -29.16
C ILE L 901 72.08 -86.61 -28.36
N MET L 902 73.22 -85.91 -28.31
CA MET L 902 73.21 -84.64 -27.59
C MET L 902 72.44 -83.58 -28.38
N THR L 903 72.92 -83.21 -29.58
CA THR L 903 72.48 -81.98 -30.22
C THR L 903 71.04 -82.06 -30.68
N ARG L 904 70.70 -83.11 -31.43
CA ARG L 904 69.42 -83.11 -32.10
C ARG L 904 68.26 -83.38 -31.17
N ILE L 905 68.51 -83.91 -29.99
CA ILE L 905 67.42 -84.22 -29.09
C ILE L 905 67.58 -83.40 -27.83
N LEU L 906 68.65 -83.66 -27.08
CA LEU L 906 68.76 -83.21 -25.70
C LEU L 906 69.03 -81.72 -25.60
N HIS L 907 69.39 -81.07 -26.69
CA HIS L 907 69.63 -79.63 -26.69
C HIS L 907 68.64 -78.87 -27.55
N SER L 908 68.22 -79.43 -28.68
CA SER L 908 67.14 -78.83 -29.48
C SER L 908 65.84 -78.79 -28.69
N THR L 909 65.42 -79.95 -28.19
CA THR L 909 64.19 -80.04 -27.45
C THR L 909 64.29 -79.32 -26.11
N GLY L 910 65.49 -79.27 -25.54
CA GLY L 910 65.71 -78.45 -24.37
C GLY L 910 65.55 -76.96 -24.64
N LEU L 911 66.07 -76.48 -25.79
CA LEU L 911 65.99 -75.06 -26.12
C LEU L 911 64.57 -74.62 -26.39
N GLU L 912 63.73 -75.46 -27.00
CA GLU L 912 62.32 -75.07 -27.10
C GLU L 912 61.63 -75.10 -25.74
N PHE L 913 62.02 -76.07 -24.90
CA PHE L 913 61.32 -76.30 -23.64
C PHE L 913 61.53 -75.15 -22.66
N GLN L 914 62.72 -74.53 -22.71
CA GLN L 914 62.97 -73.38 -21.82
C GLN L 914 62.09 -72.20 -22.17
N HIS L 915 61.99 -71.88 -23.47
CA HIS L 915 61.12 -70.82 -23.96
C HIS L 915 59.65 -71.14 -23.69
N GLN L 916 59.30 -72.40 -23.52
CA GLN L 916 57.95 -72.66 -23.05
C GLN L 916 57.76 -72.47 -21.55
N VAL L 917 58.72 -72.87 -20.71
CA VAL L 917 58.46 -72.80 -19.27
C VAL L 917 58.58 -71.39 -18.73
N GLU L 918 59.33 -70.52 -19.41
CA GLU L 918 59.44 -69.15 -18.90
C GLU L 918 58.18 -68.32 -19.14
N GLU L 919 57.19 -68.85 -19.85
CA GLU L 919 55.90 -68.20 -19.99
C GLU L 919 54.77 -69.02 -19.39
N ALA L 920 55.06 -69.84 -18.40
CA ALA L 920 54.03 -70.54 -17.64
C ALA L 920 53.80 -69.77 -16.36
N LYS L 921 52.57 -69.32 -16.14
CA LYS L 921 52.23 -68.58 -14.94
C LYS L 921 51.30 -69.38 -14.04
N ASP L 922 51.26 -70.70 -14.25
CA ASP L 922 50.29 -71.57 -13.59
C ASP L 922 51.03 -72.72 -12.92
N LEU L 923 50.48 -73.20 -11.81
CA LEU L 923 51.02 -74.41 -11.18
C LEU L 923 50.83 -75.62 -12.07
N ASP L 924 49.64 -75.74 -12.67
CA ASP L 924 49.21 -76.99 -13.30
C ASP L 924 50.00 -77.27 -14.58
N GLN L 925 50.09 -76.29 -15.47
CA GLN L 925 50.72 -76.49 -16.78
C GLN L 925 52.22 -76.73 -16.65
N LEU L 926 52.81 -76.36 -15.51
CA LEU L 926 54.24 -76.49 -15.31
C LEU L 926 54.66 -77.94 -15.19
N ILE L 927 53.83 -78.77 -14.54
CA ILE L 927 54.06 -80.21 -14.52
C ILE L 927 53.90 -80.79 -15.91
N LYS L 928 52.91 -80.30 -16.66
CA LYS L 928 52.50 -80.93 -17.90
C LYS L 928 53.53 -80.71 -19.00
N ILE L 929 54.05 -79.48 -19.10
CA ILE L 929 55.08 -79.18 -20.10
C ILE L 929 56.36 -79.96 -19.80
N HIS L 930 56.61 -80.25 -18.52
CA HIS L 930 57.79 -80.99 -18.11
C HIS L 930 57.66 -82.47 -18.46
N TYR L 931 56.49 -83.04 -18.17
CA TYR L 931 56.25 -84.43 -18.54
C TYR L 931 56.24 -84.62 -20.05
N ARG L 932 55.71 -83.63 -20.78
CA ARG L 932 55.72 -83.67 -22.24
C ARG L 932 57.04 -83.20 -22.83
N TYR L 933 58.01 -82.87 -22.00
CA TYR L 933 59.40 -82.70 -22.39
C TYR L 933 60.23 -83.95 -22.21
N LEU L 934 60.06 -84.60 -21.06
CA LEU L 934 60.74 -85.87 -20.83
C LEU L 934 60.20 -86.98 -21.73
N SER L 935 58.87 -87.04 -21.93
CA SER L 935 58.31 -88.18 -22.66
C SER L 935 58.54 -88.10 -24.15
N THR L 936 58.96 -86.94 -24.67
CA THR L 936 59.37 -86.88 -26.07
C THR L 936 60.87 -87.05 -26.23
N ILE L 937 61.67 -86.64 -25.24
CA ILE L 937 63.08 -87.00 -25.32
C ILE L 937 63.29 -88.49 -25.06
N HIS L 938 62.44 -89.09 -24.24
CA HIS L 938 62.38 -90.51 -23.95
C HIS L 938 61.85 -91.32 -25.13
N ASP L 939 61.18 -90.66 -26.05
CA ASP L 939 60.80 -91.27 -27.31
C ASP L 939 61.90 -91.13 -28.36
N ARG L 940 62.53 -89.96 -28.44
CA ARG L 940 63.51 -89.70 -29.48
C ARG L 940 64.80 -90.47 -29.22
N CYS L 941 65.35 -90.34 -28.02
CA CYS L 941 66.23 -91.36 -27.48
C CYS L 941 65.31 -92.44 -26.93
N LEU L 942 65.07 -93.47 -27.73
CA LEU L 942 64.00 -94.43 -27.49
C LEU L 942 64.33 -95.37 -26.34
N LEU L 943 63.41 -95.46 -25.37
CA LEU L 943 63.46 -96.49 -24.35
C LEU L 943 62.07 -97.02 -24.06
N ARG L 944 61.07 -96.51 -24.77
CA ARG L 944 59.68 -96.74 -24.36
C ARG L 944 59.17 -98.14 -24.72
N GLU L 945 59.60 -98.69 -25.86
CA GLU L 945 59.31 -100.03 -26.38
C GLU L 945 60.11 -100.12 -27.68
N LYS L 946 60.35 -101.33 -28.20
CA LYS L 946 61.28 -101.73 -29.26
C LYS L 946 62.73 -101.60 -28.80
N VAL L 947 62.99 -102.07 -27.58
CA VAL L 947 64.35 -102.22 -27.09
C VAL L 947 64.92 -103.59 -27.44
N SER L 948 64.21 -104.36 -28.25
CA SER L 948 64.72 -105.62 -28.79
C SER L 948 65.10 -105.47 -30.25
N PHE L 949 65.00 -104.26 -30.79
CA PHE L 949 65.36 -103.99 -32.16
C PHE L 949 66.22 -102.75 -32.33
N VAL L 950 66.34 -101.91 -31.30
CA VAL L 950 67.20 -100.74 -31.29
C VAL L 950 68.27 -100.84 -30.22
N LYS L 951 67.88 -101.23 -29.01
CA LYS L 951 68.78 -101.23 -27.86
C LYS L 951 69.85 -102.30 -28.00
N GLU L 952 69.49 -103.46 -28.54
CA GLU L 952 70.42 -104.58 -28.64
C GLU L 952 71.60 -104.28 -29.56
N ALA L 953 71.38 -103.46 -30.59
CA ALA L 953 72.45 -103.10 -31.52
C ALA L 953 73.49 -102.23 -30.83
N ILE L 954 73.01 -101.27 -30.05
CA ILE L 954 73.89 -100.43 -29.26
C ILE L 954 74.63 -101.25 -28.21
N MET L 955 73.95 -102.24 -27.62
CA MET L 955 74.59 -103.10 -26.63
C MET L 955 75.70 -103.95 -27.25
N LYS L 956 75.50 -104.46 -28.46
CA LYS L 956 76.53 -105.32 -29.03
C LYS L 956 77.69 -104.51 -29.59
N VAL L 957 77.45 -103.28 -30.05
CA VAL L 957 78.60 -102.48 -30.46
C VAL L 957 79.37 -101.98 -29.24
N LEU L 958 78.74 -101.94 -28.06
CA LEU L 958 79.53 -101.80 -26.82
C LEU L 958 80.50 -102.95 -26.61
N ASN L 959 80.14 -104.18 -26.99
CA ASN L 959 81.08 -105.28 -26.84
C ASN L 959 82.15 -105.24 -27.92
N LEU L 960 81.81 -104.66 -29.08
CA LEU L 960 82.83 -104.37 -30.08
C LEU L 960 83.89 -103.43 -29.54
N ALA L 961 83.48 -102.46 -28.70
CA ALA L 961 84.44 -101.61 -28.01
C ALA L 961 85.42 -102.40 -27.14
N LEU L 962 84.95 -103.42 -26.41
CA LEU L 962 85.82 -104.24 -25.58
C LEU L 962 86.78 -105.07 -26.40
N MET L 963 86.25 -105.71 -27.45
CA MET L 963 87.04 -106.58 -28.30
C MET L 963 88.16 -105.81 -28.98
N PHE L 964 87.84 -104.63 -29.53
CA PHE L 964 88.90 -103.81 -30.11
C PHE L 964 89.79 -103.19 -29.04
N ALA L 965 89.29 -103.03 -27.81
CA ALA L 965 90.12 -102.47 -26.75
C ALA L 965 91.23 -103.43 -26.36
N ASP L 966 90.94 -104.74 -26.37
CA ASP L 966 91.94 -105.73 -25.97
C ASP L 966 93.08 -105.80 -26.98
N GLY L 967 92.75 -105.93 -28.27
CA GLY L 967 93.78 -106.06 -29.29
C GLY L 967 94.38 -104.70 -29.65
N TRP L 968 95.70 -104.57 -29.45
CA TRP L 968 96.49 -103.38 -29.80
C TRP L 968 97.99 -103.67 -29.66
N SER L 979 92.11 -112.20 -36.89
CA SER L 979 91.53 -111.83 -35.61
C SER L 979 91.10 -110.37 -35.63
N ILE L 980 92.09 -109.48 -35.81
CA ILE L 980 91.80 -108.07 -35.99
C ILE L 980 90.91 -107.86 -37.21
N GLU L 981 91.20 -108.57 -38.30
CA GLU L 981 90.39 -108.51 -39.51
C GLU L 981 88.99 -109.09 -39.31
N LYS L 982 88.80 -109.94 -38.30
CA LYS L 982 87.50 -110.56 -38.10
C LYS L 982 86.55 -109.68 -37.31
N MET L 983 86.99 -108.48 -36.94
CA MET L 983 86.16 -107.51 -36.23
C MET L 983 85.35 -106.65 -37.18
N GLU L 984 85.95 -106.18 -38.28
CA GLU L 984 85.19 -105.35 -39.22
C GLU L 984 84.21 -106.17 -40.03
N SER L 985 84.48 -107.47 -40.19
CA SER L 985 83.49 -108.38 -40.76
C SER L 985 82.24 -108.42 -39.89
N ASP L 986 82.41 -108.31 -38.58
CA ASP L 986 81.29 -108.23 -37.68
C ASP L 986 80.65 -106.84 -37.69
N PHE L 987 81.49 -105.80 -37.77
CA PHE L 987 80.99 -104.42 -37.71
C PHE L 987 80.14 -104.10 -38.93
N LYS L 988 80.61 -104.49 -40.12
CA LYS L 988 79.84 -104.32 -41.33
C LYS L 988 78.57 -105.14 -41.32
N ASN L 989 78.53 -106.23 -40.57
CA ASN L 989 77.30 -106.98 -40.48
C ASN L 989 76.29 -106.26 -39.59
N CYS L 990 76.72 -105.83 -38.40
CA CYS L 990 75.75 -105.27 -37.45
C CYS L 990 75.31 -103.87 -37.87
N HIS L 991 76.20 -103.11 -38.53
CA HIS L 991 75.83 -101.80 -39.06
C HIS L 991 74.73 -101.92 -40.10
N MET L 992 74.86 -102.88 -41.02
CA MET L 992 73.82 -103.06 -42.03
C MET L 992 72.55 -103.64 -41.42
N PHE L 993 72.68 -104.45 -40.36
CA PHE L 993 71.48 -104.89 -39.65
C PHE L 993 70.71 -103.72 -39.03
N LEU L 994 71.45 -102.78 -38.44
CA LEU L 994 70.85 -101.57 -37.90
C LEU L 994 70.14 -100.77 -38.98
N VAL L 995 70.78 -100.63 -40.14
CA VAL L 995 70.19 -99.84 -41.21
C VAL L 995 68.95 -100.54 -41.78
N THR L 996 69.04 -101.86 -41.99
CA THR L 996 67.92 -102.62 -42.55
C THR L 996 66.78 -102.81 -41.57
N ILE L 997 66.98 -102.55 -40.29
CA ILE L 997 65.86 -102.44 -39.36
C ILE L 997 65.32 -101.02 -39.33
N LEU L 998 66.21 -100.03 -39.36
CA LEU L 998 65.81 -98.64 -39.23
C LEU L 998 65.23 -98.06 -40.52
N ASN L 999 65.21 -98.82 -41.60
CA ASN L 999 64.73 -98.30 -42.88
C ASN L 999 63.22 -98.11 -42.92
N LYS L 1000 62.46 -98.80 -42.06
CA LYS L 1000 61.02 -98.64 -42.04
C LYS L 1000 60.58 -97.35 -41.36
N ALA L 1001 61.32 -96.89 -40.37
CA ALA L 1001 61.00 -95.64 -39.67
C ALA L 1001 61.95 -94.52 -40.10
N PHE L 1007 61.46 -92.19 -32.54
CA PHE L 1007 60.95 -93.32 -33.33
C PHE L 1007 60.89 -92.97 -34.86
N PRO L 1008 60.26 -91.88 -35.31
CA PRO L 1008 60.46 -91.52 -36.74
C PRO L 1008 61.75 -90.78 -36.97
N HIS L 1009 62.31 -90.18 -35.92
CA HIS L 1009 63.52 -89.38 -35.93
C HIS L 1009 64.77 -90.22 -36.15
N LEU L 1010 64.67 -91.55 -36.07
CA LEU L 1010 65.79 -92.45 -36.27
C LEU L 1010 66.32 -92.43 -37.70
N GLU L 1011 65.50 -91.96 -38.65
CA GLU L 1011 65.95 -91.86 -40.03
C GLU L 1011 67.01 -90.79 -40.22
N SER L 1012 67.14 -89.86 -39.27
CA SER L 1012 68.12 -88.79 -39.38
C SER L 1012 69.55 -89.29 -39.25
N LEU L 1013 69.75 -90.48 -38.69
CA LEU L 1013 71.05 -91.11 -38.67
C LEU L 1013 71.16 -92.27 -39.66
N ALA L 1014 70.04 -92.85 -40.07
CA ALA L 1014 70.04 -93.98 -40.98
C ALA L 1014 70.42 -93.60 -42.41
N LEU L 1015 70.58 -92.31 -42.69
CA LEU L 1015 71.11 -91.84 -43.96
C LEU L 1015 72.49 -91.21 -43.83
N SER L 1016 72.98 -91.02 -42.60
CA SER L 1016 74.31 -90.45 -42.40
C SER L 1016 75.37 -91.52 -42.64
N MET M 1 -9.11 -52.60 23.47
CA MET M 1 -8.37 -53.70 22.87
C MET M 1 -7.30 -53.17 21.89
N ILE M 2 -7.44 -51.91 21.48
CA ILE M 2 -6.48 -51.29 20.58
C ILE M 2 -5.29 -50.81 21.39
N HIS M 3 -5.56 -49.92 22.34
CA HIS M 3 -4.52 -49.35 23.19
C HIS M 3 -3.93 -50.38 24.13
N GLU M 4 -4.76 -51.35 24.55
CA GLU M 4 -4.34 -52.43 25.45
C GLU M 4 -3.22 -53.24 24.86
N LEU M 5 -3.27 -53.47 23.55
CA LEU M 5 -2.26 -54.28 22.88
C LEU M 5 -0.91 -53.57 22.88
N LEU M 6 -0.91 -52.27 22.56
CA LEU M 6 0.33 -51.49 22.59
C LEU M 6 0.88 -51.42 24.00
N LEU M 7 -0.01 -51.33 25.00
CA LEU M 7 0.41 -51.31 26.38
C LEU M 7 1.07 -52.62 26.79
N ALA M 8 0.48 -53.75 26.34
CA ALA M 8 1.04 -55.05 26.70
C ALA M 8 2.36 -55.31 25.99
N LEU M 9 2.45 -54.92 24.71
CA LEU M 9 3.67 -55.19 23.95
C LEU M 9 4.83 -54.30 24.39
N SER M 10 4.51 -53.08 24.85
CA SER M 10 5.56 -52.18 25.33
C SER M 10 6.18 -52.67 26.62
N GLY M 11 5.48 -53.50 27.39
CA GLY M 11 6.03 -54.08 28.61
C GLY M 11 5.25 -53.69 29.85
N TYR M 12 4.02 -53.23 29.67
CA TYR M 12 3.10 -52.95 30.78
C TYR M 12 1.82 -53.73 30.52
N PRO M 13 1.80 -55.04 30.92
CA PRO M 13 0.76 -55.99 30.47
C PRO M 13 -0.69 -55.58 30.59
N GLY M 14 -1.44 -55.78 29.51
CA GLY M 14 -2.86 -55.50 29.53
C GLY M 14 -3.62 -56.49 30.39
N SER M 15 -4.88 -56.14 30.66
CA SER M 15 -5.81 -57.03 31.35
C SER M 15 -6.53 -57.93 30.36
N ILE M 16 -6.11 -57.92 29.09
CA ILE M 16 -6.67 -58.71 28.01
C ILE M 16 -5.59 -59.67 27.58
N PHE M 17 -4.34 -59.25 27.74
CA PHE M 17 -3.16 -59.95 27.29
C PHE M 17 -2.46 -60.37 28.57
N THR M 18 -2.84 -61.54 29.04
CA THR M 18 -2.50 -61.99 30.38
C THR M 18 -1.11 -62.60 30.38
N TRP M 19 -0.25 -62.09 31.24
CA TRP M 19 1.15 -62.50 31.24
C TRP M 19 1.31 -63.85 31.93
N ASN M 20 1.95 -64.77 31.23
CA ASN M 20 2.18 -66.13 31.68
C ASN M 20 3.63 -66.45 31.34
N LYS M 21 4.22 -67.41 32.04
CA LYS M 21 5.54 -67.86 31.64
C LYS M 21 5.49 -69.16 30.87
N ARG M 22 4.30 -69.75 30.71
CA ARG M 22 4.13 -70.95 29.94
C ARG M 22 3.43 -70.69 28.61
N SER M 23 2.84 -69.53 28.43
CA SER M 23 2.25 -69.16 27.15
C SER M 23 2.50 -67.70 26.80
N GLY M 24 3.34 -67.03 27.60
CA GLY M 24 3.73 -65.67 27.30
C GLY M 24 2.57 -64.69 27.44
N LEU M 25 2.53 -63.72 26.52
CA LEU M 25 1.34 -62.93 26.31
C LEU M 25 0.37 -63.73 25.45
N GLN M 26 -0.91 -63.70 25.82
CA GLN M 26 -1.91 -64.36 25.00
C GLN M 26 -3.23 -63.64 25.11
N VAL M 27 -3.91 -63.53 23.98
CA VAL M 27 -5.27 -63.03 23.91
C VAL M 27 -6.21 -63.99 24.65
N SER M 28 -7.33 -63.45 25.13
CA SER M 28 -8.26 -64.15 26.02
C SER M 28 -8.84 -65.43 25.42
N GLN M 29 -9.04 -65.44 24.10
CA GLN M 29 -9.41 -66.61 23.29
C GLN M 29 -10.84 -67.09 23.60
N ASP M 30 -11.65 -66.29 24.31
CA ASP M 30 -13.03 -66.74 24.53
C ASP M 30 -14.10 -65.65 24.51
N PHE M 31 -13.74 -64.40 24.27
CA PHE M 31 -14.70 -63.31 24.32
C PHE M 31 -15.20 -62.98 22.92
N PRO M 32 -16.40 -62.36 22.78
CA PRO M 32 -16.83 -61.96 21.44
C PRO M 32 -16.24 -60.62 21.02
N PHE M 33 -14.93 -60.61 20.82
CA PHE M 33 -14.27 -59.55 20.07
C PHE M 33 -13.19 -60.16 19.17
N LEU M 34 -13.05 -61.50 19.20
CA LEU M 34 -12.03 -62.25 18.43
C LEU M 34 -12.69 -63.34 17.61
N HIS M 35 -12.13 -63.58 16.42
CA HIS M 35 -12.78 -64.38 15.40
C HIS M 35 -11.66 -64.99 14.56
N PRO M 36 -11.93 -66.11 13.83
CA PRO M 36 -10.82 -66.98 13.37
C PRO M 36 -9.81 -66.33 12.46
N SER M 37 -10.21 -65.37 11.62
CA SER M 37 -9.26 -64.71 10.73
C SER M 37 -8.27 -63.87 11.51
N GLU M 38 -8.74 -63.12 12.51
CA GLU M 38 -7.81 -62.27 13.26
C GLU M 38 -7.12 -63.02 14.38
N THR M 39 -7.63 -64.21 14.73
CA THR M 39 -7.05 -65.02 15.80
C THR M 39 -5.61 -65.38 15.50
N SER M 40 -5.34 -65.81 14.26
CA SER M 40 -4.00 -66.19 13.83
C SER M 40 -3.04 -65.01 13.90
N VAL M 41 -3.53 -63.85 13.47
CA VAL M 41 -2.74 -62.62 13.53
C VAL M 41 -2.39 -62.28 14.97
N LEU M 42 -3.37 -62.40 15.87
CA LEU M 42 -3.17 -62.08 17.28
C LEU M 42 -2.14 -63.01 17.92
N ASN M 43 -2.25 -64.31 17.60
CA ASN M 43 -1.27 -65.30 18.04
C ASN M 43 0.13 -64.93 17.57
N ARG M 44 0.24 -64.50 16.31
CA ARG M 44 1.55 -64.13 15.75
C ARG M 44 2.12 -62.92 16.45
N LEU M 45 1.28 -61.94 16.77
CA LEU M 45 1.78 -60.69 17.32
C LEU M 45 2.18 -60.84 18.78
N CYS M 46 1.59 -61.82 19.49
CA CYS M 46 1.86 -61.96 20.93
C CYS M 46 3.31 -62.35 21.24
N ARG M 47 3.97 -63.05 20.31
CA ARG M 47 5.28 -63.63 20.59
C ARG M 47 6.35 -62.56 20.73
N LEU M 48 6.26 -61.49 19.92
CA LEU M 48 7.21 -60.39 19.97
C LEU M 48 7.18 -59.71 21.34
N GLY M 49 5.99 -59.51 21.89
CA GLY M 49 5.88 -58.90 23.20
C GLY M 49 6.34 -59.81 24.32
N THR M 50 6.08 -61.13 24.17
CA THR M 50 6.62 -62.10 25.13
C THR M 50 8.13 -62.03 25.22
N ASP M 51 8.80 -61.96 24.06
CA ASP M 51 10.26 -61.82 24.05
C ASP M 51 10.69 -60.47 24.62
N TYR M 52 9.92 -59.41 24.33
CA TYR M 52 10.26 -58.07 24.78
C TYR M 52 10.27 -57.96 26.30
N ILE M 53 9.33 -58.64 26.96
CA ILE M 53 9.24 -58.58 28.42
C ILE M 53 10.44 -59.25 29.07
N ARG M 54 10.82 -60.44 28.55
CA ARG M 54 12.01 -61.13 29.06
C ARG M 54 13.27 -60.33 28.81
N PHE M 55 13.36 -59.68 27.64
CA PHE M 55 14.50 -58.83 27.29
C PHE M 55 14.65 -57.69 28.29
N THR M 56 13.57 -56.94 28.50
CA THR M 56 13.62 -55.77 29.37
C THR M 56 13.87 -56.16 30.83
N GLU M 57 13.27 -57.26 31.26
CA GLU M 57 13.51 -57.79 32.60
C GLU M 57 14.97 -58.14 32.82
N PHE M 58 15.58 -58.81 31.83
CA PHE M 58 16.95 -59.26 31.93
C PHE M 58 17.94 -58.10 31.85
N ILE M 59 17.62 -57.09 31.02
CA ILE M 59 18.46 -55.89 30.90
C ILE M 59 18.44 -55.09 32.20
N GLU M 60 17.25 -54.87 32.76
CA GLU M 60 17.14 -54.18 34.05
C GLU M 60 17.84 -54.96 35.15
N GLN M 61 17.75 -56.29 35.10
CA GLN M 61 18.29 -57.13 36.17
C GLN M 61 19.81 -57.11 36.18
N TYR M 62 20.45 -57.03 35.01
CA TYR M 62 21.91 -57.17 35.03
C TYR M 62 22.68 -55.90 34.67
N THR M 63 22.02 -54.79 34.40
CA THR M 63 22.70 -53.52 34.16
C THR M 63 22.37 -52.54 35.29
N GLY M 64 23.41 -51.98 35.89
CA GLY M 64 23.25 -50.97 36.92
C GLY M 64 22.51 -51.42 38.16
N HIS M 65 22.66 -52.69 38.54
CA HIS M 65 21.86 -53.30 39.59
C HIS M 65 22.59 -53.44 40.92
N VAL M 66 23.92 -53.42 40.91
CA VAL M 66 24.70 -53.49 42.14
C VAL M 66 25.81 -52.46 42.04
N GLN M 67 26.36 -52.08 43.18
CA GLN M 67 27.46 -51.14 43.18
C GLN M 67 28.82 -51.81 43.09
N GLN M 68 28.88 -53.10 42.72
CA GLN M 68 29.79 -54.16 43.25
C GLN M 68 29.31 -54.56 44.63
N GLN M 69 28.09 -55.13 44.66
CA GLN M 69 27.40 -55.67 45.84
C GLN M 69 27.00 -54.56 46.80
N GLN M 76 26.32 -63.53 41.42
CA GLN M 76 27.07 -64.77 41.19
C GLN M 76 28.52 -64.47 40.85
N GLY M 77 29.27 -65.54 40.57
CA GLY M 77 30.61 -65.41 40.04
C GLY M 77 30.64 -65.95 38.64
N GLN M 78 29.51 -66.53 38.22
CA GLN M 78 29.37 -67.05 36.87
C GLN M 78 29.39 -65.91 35.86
N GLY M 79 30.04 -66.15 34.73
CA GLY M 79 30.20 -65.14 33.72
C GLY M 79 29.06 -65.13 32.71
N GLY M 80 28.31 -66.22 32.67
CA GLY M 80 27.11 -66.30 31.89
C GLY M 80 25.88 -65.72 32.57
N LEU M 81 26.04 -65.18 33.77
CA LEU M 81 24.98 -64.46 34.44
C LEU M 81 25.40 -63.10 34.98
N HIS M 82 26.70 -62.85 35.09
CA HIS M 82 27.21 -61.63 35.71
C HIS M 82 28.54 -61.31 35.08
N GLY M 83 29.09 -60.15 35.42
CA GLY M 83 30.35 -59.69 34.88
C GLY M 83 30.14 -58.57 33.88
N ILE M 84 31.27 -58.04 33.41
CA ILE M 84 31.25 -56.84 32.58
C ILE M 84 30.76 -57.16 31.17
N TYR M 85 31.03 -58.37 30.68
CA TYR M 85 30.68 -58.72 29.31
C TYR M 85 29.19 -58.92 29.14
N LEU M 86 28.56 -59.55 30.15
CA LEU M 86 27.12 -59.78 30.11
C LEU M 86 26.34 -58.47 30.24
N ARG M 87 26.79 -57.59 31.13
CA ARG M 87 26.23 -56.27 31.25
C ARG M 87 26.38 -55.49 29.96
N ALA M 88 27.53 -55.65 29.28
CA ALA M 88 27.74 -55.03 27.97
C ALA M 88 26.77 -55.60 26.93
N PHE M 89 26.43 -56.88 27.04
CA PHE M 89 25.42 -57.45 26.15
C PHE M 89 24.06 -56.79 26.36
N CYS M 90 23.64 -56.63 27.61
CA CYS M 90 22.35 -55.98 27.89
C CYS M 90 22.38 -54.51 27.44
N THR M 91 23.54 -53.87 27.65
CA THR M 91 23.75 -52.48 27.29
C THR M 91 23.63 -52.27 25.78
N GLY M 92 24.16 -53.20 24.99
CA GLY M 92 23.93 -53.14 23.56
C GLY M 92 22.49 -53.44 23.21
N LEU M 93 21.86 -54.35 23.96
CA LEU M 93 20.53 -54.86 23.64
C LEU M 93 19.47 -53.77 23.67
N ASP M 94 19.61 -52.79 24.58
CA ASP M 94 18.56 -51.75 24.66
C ASP M 94 18.53 -50.87 23.41
N SER M 95 19.70 -50.56 22.86
CA SER M 95 19.76 -49.79 21.62
C SER M 95 19.40 -50.66 20.42
N VAL M 96 19.64 -51.96 20.51
CA VAL M 96 19.11 -52.85 19.48
C VAL M 96 17.58 -52.92 19.55
N LEU M 97 17.01 -52.79 20.75
CA LEU M 97 15.55 -52.86 20.90
C LEU M 97 14.83 -51.56 20.55
N GLN M 98 15.56 -50.52 20.16
CA GLN M 98 14.95 -49.23 19.84
C GLN M 98 13.94 -49.22 18.68
N PRO M 99 14.12 -49.96 17.56
CA PRO M 99 13.06 -49.96 16.52
C PRO M 99 11.71 -50.52 16.97
N TYR M 100 11.66 -51.42 17.94
CA TYR M 100 10.37 -51.89 18.46
C TYR M 100 9.61 -50.76 19.13
N ARG M 101 10.34 -49.96 19.92
CA ARG M 101 9.82 -48.73 20.49
C ARG M 101 9.36 -47.77 19.41
N GLN M 102 10.17 -47.62 18.35
CA GLN M 102 9.86 -46.70 17.26
C GLN M 102 8.57 -47.09 16.54
N ALA M 103 8.39 -48.39 16.31
CA ALA M 103 7.20 -48.87 15.62
C ALA M 103 5.95 -48.69 16.48
N LEU M 104 6.04 -48.97 17.78
CA LEU M 104 4.86 -48.86 18.64
C LEU M 104 4.44 -47.40 18.82
N LEU M 105 5.41 -46.50 19.05
CA LEU M 105 5.11 -45.08 19.16
C LEU M 105 4.56 -44.52 17.86
N ASP M 106 5.07 -45.00 16.71
CA ASP M 106 4.57 -44.55 15.42
C ASP M 106 3.14 -45.01 15.19
N LEU M 107 2.81 -46.24 15.61
CA LEU M 107 1.46 -46.77 15.44
C LEU M 107 0.44 -45.97 16.23
N GLU M 108 0.82 -45.51 17.43
CA GLU M 108 -0.11 -44.75 18.26
C GLU M 108 -0.51 -43.42 17.62
N GLN M 109 0.38 -42.80 16.85
CA GLN M 109 0.07 -41.52 16.20
C GLN M 109 -1.00 -41.66 15.13
N GLU M 110 -0.88 -42.69 14.29
CA GLU M 110 -1.88 -42.93 13.26
C GLU M 110 -3.21 -43.34 13.87
N PHE M 111 -3.17 -44.10 14.97
CA PHE M 111 -4.42 -44.46 15.61
C PHE M 111 -5.07 -43.26 16.30
N LEU M 112 -4.28 -42.34 16.86
CA LEU M 112 -4.85 -41.15 17.46
C LEU M 112 -5.42 -40.22 16.41
N GLY M 113 -4.76 -40.14 15.24
CA GLY M 113 -5.31 -39.38 14.13
C GLY M 113 -6.60 -39.97 13.60
N ASP M 114 -6.69 -41.29 13.52
CA ASP M 114 -7.88 -41.96 12.99
C ASP M 114 -8.22 -43.16 13.87
N PRO M 115 -9.36 -43.11 14.58
CA PRO M 115 -9.69 -44.20 15.49
C PRO M 115 -10.30 -45.44 14.87
N HIS M 116 -10.25 -45.58 13.55
CA HIS M 116 -10.90 -46.73 12.89
C HIS M 116 -9.96 -47.23 11.80
N LEU M 117 -9.10 -48.18 12.16
CA LEU M 117 -8.12 -48.72 11.22
C LEU M 117 -8.04 -50.23 11.37
N SER M 118 -7.58 -50.89 10.31
CA SER M 118 -7.80 -52.31 10.10
C SER M 118 -6.98 -53.18 11.05
N ILE M 119 -7.36 -54.46 11.06
CA ILE M 119 -6.58 -55.51 11.70
C ILE M 119 -5.20 -55.61 11.04
N SER M 120 -5.16 -55.44 9.73
CA SER M 120 -3.92 -55.70 9.00
C SER M 120 -2.86 -54.64 9.24
N HIS M 121 -3.27 -53.46 9.74
CA HIS M 121 -2.33 -52.37 9.91
C HIS M 121 -1.28 -52.69 10.98
N VAL M 122 -1.74 -53.19 12.13
CA VAL M 122 -0.82 -53.52 13.21
C VAL M 122 0.06 -54.71 12.80
N ASN M 123 -0.53 -55.67 12.08
CA ASN M 123 0.18 -56.84 11.59
C ASN M 123 1.25 -56.44 10.60
N TYR M 124 0.90 -55.52 9.70
CA TYR M 124 1.80 -55.08 8.65
C TYR M 124 2.98 -54.34 9.24
N PHE M 125 2.75 -53.51 10.25
CA PHE M 125 3.87 -52.81 10.88
C PHE M 125 4.74 -53.77 11.66
N LEU M 126 4.16 -54.82 12.25
CA LEU M 126 4.94 -55.67 13.14
C LEU M 126 5.51 -56.93 12.50
N ASP M 127 5.31 -57.14 11.20
CA ASP M 127 5.84 -58.34 10.58
C ASP M 127 7.30 -58.25 10.15
N GLN M 128 7.95 -57.10 10.34
CA GLN M 128 9.40 -57.08 10.17
C GLN M 128 10.10 -57.66 11.39
N PHE M 129 9.44 -57.61 12.55
CA PHE M 129 9.97 -58.20 13.77
C PHE M 129 9.78 -59.71 13.80
N GLN M 130 8.84 -60.20 12.99
CA GLN M 130 8.27 -61.54 13.12
C GLN M 130 9.31 -62.64 12.95
N LEU M 131 10.30 -62.41 12.09
CA LEU M 131 11.41 -63.35 11.91
C LEU M 131 12.65 -62.95 12.71
N LEU M 132 12.81 -61.66 13.01
CA LEU M 132 14.06 -61.18 13.57
C LEU M 132 14.17 -61.46 15.07
N PHE M 133 13.08 -61.26 15.81
CA PHE M 133 13.10 -61.46 17.26
C PHE M 133 13.51 -62.88 17.71
N PRO M 134 12.98 -63.99 17.16
CA PRO M 134 13.45 -65.31 17.65
C PRO M 134 14.90 -65.60 17.29
N SER M 135 15.41 -64.96 16.25
CA SER M 135 16.78 -65.21 15.82
C SER M 135 17.78 -64.66 16.83
N VAL M 136 17.55 -63.43 17.31
CA VAL M 136 18.42 -62.88 18.33
C VAL M 136 18.10 -63.48 19.70
N MET M 137 16.97 -64.17 19.84
CA MET M 137 16.64 -64.83 21.10
C MET M 137 17.63 -65.94 21.45
N VAL M 138 18.03 -66.74 20.46
CA VAL M 138 18.87 -67.89 20.78
C VAL M 138 20.29 -67.46 21.14
N VAL M 139 20.68 -66.25 20.74
CA VAL M 139 22.00 -65.73 21.08
C VAL M 139 22.08 -65.44 22.58
N VAL M 140 20.98 -64.94 23.16
CA VAL M 140 20.95 -64.73 24.60
C VAL M 140 20.82 -66.08 25.31
N GLU M 141 20.12 -67.03 24.66
CA GLU M 141 19.82 -68.31 25.29
C GLU M 141 21.09 -69.15 25.45
N GLN M 142 21.97 -69.09 24.46
CA GLN M 142 23.26 -69.78 24.54
C GLN M 142 24.14 -69.23 25.65
N ILE M 143 24.22 -67.89 25.76
CA ILE M 143 25.05 -67.23 26.77
C ILE M 143 24.58 -67.62 28.17
N LYS M 144 23.27 -67.70 28.37
CA LYS M 144 22.77 -68.11 29.68
C LYS M 144 22.98 -69.60 29.94
N SER M 145 22.84 -70.44 28.90
CA SER M 145 22.80 -71.88 29.14
C SER M 145 24.17 -72.44 29.49
N GLN M 146 25.21 -72.09 28.72
CA GLN M 146 26.52 -72.68 28.96
C GLN M 146 27.36 -71.92 29.97
N LYS M 147 26.76 -70.93 30.66
CA LYS M 147 27.46 -70.02 31.58
C LYS M 147 28.65 -69.38 30.88
N ILE M 148 28.38 -68.80 29.72
CA ILE M 148 29.42 -68.37 28.80
C ILE M 148 30.13 -67.16 29.39
N HIS M 149 31.39 -67.35 29.76
CA HIS M 149 32.12 -66.47 30.66
C HIS M 149 33.10 -65.63 29.85
N GLY M 150 33.03 -64.32 30.03
CA GLY M 150 34.03 -63.41 29.47
C GLY M 150 34.01 -63.34 27.96
N CYS M 151 35.19 -63.54 27.36
CA CYS M 151 35.39 -63.29 25.94
C CYS M 151 34.73 -64.33 25.04
N GLN M 152 34.22 -65.43 25.59
CA GLN M 152 33.55 -66.43 24.76
C GLN M 152 32.20 -65.92 24.26
N ILE M 153 31.63 -64.93 24.94
CA ILE M 153 30.42 -64.25 24.51
C ILE M 153 30.64 -63.59 23.14
N LEU M 154 31.84 -63.02 22.94
CA LEU M 154 32.23 -62.45 21.65
C LEU M 154 32.17 -63.47 20.53
N GLU M 155 32.56 -64.71 20.81
CA GLU M 155 32.43 -65.78 19.81
C GLU M 155 30.97 -66.16 19.59
N THR M 156 30.21 -66.23 20.69
CA THR M 156 28.84 -66.74 20.65
C THR M 156 27.95 -65.89 19.75
N VAL M 157 28.07 -64.57 19.86
CA VAL M 157 27.25 -63.71 19.00
C VAL M 157 27.78 -63.71 17.56
N TYR M 158 29.10 -63.88 17.39
CA TYR M 158 29.74 -63.61 16.11
C TYR M 158 29.46 -64.70 15.09
N LYS M 159 29.35 -65.96 15.54
CA LYS M 159 29.18 -67.07 14.61
C LYS M 159 27.78 -67.11 14.01
N HIS M 160 26.81 -66.51 14.68
CA HIS M 160 25.46 -66.49 14.16
C HIS M 160 25.09 -65.15 13.55
N SER M 161 26.05 -64.22 13.49
CA SER M 161 25.98 -63.08 12.59
C SER M 161 26.75 -63.35 11.29
N CYS M 162 27.02 -64.63 11.01
CA CYS M 162 27.45 -65.04 9.67
C CYS M 162 26.28 -65.61 8.88
N GLY M 163 25.07 -65.58 9.44
CA GLY M 163 23.93 -66.18 8.78
C GLY M 163 23.49 -65.40 7.55
N GLY M 164 22.64 -66.05 6.76
CA GLY M 164 22.21 -65.47 5.50
C GLY M 164 20.96 -64.63 5.61
N LEU M 165 20.78 -63.94 6.73
CA LEU M 165 19.64 -63.05 6.94
C LEU M 165 20.15 -61.66 7.28
N PRO M 166 19.87 -60.65 6.45
CA PRO M 166 20.37 -59.28 6.70
C PRO M 166 19.90 -58.64 8.01
N PRO M 167 18.60 -58.74 8.43
CA PRO M 167 18.23 -58.05 9.69
C PRO M 167 18.89 -58.65 10.92
N VAL M 168 18.99 -59.98 10.96
CA VAL M 168 19.64 -60.68 12.07
C VAL M 168 21.11 -60.29 12.14
N ARG M 169 21.76 -60.19 10.97
CA ARG M 169 23.16 -59.82 10.88
C ARG M 169 23.41 -58.43 11.46
N SER M 170 22.60 -57.45 11.05
CA SER M 170 22.72 -56.09 11.58
C SER M 170 22.51 -56.03 13.09
N ALA M 171 21.46 -56.74 13.56
CA ALA M 171 21.08 -56.70 14.97
C ALA M 171 22.17 -57.28 15.86
N LEU M 172 22.75 -58.41 15.46
CA LEU M 172 23.79 -59.01 16.29
C LEU M 172 25.11 -58.23 16.20
N GLU M 173 25.36 -57.59 15.05
CA GLU M 173 26.57 -56.80 14.87
C GLU M 173 26.64 -55.61 15.83
N LYS M 174 25.48 -54.97 16.07
CA LYS M 174 25.44 -53.83 17.00
C LYS M 174 25.89 -54.22 18.41
N ILE M 175 25.37 -55.35 18.92
CA ILE M 175 25.73 -55.80 20.27
C ILE M 175 27.20 -56.20 20.31
N LEU M 176 27.72 -56.79 19.23
CA LEU M 176 29.13 -57.20 19.21
C LEU M 176 30.06 -55.98 19.26
N ALA M 177 29.66 -54.86 18.65
CA ALA M 177 30.43 -53.62 18.79
C ALA M 177 30.45 -53.12 20.23
N VAL M 178 29.27 -53.11 20.87
CA VAL M 178 29.17 -52.69 22.27
C VAL M 178 30.03 -53.58 23.17
N CYS M 179 30.10 -54.88 22.87
CA CYS M 179 30.87 -55.79 23.70
C CYS M 179 32.37 -55.67 23.45
N HIS M 180 32.77 -55.29 22.22
CA HIS M 180 34.17 -54.92 21.97
C HIS M 180 34.60 -53.72 22.79
N GLY M 181 33.64 -52.84 23.10
CA GLY M 181 33.92 -51.67 23.93
C GLY M 181 34.64 -51.97 25.24
N VAL M 182 34.15 -52.96 26.01
CA VAL M 182 34.73 -53.21 27.33
C VAL M 182 36.08 -53.93 27.20
N MET M 183 36.25 -54.75 26.17
CA MET M 183 37.52 -55.41 25.92
C MET M 183 38.60 -54.39 25.58
N TYR M 184 38.28 -53.46 24.68
CA TYR M 184 39.20 -52.38 24.34
C TYR M 184 39.48 -51.48 25.52
N LYS M 185 38.48 -51.29 26.39
CA LYS M 185 38.66 -50.45 27.57
C LYS M 185 39.66 -51.06 28.55
N GLN M 186 39.65 -52.38 28.71
CA GLN M 186 40.64 -53.00 29.59
C GLN M 186 42.01 -53.11 28.90
N LEU M 187 42.01 -53.38 27.59
CA LEU M 187 43.25 -53.53 26.84
C LEU M 187 44.00 -52.22 26.69
N SER M 188 43.29 -51.09 26.67
CA SER M 188 43.92 -49.78 26.58
C SER M 188 44.76 -49.46 27.81
N ALA M 189 44.53 -50.15 28.93
CA ALA M 189 45.31 -50.00 30.14
C ALA M 189 46.38 -51.07 30.27
N TRP M 190 46.03 -52.34 30.00
CA TRP M 190 46.93 -53.44 30.37
C TRP M 190 48.22 -53.45 29.55
N MET M 191 48.13 -53.14 28.27
CA MET M 191 49.33 -53.18 27.43
C MET M 191 50.28 -52.05 27.78
N LEU M 192 49.75 -50.89 28.13
CA LEU M 192 50.54 -49.69 28.25
C LEU M 192 50.90 -49.39 29.71
N HIS M 193 50.36 -50.15 30.66
CA HIS M 193 50.80 -50.02 32.05
C HIS M 193 51.11 -51.36 32.69
N GLY M 194 50.32 -52.39 32.41
CA GLY M 194 50.41 -53.62 33.17
C GLY M 194 49.41 -53.66 34.31
N LEU M 195 48.37 -52.84 34.21
CA LEU M 195 47.30 -52.80 35.19
C LEU M 195 46.01 -53.34 34.58
N LEU M 196 45.23 -54.04 35.39
CA LEU M 196 43.90 -54.48 34.98
C LEU M 196 42.92 -54.19 36.11
N LEU M 197 41.63 -54.13 35.76
CA LEU M 197 40.59 -53.84 36.73
C LEU M 197 39.46 -54.88 36.73
N ASP M 198 39.75 -56.15 36.39
CA ASP M 198 38.70 -57.16 36.32
C ASP M 198 38.23 -57.55 37.72
N GLN M 199 36.94 -57.83 37.82
CA GLN M 199 36.35 -58.42 39.00
C GLN M 199 35.82 -59.79 38.60
N HIS M 200 36.57 -60.84 38.95
CA HIS M 200 36.30 -62.27 38.71
C HIS M 200 35.92 -62.59 37.25
N GLU M 201 36.51 -61.87 36.29
CA GLU M 201 36.23 -62.08 34.88
C GLU M 201 37.55 -62.11 34.10
N GLU M 202 37.43 -62.40 32.79
CA GLU M 202 38.58 -62.51 31.89
C GLU M 202 38.49 -61.51 30.75
N PHE M 203 39.64 -60.98 30.33
CA PHE M 203 39.77 -60.29 29.06
C PHE M 203 40.81 -60.95 28.15
N PHE M 204 40.84 -62.29 28.13
CA PHE M 204 41.73 -63.24 27.44
C PHE M 204 43.20 -63.18 27.85
N ILE M 205 43.56 -62.37 28.84
CA ILE M 205 44.84 -62.51 29.54
C ILE M 205 44.52 -62.89 30.97
N LYS M 206 45.26 -63.86 31.50
CA LYS M 206 45.08 -64.45 32.84
C LYS M 206 44.99 -63.44 33.98
N SER M 253 56.38 -57.79 38.86
CA SER M 253 56.86 -58.06 37.53
C SER M 253 56.88 -59.56 37.26
N LEU M 254 56.45 -59.93 36.04
CA LEU M 254 56.25 -61.32 35.60
C LEU M 254 55.32 -62.06 36.56
N LYS M 255 54.15 -61.48 36.77
CA LYS M 255 53.18 -62.02 37.70
C LYS M 255 51.82 -62.08 37.03
N GLN M 256 51.26 -63.30 36.96
CA GLN M 256 49.94 -63.59 36.40
C GLN M 256 49.81 -63.09 34.96
N PHE M 257 50.84 -63.35 34.16
CA PHE M 257 50.78 -63.05 32.74
C PHE M 257 50.99 -64.32 31.95
N SER M 258 49.95 -64.74 31.24
CA SER M 258 49.99 -65.79 30.24
C SER M 258 48.70 -65.70 29.45
N LEU M 259 48.68 -66.30 28.27
CA LEU M 259 47.46 -66.39 27.50
C LEU M 259 47.11 -67.86 27.31
N ARG M 260 45.83 -68.15 27.40
CA ARG M 260 45.30 -69.47 27.16
C ARG M 260 44.50 -69.44 25.87
N VAL M 261 44.55 -70.56 25.12
CA VAL M 261 44.00 -70.59 23.78
C VAL M 261 42.48 -70.54 23.81
N GLU M 262 41.88 -71.04 24.90
CA GLU M 262 40.43 -71.17 24.96
C GLU M 262 39.74 -69.82 25.08
N ILE M 263 40.22 -68.97 26.00
CA ILE M 263 39.54 -67.72 26.29
C ILE M 263 39.76 -66.70 25.16
N LEU M 264 40.87 -66.83 24.44
CA LEU M 264 41.13 -66.00 23.27
C LEU M 264 40.14 -66.32 22.15
N PRO M 265 39.43 -65.31 21.58
CA PRO M 265 38.43 -65.57 20.53
C PRO M 265 38.95 -66.30 19.29
N SER M 266 38.05 -67.01 18.60
CA SER M 266 38.46 -67.85 17.48
C SER M 266 38.72 -67.06 16.21
N TYR M 267 38.27 -65.80 16.13
CA TYR M 267 38.56 -64.99 14.96
C TYR M 267 39.76 -64.07 15.15
N ILE M 268 40.22 -63.91 16.39
CA ILE M 268 41.50 -63.27 16.68
C ILE M 268 42.55 -64.37 16.76
N PRO M 269 43.68 -64.26 16.06
CA PRO M 269 44.66 -65.33 16.07
C PRO M 269 45.56 -65.30 17.30
N VAL M 270 46.33 -66.38 17.46
CA VAL M 270 47.30 -66.45 18.55
C VAL M 270 48.48 -65.51 18.30
N ARG M 271 48.72 -65.18 17.01
CA ARG M 271 49.91 -64.44 16.60
C ARG M 271 49.90 -63.01 17.16
N VAL M 272 48.82 -62.27 16.93
CA VAL M 272 48.72 -60.91 17.43
C VAL M 272 48.59 -60.91 18.96
N ALA M 273 48.04 -61.98 19.52
CA ALA M 273 47.86 -62.09 20.96
C ALA M 273 49.20 -62.21 21.67
N GLU M 274 50.16 -62.91 21.04
CA GLU M 274 51.50 -63.00 21.61
C GLU M 274 52.20 -61.64 21.60
N LYS M 275 51.96 -60.84 20.55
CA LYS M 275 52.55 -59.50 20.48
C LYS M 275 52.00 -58.61 21.58
N ILE M 276 50.68 -58.71 21.82
CA ILE M 276 50.03 -57.99 22.93
C ILE M 276 50.63 -58.40 24.27
N LEU M 277 50.78 -59.70 24.49
CA LEU M 277 51.33 -60.22 25.74
C LEU M 277 52.77 -59.78 25.94
N PHE M 278 53.56 -59.75 24.85
CA PHE M 278 54.94 -59.31 24.92
C PHE M 278 55.04 -57.84 25.32
N VAL M 279 54.17 -57.00 24.75
CA VAL M 279 54.13 -55.58 25.11
C VAL M 279 53.85 -55.41 26.59
N GLY M 280 52.82 -56.10 27.09
CA GLY M 280 52.43 -55.95 28.50
C GLY M 280 53.52 -56.36 29.47
N GLU M 281 54.11 -57.55 29.23
CA GLU M 281 55.16 -58.06 30.11
C GLU M 281 56.41 -57.20 30.08
N SER M 282 56.83 -56.76 28.88
CA SER M 282 58.05 -55.99 28.73
C SER M 282 57.94 -54.64 29.44
N VAL M 283 56.84 -53.91 29.17
CA VAL M 283 56.60 -52.59 29.78
C VAL M 283 56.52 -52.70 31.29
N GLN M 284 55.89 -53.77 31.79
CA GLN M 284 55.84 -54.01 33.23
C GLN M 284 57.24 -54.20 33.80
N MET M 285 58.10 -54.92 33.07
CA MET M 285 59.44 -55.18 33.59
C MET M 285 60.29 -53.90 33.67
N PHE M 286 60.42 -53.18 32.56
CA PHE M 286 61.33 -52.03 32.63
C PHE M 286 60.69 -50.79 33.22
N GLU M 287 59.40 -50.83 33.54
CA GLU M 287 58.76 -49.64 34.08
C GLU M 287 59.25 -49.35 35.50
N ASN M 288 59.31 -50.38 36.34
CA ASN M 288 59.77 -50.20 37.72
C ASN M 288 61.20 -50.70 37.87
N GLN M 289 61.82 -50.23 38.97
CA GLN M 289 63.21 -50.33 39.42
C GLN M 289 64.16 -49.46 38.58
N ASN M 290 63.70 -48.98 37.43
CA ASN M 290 64.34 -47.85 36.78
C ASN M 290 63.69 -46.57 37.24
N VAL M 291 62.39 -46.66 37.52
CA VAL M 291 61.49 -45.57 37.88
C VAL M 291 61.60 -44.51 36.78
N LEU M 300 58.60 -46.94 31.51
CA LEU M 300 59.59 -45.88 31.32
C LEU M 300 59.23 -45.02 30.11
N LYS M 301 58.78 -45.64 29.04
CA LYS M 301 58.40 -44.90 27.85
C LYS M 301 57.11 -44.12 28.10
N ASN M 302 56.93 -43.05 27.34
CA ASN M 302 55.80 -42.14 27.54
C ASN M 302 55.02 -41.87 26.26
N GLN M 303 55.06 -42.80 25.30
CA GLN M 303 54.18 -42.77 24.14
C GLN M 303 52.87 -43.48 24.41
N GLU M 304 52.58 -43.70 25.69
CA GLU M 304 51.38 -44.40 26.13
C GLU M 304 50.11 -43.68 25.72
N ASP M 305 50.14 -42.35 25.74
CA ASP M 305 48.94 -41.57 25.45
C ASP M 305 48.64 -41.56 23.95
N THR M 306 49.68 -41.48 23.12
CA THR M 306 49.50 -41.51 21.67
C THR M 306 48.97 -42.87 21.22
N PHE M 307 49.57 -43.95 21.73
CA PHE M 307 49.10 -45.31 21.46
C PHE M 307 47.68 -45.51 21.99
N ALA M 308 47.36 -44.91 23.14
CA ALA M 308 46.04 -45.06 23.72
C ALA M 308 44.98 -44.33 22.91
N ALA M 309 45.33 -43.16 22.36
CA ALA M 309 44.43 -42.45 21.47
C ALA M 309 44.18 -43.23 20.19
N GLU M 310 45.22 -43.91 19.68
CA GLU M 310 45.06 -44.77 18.51
C GLU M 310 44.13 -45.95 18.80
N LEU M 311 44.34 -46.63 19.94
CA LEU M 311 43.46 -47.74 20.34
C LEU M 311 42.03 -47.27 20.56
N HIS M 312 41.89 -46.09 21.17
CA HIS M 312 40.58 -45.56 21.44
C HIS M 312 39.85 -45.22 20.15
N ARG M 313 40.59 -44.72 19.15
CA ARG M 313 40.03 -44.50 17.82
C ARG M 313 39.56 -45.81 17.20
N LEU M 314 40.31 -46.91 17.41
CA LEU M 314 39.85 -48.22 16.97
C LEU M 314 38.56 -48.63 17.70
N LYS M 315 38.45 -48.27 18.98
CA LYS M 315 37.25 -48.59 19.74
C LYS M 315 36.03 -47.84 19.22
N GLN M 316 36.21 -46.57 18.81
CA GLN M 316 35.09 -45.79 18.30
C GLN M 316 34.58 -46.32 16.98
N GLN M 317 35.48 -46.78 16.10
CA GLN M 317 35.08 -47.18 14.77
C GLN M 317 34.87 -48.69 14.70
N PRO M 318 33.66 -49.16 14.42
CA PRO M 318 33.41 -50.61 14.33
C PRO M 318 34.17 -51.25 13.16
N LEU M 319 34.34 -52.59 13.19
CA LEU M 319 34.00 -53.51 14.29
C LEU M 319 35.14 -54.36 14.84
N PHE M 320 35.55 -55.31 14.00
CA PHE M 320 36.83 -56.00 14.10
C PHE M 320 37.28 -56.33 12.70
N SER M 321 38.52 -56.01 12.45
CA SER M 321 39.20 -56.34 11.22
C SER M 321 40.65 -56.41 11.66
N LEU M 322 41.30 -57.54 11.40
CA LEU M 322 42.57 -57.85 12.06
C LEU M 322 43.68 -56.90 11.62
N VAL M 323 43.58 -56.32 10.41
CA VAL M 323 44.71 -55.60 9.83
C VAL M 323 45.00 -54.29 10.60
N ASP M 324 43.95 -53.57 11.01
CA ASP M 324 44.14 -52.38 11.82
C ASP M 324 44.69 -52.72 13.20
N PHE M 325 44.14 -53.78 13.81
CA PHE M 325 44.54 -54.24 15.12
C PHE M 325 46.00 -54.70 15.13
N GLU M 326 46.41 -55.43 14.10
CA GLU M 326 47.79 -55.89 14.02
C GLU M 326 48.72 -54.73 13.78
N GLN M 327 48.30 -53.73 12.98
CA GLN M 327 49.17 -52.61 12.69
C GLN M 327 49.44 -51.80 13.95
N VAL M 328 48.41 -51.59 14.77
CA VAL M 328 48.64 -50.79 15.98
C VAL M 328 49.41 -51.59 17.02
N VAL M 329 49.17 -52.91 17.10
CA VAL M 329 49.89 -53.74 18.09
C VAL M 329 51.36 -53.88 17.70
N ASP M 330 51.67 -54.05 16.40
CA ASP M 330 53.08 -54.12 16.04
C ASP M 330 53.77 -52.78 16.08
N ARG M 331 53.03 -51.68 15.87
CA ARG M 331 53.60 -50.35 16.06
C ARG M 331 54.02 -50.15 17.50
N ILE M 332 53.24 -50.67 18.45
CA ILE M 332 53.70 -50.67 19.84
C ILE M 332 54.90 -51.61 20.01
N ARG M 333 54.83 -52.78 19.36
CA ARG M 333 55.82 -53.85 19.54
C ARG M 333 57.21 -53.43 19.13
N SER M 334 57.33 -52.69 18.02
CA SER M 334 58.63 -52.30 17.50
C SER M 334 59.36 -51.36 18.45
N THR M 335 58.66 -50.33 18.92
CA THR M 335 59.24 -49.39 19.88
C THR M 335 59.57 -50.08 21.21
N VAL M 336 58.67 -50.96 21.67
CA VAL M 336 58.90 -51.71 22.91
C VAL M 336 60.13 -52.60 22.77
N ALA M 337 60.29 -53.24 21.61
CA ALA M 337 61.37 -54.19 21.41
C ALA M 337 62.72 -53.48 21.32
N GLU M 338 62.78 -52.34 20.62
CA GLU M 338 64.02 -51.58 20.55
C GLU M 338 64.41 -51.04 21.93
N HIS M 339 63.41 -50.56 22.69
CA HIS M 339 63.63 -50.11 24.06
C HIS M 339 64.22 -51.24 24.91
N LEU M 340 63.52 -52.38 24.94
CA LEU M 340 63.88 -53.52 25.79
C LEU M 340 65.25 -54.09 25.44
N TRP M 341 65.53 -54.19 24.13
CA TRP M 341 66.83 -54.63 23.65
C TRP M 341 67.93 -53.71 24.15
N LYS M 342 67.72 -52.38 24.05
CA LYS M 342 68.71 -51.40 24.49
C LYS M 342 69.05 -51.58 25.96
N LEU M 343 68.01 -51.70 26.79
CA LEU M 343 68.20 -51.83 28.24
C LEU M 343 69.03 -53.06 28.58
N MET M 344 68.61 -54.24 28.10
CA MET M 344 69.27 -55.48 28.52
C MET M 344 70.70 -55.57 27.98
N VAL M 345 70.94 -55.12 26.74
CA VAL M 345 72.29 -55.30 26.21
C VAL M 345 73.23 -54.23 26.78
N GLU M 346 72.72 -53.04 27.12
CA GLU M 346 73.68 -51.99 27.39
C GLU M 346 73.93 -51.75 28.87
N GLU M 347 72.87 -51.73 29.68
CA GLU M 347 73.05 -51.41 31.10
C GLU M 347 73.86 -52.48 31.80
N SER M 348 73.74 -53.71 31.36
CA SER M 348 74.60 -54.79 31.75
C SER M 348 75.06 -55.44 30.46
N ASP M 349 76.36 -55.63 30.30
CA ASP M 349 76.91 -56.11 29.04
C ASP M 349 76.77 -57.62 28.94
N LEU M 350 76.25 -58.09 27.80
CA LEU M 350 76.13 -59.52 27.53
C LEU M 350 77.42 -60.11 26.99
N LEU M 351 78.21 -59.29 26.27
CA LEU M 351 79.41 -59.75 25.58
C LEU M 351 80.45 -60.27 26.56
N GLY M 352 80.66 -59.53 27.66
CA GLY M 352 81.58 -59.98 28.70
C GLY M 352 81.12 -61.28 29.35
N GLN M 353 79.80 -61.46 29.49
CA GLN M 353 79.27 -62.69 30.05
C GLN M 353 79.58 -63.89 29.16
N LEU M 354 79.39 -63.73 27.85
CA LEU M 354 79.70 -64.82 26.93
C LEU M 354 81.19 -65.16 26.96
N LYS M 355 82.05 -64.14 27.07
CA LYS M 355 83.49 -64.37 27.18
C LYS M 355 83.84 -65.17 28.43
N ILE M 356 83.26 -64.79 29.58
CA ILE M 356 83.55 -65.50 30.83
C ILE M 356 83.02 -66.93 30.80
N ILE M 357 81.82 -67.13 30.25
CA ILE M 357 81.21 -68.47 30.22
C ILE M 357 82.04 -69.41 29.36
N LYS M 358 82.51 -68.94 28.19
CA LYS M 358 83.40 -69.76 27.38
C LYS M 358 84.72 -70.01 28.11
N ASP M 359 85.26 -68.98 28.78
CA ASP M 359 86.55 -69.10 29.42
C ASP M 359 86.54 -70.11 30.56
N PHE M 360 85.38 -70.36 31.17
CA PHE M 360 85.41 -71.27 32.31
C PHE M 360 84.55 -72.52 32.16
N TYR M 361 83.29 -72.39 31.73
CA TYR M 361 82.45 -73.57 31.56
C TYR M 361 82.97 -74.47 30.44
N LEU M 362 83.54 -73.86 29.40
CA LEU M 362 83.94 -74.60 28.22
C LEU M 362 85.45 -74.68 28.08
N LEU M 363 86.18 -74.43 29.18
CA LEU M 363 87.63 -74.59 29.32
C LEU M 363 88.39 -73.76 28.27
N GLY M 364 88.19 -72.45 28.33
CA GLY M 364 88.88 -71.52 27.46
C GLY M 364 90.18 -71.00 28.01
N ARG M 365 90.59 -71.44 29.20
CA ARG M 365 91.88 -71.08 29.79
C ARG M 365 92.62 -72.39 30.06
N GLY M 366 93.47 -72.78 29.13
CA GLY M 366 94.17 -74.06 29.27
C GLY M 366 95.17 -74.06 30.41
N GLU M 367 95.89 -72.95 30.58
CA GLU M 367 96.94 -72.90 31.59
C GLU M 367 96.35 -72.78 32.99
N LEU M 368 95.31 -71.97 33.14
CA LEU M 368 94.60 -71.85 34.41
C LEU M 368 94.02 -73.19 34.84
N PHE M 369 93.33 -73.87 33.92
CA PHE M 369 92.67 -75.12 34.27
C PHE M 369 93.69 -76.23 34.47
N GLN M 370 94.78 -76.23 33.71
CA GLN M 370 95.83 -77.23 33.91
C GLN M 370 96.54 -77.04 35.25
N ALA M 371 96.86 -75.80 35.61
CA ALA M 371 97.45 -75.51 36.91
C ALA M 371 96.47 -75.81 38.04
N PHE M 372 95.17 -75.66 37.77
CA PHE M 372 94.15 -76.00 38.76
C PHE M 372 94.07 -77.51 38.98
N ILE M 373 94.17 -78.29 37.90
CA ILE M 373 94.22 -79.75 38.03
C ILE M 373 95.46 -80.17 38.80
N ASP M 374 96.60 -79.53 38.49
CA ASP M 374 97.87 -79.90 39.12
C ASP M 374 97.88 -79.55 40.61
N THR M 375 97.46 -78.33 40.95
CA THR M 375 97.59 -77.86 42.33
C THR M 375 96.55 -78.50 43.24
N ALA M 376 95.29 -78.55 42.81
CA ALA M 376 94.18 -79.00 43.65
C ALA M 376 93.92 -80.50 43.51
N GLN M 377 94.97 -81.29 43.23
CA GLN M 377 94.87 -82.71 42.96
C GLN M 377 94.23 -83.48 44.12
N HIS M 378 94.85 -83.40 45.29
CA HIS M 378 94.40 -84.15 46.46
C HIS M 378 93.04 -83.65 46.95
N MET M 379 92.77 -82.36 46.78
CA MET M 379 91.50 -81.79 47.22
C MET M 379 90.33 -82.37 46.43
N LEU M 380 90.47 -82.39 45.11
CA LEU M 380 89.39 -82.91 44.29
C LEU M 380 89.35 -84.43 44.30
N LYS M 381 90.47 -85.08 44.64
CA LYS M 381 90.48 -86.54 44.72
C LYS M 381 89.66 -87.05 45.89
N THR M 382 89.61 -86.31 46.99
CA THR M 382 89.04 -86.84 48.22
C THR M 382 87.51 -86.78 48.17
N PRO M 383 86.81 -87.77 48.75
CA PRO M 383 85.33 -87.87 48.70
C PRO M 383 84.63 -86.65 49.26
N PRO M 384 83.38 -86.40 48.84
CA PRO M 384 82.72 -85.11 49.14
C PRO M 384 82.51 -84.83 50.62
N THR M 385 82.78 -83.59 50.99
CA THR M 385 82.44 -83.01 52.28
C THR M 385 82.28 -81.53 52.06
N ALA M 386 81.68 -80.85 53.06
CA ALA M 386 81.26 -79.48 52.86
C ALA M 386 82.44 -78.53 52.75
N VAL M 387 83.50 -78.74 53.54
CA VAL M 387 84.50 -77.70 53.68
C VAL M 387 85.57 -77.72 52.59
N THR M 388 85.60 -78.74 51.72
CA THR M 388 86.58 -78.74 50.64
C THR M 388 86.26 -77.73 49.54
N GLU M 389 85.02 -77.21 49.48
CA GLU M 389 84.63 -76.34 48.38
C GLU M 389 85.39 -75.01 48.45
N HIS M 390 85.63 -74.51 49.66
CA HIS M 390 86.36 -73.27 49.82
C HIS M 390 87.83 -73.42 49.45
N ASP M 391 88.42 -74.57 49.78
CA ASP M 391 89.81 -74.83 49.42
C ASP M 391 89.99 -74.88 47.91
N VAL M 392 89.11 -75.60 47.21
CA VAL M 392 89.27 -75.70 45.77
C VAL M 392 88.97 -74.35 45.11
N ASN M 393 88.11 -73.54 45.72
CA ASN M 393 87.84 -72.22 45.17
C ASN M 393 89.03 -71.27 45.33
N VAL M 394 89.69 -71.30 46.48
CA VAL M 394 90.81 -70.37 46.67
C VAL M 394 92.03 -70.84 45.89
N ALA M 395 92.17 -72.16 45.67
CA ALA M 395 93.22 -72.64 44.77
C ALA M 395 92.96 -72.21 43.33
N PHE M 396 91.69 -72.27 42.93
CA PHE M 396 91.28 -71.89 41.60
C PHE M 396 91.43 -70.39 41.37
N GLN M 397 91.29 -69.59 42.43
CA GLN M 397 91.53 -68.16 42.33
C GLN M 397 93.01 -67.84 42.30
N GLN M 398 93.79 -68.60 43.08
CA GLN M 398 95.24 -68.43 43.13
C GLN M 398 95.87 -68.73 41.78
N SER M 399 95.35 -69.72 41.05
CA SER M 399 95.86 -70.01 39.70
C SER M 399 95.57 -68.87 38.73
N ALA M 400 94.39 -68.26 38.86
CA ALA M 400 94.02 -67.10 38.04
C ALA M 400 94.97 -65.94 38.28
N HIS M 401 95.40 -65.76 39.52
CA HIS M 401 96.46 -64.79 39.75
C HIS M 401 97.83 -65.30 39.34
N LYS M 402 98.01 -66.61 39.29
CA LYS M 402 99.32 -67.20 39.03
C LYS M 402 99.73 -67.04 37.58
N VAL M 403 98.76 -67.03 36.65
CA VAL M 403 99.11 -66.94 35.24
C VAL M 403 99.48 -65.50 34.85
N LEU M 404 99.32 -64.54 35.78
CA LEU M 404 99.48 -63.08 35.67
C LEU M 404 98.38 -62.42 34.84
N LEU M 405 97.15 -62.89 34.99
CA LEU M 405 95.98 -62.09 34.63
C LEU M 405 95.28 -61.78 35.95
N ASP M 406 95.66 -60.67 36.56
CA ASP M 406 95.08 -60.21 37.82
C ASP M 406 93.93 -59.27 37.52
N ASP M 407 92.74 -59.62 37.99
CA ASP M 407 91.56 -58.80 37.74
C ASP M 407 90.53 -59.04 38.82
N ASP M 408 90.18 -57.98 39.54
CA ASP M 408 89.01 -58.01 40.41
C ASP M 408 87.77 -57.93 39.55
N ASN M 409 86.59 -58.19 40.16
CA ASN M 409 85.23 -58.04 39.62
C ASN M 409 84.91 -58.87 38.37
N LEU M 410 84.10 -59.93 38.60
CA LEU M 410 83.49 -60.98 37.77
C LEU M 410 84.29 -62.27 37.80
N LEU M 411 85.43 -62.22 38.46
CA LEU M 411 86.14 -63.38 38.98
C LEU M 411 85.62 -63.82 40.36
N PRO M 412 85.30 -62.93 41.34
CA PRO M 412 84.66 -63.43 42.57
C PRO M 412 83.25 -63.96 42.39
N LEU M 413 82.63 -63.69 41.26
CA LEU M 413 81.31 -64.22 40.93
C LEU M 413 81.36 -65.68 40.51
N LEU M 414 82.56 -66.23 40.34
CA LEU M 414 82.78 -67.63 39.99
C LEU M 414 83.03 -68.44 41.24
N HIS M 415 82.47 -69.65 41.28
CA HIS M 415 82.62 -70.53 42.43
C HIS M 415 82.75 -71.96 41.94
N LEU M 416 83.40 -72.78 42.75
CA LEU M 416 83.44 -74.22 42.56
C LEU M 416 82.62 -74.84 43.69
N THR M 417 81.53 -75.51 43.33
CA THR M 417 80.57 -76.01 44.31
C THR M 417 80.76 -77.51 44.47
N ILE M 418 81.39 -77.91 45.58
CA ILE M 418 81.42 -79.30 46.01
C ILE M 418 80.24 -79.48 46.95
N GLU M 419 79.16 -80.06 46.43
CA GLU M 419 77.99 -80.31 47.27
C GLU M 419 78.23 -81.54 48.14
N TYR M 420 77.30 -81.76 49.06
CA TYR M 420 77.43 -82.80 50.08
C TYR M 420 76.01 -83.17 50.51
N HIS M 421 75.84 -84.46 50.85
CA HIS M 421 74.56 -85.04 51.28
C HIS M 421 73.47 -84.85 50.22
N GLY M 422 73.69 -85.49 49.07
CA GLY M 422 72.75 -85.43 47.97
C GLY M 422 72.87 -84.14 47.17
N SER M 448 85.02 -89.92 45.80
CA SER M 448 85.90 -88.91 45.20
C SER M 448 85.14 -87.62 44.94
N GLY M 449 85.80 -86.48 45.18
CA GLY M 449 85.12 -85.20 45.11
C GLY M 449 84.85 -84.72 43.70
N TRP M 450 85.45 -85.37 42.71
CA TRP M 450 85.17 -85.02 41.31
C TRP M 450 83.73 -85.31 40.93
N ALA M 451 83.08 -86.25 41.61
CA ALA M 451 81.74 -86.69 41.22
C ALA M 451 80.68 -85.63 41.55
N ALA M 452 80.84 -84.93 42.67
CA ALA M 452 79.91 -83.88 43.07
C ALA M 452 80.42 -82.48 42.73
N LEU M 453 81.42 -82.41 41.87
CA LEU M 453 82.05 -81.14 41.53
C LEU M 453 81.19 -80.35 40.55
N GLY M 454 81.08 -79.05 40.78
CA GLY M 454 80.34 -78.18 39.89
C GLY M 454 80.96 -76.79 39.87
N LEU M 455 80.51 -75.99 38.91
CA LEU M 455 80.88 -74.58 38.78
C LEU M 455 79.60 -73.76 38.67
N SER M 456 79.61 -72.57 39.27
CA SER M 456 78.43 -71.71 39.24
C SER M 456 78.84 -70.30 38.84
N TYR M 457 77.84 -69.48 38.52
CA TYR M 457 78.03 -68.15 37.98
C TYR M 457 76.79 -67.32 38.30
N LYS M 458 76.99 -66.03 38.59
CA LYS M 458 75.91 -65.14 38.97
C LYS M 458 75.45 -64.28 37.79
N VAL M 459 74.23 -63.73 37.90
CA VAL M 459 73.51 -63.08 36.80
C VAL M 459 72.82 -61.81 37.31
N GLN M 460 72.94 -60.71 36.56
CA GLN M 460 72.39 -59.40 36.94
C GLN M 460 70.90 -59.30 36.56
N TRP M 461 70.28 -58.22 37.02
CA TRP M 461 68.83 -58.02 36.88
C TRP M 461 68.34 -57.80 35.44
N PRO M 462 69.00 -56.99 34.57
CA PRO M 462 68.51 -56.94 33.17
C PRO M 462 68.69 -58.24 32.42
N LEU M 463 69.78 -58.96 32.66
CA LEU M 463 70.01 -60.24 32.01
C LEU M 463 69.38 -61.40 32.75
N HIS M 464 68.56 -61.12 33.76
CA HIS M 464 68.06 -62.17 34.64
C HIS M 464 67.10 -63.09 33.91
N ILE M 465 66.28 -62.54 33.02
CA ILE M 465 65.33 -63.37 32.29
C ILE M 465 66.07 -64.21 31.25
N LEU M 466 67.19 -63.72 30.72
CA LEU M 466 67.89 -64.45 29.68
C LEU M 466 68.54 -65.71 30.23
N PHE M 467 69.16 -65.63 31.41
CA PHE M 467 69.76 -66.80 32.05
C PHE M 467 68.79 -67.31 33.10
N THR M 468 68.10 -68.37 32.77
CA THR M 468 67.18 -69.15 33.57
C THR M 468 67.94 -70.44 33.92
N PRO M 469 67.52 -71.20 34.95
CA PRO M 469 68.25 -72.43 35.36
C PRO M 469 68.63 -73.46 34.27
N ALA M 470 67.91 -73.52 33.14
CA ALA M 470 68.16 -74.58 32.15
C ALA M 470 69.51 -74.41 31.45
N VAL M 471 69.84 -73.20 31.02
CA VAL M 471 71.02 -72.99 30.19
C VAL M 471 72.32 -73.17 31.00
N LEU M 472 72.31 -72.71 32.25
CA LEU M 472 73.46 -72.92 33.12
C LEU M 472 73.55 -74.37 33.58
N GLU M 473 72.38 -75.04 33.73
CA GLU M 473 72.35 -76.46 34.05
C GLU M 473 73.06 -77.28 32.96
N LYS M 474 72.85 -76.91 31.69
CA LYS M 474 73.56 -77.62 30.63
C LYS M 474 75.05 -77.29 30.63
N TYR M 475 75.39 -76.01 30.92
CA TYR M 475 76.78 -75.58 30.98
C TYR M 475 77.61 -76.38 31.98
N ASN M 476 77.01 -76.71 33.13
CA ASN M 476 77.70 -77.50 34.16
C ASN M 476 78.09 -78.89 33.64
N VAL M 477 77.20 -79.54 32.90
CA VAL M 477 77.44 -80.88 32.39
C VAL M 477 78.56 -80.86 31.34
N VAL M 478 78.55 -79.82 30.48
CA VAL M 478 79.64 -79.66 29.50
C VAL M 478 80.98 -79.49 30.18
N PHE M 479 80.99 -78.71 31.26
CA PHE M 479 82.20 -78.49 32.05
C PHE M 479 82.74 -79.79 32.62
N LYS M 480 81.84 -80.65 33.13
CA LYS M 480 82.25 -81.92 33.71
C LYS M 480 82.87 -82.86 32.68
N TYR M 481 82.26 -82.94 31.49
CA TYR M 481 82.77 -83.79 30.39
C TYR M 481 84.19 -83.37 29.98
N LEU M 482 84.35 -82.08 29.67
CA LEU M 482 85.64 -81.58 29.19
C LEU M 482 86.71 -81.66 30.27
N LEU M 483 86.35 -81.40 31.52
CA LEU M 483 87.32 -81.49 32.60
C LEU M 483 87.75 -82.93 32.88
N SER M 484 86.85 -83.90 32.70
CA SER M 484 87.22 -85.30 32.88
C SER M 484 88.27 -85.74 31.88
N VAL M 485 88.11 -85.39 30.60
CA VAL M 485 89.12 -85.81 29.63
C VAL M 485 90.43 -85.04 29.82
N ARG M 486 90.34 -83.76 30.20
CA ARG M 486 91.54 -82.95 30.43
C ARG M 486 92.32 -83.44 31.65
N ARG M 487 91.61 -83.92 32.66
CA ARG M 487 92.23 -84.52 33.84
C ARG M 487 92.94 -85.83 33.50
N VAL M 488 92.28 -86.68 32.71
CA VAL M 488 92.82 -87.99 32.30
C VAL M 488 94.16 -87.84 31.57
N GLN M 489 94.20 -86.85 30.65
CA GLN M 489 95.33 -86.66 29.75
C GLN M 489 96.64 -86.50 30.51
N ALA M 490 96.67 -85.58 31.47
CA ALA M 490 97.91 -85.17 32.11
C ALA M 490 98.55 -86.30 32.94
N GLU M 491 97.72 -87.04 33.69
CA GLU M 491 98.30 -88.05 34.58
C GLU M 491 98.73 -89.31 33.84
N LEU M 492 98.01 -89.70 32.77
CA LEU M 492 98.51 -90.76 31.88
C LEU M 492 99.90 -90.44 31.36
N GLN M 493 100.05 -89.18 30.98
CA GLN M 493 101.30 -88.69 30.46
C GLN M 493 102.39 -88.60 31.52
N HIS M 494 102.03 -88.32 32.77
CA HIS M 494 103.04 -88.24 33.83
C HIS M 494 103.64 -89.62 34.09
N CYS M 495 102.78 -90.66 34.18
CA CYS M 495 103.28 -92.03 34.26
C CYS M 495 104.20 -92.36 33.10
N TRP M 496 103.79 -91.97 31.89
CA TRP M 496 104.56 -92.26 30.67
C TRP M 496 105.93 -91.59 30.69
N ALA M 497 105.99 -90.32 31.07
CA ALA M 497 107.25 -89.58 31.03
C ALA M 497 108.17 -90.03 32.15
N LEU M 498 107.60 -90.37 33.30
CA LEU M 498 108.36 -90.93 34.42
C LEU M 498 109.07 -92.21 34.02
N GLN M 499 108.37 -93.10 33.33
CA GLN M 499 109.00 -94.34 32.90
C GLN M 499 109.92 -94.13 31.70
N MET M 500 109.61 -93.14 30.86
CA MET M 500 110.41 -92.90 29.65
C MET M 500 111.82 -92.43 30.01
N GLN M 501 111.94 -91.65 31.08
CA GLN M 501 113.21 -91.06 31.48
C GLN M 501 114.20 -92.13 31.93
N ARG M 502 113.71 -93.25 32.45
CA ARG M 502 114.56 -94.36 32.88
C ARG M 502 115.34 -94.97 31.71
N GLN M 509 113.04 -103.58 30.31
CA GLN M 509 112.23 -104.79 30.32
C GLN M 509 111.33 -104.85 29.09
N THR M 510 110.81 -106.04 28.76
CA THR M 510 109.76 -106.13 27.77
C THR M 510 108.46 -105.49 28.28
N ASP M 511 108.16 -105.72 29.57
CA ASP M 511 107.01 -105.15 30.27
C ASP M 511 107.07 -103.63 30.27
N ALA M 512 108.28 -103.07 30.34
CA ALA M 512 108.45 -101.62 30.37
C ALA M 512 107.97 -100.97 29.07
N ILE M 513 108.56 -101.38 27.94
CA ILE M 513 108.30 -100.73 26.66
C ILE M 513 106.86 -100.96 26.18
N LYS M 514 106.27 -102.11 26.58
CA LYS M 514 104.84 -102.33 26.30
C LYS M 514 103.96 -101.22 26.90
N TRP M 515 104.29 -100.76 28.10
CA TRP M 515 103.46 -99.77 28.78
C TRP M 515 103.54 -98.41 28.10
N ARG M 516 104.71 -98.04 27.57
CA ARG M 516 104.83 -96.73 26.93
C ARG M 516 104.11 -96.72 25.59
N LEU M 517 104.22 -97.84 24.86
CA LEU M 517 103.37 -98.05 23.68
C LEU M 517 101.90 -97.88 24.04
N ARG M 518 101.49 -98.47 25.17
CA ARG M 518 100.09 -98.42 25.60
C ARG M 518 99.65 -97.02 26.04
N ASN M 519 100.54 -96.30 26.75
CA ASN M 519 100.31 -94.91 27.16
C ASN M 519 100.00 -94.04 25.96
N HIS M 520 100.92 -94.07 24.97
CA HIS M 520 100.68 -93.37 23.72
C HIS M 520 99.38 -93.79 23.07
N MET M 521 99.13 -95.11 23.05
CA MET M 521 98.04 -95.70 22.30
C MET M 521 96.69 -95.23 22.81
N ALA M 522 96.55 -95.14 24.13
CA ALA M 522 95.33 -94.59 24.71
C ALA M 522 95.21 -93.08 24.50
N PHE M 523 96.35 -92.36 24.65
CA PHE M 523 96.35 -90.90 24.57
C PHE M 523 95.83 -90.41 23.22
N LEU M 524 96.11 -91.17 22.18
CA LEU M 524 95.68 -90.84 20.83
C LEU M 524 94.17 -90.64 20.67
N VAL M 525 93.39 -91.71 20.91
CA VAL M 525 91.95 -91.66 20.71
C VAL M 525 91.31 -90.71 21.71
N ASP M 526 91.87 -90.64 22.93
CA ASP M 526 91.35 -89.68 23.91
C ASP M 526 91.53 -88.22 23.45
N ASN M 527 92.71 -87.93 22.90
CA ASN M 527 93.01 -86.59 22.41
C ASN M 527 92.12 -86.23 21.22
N LEU M 528 91.82 -87.23 20.38
CA LEU M 528 90.94 -87.01 19.24
C LEU M 528 89.51 -86.70 19.65
N GLN M 529 89.03 -87.38 20.72
CA GLN M 529 87.71 -87.08 21.29
C GLN M 529 87.61 -85.62 21.72
N TYR M 530 88.60 -85.16 22.50
CA TYR M 530 88.60 -83.77 22.94
C TYR M 530 88.71 -82.80 21.76
N TYR M 531 89.39 -83.20 20.69
CA TYR M 531 89.51 -82.30 19.53
C TYR M 531 88.21 -82.14 18.76
N LEU M 532 87.44 -83.23 18.63
CA LEU M 532 86.10 -83.11 18.04
C LEU M 532 85.24 -82.14 18.83
N GLN M 533 85.38 -82.18 20.16
CA GLN M 533 84.68 -81.20 20.99
C GLN M 533 85.19 -79.77 20.73
N VAL M 534 86.51 -79.59 20.57
CA VAL M 534 87.09 -78.27 20.24
C VAL M 534 86.52 -77.70 18.94
N ASP M 535 86.35 -78.58 17.95
CA ASP M 535 85.76 -78.22 16.66
C ASP M 535 84.35 -77.64 16.81
N VAL M 536 83.46 -78.34 17.53
CA VAL M 536 82.08 -77.84 17.62
C VAL M 536 82.02 -76.53 18.42
N LEU M 537 82.88 -76.41 19.46
CA LEU M 537 82.87 -75.18 20.26
C LEU M 537 83.22 -73.95 19.43
N GLU M 538 84.30 -74.01 18.63
CA GLU M 538 84.67 -72.89 17.77
C GLU M 538 83.55 -72.56 16.77
N SER M 539 83.05 -73.59 16.07
CA SER M 539 82.13 -73.37 14.96
C SER M 539 80.79 -72.78 15.42
N GLN M 540 80.27 -73.27 16.56
CA GLN M 540 78.96 -72.79 16.99
C GLN M 540 79.06 -71.45 17.72
N PHE M 541 80.14 -71.25 18.50
CA PHE M 541 80.28 -70.01 19.25
C PHE M 541 80.48 -68.80 18.34
N SER M 542 81.13 -69.00 17.18
CA SER M 542 81.27 -67.90 16.21
C SER M 542 79.91 -67.39 15.72
N GLN M 543 79.01 -68.32 15.39
CA GLN M 543 77.65 -67.96 14.96
C GLN M 543 76.92 -67.21 16.06
N LEU M 544 77.01 -67.71 17.29
CA LEU M 544 76.28 -67.09 18.39
C LEU M 544 76.73 -65.65 18.62
N LEU M 545 78.05 -65.43 18.76
CA LEU M 545 78.57 -64.07 19.00
C LEU M 545 78.26 -63.13 17.84
N HIS M 546 78.39 -63.64 16.61
CA HIS M 546 78.17 -62.81 15.44
C HIS M 546 76.71 -62.44 15.28
N GLN M 547 75.81 -63.34 15.67
CA GLN M 547 74.39 -63.02 15.63
C GLN M 547 74.02 -61.98 16.69
N ILE M 548 74.66 -62.07 17.86
CA ILE M 548 74.38 -61.09 18.91
C ILE M 548 74.84 -59.69 18.51
N ASN M 549 76.01 -59.57 17.87
CA ASN M 549 76.47 -58.21 17.55
C ASN M 549 75.71 -57.56 16.39
N SER M 550 74.94 -58.33 15.62
CA SER M 550 74.35 -57.87 14.38
C SER M 550 72.83 -57.77 14.44
N THR M 551 72.24 -57.79 15.64
CA THR M 551 70.78 -57.73 15.73
C THR M 551 70.37 -56.67 16.75
N ARG M 552 69.15 -56.17 16.54
CA ARG M 552 68.51 -55.25 17.47
C ARG M 552 67.15 -55.78 17.86
N ASP M 553 66.99 -57.11 17.85
CA ASP M 553 65.76 -57.77 18.22
C ASP M 553 65.98 -58.57 19.49
N PHE M 554 64.98 -58.54 20.37
CA PHE M 554 65.02 -59.29 21.62
C PHE M 554 64.78 -60.77 21.40
N GLU M 555 63.87 -61.11 20.49
CA GLU M 555 63.48 -62.50 20.27
C GLU M 555 64.61 -63.30 19.61
N SER M 556 65.33 -62.66 18.69
CA SER M 556 66.38 -63.33 17.93
C SER M 556 67.54 -63.78 18.81
N ILE M 557 67.75 -63.08 19.93
CA ILE M 557 68.80 -63.45 20.88
C ILE M 557 68.40 -64.73 21.61
N ARG M 558 67.13 -64.84 22.01
CA ARG M 558 66.59 -66.06 22.58
C ARG M 558 66.74 -67.23 21.61
N LEU M 559 66.44 -66.98 20.33
CA LEU M 559 66.56 -68.05 19.33
C LEU M 559 68.02 -68.44 19.08
N ALA M 560 68.94 -67.48 19.14
CA ALA M 560 70.37 -67.78 18.98
C ALA M 560 70.86 -68.69 20.09
N HIS M 561 70.41 -68.42 21.32
CA HIS M 561 70.76 -69.30 22.44
C HIS M 561 70.14 -70.68 22.30
N ASP M 562 68.91 -70.75 21.75
CA ASP M 562 68.26 -72.03 21.48
C ASP M 562 69.09 -72.89 20.53
N HIS M 563 69.53 -72.28 19.42
CA HIS M 563 70.28 -73.02 18.41
C HIS M 563 71.64 -73.48 18.95
N PHE M 564 72.31 -72.61 19.71
CA PHE M 564 73.58 -72.94 20.36
C PHE M 564 73.45 -74.16 21.26
N LEU M 565 72.43 -74.15 22.14
CA LEU M 565 72.28 -75.24 23.10
C LEU M 565 71.93 -76.57 22.41
N SER M 566 71.04 -76.53 21.41
CA SER M 566 70.58 -77.78 20.78
C SER M 566 71.71 -78.44 20.01
N ASN M 567 72.51 -77.62 19.30
CA ASN M 567 73.65 -78.17 18.56
C ASN M 567 74.68 -78.78 19.49
N LEU M 568 74.95 -78.10 20.61
CA LEU M 568 75.98 -78.57 21.54
C LEU M 568 75.56 -79.87 22.22
N LEU M 569 74.29 -79.94 22.65
CA LEU M 569 73.72 -81.15 23.25
C LEU M 569 73.75 -82.33 22.29
N ALA M 570 73.54 -82.08 21.00
CA ALA M 570 73.68 -83.16 20.02
C ALA M 570 75.14 -83.59 19.89
N GLN M 571 76.07 -82.64 19.82
CA GLN M 571 77.45 -82.98 19.46
C GLN M 571 78.20 -83.66 20.60
N SER M 572 77.72 -83.51 21.83
CA SER M 572 78.32 -84.29 22.92
C SER M 572 77.98 -85.77 22.79
N PHE M 573 76.89 -86.09 22.07
CA PHE M 573 76.34 -87.43 21.84
C PHE M 573 75.91 -88.08 23.15
N ILE M 574 75.54 -87.24 24.12
CA ILE M 574 75.01 -87.74 25.38
C ILE M 574 73.55 -88.15 25.22
N LEU M 575 72.90 -87.70 24.14
CA LEU M 575 71.52 -88.09 23.86
C LEU M 575 71.43 -89.58 23.55
N LEU M 576 72.38 -90.08 22.78
CA LEU M 576 72.44 -91.50 22.44
C LEU M 576 73.25 -92.23 23.50
N LYS M 577 72.61 -93.22 24.13
CA LYS M 577 73.24 -93.97 25.21
C LYS M 577 74.46 -94.84 24.87
N PRO M 578 74.55 -95.57 23.74
CA PRO M 578 75.72 -96.49 23.57
C PRO M 578 77.07 -95.79 23.45
N VAL M 579 77.15 -94.71 22.68
CA VAL M 579 78.41 -93.99 22.53
C VAL M 579 78.83 -93.32 23.84
N PHE M 580 77.86 -92.94 24.66
CA PHE M 580 78.12 -92.39 25.98
C PHE M 580 78.65 -93.46 26.93
N HIS M 581 78.02 -94.64 26.91
CA HIS M 581 78.39 -95.87 27.59
C HIS M 581 79.74 -96.42 27.12
N CYS M 582 80.29 -95.87 26.05
CA CYS M 582 81.66 -96.13 25.65
C CYS M 582 82.67 -95.07 26.07
N LEU M 583 82.33 -93.77 25.96
CA LEU M 583 83.31 -92.72 26.28
C LEU M 583 83.61 -92.69 27.78
N ASN M 584 82.60 -93.03 28.60
CA ASN M 584 82.85 -93.25 30.04
C ASN M 584 83.93 -94.29 30.28
N GLU M 585 83.90 -95.38 29.51
CA GLU M 585 84.89 -96.43 29.63
C GLU M 585 86.27 -95.98 29.15
N ILE M 586 86.29 -95.10 28.13
CA ILE M 586 87.57 -94.58 27.63
C ILE M 586 88.30 -93.80 28.72
N LEU M 587 87.56 -93.02 29.51
CA LEU M 587 88.20 -92.35 30.65
C LEU M 587 88.58 -93.36 31.76
N ASP M 588 87.68 -94.33 31.98
CA ASP M 588 87.81 -95.29 33.09
C ASP M 588 89.08 -96.15 32.97
N LEU M 589 89.36 -96.65 31.77
CA LEU M 589 90.49 -97.56 31.57
C LEU M 589 91.82 -96.87 31.85
N CYS M 590 91.93 -95.59 31.46
CA CYS M 590 93.13 -94.83 31.74
C CYS M 590 93.30 -94.60 33.23
N HIS M 591 92.19 -94.31 33.93
CA HIS M 591 92.23 -94.19 35.40
C HIS M 591 92.84 -95.42 36.06
N SER M 592 92.35 -96.61 35.69
CA SER M 592 92.85 -97.86 36.28
C SER M 592 94.32 -98.11 35.92
N PHE M 593 94.69 -97.83 34.67
CA PHE M 593 96.07 -98.03 34.23
C PHE M 593 97.04 -97.11 34.98
N CYS M 594 96.65 -95.85 35.15
CA CYS M 594 97.50 -94.87 35.83
C CYS M 594 97.69 -95.21 37.29
N SER M 595 96.63 -95.73 37.95
CA SER M 595 96.81 -96.10 39.34
C SER M 595 97.68 -97.34 39.48
N LEU M 596 97.57 -98.29 38.55
CA LEU M 596 98.35 -99.51 38.68
C LEU M 596 99.83 -99.28 38.38
N VAL M 597 100.14 -98.45 37.38
CA VAL M 597 101.53 -98.37 36.91
C VAL M 597 102.40 -97.55 37.87
N SER M 598 101.80 -96.61 38.60
CA SER M 598 102.59 -95.60 39.30
C SER M 598 103.24 -96.15 40.56
N GLN M 599 102.77 -97.30 41.05
CA GLN M 599 103.28 -97.86 42.30
C GLN M 599 104.73 -98.32 42.17
N ASN M 600 105.04 -99.03 41.09
CA ASN M 600 106.37 -99.56 40.89
C ASN M 600 106.85 -99.18 39.50
N LEU M 601 107.98 -98.47 39.44
CA LEU M 601 108.60 -98.14 38.17
C LEU M 601 109.18 -99.39 37.54
N GLY M 602 109.77 -100.26 38.36
CA GLY M 602 110.17 -101.58 37.94
C GLY M 602 108.98 -102.46 37.60
N PRO M 603 109.25 -103.64 37.04
CA PRO M 603 108.19 -104.42 36.38
C PRO M 603 107.18 -105.00 37.36
N LEU M 604 105.95 -105.11 36.88
CA LEU M 604 104.84 -105.67 37.65
C LEU M 604 104.57 -107.08 37.14
N ASP M 605 105.03 -108.07 37.91
CA ASP M 605 104.62 -109.45 37.77
C ASP M 605 103.78 -109.85 38.96
N GLU M 606 103.04 -108.88 39.48
CA GLU M 606 102.12 -109.00 40.59
C GLU M 606 100.70 -108.78 40.10
N ARG M 607 100.37 -109.48 39.00
CA ARG M 607 99.16 -109.40 38.18
C ARG M 607 99.06 -108.07 37.45
N GLY M 608 100.22 -107.51 37.08
CA GLY M 608 100.21 -106.37 36.16
C GLY M 608 99.92 -106.79 34.73
N ALA M 609 100.42 -107.96 34.33
CA ALA M 609 100.22 -108.44 32.96
C ALA M 609 98.77 -108.81 32.70
N ALA M 610 98.10 -109.34 33.74
CA ALA M 610 96.69 -109.74 33.65
C ALA M 610 95.81 -108.55 33.32
N GLN M 611 96.03 -107.42 33.98
CA GLN M 611 95.26 -106.23 33.65
C GLN M 611 95.77 -105.54 32.39
N LEU M 612 97.06 -105.65 32.08
CA LEU M 612 97.63 -104.94 30.92
C LEU M 612 97.08 -105.49 29.60
N SER M 613 97.02 -106.82 29.48
CA SER M 613 96.47 -107.44 28.28
C SER M 613 94.97 -107.16 28.11
N ILE M 614 94.22 -107.26 29.21
CA ILE M 614 92.79 -106.92 29.21
C ILE M 614 92.60 -105.45 28.84
N LEU M 615 93.52 -104.58 29.28
CA LEU M 615 93.41 -103.16 29.00
C LEU M 615 93.59 -102.86 27.52
N VAL M 616 94.58 -103.48 26.87
CA VAL M 616 94.80 -103.18 25.46
C VAL M 616 93.69 -103.80 24.60
N LYS M 617 93.21 -105.00 24.97
CA LYS M 617 92.12 -105.61 24.20
C LYS M 617 90.81 -104.86 24.37
N GLY M 618 90.52 -104.42 25.60
CA GLY M 618 89.29 -103.67 25.83
C GLY M 618 89.35 -102.26 25.24
N PHE M 619 90.55 -101.67 25.17
CA PHE M 619 90.70 -100.40 24.48
C PHE M 619 90.45 -100.55 22.99
N SER M 620 90.90 -101.66 22.40
CA SER M 620 90.56 -101.97 21.01
C SER M 620 89.05 -102.08 20.82
N ARG M 621 88.38 -102.79 21.76
CA ARG M 621 86.93 -102.97 21.67
C ARG M 621 86.18 -101.63 21.75
N GLN M 622 86.54 -100.80 22.74
CA GLN M 622 85.79 -99.56 22.94
C GLN M 622 86.09 -98.53 21.86
N SER M 623 87.36 -98.41 21.45
CA SER M 623 87.69 -97.47 20.39
C SER M 623 87.04 -97.87 19.06
N SER M 624 86.98 -99.19 18.78
CA SER M 624 86.30 -99.67 17.58
C SER M 624 84.80 -99.42 17.65
N LEU M 625 84.20 -99.57 18.84
CA LEU M 625 82.76 -99.34 19.00
C LEU M 625 82.39 -97.88 18.78
N LEU M 626 83.15 -96.96 19.40
CA LEU M 626 82.86 -95.54 19.20
C LEU M 626 83.18 -95.12 17.77
N PHE M 627 84.17 -95.76 17.16
CA PHE M 627 84.47 -95.51 15.77
C PHE M 627 83.31 -95.93 14.86
N LYS M 628 82.70 -97.09 15.16
CA LYS M 628 81.56 -97.59 14.41
C LYS M 628 80.35 -96.67 14.55
N ILE M 629 80.09 -96.20 15.78
CA ILE M 629 78.92 -95.36 16.03
C ILE M 629 79.08 -94.01 15.35
N LEU M 630 80.28 -93.46 15.43
CA LEU M 630 80.58 -92.20 14.74
C LEU M 630 80.54 -92.38 13.22
N SER M 631 80.78 -93.60 12.74
CA SER M 631 80.59 -93.92 11.33
C SER M 631 79.12 -94.02 10.94
N HIS M 636 70.77 -88.04 8.34
CA HIS M 636 71.22 -86.66 8.56
C HIS M 636 72.72 -86.55 8.28
N GLN M 637 73.51 -87.14 9.18
CA GLN M 637 74.98 -87.25 9.07
C GLN M 637 75.68 -85.90 9.01
N ILE M 638 75.75 -85.25 10.18
CA ILE M 638 76.55 -84.06 10.45
C ILE M 638 77.97 -84.27 9.94
N ASN M 639 78.55 -83.20 9.36
CA ASN M 639 79.86 -83.27 8.72
C ASN M 639 80.95 -83.64 9.73
N SER M 640 80.99 -82.96 10.88
CA SER M 640 82.14 -82.96 11.79
C SER M 640 82.43 -84.35 12.34
N ASP M 641 81.36 -85.01 12.78
CA ASP M 641 81.33 -86.45 13.03
C ASP M 641 81.91 -87.25 11.87
N LEU M 642 81.60 -86.84 10.62
CA LEU M 642 81.97 -87.70 9.50
C LEU M 642 83.47 -87.68 9.28
N ALA M 643 84.11 -86.50 9.26
CA ALA M 643 85.56 -86.51 9.00
C ALA M 643 86.40 -86.71 10.26
N GLN M 644 85.78 -86.87 11.44
CA GLN M 644 86.58 -87.31 12.58
C GLN M 644 87.06 -88.75 12.42
N LEU M 645 86.36 -89.53 11.58
CA LEU M 645 86.77 -90.88 11.23
C LEU M 645 87.97 -90.85 10.30
N LEU M 646 88.12 -89.74 9.60
CA LEU M 646 88.97 -89.76 8.44
C LEU M 646 90.40 -89.38 8.80
N LEU M 647 90.67 -89.21 10.10
CA LEU M 647 92.04 -89.13 10.60
C LEU M 647 92.73 -90.48 10.65
N ARG M 648 92.16 -91.42 11.39
CA ARG M 648 92.82 -92.69 11.71
C ARG M 648 92.83 -93.60 10.47
N LEU M 649 91.85 -93.49 9.58
CA LEU M 649 91.78 -94.33 8.38
C LEU M 649 92.52 -93.70 7.21
N ASP M 650 93.17 -92.59 7.51
CA ASP M 650 94.29 -92.31 6.66
C ASP M 650 95.30 -93.42 6.79
N TYR M 651 95.67 -93.67 8.02
CA TYR M 651 96.78 -94.53 8.30
C TYR M 651 96.30 -96.00 8.49
N ASN M 652 95.06 -96.26 8.11
CA ASN M 652 94.51 -97.54 7.67
C ASN M 652 94.34 -98.64 8.74
N LYS M 653 94.45 -98.44 10.05
CA LYS M 653 94.09 -99.55 10.95
C LYS M 653 92.67 -99.38 11.52
N TYR M 654 91.80 -98.75 10.80
CA TYR M 654 90.45 -99.28 10.91
C TYR M 654 89.89 -99.55 9.52
N TYR M 655 90.70 -99.44 8.46
CA TYR M 655 90.41 -100.09 7.18
C TYR M 655 90.47 -101.60 7.26
N THR M 656 91.16 -102.14 8.25
CA THR M 656 91.25 -103.58 8.38
C THR M 656 90.13 -104.17 9.21
N GLN M 657 89.41 -103.33 9.95
CA GLN M 657 88.22 -103.76 10.65
C GLN M 657 87.00 -103.63 9.76
N LEU N 282 -35.46 -23.61 -2.64
CA LEU N 282 -35.11 -24.45 -1.49
C LEU N 282 -34.98 -25.90 -1.92
N TRP N 283 -35.90 -26.35 -2.77
CA TRP N 283 -35.83 -27.70 -3.33
C TRP N 283 -34.56 -27.88 -4.14
N GLU N 284 -34.16 -26.83 -4.84
CA GLU N 284 -33.01 -26.81 -5.73
C GLU N 284 -31.72 -26.57 -4.97
N ALA N 285 -31.81 -25.83 -3.86
CA ALA N 285 -30.69 -25.72 -2.94
C ALA N 285 -30.39 -27.08 -2.28
N ALA N 286 -31.46 -27.77 -1.85
CA ALA N 286 -31.29 -29.07 -1.19
C ALA N 286 -30.90 -30.15 -2.19
N LEU N 287 -31.23 -29.94 -3.47
CA LEU N 287 -30.98 -30.89 -4.54
C LEU N 287 -29.50 -31.22 -4.73
N THR N 288 -28.62 -30.29 -4.40
CA THR N 288 -27.19 -30.38 -4.72
C THR N 288 -26.41 -31.25 -3.73
N TYR N 289 -27.11 -32.15 -3.05
CA TYR N 289 -26.53 -33.02 -2.04
C TYR N 289 -25.93 -34.25 -2.72
N GLU N 290 -24.67 -34.55 -2.38
CA GLU N 290 -24.02 -35.76 -2.84
C GLU N 290 -24.22 -36.85 -1.80
N ALA N 291 -24.26 -38.10 -2.28
CA ALA N 291 -24.54 -39.22 -1.40
C ALA N 291 -23.55 -40.33 -1.72
N SER N 292 -23.45 -41.28 -0.78
CA SER N 292 -22.43 -42.32 -0.80
C SER N 292 -22.52 -43.19 -2.05
N LYS N 293 -21.35 -43.55 -2.57
CA LYS N 293 -21.23 -44.40 -3.74
C LYS N 293 -21.39 -45.87 -3.42
N ARG N 294 -21.58 -46.21 -2.14
CA ARG N 294 -21.63 -47.60 -1.73
C ARG N 294 -22.85 -48.28 -2.34
N ARG N 295 -22.60 -49.37 -3.06
CA ARG N 295 -23.66 -50.18 -3.63
C ARG N 295 -23.50 -51.58 -3.08
N CYS N 296 -24.55 -52.38 -3.23
CA CYS N 296 -24.39 -53.80 -2.95
C CYS N 296 -25.20 -54.59 -3.95
N TRP N 297 -24.76 -55.80 -4.20
CA TRP N 297 -25.48 -56.72 -5.07
C TRP N 297 -26.47 -57.55 -4.29
N GLU N 298 -26.71 -57.22 -3.01
CA GLU N 298 -27.87 -57.72 -2.29
C GLU N 298 -29.10 -56.85 -2.50
N ARG N 299 -28.93 -55.66 -3.08
CA ARG N 299 -30.02 -54.73 -3.32
C ARG N 299 -30.02 -54.29 -4.78
N VAL N 300 -31.21 -54.24 -5.38
CA VAL N 300 -31.33 -53.71 -6.74
C VAL N 300 -32.33 -52.55 -6.79
N GLY N 301 -33.29 -52.51 -5.86
CA GLY N 301 -34.34 -51.53 -5.95
C GLY N 301 -33.94 -50.22 -5.32
N CYS N 302 -33.23 -50.32 -4.21
CA CYS N 302 -32.57 -49.16 -3.63
C CYS N 302 -31.20 -49.60 -3.08
N PRO N 303 -30.14 -49.45 -3.85
CA PRO N 303 -28.79 -49.73 -3.32
C PRO N 303 -27.93 -48.49 -3.05
N PRO N 304 -28.36 -47.46 -2.27
CA PRO N 304 -27.47 -46.30 -2.16
C PRO N 304 -26.47 -46.40 -1.02
N GLY N 305 -26.41 -47.57 -0.37
CA GLY N 305 -25.45 -47.81 0.69
C GLY N 305 -25.89 -47.31 2.05
N HIS N 306 -25.31 -47.94 3.08
CA HIS N 306 -25.39 -47.43 4.44
C HIS N 306 -24.18 -47.76 5.33
N ARG N 307 -23.02 -48.13 4.76
CA ARG N 307 -21.77 -48.25 5.52
C ARG N 307 -21.63 -49.41 6.53
N GLU N 308 -20.93 -50.47 6.11
CA GLU N 308 -20.66 -51.74 6.80
C GLU N 308 -20.47 -51.70 8.32
N GLU N 309 -20.04 -50.54 8.94
CA GLU N 309 -19.84 -50.41 10.41
C GLU N 309 -18.76 -51.26 11.07
N PRO N 310 -17.69 -50.62 11.58
CA PRO N 310 -16.50 -51.30 12.13
C PRO N 310 -16.75 -52.43 13.13
N TYR N 311 -15.67 -53.14 13.44
CA TYR N 311 -15.71 -54.28 14.34
C TYR N 311 -14.82 -54.03 15.55
N LEU N 312 -14.80 -55.01 16.45
CA LEU N 312 -14.14 -54.80 17.75
C LEU N 312 -12.66 -55.08 17.77
N THR N 313 -11.94 -54.72 16.70
CA THR N 313 -10.49 -54.48 16.77
C THR N 313 -10.10 -53.34 15.85
N GLU N 314 -11.03 -52.47 15.48
CA GLU N 314 -10.72 -51.41 14.55
C GLU N 314 -11.04 -50.10 15.24
N ALA N 315 -12.17 -50.07 15.91
CA ALA N 315 -12.59 -48.89 16.65
C ALA N 315 -11.92 -48.86 18.02
N GLY N 316 -11.52 -47.66 18.43
CA GLY N 316 -10.98 -47.46 19.76
C GLY N 316 -11.36 -46.08 20.27
N ARG N 317 -11.06 -45.82 21.55
CA ARG N 317 -11.12 -44.56 22.30
C ARG N 317 -12.55 -44.11 22.63
N ASP N 318 -13.53 -44.70 21.95
CA ASP N 318 -14.92 -44.79 22.40
C ASP N 318 -15.25 -46.25 22.66
N ALA N 319 -14.91 -47.11 21.70
CA ALA N 319 -15.14 -48.55 21.84
C ALA N 319 -14.17 -49.16 22.85
N PHE N 320 -13.01 -48.51 23.06
CA PHE N 320 -12.09 -48.95 24.10
C PHE N 320 -12.72 -48.80 25.48
N ASP N 321 -13.39 -47.67 25.73
CA ASP N 321 -14.08 -47.47 26.99
C ASP N 321 -15.27 -48.43 27.14
N LYS N 322 -16.03 -48.62 26.06
CA LYS N 322 -17.16 -49.55 26.08
C LYS N 322 -16.71 -50.96 26.37
N PHE N 323 -15.66 -51.41 25.69
CA PHE N 323 -15.18 -52.77 25.84
C PHE N 323 -14.53 -52.98 27.19
N CYS N 324 -13.78 -51.99 27.67
CA CYS N 324 -13.21 -52.03 29.01
C CYS N 324 -14.31 -52.15 30.05
N ARG N 325 -15.39 -51.39 29.85
CA ARG N 325 -16.57 -51.46 30.71
C ARG N 325 -17.22 -52.85 30.65
N LEU N 326 -17.33 -53.39 29.44
CA LEU N 326 -17.90 -54.71 29.23
C LEU N 326 -17.05 -55.79 29.88
N HIS N 327 -15.75 -55.74 29.64
CA HIS N 327 -14.80 -56.68 30.23
C HIS N 327 -14.87 -56.63 31.76
N GLN N 328 -14.98 -55.42 32.31
CA GLN N 328 -15.05 -55.27 33.75
C GLN N 328 -16.32 -55.87 34.30
N GLY N 329 -17.48 -55.55 33.69
CA GLY N 329 -18.77 -56.01 34.22
C GLY N 329 -18.93 -57.51 34.11
N GLU N 330 -18.42 -58.07 33.02
CA GLU N 330 -18.31 -59.52 32.87
C GLU N 330 -17.50 -60.14 34.01
N LEU N 331 -16.36 -59.52 34.35
CA LEU N 331 -15.49 -60.07 35.38
C LEU N 331 -16.16 -60.09 36.75
N GLN N 332 -16.86 -58.99 37.09
CA GLN N 332 -17.53 -58.92 38.39
C GLN N 332 -18.71 -59.88 38.49
N LEU N 333 -19.42 -60.10 37.37
CA LEU N 333 -20.49 -61.09 37.40
C LEU N 333 -19.93 -62.50 37.52
N LEU N 334 -18.83 -62.77 36.81
CA LEU N 334 -18.20 -64.07 36.85
C LEU N 334 -17.52 -64.37 38.18
N ALA N 335 -17.21 -63.35 38.97
CA ALA N 335 -16.65 -63.55 40.30
C ALA N 335 -17.73 -63.76 41.35
N GLY N 336 -18.72 -62.87 41.40
CA GLY N 336 -19.77 -62.95 42.40
C GLY N 336 -20.15 -61.60 42.96
N GLY N 337 -19.29 -60.60 42.73
CA GLY N 337 -19.50 -59.27 43.27
C GLY N 337 -18.47 -58.92 44.32
N VAL N 338 -17.38 -59.70 44.34
CA VAL N 338 -16.26 -59.46 45.25
C VAL N 338 -15.02 -58.99 44.51
N LEU N 339 -15.08 -58.85 43.18
CA LEU N 339 -13.99 -58.33 42.37
C LEU N 339 -14.22 -56.85 42.02
N GLN N 340 -14.91 -56.13 42.91
CA GLN N 340 -15.30 -54.74 42.65
C GLN N 340 -14.10 -53.82 42.50
N ALA N 341 -14.12 -53.03 41.44
CA ALA N 341 -13.00 -52.16 41.08
C ALA N 341 -13.55 -51.01 40.26
N PRO N 342 -13.94 -49.91 40.90
CA PRO N 342 -14.65 -48.83 40.20
C PRO N 342 -13.80 -48.16 39.12
N GLN N 343 -14.49 -47.49 38.15
CA GLN N 343 -13.95 -46.73 37.02
C GLN N 343 -13.18 -47.49 35.93
N PRO N 344 -13.88 -47.99 34.87
CA PRO N 344 -13.18 -48.47 33.66
C PRO N 344 -12.63 -47.37 32.73
N VAL N 345 -12.46 -46.16 33.24
CA VAL N 345 -12.03 -44.98 32.48
C VAL N 345 -11.03 -44.26 33.40
N LEU N 346 -10.74 -42.95 33.16
CA LEU N 346 -9.84 -42.09 33.97
C LEU N 346 -8.35 -42.35 33.81
N VAL N 347 -7.65 -41.47 33.06
CA VAL N 347 -8.09 -40.07 33.00
C VAL N 347 -8.47 -39.61 31.62
N LYS N 348 -7.43 -39.49 30.80
CA LYS N 348 -7.47 -39.02 29.43
C LYS N 348 -6.09 -39.49 28.95
N GLU N 349 -5.56 -38.91 27.88
CA GLU N 349 -4.18 -39.16 27.49
C GLU N 349 -3.30 -38.02 27.99
N CYS N 350 -3.53 -36.78 27.53
CA CYS N 350 -2.67 -35.65 27.90
C CYS N 350 -2.82 -35.26 29.36
N GLU N 351 -4.04 -35.33 29.87
CA GLU N 351 -4.30 -35.01 31.27
C GLU N 351 -3.65 -36.04 32.18
N LEU N 352 -3.67 -37.31 31.75
CA LEU N 352 -3.00 -38.37 32.49
C LEU N 352 -1.48 -38.18 32.52
N VAL N 353 -0.90 -37.72 31.40
CA VAL N 353 0.54 -37.45 31.35
C VAL N 353 0.89 -36.29 32.28
N LYS N 354 0.04 -35.27 32.33
CA LYS N 354 0.28 -34.16 33.25
C LYS N 354 0.21 -34.61 34.71
N ASP N 355 -0.75 -35.49 35.04
CA ASP N 355 -0.83 -36.05 36.39
C ASP N 355 0.41 -36.88 36.74
N VAL N 356 0.87 -37.70 35.81
CA VAL N 356 2.09 -38.50 35.98
C VAL N 356 3.31 -37.61 36.20
N LEU N 357 3.40 -36.50 35.48
CA LEU N 357 4.48 -35.54 35.70
C LEU N 357 4.38 -34.90 37.08
N ASN N 358 3.15 -34.65 37.56
CA ASN N 358 2.98 -34.05 38.88
C ASN N 358 3.28 -35.03 40.00
N VAL N 359 3.20 -36.33 39.74
CA VAL N 359 3.56 -37.33 40.75
C VAL N 359 5.05 -37.24 41.09
N LEU N 360 5.89 -36.80 40.14
CA LEU N 360 7.30 -36.58 40.45
C LEU N 360 7.54 -35.37 41.34
N ILE N 361 6.57 -34.47 41.47
CA ILE N 361 6.70 -33.37 42.42
C ILE N 361 6.53 -33.90 43.85
N GLY N 362 5.71 -34.92 44.04
CA GLY N 362 5.51 -35.48 45.37
C GLY N 362 4.09 -35.86 45.70
N VAL N 363 3.19 -35.76 44.73
CA VAL N 363 1.80 -36.13 44.94
C VAL N 363 1.57 -37.54 44.44
N VAL N 364 0.46 -38.14 44.87
CA VAL N 364 0.09 -39.50 44.53
C VAL N 364 -1.30 -39.46 43.91
N SER N 365 -1.67 -40.55 43.23
CA SER N 365 -2.98 -40.47 42.60
C SER N 365 -4.13 -40.89 43.52
N ALA N 366 -4.43 -42.19 43.57
CA ALA N 366 -5.43 -42.69 44.51
C ALA N 366 -5.17 -44.15 44.87
N THR N 367 -4.25 -44.78 44.16
CA THR N 367 -3.92 -46.18 44.40
C THR N 367 -2.69 -46.32 45.28
N PHE N 368 -2.11 -45.18 45.66
CA PHE N 368 -0.99 -45.15 46.59
C PHE N 368 -1.27 -44.07 47.63
N SER N 369 -0.72 -44.28 48.82
CA SER N 369 -0.75 -43.28 49.88
C SER N 369 0.60 -43.32 50.58
N LEU N 370 1.32 -42.21 50.53
CA LEU N 370 2.61 -42.14 51.22
C LEU N 370 2.53 -41.14 52.37
N PRO N 390 -9.67 -48.02 30.44
CA PRO N 390 -8.30 -48.15 30.92
C PRO N 390 -8.16 -48.72 32.34
N GLU N 391 -7.44 -49.84 32.47
CA GLU N 391 -7.07 -50.39 33.78
C GLU N 391 -5.64 -50.95 33.76
N SER N 392 -5.01 -50.94 32.59
CA SER N 392 -3.58 -51.26 32.46
C SER N 392 -2.71 -50.05 32.80
N ILE N 393 -3.35 -48.92 33.12
CA ILE N 393 -2.68 -47.71 33.56
C ILE N 393 -1.96 -47.92 34.88
N SER N 394 -2.42 -48.89 35.69
CA SER N 394 -1.74 -49.20 36.93
C SER N 394 -0.34 -49.74 36.70
N SER N 395 -0.19 -50.60 35.70
CA SER N 395 1.12 -51.19 35.40
C SER N 395 2.07 -50.13 34.85
N LEU N 396 1.58 -49.27 33.95
CA LEU N 396 2.40 -48.18 33.43
C LEU N 396 2.71 -47.17 34.53
N LEU N 397 1.76 -46.97 35.44
CA LEU N 397 1.85 -45.90 36.42
C LEU N 397 2.79 -46.27 37.57
N SER N 398 2.86 -47.56 37.90
CA SER N 398 3.74 -48.01 38.98
C SER N 398 5.20 -47.73 38.65
N GLU N 399 5.56 -47.79 37.37
CA GLU N 399 6.93 -47.61 36.89
C GLU N 399 7.43 -46.19 37.12
N VAL N 400 6.54 -45.20 37.13
CA VAL N 400 6.94 -43.80 37.27
C VAL N 400 6.63 -43.35 38.70
N ALA N 401 5.66 -44.00 39.34
CA ALA N 401 5.34 -43.72 40.73
C ALA N 401 6.49 -44.13 41.65
N GLU N 402 7.09 -45.31 41.38
CA GLU N 402 8.23 -45.73 42.15
C GLU N 402 9.46 -44.86 41.91
N TYR N 403 9.51 -44.15 40.77
CA TYR N 403 10.57 -43.16 40.54
C TYR N 403 10.36 -41.93 41.43
N GLY N 404 9.12 -41.47 41.51
CA GLY N 404 8.81 -40.33 42.37
C GLY N 404 9.10 -40.61 43.84
N THR N 405 8.80 -41.83 44.29
CA THR N 405 8.99 -42.16 45.70
C THR N 405 10.46 -42.28 46.10
N CYS N 406 11.38 -42.53 45.15
CA CYS N 406 12.79 -42.48 45.51
C CYS N 406 13.40 -41.11 45.26
N TYR N 407 12.82 -40.32 44.36
CA TYR N 407 13.24 -38.92 44.22
C TYR N 407 12.98 -38.15 45.51
N THR N 408 11.84 -38.44 46.16
CA THR N 408 11.54 -37.81 47.45
C THR N 408 12.55 -38.22 48.53
N ARG N 409 12.93 -39.50 48.55
CA ARG N 409 13.93 -39.94 49.51
C ARG N 409 15.33 -39.49 49.18
N LEU N 410 15.57 -39.01 47.96
CA LEU N 410 16.82 -38.32 47.65
C LEU N 410 16.83 -36.87 48.10
N SER N 411 15.72 -36.16 47.88
CA SER N 411 15.65 -34.75 48.28
C SER N 411 15.64 -34.62 49.80
N HIS N 412 15.12 -35.64 50.49
CA HIS N 412 15.16 -35.68 51.95
C HIS N 412 16.58 -35.84 52.47
N PHE N 413 17.47 -36.44 51.68
CA PHE N 413 18.86 -36.66 52.06
C PHE N 413 19.79 -35.59 51.54
N SER N 414 19.33 -34.74 50.61
CA SER N 414 20.10 -33.59 50.16
C SER N 414 19.64 -32.31 50.84
N LEU N 415 18.81 -32.42 51.88
CA LEU N 415 18.34 -31.26 52.61
C LEU N 415 19.46 -30.58 53.39
N GLN N 416 20.44 -31.37 53.85
CA GLN N 416 21.57 -30.81 54.57
C GLN N 416 22.51 -30.08 53.59
N PRO N 417 23.24 -29.05 54.06
CA PRO N 417 24.08 -28.33 53.10
C PRO N 417 25.39 -29.06 52.77
N LYS N 425 29.30 -37.35 59.55
CA LYS N 425 29.54 -35.97 59.14
C LYS N 425 30.64 -35.89 58.09
N GLY N 426 31.43 -34.83 58.14
CA GLY N 426 32.55 -34.67 57.23
C GLY N 426 32.35 -33.48 56.30
N LEU N 427 33.47 -32.89 55.89
CA LEU N 427 33.44 -31.77 54.95
C LEU N 427 33.20 -32.25 53.53
N VAL N 428 33.87 -33.35 53.16
CA VAL N 428 33.72 -33.94 51.83
C VAL N 428 32.30 -34.47 51.63
N PHE N 429 31.63 -34.87 52.72
CA PHE N 429 30.24 -35.29 52.65
C PHE N 429 29.31 -34.13 52.33
N GLN N 430 29.63 -32.93 52.85
CA GLN N 430 28.87 -31.73 52.51
C GLN N 430 29.03 -31.37 51.03
N ALA N 431 30.27 -31.45 50.52
CA ALA N 431 30.50 -31.22 49.09
C ALA N 431 29.79 -32.26 48.24
N PHE N 432 29.73 -33.50 48.73
CA PHE N 432 29.03 -34.59 48.05
C PHE N 432 27.53 -34.32 47.96
N THR N 433 26.95 -33.79 49.03
CA THR N 433 25.54 -33.40 49.04
C THR N 433 25.25 -32.29 48.04
N SER N 434 26.11 -31.27 48.00
CA SER N 434 25.97 -30.19 47.02
C SER N 434 26.14 -30.68 45.59
N GLY N 435 26.94 -31.72 45.37
CA GLY N 435 27.05 -32.30 44.04
C GLY N 435 25.85 -33.14 43.65
N LEU N 436 25.20 -33.78 44.63
CA LEU N 436 23.94 -34.48 44.39
C LEU N 436 22.85 -33.50 43.95
N ARG N 437 22.88 -32.29 44.52
CA ARG N 437 21.90 -31.29 44.14
C ARG N 437 22.09 -30.78 42.71
N ARG N 438 23.28 -30.92 42.12
CA ARG N 438 23.46 -30.55 40.72
C ARG N 438 22.77 -31.51 39.75
N TYR N 439 22.44 -32.72 40.20
CA TYR N 439 21.59 -33.63 39.44
C TYR N 439 20.12 -33.39 39.72
N LEU N 440 19.79 -33.18 41.00
CA LEU N 440 18.40 -32.89 41.37
C LEU N 440 17.91 -31.59 40.71
N GLN N 441 18.83 -30.65 40.46
CA GLN N 441 18.49 -29.44 39.72
C GLN N 441 18.15 -29.73 38.27
N TYR N 442 18.83 -30.71 37.66
CA TYR N 442 18.46 -31.11 36.29
C TYR N 442 17.09 -31.77 36.29
N TYR N 443 16.82 -32.58 37.31
CA TYR N 443 15.51 -33.23 37.45
C TYR N 443 14.42 -32.20 37.69
N ARG N 444 14.75 -31.10 38.35
CA ARG N 444 13.77 -30.05 38.61
C ARG N 444 13.63 -29.09 37.44
N ALA N 445 14.67 -28.96 36.62
CA ALA N 445 14.55 -28.16 35.40
C ALA N 445 13.75 -28.89 34.34
N CYS N 446 13.93 -30.20 34.23
CA CYS N 446 13.23 -30.95 33.19
C CYS N 446 11.75 -31.15 33.54
N VAL N 447 11.45 -31.28 34.84
CA VAL N 447 10.07 -31.47 35.25
C VAL N 447 9.31 -30.16 35.04
N LEU N 448 8.10 -30.29 34.49
CA LEU N 448 7.17 -29.19 34.17
C LEU N 448 7.71 -28.22 33.12
N SER N 449 8.80 -28.57 32.42
CA SER N 449 9.26 -27.71 31.33
C SER N 449 9.36 -28.44 29.99
N THR N 450 10.10 -29.55 29.98
CA THR N 450 10.48 -30.23 28.73
C THR N 450 9.31 -30.77 27.89
N PRO N 451 8.33 -31.52 28.41
CA PRO N 451 7.32 -32.06 27.51
C PRO N 451 6.25 -31.02 27.19
N PRO N 452 5.80 -30.99 25.94
CA PRO N 452 4.51 -30.36 25.61
C PRO N 452 3.36 -31.36 25.74
N THR N 453 3.50 -32.35 26.63
CA THR N 453 2.69 -33.57 26.80
C THR N 453 2.82 -34.55 25.64
N LEU N 454 3.90 -35.33 25.64
CA LEU N 454 4.09 -36.54 24.84
C LEU N 454 3.00 -37.57 25.09
N SER N 455 3.02 -38.64 24.27
CA SER N 455 2.07 -39.72 24.45
C SER N 455 2.45 -40.58 25.65
N LEU N 456 1.53 -41.47 26.03
CA LEU N 456 1.63 -42.20 27.29
C LEU N 456 2.78 -43.19 27.30
N LEU N 457 2.99 -43.88 26.18
CA LEU N 457 4.01 -44.91 26.10
C LEU N 457 5.40 -44.29 26.00
N THR N 458 5.47 -43.06 25.47
CA THR N 458 6.73 -42.34 25.34
C THR N 458 7.31 -41.99 26.71
N ILE N 459 6.45 -41.79 27.71
CA ILE N 459 6.93 -41.48 29.05
C ILE N 459 7.64 -42.69 29.65
N GLY N 460 7.04 -43.88 29.48
CA GLY N 460 7.69 -45.09 29.95
C GLY N 460 8.98 -45.40 29.21
N PHE N 461 9.01 -45.10 27.91
CA PHE N 461 10.24 -45.38 27.16
C PHE N 461 11.33 -44.33 27.43
N LEU N 462 10.94 -43.07 27.58
CA LEU N 462 11.89 -41.98 27.75
C LEU N 462 12.51 -42.02 29.14
N PHE N 463 11.72 -42.37 30.15
CA PHE N 463 12.20 -42.52 31.52
C PHE N 463 12.64 -43.94 31.82
N LYS N 464 13.04 -44.69 30.81
CA LYS N 464 13.63 -46.01 31.01
C LYS N 464 15.15 -45.91 31.08
N LYS N 465 15.76 -45.28 30.08
CA LYS N 465 17.19 -45.01 30.10
C LYS N 465 17.54 -43.93 31.12
N LEU N 466 16.58 -43.09 31.49
CA LEU N 466 16.79 -42.05 32.48
C LEU N 466 16.34 -42.47 33.88
N GLY N 467 15.32 -43.33 33.99
CA GLY N 467 14.87 -43.76 35.30
C GLY N 467 15.81 -44.76 35.95
N ARG N 468 16.53 -45.54 35.12
CA ARG N 468 17.50 -46.50 35.63
C ARG N 468 18.65 -45.81 36.35
N GLN N 469 19.06 -44.64 35.85
CA GLN N 469 20.11 -43.86 36.51
C GLN N 469 19.63 -43.31 37.86
N LEU N 470 18.34 -42.93 37.92
CA LEU N 470 17.74 -42.53 39.19
C LEU N 470 17.72 -43.69 40.17
N ARG N 471 17.47 -44.91 39.68
CA ARG N 471 17.58 -46.10 40.53
C ARG N 471 19.01 -46.33 41.01
N TYR N 472 19.99 -46.02 40.16
CA TYR N 472 21.39 -46.17 40.56
C TYR N 472 21.75 -45.21 41.68
N LEU N 473 21.24 -43.97 41.61
CA LEU N 473 21.47 -43.04 42.71
C LEU N 473 20.65 -43.40 43.95
N ALA N 474 19.56 -44.15 43.78
CA ALA N 474 18.87 -44.69 44.96
C ALA N 474 19.70 -45.78 45.63
N GLU N 475 20.40 -46.60 44.83
CA GLU N 475 21.30 -47.59 45.39
C GLU N 475 22.51 -46.94 46.05
N LEU N 476 22.95 -45.80 45.51
CA LEU N 476 24.14 -45.12 46.03
C LEU N 476 23.89 -44.59 47.44
N CYS N 477 22.80 -43.86 47.63
CA CYS N 477 22.54 -43.26 48.93
C CYS N 477 21.99 -44.30 49.91
N GLY N 478 22.17 -44.02 51.20
CA GLY N 478 21.67 -44.93 52.22
C GLY N 478 20.16 -44.89 52.35
N VAL N 479 19.58 -43.69 52.29
CA VAL N 479 18.13 -43.55 52.31
C VAL N 479 17.61 -43.41 50.89
N ALA N 494 25.15 -49.76 58.41
CA ALA N 494 24.76 -48.39 58.11
C ALA N 494 25.18 -48.01 56.70
N PHE N 495 25.43 -46.72 56.49
CA PHE N 495 25.94 -46.20 55.24
C PHE N 495 27.11 -45.28 55.57
N PRO N 496 28.26 -45.45 54.91
CA PRO N 496 29.45 -44.65 55.26
C PRO N 496 29.29 -43.16 55.08
N THR N 497 30.12 -42.42 55.80
CA THR N 497 30.10 -40.96 55.80
C THR N 497 31.54 -40.46 55.90
N GLY N 498 31.78 -39.27 55.34
CA GLY N 498 33.11 -38.69 55.43
C GLY N 498 34.10 -39.22 54.41
N VAL N 499 35.37 -39.26 54.83
CA VAL N 499 36.46 -39.71 53.97
C VAL N 499 36.34 -41.22 53.67
N LYS N 500 35.72 -41.97 54.58
CA LYS N 500 35.37 -43.37 54.29
C LYS N 500 34.45 -43.48 53.09
N LEU N 501 33.45 -42.59 53.00
CA LEU N 501 32.60 -42.54 51.81
C LEU N 501 33.36 -42.02 50.59
N LEU N 502 34.28 -41.07 50.77
CA LEU N 502 35.10 -40.59 49.65
C LEU N 502 35.99 -41.69 49.07
N SER N 503 36.54 -42.56 49.91
CA SER N 503 37.37 -43.67 49.48
C SER N 503 36.56 -44.79 48.84
N TYR N 504 35.38 -45.07 49.42
CA TYR N 504 34.45 -46.02 48.81
C TYR N 504 34.05 -45.54 47.41
N LEU N 505 33.65 -44.27 47.31
CA LEU N 505 33.29 -43.66 46.04
C LEU N 505 34.46 -43.61 45.07
N TYR N 506 35.70 -43.58 45.59
CA TYR N 506 36.86 -43.71 44.72
C TYR N 506 36.94 -45.11 44.11
N GLN N 507 36.70 -46.15 44.92
CA GLN N 507 36.70 -47.50 44.35
C GLN N 507 35.52 -47.76 43.41
N GLU N 508 34.43 -47.01 43.57
CA GLU N 508 33.29 -47.11 42.66
C GLU N 508 33.58 -46.59 41.26
N ALA N 509 34.70 -45.90 41.06
CA ALA N 509 35.15 -45.56 39.72
C ALA N 509 35.75 -46.77 39.02
N LEU N 510 36.66 -47.46 39.72
CA LEU N 510 37.36 -48.60 39.14
C LEU N 510 36.43 -49.78 38.94
N HIS N 511 35.38 -49.90 39.76
CA HIS N 511 34.46 -51.02 39.59
C HIS N 511 33.64 -50.91 38.31
N ASN N 512 33.18 -49.71 37.96
CA ASN N 512 32.39 -49.52 36.75
C ASN N 512 32.84 -48.23 36.09
N CYS N 513 33.66 -48.35 35.03
CA CYS N 513 34.12 -47.18 34.29
C CYS N 513 33.69 -47.24 32.82
N SER N 514 32.78 -48.14 32.48
CA SER N 514 32.37 -48.35 31.10
C SER N 514 30.88 -48.16 30.86
N ASN N 515 30.03 -48.43 31.85
CA ASN N 515 28.61 -48.23 31.70
C ASN N 515 28.26 -46.75 31.85
N GLU N 516 26.99 -46.43 31.60
CA GLU N 516 26.47 -45.07 31.54
C GLU N 516 26.37 -44.39 32.90
N HIS N 517 26.59 -45.10 33.99
CA HIS N 517 26.58 -44.50 35.32
C HIS N 517 27.94 -43.93 35.72
N TYR N 518 28.88 -43.89 34.80
CA TYR N 518 30.24 -43.41 35.02
C TYR N 518 30.40 -41.88 35.06
N PRO N 519 29.79 -41.08 34.15
CA PRO N 519 29.96 -39.61 34.31
C PRO N 519 29.30 -39.04 35.55
N VAL N 520 28.20 -39.64 36.01
CA VAL N 520 27.53 -39.17 37.22
C VAL N 520 28.40 -39.40 38.44
N LEU N 521 28.99 -40.60 38.54
CA LEU N 521 29.89 -40.92 39.64
C LEU N 521 31.14 -40.07 39.61
N LEU N 522 31.69 -39.84 38.41
CA LEU N 522 32.87 -38.98 38.28
C LEU N 522 32.55 -37.54 38.66
N SER N 523 31.35 -37.06 38.30
CA SER N 523 30.97 -35.69 38.63
C SER N 523 30.76 -35.50 40.13
N LEU N 524 30.29 -36.55 40.83
CA LEU N 524 30.24 -36.46 42.29
C LEU N 524 31.65 -36.47 42.90
N LEU N 525 32.48 -37.42 42.46
CA LEU N 525 33.81 -37.62 43.05
C LEU N 525 34.73 -36.44 42.76
N LYS N 526 34.53 -35.76 41.64
CA LYS N 526 35.42 -34.69 41.21
C LYS N 526 35.30 -33.45 42.09
N THR N 527 34.12 -33.19 42.64
CA THR N 527 33.96 -32.10 43.59
C THR N 527 33.99 -32.55 45.04
N SER N 528 33.88 -33.85 45.31
CA SER N 528 34.05 -34.33 46.67
C SER N 528 35.51 -34.40 47.10
N CYS N 529 36.46 -34.26 46.17
CA CYS N 529 37.87 -34.30 46.51
C CYS N 529 38.47 -32.90 46.61
N GLU N 530 37.65 -31.87 46.52
CA GLU N 530 38.14 -30.49 46.66
C GLU N 530 38.72 -30.17 48.06
N PRO N 531 38.08 -30.50 49.20
CA PRO N 531 38.72 -30.13 50.48
C PRO N 531 39.91 -31.02 50.86
N TYR N 532 39.86 -32.30 50.49
CA TYR N 532 40.91 -33.23 50.88
C TYR N 532 42.24 -32.90 50.20
N THR N 533 42.18 -32.36 48.98
CA THR N 533 43.41 -31.94 48.31
C THR N 533 43.98 -30.68 48.94
N ARG N 534 43.11 -29.82 49.48
CA ARG N 534 43.60 -28.61 50.14
C ARG N 534 44.31 -28.96 51.44
N PHE N 535 43.78 -29.96 52.17
CA PHE N 535 44.42 -30.42 53.40
C PHE N 535 45.86 -30.86 53.16
N ILE N 536 46.06 -31.60 52.08
CA ILE N 536 47.39 -32.07 51.72
C ILE N 536 48.28 -30.90 51.28
N HIS N 537 47.68 -29.88 50.68
CA HIS N 537 48.46 -28.74 50.21
C HIS N 537 48.76 -27.71 51.33
N ASP N 538 48.39 -27.99 52.57
CA ASP N 538 48.70 -27.07 53.67
C ASP N 538 49.90 -27.52 54.50
N TRP N 539 49.82 -28.74 55.04
CA TRP N 539 50.83 -29.31 55.93
C TRP N 539 52.17 -29.55 55.26
N VAL N 540 52.23 -29.49 53.93
CA VAL N 540 53.42 -29.75 53.14
C VAL N 540 54.08 -28.44 52.76
N TYR N 541 53.29 -27.38 52.60
CA TYR N 541 53.78 -26.11 52.08
C TYR N 541 53.91 -25.03 53.14
N SER N 542 53.29 -25.21 54.31
CA SER N 542 53.44 -24.26 55.40
C SER N 542 53.50 -24.99 56.73
N GLY N 543 53.32 -26.31 56.70
CA GLY N 543 53.34 -27.12 57.91
C GLY N 543 52.18 -26.82 58.83
N VAL N 544 51.02 -26.50 58.26
CA VAL N 544 49.80 -26.31 59.02
C VAL N 544 49.05 -27.63 58.98
N PHE N 545 49.03 -28.32 60.12
CA PHE N 545 48.23 -29.53 60.28
C PHE N 545 46.75 -29.18 60.20
N ARG N 546 45.99 -30.06 59.56
CA ARG N 546 44.56 -29.84 59.41
C ARG N 546 43.79 -31.05 59.93
N ASP N 547 42.64 -30.77 60.51
CA ASP N 547 41.80 -31.79 61.13
C ASP N 547 40.37 -31.31 60.99
N ALA N 548 39.56 -32.02 60.21
CA ALA N 548 38.19 -31.58 59.98
C ALA N 548 37.28 -32.01 61.13
N TYR N 549 37.10 -33.31 61.29
CA TYR N 549 36.31 -33.86 62.39
C TYR N 549 36.91 -35.15 62.93
N GLY N 550 38.12 -35.51 62.52
CA GLY N 550 38.71 -36.80 62.81
C GLY N 550 38.78 -37.73 61.61
N GLU N 551 38.50 -37.23 60.41
CA GLU N 551 38.40 -38.04 59.21
C GLU N 551 39.64 -37.94 58.32
N PHE N 552 40.58 -37.06 58.67
CA PHE N 552 41.82 -36.93 57.92
C PHE N 552 42.61 -38.24 57.98
N MET N 553 43.25 -38.57 56.84
CA MET N 553 43.94 -39.84 56.69
C MET N 553 45.09 -39.98 57.69
N ILE N 554 45.77 -38.87 57.97
CA ILE N 554 46.78 -38.82 59.02
C ILE N 554 46.09 -38.44 60.32
N GLN N 555 46.15 -39.32 61.30
CA GLN N 555 45.47 -39.03 62.57
C GLN N 555 46.42 -38.28 63.51
N VAL N 556 45.86 -37.85 64.64
CA VAL N 556 46.63 -37.10 65.60
C VAL N 556 47.12 -38.07 66.69
N LYS N 566 65.21 -37.00 70.02
CA LYS N 566 63.93 -37.59 70.41
C LYS N 566 63.29 -38.29 69.21
N LEU N 567 62.02 -37.96 68.93
CA LEU N 567 61.39 -38.42 67.70
C LEU N 567 60.62 -37.32 66.98
N TYR N 568 60.25 -36.25 67.72
CA TYR N 568 59.64 -35.02 67.19
C TYR N 568 58.40 -35.30 66.33
N TRP N 569 57.52 -36.16 66.84
CA TRP N 569 56.23 -36.40 66.21
C TRP N 569 55.14 -36.18 67.25
N THR N 570 54.09 -35.45 66.87
CA THR N 570 52.87 -35.37 67.65
C THR N 570 51.67 -35.85 66.84
N HIS N 571 51.91 -36.75 65.89
CA HIS N 571 50.87 -37.20 64.97
C HIS N 571 50.98 -38.71 64.80
N GLY N 572 49.82 -39.34 64.58
CA GLY N 572 49.74 -40.75 64.34
C GLY N 572 49.47 -41.07 62.88
N TYR N 573 49.93 -42.25 62.48
CA TYR N 573 49.63 -42.70 61.13
C TYR N 573 49.19 -44.16 61.12
N VAL N 574 49.84 -44.97 61.95
CA VAL N 574 49.66 -46.41 61.92
C VAL N 574 48.50 -46.82 62.82
N VAL N 586 40.27 -45.38 47.74
CA VAL N 586 41.38 -45.12 48.66
C VAL N 586 42.43 -44.36 47.85
N PHE N 587 43.38 -43.74 48.54
CA PHE N 587 44.44 -42.95 47.93
C PHE N 587 45.72 -43.76 47.86
N LEU N 588 46.66 -43.26 47.07
CA LEU N 588 47.92 -43.97 46.83
C LEU N 588 48.72 -44.05 48.12
N LYS N 589 48.83 -45.26 48.70
CA LYS N 589 49.57 -45.44 49.93
C LYS N 589 51.06 -45.25 49.72
N HIS N 590 51.53 -45.30 48.46
CA HIS N 590 52.91 -45.05 48.10
C HIS N 590 53.39 -43.65 48.47
N ILE N 591 52.47 -42.68 48.53
CA ILE N 591 52.79 -41.31 48.90
C ILE N 591 52.17 -40.93 50.25
N ALA N 592 51.28 -41.78 50.77
CA ALA N 592 50.60 -41.53 52.04
C ALA N 592 51.59 -41.45 53.21
N HIS N 593 52.49 -42.43 53.30
CA HIS N 593 53.49 -42.38 54.36
C HIS N 593 54.56 -41.33 54.10
N ASP N 594 54.70 -40.86 52.85
CA ASP N 594 55.61 -39.76 52.59
C ASP N 594 55.07 -38.45 53.16
N ILE N 595 53.75 -38.29 53.12
CA ILE N 595 53.12 -37.08 53.68
C ILE N 595 53.33 -37.01 55.19
N TYR N 596 53.35 -38.18 55.86
CA TYR N 596 53.50 -38.26 57.31
C TYR N 596 54.82 -37.69 57.78
N VAL N 597 55.88 -37.88 57.01
CA VAL N 597 57.17 -37.32 57.37
C VAL N 597 57.35 -35.93 56.74
N CYS N 598 56.61 -35.61 55.67
CA CYS N 598 56.85 -34.35 54.98
C CYS N 598 56.31 -33.14 55.74
N GLY N 599 55.46 -33.34 56.73
CA GLY N 599 54.94 -32.23 57.51
C GLY N 599 55.85 -31.85 58.65
N LYS N 600 56.42 -32.86 59.32
CA LYS N 600 57.32 -32.60 60.45
C LYS N 600 58.65 -32.01 59.99
N THR N 601 59.02 -32.22 58.73
CA THR N 601 60.22 -31.62 58.21
C THR N 601 60.04 -30.10 58.04
N ILE N 602 58.84 -29.68 57.66
CA ILE N 602 58.52 -28.26 57.58
C ILE N 602 58.55 -27.63 58.96
N ASN N 603 57.96 -28.32 59.94
CA ASN N 603 57.98 -27.87 61.33
C ASN N 603 59.39 -27.84 61.90
N LEU N 604 60.27 -28.71 61.43
CA LEU N 604 61.68 -28.62 61.81
C LEU N 604 62.35 -27.41 61.16
N LEU N 605 61.95 -27.09 59.93
CA LEU N 605 62.43 -25.87 59.28
C LEU N 605 61.86 -24.61 59.90
N LYS N 606 60.80 -24.73 60.68
CA LYS N 606 60.29 -23.56 61.39
C LYS N 606 61.23 -23.14 62.51
N LEU N 607 61.93 -24.10 63.12
CA LEU N 607 62.89 -23.77 64.16
C LEU N 607 64.16 -23.15 63.58
N CYS N 608 64.40 -23.38 62.29
CA CYS N 608 65.52 -22.80 61.55
C CYS N 608 65.51 -21.26 61.50
N VAL N 1482 41.26 -45.76 34.01
CA VAL N 1482 41.67 -45.88 35.40
C VAL N 1482 41.59 -44.50 36.05
N LEU N 1483 41.18 -44.48 37.31
CA LEU N 1483 41.18 -43.25 38.10
C LEU N 1483 42.38 -43.33 39.03
N MET N 1484 43.45 -42.64 38.66
CA MET N 1484 44.65 -42.53 39.47
C MET N 1484 45.31 -41.21 39.12
N LYS N 1485 46.32 -40.86 39.90
CA LYS N 1485 47.06 -39.64 39.63
C LYS N 1485 47.98 -39.86 38.44
N ARG N 1486 47.87 -38.98 37.44
CA ARG N 1486 48.82 -38.93 36.37
C ARG N 1486 49.63 -37.64 36.35
N SER N 1487 49.06 -36.53 36.84
CA SER N 1487 49.78 -35.27 36.88
C SER N 1487 49.49 -34.49 38.16
N ILE N 1488 49.18 -35.19 39.25
CA ILE N 1488 48.97 -34.51 40.53
C ILE N 1488 50.02 -35.02 41.51
N THR N 1489 50.41 -36.29 41.36
CA THR N 1489 51.47 -36.80 42.21
C THR N 1489 52.84 -36.32 41.75
N ALA N 1490 52.98 -35.96 40.47
CA ALA N 1490 54.25 -35.43 39.99
C ALA N 1490 54.60 -34.06 40.60
N PRO N 1491 53.71 -33.06 40.65
CA PRO N 1491 54.08 -31.83 41.39
C PRO N 1491 54.08 -31.96 42.90
N LEU N 1492 53.80 -33.15 43.44
CA LEU N 1492 53.79 -33.45 44.87
C LEU N 1492 55.04 -34.20 45.31
N ALA N 1493 55.31 -35.31 44.62
CA ALA N 1493 56.55 -36.04 44.79
C ALA N 1493 57.76 -35.24 44.32
N ALA N 1494 57.57 -34.22 43.48
CA ALA N 1494 58.67 -33.33 43.14
C ALA N 1494 59.10 -32.47 44.33
N HIS N 1495 58.19 -32.21 45.27
CA HIS N 1495 58.45 -31.28 46.36
C HIS N 1495 58.90 -31.97 47.65
N ILE N 1496 58.48 -33.23 47.85
CA ILE N 1496 58.88 -33.98 49.05
C ILE N 1496 60.41 -34.07 49.18
N SER N 1497 61.09 -34.38 48.07
CA SER N 1497 62.54 -34.56 48.10
C SER N 1497 63.28 -33.24 48.27
N LEU N 1498 62.75 -32.17 47.68
CA LEU N 1498 63.30 -30.83 47.88
C LEU N 1498 63.28 -30.44 49.35
N VAL N 1499 62.18 -30.76 50.04
CA VAL N 1499 62.05 -30.47 51.46
C VAL N 1499 63.05 -31.30 52.29
N ASN N 1500 63.20 -32.58 51.91
CA ASN N 1500 64.16 -33.46 52.60
C ASN N 1500 65.60 -32.96 52.44
N LYS N 1501 65.97 -32.55 51.23
CA LYS N 1501 67.32 -32.06 50.97
C LYS N 1501 67.60 -30.77 51.74
N ALA N 1502 66.59 -29.89 51.82
CA ALA N 1502 66.74 -28.67 52.61
C ALA N 1502 66.92 -28.94 54.10
N ALA N 1503 66.34 -30.02 54.64
CA ALA N 1503 66.60 -30.33 56.05
C ALA N 1503 67.99 -30.93 56.27
N VAL N 1504 68.38 -31.89 55.41
CA VAL N 1504 69.62 -32.62 55.62
C VAL N 1504 70.82 -31.70 55.44
N ASP N 1505 70.75 -30.79 54.45
CA ASP N 1505 71.81 -29.80 54.27
C ASP N 1505 71.89 -28.84 55.45
N TYR N 1506 70.74 -28.56 56.06
CA TYR N 1506 70.68 -27.66 57.20
C TYR N 1506 71.39 -28.24 58.42
N PHE N 1507 71.35 -29.56 58.56
CA PHE N 1507 72.17 -30.20 59.58
C PHE N 1507 73.65 -29.88 59.41
N PHE N 1508 74.18 -30.15 58.21
CA PHE N 1508 75.62 -30.17 58.00
C PHE N 1508 76.20 -28.77 57.97
N VAL N 1509 75.74 -27.93 57.03
CA VAL N 1509 76.47 -26.68 56.77
C VAL N 1509 76.26 -25.63 57.85
N GLU N 1510 75.38 -25.87 58.82
CA GLU N 1510 75.24 -24.96 59.94
C GLU N 1510 75.55 -25.57 61.29
N LEU N 1511 75.12 -26.81 61.54
CA LEU N 1511 75.22 -27.39 62.87
C LEU N 1511 76.39 -28.35 63.00
N HIS N 1512 77.01 -28.72 61.88
CA HIS N 1512 78.24 -29.53 61.82
C HIS N 1512 78.03 -30.91 62.46
N LEU N 1513 77.02 -31.61 61.93
CA LEU N 1513 76.79 -33.01 62.24
C LEU N 1513 77.95 -33.89 61.77
N GLU N 1514 78.64 -33.47 60.70
CA GLU N 1514 79.83 -34.14 60.21
C GLU N 1514 80.97 -34.10 61.22
N ALA N 1515 81.00 -33.10 62.10
CA ALA N 1515 82.09 -33.00 63.07
C ALA N 1515 81.97 -34.06 64.16
N HIS N 1516 80.74 -34.44 64.51
CA HIS N 1516 80.50 -35.35 65.64
C HIS N 1516 81.02 -36.75 65.36
N TYR N 1517 80.87 -37.21 64.12
CA TYR N 1517 81.33 -38.55 63.74
C TYR N 1517 82.84 -38.67 63.83
N GLU N 1518 83.55 -37.74 63.18
CA GLU N 1518 85.01 -37.69 63.24
C GLU N 1518 85.53 -37.18 64.58
N ALA N 1519 84.67 -36.77 65.50
CA ALA N 1519 85.07 -36.52 66.88
C ALA N 1519 84.95 -37.76 67.76
N LEU N 1520 83.87 -38.53 67.62
CA LEU N 1520 83.73 -39.75 68.42
C LEU N 1520 84.70 -40.83 67.94
N ARG N 1521 85.08 -40.79 66.66
CA ARG N 1521 86.14 -41.66 66.17
C ARG N 1521 87.46 -41.40 66.90
N HIS N 1522 87.72 -40.14 67.24
CA HIS N 1522 88.93 -39.69 67.91
C HIS N 1522 88.97 -40.00 69.40
N PHE N 1523 87.81 -40.09 70.05
CA PHE N 1523 87.80 -40.18 71.51
C PHE N 1523 87.12 -41.45 72.00
N LEU N 1524 85.90 -41.69 71.54
CA LEU N 1524 85.13 -42.83 72.00
C LEU N 1524 85.58 -44.12 71.34
N LEU N 1525 86.16 -44.03 70.15
CA LEU N 1525 86.82 -45.14 69.49
C LEU N 1525 88.32 -44.95 69.36
N MET N 1526 88.86 -43.83 69.85
CA MET N 1526 90.29 -43.56 70.00
C MET N 1526 91.10 -43.52 68.71
N GLU N 1527 91.01 -42.42 67.96
CA GLU N 1527 91.95 -42.20 66.87
C GLU N 1527 92.93 -41.07 67.20
N ASP N 1528 92.66 -40.31 68.27
CA ASP N 1528 93.58 -39.29 68.75
C ASP N 1528 94.72 -39.97 69.50
N GLY N 1529 95.94 -39.46 69.32
CA GLY N 1529 97.13 -40.16 69.80
C GLY N 1529 97.91 -39.38 70.85
N GLU N 1530 98.53 -40.13 71.76
CA GLU N 1530 98.88 -39.71 73.12
C GLU N 1530 97.66 -39.14 73.86
N PHE N 1531 96.49 -39.67 73.50
CA PHE N 1531 95.23 -39.57 74.21
C PHE N 1531 94.84 -40.93 74.78
N ALA N 1532 94.83 -41.96 73.92
CA ALA N 1532 94.75 -43.33 74.41
C ALA N 1532 95.98 -43.70 75.22
N GLN N 1533 97.15 -43.18 74.83
CA GLN N 1533 98.37 -43.38 75.58
C GLN N 1533 98.48 -42.49 76.81
N SER N 1534 97.49 -41.64 77.07
CA SER N 1534 97.48 -40.80 78.26
C SER N 1534 96.32 -41.10 79.21
N LEU N 1535 95.08 -41.24 78.69
CA LEU N 1535 93.90 -41.40 79.54
C LEU N 1535 93.94 -42.72 80.30
N SER N 1536 94.08 -43.84 79.56
CA SER N 1536 94.16 -45.15 80.18
C SER N 1536 95.41 -45.27 81.05
N ASP N 1537 96.52 -44.66 80.61
CA ASP N 1537 97.77 -44.71 81.36
C ASP N 1537 97.64 -44.01 82.71
N LEU N 1538 96.91 -42.89 82.75
CA LEU N 1538 96.73 -42.20 84.03
C LEU N 1538 95.72 -42.93 84.90
N LEU N 1539 94.68 -43.51 84.29
CA LEU N 1539 93.67 -44.25 85.05
C LEU N 1539 94.26 -45.50 85.69
N PHE N 1540 95.16 -46.18 84.98
CA PHE N 1540 95.60 -47.51 85.42
C PHE N 1540 96.65 -47.44 86.51
N GLU N 1541 97.08 -46.24 86.90
CA GLU N 1541 97.95 -46.10 88.07
C GLU N 1541 97.22 -46.44 89.36
N LYS N 1542 95.90 -46.26 89.38
CA LYS N 1542 95.12 -46.56 90.57
C LYS N 1542 94.93 -48.06 90.73
N LEU N 1543 94.37 -48.72 89.72
CA LEU N 1543 94.29 -50.18 89.74
C LEU N 1543 95.67 -50.77 89.49
N PRO N 1549 89.83 -53.02 93.18
CA PRO N 1549 90.66 -51.86 93.50
C PRO N 1549 90.21 -51.12 94.75
N GLY N 1550 91.11 -50.38 95.36
CA GLY N 1550 90.76 -49.53 96.48
C GLY N 1550 90.61 -48.09 96.03
N GLU N 1551 91.11 -47.80 94.84
CA GLU N 1551 91.04 -46.48 94.24
C GLU N 1551 90.19 -46.52 92.98
N LEU N 1552 90.07 -45.36 92.34
CA LEU N 1552 89.13 -45.04 91.26
C LEU N 1552 87.69 -45.27 91.75
N LEU N 1553 87.46 -44.99 93.02
CA LEU N 1553 86.11 -45.01 93.61
C LEU N 1553 85.48 -43.64 93.69
N ASN N 1554 86.26 -42.61 94.01
CA ASN N 1554 85.54 -41.34 93.99
C ASN N 1554 85.44 -40.82 92.56
N PRO N 1555 84.30 -40.23 92.21
CA PRO N 1555 84.18 -39.53 90.93
C PRO N 1555 84.65 -38.09 91.08
N LEU N 1556 85.91 -37.96 91.45
CA LEU N 1556 86.59 -36.68 91.56
C LEU N 1556 87.99 -36.76 90.99
N VAL N 1557 88.47 -37.97 90.69
CA VAL N 1557 89.74 -38.15 90.01
C VAL N 1557 89.54 -38.74 88.61
N LEU N 1558 88.51 -39.57 88.42
CA LEU N 1558 88.17 -40.01 87.07
C LEU N 1558 87.32 -38.98 86.34
N ASN N 1559 86.64 -38.11 87.08
CA ASN N 1559 85.92 -36.98 86.52
C ASN N 1559 86.84 -35.85 86.10
N SER N 1560 88.11 -35.88 86.48
CA SER N 1560 89.04 -34.80 86.18
C SER N 1560 90.14 -35.21 85.22
N VAL N 1561 90.36 -36.52 85.06
CA VAL N 1561 91.53 -36.99 84.33
C VAL N 1561 91.34 -36.85 82.82
N LEU N 1562 90.09 -36.87 82.35
CA LEU N 1562 89.82 -36.69 80.93
C LEU N 1562 90.14 -35.27 80.47
N SER N 1563 89.84 -34.30 81.33
CA SER N 1563 90.20 -32.91 81.09
C SER N 1563 91.71 -32.68 81.10
N LYS N 1564 92.47 -33.56 81.77
CA LYS N 1564 93.92 -33.48 81.69
C LYS N 1564 94.47 -34.25 80.49
N ALA N 1565 93.74 -35.26 80.01
CA ALA N 1565 94.17 -36.01 78.85
C ALA N 1565 94.00 -35.21 77.56
N LEU N 1566 92.93 -34.41 77.49
CA LEU N 1566 92.66 -33.65 76.27
C LEU N 1566 93.69 -32.54 76.03
N GLN N 1567 94.31 -32.01 77.10
CA GLN N 1567 95.40 -31.07 76.93
C GLN N 1567 96.66 -31.77 76.44
N CYS N 1568 96.85 -33.03 76.84
CA CYS N 1568 98.05 -33.81 76.59
C CYS N 1568 98.02 -34.49 75.22
N SER N 1569 96.99 -34.24 74.43
CA SER N 1569 96.90 -34.78 73.08
C SER N 1569 97.10 -33.73 72.00
N LEU N 1570 96.81 -32.45 72.30
CA LEU N 1570 97.00 -31.30 71.41
C LEU N 1570 96.20 -31.45 70.12
N HIS N 1571 95.05 -32.09 70.24
CA HIS N 1571 94.00 -32.04 69.23
C HIS N 1571 92.68 -31.90 69.99
N GLY N 1572 92.80 -31.82 71.31
CA GLY N 1572 91.65 -31.68 72.18
C GLY N 1572 91.31 -30.22 72.44
N ASP N 1573 90.55 -30.01 73.51
CA ASP N 1573 89.96 -28.75 74.00
C ASP N 1573 88.97 -28.14 73.00
N THR N 1574 88.55 -28.88 71.98
CA THR N 1574 87.51 -28.42 71.08
C THR N 1574 86.16 -28.44 71.81
N PRO N 1575 85.20 -27.61 71.38
CA PRO N 1575 83.86 -27.68 72.00
C PRO N 1575 83.09 -28.97 71.73
N HIS N 1576 83.57 -29.82 70.84
CA HIS N 1576 82.99 -31.14 70.64
C HIS N 1576 83.56 -32.17 71.61
N ALA N 1577 84.76 -31.93 72.15
CA ALA N 1577 85.26 -32.67 73.29
C ALA N 1577 84.73 -32.13 74.61
N SER N 1578 83.83 -31.16 74.55
CA SER N 1578 83.05 -30.73 75.69
C SER N 1578 81.79 -31.58 75.76
N ASN N 1579 81.26 -31.75 76.97
CA ASN N 1579 80.16 -32.63 77.37
C ASN N 1579 80.56 -34.10 77.27
N LEU N 1580 81.86 -34.38 77.32
CA LEU N 1580 82.34 -35.76 77.43
C LEU N 1580 82.32 -36.15 78.90
N SER N 1581 81.35 -36.96 79.30
CA SER N 1581 81.23 -37.41 80.67
C SER N 1581 81.86 -38.79 80.80
N LEU N 1582 82.79 -38.93 81.75
CA LEU N 1582 83.42 -40.19 82.07
C LEU N 1582 82.95 -40.56 83.47
N ALA N 1583 82.05 -41.55 83.56
CA ALA N 1583 81.47 -41.97 84.82
C ALA N 1583 81.19 -43.46 84.81
N LEU N 1584 81.21 -44.06 85.99
CA LEU N 1584 80.92 -45.47 86.18
C LEU N 1584 79.46 -45.66 86.58
N LYS N 1585 78.94 -46.84 86.28
CA LYS N 1585 77.59 -47.23 86.69
C LYS N 1585 77.60 -48.26 87.79
N TYR N 1586 78.78 -48.70 88.22
CA TYR N 1586 78.92 -49.66 89.30
C TYR N 1586 80.25 -49.36 89.98
N LEU N 1587 80.29 -49.57 91.29
CA LEU N 1587 81.49 -49.31 92.06
C LEU N 1587 82.21 -50.62 92.31
N PRO N 1588 83.45 -50.78 91.82
CA PRO N 1588 84.13 -52.08 91.97
C PRO N 1588 84.80 -52.25 93.32
N GLU N 1589 84.33 -53.21 94.10
CA GLU N 1589 84.94 -53.57 95.36
C GLU N 1589 85.45 -55.00 95.31
N VAL N 1590 85.97 -55.39 94.15
CA VAL N 1590 86.43 -56.74 93.90
C VAL N 1590 87.96 -56.79 93.88
N PRO N 1596 96.50 -54.88 89.63
CA PRO N 1596 95.48 -54.47 88.67
C PRO N 1596 94.37 -55.51 88.51
N ASP N 1597 93.27 -55.11 87.88
CA ASP N 1597 92.18 -56.01 87.55
C ASP N 1597 91.75 -55.77 86.11
N VAL N 1598 91.57 -56.86 85.36
CA VAL N 1598 91.22 -56.70 83.94
C VAL N 1598 89.78 -56.31 83.72
N LEU N 1599 88.95 -56.29 84.77
CA LEU N 1599 87.55 -55.94 84.64
C LEU N 1599 87.38 -54.43 84.55
N SER N 1600 86.37 -53.99 83.81
CA SER N 1600 86.06 -52.59 83.68
C SER N 1600 84.54 -52.40 83.64
N CYS N 1601 84.09 -51.31 84.24
CA CYS N 1601 82.67 -50.96 84.17
C CYS N 1601 82.50 -49.48 83.87
N LEU N 1602 83.41 -48.92 83.09
CA LEU N 1602 83.50 -47.48 82.87
C LEU N 1602 82.99 -47.15 81.48
N GLU N 1603 82.18 -46.10 81.40
CA GLU N 1603 81.55 -45.67 80.16
C GLU N 1603 81.94 -44.22 79.89
N LEU N 1604 82.47 -43.95 78.71
CA LEU N 1604 82.77 -42.61 78.25
C LEU N 1604 81.61 -42.14 77.38
N ARG N 1605 80.97 -41.06 77.79
CA ARG N 1605 79.71 -40.64 77.20
C ARG N 1605 79.86 -39.29 76.51
N TYR N 1606 78.81 -38.94 75.77
CA TYR N 1606 78.67 -37.66 75.09
C TYR N 1606 77.19 -37.32 75.13
N LYS N 1607 76.88 -36.04 75.30
CA LYS N 1607 75.51 -35.56 75.29
C LYS N 1607 75.31 -34.72 74.04
N VAL N 1608 74.34 -35.12 73.21
CA VAL N 1608 74.07 -34.46 71.94
C VAL N 1608 73.05 -33.36 72.19
N ASP N 1609 73.27 -32.20 71.57
CA ASP N 1609 72.36 -31.08 71.74
C ASP N 1609 71.08 -31.29 70.92
N TRP N 1610 70.16 -30.35 71.06
CA TRP N 1610 68.77 -30.46 70.63
C TRP N 1610 68.54 -30.66 69.13
N PRO N 1611 69.02 -29.81 68.20
CA PRO N 1611 68.64 -30.02 66.79
C PRO N 1611 69.36 -31.18 66.13
N LEU N 1612 70.39 -31.75 66.76
CA LEU N 1612 71.01 -32.97 66.28
C LEU N 1612 70.52 -34.21 67.02
N ASN N 1613 69.76 -34.04 68.10
CA ASN N 1613 69.22 -35.18 68.83
C ASN N 1613 68.14 -35.90 68.04
N ILE N 1614 67.47 -35.19 67.13
CA ILE N 1614 66.55 -35.85 66.20
C ILE N 1614 67.29 -36.78 65.24
N VAL N 1615 68.59 -36.60 65.05
CA VAL N 1615 69.40 -37.45 64.18
C VAL N 1615 70.08 -38.54 64.99
N ILE N 1616 71.01 -38.15 65.85
CA ILE N 1616 71.71 -39.07 66.75
C ILE N 1616 71.00 -39.04 68.09
N THR N 1617 70.51 -40.18 68.53
CA THR N 1617 69.93 -40.26 69.85
C THR N 1617 70.99 -40.71 70.84
N GLU N 1618 70.69 -40.53 72.12
CA GLU N 1618 71.60 -40.93 73.19
C GLU N 1618 71.33 -42.36 73.65
N GLY N 1619 70.83 -43.21 72.76
CA GLY N 1619 70.90 -44.65 72.92
C GLY N 1619 72.04 -45.21 72.11
N CYS N 1620 72.45 -44.49 71.06
CA CYS N 1620 73.58 -44.92 70.24
C CYS N 1620 74.91 -44.71 70.96
N VAL N 1621 75.03 -43.56 71.64
CA VAL N 1621 76.24 -43.18 72.35
C VAL N 1621 76.55 -44.15 73.48
N SER N 1622 75.51 -44.75 74.08
CA SER N 1622 75.70 -45.77 75.11
C SER N 1622 76.38 -47.02 74.57
N LYS N 1623 76.06 -47.41 73.33
CA LYS N 1623 76.76 -48.54 72.74
C LYS N 1623 78.17 -48.19 72.29
N TYR N 1624 78.42 -46.91 71.95
CA TYR N 1624 79.79 -46.48 71.75
C TYR N 1624 80.61 -46.63 73.02
N SER N 1625 80.01 -46.31 74.17
CA SER N 1625 80.63 -46.60 75.46
C SER N 1625 80.78 -48.11 75.69
N GLY N 1626 79.83 -48.91 75.19
CA GLY N 1626 79.90 -50.35 75.37
C GLY N 1626 81.08 -50.99 74.66
N VAL N 1627 81.34 -50.55 73.42
CA VAL N 1627 82.51 -51.08 72.71
C VAL N 1627 83.81 -50.45 73.20
N PHE N 1628 83.71 -49.20 73.70
CA PHE N 1628 84.82 -48.54 74.39
C PHE N 1628 85.33 -49.38 75.56
N SER N 1629 84.41 -50.01 76.30
CA SER N 1629 84.80 -50.76 77.50
C SER N 1629 85.70 -51.96 77.16
N PHE N 1630 85.41 -52.66 76.07
CA PHE N 1630 86.28 -53.76 75.65
C PHE N 1630 87.63 -53.23 75.17
N LEU N 1631 87.62 -52.10 74.44
CA LEU N 1631 88.90 -51.54 73.98
C LEU N 1631 89.77 -51.08 75.16
N LEU N 1632 89.13 -50.56 76.21
CA LEU N 1632 89.85 -50.15 77.41
C LEU N 1632 90.41 -51.35 78.15
N GLN N 1633 89.65 -52.45 78.21
CA GLN N 1633 90.15 -53.71 78.75
C GLN N 1633 91.32 -54.25 77.93
N LEU N 1634 91.32 -53.99 76.62
CA LEU N 1634 92.44 -54.38 75.77
C LEU N 1634 93.70 -53.59 76.12
N LYS N 1635 93.56 -52.28 76.40
CA LYS N 1635 94.72 -51.49 76.82
C LYS N 1635 95.28 -51.93 78.17
N LEU N 1636 94.45 -52.56 79.00
CA LEU N 1636 94.89 -53.09 80.29
C LEU N 1636 95.92 -54.21 80.13
N MET N 1637 95.91 -54.91 78.99
CA MET N 1637 96.89 -55.96 78.78
C MET N 1637 98.25 -55.37 78.43
N MET N 1638 98.27 -54.44 77.48
CA MET N 1638 99.51 -53.77 77.09
C MET N 1638 100.03 -52.80 78.14
N TRP N 1639 99.35 -52.67 79.27
CA TRP N 1639 99.80 -51.94 80.44
C TRP N 1639 100.44 -52.87 81.46
N ALA N 1640 99.86 -54.04 81.70
CA ALA N 1640 100.47 -55.01 82.62
C ALA N 1640 101.72 -55.64 82.01
N LEU N 1641 101.66 -55.92 80.70
CA LEU N 1641 102.85 -56.34 79.98
C LEU N 1641 103.91 -55.25 79.97
N LYS N 1642 103.47 -53.99 79.90
CA LYS N 1642 104.39 -52.87 80.00
C LYS N 1642 105.00 -52.78 81.39
N ASP N 1643 104.22 -53.12 82.43
CA ASP N 1643 104.73 -53.20 83.80
C ASP N 1643 105.86 -54.21 83.91
N VAL N 1644 105.61 -55.45 83.47
CA VAL N 1644 106.63 -56.48 83.63
C VAL N 1644 107.81 -56.22 82.67
N CYS N 1645 107.57 -55.54 81.54
CA CYS N 1645 108.71 -55.18 80.69
C CYS N 1645 109.52 -54.04 81.30
N PHE N 1646 108.88 -53.18 82.09
CA PHE N 1646 109.58 -52.08 82.75
C PHE N 1646 110.30 -52.55 84.01
N HIS N 1647 109.74 -53.54 84.72
CA HIS N 1647 110.36 -54.04 85.94
C HIS N 1647 111.64 -54.80 85.62
N LEU N 1648 111.66 -55.50 84.50
CA LEU N 1648 112.86 -56.18 84.03
C LEU N 1648 113.85 -55.21 83.38
N LYS N 1649 113.40 -54.04 82.94
CA LYS N 1649 114.26 -53.15 82.17
C LYS N 1649 115.34 -52.50 83.05
N ARG N 1650 115.03 -52.27 84.32
CA ARG N 1650 115.99 -51.61 85.21
C ARG N 1650 117.19 -52.48 85.55
N THR N 1651 117.09 -53.79 85.32
CA THR N 1651 118.24 -54.68 85.55
C THR N 1651 119.35 -54.40 84.55
N ALA N 1652 119.00 -54.15 83.30
CA ALA N 1652 119.97 -53.76 82.29
C ALA N 1652 119.94 -52.26 82.07
N MET N 1657 124.99 -54.14 79.81
CA MET N 1657 125.04 -54.29 81.26
C MET N 1657 124.74 -55.73 81.67
N ALA N 1658 123.49 -55.99 82.06
CA ALA N 1658 123.09 -57.33 82.45
C ALA N 1658 122.99 -58.24 81.23
N GLY N 1659 123.47 -59.46 81.38
CA GLY N 1659 123.46 -60.42 80.29
C GLY N 1659 123.20 -61.84 80.73
N SER N 1660 122.55 -62.00 81.88
CA SER N 1660 122.35 -63.32 82.47
C SER N 1660 121.38 -64.16 81.65
N VAL N 1661 121.45 -65.47 81.88
CA VAL N 1661 120.51 -66.44 81.28
C VAL N 1661 119.08 -66.07 81.66
N GLN N 1662 118.89 -65.75 82.94
CA GLN N 1662 117.60 -65.41 83.51
C GLN N 1662 117.01 -64.14 82.94
N PHE N 1663 117.83 -63.28 82.34
CA PHE N 1663 117.36 -62.04 81.75
C PHE N 1663 116.80 -62.28 80.35
N ARG N 1664 117.64 -62.83 79.46
CA ARG N 1664 117.27 -63.00 78.07
C ARG N 1664 116.14 -64.02 77.91
N GLN N 1665 116.21 -65.14 78.65
CA GLN N 1665 115.20 -66.17 78.45
C GLN N 1665 113.87 -65.82 79.09
N LEU N 1666 113.86 -64.88 80.04
CA LEU N 1666 112.60 -64.40 80.59
C LEU N 1666 111.95 -63.38 79.65
N GLN N 1667 112.76 -62.46 79.09
CA GLN N 1667 112.21 -61.49 78.13
C GLN N 1667 111.69 -62.20 76.87
N LEU N 1668 112.30 -63.35 76.53
CA LEU N 1668 111.79 -64.19 75.45
C LEU N 1668 110.34 -64.62 75.66
N PHE N 1669 109.94 -64.87 76.91
CA PHE N 1669 108.54 -65.21 77.18
C PHE N 1669 107.64 -64.00 76.98
N LYS N 1670 108.07 -62.84 77.49
CA LYS N 1670 107.30 -61.60 77.43
C LYS N 1670 106.96 -61.23 76.00
N HIS N 1671 107.93 -61.44 75.10
CA HIS N 1671 107.79 -60.85 73.78
C HIS N 1671 106.67 -61.49 72.98
N GLU N 1672 106.54 -62.81 73.05
CA GLU N 1672 105.45 -63.54 72.40
C GLU N 1672 104.09 -63.12 72.92
N MET N 1673 104.00 -62.87 74.23
CA MET N 1673 102.75 -62.50 74.88
C MET N 1673 102.29 -61.11 74.48
N GLN N 1674 103.23 -60.14 74.42
CA GLN N 1674 102.89 -58.81 73.93
C GLN N 1674 102.56 -58.85 72.45
N HIS N 1675 103.20 -59.76 71.71
CA HIS N 1675 102.98 -59.89 70.27
C HIS N 1675 101.58 -60.38 69.95
N PHE N 1676 101.05 -61.32 70.75
CA PHE N 1676 99.65 -61.75 70.69
C PHE N 1676 98.69 -60.57 70.76
N VAL N 1677 98.90 -59.68 71.73
CA VAL N 1677 98.01 -58.56 71.93
C VAL N 1677 98.14 -57.58 70.79
N LYS N 1678 99.36 -57.40 70.27
CA LYS N 1678 99.48 -56.41 69.21
C LYS N 1678 98.92 -56.90 67.87
N VAL N 1679 98.86 -58.19 67.61
CA VAL N 1679 98.19 -58.65 66.39
C VAL N 1679 96.68 -58.69 66.54
N ILE N 1680 96.15 -59.04 67.73
CA ILE N 1680 94.69 -58.96 67.87
C ILE N 1680 94.24 -57.49 67.95
N GLN N 1681 95.13 -56.62 68.42
CA GLN N 1681 94.89 -55.19 68.39
C GLN N 1681 94.94 -54.66 66.97
N GLY N 1682 95.81 -55.23 66.12
CA GLY N 1682 95.78 -54.92 64.70
C GLY N 1682 94.50 -55.37 64.02
N TYR N 1683 93.90 -56.47 64.50
CA TYR N 1683 92.62 -56.91 63.95
C TYR N 1683 91.50 -55.91 64.28
N ILE N 1684 91.39 -55.53 65.56
CA ILE N 1684 90.43 -54.50 65.96
C ILE N 1684 90.72 -53.19 65.25
N ALA N 1685 92.00 -52.83 65.12
CA ALA N 1685 92.57 -51.68 64.43
C ALA N 1685 92.50 -51.78 62.92
N ASN N 1686 91.97 -52.87 62.40
CA ASN N 1686 91.47 -52.89 61.04
C ASN N 1686 89.96 -52.72 60.97
N GLN N 1687 89.19 -53.55 61.68
CA GLN N 1687 87.75 -53.60 61.51
C GLN N 1687 87.03 -52.33 61.97
N ILE N 1688 87.22 -51.95 63.23
CA ILE N 1688 86.36 -50.93 63.81
C ILE N 1688 86.76 -49.51 63.36
N LEU N 1689 87.82 -49.39 62.55
CA LEU N 1689 88.43 -48.09 62.23
C LEU N 1689 88.69 -47.84 60.77
N HIS N 1690 88.96 -48.87 59.96
CA HIS N 1690 89.35 -48.64 58.59
C HIS N 1690 88.23 -49.02 57.64
N VAL N 1691 87.74 -50.27 57.72
CA VAL N 1691 86.61 -50.67 56.89
C VAL N 1691 85.36 -49.89 57.27
N THR N 1692 84.91 -49.98 58.53
CA THR N 1692 83.62 -49.37 58.91
C THR N 1692 83.66 -47.86 58.98
N TRP N 1693 84.83 -47.24 58.83
CA TRP N 1693 84.89 -45.81 58.61
C TRP N 1693 84.84 -45.45 57.13
N CYS N 1694 85.29 -46.35 56.24
CA CYS N 1694 85.07 -46.06 54.81
C CYS N 1694 83.57 -46.13 54.46
N GLU N 1695 82.85 -47.12 54.98
CA GLU N 1695 81.40 -47.02 54.94
C GLU N 1695 80.95 -46.00 55.98
N PHE N 1696 79.71 -45.49 55.81
CA PHE N 1696 79.18 -44.34 56.55
C PHE N 1696 80.09 -43.13 56.30
N ARG N 1697 80.65 -43.03 55.10
CA ARG N 1697 81.11 -41.78 54.51
C ARG N 1697 80.77 -41.87 53.03
N ALA N 1698 80.40 -43.08 52.61
CA ALA N 1698 79.78 -43.33 51.32
C ALA N 1698 78.28 -43.39 51.45
N ARG N 1699 77.76 -43.08 52.65
CA ARG N 1699 76.33 -43.02 52.92
C ARG N 1699 76.02 -41.67 53.59
N LEU N 1700 76.98 -40.74 53.54
CA LEU N 1700 76.72 -39.34 53.78
C LEU N 1700 77.20 -38.51 52.61
N ALA N 1701 77.79 -39.14 51.59
CA ALA N 1701 78.12 -38.48 50.36
C ALA N 1701 76.89 -38.51 49.47
N LEU N 1706 65.81 -37.38 55.33
CA LEU N 1706 66.28 -37.18 56.69
C LEU N 1706 66.09 -38.44 57.51
N GLU N 1707 65.13 -39.27 57.08
CA GLU N 1707 64.94 -40.58 57.68
C GLU N 1707 66.12 -41.49 57.38
N GLU N 1708 66.77 -41.28 56.23
CA GLU N 1708 67.89 -42.10 55.83
C GLU N 1708 69.11 -41.88 56.70
N ILE N 1709 69.28 -40.67 57.25
CA ILE N 1709 70.46 -40.37 58.06
C ILE N 1709 70.43 -41.15 59.37
N GLN N 1710 69.23 -41.29 59.96
CA GLN N 1710 69.07 -42.08 61.18
C GLN N 1710 69.41 -43.55 60.95
N ARG N 1711 68.95 -44.11 59.84
CA ARG N 1711 69.22 -45.53 59.56
C ARG N 1711 70.67 -45.73 59.12
N ALA N 1712 71.26 -44.71 58.46
CA ALA N 1712 72.68 -44.75 58.14
C ALA N 1712 73.53 -44.84 59.39
N HIS N 1713 73.20 -44.00 60.38
CA HIS N 1713 73.90 -44.02 61.65
C HIS N 1713 73.67 -45.33 62.41
N ALA N 1714 72.43 -45.83 62.39
CA ALA N 1714 72.09 -47.07 63.06
C ALA N 1714 72.71 -48.30 62.42
N GLU N 1715 73.13 -48.22 61.15
CA GLU N 1715 73.89 -49.29 60.53
C GLU N 1715 75.40 -49.16 60.76
N TYR N 1716 75.88 -47.91 60.78
CA TYR N 1716 77.27 -47.62 61.17
C TYR N 1716 77.58 -48.17 62.56
N LEU N 1717 76.66 -47.95 63.50
CA LEU N 1717 76.80 -48.52 64.84
C LEU N 1717 76.71 -50.04 64.80
N HIS N 1718 75.78 -50.58 64.00
CA HIS N 1718 75.49 -52.01 64.02
C HIS N 1718 76.64 -52.83 63.47
N LYS N 1719 77.46 -52.24 62.60
CA LYS N 1719 78.59 -52.98 62.05
C LYS N 1719 79.73 -53.12 63.07
N ALA N 1720 79.79 -52.25 64.08
CA ALA N 1720 80.97 -52.21 64.94
C ALA N 1720 80.97 -53.34 65.96
N VAL N 1721 79.81 -53.73 66.46
CA VAL N 1721 79.75 -54.84 67.41
C VAL N 1721 79.80 -56.18 66.68
N PHE N 1722 79.41 -56.21 65.41
CA PHE N 1722 79.40 -57.39 64.57
C PHE N 1722 80.79 -57.71 64.03
N ARG N 1723 81.49 -56.70 63.54
CA ARG N 1723 82.89 -56.85 63.16
C ARG N 1723 83.83 -56.92 64.35
N GLY N 1724 83.35 -56.60 65.55
CA GLY N 1724 84.19 -56.57 66.73
C GLY N 1724 84.33 -57.92 67.42
N LEU N 1725 83.46 -58.86 67.05
CA LEU N 1725 83.31 -60.21 67.60
C LEU N 1725 82.81 -60.20 69.04
N LEU N 1726 82.18 -59.11 69.44
CA LEU N 1726 81.51 -59.05 70.74
C LEU N 1726 80.11 -59.65 70.68
N THR N 1727 79.71 -60.16 69.52
CA THR N 1727 78.41 -60.81 69.37
C THR N 1727 78.34 -62.10 70.16
N GLU N 1728 77.11 -62.48 70.50
CA GLU N 1728 76.82 -63.81 71.03
C GLU N 1728 77.08 -64.91 70.02
N LYS N 1729 77.06 -64.59 68.72
CA LYS N 1729 77.45 -65.55 67.69
C LYS N 1729 78.91 -65.94 67.83
N ALA N 1730 79.79 -64.94 68.00
CA ALA N 1730 81.21 -65.15 68.20
C ALA N 1730 81.60 -65.18 69.68
N ALA N 1731 80.68 -65.65 70.54
CA ALA N 1731 81.02 -65.83 71.95
C ALA N 1731 82.05 -66.92 72.24
N PRO N 1732 82.05 -68.11 71.58
CA PRO N 1732 83.14 -69.07 71.87
C PRO N 1732 84.52 -68.60 71.45
N VAL N 1733 84.66 -67.80 70.39
CA VAL N 1733 85.98 -67.31 70.03
C VAL N 1733 86.41 -66.18 70.96
N MET N 1734 85.44 -65.50 71.60
CA MET N 1734 85.78 -64.48 72.57
C MET N 1734 86.16 -65.10 73.92
N ASN N 1735 85.64 -66.30 74.19
CA ASN N 1735 85.77 -66.90 75.53
C ASN N 1735 87.22 -67.28 75.88
N VAL N 1736 88.03 -67.61 74.86
CA VAL N 1736 89.41 -68.03 75.08
C VAL N 1736 90.33 -66.82 75.33
N ILE N 1737 89.94 -65.65 74.82
CA ILE N 1737 90.71 -64.42 74.98
C ILE N 1737 90.85 -64.04 76.45
N HIS N 1738 89.79 -64.29 77.24
CA HIS N 1738 89.83 -64.03 78.67
C HIS N 1738 90.81 -64.96 79.38
N SER N 1739 90.88 -66.21 78.91
CA SER N 1739 91.83 -67.17 79.48
C SER N 1739 93.27 -66.69 79.27
N ILE N 1740 93.57 -66.26 78.03
CA ILE N 1740 94.88 -65.67 77.71
C ILE N 1740 95.16 -64.46 78.60
N PHE N 1741 94.13 -63.66 78.84
CA PHE N 1741 94.28 -62.43 79.61
C PHE N 1741 94.59 -62.72 81.08
N SER N 1742 93.97 -63.75 81.65
CA SER N 1742 94.26 -64.16 83.02
C SER N 1742 95.69 -64.67 83.16
N LEU N 1743 96.16 -65.41 82.15
CA LEU N 1743 97.56 -65.82 82.19
C LEU N 1743 98.52 -64.63 82.07
N VAL N 1744 98.12 -63.58 81.35
CA VAL N 1744 98.97 -62.39 81.23
C VAL N 1744 99.06 -61.66 82.57
N LEU N 1745 97.94 -61.55 83.30
CA LEU N 1745 97.99 -60.90 84.62
C LEU N 1745 98.85 -61.70 85.60
N LYS N 1746 98.77 -63.05 85.53
CA LYS N 1746 99.61 -63.85 86.42
C LYS N 1746 101.09 -63.77 86.03
N PHE N 1747 101.38 -63.65 84.73
CA PHE N 1747 102.75 -63.48 84.27
C PHE N 1747 103.32 -62.14 84.72
N ARG N 1748 102.47 -61.12 84.80
CA ARG N 1748 102.89 -59.84 85.37
C ARG N 1748 103.13 -59.96 86.87
N SER N 1749 102.36 -60.81 87.55
CA SER N 1749 102.43 -60.90 89.01
C SER N 1749 103.80 -61.37 89.49
N GLN N 1750 104.37 -62.37 88.82
CA GLN N 1750 105.72 -62.78 89.15
C GLN N 1750 106.73 -61.87 88.46
N LEU N 1751 107.98 -61.97 88.89
CA LEU N 1751 109.08 -61.27 88.26
C LEU N 1751 110.30 -62.16 88.20
N HIS N 1767 116.50 -65.92 89.45
CA HIS N 1767 115.38 -66.09 90.37
C HIS N 1767 114.94 -67.57 90.38
N PRO N 1768 114.35 -68.05 91.49
CA PRO N 1768 114.04 -69.49 91.59
C PRO N 1768 112.71 -69.89 90.96
N ASN N 1769 111.82 -68.93 90.69
CA ASN N 1769 110.50 -69.24 90.16
C ASN N 1769 110.41 -69.03 88.65
N PHE N 1770 111.50 -69.28 87.94
CA PHE N 1770 111.53 -69.22 86.47
C PHE N 1770 110.60 -70.28 85.87
N ALA N 1771 110.61 -71.48 86.47
CA ALA N 1771 109.87 -72.61 85.91
C ALA N 1771 108.37 -72.41 85.96
N LEU N 1772 107.89 -71.69 86.99
CA LEU N 1772 106.49 -71.28 87.05
C LEU N 1772 106.08 -70.44 85.84
N MET N 1773 106.93 -69.46 85.48
CA MET N 1773 106.64 -68.59 84.36
C MET N 1773 106.77 -69.30 83.02
N GLN N 1774 107.72 -70.22 82.91
CA GLN N 1774 107.85 -71.03 81.70
C GLN N 1774 106.61 -71.93 81.52
N GLN N 1775 106.12 -72.51 82.62
CA GLN N 1775 104.92 -73.34 82.60
C GLN N 1775 103.69 -72.55 82.16
N SER N 1776 103.55 -71.32 82.67
CA SER N 1776 102.42 -70.47 82.29
C SER N 1776 102.50 -70.09 80.81
N TYR N 1777 103.72 -69.80 80.33
CA TYR N 1777 103.90 -69.45 78.92
C TYR N 1777 103.52 -70.62 78.00
N ASN N 1778 103.85 -71.85 78.41
CA ASN N 1778 103.49 -73.00 77.58
C ASN N 1778 102.00 -73.29 77.59
N THR N 1779 101.35 -73.07 78.75
CA THR N 1779 99.89 -73.20 78.79
C THR N 1779 99.21 -72.16 77.91
N PHE N 1780 99.77 -70.94 77.89
CA PHE N 1780 99.31 -69.89 76.97
C PHE N 1780 99.48 -70.31 75.52
N LYS N 1781 100.61 -70.94 75.19
CA LYS N 1781 100.83 -71.32 73.81
C LYS N 1781 99.90 -72.46 73.37
N TYR N 1782 99.58 -73.38 74.27
CA TYR N 1782 98.58 -74.41 73.97
C TYR N 1782 97.20 -73.79 73.72
N TYR N 1783 96.84 -72.80 74.54
CA TYR N 1783 95.54 -72.15 74.37
C TYR N 1783 95.46 -71.38 73.06
N SER N 1784 96.56 -70.77 72.62
CA SER N 1784 96.57 -70.07 71.34
C SER N 1784 96.46 -71.06 70.18
N HIS N 1785 97.15 -72.20 70.29
CA HIS N 1785 97.05 -73.28 69.31
C HIS N 1785 95.62 -73.81 69.19
N PHE N 1786 94.82 -73.75 70.26
CA PHE N 1786 93.42 -74.13 70.14
C PHE N 1786 92.54 -73.02 69.55
N LEU N 1787 92.85 -71.76 69.89
CA LEU N 1787 92.08 -70.62 69.34
C LEU N 1787 92.18 -70.56 67.82
N PHE N 1788 93.36 -70.90 67.28
CA PHE N 1788 93.58 -70.87 65.83
C PHE N 1788 92.65 -71.83 65.08
N LYS N 1789 92.23 -72.92 65.71
CA LYS N 1789 91.27 -73.81 65.07
C LYS N 1789 89.84 -73.41 65.32
N VAL N 1790 89.54 -72.84 66.49
CA VAL N 1790 88.16 -72.45 66.78
C VAL N 1790 87.72 -71.28 65.89
N VAL N 1791 88.64 -70.34 65.60
CA VAL N 1791 88.31 -69.23 64.70
C VAL N 1791 88.05 -69.73 63.27
N THR N 1792 88.78 -70.76 62.85
CA THR N 1792 88.58 -71.34 61.53
C THR N 1792 87.23 -72.06 61.47
N LYS N 1793 86.85 -72.74 62.56
CA LYS N 1793 85.57 -73.41 62.61
C LYS N 1793 84.40 -72.44 62.57
N LEU N 1794 84.58 -71.22 63.06
CA LEU N 1794 83.47 -70.26 63.03
C LEU N 1794 83.39 -69.46 61.73
N VAL N 1795 84.11 -69.87 60.68
CA VAL N 1795 83.94 -69.31 59.35
C VAL N 1795 82.89 -70.10 58.55
N ASN N 1796 82.73 -71.39 58.82
CA ASN N 1796 81.59 -72.17 58.34
C ASN N 1796 80.26 -71.56 58.81
N ARG N 1797 80.26 -70.99 60.01
CA ARG N 1797 79.07 -70.36 60.56
C ARG N 1797 78.83 -68.99 59.93
N GLN N 1800 82.58 -65.92 58.14
CA GLN N 1800 82.27 -64.50 58.01
C GLN N 1800 83.31 -63.80 57.14
N PRO N 1801 82.93 -62.67 56.51
CA PRO N 1801 83.93 -61.86 55.80
C PRO N 1801 84.95 -61.24 56.73
N HIS N 1802 84.50 -60.67 57.84
CA HIS N 1802 85.40 -59.97 58.75
C HIS N 1802 86.23 -60.94 59.58
N LEU N 1803 85.68 -62.12 59.88
CA LEU N 1803 86.42 -63.13 60.64
C LEU N 1803 87.58 -63.73 59.86
N GLU N 1804 87.62 -63.49 58.53
CA GLU N 1804 88.69 -63.99 57.68
C GLU N 1804 90.02 -63.34 58.01
N ASP N 1805 89.98 -62.16 58.64
CA ASP N 1805 91.21 -61.58 59.14
C ASP N 1805 91.79 -62.35 60.32
N PHE N 1806 90.96 -62.83 61.25
CA PHE N 1806 91.46 -63.20 62.58
C PHE N 1806 92.30 -64.49 62.59
N LEU N 1807 91.89 -65.52 61.86
CA LEU N 1807 92.71 -66.74 61.77
C LEU N 1807 94.05 -66.44 61.12
N LEU N 1808 94.07 -65.51 60.18
CA LEU N 1808 95.32 -65.05 59.58
C LEU N 1808 96.15 -64.25 60.58
N ARG N 1809 95.49 -63.48 61.43
CA ARG N 1809 96.21 -62.62 62.36
C ARG N 1809 96.86 -63.44 63.47
N ILE N 1810 96.13 -64.43 63.99
CA ILE N 1810 96.55 -65.10 65.20
C ILE N 1810 97.73 -66.04 64.94
N ASN N 1811 97.73 -66.74 63.81
CA ASN N 1811 98.86 -67.55 63.37
C ASN N 1811 99.16 -67.18 61.93
N PHE N 1812 100.44 -67.00 61.63
CA PHE N 1812 100.87 -66.73 60.25
C PHE N 1812 102.09 -67.61 60.00
N ASN N 1813 101.91 -68.54 59.08
CA ASN N 1813 102.80 -69.65 58.86
C ASN N 1813 103.30 -70.29 60.16
N ASN N 1814 102.38 -70.89 60.86
CA ASN N 1814 102.68 -72.06 61.63
C ASN N 1814 101.35 -72.76 61.69
N TYR N 1815 101.35 -74.08 61.61
CA TYR N 1815 100.13 -74.77 61.92
C TYR N 1815 99.98 -74.68 63.43
N LEU O 150 12.12 -5.71 69.57
CA LEU O 150 11.92 -4.32 69.16
C LEU O 150 12.22 -3.39 70.35
N GLN O 151 11.45 -3.54 71.43
CA GLN O 151 11.66 -2.72 72.62
C GLN O 151 12.88 -3.19 73.40
N GLN O 152 13.25 -4.46 73.26
CA GLN O 152 14.25 -5.05 74.13
C GLN O 152 15.68 -4.64 73.74
N SER O 153 15.91 -4.23 72.49
CA SER O 153 17.26 -3.82 72.04
C SER O 153 17.71 -2.50 72.68
N LEU O 154 16.73 -1.63 72.97
CA LEU O 154 16.99 -0.32 73.54
C LEU O 154 17.67 -0.41 74.91
N GLU O 155 17.44 -1.50 75.64
CA GLU O 155 18.18 -1.74 76.89
C GLU O 155 19.68 -1.89 76.62
N LEU O 156 20.03 -2.85 75.74
CA LEU O 156 21.39 -3.20 75.37
C LEU O 156 22.23 -1.99 74.98
N LYS O 157 21.61 -1.08 74.21
CA LYS O 157 22.31 0.12 73.77
C LYS O 157 22.76 0.99 74.94
N ARG O 158 21.89 1.20 75.92
CA ARG O 158 22.22 2.11 77.03
C ARG O 158 23.24 1.47 77.97
N LYS O 159 23.08 0.15 78.22
CA LYS O 159 24.03 -0.57 79.07
C LYS O 159 25.44 -0.53 78.50
N MET O 160 25.56 -0.64 77.16
CA MET O 160 26.90 -0.60 76.57
C MET O 160 27.45 0.83 76.49
N LEU O 161 26.56 1.81 76.32
CA LEU O 161 26.98 3.21 76.25
C LEU O 161 27.68 3.64 77.53
N ARG O 162 27.17 3.19 78.68
CA ARG O 162 27.83 3.50 79.96
C ARG O 162 29.23 2.89 80.04
N ASP O 163 29.40 1.67 79.55
CA ASP O 163 30.69 0.98 79.67
C ASP O 163 31.75 1.62 78.79
N LYS O 164 31.40 1.97 77.55
CA LYS O 164 32.40 2.62 76.71
C LYS O 164 32.63 4.08 77.10
N GLN O 165 31.65 4.72 77.75
CA GLN O 165 31.92 6.04 78.32
C GLN O 165 32.90 5.95 79.48
N ASN O 166 32.85 4.86 80.25
CA ASN O 166 33.82 4.67 81.33
C ASN O 166 35.20 4.29 80.78
N LYS O 167 35.24 3.60 79.63
CA LYS O 167 36.48 3.02 79.13
C LYS O 167 37.49 4.09 78.70
N LYS O 168 37.03 5.15 78.04
CA LYS O 168 37.87 6.29 77.70
C LYS O 168 37.64 7.40 78.71
N ASN O 169 38.67 8.20 78.96
CA ASN O 169 38.58 9.34 79.87
C ASN O 169 38.53 10.66 79.12
N SER O 170 38.63 10.63 77.79
CA SER O 170 38.56 11.83 76.97
C SER O 170 37.40 11.82 75.99
N GLY O 171 36.87 10.65 75.63
CA GLY O 171 35.70 10.62 74.79
C GLY O 171 34.49 10.85 75.67
N GLN O 172 33.99 12.07 75.64
CA GLN O 172 32.85 12.48 76.45
C GLN O 172 31.65 12.66 75.55
N HIS O 173 30.52 12.09 75.96
CA HIS O 173 29.23 12.15 75.27
C HIS O 173 29.29 11.58 73.85
N LEU O 174 29.50 10.29 73.78
CA LEU O 174 29.42 9.46 72.59
C LEU O 174 28.02 9.54 71.99
N PRO O 175 27.88 9.66 70.66
CA PRO O 175 26.56 9.89 70.05
C PRO O 175 25.80 8.62 69.70
N ILE O 176 24.47 8.74 69.61
CA ILE O 176 23.61 7.64 69.19
C ILE O 176 22.58 8.17 68.20
N PHE O 177 21.96 7.25 67.45
CA PHE O 177 20.95 7.57 66.45
C PHE O 177 19.57 7.62 67.12
N PRO O 178 18.66 8.49 66.63
CA PRO O 178 17.38 8.70 67.33
C PRO O 178 16.50 7.45 67.37
N ALA O 179 15.52 7.49 68.29
CA ALA O 179 14.78 6.29 68.65
C ALA O 179 13.84 5.81 67.55
N TRP O 180 13.26 6.75 66.79
CA TRP O 180 12.27 6.38 65.78
C TRP O 180 12.90 5.69 64.58
N VAL O 181 14.24 5.68 64.46
CA VAL O 181 14.85 4.93 63.36
C VAL O 181 14.78 3.44 63.65
N TYR O 182 14.82 3.05 64.94
CA TYR O 182 14.65 1.65 65.31
C TYR O 182 13.19 1.30 65.49
N GLU O 183 12.37 2.25 65.96
CA GLU O 183 11.01 1.91 66.36
C GLU O 183 10.10 1.64 65.16
N ARG O 184 10.26 2.40 64.07
CA ARG O 184 9.30 2.36 62.98
C ARG O 184 9.39 1.03 62.22
N PRO O 185 8.27 0.34 62.03
CA PRO O 185 8.28 -0.90 61.25
C PRO O 185 8.14 -0.70 59.75
N ALA O 186 7.92 0.53 59.30
CA ALA O 186 7.81 0.84 57.88
C ALA O 186 9.12 1.27 57.24
N LEU O 187 10.14 1.58 58.04
CA LEU O 187 11.46 1.88 57.50
C LEU O 187 12.30 0.64 57.26
N ILE O 188 11.82 -0.54 57.65
CA ILE O 188 12.46 -1.80 57.31
C ILE O 188 11.67 -2.45 56.19
N GLY O 189 12.24 -3.54 55.65
CA GLY O 189 11.75 -4.11 54.40
C GLY O 189 10.39 -4.78 54.51
N ASP O 190 10.14 -5.48 55.61
CA ASP O 190 8.95 -6.28 55.77
C ASP O 190 8.05 -5.65 56.83
N PHE O 191 6.85 -5.25 56.41
CA PHE O 191 5.83 -4.72 57.29
C PHE O 191 4.62 -5.63 57.25
N THR O 201 -11.81 -8.26 47.08
CA THR O 201 -11.01 -8.19 48.28
C THR O 201 -10.05 -9.37 48.35
N ALA O 202 -10.59 -10.56 48.59
CA ALA O 202 -9.82 -11.80 48.59
C ALA O 202 -10.74 -12.95 48.19
N LEU O 203 -10.26 -13.76 47.26
CA LEU O 203 -10.97 -14.93 46.80
C LEU O 203 -10.37 -16.20 47.40
N PRO O 204 -11.17 -17.25 47.57
CA PRO O 204 -10.59 -18.58 47.81
C PRO O 204 -9.94 -19.13 46.55
N ILE O 205 -8.60 -19.18 46.55
CA ILE O 205 -7.82 -19.49 45.36
C ILE O 205 -7.80 -21.00 45.06
N GLY O 206 -8.22 -21.82 46.01
CA GLY O 206 -8.02 -23.26 45.86
C GLY O 206 -8.94 -23.92 44.84
N THR O 207 -10.15 -23.40 44.67
CA THR O 207 -11.12 -24.00 43.76
C THR O 207 -10.95 -23.52 42.31
N LEU O 208 -9.91 -22.74 42.02
CA LEU O 208 -9.68 -22.19 40.69
C LEU O 208 -8.96 -23.21 39.80
N PRO O 209 -9.02 -23.02 38.47
CA PRO O 209 -8.20 -23.84 37.57
C PRO O 209 -6.71 -23.65 37.79
N LEU O 210 -5.93 -24.61 37.30
CA LEU O 210 -4.52 -24.73 37.67
C LEU O 210 -3.67 -23.63 37.05
N ALA O 211 -3.88 -23.38 35.75
CA ALA O 211 -3.08 -22.43 34.99
C ALA O 211 -3.47 -20.97 35.24
N SER O 212 -4.40 -20.71 36.15
CA SER O 212 -4.63 -19.37 36.69
C SER O 212 -4.08 -19.24 38.10
N GLN O 213 -4.20 -20.33 38.89
CA GLN O 213 -3.60 -20.39 40.21
C GLN O 213 -2.09 -20.20 40.15
N GLU O 214 -1.44 -20.79 39.14
CA GLU O 214 0.00 -20.67 39.01
C GLU O 214 0.44 -19.21 38.84
N SER O 215 -0.25 -18.49 37.95
CA SER O 215 0.06 -17.08 37.71
C SER O 215 -0.21 -16.21 38.94
N ALA O 216 -1.33 -16.45 39.62
CA ALA O 216 -1.65 -15.70 40.84
C ALA O 216 -0.60 -15.93 41.94
N VAL O 217 -0.16 -17.17 42.13
CA VAL O 217 0.74 -17.45 43.24
C VAL O 217 2.15 -16.95 42.93
N VAL O 218 2.58 -16.96 41.65
CA VAL O 218 3.91 -16.43 41.35
C VAL O 218 3.94 -14.91 41.54
N GLU O 219 2.82 -14.23 41.19
CA GLU O 219 2.76 -12.79 41.43
C GLU O 219 2.81 -12.45 42.91
N ASP O 220 2.09 -13.21 43.75
CA ASP O 220 2.09 -12.89 45.19
C ASP O 220 3.43 -13.23 45.85
N LEU O 221 4.03 -14.37 45.47
CA LEU O 221 5.27 -14.80 46.09
C LEU O 221 6.43 -13.87 45.72
N LEU O 222 6.40 -13.33 44.49
CA LEU O 222 7.43 -12.39 44.06
C LEU O 222 7.43 -11.11 44.90
N TYR O 223 6.25 -10.64 45.32
CA TYR O 223 6.18 -9.52 46.26
C TYR O 223 6.69 -9.94 47.62
N VAL O 224 6.40 -11.17 48.03
CA VAL O 224 6.76 -11.63 49.37
C VAL O 224 8.28 -11.75 49.52
N LEU O 225 8.99 -11.98 48.39
CA LEU O 225 10.46 -12.07 48.43
C LEU O 225 11.13 -10.78 48.92
N VAL O 226 10.62 -9.61 48.52
CA VAL O 226 11.20 -8.35 48.94
C VAL O 226 10.58 -7.83 50.22
N GLY O 227 9.83 -8.67 50.94
CA GLY O 227 9.34 -8.35 52.25
C GLY O 227 7.91 -7.86 52.30
N VAL O 228 7.45 -7.14 51.28
CA VAL O 228 6.12 -6.54 51.30
C VAL O 228 5.07 -7.65 51.17
N ASP O 229 3.98 -7.51 51.93
CA ASP O 229 2.98 -8.57 52.05
C ASP O 229 2.27 -8.83 50.73
N GLY O 230 2.06 -10.11 50.44
CA GLY O 230 1.43 -10.50 49.19
C GLY O 230 -0.07 -10.33 49.19
N ARG O 231 -0.74 -10.97 48.24
CA ARG O 231 -2.19 -10.94 48.15
C ARG O 231 -2.84 -11.99 49.02
N TYR O 232 -2.14 -13.08 49.34
CA TYR O 232 -2.68 -14.10 50.22
C TYR O 232 -1.72 -14.53 51.33
N VAL O 233 -0.63 -13.82 51.57
CA VAL O 233 0.33 -14.16 52.61
C VAL O 233 0.42 -12.98 53.56
N SER O 234 0.04 -13.20 54.82
CA SER O 234 0.12 -12.18 55.85
C SER O 234 1.33 -12.43 56.73
N ALA O 235 2.12 -11.37 56.96
CA ALA O 235 3.24 -11.42 57.88
C ALA O 235 2.68 -11.34 59.30
N GLN O 236 2.88 -12.41 60.07
CA GLN O 236 2.35 -12.46 61.43
C GLN O 236 3.07 -11.44 62.32
N PRO O 237 2.35 -10.71 63.17
CA PRO O 237 3.00 -9.66 63.98
C PRO O 237 3.85 -10.25 65.10
N LEU O 238 5.05 -10.66 64.72
CA LEU O 238 6.12 -11.14 65.58
C LEU O 238 7.23 -10.13 65.37
N ALA O 239 6.88 -8.85 65.55
CA ALA O 239 7.80 -7.75 65.28
C ALA O 239 8.99 -7.77 66.23
N GLY O 240 10.04 -7.03 65.87
CA GLY O 240 11.31 -7.17 66.56
C GLY O 240 12.05 -8.35 65.98
N ARG O 241 12.82 -9.01 66.85
CA ARG O 241 14.17 -9.62 66.80
C ARG O 241 14.51 -10.26 65.45
N GLN O 242 15.47 -11.17 65.36
CA GLN O 242 15.74 -11.79 64.06
C GLN O 242 14.76 -12.90 63.69
N SER O 243 13.56 -12.92 64.30
CA SER O 243 12.52 -13.92 64.03
C SER O 243 11.35 -13.28 63.28
N ARG O 244 10.74 -14.06 62.40
CA ARG O 244 9.57 -13.64 61.63
C ARG O 244 8.88 -14.91 61.15
N THR O 245 7.54 -14.86 61.11
CA THR O 245 6.74 -15.93 60.54
C THR O 245 5.78 -15.35 59.51
N PHE O 246 5.28 -16.23 58.64
CA PHE O 246 4.28 -15.86 57.64
C PHE O 246 3.21 -16.93 57.60
N LEU O 247 1.97 -16.52 57.33
CA LEU O 247 0.83 -17.43 57.27
C LEU O 247 0.24 -17.35 55.86
N VAL O 248 0.27 -18.48 55.16
CA VAL O 248 -0.19 -18.58 53.78
C VAL O 248 -1.66 -19.02 53.78
N ASP O 249 -2.35 -18.67 52.69
CA ASP O 249 -3.76 -19.03 52.46
C ASP O 249 -3.94 -20.54 52.56
N PRO O 250 -4.90 -21.02 53.38
CA PRO O 250 -5.01 -22.47 53.63
C PRO O 250 -5.30 -23.34 52.41
N ASN O 251 -6.21 -22.94 51.53
CA ASN O 251 -6.63 -23.80 50.45
C ASN O 251 -5.94 -23.42 49.15
N LEU O 252 -5.36 -24.42 48.50
CA LEU O 252 -4.73 -24.32 47.18
C LEU O 252 -4.66 -25.75 46.65
N ASP O 253 -4.46 -25.88 45.34
CA ASP O 253 -4.21 -27.19 44.75
C ASP O 253 -2.87 -27.70 45.27
N LEU O 254 -2.85 -28.99 45.66
CA LEU O 254 -1.76 -29.55 46.46
C LEU O 254 -0.43 -29.55 45.71
N SER O 255 -0.47 -29.76 44.40
CA SER O 255 0.75 -29.90 43.60
C SER O 255 1.51 -28.58 43.52
N ILE O 256 0.77 -27.48 43.43
CA ILE O 256 1.38 -26.16 43.58
C ILE O 256 1.81 -25.94 45.02
N ARG O 257 0.99 -26.40 45.97
CA ARG O 257 1.10 -26.01 47.38
C ARG O 257 2.38 -26.51 48.02
N GLU O 258 2.81 -27.72 47.66
CA GLU O 258 4.07 -28.26 48.20
C GLU O 258 5.28 -27.43 47.75
N LEU O 259 5.28 -26.99 46.49
CA LEU O 259 6.35 -26.12 46.03
C LEU O 259 6.26 -24.73 46.65
N VAL O 260 5.04 -24.25 46.91
CA VAL O 260 4.86 -22.94 47.54
C VAL O 260 5.46 -22.91 48.94
N HIS O 261 5.34 -24.03 49.68
CA HIS O 261 5.91 -24.11 51.04
C HIS O 261 7.42 -23.90 51.06
N ARG O 262 8.12 -24.34 50.02
CA ARG O 262 9.58 -24.24 50.01
C ARG O 262 10.08 -22.86 49.65
N ILE O 263 9.21 -21.99 49.12
CA ILE O 263 9.64 -20.69 48.62
C ILE O 263 9.40 -19.57 49.64
N LEU O 264 8.47 -19.75 50.57
CA LEU O 264 8.27 -18.80 51.68
C LEU O 264 9.46 -18.52 52.63
N PRO O 265 10.36 -19.47 53.01
CA PRO O 265 11.37 -19.14 54.05
C PRO O 265 12.35 -18.01 53.74
N VAL O 266 12.54 -17.66 52.47
CA VAL O 266 13.42 -16.53 52.14
C VAL O 266 12.84 -15.19 52.57
N ALA O 267 11.54 -15.11 52.82
CA ALA O 267 10.95 -13.84 53.26
C ALA O 267 11.26 -13.55 54.71
N ALA O 268 11.14 -14.55 55.60
CA ALA O 268 11.67 -14.39 56.95
C ALA O 268 13.18 -14.20 56.95
N SER O 269 13.89 -14.85 56.01
CA SER O 269 15.33 -14.71 55.92
C SER O 269 15.75 -13.41 55.23
N TYR O 270 14.80 -12.61 54.76
CA TYR O 270 14.94 -11.25 54.26
C TYR O 270 14.52 -10.21 55.31
N SER O 271 13.53 -10.52 56.12
CA SER O 271 13.17 -9.64 57.22
C SER O 271 14.28 -9.59 58.28
N ALA O 272 14.91 -10.74 58.54
CA ALA O 272 16.03 -10.77 59.47
C ALA O 272 17.21 -9.96 58.94
N VAL O 273 17.43 -9.95 57.62
CA VAL O 273 18.58 -9.24 57.08
C VAL O 273 18.32 -7.73 57.07
N THR O 274 17.06 -7.32 56.91
CA THR O 274 16.83 -5.87 56.94
C THR O 274 16.81 -5.32 58.37
N ARG O 275 16.52 -6.17 59.36
CA ARG O 275 16.43 -5.64 60.73
C ARG O 275 17.82 -5.41 61.37
N PHE O 276 18.83 -6.18 60.92
CA PHE O 276 20.19 -6.05 61.46
C PHE O 276 20.78 -4.67 61.18
N ILE O 277 20.44 -4.10 60.04
CA ILE O 277 20.97 -2.79 59.65
C ILE O 277 20.41 -1.68 60.54
N GLU O 278 19.22 -1.87 61.10
CA GLU O 278 18.67 -0.86 62.00
C GLU O 278 19.07 -1.09 63.45
N GLU O 279 18.85 -2.29 63.99
CA GLU O 279 19.03 -2.50 65.42
C GLU O 279 20.51 -2.48 65.83
N LYS O 280 21.38 -2.90 64.93
CA LYS O 280 22.81 -2.98 65.23
C LYS O 280 23.59 -1.83 64.60
N SER O 281 22.93 -0.73 64.29
CA SER O 281 23.61 0.48 63.83
C SER O 281 23.55 1.45 65.00
N SER O 282 24.50 1.30 65.90
CA SER O 282 24.73 2.23 66.99
C SER O 282 26.22 2.19 67.24
N PHE O 283 26.75 3.22 67.84
CA PHE O 283 28.17 3.31 68.06
C PHE O 283 28.66 2.43 69.21
N GLU O 284 27.74 1.78 69.92
CA GLU O 284 28.09 0.80 70.92
C GLU O 284 28.67 -0.46 70.29
N TYR O 285 28.01 -0.98 69.24
CA TYR O 285 28.58 -2.06 68.44
C TYR O 285 29.74 -1.58 67.60
N GLY O 286 29.69 -0.34 67.09
CA GLY O 286 30.88 0.31 66.57
C GLY O 286 31.02 0.33 65.06
N GLN O 287 32.23 0.73 64.64
CA GLN O 287 32.55 0.94 63.24
C GLN O 287 32.52 -0.36 62.46
N VAL O 288 32.94 -1.45 63.10
CA VAL O 288 33.00 -2.75 62.45
C VAL O 288 31.60 -3.28 62.16
N ASN O 289 30.66 -3.05 63.09
CA ASN O 289 29.28 -3.48 62.87
C ASN O 289 28.58 -2.64 61.81
N HIS O 290 28.92 -1.35 61.75
CA HIS O 290 28.40 -0.48 60.69
C HIS O 290 28.89 -0.95 59.32
N ALA O 291 30.18 -1.26 59.21
CA ALA O 291 30.73 -1.74 57.95
C ALA O 291 30.20 -3.13 57.60
N LEU O 292 29.91 -3.94 58.63
CA LEU O 292 29.37 -5.27 58.42
C LEU O 292 27.95 -5.23 57.87
N ALA O 293 27.10 -4.37 58.46
CA ALA O 293 25.73 -4.25 57.96
C ALA O 293 25.67 -3.54 56.62
N ALA O 294 26.67 -2.71 56.30
CA ALA O 294 26.70 -2.02 55.01
C ALA O 294 27.16 -2.91 53.87
N ALA O 295 27.80 -4.03 54.17
CA ALA O 295 28.06 -5.06 53.18
C ALA O 295 26.97 -6.11 53.15
N MET O 296 26.13 -6.14 54.18
CA MET O 296 24.90 -6.90 54.17
C MET O 296 23.86 -6.23 53.28
N ARG O 297 23.96 -4.91 53.12
CA ARG O 297 23.05 -4.09 52.34
C ARG O 297 23.21 -4.29 50.84
N THR O 298 24.45 -4.59 50.40
CA THR O 298 24.75 -4.73 48.99
C THR O 298 24.08 -5.96 48.39
N LEU O 299 24.02 -7.06 49.15
CA LEU O 299 23.34 -8.25 48.67
C LEU O 299 21.82 -8.07 48.63
N VAL O 300 21.27 -7.21 49.50
CA VAL O 300 19.84 -6.88 49.41
C VAL O 300 19.56 -6.06 48.16
N LYS O 301 20.48 -5.15 47.82
CA LYS O 301 20.42 -4.42 46.55
C LYS O 301 20.40 -5.38 45.37
N GLU O 302 21.28 -6.41 45.43
CA GLU O 302 21.35 -7.42 44.37
C GLU O 302 20.06 -8.24 44.28
N HIS O 303 19.43 -8.51 45.43
CA HIS O 303 18.14 -9.23 45.45
C HIS O 303 17.04 -8.42 44.75
N LEU O 304 16.98 -7.11 45.02
CA LEU O 304 15.99 -6.27 44.34
C LEU O 304 16.28 -6.18 42.84
N ILE O 305 17.57 -6.18 42.47
CA ILE O 305 17.97 -6.21 41.05
C ILE O 305 17.49 -7.49 40.37
N LEU O 306 17.54 -8.62 41.08
CA LEU O 306 16.92 -9.85 40.58
C LEU O 306 15.43 -9.65 40.32
N VAL O 307 14.73 -9.10 41.31
CA VAL O 307 13.26 -9.00 41.31
C VAL O 307 12.74 -8.14 40.16
N SER O 308 13.51 -7.11 39.74
CA SER O 308 13.08 -6.27 38.62
C SER O 308 12.97 -7.03 37.30
N GLN O 309 14.02 -7.77 36.93
CA GLN O 309 14.02 -8.54 35.68
C GLN O 309 13.00 -9.68 35.73
N LEU O 310 12.83 -10.28 36.91
CA LEU O 310 11.79 -11.31 37.06
C LEU O 310 10.40 -10.74 36.85
N GLU O 311 10.17 -9.49 37.30
CA GLU O 311 8.90 -8.81 37.05
C GLU O 311 8.64 -8.62 35.56
N GLN O 312 9.67 -8.19 34.81
CA GLN O 312 9.50 -8.00 33.37
C GLN O 312 9.15 -9.32 32.68
N LEU O 313 9.69 -10.43 33.16
CA LEU O 313 9.28 -11.71 32.57
C LEU O 313 7.88 -12.13 33.00
N HIS O 314 7.48 -11.78 34.23
CA HIS O 314 6.17 -12.23 34.72
C HIS O 314 5.00 -11.48 34.10
N ARG O 315 5.18 -10.20 33.75
CA ARG O 315 4.07 -9.41 33.21
C ARG O 315 3.59 -9.96 31.87
N GLN O 316 4.51 -10.43 31.04
CA GLN O 316 4.21 -11.07 29.77
C GLN O 316 3.94 -12.56 29.90
N GLY O 317 3.69 -13.04 31.12
CA GLY O 317 3.33 -14.43 31.35
C GLY O 317 4.42 -15.45 31.12
N LEU O 318 5.67 -15.01 30.98
CA LEU O 318 6.78 -15.90 30.63
C LEU O 318 7.60 -16.30 31.85
N LEU O 319 7.02 -16.23 33.04
CA LEU O 319 7.62 -16.81 34.24
C LEU O 319 6.59 -17.72 34.90
N SER O 320 7.07 -18.84 35.43
CA SER O 320 6.21 -19.78 36.12
C SER O 320 6.89 -20.19 37.42
N LEU O 321 6.16 -20.94 38.25
CA LEU O 321 6.65 -21.32 39.57
C LEU O 321 7.82 -22.29 39.49
N GLN O 322 7.87 -23.12 38.46
CA GLN O 322 9.04 -23.97 38.24
C GLN O 322 10.27 -23.14 37.86
N LYS O 323 10.07 -22.05 37.11
CA LYS O 323 11.18 -21.15 36.84
C LYS O 323 11.58 -20.37 38.09
N LEU O 324 10.59 -19.91 38.86
CA LEU O 324 10.86 -19.10 40.04
C LEU O 324 11.61 -19.91 41.11
N TRP O 325 11.30 -21.20 41.21
CA TRP O 325 11.96 -22.09 42.16
C TRP O 325 13.46 -22.19 41.88
N PHE O 326 13.81 -22.48 40.63
CA PHE O 326 15.21 -22.51 40.19
C PHE O 326 15.86 -21.15 40.31
N TYR O 327 15.09 -20.08 40.13
CA TYR O 327 15.67 -18.73 40.16
C TYR O 327 16.02 -18.29 41.57
N ILE O 328 15.18 -18.64 42.56
CA ILE O 328 15.38 -18.14 43.92
C ILE O 328 16.17 -19.10 44.80
N GLN O 329 16.41 -20.34 44.32
CA GLN O 329 17.32 -21.23 45.05
C GLN O 329 18.75 -20.72 45.31
N PRO O 330 19.45 -19.98 44.41
CA PRO O 330 20.80 -19.49 44.79
C PRO O 330 20.80 -18.44 45.90
N ALA O 331 19.86 -17.50 45.88
CA ALA O 331 19.84 -16.45 46.91
C ALA O 331 19.15 -16.91 48.19
N MET O 332 18.47 -18.06 48.16
CA MET O 332 17.96 -18.69 49.36
C MET O 332 19.09 -19.02 50.33
N ARG O 333 20.18 -19.57 49.81
CA ARG O 333 21.35 -19.88 50.61
C ARG O 333 22.03 -18.62 51.12
N THR O 334 22.11 -17.59 50.26
CA THR O 334 22.66 -16.27 50.61
C THR O 334 21.94 -15.66 51.81
N MET O 335 20.61 -15.62 51.73
CA MET O 335 19.82 -15.06 52.82
C MET O 335 19.90 -15.93 54.07
N ASP O 336 19.99 -17.27 53.90
CA ASP O 336 20.16 -18.19 55.02
C ASP O 336 21.42 -17.87 55.82
N ILE O 337 22.54 -17.64 55.13
CA ILE O 337 23.78 -17.31 55.80
C ILE O 337 23.70 -15.96 56.50
N LEU O 338 23.15 -14.94 55.82
CA LEU O 338 23.11 -13.60 56.42
C LEU O 338 22.17 -13.54 57.63
N ALA O 339 21.03 -14.23 57.56
CA ALA O 339 20.10 -14.26 58.69
C ALA O 339 20.64 -15.05 59.87
N SER O 340 21.30 -16.19 59.62
CA SER O 340 21.92 -16.96 60.70
C SER O 340 23.03 -16.16 61.38
N LEU O 341 23.81 -15.41 60.59
CA LEU O 341 24.85 -14.57 61.16
C LEU O 341 24.26 -13.44 62.00
N ALA O 342 23.14 -12.85 61.55
CA ALA O 342 22.47 -11.82 62.34
C ALA O 342 21.99 -12.35 63.68
N THR O 343 21.40 -13.57 63.68
CA THR O 343 20.99 -14.22 64.93
C THR O 343 22.17 -14.45 65.87
N SER O 344 23.29 -14.92 65.33
CA SER O 344 24.44 -15.23 66.17
C SER O 344 25.09 -13.98 66.76
N VAL O 345 25.19 -12.91 65.97
CA VAL O 345 25.76 -11.66 66.47
C VAL O 345 24.85 -11.03 67.52
N ASP O 346 23.52 -11.17 67.36
CA ASP O 346 22.60 -10.66 68.36
C ASP O 346 22.64 -11.49 69.64
N LYS O 347 22.75 -12.81 69.52
CA LYS O 347 22.60 -13.71 70.67
C LYS O 347 23.75 -13.56 71.65
N GLY O 348 24.98 -13.43 71.16
CA GLY O 348 26.13 -13.22 72.00
C GLY O 348 26.48 -11.77 72.24
N GLU O 349 25.66 -10.84 71.73
CA GLU O 349 25.85 -9.39 71.86
C GLU O 349 27.22 -8.94 71.32
N CYS O 350 27.62 -9.54 70.20
CA CYS O 350 29.00 -9.43 69.74
C CYS O 350 29.33 -8.05 69.20
N LEU O 351 30.53 -7.58 69.53
CA LEU O 351 31.08 -6.35 68.99
C LEU O 351 32.60 -6.48 68.95
N GLY O 352 33.21 -5.72 68.06
CA GLY O 352 34.67 -5.60 68.07
C GLY O 352 35.35 -6.63 67.17
N GLY O 353 35.92 -7.66 67.80
CA GLY O 353 36.60 -8.69 67.05
C GLY O 353 35.83 -10.00 67.06
N SER O 354 34.83 -10.08 67.92
CA SER O 354 34.05 -11.31 68.05
C SER O 354 33.09 -11.52 66.89
N THR O 355 32.74 -10.46 66.15
CA THR O 355 32.03 -10.61 64.88
C THR O 355 32.95 -10.31 63.70
N LEU O 356 34.26 -10.40 63.93
CA LEU O 356 35.25 -10.54 62.87
C LEU O 356 35.93 -11.90 62.91
N SER O 357 35.80 -12.63 64.02
CA SER O 357 36.19 -14.03 64.09
C SER O 357 35.07 -14.94 63.59
N LEU O 358 33.82 -14.53 63.80
CA LEU O 358 32.65 -15.32 63.42
C LEU O 358 32.56 -15.52 61.91
N LEU O 359 32.91 -14.49 61.14
CA LEU O 359 32.90 -14.56 59.68
C LEU O 359 34.03 -15.45 59.16
N HIS O 360 35.21 -15.32 59.76
CA HIS O 360 36.34 -16.22 59.53
C HIS O 360 35.96 -17.68 59.77
N ASP O 361 35.16 -17.94 60.81
CA ASP O 361 34.74 -19.30 61.11
C ASP O 361 33.69 -19.81 60.12
N ARG O 362 32.72 -18.95 59.76
CA ARG O 362 31.69 -19.32 58.79
C ARG O 362 32.29 -19.65 57.42
N SER O 363 33.37 -18.94 57.05
CA SER O 363 33.97 -19.16 55.74
C SER O 363 34.60 -20.54 55.62
N PHE O 364 35.17 -21.06 56.72
CA PHE O 364 35.68 -22.42 56.71
C PHE O 364 34.54 -23.44 56.79
N SER O 365 33.49 -23.12 57.55
CA SER O 365 32.38 -24.05 57.85
C SER O 365 31.73 -24.65 56.60
N TYR O 366 31.32 -23.81 55.67
CA TYR O 366 30.91 -24.25 54.34
C TYR O 366 31.95 -23.79 53.33
N THR O 367 32.73 -24.74 52.81
CA THR O 367 33.75 -24.41 51.84
C THR O 367 33.88 -25.47 50.75
N GLY O 368 33.02 -26.50 50.80
CA GLY O 368 33.13 -27.59 49.85
C GLY O 368 32.60 -27.23 48.48
N ASP O 369 31.60 -26.35 48.43
CA ASP O 369 31.06 -25.79 47.20
C ASP O 369 31.50 -24.35 46.97
N SER O 370 31.84 -23.64 48.05
CA SER O 370 32.28 -22.24 48.04
C SER O 370 31.23 -21.32 47.43
N GLN O 371 29.96 -21.61 47.72
CA GLN O 371 28.90 -20.64 47.49
C GLN O 371 28.85 -19.62 48.64
N ALA O 372 29.07 -20.08 49.87
CA ALA O 372 29.06 -19.21 51.03
C ALA O 372 30.43 -18.63 51.36
N GLN O 373 31.50 -19.27 50.89
CA GLN O 373 32.85 -18.84 51.22
C GLN O 373 33.16 -17.46 50.64
N GLU O 374 32.75 -17.20 49.39
CA GLU O 374 32.94 -15.89 48.77
C GLU O 374 32.15 -14.82 49.52
N LEU O 375 30.96 -15.17 49.99
CA LEU O 375 30.14 -14.25 50.78
C LEU O 375 30.85 -13.86 52.06
N CYS O 376 31.25 -14.86 52.86
CA CYS O 376 31.87 -14.58 54.15
C CYS O 376 33.23 -13.90 53.99
N LEU O 377 33.95 -14.22 52.91
CA LEU O 377 35.20 -13.53 52.59
C LEU O 377 34.97 -12.07 52.26
N TYR O 378 33.90 -11.77 51.51
CA TYR O 378 33.54 -10.39 51.20
C TYR O 378 33.11 -9.62 52.44
N LEU O 379 32.30 -10.25 53.29
CA LEU O 379 31.86 -9.62 54.52
C LEU O 379 33.02 -9.34 55.48
N THR O 380 34.03 -10.22 55.50
CA THR O 380 35.19 -9.97 56.33
C THR O 380 36.06 -8.87 55.75
N LYS O 381 36.20 -8.85 54.41
CA LYS O 381 36.95 -7.78 53.73
C LYS O 381 36.36 -6.42 54.02
N ALA O 382 35.03 -6.31 53.98
CA ALA O 382 34.39 -5.02 54.24
C ALA O 382 34.41 -4.68 55.71
N ALA O 383 34.20 -5.67 56.59
CA ALA O 383 34.11 -5.39 58.02
C ALA O 383 35.46 -5.10 58.67
N SER O 384 36.57 -5.51 58.06
CA SER O 384 37.87 -5.37 58.70
C SER O 384 38.61 -4.08 58.35
N ALA O 385 38.12 -3.31 57.37
CA ALA O 385 38.74 -2.03 57.07
C ALA O 385 38.73 -1.01 58.23
N PRO O 386 37.64 -0.81 59.01
CA PRO O 386 37.77 0.08 60.16
C PRO O 386 38.66 -0.48 61.26
N TYR O 387 38.72 -1.82 61.39
CA TYR O 387 39.68 -2.44 62.29
C TYR O 387 41.11 -2.06 61.90
N PHE O 388 41.40 -2.01 60.59
CA PHE O 388 42.75 -1.66 60.15
C PHE O 388 43.03 -0.19 60.35
N GLU O 389 41.99 0.65 60.30
CA GLU O 389 42.19 2.05 60.67
C GLU O 389 42.60 2.18 62.13
N VAL O 390 41.92 1.45 63.02
CA VAL O 390 42.26 1.52 64.45
C VAL O 390 43.62 0.90 64.72
N LEU O 391 43.92 -0.22 64.05
CA LEU O 391 45.23 -0.85 64.15
C LEU O 391 46.32 0.05 63.62
N GLU O 392 46.06 0.75 62.51
CA GLU O 392 46.98 1.71 61.93
C GLU O 392 47.32 2.83 62.90
N LYS O 393 46.30 3.30 63.64
CA LYS O 393 46.52 4.27 64.71
C LYS O 393 47.44 3.71 65.79
N TRP O 394 47.21 2.47 66.24
CA TRP O 394 48.06 1.92 67.30
C TRP O 394 49.48 1.62 66.80
N ILE O 395 49.59 1.21 65.54
CA ILE O 395 50.90 0.80 65.03
C ILE O 395 51.80 2.01 64.81
N TYR O 396 51.28 3.08 64.21
CA TYR O 396 52.17 4.19 63.87
C TYR O 396 52.41 5.15 65.02
N ARG O 397 51.54 5.19 66.02
CA ARG O 397 51.67 6.11 67.14
C ARG O 397 51.34 5.38 68.43
N GLY O 398 51.93 5.86 69.54
CA GLY O 398 51.68 5.26 70.84
C GLY O 398 50.31 5.55 71.43
N ILE O 399 49.48 6.29 70.71
CA ILE O 399 48.11 6.62 71.10
C ILE O 399 47.15 6.11 70.04
N ILE O 400 45.88 6.02 70.41
CA ILE O 400 44.77 5.88 69.48
C ILE O 400 43.71 6.90 69.85
N HIS O 401 42.69 7.01 69.00
CA HIS O 401 41.54 7.88 69.25
C HIS O 401 40.25 7.09 69.15
N ASP O 402 40.27 5.84 69.64
CA ASP O 402 39.09 5.00 69.65
C ASP O 402 38.48 5.03 71.05
N PRO O 403 37.29 5.59 71.24
CA PRO O 403 36.69 5.60 72.59
C PRO O 403 35.90 4.34 72.87
N TYR O 404 35.73 3.53 71.83
CA TYR O 404 35.07 2.23 71.89
C TYR O 404 36.09 1.14 72.09
N SER O 405 35.63 0.05 72.72
CA SER O 405 36.44 -1.15 72.84
C SER O 405 36.10 -2.05 71.67
N GLU O 406 36.84 -1.93 70.57
CA GLU O 406 36.61 -2.81 69.43
C GLU O 406 37.93 -3.24 68.81
N PHE O 407 39.01 -3.10 69.58
CA PHE O 407 40.36 -3.39 69.12
C PHE O 407 41.06 -4.03 70.32
N MET O 408 42.07 -4.86 70.05
CA MET O 408 42.67 -5.69 71.09
C MET O 408 43.35 -4.86 72.17
N VAL O 409 43.90 -3.71 71.82
CA VAL O 409 44.51 -2.85 72.82
C VAL O 409 43.44 -2.03 73.53
N GLU O 410 43.52 -1.97 74.85
CA GLU O 410 42.78 -1.00 75.64
C GLU O 410 43.76 -0.17 76.46
N GLU O 411 43.31 1.01 76.88
CA GLU O 411 44.13 2.01 77.55
C GLU O 411 43.75 2.05 79.03
N HIS O 412 44.69 1.71 79.91
CA HIS O 412 44.53 1.84 81.36
C HIS O 412 45.45 2.96 81.85
N GLU O 413 44.86 4.06 82.31
CA GLU O 413 45.68 5.14 82.83
C GLU O 413 46.26 4.77 84.19
N LEU O 414 47.60 4.91 84.30
CA LEU O 414 48.31 4.78 85.58
C LEU O 414 49.29 5.94 85.76
N ARG O 415 49.19 6.95 84.87
CA ARG O 415 50.05 8.13 84.91
C ARG O 415 49.77 9.02 86.12
N LYS O 416 48.62 8.83 86.78
CA LYS O 416 48.16 9.73 87.84
C LYS O 416 49.07 9.70 89.07
N GLU O 417 49.57 8.52 89.45
CA GLU O 417 50.50 8.39 90.57
C GLU O 417 51.92 8.14 90.09
N ARG O 418 52.12 7.97 88.80
CA ARG O 418 53.44 7.80 88.21
C ARG O 418 53.76 8.97 87.30
N ILE O 419 53.43 10.15 87.78
CA ILE O 419 53.85 11.41 87.19
C ILE O 419 55.26 11.70 87.64
N GLN O 420 56.00 12.42 86.79
CA GLN O 420 57.42 12.83 86.83
C GLN O 420 58.36 11.68 86.51
N GLU O 421 57.87 10.44 86.56
CA GLU O 421 58.62 9.20 86.37
C GLU O 421 57.68 8.02 86.60
N ASP O 422 57.96 6.92 85.91
CA ASP O 422 57.27 5.65 86.11
C ASP O 422 58.08 4.79 87.09
N TYR O 423 57.67 4.79 88.35
CA TYR O 423 58.25 3.93 89.38
C TYR O 423 57.72 2.51 89.28
N ASN O 424 56.62 2.31 88.56
CA ASN O 424 56.06 0.99 88.29
C ASN O 424 56.45 0.45 86.92
N ASP O 425 57.06 1.29 86.08
CA ASP O 425 57.30 1.12 84.66
C ASP O 425 55.99 0.91 83.92
N LYS O 426 55.05 1.85 84.12
CA LYS O 426 53.68 1.70 83.64
C LYS O 426 53.59 1.63 82.13
N TYR O 427 54.43 2.40 81.43
CA TYR O 427 54.46 2.35 79.98
C TYR O 427 54.95 1.00 79.48
N TRP O 428 55.98 0.47 80.14
CA TRP O 428 56.68 -0.75 79.76
C TRP O 428 55.98 -2.01 80.26
N ASP O 429 54.95 -1.84 81.08
CA ASP O 429 54.18 -2.91 81.70
C ASP O 429 52.73 -2.62 81.35
N GLN O 430 51.77 -3.13 82.11
CA GLN O 430 50.37 -2.96 81.78
C GLN O 430 49.94 -1.49 81.92
N ARG O 431 49.99 -0.74 80.81
CA ARG O 431 49.09 0.39 80.55
C ARG O 431 48.36 0.11 79.26
N TYR O 432 49.12 -0.17 78.21
CA TYR O 432 48.60 -0.58 76.93
C TYR O 432 48.68 -2.10 76.92
N THR O 433 47.55 -2.75 77.07
CA THR O 433 47.48 -4.21 77.21
C THR O 433 46.60 -4.75 76.11
N ILE O 434 46.60 -6.07 75.97
CA ILE O 434 45.95 -6.73 74.85
C ILE O 434 44.66 -7.40 75.37
N VAL O 435 43.73 -7.67 74.44
CA VAL O 435 42.54 -8.49 74.71
C VAL O 435 42.54 -9.63 73.69
N GLN O 436 42.37 -10.86 74.17
CA GLN O 436 42.44 -12.04 73.31
C GLN O 436 41.21 -12.22 72.45
N GLN O 437 40.03 -11.83 72.94
CA GLN O 437 38.79 -12.05 72.18
C GLN O 437 38.46 -10.91 71.23
N GLN O 438 39.17 -9.78 71.31
CA GLN O 438 39.07 -8.75 70.29
C GLN O 438 40.16 -8.89 69.23
N ILE O 439 41.03 -9.88 69.38
CA ILE O 439 41.87 -10.35 68.27
C ILE O 439 40.92 -11.05 67.30
N PRO O 440 40.85 -10.64 66.04
CA PRO O 440 39.82 -11.14 65.13
C PRO O 440 40.11 -12.52 64.52
N SER O 441 41.06 -13.26 65.09
CA SER O 441 41.44 -14.63 64.69
C SER O 441 41.98 -14.67 63.25
N PHE O 442 42.65 -13.60 62.83
CA PHE O 442 43.57 -13.70 61.71
C PHE O 442 44.78 -12.81 61.94
N LEU O 443 44.82 -12.16 63.10
CA LEU O 443 45.96 -11.36 63.55
C LEU O 443 46.69 -11.99 64.72
N GLN O 444 46.33 -13.22 65.09
CA GLN O 444 46.86 -13.87 66.28
C GLN O 444 48.35 -14.17 66.14
N LYS O 445 48.82 -14.39 64.90
CA LYS O 445 50.24 -14.63 64.69
C LYS O 445 51.06 -13.39 64.97
N MET O 446 50.54 -12.22 64.63
CA MET O 446 51.23 -10.95 64.83
C MET O 446 50.90 -10.29 66.17
N ALA O 447 50.20 -10.98 67.06
CA ALA O 447 49.49 -10.33 68.15
C ALA O 447 50.44 -9.72 69.18
N ASP O 448 51.53 -10.43 69.50
CA ASP O 448 52.54 -9.89 70.41
C ASP O 448 53.28 -8.73 69.75
N LYS O 449 53.58 -8.88 68.45
CA LYS O 449 54.39 -7.90 67.73
C LYS O 449 53.66 -6.57 67.58
N ILE O 450 52.33 -6.63 67.38
CA ILE O 450 51.49 -5.45 67.28
C ILE O 450 51.59 -4.61 68.56
N LEU O 451 51.57 -5.29 69.71
CA LEU O 451 51.65 -4.60 70.99
C LEU O 451 53.03 -3.98 71.19
N SER O 452 54.09 -4.73 70.86
CA SER O 452 55.45 -4.22 71.07
C SER O 452 55.75 -3.01 70.19
N THR O 453 55.22 -2.99 68.96
CA THR O 453 55.47 -1.91 68.01
C THR O 453 55.03 -0.56 68.54
N GLY O 454 53.88 -0.51 69.20
CA GLY O 454 53.37 0.73 69.73
C GLY O 454 53.81 1.02 71.15
N LYS O 455 54.11 -0.03 71.93
CA LYS O 455 54.62 0.19 73.28
C LYS O 455 56.02 0.78 73.25
N TYR O 456 56.81 0.44 72.23
CA TYR O 456 58.17 0.95 72.14
C TYR O 456 58.21 2.44 71.80
N LEU O 457 57.19 2.95 71.10
CA LEU O 457 57.18 4.35 70.71
C LEU O 457 56.90 5.26 71.89
N ASN O 458 56.20 4.77 72.89
CA ASN O 458 55.83 5.59 74.03
C ASN O 458 57.03 5.98 74.87
N VAL O 459 57.96 5.04 75.06
CA VAL O 459 59.08 5.25 75.97
C VAL O 459 60.24 5.98 75.32
N VAL O 460 60.11 6.35 74.05
CA VAL O 460 60.95 7.36 73.43
C VAL O 460 60.20 8.67 73.22
N ARG O 461 58.90 8.63 73.00
CA ARG O 461 58.04 9.81 72.94
C ARG O 461 57.88 10.50 74.29
N GLU O 462 58.09 9.77 75.41
CA GLU O 462 57.91 10.35 76.74
C GLU O 462 59.00 11.37 77.08
N CYS O 463 60.24 11.13 76.65
CA CYS O 463 61.34 12.08 76.79
C CYS O 463 61.44 12.99 75.58
N GLY O 464 60.47 12.92 74.69
CA GLY O 464 60.36 13.76 73.52
C GLY O 464 61.04 13.12 72.35
N HIS O 465 60.23 12.46 71.51
CA HIS O 465 60.51 12.15 70.12
C HIS O 465 59.17 11.77 69.50
N ASP O 466 58.55 12.68 68.76
CA ASP O 466 57.22 12.43 68.23
C ASP O 466 57.35 11.53 67.01
N VAL O 467 56.75 10.35 67.10
CA VAL O 467 56.95 9.34 66.07
C VAL O 467 56.23 9.73 64.78
N THR O 468 56.94 9.58 63.67
CA THR O 468 56.39 9.80 62.36
C THR O 468 56.30 8.45 61.66
N CYS O 469 55.25 8.25 60.88
CA CYS O 469 54.89 6.93 60.37
C CYS O 469 55.93 6.45 59.36
N PRO O 470 56.43 5.22 59.48
CA PRO O 470 57.45 4.76 58.52
C PRO O 470 56.89 4.44 57.16
N VAL O 471 55.64 3.99 57.11
CA VAL O 471 54.92 3.63 55.90
C VAL O 471 53.50 4.11 56.09
N ALA O 472 52.71 4.10 55.03
CA ALA O 472 51.27 4.35 55.17
C ALA O 472 50.44 3.36 54.36
N LYS O 473 51.03 2.25 53.92
CA LYS O 473 50.35 1.34 53.00
C LYS O 473 49.37 0.45 53.73
N GLU O 474 48.19 0.27 53.14
CA GLU O 474 47.09 -0.44 53.78
C GLU O 474 47.19 -1.95 53.55
N ILE O 475 46.41 -2.69 54.33
CA ILE O 475 46.33 -4.15 54.24
C ILE O 475 44.85 -4.52 54.17
N ILE O 476 44.59 -5.73 53.66
CA ILE O 476 43.23 -6.24 53.53
C ILE O 476 43.18 -7.66 54.08
N TYR O 477 41.96 -8.12 54.38
CA TYR O 477 41.78 -9.45 54.94
C TYR O 477 42.14 -10.53 53.92
N THR O 478 42.89 -11.53 54.38
CA THR O 478 43.32 -12.64 53.55
C THR O 478 43.03 -13.94 54.29
N LEU O 479 42.63 -14.97 53.55
CA LEU O 479 42.18 -16.24 54.12
C LEU O 479 43.15 -17.34 53.70
N LYS O 480 43.78 -17.97 54.71
CA LYS O 480 44.89 -18.93 54.60
C LYS O 480 46.15 -18.33 53.99
N GLU O 481 46.21 -17.01 53.88
CA GLU O 481 47.40 -16.29 53.44
C GLU O 481 47.51 -15.03 54.27
N ARG O 482 48.68 -14.39 54.21
CA ARG O 482 49.00 -13.26 55.07
C ARG O 482 49.58 -12.12 54.23
N ALA O 483 48.84 -11.02 54.17
CA ALA O 483 49.43 -9.74 53.80
C ALA O 483 49.89 -8.94 55.01
N TYR O 484 49.55 -9.38 56.22
CA TYR O 484 49.76 -8.58 57.42
C TYR O 484 51.19 -8.69 57.92
N VAL O 485 51.79 -9.87 57.72
CA VAL O 485 53.10 -10.19 58.29
C VAL O 485 54.15 -9.17 57.84
N GLU O 486 54.15 -8.89 56.54
CA GLU O 486 55.06 -7.91 55.95
C GLU O 486 54.86 -6.53 56.56
N GLN O 487 53.61 -6.14 56.79
CA GLN O 487 53.31 -4.81 57.30
C GLN O 487 53.73 -4.65 58.77
N ILE O 488 53.40 -5.64 59.61
CA ILE O 488 53.74 -5.57 61.02
C ILE O 488 55.25 -5.60 61.21
N GLU O 489 55.96 -6.38 60.39
CA GLU O 489 57.42 -6.41 60.50
C GLU O 489 58.06 -5.11 60.02
N LYS O 490 57.51 -4.51 58.95
CA LYS O 490 58.00 -3.24 58.43
C LYS O 490 57.88 -2.12 59.45
N ALA O 491 56.82 -2.13 60.24
CA ALA O 491 56.70 -1.13 61.29
C ALA O 491 57.57 -1.48 62.51
N PHE O 492 57.65 -2.78 62.82
CA PHE O 492 58.28 -3.24 64.05
C PHE O 492 59.78 -2.96 64.06
N ASN O 493 60.42 -3.11 62.89
CA ASN O 493 61.86 -2.84 62.77
C ASN O 493 62.19 -1.39 63.10
N TYR O 494 61.39 -0.47 62.53
CA TYR O 494 61.57 0.96 62.72
C TYR O 494 61.33 1.37 64.17
N ALA O 495 60.32 0.77 64.81
CA ALA O 495 60.04 1.08 66.21
C ALA O 495 61.18 0.65 67.13
N SER O 496 61.64 -0.60 66.97
CA SER O 496 62.78 -1.08 67.74
C SER O 496 64.03 -0.25 67.49
N LYS O 497 64.27 0.13 66.23
CA LYS O 497 65.51 0.83 65.87
C LYS O 497 65.56 2.24 66.45
N VAL O 498 64.44 2.98 66.38
CA VAL O 498 64.42 4.32 66.97
C VAL O 498 64.58 4.25 68.49
N LEU O 499 63.97 3.23 69.14
CA LEU O 499 64.09 3.14 70.59
C LEU O 499 65.52 2.77 71.00
N LEU O 500 66.16 1.90 70.23
CA LEU O 500 67.56 1.53 70.48
C LEU O 500 68.49 2.73 70.39
N ASP O 501 68.40 3.49 69.28
CA ASP O 501 69.32 4.60 69.06
C ASP O 501 69.13 5.71 70.09
N PHE O 502 67.86 6.06 70.37
CA PHE O 502 67.57 7.08 71.38
C PHE O 502 68.08 6.66 72.74
N LEU O 503 67.90 5.39 73.10
CA LEU O 503 68.35 4.89 74.39
C LEU O 503 69.86 4.90 74.51
N MET O 504 70.57 4.57 73.42
CA MET O 504 72.02 4.43 73.50
C MET O 504 72.76 5.75 73.33
N GLU O 505 72.08 6.82 72.94
CA GLU O 505 72.79 8.11 72.93
C GLU O 505 72.23 9.11 73.92
N GLU O 506 70.92 9.32 73.96
CA GLU O 506 70.31 10.32 74.84
C GLU O 506 69.94 9.66 76.15
N LYS O 507 70.43 10.23 77.26
CA LYS O 507 70.32 9.65 78.61
C LYS O 507 70.90 8.24 78.63
N GLU O 508 72.12 8.13 78.10
CA GLU O 508 72.73 6.87 77.64
C GLU O 508 72.93 5.86 78.75
N LEU O 509 72.94 4.58 78.38
CA LEU O 509 72.98 3.46 79.31
C LEU O 509 74.39 2.89 79.50
N VAL O 510 75.27 3.06 78.52
CA VAL O 510 76.59 2.42 78.56
C VAL O 510 77.46 3.03 79.67
N ALA O 511 77.57 4.36 79.67
CA ALA O 511 78.29 5.07 80.74
C ALA O 511 77.61 4.87 82.08
N HIS O 512 76.27 4.75 82.07
CA HIS O 512 75.48 4.48 83.26
C HIS O 512 75.89 3.16 83.93
N LEU O 513 75.92 2.08 83.15
CA LEU O 513 76.30 0.78 83.69
C LEU O 513 77.77 0.74 84.11
N ARG O 514 78.63 1.45 83.39
CA ARG O 514 80.03 1.56 83.80
C ARG O 514 80.17 2.24 85.15
N SER O 515 79.46 3.34 85.35
CA SER O 515 79.51 4.05 86.63
C SER O 515 78.68 3.35 87.71
N ILE O 516 77.98 2.28 87.38
CA ILE O 516 77.54 1.31 88.38
C ILE O 516 78.70 0.38 88.79
N LYS O 517 79.51 -0.06 87.82
CA LYS O 517 80.59 -1.01 88.11
C LYS O 517 81.68 -0.42 89.01
N ARG O 518 81.87 0.91 88.97
CA ARG O 518 82.99 1.54 89.67
C ARG O 518 82.82 1.51 91.18
N TYR O 519 81.57 1.53 91.64
CA TYR O 519 81.23 1.62 93.06
C TYR O 519 80.67 0.34 93.62
N PHE O 520 79.65 -0.23 92.97
CA PHE O 520 79.08 -1.47 93.44
C PHE O 520 80.01 -2.63 93.14
N LEU O 521 80.25 -2.93 91.86
CA LEU O 521 81.00 -4.11 91.46
C LEU O 521 82.51 -3.95 91.65
N MET O 522 82.95 -2.84 92.24
CA MET O 522 84.33 -2.59 92.68
C MET O 522 85.32 -2.68 91.52
N ASP O 523 85.11 -1.81 90.53
CA ASP O 523 86.06 -1.68 89.45
C ASP O 523 87.28 -0.86 89.83
N GLN O 524 87.13 0.06 90.77
CA GLN O 524 88.25 0.90 91.16
C GLN O 524 88.58 0.61 92.62
N GLY O 525 89.76 0.05 92.85
CA GLY O 525 90.24 -0.19 94.19
C GLY O 525 90.91 1.05 94.72
N ASP O 526 91.40 1.90 93.80
CA ASP O 526 91.96 3.19 94.16
C ASP O 526 90.93 4.06 94.87
N PHE O 527 89.70 4.07 94.38
CA PHE O 527 88.60 4.75 95.05
C PHE O 527 88.39 4.19 96.47
N PHE O 528 88.53 2.87 96.65
CA PHE O 528 88.31 2.32 97.98
C PHE O 528 89.52 2.52 98.89
N VAL O 529 90.75 2.50 98.36
CA VAL O 529 91.92 2.74 99.22
C VAL O 529 91.93 4.19 99.68
N HIS O 530 91.37 5.10 98.87
CA HIS O 530 91.07 6.42 99.39
C HIS O 530 89.95 6.38 100.43
N PHE O 531 88.89 5.61 100.16
CA PHE O 531 87.62 5.80 100.87
C PHE O 531 87.66 5.28 102.29
N MET O 532 88.23 4.10 102.49
CA MET O 532 88.14 3.44 103.78
C MET O 532 88.95 4.17 104.84
N ASP O 533 90.03 4.84 104.44
CA ASP O 533 90.88 5.55 105.39
C ASP O 533 90.16 6.74 106.01
N LEU O 534 89.56 7.59 105.19
CA LEU O 534 88.92 8.80 105.69
C LEU O 534 87.54 8.56 106.26
N ALA O 535 87.04 7.33 106.25
CA ALA O 535 85.66 7.07 106.66
C ALA O 535 85.54 6.14 107.85
N GLU O 536 86.53 5.27 108.09
CA GLU O 536 86.40 4.16 109.04
C GLU O 536 86.16 4.64 110.47
N GLU O 537 86.75 5.79 110.83
CA GLU O 537 86.55 6.33 112.18
C GLU O 537 85.09 6.78 112.37
N GLU O 538 84.41 7.13 111.29
CA GLU O 538 82.96 7.35 111.39
C GLU O 538 82.20 6.04 111.24
N LEU O 539 82.69 5.14 110.38
CA LEU O 539 81.97 3.90 110.05
C LEU O 539 81.86 2.98 111.25
N ARG O 540 82.87 2.96 112.12
CA ARG O 540 82.90 2.04 113.25
C ARG O 540 81.88 2.37 114.32
N LYS O 541 81.32 3.58 114.30
CA LYS O 541 80.38 4.00 115.32
C LYS O 541 79.03 3.30 115.10
N PRO O 542 78.27 3.07 116.17
CA PRO O 542 76.92 2.48 116.01
C PRO O 542 75.95 3.39 115.26
N VAL O 543 74.80 2.83 114.95
CA VAL O 543 73.72 3.50 114.23
C VAL O 543 72.93 4.35 115.23
N GLU O 544 72.24 5.41 114.72
CA GLU O 544 71.58 6.56 115.36
C GLU O 544 72.59 7.60 115.83
N ASP O 545 73.87 7.26 115.75
CA ASP O 545 74.98 8.17 115.97
C ASP O 545 75.69 8.50 114.66
N ILE O 546 75.36 7.78 113.61
CA ILE O 546 75.72 8.15 112.27
C ILE O 546 74.59 9.01 111.73
N THR O 547 74.86 9.67 110.61
CA THR O 547 73.84 10.43 110.00
C THR O 547 74.21 10.35 108.52
N PRO O 548 73.23 10.16 107.63
CA PRO O 548 73.52 10.01 106.20
C PRO O 548 74.20 11.22 105.55
N PRO O 549 74.02 12.48 106.02
CA PRO O 549 74.94 13.53 105.51
C PRO O 549 76.42 13.27 105.77
N ARG O 550 76.80 12.59 106.86
CA ARG O 550 78.22 12.34 107.12
C ARG O 550 78.79 11.33 106.15
N LEU O 551 78.10 10.21 105.98
CA LEU O 551 78.52 9.18 105.05
C LEU O 551 78.50 9.69 103.61
N GLU O 552 77.52 10.55 103.29
CA GLU O 552 77.44 11.13 101.95
C GLU O 552 78.60 12.08 101.67
N ALA O 553 78.93 12.94 102.64
CA ALA O 553 80.07 13.85 102.50
C ALA O 553 81.38 13.10 102.34
N LEU O 554 81.58 12.06 103.16
CA LEU O 554 82.83 11.30 103.11
C LEU O 554 82.95 10.47 101.83
N LEU O 555 81.83 9.95 101.33
CA LEU O 555 81.88 9.19 100.09
C LEU O 555 82.14 10.09 98.89
N GLU O 556 81.33 11.17 98.76
CA GLU O 556 81.52 12.24 97.78
C GLU O 556 82.96 12.73 97.78
N LEU O 557 83.55 12.74 98.96
CA LEU O 557 84.92 13.12 99.16
C LEU O 557 85.90 12.18 98.52
N ALA O 558 85.83 10.93 98.92
CA ALA O 558 86.84 9.98 98.52
C ALA O 558 86.81 9.77 97.02
N LEU O 559 85.62 9.91 96.44
CA LEU O 559 85.55 9.80 95.00
C LEU O 559 86.08 11.05 94.29
N ARG O 560 85.75 12.27 94.77
CA ARG O 560 86.16 13.45 94.01
C ARG O 560 87.63 13.76 94.21
N MET O 561 88.25 13.26 95.29
CA MET O 561 89.70 13.35 95.44
C MET O 561 90.42 12.57 94.37
N SER O 562 89.97 11.34 94.13
CA SER O 562 90.61 10.47 93.17
C SER O 562 90.46 11.02 91.76
N THR O 563 91.28 10.47 90.87
CA THR O 563 91.25 10.85 89.47
C THR O 563 89.95 10.43 88.79
N ALA O 564 89.18 9.52 89.40
CA ALA O 564 87.86 9.21 88.91
C ALA O 564 86.92 10.37 89.20
N ASN O 565 86.82 11.28 88.24
CA ASN O 565 85.83 12.35 88.27
C ASN O 565 85.17 12.40 86.91
N THR O 566 85.67 11.57 85.99
CA THR O 566 85.14 11.49 84.63
C THR O 566 83.78 10.81 84.58
N ASP O 567 83.37 10.13 85.65
CA ASP O 567 82.08 9.47 85.69
C ASP O 567 80.96 10.51 85.83
N PRO O 568 79.82 10.31 85.16
CA PRO O 568 78.76 11.33 85.24
C PRO O 568 78.00 11.34 86.56
N PHE O 569 77.72 10.19 87.15
CA PHE O 569 76.83 10.09 88.30
C PHE O 569 77.64 9.98 89.59
N LYS O 570 77.79 11.10 90.27
CA LYS O 570 78.48 11.15 91.55
C LYS O 570 77.81 12.17 92.45
N ASP O 571 76.63 12.65 92.04
CA ASP O 571 75.99 13.77 92.72
C ASP O 571 75.32 13.34 94.03
N ASP O 572 74.50 12.28 93.98
CA ASP O 572 73.90 11.73 95.17
C ASP O 572 74.26 10.25 95.24
N LEU O 573 74.97 9.88 96.29
CA LEU O 573 75.31 8.49 96.58
C LEU O 573 75.11 8.24 98.07
N LYS O 574 73.91 8.59 98.56
CA LYS O 574 73.58 8.49 99.98
C LYS O 574 73.78 7.08 100.51
N ILE O 575 74.28 6.98 101.71
CA ILE O 575 74.50 5.70 102.36
C ILE O 575 73.39 5.47 103.36
N ASP O 576 72.80 4.28 103.28
CA ASP O 576 71.71 3.88 104.17
C ASP O 576 71.95 2.43 104.58
N LEU O 577 70.91 1.80 105.11
CA LEU O 577 71.04 0.47 105.69
C LEU O 577 69.77 -0.32 105.42
N MET O 578 69.90 -1.65 105.51
CA MET O 578 68.76 -2.54 105.61
C MET O 578 68.64 -3.00 107.05
N PRO O 579 67.48 -2.83 107.70
CA PRO O 579 67.43 -2.95 109.18
C PRO O 579 67.56 -4.35 109.75
N HIS O 580 67.55 -5.41 108.94
CA HIS O 580 67.75 -6.76 109.43
C HIS O 580 69.01 -7.39 108.81
N ASP O 581 69.52 -6.75 107.76
CA ASP O 581 70.83 -6.82 107.10
C ASP O 581 70.99 -8.10 106.27
N LEU O 582 70.74 -9.28 106.79
CA LEU O 582 71.00 -10.44 105.93
C LEU O 582 69.78 -11.30 105.92
N ILE O 583 68.94 -11.09 106.92
CA ILE O 583 67.63 -11.68 107.08
C ILE O 583 66.70 -11.26 105.93
N THR O 584 66.94 -10.10 105.31
CA THR O 584 66.18 -9.67 104.14
C THR O 584 66.32 -10.65 102.98
N GLN O 585 67.52 -11.20 102.79
CA GLN O 585 67.68 -12.29 101.84
C GLN O 585 67.12 -13.58 102.43
N LEU O 586 66.52 -14.40 101.56
CA LEU O 586 65.80 -15.59 102.01
C LEU O 586 66.50 -16.88 101.61
N GLU O 607 72.28 -4.87 112.15
CA GLU O 607 70.83 -4.74 112.18
C GLU O 607 70.42 -3.34 112.66
N LEU O 608 70.25 -3.20 113.98
CA LEU O 608 70.02 -1.89 114.60
C LEU O 608 71.00 -1.75 115.77
N ALA O 609 72.25 -2.13 115.52
CA ALA O 609 73.30 -1.97 116.51
C ALA O 609 74.54 -1.37 115.87
N LEU O 610 74.59 -1.39 114.54
CA LEU O 610 75.75 -0.91 113.80
C LEU O 610 75.40 -0.62 112.35
N SER O 611 75.77 0.56 111.86
CA SER O 611 75.67 0.86 110.44
C SER O 611 76.92 1.61 110.03
N GLY O 612 77.53 1.17 108.93
CA GLY O 612 78.86 1.58 108.55
C GLY O 612 79.70 0.37 108.17
N LEU O 613 79.48 -0.76 108.82
CA LEU O 613 80.19 -1.97 108.47
C LEU O 613 79.26 -3.08 107.97
N GLU O 614 78.33 -3.51 108.81
CA GLU O 614 77.33 -4.50 108.46
C GLU O 614 76.04 -3.75 108.22
N ALA O 615 75.27 -4.21 107.23
CA ALA O 615 74.14 -3.55 106.57
C ALA O 615 74.60 -2.29 105.87
N PHE O 616 75.83 -2.30 105.36
CA PHE O 616 76.34 -1.22 104.53
C PHE O 616 75.81 -1.37 103.12
N SER O 617 75.18 -0.31 102.60
CA SER O 617 74.62 -0.33 101.24
C SER O 617 74.61 1.08 100.67
N PHE O 618 75.13 1.23 99.45
CA PHE O 618 75.12 2.50 98.73
C PHE O 618 73.77 2.74 98.07
N ASP O 619 73.56 3.98 97.61
CA ASP O 619 72.49 4.29 96.68
C ASP O 619 73.07 4.77 95.35
N TYR O 620 72.17 4.93 94.37
CA TYR O 620 72.51 5.38 93.04
C TYR O 620 71.29 6.10 92.47
N ILE O 621 71.52 6.99 91.52
CA ILE O 621 70.43 7.73 90.88
C ILE O 621 70.44 7.45 89.39
N VAL O 622 69.24 7.37 88.82
CA VAL O 622 69.02 6.92 87.45
C VAL O 622 68.33 8.06 86.68
N LYS O 623 68.28 7.93 85.36
CA LYS O 623 67.55 8.81 84.47
C LYS O 623 66.16 8.22 84.18
N TRP O 624 65.41 8.87 83.30
CA TRP O 624 64.01 8.58 82.99
C TRP O 624 63.76 7.42 82.00
N PRO O 625 64.47 7.26 80.88
CA PRO O 625 64.30 6.02 80.11
C PRO O 625 65.16 4.87 80.60
N LEU O 626 66.01 5.10 81.61
CA LEU O 626 66.78 4.03 82.23
C LEU O 626 66.17 3.57 83.55
N SER O 627 65.08 4.21 83.99
CA SER O 627 64.33 3.71 85.12
C SER O 627 63.40 2.57 84.75
N LEU O 628 63.21 2.32 83.46
CA LEU O 628 62.44 1.18 82.99
C LEU O 628 63.31 -0.05 82.83
N ILE O 629 64.63 0.11 82.93
CA ILE O 629 65.58 -1.01 82.98
C ILE O 629 66.08 -1.22 84.40
N ILE O 630 66.59 -0.15 85.02
CA ILE O 630 67.13 -0.18 86.37
C ILE O 630 66.11 0.49 87.29
N ASN O 631 65.56 -0.29 88.21
CA ASN O 631 64.58 0.15 89.20
C ASN O 631 64.85 -0.68 90.45
N ARG O 632 63.84 -0.88 91.31
CA ARG O 632 63.97 -1.54 92.63
C ARG O 632 64.80 -2.81 92.58
N LYS O 633 64.47 -3.73 91.66
CA LYS O 633 65.05 -5.07 91.66
C LYS O 633 66.54 -5.05 91.36
N ALA O 634 66.95 -4.25 90.37
CA ALA O 634 68.36 -4.09 90.04
C ALA O 634 69.14 -3.49 91.21
N LEU O 635 68.56 -2.49 91.88
CA LEU O 635 69.23 -1.84 93.00
C LEU O 635 69.43 -2.79 94.18
N THR O 636 68.42 -3.61 94.49
CA THR O 636 68.56 -4.60 95.55
C THR O 636 69.65 -5.62 95.23
N ARG O 637 69.72 -6.08 93.97
CA ARG O 637 70.74 -7.05 93.59
C ARG O 637 72.14 -6.44 93.63
N TYR O 638 72.28 -5.18 93.20
CA TYR O 638 73.55 -4.47 93.28
C TYR O 638 74.02 -4.33 94.72
N GLN O 639 73.10 -3.99 95.64
CA GLN O 639 73.47 -3.87 97.05
C GLN O 639 73.85 -5.19 97.69
N MET O 640 73.08 -6.26 97.44
CA MET O 640 73.40 -7.54 98.05
C MET O 640 74.66 -8.17 97.48
N LEU O 641 75.11 -7.72 96.30
CA LEU O 641 76.46 -8.08 95.86
C LEU O 641 77.52 -7.22 96.56
N PHE O 642 77.24 -5.91 96.71
CA PHE O 642 78.25 -4.97 97.20
C PHE O 642 78.57 -5.18 98.69
N ARG O 643 77.58 -5.56 99.50
CA ARG O 643 77.81 -5.76 100.93
C ARG O 643 78.76 -6.94 101.17
N HIS O 644 78.51 -8.03 100.44
CA HIS O 644 79.36 -9.22 100.45
C HIS O 644 80.78 -8.89 100.02
N MET O 645 80.94 -8.04 99.00
CA MET O 645 82.32 -7.68 98.66
C MET O 645 82.96 -6.73 99.67
N PHE O 646 82.14 -5.90 100.33
CA PHE O 646 82.65 -5.01 101.36
C PHE O 646 83.25 -5.78 102.53
N TYR O 647 82.68 -6.95 102.86
CA TYR O 647 83.23 -7.72 103.99
C TYR O 647 84.64 -8.21 103.73
N CYS O 648 84.91 -8.72 102.52
CA CYS O 648 86.26 -9.18 102.19
C CYS O 648 87.23 -8.00 102.04
N LYS O 649 86.75 -6.89 101.46
CA LYS O 649 87.54 -5.65 101.40
C LYS O 649 87.93 -5.15 102.79
N HIS O 650 87.00 -5.25 103.74
CA HIS O 650 87.18 -4.76 105.10
C HIS O 650 88.18 -5.61 105.88
N VAL O 651 87.98 -6.93 105.84
CA VAL O 651 88.91 -7.87 106.48
C VAL O 651 90.31 -7.76 105.85
N GLU O 652 90.36 -7.48 104.55
CA GLU O 652 91.60 -7.27 103.82
C GLU O 652 92.38 -6.06 104.35
N ARG O 653 91.70 -4.91 104.48
CA ARG O 653 92.39 -3.72 104.97
C ARG O 653 92.78 -3.86 106.44
N GLN O 654 91.97 -4.59 107.22
CA GLN O 654 92.34 -4.87 108.62
C GLN O 654 93.62 -5.70 108.72
N LEU O 655 93.74 -6.74 107.88
CA LEU O 655 94.94 -7.56 107.86
C LEU O 655 96.15 -6.76 107.36
N CYS O 656 95.92 -5.83 106.44
CA CYS O 656 96.99 -4.93 105.98
C CYS O 656 97.52 -4.06 107.11
N SER O 657 96.63 -3.51 107.93
CA SER O 657 97.07 -2.70 109.06
C SER O 657 97.76 -3.54 110.14
N VAL O 658 97.37 -4.81 110.27
CA VAL O 658 97.98 -5.65 111.30
C VAL O 658 99.36 -6.18 110.88
N TRP O 659 99.62 -6.29 109.57
CA TRP O 659 100.93 -6.80 109.12
C TRP O 659 102.09 -5.89 109.54
N ILE O 660 101.93 -4.58 109.40
CA ILE O 660 103.01 -3.61 109.67
C ILE O 660 103.33 -3.47 111.16
N SER O 661 102.56 -4.14 112.04
CA SER O 661 102.69 -3.93 113.48
C SER O 661 104.06 -4.41 114.01
N ASN O 662 104.47 -5.61 113.63
CA ASN O 662 105.84 -6.05 113.89
C ASN O 662 106.48 -6.62 112.63
N LYS O 663 106.11 -6.09 111.46
CA LYS O 663 106.35 -6.62 110.09
C LYS O 663 105.90 -8.06 109.84
N GLN O 674 112.20 -12.76 120.34
CA GLN O 674 110.75 -12.70 120.18
C GLN O 674 110.38 -12.80 118.69
N TRP O 675 109.28 -12.13 118.29
CA TRP O 675 108.66 -12.22 116.97
C TRP O 675 108.29 -13.66 116.62
N PHE O 676 107.31 -14.21 117.35
CA PHE O 676 106.76 -15.54 117.13
C PHE O 676 106.26 -15.72 115.70
N ALA O 677 106.89 -16.63 114.95
CA ALA O 677 106.63 -16.78 113.53
C ALA O 677 105.46 -17.72 113.22
N GLY O 678 104.95 -18.46 114.21
CA GLY O 678 103.76 -19.27 113.97
C GLY O 678 102.51 -18.42 113.85
N ALA O 679 102.46 -17.32 114.61
CA ALA O 679 101.40 -16.33 114.41
C ALA O 679 101.50 -15.70 113.03
N PHE O 680 102.72 -15.55 112.51
CA PHE O 680 102.88 -14.98 111.18
C PHE O 680 102.52 -16.00 110.10
N THR O 681 102.71 -17.30 110.40
CA THR O 681 102.20 -18.38 109.55
C THR O 681 100.68 -18.31 109.42
N LEU O 682 99.99 -18.20 110.57
CA LEU O 682 98.53 -18.04 110.60
C LEU O 682 98.07 -16.80 109.85
N ARG O 683 98.73 -15.66 110.12
CA ARG O 683 98.39 -14.39 109.50
C ARG O 683 98.56 -14.44 107.99
N GLN O 684 99.63 -15.11 107.53
CA GLN O 684 99.87 -15.26 106.10
C GLN O 684 98.83 -16.18 105.46
N ARG O 685 98.38 -17.22 106.19
CA ARG O 685 97.34 -18.10 105.64
C ARG O 685 96.02 -17.36 105.46
N MET O 686 95.63 -16.56 106.46
CA MET O 686 94.42 -15.75 106.35
C MET O 686 94.52 -14.74 105.21
N LEU O 687 95.65 -14.03 105.13
CA LEU O 687 95.85 -13.02 104.10
C LEU O 687 95.86 -13.62 102.70
N ASN O 688 96.49 -14.79 102.55
CA ASN O 688 96.54 -15.51 101.28
C ASN O 688 95.14 -15.92 100.84
N PHE O 689 94.34 -16.47 101.77
CA PHE O 689 92.99 -16.90 101.43
C PHE O 689 92.11 -15.74 100.98
N VAL O 690 92.06 -14.66 101.77
CA VAL O 690 91.17 -13.53 101.46
C VAL O 690 91.60 -12.81 100.18
N GLN O 691 92.92 -12.70 99.94
CA GLN O 691 93.42 -12.12 98.70
C GLN O 691 93.00 -12.96 97.49
N ASN O 692 93.07 -14.29 97.62
CA ASN O 692 92.66 -15.17 96.53
C ASN O 692 91.15 -15.10 96.28
N ILE O 693 90.35 -14.93 97.35
CA ILE O 693 88.88 -14.81 97.18
C ILE O 693 88.54 -13.56 96.39
N GLN O 694 89.17 -12.44 96.73
CA GLN O 694 88.90 -11.20 96.00
C GLN O 694 89.35 -11.31 94.55
N TYR O 695 90.55 -11.87 94.31
CA TYR O 695 91.05 -12.09 92.96
C TYR O 695 90.15 -13.02 92.15
N TYR O 696 89.56 -14.03 92.82
CA TYR O 696 88.58 -14.92 92.20
C TYR O 696 87.43 -14.13 91.62
N MET O 697 86.84 -13.24 92.44
CA MET O 697 85.72 -12.44 91.95
C MET O 697 86.16 -11.52 90.81
N MET O 698 87.27 -10.80 91.04
CA MET O 698 87.71 -9.75 90.11
C MET O 698 88.01 -10.28 88.71
N PHE O 699 88.72 -11.41 88.60
CA PHE O 699 89.06 -11.86 87.25
C PHE O 699 88.32 -13.11 86.79
N GLU O 700 87.30 -13.58 87.52
CA GLU O 700 86.43 -14.60 86.93
C GLU O 700 85.03 -14.12 86.61
N VAL O 701 84.40 -13.24 87.38
CA VAL O 701 83.00 -12.88 87.13
C VAL O 701 82.85 -11.42 86.72
N MET O 702 83.47 -10.49 87.46
CA MET O 702 83.21 -9.07 87.25
C MET O 702 83.73 -8.57 85.90
N GLU O 703 84.97 -8.86 85.56
CA GLU O 703 85.45 -8.45 84.25
C GLU O 703 85.10 -9.35 83.05
N PRO O 704 85.08 -10.70 83.14
CA PRO O 704 84.73 -11.47 81.92
C PRO O 704 83.27 -11.31 81.48
N THR O 705 82.32 -11.41 82.42
CA THR O 705 80.90 -11.26 82.06
C THR O 705 80.56 -9.85 81.62
N TRP O 706 81.34 -8.85 82.06
CA TRP O 706 81.21 -7.50 81.51
C TRP O 706 81.66 -7.43 80.07
N HIS O 707 82.74 -8.15 79.73
CA HIS O 707 83.18 -8.22 78.34
C HIS O 707 82.16 -8.92 77.46
N ILE O 708 81.42 -9.89 78.01
CA ILE O 708 80.32 -10.49 77.26
C ILE O 708 79.16 -9.50 77.12
N LEU O 709 78.84 -8.79 78.21
CA LEU O 709 77.68 -7.89 78.18
C LEU O 709 77.90 -6.73 77.22
N GLU O 710 79.15 -6.26 77.09
CA GLU O 710 79.43 -5.20 76.13
C GLU O 710 79.38 -5.69 74.69
N LYS O 711 79.38 -7.01 74.44
CA LYS O 711 79.12 -7.46 73.08
C LYS O 711 77.65 -7.79 72.82
N ASN O 712 76.88 -8.19 73.85
CA ASN O 712 75.47 -8.51 73.60
C ASN O 712 74.62 -7.27 73.34
N LEU O 713 74.89 -6.16 74.03
CA LEU O 713 73.99 -5.03 73.88
C LEU O 713 74.25 -4.22 72.60
N LYS O 714 75.32 -4.51 71.84
CA LYS O 714 75.47 -3.90 70.52
C LYS O 714 74.73 -4.67 69.43
N SER O 715 74.38 -5.94 69.68
CA SER O 715 73.63 -6.74 68.73
C SER O 715 72.20 -7.00 69.19
N ALA O 716 71.74 -6.27 70.20
CA ALA O 716 70.38 -6.41 70.68
C ALA O 716 69.43 -5.75 69.69
N SER O 717 68.41 -6.48 69.27
CA SER O 717 67.46 -5.96 68.30
C SER O 717 66.30 -5.22 68.96
N ASN O 718 66.03 -5.46 70.24
CA ASN O 718 65.03 -4.69 70.95
C ASN O 718 65.36 -4.66 72.43
N ILE O 719 64.54 -3.91 73.17
CA ILE O 719 64.87 -3.35 74.47
C ILE O 719 64.18 -4.23 75.53
N ASP O 720 63.45 -5.23 75.04
CA ASP O 720 63.10 -6.36 75.86
C ASP O 720 64.19 -7.42 75.86
N ASP O 721 65.15 -7.34 74.94
CA ASP O 721 66.36 -8.13 75.08
C ASP O 721 67.38 -7.46 75.99
N VAL O 722 67.46 -6.13 76.00
CA VAL O 722 68.49 -5.48 76.81
C VAL O 722 68.16 -5.61 78.30
N LEU O 723 66.85 -5.61 78.63
CA LEU O 723 66.40 -5.86 80.00
C LEU O 723 66.69 -7.30 80.42
N GLY O 724 66.52 -8.24 79.49
CA GLY O 724 66.80 -9.63 79.80
C GLY O 724 68.28 -9.92 79.93
N HIS O 725 69.11 -9.30 79.09
CA HIS O 725 70.56 -9.40 79.23
C HIS O 725 71.02 -8.80 80.55
N HIS O 726 70.41 -7.70 80.97
CA HIS O 726 70.77 -7.07 82.24
C HIS O 726 70.36 -7.93 83.42
N THR O 727 69.16 -8.53 83.38
CA THR O 727 68.77 -9.41 84.48
C THR O 727 69.61 -10.69 84.49
N GLY O 728 70.06 -11.14 83.32
CA GLY O 728 70.98 -12.26 83.28
C GLY O 728 72.33 -11.92 83.86
N PHE O 729 72.82 -10.70 83.59
CA PHE O 729 74.09 -10.20 84.13
C PHE O 729 74.07 -10.14 85.64
N LEU O 730 73.00 -9.54 86.20
CA LEU O 730 72.91 -9.44 87.66
C LEU O 730 72.73 -10.81 88.32
N ASP O 731 71.92 -11.68 87.71
CA ASP O 731 71.70 -13.01 88.28
C ASP O 731 72.96 -13.87 88.21
N THR O 732 73.75 -13.79 87.13
CA THR O 732 74.94 -14.63 87.07
C THR O 732 76.03 -14.12 88.02
N CYS O 733 76.18 -12.79 88.14
CA CYS O 733 77.18 -12.26 89.07
C CYS O 733 76.80 -12.55 90.51
N LEU O 734 75.50 -12.59 90.81
CA LEU O 734 75.07 -12.96 92.15
C LEU O 734 75.25 -14.45 92.40
N LYS O 735 74.93 -15.28 91.39
CA LYS O 735 74.92 -16.73 91.57
C LYS O 735 76.34 -17.29 91.73
N ASP O 736 77.29 -16.79 90.94
CA ASP O 736 78.66 -17.28 91.08
C ASP O 736 79.28 -16.86 92.40
N CYS O 737 78.79 -15.77 92.98
CA CYS O 737 79.22 -15.36 94.31
C CYS O 737 78.56 -16.23 95.37
N MET O 738 79.04 -16.09 96.61
CA MET O 738 78.66 -16.97 97.70
C MET O 738 77.26 -16.70 98.27
N LEU O 739 76.53 -15.72 97.74
CA LEU O 739 75.20 -15.43 98.27
C LEU O 739 74.21 -16.56 97.96
N THR O 740 74.31 -17.15 96.77
CA THR O 740 73.35 -18.16 96.35
C THR O 740 74.03 -19.52 96.44
N ASN O 741 73.70 -20.22 97.50
CA ASN O 741 74.10 -21.59 97.80
C ASN O 741 72.89 -22.23 98.48
N PRO O 742 72.73 -23.55 98.35
CA PRO O 742 71.86 -24.25 99.30
C PRO O 742 72.15 -24.03 100.79
N GLU O 743 73.37 -24.34 101.26
CA GLU O 743 73.67 -24.22 102.68
C GLU O 743 74.03 -22.79 103.10
N LEU O 744 74.22 -21.89 102.13
CA LEU O 744 74.52 -20.46 102.29
C LEU O 744 75.86 -20.17 102.95
N LEU O 745 76.71 -21.18 103.14
CA LEU O 745 78.11 -21.06 103.62
C LEU O 745 78.21 -20.35 104.98
N LYS O 746 77.62 -21.00 105.99
CA LYS O 746 77.80 -20.52 107.36
C LYS O 746 79.23 -20.73 107.86
N VAL O 747 79.92 -21.71 107.28
CA VAL O 747 81.34 -21.93 107.54
C VAL O 747 82.16 -20.69 107.22
N PHE O 748 81.87 -20.05 106.08
CA PHE O 748 82.51 -18.85 105.60
C PHE O 748 82.29 -17.68 106.56
N SER O 749 81.10 -17.62 107.16
CA SER O 749 80.79 -16.59 108.14
C SER O 749 81.60 -16.77 109.42
N LYS O 750 81.73 -18.02 109.90
CA LYS O 750 82.54 -18.24 111.10
C LYS O 750 84.03 -18.00 110.86
N LEU O 751 84.50 -18.27 109.63
CA LEU O 751 85.88 -17.94 109.26
C LEU O 751 86.12 -16.43 109.31
N MET O 752 85.22 -15.65 108.71
CA MET O 752 85.40 -14.20 108.74
C MET O 752 85.26 -13.63 110.14
N SER O 753 84.45 -14.29 110.99
CA SER O 753 84.36 -13.92 112.40
C SER O 753 85.70 -14.04 113.11
N VAL O 754 86.37 -15.19 112.97
CA VAL O 754 87.66 -15.31 113.66
C VAL O 754 88.74 -14.44 113.00
N CYS O 755 88.57 -14.06 111.72
CA CYS O 755 89.53 -13.11 111.17
C CYS O 755 89.37 -11.69 111.74
N VAL O 756 88.14 -11.22 111.98
CA VAL O 756 88.00 -9.90 112.62
C VAL O 756 88.42 -9.96 114.09
N MET O 757 88.22 -11.12 114.74
CA MET O 757 88.71 -11.31 116.11
C MET O 757 90.23 -11.21 116.16
N PHE O 758 90.89 -11.83 115.18
CA PHE O 758 92.36 -11.85 115.14
C PHE O 758 92.94 -10.48 114.83
N THR O 759 92.30 -9.70 113.95
CA THR O 759 92.85 -8.38 113.62
C THR O 759 92.79 -7.42 114.83
N ASN O 760 91.66 -7.42 115.57
CA ASN O 760 91.59 -6.55 116.74
C ASN O 760 92.49 -7.05 117.88
N CYS O 761 92.56 -8.38 118.07
CA CYS O 761 93.38 -8.93 119.16
C CYS O 761 94.87 -8.69 118.95
N MET O 762 95.35 -8.86 117.71
CA MET O 762 96.78 -8.66 117.48
C MET O 762 97.16 -7.18 117.58
N GLN O 763 96.29 -6.28 117.08
CA GLN O 763 96.62 -4.86 117.18
C GLN O 763 96.67 -4.39 118.63
N LYS O 764 95.70 -4.83 119.47
CA LYS O 764 95.73 -4.41 120.86
C LYS O 764 96.91 -5.04 121.62
N PHE O 765 97.30 -6.27 121.24
CA PHE O 765 98.43 -6.91 121.92
C PHE O 765 99.74 -6.21 121.60
N THR O 766 99.94 -5.80 120.34
CA THR O 766 101.19 -5.14 119.99
C THR O 766 101.28 -3.74 120.55
N GLN O 767 100.16 -3.02 120.69
CA GLN O 767 100.31 -1.74 121.38
C GLN O 767 100.46 -1.92 122.89
N SER O 768 99.93 -3.01 123.44
CA SER O 768 100.12 -3.31 124.87
C SER O 768 101.26 -4.31 125.10
N MET O 769 102.26 -4.32 124.23
CA MET O 769 103.51 -5.05 124.44
C MET O 769 104.61 -4.20 125.07
N LYS O 770 104.63 -2.91 124.79
CA LYS O 770 105.70 -2.04 125.30
C LYS O 770 105.46 -1.62 126.74
N LEU O 771 104.20 -1.52 127.16
CA LEU O 771 103.87 -1.04 128.49
C LEU O 771 103.80 -2.21 129.48
N LEU O 814 105.31 -11.53 123.66
CA LEU O 814 105.05 -11.76 122.24
C LEU O 814 105.43 -13.20 121.83
N VAL O 815 105.74 -14.07 122.80
CA VAL O 815 106.03 -15.46 122.48
C VAL O 815 105.15 -16.39 123.30
N SER O 816 104.64 -15.95 124.45
CA SER O 816 104.01 -16.88 125.38
C SER O 816 102.51 -16.67 125.54
N GLY O 817 102.07 -15.49 125.99
CA GLY O 817 100.65 -15.20 125.99
C GLY O 817 100.13 -14.98 124.59
N PHE O 818 101.00 -14.42 123.73
CA PHE O 818 100.74 -14.31 122.29
C PHE O 818 100.42 -15.66 121.69
N GLU O 819 101.28 -16.67 121.93
CA GLU O 819 101.06 -18.01 121.40
C GLU O 819 99.75 -18.62 121.89
N ALA O 820 99.41 -18.38 123.16
CA ALA O 820 98.19 -18.96 123.73
C ALA O 820 96.94 -18.34 123.10
N THR O 821 96.93 -17.01 122.90
CA THR O 821 95.79 -16.40 122.21
C THR O 821 95.77 -16.78 120.73
N ILE O 822 96.95 -16.91 120.10
CA ILE O 822 96.98 -17.14 118.66
C ILE O 822 96.55 -18.56 118.32
N ASN O 823 96.89 -19.55 119.16
CA ASN O 823 96.70 -20.94 118.73
C ASN O 823 95.23 -21.36 118.75
N LYS O 824 94.41 -20.76 119.63
CA LYS O 824 92.98 -21.05 119.57
C LYS O 824 92.35 -20.41 118.33
N PHE O 825 92.85 -19.22 117.94
CA PHE O 825 92.44 -18.61 116.68
C PHE O 825 92.89 -19.46 115.50
N ASP O 826 94.07 -20.06 115.59
CA ASP O 826 94.61 -20.87 114.51
C ASP O 826 93.83 -22.17 114.37
N LYS O 827 93.49 -22.80 115.50
CA LYS O 827 92.68 -24.01 115.50
C LYS O 827 91.29 -23.74 114.92
N ASN O 828 90.66 -22.64 115.34
CA ASN O 828 89.35 -22.29 114.81
C ASN O 828 89.41 -21.92 113.34
N PHE O 829 90.44 -21.18 112.92
CA PHE O 829 90.56 -20.80 111.51
C PHE O 829 90.85 -22.00 110.62
N SER O 830 91.69 -22.93 111.09
CA SER O 830 91.98 -24.13 110.33
C SER O 830 90.77 -25.03 110.23
N ALA O 831 89.98 -25.09 111.31
CA ALA O 831 88.72 -25.83 111.27
C ALA O 831 87.75 -25.22 110.27
N HIS O 832 87.51 -23.90 110.38
CA HIS O 832 86.67 -23.11 109.48
C HIS O 832 87.19 -23.04 108.05
N LEU O 833 88.44 -23.38 107.80
CA LEU O 833 88.97 -23.47 106.45
C LEU O 833 88.81 -24.85 105.84
N LEU O 834 89.07 -25.90 106.63
CA LEU O 834 88.97 -27.27 106.16
C LEU O 834 87.55 -27.63 105.77
N ASP O 835 86.56 -27.24 106.59
CA ASP O 835 85.19 -27.65 106.29
C ASP O 835 84.66 -26.94 105.04
N LEU O 836 85.09 -25.69 104.80
CA LEU O 836 84.67 -24.99 103.57
C LEU O 836 85.28 -25.62 102.34
N LEU O 837 86.60 -25.85 102.35
CA LEU O 837 87.23 -26.43 101.17
C LEU O 837 86.78 -27.86 100.94
N ALA O 838 86.43 -28.57 102.02
CA ALA O 838 85.91 -29.92 101.90
C ALA O 838 84.48 -29.92 101.34
N ARG O 839 83.61 -29.05 101.86
CA ARG O 839 82.24 -28.95 101.38
C ARG O 839 82.13 -28.34 99.99
N LEU O 840 83.18 -27.67 99.50
CA LEU O 840 83.20 -27.29 98.09
C LEU O 840 83.80 -28.40 97.22
N SER O 841 84.68 -29.26 97.79
CA SER O 841 85.33 -30.29 96.98
C SER O 841 84.39 -31.39 96.55
N ILE O 842 83.27 -31.56 97.26
CA ILE O 842 82.27 -32.51 96.83
C ILE O 842 81.55 -32.02 95.57
N TYR O 843 81.38 -30.70 95.43
CA TYR O 843 80.68 -30.12 94.30
C TYR O 843 81.63 -30.07 93.11
N SER O 844 81.24 -30.75 92.03
CA SER O 844 82.08 -30.85 90.83
C SER O 844 81.21 -30.68 89.59
N GLY O 851 85.77 -22.50 87.35
CA GLY O 851 85.66 -23.80 86.70
C GLY O 851 84.68 -24.73 87.39
N MET O 852 85.01 -26.01 87.47
CA MET O 852 84.15 -26.98 88.15
C MET O 852 84.67 -27.33 89.55
N ALA O 853 85.85 -27.95 89.62
CA ALA O 853 86.58 -28.12 90.86
C ALA O 853 87.76 -27.16 90.92
N SER O 854 87.84 -26.24 89.94
CA SER O 854 88.87 -25.21 89.90
C SER O 854 88.75 -24.21 91.03
N VAL O 855 87.56 -24.08 91.62
CA VAL O 855 87.36 -23.10 92.69
C VAL O 855 88.21 -23.46 93.91
N ILE O 856 88.14 -24.72 94.37
CA ILE O 856 88.99 -25.20 95.46
C ILE O 856 90.44 -25.25 95.01
N SER O 857 90.66 -25.61 93.74
CA SER O 857 91.99 -25.89 93.24
C SER O 857 92.84 -24.63 93.25
N ARG O 858 92.24 -23.48 92.96
CA ARG O 858 92.98 -22.22 93.03
C ARG O 858 93.18 -21.76 94.49
N LEU O 859 92.17 -21.97 95.35
CA LEU O 859 92.25 -21.44 96.72
C LEU O 859 93.36 -22.09 97.52
N ASP O 860 93.58 -23.38 97.33
CA ASP O 860 94.74 -24.06 97.91
C ASP O 860 95.47 -24.71 96.74
N PHE O 861 96.46 -23.99 96.22
CA PHE O 861 97.38 -24.49 95.21
C PHE O 861 98.31 -25.55 95.76
N ASN O 862 98.66 -25.46 97.05
CA ASN O 862 99.54 -26.45 97.68
C ASN O 862 98.83 -27.79 97.82
N GLY O 863 97.55 -27.77 98.17
CA GLY O 863 96.83 -29.00 98.44
C GLY O 863 96.98 -29.49 99.87
N PHE O 864 97.16 -28.57 100.81
CA PHE O 864 97.28 -28.89 102.24
C PHE O 864 96.32 -28.00 103.00
N TYR O 865 95.37 -28.64 103.70
CA TYR O 865 94.08 -28.15 104.23
C TYR O 865 93.05 -28.01 103.11
N THR O 866 93.30 -28.59 101.92
CA THR O 866 92.29 -28.52 100.86
C THR O 866 91.16 -29.52 101.09
N GLU O 867 91.49 -30.75 101.47
CA GLU O 867 90.60 -31.74 102.06
C GLU O 867 91.54 -32.76 102.67
N ARG O 868 91.87 -32.62 103.95
CA ARG O 868 92.73 -33.60 104.62
C ARG O 868 91.91 -34.55 105.46
N LEU O 869 90.61 -34.33 105.50
CA LEU O 869 89.63 -35.17 106.18
C LEU O 869 88.58 -35.58 105.16
N GLU O 870 89.04 -36.28 104.11
CA GLU O 870 88.26 -36.75 102.96
C GLU O 870 86.89 -37.30 103.33
N ARG O 871 85.93 -37.06 102.43
CA ARG O 871 84.57 -37.55 102.58
C ARG O 871 84.21 -38.29 101.30
N LEU O 872 83.99 -39.60 101.43
CA LEU O 872 83.69 -40.56 100.35
C LEU O 872 84.80 -40.64 99.29
N ILE P 245 -10.45 0.75 40.22
CA ILE P 245 -9.32 1.66 40.27
C ILE P 245 -8.14 0.98 39.54
N THR P 246 -7.25 1.78 38.96
CA THR P 246 -6.14 1.27 38.15
C THR P 246 -4.80 1.63 38.79
N GLU P 247 -3.77 0.89 38.40
CA GLU P 247 -2.46 1.05 39.02
C GLU P 247 -1.78 2.34 38.59
N ALA P 248 -1.96 2.71 37.30
CA ALA P 248 -1.24 3.82 36.70
C ALA P 248 -1.50 5.13 37.42
N ALA P 249 -2.74 5.32 37.90
CA ALA P 249 -3.12 6.46 38.72
C ALA P 249 -2.33 6.51 40.02
N LEU P 250 -2.11 5.36 40.65
CA LEU P 250 -1.39 5.37 41.90
C LEU P 250 0.11 5.57 41.69
N VAL P 251 0.64 5.05 40.58
CA VAL P 251 2.05 5.28 40.24
C VAL P 251 2.30 6.77 40.02
N ARG P 252 1.39 7.46 39.31
CA ARG P 252 1.59 8.89 39.06
C ARG P 252 1.41 9.72 40.32
N ASP P 253 0.55 9.29 41.27
CA ASP P 253 0.46 10.05 42.52
C ASP P 253 1.70 9.87 43.42
N ILE P 254 2.16 8.62 43.55
CA ILE P 254 3.32 8.32 44.41
C ILE P 254 4.57 9.00 43.87
N LEU P 255 4.73 9.10 42.54
CA LEU P 255 5.95 9.75 42.04
C LEU P 255 6.00 11.26 42.28
N TYR P 256 4.88 11.92 42.60
CA TYR P 256 4.97 13.32 43.03
C TYR P 256 5.07 13.49 44.52
N VAL P 257 4.52 12.57 45.33
CA VAL P 257 4.72 12.75 46.78
C VAL P 257 6.13 12.43 47.25
N PHE P 258 6.99 11.89 46.38
CA PHE P 258 8.42 11.86 46.69
C PHE P 258 9.01 13.25 46.68
N GLN P 259 8.54 14.11 45.76
CA GLN P 259 8.99 15.49 45.67
C GLN P 259 8.65 16.28 46.93
N GLY P 260 7.58 15.90 47.61
CA GLY P 260 6.90 16.80 48.51
C GLY P 260 5.75 17.53 47.86
N ILE P 261 5.40 17.16 46.63
CA ILE P 261 4.23 17.71 45.95
C ILE P 261 3.05 16.76 46.14
N ASP P 262 1.93 17.30 46.63
CA ASP P 262 0.78 16.51 46.99
C ASP P 262 0.03 16.03 45.75
N GLY P 263 -0.43 14.78 45.80
CA GLY P 263 -1.07 14.15 44.66
C GLY P 263 -2.60 14.19 44.74
N LYS P 264 -3.21 13.56 43.74
CA LYS P 264 -4.67 13.59 43.59
C LYS P 264 -5.38 12.83 44.70
N ASN P 265 -4.89 11.64 45.05
CA ASN P 265 -5.54 10.83 46.06
C ASN P 265 -4.60 10.46 47.21
N ILE P 266 -3.47 11.15 47.33
CA ILE P 266 -2.51 10.91 48.42
C ILE P 266 -2.18 12.23 49.07
N LYS P 267 -2.57 12.39 50.34
CA LYS P 267 -2.34 13.63 51.07
C LYS P 267 -1.79 13.31 52.44
N MET P 268 -1.03 14.25 52.99
CA MET P 268 -0.64 14.20 54.39
C MET P 268 -1.66 14.98 55.22
N ASN P 269 -1.91 14.48 56.42
CA ASN P 269 -2.87 15.11 57.32
C ASN P 269 -2.26 15.27 58.71
N ASN P 270 -0.96 14.99 58.79
CA ASN P 270 -0.08 15.28 59.91
C ASN P 270 1.33 14.98 59.40
N THR P 271 2.29 15.85 59.66
CA THR P 271 3.62 15.64 59.11
C THR P 271 4.50 14.82 60.06
N GLU P 272 3.92 14.33 61.14
CA GLU P 272 4.56 13.36 61.99
C GLU P 272 4.04 11.95 61.74
N ASN P 273 3.01 11.78 60.91
CA ASN P 273 2.60 10.41 60.60
C ASN P 273 3.20 9.86 59.31
N CYS P 274 2.57 10.18 58.16
CA CYS P 274 2.91 9.69 56.82
C CYS P 274 1.90 10.13 55.76
N TYR P 275 2.23 9.93 54.48
CA TYR P 275 1.26 10.08 53.40
C TYR P 275 0.22 8.96 53.43
N LYS P 276 -1.05 9.33 53.29
CA LYS P 276 -2.14 8.36 53.41
C LYS P 276 -3.03 8.38 52.18
N VAL P 277 -3.50 7.20 51.78
CA VAL P 277 -4.30 7.04 50.57
C VAL P 277 -5.75 7.41 50.86
N GLU P 278 -6.42 8.00 49.86
CA GLU P 278 -7.82 8.39 50.00
C GLU P 278 -8.73 7.16 50.08
N ARG P 285 -4.94 -6.95 47.38
CA ARG P 285 -4.51 -6.33 48.63
C ARG P 285 -3.02 -6.00 48.59
N SER P 286 -2.30 -6.63 47.66
CA SER P 286 -0.85 -6.48 47.58
C SER P 286 -0.43 -5.17 46.90
N LEU P 287 -1.28 -4.61 46.04
CA LEU P 287 -0.99 -3.30 45.46
C LEU P 287 -0.95 -2.21 46.52
N ARG P 288 -1.88 -2.29 47.48
CA ARG P 288 -1.96 -1.29 48.54
C ARG P 288 -0.76 -1.39 49.49
N ASP P 289 -0.19 -2.58 49.62
CA ASP P 289 0.88 -2.80 50.59
C ASP P 289 2.20 -2.17 50.17
N THR P 290 2.38 -1.84 48.89
CA THR P 290 3.59 -1.15 48.45
C THR P 290 3.63 0.29 48.99
N ALA P 291 2.44 0.88 49.20
CA ALA P 291 2.34 2.28 49.54
C ALA P 291 2.87 2.57 50.94
N VAL P 292 2.74 1.60 51.86
CA VAL P 292 3.17 1.84 53.24
C VAL P 292 4.69 1.84 53.37
N ARG P 293 5.42 1.37 52.36
CA ARG P 293 6.86 1.59 52.28
C ARG P 293 7.21 2.84 51.49
N LEU P 294 6.55 3.05 50.34
CA LEU P 294 6.91 4.21 49.51
C LEU P 294 6.50 5.53 50.15
N SER P 295 5.56 5.50 51.09
CA SER P 295 5.05 6.74 51.65
C SER P 295 6.01 7.36 52.66
N GLU P 296 6.85 6.54 53.31
CA GLU P 296 7.81 7.02 54.31
C GLU P 296 8.87 7.93 53.71
N LEU P 297 9.11 7.82 52.40
CA LEU P 297 10.07 8.67 51.71
C LEU P 297 9.60 10.10 51.57
N GLY P 298 8.30 10.35 51.73
CA GLY P 298 7.81 11.72 51.78
C GLY P 298 7.90 12.26 53.19
N TRP P 299 7.70 11.37 54.18
CA TRP P 299 7.82 11.72 55.58
C TRP P 299 9.22 12.21 55.93
N LEU P 300 10.25 11.49 55.44
CA LEU P 300 11.64 11.91 55.66
C LEU P 300 11.96 13.22 54.94
N HIS P 301 11.40 13.40 53.73
CA HIS P 301 11.63 14.62 52.97
C HIS P 301 11.05 15.83 53.67
N ASN P 302 9.86 15.69 54.23
CA ASN P 302 9.25 16.77 54.99
C ASN P 302 10.00 17.03 56.29
N LYS P 303 10.54 15.98 56.92
CA LYS P 303 11.36 16.15 58.11
C LYS P 303 12.60 16.99 57.84
N ILE P 304 13.21 16.81 56.67
CA ILE P 304 14.36 17.65 56.30
C ILE P 304 13.88 19.06 55.92
N ARG P 305 12.80 19.15 55.15
CA ARG P 305 12.34 20.39 54.55
C ARG P 305 11.83 21.37 55.59
N ARG P 306 11.26 20.89 56.69
CA ARG P 306 10.79 21.77 57.77
C ARG P 306 11.94 22.51 58.44
N TYR P 307 13.02 21.80 58.79
CA TYR P 307 14.19 22.38 59.41
C TYR P 307 14.96 23.30 58.46
N THR P 308 15.13 22.92 57.20
CA THR P 308 15.81 23.85 56.30
C THR P 308 14.89 24.94 55.77
N ASP P 309 13.58 24.85 56.02
CA ASP P 309 12.69 25.98 55.77
C ASP P 309 12.82 27.00 56.89
N GLN P 310 12.80 26.53 58.13
CA GLN P 310 12.82 27.48 59.23
C GLN P 310 14.20 28.08 59.46
N ARG P 311 15.27 27.26 59.44
CA ARG P 311 16.60 27.77 59.78
C ARG P 311 17.19 28.67 58.69
N SER P 312 16.67 28.61 57.46
CA SER P 312 17.23 29.42 56.37
C SER P 312 16.89 30.89 56.49
N LEU P 313 15.67 31.20 56.91
CA LEU P 313 15.24 32.57 57.12
C LEU P 313 15.66 33.11 58.48
N ASP P 314 16.28 32.27 59.31
CA ASP P 314 16.71 32.63 60.65
C ASP P 314 18.20 32.98 60.60
N ARG P 315 18.51 34.26 60.83
CA ARG P 315 19.89 34.72 60.84
C ARG P 315 20.44 34.91 62.23
N SER P 316 19.60 34.82 63.28
CA SER P 316 20.07 34.68 64.64
C SER P 316 20.52 33.25 64.93
N PHE P 317 20.26 32.33 64.00
CA PHE P 317 20.84 31.01 63.97
C PHE P 317 22.21 30.99 63.29
N GLY P 318 22.74 32.16 62.95
CA GLY P 318 24.16 32.30 62.64
C GLY P 318 24.56 31.75 61.28
N LEU P 319 25.83 31.98 60.98
CA LEU P 319 26.41 31.60 59.69
C LEU P 319 26.44 30.08 59.52
N VAL P 320 26.86 29.38 60.57
CA VAL P 320 26.75 27.93 60.64
C VAL P 320 25.31 27.61 61.00
N GLY P 321 24.69 26.74 60.21
CA GLY P 321 23.27 26.49 60.28
C GLY P 321 22.64 26.95 58.98
N GLN P 322 23.03 28.13 58.52
CA GLN P 322 22.65 28.55 57.17
C GLN P 322 23.53 27.89 56.11
N SER P 323 24.83 27.70 56.41
CA SER P 323 25.67 26.85 55.56
C SER P 323 25.19 25.39 55.56
N PHE P 324 24.79 24.91 56.74
CA PHE P 324 24.16 23.60 56.89
C PHE P 324 22.93 23.49 55.99
N CYS P 325 22.08 24.52 55.99
CA CYS P 325 20.87 24.54 55.18
C CYS P 325 21.17 24.49 53.68
N ALA P 326 22.20 25.22 53.26
CA ALA P 326 22.69 25.13 51.88
C ALA P 326 23.02 23.69 51.48
N ALA P 327 23.71 22.97 52.38
CA ALA P 327 24.05 21.57 52.11
C ALA P 327 22.81 20.67 52.06
N LEU P 328 21.85 20.87 52.98
CA LEU P 328 20.64 20.05 53.00
C LEU P 328 19.78 20.26 51.75
N HIS P 329 19.67 21.52 51.29
CA HIS P 329 18.90 21.82 50.09
C HIS P 329 19.55 21.23 48.85
N GLN P 330 20.88 21.26 48.78
CA GLN P 330 21.60 20.61 47.68
C GLN P 330 21.37 19.10 47.67
N GLU P 331 21.31 18.48 48.85
CA GLU P 331 21.07 17.03 48.92
C GLU P 331 19.65 16.67 48.47
N LEU P 332 18.67 17.55 48.75
CA LEU P 332 17.34 17.31 48.21
C LEU P 332 17.29 17.51 46.68
N ARG P 333 18.08 18.46 46.17
CA ARG P 333 18.15 18.73 44.73
C ARG P 333 18.69 17.53 43.96
N GLU P 334 19.69 16.84 44.52
CA GLU P 334 20.25 15.65 43.87
C GLU P 334 19.20 14.55 43.73
N TYR P 335 18.35 14.40 44.76
CA TYR P 335 17.24 13.44 44.74
C TYR P 335 16.22 13.80 43.66
N TYR P 336 15.96 15.10 43.47
CA TYR P 336 15.12 15.54 42.36
C TYR P 336 15.71 15.20 40.99
N ARG P 337 17.04 15.21 40.88
CA ARG P 337 17.67 14.90 39.60
C ARG P 337 17.44 13.44 39.19
N LEU P 338 17.41 12.51 40.15
CA LEU P 338 17.00 11.14 39.85
C LEU P 338 15.53 11.08 39.45
N LEU P 339 14.71 11.86 40.17
CA LEU P 339 13.26 11.81 39.98
C LEU P 339 12.82 12.35 38.61
N SER P 340 13.60 13.27 38.02
CA SER P 340 13.26 13.81 36.70
C SER P 340 13.33 12.73 35.61
N VAL P 341 14.45 12.00 35.58
CA VAL P 341 14.62 10.90 34.64
C VAL P 341 13.58 9.82 34.90
N LEU P 342 13.27 9.60 36.18
CA LEU P 342 12.23 8.64 36.56
C LEU P 342 10.85 9.03 36.02
N HIS P 343 10.55 10.34 35.99
CA HIS P 343 9.34 10.84 35.33
C HIS P 343 9.33 10.48 33.85
N SER P 344 10.45 10.79 33.15
CA SER P 344 10.46 10.62 31.70
C SER P 344 10.37 9.15 31.28
N GLN P 345 10.84 8.23 32.12
CA GLN P 345 10.90 6.81 31.78
C GLN P 345 9.55 6.11 31.81
N LEU P 346 8.46 6.79 32.17
CA LEU P 346 7.14 6.17 32.04
C LEU P 346 6.69 6.17 30.59
N GLN P 347 5.67 5.36 30.31
CA GLN P 347 5.03 5.41 29.00
C GLN P 347 3.90 6.42 29.04
N SER P 361 3.20 2.15 32.04
CA SER P 361 3.69 3.01 33.11
C SER P 361 5.12 2.65 33.46
N LEU P 362 5.45 2.72 34.75
CA LEU P 362 6.71 2.17 35.24
C LEU P 362 6.39 1.46 36.56
N THR P 363 6.01 0.18 36.44
CA THR P 363 5.87 -0.69 37.59
C THR P 363 7.10 -1.58 37.64
N LEU P 364 7.95 -1.35 38.65
CA LEU P 364 9.15 -2.11 38.91
C LEU P 364 9.02 -2.66 40.33
N ARG P 365 7.87 -3.34 40.50
CA ARG P 365 7.21 -3.59 41.77
C ARG P 365 6.89 -2.27 42.48
N ARG P 366 6.36 -1.34 41.68
CA ARG P 366 6.05 0.03 42.06
C ARG P 366 7.24 0.71 42.74
N LEU P 367 8.39 0.66 42.05
CA LEU P 367 9.57 1.48 42.32
C LEU P 367 10.25 1.20 43.65
N LEU P 368 10.04 0.03 44.26
CA LEU P 368 10.70 -0.30 45.51
C LEU P 368 12.22 -0.35 45.33
N VAL P 369 12.66 -0.94 44.21
CA VAL P 369 14.06 -1.05 43.85
C VAL P 369 14.69 0.33 43.66
N TRP P 370 13.96 1.25 43.02
CA TRP P 370 14.47 2.61 42.81
C TRP P 370 14.59 3.36 44.13
N THR P 371 13.55 3.30 44.96
CA THR P 371 13.48 4.13 46.15
C THR P 371 14.35 3.66 47.29
N TYR P 372 14.78 2.39 47.28
CA TYR P 372 15.47 1.85 48.45
C TYR P 372 16.81 2.54 48.69
N ASP P 373 17.54 2.89 47.63
CA ASP P 373 18.85 3.50 47.88
C ASP P 373 18.83 5.00 48.26
N PRO P 374 17.91 5.88 47.79
CA PRO P 374 17.83 7.19 48.45
C PRO P 374 17.13 7.14 49.80
N LYS P 375 16.46 6.03 50.15
CA LYS P 375 15.81 5.94 51.45
C LYS P 375 16.82 5.92 52.59
N ILE P 376 17.94 5.23 52.40
CA ILE P 376 19.00 5.26 53.41
C ILE P 376 19.74 6.60 53.37
N ARG P 377 19.86 7.21 52.18
CA ARG P 377 20.40 8.57 52.08
C ARG P 377 19.49 9.62 52.70
N LEU P 378 18.20 9.32 52.87
CA LEU P 378 17.26 10.19 53.57
C LEU P 378 17.18 9.92 55.06
N LYS P 379 17.45 8.67 55.48
CA LYS P 379 17.45 8.31 56.89
C LYS P 379 18.46 9.12 57.70
N THR P 380 19.70 9.22 57.20
CA THR P 380 20.75 9.92 57.94
C THR P 380 20.54 11.44 57.90
N LEU P 381 20.08 11.98 56.77
CA LEU P 381 19.81 13.42 56.70
C LEU P 381 18.65 13.81 57.61
N ALA P 382 17.58 13.01 57.63
CA ALA P 382 16.46 13.24 58.51
C ALA P 382 16.84 13.07 59.98
N ALA P 383 17.82 12.21 60.25
CA ALA P 383 18.40 12.16 61.59
C ALA P 383 19.21 13.41 61.88
N LEU P 384 19.93 13.91 60.87
CA LEU P 384 20.86 15.02 61.03
C LEU P 384 20.15 16.32 61.35
N VAL P 385 18.93 16.51 60.85
CA VAL P 385 18.23 17.77 61.14
C VAL P 385 17.82 17.85 62.62
N ASP P 386 17.45 16.72 63.22
CA ASP P 386 17.07 16.68 64.63
C ASP P 386 18.25 16.40 65.55
N HIS P 387 19.39 16.02 64.98
CA HIS P 387 20.62 15.79 65.71
C HIS P 387 21.40 17.07 65.95
N CYS P 388 21.25 18.06 65.07
CA CYS P 388 21.79 19.39 65.26
C CYS P 388 20.75 20.36 65.81
N GLN P 389 19.79 19.84 66.59
CA GLN P 389 18.67 20.63 67.06
C GLN P 389 19.12 21.63 68.13
N GLY P 390 18.87 22.91 67.88
CA GLY P 390 19.25 23.96 68.83
C GLY P 390 20.73 24.13 68.99
N ARG P 391 21.50 23.93 67.93
CA ARG P 391 22.96 24.01 67.99
C ARG P 391 23.46 24.90 66.86
N LYS P 392 24.56 25.60 67.12
CA LYS P 392 25.13 26.49 66.13
C LYS P 392 26.65 26.43 66.24
N GLY P 393 27.34 26.70 65.14
CA GLY P 393 28.79 26.83 65.15
C GLY P 393 29.50 25.51 65.31
N GLY P 394 30.46 25.51 66.23
CA GLY P 394 31.26 24.32 66.45
C GLY P 394 30.47 23.18 67.07
N GLU P 395 29.41 23.51 67.81
CA GLU P 395 28.54 22.48 68.38
C GLU P 395 27.81 21.71 67.29
N LEU P 396 27.23 22.43 66.32
CA LEU P 396 26.63 21.78 65.15
C LEU P 396 27.68 21.02 64.34
N ALA P 397 28.88 21.58 64.20
CA ALA P 397 29.92 20.93 63.41
C ALA P 397 30.37 19.62 64.04
N SER P 398 30.46 19.57 65.37
CA SER P 398 30.79 18.32 66.04
C SER P 398 29.63 17.33 66.00
N ALA P 399 28.39 17.83 66.04
CA ALA P 399 27.24 16.93 65.89
C ALA P 399 27.11 16.37 64.47
N VAL P 400 27.75 16.99 63.49
CA VAL P 400 27.86 16.42 62.16
C VAL P 400 29.07 15.49 62.05
N HIS P 401 30.18 15.85 62.70
CA HIS P 401 31.37 15.00 62.80
C HIS P 401 31.12 13.72 63.58
N ALA P 402 30.05 13.68 64.38
CA ALA P 402 29.63 12.47 65.08
C ALA P 402 29.34 11.32 64.12
N TYR P 403 28.81 11.63 62.93
CA TYR P 403 28.42 10.63 61.95
C TYR P 403 29.48 10.40 60.87
N THR P 404 30.76 10.65 61.18
CA THR P 404 31.88 10.32 60.32
C THR P 404 32.86 9.40 61.04
N LYS P 405 32.69 9.20 62.35
CA LYS P 405 33.31 8.10 63.05
C LYS P 405 32.69 6.75 62.72
N THR P 406 31.73 6.68 61.80
CA THR P 406 31.21 5.40 61.34
C THR P 406 32.24 4.62 60.52
N GLY P 407 32.06 3.31 60.49
CA GLY P 407 32.91 2.45 59.68
C GLY P 407 32.29 2.08 58.36
N ASP P 408 30.98 2.28 58.27
CA ASP P 408 30.24 2.17 57.03
C ASP P 408 30.78 3.19 56.03
N PRO P 409 31.19 2.77 54.83
CA PRO P 409 31.73 3.75 53.85
C PRO P 409 30.67 4.69 53.31
N TYR P 410 29.43 4.21 53.15
CA TYR P 410 28.39 5.01 52.53
C TYR P 410 27.98 6.18 53.42
N MET P 411 27.85 5.94 54.72
CA MET P 411 27.42 7.00 55.61
C MET P 411 28.53 8.00 55.90
N ARG P 412 29.77 7.50 56.04
CA ARG P 412 30.93 8.37 56.20
C ARG P 412 31.15 9.24 54.97
N SER P 413 31.02 8.67 53.77
CA SER P 413 31.14 9.43 52.53
C SER P 413 29.99 10.42 52.36
N LEU P 414 28.80 10.07 52.85
CA LEU P 414 27.66 10.97 52.76
C LEU P 414 27.84 12.18 53.67
N VAL P 415 28.39 11.97 54.87
CA VAL P 415 28.49 13.08 55.80
C VAL P 415 29.68 13.98 55.45
N GLN P 416 30.84 13.38 55.10
CA GLN P 416 32.13 14.10 55.04
C GLN P 416 32.17 15.31 54.09
N HIS P 417 31.28 15.36 53.11
CA HIS P 417 31.19 16.48 52.17
C HIS P 417 30.34 17.62 52.76
N ILE P 418 29.18 17.26 53.32
CA ILE P 418 28.35 18.17 54.10
C ILE P 418 29.16 18.77 55.25
N LEU P 419 29.97 17.94 55.91
CA LEU P 419 30.83 18.36 57.01
C LEU P 419 31.93 19.32 56.54
N SER P 420 32.44 19.14 55.32
CA SER P 420 33.38 20.10 54.76
C SER P 420 32.70 21.45 54.53
N LEU P 421 31.41 21.42 54.19
CA LEU P 421 30.69 22.68 54.00
C LEU P 421 30.36 23.36 55.33
N VAL P 422 29.95 22.61 56.35
CA VAL P 422 29.47 23.23 57.59
C VAL P 422 30.63 23.89 58.36
N SER P 423 31.85 23.36 58.21
CA SER P 423 33.00 23.87 58.94
C SER P 423 33.83 24.85 58.12
N HIS P 424 33.28 25.34 57.01
CA HIS P 424 33.95 26.39 56.24
C HIS P 424 34.00 27.72 57.00
N PRO P 425 32.91 28.21 57.66
CA PRO P 425 33.08 29.42 58.50
C PRO P 425 34.00 29.29 59.70
N VAL P 426 34.02 28.15 60.40
CA VAL P 426 34.84 28.06 61.62
C VAL P 426 36.32 28.09 61.25
N LEU P 427 36.66 27.54 60.08
CA LEU P 427 38.03 27.61 59.59
C LEU P 427 38.37 28.98 59.04
N SER P 428 37.36 29.72 58.57
CA SER P 428 37.59 31.13 58.29
C SER P 428 37.89 31.90 59.58
N PHE P 429 37.23 31.54 60.68
CA PHE P 429 37.49 32.22 61.95
C PHE P 429 38.84 31.83 62.51
N LEU P 430 39.30 30.62 62.20
CA LEU P 430 40.64 30.20 62.56
C LEU P 430 41.68 31.06 61.85
N TYR P 431 41.51 31.26 60.54
CA TYR P 431 42.40 32.08 59.73
C TYR P 431 42.15 33.57 59.92
N ARG P 432 41.14 33.94 60.70
CA ARG P 432 40.97 35.29 61.20
C ARG P 432 41.78 35.52 62.46
N TRP P 433 42.49 34.49 62.91
CA TRP P 433 43.16 34.49 64.21
C TRP P 433 44.52 33.83 64.11
N ILE P 434 45.00 33.62 62.89
CA ILE P 434 46.40 33.24 62.69
C ILE P 434 46.98 34.16 61.64
N TYR P 435 46.25 34.31 60.54
CA TYR P 435 46.74 34.96 59.34
C TYR P 435 46.10 36.33 59.17
N ASP P 436 45.28 36.74 60.14
CA ASP P 436 44.86 38.12 60.31
C ASP P 436 45.38 38.60 61.66
N GLY P 437 45.00 37.89 62.72
CA GLY P 437 45.46 38.17 64.05
C GLY P 437 44.58 39.07 64.89
N GLU P 438 43.44 39.51 64.37
CA GLU P 438 42.51 40.37 65.08
C GLU P 438 41.11 39.87 64.76
N LEU P 439 40.27 39.64 65.78
CA LEU P 439 38.93 39.18 65.47
C LEU P 439 37.91 39.81 66.41
N GLU P 440 36.64 39.69 66.00
CA GLU P 440 35.48 40.24 66.68
C GLU P 440 34.24 39.63 66.05
N ASP P 441 33.30 39.18 66.87
CA ASP P 441 32.05 38.68 66.34
C ASP P 441 30.89 39.03 67.27
N THR P 442 29.70 39.14 66.68
CA THR P 442 28.47 39.32 67.40
C THR P 442 27.72 38.00 67.57
N TYR P 443 28.39 36.89 67.29
CA TYR P 443 27.91 35.55 67.54
C TYR P 443 28.97 34.83 68.35
N HIS P 444 28.75 33.54 68.60
CA HIS P 444 29.82 32.74 69.21
C HIS P 444 29.76 31.35 68.57
N GLU P 445 30.56 31.19 67.51
CA GLU P 445 30.65 29.97 66.72
C GLU P 445 32.06 29.46 66.71
N PHE P 446 32.96 30.16 67.37
CA PHE P 446 34.37 29.87 67.53
C PHE P 446 34.59 29.65 69.02
N PHE P 447 35.62 28.91 69.38
CA PHE P 447 35.90 28.57 70.76
C PHE P 447 36.65 29.67 71.51
N VAL P 448 36.79 30.83 70.92
CA VAL P 448 37.37 31.97 71.61
C VAL P 448 36.25 32.99 71.75
N ALA P 449 36.16 33.60 72.93
CA ALA P 449 35.14 34.61 73.20
C ALA P 449 35.87 35.94 73.42
N SER P 450 36.01 36.70 72.34
CA SER P 450 36.74 37.97 72.40
C SER P 450 35.96 39.02 73.16
N ASP P 451 36.69 39.80 73.96
CA ASP P 451 36.25 40.94 74.75
C ASP P 451 36.50 42.23 73.98
N PRO P 452 35.51 43.14 73.91
CA PRO P 452 35.66 44.33 73.07
C PRO P 452 36.24 45.53 73.81
N THR P 453 36.75 45.34 75.02
CA THR P 453 37.44 46.39 75.77
C THR P 453 38.93 46.17 75.61
N VAL P 454 39.69 47.26 75.48
CA VAL P 454 41.04 47.10 74.95
C VAL P 454 41.98 46.48 75.98
N LYS P 455 42.32 47.15 77.09
CA LYS P 455 42.39 46.73 78.50
C LYS P 455 43.33 47.80 79.03
N THR P 456 44.03 47.58 80.15
CA THR P 456 45.24 48.39 80.24
C THR P 456 46.51 47.56 80.08
N ASP P 457 46.75 46.62 80.98
CA ASP P 457 47.83 45.64 80.86
C ASP P 457 47.31 44.22 80.97
N ARG P 458 46.02 44.06 81.30
CA ARG P 458 45.32 42.79 81.30
C ARG P 458 44.86 42.38 79.91
N LEU P 459 45.31 43.12 78.89
CA LEU P 459 45.11 42.81 77.49
C LEU P 459 45.55 41.42 77.11
N TRP P 460 46.76 41.04 77.54
CA TRP P 460 47.31 39.75 77.18
C TRP P 460 46.56 38.62 77.87
N HIS P 461 46.29 38.78 79.15
CA HIS P 461 45.76 37.67 79.94
C HIS P 461 44.27 37.47 79.75
N ASP P 462 43.49 38.55 79.59
CA ASP P 462 42.05 38.48 79.78
C ASP P 462 41.20 38.94 78.61
N LYS P 463 41.76 39.66 77.63
CA LYS P 463 40.93 40.11 76.51
C LYS P 463 40.53 38.94 75.63
N TYR P 464 41.34 37.89 75.57
CA TYR P 464 41.03 36.71 74.79
C TYR P 464 41.03 35.50 75.71
N THR P 465 39.88 34.84 75.81
CA THR P 465 39.68 33.70 76.70
C THR P 465 39.04 32.55 75.93
N LEU P 466 39.36 31.33 76.36
CA LEU P 466 38.89 30.12 75.70
C LEU P 466 37.42 29.90 75.99
N ARG P 467 36.56 30.03 74.97
CA ARG P 467 35.17 29.61 75.08
C ARG P 467 35.13 28.09 74.99
N LYS P 468 34.53 27.46 76.00
CA LYS P 468 34.63 26.02 76.13
C LYS P 468 33.28 25.36 75.91
N SER P 469 32.56 25.81 74.87
CA SER P 469 31.30 25.20 74.47
C SER P 469 31.28 25.04 72.96
N MET P 470 32.21 25.71 72.27
CA MET P 470 32.25 25.71 70.82
C MET P 470 33.55 25.10 70.31
N ILE P 471 34.07 24.11 71.01
CA ILE P 471 35.12 23.25 70.45
C ILE P 471 34.41 22.13 69.70
N PRO P 472 34.80 21.83 68.48
CA PRO P 472 34.29 20.62 67.84
C PRO P 472 35.02 19.35 68.27
N SER P 473 34.72 18.24 67.62
CA SER P 473 35.39 16.97 67.90
C SER P 473 36.39 16.59 66.82
N PHE P 474 36.60 17.45 65.83
CA PHE P 474 37.75 17.29 64.94
C PHE P 474 38.93 18.15 65.37
N MET P 475 38.76 18.99 66.39
CA MET P 475 39.84 19.69 67.04
C MET P 475 39.74 19.42 68.53
N THR P 476 40.81 18.93 69.12
CA THR P 476 40.82 18.65 70.54
C THR P 476 40.94 19.97 71.31
N MET P 477 40.71 19.91 72.63
CA MET P 477 40.85 21.08 73.50
C MET P 477 42.27 21.65 73.47
N ASP P 478 43.27 20.78 73.31
CA ASP P 478 44.67 21.20 73.21
C ASP P 478 44.91 22.11 72.01
N GLN P 479 44.40 21.71 70.83
CA GLN P 479 44.51 22.49 69.60
C GLN P 479 43.86 23.87 69.76
N SER P 480 42.73 23.91 70.46
CA SER P 480 42.02 25.17 70.67
C SER P 480 42.82 26.15 71.50
N ARG P 481 43.36 25.68 72.64
CA ARG P 481 44.21 26.51 73.49
C ARG P 481 45.43 27.02 72.74
N LYS P 482 46.01 26.17 71.89
CA LYS P 482 47.22 26.54 71.15
C LYS P 482 46.97 27.66 70.13
N VAL P 483 45.89 27.57 69.37
CA VAL P 483 45.64 28.60 68.35
C VAL P 483 45.11 29.89 68.99
N LEU P 484 44.46 29.80 70.17
CA LEU P 484 44.18 31.01 70.94
C LEU P 484 45.48 31.72 71.31
N LEU P 485 46.49 30.94 71.71
CA LEU P 485 47.79 31.51 72.03
C LEU P 485 48.47 32.16 70.83
N ILE P 486 48.33 31.55 69.65
CA ILE P 486 48.93 32.10 68.43
C ILE P 486 48.30 33.45 68.07
N GLY P 487 46.96 33.49 68.07
CA GLY P 487 46.27 34.75 67.78
C GLY P 487 46.54 35.82 68.81
N LYS P 488 46.74 35.41 70.06
CA LYS P 488 47.11 36.36 71.11
C LYS P 488 48.49 36.98 70.87
N SER P 489 49.46 36.17 70.46
CA SER P 489 50.81 36.68 70.19
C SER P 489 50.80 37.70 69.05
N ILE P 490 50.14 37.35 67.93
CA ILE P 490 50.08 38.27 66.81
C ILE P 490 49.13 39.44 67.06
N ASN P 491 48.26 39.34 68.07
CA ASN P 491 47.44 40.48 68.43
C ASN P 491 48.15 41.47 69.33
N PHE P 492 48.99 40.99 70.25
CA PHE P 492 49.84 41.89 71.03
C PHE P 492 50.86 42.58 70.15
N LEU P 493 51.34 41.89 69.11
CA LEU P 493 52.25 42.54 68.16
C LEU P 493 51.57 43.66 67.36
N HIS P 494 50.25 43.58 67.17
CA HIS P 494 49.54 44.64 66.45
C HIS P 494 49.12 45.77 67.38
N GLN P 495 48.34 45.45 68.41
CA GLN P 495 47.63 46.46 69.18
C GLN P 495 48.52 47.28 70.09
N VAL P 496 49.76 46.85 70.35
CA VAL P 496 50.65 47.64 71.19
C VAL P 496 51.76 48.25 70.36
N CYS P 497 52.65 47.41 69.82
CA CYS P 497 53.90 47.87 69.24
C CYS P 497 53.82 48.12 67.74
N HIS P 498 52.64 47.97 67.15
CA HIS P 498 52.27 48.55 65.85
C HIS P 498 53.17 48.05 64.71
N ASP P 499 53.50 46.76 64.77
CA ASP P 499 54.10 46.06 63.65
C ASP P 499 53.03 45.11 63.14
N GLN P 500 52.37 45.52 62.07
CA GLN P 500 51.12 44.89 61.66
C GLN P 500 51.36 44.10 60.38
N THR P 501 51.52 42.79 60.53
CA THR P 501 51.41 41.87 59.41
C THR P 501 50.31 40.87 59.72
N PRO P 502 49.24 40.85 58.95
CA PRO P 502 48.52 39.59 58.72
C PRO P 502 49.45 38.61 58.01
N THR P 503 49.12 37.31 58.12
CA THR P 503 49.88 36.20 57.49
C THR P 503 51.32 36.05 57.96
N THR P 504 51.51 35.30 59.05
CA THR P 504 52.83 34.77 59.47
C THR P 504 53.71 34.29 58.32
N LYS P 505 55.03 34.44 58.50
CA LYS P 505 56.02 34.12 57.48
C LYS P 505 56.05 32.63 57.11
N THR P 524 39.98 9.44 59.88
CA THR P 524 39.30 10.68 59.55
C THR P 524 39.83 11.87 60.34
N ASP P 525 39.60 13.05 59.78
CA ASP P 525 39.91 14.35 60.37
C ASP P 525 39.10 15.38 59.60
N LEU P 526 39.60 16.61 59.55
CA LEU P 526 39.11 17.68 58.71
C LEU P 526 40.30 18.08 57.84
N GLU P 527 40.67 17.14 56.96
CA GLU P 527 41.65 17.24 55.86
C GLU P 527 43.08 17.16 56.36
N ASN P 528 43.27 17.21 57.68
CA ASN P 528 44.57 17.37 58.32
C ASN P 528 45.37 18.53 57.75
N ALA P 529 44.87 19.75 57.91
CA ALA P 529 45.68 20.95 57.74
C ALA P 529 46.11 21.55 59.07
N PHE P 530 45.60 21.03 60.18
CA PHE P 530 45.92 21.55 61.51
C PHE P 530 47.39 21.30 61.86
N GLN P 531 47.78 20.03 61.90
CA GLN P 531 49.07 19.63 62.45
C GLN P 531 50.25 20.12 61.63
N GLY P 532 50.01 20.58 60.40
CA GLY P 532 51.03 21.25 59.62
C GLY P 532 51.07 22.75 59.83
N LYS P 533 49.91 23.40 59.95
CA LYS P 533 49.88 24.87 59.90
C LYS P 533 50.05 25.49 61.28
N ILE P 534 49.47 24.88 62.32
CA ILE P 534 49.32 25.55 63.62
C ILE P 534 50.68 25.68 64.32
N ASP P 535 51.52 24.64 64.23
CA ASP P 535 52.81 24.68 64.92
C ASP P 535 53.79 25.62 64.22
N ALA P 536 53.73 25.67 62.88
CA ALA P 536 54.53 26.61 62.10
C ALA P 536 54.17 28.05 62.46
N ALA P 537 52.87 28.33 62.54
CA ALA P 537 52.38 29.64 62.94
C ALA P 537 52.89 30.04 64.32
N TYR P 538 52.77 29.12 65.29
CA TYR P 538 53.18 29.38 66.67
C TYR P 538 54.66 29.69 66.79
N PHE P 539 55.50 28.85 66.12
CA PHE P 539 56.95 29.05 66.06
C PHE P 539 57.28 30.47 65.61
N GLU P 540 56.78 30.85 64.43
CA GLU P 540 57.14 32.15 63.84
C GLU P 540 56.68 33.34 64.69
N THR P 541 55.41 33.33 65.11
CA THR P 541 54.88 34.49 65.85
C THR P 541 55.62 34.70 67.17
N SER P 542 55.97 33.61 67.88
CA SER P 542 56.57 33.79 69.19
C SER P 542 58.01 34.27 69.08
N LYS P 543 58.80 33.68 68.15
CA LYS P 543 60.20 34.13 68.02
C LYS P 543 60.29 35.61 67.64
N TYR P 544 59.46 36.05 66.68
CA TYR P 544 59.54 37.43 66.19
C TYR P 544 59.10 38.44 67.26
N LEU P 545 57.94 38.18 67.91
CA LEU P 545 57.42 39.09 68.93
C LEU P 545 58.42 39.27 70.07
N LEU P 546 59.09 38.18 70.43
CA LEU P 546 59.99 38.25 71.58
C LEU P 546 61.25 39.02 71.23
N ASP P 547 61.75 38.85 70.00
CA ASP P 547 62.88 39.64 69.52
C ASP P 547 62.59 41.15 69.60
N VAL P 548 61.47 41.58 69.01
CA VAL P 548 61.23 43.02 68.91
C VAL P 548 60.89 43.62 70.28
N LEU P 549 60.28 42.82 71.17
CA LEU P 549 60.04 43.32 72.52
C LEU P 549 61.34 43.46 73.31
N ASN P 550 62.29 42.54 73.11
CA ASN P 550 63.52 42.60 73.88
C ASN P 550 64.60 43.48 73.24
N LYS P 551 64.32 44.08 72.08
CA LYS P 551 65.29 45.08 71.59
C LYS P 551 64.70 46.49 71.52
N LYS P 552 63.39 46.61 71.24
CA LYS P 552 62.77 47.92 71.05
C LYS P 552 62.41 48.58 72.36
N TYR P 553 62.25 47.80 73.43
CA TYR P 553 61.97 48.31 74.76
C TYR P 553 62.92 47.71 75.78
N SER P 554 63.84 46.85 75.34
CA SER P 554 64.92 46.23 76.10
C SER P 554 64.42 45.50 77.34
N LEU P 555 63.63 44.45 77.10
CA LEU P 555 62.92 43.74 78.16
C LEU P 555 63.87 43.02 79.12
N LEU P 556 65.01 42.55 78.61
CA LEU P 556 65.96 41.75 79.39
C LEU P 556 66.81 42.60 80.30
N ASP P 557 67.32 43.72 79.77
CA ASP P 557 68.22 44.60 80.50
C ASP P 557 67.53 45.24 81.70
N HIS P 558 66.20 45.36 81.64
CA HIS P 558 65.42 45.72 82.81
C HIS P 558 65.54 44.67 83.91
N MET P 559 65.38 43.39 83.56
CA MET P 559 65.51 42.32 84.55
C MET P 559 66.90 42.24 85.14
N GLN P 560 67.92 42.55 84.34
CA GLN P 560 69.29 42.54 84.86
C GLN P 560 69.51 43.66 85.87
N ALA P 561 68.85 44.80 85.69
CA ALA P 561 68.95 45.91 86.63
C ALA P 561 67.82 45.94 87.65
N MET P 562 66.96 44.92 87.66
CA MET P 562 66.08 44.72 88.79
C MET P 562 66.67 43.73 89.77
N ARG P 563 67.85 43.20 89.46
CA ARG P 563 68.70 42.43 90.36
C ARG P 563 69.78 43.28 91.01
N ARG P 564 70.34 44.22 90.23
CA ARG P 564 71.43 45.06 90.73
C ARG P 564 70.98 45.95 91.88
N TYR P 565 69.81 46.56 91.75
CA TYR P 565 69.30 47.51 92.73
C TYR P 565 68.40 46.88 93.77
N LEU P 566 67.31 46.25 93.33
CA LEU P 566 66.26 45.80 94.24
C LEU P 566 66.73 44.62 95.08
N LEU P 567 67.45 43.69 94.48
CA LEU P 567 68.00 42.54 95.16
C LEU P 567 69.42 42.80 95.66
N LEU P 568 69.92 44.03 95.50
CA LEU P 568 71.23 44.49 95.99
C LEU P 568 72.37 43.61 95.48
N GLY P 569 72.22 43.13 94.24
CA GLY P 569 73.22 42.33 93.58
C GLY P 569 74.37 43.13 93.05
N GLN P 570 74.20 44.45 92.96
CA GLN P 570 75.31 45.34 92.63
C GLN P 570 76.12 45.65 93.88
N GLY P 571 75.60 46.45 94.81
CA GLY P 571 76.25 46.61 96.10
C GLY P 571 77.37 47.63 96.21
N ASP P 572 78.03 48.04 95.11
CA ASP P 572 78.97 49.15 95.23
C ASP P 572 78.22 50.48 95.30
N PHE P 573 77.34 50.71 94.34
CA PHE P 573 76.43 51.84 94.31
C PHE P 573 75.59 51.94 95.58
N ILE P 574 75.18 50.78 96.10
CA ILE P 574 74.25 50.75 97.22
C ILE P 574 74.91 51.14 98.54
N ARG P 575 76.23 50.98 98.71
CA ARG P 575 76.82 51.51 99.92
C ARG P 575 77.03 53.01 99.87
N HIS P 576 77.43 53.56 98.73
CA HIS P 576 77.63 55.00 98.65
C HIS P 576 76.32 55.78 98.62
N LEU P 577 75.20 55.16 98.24
CA LEU P 577 73.94 55.87 98.46
C LEU P 577 73.57 55.88 99.94
N MET P 578 73.79 54.75 100.63
CA MET P 578 73.39 54.65 102.03
C MET P 578 74.26 55.52 102.93
N ASP P 579 75.54 55.67 102.58
CA ASP P 579 76.47 56.40 103.43
C ASP P 579 76.13 57.89 103.46
N LEU P 580 75.91 58.48 102.28
CA LEU P 580 75.48 59.88 102.21
C LEU P 580 74.06 60.07 102.73
N LEU P 581 73.25 59.02 102.80
CA LEU P 581 71.88 59.12 103.30
C LEU P 581 71.76 58.85 104.79
N LYS P 582 72.85 58.40 105.44
CA LYS P 582 72.83 58.02 106.86
C LYS P 582 72.24 59.05 107.83
N PRO P 583 72.56 60.37 107.77
CA PRO P 583 71.88 61.30 108.70
C PRO P 583 70.40 61.49 108.41
N GLU P 584 70.00 61.34 107.15
CA GLU P 584 68.57 61.44 106.83
C GLU P 584 67.82 60.21 107.33
N LEU P 585 68.43 59.03 107.19
CA LEU P 585 67.79 57.78 107.58
C LEU P 585 67.66 57.66 109.09
N VAL P 586 68.67 58.09 109.85
CA VAL P 586 68.65 57.87 111.30
C VAL P 586 67.55 58.67 112.01
N ARG P 587 67.07 59.78 111.40
CA ARG P 587 66.02 60.62 111.93
C ARG P 587 64.65 59.97 111.68
N PRO P 588 63.68 60.23 112.57
CA PRO P 588 62.30 59.84 112.29
C PRO P 588 61.74 60.57 111.07
N ALA P 589 60.76 59.94 110.41
CA ALA P 589 60.36 60.31 109.06
C ALA P 589 59.39 61.47 109.00
N THR P 590 59.01 62.05 110.14
CA THR P 590 58.31 63.33 110.10
C THR P 590 59.26 64.43 109.65
N THR P 591 60.56 64.26 109.91
CA THR P 591 61.62 65.13 109.38
C THR P 591 62.34 64.50 108.19
N LEU P 592 61.67 63.62 107.45
CA LEU P 592 62.19 63.07 106.20
C LEU P 592 61.16 63.30 105.11
N TYR P 593 61.52 64.09 104.09
CA TYR P 593 60.61 64.37 102.98
C TYR P 593 61.38 64.22 101.68
N GLN P 594 60.59 64.17 100.57
CA GLN P 594 61.03 63.59 99.29
C GLN P 594 62.25 64.30 98.70
N HIS P 595 62.35 65.61 98.98
CA HIS P 595 63.31 66.46 98.30
C HIS P 595 64.75 66.26 98.79
N ASN P 596 64.96 65.70 99.97
CA ASN P 596 66.30 65.44 100.43
C ASN P 596 66.91 64.20 99.78
N LEU P 597 66.07 63.22 99.48
CA LEU P 597 66.50 61.99 98.83
C LEU P 597 66.76 62.22 97.35
N THR P 598 65.92 63.04 96.69
CA THR P 598 66.24 63.38 95.30
C THR P 598 67.53 64.20 95.19
N GLY P 599 67.91 64.91 96.25
CA GLY P 599 69.19 65.59 96.31
C GLY P 599 70.36 64.64 96.44
N ILE P 600 70.29 63.74 97.43
CA ILE P 600 71.43 62.86 97.74
C ILE P 600 71.68 61.84 96.64
N LEU P 601 70.62 61.50 95.87
CA LEU P 601 70.75 60.58 94.74
C LEU P 601 71.75 61.06 93.69
N GLU P 602 71.71 62.36 93.36
CA GLU P 602 72.61 62.95 92.36
C GLU P 602 74.08 62.86 92.78
N THR P 603 74.37 63.29 94.02
CA THR P 603 75.73 63.25 94.53
C THR P 603 76.27 61.82 94.58
N ALA P 604 75.39 60.86 94.92
CA ALA P 604 75.78 59.45 94.95
C ALA P 604 76.15 58.95 93.57
N VAL P 605 75.29 59.18 92.57
CA VAL P 605 75.53 58.64 91.23
C VAL P 605 76.74 59.30 90.57
N ARG P 606 76.98 60.58 90.86
CA ARG P 606 78.20 61.22 90.33
C ARG P 606 79.46 60.68 91.00
N ALA P 607 79.41 60.42 92.32
CA ALA P 607 80.63 60.06 93.02
C ALA P 607 81.05 58.62 92.77
N THR P 608 80.09 57.72 92.62
CA THR P 608 80.43 56.32 92.40
C THR P 608 80.33 56.00 90.91
N ASN P 609 80.63 54.74 90.59
CA ASN P 609 80.69 54.26 89.20
C ASN P 609 79.33 54.27 88.48
N ALA P 610 78.23 54.54 89.19
CA ALA P 610 76.88 54.43 88.65
C ALA P 610 76.58 55.37 87.47
N GLN P 611 77.29 56.51 87.39
CA GLN P 611 77.01 57.53 86.39
C GLN P 611 77.22 57.06 84.96
N PHE P 612 78.14 56.11 84.77
CA PHE P 612 78.52 55.68 83.44
C PHE P 612 77.57 54.65 82.83
N ASP P 613 76.61 54.11 83.60
CA ASP P 613 75.78 53.05 83.03
C ASP P 613 74.77 53.60 82.03
N SER P 614 73.95 52.69 81.50
CA SER P 614 72.99 53.04 80.46
C SER P 614 71.94 54.00 81.01
N PRO P 615 71.47 54.96 80.21
CA PRO P 615 70.55 55.97 80.75
C PRO P 615 69.16 55.46 81.08
N GLU P 616 68.76 54.30 80.52
CA GLU P 616 67.41 53.78 80.76
C GLU P 616 67.23 53.32 82.19
N ILE P 617 68.09 52.39 82.63
CA ILE P 617 67.98 51.83 83.98
C ILE P 617 68.36 52.88 85.02
N LEU P 618 69.20 53.85 84.64
CA LEU P 618 69.51 54.95 85.54
C LEU P 618 68.30 55.86 85.73
N ARG P 619 67.60 56.16 84.63
CA ARG P 619 66.46 57.06 84.71
C ARG P 619 65.29 56.42 85.43
N ARG P 620 65.03 55.14 85.17
CA ARG P 620 63.97 54.43 85.89
C ARG P 620 64.34 54.13 87.33
N LEU P 621 65.62 54.18 87.71
CA LEU P 621 65.98 54.26 89.11
C LEU P 621 65.67 55.67 89.57
N ASP P 622 64.73 55.78 90.49
CA ASP P 622 64.40 57.04 91.12
C ASP P 622 63.94 56.67 92.50
N VAL P 623 63.88 57.67 93.37
CA VAL P 623 63.64 57.43 94.78
C VAL P 623 62.14 57.46 95.06
N ARG P 624 61.74 56.88 96.19
CA ARG P 624 60.40 56.99 96.73
C ARG P 624 60.52 57.01 98.24
N LEU P 625 59.44 57.35 98.92
CA LEU P 625 59.36 57.16 100.35
C LEU P 625 57.94 56.80 100.76
N LEU P 626 57.81 56.32 102.00
CA LEU P 626 56.52 56.00 102.56
C LEU P 626 55.93 57.20 103.29
N GLU P 627 54.61 57.20 103.41
CA GLU P 627 53.86 58.41 103.72
C GLU P 627 53.90 58.68 105.22
N VAL P 628 54.04 59.96 105.60
CA VAL P 628 54.38 60.32 106.96
C VAL P 628 53.21 60.06 107.90
N SER P 629 53.54 59.67 109.13
CA SER P 629 52.63 59.33 110.21
C SER P 629 53.41 59.52 111.50
N PRO P 630 52.74 59.88 112.62
CA PRO P 630 53.49 60.18 113.85
C PRO P 630 54.13 58.95 114.47
N GLY P 631 55.44 59.04 114.70
CA GLY P 631 56.18 57.98 115.35
C GLY P 631 56.92 57.02 114.45
N ASP P 632 57.10 57.35 113.18
CA ASP P 632 57.70 56.44 112.22
C ASP P 632 59.22 56.39 112.39
N THR P 633 59.83 55.46 111.68
CA THR P 633 61.28 55.30 111.63
C THR P 633 61.76 55.61 110.22
N GLY P 634 62.85 56.36 110.12
CA GLY P 634 63.32 56.79 108.81
C GLY P 634 63.94 55.68 107.98
N TRP P 635 64.48 54.66 108.65
CA TRP P 635 65.04 53.52 107.94
C TRP P 635 63.98 52.67 107.26
N ASP P 636 62.75 52.66 107.76
CA ASP P 636 61.64 51.95 107.12
C ASP P 636 61.04 52.75 105.97
N VAL P 637 61.07 54.07 106.08
CA VAL P 637 60.33 54.92 105.14
C VAL P 637 61.09 55.11 103.83
N PHE P 638 62.41 55.01 103.84
CA PHE P 638 63.17 54.98 102.59
C PHE P 638 62.88 53.69 101.83
N SER P 639 62.82 53.81 100.49
CA SER P 639 62.79 52.68 99.58
C SER P 639 63.30 53.13 98.22
N LEU P 640 63.59 52.16 97.37
CA LEU P 640 63.86 52.36 95.95
C LEU P 640 62.72 51.76 95.15
N ASP P 641 62.22 52.49 94.16
CA ASP P 641 61.16 51.98 93.30
C ASP P 641 61.61 51.99 91.85
N TYR P 642 61.52 50.83 91.22
CA TYR P 642 61.59 50.70 89.78
C TYR P 642 60.19 50.96 89.22
N HIS P 643 60.05 52.02 88.42
CA HIS P 643 58.75 52.41 87.91
C HIS P 643 58.66 52.09 86.43
N VAL P 644 57.47 51.68 86.01
CA VAL P 644 57.20 51.19 84.67
C VAL P 644 56.12 52.05 84.05
N ASP P 645 56.37 52.56 82.84
CA ASP P 645 55.34 53.25 82.07
C ASP P 645 55.09 52.63 80.70
N GLY P 646 55.90 51.67 80.26
CA GLY P 646 55.86 51.21 78.90
C GLY P 646 55.03 49.96 78.66
N PRO P 647 55.33 49.25 77.57
CA PRO P 647 54.66 47.97 77.33
C PRO P 647 55.18 46.86 78.22
N ILE P 648 56.34 47.07 78.84
CA ILE P 648 56.96 46.09 79.75
C ILE P 648 56.17 45.87 81.05
N ALA P 649 55.08 46.60 81.24
CA ALA P 649 54.16 46.41 82.35
C ALA P 649 53.60 45.00 82.42
N THR P 650 53.36 44.36 81.29
CA THR P 650 52.77 43.03 81.32
C THR P 650 53.73 41.97 81.86
N VAL P 651 55.03 42.24 81.90
CA VAL P 651 55.96 41.37 82.63
C VAL P 651 56.39 41.95 83.99
N PHE P 652 56.38 43.29 84.17
CA PHE P 652 56.67 43.90 85.46
C PHE P 652 55.49 44.81 85.81
N THR P 653 54.44 44.22 86.37
CA THR P 653 53.25 44.98 86.69
C THR P 653 53.26 45.50 88.12
N ARG P 654 52.30 46.39 88.40
CA ARG P 654 52.30 47.17 89.62
C ARG P 654 52.05 46.30 90.84
N GLU P 655 51.42 45.15 90.65
CA GLU P 655 51.25 44.18 91.72
C GLU P 655 52.50 43.38 92.01
N CYS P 656 53.44 43.29 91.05
CA CYS P 656 54.77 42.73 91.33
C CYS P 656 55.71 43.74 91.97
N MET P 657 55.46 45.04 91.77
CA MET P 657 56.28 46.06 92.39
C MET P 657 56.13 46.04 93.90
N SER P 658 54.94 45.71 94.41
CA SER P 658 54.72 45.66 95.86
C SER P 658 55.49 44.52 96.52
N HIS P 659 55.54 43.36 95.85
CA HIS P 659 56.42 42.26 96.26
C HIS P 659 57.87 42.72 96.32
N TYR P 660 58.29 43.53 95.34
CA TYR P 660 59.67 43.98 95.31
C TYR P 660 59.99 44.92 96.45
N LEU P 661 59.04 45.78 96.78
CA LEU P 661 59.22 46.70 97.89
C LEU P 661 59.42 45.93 99.19
N ARG P 662 58.63 44.86 99.38
CA ARG P 662 58.79 44.00 100.57
C ARG P 662 60.17 43.34 100.61
N VAL P 663 60.62 42.82 99.45
CA VAL P 663 61.94 42.18 99.34
C VAL P 663 63.05 43.17 99.68
N PHE P 664 63.00 44.36 99.08
CA PHE P 664 64.02 45.39 99.28
C PHE P 664 64.06 45.85 100.74
N ASN P 665 62.91 45.90 101.40
CA ASN P 665 62.85 46.27 102.81
C ASN P 665 63.54 45.23 103.69
N PHE P 666 63.29 43.94 103.42
CA PHE P 666 63.95 42.91 104.22
C PHE P 666 65.46 42.87 103.98
N LEU P 667 65.92 43.14 102.75
CA LEU P 667 67.37 43.20 102.51
C LEU P 667 67.96 44.60 102.83
N TRP P 668 67.12 45.47 103.38
CA TRP P 668 67.55 46.72 103.98
C TRP P 668 67.85 46.57 105.47
N ARG P 669 67.08 45.73 106.17
CA ARG P 669 67.26 45.52 107.61
C ARG P 669 68.64 44.99 108.03
N ALA P 670 69.14 43.95 107.35
CA ALA P 670 70.44 43.39 107.71
C ALA P 670 71.59 44.30 107.34
N LYS P 671 71.45 45.05 106.26
CA LYS P 671 72.42 46.06 105.84
C LYS P 671 72.40 47.28 106.76
N ARG P 672 71.34 47.44 107.57
CA ARG P 672 71.36 48.38 108.69
C ARG P 672 71.99 47.82 109.96
N MET P 673 71.61 46.58 110.35
CA MET P 673 72.17 45.90 111.52
C MET P 673 73.68 45.81 111.42
N GLU P 674 74.15 45.63 110.19
CA GLU P 674 75.55 45.55 109.91
C GLU P 674 76.25 46.89 110.10
N TYR P 675 75.58 47.99 109.75
CA TYR P 675 76.19 49.30 109.90
C TYR P 675 76.30 49.67 111.38
N ILE P 676 75.34 49.21 112.17
CA ILE P 676 75.42 49.33 113.62
C ILE P 676 76.61 48.51 114.14
N LEU P 677 76.73 47.29 113.63
CA LEU P 677 77.73 46.33 114.11
C LEU P 677 79.16 46.72 113.71
N THR P 678 79.33 47.27 112.52
CA THR P 678 80.65 47.76 112.16
C THR P 678 81.02 49.05 112.87
N ASP P 679 80.06 49.74 113.49
CA ASP P 679 80.43 50.87 114.35
C ASP P 679 80.88 50.41 115.72
N ILE P 680 80.25 49.33 116.22
CA ILE P 680 80.80 48.57 117.35
C ILE P 680 82.28 48.23 117.08
N ARG P 681 82.51 47.62 115.92
CA ARG P 681 83.82 47.11 115.54
C ARG P 681 84.81 48.24 115.29
N LYS P 682 84.33 49.39 114.79
CA LYS P 682 85.19 50.56 114.60
C LYS P 682 85.63 51.15 115.94
N GLY P 683 84.67 51.27 116.87
CA GLY P 683 84.97 51.92 118.14
C GLY P 683 85.95 51.13 118.99
N HIS P 684 85.85 49.79 118.95
CA HIS P 684 86.85 48.94 119.62
C HIS P 684 88.26 49.19 119.06
N MET P 685 88.42 49.06 117.73
CA MET P 685 89.72 49.18 117.06
C MET P 685 90.33 50.57 117.14
N CYS P 686 89.55 51.62 117.43
CA CYS P 686 90.16 52.92 117.64
C CYS P 686 90.45 53.18 119.11
N ASN P 687 89.47 52.96 119.99
CA ASN P 687 89.61 53.41 121.37
C ASN P 687 90.51 52.48 122.18
N ALA P 688 90.42 51.16 121.96
CA ALA P 688 91.14 50.23 122.83
C ALA P 688 92.66 50.28 122.65
N LYS P 689 93.14 50.87 121.54
CA LYS P 689 94.56 51.10 121.33
C LYS P 689 95.12 52.23 122.17
N LEU P 690 94.29 53.01 122.84
CA LEU P 690 94.78 54.07 123.71
C LEU P 690 94.72 53.68 125.19
N LEU P 691 93.97 52.65 125.54
CA LEU P 691 93.80 52.25 126.94
C LEU P 691 94.89 51.24 127.28
N ARG P 692 96.08 51.75 127.61
CA ARG P 692 97.21 50.94 128.05
C ARG P 692 97.86 51.57 129.27
N ASN P 693 97.40 52.75 129.64
CA ASN P 693 97.93 53.46 130.80
C ASN P 693 97.10 53.20 132.06
N MET P 694 95.98 52.51 131.93
CA MET P 694 95.14 52.11 133.07
C MET P 694 95.01 50.60 133.04
N PRO P 695 95.64 49.89 133.95
CA PRO P 695 95.41 48.43 134.02
C PRO P 695 94.31 48.07 135.00
N GLU P 696 93.10 48.62 134.83
CA GLU P 696 92.02 48.33 135.75
C GLU P 696 90.72 48.03 135.03
N PHE P 697 90.66 48.34 133.74
CA PHE P 697 89.43 48.15 132.97
C PHE P 697 89.33 46.80 132.31
N SER P 698 90.29 45.88 132.58
CA SER P 698 90.61 44.78 131.66
C SER P 698 89.45 43.81 131.44
N GLY P 699 88.72 43.48 132.50
CA GLY P 699 87.59 42.56 132.43
C GLY P 699 86.47 42.97 131.50
N VAL P 700 85.88 44.14 131.74
CA VAL P 700 84.73 44.58 130.96
C VAL P 700 85.14 44.99 129.54
N LEU P 701 86.32 45.63 129.41
CA LEU P 701 86.87 46.01 128.13
C LEU P 701 87.08 44.81 127.24
N HIS P 702 87.49 43.69 127.83
CA HIS P 702 87.67 42.53 127.01
C HIS P 702 86.35 41.80 126.73
N GLN P 703 85.43 41.84 127.70
CA GLN P 703 84.10 41.24 127.54
C GLN P 703 83.36 41.79 126.33
N CYS P 704 83.48 43.11 126.11
CA CYS P 704 82.98 43.75 124.90
C CYS P 704 83.58 43.14 123.63
N HIS P 705 84.91 42.98 123.61
CA HIS P 705 85.63 42.45 122.46
C HIS P 705 85.21 41.03 122.13
N ILE P 706 84.82 40.26 123.15
CA ILE P 706 84.31 38.92 122.90
C ILE P 706 82.95 38.98 122.24
N LEU P 707 82.04 39.75 122.86
CA LEU P 707 80.62 39.74 122.49
C LEU P 707 80.40 40.22 121.04
N ALA P 708 81.23 41.18 120.62
CA ALA P 708 81.12 41.73 119.27
C ALA P 708 81.35 40.66 118.19
N SER P 709 82.28 39.75 118.43
CA SER P 709 82.58 38.69 117.46
C SER P 709 81.43 37.69 117.30
N GLU P 710 80.75 37.36 118.40
CA GLU P 710 79.57 36.51 118.36
C GLU P 710 78.46 37.14 117.54
N MET P 711 78.36 38.48 117.56
CA MET P 711 77.36 39.10 116.67
C MET P 711 77.85 39.19 115.22
N VAL P 712 79.16 39.38 115.03
CA VAL P 712 79.74 39.57 113.69
C VAL P 712 79.65 38.28 112.88
N HIS P 713 79.83 37.11 113.53
CA HIS P 713 79.66 35.84 112.81
C HIS P 713 78.21 35.64 112.36
N PHE P 714 77.26 36.06 113.18
CA PHE P 714 75.84 35.94 112.85
C PHE P 714 75.47 36.78 111.63
N ILE P 715 75.87 38.06 111.64
CA ILE P 715 75.60 38.96 110.54
C ILE P 715 76.61 38.74 109.39
N HIS P 716 77.53 37.80 109.54
CA HIS P 716 78.34 37.39 108.40
C HIS P 716 78.00 36.02 107.84
N GLN P 717 77.15 35.24 108.49
CA GLN P 717 76.61 34.06 107.82
C GLN P 717 75.25 34.31 107.18
N MET P 718 74.43 35.19 107.78
CA MET P 718 73.19 35.54 107.09
C MET P 718 73.47 36.28 105.79
N GLN P 719 74.48 37.15 105.79
CA GLN P 719 74.79 37.94 104.60
C GLN P 719 75.63 37.18 103.57
N TYR P 720 75.97 35.92 103.80
CA TYR P 720 76.53 35.05 102.77
C TYR P 720 75.56 33.99 102.36
N TYR P 721 74.59 33.71 103.22
CA TYR P 721 73.53 32.80 102.89
C TYR P 721 72.61 33.37 101.85
N ILE P 722 72.30 34.66 101.95
CA ILE P 722 71.42 35.37 101.02
C ILE P 722 72.05 35.45 99.64
N THR P 723 73.34 35.26 99.58
CA THR P 723 74.20 35.49 98.48
C THR P 723 74.17 34.38 97.43
N PHE P 724 73.96 33.11 97.84
CA PHE P 724 74.07 31.98 96.92
C PHE P 724 72.82 31.14 96.76
N GLU P 725 71.75 31.44 97.49
CA GLU P 725 70.51 30.72 97.30
C GLU P 725 69.33 31.65 97.14
N VAL P 726 69.48 32.95 97.39
CA VAL P 726 68.39 33.90 97.23
C VAL P 726 68.78 34.84 96.09
N LEU P 727 70.07 34.85 95.73
CA LEU P 727 70.55 35.76 94.70
C LEU P 727 71.32 35.02 93.61
N GLU P 728 71.51 33.68 93.73
CA GLU P 728 72.21 32.93 92.68
C GLU P 728 71.41 31.76 92.10
N CYS P 729 70.76 30.94 92.92
CA CYS P 729 69.90 29.86 92.40
C CYS P 729 68.73 30.44 91.60
N SER P 730 68.11 31.46 92.18
CA SER P 730 66.94 32.10 91.62
C SER P 730 67.24 32.75 90.28
N TRP P 731 68.26 33.64 90.27
CA TRP P 731 68.60 34.46 89.10
C TRP P 731 68.97 33.58 87.92
N ASP P 732 69.64 32.47 88.22
CA ASP P 732 69.90 31.42 87.24
C ASP P 732 68.60 30.90 86.64
N GLU P 733 67.62 30.55 87.49
CA GLU P 733 66.38 29.94 86.99
C GLU P 733 65.61 30.87 86.04
N LEU P 734 65.48 32.15 86.44
CA LEU P 734 64.80 33.13 85.57
C LEU P 734 65.60 33.37 84.29
N TRP P 735 66.93 33.45 84.42
CA TRP P 735 67.78 33.76 83.29
C TRP P 735 67.76 32.67 82.23
N ASN P 736 67.67 31.41 82.66
CA ASN P 736 67.51 30.35 81.68
C ASN P 736 66.14 30.39 81.03
N LYS P 737 65.06 30.48 81.85
CA LYS P 737 63.74 30.39 81.23
C LYS P 737 63.33 31.63 80.45
N VAL P 738 64.13 32.70 80.41
CA VAL P 738 63.86 33.73 79.42
C VAL P 738 64.69 33.51 78.14
N GLN P 739 65.96 33.12 78.27
CA GLN P 739 66.92 33.25 77.18
C GLN P 739 66.72 32.20 76.10
N GLN P 740 66.09 31.08 76.43
CA GLN P 740 65.79 30.05 75.45
C GLN P 740 64.35 30.14 74.94
N ALA P 741 63.42 30.49 75.82
CA ALA P 741 62.00 30.23 75.60
C ALA P 741 61.32 31.46 75.05
N GLN P 742 60.54 31.25 74.01
CA GLN P 742 59.75 32.28 73.37
C GLN P 742 58.34 32.26 73.95
N ASP P 743 57.44 33.05 73.35
CA ASP P 743 56.09 33.31 73.86
C ASP P 743 56.04 34.02 75.21
N LEU P 744 55.86 35.35 75.15
CA LEU P 744 55.59 36.27 76.26
C LEU P 744 54.81 35.65 77.42
N ASP P 745 53.78 34.82 77.13
CA ASP P 745 53.10 34.01 78.13
C ASP P 745 54.06 33.15 78.97
N HIS P 746 55.19 32.74 78.42
CA HIS P 746 56.14 31.97 79.21
C HIS P 746 57.10 32.87 79.99
N ILE P 747 57.40 34.07 79.48
CA ILE P 747 58.25 35.01 80.21
C ILE P 747 57.55 35.50 81.47
N ILE P 748 56.25 35.82 81.36
CA ILE P 748 55.46 36.25 82.51
C ILE P 748 55.43 35.18 83.60
N ALA P 749 55.13 33.94 83.21
CA ALA P 749 55.03 32.82 84.12
C ALA P 749 56.38 32.27 84.56
N ALA P 750 57.49 32.67 83.93
CA ALA P 750 58.82 32.38 84.46
C ALA P 750 59.29 33.43 85.45
N HIS P 751 58.82 34.67 85.24
CA HIS P 751 59.09 35.76 86.15
C HIS P 751 58.32 35.57 87.47
N GLU P 752 57.07 35.10 87.39
CA GLU P 752 56.21 34.92 88.56
C GLU P 752 56.81 34.00 89.62
N VAL P 753 57.26 32.81 89.18
CA VAL P 753 57.76 31.80 90.11
C VAL P 753 59.05 32.27 90.76
N PHE P 754 59.83 33.04 90.03
CA PHE P 754 61.06 33.65 90.51
C PHE P 754 60.75 34.61 91.67
N LEU P 755 59.72 35.44 91.48
CA LEU P 755 59.39 36.43 92.51
C LEU P 755 58.80 35.76 93.74
N ASP P 756 58.00 34.71 93.55
CA ASP P 756 57.43 33.99 94.68
C ASP P 756 58.51 33.24 95.48
N THR P 757 59.49 32.64 94.78
CA THR P 757 60.57 31.91 95.44
C THR P 757 61.43 32.83 96.31
N ILE P 758 61.67 34.05 95.84
CA ILE P 758 62.42 34.98 96.69
C ILE P 758 61.64 35.34 97.96
N ILE P 759 60.30 35.37 97.91
CA ILE P 759 59.50 35.61 99.11
C ILE P 759 59.63 34.45 100.10
N SER P 760 59.78 33.21 99.61
CA SER P 760 59.89 32.10 100.54
C SER P 760 61.29 32.02 101.15
N ARG P 761 62.34 32.30 100.37
CA ARG P 761 63.69 32.18 100.93
C ARG P 761 64.07 33.38 101.80
N CYS P 762 63.64 34.58 101.41
CA CYS P 762 63.65 35.67 102.38
C CYS P 762 62.60 35.40 103.44
N LEU P 763 62.71 36.11 104.55
CA LEU P 763 61.85 35.88 105.70
C LEU P 763 60.72 36.90 105.61
N LEU P 764 59.77 36.62 104.71
CA LEU P 764 58.59 37.45 104.45
C LEU P 764 57.36 36.55 104.38
N ASP P 765 57.55 35.27 104.71
CA ASP P 765 56.54 34.23 104.54
C ASP P 765 55.37 34.42 105.50
N SER P 766 54.32 33.65 105.25
CA SER P 766 53.27 33.40 106.22
C SER P 766 53.59 32.19 107.09
N ASP P 767 54.69 31.47 106.82
CA ASP P 767 55.21 30.49 107.76
C ASP P 767 56.29 31.08 108.66
N SER P 768 57.11 31.96 108.10
CA SER P 768 58.33 32.44 108.75
C SER P 768 58.12 33.70 109.55
N ARG P 769 56.88 33.97 109.99
CA ARG P 769 56.63 35.12 110.86
C ARG P 769 57.29 34.92 112.23
N ALA P 770 57.19 33.71 112.79
CA ALA P 770 57.79 33.41 114.08
C ALA P 770 59.31 33.49 114.04
N LEU P 771 59.90 32.91 112.98
CA LEU P 771 61.34 33.01 112.72
C LEU P 771 61.79 34.47 112.66
N LEU P 772 60.96 35.32 112.05
CA LEU P 772 61.28 36.75 111.97
C LEU P 772 61.18 37.44 113.33
N ASN P 773 60.23 37.04 114.19
CA ASN P 773 60.12 37.62 115.53
C ASN P 773 61.37 37.32 116.36
N GLN P 774 61.83 36.08 116.29
CA GLN P 774 63.08 35.70 116.95
C GLN P 774 64.27 36.45 116.37
N LEU P 775 64.24 36.70 115.06
CA LEU P 775 65.29 37.48 114.43
C LEU P 775 65.25 38.95 114.88
N ARG P 776 64.06 39.46 115.18
CA ARG P 776 63.97 40.80 115.76
C ARG P 776 64.56 40.84 117.16
N ALA P 777 64.38 39.77 117.92
CA ALA P 777 65.00 39.72 119.24
C ALA P 777 66.52 39.55 119.20
N VAL P 778 67.13 39.05 118.11
CA VAL P 778 68.60 39.16 117.97
C VAL P 778 69.02 40.50 117.34
N PHE P 779 68.13 41.21 116.65
CA PHE P 779 68.51 42.56 116.23
C PHE P 779 68.50 43.57 117.39
N ASP P 780 67.66 43.30 118.40
CA ASP P 780 67.58 44.13 119.60
C ASP P 780 68.93 44.20 120.32
N GLN P 781 69.59 43.07 120.51
CA GLN P 781 70.84 43.07 121.26
C GLN P 781 71.99 43.72 120.49
N ILE P 782 71.91 43.73 119.16
CA ILE P 782 72.89 44.44 118.34
C ILE P 782 72.77 45.94 118.55
N ILE P 783 71.53 46.48 118.54
CA ILE P 783 71.42 47.92 118.83
C ILE P 783 71.69 48.21 120.32
N GLU P 784 71.52 47.22 121.19
CA GLU P 784 71.73 47.40 122.64
C GLU P 784 73.22 47.51 123.00
N LEU P 785 74.06 46.71 122.33
CA LEU P 785 75.50 46.70 122.62
C LEU P 785 76.17 48.04 122.33
N GLN P 786 75.55 48.87 121.47
CA GLN P 786 76.10 50.19 121.17
C GLN P 786 76.15 51.08 122.41
N ASN P 787 75.03 51.19 123.12
CA ASN P 787 74.99 51.95 124.36
C ASN P 787 75.88 51.31 125.41
N ALA P 788 75.81 49.97 125.55
CA ALA P 788 76.55 49.28 126.61
C ALA P 788 78.07 49.41 126.42
N GLN P 789 78.52 49.44 125.16
CA GLN P 789 79.93 49.60 124.85
C GLN P 789 80.37 51.06 124.98
N ASP P 790 79.59 51.99 124.43
CA ASP P 790 80.02 53.40 124.41
C ASP P 790 80.03 54.01 125.81
N ALA P 791 79.21 53.48 126.72
CA ALA P 791 79.26 53.96 128.10
C ALA P 791 80.56 53.59 128.83
N ILE P 792 81.28 52.57 128.36
CA ILE P 792 82.64 52.34 128.85
C ILE P 792 83.54 53.49 128.45
N TYR P 793 83.62 53.73 127.14
CA TYR P 793 84.65 54.61 126.58
C TYR P 793 84.40 56.07 126.94
N ARG P 794 83.13 56.47 127.00
CA ARG P 794 82.75 57.83 127.36
C ARG P 794 83.05 58.18 128.82
N ALA P 795 83.43 57.20 129.64
CA ALA P 795 83.97 57.47 130.97
C ALA P 795 85.45 57.17 131.04
N ALA P 796 85.91 56.10 130.39
CA ALA P 796 87.28 55.59 130.45
C ALA P 796 88.31 56.38 129.64
N LEU P 797 88.11 56.56 128.33
CA LEU P 797 89.13 57.25 127.52
C LEU P 797 89.15 58.75 127.82
N GLU P 798 87.98 59.27 128.20
CA GLU P 798 87.74 60.68 128.48
C GLU P 798 88.72 61.23 129.52
N GLU P 799 88.88 60.50 130.64
CA GLU P 799 89.84 60.91 131.67
C GLU P 799 91.27 60.85 131.19
N LEU P 800 91.58 59.98 130.23
CA LEU P 800 92.97 59.91 129.76
C LEU P 800 93.34 61.17 129.01
N GLN P 801 92.38 61.67 128.24
CA GLN P 801 92.57 63.00 127.63
C GLN P 801 92.70 64.10 128.69
N ARG P 802 91.84 64.07 129.72
CA ARG P 802 91.92 65.10 130.76
C ARG P 802 93.18 64.98 131.60
N ARG P 803 93.66 63.76 131.83
CA ARG P 803 94.91 63.53 132.57
C ARG P 803 96.11 64.03 131.78
N LEU P 804 96.05 63.90 130.45
CA LEU P 804 97.07 64.53 129.60
C LEU P 804 97.12 66.04 129.79
N GLN P 805 95.94 66.70 129.80
CA GLN P 805 95.96 68.16 130.04
C GLN P 805 96.39 68.53 131.47
N PHE P 806 96.08 67.68 132.46
CA PHE P 806 96.59 67.89 133.82
C PHE P 806 98.11 67.81 133.84
N GLU P 807 98.71 66.97 133.00
CA GLU P 807 100.16 66.97 132.89
C GLU P 807 100.67 68.20 132.15
N GLU P 808 99.88 68.71 131.19
CA GLU P 808 100.29 69.95 130.49
C GLU P 808 100.32 71.15 131.42
N LYS P 809 99.43 71.20 132.42
CA LYS P 809 99.51 72.27 133.41
C LYS P 809 100.79 72.15 134.26
N LYS P 810 101.19 70.93 134.62
CA LYS P 810 102.36 70.73 135.48
C LYS P 810 103.67 70.95 134.74
N LYS P 811 103.68 70.77 133.42
CA LYS P 811 104.86 71.08 132.61
C LYS P 811 105.10 72.58 132.58
N GLU P 827 95.44 64.04 141.71
CA GLU P 827 94.68 64.43 142.89
C GLU P 827 93.23 64.56 142.45
N GLU P 828 93.02 65.27 141.34
CA GLU P 828 91.74 65.28 140.64
C GLU P 828 91.48 63.92 139.99
N GLU P 829 92.51 63.32 139.40
CA GLU P 829 92.35 62.05 138.70
C GLU P 829 92.30 60.86 139.64
N ASN P 830 92.79 61.01 140.89
CA ASN P 830 92.61 59.94 141.87
C ASN P 830 91.13 59.76 142.23
N LYS P 831 90.37 60.85 142.29
CA LYS P 831 88.92 60.75 142.41
C LYS P 831 88.30 60.15 141.14
N ARG P 832 88.93 60.30 139.99
CA ARG P 832 88.41 59.65 138.80
C ARG P 832 88.60 58.13 138.88
N ILE P 833 89.70 57.69 139.49
CA ILE P 833 89.87 56.26 139.82
C ILE P 833 88.80 55.81 140.81
N GLY P 834 88.49 56.64 141.81
CA GLY P 834 87.43 56.33 142.76
C GLY P 834 86.06 56.24 142.10
N GLU P 835 85.81 57.11 141.11
CA GLU P 835 84.59 57.06 140.32
C GLU P 835 84.52 55.81 139.47
N PHE P 836 85.67 55.34 138.97
CA PHE P 836 85.69 54.10 138.21
C PHE P 836 85.36 52.90 139.06
N LYS P 837 85.81 52.89 140.32
CA LYS P 837 85.45 51.77 141.20
C LYS P 837 83.96 51.76 141.55
N GLU P 838 83.23 52.84 141.32
CA GLU P 838 81.77 52.75 141.36
C GLU P 838 81.16 52.39 140.00
N SER P 839 81.64 53.01 138.93
CA SER P 839 80.97 52.92 137.63
C SER P 839 81.21 51.58 136.94
N ILE P 840 82.48 51.13 136.91
CA ILE P 840 82.84 49.90 136.20
C ILE P 840 82.08 48.65 136.66
N PRO P 841 81.96 48.33 137.98
CA PRO P 841 81.30 47.05 138.36
C PRO P 841 79.85 46.90 137.92
N LYS P 842 79.06 47.97 138.00
CA LYS P 842 77.68 47.91 137.53
C LYS P 842 77.62 47.70 136.03
N MET P 843 78.55 48.30 135.28
CA MET P 843 78.55 48.15 133.83
C MET P 843 78.99 46.75 133.41
N CYS P 844 79.95 46.16 134.15
CA CYS P 844 80.30 44.74 133.95
C CYS P 844 79.10 43.86 134.22
N SER P 845 78.37 44.15 135.31
CA SER P 845 77.23 43.33 135.71
C SER P 845 76.07 43.46 134.71
N GLN P 846 75.93 44.60 134.04
CA GLN P 846 74.96 44.68 132.95
C GLN P 846 75.41 43.86 131.75
N LEU P 847 76.72 43.94 131.41
CA LEU P 847 77.20 43.29 130.19
C LEU P 847 77.17 41.77 130.31
N ARG P 848 77.38 41.23 131.51
CA ARG P 848 77.32 39.78 131.72
C ARG P 848 75.92 39.22 131.46
N ILE P 849 74.91 39.86 132.06
CA ILE P 849 73.51 39.49 131.85
C ILE P 849 73.13 39.71 130.38
N LEU P 850 73.73 40.72 129.74
CA LEU P 850 73.48 40.97 128.32
C LEU P 850 73.98 39.83 127.44
N THR P 851 75.22 39.36 127.68
CA THR P 851 75.77 38.21 126.95
C THR P 851 74.90 36.98 127.12
N HIS P 852 74.50 36.69 128.37
CA HIS P 852 73.73 35.47 128.62
C HIS P 852 72.34 35.53 128.00
N PHE P 853 71.70 36.70 128.07
CA PHE P 853 70.40 36.96 127.45
C PHE P 853 70.46 36.77 125.93
N TYR P 854 71.47 37.35 125.28
CA TYR P 854 71.62 37.26 123.83
C TYR P 854 71.89 35.83 123.38
N GLN P 855 72.82 35.15 124.07
CA GLN P 855 73.15 33.76 123.76
C GLN P 855 71.98 32.83 124.01
N GLY P 856 71.08 33.19 124.93
CA GLY P 856 69.88 32.39 125.14
C GLY P 856 68.84 32.56 124.06
N ILE P 857 68.71 33.78 123.51
CA ILE P 857 67.66 34.02 122.51
C ILE P 857 68.07 33.49 121.12
N VAL P 858 69.35 33.60 120.77
CA VAL P 858 69.72 33.15 119.42
C VAL P 858 69.67 31.64 119.30
N GLN P 859 69.80 30.94 120.43
CA GLN P 859 69.72 29.50 120.48
C GLN P 859 68.30 29.00 120.20
N GLN P 860 67.29 29.64 120.82
CA GLN P 860 65.90 29.28 120.52
C GLN P 860 65.53 29.63 119.09
N PHE P 861 66.14 30.69 118.52
CA PHE P 861 65.95 30.95 117.08
C PHE P 861 66.51 29.81 116.21
N LEU P 862 67.70 29.29 116.55
CA LEU P 862 68.26 28.19 115.77
C LEU P 862 67.40 26.92 115.84
N VAL P 863 66.92 26.58 117.04
CA VAL P 863 66.24 25.31 117.19
C VAL P 863 64.86 25.34 116.56
N LEU P 864 64.19 26.51 116.54
CA LEU P 864 62.99 26.59 115.72
C LEU P 864 63.32 26.62 114.23
N LEU P 865 64.51 27.13 113.88
CA LEU P 865 64.83 27.30 112.48
C LEU P 865 65.11 25.97 111.77
N THR P 866 65.44 24.90 112.53
CA THR P 866 65.94 23.63 111.97
C THR P 866 65.05 23.01 110.88
N THR P 867 63.73 22.99 111.07
CA THR P 867 62.84 22.62 109.97
C THR P 867 61.71 23.64 109.81
N SER P 868 61.74 24.34 108.68
CA SER P 868 60.62 25.20 108.26
C SER P 868 60.46 25.13 106.75
N SER P 869 61.39 24.42 106.10
CA SER P 869 61.50 24.25 104.66
C SER P 869 62.51 23.13 104.46
N ASP P 870 62.56 22.61 103.23
CA ASP P 870 63.42 21.44 102.97
C ASP P 870 64.89 21.80 103.04
N GLU P 871 65.32 22.69 102.16
CA GLU P 871 66.73 23.02 102.03
C GLU P 871 66.99 24.42 102.59
N SER P 872 66.29 25.44 102.05
CA SER P 872 66.74 26.82 102.14
C SER P 872 66.89 27.33 103.58
N LEU P 873 65.87 27.14 104.40
CA LEU P 873 66.01 27.64 105.76
C LEU P 873 66.89 26.71 106.61
N ARG P 874 67.03 25.44 106.21
CA ARG P 874 67.70 24.43 107.06
C ARG P 874 69.20 24.69 107.21
N PHE P 875 69.88 25.15 106.16
CA PHE P 875 71.33 25.17 106.17
C PHE P 875 71.89 26.43 106.83
N LEU P 876 71.02 27.42 107.06
CA LEU P 876 71.33 28.51 107.96
C LEU P 876 71.66 28.01 109.36
N SER P 877 70.96 26.95 109.81
CA SER P 877 71.26 26.32 111.09
C SER P 877 72.66 25.76 111.14
N PHE P 878 73.11 25.13 110.05
CA PHE P 878 74.44 24.53 110.05
C PHE P 878 75.54 25.58 110.01
N ARG P 879 75.36 26.64 109.22
CA ARG P 879 76.32 27.73 109.23
C ARG P 879 76.40 28.41 110.59
N LEU P 880 75.25 28.64 111.23
CA LEU P 880 75.25 29.40 112.47
C LEU P 880 75.65 28.52 113.66
N ASP P 881 75.58 27.20 113.50
CA ASP P 881 75.93 26.25 114.56
C ASP P 881 76.94 25.24 113.99
N PHE P 882 77.99 25.77 113.36
CA PHE P 882 79.07 25.00 112.76
C PHE P 882 80.01 24.39 113.80
N ASN P 883 80.24 25.11 114.90
CA ASN P 883 81.19 24.71 115.94
C ASN P 883 80.51 23.90 117.04
N GLU P 884 79.19 23.65 116.90
CA GLU P 884 78.33 23.07 117.95
C GLU P 884 78.39 23.88 119.24
N HIS P 885 78.61 25.20 119.09
CA HIS P 885 78.70 26.11 120.23
C HIS P 885 77.34 26.27 120.89
N TYR P 886 76.29 26.34 120.08
CA TYR P 886 74.92 26.32 120.56
C TYR P 886 74.53 24.88 120.79
N LYS P 887 73.71 24.66 121.83
CA LYS P 887 73.41 23.38 122.51
C LYS P 887 74.63 22.83 123.23
N ALA P 888 75.64 23.68 123.45
CA ALA P 888 76.61 23.50 124.51
C ALA P 888 76.59 24.73 125.42
N ARG P 889 75.67 25.66 125.16
CA ARG P 889 75.41 26.80 126.03
C ARG P 889 73.91 26.96 126.29
N GLU P 890 73.11 25.96 125.95
CA GLU P 890 71.65 25.99 126.09
C GLU P 890 71.23 26.00 127.57
N ARG Q 3 -27.62 30.06 103.16
CA ARG Q 3 -28.16 30.89 102.08
C ARG Q 3 -27.05 31.39 101.16
N GLU Q 4 -26.70 32.67 101.30
CA GLU Q 4 -25.66 33.26 100.47
C GLU Q 4 -24.44 33.56 101.32
N ILE Q 5 -23.25 33.30 100.76
CA ILE Q 5 -22.00 33.45 101.47
C ILE Q 5 -21.20 34.56 100.80
N ILE Q 6 -20.70 35.48 101.62
CA ILE Q 6 -19.82 36.55 101.16
C ILE Q 6 -18.41 36.24 101.64
N THR Q 7 -17.50 36.06 100.71
CA THR Q 7 -16.16 35.56 101.00
C THR Q 7 -15.19 36.73 101.05
N LEU Q 8 -14.38 36.76 102.11
CA LEU Q 8 -13.46 37.85 102.35
C LEU Q 8 -12.04 37.32 102.19
N GLN Q 9 -11.21 38.06 101.47
CA GLN Q 9 -9.83 37.65 101.25
C GLN Q 9 -8.91 38.83 101.52
N LEU Q 10 -7.80 38.55 102.18
CA LEU Q 10 -6.91 39.60 102.65
C LEU Q 10 -5.53 38.99 102.89
N GLY Q 11 -4.50 39.82 102.73
CA GLY Q 11 -3.13 39.35 102.78
C GLY Q 11 -2.73 38.69 101.48
N GLN Q 12 -1.42 38.51 101.28
CA GLN Q 12 -0.94 37.91 100.04
C GLN Q 12 -1.29 36.44 99.99
N CYS Q 13 -1.12 35.73 101.10
CA CYS Q 13 -1.47 34.32 101.16
C CYS Q 13 -2.99 34.12 101.08
N GLY Q 14 -3.74 35.00 101.74
CA GLY Q 14 -5.19 34.91 101.67
C GLY Q 14 -5.75 35.25 100.30
N ASN Q 15 -5.17 36.25 99.65
CA ASN Q 15 -5.59 36.54 98.28
C ASN Q 15 -5.14 35.45 97.32
N GLN Q 16 -4.04 34.77 97.63
CA GLN Q 16 -3.59 33.64 96.82
C GLN Q 16 -4.59 32.49 96.89
N ILE Q 17 -4.98 32.09 98.10
CA ILE Q 17 -5.93 30.99 98.25
C ILE Q 17 -7.33 31.39 97.77
N GLY Q 18 -7.72 32.66 97.91
CA GLY Q 18 -8.98 33.10 97.35
C GLY Q 18 -8.96 33.11 95.84
N PHE Q 19 -7.83 33.48 95.24
CA PHE Q 19 -7.67 33.47 93.79
C PHE Q 19 -7.79 32.06 93.24
N GLU Q 20 -7.11 31.10 93.87
CA GLU Q 20 -7.19 29.72 93.38
C GLU Q 20 -8.57 29.13 93.64
N PHE Q 21 -9.22 29.51 94.74
CA PHE Q 21 -10.57 29.02 95.02
C PHE Q 21 -11.58 29.58 94.03
N TRP Q 22 -11.44 30.85 93.67
CA TRP Q 22 -12.35 31.44 92.70
C TRP Q 22 -12.12 30.86 91.32
N LYS Q 23 -10.85 30.61 90.96
CA LYS Q 23 -10.54 29.94 89.70
C LYS Q 23 -11.09 28.52 89.68
N GLN Q 24 -11.04 27.83 90.82
CA GLN Q 24 -11.57 26.48 90.93
C GLN Q 24 -13.08 26.46 90.76
N LEU Q 25 -13.78 27.38 91.41
CA LEU Q 25 -15.22 27.46 91.23
C LEU Q 25 -15.62 28.00 89.87
N CYS Q 26 -14.74 28.76 89.21
CA CYS Q 26 -15.01 29.18 87.84
C CYS Q 26 -14.93 28.00 86.88
N ALA Q 27 -13.90 27.17 87.04
CA ALA Q 27 -13.78 25.96 86.24
C ALA Q 27 -14.88 24.96 86.57
N GLU Q 28 -15.32 24.94 87.83
CA GLU Q 28 -16.30 23.95 88.26
C GLU Q 28 -17.68 24.26 87.71
N HIS Q 29 -18.17 25.46 87.93
CA HIS Q 29 -19.48 25.83 87.44
C HIS Q 29 -19.37 26.25 85.97
N GLY Q 30 -20.53 26.36 85.34
CA GLY Q 30 -20.56 26.66 83.92
C GLY Q 30 -20.41 28.13 83.59
N ILE Q 31 -19.20 28.67 83.82
CA ILE Q 31 -18.92 30.07 83.56
C ILE Q 31 -17.54 30.18 82.92
N SER Q 32 -17.37 31.22 82.11
CA SER Q 32 -16.09 31.62 81.55
C SER Q 32 -15.30 32.40 82.59
N PRO Q 33 -14.01 32.68 82.35
CA PRO Q 33 -13.31 33.63 83.22
C PRO Q 33 -13.83 35.06 83.12
N GLU Q 34 -14.58 35.38 82.08
CA GLU Q 34 -15.36 36.61 82.07
C GLU Q 34 -16.65 36.46 82.85
N GLY Q 35 -17.19 35.25 82.93
CA GLY Q 35 -18.49 35.00 83.52
C GLY Q 35 -19.55 34.61 82.52
N ILE Q 36 -19.16 34.13 81.34
CA ILE Q 36 -20.13 33.87 80.28
C ILE Q 36 -20.76 32.50 80.51
N VAL Q 37 -22.09 32.45 80.41
CA VAL Q 37 -22.88 31.28 80.80
C VAL Q 37 -22.61 30.13 79.84
N GLU Q 38 -22.58 28.92 80.37
CA GLU Q 38 -22.42 27.73 79.56
C GLU Q 38 -23.77 27.03 79.40
N GLU Q 39 -23.78 26.01 78.55
CA GLU Q 39 -25.03 25.35 78.21
C GLU Q 39 -25.31 24.15 79.10
N PHE Q 40 -24.39 23.79 80.00
CA PHE Q 40 -24.62 22.68 80.91
C PHE Q 40 -24.98 23.17 82.31
N ALA Q 41 -25.12 24.47 82.49
CA ALA Q 41 -25.41 25.04 83.80
C ALA Q 41 -26.21 26.34 83.63
N THR Q 45 -29.77 19.82 89.29
CA THR Q 45 -29.95 20.29 90.67
C THR Q 45 -28.67 20.98 91.15
N ASP Q 46 -28.65 22.31 91.04
CA ASP Q 46 -27.48 23.12 91.37
C ASP Q 46 -27.91 24.36 92.12
N ARG Q 47 -26.95 25.23 92.41
CA ARG Q 47 -27.21 26.63 92.78
C ARG Q 47 -25.99 27.47 92.42
N LYS Q 48 -26.24 28.65 91.87
CA LYS Q 48 -25.18 29.59 91.53
C LYS Q 48 -25.42 30.92 92.23
N ASP Q 49 -25.83 30.86 93.49
CA ASP Q 49 -26.15 32.07 94.24
C ASP Q 49 -25.59 31.98 95.66
N VAL Q 50 -24.62 31.11 95.86
CA VAL Q 50 -24.05 30.90 97.18
C VAL Q 50 -22.82 31.77 97.38
N PHE Q 51 -21.87 31.70 96.45
CA PHE Q 51 -20.73 32.59 96.41
C PHE Q 51 -20.88 33.64 95.33
N PHE Q 52 -21.82 33.44 94.41
CA PHE Q 52 -21.94 34.24 93.21
C PHE Q 52 -23.16 35.13 93.34
N TYR Q 53 -23.01 36.40 93.05
CA TYR Q 53 -24.17 37.19 92.73
C TYR Q 53 -24.50 37.02 91.25
N GLN Q 54 -25.78 36.90 90.94
CA GLN Q 54 -26.25 37.04 89.57
C GLN Q 54 -26.03 38.51 89.25
N ALA Q 55 -24.89 38.83 88.67
CA ALA Q 55 -24.51 40.23 88.55
C ALA Q 55 -24.86 40.74 87.16
N ASP Q 56 -24.65 42.04 87.00
CA ASP Q 56 -25.50 42.83 86.14
C ASP Q 56 -24.94 43.04 84.74
N ASP Q 57 -23.98 42.21 84.34
CA ASP Q 57 -23.55 42.12 82.95
C ASP Q 57 -23.50 40.69 82.47
N GLU Q 58 -24.38 39.84 83.03
CA GLU Q 58 -24.54 38.41 82.72
C GLU Q 58 -23.25 37.65 83.05
N HIS Q 59 -22.52 38.17 84.02
CA HIS Q 59 -21.42 37.45 84.64
C HIS Q 59 -21.80 37.17 86.08
N TYR Q 60 -21.70 35.92 86.50
CA TYR Q 60 -21.98 35.57 87.89
C TYR Q 60 -20.77 36.01 88.73
N ILE Q 61 -20.74 37.29 89.06
CA ILE Q 61 -19.58 37.90 89.72
C ILE Q 61 -19.63 37.53 91.19
N PRO Q 62 -18.60 36.88 91.73
CA PRO Q 62 -18.60 36.55 93.15
C PRO Q 62 -18.49 37.79 94.02
N ARG Q 63 -19.14 37.71 95.17
CA ARG Q 63 -19.04 38.76 96.19
C ARG Q 63 -17.74 38.55 96.97
N ALA Q 64 -16.68 39.21 96.53
CA ALA Q 64 -15.36 39.06 97.15
C ALA Q 64 -14.82 40.43 97.52
N VAL Q 65 -14.33 40.55 98.75
CA VAL Q 65 -13.67 41.75 99.22
C VAL Q 65 -12.18 41.62 98.95
N LEU Q 66 -11.65 42.49 98.09
CA LEU Q 66 -10.26 42.45 97.69
C LEU Q 66 -9.49 43.42 98.55
N LEU Q 67 -8.61 42.89 99.39
CA LEU Q 67 -7.78 43.70 100.28
C LEU Q 67 -6.33 43.44 99.95
N ASP Q 68 -5.54 44.51 99.91
CA ASP Q 68 -4.13 44.39 99.58
C ASP Q 68 -3.31 45.11 100.64
N LEU Q 69 -2.18 44.49 100.98
CA LEU Q 69 -1.22 45.06 101.93
C LEU Q 69 0.15 44.62 101.48
N GLU Q 70 0.93 45.59 100.97
CA GLU Q 70 2.19 45.38 100.25
C GLU Q 70 1.97 44.40 99.10
N PRO Q 71 1.24 44.79 98.05
CA PRO Q 71 0.82 43.83 97.03
C PRO Q 71 1.95 43.46 96.07
N ARG Q 72 2.20 42.16 95.93
CA ARG Q 72 3.12 41.68 94.91
C ARG Q 72 2.38 40.69 94.03
N VAL Q 73 1.80 39.66 94.63
CA VAL Q 73 1.04 38.66 93.87
C VAL Q 73 -0.35 39.18 93.54
N ILE Q 74 -0.83 40.19 94.27
CA ILE Q 74 -2.13 40.78 93.99
C ILE Q 74 -2.08 41.59 92.69
N HIS Q 75 -0.91 42.12 92.35
CA HIS Q 75 -0.70 42.72 91.04
C HIS Q 75 -0.84 41.67 89.94
N SER Q 76 -0.35 40.46 90.18
CA SER Q 76 -0.53 39.37 89.20
C SER Q 76 -1.99 38.94 89.13
N ILE Q 77 -2.71 39.03 90.24
CA ILE Q 77 -4.15 38.79 90.24
C ILE Q 77 -4.86 39.85 89.41
N LEU Q 78 -4.30 41.07 89.39
CA LEU Q 78 -4.92 42.16 88.63
C LEU Q 78 -4.88 41.91 87.12
N ASN Q 79 -3.70 41.69 86.56
CA ASN Q 79 -3.64 41.43 85.12
C ASN Q 79 -3.87 39.94 84.87
N SER Q 80 -5.13 39.53 84.88
CA SER Q 80 -5.47 38.12 84.84
C SER Q 80 -6.85 37.97 84.20
N PRO Q 81 -7.13 36.84 83.55
CA PRO Q 81 -8.47 36.64 83.00
C PRO Q 81 -9.54 36.39 84.05
N TYR Q 82 -9.15 36.12 85.29
CA TYR Q 82 -10.10 35.99 86.38
C TYR Q 82 -10.34 37.31 87.11
N ALA Q 83 -9.75 38.40 86.61
CA ALA Q 83 -10.12 39.74 87.03
C ALA Q 83 -11.32 40.26 86.27
N LYS Q 84 -11.76 39.56 85.23
CA LYS Q 84 -13.04 39.83 84.59
C LYS Q 84 -14.16 39.03 85.23
N LEU Q 85 -13.84 38.07 86.10
CA LEU Q 85 -14.87 37.35 86.84
C LEU Q 85 -15.31 38.14 88.07
N TYR Q 86 -14.36 38.57 88.90
CA TYR Q 86 -14.68 39.33 90.09
C TYR Q 86 -13.78 40.56 90.18
N ASN Q 87 -14.42 41.73 90.22
CA ASN Q 87 -13.84 43.01 90.59
C ASN Q 87 -14.96 44.02 90.84
N PRO Q 88 -15.55 44.06 92.04
CA PRO Q 88 -16.48 45.15 92.37
C PRO Q 88 -15.78 46.46 92.74
N GLU Q 89 -14.47 46.56 92.49
CA GLU Q 89 -13.64 47.76 92.59
C GLU Q 89 -13.63 48.28 94.01
N ASN Q 90 -13.06 47.50 94.93
CA ASN Q 90 -13.00 47.86 96.33
C ASN Q 90 -11.61 47.62 96.89
N ILE Q 91 -10.61 47.60 96.01
CA ILE Q 91 -9.23 47.37 96.41
C ILE Q 91 -8.72 48.59 97.16
N TYR Q 92 -8.27 48.40 98.39
CA TYR Q 92 -7.79 49.49 99.22
C TYR Q 92 -6.64 48.98 100.09
N LEU Q 93 -5.58 49.78 100.16
CA LEU Q 93 -4.40 49.41 100.93
C LEU Q 93 -4.66 49.47 102.42
N GLY Q 101 1.79 43.58 107.50
CA GLY Q 101 2.84 43.52 106.50
C GLY Q 101 3.80 42.37 106.74
N ASN Q 102 4.67 42.53 107.73
CA ASN Q 102 5.51 41.45 108.22
C ASN Q 102 5.33 41.25 109.71
N ASN Q 103 4.35 41.91 110.31
CA ASN Q 103 4.12 41.81 111.73
C ASN Q 103 2.63 41.86 112.05
N TRP Q 104 2.29 41.30 113.20
CA TRP Q 104 0.92 41.35 113.68
C TRP Q 104 0.55 42.75 114.15
N ALA Q 105 1.49 43.42 114.84
CA ALA Q 105 1.20 44.75 115.36
C ALA Q 105 1.04 45.77 114.24
N SER Q 106 1.87 45.66 113.19
CA SER Q 106 1.79 46.58 112.07
C SER Q 106 0.48 46.43 111.31
N GLY Q 107 0.10 45.18 111.00
CA GLY Q 107 -1.15 44.95 110.30
C GLY Q 107 -2.36 45.30 111.15
N PHE Q 108 -2.28 45.06 112.45
CA PHE Q 108 -3.36 45.42 113.35
C PHE Q 108 -3.54 46.93 113.44
N SER Q 109 -2.44 47.68 113.58
CA SER Q 109 -2.53 49.13 113.68
C SER Q 109 -2.95 49.76 112.36
N GLN Q 110 -2.46 49.22 111.24
CA GLN Q 110 -2.86 49.73 109.93
C GLN Q 110 -4.33 49.44 109.66
N GLY Q 111 -4.83 48.28 110.10
CA GLY Q 111 -6.25 48.02 109.98
C GLY Q 111 -7.09 48.87 110.91
N GLU Q 112 -6.52 49.25 112.06
CA GLU Q 112 -7.23 50.05 113.04
C GLU Q 112 -7.51 51.45 112.52
N LYS Q 113 -6.54 52.06 111.86
CA LYS Q 113 -6.68 53.47 111.48
C LYS Q 113 -7.63 53.67 110.30
N ILE Q 114 -7.92 52.61 109.54
CA ILE Q 114 -8.76 52.75 108.34
C ILE Q 114 -9.99 51.83 108.38
N HIS Q 115 -10.51 51.51 109.56
CA HIS Q 115 -11.59 50.51 109.65
C HIS Q 115 -12.90 51.01 109.03
N GLU Q 116 -13.01 52.32 108.83
CA GLU Q 116 -14.30 52.93 108.48
C GLU Q 116 -14.70 52.60 107.06
N ASP Q 117 -13.84 52.90 106.10
CA ASP Q 117 -14.20 52.73 104.69
C ASP Q 117 -14.17 51.26 104.28
N ILE Q 118 -13.31 50.46 104.91
CA ILE Q 118 -13.35 49.03 104.62
C ILE Q 118 -14.59 48.40 105.25
N PHE Q 119 -15.06 48.97 106.36
CA PHE Q 119 -16.35 48.56 106.89
C PHE Q 119 -17.48 49.01 105.97
N ASP Q 120 -17.30 50.14 105.30
CA ASP Q 120 -18.25 50.56 104.28
C ASP Q 120 -18.24 49.63 103.08
N ILE Q 121 -17.06 49.10 102.74
CA ILE Q 121 -16.94 48.08 101.69
C ILE Q 121 -17.70 46.82 102.08
N ILE Q 122 -17.54 46.40 103.35
CA ILE Q 122 -18.30 45.28 103.89
C ILE Q 122 -19.80 45.58 103.86
N ASP Q 123 -20.17 46.83 104.16
CA ASP Q 123 -21.57 47.23 104.18
C ASP Q 123 -22.17 47.24 102.78
N ARG Q 124 -21.35 47.64 101.79
CA ARG Q 124 -21.78 47.64 100.40
C ARG Q 124 -22.12 46.24 99.92
N GLU Q 125 -21.25 45.27 100.18
CA GLU Q 125 -21.56 43.90 99.74
C GLU Q 125 -22.61 43.25 100.62
N ALA Q 126 -22.73 43.68 101.89
CA ALA Q 126 -23.81 43.20 102.74
C ALA Q 126 -25.16 43.69 102.23
N ASP Q 127 -25.19 44.92 101.70
CA ASP Q 127 -26.38 45.39 101.02
C ASP Q 127 -26.50 44.76 99.64
N GLY Q 128 -25.41 44.20 99.12
CA GLY Q 128 -25.44 43.65 97.77
C GLY Q 128 -26.30 42.40 97.64
N SER Q 129 -26.12 41.45 98.55
CA SER Q 129 -26.88 40.21 98.47
C SER Q 129 -28.21 40.34 99.21
N ASP Q 130 -29.19 39.54 98.78
CA ASP Q 130 -30.49 39.57 99.43
C ASP Q 130 -30.46 38.88 100.79
N SER Q 131 -29.77 37.74 100.88
CA SER Q 131 -29.67 37.00 102.13
C SER Q 131 -28.19 36.78 102.45
N LEU Q 132 -27.93 36.35 103.67
CA LEU Q 132 -26.57 36.13 104.12
C LEU Q 132 -26.54 34.95 105.08
N GLU Q 133 -25.50 34.13 104.97
CA GLU Q 133 -25.35 33.00 105.87
C GLU Q 133 -24.09 33.14 106.72
N GLY Q 134 -23.00 33.62 106.14
CA GLY Q 134 -21.76 33.73 106.89
C GLY Q 134 -20.70 34.50 106.16
N PHE Q 135 -19.61 34.76 106.87
CA PHE Q 135 -18.43 35.42 106.33
C PHE Q 135 -17.25 34.47 106.41
N VAL Q 136 -16.75 34.07 105.25
CA VAL Q 136 -15.62 33.15 105.15
C VAL Q 136 -14.37 33.98 104.91
N LEU Q 137 -13.41 33.89 105.83
CA LEU Q 137 -12.20 34.70 105.78
C LEU Q 137 -11.06 33.85 105.24
N CYS Q 138 -10.53 34.25 104.08
CA CYS Q 138 -9.29 33.69 103.57
C CYS Q 138 -8.16 34.30 104.39
N HIS Q 139 -7.56 33.49 105.25
CA HIS Q 139 -6.65 34.01 106.25
C HIS Q 139 -5.44 33.09 106.36
N SER Q 140 -4.31 33.70 106.70
CA SER Q 140 -3.09 32.96 106.99
C SER Q 140 -2.60 33.38 108.38
N ILE Q 141 -2.35 32.40 109.23
CA ILE Q 141 -1.95 32.65 110.60
C ILE Q 141 -0.46 32.90 110.63
N ALA Q 142 -0.07 34.07 111.16
CA ALA Q 142 1.32 34.57 111.19
C ALA Q 142 1.94 34.60 109.80
N GLY Q 143 1.14 35.01 108.82
CA GLY Q 143 1.62 35.18 107.48
C GLY Q 143 2.20 36.56 107.23
N GLY Q 144 2.20 37.41 108.26
CA GLY Q 144 2.71 38.75 108.12
C GLY Q 144 1.69 39.68 107.51
N THR Q 145 1.43 39.49 106.22
CA THR Q 145 0.46 40.31 105.51
C THR Q 145 -0.96 40.07 106.02
N GLY Q 146 -1.34 38.81 106.19
CA GLY Q 146 -2.67 38.51 106.69
C GLY Q 146 -2.80 38.79 108.18
N SER Q 147 -1.70 38.67 108.91
CA SER Q 147 -1.70 38.75 110.37
C SER Q 147 -1.94 40.17 110.86
N GLY Q 148 -2.63 40.27 111.99
CA GLY Q 148 -2.93 41.56 112.59
C GLY Q 148 -4.14 42.23 111.99
N LEU Q 149 -4.07 42.53 110.70
CA LEU Q 149 -5.23 43.03 109.98
C LEU Q 149 -6.37 42.02 109.99
N GLY Q 150 -6.05 40.73 109.86
CA GLY Q 150 -7.07 39.71 109.92
C GLY Q 150 -7.71 39.59 111.29
N SER Q 151 -6.89 39.69 112.35
CA SER Q 151 -7.42 39.61 113.70
C SER Q 151 -8.26 40.83 114.04
N TYR Q 152 -7.83 42.01 113.58
CA TYR Q 152 -8.59 43.23 113.82
C TYR Q 152 -9.91 43.22 113.07
N LEU Q 153 -9.88 42.77 111.81
CA LEU Q 153 -11.10 42.66 111.04
C LEU Q 153 -12.03 41.60 111.59
N LEU Q 154 -11.46 40.56 112.22
CA LEU Q 154 -12.28 39.55 112.89
C LEU Q 154 -13.03 40.16 114.08
N GLU Q 155 -12.35 41.03 114.84
CA GLU Q 155 -13.01 41.77 115.91
C GLU Q 155 -14.09 42.69 115.37
N ARG Q 156 -13.82 43.35 114.24
CA ARG Q 156 -14.81 44.26 113.67
C ARG Q 156 -16.05 43.51 113.18
N LEU Q 157 -15.85 42.36 112.54
CA LEU Q 157 -16.96 41.61 111.99
C LEU Q 157 -17.82 40.99 113.08
N ASN Q 158 -17.20 40.40 114.10
CA ASN Q 158 -18.00 39.73 115.13
C ASN Q 158 -18.68 40.74 116.05
N ASP Q 159 -18.07 41.92 116.23
CA ASP Q 159 -18.72 42.94 117.04
C ASP Q 159 -19.85 43.60 116.27
N ARG Q 160 -19.64 43.90 114.99
CA ARG Q 160 -20.61 44.69 114.24
C ARG Q 160 -21.84 43.87 113.89
N TYR Q 161 -21.66 42.58 113.60
CA TYR Q 161 -22.79 41.72 113.22
C TYR Q 161 -22.81 40.50 114.11
N PRO Q 162 -23.65 40.49 115.15
CA PRO Q 162 -23.72 39.32 116.04
C PRO Q 162 -24.70 38.26 115.57
N LYS Q 163 -25.41 38.51 114.47
CA LYS Q 163 -26.45 37.60 114.02
C LYS Q 163 -25.99 36.63 112.94
N LYS Q 164 -24.77 36.80 112.44
CA LYS Q 164 -24.28 35.96 111.35
C LYS Q 164 -23.14 35.08 111.82
N LEU Q 165 -22.64 34.25 110.90
CA LEU Q 165 -21.57 33.31 111.18
C LEU Q 165 -20.24 33.88 110.68
N VAL Q 166 -19.17 33.54 111.39
CA VAL Q 166 -17.82 33.89 111.00
C VAL Q 166 -17.03 32.61 110.82
N GLN Q 167 -16.50 32.40 109.63
CA GLN Q 167 -15.62 31.28 109.35
C GLN Q 167 -14.24 31.78 108.97
N THR Q 168 -13.21 31.08 109.46
CA THR Q 168 -11.83 31.45 109.20
C THR Q 168 -11.07 30.20 108.78
N TYR Q 169 -10.75 30.11 107.50
CA TYR Q 169 -9.88 29.06 107.00
C TYR Q 169 -8.45 29.45 107.35
N SER Q 170 -7.78 28.62 108.14
CA SER Q 170 -6.53 29.01 108.76
C SER Q 170 -5.50 27.92 108.53
N VAL Q 171 -4.24 28.35 108.44
CA VAL Q 171 -3.10 27.44 108.37
C VAL Q 171 -2.43 27.41 109.73
N PHE Q 172 -1.70 26.34 110.01
CA PHE Q 172 -0.93 26.31 111.26
C PHE Q 172 0.51 26.66 110.96
N PRO Q 173 1.07 27.67 111.63
CA PRO Q 173 2.37 28.23 111.20
C PRO Q 173 3.55 27.33 111.55
N ASN Q 174 3.77 26.31 110.71
CA ASN Q 174 4.96 25.49 110.78
C ASN Q 174 5.34 25.07 109.37
N GLN Q 175 6.27 25.80 108.77
CA GLN Q 175 6.68 25.54 107.40
C GLN Q 175 8.13 25.10 107.31
N ASP Q 176 8.64 24.44 108.36
CA ASP Q 176 10.02 23.95 108.49
C ASP Q 176 11.02 25.11 108.39
N GLU Q 177 10.68 26.21 109.03
CA GLU Q 177 11.43 27.45 108.94
C GLU Q 177 12.78 27.35 109.67
N ASP Q 180 14.46 34.78 108.80
CA ASP Q 180 13.85 34.04 109.89
C ASP Q 180 13.05 34.95 110.81
N VAL Q 181 11.85 34.51 111.19
CA VAL Q 181 10.95 35.28 112.01
C VAL Q 181 10.81 34.61 113.37
N VAL Q 182 11.21 35.31 114.43
CA VAL Q 182 11.11 34.79 115.78
C VAL Q 182 9.98 35.45 116.56
N VAL Q 183 9.34 36.46 116.00
CA VAL Q 183 8.15 37.05 116.59
C VAL Q 183 6.90 36.28 116.18
N GLN Q 184 7.06 35.29 115.30
CA GLN Q 184 5.96 34.45 114.82
C GLN Q 184 5.17 33.73 115.91
N PRO Q 185 5.76 33.19 117.00
CA PRO Q 185 4.90 32.66 118.08
C PRO Q 185 4.05 33.71 118.76
N TYR Q 186 4.59 34.92 118.94
CA TYR Q 186 3.79 36.00 119.54
C TYR Q 186 2.63 36.39 118.65
N ASN Q 187 2.88 36.49 117.33
CA ASN Q 187 1.84 36.84 116.38
C ASN Q 187 0.77 35.77 116.31
N SER Q 188 1.19 34.49 116.25
CA SER Q 188 0.24 33.40 116.20
C SER Q 188 -0.55 33.27 117.49
N LEU Q 189 0.08 33.60 118.63
CA LEU Q 189 -0.60 33.54 119.91
C LEU Q 189 -1.68 34.61 120.02
N LEU Q 190 -1.36 35.84 119.60
CA LEU Q 190 -2.35 36.92 119.62
C LEU Q 190 -3.47 36.64 118.63
N THR Q 191 -3.13 36.14 117.45
CA THR Q 191 -4.15 35.81 116.46
C THR Q 191 -5.03 34.65 116.93
N LEU Q 192 -4.45 33.70 117.66
CA LEU Q 192 -5.23 32.58 118.17
C LEU Q 192 -6.15 33.01 119.30
N LYS Q 193 -5.73 34.01 120.09
CA LYS Q 193 -6.63 34.62 121.07
C LYS Q 193 -7.84 35.23 120.39
N ARG Q 194 -7.62 35.94 119.29
CA ARG Q 194 -8.71 36.50 118.52
C ARG Q 194 -9.57 35.40 117.89
N LEU Q 195 -8.94 34.31 117.46
CA LEU Q 195 -9.68 33.21 116.84
C LEU Q 195 -10.58 32.50 117.85
N THR Q 196 -10.10 32.32 119.07
CA THR Q 196 -10.91 31.67 120.10
C THR Q 196 -12.04 32.56 120.56
N GLN Q 197 -11.82 33.87 120.60
CA GLN Q 197 -12.78 34.76 121.23
C GLN Q 197 -13.73 35.44 120.24
N ASN Q 198 -13.33 35.62 118.99
CA ASN Q 198 -14.08 36.42 118.04
C ASN Q 198 -14.53 35.62 116.82
N ALA Q 199 -14.66 34.32 116.94
CA ALA Q 199 -15.07 33.49 115.81
C ALA Q 199 -16.07 32.45 116.28
N ASP Q 200 -17.00 32.09 115.39
CA ASP Q 200 -17.96 31.03 115.63
C ASP Q 200 -17.40 29.66 115.30
N CYS Q 201 -16.57 29.57 114.27
CA CYS Q 201 -15.96 28.31 113.85
C CYS Q 201 -14.66 28.64 113.14
N VAL Q 202 -13.66 27.77 113.30
CA VAL Q 202 -12.37 27.94 112.65
C VAL Q 202 -12.01 26.60 111.99
N VAL Q 203 -11.63 26.66 110.72
CA VAL Q 203 -11.10 25.51 109.99
C VAL Q 203 -9.59 25.67 109.93
N VAL Q 204 -8.86 24.74 110.54
CA VAL Q 204 -7.42 24.83 110.69
C VAL Q 204 -6.76 23.71 109.88
N LEU Q 205 -5.69 24.06 109.18
CA LEU Q 205 -4.86 23.07 108.50
C LEU Q 205 -3.41 23.27 108.94
N ASP Q 206 -2.59 22.25 108.71
CA ASP Q 206 -1.17 22.31 109.01
C ASP Q 206 -0.39 22.49 107.72
N ASN Q 207 0.53 23.47 107.72
CA ASN Q 207 1.38 23.68 106.55
C ASN Q 207 2.37 22.53 106.39
N THR Q 208 2.86 21.98 107.50
CA THR Q 208 3.83 20.89 107.42
C THR Q 208 3.16 19.60 106.92
N ALA Q 209 1.89 19.39 107.29
CA ALA Q 209 1.17 18.19 106.84
C ALA Q 209 0.94 18.22 105.34
N LEU Q 210 0.45 19.35 104.81
CA LEU Q 210 0.26 19.49 103.38
C LEU Q 210 1.59 19.49 102.65
N ASN Q 211 2.65 20.00 103.30
CA ASN Q 211 3.98 19.95 102.70
C ASN Q 211 4.49 18.51 102.59
N ARG Q 212 4.26 17.70 103.62
CA ARG Q 212 4.63 16.29 103.58
C ARG Q 212 3.85 15.54 102.51
N ILE Q 213 2.54 15.81 102.42
CA ILE Q 213 1.70 15.15 101.43
C ILE Q 213 2.11 15.55 100.01
N ALA Q 214 2.48 16.82 99.81
CA ALA Q 214 2.87 17.29 98.49
C ALA Q 214 4.23 16.72 98.09
N THR Q 215 5.20 16.71 99.00
CA THR Q 215 6.49 16.09 98.72
C THR Q 215 6.39 14.58 98.63
N ASP Q 216 5.30 14.00 99.12
CA ASP Q 216 5.04 12.58 98.92
C ASP Q 216 4.51 12.30 97.51
N ARG Q 217 3.37 12.91 97.16
CA ARG Q 217 2.65 12.51 95.94
C ARG Q 217 3.40 12.92 94.67
N LEU Q 218 4.12 14.03 94.73
CA LEU Q 218 5.06 14.40 93.69
C LEU Q 218 6.45 14.46 94.29
N HIS Q 219 7.40 14.99 93.53
CA HIS Q 219 8.76 15.17 93.99
C HIS Q 219 9.12 16.64 93.86
N ILE Q 220 8.19 17.49 94.27
CA ILE Q 220 8.37 18.94 94.21
C ILE Q 220 8.95 19.39 95.54
N GLN Q 221 9.87 20.35 95.46
CA GLN Q 221 10.47 20.92 96.65
C GLN Q 221 10.32 22.44 96.67
N ASN Q 222 10.52 23.09 95.53
CA ASN Q 222 10.43 24.54 95.43
C ASN Q 222 9.01 25.11 95.29
N PRO Q 223 8.13 24.66 94.35
CA PRO Q 223 6.82 25.31 94.25
C PRO Q 223 5.78 24.76 95.22
N SER Q 224 6.13 24.66 96.50
CA SER Q 224 5.23 24.04 97.47
C SER Q 224 4.01 24.91 97.73
N PHE Q 225 4.19 26.24 97.66
CA PHE Q 225 3.11 27.18 97.96
C PHE Q 225 1.92 26.99 97.04
N SER Q 226 2.18 26.97 95.72
CA SER Q 226 1.11 26.90 94.73
C SER Q 226 0.36 25.58 94.80
N GLN Q 227 1.07 24.50 95.12
CA GLN Q 227 0.43 23.20 95.20
C GLN Q 227 -0.41 23.07 96.46
N ILE Q 228 0.08 23.63 97.57
CA ILE Q 228 -0.74 23.76 98.77
C ILE Q 228 -1.99 24.58 98.50
N ASN Q 229 -1.89 25.62 97.66
CA ASN Q 229 -3.05 26.41 97.25
C ASN Q 229 -4.07 25.56 96.52
N GLN Q 230 -3.60 24.64 95.66
CA GLN Q 230 -4.49 23.70 94.98
C GLN Q 230 -5.24 22.84 95.99
N LEU Q 231 -4.52 22.38 97.02
CA LEU Q 231 -5.13 21.53 98.03
C LEU Q 231 -6.21 22.25 98.82
N VAL Q 232 -5.93 23.48 99.28
CA VAL Q 232 -6.91 24.16 100.14
C VAL Q 232 -8.11 24.61 99.31
N SER Q 233 -7.88 24.98 98.03
CA SER Q 233 -8.99 25.35 97.18
C SER Q 233 -9.89 24.16 96.88
N THR Q 234 -9.29 22.97 96.67
CA THR Q 234 -10.10 21.77 96.48
C THR Q 234 -10.90 21.42 97.74
N ILE Q 235 -10.29 21.59 98.91
CA ILE Q 235 -10.98 21.34 100.17
C ILE Q 235 -12.12 22.33 100.38
N MET Q 236 -11.89 23.59 100.03
CA MET Q 236 -12.91 24.61 100.22
C MET Q 236 -14.08 24.43 99.26
N SER Q 237 -13.81 23.97 98.05
CA SER Q 237 -14.90 23.62 97.15
C SER Q 237 -15.65 22.39 97.64
N ALA Q 238 -14.91 21.41 98.17
CA ALA Q 238 -15.52 20.17 98.62
C ALA Q 238 -16.40 20.38 99.85
N SER Q 239 -16.00 21.30 100.72
CA SER Q 239 -16.78 21.56 101.94
C SER Q 239 -18.08 22.29 101.65
N THR Q 240 -18.11 23.16 100.65
CA THR Q 240 -19.31 23.91 100.30
C THR Q 240 -20.05 23.36 99.09
N THR Q 241 -19.65 22.18 98.59
CA THR Q 241 -20.44 21.49 97.58
C THR Q 241 -21.86 21.19 98.05
N THR Q 242 -22.04 20.85 99.33
CA THR Q 242 -23.37 20.55 99.85
C THR Q 242 -24.22 21.81 99.99
N LEU Q 243 -23.60 22.98 100.06
CA LEU Q 243 -24.35 24.22 100.03
C LEU Q 243 -24.62 24.67 98.60
N ARG Q 244 -23.62 24.51 97.72
CA ARG Q 244 -23.76 24.96 96.34
C ARG Q 244 -24.67 24.04 95.54
N TYR Q 245 -24.80 22.79 95.95
CA TYR Q 245 -25.70 21.86 95.27
C TYR Q 245 -26.77 21.43 96.27
N PRO Q 246 -28.05 21.59 95.92
CA PRO Q 246 -29.12 21.42 96.91
C PRO Q 246 -29.29 19.98 97.34
N GLY Q 247 -29.14 19.76 98.63
CA GLY Q 247 -29.34 18.47 99.22
C GLY Q 247 -30.56 18.47 100.11
N TYR Q 248 -30.34 18.04 101.35
CA TYR Q 248 -31.41 17.91 102.31
C TYR Q 248 -31.02 18.54 103.63
N MET Q 249 -29.71 18.64 103.88
CA MET Q 249 -29.15 19.23 105.08
C MET Q 249 -27.79 19.80 104.67
N ASN Q 250 -27.34 20.79 105.44
CA ASN Q 250 -26.12 21.57 105.20
C ASN Q 250 -26.21 22.26 103.84
N ASN Q 251 -27.41 22.75 103.52
CA ASN Q 251 -27.60 23.79 102.52
C ASN Q 251 -27.55 25.16 103.18
N ASP Q 252 -27.29 25.18 104.49
CA ASP Q 252 -26.88 26.35 105.24
C ASP Q 252 -25.63 25.96 106.01
N LEU Q 253 -24.83 26.96 106.35
CA LEU Q 253 -23.55 26.69 106.99
C LEU Q 253 -23.73 26.19 108.42
N ILE Q 254 -24.73 26.73 109.13
CA ILE Q 254 -24.85 26.53 110.57
C ILE Q 254 -25.19 25.08 110.90
N GLY Q 255 -25.82 24.36 109.98
CA GLY Q 255 -26.12 22.96 110.21
C GLY Q 255 -24.87 22.08 110.21
N LEU Q 256 -23.96 22.34 109.27
CA LEU Q 256 -22.67 21.64 109.26
C LEU Q 256 -21.82 22.07 110.45
N ILE Q 257 -21.91 23.35 110.81
CA ILE Q 257 -21.15 23.89 111.94
C ILE Q 257 -21.66 23.33 113.27
N ALA Q 258 -22.94 22.96 113.33
CA ALA Q 258 -23.60 22.66 114.60
C ALA Q 258 -23.11 21.36 115.24
N SER Q 259 -23.03 20.28 114.45
CA SER Q 259 -22.77 18.95 115.03
C SER Q 259 -21.34 18.80 115.52
N LEU Q 260 -20.38 19.41 114.81
CA LEU Q 260 -18.98 19.22 115.17
C LEU Q 260 -18.61 20.04 116.41
N ILE Q 261 -19.31 21.15 116.64
CA ILE Q 261 -18.96 22.08 117.71
C ILE Q 261 -19.93 21.88 118.87
N PRO Q 262 -19.47 21.34 119.99
CA PRO Q 262 -20.39 21.02 121.09
C PRO Q 262 -20.58 22.19 122.06
N THR Q 263 -19.72 23.20 121.96
CA THR Q 263 -19.58 24.25 122.96
C THR Q 263 -18.75 25.37 122.32
N PRO Q 264 -18.95 26.62 122.74
CA PRO Q 264 -18.27 27.75 122.05
C PRO Q 264 -16.76 27.79 122.11
N ARG Q 265 -16.12 26.95 122.92
CA ARG Q 265 -14.67 26.97 122.99
C ARG Q 265 -14.03 25.98 122.05
N LEU Q 266 -14.66 24.84 121.82
CA LEU Q 266 -14.10 23.84 120.92
C LEU Q 266 -14.77 24.02 119.56
N HIS Q 267 -14.21 24.89 118.74
CA HIS Q 267 -14.80 25.18 117.44
C HIS Q 267 -13.76 25.05 116.33
N PHE Q 268 -12.71 24.28 116.58
CA PHE Q 268 -11.60 24.11 115.65
C PHE Q 268 -11.69 22.73 115.03
N LEU Q 269 -11.67 22.66 113.70
CA LEU Q 269 -12.06 21.47 112.97
C LEU Q 269 -10.89 20.94 112.15
N MET Q 270 -10.66 19.63 112.24
CA MET Q 270 -9.65 18.99 111.41
C MET Q 270 -10.17 18.81 109.99
N THR Q 271 -9.24 18.75 109.04
CA THR Q 271 -9.57 18.57 107.63
C THR Q 271 -9.19 17.17 107.19
N GLY Q 272 -10.15 16.48 106.58
CA GLY Q 272 -9.86 15.23 105.91
C GLY Q 272 -10.50 15.20 104.54
N TYR Q 273 -9.89 14.42 103.65
CA TYR Q 273 -10.35 14.21 102.28
C TYR Q 273 -9.66 12.97 101.75
N THR Q 274 -10.45 11.98 101.33
CA THR Q 274 -9.96 10.60 101.30
C THR Q 274 -9.07 10.31 100.07
N PRO Q 275 -9.39 10.76 98.86
CA PRO Q 275 -8.33 10.83 97.86
C PRO Q 275 -7.38 11.93 98.26
N LEU Q 276 -6.10 11.65 98.32
CA LEU Q 276 -5.12 12.71 98.16
C LEU Q 276 -4.77 12.86 96.69
N THR Q 277 -5.46 12.13 95.82
CA THR Q 277 -5.18 12.04 94.40
C THR Q 277 -6.35 12.57 93.57
N THR Q 278 -6.02 13.37 92.55
CA THR Q 278 -6.91 13.57 91.40
C THR Q 278 -6.06 13.61 90.13
N ASP Q 279 -4.75 13.65 90.30
CA ASP Q 279 -3.82 13.77 89.19
C ASP Q 279 -3.42 12.39 88.67
N LYS Q 287 -15.07 0.14 90.82
CA LYS Q 287 -13.69 0.50 91.10
C LYS Q 287 -13.52 0.83 92.57
N THR Q 288 -13.93 2.03 92.95
CA THR Q 288 -13.88 2.46 94.34
C THR Q 288 -15.28 2.42 94.94
N THR Q 289 -15.35 1.99 96.20
CA THR Q 289 -16.61 1.94 96.90
C THR Q 289 -16.55 2.84 98.13
N VAL Q 290 -17.72 3.01 98.76
CA VAL Q 290 -17.82 3.82 99.96
C VAL Q 290 -17.11 3.13 101.13
N LEU Q 291 -17.15 1.80 101.14
CA LEU Q 291 -16.63 1.02 102.25
C LEU Q 291 -15.12 1.17 102.36
N ASP Q 292 -14.42 1.12 101.23
CA ASP Q 292 -12.98 1.25 101.20
C ASP Q 292 -12.56 2.68 101.52
N VAL Q 293 -13.28 3.67 101.01
CA VAL Q 293 -12.85 5.04 101.28
C VAL Q 293 -13.21 5.45 102.71
N MET Q 294 -14.17 4.78 103.34
CA MET Q 294 -14.43 5.04 104.75
C MET Q 294 -13.28 4.55 105.61
N ARG Q 295 -12.85 3.30 105.39
CA ARG Q 295 -11.72 2.77 106.16
C ARG Q 295 -10.41 3.46 105.76
N ARG Q 296 -10.34 3.99 104.55
CA ARG Q 296 -9.17 4.76 104.14
C ARG Q 296 -9.19 6.16 104.73
N LEU Q 297 -10.38 6.67 105.04
CA LEU Q 297 -10.47 8.00 105.63
C LEU Q 297 -10.07 7.98 107.09
N LEU Q 298 -10.41 6.90 107.81
CA LEU Q 298 -10.27 6.91 109.27
C LEU Q 298 -8.82 6.84 109.77
N GLN Q 299 -7.84 6.66 108.90
CA GLN Q 299 -6.47 6.66 109.40
C GLN Q 299 -5.97 8.09 109.58
N PRO Q 300 -5.05 8.34 110.51
CA PRO Q 300 -4.56 9.72 110.70
C PRO Q 300 -3.50 10.13 109.69
N LYS Q 301 -3.25 9.33 108.66
CA LYS Q 301 -2.33 9.70 107.58
C LYS Q 301 -3.04 9.91 106.25
N ASN Q 302 -4.34 9.69 106.19
CA ASN Q 302 -5.17 10.35 105.18
C ASN Q 302 -5.80 11.62 105.71
N VAL Q 303 -5.47 12.02 106.94
CA VAL Q 303 -5.86 13.33 107.46
C VAL Q 303 -4.81 14.35 107.02
N MET Q 304 -5.28 15.49 106.52
CA MET Q 304 -4.40 16.54 106.02
C MET Q 304 -3.97 17.50 107.13
N VAL Q 305 -4.21 17.13 108.39
CA VAL Q 305 -3.65 17.77 109.56
C VAL Q 305 -2.86 16.74 110.34
N SER Q 306 -1.54 16.87 110.32
CA SER Q 306 -0.67 15.88 110.94
C SER Q 306 0.11 16.49 112.08
N THR Q 313 -0.98 9.33 125.98
CA THR Q 313 -2.22 9.93 126.44
C THR Q 313 -3.41 9.50 125.59
N ASN Q 314 -4.61 9.87 126.02
CA ASN Q 314 -5.82 9.55 125.28
C ASN Q 314 -6.25 10.73 124.43
N HIS Q 315 -6.29 10.52 123.12
CA HIS Q 315 -6.78 11.52 122.18
C HIS Q 315 -8.02 10.99 121.47
N CYS Q 316 -9.09 11.76 121.55
CA CYS Q 316 -10.40 11.26 121.14
C CYS Q 316 -11.14 12.38 120.44
N TYR Q 317 -11.78 12.03 119.32
CA TYR Q 317 -12.58 13.02 118.60
C TYR Q 317 -13.81 13.39 119.40
N ILE Q 318 -14.23 14.64 119.28
CA ILE Q 318 -15.52 15.06 119.79
C ILE Q 318 -16.63 14.62 118.85
N ALA Q 319 -16.53 15.01 117.58
CA ALA Q 319 -17.51 14.64 116.57
C ALA Q 319 -16.87 14.71 115.20
N ILE Q 320 -17.23 13.75 114.34
CA ILE Q 320 -16.75 13.71 112.97
C ILE Q 320 -17.97 13.86 112.07
N LEU Q 321 -17.77 14.51 110.93
CA LEU Q 321 -18.80 14.50 109.90
C LEU Q 321 -18.12 14.29 108.56
N ASN Q 322 -18.62 13.33 107.80
CA ASN Q 322 -18.07 13.06 106.49
C ASN Q 322 -19.14 13.30 105.45
N ILE Q 323 -18.71 13.87 104.31
CA ILE Q 323 -19.58 14.12 103.18
C ILE Q 323 -18.98 13.42 101.97
N ILE Q 324 -19.79 12.64 101.27
CA ILE Q 324 -19.33 11.86 100.14
C ILE Q 324 -20.05 12.35 98.89
N GLN Q 325 -19.36 12.25 97.75
CA GLN Q 325 -19.90 12.69 96.47
C GLN Q 325 -19.49 11.66 95.40
N GLY Q 326 -20.48 11.06 94.75
CA GLY Q 326 -20.18 10.14 93.68
C GLY Q 326 -21.35 9.27 93.28
N GLU Q 327 -21.02 8.13 92.67
CA GLU Q 327 -22.00 7.18 92.17
C GLU Q 327 -22.33 6.18 93.28
N VAL Q 328 -22.91 6.67 94.36
CA VAL Q 328 -23.00 5.92 95.61
C VAL Q 328 -24.24 5.04 95.58
N ASP Q 329 -24.03 3.74 95.67
CA ASP Q 329 -25.12 2.84 96.03
C ASP Q 329 -25.53 3.10 97.46
N PRO Q 330 -26.84 3.26 97.74
CA PRO Q 330 -27.26 3.65 99.08
C PRO Q 330 -27.12 2.56 100.13
N THR Q 331 -26.95 1.30 99.71
CA THR Q 331 -26.68 0.23 100.67
C THR Q 331 -25.24 0.25 101.12
N GLN Q 332 -24.35 0.88 100.34
CA GLN Q 332 -22.92 0.85 100.65
C GLN Q 332 -22.59 1.66 101.89
N VAL Q 333 -23.21 2.83 102.06
CA VAL Q 333 -22.96 3.66 103.24
C VAL Q 333 -23.47 2.96 104.50
N HIS Q 334 -24.51 2.14 104.33
CA HIS Q 334 -25.18 1.45 105.42
C HIS Q 334 -24.29 0.37 106.02
N LYS Q 335 -23.79 -0.53 105.16
CA LYS Q 335 -22.93 -1.60 105.65
C LYS Q 335 -21.52 -1.10 105.92
N SER Q 336 -21.08 -0.02 105.25
CA SER Q 336 -19.82 0.60 105.62
C SER Q 336 -19.87 1.14 107.04
N LEU Q 337 -20.98 1.78 107.43
CA LEU Q 337 -21.10 2.29 108.79
C LEU Q 337 -21.23 1.15 109.79
N GLN Q 338 -21.85 0.03 109.38
CA GLN Q 338 -21.77 -1.21 110.14
C GLN Q 338 -20.33 -1.63 110.42
N ARG Q 339 -19.49 -1.69 109.37
CA ARG Q 339 -18.09 -2.10 109.54
C ARG Q 339 -17.31 -1.13 110.42
N ILE Q 340 -17.58 0.17 110.26
CA ILE Q 340 -16.91 1.20 111.05
C ILE Q 340 -17.29 1.05 112.53
N ARG Q 341 -18.52 0.63 112.81
CA ARG Q 341 -18.89 0.42 114.21
C ARG Q 341 -18.14 -0.76 114.82
N GLU Q 342 -18.24 -1.94 114.21
CA GLU Q 342 -17.72 -3.12 114.90
C GLU Q 342 -16.21 -3.25 114.75
N ARG Q 343 -15.60 -2.45 113.87
CA ARG Q 343 -14.15 -2.37 113.87
C ARG Q 343 -13.61 -1.38 114.89
N LYS Q 344 -14.36 -0.30 115.16
CA LYS Q 344 -13.97 0.78 116.06
C LYS Q 344 -12.68 1.45 115.60
N LEU Q 345 -12.67 1.95 114.36
CA LEU Q 345 -11.49 2.60 113.81
C LEU Q 345 -11.53 4.12 113.92
N ALA Q 346 -12.44 4.67 114.72
CA ALA Q 346 -12.62 6.10 114.93
C ALA Q 346 -12.55 6.34 116.43
N ASN Q 347 -12.07 7.52 116.82
CA ASN Q 347 -11.96 7.82 118.24
C ASN Q 347 -13.25 8.48 118.71
N PHE Q 348 -13.74 7.98 119.83
CA PHE Q 348 -15.09 8.12 120.35
C PHE Q 348 -15.20 9.41 121.15
N ILE Q 349 -16.41 9.72 121.59
CA ILE Q 349 -16.59 10.79 122.57
C ILE Q 349 -17.08 10.19 123.87
N PRO Q 350 -16.40 10.45 125.00
CA PRO Q 350 -16.88 9.92 126.29
C PRO Q 350 -18.26 10.45 126.69
N TRP Q 351 -18.35 11.77 126.86
CA TRP Q 351 -19.54 12.40 127.43
C TRP Q 351 -20.65 12.57 126.40
N GLY Q 352 -21.17 11.48 125.86
CA GLY Q 352 -22.29 11.58 124.96
C GLY Q 352 -22.17 10.72 123.72
N PRO Q 353 -23.18 10.78 122.86
CA PRO Q 353 -22.99 10.37 121.47
C PRO Q 353 -22.80 11.55 120.53
N ALA Q 354 -21.69 11.52 119.80
CA ALA Q 354 -21.44 12.46 118.71
C ALA Q 354 -20.44 11.83 117.76
N SER Q 355 -20.93 11.26 116.66
CA SER Q 355 -20.10 10.31 115.91
C SER Q 355 -20.01 10.76 114.46
N ILE Q 356 -19.26 9.96 113.67
CA ILE Q 356 -19.11 10.24 112.25
C ILE Q 356 -20.44 10.04 111.54
N GLN Q 357 -20.86 11.08 110.82
CA GLN Q 357 -22.16 11.12 110.18
C GLN Q 357 -21.97 11.03 108.69
N VAL Q 358 -22.75 10.17 108.04
CA VAL Q 358 -22.65 9.96 106.61
C VAL Q 358 -23.54 10.98 105.91
N ALA Q 359 -22.93 11.78 105.05
CA ALA Q 359 -23.67 12.71 104.21
C ALA Q 359 -23.32 12.42 102.75
N LEU Q 360 -24.34 12.54 101.91
CA LEU Q 360 -24.20 12.24 100.50
C LEU Q 360 -24.46 13.51 99.71
N SER Q 361 -23.58 13.78 98.74
CA SER Q 361 -23.72 14.96 97.90
C SER Q 361 -23.56 14.57 96.44
N ARG Q 362 -23.92 15.51 95.58
CA ARG Q 362 -23.98 15.30 94.14
C ARG Q 362 -22.58 15.44 93.56
N LYS Q 363 -22.28 14.61 92.57
CA LYS Q 363 -21.03 14.77 91.83
C LYS Q 363 -21.14 15.99 90.93
N SER Q 364 -20.11 16.84 90.98
CA SER Q 364 -20.16 18.12 90.29
C SER Q 364 -19.96 17.95 88.80
N PRO Q 365 -20.58 18.79 87.96
CA PRO Q 365 -20.28 18.77 86.52
C PRO Q 365 -18.91 19.37 86.24
N TYR Q 366 -18.22 18.75 85.28
CA TYR Q 366 -16.93 19.17 84.75
C TYR Q 366 -15.84 19.07 85.81
N LEU Q 367 -15.88 18.00 86.59
CA LEU Q 367 -14.78 17.64 87.47
C LEU Q 367 -14.08 16.42 86.88
N PRO Q 368 -12.76 16.30 87.05
CA PRO Q 368 -12.03 15.18 86.43
C PRO Q 368 -12.40 13.83 87.02
N SER Q 369 -12.54 12.84 86.14
CA SER Q 369 -13.11 11.54 86.49
C SER Q 369 -12.05 10.60 87.05
N ALA Q 370 -11.47 10.99 88.18
CA ALA Q 370 -10.64 10.09 88.98
C ALA Q 370 -11.22 10.07 90.39
N HIS Q 371 -11.18 8.90 91.03
CA HIS Q 371 -11.82 8.64 92.32
C HIS Q 371 -13.30 9.01 92.28
N ARG Q 372 -14.06 8.25 91.46
CA ARG Q 372 -15.47 8.51 91.22
C ARG Q 372 -16.31 8.55 92.49
N VAL Q 373 -15.96 7.74 93.48
CA VAL Q 373 -16.55 7.85 94.81
C VAL Q 373 -15.53 8.52 95.70
N SER Q 374 -15.80 9.77 96.09
CA SER Q 374 -14.82 10.57 96.80
C SER Q 374 -15.51 11.25 97.97
N GLY Q 375 -14.88 11.16 99.15
CA GLY Q 375 -15.42 11.74 100.35
C GLY Q 375 -14.39 12.58 101.08
N LEU Q 376 -14.90 13.49 101.89
CA LEU Q 376 -14.09 14.36 102.73
C LEU Q 376 -14.70 14.35 104.12
N MET Q 377 -13.90 14.70 105.12
CA MET Q 377 -14.42 14.76 106.48
C MET Q 377 -13.97 16.05 107.16
N MET Q 378 -14.83 16.53 108.05
CA MET Q 378 -14.51 17.59 108.99
C MET Q 378 -14.78 17.03 110.38
N ALA Q 379 -13.83 17.21 111.29
CA ALA Q 379 -13.90 16.54 112.59
C ALA Q 379 -13.34 17.45 113.67
N ASN Q 380 -13.94 17.36 114.86
CA ASN Q 380 -13.45 18.04 116.04
C ASN Q 380 -12.65 17.04 116.87
N HIS Q 381 -11.32 17.23 116.90
CA HIS Q 381 -10.43 16.32 117.59
C HIS Q 381 -9.68 17.07 118.68
N THR Q 382 -9.40 16.38 119.78
CA THR Q 382 -8.56 16.91 120.84
C THR Q 382 -7.07 16.85 120.51
N SER Q 383 -6.69 16.26 119.38
CA SER Q 383 -5.27 16.15 119.04
C SER Q 383 -4.68 17.48 118.62
N ILE Q 384 -5.52 18.44 118.23
CA ILE Q 384 -5.02 19.77 117.88
C ILE Q 384 -4.56 20.54 119.10
N SER Q 385 -4.95 20.10 120.31
CA SER Q 385 -4.42 20.67 121.54
C SER Q 385 -2.92 20.46 121.64
N SER Q 386 -2.42 19.34 121.11
CA SER Q 386 -0.99 19.08 121.10
C SER Q 386 -0.24 20.10 120.24
N LEU Q 387 -0.79 20.44 119.08
CA LEU Q 387 -0.16 21.44 118.21
C LEU Q 387 -0.23 22.82 118.85
N PHE Q 388 -1.34 23.12 119.52
CA PHE Q 388 -1.49 24.37 120.24
C PHE Q 388 -0.47 24.49 121.37
N GLU Q 389 -0.28 23.44 122.16
CA GLU Q 389 0.66 23.52 123.27
C GLU Q 389 2.10 23.48 122.78
N ARG Q 390 2.35 22.88 121.60
CA ARG Q 390 3.68 23.00 121.01
C ARG Q 390 4.02 24.43 120.67
N THR Q 391 3.09 25.14 120.02
CA THR Q 391 3.32 26.54 119.70
C THR Q 391 3.35 27.39 120.95
N CYS Q 392 2.56 27.02 121.97
CA CYS Q 392 2.63 27.66 123.27
C CYS Q 392 3.98 27.43 123.93
N ARG Q 393 4.57 26.26 123.73
CA ARG Q 393 5.88 25.97 124.30
C ARG Q 393 6.97 26.76 123.60
N GLN Q 394 6.84 26.95 122.28
CA GLN Q 394 7.74 27.81 121.54
C GLN Q 394 7.63 29.26 122.03
N TYR Q 395 6.39 29.74 122.21
CA TYR Q 395 6.18 31.08 122.75
C TYR Q 395 6.74 31.20 124.17
N ASP Q 396 6.56 30.17 124.99
CA ASP Q 396 7.05 30.19 126.35
C ASP Q 396 8.56 30.21 126.39
N LYS Q 397 9.20 29.50 125.47
CA LYS Q 397 10.66 29.52 125.38
C LYS Q 397 11.16 30.90 125.01
N LEU Q 398 10.64 31.47 123.92
CA LEU Q 398 11.09 32.78 123.48
C LEU Q 398 10.70 33.88 124.47
N ARG Q 399 9.61 33.66 125.21
CA ARG Q 399 9.16 34.64 126.19
C ARG Q 399 9.99 34.57 127.45
N LYS Q 400 10.44 33.38 127.84
CA LYS Q 400 11.30 33.23 129.00
C LYS Q 400 12.68 33.77 128.71
N ARG Q 401 13.16 33.59 127.47
CA ARG Q 401 14.50 34.07 127.13
C ARG Q 401 14.55 35.59 127.04
N GLU Q 402 13.44 36.22 126.63
CA GLU Q 402 13.31 37.67 126.43
C GLU Q 402 14.40 38.23 125.50
N ALA Q 403 14.54 37.61 124.34
CA ALA Q 403 15.47 38.11 123.34
C ALA Q 403 14.87 38.04 121.94
N PHE Q 404 13.57 37.77 121.84
CA PHE Q 404 12.95 37.46 120.57
C PHE Q 404 11.67 38.26 120.32
N LEU Q 405 11.47 39.34 121.07
CA LEU Q 405 10.47 40.34 120.72
C LEU Q 405 11.01 41.27 119.64
N GLU Q 406 12.35 41.37 119.53
CA GLU Q 406 13.13 42.11 118.54
C GLU Q 406 12.98 43.63 118.68
N GLN Q 407 12.24 44.08 119.69
CA GLN Q 407 11.79 45.46 119.89
C GLN Q 407 11.20 46.03 118.60
N PHE Q 408 10.09 45.44 118.17
CA PHE Q 408 9.33 46.03 117.07
C PHE Q 408 8.61 47.25 117.61
N ARG Q 409 8.70 48.35 116.85
CA ARG Q 409 8.21 49.62 117.34
C ARG Q 409 6.69 49.65 117.42
N LYS Q 410 6.02 48.99 116.49
CA LYS Q 410 4.56 48.88 116.55
C LYS Q 410 4.13 47.98 117.70
N GLU Q 411 4.95 46.97 118.01
CA GLU Q 411 4.65 46.10 119.15
C GLU Q 411 4.80 46.86 120.48
N ASP Q 412 5.79 47.75 120.56
CA ASP Q 412 5.96 48.55 121.76
C ASP Q 412 4.89 49.62 121.88
N MET Q 413 4.58 50.31 120.78
CA MET Q 413 3.62 51.40 120.82
C MET Q 413 2.19 50.88 120.98
N PHE Q 414 1.92 49.68 120.47
CA PHE Q 414 0.60 49.07 120.62
C PHE Q 414 0.36 48.67 122.08
N LYS Q 415 1.37 48.08 122.72
CA LYS Q 415 1.25 47.69 124.12
C LYS Q 415 2.63 47.82 124.74
N ASP Q 416 2.83 48.88 125.54
CA ASP Q 416 4.12 49.10 126.18
C ASP Q 416 4.35 48.09 127.30
N ASN Q 417 3.27 47.55 127.87
CA ASN Q 417 3.37 46.60 128.96
C ASN Q 417 3.31 45.15 128.49
N PHE Q 418 2.86 44.93 127.25
CA PHE Q 418 2.75 43.61 126.61
C PHE Q 418 1.88 42.65 127.41
N ASP Q 419 0.81 43.20 128.00
CA ASP Q 419 -0.12 42.39 128.79
C ASP Q 419 -1.08 41.62 127.92
N GLU Q 420 -1.21 41.99 126.64
CA GLU Q 420 -2.05 41.23 125.72
C GLU Q 420 -1.46 39.86 125.46
N MET Q 421 -0.13 39.74 125.49
CA MET Q 421 0.51 38.43 125.39
C MET Q 421 0.16 37.56 126.59
N ASP Q 422 0.12 38.16 127.78
CA ASP Q 422 -0.28 37.42 128.98
C ASP Q 422 -1.74 37.02 128.94
N THR Q 423 -2.60 37.92 128.45
CA THR Q 423 -4.03 37.61 128.33
C THR Q 423 -4.29 36.51 127.32
N SER Q 424 -3.58 36.56 126.18
CA SER Q 424 -3.68 35.52 125.17
C SER Q 424 -3.14 34.20 125.68
N ARG Q 425 -2.08 34.24 126.48
CA ARG Q 425 -1.54 33.03 127.09
C ARG Q 425 -2.53 32.42 128.07
N GLU Q 426 -3.22 33.27 128.85
CA GLU Q 426 -4.25 32.80 129.75
C GLU Q 426 -5.42 32.18 129.01
N ILE Q 427 -5.85 32.81 127.91
CA ILE Q 427 -6.97 32.32 127.12
C ILE Q 427 -6.63 31.00 126.46
N VAL Q 428 -5.40 30.88 125.91
CA VAL Q 428 -5.02 29.63 125.28
C VAL Q 428 -4.76 28.55 126.32
N GLN Q 429 -4.41 28.94 127.55
CA GLN Q 429 -4.26 27.96 128.61
C GLN Q 429 -5.63 27.42 129.04
N GLN Q 430 -6.62 28.32 129.16
CA GLN Q 430 -8.00 27.90 129.42
C GLN Q 430 -8.52 27.02 128.31
N LEU Q 431 -8.12 27.31 127.07
CA LEU Q 431 -8.51 26.50 125.93
C LEU Q 431 -7.92 25.09 126.01
N ILE Q 432 -6.64 24.98 126.36
CA ILE Q 432 -6.00 23.68 126.53
C ILE Q 432 -6.64 22.90 127.67
N ASP Q 433 -6.99 23.60 128.75
CA ASP Q 433 -7.64 22.95 129.89
C ASP Q 433 -9.04 22.47 129.55
N GLU Q 434 -9.78 23.25 128.75
CA GLU Q 434 -11.11 22.82 128.33
C GLU Q 434 -11.02 21.67 127.34
N TYR Q 435 -9.98 21.65 126.50
CA TYR Q 435 -9.72 20.51 125.63
C TYR Q 435 -9.49 19.24 126.43
N HIS Q 436 -8.62 19.32 127.44
CA HIS Q 436 -8.33 18.17 128.29
C HIS Q 436 -9.52 17.79 129.15
N ALA Q 437 -10.38 18.75 129.48
CA ALA Q 437 -11.58 18.45 130.25
C ALA Q 437 -12.62 17.75 129.38
N ALA Q 438 -12.70 18.14 128.11
CA ALA Q 438 -13.59 17.44 127.17
C ALA Q 438 -13.08 16.05 126.87
N THR Q 439 -11.77 15.84 127.00
CA THR Q 439 -11.21 14.50 126.87
C THR Q 439 -11.70 13.58 127.98
N ARG Q 440 -12.02 14.13 129.15
CA ARG Q 440 -12.42 13.33 130.31
C ARG Q 440 -13.81 12.76 130.11
N PRO Q 441 -14.15 11.67 130.81
CA PRO Q 441 -15.54 11.20 130.82
C PRO Q 441 -16.49 12.14 131.52
N ASP Q 442 -15.98 13.03 132.36
CA ASP Q 442 -16.79 14.08 132.95
C ASP Q 442 -16.46 15.38 132.25
N TYR Q 443 -17.48 16.03 131.73
CA TYR Q 443 -17.30 17.41 131.26
C TYR Q 443 -18.29 18.26 132.03
N ILE Q 444 -18.56 17.82 133.26
CA ILE Q 444 -19.08 18.69 134.32
C ILE Q 444 -17.91 19.18 135.17
N SER Q 445 -16.71 19.10 134.61
CA SER Q 445 -15.50 19.69 135.16
C SER Q 445 -14.86 20.53 134.07
N TRP Q 446 -14.72 21.82 134.33
CA TRP Q 446 -14.47 22.81 133.29
C TRP Q 446 -13.09 23.43 133.44
N GLY Q 447 -12.78 24.36 132.55
CA GLY Q 447 -11.49 25.03 132.57
C GLY Q 447 -11.54 26.37 131.87
N ARG R 3 -48.80 65.85 73.32
CA ARG R 3 -48.98 66.11 71.88
C ARG R 3 -47.64 66.21 71.17
N GLU R 4 -47.25 67.43 70.82
CA GLU R 4 -45.99 67.66 70.13
C GLU R 4 -45.00 68.35 71.06
N ILE R 5 -43.75 67.93 70.99
CA ILE R 5 -42.70 68.43 71.86
C ILE R 5 -41.68 69.19 71.03
N ILE R 6 -41.33 70.39 71.47
CA ILE R 6 -40.30 71.19 70.85
C ILE R 6 -39.09 71.19 71.78
N THR R 7 -37.98 70.66 71.27
CA THR R 7 -36.80 70.40 72.08
C THR R 7 -35.78 71.52 71.88
N LEU R 8 -35.27 72.03 72.99
CA LEU R 8 -34.37 73.16 72.98
C LEU R 8 -33.00 72.69 73.44
N GLN R 9 -31.96 73.09 72.71
CA GLN R 9 -30.60 72.68 73.06
C GLN R 9 -29.71 73.90 73.02
N LEU R 10 -28.82 73.98 74.01
CA LEU R 10 -28.00 75.17 74.21
C LEU R 10 -26.77 74.78 75.02
N GLY R 11 -25.69 75.52 74.81
CA GLY R 11 -24.41 75.17 75.39
C GLY R 11 -23.74 74.03 74.65
N GLN R 12 -22.44 73.85 74.90
CA GLN R 12 -21.70 72.80 74.20
C GLN R 12 -22.13 71.42 74.70
N CYS R 13 -22.31 71.29 76.02
CA CYS R 13 -22.76 70.01 76.57
C CYS R 13 -24.21 69.73 76.19
N GLY R 14 -25.05 70.78 76.19
CA GLY R 14 -26.44 70.59 75.80
C GLY R 14 -26.61 70.29 74.33
N ASN R 15 -25.81 70.94 73.47
CA ASN R 15 -25.84 70.59 72.06
C ASN R 15 -25.24 69.22 71.80
N GLN R 16 -24.30 68.79 72.64
CA GLN R 16 -23.76 67.44 72.54
C GLN R 16 -24.82 66.39 72.84
N ILE R 17 -25.53 66.53 73.96
CA ILE R 17 -26.56 65.56 74.30
C ILE R 17 -27.76 65.64 73.36
N GLY R 18 -28.08 66.83 72.84
CA GLY R 18 -29.12 66.93 71.83
C GLY R 18 -28.72 66.30 70.52
N PHE R 19 -27.44 66.43 70.14
CA PHE R 19 -26.93 65.80 68.93
C PHE R 19 -27.00 64.29 69.02
N GLU R 20 -26.57 63.73 70.15
CA GLU R 20 -26.63 62.27 70.30
C GLU R 20 -28.07 61.78 70.42
N PHE R 21 -28.95 62.57 71.04
CA PHE R 21 -30.35 62.19 71.13
C PHE R 21 -31.04 62.21 69.78
N TRP R 22 -30.73 63.23 68.96
CA TRP R 22 -31.31 63.29 67.62
C TRP R 22 -30.77 62.18 66.73
N LYS R 23 -29.48 61.86 66.87
CA LYS R 23 -28.92 60.73 66.13
C LYS R 23 -29.54 59.41 66.58
N GLN R 24 -29.83 59.30 67.88
CA GLN R 24 -30.46 58.09 68.41
C GLN R 24 -31.88 57.94 67.88
N LEU R 25 -32.65 59.02 67.86
CA LEU R 25 -33.99 58.93 67.31
C LEU R 25 -34.00 58.82 65.79
N CYS R 26 -32.93 59.26 65.12
CA CYS R 26 -32.80 59.05 63.69
C CYS R 26 -32.57 57.58 63.38
N ALA R 27 -31.68 56.95 64.14
CA ALA R 27 -31.44 55.51 63.98
C ALA R 27 -32.66 54.70 64.42
N GLU R 28 -33.41 55.20 65.40
CA GLU R 28 -34.53 54.45 65.95
C GLU R 28 -35.70 54.43 64.97
N HIS R 29 -36.14 55.60 64.53
CA HIS R 29 -37.26 55.66 63.61
C HIS R 29 -36.75 55.40 62.19
N GLY R 30 -37.70 55.17 61.28
CA GLY R 30 -37.34 54.83 59.92
C GLY R 30 -37.01 56.04 59.05
N ILE R 31 -35.87 56.67 59.33
CA ILE R 31 -35.42 57.83 58.58
C ILE R 31 -33.92 57.72 58.34
N SER R 32 -33.48 58.32 57.24
CA SER R 32 -32.07 58.49 56.91
C SER R 32 -31.52 59.68 57.70
N PRO R 33 -30.20 59.89 57.70
CA PRO R 33 -29.66 61.16 58.23
C PRO R 33 -30.04 62.38 57.41
N GLU R 34 -30.48 62.20 56.17
CA GLU R 34 -31.14 63.26 55.44
C GLU R 34 -32.59 63.40 55.84
N GLY R 35 -33.21 62.31 56.29
CA GLY R 35 -34.64 62.28 56.56
C GLY R 35 -35.44 61.46 55.59
N ILE R 36 -34.80 60.54 54.86
CA ILE R 36 -35.48 59.80 53.81
C ILE R 36 -36.24 58.63 54.43
N VAL R 37 -37.51 58.49 54.01
CA VAL R 37 -38.45 57.57 54.64
C VAL R 37 -38.04 56.13 54.37
N GLU R 38 -38.23 55.26 55.36
CA GLU R 38 -37.96 53.84 55.21
C GLU R 38 -39.26 53.08 55.01
N GLU R 39 -39.14 51.79 54.70
CA GLU R 39 -40.29 50.99 54.36
C GLU R 39 -40.89 50.29 55.58
N PHE R 40 -40.25 50.39 56.75
CA PHE R 40 -40.78 49.77 57.95
C PHE R 40 -41.46 50.80 58.86
N ALA R 41 -41.54 52.04 58.43
CA ALA R 41 -42.11 53.10 59.24
C ALA R 41 -42.74 54.17 58.35
N THR R 45 -48.09 50.56 65.09
CA THR R 45 -48.57 51.56 66.04
C THR R 45 -47.42 52.45 66.49
N ASP R 46 -47.28 53.60 65.84
CA ASP R 46 -46.17 54.52 66.08
C ASP R 46 -46.68 55.96 66.10
N ARG R 47 -45.76 56.91 66.22
CA ARG R 47 -46.01 58.31 65.89
C ARG R 47 -44.68 58.97 65.54
N LYS R 48 -44.70 59.79 64.49
CA LYS R 48 -43.52 60.54 64.06
C LYS R 48 -43.84 62.03 64.04
N ASP R 49 -44.56 62.50 65.06
CA ASP R 49 -44.97 63.90 65.12
C ASP R 49 -44.79 64.45 66.52
N VAL R 50 -43.97 63.79 67.33
CA VAL R 50 -43.78 64.20 68.71
C VAL R 50 -42.58 65.12 68.82
N PHE R 51 -41.43 64.69 68.29
CA PHE R 51 -40.26 65.55 68.18
C PHE R 51 -40.05 66.02 66.75
N PHE R 52 -40.73 65.40 65.81
CA PHE R 52 -40.49 65.60 64.38
C PHE R 52 -41.64 66.40 63.81
N TYR R 53 -41.31 67.43 63.05
CA TYR R 53 -42.31 67.96 62.13
C TYR R 53 -42.26 67.15 60.84
N GLN R 54 -43.42 66.85 60.28
CA GLN R 54 -43.51 66.36 58.91
C GLN R 54 -43.13 67.58 58.06
N ALA R 55 -41.83 67.66 57.73
CA ALA R 55 -41.34 68.88 57.13
C ALA R 55 -41.30 68.74 55.62
N ASP R 56 -40.95 69.85 54.98
CA ASP R 56 -41.50 70.16 53.67
C ASP R 56 -40.60 69.76 52.52
N ASP R 57 -39.62 68.89 52.77
CA ASP R 57 -38.86 68.23 51.72
C ASP R 57 -38.80 66.72 51.93
N GLU R 58 -39.85 66.16 52.54
CA GLU R 58 -40.03 64.74 52.84
C GLU R 58 -38.92 64.25 53.79
N HIS R 59 -38.42 65.17 54.61
CA HIS R 59 -37.56 64.84 55.73
C HIS R 59 -38.34 65.19 57.00
N TYR R 60 -38.43 64.25 57.92
CA TYR R 60 -39.07 64.52 59.20
C TYR R 60 -38.10 65.33 60.05
N ILE R 61 -38.05 66.63 59.81
CA ILE R 61 -37.06 67.51 60.42
C ILE R 61 -37.51 67.80 61.84
N PRO R 62 -36.70 67.49 62.84
CA PRO R 62 -37.07 67.81 64.23
C PRO R 62 -37.10 69.31 64.48
N ARG R 63 -38.04 69.71 65.34
CA ARG R 63 -38.10 71.09 65.80
C ARG R 63 -37.08 71.29 66.90
N ALA R 64 -35.89 71.75 66.52
CA ALA R 64 -34.80 71.94 67.46
C ALA R 64 -34.27 73.36 67.34
N VAL R 65 -34.10 74.01 68.48
CA VAL R 65 -33.49 75.34 68.55
C VAL R 65 -32.00 75.16 68.75
N LEU R 66 -31.21 75.61 67.79
CA LEU R 66 -29.77 75.46 67.81
C LEU R 66 -29.17 76.75 68.35
N LEU R 67 -28.57 76.67 69.53
CA LEU R 67 -27.94 77.80 70.17
C LEU R 67 -26.47 77.49 70.38
N ASP R 68 -25.62 78.48 70.09
CA ASP R 68 -24.19 78.30 70.22
C ASP R 68 -23.62 79.44 71.06
N LEU R 69 -22.66 79.09 71.90
CA LEU R 69 -21.94 80.04 72.73
C LEU R 69 -20.52 79.52 72.89
N GLU R 70 -19.58 80.21 72.23
CA GLU R 70 -18.20 79.77 72.02
C GLU R 70 -18.20 78.38 71.39
N PRO R 71 -18.59 78.25 70.12
CA PRO R 71 -18.81 76.91 69.55
C PRO R 71 -17.50 76.23 69.16
N ARG R 72 -17.32 75.01 69.65
CA ARG R 72 -16.21 74.18 69.22
C ARG R 72 -16.77 72.88 68.67
N VAL R 73 -17.57 72.17 69.49
CA VAL R 73 -18.18 70.92 69.06
C VAL R 73 -19.39 71.18 68.19
N ILE R 74 -19.96 72.38 68.26
CA ILE R 74 -21.10 72.74 67.43
C ILE R 74 -20.67 72.90 65.98
N HIS R 75 -19.42 73.30 65.76
CA HIS R 75 -18.84 73.28 64.42
C HIS R 75 -18.77 71.85 63.87
N SER R 76 -18.44 70.88 64.73
CA SER R 76 -18.44 69.48 64.30
C SER R 76 -19.86 68.99 64.04
N ILE R 77 -20.84 69.52 64.79
CA ILE R 77 -22.24 69.23 64.51
C ILE R 77 -22.64 69.81 63.15
N LEU R 78 -22.01 70.92 62.75
CA LEU R 78 -22.34 71.56 61.48
C LEU R 78 -21.93 70.69 60.29
N ASN R 79 -20.66 70.30 60.19
CA ASN R 79 -20.26 69.44 59.07
C ASN R 79 -20.53 67.98 59.45
N SER R 80 -21.78 67.56 59.29
CA SER R 80 -22.20 66.26 59.76
C SER R 80 -23.37 65.79 58.92
N PRO R 81 -23.56 64.48 58.76
CA PRO R 81 -24.73 63.98 58.02
C PRO R 81 -26.05 64.17 58.76
N TYR R 82 -26.00 64.48 60.05
CA TYR R 82 -27.21 64.78 60.80
C TYR R 82 -27.52 66.28 60.80
N ALA R 83 -26.76 67.06 60.07
CA ALA R 83 -27.12 68.44 59.78
C ALA R 83 -28.04 68.54 58.57
N LYS R 84 -28.25 67.43 57.86
CA LYS R 84 -29.30 67.34 56.86
C LYS R 84 -30.61 66.85 57.46
N LEU R 85 -30.59 66.38 58.70
CA LEU R 85 -31.83 66.00 59.38
C LEU R 85 -32.50 67.22 60.00
N TYR R 86 -31.77 67.99 60.79
CA TYR R 86 -32.33 69.18 61.41
C TYR R 86 -31.39 70.37 61.20
N ASN R 87 -31.93 71.41 60.56
CA ASN R 87 -31.37 72.76 60.50
C ASN R 87 -32.44 73.73 60.00
N PRO R 88 -33.32 74.25 60.86
CA PRO R 88 -34.21 75.34 60.42
C PRO R 88 -33.54 76.71 60.38
N GLU R 89 -32.21 76.74 60.45
CA GLU R 89 -31.34 77.89 60.26
C GLU R 89 -31.67 78.99 61.27
N ASN R 90 -31.40 78.70 62.54
CA ASN R 90 -31.67 79.64 63.61
C ASN R 90 -30.49 79.71 64.57
N ILE R 91 -29.30 79.37 64.08
CA ILE R 91 -28.08 79.39 64.88
C ILE R 91 -27.70 80.85 65.13
N TYR R 92 -27.59 81.22 66.40
CA TYR R 92 -27.25 82.59 66.79
C TYR R 92 -26.42 82.55 68.05
N LEU R 93 -25.35 83.34 68.06
CA LEU R 93 -24.43 83.38 69.19
C LEU R 93 -25.05 84.07 70.39
N GLY R 101 -20.55 81.24 78.97
CA GLY R 101 -19.29 80.80 78.40
C GLY R 101 -18.52 79.91 79.34
N ASN R 102 -17.91 80.52 80.37
CA ASN R 102 -17.30 79.79 81.47
C ASN R 102 -17.87 80.25 82.80
N ASN R 103 -18.92 81.05 82.78
CA ASN R 103 -19.51 81.57 84.00
C ASN R 103 -21.01 81.68 83.87
N TRP R 104 -21.69 81.65 85.02
CA TRP R 104 -23.13 81.83 85.05
C TRP R 104 -23.50 83.28 84.76
N ALA R 105 -22.72 84.23 85.32
CA ALA R 105 -23.04 85.64 85.13
C ALA R 105 -22.82 86.08 83.68
N SER R 106 -21.78 85.56 83.04
CA SER R 106 -21.50 85.92 81.65
C SER R 106 -22.57 85.38 80.71
N GLY R 107 -22.95 84.11 80.88
CA GLY R 107 -24.00 83.54 80.05
C GLY R 107 -25.35 84.17 80.31
N PHE R 108 -25.63 84.50 81.58
CA PHE R 108 -26.88 85.18 81.92
C PHE R 108 -26.96 86.57 81.30
N SER R 109 -25.88 87.35 81.39
CA SER R 109 -25.88 88.70 80.84
C SER R 109 -25.91 88.68 79.32
N GLN R 110 -25.20 87.74 78.70
CA GLN R 110 -25.22 87.61 77.25
C GLN R 110 -26.58 87.17 76.75
N GLY R 111 -27.26 86.30 77.50
CA GLY R 111 -28.62 85.94 77.13
C GLY R 111 -29.60 87.07 77.38
N GLU R 112 -29.30 87.93 78.36
CA GLU R 112 -30.19 89.05 78.68
C GLU R 112 -30.23 90.07 77.55
N LYS R 113 -29.07 90.38 76.97
CA LYS R 113 -29.02 91.48 76.01
C LYS R 113 -29.62 91.11 74.65
N ILE R 114 -29.79 89.82 74.37
CA ILE R 114 -30.28 89.39 73.06
C ILE R 114 -31.54 88.51 73.15
N HIS R 115 -32.37 88.72 74.17
CA HIS R 115 -33.50 87.81 74.41
C HIS R 115 -34.57 87.92 73.32
N GLU R 116 -34.54 89.02 72.55
CA GLU R 116 -35.63 89.36 71.66
C GLU R 116 -35.70 88.44 70.46
N ASP R 117 -34.59 88.33 69.72
CA ASP R 117 -34.60 87.55 68.48
C ASP R 117 -34.56 86.06 68.76
N ILE R 118 -33.96 85.64 69.87
CA ILE R 118 -34.03 84.23 70.22
C ILE R 118 -35.42 83.88 70.71
N PHE R 119 -36.13 84.85 71.31
CA PHE R 119 -37.53 84.64 71.60
C PHE R 119 -38.36 84.61 70.32
N ASP R 120 -37.93 85.34 69.30
CA ASP R 120 -38.56 85.24 68.00
C ASP R 120 -38.30 83.88 67.35
N ILE R 121 -37.13 83.32 67.58
CA ILE R 121 -36.82 81.96 67.14
C ILE R 121 -37.74 80.95 67.82
N ILE R 122 -37.94 81.12 69.14
CA ILE R 122 -38.89 80.30 69.89
C ILE R 122 -40.31 80.50 69.35
N ASP R 123 -40.65 81.73 68.98
CA ASP R 123 -41.98 82.05 68.46
C ASP R 123 -42.19 81.42 67.08
N ARG R 124 -41.13 81.39 66.27
CA ARG R 124 -41.19 80.78 64.96
C ARG R 124 -41.51 79.29 65.04
N GLU R 125 -40.79 78.58 65.91
CA GLU R 125 -41.08 77.15 66.04
C GLU R 125 -42.37 76.89 66.80
N ALA R 126 -42.77 77.82 67.68
CA ALA R 126 -44.06 77.69 68.34
C ALA R 126 -45.20 77.85 67.34
N ASP R 127 -45.01 78.74 66.36
CA ASP R 127 -45.95 78.81 65.25
C ASP R 127 -45.75 77.65 64.29
N GLY R 128 -44.60 76.97 64.36
CA GLY R 128 -44.34 75.89 63.43
C GLY R 128 -45.22 74.66 63.62
N SER R 129 -45.35 74.20 64.85
CA SER R 129 -46.16 73.02 65.12
C SER R 129 -47.61 73.40 65.36
N ASP R 130 -48.51 72.45 65.08
CA ASP R 130 -49.93 72.70 65.29
C ASP R 130 -50.29 72.65 66.76
N SER R 131 -49.74 71.71 67.51
CA SER R 131 -50.00 71.57 68.93
C SER R 131 -48.68 71.58 69.68
N LEU R 132 -48.77 71.72 71.00
CA LEU R 132 -47.58 71.78 71.84
C LEU R 132 -47.89 71.12 73.17
N GLU R 133 -46.91 70.40 73.70
CA GLU R 133 -47.08 69.76 75.00
C GLU R 133 -46.08 70.31 76.00
N GLY R 134 -44.84 70.55 75.58
CA GLY R 134 -43.84 71.01 76.51
C GLY R 134 -42.56 71.45 75.82
N PHE R 135 -41.67 72.05 76.62
CA PHE R 135 -40.35 72.47 76.17
C PHE R 135 -39.30 71.69 76.95
N VAL R 136 -38.55 70.85 76.24
CA VAL R 136 -37.50 70.04 76.85
C VAL R 136 -36.18 70.73 76.61
N LEU R 137 -35.50 71.09 77.69
CA LEU R 137 -34.26 71.84 77.62
C LEU R 137 -33.07 70.91 77.81
N CYS R 138 -32.24 70.79 76.78
CA CYS R 138 -30.96 70.12 76.90
C CYS R 138 -30.03 71.08 77.63
N HIS R 139 -29.73 70.74 78.88
CA HIS R 139 -29.07 71.69 79.77
C HIS R 139 -28.00 70.96 80.57
N SER R 140 -26.95 71.70 80.90
CA SER R 140 -25.89 71.23 81.78
C SER R 140 -25.75 72.21 82.93
N ILE R 141 -25.79 71.70 84.15
CA ILE R 141 -25.75 72.55 85.34
C ILE R 141 -24.29 72.85 85.65
N ALA R 142 -23.96 74.15 85.71
CA ALA R 142 -22.60 74.68 85.89
C ALA R 142 -21.65 74.13 84.83
N GLY R 143 -22.14 74.04 83.60
CA GLY R 143 -21.31 73.65 82.47
C GLY R 143 -20.60 74.81 81.83
N GLY R 144 -20.81 76.01 82.36
CA GLY R 144 -20.17 77.19 81.80
C GLY R 144 -20.93 77.73 80.61
N THR R 145 -20.87 76.98 79.51
CA THR R 145 -21.57 77.38 78.29
C THR R 145 -23.08 77.31 78.46
N GLY R 146 -23.59 76.23 79.05
CA GLY R 146 -25.02 76.12 79.27
C GLY R 146 -25.50 77.01 80.41
N SER R 147 -24.63 77.26 81.38
CA SER R 147 -24.99 77.95 82.60
C SER R 147 -25.26 79.44 82.35
N GLY R 148 -26.20 79.98 83.12
CA GLY R 148 -26.54 81.38 83.02
C GLY R 148 -27.51 81.68 81.90
N LEU R 149 -27.09 81.39 80.67
CA LEU R 149 -27.99 81.49 79.52
C LEU R 149 -29.16 80.53 79.66
N GLY R 150 -28.92 79.33 80.18
CA GLY R 150 -30.00 78.38 80.41
C GLY R 150 -30.96 78.84 81.48
N SER R 151 -30.44 79.41 82.58
CA SER R 151 -31.30 79.90 83.65
C SER R 151 -32.10 81.11 83.19
N TYR R 152 -31.49 81.99 82.41
CA TYR R 152 -32.20 83.17 81.90
C TYR R 152 -33.28 82.77 80.91
N LEU R 153 -32.97 81.83 80.02
CA LEU R 153 -33.96 81.34 79.07
C LEU R 153 -35.07 80.57 79.77
N LEU R 154 -34.76 79.93 80.90
CA LEU R 154 -35.79 79.28 81.70
C LEU R 154 -36.77 80.31 82.27
N GLU R 155 -36.24 81.44 82.74
CA GLU R 155 -37.09 82.54 83.17
C GLU R 155 -37.93 83.09 82.03
N ARG R 156 -37.33 83.21 80.85
CA ARG R 156 -38.08 83.75 79.70
C ARG R 156 -39.20 82.80 79.28
N LEU R 157 -38.93 81.50 79.27
CA LEU R 157 -39.92 80.52 78.82
C LEU R 157 -41.07 80.40 79.82
N ASN R 158 -40.77 80.34 81.11
CA ASN R 158 -41.85 80.14 82.07
C ASN R 158 -42.67 81.42 82.26
N ASP R 159 -42.05 82.59 82.08
CA ASP R 159 -42.81 83.83 82.17
C ASP R 159 -43.66 84.04 80.93
N ARG R 160 -43.10 83.77 79.75
CA ARG R 160 -43.79 84.11 78.52
C ARG R 160 -44.94 83.17 78.23
N TYR R 161 -44.80 81.89 78.59
CA TYR R 161 -45.84 80.91 78.33
C TYR R 161 -46.18 80.18 79.62
N PRO R 162 -47.26 80.58 80.30
CA PRO R 162 -47.64 79.91 81.54
C PRO R 162 -48.53 78.70 81.33
N LYS R 163 -48.93 78.41 80.10
CA LYS R 163 -49.89 77.36 79.83
C LYS R 163 -49.23 76.05 79.41
N LYS R 164 -47.92 76.03 79.22
CA LYS R 164 -47.22 74.84 78.76
C LYS R 164 -46.31 74.30 79.85
N LEU R 165 -45.66 73.18 79.54
CA LEU R 165 -44.76 72.49 80.45
C LEU R 165 -43.31 72.85 80.12
N VAL R 166 -42.49 72.90 81.16
CA VAL R 166 -41.05 73.12 81.02
C VAL R 166 -40.34 71.92 81.62
N GLN R 167 -39.54 71.23 80.80
CA GLN R 167 -38.71 70.15 81.29
C GLN R 167 -37.23 70.50 81.09
N THR R 168 -36.43 70.13 82.08
CA THR R 168 -35.00 70.41 82.07
C THR R 168 -34.25 69.14 82.43
N TYR R 169 -33.62 68.52 81.45
CA TYR R 169 -32.73 67.40 81.69
C TYR R 169 -31.40 67.96 82.18
N SER R 170 -31.04 67.58 83.41
CA SER R 170 -29.95 68.25 84.09
C SER R 170 -28.98 67.23 84.64
N VAL R 171 -27.70 67.63 84.70
CA VAL R 171 -26.66 66.83 85.31
C VAL R 171 -26.37 67.42 86.68
N PHE R 172 -25.80 66.62 87.58
CA PHE R 172 -25.38 67.15 88.87
C PHE R 172 -23.89 67.40 88.84
N PRO R 173 -23.45 68.63 89.13
CA PRO R 173 -22.05 69.00 88.86
C PRO R 173 -21.06 68.40 89.84
N ASN R 174 -20.71 67.14 89.61
CA ASN R 174 -19.64 66.47 90.34
C ASN R 174 -18.94 65.51 89.39
N GLN R 175 -17.84 65.95 88.80
CA GLN R 175 -17.11 65.15 87.83
C GLN R 175 -15.72 64.77 88.32
N ASP R 176 -15.54 64.65 89.65
CA ASP R 176 -14.28 64.33 90.32
C ASP R 176 -13.22 65.37 90.00
N GLU R 177 -13.63 66.63 90.01
CA GLU R 177 -12.78 67.75 89.60
C GLU R 177 -11.69 68.03 90.61
N ASP R 180 -9.30 74.44 87.14
CA ASP R 180 -10.22 74.20 88.24
C ASP R 180 -11.16 75.39 88.44
N VAL R 181 -12.44 75.09 88.64
CA VAL R 181 -13.46 76.11 88.80
C VAL R 181 -14.00 76.07 90.22
N VAL R 182 -13.82 77.17 90.95
CA VAL R 182 -14.30 77.28 92.32
C VAL R 182 -15.54 78.15 92.42
N VAL R 183 -15.95 78.81 91.33
CA VAL R 183 -17.21 79.54 91.29
C VAL R 183 -18.36 78.61 90.92
N GLN R 184 -18.06 77.35 90.62
CA GLN R 184 -19.05 76.34 90.29
C GLN R 184 -20.15 76.11 91.34
N PRO R 185 -19.88 76.12 92.66
CA PRO R 185 -21.03 76.07 93.59
C PRO R 185 -21.94 77.27 93.53
N TYR R 186 -21.40 78.47 93.30
CA TYR R 186 -22.22 79.66 93.15
C TYR R 186 -23.09 79.57 91.90
N ASN R 187 -22.51 79.11 90.80
CA ASN R 187 -23.24 78.98 89.54
C ASN R 187 -24.34 77.93 89.67
N SER R 188 -24.01 76.77 90.26
CA SER R 188 -25.00 75.71 90.44
C SER R 188 -26.10 76.12 91.41
N LEU R 189 -25.75 76.94 92.42
CA LEU R 189 -26.74 77.40 93.38
C LEU R 189 -27.73 78.37 92.73
N LEU R 190 -27.22 79.31 91.94
CA LEU R 190 -28.10 80.24 91.24
C LEU R 190 -28.96 79.52 90.20
N THR R 191 -28.36 78.57 89.47
CA THR R 191 -29.12 77.80 88.49
C THR R 191 -30.17 76.93 89.17
N LEU R 192 -29.87 76.41 90.36
CA LEU R 192 -30.82 75.58 91.08
C LEU R 192 -31.97 76.41 91.63
N LYS R 193 -31.69 77.67 92.00
CA LYS R 193 -32.77 78.60 92.35
C LYS R 193 -33.73 78.79 91.19
N ARG R 194 -33.17 78.98 89.99
CA ARG R 194 -33.99 79.11 88.80
C ARG R 194 -34.75 77.81 88.51
N LEU R 195 -34.10 76.67 88.75
CA LEU R 195 -34.74 75.39 88.50
C LEU R 195 -35.91 75.12 89.43
N THR R 196 -35.78 75.51 90.70
CA THR R 196 -36.87 75.32 91.65
C THR R 196 -38.01 76.28 91.39
N GLN R 197 -37.72 77.49 90.92
CA GLN R 197 -38.73 78.51 90.83
C GLN R 197 -39.34 78.66 89.45
N ASN R 198 -38.63 78.29 88.38
CA ASN R 198 -39.05 78.58 87.02
C ASN R 198 -39.24 77.33 86.18
N ALA R 199 -39.48 76.18 86.82
CA ALA R 199 -39.65 74.94 86.08
C ALA R 199 -40.82 74.15 86.67
N ASP R 200 -41.51 73.41 85.81
CA ASP R 200 -42.57 72.52 86.23
C ASP R 200 -42.05 71.16 86.66
N CYS R 201 -40.98 70.67 86.03
CA CYS R 201 -40.39 69.39 86.36
C CYS R 201 -38.93 69.44 85.93
N VAL R 202 -38.08 68.77 86.70
CA VAL R 202 -36.65 68.70 86.41
C VAL R 202 -36.23 67.23 86.50
N VAL R 203 -35.54 66.74 85.47
CA VAL R 203 -34.92 65.43 85.48
C VAL R 203 -33.44 65.61 85.74
N VAL R 204 -32.97 65.06 86.86
CA VAL R 204 -31.60 65.27 87.32
C VAL R 204 -30.84 63.95 87.26
N LEU R 205 -29.61 64.01 86.79
CA LEU R 205 -28.70 62.88 86.83
C LEU R 205 -27.41 63.29 87.51
N ASP R 206 -26.63 62.32 87.95
CA ASP R 206 -25.33 62.58 88.56
C ASP R 206 -24.24 62.21 87.57
N ASN R 207 -23.28 63.13 87.39
CA ASN R 207 -22.15 62.86 86.51
C ASN R 207 -21.23 61.80 87.11
N THR R 208 -21.08 61.81 88.44
CA THR R 208 -20.21 60.82 89.08
C THR R 208 -20.82 59.43 89.03
N ALA R 209 -22.15 59.32 89.11
CA ALA R 209 -22.81 58.03 89.04
C ALA R 209 -22.66 57.39 87.67
N LEU R 210 -22.92 58.16 86.61
CA LEU R 210 -22.73 57.67 85.25
C LEU R 210 -21.25 57.41 84.96
N ASN R 211 -20.36 58.20 85.58
CA ASN R 211 -18.93 57.97 85.44
C ASN R 211 -18.52 56.64 86.08
N ARG R 212 -19.06 56.34 87.26
CA ARG R 212 -18.79 55.07 87.92
C ARG R 212 -19.33 53.90 87.12
N ILE R 213 -20.54 54.04 86.58
CA ILE R 213 -21.15 52.98 85.78
C ILE R 213 -20.37 52.75 84.49
N ALA R 214 -19.88 53.82 83.88
CA ALA R 214 -19.12 53.70 82.63
C ALA R 214 -17.75 53.07 82.87
N THR R 215 -17.06 53.50 83.92
CA THR R 215 -15.78 52.89 84.28
C THR R 215 -15.96 51.47 84.82
N ASP R 216 -17.19 51.12 85.21
CA ASP R 216 -17.49 49.74 85.57
C ASP R 216 -17.65 48.86 84.33
N ARG R 217 -18.62 49.21 83.47
CA ARG R 217 -19.03 48.29 82.39
C ARG R 217 -17.96 48.15 81.32
N LEU R 218 -17.19 49.21 81.08
CA LEU R 218 -15.99 49.14 80.27
C LEU R 218 -14.81 49.51 81.13
N HIS R 219 -13.67 49.70 80.49
CA HIS R 219 -12.46 50.13 81.17
C HIS R 219 -11.97 51.41 80.53
N ILE R 220 -12.91 52.32 80.27
CA ILE R 220 -12.63 53.61 79.66
C ILE R 220 -12.36 54.62 80.77
N GLN R 221 -11.39 55.49 80.53
CA GLN R 221 -11.06 56.55 81.47
C GLN R 221 -11.11 57.90 80.80
N ASN R 222 -10.58 58.01 79.59
CA ASN R 222 -10.53 59.29 78.86
C ASN R 222 -11.83 59.67 78.12
N PRO R 223 -12.46 58.81 77.28
CA PRO R 223 -13.66 59.30 76.57
C PRO R 223 -14.95 59.17 77.36
N SER R 224 -14.94 59.64 78.62
CA SER R 224 -16.10 59.47 79.48
C SER R 224 -17.27 60.31 79.03
N PHE R 225 -17.00 61.49 78.44
CA PHE R 225 -18.04 62.41 78.02
C PHE R 225 -18.97 61.79 76.99
N SER R 226 -18.40 61.23 75.93
CA SER R 226 -19.17 60.68 74.82
C SER R 226 -20.01 59.49 75.25
N GLN R 227 -19.48 58.68 76.17
CA GLN R 227 -20.21 57.51 76.63
C GLN R 227 -21.36 57.89 77.56
N ILE R 228 -21.12 58.91 78.41
CA ILE R 228 -22.21 59.51 79.19
C ILE R 228 -23.29 60.06 78.27
N ASN R 229 -22.90 60.64 77.13
CA ASN R 229 -23.86 61.14 76.14
C ASN R 229 -24.72 60.00 75.60
N GLN R 230 -24.11 58.83 75.36
CA GLN R 230 -24.87 57.65 74.95
C GLN R 230 -25.90 57.27 75.99
N LEU R 231 -25.52 57.32 77.27
CA LEU R 231 -26.43 56.97 78.35
C LEU R 231 -27.62 57.91 78.44
N VAL R 232 -27.37 59.23 78.39
CA VAL R 232 -28.47 60.17 78.59
C VAL R 232 -29.39 60.15 77.37
N SER R 233 -28.81 59.95 76.17
CA SER R 233 -29.65 59.87 74.97
C SER R 233 -30.53 58.63 74.99
N THR R 234 -29.98 57.50 75.48
CA THR R 234 -30.81 56.30 75.61
C THR R 234 -31.92 56.48 76.64
N ILE R 235 -31.61 57.17 77.75
CA ILE R 235 -32.62 57.45 78.76
C ILE R 235 -33.70 58.38 78.23
N MET R 236 -33.30 59.38 77.44
CA MET R 236 -34.26 60.34 76.91
C MET R 236 -35.16 59.71 75.86
N SER R 237 -34.61 58.78 75.07
CA SER R 237 -35.45 58.04 74.15
C SER R 237 -36.39 57.10 74.90
N ALA R 238 -35.89 56.47 75.97
CA ALA R 238 -36.68 55.51 76.73
C ALA R 238 -37.83 56.20 77.47
N SER R 239 -37.61 57.43 77.95
CA SER R 239 -38.64 58.15 78.69
C SER R 239 -39.77 58.62 77.79
N THR R 240 -39.48 58.97 76.54
CA THR R 240 -40.49 59.45 75.62
C THR R 240 -40.94 58.39 74.62
N THR R 241 -40.52 57.14 74.79
CA THR R 241 -41.07 56.05 73.99
C THR R 241 -42.59 55.91 74.16
N THR R 242 -43.11 56.15 75.38
CA THR R 242 -44.54 56.04 75.59
C THR R 242 -45.31 57.20 74.96
N LEU R 243 -44.64 58.32 74.68
CA LEU R 243 -45.28 59.39 73.93
C LEU R 243 -45.13 59.16 72.43
N ARG R 244 -43.97 58.68 72.00
CA ARG R 244 -43.71 58.49 70.58
C ARG R 244 -44.46 57.28 70.04
N TYR R 245 -44.77 56.31 70.89
CA TYR R 245 -45.53 55.14 70.47
C TYR R 245 -46.85 55.14 71.23
N PRO R 246 -47.99 55.07 70.53
CA PRO R 246 -49.28 55.30 71.19
C PRO R 246 -49.65 54.18 72.12
N GLY R 247 -49.85 54.54 73.38
CA GLY R 247 -50.30 53.62 74.38
C GLY R 247 -51.69 53.95 74.84
N TYR R 248 -51.83 54.10 76.15
CA TYR R 248 -53.12 54.34 76.77
C TYR R 248 -53.03 55.50 77.74
N MET R 249 -51.82 55.75 78.25
CA MET R 249 -51.53 56.82 79.18
C MET R 249 -50.09 57.23 78.94
N ASN R 250 -49.78 58.48 79.30
CA ASN R 250 -48.48 59.13 79.07
C ASN R 250 -48.17 59.16 77.59
N ASN R 251 -49.21 59.40 76.79
CA ASN R 251 -49.06 59.91 75.44
C ASN R 251 -49.10 61.44 75.43
N ASP R 252 -49.17 62.03 76.63
CA ASP R 252 -48.88 63.43 76.89
C ASP R 252 -47.90 63.46 78.05
N LEU R 253 -47.14 64.55 78.13
CA LEU R 253 -46.08 64.64 79.13
C LEU R 253 -46.65 64.79 80.53
N ILE R 254 -47.76 65.53 80.65
CA ILE R 254 -48.25 65.96 81.96
C ILE R 254 -48.77 64.79 82.78
N GLY R 255 -49.20 63.71 82.10
CA GLY R 255 -49.65 62.53 82.84
C GLY R 255 -48.51 61.80 83.53
N LEU R 256 -47.37 61.67 82.85
CA LEU R 256 -46.19 61.10 83.47
C LEU R 256 -45.62 62.03 84.53
N ILE R 257 -45.71 63.33 84.29
CA ILE R 257 -45.22 64.34 85.23
C ILE R 257 -46.10 64.39 86.49
N ALA R 258 -47.37 64.02 86.37
CA ALA R 258 -48.37 64.25 87.42
C ALA R 258 -48.13 63.38 88.66
N SER R 259 -47.94 62.07 88.46
CA SER R 259 -47.94 61.14 89.58
C SER R 259 -46.69 61.28 90.45
N LEU R 260 -45.54 61.56 89.83
CA LEU R 260 -44.30 61.62 90.59
C LEU R 260 -44.19 62.90 91.41
N ILE R 261 -44.85 63.97 90.96
CA ILE R 261 -44.71 65.28 91.56
C ILE R 261 -45.96 65.56 92.41
N PRO R 262 -45.84 65.57 93.74
CA PRO R 262 -47.03 65.72 94.58
C PRO R 262 -47.37 67.17 94.87
N THR R 263 -46.44 68.09 94.59
CA THR R 263 -46.49 69.47 95.04
C THR R 263 -45.45 70.24 94.23
N PRO R 264 -45.64 71.54 94.01
CA PRO R 264 -44.74 72.29 93.10
C PRO R 264 -43.30 72.42 93.54
N ARG R 265 -42.95 72.04 94.75
CA ARG R 265 -41.57 72.16 95.18
C ARG R 265 -40.78 70.89 94.96
N LEU R 266 -41.41 69.73 95.09
CA LEU R 266 -40.71 68.47 94.87
C LEU R 266 -41.01 68.02 93.45
N HIS R 267 -40.18 68.48 92.50
CA HIS R 267 -40.40 68.15 91.10
C HIS R 267 -39.13 67.60 90.46
N PHE R 268 -38.24 67.07 91.28
CA PHE R 268 -36.95 66.56 90.84
C PHE R 268 -36.97 65.05 90.87
N LEU R 269 -36.63 64.42 89.75
CA LEU R 269 -36.91 63.01 89.53
C LEU R 269 -35.61 62.23 89.34
N MET R 270 -35.50 61.10 90.03
CA MET R 270 -34.37 60.22 89.85
C MET R 270 -34.52 59.41 88.56
N THR R 271 -33.38 59.00 88.01
CA THR R 271 -33.35 58.22 86.77
C THR R 271 -32.97 56.79 87.08
N GLY R 272 -33.79 55.85 86.61
CA GLY R 272 -33.44 54.45 86.63
C GLY R 272 -33.71 53.80 85.29
N TYR R 273 -32.95 52.75 85.01
CA TYR R 273 -33.06 51.96 83.79
C TYR R 273 -32.36 50.63 84.04
N THR R 274 -33.08 49.52 83.89
CA THR R 274 -32.69 48.29 84.57
C THR R 274 -31.55 47.55 83.87
N PRO R 275 -31.52 47.40 82.54
CA PRO R 275 -30.23 47.10 81.91
C PRO R 275 -29.34 48.32 82.05
N LEU R 276 -28.14 48.13 82.55
CA LEU R 276 -27.08 49.06 82.21
C LEU R 276 -26.35 48.59 80.97
N THR R 277 -26.86 47.53 80.34
CA THR R 277 -26.22 46.85 79.23
C THR R 277 -27.10 46.92 77.98
N THR R 278 -26.48 47.21 76.84
CA THR R 278 -27.03 46.87 75.53
C THR R 278 -25.89 46.39 74.63
N ASP R 279 -24.66 46.56 75.10
CA ASP R 279 -23.46 46.24 74.34
C ASP R 279 -23.05 44.79 74.57
N LYS R 287 -35.72 34.13 78.62
CA LYS R 287 -34.42 34.63 79.06
C LYS R 287 -34.62 35.57 80.24
N THR R 288 -35.02 36.80 79.95
CA THR R 288 -35.29 37.79 80.99
C THR R 288 -36.80 37.95 81.17
N THR R 289 -37.21 38.09 82.42
CA THR R 289 -38.62 38.29 82.73
C THR R 289 -38.81 39.63 83.42
N VAL R 290 -40.08 40.00 83.59
CA VAL R 290 -40.44 41.25 84.25
C VAL R 290 -40.10 41.16 85.74
N LEU R 291 -40.23 39.96 86.31
CA LEU R 291 -40.06 39.75 87.74
C LEU R 291 -38.62 40.01 88.17
N ASP R 292 -37.67 39.51 87.38
CA ASP R 292 -36.26 39.69 87.68
C ASP R 292 -35.83 41.13 87.47
N VAL R 293 -36.33 41.77 86.41
CA VAL R 293 -35.89 43.15 86.17
C VAL R 293 -36.57 44.11 87.14
N MET R 294 -37.70 43.73 87.72
CA MET R 294 -38.28 44.56 88.77
C MET R 294 -37.42 44.54 90.03
N ARG R 295 -37.06 43.34 90.49
CA ARG R 295 -36.20 43.24 91.66
C ARG R 295 -34.78 43.75 91.37
N ARG R 296 -34.36 43.71 90.11
CA ARG R 296 -33.07 44.28 89.72
C ARG R 296 -33.15 45.79 89.64
N LEU R 297 -34.34 46.34 89.38
CA LEU R 297 -34.48 47.78 89.30
C LEU R 297 -34.47 48.41 90.69
N LEU R 298 -35.06 47.73 91.68
CA LEU R 298 -35.29 48.38 92.97
C LEU R 298 -34.02 48.60 93.81
N GLN R 299 -32.86 48.10 93.39
CA GLN R 299 -31.67 48.37 94.18
C GLN R 299 -31.13 49.76 93.85
N PRO R 300 -30.46 50.44 94.80
CA PRO R 300 -29.93 51.78 94.50
C PRO R 300 -28.63 51.77 93.72
N LYS R 301 -28.19 50.61 93.25
CA LYS R 301 -27.01 50.53 92.39
C LYS R 301 -27.33 50.10 90.97
N ASN R 302 -28.58 49.83 90.66
CA ASN R 302 -29.07 49.96 89.29
C ASN R 302 -29.75 51.30 89.05
N VAL R 303 -29.70 52.20 90.03
CA VAL R 303 -30.10 53.59 89.82
C VAL R 303 -28.92 54.37 89.28
N MET R 304 -29.15 55.16 88.23
CA MET R 304 -28.10 55.93 87.59
C MET R 304 -27.89 57.29 88.26
N VAL R 305 -28.48 57.48 89.43
CA VAL R 305 -28.19 58.60 90.32
C VAL R 305 -27.70 58.05 91.64
N SER R 306 -26.42 58.20 91.92
CA SER R 306 -25.81 57.61 93.11
C SER R 306 -25.29 58.70 94.04
N THR R 313 -30.40 58.15 108.85
CA THR R 313 -31.67 58.83 108.66
C THR R 313 -32.62 58.02 107.79
N ASN R 314 -33.86 58.49 107.71
CA ASN R 314 -34.87 57.83 106.89
C ASN R 314 -34.98 58.52 105.53
N HIS R 315 -34.71 57.75 104.48
CA HIS R 315 -34.87 58.24 103.11
C HIS R 315 -35.91 57.39 102.40
N CYS R 316 -36.93 58.06 101.85
CA CYS R 316 -38.11 57.38 101.38
C CYS R 316 -38.58 58.06 100.10
N TYR R 317 -38.93 57.25 99.11
CA TYR R 317 -39.45 57.78 97.87
C TYR R 317 -40.81 58.40 98.08
N ILE R 318 -41.08 59.47 97.33
CA ILE R 318 -42.44 60.00 97.26
C ILE R 318 -43.29 59.15 96.34
N ALA R 319 -42.84 58.96 95.10
CA ALA R 319 -43.57 58.15 94.13
C ALA R 319 -42.59 57.64 93.08
N ILE R 320 -42.80 56.41 92.65
CA ILE R 320 -41.99 55.80 91.61
C ILE R 320 -42.92 55.50 90.44
N LEU R 321 -42.39 55.59 89.23
CA LEU R 321 -43.13 55.10 88.07
C LEU R 321 -42.15 54.37 87.17
N ASN R 322 -42.50 53.15 86.81
CA ASN R 322 -41.66 52.37 85.92
C ASN R 322 -42.41 52.09 84.62
N ILE R 323 -41.66 52.13 83.52
CA ILE R 323 -42.20 51.84 82.20
C ILE R 323 -41.36 50.72 81.61
N ILE R 324 -42.02 49.67 81.12
CA ILE R 324 -41.35 48.51 80.60
C ILE R 324 -41.69 48.38 79.11
N GLN R 325 -40.75 47.83 78.35
CA GLN R 325 -40.90 47.64 76.92
C GLN R 325 -40.32 46.29 76.53
N GLY R 326 -41.15 45.43 75.97
CA GLY R 326 -40.65 44.14 75.51
C GLY R 326 -41.75 43.14 75.23
N GLU R 327 -41.34 41.86 75.26
CA GLU R 327 -42.23 40.74 74.99
C GLU R 327 -42.91 40.30 76.28
N VAL R 328 -43.70 41.19 76.87
CA VAL R 328 -44.17 41.04 78.24
C VAL R 328 -45.42 40.18 78.27
N ASP R 329 -45.33 39.05 78.95
CA ASP R 329 -46.53 38.34 79.37
C ASP R 329 -47.29 39.18 80.39
N PRO R 330 -48.60 39.37 80.22
CA PRO R 330 -49.33 40.29 81.10
C PRO R 330 -49.53 39.76 82.52
N THR R 331 -49.36 38.45 82.74
CA THR R 331 -49.41 37.91 84.08
C THR R 331 -48.13 38.18 84.85
N GLN R 332 -47.04 38.47 84.14
CA GLN R 332 -45.74 38.64 84.78
C GLN R 332 -45.67 39.91 85.61
N VAL R 333 -46.23 41.01 85.09
CA VAL R 333 -46.23 42.28 85.84
C VAL R 333 -47.09 42.16 87.09
N HIS R 334 -48.11 41.30 87.02
CA HIS R 334 -49.09 41.11 88.08
C HIS R 334 -48.46 40.44 89.29
N LYS R 335 -47.83 39.30 89.06
CA LYS R 335 -47.20 38.57 90.16
C LYS R 335 -45.86 39.20 90.55
N SER R 336 -45.20 39.90 89.64
CA SER R 336 -44.03 40.69 90.02
C SER R 336 -44.40 41.77 91.00
N LEU R 337 -45.52 42.46 90.78
CA LEU R 337 -45.94 43.50 91.71
C LEU R 337 -46.41 42.90 93.03
N GLN R 338 -46.98 41.68 92.98
CA GLN R 338 -47.19 40.90 94.20
C GLN R 338 -45.90 40.71 94.98
N ARG R 339 -44.83 40.25 94.33
CA ARG R 339 -43.56 40.00 95.01
C ARG R 339 -42.95 41.30 95.55
N ILE R 340 -43.08 42.39 94.79
CA ILE R 340 -42.56 43.68 95.23
C ILE R 340 -43.30 44.17 96.46
N ARG R 341 -44.60 43.85 96.57
CA ARG R 341 -45.33 44.24 97.78
C ARG R 341 -44.85 43.48 99.00
N GLU R 342 -44.87 42.15 98.95
CA GLU R 342 -44.63 41.41 100.18
C GLU R 342 -43.14 41.30 100.50
N ARG R 343 -42.28 41.66 99.55
CA ARG R 343 -40.86 41.80 99.91
C ARG R 343 -40.55 43.15 100.51
N LYS R 344 -41.25 44.20 100.09
CA LYS R 344 -41.03 45.60 100.50
C LYS R 344 -39.61 46.06 100.16
N LEU R 345 -39.26 45.97 98.87
CA LEU R 345 -37.93 46.38 98.43
C LEU R 345 -37.88 47.80 97.87
N ALA R 346 -38.92 48.59 98.09
CA ALA R 346 -39.05 49.96 97.61
C ALA R 346 -39.34 50.83 98.82
N ASN R 347 -38.90 52.08 98.79
CA ASN R 347 -39.13 52.97 99.91
C ASN R 347 -40.44 53.72 99.72
N PHE R 348 -41.24 53.71 100.77
CA PHE R 348 -42.66 54.00 100.80
C PHE R 348 -42.88 55.50 100.91
N ILE R 349 -44.14 55.91 100.86
CA ILE R 349 -44.48 57.30 101.19
C ILE R 349 -45.33 57.29 102.47
N PRO R 350 -44.94 58.03 103.51
CA PRO R 350 -45.78 58.09 104.72
C PRO R 350 -47.16 58.68 104.49
N TRP R 351 -47.20 59.94 104.05
CA TRP R 351 -48.44 60.69 103.96
C TRP R 351 -49.24 60.36 102.71
N GLY R 352 -49.67 59.12 102.57
CA GLY R 352 -50.53 58.77 101.46
C GLY R 352 -50.15 57.47 100.78
N PRO R 353 -50.91 57.11 99.75
CA PRO R 353 -50.40 56.14 98.77
C PRO R 353 -49.89 56.81 97.50
N ALA R 354 -48.64 56.53 97.16
CA ALA R 354 -48.06 56.92 95.89
C ALA R 354 -46.89 55.99 95.58
N SER R 355 -47.13 54.99 94.76
CA SER R 355 -46.21 53.85 94.72
C SER R 355 -45.71 53.62 93.31
N ILE R 356 -44.86 52.61 93.15
CA ILE R 356 -44.33 52.25 91.84
C ILE R 356 -45.45 51.71 90.96
N GLN R 357 -45.59 52.32 89.79
CA GLN R 357 -46.68 52.02 88.88
C GLN R 357 -46.12 51.31 87.67
N VAL R 358 -46.77 50.22 87.27
CA VAL R 358 -46.34 49.42 86.15
C VAL R 358 -46.93 50.00 84.88
N ALA R 359 -46.07 50.38 83.95
CA ALA R 359 -46.50 50.82 82.64
C ALA R 359 -45.82 49.96 81.59
N LEU R 360 -46.57 49.65 80.54
CA LEU R 360 -46.11 48.78 79.48
C LEU R 360 -46.07 49.57 78.18
N SER R 361 -44.96 49.45 77.46
CA SER R 361 -44.79 50.15 76.20
C SER R 361 -44.29 49.17 75.14
N ARG R 362 -44.36 49.64 73.90
CA ARG R 362 -44.06 48.82 72.73
C ARG R 362 -42.55 48.76 72.53
N LYS R 363 -42.07 47.60 72.08
CA LYS R 363 -40.67 47.49 71.72
C LYS R 363 -40.45 48.20 70.39
N SER R 364 -39.41 49.03 70.33
CA SER R 364 -39.19 49.90 69.18
C SER R 364 -38.63 49.10 68.00
N PRO R 365 -38.96 49.48 66.76
CA PRO R 365 -38.31 48.86 65.60
C PRO R 365 -36.87 49.33 65.47
N TYR R 366 -36.01 48.40 65.07
CA TYR R 366 -34.59 48.60 64.77
C TYR R 366 -33.83 49.02 66.02
N LEU R 367 -34.14 48.39 67.14
CA LEU R 367 -33.32 48.49 68.34
C LEU R 367 -32.58 47.17 68.53
N PRO R 368 -31.36 47.19 69.07
CA PRO R 368 -30.58 45.95 69.20
C PRO R 368 -31.19 44.96 70.19
N SER R 369 -31.17 43.69 69.81
CA SER R 369 -31.91 42.63 70.52
C SER R 369 -31.10 42.09 71.68
N ALA R 370 -30.80 42.94 72.65
CA ALA R 370 -30.26 42.52 73.93
C ALA R 370 -31.18 43.08 75.02
N HIS R 371 -31.38 42.30 76.09
CA HIS R 371 -32.35 42.59 77.15
C HIS R 371 -33.74 42.83 76.57
N ARG R 372 -34.32 41.77 75.98
CA ARG R 372 -35.61 41.83 75.30
C ARG R 372 -36.73 42.37 76.16
N VAL R 373 -36.71 42.09 77.45
CA VAL R 373 -37.60 42.72 78.41
C VAL R 373 -36.79 43.77 79.16
N SER R 374 -37.06 45.04 78.89
CA SER R 374 -36.25 46.12 79.42
C SER R 374 -37.16 47.20 79.98
N GLY R 375 -36.85 47.65 81.19
CA GLY R 375 -37.64 48.66 81.86
C GLY R 375 -36.77 49.78 82.39
N LEU R 376 -37.41 50.94 82.57
CA LEU R 376 -36.78 52.11 83.14
C LEU R 376 -37.71 52.67 84.19
N MET R 377 -37.17 53.45 85.12
CA MET R 377 -38.01 54.07 86.13
C MET R 377 -37.66 55.54 86.30
N MET R 378 -38.69 56.32 86.63
CA MET R 378 -38.53 57.69 87.09
C MET R 378 -39.18 57.78 88.46
N ALA R 379 -38.49 58.38 89.42
CA ALA R 379 -38.93 58.32 90.80
C ALA R 379 -38.60 59.63 91.51
N ASN R 380 -39.49 60.04 92.41
CA ASN R 380 -39.28 61.18 93.28
C ASN R 380 -38.78 60.67 94.62
N HIS R 381 -37.50 60.90 94.92
CA HIS R 381 -36.87 60.42 96.14
C HIS R 381 -36.38 61.60 96.96
N THR R 382 -36.44 61.45 98.28
CA THR R 382 -35.86 62.43 99.19
C THR R 382 -34.34 62.31 99.32
N SER R 383 -33.73 61.30 98.69
CA SER R 383 -32.28 61.12 98.81
C SER R 383 -31.51 62.17 98.04
N ILE R 384 -32.15 62.84 97.07
CA ILE R 384 -31.48 63.90 96.33
C ILE R 384 -31.28 65.15 97.18
N SER R 385 -32.01 65.25 98.31
CA SER R 385 -31.77 66.31 99.28
C SER R 385 -30.36 66.24 99.85
N SER R 386 -29.82 65.02 99.99
CA SER R 386 -28.46 64.84 100.45
C SER R 386 -27.45 65.44 99.48
N LEU R 387 -27.66 65.22 98.19
CA LEU R 387 -26.76 65.77 97.18
C LEU R 387 -26.88 67.29 97.12
N PHE R 388 -28.10 67.80 97.28
CA PHE R 388 -28.34 69.24 97.34
C PHE R 388 -27.63 69.88 98.53
N GLU R 389 -27.73 69.27 99.71
CA GLU R 389 -27.10 69.86 100.88
C GLU R 389 -25.59 69.67 100.85
N ARG R 390 -25.09 68.65 100.14
CA ARG R 390 -23.64 68.55 99.93
C ARG R 390 -23.13 69.72 99.11
N THR R 391 -23.81 70.04 98.01
CA THR R 391 -23.41 71.18 97.19
C THR R 391 -23.64 72.49 97.93
N CYS R 392 -24.68 72.54 98.76
CA CYS R 392 -24.89 73.69 99.64
C CYS R 392 -23.78 73.82 100.65
N ARG R 393 -23.24 72.71 101.14
CA ARG R 393 -22.14 72.74 102.08
C ARG R 393 -20.87 73.22 101.43
N GLN R 394 -20.65 72.81 100.18
CA GLN R 394 -19.53 73.32 99.40
C GLN R 394 -19.65 74.82 99.17
N TYR R 395 -20.86 75.28 98.81
CA TYR R 395 -21.10 76.71 98.65
C TYR R 395 -20.91 77.45 99.97
N ASP R 396 -21.38 76.86 101.07
CA ASP R 396 -21.25 77.49 102.38
C ASP R 396 -19.80 77.60 102.80
N LYS R 397 -18.99 76.59 102.47
CA LYS R 397 -17.56 76.64 102.76
C LYS R 397 -16.88 77.75 101.98
N LEU R 398 -17.07 77.76 100.66
CA LEU R 398 -16.42 78.79 99.83
C LEU R 398 -16.97 80.18 100.12
N ARG R 399 -18.23 80.25 100.58
CA ARG R 399 -18.84 81.53 100.89
C ARG R 399 -18.36 82.05 102.24
N LYS R 400 -18.11 81.17 103.18
CA LYS R 400 -17.59 81.56 104.48
C LYS R 400 -16.15 81.99 104.36
N ARG R 401 -15.38 81.31 103.49
CA ARG R 401 -13.97 81.66 103.35
C ARG R 401 -13.79 83.00 102.63
N GLU R 402 -14.71 83.34 101.71
CA GLU R 402 -14.66 84.55 100.89
C GLU R 402 -13.35 84.72 100.14
N ALA R 403 -12.96 83.67 99.42
CA ALA R 403 -11.77 83.72 98.58
C ALA R 403 -12.00 83.04 97.24
N PHE R 404 -13.25 82.69 96.94
CA PHE R 404 -13.55 81.83 95.79
C PHE R 404 -14.66 82.39 94.93
N LEU R 405 -14.97 83.68 95.06
CA LEU R 405 -15.76 84.37 94.06
C LEU R 405 -14.91 84.78 92.88
N GLU R 406 -13.58 84.88 93.09
CA GLU R 406 -12.52 85.17 92.11
C GLU R 406 -12.60 86.59 91.54
N GLN R 407 -13.54 87.40 92.04
CA GLN R 407 -13.91 88.70 91.51
C GLN R 407 -14.12 88.63 89.99
N PHE R 408 -15.13 87.87 89.58
CA PHE R 408 -15.54 87.89 88.19
C PHE R 408 -16.28 89.20 87.95
N ARG R 409 -15.92 89.86 86.84
CA ARG R 409 -16.42 91.21 86.59
C ARG R 409 -17.90 91.19 86.26
N LYS R 410 -18.37 90.16 85.55
CA LYS R 410 -19.79 90.03 85.27
C LYS R 410 -20.57 89.69 86.55
N GLU R 411 -19.94 88.96 87.46
CA GLU R 411 -20.57 88.65 88.74
C GLU R 411 -20.70 89.90 89.61
N ASP R 412 -19.71 90.78 89.55
CA ASP R 412 -19.79 92.03 90.30
C ASP R 412 -20.78 93.00 89.67
N MET R 413 -20.74 93.13 88.34
CA MET R 413 -21.62 94.10 87.67
C MET R 413 -23.06 93.62 87.66
N PHE R 414 -23.28 92.31 87.65
CA PHE R 414 -24.63 91.77 87.71
C PHE R 414 -25.26 92.03 89.07
N LYS R 415 -24.51 91.81 90.14
CA LYS R 415 -24.99 92.06 91.49
C LYS R 415 -23.81 92.50 92.33
N ASP R 416 -23.75 93.81 92.61
CA ASP R 416 -22.65 94.33 93.42
C ASP R 416 -22.78 93.92 94.87
N ASN R 417 -24.00 93.63 95.32
CA ASN R 417 -24.26 93.25 96.70
C ASN R 417 -24.31 91.74 96.88
N PHE R 418 -24.44 90.98 95.78
CA PHE R 418 -24.48 89.51 95.77
C PHE R 418 -25.59 88.96 96.65
N ASP R 419 -26.73 89.65 96.65
CA ASP R 419 -27.88 89.22 97.43
C ASP R 419 -28.65 88.10 96.75
N GLU R 420 -28.42 87.89 95.46
CA GLU R 420 -29.05 86.77 94.77
C GLU R 420 -28.52 85.44 95.27
N MET R 421 -27.25 85.41 95.70
CA MET R 421 -26.71 84.22 96.33
C MET R 421 -27.40 83.93 97.66
N ASP R 422 -27.71 84.98 98.42
CA ASP R 422 -28.44 84.81 99.67
C ASP R 422 -29.88 84.37 99.43
N THR R 423 -30.52 84.92 98.39
CA THR R 423 -31.88 84.54 98.06
C THR R 423 -31.95 83.09 97.58
N SER R 424 -31.00 82.69 96.75
CA SER R 424 -30.91 81.30 96.29
C SER R 424 -30.61 80.35 97.44
N ARG R 425 -29.78 80.78 98.39
CA ARG R 425 -29.51 79.98 99.57
C ARG R 425 -30.76 79.80 100.43
N GLU R 426 -31.55 80.87 100.55
CA GLU R 426 -32.81 80.79 101.28
C GLU R 426 -33.80 79.86 100.58
N ILE R 427 -33.88 79.95 99.26
CA ILE R 427 -34.81 79.11 98.49
C ILE R 427 -34.39 77.64 98.57
N VAL R 428 -33.10 77.36 98.46
CA VAL R 428 -32.65 75.97 98.54
C VAL R 428 -32.74 75.46 99.98
N GLN R 429 -32.69 76.36 100.97
CA GLN R 429 -32.89 75.93 102.34
C GLN R 429 -34.35 75.57 102.59
N GLN R 430 -35.26 76.38 102.04
CA GLN R 430 -36.69 76.07 102.10
C GLN R 430 -36.98 74.76 101.37
N LEU R 431 -36.25 74.52 100.28
CA LEU R 431 -36.40 73.27 99.53
C LEU R 431 -35.97 72.06 100.35
N ILE R 432 -34.82 72.17 101.04
CA ILE R 432 -34.34 71.10 101.91
C ILE R 432 -35.31 70.87 103.07
N ASP R 433 -35.87 71.94 103.62
CA ASP R 433 -36.83 71.81 104.71
C ASP R 433 -38.13 71.16 104.24
N GLU R 434 -38.58 71.50 103.03
CA GLU R 434 -39.78 70.87 102.50
C GLU R 434 -39.53 69.41 102.15
N TYR R 435 -38.32 69.08 101.72
CA TYR R 435 -37.93 67.69 101.51
C TYR R 435 -37.99 66.89 102.81
N HIS R 436 -37.40 67.44 103.87
CA HIS R 436 -37.43 66.78 105.17
C HIS R 436 -38.82 66.76 105.76
N ALA R 437 -39.67 67.73 105.42
CA ALA R 437 -41.04 67.73 105.91
C ALA R 437 -41.88 66.69 105.18
N ALA R 438 -41.61 66.48 103.89
CA ALA R 438 -42.27 65.41 103.14
C ALA R 438 -41.81 64.04 103.61
N THR R 439 -40.59 63.98 104.15
CA THR R 439 -40.11 62.74 104.75
C THR R 439 -40.95 62.35 105.98
N ARG R 440 -41.50 63.34 106.68
CA ARG R 440 -42.23 63.09 107.91
C ARG R 440 -43.57 62.43 107.63
N PRO R 441 -44.15 61.74 108.62
CA PRO R 441 -45.53 61.25 108.45
C PRO R 441 -46.57 62.36 108.42
N ASP R 442 -46.22 63.54 108.90
CA ASP R 442 -47.07 64.71 108.75
C ASP R 442 -46.47 65.60 107.68
N TYR R 443 -47.28 65.92 106.68
CA TYR R 443 -46.89 66.95 105.74
C TYR R 443 -47.98 68.02 105.78
N ILE R 444 -48.59 68.15 106.96
CA ILE R 444 -49.30 69.35 107.38
C ILE R 444 -48.34 70.21 108.21
N SER R 445 -47.05 69.96 108.08
CA SER R 445 -45.98 70.78 108.62
C SER R 445 -45.03 71.10 107.47
N TRP R 446 -44.87 72.38 107.20
CA TRP R 446 -44.29 72.83 105.93
C TRP R 446 -42.95 73.53 106.17
N GLY R 447 -42.36 74.00 105.07
CA GLY R 447 -41.07 74.67 105.13
C GLY R 447 -40.84 75.58 103.95
N ARG S 3 -60.61 86.79 23.71
CA ARG S 3 -60.57 86.50 22.28
C ARG S 3 -59.15 86.57 21.74
N GLU S 4 -58.84 87.65 21.02
CA GLU S 4 -57.51 87.82 20.45
C GLU S 4 -56.78 88.94 21.17
N ILE S 5 -55.49 88.75 21.42
CA ILE S 5 -54.67 89.68 22.16
C ILE S 5 -53.62 90.26 21.24
N ILE S 6 -53.49 91.59 21.25
CA ILE S 6 -52.45 92.28 20.50
C ILE S 6 -51.43 92.79 21.50
N THR S 7 -50.19 92.32 21.37
CA THR S 7 -49.15 92.56 22.35
C THR S 7 -48.26 93.68 21.88
N LEU S 8 -48.01 94.63 22.78
CA LEU S 8 -47.24 95.82 22.46
C LEU S 8 -45.93 95.78 23.22
N GLN S 9 -44.83 96.05 22.53
CA GLN S 9 -43.52 96.03 23.16
C GLN S 9 -42.76 97.29 22.79
N LEU S 10 -42.08 97.86 23.78
CA LEU S 10 -41.44 99.16 23.63
C LEU S 10 -40.34 99.30 24.66
N GLY S 11 -39.33 100.07 24.33
CA GLY S 11 -38.14 100.17 25.16
C GLY S 11 -37.22 98.97 24.98
N GLN S 12 -35.98 99.11 25.43
CA GLN S 12 -35.02 98.03 25.26
C GLN S 12 -35.37 96.85 26.18
N CYS S 13 -35.75 97.14 27.42
CA CYS S 13 -36.16 96.10 28.34
C CYS S 13 -37.48 95.46 27.92
N GLY S 14 -38.41 96.29 27.43
CA GLY S 14 -39.69 95.75 26.97
C GLY S 14 -39.56 94.93 25.70
N ASN S 15 -38.70 95.36 24.78
CA ASN S 15 -38.45 94.55 23.60
C ASN S 15 -37.67 93.30 23.94
N GLN S 16 -36.84 93.34 24.99
CA GLN S 16 -36.15 92.15 25.47
C GLN S 16 -37.12 91.11 25.98
N ILE S 17 -38.03 91.51 26.89
CA ILE S 17 -38.99 90.57 27.44
C ILE S 17 -40.01 90.12 26.40
N GLY S 18 -40.36 90.98 25.43
CA GLY S 18 -41.21 90.54 24.34
C GLY S 18 -40.52 89.57 23.42
N PHE S 19 -39.23 89.77 23.18
CA PHE S 19 -38.44 88.86 22.36
C PHE S 19 -38.36 87.47 22.98
N GLU S 20 -38.08 87.43 24.30
CA GLU S 20 -38.00 86.13 24.96
C GLU S 20 -39.37 85.48 25.07
N PHE S 21 -40.43 86.28 25.24
CA PHE S 21 -41.78 85.73 25.31
C PHE S 21 -42.22 85.15 23.96
N TRP S 22 -41.89 85.85 22.88
CA TRP S 22 -42.22 85.36 21.55
C TRP S 22 -41.43 84.11 21.21
N LYS S 23 -40.16 84.08 21.61
CA LYS S 23 -39.34 82.87 21.42
C LYS S 23 -39.89 81.72 22.24
N GLN S 24 -40.38 82.00 23.44
CA GLN S 24 -40.95 80.97 24.31
C GLN S 24 -42.24 80.41 23.71
N LEU S 25 -43.11 81.28 23.18
CA LEU S 25 -44.32 80.78 22.54
C LEU S 25 -44.04 80.14 21.19
N CYS S 26 -42.93 80.50 20.54
CA CYS S 26 -42.53 79.82 19.31
C CYS S 26 -42.10 78.39 19.60
N ALA S 27 -41.28 78.23 20.65
CA ALA S 27 -40.86 76.89 21.06
C ALA S 27 -42.04 76.10 21.62
N GLU S 28 -43.00 76.78 22.24
CA GLU S 28 -44.10 76.09 22.88
C GLU S 28 -45.08 75.53 21.86
N HIS S 29 -45.57 76.37 20.96
CA HIS S 29 -46.51 75.92 19.95
C HIS S 29 -45.74 75.28 18.80
N GLY S 30 -46.47 74.59 17.93
CA GLY S 30 -45.85 73.87 16.84
C GLY S 30 -45.51 74.73 15.65
N ILE S 31 -44.52 75.61 15.81
CA ILE S 31 -44.07 76.48 14.73
C ILE S 31 -42.55 76.55 14.74
N SER S 32 -41.99 76.79 13.56
CA SER S 32 -40.59 77.07 13.37
C SER S 32 -40.31 78.53 13.71
N PRO S 33 -39.03 78.95 13.80
CA PRO S 33 -38.75 80.39 13.89
C PRO S 33 -39.10 81.17 12.63
N GLU S 34 -39.30 80.49 11.51
CA GLU S 34 -39.94 81.11 10.35
C GLU S 34 -41.45 81.14 10.50
N GLY S 35 -42.02 80.19 11.24
CA GLY S 35 -43.45 80.02 11.33
C GLY S 35 -43.97 78.78 10.64
N ILE S 36 -43.13 77.79 10.39
CA ILE S 36 -43.52 76.63 9.61
C ILE S 36 -44.25 75.64 10.52
N VAL S 37 -45.40 75.15 10.03
CA VAL S 37 -46.33 74.37 10.84
C VAL S 37 -45.72 73.01 11.17
N GLU S 38 -45.98 72.53 12.38
CA GLU S 38 -45.53 71.21 12.79
C GLU S 38 -46.69 70.22 12.74
N GLU S 39 -46.37 68.96 12.95
CA GLU S 39 -47.36 67.90 12.80
C GLU S 39 -48.07 67.58 14.10
N PHE S 40 -47.65 68.19 15.21
CA PHE S 40 -48.33 67.95 16.49
C PHE S 40 -49.25 69.09 16.87
N ALA S 41 -49.39 70.08 16.00
CA ALA S 41 -50.22 71.25 16.27
C ALA S 41 -50.79 71.80 14.99
N THR S 45 -56.79 69.94 21.88
CA THR S 45 -57.54 71.12 22.32
C THR S 45 -56.60 72.29 22.57
N ASP S 46 -56.47 73.15 21.54
CA ASP S 46 -55.53 74.27 21.57
C ASP S 46 -56.19 75.51 20.98
N ARG S 47 -55.42 76.58 20.86
CA ARG S 47 -55.75 77.72 20.00
C ARG S 47 -54.47 78.42 19.59
N LYS S 48 -54.39 78.81 18.32
CA LYS S 48 -53.26 79.55 17.81
C LYS S 48 -53.73 80.86 17.19
N ASP S 49 -54.66 81.54 17.86
CA ASP S 49 -55.22 82.77 17.35
C ASP S 49 -55.36 83.80 18.46
N VAL S 50 -54.61 83.61 19.55
CA VAL S 50 -54.71 84.51 20.70
C VAL S 50 -53.66 85.60 20.60
N PHE S 51 -52.40 85.20 20.41
CA PHE S 51 -51.33 86.15 20.13
C PHE S 51 -50.93 86.12 18.67
N PHE S 52 -51.36 85.10 17.94
CA PHE S 52 -50.90 84.83 16.59
C PHE S 52 -52.02 85.18 15.63
N TYR S 53 -51.68 85.92 14.59
CA TYR S 53 -52.55 85.93 13.43
C TYR S 53 -52.18 84.75 12.54
N GLN S 54 -53.20 84.08 12.00
CA GLN S 54 -52.99 83.13 10.90
C GLN S 54 -52.59 84.02 9.73
N ALA S 55 -51.29 84.19 9.54
CA ALA S 55 -50.84 85.20 8.60
C ALA S 55 -50.52 84.54 7.26
N ASP S 56 -50.19 85.39 6.30
CA ASP S 56 -50.54 85.13 4.92
C ASP S 56 -49.40 84.52 4.11
N ASP S 57 -48.40 83.96 4.78
CA ASP S 57 -47.40 83.12 4.15
C ASP S 57 -47.21 81.81 4.91
N GLU S 58 -48.28 81.33 5.55
CA GLU S 58 -48.35 80.09 6.34
C GLU S 58 -47.38 80.16 7.52
N HIS S 59 -47.13 81.38 7.99
CA HIS S 59 -46.46 81.61 9.26
C HIS S 59 -47.46 82.24 10.20
N TYR S 60 -47.61 81.67 11.39
CA TYR S 60 -48.49 82.26 12.39
C TYR S 60 -47.77 83.47 13.00
N ILE S 61 -47.83 84.59 12.29
CA ILE S 61 -47.07 85.79 12.65
C ILE S 61 -47.80 86.47 13.80
N PRO S 62 -47.13 86.68 14.93
CA PRO S 62 -47.77 87.39 16.04
C PRO S 62 -48.02 88.85 15.72
N ARG S 63 -49.12 89.36 16.25
CA ARG S 63 -49.42 90.78 16.16
C ARG S 63 -48.63 91.53 17.22
N ALA S 64 -47.45 92.01 16.85
CA ALA S 64 -46.56 92.69 17.77
C ALA S 64 -46.18 94.05 17.20
N VAL S 65 -46.29 95.08 18.04
CA VAL S 65 -45.85 96.43 17.69
C VAL S 65 -44.41 96.59 18.12
N LEU S 66 -43.52 96.79 17.15
CA LEU S 66 -42.09 96.90 17.41
C LEU S 66 -41.74 98.38 17.50
N LEU S 67 -41.36 98.81 18.69
CA LEU S 67 -40.98 100.19 18.93
C LEU S 67 -39.54 100.23 19.43
N ASP S 68 -38.77 101.17 18.89
CA ASP S 68 -37.37 101.29 19.26
C ASP S 68 -37.09 102.72 19.67
N LEU S 69 -36.25 102.85 20.70
CA LEU S 69 -35.80 104.14 21.20
C LEU S 69 -34.38 103.96 21.71
N GLU S 70 -33.41 104.52 20.97
CA GLU S 70 -31.98 104.27 21.10
C GLU S 70 -31.72 102.76 21.03
N PRO S 71 -31.87 102.14 19.86
CA PRO S 71 -31.84 100.68 19.80
C PRO S 71 -30.41 100.13 19.85
N ARG S 72 -30.19 99.20 20.79
CA ARG S 72 -28.93 98.46 20.83
C ARG S 72 -29.24 96.97 20.74
N VAL S 73 -30.08 96.48 21.66
CA VAL S 73 -30.47 95.07 21.66
C VAL S 73 -31.53 94.81 20.60
N ILE S 74 -32.24 95.85 20.15
CA ILE S 74 -33.25 95.70 19.12
C ILE S 74 -32.59 95.42 17.77
N HIS S 75 -31.37 95.91 17.59
CA HIS S 75 -30.57 95.52 16.43
C HIS S 75 -30.25 94.03 16.45
N SER S 76 -29.98 93.49 17.64
CA SER S 76 -29.74 92.05 17.76
C SER S 76 -31.03 91.26 17.54
N ILE S 77 -32.17 91.85 17.90
CA ILE S 77 -33.47 91.25 17.58
C ILE S 77 -33.68 91.24 16.07
N LEU S 78 -33.12 92.24 15.38
CA LEU S 78 -33.29 92.33 13.93
C LEU S 78 -32.59 91.18 13.20
N ASN S 79 -31.29 90.99 13.41
CA ASN S 79 -30.60 89.88 12.75
C ASN S 79 -30.78 88.62 13.59
N SER S 80 -31.92 87.97 13.46
CA SER S 80 -32.26 86.86 14.32
C SER S 80 -33.23 85.95 13.58
N PRO S 81 -33.23 84.65 13.90
CA PRO S 81 -34.20 83.75 13.25
C PRO S 81 -35.63 83.95 13.69
N TYR S 82 -35.85 84.70 14.77
CA TYR S 82 -37.20 85.04 15.22
C TYR S 82 -37.67 86.36 14.62
N ALA S 83 -36.87 86.96 13.75
CA ALA S 83 -37.33 88.06 12.93
C ALA S 83 -38.04 87.58 11.67
N LYS S 84 -37.99 86.28 11.40
CA LYS S 84 -38.84 85.67 10.38
C LYS S 84 -40.17 85.21 10.96
N LEU S 85 -40.31 85.21 12.28
CA LEU S 85 -41.60 84.90 12.89
C LEU S 85 -42.51 86.11 12.94
N TYR S 86 -42.01 87.23 13.46
CA TYR S 86 -42.79 88.46 13.52
C TYR S 86 -41.97 89.63 13.01
N ASN S 87 -42.50 90.28 11.97
CA ASN S 87 -42.10 91.59 11.47
C ASN S 87 -43.16 92.14 10.51
N PRO S 88 -44.22 92.78 11.02
CA PRO S 88 -45.15 93.48 10.11
C PRO S 88 -44.63 94.84 9.65
N GLU S 89 -43.35 95.12 9.87
CA GLU S 89 -42.59 96.26 9.36
C GLU S 89 -43.21 97.56 9.85
N ASN S 90 -43.13 97.78 11.15
CA ASN S 90 -43.69 98.98 11.77
C ASN S 90 -42.71 99.59 12.77
N ILE S 91 -41.42 99.29 12.58
CA ILE S 91 -40.37 99.80 13.46
C ILE S 91 -40.20 101.29 13.20
N TYR S 92 -40.37 102.09 14.25
CA TYR S 92 -40.25 103.53 14.13
C TYR S 92 -39.64 104.08 15.42
N LEU S 93 -38.68 104.98 15.26
CA LEU S 93 -37.99 105.58 16.40
C LEU S 93 -38.88 106.53 17.18
N GLY S 101 -35.65 107.65 26.67
CA GLY S 101 -34.27 107.26 26.46
C GLY S 101 -33.57 106.90 27.76
N ASN S 102 -33.24 107.91 28.55
CA ASN S 102 -32.75 107.73 29.90
C ASN S 102 -33.58 108.52 30.90
N ASN S 103 -34.70 109.08 30.46
CA ASN S 103 -35.55 109.89 31.31
C ASN S 103 -37.01 109.69 30.95
N TRP S 104 -37.86 109.95 31.94
CA TRP S 104 -39.30 109.90 31.74
C TRP S 104 -39.77 111.07 30.89
N ALA S 105 -39.22 112.26 31.15
CA ALA S 105 -39.64 113.45 30.41
C ALA S 105 -39.23 113.38 28.95
N SER S 106 -38.03 112.84 28.67
CA SER S 106 -37.56 112.74 27.29
C SER S 106 -38.39 111.75 26.50
N GLY S 107 -38.65 110.58 27.08
CA GLY S 107 -39.47 109.58 26.38
C GLY S 107 -40.91 110.02 26.24
N PHE S 108 -41.43 110.73 27.24
CA PHE S 108 -42.79 111.27 27.16
C PHE S 108 -42.92 112.32 26.06
N SER S 109 -41.96 113.25 25.99
CA SER S 109 -42.02 114.30 24.98
C SER S 109 -41.78 113.75 23.59
N GLN S 110 -40.86 112.79 23.46
CA GLN S 110 -40.62 112.16 22.16
C GLN S 110 -41.83 111.35 21.70
N GLY S 111 -42.53 110.70 22.63
CA GLY S 111 -43.75 110.01 22.26
C GLY S 111 -44.88 110.98 21.94
N GLU S 112 -44.86 112.15 22.57
CA GLU S 112 -45.90 113.15 22.35
C GLU S 112 -45.86 113.69 20.92
N LYS S 113 -44.66 113.98 20.41
CA LYS S 113 -44.56 114.67 19.12
C LYS S 113 -44.87 113.75 17.94
N ILE S 114 -44.84 112.43 18.13
CA ILE S 114 -45.04 111.49 17.03
C ILE S 114 -46.19 110.52 17.28
N HIS S 115 -47.22 110.92 18.05
CA HIS S 115 -48.26 109.98 18.46
C HIS S 115 -49.12 109.53 17.29
N GLU S 116 -49.08 110.27 16.18
CA GLU S 116 -50.04 110.10 15.09
C GLU S 116 -49.79 108.81 14.32
N ASP S 117 -48.57 108.64 13.82
CA ASP S 117 -48.28 107.49 12.96
C ASP S 117 -48.13 106.22 13.78
N ILE S 118 -47.68 106.32 15.03
CA ILE S 118 -47.64 105.13 15.86
C ILE S 118 -49.07 104.74 16.27
N PHE S 119 -49.96 105.72 16.38
CA PHE S 119 -51.37 105.40 16.55
C PHE S 119 -51.95 104.79 15.30
N ASP S 120 -51.44 105.18 14.13
CA ASP S 120 -51.81 104.53 12.88
C ASP S 120 -51.31 103.10 12.83
N ILE S 121 -50.12 102.85 13.40
CA ILE S 121 -49.60 101.49 13.53
C ILE S 121 -50.51 100.65 14.42
N ILE S 122 -50.95 101.23 15.53
CA ILE S 122 -51.92 100.58 16.42
C ILE S 122 -53.24 100.34 15.68
N ASP S 123 -53.64 101.29 14.83
CA ASP S 123 -54.88 101.17 14.08
C ASP S 123 -54.79 100.09 13.02
N ARG S 124 -53.61 99.96 12.42
CA ARG S 124 -53.36 98.92 11.42
C ARG S 124 -53.52 97.53 12.00
N GLU S 125 -52.90 97.28 13.16
CA GLU S 125 -53.04 95.96 13.78
C GLU S 125 -54.41 95.77 14.42
N ALA S 126 -55.05 96.86 14.83
CA ALA S 126 -56.43 96.77 15.33
C ALA S 126 -57.38 96.38 14.21
N ASP S 127 -57.12 96.89 13.01
CA ASP S 127 -57.85 96.42 11.84
C ASP S 127 -57.38 95.04 11.42
N GLY S 128 -56.18 94.62 11.86
CA GLY S 128 -55.64 93.35 11.43
C GLY S 128 -56.40 92.14 11.95
N SER S 129 -56.69 92.13 13.25
CA SER S 129 -57.39 90.99 13.84
C SER S 129 -58.90 91.18 13.75
N ASP S 130 -59.63 90.06 13.72
CA ASP S 130 -61.08 90.13 13.65
C ASP S 130 -61.69 90.55 14.98
N SER S 131 -61.17 90.01 16.09
CA SER S 131 -61.66 90.35 17.41
C SER S 131 -60.50 90.84 18.27
N LEU S 132 -60.83 91.41 19.42
CA LEU S 132 -59.82 91.95 20.31
C LEU S 132 -60.28 91.77 21.74
N GLU S 133 -59.33 91.44 22.62
CA GLU S 133 -59.65 91.27 24.02
C GLU S 133 -58.91 92.30 24.88
N GLY S 134 -57.65 92.57 24.55
CA GLY S 134 -56.87 93.50 25.36
C GLY S 134 -55.56 93.87 24.71
N PHE S 135 -54.90 94.85 25.33
CA PHE S 135 -53.57 95.30 24.92
C PHE S 135 -52.60 95.02 26.06
N VAL S 136 -51.64 94.14 25.81
CA VAL S 136 -50.63 93.77 26.79
C VAL S 136 -49.37 94.55 26.48
N LEU S 137 -48.94 95.37 27.42
CA LEU S 137 -47.79 96.25 27.23
C LEU S 137 -46.56 95.63 27.89
N CYS S 138 -45.56 95.32 27.09
CA CYS S 138 -44.25 94.95 27.60
C CYS S 138 -43.57 96.23 28.05
N HIS S 139 -43.46 96.42 29.35
CA HIS S 139 -43.07 97.70 29.90
C HIS S 139 -42.08 97.49 31.04
N SER S 140 -41.20 98.47 31.19
CA SER S 140 -40.26 98.51 32.31
C SER S 140 -40.43 99.84 33.01
N ILE S 141 -40.63 99.80 34.33
CA ILE S 141 -40.88 101.00 35.12
C ILE S 141 -39.54 101.62 35.47
N ALA S 142 -39.37 102.90 35.08
CA ALA S 142 -38.14 103.67 35.23
C ALA S 142 -36.96 102.96 34.56
N GLY S 143 -37.22 102.37 33.40
CA GLY S 143 -36.17 101.74 32.61
C GLY S 143 -35.49 102.70 31.68
N GLY S 144 -35.92 103.97 31.70
CA GLY S 144 -35.32 104.97 30.83
C GLY S 144 -35.93 104.92 29.44
N THR S 145 -35.59 103.86 28.71
CA THR S 145 -36.11 103.68 27.35
C THR S 145 -37.61 103.44 27.35
N GLY S 146 -38.08 102.56 28.23
CA GLY S 146 -39.51 102.29 28.30
C GLY S 146 -40.28 103.43 28.96
N SER S 147 -39.63 104.14 29.86
CA SER S 147 -40.27 105.15 30.69
C SER S 147 -40.65 106.39 29.88
N GLY S 148 -41.76 107.00 30.27
CA GLY S 148 -42.24 108.21 29.61
C GLY S 148 -43.02 107.93 28.36
N LEU S 149 -42.37 107.30 27.39
CA LEU S 149 -43.06 106.85 26.18
C LEU S 149 -44.13 105.81 26.53
N GLY S 150 -43.83 104.92 27.48
CA GLY S 150 -44.83 103.95 27.91
C GLY S 150 -46.01 104.59 28.61
N SER S 151 -45.75 105.58 29.46
CA SER S 151 -46.83 106.26 30.16
C SER S 151 -47.68 107.08 29.20
N TYR S 152 -47.04 107.74 28.22
CA TYR S 152 -47.77 108.52 27.24
C TYR S 152 -48.61 107.63 26.34
N LEU S 153 -48.05 106.50 25.90
CA LEU S 153 -48.80 105.56 25.09
C LEU S 153 -49.93 104.92 25.89
N LEU S 154 -49.75 104.76 27.20
CA LEU S 154 -50.82 104.28 28.05
C LEU S 154 -51.99 105.25 28.08
N GLU S 155 -51.68 106.55 28.15
CA GLU S 155 -52.71 107.58 28.04
C GLU S 155 -53.39 107.54 26.68
N ARG S 156 -52.62 107.34 25.62
CA ARG S 156 -53.22 107.32 24.29
C ARG S 156 -54.13 106.11 24.10
N LEU S 157 -53.72 104.95 24.61
CA LEU S 157 -54.50 103.73 24.43
C LEU S 157 -55.79 103.77 25.26
N ASN S 158 -55.71 104.21 26.51
CA ASN S 158 -56.92 104.19 27.34
C ASN S 158 -57.89 105.29 26.94
N ASP S 159 -57.37 106.41 26.42
CA ASP S 159 -58.27 107.46 25.95
C ASP S 159 -58.91 107.08 24.63
N ARG S 160 -58.12 106.52 23.71
CA ARG S 160 -58.63 106.29 22.36
C ARG S 160 -59.61 105.13 22.30
N TYR S 161 -59.39 104.10 23.12
CA TYR S 161 -60.25 102.93 23.12
C TYR S 161 -60.73 102.65 24.54
N PRO S 162 -61.94 103.08 24.88
CA PRO S 162 -62.46 102.83 26.23
C PRO S 162 -63.17 101.49 26.39
N LYS S 163 -63.31 100.73 25.29
CA LYS S 163 -64.09 99.50 25.32
C LYS S 163 -63.22 98.26 25.51
N LYS S 164 -61.90 98.39 25.49
CA LYS S 164 -61.01 97.25 25.60
C LYS S 164 -60.25 97.28 26.91
N LEU S 165 -59.43 96.25 27.12
CA LEU S 165 -58.64 96.09 28.32
C LEU S 165 -57.20 96.53 28.07
N VAL S 166 -56.59 97.09 29.10
CA VAL S 166 -55.18 97.48 29.08
C VAL S 166 -54.45 96.70 30.15
N GLN S 167 -53.46 95.92 29.75
CA GLN S 167 -52.60 95.21 30.70
C GLN S 167 -51.16 95.72 30.57
N THR S 168 -50.50 95.85 31.71
CA THR S 168 -49.13 96.34 31.77
C THR S 168 -48.32 95.42 32.67
N TYR S 169 -47.46 94.61 32.06
CA TYR S 169 -46.51 93.81 32.82
C TYR S 169 -45.37 94.73 33.22
N SER S 170 -45.17 94.86 34.53
CA SER S 170 -44.30 95.90 35.05
C SER S 170 -43.33 95.31 36.05
N VAL S 171 -42.15 95.90 36.12
CA VAL S 171 -41.14 95.56 37.10
C VAL S 171 -41.16 96.63 38.18
N PHE S 172 -40.67 96.29 39.37
CA PHE S 172 -40.54 97.30 40.41
C PHE S 172 -39.10 97.78 40.48
N PRO S 173 -38.85 99.08 40.34
CA PRO S 173 -37.49 99.57 40.12
C PRO S 173 -36.63 99.52 41.38
N ASN S 174 -36.11 98.33 41.67
CA ASN S 174 -35.10 98.15 42.71
C ASN S 174 -34.15 97.04 42.28
N GLN S 175 -33.01 97.43 41.71
CA GLN S 175 -32.05 96.47 41.20
C GLN S 175 -30.72 96.53 41.96
N ASP S 176 -30.78 96.91 43.25
CA ASP S 176 -29.63 97.05 44.15
C ASP S 176 -28.64 98.08 43.59
N GLU S 177 -29.18 99.18 43.08
CA GLU S 177 -28.41 100.21 42.39
C GLU S 177 -27.54 101.00 43.36
N ASP S 180 -25.31 106.10 38.08
CA ASP S 180 -26.38 106.10 39.07
C ASP S 180 -27.46 107.11 38.70
N VAL S 181 -28.71 106.69 38.84
CA VAL S 181 -29.86 107.53 38.48
C VAL S 181 -30.62 107.90 39.74
N VAL S 182 -30.70 109.20 40.02
CA VAL S 182 -31.42 109.70 41.19
C VAL S 182 -32.74 110.34 40.81
N VAL S 183 -33.03 110.48 39.52
CA VAL S 183 -34.34 110.93 39.05
C VAL S 183 -35.30 109.76 38.92
N GLN S 184 -34.81 108.55 39.15
CA GLN S 184 -35.61 107.33 39.09
C GLN S 184 -36.84 107.31 40.00
N PRO S 185 -36.82 107.82 41.26
CA PRO S 185 -38.09 107.90 42.00
C PRO S 185 -39.11 108.84 41.38
N TYR S 186 -38.67 109.95 40.79
CA TYR S 186 -39.58 110.86 40.11
C TYR S 186 -40.21 110.20 38.89
N ASN S 187 -39.39 109.49 38.11
CA ASN S 187 -39.88 108.80 36.92
C ASN S 187 -40.85 107.69 37.29
N SER S 188 -40.51 106.90 38.30
CA SER S 188 -41.38 105.82 38.73
C SER S 188 -42.67 106.35 39.34
N LEU S 189 -42.60 107.51 40.01
CA LEU S 189 -43.80 108.11 40.61
C LEU S 189 -44.75 108.61 39.53
N LEU S 190 -44.22 109.29 38.51
CA LEU S 190 -45.06 109.75 37.42
C LEU S 190 -45.64 108.58 36.63
N THR S 191 -44.83 107.55 36.38
CA THR S 191 -45.32 106.38 35.67
C THR S 191 -46.36 105.64 36.49
N LEU S 192 -46.22 105.62 37.81
CA LEU S 192 -47.19 104.95 38.66
C LEU S 192 -48.50 105.71 38.72
N LYS S 193 -48.43 107.05 38.63
CA LYS S 193 -49.64 107.86 38.49
C LYS S 193 -50.40 107.47 37.22
N ARG S 194 -49.67 107.32 36.12
CA ARG S 194 -50.28 106.89 34.87
C ARG S 194 -50.81 105.46 34.99
N LEU S 195 -50.11 104.59 35.72
CA LEU S 195 -50.54 103.21 35.89
C LEU S 195 -51.83 103.12 36.70
N THR S 196 -51.96 103.94 37.74
CA THR S 196 -53.17 103.90 38.55
C THR S 196 -54.36 104.51 37.82
N GLN S 197 -54.11 105.51 36.97
CA GLN S 197 -55.21 106.26 36.39
C GLN S 197 -55.58 105.81 34.98
N ASN S 198 -54.66 105.22 34.23
CA ASN S 198 -54.86 104.94 32.82
C ASN S 198 -54.76 103.46 32.49
N ALA S 199 -54.98 102.58 33.46
CA ALA S 199 -54.89 101.15 33.22
C ALA S 199 -56.03 100.44 33.92
N ASP S 200 -56.48 99.34 33.32
CA ASP S 200 -57.51 98.48 33.90
C ASP S 200 -56.91 97.46 34.87
N CYS S 201 -55.71 96.97 34.59
CA CYS S 201 -55.04 96.00 35.44
C CYS S 201 -53.54 96.15 35.22
N VAL S 202 -52.77 95.94 36.27
CA VAL S 202 -51.32 96.00 36.20
C VAL S 202 -50.76 94.75 36.88
N VAL S 203 -49.85 94.06 36.19
CA VAL S 203 -49.10 92.94 36.75
C VAL S 203 -47.71 93.46 37.12
N VAL S 204 -47.39 93.42 38.40
CA VAL S 204 -46.15 94.00 38.92
C VAL S 204 -45.26 92.89 39.45
N LEU S 205 -43.97 92.98 39.15
CA LEU S 205 -42.97 92.10 39.71
C LEU S 205 -41.86 92.94 40.34
N ASP S 206 -41.07 92.32 41.21
CA ASP S 206 -39.93 92.98 41.83
C ASP S 206 -38.65 92.49 41.18
N ASN S 207 -37.79 93.43 40.79
CA ASN S 207 -36.49 93.06 40.22
C ASN S 207 -35.58 92.45 41.28
N THR S 208 -35.67 92.94 42.51
CA THR S 208 -34.83 92.41 43.58
C THR S 208 -35.25 90.99 43.97
N ALA S 209 -36.55 90.71 43.92
CA ALA S 209 -37.05 89.37 44.26
C ALA S 209 -36.59 88.34 43.24
N LEU S 210 -36.75 88.64 41.95
CA LEU S 210 -36.27 87.74 40.91
C LEU S 210 -34.75 87.65 40.92
N ASN S 211 -34.07 88.74 41.30
CA ASN S 211 -32.62 88.71 41.44
C ASN S 211 -32.18 87.78 42.56
N ARG S 212 -32.88 87.83 43.70
CA ARG S 212 -32.60 86.93 44.81
C ARG S 212 -32.85 85.47 44.43
N ILE S 213 -33.97 85.22 43.74
CA ILE S 213 -34.30 83.86 43.33
C ILE S 213 -33.30 83.33 42.32
N ALA S 214 -32.81 84.19 41.41
CA ALA S 214 -31.85 83.77 40.41
C ALA S 214 -30.49 83.50 41.02
N THR S 215 -30.02 84.38 41.92
CA THR S 215 -28.77 84.15 42.63
C THR S 215 -28.89 83.00 43.63
N ASP S 216 -30.12 82.60 43.98
CA ASP S 216 -30.32 81.40 44.77
C ASP S 216 -30.17 80.14 43.94
N ARG S 217 -31.01 79.99 42.91
CA ARG S 217 -31.12 78.72 42.20
C ARG S 217 -29.87 78.38 41.39
N LEU S 218 -29.19 79.40 40.88
CA LEU S 218 -27.87 79.25 40.30
C LEU S 218 -26.90 80.10 41.10
N HIS S 219 -25.70 80.24 40.57
CA HIS S 219 -24.68 81.08 41.20
C HIS S 219 -24.23 82.10 40.18
N ILE S 220 -25.20 82.70 39.50
CA ILE S 220 -24.96 83.72 38.50
C ILE S 220 -25.01 85.07 39.17
N GLN S 221 -24.12 85.96 38.75
CA GLN S 221 -24.08 87.32 39.27
C GLN S 221 -24.15 88.34 38.14
N ASN S 222 -23.43 88.11 37.04
CA ASN S 222 -23.41 89.03 35.91
C ASN S 222 -24.59 88.91 34.93
N PRO S 223 -24.97 87.72 34.39
CA PRO S 223 -26.07 87.72 33.41
C PRO S 223 -27.45 87.67 34.04
N SER S 224 -27.72 88.54 35.02
CA SER S 224 -28.98 88.48 35.74
C SER S 224 -30.15 88.92 34.86
N PHE S 225 -29.90 89.84 33.93
CA PHE S 225 -30.96 90.38 33.07
C PHE S 225 -31.62 89.29 32.24
N SER S 226 -30.80 88.49 31.54
CA SER S 226 -31.31 87.47 30.62
C SER S 226 -32.07 86.38 31.36
N GLN S 227 -31.63 86.05 32.57
CA GLN S 227 -32.29 85.01 33.34
C GLN S 227 -33.62 85.50 33.90
N ILE S 228 -33.66 86.76 34.34
CA ILE S 228 -34.91 87.41 34.71
C ILE S 228 -35.87 87.42 33.53
N ASN S 229 -35.35 87.63 32.30
CA ASN S 229 -36.17 87.57 31.10
C ASN S 229 -36.80 86.20 30.91
N GLN S 230 -36.04 85.13 31.21
CA GLN S 230 -36.58 83.77 31.16
C GLN S 230 -37.73 83.62 32.14
N LEU S 231 -37.57 84.18 33.34
CA LEU S 231 -38.61 84.07 34.36
C LEU S 231 -39.90 84.78 33.95
N VAL S 232 -39.79 86.02 33.45
CA VAL S 232 -41.01 86.77 33.15
C VAL S 232 -41.70 86.18 31.92
N SER S 233 -40.90 85.67 30.96
CA SER S 233 -41.50 85.04 29.79
C SER S 233 -42.23 83.75 30.16
N THR S 234 -41.66 82.97 31.08
CA THR S 234 -42.35 81.77 31.55
C THR S 234 -43.64 82.12 32.30
N ILE S 235 -43.60 83.19 33.10
CA ILE S 235 -44.79 83.63 33.81
C ILE S 235 -45.86 84.12 32.84
N MET S 236 -45.45 84.84 31.80
CA MET S 236 -46.40 85.39 30.83
C MET S 236 -47.02 84.29 29.98
N SER S 237 -46.25 83.24 29.67
CA SER S 237 -46.84 82.08 28.99
C SER S 237 -47.79 81.34 29.92
N ALA S 238 -47.41 81.22 31.21
CA ALA S 238 -48.21 80.47 32.15
C ALA S 238 -49.53 81.17 32.45
N SER S 239 -49.54 82.50 32.46
CA SER S 239 -50.75 83.25 32.75
C SER S 239 -51.76 83.18 31.61
N THR S 240 -51.29 83.12 30.36
CA THR S 240 -52.18 83.06 29.21
C THR S 240 -52.32 81.67 28.62
N THR S 241 -51.80 80.65 29.30
CA THR S 241 -52.09 79.27 28.91
C THR S 241 -53.58 78.96 28.92
N THR S 242 -54.33 79.51 29.89
CA THR S 242 -55.77 79.25 29.96
C THR S 242 -56.53 79.97 28.86
N LEU S 243 -55.95 81.01 28.27
CA LEU S 243 -56.56 81.63 27.10
C LEU S 243 -56.13 80.92 25.82
N ARG S 244 -54.86 80.53 25.74
CA ARG S 244 -54.34 79.90 24.54
C ARG S 244 -54.84 78.47 24.40
N TYR S 245 -55.20 77.82 25.50
CA TYR S 245 -55.74 76.48 25.45
C TYR S 245 -57.16 76.52 25.99
N PRO S 246 -58.14 76.02 25.24
CA PRO S 246 -59.55 76.24 25.60
C PRO S 246 -59.96 75.48 26.83
N GLY S 247 -60.40 76.22 27.82
CA GLY S 247 -60.91 75.64 29.03
C GLY S 247 -62.39 75.86 29.17
N TYR S 248 -62.77 76.44 30.30
CA TYR S 248 -64.17 76.67 30.63
C TYR S 248 -64.37 78.09 31.09
N MET S 249 -63.32 78.70 31.62
CA MET S 249 -63.32 80.06 32.12
C MET S 249 -61.90 80.60 31.93
N ASN S 250 -61.79 81.92 31.83
CA ASN S 250 -60.56 82.65 31.55
C ASN S 250 -60.00 82.22 30.20
N ASN S 251 -60.91 82.00 29.25
CA ASN S 251 -60.58 82.02 27.83
C ASN S 251 -60.79 83.42 27.26
N ASP S 252 -61.12 84.37 28.14
CA ASP S 252 -61.05 85.79 27.90
C ASP S 252 -60.29 86.39 29.07
N LEU S 253 -59.69 87.55 28.84
CA LEU S 253 -58.83 88.16 29.85
C LEU S 253 -59.65 88.68 31.01
N ILE S 254 -60.83 89.24 30.72
CA ILE S 254 -61.60 90.01 31.69
C ILE S 254 -62.12 89.11 32.82
N GLY S 255 -62.30 87.82 32.55
CA GLY S 255 -62.72 86.92 33.61
C GLY S 255 -61.66 86.67 34.66
N LEU S 256 -60.41 86.50 34.21
CA LEU S 256 -59.30 86.39 35.15
C LEU S 256 -59.04 87.71 35.84
N ILE S 257 -59.23 88.82 35.13
CA ILE S 257 -59.02 90.15 35.68
C ILE S 257 -60.09 90.49 36.72
N ALA S 258 -61.29 89.89 36.59
CA ALA S 258 -62.45 90.31 37.36
C ALA S 258 -62.36 89.98 38.84
N SER S 259 -61.99 88.74 39.16
CA SER S 259 -62.08 88.27 40.54
C SER S 259 -61.02 88.91 41.43
N LEU S 260 -59.83 89.13 40.90
CA LEU S 260 -58.74 89.66 41.73
C LEU S 260 -58.93 91.15 42.02
N ILE S 261 -59.60 91.86 41.14
CA ILE S 261 -59.73 93.32 41.23
C ILE S 261 -61.11 93.66 41.76
N PRO S 262 -61.23 94.15 42.99
CA PRO S 262 -62.57 94.38 43.56
C PRO S 262 -63.11 95.77 43.25
N THR S 263 -62.25 96.67 42.77
CA THR S 263 -62.53 98.09 42.66
C THR S 263 -61.45 98.69 41.76
N PRO S 264 -61.76 99.79 41.05
CA PRO S 264 -60.80 100.31 40.05
C PRO S 264 -59.47 100.82 40.58
N ARG S 265 -59.30 100.95 41.88
CA ARG S 265 -58.03 101.45 42.40
C ARG S 265 -57.08 100.32 42.76
N LEU S 266 -57.60 99.19 43.23
CA LEU S 266 -56.73 98.07 43.58
C LEU S 266 -56.72 97.11 42.40
N HIS S 267 -55.81 97.34 41.46
CA HIS S 267 -55.74 96.51 40.26
C HIS S 267 -54.33 96.00 40.03
N PHE S 268 -53.53 95.94 41.09
CA PHE S 268 -52.13 95.54 41.03
C PHE S 268 -52.01 94.14 41.62
N LEU S 269 -51.39 93.23 40.85
CA LEU S 269 -51.48 91.80 41.14
C LEU S 269 -50.09 91.24 41.42
N MET S 270 -49.98 90.45 42.49
CA MET S 270 -48.74 89.77 42.79
C MET S 270 -48.57 88.55 41.87
N THR S 271 -47.33 88.16 41.66
CA THR S 271 -47.00 87.02 40.81
C THR S 271 -46.52 85.86 41.67
N GLY S 272 -47.13 84.70 41.49
CA GLY S 272 -46.63 83.47 42.06
C GLY S 272 -46.59 82.37 41.04
N TYR S 273 -45.68 81.42 41.26
CA TYR S 273 -45.49 80.24 40.42
C TYR S 273 -44.70 79.23 41.23
N THR S 274 -45.26 78.03 41.40
CA THR S 274 -44.86 77.20 42.54
C THR S 274 -43.55 76.46 42.31
N PRO S 275 -43.27 75.87 41.13
CA PRO S 275 -41.87 75.58 40.84
C PRO S 275 -41.16 76.90 40.61
N LEU S 276 -40.06 77.10 41.29
CA LEU S 276 -39.05 78.03 40.76
C LEU S 276 -38.07 77.27 39.88
N THR S 277 -38.35 75.99 39.64
CA THR S 277 -37.45 75.08 38.94
C THR S 277 -38.10 74.56 37.66
N THR S 278 -37.32 74.54 36.57
CA THR S 278 -37.59 73.67 35.42
C THR S 278 -36.27 73.11 34.91
N ASP S 279 -35.16 73.64 35.43
CA ASP S 279 -33.83 73.26 34.99
C ASP S 279 -33.31 72.09 35.80
N LYS S 287 -45.23 61.56 41.92
CA LYS S 287 -44.10 62.39 42.31
C LYS S 287 -44.59 63.64 43.02
N THR S 288 -45.08 64.60 42.25
CA THR S 288 -45.63 65.83 42.81
C THR S 288 -47.16 65.78 42.73
N THR S 289 -47.80 66.28 43.78
CA THR S 289 -49.25 66.34 43.81
C THR S 289 -49.70 67.80 43.94
N VAL S 290 -51.01 67.98 43.80
CA VAL S 290 -51.61 69.31 43.91
C VAL S 290 -51.52 69.79 45.36
N LEU S 291 -51.62 68.87 46.30
CA LEU S 291 -51.68 69.20 47.72
C LEU S 291 -50.38 69.83 48.19
N ASP S 292 -49.26 69.25 47.77
CA ASP S 292 -47.95 69.76 48.15
C ASP S 292 -47.65 71.08 47.47
N VAL S 293 -48.01 71.22 46.20
CA VAL S 293 -47.70 72.48 45.53
C VAL S 293 -48.64 73.59 45.98
N MET S 294 -49.81 73.26 46.52
CA MET S 294 -50.66 74.29 47.12
C MET S 294 -50.03 74.85 48.37
N ARG S 295 -49.62 73.96 49.28
CA ARG S 295 -48.97 74.43 50.51
C ARG S 295 -47.60 75.03 50.22
N ARG S 296 -46.96 74.62 49.13
CA ARG S 296 -45.70 75.24 48.72
C ARG S 296 -45.92 76.59 48.07
N LEU S 297 -47.10 76.80 47.50
CA LEU S 297 -47.38 78.08 46.87
C LEU S 297 -47.68 79.15 47.91
N LEU S 298 -48.35 78.77 49.00
CA LEU S 298 -48.87 79.78 49.92
C LEU S 298 -47.81 80.47 50.78
N GLN S 299 -46.54 80.07 50.71
CA GLN S 299 -45.55 80.79 51.49
C GLN S 299 -45.12 82.05 50.74
N PRO S 300 -44.69 83.11 51.44
CA PRO S 300 -44.28 84.33 50.73
C PRO S 300 -42.86 84.27 50.18
N LYS S 301 -42.22 83.11 50.22
CA LYS S 301 -40.91 82.93 49.60
C LYS S 301 -40.92 81.99 48.41
N ASN S 302 -42.08 81.41 48.08
CA ASN S 302 -42.33 80.97 46.71
C ASN S 302 -43.09 82.02 45.92
N VAL S 303 -43.31 83.21 46.48
CA VAL S 303 -43.83 84.34 45.73
C VAL S 303 -42.66 85.07 45.09
N MET S 304 -42.80 85.40 43.81
CA MET S 304 -41.74 86.06 43.05
C MET S 304 -41.82 87.57 43.19
N VAL S 305 -42.61 88.07 44.13
CA VAL S 305 -42.60 89.46 44.57
C VAL S 305 -42.29 89.48 46.06
N SER S 306 -41.10 89.94 46.40
CA SER S 306 -40.64 89.92 47.79
C SER S 306 -40.42 91.32 48.32
N THR S 313 -47.93 95.14 61.53
CA THR S 313 -49.22 95.49 60.96
C THR S 313 -49.91 94.28 60.34
N ASN S 314 -51.17 94.47 59.93
CA ASN S 314 -51.93 93.41 59.30
C ASN S 314 -51.88 93.55 57.78
N HIS S 315 -51.34 92.53 57.13
CA HIS S 315 -51.32 92.47 55.67
C HIS S 315 -52.13 91.27 55.20
N CYS S 316 -53.09 91.53 54.33
CA CYS S 316 -54.10 90.55 54.00
C CYS S 316 -54.40 90.65 52.51
N TYR S 317 -54.48 89.49 51.87
CA TYR S 317 -54.83 89.47 50.45
C TYR S 317 -56.28 89.89 50.25
N ILE S 318 -56.53 90.56 49.14
CA ILE S 318 -57.90 90.80 48.71
C ILE S 318 -58.49 89.56 48.07
N ALA S 319 -57.81 89.02 47.05
CA ALA S 319 -58.26 87.81 46.37
C ALA S 319 -57.06 87.15 45.71
N ILE S 320 -57.05 85.83 45.75
CA ILE S 320 -56.01 85.04 45.11
C ILE S 320 -56.69 84.19 44.04
N LEU S 321 -55.98 83.94 42.94
CA LEU S 321 -56.44 82.97 41.98
C LEU S 321 -55.24 82.14 41.53
N ASN S 322 -55.39 80.83 41.60
CA ASN S 322 -54.32 79.94 41.18
C ASN S 322 -54.81 79.11 40.00
N ILE S 323 -53.89 78.89 39.06
CA ILE S 323 -54.14 78.07 37.89
C ILE S 323 -53.10 76.97 37.86
N ILE S 324 -53.56 75.72 37.72
CA ILE S 324 -52.67 74.57 37.75
C ILE S 324 -52.73 73.88 36.38
N GLN S 325 -51.62 73.27 36.00
CA GLN S 325 -51.50 72.57 34.72
C GLN S 325 -50.71 71.28 34.95
N GLY S 326 -51.32 70.15 34.65
CA GLY S 326 -50.62 68.89 34.76
C GLY S 326 -51.53 67.69 34.75
N GLU S 327 -51.00 66.59 35.30
CA GLU S 327 -51.71 65.31 35.35
C GLU S 327 -52.55 65.23 36.62
N VAL S 328 -53.52 66.12 36.73
CA VAL S 328 -54.19 66.39 37.99
C VAL S 328 -55.33 65.40 38.19
N ASP S 329 -55.24 64.62 39.25
CA ASP S 329 -56.41 63.91 39.74
C ASP S 329 -57.42 64.91 40.28
N PRO S 330 -58.69 64.81 39.89
CA PRO S 330 -59.66 65.85 40.28
C PRO S 330 -60.05 65.81 41.75
N THR S 331 -59.77 64.72 42.46
CA THR S 331 -60.00 64.67 43.90
C THR S 331 -58.91 65.41 44.66
N GLN S 332 -57.75 65.60 44.03
CA GLN S 332 -56.61 66.21 44.72
C GLN S 332 -56.82 67.67 45.01
N VAL S 333 -57.40 68.42 44.07
CA VAL S 333 -57.67 69.84 44.28
C VAL S 333 -58.72 70.03 45.37
N HIS S 334 -59.60 69.04 45.51
CA HIS S 334 -60.73 69.08 46.42
C HIS S 334 -60.25 68.98 47.87
N LYS S 335 -59.46 67.95 48.16
CA LYS S 335 -58.96 67.76 49.52
C LYS S 335 -57.79 68.71 49.82
N SER S 336 -57.05 69.15 48.78
CA SER S 336 -56.06 70.20 48.99
C SER S 336 -56.72 71.49 49.45
N LEU S 337 -57.85 71.85 48.85
CA LEU S 337 -58.55 73.07 49.27
C LEU S 337 -59.17 72.89 50.65
N GLN S 338 -59.58 71.67 50.99
CA GLN S 338 -59.91 71.32 52.37
C GLN S 338 -58.77 71.65 53.33
N ARG S 339 -57.55 71.17 53.02
CA ARG S 339 -56.40 71.39 53.90
C ARG S 339 -56.05 72.87 53.99
N ILE S 340 -56.15 73.59 52.88
CA ILE S 340 -55.86 75.02 52.86
C ILE S 340 -56.86 75.78 53.73
N ARG S 341 -58.12 75.31 53.78
CA ARG S 341 -59.08 75.98 54.66
C ARG S 341 -58.74 75.77 56.13
N GLU S 342 -58.61 74.51 56.57
CA GLU S 342 -58.50 74.30 58.01
C GLU S 342 -57.09 74.56 58.52
N ARG S 343 -56.12 74.71 57.62
CA ARG S 343 -54.81 75.19 58.07
C ARG S 343 -54.75 76.71 58.16
N LYS S 344 -55.49 77.41 57.30
CA LYS S 344 -55.49 78.88 57.20
C LYS S 344 -54.10 79.42 56.88
N LEU S 345 -53.52 78.95 55.76
CA LEU S 345 -52.19 79.40 55.36
C LEU S 345 -52.20 80.51 54.33
N ALA S 346 -53.35 81.15 54.12
CA ALA S 346 -53.54 82.23 53.16
C ALA S 346 -54.13 83.40 53.91
N ASN S 347 -53.83 84.62 53.47
CA ASN S 347 -54.36 85.79 54.16
C ASN S 347 -55.68 86.19 53.54
N PHE S 348 -56.65 86.42 54.41
CA PHE S 348 -58.08 86.47 54.16
C PHE S 348 -58.47 87.85 53.69
N ILE S 349 -59.74 88.01 53.33
CA ILE S 349 -60.29 89.34 53.09
C ILE S 349 -61.33 89.63 54.16
N PRO S 350 -61.22 90.75 54.89
CA PRO S 350 -62.25 91.09 55.88
C PRO S 350 -63.64 91.33 55.28
N TRP S 351 -63.74 92.32 54.40
CA TRP S 351 -65.02 92.78 53.89
C TRP S 351 -65.55 91.90 52.77
N GLY S 352 -65.82 90.63 53.04
CA GLY S 352 -66.42 89.79 52.04
C GLY S 352 -65.79 88.42 51.94
N PRO S 353 -66.31 87.60 51.04
CA PRO S 353 -65.53 86.45 50.56
C PRO S 353 -64.89 86.71 49.20
N ALA S 354 -63.57 86.54 49.14
CA ALA S 354 -62.83 86.55 47.89
C ALA S 354 -61.53 85.79 48.10
N SER S 355 -61.50 84.52 47.69
CA SER S 355 -60.48 83.62 48.19
C SER S 355 -59.72 83.00 47.03
N ILE S 356 -58.73 82.15 47.36
CA ILE S 356 -57.95 81.45 46.35
C ILE S 356 -58.84 80.47 45.60
N GLN S 357 -58.83 80.59 44.28
CA GLN S 357 -59.72 79.82 43.43
C GLN S 357 -58.87 78.82 42.64
N VAL S 358 -59.33 77.59 42.60
CA VAL S 358 -58.62 76.52 41.91
C VAL S 358 -59.04 76.51 40.46
N ALA S 359 -58.08 76.68 39.56
CA ALA S 359 -58.32 76.57 38.14
C ALA S 359 -57.39 75.52 37.58
N LEU S 360 -57.90 74.75 36.63
CA LEU S 360 -57.17 73.64 36.03
C LEU S 360 -56.98 73.94 34.55
N SER S 361 -55.76 73.75 34.08
CA SER S 361 -55.45 73.99 32.67
C SER S 361 -54.67 72.80 32.11
N ARG S 362 -54.58 72.78 30.79
CA ARG S 362 -53.99 71.68 30.05
C ARG S 362 -52.48 71.80 30.07
N LYS S 363 -51.80 70.66 30.16
CA LYS S 363 -50.35 70.65 30.02
C LYS S 363 -49.99 70.88 28.57
N SER S 364 -49.05 71.81 28.33
CA SER S 364 -48.73 72.23 26.98
C SER S 364 -47.90 71.19 26.25
N PRO S 365 -48.03 71.04 24.93
CA PRO S 365 -47.13 70.17 24.17
C PRO S 365 -45.75 70.80 24.05
N TYR S 366 -44.73 69.95 24.14
CA TYR S 366 -43.32 70.27 23.96
C TYR S 366 -42.83 71.22 25.04
N LEU S 367 -43.26 70.97 26.28
CA LEU S 367 -42.69 71.62 27.44
C LEU S 367 -41.85 70.59 28.19
N PRO S 368 -40.76 71.00 28.83
CA PRO S 368 -39.87 70.03 29.50
C PRO S 368 -40.53 69.37 30.71
N SER S 369 -40.30 68.06 30.84
CA SER S 369 -41.03 67.22 31.78
C SER S 369 -40.38 67.25 33.16
N ALA S 370 -40.35 68.43 33.77
CA ALA S 370 -40.00 68.57 35.17
C ALA S 370 -41.14 69.31 35.85
N HIS S 371 -41.45 68.93 37.10
CA HIS S 371 -42.61 69.40 37.85
C HIS S 371 -43.90 69.19 37.06
N ARG S 372 -44.25 67.92 36.85
CA ARG S 372 -45.39 67.51 36.02
C ARG S 372 -46.70 68.14 36.49
N VAL S 373 -46.88 68.32 37.79
CA VAL S 373 -47.98 69.10 38.33
C VAL S 373 -47.44 70.46 38.74
N SER S 374 -47.80 71.49 37.98
CA SER S 374 -47.21 72.81 38.17
C SER S 374 -48.31 73.85 38.17
N GLY S 375 -48.28 74.74 39.16
CA GLY S 375 -49.28 75.78 39.30
C GLY S 375 -48.64 77.14 39.47
N LEU S 376 -49.42 78.15 39.15
CA LEU S 376 -49.04 79.54 39.31
C LEU S 376 -50.20 80.27 39.96
N MET S 377 -49.91 81.40 40.59
CA MET S 377 -50.98 82.19 41.19
C MET S 377 -50.83 83.66 40.84
N MET S 378 -51.97 84.33 40.73
CA MET S 378 -52.06 85.79 40.67
C MET S 378 -52.94 86.23 41.81
N ALA S 379 -52.49 87.22 42.57
CA ALA S 379 -53.16 87.59 43.81
C ALA S 379 -53.10 89.10 44.01
N ASN S 380 -54.18 89.63 44.59
CA ASN S 380 -54.24 91.03 44.99
C ASN S 380 -53.93 91.11 46.48
N HIS S 381 -52.76 91.64 46.81
CA HIS S 381 -52.30 91.73 48.19
C HIS S 381 -52.09 93.18 48.58
N THR S 382 -52.37 93.50 49.84
CA THR S 382 -52.06 94.81 50.39
C THR S 382 -50.58 94.99 50.74
N SER S 383 -49.77 93.95 50.60
CA SER S 383 -48.36 94.07 50.96
C SER S 383 -47.57 94.89 49.94
N ILE S 384 -48.11 95.06 48.74
CA ILE S 384 -47.46 95.90 47.73
C ILE S 384 -47.54 97.38 48.10
N SER S 385 -48.46 97.74 49.00
CA SER S 385 -48.51 99.11 49.53
C SER S 385 -47.23 99.46 50.26
N SER S 386 -46.58 98.48 50.90
CA SER S 386 -45.30 98.71 51.56
C SER S 386 -44.23 99.08 50.56
N LEU S 387 -44.18 98.39 49.43
CA LEU S 387 -43.19 98.70 48.40
C LEU S 387 -43.47 100.06 47.78
N PHE S 388 -44.75 100.38 47.59
CA PHE S 388 -45.14 101.69 47.08
C PHE S 388 -44.72 102.81 48.03
N GLU S 389 -44.97 102.65 49.33
CA GLU S 389 -44.61 103.71 50.26
C GLU S 389 -43.11 103.78 50.49
N ARG S 390 -42.39 102.67 50.28
CA ARG S 390 -40.92 102.74 50.29
C ARG S 390 -40.40 103.62 49.17
N THR S 391 -40.92 103.41 47.95
CA THR S 391 -40.50 104.25 46.83
C THR S 391 -41.01 105.68 46.99
N CYS S 392 -42.18 105.84 47.61
CA CYS S 392 -42.66 107.17 47.97
C CYS S 392 -41.76 107.83 48.99
N ARG S 393 -41.20 107.06 49.92
CA ARG S 393 -40.29 107.62 50.91
C ARG S 393 -38.98 108.03 50.28
N GLN S 394 -38.51 107.25 49.31
CA GLN S 394 -37.32 107.64 48.54
C GLN S 394 -37.57 108.92 47.76
N TYR S 395 -38.73 109.02 47.11
CA TYR S 395 -39.11 110.24 46.41
C TYR S 395 -39.23 111.42 47.37
N ASP S 396 -39.81 111.19 48.54
CA ASP S 396 -39.98 112.24 49.53
C ASP S 396 -38.65 112.73 50.06
N LYS S 397 -37.69 111.81 50.22
CA LYS S 397 -36.36 112.20 50.65
C LYS S 397 -35.67 113.07 49.60
N LEU S 398 -35.63 112.59 48.36
CA LEU S 398 -34.97 113.35 47.30
C LEU S 398 -35.71 114.64 46.98
N ARG S 399 -37.03 114.65 47.22
CA ARG S 399 -37.82 115.84 46.96
C ARG S 399 -37.65 116.87 48.07
N LYS S 400 -37.47 116.43 49.30
CA LYS S 400 -37.22 117.34 50.40
C LYS S 400 -35.84 117.93 50.31
N ARG S 401 -34.86 117.13 49.86
CA ARG S 401 -33.50 117.62 49.76
C ARG S 401 -33.34 118.64 48.64
N GLU S 402 -34.11 118.49 47.55
CA GLU S 402 -34.08 119.33 46.34
C GLU S 402 -32.67 119.44 45.75
N ALA S 403 -32.05 118.28 45.53
CA ALA S 403 -30.75 118.23 44.88
C ALA S 403 -30.66 117.10 43.88
N PHE S 404 -31.79 116.47 43.57
CA PHE S 404 -31.79 115.23 42.81
C PHE S 404 -32.79 115.26 41.66
N LEU S 405 -33.26 116.45 41.27
CA LEU S 405 -33.95 116.61 40.00
C LEU S 405 -32.94 116.71 38.85
N GLU S 406 -31.70 117.10 39.18
CA GLU S 406 -30.52 117.19 38.30
C GLU S 406 -30.65 118.29 37.24
N GLN S 407 -31.75 119.06 37.29
CA GLN S 407 -32.16 120.02 36.26
C GLN S 407 -32.09 119.38 34.87
N PHE S 408 -32.92 118.37 34.65
CA PHE S 408 -33.09 117.85 33.31
C PHE S 408 -33.91 118.84 32.51
N ARG S 409 -33.45 119.12 31.29
CA ARG S 409 -34.04 120.19 30.50
C ARG S 409 -35.43 119.82 30.02
N LYS S 410 -35.64 118.54 29.70
CA LYS S 410 -36.98 118.09 29.31
C LYS S 410 -37.92 118.09 30.52
N GLU S 411 -37.38 117.84 31.72
CA GLU S 411 -38.19 117.90 32.93
C GLU S 411 -38.61 119.32 33.24
N ASP S 412 -37.72 120.28 32.99
CA ASP S 412 -38.07 121.68 33.20
C ASP S 412 -39.04 122.19 32.14
N MET S 413 -38.78 121.86 30.88
CA MET S 413 -39.62 122.37 29.80
C MET S 413 -41.00 121.70 29.78
N PHE S 414 -41.06 120.45 30.23
CA PHE S 414 -42.33 119.74 30.32
C PHE S 414 -43.21 120.34 31.41
N LYS S 415 -42.63 120.64 32.57
CA LYS S 415 -43.37 121.25 33.65
C LYS S 415 -42.41 122.16 34.40
N ASP S 416 -42.55 123.48 34.20
CA ASP S 416 -41.66 124.42 34.88
C ASP S 416 -42.00 124.53 36.35
N ASN S 417 -43.24 124.22 36.72
CA ASN S 417 -43.70 124.29 38.10
C ASN S 417 -43.60 122.96 38.83
N PHE S 418 -43.46 121.85 38.08
CA PHE S 418 -43.33 120.49 38.60
C PHE S 418 -44.51 120.10 39.49
N ASP S 419 -45.70 120.55 39.09
CA ASP S 419 -46.92 120.23 39.83
C ASP S 419 -47.43 118.84 39.52
N GLU S 420 -46.95 118.23 38.44
CA GLU S 420 -47.33 116.85 38.14
C GLU S 420 -46.75 115.89 39.16
N MET S 421 -45.58 116.22 39.73
CA MET S 421 -45.02 115.43 40.81
C MET S 421 -45.90 115.51 42.06
N ASP S 422 -46.45 116.69 42.33
CA ASP S 422 -47.37 116.85 43.45
C ASP S 422 -48.68 116.12 43.21
N THR S 423 -49.19 116.17 41.98
CA THR S 423 -50.42 115.46 41.65
C THR S 423 -50.25 113.95 41.74
N SER S 424 -49.12 113.46 41.24
CA SER S 424 -48.80 112.04 41.34
C SER S 424 -48.60 111.61 42.78
N ARG S 425 -48.00 112.47 43.60
CA ARG S 425 -47.86 112.19 45.02
C ARG S 425 -49.21 112.12 45.72
N GLU S 426 -50.12 113.01 45.34
CA GLU S 426 -51.48 112.98 45.89
C GLU S 426 -52.22 111.72 45.47
N ILE S 427 -52.08 111.32 44.21
CA ILE S 427 -52.75 110.13 43.70
C ILE S 427 -52.21 108.87 44.37
N VAL S 428 -50.89 108.78 44.53
CA VAL S 428 -50.32 107.61 45.17
C VAL S 428 -50.60 107.62 46.67
N GLN S 429 -50.81 108.80 47.26
CA GLN S 429 -51.20 108.86 48.65
C GLN S 429 -52.63 108.38 48.84
N GLN S 430 -53.53 108.78 47.93
CA GLN S 430 -54.89 108.26 47.92
C GLN S 430 -54.91 106.75 47.70
N LEU S 431 -53.98 106.27 46.88
CA LEU S 431 -53.86 104.84 46.62
C LEU S 431 -53.44 104.08 47.88
N ILE S 432 -52.45 104.62 48.61
CA ILE S 432 -52.00 104.01 49.87
C ILE S 432 -53.14 104.04 50.90
N ASP S 433 -53.91 105.13 50.94
CA ASP S 433 -55.02 105.23 51.88
C ASP S 433 -56.13 104.25 51.53
N GLU S 434 -56.40 104.07 50.25
CA GLU S 434 -57.42 103.10 49.84
C GLU S 434 -56.95 101.67 50.08
N TYR S 435 -55.65 101.42 49.96
CA TYR S 435 -55.08 100.12 50.33
C TYR S 435 -55.28 99.84 51.81
N HIS S 436 -54.96 100.81 52.65
CA HIS S 436 -55.13 100.65 54.09
C HIS S 436 -56.60 100.59 54.48
N ALA S 437 -57.46 101.24 53.70
CA ALA S 437 -58.89 101.18 53.99
C ALA S 437 -59.47 99.83 53.60
N ALA S 438 -58.96 99.22 52.51
CA ALA S 438 -59.36 97.87 52.14
C ALA S 438 -58.83 96.85 53.13
N THR S 439 -57.73 97.18 53.81
CA THR S 439 -57.23 96.33 54.88
C THR S 439 -58.22 96.26 56.05
N ARG S 440 -58.99 97.32 56.26
CA ARG S 440 -59.90 97.40 57.40
C ARG S 440 -61.08 96.47 57.22
N PRO S 441 -61.74 96.09 58.31
CA PRO S 441 -63.01 95.35 58.18
C PRO S 441 -64.14 96.18 57.61
N ASP S 442 -64.01 97.50 57.66
CA ASP S 442 -64.95 98.39 56.99
C ASP S 442 -64.28 98.92 55.74
N TYR S 443 -64.93 98.74 54.61
CA TYR S 443 -64.51 99.44 53.40
C TYR S 443 -65.69 100.25 52.91
N ILE S 444 -66.51 100.68 53.88
CA ILE S 444 -67.41 101.82 53.73
C ILE S 444 -66.72 103.06 54.29
N SER S 445 -65.39 102.99 54.43
CA SER S 445 -64.54 104.11 54.74
C SER S 445 -63.44 104.17 53.69
N TRP S 446 -63.37 105.29 52.98
CA TRP S 446 -62.64 105.35 51.73
C TRP S 446 -61.45 106.30 51.84
N GLY S 447 -60.73 106.45 50.73
CA GLY S 447 -59.55 107.31 50.70
C GLY S 447 -59.22 107.76 49.29
N ARG T 3 -64.27 85.67 -27.76
CA ARG T 3 -63.76 84.87 -28.87
C ARG T 3 -62.23 84.88 -28.88
N GLU T 4 -61.66 85.63 -29.82
CA GLU T 4 -60.21 85.71 -29.94
C GLU T 4 -59.73 87.08 -29.52
N ILE T 5 -58.61 87.11 -28.81
CA ILE T 5 -58.06 88.34 -28.25
C ILE T 5 -56.73 88.63 -28.92
N ILE T 6 -56.56 89.87 -29.39
CA ILE T 6 -55.31 90.33 -29.95
C ILE T 6 -54.66 91.28 -28.96
N THR T 7 -53.48 90.91 -28.48
CA THR T 7 -52.83 91.61 -27.38
C THR T 7 -51.79 92.56 -27.92
N LEU T 8 -51.82 93.79 -27.44
CA LEU T 8 -50.94 94.85 -27.92
C LEU T 8 -49.98 95.22 -26.81
N GLN T 9 -48.70 95.33 -27.15
CA GLN T 9 -47.68 95.67 -26.16
C GLN T 9 -46.80 96.76 -26.72
N LEU T 10 -46.47 97.73 -25.87
CA LEU T 10 -45.76 98.93 -26.30
C LEU T 10 -45.09 99.55 -25.09
N GLY T 11 -43.98 100.24 -25.35
CA GLY T 11 -43.15 100.76 -24.28
C GLY T 11 -42.27 99.68 -23.67
N GLN T 12 -41.25 100.10 -22.92
CA GLN T 12 -40.34 99.13 -22.33
C GLN T 12 -41.02 98.36 -21.21
N CYS T 13 -41.80 99.05 -20.37
CA CYS T 13 -42.53 98.39 -19.30
C CYS T 13 -43.65 97.52 -19.86
N GLY T 14 -44.34 98.00 -20.90
CA GLY T 14 -45.40 97.22 -21.52
C GLY T 14 -44.87 95.99 -22.25
N ASN T 15 -43.73 96.13 -22.93
CA ASN T 15 -43.13 94.96 -23.55
C ASN T 15 -42.56 94.01 -22.52
N GLN T 16 -42.14 94.53 -21.37
CA GLN T 16 -41.69 93.68 -20.27
C GLN T 16 -42.82 92.82 -19.73
N ILE T 17 -43.97 93.44 -19.41
CA ILE T 17 -45.09 92.67 -18.88
C ILE T 17 -45.72 91.77 -19.95
N GLY T 18 -45.67 92.18 -21.23
CA GLY T 18 -46.13 91.28 -22.27
C GLY T 18 -45.20 90.10 -22.47
N PHE T 19 -43.89 90.32 -22.33
CA PHE T 19 -42.91 89.25 -22.42
C PHE T 19 -43.11 88.23 -21.33
N GLU T 20 -43.29 88.69 -20.09
CA GLU T 20 -43.50 87.75 -18.99
C GLU T 20 -44.85 87.06 -19.09
N PHE T 21 -45.86 87.76 -19.60
CA PHE T 21 -47.17 87.14 -19.77
C PHE T 21 -47.14 86.07 -20.86
N TRP T 22 -46.43 86.34 -21.96
CA TRP T 22 -46.33 85.35 -23.02
C TRP T 22 -45.50 84.16 -22.57
N LYS T 23 -44.44 84.40 -21.79
CA LYS T 23 -43.67 83.30 -21.23
C LYS T 23 -44.50 82.48 -20.25
N GLN T 24 -45.36 83.15 -19.49
CA GLN T 24 -46.24 82.47 -18.54
C GLN T 24 -47.26 81.59 -19.26
N LEU T 25 -47.86 82.11 -20.33
CA LEU T 25 -48.80 81.30 -21.09
C LEU T 25 -48.10 80.23 -21.92
N CYS T 26 -46.83 80.42 -22.25
CA CYS T 26 -46.06 79.38 -22.92
C CYS T 26 -45.79 78.22 -21.98
N ALA T 27 -45.40 78.53 -20.74
CA ALA T 27 -45.20 77.49 -19.74
C ALA T 27 -46.53 76.86 -19.33
N GLU T 28 -47.62 77.62 -19.38
CA GLU T 28 -48.90 77.11 -18.92
C GLU T 28 -49.48 76.12 -19.91
N HIS T 29 -49.61 76.52 -21.16
CA HIS T 29 -50.16 75.63 -22.17
C HIS T 29 -49.06 74.68 -22.67
N GLY T 30 -49.49 73.66 -23.40
CA GLY T 30 -48.56 72.64 -23.85
C GLY T 30 -47.80 73.02 -25.10
N ILE T 31 -46.89 73.98 -24.97
CA ILE T 31 -46.07 74.44 -26.08
C ILE T 31 -44.64 74.65 -25.61
N SER T 32 -43.70 74.48 -26.53
CA SER T 32 -42.31 74.81 -26.34
C SER T 32 -42.10 76.31 -26.52
N PRO T 33 -40.93 76.86 -26.18
CA PRO T 33 -40.63 78.25 -26.57
C PRO T 33 -40.52 78.45 -28.07
N GLU T 34 -40.33 77.39 -28.85
CA GLU T 34 -40.51 77.46 -30.28
C GLU T 34 -41.98 77.39 -30.66
N GLY T 35 -42.80 76.75 -29.85
CA GLY T 35 -44.19 76.48 -30.17
C GLY T 35 -44.49 75.03 -30.47
N ILE T 36 -43.65 74.11 -30.02
CA ILE T 36 -43.80 72.70 -30.37
C ILE T 36 -44.83 72.06 -29.45
N VAL T 37 -45.76 71.32 -30.06
CA VAL T 37 -46.94 70.80 -29.37
C VAL T 37 -46.53 69.74 -28.35
N GLU T 38 -47.21 69.72 -27.22
CA GLU T 38 -46.98 68.70 -26.21
C GLU T 38 -48.09 67.66 -26.25
N GLU T 39 -47.89 66.60 -25.48
CA GLU T 39 -48.82 65.48 -25.53
C GLU T 39 -49.94 65.59 -24.51
N PHE T 40 -49.92 66.61 -23.65
CA PHE T 40 -50.99 66.79 -22.68
C PHE T 40 -51.94 67.90 -23.10
N ALA T 41 -51.75 68.47 -24.28
CA ALA T 41 -52.57 69.57 -24.75
C ALA T 41 -52.65 69.55 -26.27
N THR T 45 -60.70 69.83 -21.59
CA THR T 45 -61.52 71.01 -21.91
C THR T 45 -60.66 72.27 -21.84
N ASP T 46 -60.16 72.69 -23.00
CA ASP T 46 -59.25 73.81 -23.11
C ASP T 46 -59.63 74.67 -24.31
N ARG T 47 -58.81 75.70 -24.57
CA ARG T 47 -58.79 76.39 -25.86
C ARG T 47 -57.42 77.02 -26.06
N LYS T 48 -56.90 76.91 -27.29
CA LYS T 48 -55.62 77.50 -27.64
C LYS T 48 -55.80 78.44 -28.83
N ASP T 49 -56.89 79.22 -28.81
CA ASP T 49 -57.19 80.11 -29.92
C ASP T 49 -57.66 81.47 -29.40
N VAL T 50 -57.34 81.77 -28.14
CA VAL T 50 -57.79 83.01 -27.54
C VAL T 50 -56.73 84.09 -27.69
N PHE T 51 -55.50 83.78 -27.29
CA PHE T 51 -54.36 84.65 -27.54
C PHE T 51 -53.48 84.12 -28.66
N PHE T 52 -53.68 82.86 -29.04
CA PHE T 52 -52.80 82.15 -29.94
C PHE T 52 -53.51 82.01 -31.28
N TYR T 53 -52.80 82.33 -32.35
CA TYR T 53 -53.22 81.82 -33.64
C TYR T 53 -52.63 80.42 -33.83
N GLN T 54 -53.42 79.50 -34.36
CA GLN T 54 -52.89 78.25 -34.88
C GLN T 54 -52.08 78.66 -36.11
N ALA T 55 -50.79 78.88 -35.91
CA ALA T 55 -50.00 79.49 -36.96
C ALA T 55 -49.27 78.43 -37.75
N ASP T 56 -48.59 78.89 -38.80
CA ASP T 56 -48.47 78.09 -40.01
C ASP T 56 -47.14 77.34 -40.10
N ASP T 57 -46.45 77.18 -38.96
CA ASP T 57 -45.33 76.26 -38.87
C ASP T 57 -45.46 75.36 -37.64
N GLU T 58 -46.71 75.05 -37.26
CA GLU T 58 -47.08 74.20 -36.12
C GLU T 58 -46.58 74.79 -34.81
N HIS T 59 -46.45 76.11 -34.79
CA HIS T 59 -46.24 76.87 -33.56
C HIS T 59 -47.49 77.71 -33.33
N TYR T 60 -48.05 77.62 -32.13
CA TYR T 60 -49.20 78.45 -31.78
C TYR T 60 -48.68 79.86 -31.49
N ILE T 61 -48.46 80.62 -32.55
CA ILE T 61 -47.82 81.93 -32.45
C ILE T 61 -48.87 82.92 -31.96
N PRO T 62 -48.63 83.61 -30.85
CA PRO T 62 -49.58 84.61 -30.37
C PRO T 62 -49.65 85.82 -31.30
N ARG T 63 -50.84 86.38 -31.40
CA ARG T 63 -51.04 87.63 -32.13
C ARG T 63 -50.63 88.78 -31.24
N ALA T 64 -49.38 89.21 -31.35
CA ALA T 64 -48.83 90.27 -30.53
C ALA T 64 -48.23 91.35 -31.42
N VAL T 65 -48.56 92.60 -31.13
CA VAL T 65 -47.99 93.76 -31.81
C VAL T 65 -46.77 94.21 -31.03
N LEU T 66 -45.60 94.11 -31.64
CA LEU T 66 -44.35 94.46 -30.99
C LEU T 66 -43.99 95.88 -31.36
N LEU T 67 -44.01 96.77 -30.38
CA LEU T 67 -43.69 98.17 -30.59
C LEU T 67 -42.51 98.53 -29.71
N ASP T 68 -41.57 99.28 -30.27
CA ASP T 68 -40.38 99.66 -29.54
C ASP T 68 -40.19 101.17 -29.64
N LEU T 69 -39.76 101.75 -28.53
CA LEU T 69 -39.45 103.17 -28.45
C LEU T 69 -38.29 103.33 -27.47
N GLU T 70 -37.12 103.67 -28.00
CA GLU T 70 -35.83 103.63 -27.32
C GLU T 70 -35.62 102.25 -26.72
N PRO T 71 -35.38 101.22 -27.53
CA PRO T 71 -35.39 99.84 -27.01
C PRO T 71 -34.08 99.50 -26.28
N ARG T 72 -34.23 99.01 -25.06
CA ARG T 72 -33.09 98.48 -24.32
C ARG T 72 -33.41 97.04 -23.92
N VAL T 73 -34.53 96.85 -23.22
CA VAL T 73 -34.95 95.51 -22.81
C VAL T 73 -35.60 94.76 -23.96
N ILE T 74 -36.07 95.49 -24.98
CA ILE T 74 -36.67 94.86 -26.15
C ILE T 74 -35.60 94.16 -26.98
N HIS T 75 -34.37 94.67 -26.94
CA HIS T 75 -33.24 93.95 -27.52
C HIS T 75 -33.00 92.62 -26.82
N SER T 76 -33.17 92.60 -25.49
CA SER T 76 -33.05 91.33 -24.76
C SER T 76 -34.21 90.40 -25.08
N ILE T 77 -35.39 90.96 -25.36
CA ILE T 77 -36.52 90.17 -25.83
C ILE T 77 -36.21 89.57 -27.20
N LEU T 78 -35.40 90.28 -28.00
CA LEU T 78 -35.07 89.80 -29.34
C LEU T 78 -34.20 88.54 -29.30
N ASN T 79 -33.06 88.58 -28.62
CA ASN T 79 -32.24 87.38 -28.53
C ASN T 79 -32.73 86.51 -27.38
N SER T 80 -33.78 85.75 -27.62
CA SER T 80 -34.45 85.01 -26.56
C SER T 80 -35.13 83.79 -27.16
N PRO T 81 -35.30 82.71 -26.39
CA PRO T 81 -36.01 81.55 -26.91
C PRO T 81 -37.50 81.77 -27.08
N TYR T 82 -38.06 82.83 -26.51
CA TYR T 82 -39.46 83.18 -26.70
C TYR T 82 -39.64 84.13 -27.88
N ALA T 83 -38.57 84.44 -28.60
CA ALA T 83 -38.67 85.10 -29.89
C ALA T 83 -38.93 84.12 -31.02
N LYS T 84 -38.85 82.82 -30.74
CA LYS T 84 -39.32 81.80 -31.66
C LYS T 84 -40.78 81.45 -31.43
N LEU T 85 -41.37 81.93 -30.33
CA LEU T 85 -42.80 81.75 -30.09
C LEU T 85 -43.61 82.80 -30.83
N TYR T 86 -43.29 84.07 -30.65
CA TYR T 86 -44.00 85.15 -31.33
C TYR T 86 -43.01 86.12 -31.94
N ASN T 87 -43.12 86.28 -33.28
CA ASN T 87 -42.53 87.34 -34.08
C ASN T 87 -43.18 87.38 -35.45
N PRO T 88 -44.32 88.04 -35.61
CA PRO T 88 -44.85 88.27 -36.97
C PRO T 88 -44.16 89.40 -37.73
N GLU T 89 -43.02 89.86 -37.22
CA GLU T 89 -42.09 90.80 -37.85
C GLU T 89 -42.78 92.13 -38.14
N ASN T 90 -43.15 92.83 -37.07
CA ASN T 90 -43.84 94.11 -37.18
C ASN T 90 -43.24 95.13 -36.23
N ILE T 91 -41.98 94.92 -35.86
CA ILE T 91 -41.28 95.82 -34.95
C ILE T 91 -40.96 97.11 -35.68
N TYR T 92 -41.44 98.23 -35.14
CA TYR T 92 -41.24 99.53 -35.77
C TYR T 92 -41.09 100.57 -34.67
N LEU T 93 -40.10 101.44 -34.85
CA LEU T 93 -39.81 102.49 -33.86
C LEU T 93 -40.88 103.56 -33.85
N GLY T 101 -41.05 108.48 -25.04
CA GLY T 101 -39.70 108.17 -24.61
C GLY T 101 -39.50 108.39 -23.12
N ASN T 102 -39.41 109.66 -22.73
CA ASN T 102 -39.42 110.04 -21.32
C ASN T 102 -40.51 111.07 -21.05
N ASN T 103 -41.39 111.29 -22.01
CA ASN T 103 -42.45 112.28 -21.85
C ASN T 103 -43.72 111.82 -22.57
N TRP T 104 -44.84 112.35 -22.10
CA TRP T 104 -46.11 112.08 -22.73
C TRP T 104 -46.22 112.80 -24.07
N ALA T 105 -45.75 114.05 -24.12
CA ALA T 105 -45.85 114.83 -25.36
C ALA T 105 -44.97 114.26 -26.46
N SER T 106 -43.77 113.78 -26.09
CA SER T 106 -42.86 113.21 -27.08
C SER T 106 -43.40 111.92 -27.66
N GLY T 107 -43.90 111.02 -26.80
CA GLY T 107 -44.47 109.77 -27.28
C GLY T 107 -45.75 109.98 -28.05
N PHE T 108 -46.56 110.96 -27.63
CA PHE T 108 -47.78 111.30 -28.35
C PHE T 108 -47.48 111.83 -29.75
N SER T 109 -46.53 112.76 -29.86
CA SER T 109 -46.20 113.35 -31.14
C SER T 109 -45.52 112.33 -32.06
N GLN T 110 -44.65 111.48 -31.50
CA GLN T 110 -44.00 110.45 -32.30
C GLN T 110 -45.01 109.42 -32.77
N GLY T 111 -46.01 109.09 -31.95
CA GLY T 111 -47.05 108.20 -32.41
C GLY T 111 -47.97 108.86 -33.43
N GLU T 112 -48.12 110.17 -33.34
CA GLU T 112 -48.99 110.90 -34.26
C GLU T 112 -48.43 110.88 -35.68
N LYS T 113 -47.12 111.07 -35.83
CA LYS T 113 -46.57 111.23 -37.17
C LYS T 113 -46.49 109.91 -37.94
N ILE T 114 -46.59 108.77 -37.25
CA ILE T 114 -46.44 107.48 -37.92
C ILE T 114 -47.64 106.56 -37.70
N HIS T 115 -48.84 107.11 -37.53
CA HIS T 115 -50.00 106.30 -37.16
C HIS T 115 -50.43 105.35 -38.28
N GLU T 116 -49.99 105.63 -39.51
CA GLU T 116 -50.51 104.98 -40.70
C GLU T 116 -50.07 103.52 -40.78
N ASP T 117 -48.76 103.29 -40.74
CA ASP T 117 -48.24 101.94 -40.95
C ASP T 117 -48.42 101.08 -39.70
N ILE T 118 -48.42 101.70 -38.52
CA ILE T 118 -48.72 100.91 -37.32
C ILE T 118 -50.21 100.57 -37.30
N PHE T 119 -51.05 101.43 -37.87
CA PHE T 119 -52.45 101.07 -38.06
C PHE T 119 -52.58 99.97 -39.10
N ASP T 120 -51.68 99.94 -40.09
CA ASP T 120 -51.64 98.83 -41.03
C ASP T 120 -51.20 97.54 -40.36
N ILE T 121 -50.29 97.65 -39.38
CA ILE T 121 -49.89 96.49 -38.57
C ILE T 121 -51.08 95.96 -37.79
N ILE T 122 -51.86 96.87 -37.20
CA ILE T 122 -53.10 96.51 -36.50
C ILE T 122 -54.09 95.88 -37.48
N ASP T 123 -54.14 96.40 -38.70
CA ASP T 123 -55.06 95.89 -39.72
C ASP T 123 -54.65 94.50 -40.18
N ARG T 124 -53.34 94.27 -40.27
CA ARG T 124 -52.81 92.97 -40.65
C ARG T 124 -53.22 91.88 -39.65
N GLU T 125 -53.03 92.15 -38.36
CA GLU T 125 -53.42 91.15 -37.37
C GLU T 125 -54.93 91.08 -37.19
N ALA T 126 -55.65 92.18 -37.46
CA ALA T 126 -57.10 92.14 -37.45
C ALA T 126 -57.63 91.28 -38.59
N ASP T 127 -56.96 91.31 -39.73
CA ASP T 127 -57.26 90.37 -40.79
C ASP T 127 -56.72 88.98 -40.47
N GLY T 128 -55.77 88.90 -39.53
CA GLY T 128 -55.16 87.60 -39.23
C GLY T 128 -56.10 86.62 -38.56
N SER T 129 -56.83 87.06 -37.54
CA SER T 129 -57.72 86.16 -36.83
C SER T 129 -59.10 86.15 -37.49
N ASP T 130 -59.82 85.04 -37.30
CA ASP T 130 -61.15 84.93 -37.87
C ASP T 130 -62.16 85.75 -37.08
N SER T 131 -62.08 85.73 -35.76
CA SER T 131 -62.98 86.48 -34.90
C SER T 131 -62.15 87.37 -33.97
N LEU T 132 -62.83 88.30 -33.32
CA LEU T 132 -62.17 89.24 -32.42
C LEU T 132 -63.10 89.55 -31.26
N GLU T 133 -62.52 89.66 -30.07
CA GLU T 133 -63.31 90.01 -28.90
C GLU T 133 -62.86 91.34 -28.32
N GLY T 134 -61.56 91.61 -28.29
CA GLY T 134 -61.07 92.83 -27.70
C GLY T 134 -59.60 93.06 -27.97
N PHE T 135 -59.15 94.26 -27.58
CA PHE T 135 -57.75 94.66 -27.67
C PHE T 135 -57.23 94.93 -26.27
N VAL T 136 -56.29 94.11 -25.82
CA VAL T 136 -55.69 94.24 -24.50
C VAL T 136 -54.37 94.95 -24.66
N LEU T 137 -54.24 96.11 -24.01
CA LEU T 137 -53.07 96.96 -24.14
C LEU T 137 -52.17 96.77 -22.94
N CYS T 138 -50.97 96.28 -23.18
CA CYS T 138 -49.92 96.27 -22.16
C CYS T 138 -49.39 97.68 -22.05
N HIS T 139 -49.73 98.35 -20.96
CA HIS T 139 -49.50 99.78 -20.85
C HIS T 139 -48.96 100.10 -19.47
N SER T 140 -48.15 101.16 -19.42
CA SER T 140 -47.66 101.70 -18.16
C SER T 140 -48.00 103.17 -18.13
N ILE T 141 -48.64 103.60 -17.05
CA ILE T 141 -49.10 104.98 -16.91
C ILE T 141 -47.94 105.83 -16.41
N ALA T 142 -47.60 106.87 -17.17
CA ALA T 142 -46.45 107.76 -16.95
C ALA T 142 -45.14 106.97 -16.85
N GLY T 143 -45.02 105.96 -17.71
CA GLY T 143 -43.79 105.20 -17.80
C GLY T 143 -42.79 105.80 -18.76
N GLY T 144 -43.14 106.93 -19.37
CA GLY T 144 -42.26 107.59 -20.31
C GLY T 144 -42.36 106.97 -21.69
N THR T 145 -41.82 105.75 -21.81
CA THR T 145 -41.86 105.03 -23.08
C THR T 145 -43.28 104.65 -23.47
N GLY T 146 -44.06 104.12 -22.53
CA GLY T 146 -45.43 103.76 -22.83
C GLY T 146 -46.33 104.97 -22.95
N SER T 147 -46.00 106.04 -22.25
CA SER T 147 -46.86 107.22 -22.12
C SER T 147 -46.88 108.01 -23.42
N GLY T 148 -48.04 108.63 -23.69
CA GLY T 148 -48.21 109.43 -24.87
C GLY T 148 -48.54 108.63 -26.11
N LEU T 149 -47.61 107.75 -26.49
CA LEU T 149 -47.87 106.81 -27.58
C LEU T 149 -49.03 105.88 -27.24
N GLY T 150 -49.12 105.45 -25.97
CA GLY T 150 -50.23 104.62 -25.56
C GLY T 150 -51.56 105.35 -25.59
N SER T 151 -51.56 106.61 -25.16
CA SER T 151 -52.80 107.40 -25.17
C SER T 151 -53.23 107.72 -26.59
N TYR T 152 -52.27 108.00 -27.47
CA TYR T 152 -52.59 108.29 -28.86
C TYR T 152 -53.11 107.05 -29.57
N LEU T 153 -52.48 105.90 -29.33
CA LEU T 153 -52.94 104.65 -29.92
C LEU T 153 -54.29 104.24 -29.35
N LEU T 154 -54.57 104.61 -28.10
CA LEU T 154 -55.90 104.37 -27.52
C LEU T 154 -56.96 105.18 -28.27
N GLU T 155 -56.65 106.43 -28.60
CA GLU T 155 -57.54 107.23 -29.43
C GLU T 155 -57.72 106.63 -30.80
N ARG T 156 -56.64 106.12 -31.40
CA ARG T 156 -56.74 105.53 -32.74
C ARG T 156 -57.59 104.26 -32.73
N LEU T 157 -57.42 103.42 -31.71
CA LEU T 157 -58.14 102.16 -31.65
C LEU T 157 -59.62 102.38 -31.38
N ASN T 158 -59.97 103.26 -30.44
CA ASN T 158 -61.38 103.43 -30.12
C ASN T 158 -62.11 104.21 -31.20
N ASP T 159 -61.41 105.09 -31.91
CA ASP T 159 -62.05 105.80 -33.02
C ASP T 159 -62.22 104.89 -34.23
N ARG T 160 -61.19 104.10 -34.55
CA ARG T 160 -61.21 103.34 -35.78
C ARG T 160 -62.16 102.14 -35.70
N TYR T 161 -62.26 101.52 -34.53
CA TYR T 161 -63.12 100.36 -34.36
C TYR T 161 -64.06 100.58 -33.20
N PRO T 162 -65.31 100.99 -33.45
CA PRO T 162 -66.26 101.22 -32.36
C PRO T 162 -67.03 99.97 -31.96
N LYS T 163 -66.82 98.85 -32.65
CA LYS T 163 -67.60 97.64 -32.41
C LYS T 163 -66.91 96.66 -31.49
N LYS T 164 -65.66 96.90 -31.12
CA LYS T 164 -64.90 95.97 -30.29
C LYS T 164 -64.62 96.57 -28.91
N LEU T 165 -63.97 95.78 -28.08
CA LEU T 165 -63.63 96.15 -26.72
C LEU T 165 -62.19 96.61 -26.64
N VAL T 166 -61.94 97.58 -25.75
CA VAL T 166 -60.59 98.07 -25.46
C VAL T 166 -60.31 97.81 -23.99
N GLN T 167 -59.26 97.04 -23.71
CA GLN T 167 -58.81 96.84 -22.35
C GLN T 167 -57.41 97.40 -22.17
N THR T 168 -57.17 98.01 -21.02
CA THR T 168 -55.88 98.62 -20.71
C THR T 168 -55.46 98.20 -19.32
N TYR T 169 -54.49 97.30 -19.24
CA TYR T 169 -53.87 96.94 -17.98
C TYR T 169 -52.90 98.04 -17.60
N SER T 170 -53.16 98.69 -16.46
CA SER T 170 -52.48 99.92 -16.13
C SER T 170 -51.93 99.85 -14.72
N VAL T 171 -50.82 100.53 -14.50
CA VAL T 171 -50.22 100.69 -13.19
C VAL T 171 -50.57 102.08 -12.67
N PHE T 172 -50.53 102.25 -11.36
CA PHE T 172 -50.73 103.59 -10.82
C PHE T 172 -49.37 104.20 -10.47
N PRO T 173 -49.05 105.37 -11.00
CA PRO T 173 -47.67 105.88 -10.92
C PRO T 173 -47.29 106.38 -9.53
N ASN T 174 -46.95 105.44 -8.66
CA ASN T 174 -46.37 105.77 -7.36
C ASN T 174 -45.37 104.68 -7.00
N GLN T 175 -44.10 104.94 -7.25
CA GLN T 175 -43.05 103.97 -7.01
C GLN T 175 -42.07 104.43 -5.95
N ASP T 176 -42.53 105.26 -5.00
CA ASP T 176 -41.75 105.83 -3.90
C ASP T 176 -40.60 106.67 -4.45
N GLU T 177 -40.90 107.44 -5.49
CA GLU T 177 -39.90 108.20 -6.22
C GLU T 177 -39.38 109.39 -5.41
N ASP T 180 -35.29 112.33 -11.20
CA ASP T 180 -36.63 112.60 -10.69
C ASP T 180 -37.48 113.28 -11.76
N VAL T 181 -38.73 112.84 -11.89
CA VAL T 181 -39.64 113.35 -12.90
C VAL T 181 -40.78 114.09 -12.20
N VAL T 182 -40.90 115.38 -12.49
CA VAL T 182 -41.96 116.21 -11.91
C VAL T 182 -43.05 116.52 -12.92
N VAL T 183 -42.86 116.14 -14.19
CA VAL T 183 -43.91 116.26 -15.19
C VAL T 183 -44.82 115.04 -15.17
N GLN T 184 -44.47 114.05 -14.34
CA GLN T 184 -45.26 112.82 -14.19
C GLN T 184 -46.73 113.03 -13.80
N PRO T 185 -47.12 113.97 -12.90
CA PRO T 185 -48.56 114.19 -12.72
C PRO T 185 -49.27 114.73 -13.95
N TYR T 186 -48.60 115.58 -14.74
CA TYR T 186 -49.20 116.08 -15.97
C TYR T 186 -49.40 114.95 -16.98
N ASN T 187 -48.39 114.08 -17.11
CA ASN T 187 -48.47 112.95 -18.03
C ASN T 187 -49.56 111.97 -17.61
N SER T 188 -49.61 111.65 -16.31
CA SER T 188 -50.63 110.73 -15.81
C SER T 188 -52.02 111.33 -15.91
N LEU T 189 -52.14 112.65 -15.76
CA LEU T 189 -53.43 113.30 -15.88
C LEU T 189 -53.95 113.27 -17.30
N LEU T 190 -53.07 113.57 -18.27
CA LEU T 190 -53.48 113.51 -19.68
C LEU T 190 -53.79 112.08 -20.10
N THR T 191 -52.98 111.11 -19.64
CA THR T 191 -53.24 109.71 -19.97
C THR T 191 -54.54 109.23 -19.32
N LEU T 192 -54.85 109.74 -18.12
CA LEU T 192 -56.08 109.33 -17.45
C LEU T 192 -57.31 109.93 -18.13
N LYS T 193 -57.16 111.14 -18.69
CA LYS T 193 -58.21 111.70 -19.53
C LYS T 193 -58.51 110.80 -20.72
N ARG T 194 -57.45 110.31 -21.37
CA ARG T 194 -57.62 109.39 -22.47
C ARG T 194 -58.22 108.07 -22.00
N LEU T 195 -57.83 107.62 -20.81
CA LEU T 195 -58.36 106.36 -20.27
C LEU T 195 -59.84 106.45 -19.96
N THR T 196 -60.28 107.57 -19.43
CA THR T 196 -61.70 107.73 -19.11
C THR T 196 -62.53 107.90 -20.36
N GLN T 197 -61.98 108.53 -21.40
CA GLN T 197 -62.78 108.90 -22.55
C GLN T 197 -62.68 107.92 -23.71
N ASN T 198 -61.57 107.19 -23.83
CA ASN T 198 -61.28 106.38 -25.01
C ASN T 198 -61.14 104.90 -24.69
N ALA T 199 -61.71 104.43 -23.58
CA ALA T 199 -61.60 103.03 -23.20
C ALA T 199 -62.94 102.52 -22.71
N ASP T 200 -63.20 101.23 -22.96
CA ASP T 200 -64.39 100.56 -22.45
C ASP T 200 -64.20 100.05 -21.04
N CYS T 201 -62.99 99.61 -20.69
CA CYS T 201 -62.70 99.11 -19.36
C CYS T 201 -61.21 99.30 -19.12
N VAL T 202 -60.85 99.58 -17.87
CA VAL T 202 -59.46 99.76 -17.47
C VAL T 202 -59.21 98.91 -16.22
N VAL T 203 -58.15 98.11 -16.26
CA VAL T 203 -57.69 97.37 -15.09
C VAL T 203 -56.48 98.10 -14.53
N VAL T 204 -56.62 98.59 -13.29
CA VAL T 204 -55.61 99.44 -12.67
C VAL T 204 -55.00 98.70 -11.49
N LEU T 205 -53.68 98.80 -11.36
CA LEU T 205 -52.96 98.30 -10.20
C LEU T 205 -52.11 99.41 -9.63
N ASP T 206 -51.68 99.24 -8.38
CA ASP T 206 -50.80 100.20 -7.72
C ASP T 206 -49.39 99.64 -7.66
N ASN T 207 -48.42 100.44 -8.08
CA ASN T 207 -47.02 100.02 -8.01
C ASN T 207 -46.54 99.93 -6.56
N THR T 208 -47.03 100.83 -5.71
CA THR T 208 -46.62 100.83 -4.31
C THR T 208 -47.21 99.63 -3.57
N ALA T 209 -48.43 99.22 -3.93
CA ALA T 209 -49.06 98.06 -3.29
C ALA T 209 -48.32 96.77 -3.61
N LEU T 210 -48.02 96.55 -4.89
CA LEU T 210 -47.24 95.39 -5.29
C LEU T 210 -45.82 95.45 -4.75
N ASN T 211 -45.27 96.67 -4.60
CA ASN T 211 -43.96 96.83 -4.00
C ASN T 211 -43.97 96.44 -2.53
N ARG T 212 -45.02 96.84 -1.81
CA ARG T 212 -45.16 96.46 -0.40
C ARG T 212 -45.33 94.96 -0.26
N ILE T 213 -46.15 94.35 -1.11
CA ILE T 213 -46.38 92.90 -1.06
C ILE T 213 -45.10 92.14 -1.39
N ALA T 214 -44.31 92.64 -2.35
CA ALA T 214 -43.07 91.96 -2.74
C ALA T 214 -42.01 92.08 -1.65
N THR T 215 -41.86 93.29 -1.07
CA THR T 215 -40.93 93.46 0.05
C THR T 215 -41.42 92.76 1.31
N ASP T 216 -42.71 92.40 1.35
CA ASP T 216 -43.22 91.58 2.45
C ASP T 216 -42.85 90.11 2.26
N ARG T 217 -43.28 89.51 1.15
CA ARG T 217 -43.19 88.05 1.00
C ARG T 217 -41.76 87.57 0.84
N LEU T 218 -40.91 88.38 0.22
CA LEU T 218 -39.47 88.15 0.22
C LEU T 218 -38.80 89.32 0.90
N HIS T 219 -37.48 89.39 0.79
CA HIS T 219 -36.71 90.48 1.35
C HIS T 219 -35.90 91.11 0.22
N ILE T 220 -36.57 91.30 -0.92
CA ILE T 220 -35.96 91.89 -2.10
C ILE T 220 -36.18 93.38 -2.05
N GLN T 221 -35.16 94.14 -2.47
CA GLN T 221 -35.25 95.58 -2.53
C GLN T 221 -34.90 96.09 -3.92
N ASN T 222 -33.86 95.54 -4.54
CA ASN T 222 -33.41 95.96 -5.86
C ASN T 222 -34.19 95.38 -7.04
N PRO T 223 -34.40 94.03 -7.18
CA PRO T 223 -35.11 93.56 -8.39
C PRO T 223 -36.62 93.62 -8.29
N SER T 224 -37.17 94.76 -7.86
CA SER T 224 -38.61 94.85 -7.63
C SER T 224 -39.39 94.81 -8.93
N PHE T 225 -38.81 95.34 -10.02
CA PHE T 225 -39.48 95.41 -11.32
C PHE T 225 -39.86 94.02 -11.83
N SER T 226 -38.89 93.11 -11.86
CA SER T 226 -39.09 91.77 -12.42
C SER T 226 -40.10 90.97 -11.61
N GLN T 227 -40.11 91.15 -10.30
CA GLN T 227 -41.03 90.42 -9.46
C GLN T 227 -42.45 90.96 -9.59
N ILE T 228 -42.58 92.28 -9.71
CA ILE T 228 -43.87 92.88 -10.05
C ILE T 228 -44.37 92.36 -11.40
N ASN T 229 -43.45 92.15 -12.36
CA ASN T 229 -43.81 91.57 -13.66
C ASN T 229 -44.40 90.16 -13.48
N GLN T 230 -43.82 89.37 -12.57
CA GLN T 230 -44.36 88.05 -12.26
C GLN T 230 -45.78 88.15 -11.74
N LEU T 231 -46.02 89.14 -10.87
CA LEU T 231 -47.35 89.32 -10.29
C LEU T 231 -48.39 89.69 -11.34
N VAL T 232 -48.07 90.65 -12.21
CA VAL T 232 -49.09 91.12 -13.16
C VAL T 232 -49.33 90.05 -14.22
N SER T 233 -48.28 89.29 -14.59
CA SER T 233 -48.46 88.22 -15.56
C SER T 233 -49.32 87.10 -14.98
N THR T 234 -49.13 86.77 -13.69
CA THR T 234 -49.99 85.77 -13.05
C THR T 234 -51.44 86.25 -12.97
N ILE T 235 -51.64 87.54 -12.68
CA ILE T 235 -52.99 88.09 -12.63
C ILE T 235 -53.64 88.08 -14.01
N MET T 236 -52.86 88.39 -15.05
CA MET T 236 -53.42 88.44 -16.40
C MET T 236 -53.75 87.04 -16.91
N SER T 237 -52.96 86.04 -16.52
CA SER T 237 -53.32 84.66 -16.86
C SER T 237 -54.55 84.23 -16.07
N ALA T 238 -54.64 84.64 -14.81
CA ALA T 238 -55.75 84.23 -13.95
C ALA T 238 -57.07 84.85 -14.41
N SER T 239 -57.03 86.08 -14.92
CA SER T 239 -58.23 86.76 -15.35
C SER T 239 -58.80 86.17 -16.64
N THR T 240 -57.94 85.70 -17.54
CA THR T 240 -58.38 85.13 -18.81
C THR T 240 -58.36 83.61 -18.82
N THR T 241 -58.15 82.96 -17.67
CA THR T 241 -58.33 81.52 -17.57
C THR T 241 -59.75 81.09 -17.93
N THR T 242 -60.76 81.89 -17.56
CA THR T 242 -62.14 81.53 -17.87
C THR T 242 -62.46 81.71 -19.35
N LEU T 243 -61.67 82.50 -20.07
CA LEU T 243 -61.82 82.58 -21.52
C LEU T 243 -61.01 81.49 -22.21
N ARG T 244 -59.80 81.23 -21.70
CA ARG T 244 -58.93 80.24 -22.33
C ARG T 244 -59.41 78.82 -22.07
N TYR T 245 -60.14 78.61 -20.98
CA TYR T 245 -60.68 77.29 -20.68
C TYR T 245 -62.20 77.39 -20.70
N PRO T 246 -62.88 76.56 -21.48
CA PRO T 246 -64.32 76.75 -21.72
C PRO T 246 -65.15 76.46 -20.50
N GLY T 247 -65.89 77.48 -20.07
CA GLY T 247 -66.79 77.35 -18.96
C GLY T 247 -68.23 77.46 -19.43
N TYR T 248 -68.94 78.38 -18.80
CA TYR T 248 -70.36 78.57 -19.06
C TYR T 248 -70.66 80.04 -19.27
N MET T 249 -69.82 80.90 -18.70
CA MET T 249 -69.93 82.34 -18.80
C MET T 249 -68.53 82.90 -18.70
N ASN T 250 -68.34 84.10 -19.26
CA ASN T 250 -67.06 84.80 -19.39
C ASN T 250 -66.09 83.95 -20.20
N ASN T 251 -66.62 83.29 -21.23
CA ASN T 251 -65.83 82.81 -22.35
C ASN T 251 -65.78 83.87 -23.45
N ASP T 252 -66.36 85.03 -23.17
CA ASP T 252 -66.15 86.27 -23.91
C ASP T 252 -65.82 87.33 -22.88
N LEU T 253 -65.13 88.37 -23.33
CA LEU T 253 -64.64 89.40 -22.41
C LEU T 253 -65.80 90.24 -21.87
N ILE T 254 -66.78 90.52 -22.73
CA ILE T 254 -67.80 91.53 -22.44
C ILE T 254 -68.71 91.08 -21.29
N GLY T 255 -68.84 89.76 -21.08
CA GLY T 255 -69.64 89.28 -19.97
C GLY T 255 -69.00 89.55 -18.62
N LEU T 256 -67.69 89.35 -18.52
CA LEU T 256 -66.96 89.70 -17.31
C LEU T 256 -66.90 91.21 -17.13
N ILE T 257 -66.79 91.94 -18.24
CA ILE T 257 -66.74 93.40 -18.20
C ILE T 257 -68.10 94.00 -17.80
N ALA T 258 -69.19 93.27 -18.07
CA ALA T 258 -70.53 93.84 -17.96
C ALA T 258 -70.95 94.09 -16.52
N SER T 259 -70.76 93.11 -15.64
CA SER T 259 -71.34 93.19 -14.29
C SER T 259 -70.63 94.21 -13.43
N LEU T 260 -69.31 94.34 -13.58
CA LEU T 260 -68.56 95.25 -12.71
C LEU T 260 -68.77 96.70 -13.09
N ILE T 261 -69.08 96.97 -14.36
CA ILE T 261 -69.17 98.33 -14.87
C ILE T 261 -70.64 98.70 -15.01
N PRO T 262 -71.16 99.61 -14.17
CA PRO T 262 -72.60 99.90 -14.21
C PRO T 262 -72.94 101.02 -15.19
N THR T 263 -71.94 101.74 -15.67
CA THR T 263 -72.11 102.99 -16.41
C THR T 263 -70.77 103.32 -17.06
N PRO T 264 -70.77 104.02 -18.19
CA PRO T 264 -69.51 104.22 -18.94
C PRO T 264 -68.42 105.03 -18.25
N ARG T 265 -68.70 105.65 -17.12
CA ARG T 265 -67.67 106.43 -16.44
C ARG T 265 -66.94 105.62 -15.38
N LEU T 266 -67.63 104.70 -14.72
CA LEU T 266 -66.98 103.89 -13.69
C LEU T 266 -66.61 102.56 -14.34
N HIS T 267 -65.42 102.52 -14.94
CA HIS T 267 -64.98 101.31 -15.63
C HIS T 267 -63.60 100.89 -15.17
N PHE T 268 -63.22 101.31 -13.96
CA PHE T 268 -61.90 101.05 -13.40
C PHE T 268 -62.02 100.00 -12.32
N LEU T 269 -61.23 98.93 -12.42
CA LEU T 269 -61.46 97.71 -11.65
C LEU T 269 -60.27 97.43 -10.75
N MET T 270 -60.55 97.12 -9.48
CA MET T 270 -59.52 96.72 -8.55
C MET T 270 -59.10 95.28 -8.81
N THR T 271 -57.86 94.96 -8.44
CA THR T 271 -57.32 93.63 -8.62
C THR T 271 -57.21 92.93 -7.28
N GLY T 272 -57.76 91.73 -7.19
CA GLY T 272 -57.54 90.86 -6.06
C GLY T 272 -57.19 89.45 -6.50
N TYR T 273 -56.46 88.75 -5.65
CA TYR T 273 -56.03 87.37 -5.86
C TYR T 273 -55.59 86.82 -4.51
N THR T 274 -56.23 85.73 -4.07
CA THR T 274 -56.27 85.42 -2.65
C THR T 274 -54.99 84.79 -2.13
N PRO T 275 -54.35 83.83 -2.82
CA PRO T 275 -52.94 83.60 -2.50
C PRO T 275 -52.15 84.79 -2.97
N LEU T 276 -51.33 85.34 -2.10
CA LEU T 276 -50.18 86.10 -2.58
C LEU T 276 -48.99 85.17 -2.74
N THR T 277 -49.21 83.87 -2.54
CA THR T 277 -48.16 82.85 -2.50
C THR T 277 -48.36 81.83 -3.62
N THR T 278 -47.26 81.49 -4.28
CA THR T 278 -47.15 80.23 -5.03
C THR T 278 -45.76 79.65 -4.82
N ASP T 279 -44.87 80.44 -4.21
CA ASP T 279 -43.49 80.07 -4.01
C ASP T 279 -43.32 79.33 -2.69
N LYS T 287 -57.00 70.73 2.73
CA LYS T 287 -56.04 71.76 3.11
C LYS T 287 -56.70 73.13 3.08
N THR T 288 -56.85 73.69 1.89
CA THR T 288 -57.52 74.96 1.71
C THR T 288 -58.93 74.75 1.16
N THR T 289 -59.87 75.54 1.67
CA THR T 289 -61.25 75.47 1.19
C THR T 289 -61.66 76.80 0.59
N VAL T 290 -62.83 76.79 -0.03
CA VAL T 290 -63.38 78.00 -0.64
C VAL T 290 -63.77 78.99 0.44
N LEU T 291 -64.22 78.49 1.59
CA LEU T 291 -64.75 79.32 2.66
C LEU T 291 -63.66 80.21 3.25
N ASP T 292 -62.50 79.62 3.48
CA ASP T 292 -61.37 80.35 4.04
C ASP T 292 -60.81 81.36 3.04
N VAL T 293 -60.72 80.98 1.78
CA VAL T 293 -60.14 81.91 0.82
C VAL T 293 -61.13 83.02 0.47
N MET T 294 -62.44 82.79 0.68
CA MET T 294 -63.39 83.88 0.51
C MET T 294 -63.21 84.94 1.59
N ARG T 295 -63.16 84.50 2.86
CA ARG T 295 -62.95 85.45 3.94
C ARG T 295 -61.55 86.03 3.91
N ARG T 296 -60.58 85.31 3.34
CA ARG T 296 -59.24 85.85 3.17
C ARG T 296 -59.18 86.83 2.01
N LEU T 297 -60.08 86.69 1.05
CA LEU T 297 -60.08 87.61 -0.08
C LEU T 297 -60.69 88.95 0.30
N LEU T 298 -61.70 88.95 1.18
CA LEU T 298 -62.47 90.17 1.41
C LEU T 298 -61.73 91.24 2.22
N GLN T 299 -60.53 90.97 2.74
CA GLN T 299 -59.83 92.02 3.46
C GLN T 299 -59.13 92.94 2.46
N PRO T 300 -58.93 94.23 2.81
CA PRO T 300 -58.25 95.13 1.86
C PRO T 300 -56.73 95.00 1.87
N LYS T 301 -56.19 94.01 2.56
CA LYS T 301 -54.75 93.75 2.53
C LYS T 301 -54.40 92.44 1.86
N ASN T 302 -55.39 91.66 1.42
CA ASN T 302 -55.17 90.73 0.33
C ASN T 302 -55.57 91.31 -1.01
N VAL T 303 -55.94 92.59 -1.05
CA VAL T 303 -56.13 93.31 -2.31
C VAL T 303 -54.78 93.86 -2.76
N MET T 304 -54.45 93.67 -4.04
CA MET T 304 -53.19 94.09 -4.59
C MET T 304 -53.23 95.54 -5.09
N VAL T 305 -54.29 96.27 -4.72
CA VAL T 305 -54.37 97.72 -4.89
C VAL T 305 -54.59 98.32 -3.51
N SER T 306 -53.58 99.00 -2.99
CA SER T 306 -53.61 99.53 -1.64
C SER T 306 -53.53 101.05 -1.65
N THR T 313 -64.95 108.77 5.81
CA THR T 313 -65.95 108.76 4.75
C THR T 313 -66.45 107.34 4.45
N ASN T 314 -67.47 107.25 3.62
CA ASN T 314 -68.02 105.95 3.24
C ASN T 314 -67.45 105.52 1.88
N HIS T 315 -66.75 104.38 1.89
CA HIS T 315 -66.23 103.79 0.67
C HIS T 315 -66.88 102.43 0.46
N CYS T 316 -67.48 102.25 -0.71
CA CYS T 316 -68.35 101.11 -0.95
C CYS T 316 -68.12 100.62 -2.36
N TYR T 317 -68.02 99.30 -2.51
CA TYR T 317 -67.86 98.72 -3.84
C TYR T 317 -69.14 98.88 -4.64
N ILE T 318 -68.97 99.06 -5.94
CA ILE T 318 -70.11 98.99 -6.86
C ILE T 318 -70.48 97.54 -7.13
N ALA T 319 -69.53 96.74 -7.57
CA ALA T 319 -69.76 95.33 -7.84
C ALA T 319 -68.44 94.58 -7.77
N ILE T 320 -68.49 93.37 -7.21
CA ILE T 320 -67.33 92.51 -7.11
C ILE T 320 -67.63 91.27 -7.94
N LEU T 321 -66.59 90.70 -8.55
CA LEU T 321 -66.73 89.39 -9.16
C LEU T 321 -65.49 88.59 -8.83
N ASN T 322 -65.70 87.38 -8.31
CA ASN T 322 -64.59 86.51 -7.98
C ASN T 322 -64.67 85.26 -8.84
N ILE T 323 -63.50 84.79 -9.26
CA ILE T 323 -63.37 83.57 -10.04
C ILE T 323 -62.43 82.65 -9.30
N ILE T 324 -62.84 81.41 -9.09
CA ILE T 324 -62.07 80.43 -8.34
C ILE T 324 -61.69 79.29 -9.26
N GLN T 325 -60.54 78.69 -9.00
CA GLN T 325 -60.01 77.58 -9.78
C GLN T 325 -59.40 76.55 -8.83
N GLY T 326 -59.92 75.33 -8.87
CA GLY T 326 -59.35 74.29 -8.04
C GLY T 326 -60.24 73.08 -7.90
N GLU T 327 -59.98 72.33 -6.83
CA GLU T 327 -60.71 71.10 -6.52
C GLU T 327 -61.92 71.42 -5.67
N VAL T 328 -62.85 72.19 -6.24
CA VAL T 328 -63.90 72.84 -5.47
C VAL T 328 -65.07 71.89 -5.30
N ASP T 329 -65.38 71.57 -4.04
CA ASP T 329 -66.67 70.98 -3.74
C ASP T 329 -67.77 72.01 -3.99
N PRO T 330 -68.82 71.65 -4.70
CA PRO T 330 -69.84 72.65 -5.09
C PRO T 330 -70.71 73.14 -3.94
N THR T 331 -70.72 72.41 -2.81
CA THR T 331 -71.44 72.89 -1.63
C THR T 331 -70.64 73.97 -0.89
N GLN T 332 -69.33 74.02 -1.12
CA GLN T 332 -68.47 74.94 -0.39
C GLN T 332 -68.72 76.39 -0.78
N VAL T 333 -68.90 76.66 -2.07
CA VAL T 333 -69.18 78.03 -2.52
C VAL T 333 -70.53 78.51 -2.00
N HIS T 334 -71.44 77.56 -1.79
CA HIS T 334 -72.80 77.83 -1.38
C HIS T 334 -72.85 78.32 0.06
N LYS T 335 -72.26 77.56 0.96
CA LYS T 335 -72.25 77.95 2.37
C LYS T 335 -71.22 79.04 2.64
N SER T 336 -70.17 79.14 1.83
CA SER T 336 -69.26 80.28 1.93
C SER T 336 -69.99 81.58 1.61
N LEU T 337 -70.84 81.58 0.58
CA LEU T 337 -71.58 82.78 0.25
C LEU T 337 -72.64 83.08 1.30
N GLN T 338 -73.19 82.04 1.93
CA GLN T 338 -73.98 82.21 3.15
C GLN T 338 -73.22 82.97 4.22
N ARG T 339 -72.00 82.53 4.54
CA ARG T 339 -71.21 83.19 5.59
C ARG T 339 -70.85 84.61 5.22
N ILE T 340 -70.54 84.85 3.94
CA ILE T 340 -70.22 86.20 3.47
C ILE T 340 -71.41 87.12 3.60
N ARG T 341 -72.63 86.59 3.42
CA ARG T 341 -73.81 87.43 3.60
C ARG T 341 -73.99 87.83 5.06
N GLU T 342 -74.07 86.86 5.96
CA GLU T 342 -74.47 87.21 7.32
C GLU T 342 -73.31 87.78 8.12
N ARG T 343 -72.09 87.67 7.61
CA ARG T 343 -70.99 88.40 8.24
C ARG T 343 -70.91 89.85 7.76
N LYS T 344 -71.29 90.10 6.50
CA LYS T 344 -71.20 91.41 5.85
C LYS T 344 -69.76 91.93 5.82
N LEU T 345 -68.86 91.14 5.23
CA LEU T 345 -67.45 91.54 5.15
C LEU T 345 -67.06 92.18 3.83
N ALA T 346 -68.05 92.57 3.02
CA ALA T 346 -67.85 93.19 1.72
C ALA T 346 -68.63 94.49 1.73
N ASN T 347 -68.15 95.48 0.97
CA ASN T 347 -68.83 96.76 0.93
C ASN T 347 -69.84 96.76 -0.19
N PHE T 348 -71.04 97.22 0.16
CA PHE T 348 -72.30 97.02 -0.55
C PHE T 348 -72.46 98.08 -1.62
N ILE T 349 -73.52 97.96 -2.40
CA ILE T 349 -73.90 99.05 -3.31
C ILE T 349 -75.23 99.62 -2.84
N PRO T 350 -75.33 100.93 -2.60
CA PRO T 350 -76.63 101.52 -2.23
C PRO T 350 -77.71 101.37 -3.28
N TRP T 351 -77.47 101.95 -4.45
CA TRP T 351 -78.49 102.05 -5.50
C TRP T 351 -78.62 100.77 -6.30
N GLY T 352 -79.02 99.68 -5.66
CA GLY T 352 -79.29 98.47 -6.40
C GLY T 352 -78.71 97.23 -5.74
N PRO T 353 -78.92 96.08 -6.39
CA PRO T 353 -78.07 94.92 -6.10
C PRO T 353 -76.99 94.71 -7.16
N ALA T 354 -75.74 94.66 -6.71
CA ALA T 354 -74.62 94.28 -7.54
C ALA T 354 -73.50 93.79 -6.63
N SER T 355 -73.38 92.46 -6.50
CA SER T 355 -72.62 91.92 -5.38
C SER T 355 -71.53 90.99 -5.90
N ILE T 356 -70.77 90.43 -4.97
CA ILE T 356 -69.71 89.49 -5.30
C ILE T 356 -70.32 88.20 -5.86
N GLN T 357 -69.87 87.82 -7.04
CA GLN T 357 -70.42 86.71 -7.77
C GLN T 357 -69.40 85.58 -7.80
N VAL T 358 -69.87 84.38 -7.50
CA VAL T 358 -69.00 83.21 -7.45
C VAL T 358 -68.91 82.62 -8.84
N ALA T 359 -67.70 82.53 -9.36
CA ALA T 359 -67.44 81.87 -10.62
C ALA T 359 -66.40 80.78 -10.39
N LEU T 360 -66.59 79.66 -11.09
CA LEU T 360 -65.74 78.50 -10.94
C LEU T 360 -65.05 78.23 -12.26
N SER T 361 -63.75 78.00 -12.20
CA SER T 361 -62.97 77.72 -13.40
C SER T 361 -62.10 76.50 -13.17
N ARG T 362 -61.55 76.00 -14.27
CA ARG T 362 -60.80 74.76 -14.29
C ARG T 362 -59.37 75.02 -13.82
N LYS T 363 -58.81 74.08 -13.08
CA LYS T 363 -57.41 74.16 -12.72
C LYS T 363 -56.55 73.85 -13.95
N SER T 364 -55.57 74.72 -14.19
CA SER T 364 -54.78 74.64 -15.43
C SER T 364 -53.79 73.49 -15.37
N PRO T 365 -53.49 72.85 -16.50
CA PRO T 365 -52.40 71.85 -16.53
C PRO T 365 -51.04 72.51 -16.42
N TYR T 366 -50.14 71.86 -15.66
CA TYR T 366 -48.75 72.23 -15.49
C TYR T 366 -48.62 73.55 -14.76
N LEU T 367 -49.45 73.75 -13.74
CA LEU T 367 -49.28 74.85 -12.80
C LEU T 367 -48.80 74.26 -11.47
N PRO T 368 -47.97 74.98 -10.72
CA PRO T 368 -47.41 74.43 -9.48
C PRO T 368 -48.46 74.20 -8.40
N SER T 369 -48.35 73.07 -7.72
CA SER T 369 -49.38 72.57 -6.82
C SER T 369 -49.24 73.18 -5.42
N ALA T 370 -49.37 74.50 -5.34
CA ALA T 370 -49.53 75.18 -4.07
C ALA T 370 -50.79 76.02 -4.15
N HIS T 371 -51.52 76.10 -3.03
CA HIS T 371 -52.86 76.71 -2.95
C HIS T 371 -53.80 76.09 -3.97
N ARG T 372 -54.10 74.80 -3.78
CA ARG T 372 -54.91 74.01 -4.71
C ARG T 372 -56.28 74.62 -4.98
N VAL T 373 -56.88 75.27 -3.98
CA VAL T 373 -58.07 76.07 -4.19
C VAL T 373 -57.64 77.53 -4.18
N SER T 374 -57.69 78.16 -5.35
CA SER T 374 -57.15 79.51 -5.49
C SER T 374 -58.15 80.36 -6.26
N GLY T 375 -58.42 81.55 -5.74
CA GLY T 375 -59.36 82.46 -6.34
C GLY T 375 -58.78 83.85 -6.50
N LEU T 376 -59.36 84.59 -7.45
CA LEU T 376 -59.00 85.97 -7.71
C LEU T 376 -60.29 86.77 -7.81
N MET T 377 -60.19 88.08 -7.61
CA MET T 377 -61.37 88.92 -7.74
C MET T 377 -61.06 90.16 -8.57
N MET T 378 -62.06 90.62 -9.29
CA MET T 378 -62.06 91.93 -9.94
C MET T 378 -63.28 92.68 -9.41
N ALA T 379 -63.07 93.93 -9.00
CA ALA T 379 -64.10 94.66 -8.29
C ALA T 379 -64.07 96.14 -8.67
N ASN T 380 -65.25 96.74 -8.74
CA ASN T 380 -65.40 98.17 -8.94
C ASN T 380 -65.61 98.83 -7.59
N HIS T 381 -64.61 99.56 -7.12
CA HIS T 381 -64.64 100.21 -5.81
C HIS T 381 -64.52 101.71 -5.98
N THR T 382 -65.19 102.46 -5.10
CA THR T 382 -65.05 103.90 -5.03
C THR T 382 -63.77 104.34 -4.33
N SER T 383 -63.00 103.40 -3.76
CA SER T 383 -61.78 103.78 -3.03
C SER T 383 -60.67 104.25 -3.98
N ILE T 384 -60.76 103.90 -5.26
CA ILE T 384 -59.76 104.36 -6.22
C ILE T 384 -59.91 105.85 -6.51
N SER T 385 -61.08 106.44 -6.17
CA SER T 385 -61.25 107.89 -6.26
C SER T 385 -60.27 108.61 -5.35
N SER T 386 -59.94 108.01 -4.21
CA SER T 386 -58.96 108.59 -3.30
C SER T 386 -57.58 108.68 -3.95
N LEU T 387 -57.18 107.62 -4.65
CA LEU T 387 -55.88 107.61 -5.33
C LEU T 387 -55.88 108.61 -6.48
N PHE T 388 -57.01 108.70 -7.18
CA PHE T 388 -57.15 109.68 -8.26
C PHE T 388 -57.04 111.11 -7.74
N GLU T 389 -57.72 111.42 -6.63
CA GLU T 389 -57.66 112.78 -6.12
C GLU T 389 -56.33 113.08 -5.46
N ARG T 390 -55.62 112.06 -4.97
CA ARG T 390 -54.24 112.27 -4.52
C ARG T 390 -53.34 112.71 -5.65
N THR T 391 -53.42 112.01 -6.78
CA THR T 391 -52.62 112.40 -7.93
C THR T 391 -53.09 113.74 -8.51
N CYS T 392 -54.40 114.00 -8.43
CA CYS T 392 -54.92 115.31 -8.79
C CYS T 392 -54.39 116.39 -7.87
N ARG T 393 -54.21 116.08 -6.59
CA ARG T 393 -53.68 117.05 -5.65
C ARG T 393 -52.22 117.33 -5.92
N GLN T 394 -51.47 116.29 -6.30
CA GLN T 394 -50.08 116.48 -6.72
C GLN T 394 -50.00 117.35 -7.98
N TYR T 395 -50.86 117.08 -8.95
CA TYR T 395 -50.94 117.91 -10.16
C TYR T 395 -51.33 119.34 -9.83
N ASP T 396 -52.29 119.51 -8.90
CA ASP T 396 -52.75 120.83 -8.51
C ASP T 396 -51.66 121.62 -7.82
N LYS T 397 -50.84 120.93 -7.00
CA LYS T 397 -49.71 121.57 -6.35
C LYS T 397 -48.68 122.04 -7.35
N LEU T 398 -48.23 121.14 -8.23
CA LEU T 398 -47.23 121.52 -9.22
C LEU T 398 -47.77 122.52 -10.24
N ARG T 399 -49.09 122.49 -10.47
CA ARG T 399 -49.70 123.41 -11.42
C ARG T 399 -49.88 124.79 -10.80
N LYS T 400 -50.15 124.86 -9.51
CA LYS T 400 -50.26 126.14 -8.82
C LYS T 400 -48.90 126.78 -8.67
N ARG T 401 -47.86 125.97 -8.44
CA ARG T 401 -46.53 126.53 -8.27
C ARG T 401 -45.96 127.06 -9.57
N GLU T 402 -46.32 126.44 -10.70
CA GLU T 402 -45.83 126.77 -12.05
C GLU T 402 -44.31 126.77 -12.15
N ALA T 403 -43.70 125.68 -11.68
CA ALA T 403 -42.25 125.54 -11.79
C ALA T 403 -41.88 124.12 -12.20
N PHE T 404 -42.86 123.30 -12.59
CA PHE T 404 -42.64 121.88 -12.78
C PHE T 404 -43.18 121.37 -14.11
N LEU T 405 -43.45 122.28 -15.05
CA LEU T 405 -43.65 121.89 -16.43
C LEU T 405 -42.31 121.65 -17.13
N GLU T 406 -41.23 122.25 -16.59
CA GLU T 406 -39.83 122.13 -16.99
C GLU T 406 -39.55 122.73 -18.37
N GLN T 407 -40.57 123.34 -18.99
CA GLN T 407 -40.57 123.81 -20.38
C GLN T 407 -40.05 122.71 -21.32
N PHE T 408 -40.80 121.61 -21.38
CA PHE T 408 -40.52 120.61 -22.39
C PHE T 408 -40.98 121.15 -23.73
N ARG T 409 -40.12 120.99 -24.74
CA ARG T 409 -40.37 121.63 -26.04
C ARG T 409 -41.53 120.97 -26.77
N LYS T 410 -41.66 119.65 -26.62
CA LYS T 410 -42.80 118.96 -27.21
C LYS T 410 -44.09 119.31 -26.49
N GLU T 411 -44.00 119.58 -25.17
CA GLU T 411 -45.17 120.01 -24.42
C GLU T 411 -45.62 121.40 -24.84
N ASP T 412 -44.67 122.29 -25.14
CA ASP T 412 -45.02 123.63 -25.60
C ASP T 412 -45.54 123.59 -27.03
N MET T 413 -44.89 122.84 -27.92
CA MET T 413 -45.28 122.82 -29.32
C MET T 413 -46.59 122.06 -29.52
N PHE T 414 -46.85 121.07 -28.67
CA PHE T 414 -48.10 120.33 -28.74
C PHE T 414 -49.28 121.20 -28.32
N LYS T 415 -49.12 121.96 -27.25
CA LYS T 415 -50.16 122.87 -26.80
C LYS T 415 -49.48 124.08 -26.18
N ASP T 416 -49.49 125.19 -26.91
CA ASP T 416 -48.86 126.42 -26.40
C ASP T 416 -49.68 127.03 -25.28
N ASN T 417 -50.98 126.76 -25.24
CA ASN T 417 -51.87 127.30 -24.23
C ASN T 417 -52.08 126.35 -23.06
N PHE T 418 -51.73 125.07 -23.23
CA PHE T 418 -51.84 124.02 -22.22
C PHE T 418 -53.27 123.87 -21.70
N ASP T 419 -54.24 124.03 -22.60
CA ASP T 419 -55.64 123.89 -22.25
C ASP T 419 -56.07 122.44 -22.14
N GLU T 420 -55.28 121.51 -22.68
CA GLU T 420 -55.58 120.10 -22.53
C GLU T 420 -55.42 119.65 -21.09
N MET T 421 -54.50 120.28 -20.35
CA MET T 421 -54.37 120.02 -18.92
C MET T 421 -55.62 120.46 -18.17
N ASP T 422 -56.18 121.60 -18.57
CA ASP T 422 -57.43 122.08 -17.97
C ASP T 422 -58.60 121.18 -18.32
N THR T 423 -58.66 120.71 -19.57
CA THR T 423 -59.75 119.82 -19.99
C THR T 423 -59.66 118.48 -19.28
N SER T 424 -58.45 117.94 -19.13
CA SER T 424 -58.23 116.71 -18.40
C SER T 424 -58.56 116.87 -16.92
N ARG T 425 -58.25 118.04 -16.35
CA ARG T 425 -58.60 118.32 -14.97
C ARG T 425 -60.11 118.38 -14.79
N GLU T 426 -60.81 118.98 -15.76
CA GLU T 426 -62.27 119.01 -15.72
C GLU T 426 -62.87 117.62 -15.84
N ILE T 427 -62.32 116.80 -16.72
CA ILE T 427 -62.82 115.45 -16.93
C ILE T 427 -62.59 114.59 -15.69
N VAL T 428 -61.40 114.70 -15.09
CA VAL T 428 -61.14 113.92 -13.89
C VAL T 428 -61.91 114.45 -12.70
N GLN T 429 -62.27 115.75 -12.72
CA GLN T 429 -63.11 116.28 -11.65
C GLN T 429 -64.54 115.76 -11.78
N GLN T 430 -65.05 115.70 -13.02
CA GLN T 430 -66.35 115.09 -13.27
C GLN T 430 -66.34 113.62 -12.90
N LEU T 431 -65.21 112.95 -13.12
CA LEU T 431 -65.06 111.55 -12.74
C LEU T 431 -65.13 111.37 -11.22
N ILE T 432 -64.42 112.23 -10.47
CA ILE T 432 -64.47 112.18 -9.01
C ILE T 432 -65.87 112.48 -8.50
N ASP T 433 -66.56 113.43 -9.14
CA ASP T 433 -67.93 113.77 -8.73
C ASP T 433 -68.90 112.62 -9.03
N GLU T 434 -68.72 111.94 -10.15
CA GLU T 434 -69.56 110.80 -10.47
C GLU T 434 -69.28 109.63 -9.55
N TYR T 435 -68.02 109.47 -9.13
CA TYR T 435 -67.65 108.48 -8.12
C TYR T 435 -68.37 108.74 -6.81
N HIS T 436 -68.30 109.99 -6.35
CA HIS T 436 -68.97 110.36 -5.10
C HIS T 436 -70.48 110.31 -5.23
N ALA T 437 -71.00 110.52 -6.44
CA ALA T 437 -72.44 110.44 -6.63
C ALA T 437 -72.91 108.99 -6.64
N ALA T 438 -72.08 108.09 -7.17
CA ALA T 438 -72.38 106.66 -7.10
C ALA T 438 -72.27 106.13 -5.68
N THR T 439 -71.44 106.80 -4.86
CA THR T 439 -71.37 106.47 -3.45
C THR T 439 -72.70 106.74 -2.74
N ARG T 440 -73.46 107.72 -3.23
CA ARG T 440 -74.70 108.14 -2.57
C ARG T 440 -75.79 107.09 -2.75
N PRO T 441 -76.80 107.08 -1.88
CA PRO T 441 -77.97 106.22 -2.12
C PRO T 441 -78.80 106.67 -3.31
N ASP T 442 -78.64 107.92 -3.74
CA ASP T 442 -79.27 108.39 -4.96
C ASP T 442 -78.19 108.49 -6.02
N TYR T 443 -78.42 107.83 -7.15
CA TYR T 443 -77.58 108.06 -8.31
C TYR T 443 -78.50 108.51 -9.43
N ILE T 444 -79.58 109.19 -9.03
CA ILE T 444 -80.34 110.09 -9.90
C ILE T 444 -79.82 111.52 -9.66
N SER T 445 -78.64 111.63 -9.09
CA SER T 445 -77.89 112.87 -8.97
C SER T 445 -76.51 112.64 -9.54
N TRP T 446 -76.15 113.41 -10.55
CA TRP T 446 -75.03 113.07 -11.42
C TRP T 446 -73.92 114.10 -11.29
N GLY T 447 -72.86 113.90 -12.08
CA GLY T 447 -71.71 114.79 -12.05
C GLY T 447 -70.91 114.72 -13.33
N ARG U 3 -53.25 64.89 -77.75
CA ARG U 3 -52.49 63.79 -78.36
C ARG U 3 -51.00 64.01 -78.23
N GLU U 4 -50.36 64.41 -79.34
CA GLU U 4 -48.92 64.63 -79.33
C GLU U 4 -48.64 66.12 -79.49
N ILE U 5 -47.66 66.61 -78.74
CA ILE U 5 -47.31 68.02 -78.71
C ILE U 5 -45.93 68.21 -79.31
N ILE U 6 -45.80 69.16 -80.22
CA ILE U 6 -44.53 69.54 -80.82
C ILE U 6 -44.14 70.90 -80.24
N THR U 7 -43.02 70.93 -79.54
CA THR U 7 -42.60 72.10 -78.79
C THR U 7 -41.59 72.90 -79.57
N LEU U 8 -41.80 74.21 -79.65
CA LEU U 8 -40.97 75.08 -80.45
C LEU U 8 -40.23 76.01 -79.51
N GLN U 9 -38.93 76.16 -79.74
CA GLN U 9 -38.11 77.03 -78.89
C GLN U 9 -37.26 77.93 -79.77
N LEU U 10 -37.15 79.18 -79.37
CA LEU U 10 -36.52 80.20 -80.20
C LEU U 10 -36.09 81.35 -79.30
N GLY U 11 -35.03 82.03 -79.71
CA GLY U 11 -34.42 83.06 -78.88
C GLY U 11 -33.55 82.46 -77.80
N GLN U 12 -32.69 83.29 -77.21
CA GLN U 12 -31.80 82.79 -76.17
C GLN U 12 -32.56 82.45 -74.90
N CYS U 13 -33.52 83.31 -74.52
CA CYS U 13 -34.34 83.03 -73.35
C CYS U 13 -35.28 81.85 -73.59
N GLY U 14 -35.83 81.76 -74.80
CA GLY U 14 -36.71 80.65 -75.13
C GLY U 14 -35.97 79.32 -75.22
N ASN U 15 -34.76 79.34 -75.78
CA ASN U 15 -33.96 78.12 -75.80
C ASN U 15 -33.47 77.77 -74.40
N GLN U 16 -33.28 78.78 -73.53
CA GLN U 16 -32.92 78.51 -72.14
C GLN U 16 -34.04 77.78 -71.42
N ILE U 17 -35.26 78.30 -71.49
CA ILE U 17 -36.38 77.66 -70.81
C ILE U 17 -36.74 76.33 -71.45
N GLY U 18 -36.56 76.17 -72.77
CA GLY U 18 -36.75 74.87 -73.38
C GLY U 18 -35.70 73.86 -72.97
N PHE U 19 -34.45 74.33 -72.81
CA PHE U 19 -33.37 73.46 -72.35
C PHE U 19 -33.64 72.95 -70.94
N GLU U 20 -34.05 73.84 -70.04
CA GLU U 20 -34.32 73.41 -68.68
C GLU U 20 -35.57 72.55 -68.60
N PHE U 21 -36.57 72.82 -69.46
CA PHE U 21 -37.77 71.99 -69.49
C PHE U 21 -37.48 70.59 -70.01
N TRP U 22 -36.64 70.50 -71.05
CA TRP U 22 -36.27 69.19 -71.58
C TRP U 22 -35.42 68.42 -70.60
N LYS U 23 -34.51 69.11 -69.89
CA LYS U 23 -33.74 68.46 -68.84
C LYS U 23 -34.62 68.00 -67.70
N GLN U 24 -35.66 68.79 -67.37
CA GLN U 24 -36.59 68.42 -66.32
C GLN U 24 -37.40 67.19 -66.70
N LEU U 25 -37.89 67.13 -67.94
CA LEU U 25 -38.61 65.95 -68.38
C LEU U 25 -37.71 64.76 -68.61
N CYS U 26 -36.42 64.98 -68.86
CA CYS U 26 -35.47 63.89 -68.95
C CYS U 26 -35.24 63.26 -67.59
N ALA U 27 -35.06 64.10 -66.56
CA ALA U 27 -34.92 63.60 -65.20
C ALA U 27 -36.22 62.99 -64.70
N GLU U 28 -37.36 63.50 -65.16
CA GLU U 28 -38.65 63.04 -64.67
C GLU U 28 -38.98 61.65 -65.20
N HIS U 29 -38.95 61.49 -66.51
CA HIS U 29 -39.25 60.19 -67.10
C HIS U 29 -38.02 59.31 -67.04
N GLY U 30 -38.22 58.02 -67.30
CA GLY U 30 -37.15 57.05 -67.20
C GLY U 30 -36.24 57.01 -68.40
N ILE U 31 -35.45 58.06 -68.61
CA ILE U 31 -34.52 58.15 -69.72
C ILE U 31 -33.22 58.74 -69.24
N SER U 32 -32.13 58.35 -69.91
CA SER U 32 -30.82 58.94 -69.75
C SER U 32 -30.74 60.26 -70.51
N PRO U 33 -29.68 61.05 -70.32
CA PRO U 33 -29.46 62.19 -71.23
C PRO U 33 -29.14 61.80 -72.66
N GLU U 34 -28.74 60.55 -72.89
CA GLU U 34 -28.71 60.01 -74.24
C GLU U 34 -30.09 59.57 -74.70
N GLY U 35 -30.96 59.18 -73.77
CA GLY U 35 -32.25 58.61 -74.08
C GLY U 35 -32.37 57.14 -73.77
N ILE U 36 -31.52 56.62 -72.89
CA ILE U 36 -31.47 55.18 -72.64
C ILE U 36 -32.57 54.82 -71.64
N VAL U 37 -33.32 53.77 -71.97
CA VAL U 37 -34.54 53.41 -71.24
C VAL U 37 -34.19 52.92 -69.84
N GLU U 38 -35.03 53.26 -68.88
CA GLU U 38 -34.87 52.78 -67.51
C GLU U 38 -35.84 51.66 -67.23
N GLU U 39 -35.68 51.05 -66.05
CA GLU U 39 -36.46 49.87 -65.72
C GLU U 39 -37.74 50.22 -64.97
N PHE U 40 -37.93 51.50 -64.62
CA PHE U 40 -39.15 51.89 -63.92
C PHE U 40 -40.14 52.57 -64.86
N ALA U 41 -39.81 52.65 -66.14
CA ALA U 41 -40.66 53.33 -67.12
C ALA U 41 -40.50 52.68 -68.48
N THR U 45 -49.17 53.63 -65.17
CA THR U 45 -50.03 54.43 -66.02
C THR U 45 -49.32 55.72 -66.42
N ASP U 46 -48.69 55.71 -67.59
CA ASP U 46 -47.89 56.82 -68.07
C ASP U 46 -48.16 57.06 -69.56
N ARG U 47 -47.41 58.00 -70.14
CA ARG U 47 -47.27 58.10 -71.60
C ARG U 47 -45.94 58.79 -71.90
N LYS U 48 -45.23 58.27 -72.91
CA LYS U 48 -43.98 58.86 -73.36
C LYS U 48 -44.07 59.19 -74.84
N ASP U 49 -45.21 59.74 -75.25
CA ASP U 49 -45.43 60.05 -76.66
C ASP U 49 -46.09 61.42 -76.81
N VAL U 50 -46.00 62.24 -75.78
CA VAL U 50 -46.65 63.55 -75.79
C VAL U 50 -45.69 64.62 -76.28
N PHE U 51 -44.50 64.67 -75.67
CA PHE U 51 -43.43 65.53 -76.15
C PHE U 51 -42.36 64.73 -76.84
N PHE U 52 -42.37 63.41 -76.69
CA PHE U 52 -41.30 62.53 -77.11
C PHE U 52 -41.77 61.76 -78.33
N TYR U 53 -40.95 61.72 -79.36
CA TYR U 53 -41.13 60.67 -80.34
C TYR U 53 -40.37 59.44 -79.88
N GLN U 54 -40.98 58.27 -80.05
CA GLN U 54 -40.26 57.01 -79.94
C GLN U 54 -39.33 57.00 -81.13
N ALA U 55 -38.10 57.47 -80.91
CA ALA U 55 -37.23 57.72 -82.04
C ALA U 55 -36.28 56.54 -82.24
N ASP U 56 -35.51 56.64 -83.31
CA ASP U 56 -35.12 55.45 -84.06
C ASP U 56 -33.74 54.93 -83.69
N ASP U 57 -33.21 55.34 -82.53
CA ASP U 57 -32.04 54.73 -81.94
C ASP U 57 -32.26 54.40 -80.47
N GLU U 58 -33.52 54.09 -80.12
CA GLU U 58 -33.98 53.72 -78.78
C GLU U 58 -33.74 54.86 -77.79
N HIS U 59 -33.75 56.08 -78.32
CA HIS U 59 -33.79 57.29 -77.51
C HIS U 59 -35.14 57.95 -77.77
N TYR U 60 -35.87 58.28 -76.71
CA TYR U 60 -37.12 58.99 -76.87
C TYR U 60 -36.80 60.46 -77.14
N ILE U 61 -36.48 60.75 -78.40
CA ILE U 61 -35.99 62.07 -78.80
C ILE U 61 -37.20 63.01 -78.87
N PRO U 62 -37.19 64.12 -78.13
CA PRO U 62 -38.30 65.06 -78.22
C PRO U 62 -38.34 65.76 -79.56
N ARG U 63 -39.55 66.06 -80.01
CA ARG U 63 -39.74 66.86 -81.21
C ARG U 63 -39.59 68.33 -80.86
N ALA U 64 -38.38 68.85 -81.02
CA ALA U 64 -38.07 70.22 -80.67
C ALA U 64 -37.44 70.91 -81.87
N VAL U 65 -37.94 72.12 -82.17
CA VAL U 65 -37.37 72.96 -83.21
C VAL U 65 -36.35 73.88 -82.57
N LEU U 66 -35.09 73.71 -82.97
CA LEU U 66 -33.99 74.48 -82.41
C LEU U 66 -33.72 75.66 -83.31
N LEU U 67 -33.98 76.86 -82.80
CA LEU U 67 -33.76 78.09 -83.54
C LEU U 67 -32.76 78.95 -82.78
N ASP U 68 -31.82 79.54 -83.51
CA ASP U 68 -30.79 80.35 -82.89
C ASP U 68 -30.73 81.70 -83.60
N LEU U 69 -30.52 82.74 -82.81
CA LEU U 69 -30.38 84.10 -83.30
C LEU U 69 -29.41 84.81 -82.38
N GLU U 70 -28.20 85.07 -82.88
CA GLU U 70 -27.03 85.51 -82.12
C GLU U 70 -26.77 84.53 -80.97
N PRO U 71 -26.33 83.31 -81.26
CA PRO U 71 -26.28 82.28 -80.20
C PRO U 71 -25.08 82.46 -79.28
N ARG U 72 -25.37 82.50 -77.98
CA ARG U 72 -24.30 82.48 -76.98
C ARG U 72 -24.54 81.30 -76.05
N VAL U 73 -25.73 81.25 -75.44
CA VAL U 73 -26.07 80.14 -74.55
C VAL U 73 -26.47 78.91 -75.34
N ILE U 74 -26.84 79.08 -76.60
CA ILE U 74 -27.20 77.95 -77.45
C ILE U 74 -25.96 77.14 -77.81
N HIS U 75 -24.80 77.79 -77.86
CA HIS U 75 -23.53 77.08 -77.97
C HIS U 75 -23.28 76.20 -76.76
N SER U 76 -23.64 76.69 -75.57
CA SER U 76 -23.52 75.87 -74.37
C SER U 76 -24.52 74.72 -74.37
N ILE U 77 -25.69 74.93 -74.98
CA ILE U 77 -26.65 73.86 -75.18
C ILE U 77 -26.09 72.81 -76.13
N LEU U 78 -25.24 73.25 -77.08
CA LEU U 78 -24.66 72.33 -78.04
C LEU U 78 -23.70 71.34 -77.40
N ASN U 79 -22.68 71.82 -76.69
CA ASN U 79 -21.77 70.89 -76.01
C ASN U 79 -22.34 70.50 -74.66
N SER U 80 -23.27 69.56 -74.67
CA SER U 80 -24.02 69.23 -73.46
C SER U 80 -24.47 67.78 -73.56
N PRO U 81 -24.67 67.09 -72.42
CA PRO U 81 -25.18 65.73 -72.48
C PRO U 81 -26.64 65.63 -72.87
N TYR U 82 -27.37 66.74 -72.85
CA TYR U 82 -28.75 66.77 -73.32
C TYR U 82 -28.85 67.12 -74.79
N ALA U 83 -27.71 67.26 -75.47
CA ALA U 83 -27.69 67.32 -76.92
C ALA U 83 -27.67 65.94 -77.55
N LYS U 84 -27.51 64.90 -76.74
CA LYS U 84 -27.74 63.54 -77.19
C LYS U 84 -29.18 63.10 -76.98
N LEU U 85 -29.96 63.89 -76.24
CA LEU U 85 -31.39 63.60 -76.10
C LEU U 85 -32.18 64.14 -77.29
N TYR U 86 -32.00 65.41 -77.62
CA TYR U 86 -32.71 66.00 -78.75
C TYR U 86 -31.73 66.77 -79.63
N ASN U 87 -31.66 66.35 -80.90
CA ASN U 87 -31.05 67.07 -82.01
C ASN U 87 -31.49 66.47 -83.33
N PRO U 88 -32.65 66.83 -83.88
CA PRO U 88 -32.99 66.39 -85.24
C PRO U 88 -32.31 67.21 -86.34
N GLU U 89 -31.30 68.00 -85.97
CA GLU U 89 -30.38 68.74 -86.84
C GLU U 89 -31.14 69.71 -87.71
N ASN U 90 -31.73 70.73 -87.08
CA ASN U 90 -32.52 71.73 -87.79
C ASN U 90 -32.16 73.13 -87.31
N ILE U 91 -30.96 73.27 -86.76
CA ILE U 91 -30.49 74.55 -86.25
C ILE U 91 -30.20 75.48 -87.42
N TYR U 92 -30.86 76.63 -87.46
CA TYR U 92 -30.69 77.58 -88.54
C TYR U 92 -30.80 78.99 -87.99
N LEU U 93 -29.89 79.86 -88.41
CA LEU U 93 -29.85 81.23 -87.93
C LEU U 93 -31.01 82.05 -88.48
N GLY U 101 -32.96 90.03 -82.61
CA GLY U 101 -31.67 90.12 -81.96
C GLY U 101 -31.72 90.95 -80.69
N ASN U 102 -31.81 92.27 -80.87
CA ASN U 102 -32.08 93.18 -79.76
C ASN U 102 -33.28 94.06 -80.05
N ASN U 103 -34.03 93.74 -81.10
CA ASN U 103 -35.18 94.54 -81.49
C ASN U 103 -36.27 93.64 -82.05
N TRP U 104 -37.51 94.15 -81.96
CA TRP U 104 -38.65 93.46 -82.55
C TRP U 104 -38.62 93.55 -84.06
N ALA U 105 -38.25 94.72 -84.60
CA ALA U 105 -38.25 94.91 -86.04
C ALA U 105 -37.16 94.08 -86.70
N SER U 106 -35.99 93.98 -86.06
CA SER U 106 -34.89 93.20 -86.62
C SER U 106 -35.22 91.72 -86.66
N GLY U 107 -35.74 91.18 -85.55
CA GLY U 107 -36.12 89.78 -85.51
C GLY U 107 -37.28 89.46 -86.43
N PHE U 108 -38.24 90.39 -86.53
CA PHE U 108 -39.35 90.22 -87.45
C PHE U 108 -38.91 90.18 -88.90
N SER U 109 -38.03 91.13 -89.30
CA SER U 109 -37.57 91.18 -90.68
C SER U 109 -36.67 90.00 -91.01
N GLN U 110 -35.82 89.59 -90.06
CA GLN U 110 -34.97 88.43 -90.28
C GLN U 110 -35.79 87.16 -90.38
N GLY U 111 -36.87 87.04 -89.59
CA GLY U 111 -37.74 85.90 -89.73
C GLY U 111 -38.55 85.94 -91.02
N GLU U 112 -38.84 87.15 -91.51
CA GLU U 112 -39.61 87.30 -92.73
C GLU U 112 -38.86 86.79 -93.94
N LYS U 113 -37.56 87.09 -94.04
CA LYS U 113 -36.83 86.77 -95.27
C LYS U 113 -36.50 85.30 -95.39
N ILE U 114 -36.59 84.52 -94.30
CA ILE U 114 -36.22 83.11 -94.34
C ILE U 114 -37.36 82.19 -93.87
N HIS U 115 -38.62 82.58 -94.07
CA HIS U 115 -39.74 81.82 -93.51
C HIS U 115 -39.90 80.45 -94.17
N GLU U 116 -39.31 80.27 -95.35
CA GLU U 116 -39.59 79.11 -96.18
C GLU U 116 -38.99 77.83 -95.61
N ASP U 117 -37.68 77.84 -95.35
CA ASP U 117 -37.02 76.63 -94.92
C ASP U 117 -37.30 76.33 -93.45
N ILE U 118 -37.54 77.36 -92.63
CA ILE U 118 -37.94 77.09 -91.26
C ILE U 118 -39.38 76.57 -91.23
N PHE U 119 -40.21 76.99 -92.21
CA PHE U 119 -41.50 76.37 -92.36
C PHE U 119 -41.38 74.94 -92.85
N ASP U 120 -40.35 74.65 -93.64
CA ASP U 120 -40.06 73.27 -94.02
C ASP U 120 -39.60 72.45 -92.83
N ILE U 121 -38.87 73.07 -91.91
CA ILE U 121 -38.49 72.41 -90.65
C ILE U 121 -39.73 72.07 -89.83
N ILE U 122 -40.67 73.03 -89.75
CA ILE U 122 -41.96 72.80 -89.10
C ILE U 122 -42.73 71.69 -89.81
N ASP U 123 -42.65 71.65 -91.14
CA ASP U 123 -43.34 70.64 -91.93
C ASP U 123 -42.73 69.27 -91.72
N ARG U 124 -41.42 69.21 -91.57
CA ARG U 124 -40.71 67.96 -91.32
C ARG U 124 -41.15 67.33 -90.01
N GLU U 125 -41.20 68.12 -88.93
CA GLU U 125 -41.63 67.56 -87.65
C GLU U 125 -43.15 67.35 -87.62
N ALA U 126 -43.90 68.12 -88.40
CA ALA U 126 -45.35 67.88 -88.51
C ALA U 126 -45.60 66.55 -89.21
N ASP U 127 -44.77 66.22 -90.20
CA ASP U 127 -44.83 64.90 -90.79
C ASP U 127 -44.21 63.86 -89.87
N GLY U 128 -43.41 64.30 -88.88
CA GLY U 128 -42.73 63.35 -88.02
C GLY U 128 -43.67 62.58 -87.09
N SER U 129 -44.57 63.29 -86.43
CA SER U 129 -45.48 62.64 -85.49
C SER U 129 -46.74 62.16 -86.20
N ASP U 130 -47.35 61.12 -85.66
CA ASP U 130 -48.57 60.59 -86.25
C ASP U 130 -49.77 61.50 -85.99
N SER U 131 -49.88 62.03 -84.77
CA SER U 131 -50.96 62.93 -84.40
C SER U 131 -50.38 64.21 -83.86
N LEU U 132 -51.24 65.23 -83.72
CA LEU U 132 -50.81 66.53 -83.24
C LEU U 132 -51.93 67.15 -82.43
N GLU U 133 -51.56 67.82 -81.35
CA GLU U 133 -52.54 68.49 -80.51
C GLU U 133 -52.32 69.99 -80.50
N GLY U 134 -51.06 70.43 -80.46
CA GLY U 134 -50.78 71.85 -80.39
C GLY U 134 -49.32 72.18 -80.59
N PHE U 135 -49.05 73.47 -80.70
CA PHE U 135 -47.69 74.00 -80.82
C PHE U 135 -47.41 74.89 -79.61
N VAL U 136 -46.48 74.48 -78.77
CA VAL U 136 -46.11 75.21 -77.57
C VAL U 136 -44.85 76.00 -77.89
N LEU U 137 -44.94 77.32 -77.79
CA LEU U 137 -43.84 78.21 -78.14
C LEU U 137 -43.12 78.66 -76.89
N CYS U 138 -41.85 78.30 -76.78
CA CYS U 138 -40.98 78.84 -75.75
C CYS U 138 -40.60 80.25 -76.20
N HIS U 139 -41.16 81.24 -75.52
CA HIS U 139 -41.09 82.61 -76.01
C HIS U 139 -40.80 83.55 -74.84
N SER U 140 -40.11 84.63 -75.16
CA SER U 140 -39.87 85.71 -74.21
C SER U 140 -40.35 87.01 -74.84
N ILE U 141 -41.18 87.74 -74.09
CA ILE U 141 -41.78 88.96 -74.59
C ILE U 141 -40.80 90.11 -74.39
N ALA U 142 -40.44 90.78 -75.49
CA ALA U 142 -39.44 91.85 -75.54
C ALA U 142 -38.09 91.37 -75.00
N GLY U 143 -37.74 90.13 -75.33
CA GLY U 143 -36.45 89.59 -74.98
C GLY U 143 -35.38 89.90 -75.99
N GLY U 144 -35.74 90.62 -77.06
CA GLY U 144 -34.80 90.96 -78.10
C GLY U 144 -34.62 89.83 -79.08
N THR U 145 -33.97 88.76 -78.62
CA THR U 145 -33.74 87.59 -79.47
C THR U 145 -35.04 86.88 -79.80
N GLY U 146 -35.89 86.66 -78.81
CA GLY U 146 -37.17 86.01 -79.08
C GLY U 146 -38.15 86.92 -79.78
N SER U 147 -38.03 88.22 -79.55
CA SER U 147 -39.00 89.21 -80.02
C SER U 147 -38.90 89.40 -81.53
N GLY U 148 -40.06 89.66 -82.14
CA GLY U 148 -40.13 89.89 -83.57
C GLY U 148 -40.18 88.61 -84.38
N LEU U 149 -39.13 87.80 -84.26
CA LEU U 149 -39.14 86.48 -84.88
C LEU U 149 -40.24 85.61 -84.30
N GLY U 150 -40.48 85.72 -82.97
CA GLY U 150 -41.56 84.96 -82.36
C GLY U 150 -42.93 85.41 -82.82
N SER U 151 -43.12 86.73 -82.96
CA SER U 151 -44.40 87.25 -83.43
C SER U 151 -44.65 86.89 -84.89
N TYR U 152 -43.59 86.95 -85.72
CA TYR U 152 -43.73 86.59 -87.12
C TYR U 152 -44.01 85.11 -87.28
N LEU U 153 -43.32 84.26 -86.52
CA LEU U 153 -43.57 82.83 -86.56
C LEU U 153 -44.94 82.48 -86.02
N LEU U 154 -45.45 83.29 -85.08
CA LEU U 154 -46.81 83.11 -84.59
C LEU U 154 -47.82 83.37 -85.70
N GLU U 155 -47.57 84.41 -86.50
CA GLU U 155 -48.42 84.67 -87.66
C GLU U 155 -48.33 83.54 -88.67
N ARG U 156 -47.12 83.00 -88.89
CA ARG U 156 -46.96 81.91 -89.85
C ARG U 156 -47.67 80.65 -89.40
N LEU U 157 -47.59 80.33 -88.11
CA LEU U 157 -48.19 79.10 -87.59
C LEU U 157 -49.71 79.18 -87.58
N ASN U 158 -50.27 80.32 -87.15
CA ASN U 158 -51.73 80.38 -87.06
C ASN U 158 -52.35 80.54 -88.44
N ASP U 159 -51.65 81.15 -89.39
CA ASP U 159 -52.18 81.24 -90.74
C ASP U 159 -52.07 79.91 -91.48
N ARG U 160 -50.93 79.22 -91.32
CA ARG U 160 -50.70 78.03 -92.12
C ARG U 160 -51.52 76.85 -91.64
N TYR U 161 -51.74 76.75 -90.33
CA TYR U 161 -52.51 75.64 -89.77
C TYR U 161 -53.63 76.17 -88.90
N PRO U 162 -54.86 76.25 -89.43
CA PRO U 162 -55.98 76.75 -88.64
C PRO U 162 -56.68 75.67 -87.82
N LYS U 163 -56.25 74.42 -87.95
CA LYS U 163 -56.95 73.31 -87.30
C LYS U 163 -56.31 72.89 -85.99
N LYS U 164 -55.16 73.46 -85.64
CA LYS U 164 -54.45 73.07 -84.43
C LYS U 164 -54.44 74.20 -83.41
N LEU U 165 -53.85 73.92 -82.26
CA LEU U 165 -53.77 74.86 -81.16
C LEU U 165 -52.41 75.53 -81.14
N VAL U 166 -52.38 76.79 -80.72
CA VAL U 166 -51.15 77.55 -80.54
C VAL U 166 -51.07 77.97 -79.07
N GLN U 167 -50.01 77.53 -78.39
CA GLN U 167 -49.75 77.97 -77.03
C GLN U 167 -48.45 78.75 -76.97
N THR U 168 -48.45 79.81 -76.17
CA THR U 168 -47.28 80.67 -76.02
C THR U 168 -47.04 80.92 -74.54
N TYR U 169 -46.00 80.29 -74.00
CA TYR U 169 -45.56 80.56 -72.65
C TYR U 169 -44.76 81.86 -72.68
N SER U 170 -45.25 82.86 -71.94
CA SER U 170 -44.76 84.21 -72.10
C SER U 170 -44.42 84.79 -70.74
N VAL U 171 -43.42 85.67 -70.73
CA VAL U 171 -43.05 86.43 -69.55
C VAL U 171 -43.59 87.84 -69.71
N PHE U 172 -43.78 88.54 -68.59
CA PHE U 172 -44.18 89.94 -68.68
C PHE U 172 -42.96 90.82 -68.48
N PRO U 173 -42.67 91.72 -69.43
CA PRO U 173 -41.37 92.40 -69.44
C PRO U 173 -41.25 93.48 -68.37
N ASN U 174 -40.96 93.04 -67.15
CA ASN U 174 -40.62 93.94 -66.06
C ASN U 174 -39.58 93.27 -65.17
N GLN U 175 -38.32 93.58 -65.39
CA GLN U 175 -37.23 92.96 -64.65
C GLN U 175 -36.48 93.95 -63.80
N ASP U 176 -37.16 95.01 -63.33
CA ASP U 176 -36.61 96.10 -62.51
C ASP U 176 -35.47 96.80 -63.24
N GLU U 177 -35.68 97.03 -64.54
CA GLU U 177 -34.66 97.58 -65.42
C GLU U 177 -34.38 99.04 -65.13
N ASP U 180 -29.76 99.96 -71.19
CA ASP U 180 -31.18 100.21 -70.98
C ASP U 180 -31.92 100.28 -72.31
N VAL U 181 -33.08 99.63 -72.36
CA VAL U 181 -33.89 99.54 -73.57
C VAL U 181 -35.17 100.33 -73.38
N VAL U 182 -35.37 101.36 -74.19
CA VAL U 182 -36.57 102.18 -74.12
C VAL U 182 -37.52 101.90 -75.27
N VAL U 183 -37.12 101.07 -76.23
CA VAL U 183 -38.00 100.61 -77.29
C VAL U 183 -38.79 99.38 -76.85
N GLN U 184 -38.49 98.87 -75.65
CA GLN U 184 -39.16 97.71 -75.07
C GLN U 184 -40.69 97.84 -74.94
N PRO U 185 -41.28 98.99 -74.57
CA PRO U 185 -42.77 99.06 -74.65
C PRO U 185 -43.32 98.93 -76.05
N TYR U 186 -42.63 99.48 -77.05
CA TYR U 186 -43.08 99.33 -78.43
C TYR U 186 -43.02 97.88 -78.89
N ASN U 187 -41.92 97.19 -78.54
CA ASN U 187 -41.75 95.79 -78.90
C ASN U 187 -42.79 94.92 -78.22
N SER U 188 -43.00 95.14 -76.91
CA SER U 188 -44.00 94.37 -76.18
C SER U 188 -45.40 94.65 -76.66
N LEU U 189 -45.68 95.89 -77.09
CA LEU U 189 -46.99 96.25 -77.60
C LEU U 189 -47.29 95.56 -78.92
N LEU U 190 -46.30 95.57 -79.84
CA LEU U 190 -46.48 94.88 -81.12
C LEU U 190 -46.60 93.37 -80.92
N THR U 191 -45.78 92.81 -80.03
CA THR U 191 -45.86 91.38 -79.76
C THR U 191 -47.18 91.01 -79.09
N LEU U 192 -47.71 91.90 -78.26
CA LEU U 192 -48.98 91.63 -77.60
C LEU U 192 -50.14 91.71 -78.58
N LYS U 193 -50.03 92.60 -79.59
CA LYS U 193 -50.99 92.61 -80.68
C LYS U 193 -51.01 91.27 -81.40
N ARG U 194 -49.84 90.73 -81.69
CA ARG U 194 -49.75 89.42 -82.31
C ARG U 194 -50.28 88.33 -81.39
N LEU U 195 -50.04 88.47 -80.09
CA LEU U 195 -50.52 87.47 -79.12
C LEU U 195 -52.03 87.45 -79.02
N THR U 196 -52.66 88.62 -79.06
CA THR U 196 -54.11 88.68 -78.98
C THR U 196 -54.76 88.19 -80.26
N GLN U 197 -54.12 88.43 -81.40
CA GLN U 197 -54.77 88.17 -82.67
C GLN U 197 -54.40 86.84 -83.31
N ASN U 198 -53.21 86.29 -82.99
CA ASN U 198 -52.69 85.13 -83.69
C ASN U 198 -52.45 83.95 -82.76
N ALA U 199 -53.14 83.89 -81.63
CA ALA U 199 -52.95 82.79 -80.68
C ALA U 199 -54.29 82.33 -80.15
N ASP U 200 -54.39 81.04 -79.86
CA ASP U 200 -55.57 80.46 -79.24
C ASP U 200 -55.56 80.59 -77.72
N CYS U 201 -54.37 80.52 -77.11
CA CYS U 201 -54.24 80.65 -75.67
C CYS U 201 -52.82 81.14 -75.39
N VAL U 202 -52.69 81.95 -74.35
CA VAL U 202 -51.40 82.48 -73.93
C VAL U 202 -51.26 82.25 -72.42
N VAL U 203 -50.13 81.68 -72.01
CA VAL U 203 -49.79 81.55 -70.60
C VAL U 203 -48.76 82.62 -70.29
N VAL U 204 -49.12 83.54 -69.39
CA VAL U 204 -48.31 84.70 -69.08
C VAL U 204 -47.81 84.61 -67.65
N LEU U 205 -46.55 84.95 -67.44
CA LEU U 205 -45.96 85.07 -66.12
C LEU U 205 -45.32 86.44 -65.98
N ASP U 206 -45.08 86.86 -64.74
CA ASP U 206 -44.40 88.12 -64.47
C ASP U 206 -42.97 87.84 -64.04
N ASN U 207 -42.02 88.54 -64.66
CA ASN U 207 -40.62 88.39 -64.28
C ASN U 207 -40.37 88.97 -62.89
N THR U 208 -41.06 90.07 -62.55
CA THR U 208 -40.86 90.69 -61.24
C THR U 208 -41.44 89.82 -60.13
N ALA U 209 -42.55 89.12 -60.41
CA ALA U 209 -43.15 88.24 -59.41
C ALA U 209 -42.26 87.06 -59.08
N LEU U 210 -41.74 86.39 -60.11
CA LEU U 210 -40.81 85.28 -59.90
C LEU U 210 -39.50 85.78 -59.31
N ASN U 211 -39.10 87.01 -59.63
CA ASN U 211 -37.91 87.60 -59.03
C ASN U 211 -38.10 87.84 -57.54
N ARG U 212 -39.28 88.34 -57.15
CA ARG U 212 -39.60 88.54 -55.75
C ARG U 212 -39.65 87.22 -54.99
N ILE U 213 -40.26 86.20 -55.59
CA ILE U 213 -40.35 84.89 -54.96
C ILE U 213 -38.98 84.25 -54.82
N ALA U 214 -38.11 84.43 -55.81
CA ALA U 214 -36.77 83.85 -55.75
C ALA U 214 -35.89 84.56 -54.72
N THR U 215 -35.94 85.90 -54.68
CA THR U 215 -35.22 86.65 -53.66
C THR U 215 -35.83 86.45 -52.27
N ASP U 216 -37.07 85.96 -52.21
CA ASP U 216 -37.66 85.58 -50.93
C ASP U 216 -37.13 84.24 -50.45
N ARG U 217 -37.32 83.18 -51.23
CA ARG U 217 -37.08 81.82 -50.75
C ARG U 217 -35.60 81.53 -50.55
N LEU U 218 -34.74 82.14 -51.36
CA LEU U 218 -33.31 82.15 -51.13
C LEU U 218 -32.87 83.59 -50.94
N HIS U 219 -31.56 83.79 -50.94
CA HIS U 219 -30.98 85.12 -50.82
C HIS U 219 -30.08 85.34 -52.03
N ILE U 220 -30.58 84.97 -53.20
CA ILE U 220 -29.85 85.10 -54.45
C ILE U 220 -30.22 86.44 -55.06
N GLN U 221 -29.23 87.10 -55.64
CA GLN U 221 -29.44 88.37 -56.33
C GLN U 221 -28.93 88.32 -57.75
N ASN U 222 -27.77 87.72 -57.98
CA ASN U 222 -27.17 87.65 -59.31
C ASN U 222 -27.69 86.51 -60.20
N PRO U 223 -27.76 85.21 -59.78
CA PRO U 223 -28.23 84.20 -60.73
C PRO U 223 -29.74 84.06 -60.82
N SER U 224 -30.45 85.18 -60.97
CA SER U 224 -31.90 85.15 -60.95
C SER U 224 -32.48 84.46 -62.18
N PHE U 225 -31.78 84.58 -63.32
CA PHE U 225 -32.26 84.02 -64.58
C PHE U 225 -32.42 82.51 -64.50
N SER U 226 -31.38 81.82 -64.05
CA SER U 226 -31.36 80.36 -64.01
C SER U 226 -32.40 79.81 -63.05
N GLN U 227 -32.63 80.51 -61.94
CA GLN U 227 -33.60 80.04 -60.96
C GLN U 227 -35.02 80.26 -61.45
N ILE U 228 -35.26 81.39 -62.12
CA ILE U 228 -36.53 81.60 -62.82
C ILE U 228 -36.77 80.52 -63.86
N ASN U 229 -35.70 80.06 -64.54
CA ASN U 229 -35.81 78.97 -65.50
C ASN U 229 -36.27 77.69 -64.82
N GLN U 230 -35.77 77.42 -63.60
CA GLN U 230 -36.22 76.28 -62.82
C GLN U 230 -37.71 76.37 -62.53
N LEU U 231 -38.18 77.58 -62.18
CA LEU U 231 -39.59 77.77 -61.87
C LEU U 231 -40.49 77.53 -63.07
N VAL U 232 -40.13 78.09 -64.24
CA VAL U 232 -41.03 77.98 -65.38
C VAL U 232 -41.01 76.55 -65.92
N SER U 233 -39.85 75.87 -65.83
CA SER U 233 -39.78 74.47 -66.26
C SER U 233 -40.60 73.57 -65.36
N THR U 234 -40.59 73.84 -64.04
CA THR U 234 -41.42 73.07 -63.13
C THR U 234 -42.91 73.32 -63.39
N ILE U 235 -43.27 74.56 -63.70
CA ILE U 235 -44.66 74.88 -64.02
C ILE U 235 -45.09 74.21 -65.32
N MET U 236 -44.21 74.20 -66.31
CA MET U 236 -44.54 73.60 -67.61
C MET U 236 -44.66 72.09 -67.51
N SER U 237 -43.85 71.46 -66.66
CA SER U 237 -44.03 70.03 -66.43
C SER U 237 -45.32 69.76 -65.65
N ALA U 238 -45.63 70.63 -64.69
CA ALA U 238 -46.81 70.44 -63.86
C ALA U 238 -48.10 70.62 -64.66
N SER U 239 -48.10 71.54 -65.63
CA SER U 239 -49.29 71.79 -66.43
C SER U 239 -49.58 70.66 -67.40
N THR U 240 -48.56 69.99 -67.92
CA THR U 240 -48.75 68.90 -68.87
C THR U 240 -48.59 67.53 -68.24
N THR U 241 -48.49 67.45 -66.91
CA THR U 241 -48.54 66.15 -66.23
C THR U 241 -49.85 65.41 -66.51
N THR U 242 -50.97 66.12 -66.61
CA THR U 242 -52.25 65.47 -66.87
C THR U 242 -52.36 64.98 -68.31
N LEU U 243 -51.55 65.54 -69.23
CA LEU U 243 -51.48 64.99 -70.57
C LEU U 243 -50.48 63.85 -70.66
N ARG U 244 -49.35 63.99 -69.98
CA ARG U 244 -48.30 62.99 -70.03
C ARG U 244 -48.67 61.74 -69.25
N TYR U 245 -49.54 61.88 -68.25
CA TYR U 245 -50.00 60.73 -67.48
C TYR U 245 -51.50 60.58 -67.69
N PRO U 246 -51.96 59.41 -68.12
CA PRO U 246 -53.36 59.28 -68.54
C PRO U 246 -54.34 59.39 -67.41
N GLY U 247 -55.22 60.38 -67.52
CA GLY U 247 -56.27 60.57 -66.56
C GLY U 247 -57.62 60.26 -67.17
N TYR U 248 -58.51 61.24 -67.06
CA TYR U 248 -59.88 61.09 -67.52
C TYR U 248 -60.27 62.30 -68.35
N MET U 249 -59.63 63.42 -68.12
CA MET U 249 -59.86 64.67 -68.82
C MET U 249 -58.54 65.42 -68.84
N ASN U 250 -58.39 66.31 -69.82
CA ASN U 250 -57.18 67.07 -70.11
C ASN U 250 -56.01 66.11 -70.39
N ASN U 251 -56.32 65.03 -71.10
CA ASN U 251 -55.33 64.26 -71.83
C ASN U 251 -55.21 64.78 -73.25
N ASP U 252 -55.93 65.86 -73.56
CA ASP U 252 -55.73 66.70 -74.71
C ASP U 252 -55.67 68.13 -74.20
N LEU U 253 -55.01 69.00 -74.97
CA LEU U 253 -54.77 70.37 -74.53
C LEU U 253 -56.07 71.17 -74.51
N ILE U 254 -56.94 70.93 -75.50
CA ILE U 254 -58.08 71.80 -75.76
C ILE U 254 -59.10 71.72 -74.63
N GLY U 255 -59.14 70.60 -73.90
CA GLY U 255 -60.04 70.50 -72.76
C GLY U 255 -59.64 71.38 -71.60
N LEU U 256 -58.35 71.44 -71.30
CA LEU U 256 -57.85 72.36 -70.28
C LEU U 256 -57.96 73.80 -70.75
N ILE U 257 -57.76 74.02 -72.05
CA ILE U 257 -57.85 75.36 -72.63
C ILE U 257 -59.30 75.86 -72.64
N ALA U 258 -60.27 74.94 -72.69
CA ALA U 258 -61.66 75.29 -72.96
C ALA U 258 -62.32 76.04 -71.81
N SER U 259 -62.17 75.54 -70.58
CA SER U 259 -62.95 76.07 -69.46
C SER U 259 -62.48 77.46 -69.04
N LEU U 260 -61.17 77.71 -69.10
CA LEU U 260 -60.65 78.98 -68.63
C LEU U 260 -60.94 80.11 -69.60
N ILE U 261 -61.08 79.79 -70.89
CA ILE U 261 -61.22 80.80 -71.93
C ILE U 261 -62.68 80.86 -72.36
N PRO U 262 -63.40 81.93 -72.04
CA PRO U 262 -64.83 81.98 -72.33
C PRO U 262 -65.13 82.53 -73.72
N THR U 263 -64.14 83.14 -74.37
CA THR U 263 -64.32 83.94 -75.56
C THR U 263 -62.92 84.17 -76.15
N PRO U 264 -62.82 84.35 -77.48
CA PRO U 264 -61.49 84.42 -78.11
C PRO U 264 -60.61 85.58 -77.72
N ARG U 265 -61.11 86.56 -77.00
CA ARG U 265 -60.27 87.69 -76.61
C ARG U 265 -59.63 87.50 -75.24
N LEU U 266 -60.33 86.84 -74.32
CA LEU U 266 -59.77 86.60 -73.00
C LEU U 266 -59.17 85.21 -72.98
N HIS U 267 -57.91 85.10 -73.38
CA HIS U 267 -57.26 83.80 -73.46
C HIS U 267 -55.92 83.81 -72.73
N PHE U 268 -55.78 84.74 -71.78
CA PHE U 268 -54.53 84.92 -71.04
C PHE U 268 -54.72 84.40 -69.62
N LEU U 269 -53.82 83.51 -69.20
CA LEU U 269 -54.05 82.70 -68.02
C LEU U 269 -53.00 82.99 -66.96
N MET U 270 -53.44 83.17 -65.73
CA MET U 270 -52.52 83.35 -64.61
C MET U 270 -51.93 81.99 -64.19
N THR U 271 -50.74 82.05 -63.60
CA THR U 271 -50.05 80.85 -63.16
C THR U 271 -50.07 80.77 -61.63
N GLY U 272 -50.52 79.64 -61.11
CA GLY U 272 -50.40 79.36 -59.70
C GLY U 272 -49.85 77.96 -59.47
N TYR U 273 -49.18 77.79 -58.34
CA TYR U 273 -48.61 76.52 -57.90
C TYR U 273 -48.34 76.64 -56.42
N THR U 274 -48.92 75.72 -55.62
CA THR U 274 -49.16 76.02 -54.22
C THR U 274 -47.90 75.85 -53.36
N PRO U 275 -47.07 74.81 -53.51
CA PRO U 275 -45.71 74.92 -52.99
C PRO U 275 -44.98 75.94 -53.84
N LEU U 276 -44.36 76.90 -53.20
CA LEU U 276 -43.22 77.57 -53.84
C LEU U 276 -41.94 76.84 -53.47
N THR U 277 -42.07 75.72 -52.77
CA THR U 277 -40.95 74.97 -52.20
C THR U 277 -40.88 73.57 -52.80
N THR U 278 -39.66 73.15 -53.15
CA THR U 278 -39.33 71.73 -53.28
C THR U 278 -37.93 71.50 -52.70
N ASP U 279 -37.22 72.59 -52.41
CA ASP U 279 -35.85 72.54 -51.93
C ASP U 279 -35.81 72.43 -50.41
N LYS U 287 -49.29 64.84 -43.26
CA LYS U 287 -48.50 66.06 -43.25
C LYS U 287 -49.27 67.19 -43.92
N THR U 288 -49.30 67.17 -45.24
CA THR U 288 -50.04 68.17 -46.00
C THR U 288 -51.33 67.53 -46.54
N THR U 289 -52.41 68.31 -46.51
CA THR U 289 -53.67 67.85 -47.04
C THR U 289 -54.12 68.75 -48.20
N VAL U 290 -55.18 68.31 -48.87
CA VAL U 290 -55.74 69.07 -49.97
C VAL U 290 -56.39 70.35 -49.45
N LEU U 291 -56.96 70.29 -48.26
CA LEU U 291 -57.72 71.40 -47.69
C LEU U 291 -56.82 72.60 -47.42
N ASP U 292 -55.64 72.34 -46.86
CA ASP U 292 -54.70 73.40 -46.54
C ASP U 292 -54.09 73.98 -47.81
N VAL U 293 -53.77 73.14 -48.79
CA VAL U 293 -53.14 73.68 -49.99
C VAL U 293 -54.17 74.38 -50.86
N MET U 294 -55.46 74.08 -50.71
CA MET U 294 -56.47 74.84 -51.41
C MET U 294 -56.57 76.27 -50.87
N ARG U 295 -56.67 76.39 -49.54
CA ARG U 295 -56.72 77.72 -48.94
C ARG U 295 -55.39 78.45 -49.07
N ARG U 296 -54.29 77.70 -49.19
CA ARG U 296 -52.99 78.31 -49.45
C ARG U 296 -52.84 78.74 -50.89
N LEU U 297 -53.57 78.10 -51.78
CA LEU U 297 -53.49 78.47 -53.20
C LEU U 297 -54.27 79.75 -53.47
N LEU U 298 -55.40 79.94 -52.78
CA LEU U 298 -56.30 81.02 -53.17
C LEU U 298 -55.80 82.43 -52.80
N GLN U 299 -54.68 82.57 -52.10
CA GLN U 299 -54.20 83.92 -51.83
C GLN U 299 -53.44 84.45 -53.04
N PRO U 300 -53.42 85.77 -53.26
CA PRO U 300 -52.70 86.31 -54.42
C PRO U 300 -51.19 86.42 -54.22
N LYS U 301 -50.67 85.89 -53.11
CA LYS U 301 -49.22 85.85 -52.89
C LYS U 301 -48.65 84.45 -52.92
N ASN U 302 -49.48 83.43 -53.08
CA ASN U 302 -49.02 82.17 -53.65
C ASN U 302 -49.27 82.10 -55.15
N VAL U 303 -49.73 83.18 -55.76
CA VAL U 303 -49.79 83.29 -57.21
C VAL U 303 -48.46 83.81 -57.72
N MET U 304 -47.93 83.16 -58.75
CA MET U 304 -46.63 83.52 -59.32
C MET U 304 -46.75 84.61 -60.36
N VAL U 305 -47.91 85.26 -60.45
CA VAL U 305 -48.11 86.48 -61.22
C VAL U 305 -48.58 87.57 -60.25
N SER U 306 -47.72 88.53 -59.97
CA SER U 306 -48.03 89.55 -58.98
C SER U 306 -48.08 90.93 -59.62
N THR U 313 -61.18 99.21 -57.27
CA THR U 313 -62.00 98.62 -58.31
C THR U 313 -62.30 97.16 -58.02
N ASN U 314 -63.18 96.58 -58.84
CA ASN U 314 -63.54 95.18 -58.71
C ASN U 314 -62.73 94.32 -59.68
N HIS U 315 -61.94 93.40 -59.12
CA HIS U 315 -61.19 92.44 -59.93
C HIS U 315 -61.66 91.04 -59.60
N CYS U 316 -62.06 90.31 -60.65
CA CYS U 316 -62.77 89.06 -60.47
C CYS U 316 -62.29 88.08 -61.51
N TYR U 317 -62.05 86.84 -61.08
CA TYR U 317 -61.64 85.80 -62.02
C TYR U 317 -62.78 85.43 -62.94
N ILE U 318 -62.43 85.10 -64.17
CA ILE U 318 -63.41 84.50 -65.08
C ILE U 318 -63.60 83.02 -64.75
N ALA U 319 -62.52 82.26 -64.71
CA ALA U 319 -62.57 80.84 -64.39
C ALA U 319 -61.22 80.40 -63.88
N ILE U 320 -61.23 79.53 -62.88
CA ILE U 320 -60.03 78.96 -62.31
C ILE U 320 -60.08 77.46 -62.56
N LEU U 321 -58.91 76.85 -62.77
CA LEU U 321 -58.83 75.41 -62.79
C LEU U 321 -57.58 75.00 -62.02
N ASN U 322 -57.75 74.09 -61.08
CA ASN U 322 -56.63 73.60 -60.30
C ASN U 322 -56.46 72.11 -60.55
N ILE U 323 -55.20 71.69 -60.63
CA ILE U 323 -54.84 70.30 -60.80
C ILE U 323 -53.93 69.90 -59.64
N ILE U 324 -54.26 68.80 -58.98
CA ILE U 324 -53.52 68.36 -57.82
C ILE U 324 -52.90 67.01 -58.13
N GLN U 325 -51.75 66.74 -57.52
CA GLN U 325 -51.01 65.50 -57.72
C GLN U 325 -50.46 65.05 -56.36
N GLY U 326 -50.84 63.86 -55.93
CA GLY U 326 -50.30 63.33 -54.70
C GLY U 326 -51.08 62.17 -54.14
N GLU U 327 -50.92 61.96 -52.84
CA GLU U 327 -51.56 60.87 -52.11
C GLU U 327 -52.92 61.33 -51.60
N VAL U 328 -53.82 61.65 -52.52
CA VAL U 328 -55.03 62.39 -52.21
C VAL U 328 -56.12 61.42 -51.77
N ASP U 329 -56.58 61.60 -50.54
CA ASP U 329 -57.84 61.01 -50.14
C ASP U 329 -58.98 61.67 -50.91
N PRO U 330 -59.89 60.89 -51.51
CA PRO U 330 -60.92 61.49 -52.37
C PRO U 330 -61.99 62.27 -51.62
N THR U 331 -62.11 62.06 -50.30
CA THR U 331 -63.03 62.87 -49.51
C THR U 331 -62.46 64.25 -49.23
N GLN U 332 -61.14 64.40 -49.32
CA GLN U 332 -60.50 65.66 -48.96
C GLN U 332 -60.81 66.77 -49.94
N VAL U 333 -60.84 66.47 -51.25
CA VAL U 333 -61.17 67.48 -52.26
C VAL U 333 -62.62 67.92 -52.12
N HIS U 334 -63.46 67.01 -51.62
CA HIS U 334 -64.88 67.22 -51.50
C HIS U 334 -65.20 68.24 -50.42
N LYS U 335 -64.68 68.01 -49.21
CA LYS U 335 -64.92 68.94 -48.11
C LYS U 335 -64.05 70.18 -48.23
N SER U 336 -62.89 70.09 -48.89
CA SER U 336 -62.13 71.30 -49.19
C SER U 336 -62.92 72.23 -50.10
N LEU U 337 -63.60 71.68 -51.11
CA LEU U 337 -64.40 72.52 -51.99
C LEU U 337 -65.63 73.07 -51.28
N GLN U 338 -66.17 72.29 -50.32
CA GLN U 338 -67.15 72.82 -49.36
C GLN U 338 -66.64 74.06 -48.65
N ARG U 339 -65.43 73.99 -48.06
CA ARG U 339 -64.88 75.11 -47.31
C ARG U 339 -64.61 76.30 -48.21
N ILE U 340 -64.14 76.05 -49.43
CA ILE U 340 -63.86 77.11 -50.39
C ILE U 340 -65.16 77.82 -50.78
N ARG U 341 -66.27 77.09 -50.84
CA ARG U 341 -67.54 77.75 -51.14
C ARG U 341 -67.98 78.67 -50.02
N GLU U 342 -68.10 78.14 -48.80
CA GLU U 342 -68.73 78.95 -47.76
C GLU U 342 -67.76 79.97 -47.16
N ARG U 343 -66.47 79.85 -47.46
CA ARG U 343 -65.56 80.92 -47.09
C ARG U 343 -65.54 82.04 -48.13
N LYS U 344 -65.75 81.71 -49.40
CA LYS U 344 -65.69 82.64 -50.54
C LYS U 344 -64.32 83.31 -50.64
N LEU U 345 -63.26 82.50 -50.75
CA LEU U 345 -61.91 83.02 -50.84
C LEU U 345 -61.38 83.13 -52.27
N ALA U 346 -62.26 83.01 -53.26
CA ALA U 346 -61.93 83.07 -54.68
C ALA U 346 -62.82 84.13 -55.30
N ASN U 347 -62.33 84.80 -56.34
CA ASN U 347 -63.11 85.83 -56.98
C ASN U 347 -63.95 85.23 -58.10
N PHE U 348 -65.23 85.59 -58.09
CA PHE U 348 -66.34 84.94 -58.77
C PHE U 348 -66.43 85.45 -60.20
N ILE U 349 -67.35 84.86 -60.96
CA ILE U 349 -67.68 85.42 -62.26
C ILE U 349 -69.12 85.93 -62.22
N PRO U 350 -69.38 87.20 -62.57
CA PRO U 350 -70.77 87.68 -62.60
C PRO U 350 -71.66 86.95 -63.60
N TRP U 351 -71.30 87.04 -64.87
CA TRP U 351 -72.16 86.56 -65.95
C TRP U 351 -72.04 85.06 -66.16
N GLY U 352 -72.43 84.28 -65.16
CA GLY U 352 -72.46 82.85 -65.34
C GLY U 352 -71.88 82.08 -64.18
N PRO U 353 -71.87 80.75 -64.29
CA PRO U 353 -70.97 79.94 -63.46
C PRO U 353 -69.74 79.49 -64.22
N ALA U 354 -68.56 79.81 -63.67
CA ALA U 354 -67.29 79.30 -64.15
C ALA U 354 -66.29 79.38 -63.01
N SER U 355 -66.06 78.27 -62.33
CA SER U 355 -65.43 78.33 -61.01
C SER U 355 -64.20 77.45 -60.98
N ILE U 356 -63.53 77.44 -59.83
CA ILE U 356 -62.36 76.61 -59.64
C ILE U 356 -62.75 75.14 -59.66
N GLN U 357 -62.09 74.39 -60.53
CA GLN U 357 -62.42 73.00 -60.76
C GLN U 357 -61.31 72.13 -60.21
N VAL U 358 -61.69 71.09 -59.49
CA VAL U 358 -60.74 70.18 -58.86
C VAL U 358 -60.38 69.10 -59.86
N ALA U 359 -59.10 68.99 -60.18
CA ALA U 359 -58.59 67.92 -61.00
C ALA U 359 -57.51 67.19 -60.24
N LEU U 360 -57.48 65.87 -60.42
CA LEU U 360 -56.56 65.01 -59.70
C LEU U 360 -55.65 64.33 -60.72
N SER U 361 -54.36 64.35 -60.44
CA SER U 361 -53.39 63.72 -61.32
C SER U 361 -52.45 62.84 -60.52
N ARG U 362 -51.70 62.02 -61.25
CA ARG U 362 -50.83 61.01 -60.67
C ARG U 362 -49.52 61.65 -60.22
N LYS U 363 -48.99 61.17 -59.10
CA LYS U 363 -47.68 61.61 -58.67
C LYS U 363 -46.62 60.98 -59.56
N SER U 364 -45.70 61.79 -60.05
CA SER U 364 -44.73 61.34 -61.05
C SER U 364 -43.65 60.47 -60.41
N PRO U 365 -43.12 59.48 -61.14
CA PRO U 365 -41.96 58.74 -60.64
C PRO U 365 -40.69 59.58 -60.69
N TYR U 366 -39.87 59.43 -59.64
CA TYR U 366 -38.55 60.04 -59.51
C TYR U 366 -38.67 61.56 -59.39
N LEU U 367 -39.66 62.02 -58.63
CA LEU U 367 -39.74 63.40 -58.23
C LEU U 367 -39.41 63.49 -56.75
N PRO U 368 -38.77 64.58 -56.29
CA PRO U 368 -38.36 64.65 -54.88
C PRO U 368 -39.53 64.73 -53.92
N SER U 369 -39.41 64.01 -52.81
CA SER U 369 -40.52 63.77 -51.89
C SER U 369 -40.65 64.90 -50.88
N ALA U 370 -40.92 66.10 -51.37
CA ALA U 370 -41.33 67.21 -50.53
C ALA U 370 -42.64 67.74 -51.07
N HIS U 371 -43.54 68.17 -50.16
CA HIS U 371 -44.91 68.55 -50.48
C HIS U 371 -45.63 67.43 -51.23
N ARG U 372 -45.84 66.30 -50.54
CA ARG U 372 -46.42 65.09 -51.13
C ARG U 372 -47.78 65.33 -51.77
N VAL U 373 -48.58 66.23 -51.21
CA VAL U 373 -49.80 66.69 -51.85
C VAL U 373 -49.52 68.08 -52.41
N SER U 374 -49.44 68.17 -53.73
CA SER U 374 -49.03 69.41 -54.38
C SER U 374 -49.97 69.71 -55.53
N GLY U 375 -50.43 70.96 -55.59
CA GLY U 375 -51.36 71.39 -56.60
C GLY U 375 -50.88 72.67 -57.27
N LEU U 376 -51.39 72.87 -58.49
CA LEU U 376 -51.13 74.06 -59.27
C LEU U 376 -52.45 74.54 -59.83
N MET U 377 -52.50 75.82 -60.19
CA MET U 377 -53.73 76.35 -60.78
C MET U 377 -53.40 77.19 -62.01
N MET U 378 -54.33 77.16 -62.96
CA MET U 378 -54.36 78.08 -64.09
C MET U 378 -55.71 78.80 -64.05
N ALA U 379 -55.68 80.12 -64.18
CA ALA U 379 -56.88 80.90 -63.96
C ALA U 379 -56.93 82.09 -64.92
N ASN U 380 -58.13 82.43 -65.34
CA ASN U 380 -58.38 83.61 -66.16
C ASN U 380 -58.86 84.73 -65.23
N HIS U 381 -58.01 85.73 -65.01
CA HIS U 381 -58.30 86.83 -64.11
C HIS U 381 -58.30 88.14 -64.88
N THR U 382 -59.17 89.06 -64.47
CA THR U 382 -59.17 90.42 -65.00
C THR U 382 -58.06 91.29 -64.42
N SER U 383 -57.29 90.78 -63.45
CA SER U 383 -56.25 91.60 -62.83
C SER U 383 -55.06 91.81 -63.76
N ILE U 384 -54.92 90.96 -64.79
CA ILE U 384 -53.85 91.13 -65.75
C ILE U 384 -54.08 92.35 -66.66
N SER U 385 -55.33 92.84 -66.70
CA SER U 385 -55.63 94.08 -67.41
C SER U 385 -54.87 95.25 -66.80
N SER U 386 -54.66 95.22 -65.48
CA SER U 386 -53.88 96.26 -64.81
C SER U 386 -52.44 96.27 -65.31
N LEU U 387 -51.83 95.09 -65.45
CA LEU U 387 -50.46 95.02 -65.93
C LEU U 387 -50.38 95.45 -67.39
N PHE U 388 -51.39 95.08 -68.17
CA PHE U 388 -51.46 95.50 -69.57
C PHE U 388 -51.57 97.02 -69.69
N GLU U 389 -52.43 97.65 -68.89
CA GLU U 389 -52.59 99.09 -69.00
C GLU U 389 -51.40 99.83 -68.39
N ARG U 390 -50.68 99.21 -67.46
CA ARG U 390 -49.42 99.79 -66.99
C ARG U 390 -48.40 99.86 -68.12
N THR U 391 -48.23 98.76 -68.85
CA THR U 391 -47.30 98.77 -69.98
C THR U 391 -47.81 99.67 -71.10
N CYS U 392 -49.13 99.75 -71.27
CA CYS U 392 -49.73 100.69 -72.19
C CYS U 392 -49.45 102.13 -71.77
N ARG U 393 -49.43 102.40 -70.46
CA ARG U 393 -49.14 103.73 -69.97
C ARG U 393 -47.69 104.09 -70.19
N GLN U 394 -46.79 103.11 -70.02
CA GLN U 394 -45.39 103.31 -70.35
C GLN U 394 -45.20 103.61 -71.84
N TYR U 395 -45.87 102.84 -72.69
CA TYR U 395 -45.84 103.08 -74.13
C TYR U 395 -46.42 104.45 -74.47
N ASP U 396 -47.51 104.84 -73.81
CA ASP U 396 -48.15 106.12 -74.06
C ASP U 396 -47.25 107.27 -73.64
N LYS U 397 -46.52 107.10 -72.55
CA LYS U 397 -45.56 108.11 -72.11
C LYS U 397 -44.45 108.28 -73.12
N LEU U 398 -43.78 107.18 -73.49
CA LEU U 398 -42.68 107.28 -74.44
C LEU U 398 -43.15 107.69 -75.83
N ARG U 399 -44.41 107.37 -76.16
CA ARG U 399 -44.95 107.73 -77.46
C ARG U 399 -45.34 109.20 -77.50
N LYS U 400 -45.82 109.74 -76.39
CA LYS U 400 -46.15 111.15 -76.32
C LYS U 400 -44.90 111.99 -76.32
N ARG U 401 -43.84 111.50 -75.68
CA ARG U 401 -42.61 112.28 -75.62
C ARG U 401 -41.89 112.32 -76.96
N GLU U 402 -42.02 111.24 -77.75
CA GLU U 402 -41.38 111.06 -79.06
C GLU U 402 -39.87 111.27 -79.00
N ALA U 403 -39.23 110.56 -78.07
CA ALA U 403 -37.77 110.60 -77.96
C ALA U 403 -37.21 109.22 -77.69
N PHE U 404 -38.04 108.17 -77.80
CA PHE U 404 -37.66 106.84 -77.35
C PHE U 404 -37.94 105.77 -78.39
N LEU U 405 -38.14 106.16 -79.65
CA LEU U 405 -38.10 105.22 -80.75
C LEU U 405 -36.66 104.93 -81.15
N GLU U 406 -35.74 105.85 -80.81
CA GLU U 406 -34.29 105.78 -80.99
C GLU U 406 -33.84 105.81 -82.45
N GLN U 407 -34.81 105.96 -83.37
CA GLN U 407 -34.65 105.82 -84.82
C GLN U 407 -33.91 104.52 -85.15
N PHE U 408 -34.51 103.39 -84.82
CA PHE U 408 -34.00 102.12 -85.28
C PHE U 408 -34.30 101.99 -86.76
N ARG U 409 -33.28 101.58 -87.53
CA ARG U 409 -33.39 101.60 -88.97
C ARG U 409 -34.36 100.53 -89.46
N LYS U 410 -34.39 99.37 -88.80
CA LYS U 410 -35.35 98.34 -89.15
C LYS U 410 -36.77 98.76 -88.77
N GLU U 411 -36.90 99.55 -87.70
CA GLU U 411 -38.21 100.07 -87.32
C GLU U 411 -38.73 101.08 -88.32
N ASP U 412 -37.82 101.90 -88.87
CA ASP U 412 -38.22 102.87 -89.88
C ASP U 412 -38.52 102.18 -91.21
N MET U 413 -37.67 101.25 -91.62
CA MET U 413 -37.85 100.61 -92.92
C MET U 413 -39.03 99.64 -92.91
N PHE U 414 -39.32 99.05 -91.75
CA PHE U 414 -40.47 98.16 -91.63
C PHE U 414 -41.78 98.94 -91.74
N LYS U 415 -41.85 100.09 -91.07
CA LYS U 415 -43.04 100.94 -91.14
C LYS U 415 -42.57 102.38 -91.03
N ASP U 416 -42.57 103.10 -92.16
CA ASP U 416 -42.15 104.49 -92.16
C ASP U 416 -43.18 105.38 -91.48
N ASN U 417 -44.44 104.95 -91.46
CA ASN U 417 -45.52 105.72 -90.87
C ASN U 417 -45.81 105.31 -89.44
N PHE U 418 -45.33 104.13 -89.02
CA PHE U 418 -45.48 103.58 -87.67
C PHE U 418 -46.96 103.44 -87.28
N ASP U 419 -47.79 103.07 -88.25
CA ASP U 419 -49.20 102.88 -88.02
C ASP U 419 -49.51 101.55 -87.34
N GLU U 420 -48.56 100.62 -87.37
CA GLU U 420 -48.74 99.36 -86.66
C GLU U 420 -48.76 99.56 -85.17
N MET U 421 -48.03 100.57 -84.67
CA MET U 421 -48.10 100.92 -83.26
C MET U 421 -49.49 101.45 -82.90
N ASP U 422 -50.09 102.23 -83.79
CA ASP U 422 -51.44 102.73 -83.57
C ASP U 422 -52.46 101.59 -83.63
N THR U 423 -52.28 100.66 -84.56
CA THR U 423 -53.20 99.52 -84.67
C THR U 423 -53.10 98.61 -83.45
N SER U 424 -51.88 98.36 -82.98
CA SER U 424 -51.66 97.57 -81.78
C SER U 424 -52.22 98.27 -80.55
N ARG U 425 -52.11 99.60 -80.49
CA ARG U 425 -52.69 100.36 -79.40
C ARG U 425 -54.21 100.27 -79.41
N GLU U 426 -54.81 100.31 -80.60
CA GLU U 426 -56.25 100.14 -80.73
C GLU U 426 -56.69 98.75 -80.30
N ILE U 427 -55.94 97.73 -80.71
CA ILE U 427 -56.29 96.35 -80.37
C ILE U 427 -56.15 96.11 -78.87
N VAL U 428 -55.09 96.63 -78.25
CA VAL U 428 -54.93 96.45 -76.81
C VAL U 428 -55.93 97.31 -76.05
N GLN U 429 -56.40 98.41 -76.64
CA GLN U 429 -57.44 99.19 -76.00
C GLN U 429 -58.77 98.46 -76.03
N GLN U 430 -59.08 97.84 -77.17
CA GLN U 430 -60.27 96.98 -77.27
C GLN U 430 -60.18 95.81 -76.31
N LEU U 431 -58.97 95.29 -76.11
CA LEU U 431 -58.75 94.20 -75.17
C LEU U 431 -59.02 94.64 -73.73
N ILE U 432 -58.53 95.83 -73.35
CA ILE U 432 -58.79 96.37 -72.02
C ILE U 432 -60.28 96.63 -71.82
N ASP U 433 -60.95 97.13 -72.86
CA ASP U 433 -62.38 97.39 -72.77
C ASP U 433 -63.19 96.10 -72.64
N GLU U 434 -62.77 95.06 -73.36
CA GLU U 434 -63.45 93.76 -73.24
C GLU U 434 -63.19 93.13 -71.89
N TYR U 435 -61.99 93.34 -71.33
CA TYR U 435 -61.69 92.91 -69.97
C TYR U 435 -62.63 93.57 -68.96
N HIS U 436 -62.76 94.89 -69.06
CA HIS U 436 -63.62 95.64 -68.16
C HIS U 436 -65.09 95.31 -68.41
N ALA U 437 -65.44 94.94 -69.63
CA ALA U 437 -66.82 94.56 -69.91
C ALA U 437 -67.15 93.19 -69.35
N ALA U 438 -66.16 92.28 -69.38
CA ALA U 438 -66.34 90.98 -68.75
C ALA U 438 -66.38 91.10 -67.23
N THR U 439 -65.77 92.15 -66.69
CA THR U 439 -65.88 92.43 -65.27
C THR U 439 -67.32 92.77 -64.88
N ARG U 440 -68.09 93.34 -65.80
CA ARG U 440 -69.44 93.80 -65.51
C ARG U 440 -70.38 92.61 -65.35
N PRO U 441 -71.51 92.81 -64.64
CA PRO U 441 -72.54 91.76 -64.62
C PRO U 441 -73.23 91.56 -65.96
N ASP U 442 -73.12 92.54 -66.85
CA ASP U 442 -73.61 92.38 -68.22
C ASP U 442 -72.39 92.19 -69.11
N TYR U 443 -72.39 91.11 -69.87
CA TYR U 443 -71.41 90.97 -70.93
C TYR U 443 -72.19 90.79 -72.23
N ILE U 444 -73.37 91.39 -72.26
CA ILE U 444 -74.07 91.76 -73.49
C ILE U 444 -73.73 93.21 -73.83
N SER U 445 -72.66 93.72 -73.24
CA SER U 445 -72.06 95.01 -73.58
C SER U 445 -70.59 94.77 -73.86
N TRP U 446 -70.16 95.11 -75.07
CA TRP U 446 -68.90 94.62 -75.60
C TRP U 446 -67.92 95.77 -75.81
N GLY U 447 -66.74 95.42 -76.32
CA GLY U 447 -65.70 96.41 -76.56
C GLY U 447 -64.71 95.95 -77.60
N ARG V 3 -31.43 30.26 -108.32
CA ARG V 3 -30.43 29.20 -108.23
C ARG V 3 -29.09 29.75 -107.76
N GLU V 4 -28.15 29.88 -108.68
CA GLU V 4 -26.82 30.39 -108.35
C GLU V 4 -26.63 31.77 -108.97
N ILE V 5 -26.00 32.66 -108.20
CA ILE V 5 -25.82 34.05 -108.60
C ILE V 5 -24.33 34.30 -108.79
N ILE V 6 -23.98 34.90 -109.92
CA ILE V 6 -22.61 35.32 -110.20
C ILE V 6 -22.56 36.84 -110.11
N THR V 7 -21.75 37.33 -109.17
CA THR V 7 -21.73 38.74 -108.81
C THR V 7 -20.56 39.42 -109.51
N LEU V 8 -20.85 40.55 -110.14
CA LEU V 8 -19.88 41.28 -110.92
C LEU V 8 -19.58 42.60 -110.22
N GLN V 9 -18.30 42.92 -110.10
CA GLN V 9 -17.89 44.16 -109.45
C GLN V 9 -16.87 44.88 -110.31
N LEU V 10 -17.02 46.19 -110.40
CA LEU V 10 -16.22 46.99 -111.32
C LEU V 10 -16.23 48.43 -110.84
N GLY V 11 -15.14 49.14 -111.15
CA GLY V 11 -14.95 50.48 -110.63
C GLY V 11 -14.46 50.46 -109.20
N GLN V 12 -13.95 51.60 -108.73
CA GLN V 12 -13.43 51.66 -107.37
C GLN V 12 -14.55 51.61 -106.35
N CYS V 13 -15.64 52.32 -106.61
CA CYS V 13 -16.80 52.28 -105.72
C CYS V 13 -17.50 50.92 -105.78
N GLY V 14 -17.58 50.33 -106.97
CA GLY V 14 -18.20 49.02 -107.09
C GLY V 14 -17.36 47.92 -106.46
N ASN V 15 -16.04 48.00 -106.60
CA ASN V 15 -15.18 47.03 -105.92
C ASN V 15 -15.18 47.27 -104.42
N GLN V 16 -15.38 48.51 -103.99
CA GLN V 16 -15.52 48.80 -102.56
C GLN V 16 -16.76 48.14 -101.97
N ILE V 17 -17.92 48.34 -102.59
CA ILE V 17 -19.15 47.74 -102.08
C ILE V 17 -19.15 46.22 -102.24
N GLY V 18 -18.50 45.69 -103.28
CA GLY V 18 -18.37 44.25 -103.40
C GLY V 18 -17.45 43.67 -102.35
N PHE V 19 -16.38 44.41 -102.01
CA PHE V 19 -15.45 43.98 -100.97
C PHE V 19 -16.14 43.92 -99.62
N GLU V 20 -16.91 44.95 -99.28
CA GLU V 20 -17.61 44.95 -98.00
C GLU V 20 -18.74 43.92 -97.98
N PHE V 21 -19.38 43.68 -99.13
CA PHE V 21 -20.43 42.67 -99.19
C PHE V 21 -19.86 41.26 -99.04
N TRP V 22 -18.72 41.01 -99.67
CA TRP V 22 -18.08 39.70 -99.54
C TRP V 22 -17.56 39.48 -98.13
N LYS V 23 -17.02 40.53 -97.50
CA LYS V 23 -16.60 40.44 -96.11
C LYS V 23 -17.80 40.20 -95.19
N GLN V 24 -18.93 40.82 -95.50
CA GLN V 24 -20.14 40.64 -94.72
C GLN V 24 -20.67 39.21 -94.83
N LEU V 25 -20.69 38.66 -96.04
CA LEU V 25 -21.11 37.28 -96.19
C LEU V 25 -20.08 36.29 -95.68
N CYS V 26 -18.81 36.67 -95.60
CA CYS V 26 -17.80 35.83 -94.99
C CYS V 26 -18.01 35.74 -93.48
N ALA V 27 -18.28 36.89 -92.85
CA ALA V 27 -18.57 36.90 -91.43
C ALA V 27 -19.91 36.24 -91.14
N GLU V 28 -20.85 36.33 -92.07
CA GLU V 28 -22.19 35.80 -91.84
C GLU V 28 -22.20 34.28 -91.88
N HIS V 29 -21.70 33.71 -92.97
CA HIS V 29 -21.67 32.26 -93.08
C HIS V 29 -20.47 31.71 -92.34
N GLY V 30 -20.46 30.39 -92.14
CA GLY V 30 -19.42 29.76 -91.38
C GLY V 30 -18.15 29.50 -92.15
N ILE V 31 -17.43 30.57 -92.49
CA ILE V 31 -16.18 30.47 -93.23
C ILE V 31 -15.17 31.44 -92.65
N SER V 32 -13.91 31.09 -92.78
CA SER V 32 -12.78 31.95 -92.46
C SER V 32 -12.55 32.92 -93.61
N PRO V 33 -11.69 33.94 -93.43
CA PRO V 33 -11.26 34.74 -94.59
C PRO V 33 -10.42 33.97 -95.61
N GLU V 34 -9.88 32.83 -95.22
CA GLU V 34 -9.33 31.89 -96.20
C GLU V 34 -10.43 31.06 -96.84
N GLY V 35 -11.53 30.83 -96.13
CA GLY V 35 -12.57 29.93 -96.57
C GLY V 35 -12.67 28.66 -95.77
N ILE V 36 -12.14 28.63 -94.57
CA ILE V 36 -12.08 27.40 -93.78
C ILE V 36 -13.41 27.17 -93.09
N VAL V 37 -13.91 25.94 -93.20
CA VAL V 37 -15.28 25.60 -92.79
C VAL V 37 -15.39 25.68 -91.27
N GLU V 38 -16.55 26.14 -90.79
CA GLU V 38 -16.82 26.18 -89.38
C GLU V 38 -17.75 25.04 -88.98
N GLU V 39 -17.94 24.89 -87.67
CA GLU V 39 -18.71 23.75 -87.17
C GLU V 39 -20.19 24.06 -87.01
N PHE V 40 -20.59 25.31 -87.24
CA PHE V 40 -22.01 25.66 -87.14
C PHE V 40 -22.65 25.79 -88.51
N ALA V 41 -21.91 25.50 -89.57
CA ALA V 41 -22.42 25.63 -90.93
C ALA V 41 -21.74 24.61 -91.84
N THR V 45 -31.07 24.81 -91.83
CA THR V 45 -31.65 25.11 -93.14
C THR V 45 -30.95 26.31 -93.76
N ASP V 46 -29.95 26.04 -94.60
CA ASP V 46 -29.13 27.08 -95.20
C ASP V 46 -28.88 26.75 -96.67
N ARG V 47 -28.06 27.57 -97.33
CA ARG V 47 -27.43 27.23 -98.61
C ARG V 47 -26.14 28.02 -98.74
N LYS V 48 -25.09 27.37 -99.23
CA LYS V 48 -23.81 28.01 -99.47
C LYS V 48 -23.41 27.82 -100.92
N ASP V 49 -24.36 27.96 -101.83
CA ASP V 49 -24.11 27.74 -103.25
C ASP V 49 -24.79 28.81 -104.09
N VAL V 50 -25.13 29.94 -103.46
CA VAL V 50 -25.84 31.00 -104.16
C VAL V 50 -24.85 32.03 -104.70
N PHE V 51 -23.97 32.52 -103.85
CA PHE V 51 -22.87 33.38 -104.27
C PHE V 51 -21.55 32.63 -104.26
N PHE V 52 -21.53 31.46 -103.63
CA PHE V 52 -20.30 30.72 -103.37
C PHE V 52 -20.25 29.52 -104.28
N TYR V 53 -19.13 29.31 -104.93
CA TYR V 53 -18.86 27.99 -105.45
C TYR V 53 -18.22 27.15 -104.35
N GLN V 54 -18.64 25.89 -104.25
CA GLN V 54 -17.90 24.91 -103.46
C GLN V 54 -16.60 24.71 -104.23
N ALA V 55 -15.57 25.46 -103.87
CA ALA V 55 -14.39 25.49 -104.69
C ALA V 55 -13.34 24.54 -104.15
N ASP V 56 -12.25 24.43 -104.89
CA ASP V 56 -11.54 23.17 -104.99
C ASP V 56 -10.33 23.10 -104.06
N ASP V 57 -10.27 23.96 -103.05
CA ASP V 57 -9.32 23.82 -101.95
C ASP V 57 -10.02 23.95 -100.60
N GLU V 58 -11.29 23.52 -100.55
CA GLU V 58 -12.16 23.52 -99.36
C GLU V 58 -12.37 24.96 -98.85
N HIS V 59 -12.31 25.90 -99.78
CA HIS V 59 -12.72 27.28 -99.54
C HIS V 59 -13.93 27.53 -100.42
N TYR V 60 -15.02 28.03 -99.82
CA TYR V 60 -16.20 28.38 -100.59
C TYR V 60 -15.91 29.71 -101.28
N ILE V 61 -15.21 29.64 -102.40
CA ILE V 61 -14.72 30.82 -103.12
C ILE V 61 -15.89 31.42 -103.89
N PRO V 62 -16.24 32.68 -103.65
CA PRO V 62 -17.32 33.31 -104.41
C PRO V 62 -16.95 33.50 -105.86
N ARG V 63 -17.94 33.38 -106.73
CA ARG V 63 -17.78 33.68 -108.14
C ARG V 63 -17.88 35.19 -108.33
N ALA V 64 -16.73 35.86 -108.32
CA ALA V 64 -16.68 37.31 -108.43
C ALA V 64 -15.73 37.69 -109.56
N VAL V 65 -16.20 38.59 -110.43
CA VAL V 65 -15.37 39.16 -111.49
C VAL V 65 -14.71 40.41 -110.97
N LEU V 66 -13.38 40.38 -110.90
CA LEU V 66 -12.61 41.49 -110.37
C LEU V 66 -12.14 42.36 -111.53
N LEU V 67 -12.66 43.57 -111.60
CA LEU V 67 -12.31 44.51 -112.65
C LEU V 67 -11.71 45.75 -112.01
N ASP V 68 -10.63 46.24 -112.60
CA ASP V 68 -9.95 47.40 -112.07
C ASP V 68 -9.76 48.43 -113.18
N LEU V 69 -9.92 49.69 -112.81
CA LEU V 69 -9.72 50.81 -113.71
C LEU V 69 -9.20 51.97 -112.88
N GLU V 70 -7.91 52.29 -113.07
CA GLU V 70 -7.12 53.18 -112.23
C GLU V 70 -7.21 52.72 -110.77
N PRO V 71 -6.59 51.58 -110.43
CA PRO V 71 -6.82 50.99 -109.11
C PRO V 71 -6.04 51.70 -108.01
N ARG V 72 -6.76 52.10 -106.96
CA ARG V 72 -6.11 52.63 -105.76
C ARG V 72 -6.56 51.79 -104.57
N VAL V 73 -7.88 51.70 -104.37
CA VAL V 73 -8.42 50.90 -103.26
C VAL V 73 -8.41 49.42 -103.61
N ILE V 74 -8.33 49.09 -104.90
CA ILE V 74 -8.29 47.70 -105.33
C ILE V 74 -6.93 47.09 -104.97
N HIS V 75 -5.88 47.91 -104.92
CA HIS V 75 -4.60 47.48 -104.38
C HIS V 75 -4.72 47.12 -102.91
N SER V 76 -5.51 47.88 -102.14
CA SER V 76 -5.75 47.54 -100.74
C SER V 76 -6.59 46.28 -100.62
N ILE V 77 -7.49 46.04 -101.58
CA ILE V 77 -8.23 44.79 -101.63
C ILE V 77 -7.27 43.62 -101.91
N LEU V 78 -6.20 43.88 -102.65
CA LEU V 78 -5.24 42.84 -102.99
C LEU V 78 -4.49 42.33 -101.76
N ASN V 79 -3.82 43.22 -101.02
CA ASN V 79 -3.13 42.76 -99.82
C ASN V 79 -4.10 42.73 -98.65
N SER V 80 -4.89 41.67 -98.57
CA SER V 80 -5.98 41.61 -97.60
C SER V 80 -6.26 40.15 -97.28
N PRO V 81 -6.77 39.85 -96.08
CA PRO V 81 -7.12 38.46 -95.76
C PRO V 81 -8.34 37.94 -96.50
N TYR V 82 -9.12 38.84 -97.12
CA TYR V 82 -10.25 38.43 -97.93
C TYR V 82 -9.85 38.25 -99.40
N ALA V 83 -8.57 38.39 -99.71
CA ALA V 83 -8.05 37.98 -101.01
C ALA V 83 -7.70 36.50 -101.03
N LYS V 84 -7.74 35.83 -99.88
CA LYS V 84 -7.69 34.38 -99.83
C LYS V 84 -9.07 33.75 -99.90
N LEU V 85 -10.12 34.56 -99.79
CA LEU V 85 -11.48 34.06 -99.97
C LEU V 85 -11.86 33.99 -101.44
N TYR V 86 -11.69 35.09 -102.17
CA TYR V 86 -11.99 35.13 -103.59
C TYR V 86 -10.84 35.75 -104.36
N ASN V 87 -10.29 34.97 -105.30
CA ASN V 87 -9.40 35.40 -106.37
C ASN V 87 -9.30 34.31 -107.43
N PRO V 88 -10.23 34.23 -108.39
CA PRO V 88 -10.03 33.31 -109.52
C PRO V 88 -9.08 33.85 -110.59
N GLU V 89 -8.33 34.91 -110.27
CA GLU V 89 -7.23 35.48 -111.03
C GLU V 89 -7.72 35.94 -112.41
N ASN V 90 -8.57 36.97 -112.40
CA ASN V 90 -9.14 37.50 -113.63
C ASN V 90 -9.09 39.01 -113.63
N ILE V 91 -8.18 39.58 -112.85
CA ILE V 91 -8.02 41.02 -112.74
C ILE V 91 -7.42 41.55 -114.03
N TYR V 92 -8.11 42.47 -114.69
CA TYR V 92 -7.66 43.02 -115.95
C TYR V 92 -8.07 44.48 -116.03
N LEU V 93 -7.15 45.33 -116.46
CA LEU V 93 -7.39 46.77 -116.54
C LEU V 93 -8.34 47.10 -117.67
N GLY V 101 -12.87 55.99 -116.10
CA GLY V 101 -11.89 56.55 -115.18
C GLY V 101 -12.45 57.72 -114.40
N ASN V 102 -12.59 58.86 -115.08
CA ASN V 102 -13.29 60.01 -114.52
C ASN V 102 -14.39 60.48 -115.46
N ASN V 103 -14.70 59.69 -116.49
CA ASN V 103 -15.71 60.06 -117.45
C ASN V 103 -16.45 58.84 -117.95
N TRP V 104 -17.67 59.08 -118.41
CA TRP V 104 -18.48 58.01 -119.00
C TRP V 104 -17.93 57.62 -120.36
N ALA V 105 -17.51 58.60 -121.16
CA ALA V 105 -17.01 58.30 -122.50
C ALA V 105 -15.70 57.54 -122.46
N SER V 106 -14.82 57.89 -121.51
CA SER V 106 -13.53 57.21 -121.39
C SER V 106 -13.70 55.76 -120.95
N GLY V 107 -14.54 55.52 -119.94
CA GLY V 107 -14.78 54.17 -119.48
C GLY V 107 -15.53 53.34 -120.50
N PHE V 108 -16.46 53.97 -121.23
CA PHE V 108 -17.18 53.28 -122.30
C PHE V 108 -16.24 52.87 -123.43
N SER V 109 -15.38 53.77 -123.88
CA SER V 109 -14.46 53.47 -124.97
C SER V 109 -13.41 52.46 -124.56
N GLN V 110 -12.91 52.56 -123.32
CA GLN V 110 -11.95 51.60 -122.82
C GLN V 110 -12.57 50.22 -122.66
N GLY V 111 -13.84 50.16 -122.25
CA GLY V 111 -14.51 48.87 -122.20
C GLY V 111 -14.83 48.33 -123.59
N GLU V 112 -15.02 49.23 -124.55
CA GLU V 112 -15.34 48.81 -125.92
C GLU V 112 -14.17 48.08 -126.57
N LYS V 113 -12.95 48.61 -126.39
CA LYS V 113 -11.81 48.06 -127.12
C LYS V 113 -11.35 46.72 -126.58
N ILE V 114 -11.74 46.34 -125.37
CA ILE V 114 -11.27 45.10 -124.76
C ILE V 114 -12.42 44.18 -124.33
N HIS V 115 -13.55 44.22 -125.02
CA HIS V 115 -14.73 43.47 -124.57
C HIS V 115 -14.54 41.96 -124.68
N GLU V 116 -13.56 41.52 -125.47
CA GLU V 116 -13.43 40.12 -125.87
C GLU V 116 -12.98 39.26 -124.71
N ASP V 117 -11.85 39.61 -124.10
CA ASP V 117 -11.27 38.77 -123.06
C ASP V 117 -12.02 38.92 -121.74
N ILE V 118 -12.62 40.08 -121.48
CA ILE V 118 -13.45 40.20 -120.30
C ILE V 118 -14.76 39.44 -120.49
N PHE V 119 -15.22 39.34 -121.75
CA PHE V 119 -16.34 38.46 -122.03
C PHE V 119 -15.93 37.00 -121.88
N ASP V 120 -14.67 36.69 -122.17
CA ASP V 120 -14.16 35.35 -121.90
C ASP V 120 -14.06 35.07 -120.41
N ILE V 121 -13.76 36.10 -119.61
CA ILE V 121 -13.79 35.98 -118.16
C ILE V 121 -15.20 35.69 -117.67
N ILE V 122 -16.18 36.40 -118.24
CA ILE V 122 -17.59 36.14 -117.96
C ILE V 122 -17.97 34.72 -118.39
N ASP V 123 -17.43 34.27 -119.51
CA ASP V 123 -17.73 32.94 -120.04
C ASP V 123 -17.12 31.85 -119.16
N ARG V 124 -15.93 32.13 -118.61
CA ARG V 124 -15.26 31.20 -117.71
C ARG V 124 -16.08 30.96 -116.46
N GLU V 125 -16.55 32.03 -115.82
CA GLU V 125 -17.36 31.84 -114.62
C GLU V 125 -18.77 31.35 -114.95
N ALA V 126 -19.27 31.66 -116.15
CA ALA V 126 -20.55 31.10 -116.58
C ALA V 126 -20.45 29.60 -116.78
N ASP V 127 -19.30 29.14 -117.28
CA ASP V 127 -19.03 27.71 -117.32
C ASP V 127 -18.70 27.18 -115.93
N GLY V 128 -18.33 28.07 -114.99
CA GLY V 128 -17.91 27.61 -113.67
C GLY V 128 -19.05 27.02 -112.85
N SER V 129 -20.18 27.71 -112.79
CA SER V 129 -21.30 27.23 -112.00
C SER V 129 -22.18 26.29 -112.81
N ASP V 130 -22.88 25.39 -112.12
CA ASP V 130 -23.76 24.47 -112.80
C ASP V 130 -25.04 25.14 -113.26
N SER V 131 -25.61 26.01 -112.43
CA SER V 131 -26.83 26.73 -112.76
C SER V 131 -26.58 28.22 -112.60
N LEU V 132 -27.51 29.02 -113.11
CA LEU V 132 -27.38 30.47 -113.05
C LEU V 132 -28.77 31.08 -112.90
N GLU V 133 -28.85 32.13 -112.08
CA GLU V 133 -30.11 32.82 -111.90
C GLU V 133 -30.02 34.27 -112.39
N GLY V 134 -28.91 34.93 -112.14
CA GLY V 134 -28.78 36.32 -112.55
C GLY V 134 -27.38 36.85 -112.40
N PHE V 135 -27.19 38.07 -112.91
CA PHE V 135 -25.93 38.80 -112.82
C PHE V 135 -26.17 40.07 -112.02
N VAL V 136 -25.54 40.15 -110.84
CA VAL V 136 -25.68 41.29 -109.96
C VAL V 136 -24.45 42.17 -110.16
N LEU V 137 -24.69 43.41 -110.59
CA LEU V 137 -23.61 44.33 -110.92
C LEU V 137 -23.41 45.31 -109.78
N CYS V 138 -22.23 45.27 -109.16
CA CYS V 138 -21.82 46.28 -108.22
C CYS V 138 -21.43 47.52 -109.02
N HIS V 139 -22.28 48.54 -108.98
CA HIS V 139 -22.14 49.65 -109.90
C HIS V 139 -22.35 50.96 -109.14
N SER V 140 -21.69 52.00 -109.62
CA SER V 140 -21.88 53.35 -109.12
C SER V 140 -22.22 54.24 -110.29
N ILE V 141 -23.32 55.00 -110.17
CA ILE V 141 -23.80 55.84 -111.25
C ILE V 141 -23.05 57.16 -111.21
N ALA V 142 -22.40 57.50 -112.32
CA ALA V 142 -21.52 58.67 -112.47
C ALA V 142 -20.42 58.68 -111.42
N GLY V 143 -19.87 57.50 -111.14
CA GLY V 143 -18.74 57.38 -110.25
C GLY V 143 -17.41 57.54 -110.95
N GLY V 144 -17.44 57.78 -112.26
CA GLY V 144 -16.22 57.95 -113.01
C GLY V 144 -15.63 56.62 -113.41
N THR V 145 -15.09 55.92 -112.41
CA THR V 145 -14.49 54.61 -112.64
C THR V 145 -15.52 53.58 -113.06
N GLY V 146 -16.65 53.53 -112.35
CA GLY V 146 -17.70 52.58 -112.71
C GLY V 146 -18.44 52.99 -113.97
N SER V 147 -18.52 54.30 -114.22
CA SER V 147 -19.34 54.85 -115.29
C SER V 147 -18.74 54.55 -116.66
N GLY V 148 -19.63 54.36 -117.63
CA GLY V 148 -19.22 54.08 -118.99
C GLY V 148 -18.88 52.64 -119.24
N LEU V 149 -17.88 52.14 -118.53
CA LEU V 149 -17.56 50.73 -118.56
C LEU V 149 -18.72 49.89 -118.05
N GLY V 150 -19.40 50.36 -117.01
CA GLY V 150 -20.57 49.65 -116.50
C GLY V 150 -21.72 49.63 -117.47
N SER V 151 -21.96 50.77 -118.15
CA SER V 151 -23.04 50.83 -119.13
C SER V 151 -22.73 49.98 -120.35
N TYR V 152 -21.47 49.97 -120.78
CA TYR V 152 -21.08 49.15 -121.93
C TYR V 152 -21.17 47.67 -121.60
N LEU V 153 -20.70 47.28 -120.40
CA LEU V 153 -20.81 45.90 -119.98
C LEU V 153 -22.25 45.48 -119.77
N LEU V 154 -23.11 46.42 -119.39
CA LEU V 154 -24.55 46.14 -119.30
C LEU V 154 -25.13 45.81 -120.67
N GLU V 155 -24.71 46.56 -121.69
CA GLU V 155 -25.10 46.25 -123.07
C GLU V 155 -24.58 44.89 -123.50
N ARG V 156 -23.33 44.57 -123.13
CA ARG V 156 -22.76 43.28 -123.52
C ARG V 156 -23.48 42.11 -122.86
N LEU V 157 -23.82 42.27 -121.57
CA LEU V 157 -24.46 41.18 -120.83
C LEU V 157 -25.88 40.95 -121.31
N ASN V 158 -26.66 42.02 -121.51
CA ASN V 158 -28.05 41.82 -121.89
C ASN V 158 -28.17 41.38 -123.34
N ASP V 159 -27.23 41.78 -124.20
CA ASP V 159 -27.27 41.31 -125.58
C ASP V 159 -26.80 39.87 -125.69
N ARG V 160 -25.74 39.52 -124.96
CA ARG V 160 -25.14 38.20 -125.15
C ARG V 160 -25.98 37.10 -124.51
N TYR V 161 -26.64 37.39 -123.40
CA TYR V 161 -27.45 36.39 -122.72
C TYR V 161 -28.85 36.95 -122.48
N PRO V 162 -29.81 36.59 -123.34
CA PRO V 162 -31.18 37.09 -123.16
C PRO V 162 -32.03 36.22 -122.24
N LYS V 163 -31.48 35.09 -121.76
CA LYS V 163 -32.26 34.15 -120.98
C LYS V 163 -32.09 34.32 -119.47
N LYS V 164 -31.18 35.19 -119.04
CA LYS V 164 -30.91 35.37 -117.63
C LYS V 164 -31.35 36.76 -117.16
N LEU V 165 -31.18 37.00 -115.86
CA LEU V 165 -31.56 38.25 -115.23
C LEU V 165 -30.34 39.14 -115.06
N VAL V 166 -30.57 40.44 -115.16
CA VAL V 166 -29.55 41.45 -114.92
C VAL V 166 -30.02 42.33 -113.77
N GLN V 167 -29.23 42.37 -112.70
CA GLN V 167 -29.49 43.27 -111.59
C GLN V 167 -28.36 44.28 -111.45
N THR V 168 -28.73 45.52 -111.13
CA THR V 168 -27.76 46.61 -111.00
C THR V 168 -28.07 47.36 -109.71
N TYR V 169 -27.24 47.17 -108.70
CA TYR V 169 -27.32 47.96 -107.48
C TYR V 169 -26.68 49.31 -107.76
N SER V 170 -27.46 50.36 -107.64
CA SER V 170 -27.06 51.66 -108.14
C SER V 170 -27.27 52.72 -107.06
N VAL V 171 -26.41 53.74 -107.09
CA VAL V 171 -26.53 54.89 -106.23
C VAL V 171 -27.11 56.03 -107.06
N PHE V 172 -27.72 57.01 -106.40
CA PHE V 172 -28.18 58.18 -107.11
C PHE V 172 -27.18 59.32 -106.92
N PRO V 173 -26.66 59.89 -108.01
CA PRO V 173 -25.50 60.79 -107.89
C PRO V 173 -25.85 62.15 -107.32
N ASN V 174 -25.96 62.20 -106.00
CA ASN V 174 -26.10 63.46 -105.27
C ASN V 174 -25.38 63.33 -103.93
N GLN V 175 -24.15 63.81 -103.88
CA GLN V 175 -23.35 63.70 -102.68
C GLN V 175 -23.01 65.06 -102.08
N ASP V 176 -23.90 66.05 -102.26
CA ASP V 176 -23.76 67.42 -101.79
C ASP V 176 -22.50 68.07 -102.37
N GLU V 177 -22.26 67.81 -103.65
CA GLU V 177 -21.05 68.23 -104.33
C GLU V 177 -21.01 69.74 -104.55
N ASP V 180 -14.66 69.55 -108.86
CA ASP V 180 -16.08 69.56 -109.20
C ASP V 180 -16.32 69.02 -110.60
N VAL V 181 -17.33 68.18 -110.74
CA VAL V 181 -17.65 67.54 -112.01
C VAL V 181 -18.99 68.06 -112.52
N VAL V 182 -18.98 68.71 -113.68
CA VAL V 182 -20.19 69.24 -114.27
C VAL V 182 -20.65 68.42 -115.45
N VAL V 183 -19.87 67.42 -115.87
CA VAL V 183 -20.30 66.48 -116.89
C VAL V 183 -21.09 65.32 -116.27
N GLN V 184 -21.18 65.31 -114.93
CA GLN V 184 -21.92 64.29 -114.19
C GLN V 184 -23.39 64.13 -114.58
N PRO V 185 -24.17 65.19 -114.86
CA PRO V 185 -25.54 64.94 -115.38
C PRO V 185 -25.56 64.24 -116.73
N TYR V 186 -24.61 64.57 -117.61
CA TYR V 186 -24.54 63.89 -118.92
C TYR V 186 -24.20 62.41 -118.74
N ASN V 187 -23.25 62.12 -117.86
CA ASN V 187 -22.85 60.74 -117.60
C ASN V 187 -23.97 59.94 -116.96
N SER V 188 -24.65 60.53 -115.98
CA SER V 188 -25.77 59.86 -115.32
C SER V 188 -26.95 59.68 -116.27
N LEU V 189 -27.15 60.62 -117.19
CA LEU V 189 -28.23 60.52 -118.16
C LEU V 189 -27.98 59.39 -119.15
N LEU V 190 -26.75 59.30 -119.67
CA LEU V 190 -26.42 58.21 -120.58
C LEU V 190 -26.47 56.85 -119.88
N THR V 191 -25.96 56.79 -118.64
CA THR V 191 -26.01 55.54 -117.88
C THR V 191 -27.45 55.16 -117.56
N LEU V 192 -28.31 56.14 -117.31
CA LEU V 192 -29.71 55.85 -117.01
C LEU V 192 -30.45 55.38 -118.25
N LYS V 193 -30.07 55.88 -119.42
CA LYS V 193 -30.59 55.34 -120.68
C LYS V 193 -30.25 53.86 -120.81
N ARG V 194 -29.00 53.51 -120.50
CA ARG V 194 -28.59 52.11 -120.54
C ARG V 194 -29.33 51.30 -119.47
N LEU V 195 -29.57 51.90 -118.30
CA LEU V 195 -30.26 51.20 -117.22
C LEU V 195 -31.71 50.91 -117.58
N THR V 196 -32.38 51.86 -118.23
CA THR V 196 -33.78 51.64 -118.61
C THR V 196 -33.90 50.64 -119.75
N GLN V 197 -32.92 50.61 -120.65
CA GLN V 197 -33.06 49.82 -121.87
C GLN V 197 -32.38 48.46 -121.80
N ASN V 198 -31.34 48.30 -120.98
CA ASN V 198 -30.51 47.10 -120.99
C ASN V 198 -30.51 46.36 -119.66
N ALA V 199 -31.55 46.54 -118.84
CA ALA V 199 -31.61 45.88 -117.56
C ALA V 199 -33.01 45.36 -117.31
N ASP V 200 -33.10 44.23 -116.59
CA ASP V 200 -34.38 43.67 -116.18
C ASP V 200 -34.89 44.29 -114.89
N CYS V 201 -34.00 44.66 -113.97
CA CYS V 201 -34.37 45.28 -112.72
C CYS V 201 -33.21 46.11 -112.24
N VAL V 202 -33.50 47.23 -111.59
CA VAL V 202 -32.48 48.12 -111.05
C VAL V 202 -32.86 48.44 -109.60
N VAL V 203 -31.91 48.26 -108.68
CA VAL V 203 -32.06 48.68 -107.30
C VAL V 203 -31.30 49.98 -107.12
N VAL V 204 -32.03 51.05 -106.78
CA VAL V 204 -31.46 52.39 -106.71
C VAL V 204 -31.50 52.87 -105.27
N LEU V 205 -30.41 53.50 -104.85
CA LEU V 205 -30.34 54.17 -103.56
C LEU V 205 -29.90 55.60 -103.77
N ASP V 206 -30.13 56.45 -102.77
CA ASP V 206 -29.70 57.84 -102.80
C ASP V 206 -28.49 58.02 -101.90
N ASN V 207 -27.45 58.65 -102.43
CA ASN V 207 -26.25 58.92 -101.62
C ASN V 207 -26.55 59.96 -100.55
N THR V 208 -27.40 60.94 -100.87
CA THR V 208 -27.73 61.98 -99.90
C THR V 208 -28.58 61.43 -98.76
N ALA V 209 -29.46 60.47 -99.06
CA ALA V 209 -30.30 59.86 -98.03
C ALA V 209 -29.48 59.06 -97.03
N LEU V 210 -28.59 58.22 -97.54
CA LEU V 210 -27.69 57.46 -96.67
C LEU V 210 -26.73 58.37 -95.94
N ASN V 211 -26.34 59.48 -96.58
CA ASN V 211 -25.49 60.46 -95.92
C ASN V 211 -26.20 61.14 -94.76
N ARG V 212 -27.48 61.49 -94.95
CA ARG V 212 -28.28 62.07 -93.89
C ARG V 212 -28.48 61.08 -92.74
N ILE V 213 -28.76 59.82 -93.07
CA ILE V 213 -28.96 58.79 -92.04
C ILE V 213 -27.68 58.54 -91.26
N ALA V 214 -26.53 58.55 -91.96
CA ALA V 214 -25.25 58.32 -91.30
C ALA V 214 -24.85 59.48 -90.39
N THR V 215 -25.03 60.72 -90.88
CA THR V 215 -24.76 61.89 -90.05
C THR V 215 -25.80 62.04 -88.94
N ASP V 216 -26.93 61.35 -89.07
CA ASP V 216 -27.90 61.30 -87.97
C ASP V 216 -27.46 60.34 -86.87
N ARG V 217 -27.28 59.05 -87.23
CA ARG V 217 -27.11 58.01 -86.22
C ARG V 217 -25.77 58.10 -85.50
N LEU V 218 -24.74 58.58 -86.20
CA LEU V 218 -23.49 58.96 -85.58
C LEU V 218 -23.25 60.43 -85.83
N HIS V 219 -22.05 60.89 -85.51
CA HIS V 219 -21.66 62.27 -85.74
C HIS V 219 -20.42 62.27 -86.61
N ILE V 220 -20.45 61.43 -87.65
CA ILE V 220 -19.35 61.29 -88.59
C ILE V 220 -19.59 62.26 -89.74
N GLN V 221 -18.51 62.87 -90.21
CA GLN V 221 -18.58 63.78 -91.34
C GLN V 221 -17.61 63.37 -92.43
N ASN V 222 -16.39 62.98 -92.06
CA ASN V 222 -15.36 62.60 -93.03
C ASN V 222 -15.44 61.15 -93.54
N PRO V 223 -15.55 60.08 -92.70
CA PRO V 223 -15.57 58.73 -93.30
C PRO V 223 -16.94 58.28 -93.76
N SER V 224 -17.64 59.12 -94.53
CA SER V 224 -19.02 58.79 -94.91
C SER V 224 -19.06 57.64 -95.91
N PHE V 225 -18.02 57.53 -96.75
CA PHE V 225 -17.98 56.49 -97.80
C PHE V 225 -18.04 55.09 -97.20
N SER V 226 -17.16 54.82 -96.23
CA SER V 226 -17.05 53.48 -95.65
C SER V 226 -18.30 53.07 -94.90
N GLN V 227 -18.96 54.05 -94.25
CA GLN V 227 -20.17 53.74 -93.50
C GLN V 227 -21.34 53.49 -94.43
N ILE V 228 -21.42 54.26 -95.53
CA ILE V 228 -22.39 53.97 -96.59
C ILE V 228 -22.15 52.58 -97.16
N ASN V 229 -20.89 52.16 -97.28
CA ASN V 229 -20.56 50.81 -97.74
C ASN V 229 -21.13 49.75 -96.79
N GLN V 230 -21.06 50.00 -95.47
CA GLN V 230 -21.66 49.11 -94.49
C GLN V 230 -23.15 49.00 -94.71
N LEU V 231 -23.81 50.12 -94.99
CA LEU V 231 -25.26 50.13 -95.20
C LEU V 231 -25.65 49.32 -96.44
N VAL V 232 -24.97 49.54 -97.57
CA VAL V 232 -25.40 48.86 -98.80
C VAL V 232 -25.07 47.38 -98.71
N SER V 233 -23.96 47.02 -98.05
CA SER V 233 -23.64 45.61 -97.88
C SER V 233 -24.64 44.90 -96.98
N THR V 234 -25.11 45.58 -95.93
CA THR V 234 -26.15 44.99 -95.08
C THR V 234 -27.46 44.83 -95.84
N ILE V 235 -27.80 45.82 -96.69
CA ILE V 235 -29.01 45.73 -97.49
C ILE V 235 -28.91 44.59 -98.52
N MET V 236 -27.72 44.43 -99.12
CA MET V 236 -27.54 43.39 -100.13
C MET V 236 -27.56 42.00 -99.51
N SER V 237 -27.05 41.86 -98.30
CA SER V 237 -27.18 40.59 -97.59
C SER V 237 -28.63 40.33 -97.21
N ALA V 238 -29.33 41.39 -96.77
CA ALA V 238 -30.71 41.24 -96.32
C ALA V 238 -31.65 40.88 -97.47
N SER V 239 -31.38 41.41 -98.66
CA SER V 239 -32.23 41.13 -99.81
C SER V 239 -32.08 39.72 -100.32
N THR V 240 -30.89 39.14 -100.23
CA THR V 240 -30.64 37.78 -100.71
C THR V 240 -30.60 36.76 -99.60
N THR V 241 -30.96 37.13 -98.36
CA THR V 241 -31.15 36.15 -97.29
C THR V 241 -32.21 35.11 -97.65
N THR V 242 -33.29 35.51 -98.33
CA THR V 242 -34.33 34.57 -98.70
C THR V 242 -33.89 33.62 -99.80
N LEU V 243 -32.87 33.99 -100.58
CA LEU V 243 -32.29 33.07 -101.54
C LEU V 243 -31.23 32.18 -100.89
N ARG V 244 -30.42 32.77 -100.00
CA ARG V 244 -29.34 32.03 -99.37
C ARG V 244 -29.86 31.07 -98.32
N TYR V 245 -31.02 31.34 -97.75
CA TYR V 245 -31.63 30.44 -96.78
C TYR V 245 -32.94 29.94 -97.35
N PRO V 246 -33.14 28.63 -97.41
CA PRO V 246 -34.28 28.07 -98.15
C PRO V 246 -35.60 28.35 -97.49
N GLY V 247 -36.46 29.04 -98.22
CA GLY V 247 -37.79 29.31 -97.76
C GLY V 247 -38.82 28.57 -98.57
N TYR V 248 -39.77 29.33 -99.10
CA TYR V 248 -40.86 28.76 -99.85
C TYR V 248 -41.06 29.51 -101.15
N MET V 249 -40.62 30.76 -101.19
CA MET V 249 -40.70 31.63 -102.34
C MET V 249 -39.52 32.60 -102.24
N ASN V 250 -39.11 33.12 -103.40
CA ASN V 250 -37.93 33.98 -103.58
C ASN V 250 -36.67 33.24 -103.13
N ASN V 251 -36.63 31.94 -103.43
CA ASN V 251 -35.38 31.20 -103.49
C ASN V 251 -34.82 31.23 -104.90
N ASP V 252 -35.48 31.99 -105.78
CA ASP V 252 -34.96 32.42 -107.07
C ASP V 252 -35.19 33.93 -107.14
N LEU V 253 -34.38 34.60 -107.95
CA LEU V 253 -34.44 36.05 -108.00
C LEU V 253 -35.71 36.54 -108.66
N ILE V 254 -36.15 35.82 -109.70
CA ILE V 254 -37.21 36.30 -110.59
C ILE V 254 -38.55 36.39 -109.87
N GLY V 255 -38.74 35.59 -108.81
CA GLY V 255 -39.97 35.68 -108.05
C GLY V 255 -40.09 36.96 -107.24
N LEU V 256 -38.98 37.38 -106.62
CA LEU V 256 -38.94 38.66 -105.93
C LEU V 256 -39.01 39.81 -106.92
N ILE V 257 -38.38 39.64 -108.08
CA ILE V 257 -38.37 40.67 -109.12
C ILE V 257 -39.76 40.83 -109.74
N ALA V 258 -40.58 39.76 -109.73
CA ALA V 258 -41.81 39.71 -110.51
C ALA V 258 -42.89 40.65 -109.97
N SER V 259 -43.13 40.62 -108.65
CA SER V 259 -44.29 41.31 -108.10
C SER V 259 -44.12 42.83 -108.11
N LEU V 260 -42.89 43.31 -107.88
CA LEU V 260 -42.68 44.75 -107.78
C LEU V 260 -42.70 45.40 -109.16
N ILE V 261 -42.36 44.66 -110.20
CA ILE V 261 -42.21 45.22 -111.54
C ILE V 261 -43.43 44.84 -112.37
N PRO V 262 -44.30 45.80 -112.70
CA PRO V 262 -45.54 45.45 -113.40
C PRO V 262 -45.40 45.44 -114.91
N THR V 263 -44.29 46.00 -115.42
CA THR V 263 -44.11 46.31 -116.83
C THR V 263 -42.61 46.61 -117.03
N PRO V 264 -42.07 46.36 -118.22
CA PRO V 264 -40.61 46.49 -118.41
C PRO V 264 -40.02 47.87 -118.26
N ARG V 265 -40.82 48.92 -118.13
CA ARG V 265 -40.26 50.25 -117.97
C ARG V 265 -40.14 50.65 -116.51
N LEU V 266 -41.04 50.20 -115.65
CA LEU V 266 -40.96 50.53 -114.24
C LEU V 266 -40.30 49.37 -113.52
N HIS V 267 -38.97 49.39 -113.47
CA HIS V 267 -38.22 48.30 -112.85
C HIS V 267 -37.24 48.82 -111.83
N PHE V 268 -37.50 50.01 -111.29
CA PHE V 268 -36.62 50.69 -110.35
C PHE V 268 -37.24 50.62 -108.97
N LEU V 269 -36.48 50.12 -107.99
CA LEU V 269 -37.04 49.71 -106.71
C LEU V 269 -36.43 50.54 -105.58
N MET V 270 -37.30 51.03 -104.70
CA MET V 270 -36.84 51.74 -103.51
C MET V 270 -36.32 50.76 -102.47
N THR V 271 -35.43 51.24 -101.62
CA THR V 271 -34.83 50.42 -100.56
C THR V 271 -35.37 50.84 -99.21
N GLY V 272 -35.88 49.87 -98.46
CA GLY V 272 -36.23 50.10 -97.07
C GLY V 272 -35.68 49.00 -96.19
N TYR V 273 -35.45 49.34 -94.92
CA TYR V 273 -34.96 48.44 -93.90
C TYR V 273 -35.23 49.08 -92.56
N THR V 274 -35.97 48.39 -91.70
CA THR V 274 -36.71 49.08 -90.63
C THR V 274 -35.82 49.45 -89.44
N PRO V 275 -34.91 48.60 -88.95
CA PRO V 275 -33.84 49.16 -88.13
C PRO V 275 -32.93 49.96 -89.04
N LEU V 276 -32.65 51.19 -88.67
CA LEU V 276 -31.43 51.82 -89.14
C LEU V 276 -30.29 51.53 -88.16
N THR V 277 -30.57 50.70 -87.16
CA THR V 277 -29.66 50.43 -86.06
C THR V 277 -29.27 48.96 -86.04
N THR V 278 -27.98 48.70 -85.82
CA THR V 278 -27.50 47.42 -85.31
C THR V 278 -26.37 47.68 -84.31
N ASP V 279 -25.91 48.92 -84.25
CA ASP V 279 -24.80 49.31 -83.41
C ASP V 279 -25.27 49.72 -82.02
N LYS V 287 -39.73 42.31 -76.83
CA LYS V 287 -39.09 43.60 -77.05
C LYS V 287 -39.67 44.26 -78.29
N THR V 288 -39.23 43.82 -79.46
CA THR V 288 -39.75 44.32 -80.72
C THR V 288 -40.70 43.31 -81.34
N THR V 289 -41.78 43.82 -81.92
CA THR V 289 -42.74 42.96 -82.59
C THR V 289 -42.84 43.32 -84.06
N VAL V 290 -43.56 42.49 -84.80
CA VAL V 290 -43.76 42.71 -86.22
C VAL V 290 -44.65 43.93 -86.45
N LEU V 291 -45.60 44.15 -85.53
CA LEU V 291 -46.59 45.20 -85.67
C LEU V 291 -45.94 46.57 -85.63
N ASP V 292 -45.03 46.76 -84.69
CA ASP V 292 -44.33 48.04 -84.54
C ASP V 292 -43.37 48.28 -85.69
N VAL V 293 -42.66 47.24 -86.14
CA VAL V 293 -41.71 47.48 -87.21
C VAL V 293 -42.43 47.64 -88.55
N MET V 294 -43.66 47.14 -88.68
CA MET V 294 -44.43 47.41 -89.89
C MET V 294 -44.82 48.88 -89.96
N ARG V 295 -45.39 49.41 -88.87
CA ARG V 295 -45.75 50.82 -88.86
C ARG V 295 -44.51 51.72 -88.86
N ARG V 296 -43.38 51.22 -88.36
CA ARG V 296 -42.14 51.97 -88.42
C ARG V 296 -41.54 51.92 -89.82
N LEU V 297 -41.85 50.88 -90.59
CA LEU V 297 -41.32 50.78 -91.93
C LEU V 297 -42.05 51.71 -92.88
N LEU V 298 -43.36 51.89 -92.68
CA LEU V 298 -44.16 52.57 -93.70
C LEU V 298 -43.93 54.09 -93.76
N GLN V 299 -43.15 54.68 -92.87
CA GLN V 299 -42.90 56.11 -93.00
C GLN V 299 -41.82 56.36 -94.04
N PRO V 300 -41.83 57.51 -94.72
CA PRO V 300 -40.79 57.77 -95.73
C PRO V 300 -39.47 58.25 -95.15
N LYS V 301 -39.32 58.23 -93.83
CA LYS V 301 -38.04 58.56 -93.20
C LYS V 301 -37.38 57.37 -92.52
N ASN V 302 -38.02 56.20 -92.53
CA ASN V 302 -37.28 54.96 -92.41
C ASN V 302 -36.99 54.34 -93.77
N VAL V 303 -37.30 55.05 -94.85
CA VAL V 303 -36.86 54.67 -96.20
C VAL V 303 -35.48 55.25 -96.43
N MET V 304 -34.58 54.42 -96.95
CA MET V 304 -33.19 54.83 -97.20
C MET V 304 -33.03 55.47 -98.58
N VAL V 305 -34.14 55.81 -99.23
CA VAL V 305 -34.16 56.65 -100.41
C VAL V 305 -35.03 57.86 -100.11
N SER V 306 -34.40 59.02 -99.98
CA SER V 306 -35.11 60.23 -99.58
C SER V 306 -35.06 61.27 -100.68
N THR V 313 -48.79 67.02 -105.58
CA THR V 313 -49.14 65.97 -106.52
C THR V 313 -49.41 64.65 -105.81
N ASN V 314 -49.89 63.67 -106.56
CA ASN V 314 -50.17 62.35 -106.01
C ASN V 314 -49.00 61.41 -106.31
N HIS V 315 -48.38 60.89 -105.25
CA HIS V 315 -47.32 59.90 -105.38
C HIS V 315 -47.76 58.62 -104.70
N CYS V 316 -47.71 57.53 -105.46
CA CYS V 316 -48.33 56.29 -105.04
C CYS V 316 -47.43 55.13 -105.45
N TYR V 317 -47.26 54.18 -104.53
CA TYR V 317 -46.46 53.01 -104.84
C TYR V 317 -47.18 52.13 -105.85
N ILE V 318 -46.40 51.49 -106.70
CA ILE V 318 -46.95 50.43 -107.55
C ILE V 318 -47.12 49.15 -106.77
N ALA V 319 -46.05 48.67 -106.13
CA ALA V 319 -46.10 47.46 -105.33
C ALA V 319 -44.98 47.49 -104.31
N ILE V 320 -45.27 47.01 -103.11
CA ILE V 320 -44.29 46.92 -102.05
C ILE V 320 -44.13 45.44 -101.72
N LEU V 321 -42.92 45.05 -101.33
CA LEU V 321 -42.71 43.73 -100.78
C LEU V 321 -41.78 43.85 -99.59
N ASN V 322 -42.20 43.29 -98.46
CA ASN V 322 -41.38 43.32 -97.27
C ASN V 322 -41.01 41.90 -96.88
N ILE V 323 -39.78 41.75 -96.41
CA ILE V 323 -39.26 40.47 -95.93
C ILE V 323 -38.78 40.67 -94.51
N ILE V 324 -39.23 39.81 -93.61
CA ILE V 324 -38.90 39.93 -92.19
C ILE V 324 -38.10 38.70 -91.78
N GLN V 325 -37.22 38.90 -90.81
CA GLN V 325 -36.36 37.83 -90.29
C GLN V 325 -36.27 37.98 -88.77
N GLY V 326 -36.68 36.94 -88.06
CA GLY V 326 -36.57 36.97 -86.62
C GLY V 326 -37.40 35.92 -85.92
N GLU V 327 -37.68 36.19 -84.65
CA GLU V 327 -38.44 35.29 -83.78
C GLU V 327 -39.93 35.59 -83.91
N VAL V 328 -40.46 35.42 -85.11
CA VAL V 328 -41.78 35.95 -85.47
C VAL V 328 -42.87 34.98 -85.04
N ASP V 329 -43.73 35.45 -84.15
CA ASP V 329 -45.00 34.78 -83.95
C ASP V 329 -45.85 34.91 -85.21
N PRO V 330 -46.43 33.82 -85.71
CA PRO V 330 -47.14 33.87 -87.00
C PRO V 330 -48.46 34.62 -86.94
N THR V 331 -49.01 34.84 -85.75
CA THR V 331 -50.22 35.65 -85.62
C THR V 331 -49.90 37.14 -85.73
N GLN V 332 -48.65 37.51 -85.48
CA GLN V 332 -48.27 38.92 -85.45
C GLN V 332 -48.32 39.56 -86.82
N VAL V 333 -47.86 38.86 -87.87
CA VAL V 333 -47.90 39.39 -89.22
C VAL V 333 -49.34 39.54 -89.69
N HIS V 334 -50.23 38.70 -89.17
CA HIS V 334 -51.62 38.63 -89.56
C HIS V 334 -52.37 39.87 -89.08
N LYS V 335 -52.28 40.15 -87.79
CA LYS V 335 -52.96 41.32 -87.24
C LYS V 335 -52.23 42.61 -87.55
N SER V 336 -50.90 42.55 -87.76
CA SER V 336 -50.19 43.71 -88.26
C SER V 336 -50.69 44.12 -89.63
N LEU V 337 -50.92 43.15 -90.51
CA LEU V 337 -51.43 43.48 -91.84
C LEU V 337 -52.87 43.97 -91.78
N GLN V 338 -53.64 43.45 -90.81
CA GLN V 338 -54.94 44.04 -90.46
C GLN V 338 -54.80 45.54 -90.14
N ARG V 339 -53.88 45.90 -89.24
CA ARG V 339 -53.72 47.30 -88.84
C ARG V 339 -53.25 48.16 -90.00
N ILE V 340 -52.36 47.62 -90.84
CA ILE V 340 -51.86 48.34 -92.01
C ILE V 340 -52.99 48.61 -92.99
N ARG V 341 -53.96 47.68 -93.10
CA ARG V 341 -55.09 47.93 -93.99
C ARG V 341 -55.97 49.06 -93.47
N GLU V 342 -56.46 48.95 -92.24
CA GLU V 342 -57.48 49.91 -91.81
C GLU V 342 -56.87 51.24 -91.39
N ARG V 343 -55.55 51.30 -91.22
CA ARG V 343 -54.92 52.60 -91.05
C ARG V 343 -54.63 53.29 -92.36
N LYS V 344 -54.35 52.52 -93.42
CA LYS V 344 -53.97 53.01 -94.75
C LYS V 344 -52.71 53.89 -94.69
N LEU V 345 -51.62 53.32 -94.16
CA LEU V 345 -50.36 54.04 -94.06
C LEU V 345 -49.39 53.78 -95.20
N ALA V 346 -49.86 53.17 -96.28
CA ALA V 346 -49.07 52.82 -97.45
C ALA V 346 -49.77 53.43 -98.65
N ASN V 347 -49.00 53.78 -99.67
CA ASN V 347 -49.60 54.38 -100.87
C ASN V 347 -49.93 53.29 -101.85
N PHE V 348 -51.16 53.37 -102.36
CA PHE V 348 -51.91 52.32 -103.04
C PHE V 348 -51.54 52.29 -104.51
N ILE V 349 -52.08 51.32 -105.24
CA ILE V 349 -51.99 51.34 -106.69
C ILE V 349 -53.40 51.53 -107.26
N PRO V 350 -53.61 52.54 -108.13
CA PRO V 350 -54.95 52.69 -108.74
C PRO V 350 -55.36 51.51 -109.60
N TRP V 351 -54.59 51.25 -110.66
CA TRP V 351 -54.98 50.28 -111.67
C TRP V 351 -54.68 48.85 -111.24
N GLY V 352 -55.32 48.37 -110.20
CA GLY V 352 -55.17 46.99 -109.82
C GLY V 352 -54.97 46.78 -108.34
N PRO V 353 -54.82 45.51 -107.94
CA PRO V 353 -54.20 45.22 -106.64
C PRO V 353 -52.74 44.81 -106.78
N ALA V 354 -51.87 45.52 -106.08
CA ALA V 354 -50.47 45.15 -105.93
C ALA V 354 -49.94 45.81 -104.67
N SER V 355 -49.86 45.05 -103.58
CA SER V 355 -49.73 45.67 -102.26
C SER V 355 -48.53 45.11 -101.54
N ILE V 356 -48.30 45.62 -100.32
CA ILE V 356 -47.20 45.16 -99.50
C ILE V 356 -47.44 43.71 -99.08
N GLN V 357 -46.46 42.86 -99.35
CA GLN V 357 -46.58 41.44 -99.14
C GLN V 357 -45.66 41.04 -98.01
N VAL V 358 -46.18 40.24 -97.09
CA VAL V 358 -45.43 39.80 -95.93
C VAL V 358 -44.66 38.55 -96.29
N ALA V 359 -43.35 38.61 -96.14
CA ALA V 359 -42.50 37.45 -96.32
C ALA V 359 -41.68 37.25 -95.05
N LEU V 360 -41.49 35.98 -94.71
CA LEU V 360 -40.81 35.61 -93.49
C LEU V 360 -39.56 34.83 -93.85
N SER V 361 -38.44 35.20 -93.23
CA SER V 361 -37.18 34.53 -93.49
C SER V 361 -36.50 34.18 -92.17
N ARG V 362 -35.49 33.33 -92.29
CA ARG V 362 -34.79 32.77 -91.14
C ARG V 362 -33.78 33.77 -90.60
N LYS V 363 -33.64 33.81 -89.28
CA LYS V 363 -32.60 34.62 -88.70
C LYS V 363 -31.24 33.95 -88.93
N SER V 364 -30.27 34.73 -89.40
CA SER V 364 -28.99 34.18 -89.81
C SER V 364 -28.13 33.82 -88.61
N PRO V 365 -27.31 32.76 -88.72
CA PRO V 365 -26.33 32.47 -87.65
C PRO V 365 -25.20 33.50 -87.65
N TYR V 366 -24.78 33.86 -86.43
CA TYR V 366 -23.65 34.75 -86.15
C TYR V 366 -23.92 36.16 -86.66
N LEU V 367 -25.14 36.62 -86.46
CA LEU V 367 -25.48 38.03 -86.65
C LEU V 367 -25.68 38.66 -85.27
N PRO V 368 -25.34 39.94 -85.10
CA PRO V 368 -25.45 40.56 -83.77
C PRO V 368 -26.90 40.71 -83.30
N SER V 369 -27.11 40.42 -82.01
CA SER V 369 -28.45 40.28 -81.44
C SER V 369 -29.01 41.62 -81.01
N ALA V 370 -29.18 42.52 -81.97
CA ALA V 370 -29.95 43.75 -81.78
C ALA V 370 -31.04 43.78 -82.85
N HIS V 371 -32.22 44.29 -82.47
CA HIS V 371 -33.43 44.26 -83.29
C HIS V 371 -33.75 42.84 -83.75
N ARG V 372 -34.09 41.97 -82.78
CA ARG V 372 -34.32 40.55 -83.01
C ARG V 372 -35.40 40.29 -84.06
N VAL V 373 -36.41 41.14 -84.13
CA VAL V 373 -37.37 41.11 -85.24
C VAL V 373 -37.02 42.26 -86.17
N SER V 374 -36.50 41.93 -87.34
CA SER V 374 -35.98 42.94 -88.25
C SER V 374 -36.50 42.65 -89.65
N GLY V 375 -37.00 43.70 -90.31
CA GLY V 375 -37.55 43.57 -91.64
C GLY V 375 -36.98 44.62 -92.57
N LEU V 376 -37.05 44.30 -93.86
CA LEU V 376 -36.63 45.21 -94.91
C LEU V 376 -37.71 45.20 -95.98
N MET V 377 -37.74 46.25 -96.79
CA MET V 377 -38.72 46.30 -97.87
C MET V 377 -38.06 46.73 -99.18
N MET V 378 -38.60 46.21 -100.27
CA MET V 378 -38.31 46.67 -101.62
C MET V 378 -39.64 47.07 -102.24
N ALA V 379 -39.68 48.26 -102.85
CA ALA V 379 -40.94 48.82 -103.30
C ALA V 379 -40.75 49.59 -104.60
N ASN V 380 -41.75 49.51 -105.46
CA ASN V 380 -41.80 50.29 -106.70
C ASN V 380 -42.66 51.52 -106.44
N HIS V 381 -42.02 52.69 -106.38
CA HIS V 381 -42.70 53.94 -106.09
C HIS V 381 -42.54 54.90 -107.25
N THR V 382 -43.57 55.72 -107.49
CA THR V 382 -43.50 56.79 -108.47
C THR V 382 -42.74 58.01 -107.97
N SER V 383 -42.33 58.02 -106.70
CA SER V 383 -41.62 59.19 -106.15
C SER V 383 -40.21 59.31 -106.71
N ILE V 384 -39.65 58.23 -107.24
CA ILE V 384 -38.32 58.28 -107.84
C ILE V 384 -38.34 59.06 -109.16
N SER V 385 -39.52 59.24 -109.75
CA SER V 385 -39.65 60.10 -110.92
C SER V 385 -39.25 61.53 -110.61
N SER V 386 -39.51 61.97 -109.38
CA SER V 386 -39.11 63.31 -108.96
C SER V 386 -37.59 63.46 -108.97
N LEU V 387 -36.88 62.46 -108.47
CA LEU V 387 -35.42 62.49 -108.46
C LEU V 387 -34.87 62.43 -109.87
N PHE V 388 -35.51 61.63 -110.73
CA PHE V 388 -35.13 61.56 -112.14
C PHE V 388 -35.31 62.89 -112.84
N GLU V 389 -36.45 63.55 -112.63
CA GLU V 389 -36.67 64.82 -113.32
C GLU V 389 -35.84 65.95 -112.71
N ARG V 390 -35.44 65.82 -111.44
CA ARG V 390 -34.47 66.77 -110.89
C ARG V 390 -33.13 66.67 -111.60
N THR V 391 -32.63 65.44 -111.78
CA THR V 391 -31.38 65.27 -112.50
C THR V 391 -31.53 65.63 -113.97
N CYS V 392 -32.71 65.38 -114.54
CA CYS V 392 -33.02 65.84 -115.89
C CYS V 392 -33.02 67.35 -115.97
N ARG V 393 -33.49 68.03 -114.91
CA ARG V 393 -33.50 69.48 -114.91
C ARG V 393 -32.09 70.04 -114.81
N GLN V 394 -31.24 69.37 -114.03
CA GLN V 394 -29.83 69.74 -113.98
C GLN V 394 -29.15 69.56 -115.34
N TYR V 395 -29.43 68.44 -116.00
CA TYR V 395 -28.92 68.20 -117.34
C TYR V 395 -29.45 69.23 -118.33
N ASP V 396 -30.73 69.57 -118.22
CA ASP V 396 -31.35 70.55 -119.11
C ASP V 396 -30.75 71.92 -118.91
N LYS V 397 -30.44 72.28 -117.66
CA LYS V 397 -29.77 73.56 -117.39
C LYS V 397 -28.39 73.61 -118.02
N LEU V 398 -27.56 72.60 -117.72
CA LEU V 398 -26.20 72.61 -118.27
C LEU V 398 -26.19 72.43 -119.78
N ARG V 399 -27.22 71.77 -120.32
CA ARG V 399 -27.31 71.57 -121.76
C ARG V 399 -27.78 72.83 -122.46
N LYS V 400 -28.66 73.59 -121.83
CA LYS V 400 -29.12 74.86 -122.40
C LYS V 400 -28.01 75.89 -122.36
N ARG V 401 -27.21 75.87 -121.28
CA ARG V 401 -26.14 76.85 -121.16
C ARG V 401 -25.01 76.59 -122.16
N GLU V 402 -24.77 75.31 -122.49
CA GLU V 402 -23.69 74.85 -123.37
C GLU V 402 -22.32 75.37 -122.96
N ALA V 403 -21.99 75.15 -121.68
CA ALA V 403 -20.67 75.51 -121.18
C ALA V 403 -20.12 74.43 -120.25
N PHE V 404 -20.77 73.28 -120.20
CA PHE V 404 -20.47 72.27 -119.18
C PHE V 404 -20.28 70.88 -119.78
N LEU V 405 -20.06 70.79 -121.09
CA LEU V 405 -19.56 69.57 -121.69
C LEU V 405 -18.06 69.46 -121.51
N GLU V 406 -17.38 70.61 -121.29
CA GLU V 406 -15.96 70.79 -120.99
C GLU V 406 -15.05 70.42 -122.16
N GLN V 407 -15.65 70.06 -123.31
CA GLN V 407 -14.98 69.49 -124.47
C GLN V 407 -14.06 68.34 -124.06
N PHE V 408 -14.65 67.28 -123.53
CA PHE V 408 -13.90 66.06 -123.30
C PHE V 408 -13.66 65.40 -124.64
N ARG V 409 -12.41 64.98 -124.85
CA ARG V 409 -12.00 64.49 -126.17
C ARG V 409 -12.65 63.15 -126.49
N LYS V 410 -12.82 62.29 -125.47
CA LYS V 410 -13.51 61.03 -125.68
C LYS V 410 -15.00 61.26 -125.93
N GLU V 411 -15.56 62.30 -125.32
CA GLU V 411 -16.96 62.64 -125.55
C GLU V 411 -17.18 63.15 -126.97
N ASP V 412 -16.22 63.91 -127.50
CA ASP V 412 -16.31 64.39 -128.87
C ASP V 412 -16.07 63.27 -129.87
N MET V 413 -15.05 62.43 -129.63
CA MET V 413 -14.71 61.37 -130.57
C MET V 413 -15.75 60.26 -130.55
N PHE V 414 -16.37 60.03 -129.39
CA PHE V 414 -17.41 59.02 -129.29
C PHE V 414 -18.66 59.43 -130.07
N LYS V 415 -19.06 60.70 -129.94
CA LYS V 415 -20.20 61.21 -130.67
C LYS V 415 -19.93 62.68 -130.98
N ASP V 416 -19.60 62.97 -132.23
CA ASP V 416 -19.32 64.35 -132.63
C ASP V 416 -20.59 65.18 -132.67
N ASN V 417 -21.74 64.53 -132.87
CA ASN V 417 -23.02 65.22 -132.96
C ASN V 417 -23.76 65.24 -131.62
N PHE V 418 -23.35 64.39 -130.67
CA PHE V 418 -23.92 64.29 -129.32
C PHE V 418 -25.42 64.00 -129.36
N ASP V 419 -25.83 63.16 -130.32
CA ASP V 419 -27.22 62.78 -130.46
C ASP V 419 -27.63 61.72 -129.46
N GLU V 420 -26.66 61.03 -128.85
CA GLU V 420 -26.97 60.06 -127.81
C GLU V 420 -27.52 60.74 -126.57
N MET V 421 -27.09 61.98 -126.31
CA MET V 421 -27.68 62.75 -125.22
C MET V 421 -29.14 63.07 -125.50
N ASP V 422 -29.46 63.39 -126.76
CA ASP V 422 -30.84 63.63 -127.14
C ASP V 422 -31.68 62.37 -127.07
N THR V 423 -31.11 61.23 -127.48
CA THR V 423 -31.83 59.96 -127.43
C THR V 423 -32.10 59.54 -125.99
N SER V 424 -31.09 59.71 -125.13
CA SER V 424 -31.24 59.43 -123.70
C SER V 424 -32.25 60.36 -123.05
N ARG V 425 -32.28 61.63 -123.47
CA ARG V 425 -33.26 62.57 -122.96
C ARG V 425 -34.67 62.17 -123.38
N GLU V 426 -34.82 61.70 -124.63
CA GLU V 426 -36.11 61.20 -125.09
C GLU V 426 -36.56 59.97 -124.33
N ILE V 427 -35.63 59.05 -124.07
CA ILE V 427 -35.95 57.82 -123.36
C ILE V 427 -36.33 58.11 -121.91
N VAL V 428 -35.60 59.02 -121.26
CA VAL V 428 -35.93 59.35 -119.89
C VAL V 428 -37.21 60.19 -119.82
N GLN V 429 -37.52 60.92 -120.89
CA GLN V 429 -38.78 61.63 -120.92
C GLN V 429 -39.95 60.68 -121.07
N GLN V 430 -39.80 59.67 -121.93
CA GLN V 430 -40.80 58.61 -122.04
C GLN V 430 -40.96 57.85 -120.74
N LEU V 431 -39.85 57.69 -120.01
CA LEU V 431 -39.88 57.03 -118.71
C LEU V 431 -40.67 57.85 -117.69
N ILE V 432 -40.44 59.17 -117.65
CA ILE V 432 -41.20 60.06 -116.76
C ILE V 432 -42.68 60.06 -117.13
N ASP V 433 -42.98 60.04 -118.43
CA ASP V 433 -44.38 60.02 -118.87
C ASP V 433 -45.06 58.72 -118.51
N GLU V 434 -44.34 57.60 -118.61
CA GLU V 434 -44.91 56.31 -118.23
C GLU V 434 -45.08 56.21 -116.73
N TYR V 435 -44.18 56.83 -115.96
CA TYR V 435 -44.34 56.95 -114.51
C TYR V 435 -45.61 57.70 -114.16
N HIS V 436 -45.80 58.86 -114.78
CA HIS V 436 -46.99 59.66 -114.53
C HIS V 436 -48.24 58.99 -115.05
N ALA V 437 -48.13 58.16 -116.08
CA ALA V 437 -49.29 57.45 -116.60
C ALA V 437 -49.66 56.30 -115.69
N ALA V 438 -48.67 55.65 -115.08
CA ALA V 438 -48.93 54.62 -114.08
C ALA V 438 -49.52 55.22 -112.81
N THR V 439 -49.22 56.49 -112.55
CA THR V 439 -49.83 57.20 -111.43
C THR V 439 -51.34 57.34 -111.64
N ARG V 440 -51.79 57.41 -112.90
CA ARG V 440 -53.19 57.66 -113.20
C ARG V 440 -54.04 56.43 -112.89
N PRO V 441 -55.35 56.60 -112.68
CA PRO V 441 -56.23 55.43 -112.57
C PRO V 441 -56.39 54.68 -113.88
N ASP V 442 -56.07 55.30 -115.00
CA ASP V 442 -56.02 54.61 -116.28
C ASP V 442 -54.56 54.39 -116.63
N TYR V 443 -54.20 53.14 -116.90
CA TYR V 443 -52.91 52.87 -117.49
C TYR V 443 -53.18 52.12 -118.79
N ILE V 444 -54.32 52.43 -119.39
CA ILE V 444 -54.57 52.21 -120.81
C ILE V 444 -54.26 53.51 -121.56
N SER V 445 -53.50 54.40 -120.92
CA SER V 445 -52.93 55.59 -121.52
C SER V 445 -51.44 55.58 -121.25
N TRP V 446 -50.65 55.58 -122.32
CA TRP V 446 -49.25 55.22 -122.22
C TRP V 446 -48.35 56.40 -122.55
N GLY V 447 -47.05 56.16 -122.53
CA GLY V 447 -46.08 57.20 -122.80
C GLY V 447 -44.74 56.64 -123.26
N ARG W 3 3.33 -11.07 -117.00
CA ARG W 3 4.26 -11.95 -116.32
C ARG W 3 5.50 -11.20 -115.86
N GLU W 4 6.62 -11.39 -116.56
CA GLU W 4 7.86 -10.73 -116.20
C GLU W 4 8.21 -9.68 -117.25
N ILE W 5 8.70 -8.53 -116.79
CA ILE W 5 8.99 -7.40 -117.65
C ILE W 5 10.50 -7.17 -117.63
N ILE W 6 11.08 -7.02 -118.82
CA ILE W 6 12.48 -6.69 -118.98
C ILE W 6 12.57 -5.24 -119.47
N THR W 7 13.19 -4.40 -118.66
CA THR W 7 13.18 -2.96 -118.89
C THR W 7 14.47 -2.54 -119.56
N LEU W 8 14.35 -1.75 -120.61
CA LEU W 8 15.48 -1.33 -121.42
C LEU W 8 15.66 0.17 -121.24
N GLN W 9 16.91 0.58 -121.00
CA GLN W 9 17.21 1.99 -120.82
C GLN W 9 18.40 2.37 -121.68
N LEU W 10 18.32 3.54 -122.30
CA LEU W 10 19.30 3.96 -123.28
C LEU W 10 19.24 5.48 -123.41
N GLY W 11 20.38 6.07 -123.76
CA GLY W 11 20.50 7.51 -123.77
C GLY W 11 20.70 8.07 -122.37
N GLN W 12 21.15 9.32 -122.30
CA GLN W 12 21.40 9.93 -121.00
C GLN W 12 20.09 10.22 -120.27
N CYS W 13 19.09 10.71 -121.00
CA CYS W 13 17.79 10.96 -120.39
C CYS W 13 17.07 9.66 -120.06
N GLY W 14 17.20 8.65 -120.91
CA GLY W 14 16.59 7.36 -120.64
C GLY W 14 17.25 6.63 -119.48
N ASN W 15 18.58 6.72 -119.38
CA ASN W 15 19.25 6.14 -118.23
C ASN W 15 18.97 6.93 -116.96
N GLN W 16 18.71 8.23 -117.10
CA GLN W 16 18.32 9.04 -115.95
C GLN W 16 16.97 8.60 -115.39
N ILE W 17 15.96 8.48 -116.26
CA ILE W 17 14.64 8.07 -115.81
C ILE W 17 14.62 6.61 -115.36
N GLY W 18 15.45 5.74 -115.97
CA GLY W 18 15.56 4.38 -115.50
C GLY W 18 16.25 4.30 -114.15
N PHE W 19 17.25 5.16 -113.92
CA PHE W 19 17.94 5.21 -112.64
C PHE W 19 16.99 5.64 -111.52
N GLU W 20 16.20 6.69 -111.76
CA GLU W 20 15.27 7.14 -110.74
C GLU W 20 14.14 6.14 -110.54
N PHE W 21 13.72 5.45 -111.61
CA PHE W 21 12.67 4.43 -111.47
C PHE W 21 13.17 3.24 -110.69
N TRP W 22 14.41 2.81 -110.93
CA TRP W 22 14.96 1.69 -110.19
C TRP W 22 15.19 2.06 -108.73
N LYS W 23 15.63 3.29 -108.47
CA LYS W 23 15.77 3.77 -107.10
C LYS W 23 14.41 3.84 -106.40
N GLN W 24 13.37 4.24 -107.14
CA GLN W 24 12.02 4.31 -106.60
C GLN W 24 11.49 2.93 -106.25
N LEU W 25 11.69 1.95 -107.12
CA LEU W 25 11.27 0.60 -106.81
C LEU W 25 12.14 -0.07 -105.76
N CYS W 26 13.39 0.38 -105.61
CA CYS W 26 14.24 -0.11 -104.53
C CYS W 26 13.73 0.38 -103.18
N ALA W 27 13.39 1.67 -103.10
CA ALA W 27 12.81 2.22 -101.88
C ALA W 27 11.43 1.64 -101.63
N GLU W 28 10.68 1.32 -102.68
CA GLU W 28 9.31 0.86 -102.52
C GLU W 28 9.27 -0.56 -101.98
N HIS W 29 9.96 -1.48 -102.63
CA HIS W 29 9.96 -2.86 -102.18
C HIS W 29 10.98 -3.02 -101.05
N GLY W 30 10.91 -4.16 -100.37
CA GLY W 30 11.76 -4.39 -99.23
C GLY W 30 13.16 -4.86 -99.59
N ILE W 31 13.97 -3.97 -100.17
CA ILE W 31 15.33 -4.29 -100.56
C ILE W 31 16.23 -3.11 -100.22
N SER W 32 17.50 -3.42 -99.96
CA SER W 32 18.55 -2.45 -99.79
C SER W 32 19.03 -1.99 -101.15
N PRO W 33 19.87 -0.94 -101.22
CA PRO W 33 20.54 -0.63 -102.50
C PRO W 33 21.53 -1.68 -102.96
N GLU W 34 21.96 -2.57 -102.06
CA GLU W 34 22.66 -3.78 -102.47
C GLU W 34 21.69 -4.85 -102.94
N GLY W 35 20.47 -4.83 -102.43
CA GLY W 35 19.50 -5.88 -102.67
C GLY W 35 19.22 -6.76 -101.48
N ILE W 36 19.50 -6.29 -100.28
CA ILE W 36 19.38 -7.12 -99.08
C ILE W 36 17.92 -7.13 -98.63
N VAL W 37 17.41 -8.34 -98.35
CA VAL W 37 16.00 -8.56 -98.10
C VAL W 37 15.58 -7.92 -96.78
N GLU W 38 14.37 -7.36 -96.76
CA GLU W 38 13.82 -6.78 -95.54
C GLU W 38 12.81 -7.73 -94.92
N GLU W 39 12.36 -7.38 -93.73
CA GLU W 39 11.48 -8.27 -92.97
C GLU W 39 10.01 -8.00 -93.24
N PHE W 40 9.69 -6.96 -94.00
CA PHE W 40 8.30 -6.67 -94.32
C PHE W 40 7.93 -7.12 -95.73
N ALA W 41 8.85 -7.75 -96.43
CA ALA W 41 8.63 -8.17 -97.81
C ALA W 41 9.44 -9.43 -98.11
N THR W 45 0.30 -9.72 -99.95
CA THR W 45 0.00 -9.99 -101.36
C THR W 45 0.84 -9.07 -102.26
N ASP W 46 1.97 -9.60 -102.72
CA ASP W 46 2.93 -8.83 -103.51
C ASP W 46 3.45 -9.69 -104.66
N ARG W 47 4.41 -9.14 -105.42
CA ARG W 47 5.26 -9.91 -106.31
C ARG W 47 6.58 -9.17 -106.49
N LYS W 48 7.68 -9.90 -106.47
CA LYS W 48 9.01 -9.34 -106.69
C LYS W 48 9.68 -10.06 -107.85
N ASP W 49 8.92 -10.33 -108.91
CA ASP W 49 9.44 -11.07 -110.05
C ASP W 49 8.97 -10.43 -111.36
N VAL W 50 8.54 -9.17 -111.29
CA VAL W 50 8.01 -8.49 -112.47
C VAL W 50 9.11 -7.71 -113.18
N PHE W 51 9.84 -6.88 -112.42
CA PHE W 51 11.01 -6.20 -112.93
C PHE W 51 12.28 -6.82 -112.38
N PHE W 52 12.16 -7.66 -111.34
CA PHE W 52 13.29 -8.17 -110.59
C PHE W 52 13.47 -9.63 -110.94
N TYR W 53 14.70 -10.02 -111.23
CA TYR W 53 15.04 -11.42 -111.13
C TYR W 53 15.42 -11.73 -109.70
N GLN W 54 14.95 -12.87 -109.19
CA GLN W 54 15.49 -13.44 -107.96
C GLN W 54 16.91 -13.86 -108.33
N ALA W 55 17.86 -12.97 -108.09
CA ALA W 55 19.19 -13.20 -108.63
C ALA W 55 20.08 -13.81 -107.56
N ASP W 56 21.30 -14.15 -107.98
CA ASP W 56 21.98 -15.31 -107.44
C ASP W 56 22.98 -14.96 -106.35
N ASP W 57 22.86 -13.77 -105.76
CA ASP W 57 23.57 -13.42 -104.53
C ASP W 57 22.63 -12.83 -103.50
N GLU W 58 21.36 -13.26 -103.53
CA GLU W 58 20.28 -12.84 -102.63
C GLU W 58 20.01 -11.34 -102.76
N HIS W 59 20.29 -10.82 -103.96
CA HIS W 59 19.86 -9.49 -104.35
C HIS W 59 18.86 -9.65 -105.47
N TYR W 60 17.69 -9.02 -105.32
CA TYR W 60 16.70 -9.04 -106.39
C TYR W 60 17.14 -8.07 -107.48
N ILE W 61 18.06 -8.54 -108.33
CA ILE W 61 18.71 -7.69 -109.33
C ILE W 61 17.73 -7.51 -110.48
N PRO W 62 17.38 -6.27 -110.83
CA PRO W 62 16.48 -6.04 -111.96
C PRO W 62 17.14 -6.39 -113.28
N ARG W 63 16.32 -6.90 -114.20
CA ARG W 63 16.77 -7.15 -115.56
C ARG W 63 16.75 -5.85 -116.34
N ALA W 64 17.89 -5.16 -116.36
CA ALA W 64 18.01 -3.87 -117.02
C ALA W 64 19.17 -3.91 -118.01
N VAL W 65 18.91 -3.43 -119.22
CA VAL W 65 19.94 -3.28 -120.24
C VAL W 65 20.53 -1.89 -120.13
N LEU W 66 21.81 -1.82 -119.80
CA LEU W 66 22.50 -0.55 -119.60
C LEU W 66 23.21 -0.18 -120.89
N LEU W 67 22.74 0.88 -121.53
CA LEU W 67 23.33 1.36 -122.77
C LEU W 67 23.83 2.78 -122.56
N ASP W 68 25.01 3.07 -123.08
CA ASP W 68 25.61 4.38 -122.91
C ASP W 68 26.04 4.90 -124.28
N LEU W 69 25.83 6.20 -124.47
CA LEU W 69 26.24 6.90 -125.67
C LEU W 69 26.62 8.31 -125.28
N GLU W 70 27.93 8.60 -125.33
CA GLU W 70 28.57 9.78 -124.76
C GLU W 70 28.19 9.91 -123.28
N PRO W 71 28.69 9.03 -122.41
CA PRO W 71 28.19 8.98 -121.04
C PRO W 71 28.76 10.10 -120.17
N ARG W 72 27.86 10.83 -119.52
CA ARG W 72 28.27 11.80 -118.53
C ARG W 72 27.58 11.48 -117.21
N VAL W 73 26.25 11.40 -117.24
CA VAL W 73 25.48 11.07 -116.04
C VAL W 73 25.51 9.57 -115.78
N ILE W 74 25.83 8.77 -116.80
CA ILE W 74 25.92 7.34 -116.63
C ILE W 74 27.17 6.97 -115.82
N HIS W 75 28.20 7.81 -115.90
CA HIS W 75 29.34 7.68 -114.99
C HIS W 75 28.92 7.91 -113.54
N SER W 76 28.02 8.86 -113.31
CA SER W 76 27.51 9.07 -111.95
C SER W 76 26.62 7.92 -111.50
N ILE W 77 25.92 7.28 -112.46
CA ILE W 77 25.17 6.07 -112.16
C ILE W 77 26.12 4.93 -111.78
N LEU W 78 27.33 4.95 -112.35
CA LEU W 78 28.31 3.90 -112.06
C LEU W 78 28.79 3.95 -110.61
N ASN W 79 29.32 5.09 -110.16
CA ASN W 79 29.75 5.16 -108.76
C ASN W 79 28.57 5.54 -107.88
N SER W 80 27.75 4.55 -107.55
CA SER W 80 26.50 4.81 -106.87
C SER W 80 26.12 3.57 -106.06
N PRO W 81 25.38 3.73 -104.96
CA PRO W 81 24.93 2.56 -104.20
C PRO W 81 23.86 1.74 -104.90
N TYR W 82 23.25 2.28 -105.95
CA TYR W 82 22.29 1.53 -106.76
C TYR W 82 22.96 0.83 -107.92
N ALA W 83 24.29 0.89 -108.01
CA ALA W 83 25.03 0.05 -108.92
C ALA W 83 25.34 -1.31 -108.30
N LYS W 84 25.04 -1.48 -107.02
CA LYS W 84 25.05 -2.79 -106.39
C LYS W 84 23.69 -3.47 -106.48
N LEU W 85 22.65 -2.74 -106.90
CA LEU W 85 21.35 -3.34 -107.12
C LEU W 85 21.28 -3.99 -108.50
N TYR W 86 21.62 -3.24 -109.55
CA TYR W 86 21.59 -3.77 -110.90
C TYR W 86 22.90 -3.44 -111.62
N ASN W 87 23.59 -4.50 -112.06
CA ASN W 87 24.68 -4.47 -113.02
C ASN W 87 24.97 -5.87 -113.53
N PRO W 88 24.23 -6.36 -114.55
CA PRO W 88 24.62 -7.63 -115.17
C PRO W 88 25.78 -7.51 -116.16
N GLU W 89 26.48 -6.36 -116.14
CA GLU W 89 27.73 -6.07 -116.85
C GLU W 89 27.53 -6.20 -118.35
N ASN W 90 26.73 -5.31 -118.91
CA ASN W 90 26.42 -5.31 -120.34
C ASN W 90 26.51 -3.92 -120.91
N ILE W 91 27.27 -3.04 -120.24
CA ILE W 91 27.45 -1.67 -120.68
C ILE W 91 28.31 -1.65 -121.94
N TYR W 92 27.78 -1.09 -123.01
CA TYR W 92 28.49 -1.05 -124.29
C TYR W 92 28.14 0.25 -125.00
N LEU W 93 29.15 0.92 -125.54
CA LEU W 93 28.98 2.19 -126.21
C LEU W 93 28.27 2.02 -127.55
N GLY W 101 23.76 10.58 -130.44
CA GLY W 101 24.56 11.50 -129.65
C GLY W 101 23.90 12.86 -129.50
N ASN W 102 23.93 13.64 -130.57
CA ASN W 102 23.16 14.88 -130.65
C ASN W 102 22.28 14.89 -131.89
N ASN W 103 22.16 13.76 -132.58
CA ASN W 103 21.37 13.67 -133.79
C ASN W 103 20.70 12.31 -133.89
N TRP W 104 19.61 12.30 -134.64
CA TRP W 104 18.90 11.06 -134.91
C TRP W 104 19.69 10.18 -135.88
N ALA W 105 20.29 10.80 -136.91
CA ALA W 105 21.03 10.03 -137.90
C ALA W 105 22.29 9.41 -137.31
N SER W 106 22.97 10.15 -136.42
CA SER W 106 24.19 9.64 -135.80
C SER W 106 23.90 8.47 -134.88
N GLY W 107 22.88 8.60 -134.04
CA GLY W 107 22.51 7.51 -133.15
C GLY W 107 21.96 6.31 -133.89
N PHE W 108 21.20 6.56 -134.97
CA PHE W 108 20.69 5.49 -135.80
C PHE W 108 21.81 4.72 -136.49
N SER W 109 22.78 5.43 -137.07
CA SER W 109 23.88 4.76 -137.77
C SER W 109 24.80 4.05 -136.80
N GLN W 110 25.05 4.65 -135.63
CA GLN W 110 25.87 3.99 -134.62
C GLN W 110 25.19 2.75 -134.07
N GLY W 111 23.86 2.79 -133.91
CA GLY W 111 23.16 1.59 -133.50
C GLY W 111 23.11 0.54 -134.59
N GLU W 112 23.13 0.99 -135.86
CA GLU W 112 23.07 0.06 -136.98
C GLU W 112 24.33 -0.79 -137.07
N LYS W 113 25.50 -0.19 -136.87
CA LYS W 113 26.75 -0.92 -137.10
C LYS W 113 27.07 -1.92 -136.00
N ILE W 114 26.42 -1.82 -134.84
CA ILE W 114 26.73 -2.70 -133.72
C ILE W 114 25.50 -3.45 -133.19
N HIS W 115 24.52 -3.73 -134.05
CA HIS W 115 23.26 -4.30 -133.58
C HIS W 115 23.42 -5.73 -133.06
N GLU W 116 24.53 -6.39 -133.42
CA GLU W 116 24.69 -7.82 -133.20
C GLU W 116 24.88 -8.14 -131.73
N ASP W 117 25.88 -7.53 -131.11
CA ASP W 117 26.22 -7.88 -129.73
C ASP W 117 25.22 -7.28 -128.75
N ILE W 118 24.63 -6.14 -129.08
CA ILE W 118 23.59 -5.61 -128.21
C ILE W 118 22.33 -6.45 -128.35
N PHE W 119 22.11 -7.05 -129.53
CA PHE W 119 21.04 -8.03 -129.65
C PHE W 119 21.37 -9.29 -128.88
N ASP W 120 22.66 -9.63 -128.77
CA ASP W 120 23.07 -10.74 -127.92
C ASP W 120 22.85 -10.41 -126.44
N ILE W 121 23.03 -9.14 -126.07
CA ILE W 121 22.71 -8.69 -124.72
C ILE W 121 21.22 -8.84 -124.44
N ILE W 122 20.40 -8.46 -125.41
CA ILE W 122 18.95 -8.66 -125.33
C ILE W 122 18.62 -10.16 -125.23
N ASP W 123 19.36 -10.98 -125.97
CA ASP W 123 19.13 -12.41 -125.99
C ASP W 123 19.54 -13.05 -124.66
N ARG W 124 20.59 -12.53 -124.05
CA ARG W 124 21.05 -13.00 -122.75
C ARG W 124 19.99 -12.78 -121.67
N GLU W 125 19.43 -11.57 -121.60
CA GLU W 125 18.39 -11.32 -120.61
C GLU W 125 17.07 -11.98 -120.98
N ALA W 126 16.83 -12.18 -122.28
CA ALA W 126 15.63 -12.93 -122.70
C ALA W 126 15.74 -14.38 -122.27
N ASP W 127 16.95 -14.94 -122.33
CA ASP W 127 17.18 -16.25 -121.75
C ASP W 127 17.22 -16.19 -120.23
N GLY W 128 17.42 -14.99 -119.67
CA GLY W 128 17.55 -14.88 -118.22
C GLY W 128 16.27 -15.17 -117.47
N SER W 129 15.17 -14.57 -117.90
CA SER W 129 13.90 -14.77 -117.20
C SER W 129 13.17 -15.98 -117.75
N ASP W 130 12.33 -16.58 -116.90
CA ASP W 130 11.56 -17.75 -117.33
C ASP W 130 10.42 -17.36 -118.26
N SER W 131 9.72 -16.27 -117.95
CA SER W 131 8.62 -15.79 -118.76
C SER W 131 8.86 -14.34 -119.15
N LEU W 132 8.08 -13.85 -120.09
CA LEU W 132 8.24 -12.50 -120.58
C LEU W 132 6.86 -11.94 -120.94
N GLU W 133 6.66 -10.66 -120.62
CA GLU W 133 5.39 -10.02 -120.97
C GLU W 133 5.62 -8.88 -121.96
N GLY W 134 6.69 -8.11 -121.78
CA GLY W 134 6.92 -6.98 -122.66
C GLY W 134 8.29 -6.36 -122.46
N PHE W 135 8.61 -5.43 -123.36
CA PHE W 135 9.84 -4.66 -123.31
C PHE W 135 9.49 -3.19 -123.13
N VAL W 136 9.87 -2.64 -121.98
CA VAL W 136 9.60 -1.24 -121.65
C VAL W 136 10.87 -0.44 -121.95
N LEU W 137 10.76 0.52 -122.86
CA LEU W 137 11.90 1.30 -123.31
C LEU W 137 11.90 2.65 -122.62
N CYS W 138 12.94 2.90 -121.82
CA CYS W 138 13.19 4.23 -121.28
C CYS W 138 13.75 5.07 -122.42
N HIS W 139 12.95 5.99 -122.93
CA HIS W 139 13.29 6.67 -124.16
C HIS W 139 12.97 8.15 -124.02
N SER W 140 13.74 8.96 -124.73
CA SER W 140 13.49 10.39 -124.84
C SER W 140 13.42 10.75 -126.32
N ILE W 141 12.34 11.42 -126.70
CA ILE W 141 12.10 11.76 -128.11
C ILE W 141 12.86 13.03 -128.42
N ALA W 142 13.74 12.95 -129.44
CA ALA W 142 14.65 14.01 -129.87
C ALA W 142 15.54 14.48 -128.71
N GLY W 143 15.98 13.52 -127.89
CA GLY W 143 16.91 13.83 -126.82
C GLY W 143 18.35 13.76 -127.27
N GLY W 144 18.59 13.48 -128.55
CA GLY W 144 19.94 13.41 -129.06
C GLY W 144 20.56 12.06 -128.78
N THR W 145 20.88 11.82 -127.51
CA THR W 145 21.48 10.56 -127.09
C THR W 145 20.51 9.40 -127.27
N GLY W 146 19.27 9.57 -126.83
CA GLY W 146 18.28 8.51 -126.99
C GLY W 146 17.81 8.36 -128.43
N SER W 147 17.82 9.46 -129.17
CA SER W 147 17.24 9.52 -130.50
C SER W 147 18.08 8.75 -131.51
N GLY W 148 17.40 8.15 -132.49
CA GLY W 148 18.06 7.40 -133.53
C GLY W 148 18.40 5.98 -133.13
N LEU W 149 19.23 5.85 -132.10
CA LEU W 149 19.51 4.54 -131.52
C LEU W 149 18.25 3.91 -130.94
N GLY W 150 17.39 4.71 -130.32
CA GLY W 150 16.13 4.20 -129.82
C GLY W 150 15.19 3.75 -130.91
N SER W 151 15.11 4.52 -131.99
CA SER W 151 14.25 4.15 -133.12
C SER W 151 14.77 2.90 -133.83
N TYR W 152 16.10 2.80 -133.98
CA TYR W 152 16.68 1.62 -134.62
C TYR W 152 16.48 0.38 -133.76
N LEU W 153 16.69 0.50 -132.45
CA LEU W 153 16.47 -0.62 -131.54
C LEU W 153 15.01 -0.99 -131.47
N LEU W 154 14.10 -0.02 -131.66
CA LEU W 154 12.68 -0.32 -131.74
C LEU W 154 12.36 -1.18 -132.96
N GLU W 155 13.00 -0.86 -134.09
CA GLU W 155 12.87 -1.69 -135.28
C GLU W 155 13.44 -3.09 -135.04
N ARG W 156 14.57 -3.18 -134.35
CA ARG W 156 15.17 -4.48 -134.11
C ARG W 156 14.30 -5.33 -133.18
N LEU W 157 13.73 -4.73 -132.15
CA LEU W 157 12.93 -5.47 -131.19
C LEU W 157 11.62 -5.94 -131.79
N ASN W 158 10.92 -5.07 -132.54
CA ASN W 158 9.63 -5.47 -133.08
C ASN W 158 9.78 -6.44 -134.25
N ASP W 159 10.89 -6.35 -134.99
CA ASP W 159 11.11 -7.33 -136.06
C ASP W 159 11.55 -8.67 -135.50
N ARG W 160 12.43 -8.66 -134.51
CA ARG W 160 13.02 -9.91 -134.05
C ARG W 160 12.04 -10.73 -133.22
N TYR W 161 11.19 -10.07 -132.45
CA TYR W 161 10.23 -10.76 -131.60
C TYR W 161 8.83 -10.24 -131.87
N PRO W 162 8.05 -10.94 -132.69
CA PRO W 162 6.68 -10.48 -132.98
C PRO W 162 5.65 -10.97 -131.98
N LYS W 163 6.05 -11.78 -131.01
CA LYS W 163 5.11 -12.41 -130.09
C LYS W 163 4.99 -11.65 -128.77
N LYS W 164 5.82 -10.64 -128.54
CA LYS W 164 5.81 -9.92 -127.28
C LYS W 164 5.32 -8.48 -127.47
N LEU W 165 5.25 -7.75 -126.36
CA LEU W 165 4.78 -6.38 -126.35
C LEU W 165 5.97 -5.42 -126.31
N VAL W 166 5.80 -4.27 -126.95
CA VAL W 166 6.78 -3.20 -126.93
C VAL W 166 6.13 -1.97 -126.33
N GLN W 167 6.69 -1.47 -125.23
CA GLN W 167 6.24 -0.23 -124.63
C GLN W 167 7.35 0.80 -124.68
N THR W 168 6.96 2.04 -124.95
CA THR W 168 7.91 3.15 -125.05
C THR W 168 7.38 4.33 -124.24
N TYR W 169 7.99 4.58 -123.10
CA TYR W 169 7.69 5.77 -122.32
C TYR W 169 8.41 6.93 -122.97
N SER W 170 7.64 7.92 -123.42
CA SER W 170 8.19 8.95 -124.30
C SER W 170 7.80 10.32 -123.78
N VAL W 171 8.67 11.29 -124.03
CA VAL W 171 8.41 12.69 -123.73
C VAL W 171 8.04 13.38 -125.03
N PHE W 172 7.34 14.51 -124.92
CA PHE W 172 7.06 15.29 -126.11
C PHE W 172 8.03 16.46 -126.19
N PRO W 173 8.78 16.60 -127.29
CA PRO W 173 9.92 17.53 -127.31
C PRO W 173 9.50 18.99 -127.39
N ASN W 174 9.13 19.55 -126.24
CA ASN W 174 8.90 20.98 -126.10
C ASN W 174 9.32 21.41 -124.71
N GLN W 175 10.54 21.93 -124.61
CA GLN W 175 11.10 22.33 -123.32
C GLN W 175 11.33 23.82 -123.24
N ASP W 176 10.53 24.62 -123.98
CA ASP W 176 10.61 26.09 -124.05
C ASP W 176 11.98 26.52 -124.58
N GLU W 177 12.46 25.79 -125.59
CA GLU W 177 13.79 25.99 -126.14
C GLU W 177 13.91 27.29 -126.91
N ASP W 180 20.97 25.77 -129.51
CA ASP W 180 19.65 25.59 -130.09
C ASP W 180 19.68 24.54 -131.19
N VAL W 181 18.69 23.65 -131.19
CA VAL W 181 18.61 22.56 -132.14
C VAL W 181 17.40 22.78 -133.05
N VAL W 182 17.67 22.93 -134.36
CA VAL W 182 16.61 23.13 -135.33
C VAL W 182 16.36 21.88 -136.16
N VAL W 183 17.18 20.85 -136.01
CA VAL W 183 16.93 19.56 -136.63
C VAL W 183 16.01 18.71 -135.78
N GLN W 184 15.66 19.20 -134.59
CA GLN W 184 14.77 18.51 -133.66
C GLN W 184 13.39 18.14 -134.23
N PRO W 185 12.70 18.97 -135.04
CA PRO W 185 11.47 18.46 -135.69
C PRO W 185 11.69 17.31 -136.65
N TYR W 186 12.80 17.30 -137.37
CA TYR W 186 13.11 16.20 -138.27
C TYR W 186 13.36 14.91 -137.48
N ASN W 187 14.12 15.02 -136.38
CA ASN W 187 14.42 13.87 -135.53
C ASN W 187 13.17 13.33 -134.88
N SER W 188 12.33 14.22 -134.34
CA SER W 188 11.09 13.80 -133.71
C SER W 188 10.11 13.21 -134.72
N LEU W 189 10.12 13.71 -135.95
CA LEU W 189 9.25 13.18 -136.98
C LEU W 189 9.65 11.78 -137.40
N LEU W 190 10.96 11.56 -137.60
CA LEU W 190 11.43 10.21 -137.94
C LEU W 190 11.21 9.24 -136.78
N THR W 191 11.46 9.68 -135.55
CA THR W 191 11.23 8.83 -134.40
C THR W 191 9.75 8.52 -134.22
N LEU W 192 8.88 9.48 -134.54
CA LEU W 192 7.44 9.25 -134.43
C LEU W 192 6.94 8.30 -135.49
N LYS W 193 7.56 8.33 -136.68
CA LYS W 193 7.27 7.32 -137.70
C LYS W 193 7.60 5.92 -137.19
N ARG W 194 8.75 5.79 -136.53
CA ARG W 194 9.12 4.51 -135.95
C ARG W 194 8.17 4.13 -134.81
N LEU W 195 7.72 5.12 -134.04
CA LEU W 195 6.81 4.86 -132.93
C LEU W 195 5.45 4.38 -133.41
N THR W 196 4.95 4.96 -134.50
CA THR W 196 3.65 4.54 -135.02
C THR W 196 3.73 3.18 -135.68
N GLN W 197 4.86 2.85 -136.29
CA GLN W 197 4.94 1.65 -137.11
C GLN W 197 5.55 0.46 -136.39
N ASN W 198 6.40 0.69 -135.39
CA ASN W 198 7.19 -0.38 -134.79
C ASN W 198 6.91 -0.55 -133.30
N ALA W 199 5.74 -0.12 -132.83
CA ALA W 199 5.41 -0.25 -131.42
C ALA W 199 3.96 -0.70 -131.27
N ASP W 200 3.71 -1.46 -130.20
CA ASP W 200 2.36 -1.88 -129.85
C ASP W 200 1.62 -0.85 -129.03
N CYS W 201 2.33 -0.11 -128.18
CA CYS W 201 1.72 0.93 -127.36
C CYS W 201 2.81 1.93 -127.02
N VAL W 202 2.43 3.21 -126.93
CA VAL W 202 3.33 4.28 -126.58
C VAL W 202 2.69 5.11 -125.48
N VAL W 203 3.44 5.36 -124.40
CA VAL W 203 3.03 6.26 -123.34
C VAL W 203 3.77 7.57 -123.54
N VAL W 204 3.03 8.65 -123.79
CA VAL W 204 3.60 9.94 -124.14
C VAL W 204 3.30 10.94 -123.03
N LEU W 205 4.31 11.74 -122.69
CA LEU W 205 4.14 12.86 -121.77
C LEU W 205 4.65 14.12 -122.43
N ASP W 206 4.26 15.27 -121.90
CA ASP W 206 4.72 16.56 -122.38
C ASP W 206 5.74 17.12 -121.40
N ASN W 207 6.88 17.56 -121.93
CA ASN W 207 7.89 18.18 -121.08
C ASN W 207 7.42 19.54 -120.57
N THR W 208 6.68 20.28 -121.40
CA THR W 208 6.20 21.60 -121.00
C THR W 208 5.12 21.48 -119.91
N ALA W 209 4.29 20.43 -119.99
CA ALA W 209 3.25 20.23 -118.98
C ALA W 209 3.84 19.93 -117.62
N LEU W 210 4.79 18.99 -117.57
CA LEU W 210 5.47 18.67 -116.32
C LEU W 210 6.30 19.84 -115.83
N ASN W 211 6.84 20.64 -116.76
CA ASN W 211 7.58 21.84 -116.39
C ASN W 211 6.66 22.87 -115.74
N ARG W 212 5.46 23.05 -116.29
CA ARG W 212 4.48 23.96 -115.71
C ARG W 212 4.04 23.48 -114.34
N ILE W 213 3.79 22.18 -114.19
CA ILE W 213 3.36 21.62 -112.92
C ILE W 213 4.46 21.75 -111.87
N ALA W 214 5.71 21.55 -112.28
CA ALA W 214 6.84 21.66 -111.34
C ALA W 214 7.08 23.10 -110.90
N THR W 215 7.04 24.04 -111.86
CA THR W 215 7.17 25.45 -111.51
C THR W 215 5.94 25.97 -110.77
N ASP W 216 4.84 25.23 -110.82
CA ASP W 216 3.67 25.56 -110.00
C ASP W 216 3.87 25.11 -108.56
N ARG W 217 4.08 23.80 -108.36
CA ARG W 217 4.01 23.23 -107.01
C ARG W 217 5.19 23.67 -106.13
N LEU W 218 6.34 23.88 -106.75
CA LEU W 218 7.46 24.54 -106.09
C LEU W 218 7.78 25.81 -106.85
N HIS W 219 8.92 26.41 -106.51
CA HIS W 219 9.38 27.61 -107.18
C HIS W 219 10.77 27.34 -107.73
N ILE W 220 10.93 26.17 -108.33
CA ILE W 220 12.18 25.74 -108.92
C ILE W 220 12.20 26.18 -110.38
N GLN W 221 13.36 26.62 -110.84
CA GLN W 221 13.54 27.02 -112.22
C GLN W 221 14.69 26.27 -112.86
N ASN W 222 15.81 26.11 -112.14
CA ASN W 222 17.00 25.43 -112.66
C ASN W 222 16.97 23.91 -112.58
N PRO W 223 16.67 23.22 -111.44
CA PRO W 223 16.73 21.76 -111.45
C PRO W 223 15.46 21.09 -111.96
N SER W 224 14.94 21.53 -113.11
CA SER W 224 13.68 21.02 -113.59
C SER W 224 13.80 19.57 -114.05
N PHE W 225 14.97 19.19 -114.57
CA PHE W 225 15.19 17.83 -115.11
C PHE W 225 14.97 16.78 -114.04
N SER W 226 15.64 16.94 -112.88
CA SER W 226 15.61 15.94 -111.82
C SER W 226 14.21 15.79 -111.23
N GLN W 227 13.46 16.89 -111.15
CA GLN W 227 12.13 16.84 -110.58
C GLN W 227 11.15 16.19 -111.55
N ILE W 228 11.30 16.48 -112.85
CA ILE W 228 10.56 15.76 -113.88
C ILE W 228 10.86 14.26 -113.81
N ASN W 229 12.12 13.89 -113.52
CA ASN W 229 12.48 12.50 -113.34
C ASN W 229 11.72 11.85 -112.19
N GLN W 230 11.54 12.61 -111.09
CA GLN W 230 10.73 12.13 -109.97
C GLN W 230 9.30 11.86 -110.41
N LEU W 231 8.75 12.76 -111.23
CA LEU W 231 7.38 12.61 -111.69
C LEU W 231 7.20 11.37 -112.57
N VAL W 232 8.10 11.16 -113.54
CA VAL W 232 7.89 10.05 -114.47
C VAL W 232 8.17 8.73 -113.76
N SER W 233 9.11 8.71 -112.81
CA SER W 233 9.35 7.49 -112.05
C SER W 233 8.17 7.14 -111.16
N THR W 234 7.54 8.15 -110.56
CA THR W 234 6.33 7.87 -109.77
C THR W 234 5.19 7.37 -110.64
N ILE W 235 5.05 7.93 -111.85
CA ILE W 235 4.01 7.47 -112.77
C ILE W 235 4.28 6.05 -113.24
N MET W 236 5.55 5.72 -113.49
CA MET W 236 5.90 4.38 -113.97
C MET W 236 5.72 3.34 -112.88
N SER W 237 5.99 3.71 -111.63
CA SER W 237 5.68 2.79 -110.52
C SER W 237 4.18 2.63 -110.35
N ALA W 238 3.44 3.74 -110.49
CA ALA W 238 1.99 3.71 -110.30
C ALA W 238 1.29 2.89 -111.37
N SER W 239 1.80 2.93 -112.61
CA SER W 239 1.17 2.20 -113.71
C SER W 239 1.39 0.69 -113.58
N THR W 240 2.53 0.25 -113.05
CA THR W 240 2.82 -1.16 -112.91
C THR W 240 2.62 -1.67 -111.49
N THR W 241 2.03 -0.87 -110.61
CA THR W 241 1.62 -1.38 -109.30
C THR W 241 0.61 -2.53 -109.41
N THR W 242 -0.30 -2.47 -110.39
CA THR W 242 -1.28 -3.54 -110.54
C THR W 242 -0.65 -4.82 -111.11
N LEU W 243 0.51 -4.72 -111.75
CA LEU W 243 1.24 -5.91 -112.14
C LEU W 243 2.13 -6.42 -111.01
N ARG W 244 2.76 -5.49 -110.29
CA ARG W 244 3.68 -5.88 -109.23
C ARG W 244 2.94 -6.40 -108.00
N TYR W 245 1.69 -5.98 -107.81
CA TYR W 245 0.89 -6.46 -106.71
C TYR W 245 -0.31 -7.21 -107.28
N PRO W 246 -0.52 -8.47 -106.86
CA PRO W 246 -1.51 -9.31 -107.54
C PRO W 246 -2.93 -8.87 -107.29
N GLY W 247 -3.61 -8.56 -108.38
CA GLY W 247 -5.00 -8.19 -108.33
C GLY W 247 -5.87 -9.25 -108.97
N TYR W 248 -6.67 -8.80 -109.93
CA TYR W 248 -7.61 -9.67 -110.59
C TYR W 248 -7.53 -9.49 -112.09
N MET W 249 -7.05 -8.32 -112.52
CA MET W 249 -6.88 -7.97 -113.92
C MET W 249 -5.72 -6.99 -113.98
N ASN W 250 -5.07 -6.93 -115.14
CA ASN W 250 -3.87 -6.14 -115.41
C ASN W 250 -2.74 -6.58 -114.48
N ASN W 251 -2.67 -7.89 -114.25
CA ASN W 251 -1.46 -8.55 -113.77
C ASN W 251 -0.63 -9.03 -114.95
N ASP W 252 -1.09 -8.71 -116.16
CA ASP W 252 -0.31 -8.77 -117.39
C ASP W 252 -0.48 -7.43 -118.07
N LEU W 253 0.49 -7.07 -118.92
CA LEU W 253 0.49 -5.76 -119.54
C LEU W 253 -0.62 -5.63 -120.58
N ILE W 254 -0.88 -6.72 -121.31
CA ILE W 254 -1.72 -6.67 -122.50
C ILE W 254 -3.17 -6.37 -122.14
N GLY W 255 -3.59 -6.71 -120.92
CA GLY W 255 -4.94 -6.40 -120.50
C GLY W 255 -5.17 -4.92 -120.28
N LEU W 256 -4.19 -4.24 -119.68
CA LEU W 256 -4.27 -2.79 -119.55
C LEU W 256 -4.10 -2.11 -120.90
N ILE W 257 -3.26 -2.68 -121.75
CA ILE W 257 -3.03 -2.14 -123.09
C ILE W 257 -4.26 -2.31 -123.98
N ALA W 258 -5.09 -3.32 -123.71
CA ALA W 258 -6.15 -3.72 -124.63
C ALA W 258 -7.29 -2.70 -124.71
N SER W 259 -7.78 -2.25 -123.57
CA SER W 259 -9.01 -1.45 -123.55
C SER W 259 -8.79 -0.05 -124.12
N LEU W 260 -7.63 0.54 -123.86
CA LEU W 260 -7.39 1.91 -124.29
C LEU W 260 -7.12 2.00 -125.79
N ILE W 261 -6.61 0.93 -126.37
CA ILE W 261 -6.18 0.93 -127.77
C ILE W 261 -7.23 0.20 -128.61
N PRO W 262 -7.98 0.91 -129.44
CA PRO W 262 -9.07 0.25 -130.17
C PRO W 262 -8.63 -0.33 -131.51
N THR W 263 -7.45 0.04 -131.97
CA THR W 263 -6.98 -0.21 -133.32
C THR W 263 -5.46 0.08 -133.34
N PRO W 264 -4.71 -0.59 -134.22
CA PRO W 264 -3.23 -0.47 -134.15
C PRO W 264 -2.64 0.89 -134.43
N ARG W 265 -3.42 1.86 -134.88
CA ARG W 265 -2.88 3.18 -135.14
C ARG W 265 -3.02 4.12 -133.96
N LEU W 266 -4.10 3.99 -133.19
CA LEU W 266 -4.29 4.85 -132.02
C LEU W 266 -3.81 4.09 -130.79
N HIS W 267 -2.51 4.19 -130.50
CA HIS W 267 -1.94 3.46 -129.39
C HIS W 267 -1.15 4.39 -128.46
N PHE W 268 -1.48 5.68 -128.50
CA PHE W 268 -0.78 6.70 -127.74
C PHE W 268 -1.67 7.15 -126.58
N LEU W 269 -1.12 7.11 -125.38
CA LEU W 269 -1.93 7.19 -124.16
C LEU W 269 -1.55 8.42 -123.35
N MET W 270 -2.55 9.16 -122.90
CA MET W 270 -2.31 10.30 -122.03
C MET W 270 -2.04 9.81 -120.61
N THR W 271 -1.31 10.64 -119.85
CA THR W 271 -0.95 10.32 -118.47
C THR W 271 -1.75 11.21 -117.53
N GLY W 272 -2.42 10.58 -116.56
CA GLY W 272 -3.02 11.31 -115.47
C GLY W 272 -2.70 10.65 -114.14
N TYR W 273 -2.70 11.47 -113.10
CA TYR W 273 -2.44 11.04 -111.73
C TYR W 273 -2.96 12.15 -110.81
N THR W 274 -3.87 11.81 -109.91
CA THR W 274 -4.78 12.82 -109.36
C THR W 274 -4.13 13.66 -108.26
N PRO W 275 -3.36 13.12 -107.30
CA PRO W 275 -2.45 14.00 -106.59
C PRO W 275 -1.37 14.44 -107.54
N LEU W 276 -1.13 15.72 -107.63
CA LEU W 276 0.18 16.19 -108.06
C LEU W 276 1.09 16.35 -106.86
N THR W 277 0.61 15.96 -105.69
CA THR W 277 1.27 16.18 -104.41
C THR W 277 1.61 14.86 -103.74
N THR W 278 2.82 14.76 -103.20
CA THR W 278 3.15 13.80 -102.15
C THR W 278 4.07 14.49 -101.13
N ASP W 279 4.55 15.68 -101.47
CA ASP W 279 5.49 16.42 -100.65
C ASP W 279 4.76 17.30 -99.66
N LYS W 287 -10.63 11.74 -94.87
CA LYS W 287 -9.93 12.88 -95.45
C LYS W 287 -10.24 12.99 -96.93
N THR W 288 -9.59 12.15 -97.73
CA THR W 288 -9.84 12.10 -99.16
C THR W 288 -10.68 10.88 -99.51
N THR W 289 -11.61 11.07 -100.43
CA THR W 289 -12.44 9.97 -100.89
C THR W 289 -12.24 9.73 -102.37
N VAL W 290 -12.82 8.64 -102.86
CA VAL W 290 -12.73 8.29 -104.27
C VAL W 290 -13.53 9.29 -105.11
N LEU W 291 -14.64 9.79 -104.55
CA LEU W 291 -15.55 10.65 -105.28
C LEU W 291 -14.89 11.97 -105.65
N ASP W 292 -14.16 12.56 -104.70
CA ASP W 292 -13.49 13.82 -104.91
C ASP W 292 -12.31 13.65 -105.87
N VAL W 293 -11.56 12.56 -105.73
CA VAL W 293 -10.40 12.41 -106.61
C VAL W 293 -10.84 12.00 -108.01
N MET W 294 -12.04 11.43 -108.17
CA MET W 294 -12.54 11.18 -109.51
C MET W 294 -12.87 12.49 -110.23
N ARG W 295 -13.63 13.36 -109.56
CA ARG W 295 -13.94 14.65 -110.17
C ARG W 295 -12.71 15.54 -110.28
N ARG W 296 -11.71 15.33 -109.41
CA ARG W 296 -10.46 16.06 -109.53
C ARG W 296 -9.60 15.50 -110.65
N LEU W 297 -9.78 14.24 -111.00
CA LEU W 297 -9.00 13.66 -112.07
C LEU W 297 -9.50 14.10 -113.43
N LEU W 298 -10.82 14.28 -113.57
CA LEU W 298 -11.39 14.49 -114.90
C LEU W 298 -11.11 15.86 -115.50
N GLN W 299 -10.49 16.79 -114.77
CA GLN W 299 -10.19 18.07 -115.40
C GLN W 299 -8.91 17.96 -116.23
N PRO W 300 -8.76 18.76 -117.30
CA PRO W 300 -7.54 18.66 -118.11
C PRO W 300 -6.34 19.39 -117.52
N LYS W 301 -6.45 19.89 -116.29
CA LYS W 301 -5.32 20.50 -115.60
C LYS W 301 -4.85 19.70 -114.40
N ASN W 302 -5.50 18.59 -114.08
CA ASN W 302 -4.84 17.52 -113.35
C ASN W 302 -4.30 16.45 -114.29
N VAL W 303 -4.37 16.67 -115.60
CA VAL W 303 -3.69 15.82 -116.57
C VAL W 303 -2.27 16.33 -116.74
N MET W 304 -1.30 15.42 -116.71
CA MET W 304 0.11 15.76 -116.84
C MET W 304 0.56 15.84 -118.29
N VAL W 305 -0.39 15.84 -119.22
CA VAL W 305 -0.15 16.16 -120.62
C VAL W 305 -1.03 17.34 -120.99
N SER W 306 -0.41 18.49 -121.20
CA SER W 306 -1.15 19.73 -121.44
C SER W 306 -0.85 20.27 -122.83
N THR W 313 -13.19 22.99 -132.11
CA THR W 313 -13.39 21.64 -132.61
C THR W 313 -13.82 20.68 -131.51
N ASN W 314 -14.18 19.46 -131.90
CA ASN W 314 -14.59 18.44 -130.95
C ASN W 314 -13.41 17.52 -130.63
N HIS W 315 -13.02 17.49 -129.35
CA HIS W 315 -11.98 16.58 -128.87
C HIS W 315 -12.59 15.63 -127.86
N CYS W 316 -12.42 14.33 -128.11
CA CYS W 316 -13.15 13.33 -127.36
C CYS W 316 -12.22 12.15 -127.11
N TYR W 317 -12.25 11.64 -125.88
CA TYR W 317 -11.45 10.47 -125.56
C TYR W 317 -11.98 9.24 -126.27
N ILE W 318 -11.06 8.35 -126.64
CA ILE W 318 -11.46 7.03 -127.10
C ILE W 318 -11.82 6.14 -125.93
N ALA W 319 -10.92 6.00 -124.97
CA ALA W 319 -11.15 5.19 -123.78
C ALA W 319 -10.24 5.67 -122.66
N ILE W 320 -10.78 5.67 -121.45
CA ILE W 320 -10.03 6.05 -120.26
C ILE W 320 -9.98 4.82 -119.36
N LEU W 321 -8.88 4.67 -118.64
CA LEU W 321 -8.84 3.68 -117.58
C LEU W 321 -8.14 4.29 -116.38
N ASN W 322 -8.79 4.19 -115.23
CA ASN W 322 -8.23 4.72 -114.00
C ASN W 322 -7.98 3.58 -113.03
N ILE W 323 -6.85 3.68 -112.32
CA ILE W 323 -6.49 2.71 -111.29
C ILE W 323 -6.29 3.48 -109.99
N ILE W 324 -6.93 3.01 -108.93
CA ILE W 324 -6.88 3.68 -107.64
C ILE W 324 -6.21 2.74 -106.64
N GLN W 325 -5.53 3.34 -105.67
CA GLN W 325 -4.82 2.60 -104.62
C GLN W 325 -5.03 3.33 -103.29
N GLY W 326 -5.60 2.63 -102.33
CA GLY W 326 -5.77 3.21 -101.01
C GLY W 326 -6.75 2.47 -100.14
N GLU W 327 -7.27 3.20 -99.15
CA GLU W 327 -8.21 2.66 -98.17
C GLU W 327 -9.63 2.82 -98.69
N VAL W 328 -9.93 2.17 -99.80
CA VAL W 328 -11.12 2.46 -100.58
C VAL W 328 -12.31 1.68 -100.03
N ASP W 329 -13.32 2.40 -99.59
CA ASP W 329 -14.62 1.80 -99.38
C ASP W 329 -15.21 1.39 -100.72
N PRO W 330 -15.70 0.16 -100.87
CA PRO W 330 -16.14 -0.31 -102.19
C PRO W 330 -17.43 0.32 -102.68
N THR W 331 -18.20 0.95 -101.79
CA THR W 331 -19.38 1.69 -102.22
C THR W 331 -19.01 3.03 -102.83
N GLN W 332 -17.82 3.54 -102.52
CA GLN W 332 -17.42 4.87 -102.96
C GLN W 332 -17.18 4.93 -104.47
N VAL W 333 -16.55 3.90 -105.04
CA VAL W 333 -16.30 3.86 -106.48
C VAL W 333 -17.61 3.75 -107.24
N HIS W 334 -18.61 3.13 -106.60
CA HIS W 334 -19.90 2.86 -107.20
C HIS W 334 -20.70 4.14 -107.39
N LYS W 335 -20.86 4.90 -106.31
CA LYS W 335 -21.60 6.15 -106.40
C LYS W 335 -20.78 7.27 -107.04
N SER W 336 -19.44 7.19 -106.96
CA SER W 336 -18.61 8.10 -107.72
C SER W 336 -18.82 7.93 -109.22
N LEU W 337 -18.90 6.68 -109.67
CA LEU W 337 -19.13 6.44 -111.10
C LEU W 337 -20.54 6.84 -111.50
N GLN W 338 -21.50 6.70 -110.58
CA GLN W 338 -22.82 7.33 -110.74
C GLN W 338 -22.71 8.83 -111.01
N ARG W 339 -21.98 9.56 -110.15
CA ARG W 339 -21.86 11.01 -110.31
C ARG W 339 -21.15 11.37 -111.60
N ILE W 340 -20.13 10.60 -111.98
CA ILE W 340 -19.39 10.84 -113.22
C ILE W 340 -20.29 10.65 -114.42
N ARG W 341 -21.24 9.70 -114.34
CA ARG W 341 -22.17 9.55 -115.45
C ARG W 341 -23.10 10.73 -115.59
N GLU W 342 -23.84 11.08 -114.54
CA GLU W 342 -24.89 12.08 -114.72
C GLU W 342 -24.34 13.50 -114.73
N ARG W 343 -23.07 13.68 -114.35
CA ARG W 343 -22.44 14.97 -114.58
C ARG W 343 -21.89 15.12 -115.99
N LYS W 344 -21.42 14.02 -116.58
CA LYS W 344 -20.79 13.98 -117.91
C LYS W 344 -19.54 14.87 -117.94
N LEU W 345 -18.59 14.60 -117.05
CA LEU W 345 -17.36 15.39 -116.98
C LEU W 345 -16.19 14.75 -117.72
N ALA W 346 -16.45 13.74 -118.55
CA ALA W 346 -15.46 13.01 -119.32
C ALA W 346 -15.89 13.07 -120.77
N ASN W 347 -14.92 13.05 -121.70
CA ASN W 347 -15.25 13.11 -123.10
C ASN W 347 -15.43 11.71 -123.64
N PHE W 348 -16.53 11.51 -124.37
CA PHE W 348 -17.15 10.26 -124.72
C PHE W 348 -16.51 9.68 -125.96
N ILE W 349 -16.92 8.48 -126.34
CA ILE W 349 -16.55 7.95 -127.64
C ILE W 349 -17.80 7.82 -128.49
N PRO W 350 -17.83 8.41 -129.71
CA PRO W 350 -19.01 8.25 -130.58
C PRO W 350 -19.28 6.81 -130.98
N TRP W 351 -18.33 6.20 -131.67
CA TRP W 351 -18.53 4.89 -132.29
C TRP W 351 -18.36 3.75 -131.30
N GLY W 352 -19.21 3.69 -130.29
CA GLY W 352 -19.17 2.57 -129.39
C GLY W 352 -19.27 2.96 -127.93
N PRO W 353 -19.24 1.95 -127.05
CA PRO W 353 -18.90 2.21 -125.65
C PRO W 353 -17.45 1.85 -125.33
N ALA W 354 -16.71 2.83 -124.81
CA ALA W 354 -15.38 2.61 -124.26
C ALA W 354 -15.08 3.73 -123.28
N SER W 355 -15.25 3.45 -121.99
CA SER W 355 -15.37 4.53 -121.02
C SER W 355 -14.34 4.36 -119.92
N ILE W 356 -14.35 5.31 -118.98
CA ILE W 356 -13.44 5.25 -117.84
C ILE W 356 -13.80 4.07 -116.95
N GLN W 357 -12.80 3.24 -116.68
CA GLN W 357 -13.00 2.00 -115.97
C GLN W 357 -12.33 2.11 -114.60
N VAL W 358 -13.05 1.71 -113.57
CA VAL W 358 -12.55 1.79 -112.21
C VAL W 358 -11.76 0.54 -111.90
N ALA W 359 -10.50 0.71 -111.54
CA ALA W 359 -9.67 -0.38 -111.09
C ALA W 359 -9.13 -0.04 -109.71
N LEU W 360 -9.04 -1.06 -108.88
CA LEU W 360 -8.62 -0.90 -107.49
C LEU W 360 -7.34 -1.70 -107.29
N SER W 361 -6.36 -1.06 -106.65
CA SER W 361 -5.09 -1.71 -106.39
C SER W 361 -4.70 -1.49 -104.94
N ARG W 362 -3.70 -2.27 -104.51
CA ARG W 362 -3.26 -2.31 -103.13
C ARG W 362 -2.35 -1.13 -102.84
N LYS W 363 -2.46 -0.58 -101.64
CA LYS W 363 -1.53 0.45 -101.22
C LYS W 363 -0.19 -0.18 -100.90
N SER W 364 0.88 0.40 -101.45
CA SER W 364 2.21 -0.19 -101.37
C SER W 364 2.80 -0.04 -99.98
N PRO W 365 3.60 -1.00 -99.51
CA PRO W 365 4.34 -0.81 -98.25
C PRO W 365 5.48 0.19 -98.43
N TYR W 366 5.66 1.02 -97.40
CA TYR W 366 6.74 2.00 -97.27
C TYR W 366 6.61 3.09 -98.32
N LEU W 367 5.38 3.54 -98.56
CA LEU W 367 5.13 4.74 -99.34
C LEU W 367 4.67 5.84 -98.38
N PRO W 368 5.02 7.11 -98.65
CA PRO W 368 4.67 8.18 -97.71
C PRO W 368 3.17 8.43 -97.62
N SER W 369 2.69 8.65 -96.39
CA SER W 369 1.27 8.66 -96.08
C SER W 369 0.67 10.04 -96.32
N ALA W 370 0.72 10.49 -97.57
CA ALA W 370 -0.04 11.65 -98.01
C ALA W 370 -0.89 11.22 -99.20
N HIS W 371 -2.11 11.77 -99.27
CA HIS W 371 -3.15 11.37 -100.24
C HIS W 371 -3.41 9.87 -100.17
N ARG W 372 -3.95 9.44 -99.02
CA ARG W 372 -4.18 8.01 -98.72
C ARG W 372 -5.03 7.31 -99.77
N VAL W 373 -5.99 8.01 -100.36
CA VAL W 373 -6.71 7.52 -101.52
C VAL W 373 -6.16 8.24 -102.74
N SER W 374 -5.42 7.50 -103.58
CA SER W 374 -4.71 8.12 -104.69
C SER W 374 -4.95 7.29 -105.94
N GLY W 375 -5.29 7.97 -107.04
CA GLY W 375 -5.56 7.31 -108.29
C GLY W 375 -4.80 7.95 -109.43
N LEU W 376 -4.61 7.16 -110.48
CA LEU W 376 -3.97 7.60 -111.70
C LEU W 376 -4.82 7.14 -112.87
N MET W 377 -4.67 7.79 -114.01
CA MET W 377 -5.41 7.37 -115.20
C MET W 377 -4.50 7.30 -116.41
N MET W 378 -4.83 6.37 -117.30
CA MET W 378 -4.26 6.29 -118.64
C MET W 378 -5.43 6.35 -119.61
N ALA W 379 -5.32 7.20 -120.63
CA ALA W 379 -6.45 7.49 -121.49
C ALA W 379 -5.98 7.70 -122.92
N ASN W 380 -6.81 7.25 -123.86
CA ASN W 380 -6.59 7.49 -125.28
C ASN W 380 -7.44 8.68 -125.70
N HIS W 381 -6.81 9.81 -125.98
CA HIS W 381 -7.49 11.04 -126.32
C HIS W 381 -7.07 11.48 -127.72
N THR W 382 -8.02 12.08 -128.44
CA THR W 382 -7.73 12.71 -129.74
C THR W 382 -7.04 14.06 -129.61
N SER W 383 -6.88 14.59 -128.38
CA SER W 383 -6.28 15.90 -128.22
C SER W 383 -4.78 15.88 -128.49
N ILE W 384 -4.16 14.70 -128.44
CA ILE W 384 -2.73 14.60 -128.74
C ILE W 384 -2.47 14.79 -130.24
N SER W 385 -3.50 14.68 -131.07
CA SER W 385 -3.38 15.01 -132.50
C SER W 385 -3.02 16.46 -132.69
N SER W 386 -3.50 17.34 -131.80
CA SER W 386 -3.14 18.75 -131.85
C SER W 386 -1.66 18.96 -131.64
N LEU W 387 -1.08 18.26 -130.66
CA LEU W 387 0.35 18.37 -130.39
C LEU W 387 1.17 17.80 -131.54
N PHE W 388 0.68 16.70 -132.12
CA PHE W 388 1.32 16.11 -133.28
C PHE W 388 1.33 17.06 -134.47
N GLU W 389 0.19 17.69 -134.76
CA GLU W 389 0.14 18.59 -135.91
C GLU W 389 0.87 19.89 -135.63
N ARG W 390 1.01 20.29 -134.37
CA ARG W 390 1.88 21.43 -134.05
C ARG W 390 3.32 21.13 -134.40
N THR W 391 3.82 19.97 -133.99
CA THR W 391 5.18 19.59 -134.34
C THR W 391 5.33 19.35 -135.83
N CYS W 392 4.27 18.83 -136.47
CA CYS W 392 4.26 18.72 -137.92
C CYS W 392 4.30 20.08 -138.58
N ARG W 393 3.67 21.09 -137.99
CA ARG W 393 3.69 22.43 -138.54
C ARG W 393 5.07 23.06 -138.40
N GLN W 394 5.74 22.78 -137.27
CA GLN W 394 7.12 23.22 -137.10
C GLN W 394 8.04 22.56 -138.13
N TYR W 395 7.87 21.25 -138.34
CA TYR W 395 8.62 20.54 -139.37
C TYR W 395 8.32 21.09 -140.76
N ASP W 396 7.06 21.39 -141.03
CA ASP W 396 6.65 21.90 -142.33
C ASP W 396 7.25 23.28 -142.57
N LYS W 397 7.32 24.11 -141.52
CA LYS W 397 7.94 25.42 -141.64
C LYS W 397 9.43 25.29 -141.96
N LEU W 398 10.16 24.52 -141.16
CA LEU W 398 11.60 24.38 -141.39
C LEU W 398 11.89 23.64 -142.67
N ARG W 399 10.97 22.77 -143.11
CA ARG W 399 11.16 22.03 -144.34
C ARG W 399 10.87 22.89 -145.56
N LYS W 400 9.91 23.80 -145.45
CA LYS W 400 9.61 24.72 -146.54
C LYS W 400 10.71 25.75 -146.68
N ARG W 401 11.29 26.18 -145.57
CA ARG W 401 12.34 27.19 -145.63
C ARG W 401 13.64 26.62 -146.21
N GLU W 402 13.91 25.33 -145.97
CA GLU W 402 15.11 24.62 -146.38
C GLU W 402 16.40 25.32 -145.93
N ALA W 403 16.46 25.63 -144.64
CA ALA W 403 17.67 26.22 -144.07
C ALA W 403 18.00 25.61 -142.72
N PHE W 404 17.32 24.54 -142.34
CA PHE W 404 17.38 24.01 -140.98
C PHE W 404 17.65 22.51 -140.95
N LEU W 405 18.11 21.94 -142.06
CA LEU W 405 18.69 20.61 -142.02
C LEU W 405 20.13 20.65 -141.53
N GLU W 406 20.77 21.83 -141.64
CA GLU W 406 22.11 22.18 -141.17
C GLU W 406 23.23 21.44 -141.92
N GLN W 407 22.85 20.64 -142.92
CA GLN W 407 23.72 19.69 -143.63
C GLN W 407 24.52 18.83 -142.63
N PHE W 408 23.79 18.03 -141.86
CA PHE W 408 24.45 17.04 -141.03
C PHE W 408 24.93 15.92 -141.94
N ARG W 409 26.19 15.51 -141.73
CA ARG W 409 26.83 14.58 -142.64
C ARG W 409 26.22 13.19 -142.54
N LYS W 410 25.83 12.78 -141.33
CA LYS W 410 25.16 11.50 -141.15
C LYS W 410 23.76 11.55 -141.74
N GLU W 411 23.12 12.72 -141.71
CA GLU W 411 21.80 12.87 -142.32
C GLU W 411 21.88 12.78 -143.84
N ASP W 412 22.95 13.32 -144.42
CA ASP W 412 23.14 13.23 -145.86
C ASP W 412 23.53 11.82 -146.28
N MET W 413 24.46 11.20 -145.55
CA MET W 413 24.95 9.88 -145.93
C MET W 413 23.90 8.80 -145.67
N PHE W 414 23.06 9.01 -144.66
CA PHE W 414 21.98 8.06 -144.38
C PHE W 414 20.93 8.08 -145.47
N LYS W 415 20.55 9.28 -145.92
CA LYS W 415 19.58 9.42 -147.00
C LYS W 415 19.95 10.66 -147.80
N ASP W 416 20.53 10.46 -148.98
CA ASP W 416 20.92 11.59 -149.82
C ASP W 416 19.70 12.28 -150.42
N ASN W 417 18.60 11.55 -150.57
CA ASN W 417 17.38 12.08 -151.15
C ASN W 417 16.40 12.58 -150.11
N PHE W 418 16.59 12.18 -148.84
CA PHE W 418 15.76 12.58 -147.69
C PHE W 418 14.30 12.22 -147.91
N ASP W 419 14.06 11.06 -148.52
CA ASP W 419 12.71 10.58 -148.77
C ASP W 419 12.09 9.96 -147.54
N GLU W 420 12.90 9.62 -146.53
CA GLU W 420 12.37 9.11 -145.27
C GLU W 420 11.60 10.18 -144.53
N MET W 421 12.00 11.45 -144.68
CA MET W 421 11.23 12.55 -144.12
C MET W 421 9.87 12.67 -144.78
N ASP W 422 9.81 12.45 -146.09
CA ASP W 422 8.54 12.47 -146.80
C ASP W 422 7.66 11.28 -146.40
N THR W 423 8.27 10.10 -146.23
CA THR W 423 7.51 8.93 -145.82
C THR W 423 6.96 9.07 -144.41
N SER W 424 7.78 9.62 -143.51
CA SER W 424 7.34 9.89 -142.14
C SER W 424 6.26 10.95 -142.10
N ARG W 425 6.36 11.96 -142.98
CA ARG W 425 5.31 12.97 -143.07
C ARG W 425 4.00 12.37 -143.58
N GLU W 426 4.09 11.44 -144.54
CA GLU W 426 2.90 10.75 -145.03
C GLU W 426 2.28 9.88 -143.93
N ILE W 427 3.11 9.17 -143.17
CA ILE W 427 2.62 8.30 -142.11
C ILE W 427 1.97 9.11 -141.00
N VAL W 428 2.59 10.23 -140.62
CA VAL W 428 2.00 11.05 -139.56
C VAL W 428 0.76 11.79 -140.08
N GLN W 429 0.68 12.02 -141.39
CA GLN W 429 -0.53 12.62 -141.94
C GLN W 429 -1.68 11.62 -141.93
N GLN W 430 -1.38 10.36 -142.27
CA GLN W 430 -2.37 9.29 -142.16
C GLN W 430 -2.80 9.10 -140.72
N LEU W 431 -1.86 9.28 -139.79
CA LEU W 431 -2.17 9.17 -138.37
C LEU W 431 -3.12 10.28 -137.92
N ILE W 432 -2.86 11.52 -138.35
CA ILE W 432 -3.75 12.64 -138.03
C ILE W 432 -5.13 12.44 -138.65
N ASP W 433 -5.17 11.90 -139.87
CA ASP W 433 -6.46 11.64 -140.52
C ASP W 433 -7.23 10.53 -139.83
N GLU W 434 -6.54 9.50 -139.35
CA GLU W 434 -7.21 8.43 -138.62
C GLU W 434 -7.67 8.92 -137.26
N TYR W 435 -6.93 9.83 -136.64
CA TYR W 435 -7.36 10.48 -135.40
C TYR W 435 -8.65 11.25 -135.62
N HIS W 436 -8.69 12.06 -136.66
CA HIS W 436 -9.88 12.85 -136.97
C HIS W 436 -11.03 11.96 -137.43
N ALA W 437 -10.73 10.81 -138.02
CA ALA W 437 -11.78 9.89 -138.43
C ALA W 437 -12.36 9.16 -137.23
N ALA W 438 -11.53 8.86 -136.23
CA ALA W 438 -12.02 8.27 -134.99
C ALA W 438 -12.82 9.28 -134.18
N THR W 439 -12.54 10.57 -134.38
CA THR W 439 -13.35 11.62 -133.77
C THR W 439 -14.79 11.59 -134.31
N ARG W 440 -14.96 11.16 -135.55
CA ARG W 440 -16.27 11.19 -136.20
C ARG W 440 -17.19 10.13 -135.60
N PRO W 441 -18.52 10.31 -135.73
CA PRO W 441 -19.44 9.23 -135.34
C PRO W 441 -19.36 8.03 -136.26
N ASP W 442 -18.81 8.18 -137.45
CA ASP W 442 -18.53 7.06 -138.32
C ASP W 442 -17.04 6.80 -138.28
N TYR W 443 -16.67 5.56 -137.98
CA TYR W 443 -15.29 5.14 -138.15
C TYR W 443 -15.32 3.94 -139.07
N ILE W 444 -16.32 3.94 -139.97
CA ILE W 444 -16.29 3.18 -141.20
C ILE W 444 -15.80 4.10 -142.33
N SER W 445 -15.16 5.21 -141.95
CA SER W 445 -14.45 6.10 -142.85
C SER W 445 -13.04 6.27 -142.31
N TRP W 446 -12.06 5.91 -143.12
CA TRP W 446 -10.71 5.67 -142.63
C TRP W 446 -9.73 6.68 -143.21
N GLY W 447 -8.47 6.54 -142.85
CA GLY W 447 -7.44 7.43 -143.31
C GLY W 447 -6.05 6.81 -143.25
N ARG X 3 37.56 -46.00 -102.47
CA ARG X 3 38.35 -46.33 -101.29
C ARG X 3 39.28 -45.18 -100.92
N GLU X 4 40.56 -45.32 -101.22
CA GLU X 4 41.54 -44.28 -100.91
C GLU X 4 42.03 -43.63 -102.18
N ILE X 5 42.19 -42.32 -102.14
CA ILE X 5 42.58 -41.54 -103.31
C ILE X 5 43.97 -40.94 -103.07
N ILE X 6 44.84 -41.09 -104.04
CA ILE X 6 46.17 -40.51 -104.02
C ILE X 6 46.19 -39.36 -105.02
N THR X 7 46.41 -38.15 -104.53
CA THR X 7 46.27 -36.94 -105.32
C THR X 7 47.64 -36.48 -105.80
N LEU X 8 47.72 -36.18 -107.09
CA LEU X 8 48.97 -35.82 -107.72
C LEU X 8 48.89 -34.36 -108.14
N GLN X 9 49.93 -33.59 -107.84
CA GLN X 9 49.96 -32.18 -108.19
C GLN X 9 51.29 -31.85 -108.84
N LEU X 10 51.23 -31.05 -109.90
CA LEU X 10 52.39 -30.77 -110.73
C LEU X 10 52.16 -29.48 -111.47
N GLY X 11 53.25 -28.79 -111.77
CA GLY X 11 53.18 -27.46 -112.35
C GLY X 11 52.87 -26.41 -111.31
N GLN X 12 53.10 -25.14 -111.66
CA GLN X 12 52.85 -24.07 -110.71
C GLN X 12 51.36 -23.87 -110.46
N CYS X 13 50.57 -23.93 -111.53
CA CYS X 13 49.12 -23.82 -111.39
C CYS X 13 48.53 -25.04 -110.70
N GLY X 14 49.06 -26.23 -111.02
CA GLY X 14 48.57 -27.44 -110.37
C GLY X 14 48.95 -27.52 -108.91
N ASN X 15 50.17 -27.07 -108.57
CA ASN X 15 50.53 -27.02 -107.16
C ASN X 15 49.78 -25.93 -106.43
N GLN X 16 49.39 -24.86 -107.14
CA GLN X 16 48.56 -23.82 -106.55
C GLN X 16 47.19 -24.35 -106.17
N ILE X 17 46.51 -25.02 -107.11
CA ILE X 17 45.19 -25.55 -106.82
C ILE X 17 45.25 -26.71 -105.83
N GLY X 18 46.32 -27.50 -105.83
CA GLY X 18 46.48 -28.53 -104.83
C GLY X 18 46.74 -27.95 -103.45
N PHE X 19 47.49 -26.85 -103.39
CA PHE X 19 47.75 -26.17 -102.12
C PHE X 19 46.46 -25.62 -101.52
N GLU X 20 45.65 -24.96 -102.34
CA GLU X 20 44.39 -24.42 -101.83
C GLU X 20 43.40 -25.52 -101.48
N PHE X 21 43.42 -26.64 -102.23
CA PHE X 21 42.54 -27.75 -101.92
C PHE X 21 42.94 -28.43 -100.62
N TRP X 22 44.25 -28.59 -100.40
CA TRP X 22 44.70 -29.20 -99.15
C TRP X 22 44.43 -28.29 -97.97
N LYS X 23 44.59 -26.97 -98.15
CA LYS X 23 44.24 -26.02 -97.10
C LYS X 23 42.75 -26.04 -96.82
N GLN X 24 41.94 -26.21 -97.86
CA GLN X 24 40.48 -26.28 -97.71
C GLN X 24 40.07 -27.53 -96.94
N LEU X 25 40.66 -28.67 -97.27
CA LEU X 25 40.35 -29.89 -96.52
C LEU X 25 40.97 -29.89 -95.14
N CYS X 26 42.03 -29.12 -94.91
CA CYS X 26 42.58 -28.97 -93.57
C CYS X 26 41.63 -28.17 -92.69
N ALA X 27 41.10 -27.07 -93.23
CA ALA X 27 40.12 -26.29 -92.50
C ALA X 27 38.81 -27.04 -92.33
N GLU X 28 38.48 -27.90 -93.30
CA GLU X 28 37.20 -28.60 -93.27
C GLU X 28 37.19 -29.69 -92.21
N HIS X 29 38.17 -30.59 -92.26
CA HIS X 29 38.23 -31.66 -91.28
C HIS X 29 38.88 -31.15 -90.00
N GLY X 30 38.77 -31.94 -88.95
CA GLY X 30 39.26 -31.53 -87.65
C GLY X 30 40.75 -31.74 -87.47
N ILE X 31 41.56 -30.95 -88.18
CA ILE X 31 43.01 -31.04 -88.10
C ILE X 31 43.59 -29.64 -88.07
N SER X 32 44.75 -29.51 -87.44
CA SER X 32 45.57 -28.31 -87.46
C SER X 32 46.37 -28.27 -88.76
N PRO X 33 47.02 -27.14 -89.07
CA PRO X 33 47.99 -27.16 -90.18
C PRO X 33 49.22 -28.02 -89.93
N GLU X 34 49.48 -28.39 -88.68
CA GLU X 34 50.43 -29.45 -88.40
C GLU X 34 49.80 -30.82 -88.58
N GLY X 35 48.49 -30.93 -88.39
CA GLY X 35 47.81 -32.20 -88.39
C GLY X 35 47.30 -32.63 -87.04
N ILE X 36 47.14 -31.70 -86.10
CA ILE X 36 46.79 -32.06 -84.73
C ILE X 36 45.28 -32.27 -84.65
N VAL X 37 44.88 -33.37 -84.01
CA VAL X 37 43.50 -33.84 -84.01
C VAL X 37 42.62 -32.88 -83.20
N GLU X 38 41.40 -32.68 -83.67
CA GLU X 38 40.44 -31.86 -82.96
C GLU X 38 39.43 -32.74 -82.24
N GLU X 39 38.60 -32.11 -81.42
CA GLU X 39 37.67 -32.85 -80.58
C GLU X 39 36.31 -33.06 -81.25
N PHE X 40 36.10 -32.49 -82.43
CA PHE X 40 34.83 -32.68 -83.13
C PHE X 40 34.97 -33.69 -84.28
N ALA X 41 36.15 -34.28 -84.43
CA ALA X 41 36.40 -35.21 -85.51
C ALA X 41 37.44 -36.24 -85.09
N THR X 45 29.40 -39.43 -88.61
CA THR X 45 29.58 -40.24 -89.81
C THR X 45 30.52 -39.54 -90.79
N ASP X 46 31.80 -39.89 -90.73
CA ASP X 46 32.83 -39.25 -91.54
C ASP X 46 33.78 -40.30 -92.09
N ARG X 47 34.83 -39.84 -92.78
CA ARG X 47 36.02 -40.65 -93.05
C ARG X 47 37.21 -39.72 -93.24
N LYS X 48 38.35 -40.11 -92.67
CA LYS X 48 39.58 -39.35 -92.82
C LYS X 48 40.67 -40.24 -93.40
N ASP X 49 40.30 -41.06 -94.39
CA ASP X 49 41.24 -42.00 -94.98
C ASP X 49 41.09 -42.01 -96.50
N VAL X 50 40.51 -40.96 -97.06
CA VAL X 50 40.26 -40.91 -98.49
C VAL X 50 41.39 -40.18 -99.19
N PHE X 51 41.73 -38.99 -98.72
CA PHE X 51 42.90 -38.27 -99.18
C PHE X 51 44.02 -38.32 -98.16
N PHE X 52 43.72 -38.72 -96.94
CA PHE X 52 44.62 -38.63 -95.81
C PHE X 52 45.10 -40.03 -95.48
N TYR X 53 46.41 -40.17 -95.31
CA TYR X 53 46.89 -41.32 -94.56
C TYR X 53 46.86 -40.99 -93.09
N GLN X 54 46.43 -41.96 -92.27
CA GLN X 54 46.66 -41.89 -90.82
C GLN X 54 48.17 -42.05 -90.67
N ALA X 55 48.88 -40.93 -90.61
CA ALA X 55 50.32 -40.99 -90.70
C ALA X 55 50.93 -40.94 -89.31
N ASP X 56 52.24 -41.10 -89.29
CA ASP X 56 52.89 -41.78 -88.18
C ASP X 56 53.46 -40.83 -87.13
N ASP X 57 53.00 -39.58 -87.14
CA ASP X 57 53.25 -38.65 -86.04
C ASP X 57 51.98 -37.97 -85.58
N GLU X 58 50.85 -38.69 -85.70
CA GLU X 58 49.50 -38.26 -85.32
C GLU X 58 49.07 -37.02 -86.11
N HIS X 59 49.62 -36.90 -87.32
CA HIS X 59 49.15 -35.95 -88.31
C HIS X 59 48.55 -36.75 -89.45
N TYR X 60 47.33 -36.42 -89.84
CA TYR X 60 46.71 -37.07 -90.99
C TYR X 60 47.32 -36.48 -92.25
N ILE X 61 48.50 -36.97 -92.61
CA ILE X 61 49.29 -36.42 -93.71
C ILE X 61 48.69 -36.90 -95.02
N PRO X 62 48.29 -35.99 -95.91
CA PRO X 62 47.75 -36.41 -97.20
C PRO X 62 48.82 -37.04 -98.08
N ARG X 63 48.39 -38.02 -98.86
CA ARG X 63 49.25 -38.64 -99.86
C ARG X 63 49.29 -37.74 -101.09
N ALA X 64 50.28 -36.86 -101.14
CA ALA X 64 50.40 -35.91 -102.24
C ALA X 64 51.80 -36.00 -102.84
N VAL X 65 51.85 -36.07 -104.17
CA VAL X 65 53.11 -36.05 -104.90
C VAL X 65 53.44 -34.61 -105.25
N LEU X 66 54.54 -34.11 -104.72
CA LEU X 66 54.94 -32.73 -104.90
C LEU X 66 55.96 -32.68 -106.04
N LEU X 67 55.56 -32.06 -107.15
CA LEU X 67 56.41 -31.94 -108.31
C LEU X 67 56.62 -30.46 -108.60
N ASP X 68 57.85 -30.10 -108.92
CA ASP X 68 58.18 -28.71 -109.19
C ASP X 68 58.92 -28.61 -110.51
N LEU X 69 58.60 -27.57 -111.26
CA LEU X 69 59.25 -27.28 -112.53
C LEU X 69 59.30 -25.77 -112.68
N GLU X 70 60.51 -25.20 -112.55
CA GLU X 70 60.77 -23.77 -112.39
C GLU X 70 59.95 -23.22 -111.22
N PRO X 71 60.29 -23.58 -109.98
CA PRO X 71 59.41 -23.26 -108.86
C PRO X 71 59.53 -21.80 -108.43
N ARG X 72 58.39 -21.12 -108.35
CA ARG X 72 58.34 -19.79 -107.79
C ARG X 72 57.34 -19.79 -106.64
N VAL X 73 56.10 -20.19 -106.93
CA VAL X 73 55.06 -20.26 -105.90
C VAL X 73 55.23 -21.50 -105.04
N ILE X 74 55.94 -22.50 -105.54
CA ILE X 74 56.18 -23.72 -104.78
C ILE X 74 57.16 -23.45 -103.64
N HIS X 75 58.05 -22.46 -103.83
CA HIS X 75 58.87 -21.98 -102.72
C HIS X 75 58.02 -21.36 -101.63
N SER X 76 56.96 -20.64 -102.01
CA SER X 76 56.04 -20.09 -101.02
C SER X 76 55.23 -21.18 -100.34
N ILE X 77 54.94 -22.27 -101.08
CA ILE X 77 54.31 -23.44 -100.47
C ILE X 77 55.26 -24.09 -99.46
N LEU X 78 56.57 -23.98 -99.70
CA LEU X 78 57.55 -24.57 -98.79
C LEU X 78 57.57 -23.89 -97.43
N ASN X 79 57.76 -22.58 -97.38
CA ASN X 79 57.75 -21.90 -96.09
C ASN X 79 56.31 -21.54 -95.73
N SER X 80 55.59 -22.52 -95.20
CA SER X 80 54.16 -22.35 -94.98
C SER X 80 53.74 -23.26 -93.84
N PRO X 81 52.68 -22.91 -93.10
CA PRO X 81 52.20 -23.80 -92.04
C PRO X 81 51.52 -25.05 -92.55
N TYR X 82 51.17 -25.10 -93.83
CA TYR X 82 50.61 -26.29 -94.45
C TYR X 82 51.69 -27.19 -95.05
N ALA X 83 52.96 -26.83 -94.87
CA ALA X 83 54.06 -27.74 -95.15
C ALA X 83 54.36 -28.66 -93.99
N LYS X 84 53.72 -28.42 -92.83
CA LYS X 84 53.73 -29.38 -91.74
C LYS X 84 52.57 -30.36 -91.84
N LEU X 85 51.61 -30.10 -92.74
CA LEU X 85 50.52 -31.05 -92.97
C LEU X 85 50.96 -32.15 -93.94
N TYR X 86 51.49 -31.77 -95.10
CA TYR X 86 51.94 -32.73 -96.08
C TYR X 86 53.34 -32.37 -96.57
N ASN X 87 54.27 -33.30 -96.36
CA ASN X 87 55.60 -33.35 -96.99
C ASN X 87 56.21 -34.73 -96.80
N PRO X 88 55.89 -35.72 -97.65
CA PRO X 88 56.62 -36.99 -97.61
C PRO X 88 57.99 -36.94 -98.27
N GLU X 89 58.49 -35.73 -98.57
CA GLU X 89 59.83 -35.41 -99.05
C GLU X 89 60.11 -36.13 -100.37
N ASN X 90 59.40 -35.71 -101.40
CA ASN X 90 59.53 -36.31 -102.72
C ASN X 90 59.60 -35.23 -103.80
N ILE X 91 59.99 -34.02 -103.40
CA ILE X 91 60.10 -32.89 -104.32
C ILE X 91 61.29 -33.12 -105.24
N TYR X 92 61.02 -33.14 -106.55
CA TYR X 92 62.07 -33.37 -107.53
C TYR X 92 61.77 -32.54 -108.77
N LEU X 93 62.80 -31.89 -109.29
CA LEU X 93 62.66 -31.03 -110.47
C LEU X 93 62.41 -31.84 -111.73
N GLY X 101 57.82 -26.28 -118.80
CA GLY X 101 58.20 -24.97 -118.31
C GLY X 101 57.34 -23.86 -118.88
N ASN X 102 57.58 -23.53 -120.14
CA ASN X 102 56.71 -22.63 -120.90
C ASN X 102 56.25 -23.29 -122.19
N ASN X 103 56.50 -24.59 -122.35
CA ASN X 103 56.13 -25.29 -123.56
C ASN X 103 55.72 -26.71 -123.24
N TRP X 104 54.91 -27.27 -124.14
CA TRP X 104 54.50 -28.67 -124.02
C TRP X 104 55.66 -29.60 -124.34
N ALA X 105 56.44 -29.27 -125.37
CA ALA X 105 57.55 -30.13 -125.78
C ALA X 105 58.65 -30.16 -124.72
N SER X 106 58.92 -29.01 -124.09
CA SER X 106 59.96 -28.95 -123.07
C SER X 106 59.57 -29.74 -121.83
N GLY X 107 58.34 -29.58 -121.36
CA GLY X 107 57.87 -30.33 -120.20
C GLY X 107 57.74 -31.81 -120.49
N PHE X 108 57.33 -32.16 -121.71
CA PHE X 108 57.24 -33.55 -122.11
C PHE X 108 58.61 -34.21 -122.16
N SER X 109 59.60 -33.55 -122.76
CA SER X 109 60.93 -34.11 -122.86
C SER X 109 61.62 -34.19 -121.50
N GLN X 110 61.42 -33.17 -120.66
CA GLN X 110 61.98 -33.18 -119.32
C GLN X 110 61.35 -34.28 -118.47
N GLY X 111 60.04 -34.51 -118.64
CA GLY X 111 59.42 -35.62 -117.94
C GLY X 111 59.85 -36.96 -118.48
N GLU X 112 60.19 -37.02 -119.77
CA GLU X 112 60.60 -38.27 -120.40
C GLU X 112 61.93 -38.76 -119.85
N LYS X 113 62.90 -37.85 -119.66
CA LYS X 113 64.24 -38.29 -119.30
C LYS X 113 64.36 -38.72 -117.85
N ILE X 114 63.39 -38.36 -117.00
CA ILE X 114 63.47 -38.68 -115.57
C ILE X 114 62.25 -39.47 -115.08
N HIS X 115 61.62 -40.28 -115.93
CA HIS X 115 60.37 -40.93 -115.55
C HIS X 115 60.56 -41.99 -114.47
N GLU X 116 61.82 -42.44 -114.27
CA GLU X 116 62.10 -43.61 -113.46
C GLU X 116 61.89 -43.33 -111.98
N ASP X 117 62.56 -42.30 -111.46
CA ASP X 117 62.51 -42.04 -110.02
C ASP X 117 61.20 -41.39 -109.62
N ILE X 118 60.58 -40.63 -110.52
CA ILE X 118 59.26 -40.11 -110.20
C ILE X 118 58.22 -41.22 -110.24
N PHE X 119 58.46 -42.24 -111.08
CA PHE X 119 57.63 -43.43 -111.03
C PHE X 119 57.88 -44.21 -109.76
N ASP X 120 59.11 -44.14 -109.24
CA ASP X 120 59.40 -44.74 -107.94
C ASP X 120 58.71 -43.97 -106.81
N ILE X 121 58.59 -42.65 -106.96
CA ILE X 121 57.82 -41.83 -106.02
C ILE X 121 56.35 -42.25 -106.04
N ILE X 122 55.80 -42.45 -107.24
CA ILE X 122 54.44 -42.97 -107.39
C ILE X 122 54.32 -44.35 -106.78
N ASP X 123 55.36 -45.18 -106.93
CA ASP X 123 55.35 -46.53 -106.39
C ASP X 123 55.41 -46.52 -104.88
N ARG X 124 56.16 -45.57 -104.31
CA ARG X 124 56.26 -45.42 -102.87
C ARG X 124 54.92 -45.10 -102.24
N GLU X 125 54.20 -44.12 -102.81
CA GLU X 125 52.89 -43.80 -102.25
C GLU X 125 51.84 -44.85 -102.60
N ALA X 126 52.02 -45.56 -103.72
CA ALA X 126 51.13 -46.67 -104.05
C ALA X 126 51.30 -47.81 -103.04
N ASP X 127 52.54 -48.03 -102.59
CA ASP X 127 52.77 -48.95 -101.50
C ASP X 127 52.34 -48.33 -100.17
N GLY X 128 52.20 -47.01 -100.12
CA GLY X 128 51.88 -46.35 -98.86
C GLY X 128 50.48 -46.67 -98.35
N SER X 129 49.48 -46.55 -99.22
CA SER X 129 48.11 -46.79 -98.80
C SER X 129 47.75 -48.27 -98.94
N ASP X 130 46.79 -48.70 -98.13
CA ASP X 130 46.36 -50.10 -98.20
C ASP X 130 45.50 -50.36 -99.43
N SER X 131 44.60 -49.44 -99.76
CA SER X 131 43.73 -49.58 -100.91
C SER X 131 43.88 -48.35 -101.79
N LEU X 132 43.34 -48.45 -103.01
CA LEU X 132 43.45 -47.35 -103.97
C LEU X 132 42.19 -47.33 -104.81
N GLU X 133 41.72 -46.12 -105.12
CA GLU X 133 40.54 -45.97 -105.95
C GLU X 133 40.88 -45.24 -107.25
N GLY X 134 41.74 -44.22 -107.17
CA GLY X 134 42.05 -43.46 -108.37
C GLY X 134 43.21 -42.50 -108.15
N PHE X 135 43.64 -41.91 -109.26
CA PHE X 135 44.69 -40.88 -109.26
C PHE X 135 44.09 -39.58 -109.79
N VAL X 136 44.04 -38.58 -108.91
CA VAL X 136 43.49 -37.27 -109.26
C VAL X 136 44.65 -36.35 -109.57
N LEU X 137 44.69 -35.84 -110.80
CA LEU X 137 45.80 -35.02 -111.26
C LEU X 137 45.40 -33.56 -111.21
N CYS X 138 46.10 -32.79 -110.38
CA CYS X 138 45.99 -31.33 -110.40
C CYS X 138 46.74 -30.84 -111.62
N HIS X 139 46.01 -30.40 -112.63
CA HIS X 139 46.60 -30.14 -113.93
C HIS X 139 46.05 -28.84 -114.50
N SER X 140 46.89 -28.18 -115.28
CA SER X 140 46.49 -26.99 -116.03
C SER X 140 46.80 -27.22 -117.49
N ILE X 141 45.81 -27.01 -118.34
CA ILE X 141 45.95 -27.26 -119.77
C ILE X 141 46.59 -26.05 -120.42
N ALA X 142 47.72 -26.27 -121.09
CA ALA X 142 48.57 -25.24 -121.70
C ALA X 142 48.98 -24.18 -120.68
N GLY X 143 49.30 -24.64 -119.47
CA GLY X 143 49.81 -23.77 -118.44
C GLY X 143 51.32 -23.61 -118.50
N GLY X 144 51.96 -24.27 -119.46
CA GLY X 144 53.40 -24.18 -119.59
C GLY X 144 54.10 -25.15 -118.65
N THR X 145 54.05 -24.82 -117.36
CA THR X 145 54.66 -25.66 -116.34
C THR X 145 53.96 -27.01 -116.22
N GLY X 146 52.63 -27.01 -116.18
CA GLY X 146 51.90 -28.27 -116.10
C GLY X 146 51.91 -29.03 -117.40
N SER X 147 51.99 -28.31 -118.52
CA SER X 147 51.83 -28.88 -119.85
C SER X 147 53.04 -29.72 -120.23
N GLY X 148 52.76 -30.77 -121.00
CA GLY X 148 53.81 -31.67 -121.46
C GLY X 148 54.20 -32.72 -120.45
N LEU X 149 54.70 -32.25 -119.30
CA LEU X 149 54.98 -33.16 -118.20
C LEU X 149 53.70 -33.83 -117.70
N GLY X 150 52.59 -33.10 -117.68
CA GLY X 150 51.32 -33.69 -117.29
C GLY X 150 50.83 -34.72 -118.28
N SER X 151 50.97 -34.44 -119.57
CA SER X 151 50.55 -35.39 -120.60
C SER X 151 51.42 -36.64 -120.61
N TYR X 152 52.73 -36.45 -120.40
CA TYR X 152 53.64 -37.59 -120.35
C TYR X 152 53.37 -38.45 -119.12
N LEU X 153 53.16 -37.81 -117.98
CA LEU X 153 52.84 -38.55 -116.76
C LEU X 153 51.48 -39.24 -116.86
N LEU X 154 50.56 -38.66 -117.63
CA LEU X 154 49.27 -39.30 -117.89
C LEU X 154 49.47 -40.58 -118.68
N GLU X 155 50.36 -40.55 -119.67
CA GLU X 155 50.71 -41.76 -120.41
C GLU X 155 51.37 -42.79 -119.51
N ARG X 156 52.25 -42.35 -118.60
CA ARG X 156 52.92 -43.28 -117.71
C ARG X 156 51.95 -43.93 -116.74
N LEU X 157 51.01 -43.15 -116.19
CA LEU X 157 50.07 -43.68 -115.22
C LEU X 157 49.08 -44.64 -115.85
N ASN X 158 48.53 -44.30 -117.02
CA ASN X 158 47.52 -45.17 -117.60
C ASN X 158 48.15 -46.43 -118.21
N ASP X 159 49.41 -46.34 -118.66
CA ASP X 159 50.06 -47.54 -119.16
C ASP X 159 50.50 -48.45 -118.02
N ARG X 160 51.04 -47.86 -116.94
CA ARG X 160 51.64 -48.67 -115.90
C ARG X 160 50.57 -49.36 -115.04
N TYR X 161 49.45 -48.70 -114.82
CA TYR X 161 48.38 -49.25 -113.99
C TYR X 161 47.07 -49.22 -114.76
N PRO X 162 46.67 -50.34 -115.36
CA PRO X 162 45.41 -50.37 -116.10
C PRO X 162 44.20 -50.72 -115.24
N LYS X 163 44.41 -51.00 -113.96
CA LYS X 163 43.33 -51.45 -113.10
C LYS X 163 42.71 -50.34 -112.26
N LYS X 164 43.28 -49.14 -112.30
CA LYS X 164 42.80 -48.04 -111.48
C LYS X 164 42.20 -46.94 -112.35
N LEU X 165 41.70 -45.90 -111.70
CA LEU X 165 41.06 -44.77 -112.35
C LEU X 165 42.03 -43.61 -112.45
N VAL X 166 41.91 -42.84 -113.53
CA VAL X 166 42.69 -41.63 -113.73
C VAL X 166 41.70 -40.47 -113.85
N GLN X 167 41.84 -39.49 -112.96
CA GLN X 167 41.05 -38.27 -113.04
C GLN X 167 41.97 -37.07 -113.26
N THR X 168 41.52 -36.15 -114.10
CA THR X 168 42.28 -34.96 -114.44
C THR X 168 41.38 -33.75 -114.33
N TYR X 169 41.58 -32.95 -113.29
CA TYR X 169 40.90 -31.68 -113.15
C TYR X 169 41.62 -30.69 -114.06
N SER X 170 40.89 -30.15 -115.02
CA SER X 170 41.51 -29.41 -116.11
C SER X 170 40.79 -28.08 -116.30
N VAL X 171 41.56 -27.08 -116.73
CA VAL X 171 41.03 -25.77 -117.10
C VAL X 171 40.97 -25.70 -118.62
N PHE X 172 40.12 -24.83 -119.14
CA PHE X 172 40.10 -24.62 -120.58
C PHE X 172 40.89 -23.36 -120.91
N PRO X 173 41.89 -23.45 -121.78
CA PRO X 173 42.84 -22.34 -121.93
C PRO X 173 42.27 -21.15 -122.69
N ASN X 174 41.50 -20.33 -121.99
CA ASN X 174 41.02 -19.06 -122.51
C ASN X 174 40.96 -18.06 -121.36
N GLN X 175 42.00 -17.24 -121.22
CA GLN X 175 42.09 -16.29 -120.14
C GLN X 175 42.08 -14.86 -120.62
N ASP X 176 41.43 -14.60 -121.77
CA ASP X 176 41.32 -13.29 -122.42
C ASP X 176 42.71 -12.75 -122.77
N GLU X 177 43.56 -13.64 -123.26
CA GLU X 177 44.96 -13.34 -123.53
C GLU X 177 45.12 -12.42 -124.73
N ASP X 180 52.78 -12.96 -124.86
CA ASP X 180 51.72 -13.66 -125.58
C ASP X 180 52.23 -14.99 -126.12
N VAL X 181 51.42 -16.04 -125.96
CA VAL X 181 51.78 -17.38 -126.38
C VAL X 181 50.89 -17.81 -127.54
N VAL X 182 51.50 -18.07 -128.69
CA VAL X 182 50.77 -18.51 -129.87
C VAL X 182 50.95 -19.99 -130.15
N VAL X 183 51.83 -20.66 -129.40
CA VAL X 183 51.97 -22.11 -129.48
C VAL X 183 50.96 -22.80 -128.57
N GLN X 184 50.20 -22.02 -127.80
CA GLN X 184 49.17 -22.53 -126.89
C GLN X 184 48.10 -23.40 -127.54
N PRO X 185 47.58 -23.11 -128.76
CA PRO X 185 46.68 -24.11 -129.37
C PRO X 185 47.33 -25.44 -129.70
N TYR X 186 48.61 -25.42 -130.11
CA TYR X 186 49.32 -26.68 -130.37
C TYR X 186 49.50 -27.48 -129.09
N ASN X 187 49.88 -26.80 -128.00
CA ASN X 187 50.07 -27.45 -126.71
C ASN X 187 48.76 -28.02 -126.18
N SER X 188 47.68 -27.23 -126.26
CA SER X 188 46.38 -27.69 -125.79
C SER X 188 45.85 -28.83 -126.65
N LEU X 189 46.15 -28.81 -127.95
CA LEU X 189 45.70 -29.87 -128.85
C LEU X 189 46.41 -31.19 -128.54
N LEU X 190 47.74 -31.14 -128.33
CA LEU X 190 48.48 -32.35 -127.98
C LEU X 190 48.06 -32.87 -126.61
N THR X 191 47.86 -31.97 -125.64
CA THR X 191 47.42 -32.38 -124.32
C THR X 191 46.01 -32.96 -124.37
N LEU X 192 45.15 -32.43 -125.23
CA LEU X 192 43.80 -32.94 -125.36
C LEU X 192 43.77 -34.31 -126.02
N LYS X 193 44.71 -34.56 -126.94
CA LYS X 193 44.89 -35.90 -127.49
C LYS X 193 45.23 -36.90 -126.39
N ARG X 194 46.14 -36.50 -125.51
CA ARG X 194 46.49 -37.35 -124.38
C ARG X 194 45.31 -37.51 -123.42
N LEU X 195 44.52 -36.46 -123.25
CA LEU X 195 43.36 -36.53 -122.35
C LEU X 195 42.29 -37.46 -122.88
N THR X 196 42.06 -37.45 -124.19
CA THR X 196 41.05 -38.33 -124.76
C THR X 196 41.52 -39.77 -124.77
N GLN X 197 42.82 -40.01 -124.94
CA GLN X 197 43.29 -41.36 -125.14
C GLN X 197 43.83 -42.03 -123.88
N ASN X 198 44.30 -41.26 -122.90
CA ASN X 198 45.02 -41.80 -121.76
C ASN X 198 44.32 -41.49 -120.43
N ALA X 199 43.03 -41.23 -120.45
CA ALA X 199 42.30 -40.92 -119.22
C ALA X 199 40.96 -41.64 -119.22
N ASP X 200 40.51 -41.99 -118.01
CA ASP X 200 39.19 -42.59 -117.81
C ASP X 200 38.11 -41.54 -117.69
N CYS X 201 38.41 -40.39 -117.09
CA CYS X 201 37.45 -39.31 -116.91
C CYS X 201 38.23 -38.02 -116.80
N VAL X 202 37.66 -36.94 -117.33
CA VAL X 202 38.26 -35.62 -117.27
C VAL X 202 37.21 -34.64 -116.77
N VAL X 203 37.56 -33.84 -115.76
CA VAL X 203 36.73 -32.75 -115.28
C VAL X 203 37.31 -31.46 -115.83
N VAL X 204 36.54 -30.77 -116.66
CA VAL X 204 36.99 -29.59 -117.38
C VAL X 204 36.24 -28.37 -116.87
N LEU X 205 36.97 -27.27 -116.69
CA LEU X 205 36.38 -25.98 -116.37
C LEU X 205 36.89 -24.96 -117.36
N ASP X 206 36.19 -23.83 -117.45
CA ASP X 206 36.60 -22.72 -118.31
C ASP X 206 37.18 -21.60 -117.46
N ASN X 207 38.36 -21.12 -117.85
CA ASN X 207 38.98 -20.00 -117.14
C ASN X 207 38.20 -18.71 -117.36
N THR X 208 37.63 -18.54 -118.55
CA THR X 208 36.87 -17.33 -118.84
C THR X 208 35.56 -17.31 -118.07
N ALA X 209 34.94 -18.48 -117.89
CA ALA X 209 33.67 -18.57 -117.14
C ALA X 209 33.87 -18.21 -115.68
N LEU X 210 34.88 -18.79 -115.04
CA LEU X 210 35.19 -18.46 -113.66
C LEU X 210 35.68 -17.03 -113.53
N ASN X 211 36.34 -16.51 -114.57
CA ASN X 211 36.76 -15.11 -114.57
C ASN X 211 35.56 -14.17 -114.62
N ARG X 212 34.56 -14.51 -115.44
CA ARG X 212 33.34 -13.73 -115.51
C ARG X 212 32.57 -13.77 -114.20
N ILE X 213 32.49 -14.96 -113.59
CA ILE X 213 31.77 -15.11 -112.32
C ILE X 213 32.48 -14.34 -111.20
N ALA X 214 33.82 -14.35 -111.22
CA ALA X 214 34.58 -13.65 -110.19
C ALA X 214 34.48 -12.14 -110.34
N THR X 215 34.60 -11.64 -111.58
CA THR X 215 34.41 -10.21 -111.82
C THR X 215 32.96 -9.79 -111.65
N ASP X 216 32.03 -10.75 -111.64
CA ASP X 216 30.64 -10.44 -111.30
C ASP X 216 30.45 -10.28 -109.81
N ARG X 217 30.77 -11.34 -109.02
CA ARG X 217 30.40 -11.38 -107.62
C ARG X 217 31.18 -10.38 -106.78
N LEU X 218 32.43 -10.12 -107.15
CA LEU X 218 33.20 -9.02 -106.60
C LEU X 218 33.54 -8.06 -107.72
N HIS X 219 34.43 -7.13 -107.42
CA HIS X 219 34.90 -6.16 -108.41
C HIS X 219 36.41 -6.26 -108.47
N ILE X 220 36.91 -7.49 -108.50
CA ILE X 220 38.32 -7.78 -108.56
C ILE X 220 38.72 -7.91 -110.03
N GLN X 221 39.89 -7.40 -110.36
CA GLN X 221 40.42 -7.49 -111.71
C GLN X 221 41.80 -8.11 -111.70
N ASN X 222 42.66 -7.71 -110.76
CA ASN X 222 44.03 -8.21 -110.69
C ASN X 222 44.20 -9.57 -110.00
N PRO X 223 43.68 -9.84 -108.76
CA PRO X 223 43.94 -11.15 -108.16
C PRO X 223 42.99 -12.24 -108.61
N SER X 224 42.78 -12.39 -109.92
CA SER X 224 41.79 -13.34 -110.42
C SER X 224 42.25 -14.79 -110.20
N PHE X 225 43.57 -15.02 -110.24
CA PHE X 225 44.12 -16.37 -110.11
C PHE X 225 43.75 -17.00 -108.77
N SER X 226 44.01 -16.28 -107.68
CA SER X 226 43.80 -16.80 -106.34
C SER X 226 42.32 -17.06 -106.06
N GLN X 227 41.45 -16.23 -106.60
CA GLN X 227 40.02 -16.41 -106.38
C GLN X 227 39.48 -17.57 -107.18
N ILE X 228 39.97 -17.75 -108.41
CA ILE X 228 39.68 -18.95 -109.18
C ILE X 228 40.15 -20.19 -108.45
N ASN X 229 41.31 -20.11 -107.75
CA ASN X 229 41.79 -21.22 -106.94
C ASN X 229 40.82 -21.57 -105.82
N GLN X 230 40.21 -20.55 -105.20
CA GLN X 230 39.18 -20.77 -104.19
C GLN X 230 38.00 -21.52 -104.78
N LEU X 231 37.59 -21.15 -106.00
CA LEU X 231 36.46 -21.80 -106.65
C LEU X 231 36.74 -23.26 -106.94
N VAL X 232 37.90 -23.57 -107.53
CA VAL X 232 38.14 -24.96 -107.94
C VAL X 232 38.37 -25.82 -106.70
N SER X 233 38.98 -25.27 -105.65
CA SER X 233 39.16 -26.03 -104.41
C SER X 233 37.82 -26.33 -103.74
N THR X 234 36.89 -25.36 -103.77
CA THR X 234 35.56 -25.61 -103.22
C THR X 234 34.82 -26.66 -104.04
N ILE X 235 34.97 -26.64 -105.36
CA ILE X 235 34.33 -27.63 -106.22
C ILE X 235 34.93 -29.02 -105.99
N MET X 236 36.24 -29.09 -105.79
CA MET X 236 36.91 -30.37 -105.58
C MET X 236 36.55 -30.97 -104.23
N SER X 237 36.38 -30.13 -103.22
CA SER X 237 35.90 -30.62 -101.94
C SER X 237 34.44 -31.07 -102.05
N ALA X 238 33.63 -30.32 -102.79
CA ALA X 238 32.21 -30.63 -102.92
C ALA X 238 31.99 -31.92 -103.70
N SER X 239 32.83 -32.20 -104.69
CA SER X 239 32.67 -33.41 -105.49
C SER X 239 33.05 -34.67 -104.71
N THR X 240 34.02 -34.59 -103.81
CA THR X 240 34.46 -35.75 -103.04
C THR X 240 33.92 -35.75 -101.63
N THR X 241 32.98 -34.86 -101.29
CA THR X 241 32.27 -34.95 -100.02
C THR X 241 31.52 -36.27 -99.86
N THR X 242 30.95 -36.79 -100.96
CA THR X 242 30.22 -38.06 -100.87
C THR X 242 31.15 -39.25 -100.70
N LEU X 243 32.43 -39.10 -101.05
CA LEU X 243 33.40 -40.14 -100.75
C LEU X 243 33.97 -39.97 -99.35
N ARG X 244 34.23 -38.72 -98.95
CA ARG X 244 34.83 -38.46 -97.64
C ARG X 244 33.83 -38.67 -96.52
N TYR X 245 32.55 -38.53 -96.80
CA TYR X 245 31.52 -38.77 -95.79
C TYR X 245 30.67 -39.95 -96.24
N PRO X 246 30.52 -40.98 -95.41
CA PRO X 246 29.91 -42.22 -95.88
C PRO X 246 28.43 -42.09 -96.16
N GLY X 247 28.07 -42.36 -97.39
CA GLY X 247 26.69 -42.37 -97.81
C GLY X 247 26.22 -43.76 -98.12
N TYR X 248 25.68 -43.90 -99.33
CA TYR X 248 25.11 -45.15 -99.77
C TYR X 248 25.61 -45.51 -101.15
N MET X 249 26.03 -44.49 -101.91
CA MET X 249 26.56 -44.63 -103.25
C MET X 249 27.53 -43.49 -103.46
N ASN X 250 28.49 -43.69 -104.37
CA ASN X 250 29.59 -42.79 -104.67
C ASN X 250 30.44 -42.57 -103.42
N ASN X 251 30.61 -43.64 -102.64
CA ASN X 251 31.71 -43.77 -101.70
C ASN X 251 32.91 -44.41 -102.37
N ASP X 252 32.80 -44.67 -103.66
CA ASP X 252 33.92 -44.98 -104.55
C ASP X 252 33.76 -44.06 -105.75
N LEU X 253 34.88 -43.79 -106.42
CA LEU X 253 34.89 -42.83 -107.52
C LEU X 253 34.13 -43.37 -108.73
N ILE X 254 34.26 -44.67 -108.99
CA ILE X 254 33.82 -45.26 -110.24
C ILE X 254 32.30 -45.23 -110.37
N GLY X 255 31.58 -45.20 -109.24
CA GLY X 255 30.14 -45.10 -109.30
C GLY X 255 29.65 -43.74 -109.77
N LEU X 256 30.29 -42.68 -109.29
CA LEU X 256 29.97 -41.34 -109.78
C LEU X 256 30.44 -41.17 -111.23
N ILE X 257 31.58 -41.79 -111.57
CA ILE X 257 32.12 -41.72 -112.92
C ILE X 257 31.25 -42.49 -113.92
N ALA X 258 30.52 -43.51 -113.43
CA ALA X 258 29.86 -44.47 -114.31
C ALA X 258 28.67 -43.87 -115.05
N SER X 259 27.78 -43.16 -114.34
CA SER X 259 26.51 -42.75 -114.93
C SER X 259 26.69 -41.64 -115.95
N LEU X 260 27.64 -40.72 -115.71
CA LEU X 260 27.79 -39.58 -116.61
C LEU X 260 28.47 -39.98 -117.90
N ILE X 261 29.29 -41.03 -117.87
CA ILE X 261 30.11 -41.42 -119.01
C ILE X 261 29.47 -42.64 -119.68
N PRO X 262 28.91 -42.49 -120.88
CA PRO X 262 28.18 -43.61 -121.49
C PRO X 262 29.09 -44.50 -122.34
N THR X 263 30.30 -44.03 -122.64
CA THR X 263 31.18 -44.62 -123.63
C THR X 263 32.57 -44.01 -123.43
N PRO X 264 33.64 -44.73 -123.77
CA PRO X 264 34.99 -44.24 -123.43
C PRO X 264 35.44 -42.96 -124.12
N ARG X 265 34.71 -42.44 -125.08
CA ARG X 265 35.12 -41.22 -125.74
C ARG X 265 34.50 -39.98 -125.11
N LEU X 266 33.26 -40.09 -124.61
CA LEU X 266 32.62 -38.94 -123.98
C LEU X 266 32.82 -39.08 -122.47
N HIS X 267 33.93 -38.55 -121.98
CA HIS X 267 34.25 -38.67 -120.56
C HIS X 267 34.58 -37.30 -119.96
N PHE X 268 34.10 -36.24 -120.60
CA PHE X 268 34.39 -34.88 -120.19
C PHE X 268 33.15 -34.28 -119.55
N LEU X 269 33.30 -33.75 -118.34
CA LEU X 269 32.17 -33.44 -117.48
C LEU X 269 32.11 -31.95 -117.19
N MET X 270 30.93 -31.36 -117.32
CA MET X 270 30.73 -29.97 -116.96
C MET X 270 30.63 -29.82 -115.45
N THR X 271 30.98 -28.63 -114.95
CA THR X 271 30.94 -28.34 -113.53
C THR X 271 29.79 -27.40 -113.22
N GLY X 272 28.96 -27.78 -112.26
CA GLY X 272 27.96 -26.89 -111.73
C GLY X 272 27.96 -26.91 -110.21
N TYR X 273 27.53 -25.80 -109.62
CA TYR X 273 27.42 -25.63 -108.18
C TYR X 273 26.51 -24.44 -107.94
N THR X 274 25.43 -24.65 -107.20
CA THR X 274 24.26 -23.77 -107.32
C THR X 274 24.42 -22.45 -106.56
N PRO X 275 24.94 -22.41 -105.34
CA PRO X 275 25.47 -21.14 -104.86
C PRO X 275 26.72 -20.81 -105.65
N LEU X 276 26.78 -19.63 -106.21
CA LEU X 276 28.08 -19.05 -106.49
C LEU X 276 28.56 -18.24 -105.29
N THR X 277 27.81 -18.29 -104.20
CA THR X 277 28.02 -17.47 -103.01
C THR X 277 28.32 -18.34 -101.80
N THR X 278 29.33 -17.93 -101.03
CA THR X 278 29.46 -18.33 -99.63
C THR X 278 29.92 -17.13 -98.81
N ASP X 279 30.31 -16.07 -99.50
CA ASP X 279 30.85 -14.87 -98.87
C ASP X 279 29.73 -13.90 -98.51
N LYS X 287 14.56 -20.99 -95.36
CA LYS X 287 15.24 -20.00 -96.18
C LYS X 287 15.37 -20.51 -97.61
N THR X 288 16.33 -21.40 -97.82
CA THR X 288 16.55 -22.01 -99.12
C THR X 288 16.01 -23.44 -99.11
N THR X 289 15.39 -23.83 -100.21
CA THR X 289 14.89 -25.18 -100.35
C THR X 289 15.57 -25.89 -101.51
N VAL X 290 15.31 -27.19 -101.62
CA VAL X 290 15.86 -27.99 -102.70
C VAL X 290 15.23 -27.60 -104.03
N LEU X 291 13.96 -27.21 -103.99
CA LEU X 291 13.18 -26.91 -105.19
C LEU X 291 13.73 -25.69 -105.91
N ASP X 292 14.04 -24.66 -105.15
CA ASP X 292 14.58 -23.43 -105.72
C ASP X 292 15.99 -23.63 -106.23
N VAL X 293 16.82 -24.38 -105.51
CA VAL X 293 18.19 -24.54 -105.96
C VAL X 293 18.26 -25.52 -107.13
N MET X 294 17.26 -26.38 -107.30
CA MET X 294 17.22 -27.22 -108.49
C MET X 294 16.93 -26.38 -109.74
N ARG X 295 15.89 -25.54 -109.67
CA ARG X 295 15.59 -24.68 -110.80
C ARG X 295 16.67 -23.61 -111.00
N ARG X 296 17.38 -23.25 -109.93
CA ARG X 296 18.51 -22.32 -110.06
C ARG X 296 19.73 -23.00 -110.64
N LEU X 297 19.83 -24.32 -110.45
CA LEU X 297 20.98 -25.03 -110.99
C LEU X 297 20.84 -25.23 -112.50
N LEU X 298 19.62 -25.45 -112.98
CA LEU X 298 19.45 -25.89 -114.37
C LEU X 298 19.70 -24.80 -115.41
N GLN X 299 19.93 -23.55 -115.01
CA GLN X 299 20.23 -22.54 -116.02
C GLN X 299 21.69 -22.63 -116.43
N PRO X 300 22.04 -22.26 -117.67
CA PRO X 300 23.46 -22.33 -118.08
C PRO X 300 24.30 -21.16 -117.60
N LYS X 301 23.76 -20.31 -116.73
CA LYS X 301 24.54 -19.22 -116.14
C LYS X 301 24.74 -19.39 -114.64
N ASN X 302 24.19 -20.44 -114.04
CA ASN X 302 24.74 -20.98 -112.81
C ASN X 302 25.69 -22.15 -113.08
N VAL X 303 25.97 -22.44 -114.34
CA VAL X 303 27.03 -23.39 -114.71
C VAL X 303 28.35 -22.63 -114.76
N MET X 304 29.37 -23.21 -114.15
CA MET X 304 30.70 -22.58 -114.09
C MET X 304 31.54 -22.93 -115.31
N VAL X 305 30.93 -23.50 -116.34
CA VAL X 305 31.54 -23.66 -117.66
C VAL X 305 30.64 -22.93 -118.66
N SER X 306 31.13 -21.82 -119.19
CA SER X 306 30.33 -20.98 -120.07
C SER X 306 30.95 -20.92 -121.46
N THR X 313 21.69 -24.85 -133.48
CA THR X 313 21.86 -26.30 -133.41
C THR X 313 21.25 -26.87 -132.14
N ASN X 314 21.20 -28.19 -132.06
CA ASN X 314 20.67 -28.88 -130.89
C ASN X 314 21.82 -29.30 -129.97
N HIS X 315 21.81 -28.78 -128.74
CA HIS X 315 22.77 -29.16 -127.73
C HIS X 315 22.03 -29.80 -126.55
N CYS X 316 22.44 -31.02 -126.21
CA CYS X 316 21.67 -31.84 -125.29
C CYS X 316 22.64 -32.58 -124.39
N TYR X 317 22.32 -32.61 -123.10
CA TYR X 317 23.14 -33.33 -122.15
C TYR X 317 23.03 -34.84 -122.38
N ILE X 318 24.12 -35.53 -122.15
CA ILE X 318 24.07 -36.99 -122.10
C ILE X 318 23.50 -37.46 -120.77
N ALA X 319 24.09 -37.01 -119.66
CA ALA X 319 23.63 -37.38 -118.34
C ALA X 319 24.08 -36.32 -117.35
N ILE X 320 23.22 -36.02 -116.39
CA ILE X 320 23.52 -35.07 -115.33
C ILE X 320 23.47 -35.84 -114.02
N LEU X 321 24.30 -35.45 -113.07
CA LEU X 321 24.18 -35.95 -111.72
C LEU X 321 24.38 -34.79 -110.76
N ASN X 322 23.45 -34.63 -109.84
CA ASN X 322 23.53 -33.57 -108.85
C ASN X 322 23.64 -34.19 -107.47
N ILE X 323 24.47 -33.56 -106.63
CA ILE X 323 24.65 -33.98 -105.25
C ILE X 323 24.34 -32.77 -104.37
N ILE X 324 23.48 -32.98 -103.38
CA ILE X 324 23.04 -31.90 -102.51
C ILE X 324 23.50 -32.21 -101.08
N GLN X 325 23.78 -31.16 -100.32
CA GLN X 325 24.25 -31.27 -98.94
C GLN X 325 23.55 -30.20 -98.11
N GLY X 326 22.81 -30.63 -97.09
CA GLY X 326 22.18 -29.66 -96.21
C GLY X 326 21.10 -30.27 -95.35
N GLU X 327 20.21 -29.39 -94.88
CA GLU X 327 19.11 -29.75 -94.00
C GLU X 327 17.90 -30.14 -94.83
N VAL X 328 18.03 -31.20 -95.61
CA VAL X 328 17.10 -31.52 -96.68
C VAL X 328 15.93 -32.31 -96.13
N ASP X 329 14.74 -31.75 -96.26
CA ASP X 329 13.53 -32.55 -96.11
C ASP X 329 13.44 -33.54 -97.27
N PRO X 330 13.19 -34.82 -96.98
CA PRO X 330 13.24 -35.83 -98.05
C PRO X 330 12.07 -35.75 -99.04
N THR X 331 10.99 -35.06 -98.69
CA THR X 331 9.90 -34.84 -99.63
C THR X 331 10.25 -33.76 -100.63
N GLN X 332 11.22 -32.89 -100.31
CA GLN X 332 11.54 -31.76 -101.17
C GLN X 332 12.20 -32.18 -102.46
N VAL X 333 13.12 -33.16 -102.40
CA VAL X 333 13.78 -33.65 -103.61
C VAL X 333 12.79 -34.34 -104.53
N HIS X 334 11.75 -34.92 -103.92
CA HIS X 334 10.74 -35.70 -104.62
C HIS X 334 9.87 -34.82 -105.49
N LYS X 335 9.29 -33.78 -104.90
CA LYS X 335 8.43 -32.87 -105.65
C LYS X 335 9.25 -31.89 -106.49
N SER X 336 10.49 -31.60 -106.10
CA SER X 336 11.38 -30.84 -106.96
C SER X 336 11.66 -31.59 -108.26
N LEU X 337 11.89 -32.90 -108.17
CA LEU X 337 12.13 -33.68 -109.38
C LEU X 337 10.86 -33.81 -110.21
N GLN X 338 9.69 -33.84 -109.54
CA GLN X 338 8.42 -33.67 -110.23
C GLN X 338 8.38 -32.39 -111.07
N ARG X 339 8.72 -31.25 -110.45
CA ARG X 339 8.68 -29.97 -111.16
C ARG X 339 9.69 -29.92 -112.30
N ILE X 340 10.87 -30.51 -112.09
CA ILE X 340 11.90 -30.54 -113.12
C ILE X 340 11.44 -31.37 -114.31
N ARG X 341 10.65 -32.43 -114.05
CA ARG X 341 10.13 -33.21 -115.18
C ARG X 341 9.12 -32.41 -115.99
N GLU X 342 8.07 -31.91 -115.37
CA GLU X 342 6.99 -31.34 -116.17
C GLU X 342 7.31 -29.92 -116.65
N ARG X 343 8.37 -29.32 -116.11
CA ARG X 343 8.85 -28.07 -116.70
C ARG X 343 9.77 -28.30 -117.88
N LYS X 344 10.54 -29.39 -117.86
CA LYS X 344 11.55 -29.74 -118.87
C LYS X 344 12.61 -28.65 -119.00
N LEU X 345 13.27 -28.33 -117.88
CA LEU X 345 14.31 -27.30 -117.88
C LEU X 345 15.73 -27.85 -118.02
N ALA X 346 15.87 -29.12 -118.40
CA ALA X 346 17.13 -29.80 -118.56
C ALA X 346 17.16 -30.39 -119.96
N ASN X 347 18.34 -30.50 -120.55
CA ASN X 347 18.44 -31.03 -121.89
C ASN X 347 18.63 -32.53 -121.83
N PHE X 348 17.85 -33.23 -122.63
CA PHE X 348 17.53 -34.65 -122.56
C PHE X 348 18.60 -35.45 -123.28
N ILE X 349 18.49 -36.76 -123.22
CA ILE X 349 19.30 -37.63 -124.06
C ILE X 349 18.40 -38.35 -125.04
N PRO X 350 18.65 -38.27 -126.36
CA PRO X 350 17.81 -39.01 -127.32
C PRO X 350 17.88 -40.51 -127.15
N TRP X 351 19.07 -41.08 -127.30
CA TRP X 351 19.25 -42.53 -127.36
C TRP X 351 19.27 -43.16 -125.97
N GLY X 352 18.18 -43.06 -125.23
CA GLY X 352 18.10 -43.74 -123.96
C GLY X 352 17.52 -42.89 -122.86
N PRO X 353 17.42 -43.47 -121.67
CA PRO X 353 17.30 -42.65 -120.45
C PRO X 353 18.62 -42.51 -119.71
N ALA X 354 19.02 -41.25 -119.48
CA ALA X 354 20.14 -40.92 -118.62
C ALA X 354 19.97 -39.49 -118.14
N SER X 355 19.46 -39.32 -116.93
CA SER X 355 18.91 -38.03 -116.54
C SER X 355 19.59 -37.53 -115.28
N ILE X 356 19.16 -36.34 -114.83
CA ILE X 356 19.69 -35.76 -113.61
C ILE X 356 19.24 -36.59 -112.41
N GLN X 357 20.22 -37.00 -111.61
CA GLN X 357 20.00 -37.91 -110.51
C GLN X 357 20.20 -37.15 -109.21
N VAL X 358 19.28 -37.33 -108.28
CA VAL X 358 19.32 -36.64 -107.00
C VAL X 358 20.15 -37.46 -106.04
N ALA X 359 21.21 -36.86 -105.53
CA ALA X 359 22.02 -37.48 -104.48
C ALA X 359 22.06 -36.55 -103.29
N LEU X 360 22.03 -37.15 -102.11
CA LEU X 360 22.00 -36.40 -100.86
C LEU X 360 23.26 -36.73 -100.08
N SER X 361 23.90 -35.68 -99.56
CA SER X 361 25.12 -35.86 -98.79
C SER X 361 25.03 -35.05 -97.49
N ARG X 362 25.95 -35.34 -96.60
CA ARG X 362 25.96 -34.78 -95.25
C ARG X 362 26.56 -33.39 -95.28
N LYS X 363 26.02 -32.49 -94.47
CA LYS X 363 26.63 -31.17 -94.32
C LYS X 363 27.90 -31.30 -93.49
N SER X 364 28.98 -30.71 -93.98
CA SER X 364 30.30 -30.89 -93.37
C SER X 364 30.42 -30.10 -92.07
N PRO X 365 31.17 -30.60 -91.09
CA PRO X 365 31.46 -29.79 -89.90
C PRO X 365 32.44 -28.67 -90.21
N TYR X 366 32.19 -27.51 -89.60
CA TYR X 366 33.04 -26.32 -89.65
C TYR X 366 33.07 -25.74 -91.06
N LEU X 367 31.92 -25.73 -91.73
CA LEU X 367 31.76 -24.99 -92.97
C LEU X 367 30.88 -23.77 -92.67
N PRO X 368 31.10 -22.65 -93.36
CA PRO X 368 30.34 -21.43 -93.06
C PRO X 368 28.87 -21.54 -93.40
N SER X 369 28.03 -21.02 -92.51
CA SER X 369 26.59 -21.24 -92.55
C SER X 369 25.90 -20.25 -93.47
N ALA X 370 26.25 -20.27 -94.75
CA ALA X 370 25.50 -19.58 -95.78
C ALA X 370 25.11 -20.60 -96.83
N HIS X 371 23.91 -20.44 -97.40
CA HIS X 371 23.28 -21.40 -98.31
C HIS X 371 23.22 -22.78 -97.68
N ARG X 372 22.42 -22.91 -96.61
CA ARG X 372 22.32 -24.13 -95.82
C ARG X 372 21.92 -25.34 -96.64
N VAL X 373 21.10 -25.17 -97.66
CA VAL X 373 20.84 -26.21 -98.64
C VAL X 373 21.63 -25.86 -99.90
N SER X 374 22.67 -26.64 -100.17
CA SER X 374 23.59 -26.32 -101.25
C SER X 374 23.86 -27.56 -102.06
N GLY X 375 23.77 -27.43 -103.38
CA GLY X 375 23.97 -28.53 -104.29
C GLY X 375 24.95 -28.18 -105.39
N LEU X 376 25.55 -29.22 -105.95
CA LEU X 376 26.46 -29.10 -107.08
C LEU X 376 26.07 -30.16 -108.11
N MET X 377 26.46 -29.94 -109.35
CA MET X 377 26.17 -30.92 -110.38
C MET X 377 27.41 -31.20 -111.22
N MET X 378 27.50 -32.44 -111.71
CA MET X 378 28.44 -32.84 -112.73
C MET X 378 27.62 -33.43 -113.88
N ALA X 379 27.91 -33.00 -115.09
CA ALA X 379 27.06 -33.33 -116.23
C ALA X 379 27.90 -33.54 -117.48
N ASN X 380 27.47 -34.48 -118.30
CA ASN X 380 28.06 -34.72 -119.61
C ASN X 380 27.21 -34.01 -120.66
N HIS X 381 27.74 -32.93 -121.23
CA HIS X 381 27.02 -32.12 -122.20
C HIS X 381 27.77 -32.12 -123.52
N THR X 382 27.02 -32.07 -124.62
CA THR X 382 27.58 -31.91 -125.94
C THR X 382 28.01 -30.47 -126.24
N SER X 383 27.71 -29.52 -125.34
CA SER X 383 28.06 -28.13 -125.60
C SER X 383 29.56 -27.87 -125.51
N ILE X 384 30.30 -28.76 -124.85
CA ILE X 384 31.74 -28.62 -124.76
C ILE X 384 32.42 -28.91 -126.11
N SER X 385 31.69 -29.58 -127.02
CA SER X 385 32.19 -29.75 -128.38
C SER X 385 32.39 -28.41 -129.08
N SER X 386 31.55 -27.42 -128.76
CA SER X 386 31.70 -26.08 -129.32
C SER X 386 33.01 -25.45 -128.87
N LEU X 387 33.36 -25.59 -127.61
CA LEU X 387 34.61 -25.04 -127.10
C LEU X 387 35.80 -25.76 -127.70
N PHE X 388 35.68 -27.08 -127.86
CA PHE X 388 36.72 -27.87 -128.51
C PHE X 388 36.94 -27.44 -129.95
N GLU X 389 35.86 -27.26 -130.71
CA GLU X 389 36.03 -26.88 -132.11
C GLU X 389 36.46 -25.42 -132.25
N ARG X 390 36.16 -24.57 -131.26
CA ARG X 390 36.72 -23.23 -131.25
C ARG X 390 38.23 -23.26 -131.13
N THR X 391 38.74 -24.04 -130.18
CA THR X 391 40.18 -24.17 -130.03
C THR X 391 40.80 -24.88 -131.22
N CYS X 392 40.08 -25.83 -131.80
CA CYS X 392 40.50 -26.47 -133.05
C CYS X 392 40.56 -25.47 -134.18
N ARG X 393 39.64 -24.50 -134.21
CA ARG X 393 39.63 -23.48 -135.24
C ARG X 393 40.80 -22.52 -135.08
N GLN X 394 41.13 -22.20 -133.82
CA GLN X 394 42.33 -21.41 -133.54
C GLN X 394 43.59 -22.15 -133.98
N TYR X 395 43.69 -23.44 -133.67
CA TYR X 395 44.81 -24.26 -134.12
C TYR X 395 44.86 -24.34 -135.64
N ASP X 396 43.70 -24.48 -136.28
CA ASP X 396 43.64 -24.59 -137.73
C ASP X 396 44.07 -23.28 -138.39
N LYS X 397 43.71 -22.15 -137.78
CA LYS X 397 44.16 -20.86 -138.28
C LYS X 397 45.67 -20.72 -138.20
N LEU X 398 46.23 -20.94 -137.00
CA LEU X 398 47.67 -20.80 -136.84
C LEU X 398 48.44 -21.86 -137.61
N ARG X 399 47.82 -23.01 -137.84
CA ARG X 399 48.47 -24.08 -138.58
C ARG X 399 48.44 -23.81 -140.08
N LYS X 400 47.38 -23.19 -140.56
CA LYS X 400 47.29 -22.83 -141.97
C LYS X 400 48.23 -21.68 -142.29
N ARG X 401 48.39 -20.75 -141.34
CA ARG X 401 49.26 -19.61 -141.59
C ARG X 401 50.73 -20.00 -141.58
N GLU X 402 51.08 -21.02 -140.77
CA GLU X 402 52.45 -21.50 -140.57
C GLU X 402 53.43 -20.39 -140.20
N ALA X 403 53.07 -19.63 -139.17
CA ALA X 403 53.95 -18.60 -138.64
C ALA X 403 53.94 -18.58 -137.12
N PHE X 404 53.34 -19.58 -136.49
CA PHE X 404 53.07 -19.55 -135.07
C PHE X 404 53.52 -20.82 -134.36
N LEU X 405 54.37 -21.62 -135.00
CA LEU X 405 55.09 -22.67 -134.30
C LEU X 405 56.29 -22.08 -133.56
N GLU X 406 56.77 -20.92 -134.01
CA GLU X 406 57.84 -20.10 -133.44
C GLU X 406 59.22 -20.75 -133.55
N GLN X 407 59.29 -21.93 -134.18
CA GLN X 407 60.44 -22.83 -134.24
C GLN X 407 61.01 -23.03 -132.83
N PHE X 408 60.22 -23.66 -131.97
CA PHE X 408 60.73 -24.09 -130.69
C PHE X 408 61.62 -25.31 -130.92
N ARG X 409 62.79 -25.29 -130.29
CA ARG X 409 63.81 -26.30 -130.58
C ARG X 409 63.39 -27.66 -130.04
N LYS X 410 62.72 -27.68 -128.89
CA LYS X 410 62.21 -28.95 -128.35
C LYS X 410 61.06 -29.47 -129.20
N GLU X 411 60.28 -28.56 -129.79
CA GLU X 411 59.20 -28.98 -130.69
C GLU X 411 59.75 -29.57 -131.97
N ASP X 412 60.85 -29.03 -132.47
CA ASP X 412 61.47 -29.58 -133.67
C ASP X 412 62.16 -30.90 -133.38
N MET X 413 62.91 -30.97 -132.27
CA MET X 413 63.67 -32.17 -131.96
C MET X 413 62.75 -33.31 -131.51
N PHE X 414 61.63 -32.97 -130.89
CA PHE X 414 60.66 -33.98 -130.48
C PHE X 414 59.99 -34.62 -131.69
N LYS X 415 59.60 -33.80 -132.66
CA LYS X 415 58.99 -34.30 -133.88
C LYS X 415 59.40 -33.38 -135.02
N ASP X 416 60.33 -33.84 -135.85
CA ASP X 416 60.79 -33.02 -136.98
C ASP X 416 59.73 -32.93 -138.06
N ASN X 417 58.83 -33.91 -138.13
CA ASN X 417 57.78 -33.94 -139.14
C ASN X 417 56.47 -33.35 -138.64
N PHE X 418 56.32 -33.21 -137.31
CA PHE X 418 55.15 -32.65 -136.64
C PHE X 418 53.88 -33.41 -137.00
N ASP X 419 53.99 -34.73 -137.12
CA ASP X 419 52.86 -35.58 -137.43
C ASP X 419 52.00 -35.85 -136.22
N GLU X 420 52.51 -35.61 -135.02
CA GLU X 420 51.70 -35.74 -133.81
C GLU X 420 50.60 -34.70 -133.77
N MET X 421 50.85 -33.52 -134.34
CA MET X 421 49.80 -32.51 -134.46
C MET X 421 48.70 -32.99 -135.39
N ASP X 422 49.07 -33.67 -136.47
CA ASP X 422 48.08 -34.23 -137.38
C ASP X 422 47.30 -35.36 -136.73
N THR X 423 47.98 -36.21 -135.96
CA THR X 423 47.31 -37.31 -135.28
C THR X 423 46.36 -36.80 -134.21
N SER X 424 46.78 -35.79 -133.46
CA SER X 424 45.92 -35.16 -132.46
C SER X 424 44.73 -34.47 -133.10
N ARG X 425 44.94 -33.85 -134.27
CA ARG X 425 43.85 -33.23 -135.01
C ARG X 425 42.85 -34.27 -135.48
N GLU X 426 43.34 -35.43 -135.93
CA GLU X 426 42.46 -36.53 -136.34
C GLU X 426 41.67 -37.06 -135.15
N ILE X 427 42.33 -37.22 -134.00
CA ILE X 427 41.68 -37.75 -132.81
C ILE X 427 40.62 -36.78 -132.30
N VAL X 428 40.93 -35.47 -132.29
CA VAL X 428 39.94 -34.51 -131.83
C VAL X 428 38.83 -34.34 -132.86
N GLN X 429 39.11 -34.62 -134.14
CA GLN X 429 38.04 -34.58 -135.13
C GLN X 429 37.10 -35.75 -134.95
N GLN X 430 37.66 -36.94 -134.68
CA GLN X 430 36.84 -38.11 -134.35
C GLN X 430 36.03 -37.87 -133.09
N LEU X 431 36.61 -37.15 -132.14
CA LEU X 431 35.91 -36.80 -130.91
C LEU X 431 34.73 -35.88 -131.17
N ILE X 432 34.92 -34.85 -132.02
CA ILE X 432 33.84 -33.95 -132.39
C ILE X 432 32.74 -34.71 -133.15
N ASP X 433 33.14 -35.64 -134.02
CA ASP X 433 32.17 -36.42 -134.77
C ASP X 433 31.38 -37.36 -133.87
N GLU X 434 32.04 -37.95 -132.87
CA GLU X 434 31.34 -38.80 -131.93
C GLU X 434 30.41 -38.00 -131.02
N TYR X 435 30.81 -36.76 -130.69
CA TYR X 435 29.94 -35.85 -129.97
C TYR X 435 28.67 -35.56 -130.75
N HIS X 436 28.84 -35.20 -132.02
CA HIS X 436 27.70 -34.90 -132.88
C HIS X 436 26.87 -36.16 -133.16
N ALA X 437 27.50 -37.32 -133.15
CA ALA X 437 26.76 -38.56 -133.36
C ALA X 437 25.94 -38.93 -132.13
N ALA X 438 26.48 -38.64 -130.93
CA ALA X 438 25.73 -38.84 -129.70
C ALA X 438 24.59 -37.84 -129.59
N THR X 439 24.74 -36.69 -130.23
CA THR X 439 23.64 -35.72 -130.31
C THR X 439 22.45 -36.28 -131.08
N ARG X 440 22.71 -37.17 -132.03
CA ARG X 440 21.66 -37.71 -132.91
C ARG X 440 20.76 -38.67 -132.14
N PRO X 441 19.53 -38.88 -132.62
CA PRO X 441 18.70 -39.94 -132.04
C PRO X 441 19.21 -41.34 -132.33
N ASP X 442 20.07 -41.49 -133.33
CA ASP X 442 20.75 -42.74 -133.58
C ASP X 442 22.19 -42.59 -133.11
N TYR X 443 22.61 -43.50 -132.24
CA TYR X 443 24.02 -43.60 -131.93
C TYR X 443 24.45 -45.02 -132.25
N ILE X 444 23.77 -45.59 -133.26
CA ILE X 444 24.27 -46.71 -134.04
C ILE X 444 24.94 -46.16 -135.30
N SER X 445 25.27 -44.87 -135.28
CA SER X 445 26.09 -44.22 -136.29
C SER X 445 27.24 -43.52 -135.58
N TRP X 446 28.45 -43.91 -135.92
CA TRP X 446 29.61 -43.60 -135.10
C TRP X 446 30.57 -42.66 -135.82
N GLY X 447 31.68 -42.34 -135.16
CA GLY X 447 32.67 -41.45 -135.72
C GLY X 447 34.04 -41.64 -135.11
N ARG Y 3 69.04 -74.83 -68.97
CA ARG Y 3 69.56 -74.84 -67.60
C ARG Y 3 70.61 -73.75 -67.41
N GLU Y 4 71.88 -74.15 -67.36
CA GLU Y 4 72.96 -73.20 -67.17
C GLU Y 4 73.78 -73.08 -68.45
N ILE Y 5 74.18 -71.86 -68.77
CA ILE Y 5 74.88 -71.56 -70.01
C ILE Y 5 76.30 -71.10 -69.66
N ILE Y 6 77.28 -71.69 -70.33
CA ILE Y 6 78.68 -71.28 -70.20
C ILE Y 6 79.08 -70.56 -71.46
N THR Y 7 79.44 -69.29 -71.33
CA THR Y 7 79.66 -68.40 -72.45
C THR Y 7 81.15 -68.30 -72.75
N LEU Y 8 81.50 -68.46 -74.01
CA LEU Y 8 82.89 -68.49 -74.44
C LEU Y 8 83.15 -67.25 -75.29
N GLN Y 9 84.25 -66.57 -75.01
CA GLN Y 9 84.60 -65.37 -75.75
C GLN Y 9 86.06 -65.46 -76.17
N LEU Y 10 86.33 -65.04 -77.41
CA LEU Y 10 87.64 -65.20 -78.01
C LEU Y 10 87.79 -64.21 -79.14
N GLY Y 11 89.03 -63.81 -79.39
CA GLY Y 11 89.30 -62.75 -80.34
C GLY Y 11 89.02 -61.38 -79.76
N GLN Y 12 89.55 -60.34 -80.42
CA GLN Y 12 89.35 -58.98 -79.90
C GLN Y 12 87.91 -58.54 -80.06
N CYS Y 13 87.30 -58.86 -81.22
CA CYS Y 13 85.90 -58.51 -81.44
C CYS Y 13 84.98 -59.35 -80.55
N GLY Y 14 85.32 -60.64 -80.38
CA GLY Y 14 84.52 -61.49 -79.51
C GLY Y 14 84.63 -61.12 -78.05
N ASN Y 15 85.83 -60.75 -77.60
CA ASN Y 15 85.97 -60.28 -76.23
C ASN Y 15 85.33 -58.91 -76.04
N GLN Y 16 85.27 -58.11 -77.11
CA GLN Y 16 84.57 -56.84 -77.06
C GLN Y 16 83.07 -57.03 -76.84
N ILE Y 17 82.44 -57.88 -77.66
CA ILE Y 17 81.01 -58.12 -77.52
C ILE Y 17 80.68 -58.89 -76.24
N GLY Y 18 81.58 -59.75 -75.77
CA GLY Y 18 81.37 -60.41 -74.49
C GLY Y 18 81.50 -59.44 -73.33
N PHE Y 19 82.43 -58.48 -73.43
CA PHE Y 19 82.60 -57.46 -72.41
C PHE Y 19 81.36 -56.58 -72.30
N GLU Y 20 80.83 -56.14 -73.45
CA GLU Y 20 79.63 -55.30 -73.40
C GLU Y 20 78.41 -56.10 -72.96
N PHE Y 21 78.34 -57.38 -73.32
CA PHE Y 21 77.23 -58.21 -72.89
C PHE Y 21 77.27 -58.46 -71.39
N TRP Y 22 78.46 -58.70 -70.84
CA TRP Y 22 78.59 -58.91 -69.41
C TRP Y 22 78.30 -57.63 -68.64
N LYS Y 23 78.74 -56.49 -69.17
CA LYS Y 23 78.41 -55.21 -68.56
C LYS Y 23 76.90 -54.94 -68.61
N GLN Y 24 76.26 -55.35 -69.71
CA GLN Y 24 74.82 -55.17 -69.86
C GLN Y 24 74.06 -56.04 -68.86
N LEU Y 25 74.47 -57.29 -68.69
CA LEU Y 25 73.82 -58.14 -67.71
C LEU Y 25 74.17 -57.76 -66.28
N CYS Y 26 75.32 -57.09 -66.07
CA CYS Y 26 75.65 -56.57 -64.75
C CYS Y 26 74.74 -55.42 -64.38
N ALA Y 27 74.53 -54.51 -65.33
CA ALA Y 27 73.61 -53.40 -65.11
C ALA Y 27 72.17 -53.89 -65.01
N GLU Y 28 71.84 -54.97 -65.72
CA GLU Y 28 70.47 -55.45 -65.76
C GLU Y 28 70.08 -56.12 -64.45
N HIS Y 29 70.86 -57.10 -64.01
CA HIS Y 29 70.56 -57.78 -62.77
C HIS Y 29 71.07 -56.96 -61.59
N GLY Y 30 70.64 -57.33 -60.39
CA GLY Y 30 70.98 -56.59 -59.20
C GLY Y 30 72.36 -56.91 -58.65
N ILE Y 31 73.40 -56.50 -59.37
CA ILE Y 31 74.78 -56.74 -58.95
C ILE Y 31 75.61 -55.50 -59.23
N SER Y 32 76.64 -55.32 -58.43
CA SER Y 32 77.66 -54.30 -58.63
C SER Y 32 78.66 -54.79 -59.68
N PRO Y 33 79.56 -53.92 -60.17
CA PRO Y 33 80.68 -54.42 -60.98
C PRO Y 33 81.66 -55.31 -60.22
N GLU Y 34 81.64 -55.27 -58.89
CA GLU Y 34 82.31 -56.29 -58.10
C GLU Y 34 81.48 -57.55 -57.99
N GLY Y 35 80.15 -57.42 -58.07
CA GLY Y 35 79.25 -58.53 -57.85
C GLY Y 35 78.45 -58.42 -56.56
N ILE Y 36 78.32 -57.22 -56.01
CA ILE Y 36 77.69 -57.05 -54.71
C ILE Y 36 76.17 -57.02 -54.89
N VAL Y 37 75.48 -57.80 -54.05
CA VAL Y 37 74.05 -58.06 -54.21
C VAL Y 37 73.25 -56.78 -53.94
N GLU Y 38 72.18 -56.60 -54.70
CA GLU Y 38 71.28 -55.47 -54.50
C GLU Y 38 70.02 -55.93 -53.78
N GLU Y 39 69.20 -54.96 -53.40
CA GLU Y 39 68.02 -55.26 -52.59
C GLU Y 39 66.79 -55.52 -53.44
N PHE Y 40 66.88 -55.34 -54.76
CA PHE Y 40 65.74 -55.59 -55.63
C PHE Y 40 65.87 -56.92 -56.35
N ALA Y 41 66.92 -57.68 -56.07
CA ALA Y 41 67.17 -58.95 -56.74
C ALA Y 41 67.90 -59.90 -55.81
N THR Y 45 60.11 -63.03 -59.86
CA THR Y 45 60.32 -64.22 -60.68
C THR Y 45 61.52 -64.01 -61.61
N ASP Y 46 62.69 -64.48 -61.17
CA ASP Y 46 63.93 -64.28 -61.88
C ASP Y 46 64.76 -65.57 -61.87
N ARG Y 47 65.97 -65.50 -62.42
CA ARG Y 47 67.01 -66.50 -62.17
C ARG Y 47 68.37 -65.83 -62.38
N LYS Y 48 69.31 -66.15 -61.49
CA LYS Y 48 70.67 -65.65 -61.58
C LYS Y 48 71.65 -66.81 -61.61
N ASP Y 49 71.31 -67.86 -62.36
CA ASP Y 49 72.14 -69.05 -62.43
C ASP Y 49 72.24 -69.56 -63.86
N VAL Y 50 71.95 -68.68 -64.83
CA VAL Y 50 71.96 -69.08 -66.22
C VAL Y 50 73.32 -68.77 -66.85
N PHE Y 51 73.79 -67.54 -66.70
CA PHE Y 51 75.13 -67.17 -67.09
C PHE Y 51 76.05 -67.02 -65.89
N PHE Y 52 75.47 -66.95 -64.70
CA PHE Y 52 76.18 -66.61 -63.48
C PHE Y 52 76.33 -67.86 -62.64
N TYR Y 53 77.53 -68.10 -62.16
CA TYR Y 53 77.66 -69.00 -61.01
C TYR Y 53 77.45 -68.19 -59.74
N GLN Y 54 76.72 -68.76 -58.79
CA GLN Y 54 76.72 -68.25 -57.43
C GLN Y 54 78.11 -68.54 -56.91
N ALA Y 55 79.00 -67.56 -57.04
CA ALA Y 55 80.40 -67.83 -56.78
C ALA Y 55 80.77 -67.40 -55.38
N ASP Y 56 82.01 -67.69 -55.02
CA ASP Y 56 82.33 -68.04 -53.64
C ASP Y 56 82.89 -66.88 -52.84
N ASP Y 57 82.68 -65.65 -53.31
CA ASP Y 57 82.92 -64.45 -52.52
C ASP Y 57 81.73 -63.51 -52.57
N GLU Y 58 80.52 -64.07 -52.72
CA GLU Y 58 79.23 -63.37 -52.78
C GLU Y 58 79.19 -62.43 -53.99
N HIS Y 59 79.94 -62.79 -55.02
CA HIS Y 59 79.83 -62.17 -56.34
C HIS Y 59 79.29 -63.23 -57.29
N TYR Y 60 78.23 -62.89 -58.02
CA TYR Y 60 77.70 -63.81 -59.02
C TYR Y 60 78.61 -63.75 -60.24
N ILE Y 61 79.72 -64.48 -60.16
CA ILE Y 61 80.77 -64.42 -61.18
C ILE Y 61 80.31 -65.23 -62.37
N PRO Y 62 80.24 -64.63 -63.57
CA PRO Y 62 79.86 -65.39 -64.75
C PRO Y 62 80.92 -66.41 -65.14
N ARG Y 63 80.44 -67.53 -65.67
CA ARG Y 63 81.33 -68.55 -66.23
C ARG Y 63 81.73 -68.12 -67.63
N ALA Y 64 82.87 -67.43 -67.73
CA ALA Y 64 83.35 -66.92 -69.01
C ALA Y 64 84.79 -67.39 -69.24
N VAL Y 65 85.04 -67.90 -70.44
CA VAL Y 65 86.37 -68.29 -70.85
C VAL Y 65 87.02 -67.10 -71.54
N LEU Y 66 88.09 -66.59 -70.95
CA LEU Y 66 88.79 -65.41 -71.46
C LEU Y 66 89.95 -65.87 -72.31
N LEU Y 67 89.87 -65.62 -73.61
CA LEU Y 67 90.91 -66.00 -74.54
C LEU Y 67 91.44 -64.74 -75.22
N ASP Y 68 92.76 -64.66 -75.35
CA ASP Y 68 93.39 -63.49 -75.95
C ASP Y 68 94.34 -63.95 -77.04
N LEU Y 69 94.35 -63.17 -78.13
CA LEU Y 69 95.24 -63.40 -79.25
C LEU Y 69 95.59 -62.05 -79.83
N GLU Y 70 96.85 -61.63 -79.62
CA GLU Y 70 97.35 -60.27 -79.85
C GLU Y 70 96.47 -59.27 -79.11
N PRO Y 71 96.52 -59.23 -77.77
CA PRO Y 71 95.55 -58.44 -77.02
C PRO Y 71 95.87 -56.96 -77.03
N ARG Y 72 94.88 -56.16 -77.41
CA ARG Y 72 94.99 -54.71 -77.30
C ARG Y 72 93.84 -54.20 -76.45
N VAL Y 73 92.61 -54.52 -76.86
CA VAL Y 73 91.42 -54.11 -76.12
C VAL Y 73 91.19 -55.01 -74.91
N ILE Y 74 91.79 -56.20 -74.92
CA ILE Y 74 91.67 -57.11 -73.79
C ILE Y 74 92.47 -56.59 -72.60
N HIS Y 75 93.55 -55.85 -72.87
CA HIS Y 75 94.26 -55.14 -71.82
C HIS Y 75 93.37 -54.08 -71.18
N SER Y 76 92.54 -53.40 -71.98
CA SER Y 76 91.59 -52.44 -71.43
C SER Y 76 90.49 -53.14 -70.64
N ILE Y 77 90.13 -54.36 -71.06
CA ILE Y 77 89.20 -55.18 -70.28
C ILE Y 77 89.82 -55.56 -68.94
N LEU Y 78 91.15 -55.71 -68.92
CA LEU Y 78 91.85 -56.09 -67.68
C LEU Y 78 91.76 -55.00 -66.61
N ASN Y 79 92.20 -53.78 -66.93
CA ASN Y 79 92.10 -52.71 -65.92
C ASN Y 79 90.72 -52.08 -66.01
N SER Y 80 89.74 -52.72 -65.39
CA SER Y 80 88.35 -52.30 -65.54
C SER Y 80 87.58 -52.74 -64.30
N PRO Y 81 86.51 -52.03 -63.95
CA PRO Y 81 85.69 -52.44 -62.80
C PRO Y 81 84.88 -53.71 -63.05
N TYR Y 82 84.75 -54.13 -64.30
CA TYR Y 82 84.08 -55.38 -64.63
C TYR Y 82 85.05 -56.55 -64.68
N ALA Y 83 86.33 -56.31 -64.35
CA ALA Y 83 87.26 -57.39 -64.10
C ALA Y 83 87.18 -57.90 -62.67
N LYS Y 84 86.42 -57.22 -61.81
CA LYS Y 84 86.06 -57.75 -60.52
C LYS Y 84 84.77 -58.55 -60.56
N LEU Y 85 84.04 -58.49 -61.68
CA LEU Y 85 82.85 -59.31 -61.85
C LEU Y 85 83.22 -60.72 -62.32
N TYR Y 86 84.01 -60.81 -63.40
CA TYR Y 86 84.42 -62.11 -63.91
C TYR Y 86 85.92 -62.10 -64.18
N ASN Y 87 86.63 -63.02 -63.51
CA ASN Y 87 87.99 -63.44 -63.78
C ASN Y 87 88.29 -64.75 -63.06
N PRO Y 88 87.94 -65.91 -63.62
CA PRO Y 88 88.41 -67.18 -63.03
C PRO Y 88 89.84 -67.53 -63.37
N GLU Y 89 90.61 -66.56 -63.90
CA GLU Y 89 92.04 -66.59 -64.14
C GLU Y 89 92.40 -67.73 -65.10
N ASN Y 90 91.95 -67.60 -66.35
CA ASN Y 90 92.20 -68.61 -67.36
C ASN Y 90 92.63 -67.97 -68.67
N ILE Y 91 93.18 -66.76 -68.58
CA ILE Y 91 93.64 -66.03 -69.75
C ILE Y 91 94.91 -66.69 -70.28
N TYR Y 92 94.87 -67.11 -71.54
CA TYR Y 92 96.00 -67.79 -72.15
C TYR Y 92 96.06 -67.39 -73.62
N LEU Y 93 97.28 -67.08 -74.08
CA LEU Y 93 97.49 -66.66 -75.46
C LEU Y 93 97.31 -67.80 -76.44
N GLY Y 101 95.09 -64.38 -85.68
CA GLY Y 101 95.62 -63.04 -85.53
C GLY Y 101 95.09 -62.09 -86.58
N ASN Y 102 95.59 -62.23 -87.81
CA ASN Y 102 95.05 -61.53 -88.97
C ASN Y 102 94.69 -62.52 -90.08
N ASN Y 103 94.71 -63.81 -89.77
CA ASN Y 103 94.42 -64.83 -90.77
C ASN Y 103 93.70 -66.00 -90.13
N TRP Y 104 92.96 -66.72 -90.97
CA TRP Y 104 92.28 -67.93 -90.52
C TRP Y 104 93.28 -69.05 -90.29
N ALA Y 105 94.27 -69.19 -91.18
CA ALA Y 105 95.24 -70.26 -91.05
C ALA Y 105 96.12 -70.08 -89.83
N SER Y 106 96.50 -68.82 -89.53
CA SER Y 106 97.36 -68.56 -88.37
C SER Y 106 96.62 -68.85 -87.07
N GLY Y 107 95.38 -68.38 -86.95
CA GLY Y 107 94.60 -68.63 -85.75
C GLY Y 107 94.24 -70.10 -85.59
N PHE Y 108 93.97 -70.78 -86.72
CA PHE Y 108 93.69 -72.20 -86.69
C PHE Y 108 94.90 -73.01 -86.23
N SER Y 109 96.08 -72.71 -86.77
CA SER Y 109 97.29 -73.44 -86.42
C SER Y 109 97.71 -73.15 -84.98
N GLN Y 110 97.56 -71.89 -84.55
CA GLN Y 110 97.89 -71.53 -83.18
C GLN Y 110 96.94 -72.18 -82.20
N GLY Y 111 95.65 -72.30 -82.56
CA GLY Y 111 94.72 -73.02 -81.71
C GLY Y 111 94.97 -74.51 -81.72
N GLU Y 112 95.51 -75.03 -82.83
CA GLU Y 112 95.78 -76.46 -82.95
C GLU Y 112 96.87 -76.90 -82.00
N LYS Y 113 97.95 -76.11 -81.89
CA LYS Y 113 99.11 -76.57 -81.13
C LYS Y 113 98.89 -76.51 -79.63
N ILE Y 114 97.89 -75.77 -79.15
CA ILE Y 114 97.67 -75.60 -77.72
C ILE Y 114 96.26 -76.02 -77.28
N HIS Y 115 95.64 -76.98 -77.97
CA HIS Y 115 94.24 -77.31 -77.70
C HIS Y 115 94.06 -77.96 -76.32
N GLU Y 116 95.15 -78.47 -75.73
CA GLU Y 116 95.07 -79.33 -74.57
C GLU Y 116 94.67 -78.55 -73.32
N ASP Y 117 95.43 -77.49 -73.00
CA ASP Y 117 95.20 -76.77 -71.76
C ASP Y 117 93.98 -75.86 -71.87
N ILE Y 118 93.68 -75.37 -73.06
CA ILE Y 118 92.43 -74.61 -73.21
C ILE Y 118 91.24 -75.54 -73.14
N PHE Y 119 91.41 -76.80 -73.57
CA PHE Y 119 90.37 -77.79 -73.34
C PHE Y 119 90.26 -78.13 -71.86
N ASP Y 120 91.38 -78.05 -71.13
CA ASP Y 120 91.33 -78.20 -69.68
C ASP Y 120 90.62 -77.03 -69.02
N ILE Y 121 90.78 -75.83 -69.59
CA ILE Y 121 90.03 -74.66 -69.12
C ILE Y 121 88.54 -74.86 -69.33
N ILE Y 122 88.16 -75.38 -70.50
CA ILE Y 122 86.78 -75.74 -70.79
C ILE Y 122 86.30 -76.82 -69.83
N ASP Y 123 87.17 -77.77 -69.49
CA ASP Y 123 86.80 -78.86 -68.59
C ASP Y 123 86.62 -78.35 -67.16
N ARG Y 124 87.44 -77.38 -66.77
CA ARG Y 124 87.33 -76.76 -65.45
C ARG Y 124 85.98 -76.08 -65.26
N GLU Y 125 85.56 -75.27 -66.23
CA GLU Y 125 84.27 -74.62 -66.10
C GLU Y 125 83.11 -75.58 -66.34
N ALA Y 126 83.33 -76.65 -67.12
CA ALA Y 126 82.31 -77.68 -67.28
C ALA Y 126 82.11 -78.43 -65.97
N ASP Y 127 83.18 -78.64 -65.23
CA ASP Y 127 83.05 -79.17 -63.88
C ASP Y 127 82.54 -78.10 -62.91
N GLY Y 128 82.64 -76.82 -63.30
CA GLY Y 128 82.25 -75.75 -62.40
C GLY Y 128 80.75 -75.69 -62.14
N SER Y 129 79.95 -75.76 -63.20
CA SER Y 129 78.50 -75.67 -63.04
C SER Y 129 77.90 -77.05 -62.80
N ASP Y 130 76.76 -77.07 -62.12
CA ASP Y 130 76.08 -78.33 -61.86
C ASP Y 130 75.41 -78.88 -63.10
N SER Y 131 74.76 -78.02 -63.88
CA SER Y 131 74.09 -78.42 -65.11
C SER Y 131 74.60 -77.59 -66.27
N LEU Y 132 74.28 -78.01 -67.47
CA LEU Y 132 74.74 -77.33 -68.67
C LEU Y 132 73.66 -77.42 -69.74
N GLU Y 133 73.49 -76.34 -70.49
CA GLU Y 133 72.52 -76.33 -71.57
C GLU Y 133 73.20 -76.12 -72.91
N GLY Y 134 74.20 -75.25 -72.96
CA GLY Y 134 74.85 -74.97 -74.23
C GLY Y 134 76.11 -74.15 -74.08
N PHE Y 135 76.82 -74.02 -75.18
CA PHE Y 135 78.03 -73.20 -75.27
C PHE Y 135 77.78 -72.08 -76.28
N VAL Y 136 77.78 -70.85 -75.78
CA VAL Y 136 77.54 -69.67 -76.62
C VAL Y 136 78.91 -69.06 -76.93
N LEU Y 137 79.24 -69.00 -78.21
CA LEU Y 137 80.54 -68.53 -78.66
C LEU Y 137 80.43 -67.08 -79.13
N CYS Y 138 81.11 -66.18 -78.45
CA CYS Y 138 81.29 -64.81 -78.93
C CYS Y 138 82.32 -64.86 -80.04
N HIS Y 139 81.85 -64.69 -81.27
CA HIS Y 139 82.68 -64.95 -82.43
C HIS Y 139 82.49 -63.86 -83.46
N SER Y 140 83.56 -63.60 -84.22
CA SER Y 140 83.51 -62.69 -85.34
C SER Y 140 84.02 -63.43 -86.57
N ILE Y 141 83.24 -63.40 -87.65
CA ILE Y 141 83.56 -64.13 -88.86
C ILE Y 141 84.52 -63.29 -89.69
N ALA Y 142 85.69 -63.87 -90.00
CA ALA Y 142 86.80 -63.21 -90.69
C ALA Y 142 87.23 -61.94 -89.98
N GLY Y 143 87.25 -62.00 -88.64
CA GLY Y 143 87.75 -60.90 -87.85
C GLY Y 143 89.24 -60.97 -87.62
N GLY Y 144 89.90 -61.99 -88.17
CA GLY Y 144 91.32 -62.13 -88.01
C GLY Y 144 91.67 -62.80 -86.69
N THR Y 145 91.45 -62.06 -85.60
CA THR Y 145 91.73 -62.59 -84.26
C THR Y 145 90.78 -63.72 -83.90
N GLY Y 146 89.49 -63.54 -84.15
CA GLY Y 146 88.53 -64.59 -83.85
C GLY Y 146 88.60 -65.74 -84.84
N SER Y 147 89.00 -65.44 -86.07
CA SER Y 147 88.96 -66.40 -87.17
C SER Y 147 90.04 -67.48 -87.01
N GLY Y 148 89.70 -68.68 -87.46
CA GLY Y 148 90.62 -69.80 -87.40
C GLY Y 148 90.64 -70.49 -86.05
N LEU Y 149 91.02 -69.74 -85.02
CA LEU Y 149 90.93 -70.24 -83.66
C LEU Y 149 89.49 -70.56 -83.28
N GLY Y 150 88.55 -69.72 -83.72
CA GLY Y 150 87.14 -69.98 -83.46
C GLY Y 150 86.63 -71.21 -84.17
N SER Y 151 87.04 -71.40 -85.43
CA SER Y 151 86.62 -72.57 -86.18
C SER Y 151 87.23 -73.84 -85.62
N TYR Y 152 88.49 -73.78 -85.20
CA TYR Y 152 89.15 -74.94 -84.61
C TYR Y 152 88.53 -75.31 -83.27
N LEU Y 153 88.26 -74.30 -82.44
CA LEU Y 153 87.60 -74.55 -81.17
C LEU Y 153 86.18 -75.05 -81.35
N LEU Y 154 85.52 -74.64 -82.43
CA LEU Y 154 84.20 -75.16 -82.76
C LEU Y 154 84.27 -76.65 -83.07
N GLU Y 155 85.30 -77.07 -83.81
CA GLU Y 155 85.53 -78.49 -84.05
C GLU Y 155 85.83 -79.23 -82.75
N ARG Y 156 86.61 -78.62 -81.86
CA ARG Y 156 86.95 -79.29 -80.60
C ARG Y 156 85.71 -79.45 -79.71
N LEU Y 157 84.87 -78.42 -79.66
CA LEU Y 157 83.70 -78.48 -78.79
C LEU Y 157 82.66 -79.46 -79.30
N ASN Y 158 82.39 -79.46 -80.61
CA ASN Y 158 81.34 -80.35 -81.11
C ASN Y 158 81.81 -81.79 -81.15
N ASP Y 159 83.12 -82.02 -81.33
CA ASP Y 159 83.61 -83.39 -81.29
C ASP Y 159 83.67 -83.91 -79.86
N ARG Y 160 84.14 -83.08 -78.92
CA ARG Y 160 84.38 -83.56 -77.57
C ARG Y 160 83.08 -83.78 -76.80
N TYR Y 161 82.08 -82.95 -77.04
CA TYR Y 161 80.81 -83.06 -76.33
C TYR Y 161 79.67 -83.12 -77.34
N PRO Y 162 79.18 -84.32 -77.65
CA PRO Y 162 78.07 -84.44 -78.60
C PRO Y 162 76.69 -84.31 -77.96
N LYS Y 163 76.63 -84.18 -76.64
CA LYS Y 163 75.35 -84.18 -75.94
C LYS Y 163 74.84 -82.79 -75.63
N LYS Y 164 75.61 -81.75 -75.91
CA LYS Y 164 75.22 -80.39 -75.59
C LYS Y 164 74.99 -79.58 -76.85
N LEU Y 165 74.59 -78.33 -76.66
CA LEU Y 165 74.30 -77.41 -77.75
C LEU Y 165 75.48 -76.47 -77.99
N VAL Y 166 75.67 -76.10 -79.24
CA VAL Y 166 76.68 -75.13 -79.63
C VAL Y 166 75.98 -73.97 -80.31
N GLN Y 167 76.15 -72.77 -79.74
CA GLN Y 167 75.64 -71.56 -80.36
C GLN Y 167 76.79 -70.63 -80.73
N THR Y 168 76.65 -69.99 -81.88
CA THR Y 168 77.68 -69.08 -82.38
C THR Y 168 77.01 -67.80 -82.85
N TYR Y 169 77.18 -66.73 -82.07
CA TYR Y 169 76.75 -65.41 -82.49
C TYR Y 169 77.78 -64.87 -83.47
N SER Y 170 77.33 -64.60 -84.69
CA SER Y 170 78.26 -64.35 -85.79
C SER Y 170 77.85 -63.09 -86.52
N VAL Y 171 78.84 -62.39 -87.04
CA VAL Y 171 78.64 -61.23 -87.90
C VAL Y 171 78.85 -61.66 -89.34
N PHE Y 172 78.27 -60.91 -90.27
CA PHE Y 172 78.54 -61.20 -91.68
C PHE Y 172 79.58 -60.22 -92.20
N PRO Y 173 80.69 -60.72 -92.76
CA PRO Y 173 81.84 -59.85 -93.03
C PRO Y 173 81.64 -58.93 -94.22
N ASN Y 174 80.93 -57.82 -93.98
CA ASN Y 174 80.81 -56.75 -94.95
C ASN Y 174 80.74 -55.43 -94.20
N GLN Y 175 81.87 -54.75 -94.09
CA GLN Y 175 81.96 -53.51 -93.35
C GLN Y 175 82.30 -52.33 -94.24
N ASP Y 176 81.91 -52.39 -95.52
CA ASP Y 176 82.16 -51.37 -96.54
C ASP Y 176 83.66 -51.15 -96.73
N GLU Y 177 84.40 -52.26 -96.73
CA GLU Y 177 85.86 -52.25 -96.77
C GLU Y 177 86.39 -51.80 -98.12
N ASP Y 180 93.71 -53.32 -96.42
CA ASP Y 180 92.68 -54.08 -97.10
C ASP Y 180 93.01 -55.57 -97.09
N VAL Y 181 92.00 -56.38 -96.81
CA VAL Y 181 92.16 -57.83 -96.71
C VAL Y 181 91.42 -58.50 -97.85
N VAL Y 182 92.15 -59.21 -98.71
CA VAL Y 182 91.55 -59.91 -99.84
C VAL Y 182 91.49 -61.41 -99.61
N VAL Y 183 92.09 -61.90 -98.52
CA VAL Y 183 91.97 -63.30 -98.12
C VAL Y 183 90.71 -63.52 -97.28
N GLN Y 184 90.00 -62.43 -96.97
CA GLN Y 184 88.76 -62.48 -96.20
C GLN Y 184 87.65 -63.38 -96.78
N PRO Y 185 87.41 -63.45 -98.10
CA PRO Y 185 86.44 -64.46 -98.57
C PRO Y 185 86.88 -65.90 -98.33
N TYR Y 186 88.19 -66.19 -98.43
CA TYR Y 186 88.69 -67.53 -98.14
C TYR Y 186 88.49 -67.88 -96.68
N ASN Y 187 88.80 -66.93 -95.79
CA ASN Y 187 88.66 -67.13 -94.36
C ASN Y 187 87.20 -67.32 -93.97
N SER Y 188 86.31 -66.48 -94.51
CA SER Y 188 84.89 -66.59 -94.23
C SER Y 188 84.30 -67.87 -94.80
N LEU Y 189 84.82 -68.32 -95.95
CA LEU Y 189 84.33 -69.56 -96.55
C LEU Y 189 84.72 -70.78 -95.72
N LEU Y 190 85.97 -70.82 -95.26
CA LEU Y 190 86.40 -71.93 -94.40
C LEU Y 190 85.67 -71.91 -93.05
N THR Y 191 85.50 -70.72 -92.48
CA THR Y 191 84.77 -70.60 -91.22
C THR Y 191 83.30 -70.98 -91.39
N LEU Y 192 82.72 -70.68 -92.56
CA LEU Y 192 81.33 -71.02 -92.80
C LEU Y 192 81.16 -72.52 -93.00
N LYS Y 193 82.17 -73.17 -93.59
CA LYS Y 193 82.18 -74.64 -93.66
C LYS Y 193 82.14 -75.24 -92.26
N ARG Y 194 82.95 -74.70 -91.36
CA ARG Y 194 82.94 -75.15 -89.97
C ARG Y 194 81.62 -74.84 -89.30
N LEU Y 195 81.01 -73.70 -89.62
CA LEU Y 195 79.74 -73.32 -89.02
C LEU Y 195 78.61 -74.23 -89.46
N THR Y 196 78.60 -74.63 -90.74
CA THR Y 196 77.56 -75.52 -91.22
C THR Y 196 77.73 -76.92 -90.69
N GLN Y 197 78.97 -77.37 -90.49
CA GLN Y 197 79.22 -78.76 -90.16
C GLN Y 197 79.40 -79.03 -88.68
N ASN Y 198 79.84 -78.04 -87.90
CA ASN Y 198 80.24 -78.26 -86.52
C ASN Y 198 79.41 -77.45 -85.53
N ALA Y 199 78.20 -77.04 -85.91
CA ALA Y 199 77.37 -76.25 -85.02
C ALA Y 199 75.93 -76.74 -85.10
N ASP Y 200 75.22 -76.62 -83.97
CA ASP Y 200 73.80 -76.95 -83.90
C ASP Y 200 72.93 -75.79 -84.33
N CYS Y 201 73.34 -74.56 -84.05
CA CYS Y 201 72.58 -73.37 -84.42
C CYS Y 201 73.57 -72.22 -84.53
N VAL Y 202 73.31 -71.32 -85.48
CA VAL Y 202 74.14 -70.14 -85.68
C VAL Y 202 73.22 -68.92 -85.75
N VAL Y 203 73.54 -67.89 -84.96
CA VAL Y 203 72.87 -66.60 -85.04
C VAL Y 203 73.76 -65.65 -85.82
N VAL Y 204 73.28 -65.18 -86.97
CA VAL Y 204 74.07 -64.38 -87.88
C VAL Y 204 73.49 -62.97 -87.95
N LEU Y 205 74.36 -61.98 -87.95
CA LEU Y 205 73.99 -60.60 -88.16
C LEU Y 205 74.84 -60.03 -89.29
N ASP Y 206 74.38 -58.92 -89.87
CA ASP Y 206 75.13 -58.23 -90.91
C ASP Y 206 75.76 -56.97 -90.33
N ASN Y 207 77.06 -56.80 -90.58
CA ASN Y 207 77.75 -55.60 -90.12
C ASN Y 207 77.27 -54.36 -90.88
N THR Y 208 76.96 -54.52 -92.17
CA THR Y 208 76.50 -53.39 -92.96
C THR Y 208 75.10 -52.96 -92.54
N ALA Y 209 74.25 -53.91 -92.15
CA ALA Y 209 72.90 -53.58 -91.71
C ALA Y 209 72.91 -52.79 -90.42
N LEU Y 210 73.67 -53.25 -89.43
CA LEU Y 210 73.80 -52.52 -88.17
C LEU Y 210 74.52 -51.19 -88.38
N ASN Y 211 75.44 -51.14 -89.35
CA ASN Y 211 76.10 -49.89 -89.69
C ASN Y 211 75.12 -48.87 -90.28
N ARG Y 212 74.24 -49.34 -91.16
CA ARG Y 212 73.20 -48.48 -91.74
C ARG Y 212 72.25 -47.99 -90.67
N ILE Y 213 71.83 -48.88 -89.77
CA ILE Y 213 70.90 -48.51 -88.70
C ILE Y 213 71.55 -47.51 -87.73
N ALA Y 214 72.85 -47.69 -87.45
CA ALA Y 214 73.55 -46.79 -86.54
C ALA Y 214 73.76 -45.41 -87.15
N THR Y 215 74.18 -45.37 -88.43
CA THR Y 215 74.31 -44.10 -89.14
C THR Y 215 72.96 -43.47 -89.42
N ASP Y 216 71.88 -44.24 -89.32
CA ASP Y 216 70.53 -43.67 -89.40
C ASP Y 216 70.13 -42.99 -88.09
N ARG Y 217 70.11 -43.76 -86.99
CA ARG Y 217 69.50 -43.28 -85.75
C ARG Y 217 70.32 -42.18 -85.09
N LEU Y 218 71.63 -42.21 -85.26
CA LEU Y 218 72.49 -41.09 -84.90
C LEU Y 218 73.19 -40.61 -86.16
N HIS Y 219 74.18 -39.74 -85.97
CA HIS Y 219 74.98 -39.24 -87.07
C HIS Y 219 76.43 -39.54 -86.78
N ILE Y 220 76.69 -40.76 -86.32
CA ILE Y 220 78.02 -41.24 -85.99
C ILE Y 220 78.61 -41.89 -87.22
N GLN Y 221 79.90 -41.66 -87.44
CA GLN Y 221 80.62 -42.27 -88.54
C GLN Y 221 81.85 -43.02 -88.05
N ASN Y 222 82.59 -42.45 -87.11
CA ASN Y 222 83.81 -43.06 -86.60
C ASN Y 222 83.60 -44.12 -85.51
N PRO Y 223 82.83 -43.90 -84.39
CA PRO Y 223 82.75 -44.95 -83.38
C PRO Y 223 81.69 -46.01 -83.67
N SER Y 224 81.68 -46.55 -84.89
CA SER Y 224 80.63 -47.48 -85.28
C SER Y 224 80.76 -48.80 -84.54
N PHE Y 225 82.00 -49.21 -84.22
CA PHE Y 225 82.26 -50.50 -83.58
C PHE Y 225 81.56 -50.60 -82.23
N SER Y 226 81.76 -49.59 -81.37
CA SER Y 226 81.24 -49.60 -80.01
C SER Y 226 79.72 -49.58 -80.00
N GLN Y 227 79.12 -48.86 -80.95
CA GLN Y 227 77.66 -48.77 -80.98
C GLN Y 227 77.06 -50.07 -81.50
N ILE Y 228 77.70 -50.70 -82.49
CA ILE Y 228 77.32 -52.04 -82.90
C ILE Y 228 77.42 -53.02 -81.74
N ASN Y 229 78.43 -52.86 -80.87
CA ASN Y 229 78.57 -53.69 -79.67
C ASN Y 229 77.37 -53.52 -78.75
N GLN Y 230 76.87 -52.28 -78.61
CA GLN Y 230 75.66 -52.02 -77.82
C GLN Y 230 74.48 -52.78 -78.40
N LEU Y 231 74.36 -52.78 -79.73
CA LEU Y 231 73.25 -53.46 -80.39
C LEU Y 231 73.28 -54.96 -80.17
N VAL Y 232 74.45 -55.59 -80.35
CA VAL Y 232 74.49 -57.06 -80.26
C VAL Y 232 74.33 -57.49 -78.81
N SER Y 233 74.86 -56.69 -77.87
CA SER Y 233 74.69 -57.01 -76.45
C SER Y 233 73.23 -56.89 -76.02
N THR Y 234 72.52 -55.88 -76.55
CA THR Y 234 71.09 -55.77 -76.25
C THR Y 234 70.30 -56.93 -76.86
N ILE Y 235 70.68 -57.36 -78.06
CA ILE Y 235 70.01 -58.50 -78.69
C ILE Y 235 70.29 -59.79 -77.92
N MET Y 236 71.52 -59.96 -77.45
CA MET Y 236 71.88 -61.17 -76.72
C MET Y 236 71.21 -61.24 -75.36
N SER Y 237 71.02 -60.09 -74.71
CA SER Y 237 70.25 -60.06 -73.48
C SER Y 237 68.77 -60.34 -73.75
N ALA Y 238 68.27 -59.78 -74.86
CA ALA Y 238 66.85 -59.93 -75.19
C ALA Y 238 66.51 -61.37 -75.56
N SER Y 239 67.44 -62.08 -76.22
CA SER Y 239 67.19 -63.45 -76.63
C SER Y 239 67.19 -64.41 -75.45
N THR Y 240 68.00 -64.17 -74.43
CA THR Y 240 68.08 -65.04 -73.27
C THR Y 240 67.31 -64.51 -72.07
N THR Y 241 66.53 -63.44 -72.23
CA THR Y 241 65.61 -63.01 -71.18
C THR Y 241 64.61 -64.10 -70.80
N THR Y 242 64.14 -64.88 -71.77
CA THR Y 242 63.17 -65.94 -71.47
C THR Y 242 63.82 -67.12 -70.75
N LEU Y 243 65.15 -67.26 -70.85
CA LEU Y 243 65.84 -68.25 -70.05
C LEU Y 243 66.20 -67.70 -68.67
N ARG Y 244 66.61 -66.43 -68.62
CA ARG Y 244 67.03 -65.83 -67.36
C ARG Y 244 65.85 -65.52 -66.47
N TYR Y 245 64.66 -65.32 -67.05
CA TYR Y 245 63.47 -65.09 -66.26
C TYR Y 245 62.50 -66.23 -66.51
N PRO Y 246 62.02 -66.90 -65.46
CA PRO Y 246 61.27 -68.14 -65.65
C PRO Y 246 59.91 -67.92 -66.26
N GLY Y 247 59.71 -68.55 -67.42
CA GLY Y 247 58.45 -68.50 -68.10
C GLY Y 247 57.78 -69.86 -68.07
N TYR Y 248 57.43 -70.32 -69.27
CA TYR Y 248 56.70 -71.57 -69.43
C TYR Y 248 57.36 -72.42 -70.50
N MET Y 249 58.07 -71.78 -71.41
CA MET Y 249 58.78 -72.42 -72.50
C MET Y 249 59.98 -71.54 -72.83
N ASN Y 250 61.01 -72.16 -73.40
CA ASN Y 250 62.31 -71.55 -73.71
C ASN Y 250 62.96 -71.04 -72.43
N ASN Y 251 62.80 -71.81 -71.35
CA ASN Y 251 63.68 -71.74 -70.20
C ASN Y 251 64.83 -72.72 -70.36
N ASP Y 252 64.89 -73.38 -71.52
CA ASP Y 252 66.05 -74.10 -72.01
C ASP Y 252 66.28 -73.62 -73.43
N LEU Y 253 67.52 -73.75 -73.89
CA LEU Y 253 67.89 -73.21 -75.19
C LEU Y 253 67.26 -74.01 -76.32
N ILE Y 254 67.18 -75.34 -76.14
CA ILE Y 254 66.85 -76.26 -77.23
C ILE Y 254 65.40 -76.07 -77.67
N GLY Y 255 64.53 -75.58 -76.79
CA GLY Y 255 63.16 -75.32 -77.20
C GLY Y 255 63.01 -74.15 -78.14
N LEU Y 256 63.76 -73.08 -77.89
CA LEU Y 256 63.79 -71.95 -78.81
C LEU Y 256 64.51 -72.33 -80.10
N ILE Y 257 65.55 -73.17 -79.99
CA ILE Y 257 66.31 -73.62 -81.15
C ILE Y 257 65.48 -74.56 -82.03
N ALA Y 258 64.51 -75.26 -81.43
CA ALA Y 258 63.83 -76.37 -82.10
C ALA Y 258 62.92 -75.90 -83.22
N SER Y 259 62.08 -74.89 -82.97
CA SER Y 259 61.02 -74.54 -83.91
C SER Y 259 61.57 -73.86 -85.16
N LEU Y 260 62.62 -73.05 -85.01
CA LEU Y 260 63.13 -72.31 -86.15
C LEU Y 260 63.94 -73.20 -87.09
N ILE Y 261 64.53 -74.26 -86.57
CA ILE Y 261 65.43 -75.12 -87.33
C ILE Y 261 64.70 -76.39 -87.72
N PRO Y 262 64.37 -76.57 -89.00
CA PRO Y 262 63.57 -77.74 -89.39
C PRO Y 262 64.41 -78.97 -89.71
N THR Y 263 65.72 -78.78 -89.86
CA THR Y 263 66.62 -79.78 -90.42
C THR Y 263 68.05 -79.31 -90.12
N PRO Y 264 69.01 -80.24 -89.98
CA PRO Y 264 70.36 -79.84 -89.52
C PRO Y 264 71.14 -78.92 -90.44
N ARG Y 265 70.69 -78.67 -91.66
CA ARG Y 265 71.43 -77.79 -92.55
C ARG Y 265 70.95 -76.35 -92.47
N LEU Y 266 69.66 -76.13 -92.24
CA LEU Y 266 69.15 -74.77 -92.14
C LEU Y 266 69.06 -74.42 -90.66
N HIS Y 267 70.16 -73.90 -90.11
CA HIS Y 267 70.20 -73.57 -88.70
C HIS Y 267 70.69 -72.15 -88.48
N PHE Y 268 70.53 -71.31 -89.49
CA PHE Y 268 71.01 -69.93 -89.47
C PHE Y 268 69.80 -69.01 -89.32
N LEU Y 269 69.86 -68.12 -88.32
CA LEU Y 269 68.68 -67.40 -87.86
C LEU Y 269 68.86 -65.90 -88.05
N MET Y 270 67.85 -65.25 -88.61
CA MET Y 270 67.86 -63.80 -88.74
C MET Y 270 67.54 -63.15 -87.40
N THR Y 271 68.02 -61.92 -87.22
CA THR Y 271 67.81 -61.17 -86.00
C THR Y 271 66.82 -60.04 -86.26
N GLY Y 272 65.78 -59.98 -85.43
CA GLY Y 272 64.89 -58.84 -85.41
C GLY Y 272 64.64 -58.36 -84.00
N TYR Y 273 64.34 -57.07 -83.88
CA TYR Y 273 64.03 -56.42 -82.62
C TYR Y 273 63.33 -55.11 -82.95
N THR Y 274 62.11 -54.93 -82.43
CA THR Y 274 61.18 -54.00 -83.08
C THR Y 274 61.46 -52.53 -82.73
N PRO Y 275 61.76 -52.15 -81.48
CA PRO Y 275 62.43 -50.86 -81.31
C PRO Y 275 63.83 -50.97 -81.87
N LEU Y 276 64.21 -50.08 -82.74
CA LEU Y 276 65.62 -49.78 -82.89
C LEU Y 276 66.05 -48.68 -81.92
N THR Y 277 65.13 -48.27 -81.05
CA THR Y 277 65.29 -47.14 -80.15
C THR Y 277 65.22 -47.59 -78.70
N THR Y 278 66.14 -47.08 -77.88
CA THR Y 278 65.96 -47.00 -76.43
C THR Y 278 66.50 -45.66 -75.94
N ASP Y 279 67.19 -44.95 -76.81
CA ASP Y 279 67.84 -43.68 -76.47
C ASP Y 279 66.88 -42.51 -76.68
N LYS Y 287 50.34 -46.19 -74.90
CA LYS Y 287 51.31 -45.62 -75.82
C LYS Y 287 51.58 -46.59 -76.96
N THR Y 288 52.38 -47.61 -76.69
CA THR Y 288 52.68 -48.64 -77.67
C THR Y 288 51.90 -49.91 -77.33
N THR Y 289 51.41 -50.57 -78.38
CA THR Y 289 50.68 -51.82 -78.20
C THR Y 289 51.40 -52.94 -78.93
N VAL Y 290 50.92 -54.16 -78.68
CA VAL Y 290 51.48 -55.34 -79.33
C VAL Y 290 51.16 -55.33 -80.82
N LEU Y 291 50.00 -54.80 -81.17
CA LEU Y 291 49.50 -54.83 -82.54
C LEU Y 291 50.38 -54.00 -83.47
N ASP Y 292 50.76 -52.81 -83.00
CA ASP Y 292 51.60 -51.92 -83.79
C ASP Y 292 53.02 -52.46 -83.90
N VAL Y 293 53.56 -53.02 -82.81
CA VAL Y 293 54.93 -53.49 -82.89
C VAL Y 293 55.00 -54.82 -83.67
N MET Y 294 53.89 -55.55 -83.78
CA MET Y 294 53.90 -56.72 -84.64
C MET Y 294 53.99 -56.32 -86.11
N ARG Y 295 53.13 -55.38 -86.53
CA ARG Y 295 53.19 -54.91 -87.91
C ARG Y 295 54.47 -54.11 -88.18
N ARG Y 296 55.05 -53.51 -87.14
CA ARG Y 296 56.33 -52.82 -87.29
C ARG Y 296 57.48 -53.81 -87.36
N LEU Y 297 57.30 -54.99 -86.77
CA LEU Y 297 58.36 -55.98 -86.81
C LEU Y 297 58.44 -56.66 -88.17
N LEU Y 298 57.29 -56.87 -88.82
CA LEU Y 298 57.27 -57.71 -90.01
C LEU Y 298 57.89 -57.07 -91.26
N GLN Y 299 58.29 -55.80 -91.21
CA GLN Y 299 58.93 -55.24 -92.39
C GLN Y 299 60.41 -55.64 -92.42
N PRO Y 300 61.02 -55.74 -93.62
CA PRO Y 300 62.44 -56.13 -93.67
C PRO Y 300 63.40 -54.98 -93.39
N LYS Y 301 62.90 -53.83 -92.96
CA LYS Y 301 63.75 -52.72 -92.56
C LYS Y 301 63.67 -52.40 -91.08
N ASN Y 302 62.84 -53.12 -90.33
CA ASN Y 302 63.08 -53.28 -88.90
C ASN Y 302 63.81 -54.58 -88.59
N VAL Y 303 64.25 -55.31 -89.62
CA VAL Y 303 65.14 -56.44 -89.44
C VAL Y 303 66.57 -55.92 -89.43
N MET Y 304 67.36 -56.39 -88.46
CA MET Y 304 68.75 -55.95 -88.31
C MET Y 304 69.70 -56.78 -89.14
N VAL Y 305 69.17 -57.58 -90.07
CA VAL Y 305 69.94 -58.25 -91.12
C VAL Y 305 69.38 -57.79 -92.47
N SER Y 306 70.15 -56.99 -93.18
CA SER Y 306 69.68 -56.40 -94.42
C SER Y 306 70.52 -56.88 -95.59
N THR Y 313 62.80 -63.39 -107.58
CA THR Y 313 62.68 -64.74 -107.05
C THR Y 313 61.77 -64.78 -105.82
N ASN Y 314 61.46 -65.99 -105.36
CA ASN Y 314 60.63 -66.16 -104.18
C ASN Y 314 61.50 -66.39 -102.95
N HIS Y 315 61.39 -65.49 -101.97
CA HIS Y 315 62.07 -65.64 -100.70
C HIS Y 315 61.05 -65.75 -99.59
N CYS Y 316 61.16 -66.82 -98.81
CA CYS Y 316 60.12 -67.19 -97.88
C CYS Y 316 60.75 -67.70 -96.61
N TYR Y 317 60.22 -67.26 -95.47
CA TYR Y 317 60.73 -67.73 -94.20
C TYR Y 317 60.37 -69.20 -93.98
N ILE Y 318 61.26 -69.91 -93.31
CA ILE Y 318 60.93 -71.24 -92.84
C ILE Y 318 60.07 -71.17 -91.59
N ALA Y 319 60.54 -70.46 -90.57
CA ALA Y 319 59.81 -70.30 -89.32
C ALA Y 319 60.28 -69.04 -88.62
N ILE Y 320 59.34 -68.33 -88.02
CA ILE Y 320 59.64 -67.12 -87.26
C ILE Y 320 59.23 -67.40 -85.82
N LEU Y 321 59.96 -66.82 -84.87
CA LEU Y 321 59.53 -66.82 -83.49
C LEU Y 321 59.77 -65.45 -82.91
N ASN Y 322 58.74 -64.88 -82.31
CA ASN Y 322 58.87 -63.58 -81.69
C ASN Y 322 58.63 -63.70 -80.20
N ILE Y 323 59.41 -62.94 -79.43
CA ILE Y 323 59.28 -62.88 -77.98
C ILE Y 323 59.06 -61.44 -77.60
N ILE Y 324 58.02 -61.19 -76.80
CA ILE Y 324 57.66 -59.83 -76.40
C ILE Y 324 57.82 -59.71 -74.89
N GLN Y 325 58.15 -58.51 -74.44
CA GLN Y 325 58.35 -58.21 -73.03
C GLN Y 325 57.75 -56.84 -72.73
N GLY Y 326 56.79 -56.81 -71.81
CA GLY Y 326 56.21 -55.55 -71.42
C GLY Y 326 54.91 -55.68 -70.67
N GLU Y 327 54.14 -54.59 -70.71
CA GLU Y 327 52.86 -54.49 -70.01
C GLU Y 327 51.75 -54.99 -70.94
N VAL Y 328 51.81 -56.26 -71.30
CA VAL Y 328 51.02 -56.79 -72.41
C VAL Y 328 49.65 -57.20 -71.91
N ASP Y 329 48.62 -56.57 -72.45
CA ASP Y 329 47.28 -57.11 -72.35
C ASP Y 329 47.19 -58.42 -73.13
N PRO Y 330 46.67 -59.48 -72.54
CA PRO Y 330 46.69 -60.79 -73.21
C PRO Y 330 45.75 -60.90 -74.42
N THR Y 331 44.77 -59.99 -74.53
CA THR Y 331 43.91 -59.97 -75.70
C THR Y 331 44.62 -59.33 -76.90
N GLN Y 332 45.67 -58.54 -76.64
CA GLN Y 332 46.34 -57.80 -77.70
C GLN Y 332 47.11 -58.71 -78.64
N VAL Y 333 47.79 -59.73 -78.09
CA VAL Y 333 48.55 -60.66 -78.92
C VAL Y 333 47.60 -61.50 -79.78
N HIS Y 334 46.38 -61.70 -79.27
CA HIS Y 334 45.39 -62.55 -79.89
C HIS Y 334 44.85 -61.89 -81.17
N LYS Y 335 44.39 -60.66 -81.05
CA LYS Y 335 43.86 -59.95 -82.20
C LYS Y 335 44.98 -59.42 -83.11
N SER Y 336 46.16 -59.17 -82.55
CA SER Y 336 47.31 -58.86 -83.40
C SER Y 336 47.65 -60.03 -84.31
N LEU Y 337 47.61 -61.25 -83.79
CA LEU Y 337 47.90 -62.42 -84.62
C LEU Y 337 46.78 -62.65 -85.63
N GLN Y 338 45.54 -62.32 -85.26
CA GLN Y 338 44.44 -62.23 -86.23
C GLN Y 338 44.79 -61.30 -87.39
N ARG Y 339 45.23 -60.07 -87.09
CA ARG Y 339 45.55 -59.10 -88.14
C ARG Y 339 46.72 -59.56 -89.00
N ILE Y 340 47.72 -60.19 -88.37
CA ILE Y 340 48.88 -60.70 -89.10
C ILE Y 340 48.48 -61.82 -90.05
N ARG Y 341 47.47 -62.62 -89.66
CA ARG Y 341 47.01 -63.65 -90.58
C ARG Y 341 46.32 -63.06 -91.80
N GLU Y 342 45.29 -62.24 -91.59
CA GLU Y 342 44.48 -61.84 -92.75
C GLU Y 342 45.14 -60.71 -93.55
N ARG Y 343 46.19 -60.10 -93.00
CA ARG Y 343 46.99 -59.20 -93.82
C ARG Y 343 48.03 -59.93 -94.65
N LYS Y 344 48.57 -61.03 -94.13
CA LYS Y 344 49.64 -61.82 -94.75
C LYS Y 344 50.90 -60.97 -94.96
N LEU Y 345 51.41 -60.39 -93.89
CA LEU Y 345 52.61 -59.56 -93.96
C LEU Y 345 53.90 -60.29 -93.62
N ALA Y 346 53.87 -61.62 -93.56
CA ALA Y 346 54.99 -62.47 -93.22
C ALA Y 346 55.13 -63.49 -94.34
N ASN Y 347 56.35 -63.93 -94.61
CA ASN Y 347 56.57 -64.90 -95.67
C ASN Y 347 56.47 -66.30 -95.12
N PHE Y 348 55.71 -67.12 -95.82
CA PHE Y 348 55.11 -68.38 -95.40
C PHE Y 348 56.12 -69.51 -95.60
N ILE Y 349 55.75 -70.71 -95.16
CA ILE Y 349 56.52 -71.88 -95.51
C ILE Y 349 55.67 -72.78 -96.40
N PRO Y 350 56.14 -73.17 -97.59
CA PRO Y 350 55.35 -74.08 -98.44
C PRO Y 350 55.11 -75.44 -97.80
N TRP Y 351 56.18 -76.17 -97.53
CA TRP Y 351 56.08 -77.56 -97.10
C TRP Y 351 55.76 -77.69 -95.62
N GLY Y 352 54.59 -77.23 -95.19
CA GLY Y 352 54.19 -77.43 -93.83
C GLY Y 352 53.60 -76.19 -93.19
N PRO Y 353 53.20 -76.32 -91.92
CA PRO Y 353 53.03 -75.13 -91.07
C PRO Y 353 54.22 -74.91 -90.14
N ALA Y 354 54.80 -73.72 -90.22
CA ALA Y 354 55.81 -73.27 -89.27
C ALA Y 354 55.84 -71.75 -89.31
N SER Y 355 55.17 -71.12 -88.34
CA SER Y 355 54.83 -69.71 -88.49
C SER Y 355 55.36 -68.92 -87.32
N ILE Y 356 55.10 -67.61 -87.36
CA ILE Y 356 55.52 -66.72 -86.28
C ILE Y 356 54.74 -67.04 -85.01
N GLN Y 357 55.47 -67.28 -83.94
CA GLN Y 357 54.90 -67.73 -82.68
C GLN Y 357 55.03 -66.62 -81.66
N VAL Y 358 53.94 -66.35 -80.95
CA VAL Y 358 53.92 -65.29 -79.96
C VAL Y 358 54.40 -65.84 -78.64
N ALA Y 359 55.46 -65.25 -78.11
CA ALA Y 359 55.94 -65.58 -76.79
C ALA Y 359 55.97 -64.31 -75.95
N LEU Y 360 55.64 -64.47 -74.68
CA LEU Y 360 55.54 -63.35 -73.75
C LEU Y 360 56.56 -63.56 -72.64
N SER Y 361 57.30 -62.50 -72.35
CA SER Y 361 58.31 -62.55 -71.30
C SER Y 361 58.15 -61.36 -70.38
N ARG Y 362 58.85 -61.44 -69.25
CA ARG Y 362 58.74 -60.48 -68.17
C ARG Y 362 59.60 -59.26 -68.48
N LYS Y 363 59.10 -58.08 -68.13
CA LYS Y 363 59.92 -56.88 -68.25
C LYS Y 363 60.99 -56.88 -67.16
N SER Y 364 62.23 -56.62 -67.56
CA SER Y 364 63.36 -56.75 -66.66
C SER Y 364 63.42 -55.60 -65.66
N PRO Y 365 63.89 -55.83 -64.44
CA PRO Y 365 64.13 -54.72 -63.51
C PRO Y 365 65.35 -53.90 -63.93
N TYR Y 366 65.23 -52.58 -63.76
CA TYR Y 366 66.27 -51.59 -63.98
C TYR Y 366 66.65 -51.53 -65.47
N LEU Y 367 65.66 -51.60 -66.33
CA LEU Y 367 65.83 -51.30 -67.74
C LEU Y 367 65.17 -49.95 -68.03
N PRO Y 368 65.71 -49.15 -68.95
CA PRO Y 368 65.15 -47.82 -69.20
C PRO Y 368 63.76 -47.86 -69.81
N SER Y 369 62.89 -46.97 -69.33
CA SER Y 369 61.46 -47.01 -69.61
C SER Y 369 61.14 -46.29 -70.91
N ALA Y 370 61.68 -46.79 -72.01
CA ALA Y 370 61.26 -46.39 -73.35
C ALA Y 370 60.87 -47.65 -74.11
N HIS Y 371 59.83 -47.53 -74.94
CA HIS Y 371 59.19 -48.66 -75.63
C HIS Y 371 58.76 -49.73 -74.64
N ARG Y 372 57.80 -49.38 -73.78
CA ARG Y 372 57.33 -50.25 -72.70
C ARG Y 372 56.85 -51.62 -73.18
N VAL Y 373 56.25 -51.68 -74.36
CA VAL Y 373 55.96 -52.95 -75.02
C VAL Y 373 57.01 -53.14 -76.11
N SER Y 374 57.91 -54.09 -75.90
CA SER Y 374 59.04 -54.26 -76.81
C SER Y 374 59.20 -55.74 -77.13
N GLY Y 375 59.36 -56.04 -78.42
CA GLY Y 375 59.50 -57.40 -78.87
C GLY Y 375 60.69 -57.55 -79.79
N LEU Y 376 61.16 -58.79 -79.87
CA LEU Y 376 62.26 -59.17 -80.75
C LEU Y 376 61.85 -60.44 -81.47
N MET Y 377 62.47 -60.71 -82.61
CA MET Y 377 62.18 -61.93 -83.33
C MET Y 377 63.46 -62.63 -83.77
N MET Y 378 63.39 -63.95 -83.81
CA MET Y 378 64.39 -64.80 -84.45
C MET Y 378 63.68 -65.61 -85.50
N ALA Y 379 64.25 -65.66 -86.71
CA ALA Y 379 63.55 -66.24 -87.84
C ALA Y 379 64.52 -66.96 -88.76
N ASN Y 380 64.06 -68.07 -89.34
CA ASN Y 380 64.82 -68.80 -90.35
C ASN Y 380 64.30 -68.37 -91.72
N HIS Y 381 65.10 -67.62 -92.45
CA HIS Y 381 64.72 -67.09 -93.75
C HIS Y 381 65.67 -67.63 -94.83
N THR Y 382 65.12 -67.85 -96.02
CA THR Y 382 65.92 -68.21 -97.18
C THR Y 382 66.65 -67.02 -97.80
N SER Y 383 66.40 -65.80 -97.31
CA SER Y 383 67.04 -64.62 -97.90
C SER Y 383 68.53 -64.54 -97.57
N ILE Y 384 68.96 -65.25 -96.52
CA ILE Y 384 70.37 -65.26 -96.17
C ILE Y 384 71.19 -66.08 -97.19
N SER Y 385 70.53 -66.91 -98.00
CA SER Y 385 71.19 -67.59 -99.09
C SER Y 385 71.76 -66.60 -100.10
N SER Y 386 71.07 -65.46 -100.28
CA SER Y 386 71.56 -64.42 -101.17
C SER Y 386 72.88 -63.84 -100.67
N LEU Y 387 72.99 -63.58 -99.37
CA LEU Y 387 74.22 -63.06 -98.79
C LEU Y 387 75.34 -64.09 -98.88
N PHE Y 388 74.99 -65.36 -98.66
CA PHE Y 388 75.95 -66.44 -98.79
C PHE Y 388 76.49 -66.56 -100.21
N GLU Y 389 75.61 -66.50 -101.22
CA GLU Y 389 76.07 -66.63 -102.59
C GLU Y 389 76.79 -65.37 -103.06
N ARG Y 390 76.49 -64.21 -102.46
CA ARG Y 390 77.28 -63.02 -102.75
C ARG Y 390 78.73 -63.20 -102.29
N THR Y 391 78.91 -63.68 -101.06
CA THR Y 391 80.26 -63.92 -100.57
C THR Y 391 80.92 -65.07 -101.31
N CYS Y 392 80.12 -66.06 -101.74
CA CYS Y 392 80.63 -67.11 -102.61
C CYS Y 392 81.06 -66.56 -103.95
N ARG Y 393 80.35 -65.56 -104.47
CA ARG Y 393 80.72 -64.96 -105.75
C ARG Y 393 82.00 -64.16 -105.61
N GLN Y 394 82.18 -63.47 -104.48
CA GLN Y 394 83.44 -62.80 -104.20
C GLN Y 394 84.60 -63.79 -104.11
N TYR Y 395 84.38 -64.90 -103.41
CA TYR Y 395 85.39 -65.96 -103.33
C TYR Y 395 85.68 -66.54 -104.70
N ASP Y 396 84.64 -66.74 -105.51
CA ASP Y 396 84.79 -67.31 -106.84
C ASP Y 396 85.57 -66.37 -107.75
N LYS Y 397 85.34 -65.07 -107.61
CA LYS Y 397 86.10 -64.08 -108.37
C LYS Y 397 87.57 -64.11 -108.01
N LEU Y 398 87.88 -63.99 -106.71
CA LEU Y 398 89.26 -63.98 -106.28
C LEU Y 398 89.95 -65.32 -106.52
N ARG Y 399 89.16 -66.41 -106.51
CA ARG Y 399 89.71 -67.73 -106.73
C ARG Y 399 89.98 -67.97 -108.21
N LYS Y 400 89.15 -67.42 -109.08
CA LYS Y 400 89.37 -67.55 -110.52
C LYS Y 400 90.54 -66.69 -110.96
N ARG Y 401 90.71 -65.53 -110.32
CA ARG Y 401 91.81 -64.65 -110.71
C ARG Y 401 93.15 -65.20 -110.26
N GLU Y 402 93.18 -65.92 -109.13
CA GLU Y 402 94.39 -66.49 -108.50
C GLU Y 402 95.48 -65.45 -108.28
N ALA Y 403 95.10 -64.36 -107.62
CA ALA Y 403 96.05 -63.32 -107.26
C ALA Y 403 95.80 -62.80 -105.86
N PHE Y 404 94.92 -63.45 -105.10
CA PHE Y 404 94.44 -62.91 -103.84
C PHE Y 404 94.51 -63.92 -102.71
N LEU Y 405 95.29 -64.99 -102.87
CA LEU Y 405 95.68 -65.82 -101.74
C LEU Y 405 96.82 -65.19 -100.98
N GLU Y 406 97.58 -64.30 -101.64
CA GLU Y 406 98.69 -63.48 -101.13
C GLU Y 406 99.92 -64.30 -100.74
N GLN Y 407 99.87 -65.62 -100.96
CA GLN Y 407 100.82 -66.61 -100.48
C GLN Y 407 101.10 -66.43 -98.99
N PHE Y 408 100.07 -66.62 -98.18
CA PHE Y 408 100.27 -66.65 -96.74
C PHE Y 408 100.94 -67.98 -96.40
N ARG Y 409 101.98 -67.90 -95.56
CA ARG Y 409 102.81 -69.07 -95.30
C ARG Y 409 102.07 -70.12 -94.48
N LYS Y 410 101.23 -69.66 -93.55
CA LYS Y 410 100.40 -70.61 -92.79
C LYS Y 410 99.32 -71.23 -93.67
N GLU Y 411 98.85 -70.47 -94.66
CA GLU Y 411 97.86 -71.02 -95.60
C GLU Y 411 98.49 -72.09 -96.49
N ASP Y 412 99.75 -71.88 -96.89
CA ASP Y 412 100.44 -72.87 -97.70
C ASP Y 412 100.82 -74.10 -96.87
N MET Y 413 101.34 -73.89 -95.66
CA MET Y 413 101.80 -75.00 -94.84
C MET Y 413 100.63 -75.80 -94.28
N PHE Y 414 99.49 -75.14 -94.05
CA PHE Y 414 98.30 -75.83 -93.58
C PHE Y 414 97.73 -76.74 -94.66
N LYS Y 415 97.67 -76.24 -95.89
CA LYS Y 415 97.18 -77.04 -97.02
C LYS Y 415 97.94 -76.61 -98.26
N ASP Y 416 98.89 -77.44 -98.69
CA ASP Y 416 99.68 -77.10 -99.87
C ASP Y 416 98.85 -77.24 -101.14
N ASN Y 417 97.81 -78.07 -101.11
CA ASN Y 417 96.95 -78.30 -102.26
C ASN Y 417 95.71 -77.42 -102.25
N PHE Y 418 95.38 -76.83 -101.09
CA PHE Y 418 94.23 -75.93 -100.90
C PHE Y 418 92.91 -76.60 -101.27
N ASP Y 419 92.81 -77.90 -100.97
CA ASP Y 419 91.60 -78.66 -101.25
C ASP Y 419 90.51 -78.39 -100.23
N GLU Y 420 90.86 -77.82 -99.07
CA GLU Y 420 89.85 -77.45 -98.09
C GLU Y 420 88.97 -76.32 -98.60
N MET Y 421 89.53 -75.44 -99.43
CA MET Y 421 88.73 -74.40 -100.07
C MET Y 421 87.72 -75.02 -101.04
N ASP Y 422 88.13 -76.06 -101.76
CA ASP Y 422 87.21 -76.77 -102.65
C ASP Y 422 86.14 -77.52 -101.87
N THR Y 423 86.51 -78.13 -100.75
CA THR Y 423 85.54 -78.85 -99.93
C THR Y 423 84.54 -77.90 -99.31
N SER Y 424 85.01 -76.75 -98.82
CA SER Y 424 84.14 -75.73 -98.27
C SER Y 424 83.23 -75.14 -99.33
N ARG Y 425 83.74 -74.98 -100.55
CA ARG Y 425 82.91 -74.51 -101.66
C ARG Y 425 81.83 -75.51 -102.01
N GLU Y 426 82.16 -76.81 -101.97
CA GLU Y 426 81.17 -77.86 -102.20
C GLU Y 426 80.11 -77.87 -101.11
N ILE Y 427 80.53 -77.72 -99.86
CA ILE Y 427 79.59 -77.73 -98.74
C ILE Y 427 78.67 -76.53 -98.78
N VAL Y 428 79.21 -75.35 -99.10
CA VAL Y 428 78.37 -74.16 -99.18
C VAL Y 428 77.50 -74.20 -100.43
N GLN Y 429 77.93 -74.92 -101.46
CA GLN Y 429 77.06 -75.09 -102.62
C GLN Y 429 75.90 -76.01 -102.31
N GLN Y 430 76.16 -77.09 -101.59
CA GLN Y 430 75.11 -77.97 -101.11
C GLN Y 430 74.15 -77.23 -100.18
N LEU Y 431 74.69 -76.31 -99.39
CA LEU Y 431 73.88 -75.48 -98.50
C LEU Y 431 72.95 -74.56 -99.29
N ILE Y 432 73.47 -73.91 -100.33
CA ILE Y 432 72.65 -73.06 -101.19
C ILE Y 432 71.59 -73.88 -101.91
N ASP Y 433 71.94 -75.09 -102.34
CA ASP Y 433 70.97 -75.95 -103.02
C ASP Y 433 69.88 -76.43 -102.07
N GLU Y 434 70.24 -76.74 -100.83
CA GLU Y 434 69.24 -77.13 -99.84
C GLU Y 434 68.36 -75.97 -99.45
N TYR Y 435 68.92 -74.74 -99.41
CA TYR Y 435 68.13 -73.54 -99.22
C TYR Y 435 67.09 -73.36 -100.31
N HIS Y 436 67.52 -73.48 -101.56
CA HIS Y 436 66.61 -73.34 -102.68
C HIS Y 436 65.63 -74.49 -102.76
N ALA Y 437 66.01 -75.67 -102.26
CA ALA Y 437 65.09 -76.80 -102.23
C ALA Y 437 64.03 -76.63 -101.16
N ALA Y 438 64.41 -76.03 -100.02
CA ALA Y 438 63.44 -75.71 -98.98
C ALA Y 438 62.50 -74.60 -99.42
N THR Y 439 62.97 -73.75 -100.34
CA THR Y 439 62.11 -72.73 -100.93
C THR Y 439 60.97 -73.37 -101.74
N ARG Y 440 61.22 -74.55 -102.31
CA ARG Y 440 60.25 -75.20 -103.18
C ARG Y 440 59.07 -75.73 -102.37
N PRO Y 441 57.91 -75.93 -103.02
CA PRO Y 441 56.81 -76.64 -102.34
C PRO Y 441 57.09 -78.10 -102.08
N ASP Y 442 58.07 -78.68 -102.78
CA ASP Y 442 58.53 -80.03 -102.48
C ASP Y 442 59.87 -79.92 -101.78
N TYR Y 443 59.96 -80.52 -100.61
CA TYR Y 443 61.26 -80.68 -99.98
C TYR Y 443 61.45 -82.18 -99.76
N ILE Y 444 60.85 -82.95 -100.67
CA ILE Y 444 61.26 -84.32 -100.95
C ILE Y 444 62.22 -84.32 -102.14
N SER Y 445 62.78 -83.16 -102.43
CA SER Y 445 63.86 -82.98 -103.39
C SER Y 445 64.98 -82.23 -102.70
N TRP Y 446 66.15 -82.85 -102.63
CA TRP Y 446 67.19 -82.44 -101.71
C TRP Y 446 68.41 -81.92 -102.46
N GLY Y 447 69.44 -81.55 -101.70
CA GLY Y 447 70.66 -81.02 -102.27
C GLY Y 447 71.84 -81.17 -101.34
N ARG Z 3 93.08 -81.22 -20.50
CA ARG Z 3 93.22 -80.64 -19.16
C ARG Z 3 93.98 -79.33 -19.20
N GLU Z 4 95.24 -79.35 -18.77
CA GLU Z 4 96.06 -78.15 -18.76
C GLU Z 4 97.16 -78.27 -19.81
N ILE Z 5 97.42 -77.17 -20.49
CA ILE Z 5 98.38 -77.13 -21.59
C ILE Z 5 99.55 -76.24 -21.20
N ILE Z 6 100.76 -76.74 -21.38
CA ILE Z 6 101.97 -75.99 -21.15
C ILE Z 6 102.57 -75.65 -22.52
N THR Z 7 102.68 -74.37 -22.81
CA THR Z 7 103.04 -73.88 -24.13
C THR Z 7 104.52 -73.51 -24.15
N LEU Z 8 105.21 -74.00 -25.17
CA LEU Z 8 106.64 -73.81 -25.28
C LEU Z 8 106.92 -72.91 -26.48
N GLN Z 9 107.78 -71.92 -26.28
CA GLN Z 9 108.12 -70.99 -27.34
C GLN Z 9 109.62 -70.83 -27.41
N LEU Z 10 110.14 -70.80 -28.64
CA LEU Z 10 111.58 -70.82 -28.88
C LEU Z 10 111.86 -70.27 -30.25
N GLY Z 11 113.04 -69.66 -30.41
CA GLY Z 11 113.37 -68.96 -31.62
C GLY Z 11 112.73 -67.59 -31.68
N GLN Z 12 113.23 -66.74 -32.57
CA GLN Z 12 112.68 -65.39 -32.67
C GLN Z 12 111.28 -65.40 -33.26
N CYS Z 13 111.07 -66.22 -34.29
CA CYS Z 13 109.74 -66.34 -34.88
C CYS Z 13 108.77 -67.04 -33.94
N GLY Z 14 109.24 -68.05 -33.22
CA GLY Z 14 108.40 -68.75 -32.26
C GLY Z 14 108.05 -67.90 -31.05
N ASN Z 15 109.00 -67.10 -30.57
CA ASN Z 15 108.70 -66.18 -29.48
C ASN Z 15 107.81 -65.04 -29.97
N GLN Z 16 107.92 -64.68 -31.25
CA GLN Z 16 107.02 -63.68 -31.82
C GLN Z 16 105.57 -64.17 -31.84
N ILE Z 17 105.34 -65.37 -32.37
CA ILE Z 17 103.98 -65.91 -32.41
C ILE Z 17 103.45 -66.25 -31.02
N GLY Z 18 104.33 -66.66 -30.10
CA GLY Z 18 103.89 -66.88 -28.73
C GLY Z 18 103.54 -65.57 -28.03
N PHE Z 19 104.29 -64.50 -28.32
CA PHE Z 19 104.02 -63.18 -27.76
C PHE Z 19 102.66 -62.67 -28.23
N GLU Z 20 102.39 -62.79 -29.53
CA GLU Z 20 101.10 -62.31 -30.04
C GLU Z 20 99.96 -63.20 -29.56
N PHE Z 21 100.21 -64.50 -29.40
CA PHE Z 21 99.17 -65.39 -28.90
C PHE Z 21 98.84 -65.11 -27.44
N TRP Z 22 99.87 -64.84 -26.63
CA TRP Z 22 99.64 -64.52 -25.23
C TRP Z 22 98.95 -63.17 -25.09
N LYS Z 23 99.32 -62.20 -25.93
CA LYS Z 23 98.63 -60.92 -25.93
C LYS Z 23 97.18 -61.07 -26.37
N GLN Z 24 96.92 -61.97 -27.32
CA GLN Z 24 95.57 -62.23 -27.79
C GLN Z 24 94.72 -62.86 -26.70
N LEU Z 25 95.27 -63.84 -25.99
CA LEU Z 25 94.53 -64.44 -24.89
C LEU Z 25 94.43 -63.53 -23.68
N CYS Z 26 95.34 -62.57 -23.54
CA CYS Z 26 95.22 -61.57 -22.49
C CYS Z 26 94.07 -60.63 -22.77
N ALA Z 27 93.97 -60.17 -24.02
CA ALA Z 27 92.84 -59.32 -24.41
C ALA Z 27 91.53 -60.11 -24.40
N GLU Z 28 91.60 -61.40 -24.69
CA GLU Z 28 90.38 -62.20 -24.80
C GLU Z 28 89.78 -62.46 -23.43
N HIS Z 29 90.56 -63.01 -22.51
CA HIS Z 29 90.06 -63.29 -21.18
C HIS Z 29 90.09 -62.02 -20.33
N GLY Z 30 89.42 -62.08 -19.19
CA GLY Z 30 89.30 -60.91 -18.34
C GLY Z 30 90.51 -60.66 -17.46
N ILE Z 31 91.63 -60.28 -18.07
CA ILE Z 31 92.87 -60.01 -17.34
C ILE Z 31 93.52 -58.76 -17.92
N SER Z 32 94.26 -58.06 -17.07
CA SER Z 32 95.11 -56.95 -17.45
C SER Z 32 96.42 -57.50 -18.03
N PRO Z 33 97.27 -56.64 -18.62
CA PRO Z 33 98.64 -57.10 -18.95
C PRO Z 33 99.50 -57.39 -17.74
N GLU Z 34 99.11 -56.92 -16.56
CA GLU Z 34 99.72 -57.41 -15.33
C GLU Z 34 99.10 -58.73 -14.90
N GLY Z 35 97.85 -58.98 -15.28
CA GLY Z 35 97.10 -60.12 -14.81
C GLY Z 35 95.99 -59.80 -13.85
N ILE Z 36 95.52 -58.55 -13.83
CA ILE Z 36 94.54 -58.13 -12.84
C ILE Z 36 93.15 -58.55 -13.30
N VAL Z 37 92.39 -59.14 -12.38
CA VAL Z 37 91.12 -59.79 -12.69
C VAL Z 37 90.08 -58.75 -13.09
N GLU Z 38 89.23 -59.11 -14.04
CA GLU Z 38 88.14 -58.23 -14.46
C GLU Z 38 86.84 -58.73 -13.87
N GLU Z 39 85.79 -57.93 -14.06
CA GLU Z 39 84.51 -58.23 -13.43
C GLU Z 39 83.61 -59.06 -14.33
N PHE Z 40 84.01 -59.32 -15.58
CA PHE Z 40 83.20 -60.13 -16.47
C PHE Z 40 83.74 -61.55 -16.59
N ALA Z 41 84.79 -61.87 -15.84
CA ALA Z 41 85.42 -63.19 -15.92
C ALA Z 41 86.02 -63.55 -14.57
N THR Z 45 80.22 -69.72 -18.48
CA THR Z 45 80.84 -71.03 -18.73
C THR Z 45 82.19 -70.83 -19.43
N ASP Z 46 83.25 -70.83 -18.63
CA ASP Z 46 84.60 -70.56 -19.12
C ASP Z 46 85.59 -71.53 -18.45
N ARG Z 47 86.88 -71.33 -18.75
CA ARG Z 47 87.96 -71.89 -17.95
C ARG Z 47 89.20 -71.02 -18.13
N LYS Z 48 89.91 -70.77 -17.03
CA LYS Z 48 91.14 -70.01 -17.05
C LYS Z 48 92.27 -70.83 -16.44
N ASP Z 49 92.32 -72.11 -16.78
CA ASP Z 49 93.32 -73.02 -16.23
C ASP Z 49 93.89 -73.92 -17.32
N VAL Z 50 93.73 -73.53 -18.58
CA VAL Z 50 94.18 -74.34 -19.69
C VAL Z 50 95.58 -73.94 -20.11
N PHE Z 51 95.78 -72.65 -20.36
CA PHE Z 51 97.11 -72.11 -20.60
C PHE Z 51 97.62 -71.33 -19.41
N PHE Z 52 96.75 -71.02 -18.46
CA PHE Z 52 97.04 -70.12 -17.37
C PHE Z 52 97.16 -70.93 -16.10
N TYR Z 53 98.21 -70.70 -15.34
CA TYR Z 53 98.18 -71.10 -13.94
C TYR Z 53 97.51 -69.98 -13.14
N GLN Z 54 96.65 -70.37 -12.19
CA GLN Z 54 96.20 -69.44 -11.16
C GLN Z 54 97.44 -69.18 -10.32
N ALA Z 55 98.15 -68.12 -10.65
CA ALA Z 55 99.46 -67.92 -10.05
C ALA Z 55 99.36 -66.97 -8.88
N ASP Z 56 100.49 -66.81 -8.20
CA ASP Z 56 100.48 -66.58 -6.77
C ASP Z 56 100.60 -65.11 -6.40
N ASP Z 57 100.33 -64.21 -7.33
CA ASP Z 57 100.15 -62.80 -7.03
C ASP Z 57 98.88 -62.26 -7.67
N GLU Z 58 97.86 -63.12 -7.81
CA GLU Z 58 96.54 -62.84 -8.38
C GLU Z 58 96.67 -62.39 -9.84
N HIS Z 59 97.72 -62.88 -10.49
CA HIS Z 59 97.86 -62.79 -11.94
C HIS Z 59 97.78 -64.19 -12.49
N TYR Z 60 96.91 -64.41 -13.48
CA TYR Z 60 96.82 -65.70 -14.13
C TYR Z 60 98.01 -65.84 -15.08
N ILE Z 61 99.16 -66.19 -14.52
CA ILE Z 61 100.42 -66.21 -15.27
C ILE Z 61 100.44 -67.47 -16.12
N PRO Z 62 100.59 -67.34 -17.44
CA PRO Z 62 100.67 -68.52 -18.30
C PRO Z 62 101.95 -69.30 -18.06
N ARG Z 63 101.83 -70.62 -18.19
CA ARG Z 63 102.99 -71.51 -18.13
C ARG Z 63 103.67 -71.49 -19.49
N ALA Z 64 104.66 -70.61 -19.64
CA ALA Z 64 105.38 -70.45 -20.90
C ALA Z 64 106.87 -70.60 -20.65
N VAL Z 65 107.52 -71.39 -21.49
CA VAL Z 65 108.97 -71.55 -21.47
C VAL Z 65 109.57 -70.54 -22.43
N LEU Z 66 110.35 -69.60 -21.88
CA LEU Z 66 110.94 -68.53 -22.67
C LEU Z 66 112.35 -68.94 -23.04
N LEU Z 67 112.58 -69.16 -24.33
CA LEU Z 67 113.89 -69.56 -24.82
C LEU Z 67 114.36 -68.50 -25.82
N ASP Z 68 115.64 -68.14 -25.73
CA ASP Z 68 116.19 -67.13 -26.59
C ASP Z 68 117.47 -67.67 -27.23
N LEU Z 69 117.64 -67.32 -28.51
CA LEU Z 69 118.83 -67.68 -29.27
C LEU Z 69 119.09 -66.55 -30.25
N GLU Z 70 120.16 -65.79 -29.98
CA GLU Z 70 120.47 -64.51 -30.62
C GLU Z 70 119.26 -63.57 -30.50
N PRO Z 71 118.96 -63.08 -29.30
CA PRO Z 71 117.70 -62.36 -29.10
C PRO Z 71 117.77 -60.93 -29.63
N ARG Z 72 116.79 -60.59 -30.47
CA ARG Z 72 116.63 -59.21 -30.91
C ARG Z 72 115.23 -58.75 -30.56
N VAL Z 73 114.22 -59.49 -31.03
CA VAL Z 73 112.82 -59.16 -30.74
C VAL Z 73 112.44 -59.63 -29.34
N ILE Z 74 113.20 -60.57 -28.78
CA ILE Z 74 112.93 -61.05 -27.43
C ILE Z 74 113.30 -59.98 -26.40
N HIS Z 75 114.26 -59.13 -26.74
CA HIS Z 75 114.53 -57.94 -25.93
C HIS Z 75 113.35 -57.00 -25.92
N SER Z 76 112.66 -56.86 -27.07
CA SER Z 76 111.46 -56.04 -27.11
C SER Z 76 110.31 -56.69 -26.34
N ILE Z 77 110.29 -58.02 -26.31
CA ILE Z 77 109.33 -58.74 -25.47
C ILE Z 77 109.62 -58.49 -24.00
N LEU Z 78 110.90 -58.27 -23.66
CA LEU Z 78 111.30 -58.03 -22.28
C LEU Z 78 110.75 -56.71 -21.75
N ASN Z 79 111.05 -55.59 -22.41
CA ASN Z 79 110.51 -54.31 -21.94
C ASN Z 79 109.12 -54.12 -22.52
N SER Z 80 108.12 -54.75 -21.90
CA SER Z 80 106.78 -54.77 -22.46
C SER Z 80 105.79 -54.93 -21.32
N PRO Z 81 104.56 -54.43 -21.47
CA PRO Z 81 103.55 -54.64 -20.43
C PRO Z 81 103.06 -56.07 -20.32
N TYR Z 82 103.34 -56.91 -21.31
CA TYR Z 82 103.00 -58.32 -21.25
C TYR Z 82 104.13 -59.15 -20.67
N ALA Z 83 105.20 -58.51 -20.21
CA ALA Z 83 106.21 -59.17 -19.40
C ALA Z 83 105.83 -59.17 -17.93
N LYS Z 84 104.77 -58.46 -17.56
CA LYS Z 84 104.16 -58.59 -16.24
C LYS Z 84 103.08 -59.67 -16.22
N LEU Z 85 102.68 -60.16 -17.39
CA LEU Z 85 101.74 -61.27 -17.45
C LEU Z 85 102.45 -62.61 -17.27
N TYR Z 86 103.48 -62.86 -18.06
CA TYR Z 86 104.24 -64.11 -17.95
C TYR Z 86 105.74 -63.81 -17.90
N ASN Z 87 106.36 -64.25 -16.81
CA ASN Z 87 107.81 -64.37 -16.63
C ASN Z 87 108.11 -65.24 -15.43
N PRO Z 88 108.13 -66.57 -15.56
CA PRO Z 88 108.62 -67.41 -14.44
C PRO Z 88 110.14 -67.48 -14.35
N GLU Z 89 110.84 -66.59 -15.06
CA GLU Z 89 112.28 -66.33 -14.99
C GLU Z 89 113.05 -67.59 -15.36
N ASN Z 90 112.94 -68.01 -16.61
CA ASN Z 90 113.61 -69.20 -17.10
C ASN Z 90 114.27 -68.95 -18.44
N ILE Z 91 114.56 -67.68 -18.72
CA ILE Z 91 115.20 -67.29 -19.97
C ILE Z 91 116.65 -67.75 -19.96
N TYR Z 92 117.02 -68.56 -20.94
CA TYR Z 92 118.37 -69.10 -21.03
C TYR Z 92 118.76 -69.21 -22.50
N LEU Z 93 119.97 -68.79 -22.80
CA LEU Z 93 120.48 -68.81 -24.17
C LEU Z 93 120.76 -70.22 -24.65
N GLY Z 101 120.56 -70.77 -34.73
CA GLY Z 101 120.81 -69.37 -35.01
C GLY Z 101 120.43 -68.99 -36.43
N ASN Z 102 121.26 -69.40 -37.39
CA ASN Z 102 120.93 -69.29 -38.81
C ASN Z 102 121.04 -70.65 -39.49
N ASN Z 103 121.20 -71.72 -38.71
CA ASN Z 103 121.36 -73.04 -39.28
C ASN Z 103 120.70 -74.08 -38.38
N TRP Z 104 120.34 -75.20 -39.01
CA TRP Z 104 119.78 -76.31 -38.26
C TRP Z 104 120.85 -77.01 -37.43
N ALA Z 105 122.05 -77.17 -38.00
CA ALA Z 105 123.11 -77.87 -37.28
C ALA Z 105 123.60 -77.07 -36.09
N SER Z 106 123.66 -75.74 -36.22
CA SER Z 106 124.12 -74.90 -35.12
C SER Z 106 123.13 -74.90 -33.97
N GLY Z 107 121.84 -74.75 -34.28
CA GLY Z 107 120.83 -74.78 -33.24
C GLY Z 107 120.68 -76.15 -32.61
N PHE Z 108 120.84 -77.20 -33.41
CA PHE Z 108 120.80 -78.56 -32.89
C PHE Z 108 121.95 -78.84 -31.93
N SER Z 109 123.17 -78.45 -32.32
CA SER Z 109 124.34 -78.68 -31.49
C SER Z 109 124.30 -77.83 -30.22
N GLN Z 110 123.86 -76.58 -30.35
CA GLN Z 110 123.74 -75.71 -29.19
C GLN Z 110 122.66 -76.22 -28.23
N GLY Z 111 121.57 -76.77 -28.76
CA GLY Z 111 120.58 -77.37 -27.88
C GLY Z 111 121.07 -78.67 -27.27
N GLU Z 112 121.95 -79.38 -27.97
CA GLU Z 112 122.47 -80.64 -27.48
C GLU Z 112 123.34 -80.45 -26.24
N LYS Z 113 124.20 -79.43 -26.25
CA LYS Z 113 125.18 -79.29 -25.17
C LYS Z 113 124.56 -78.79 -23.87
N ILE Z 114 123.35 -78.22 -23.92
CA ILE Z 114 122.73 -77.64 -22.73
C ILE Z 114 121.35 -78.22 -22.44
N HIS Z 115 121.10 -79.48 -22.80
CA HIS Z 115 119.76 -80.04 -22.69
C HIS Z 115 119.32 -80.22 -21.23
N GLU Z 116 120.28 -80.21 -20.30
CA GLU Z 116 120.03 -80.62 -18.93
C GLU Z 116 119.20 -79.59 -18.18
N ASP Z 117 119.66 -78.35 -18.15
CA ASP Z 117 118.98 -77.33 -17.36
C ASP Z 117 117.71 -76.85 -18.03
N ILE Z 118 117.66 -76.87 -19.36
CA ILE Z 118 116.40 -76.54 -20.02
C ILE Z 118 115.39 -77.67 -19.82
N PHE Z 119 115.88 -78.91 -19.69
CA PHE Z 119 114.99 -80.00 -19.30
C PHE Z 119 114.55 -79.83 -17.85
N ASP Z 120 115.41 -79.24 -17.01
CA ASP Z 120 115.00 -78.90 -15.65
C ASP Z 120 113.95 -77.79 -15.64
N ILE Z 121 114.05 -76.86 -16.59
CA ILE Z 121 113.03 -75.83 -16.76
C ILE Z 121 111.70 -76.46 -17.14
N ILE Z 122 111.75 -77.42 -18.08
CA ILE Z 122 110.56 -78.20 -18.46
C ILE Z 122 110.02 -78.97 -17.26
N ASP Z 123 110.93 -79.50 -16.43
CA ASP Z 123 110.52 -80.27 -15.26
C ASP Z 123 109.88 -79.39 -14.20
N ARG Z 124 110.38 -78.16 -14.08
CA ARG Z 124 109.83 -77.19 -13.14
C ARG Z 124 108.39 -76.86 -13.48
N GLU Z 125 108.11 -76.55 -14.74
CA GLU Z 125 106.74 -76.24 -15.12
C GLU Z 125 105.86 -77.48 -15.19
N ALA Z 126 106.46 -78.65 -15.44
CA ALA Z 126 105.70 -79.90 -15.37
C ALA Z 126 105.28 -80.20 -13.95
N ASP Z 127 106.14 -79.86 -12.99
CA ASP Z 127 105.74 -79.92 -11.59
C ASP Z 127 104.83 -78.76 -11.23
N GLY Z 128 104.81 -77.71 -12.05
CA GLY Z 128 104.01 -76.53 -11.72
C GLY Z 128 102.52 -76.76 -11.79
N SER Z 129 102.05 -77.38 -12.87
CA SER Z 129 100.62 -77.61 -13.04
C SER Z 129 100.21 -78.94 -12.40
N ASP Z 130 98.95 -79.02 -11.99
CA ASP Z 130 98.44 -80.25 -11.39
C ASP Z 130 98.23 -81.33 -12.43
N SER Z 131 97.68 -80.97 -13.59
CA SER Z 131 97.43 -81.92 -14.67
C SER Z 131 98.10 -81.42 -15.94
N LEU Z 132 98.18 -82.30 -16.93
CA LEU Z 132 98.83 -81.96 -18.20
C LEU Z 132 98.10 -82.68 -19.32
N GLU Z 133 97.97 -81.98 -20.45
CA GLU Z 133 97.33 -82.58 -21.61
C GLU Z 133 98.30 -82.67 -22.78
N GLY Z 134 99.12 -81.64 -22.98
CA GLY Z 134 100.04 -81.66 -24.10
C GLY Z 134 101.06 -80.54 -24.04
N PHE Z 135 102.01 -80.61 -24.96
CA PHE Z 135 103.04 -79.59 -25.13
C PHE Z 135 102.90 -78.98 -26.52
N VAL Z 136 102.54 -77.69 -26.55
CA VAL Z 136 102.36 -76.96 -27.79
C VAL Z 136 103.63 -76.17 -28.05
N LEU Z 137 104.28 -76.46 -29.18
CA LEU Z 137 105.56 -75.85 -29.52
C LEU Z 137 105.34 -74.73 -30.53
N CYS Z 138 105.66 -73.50 -30.13
CA CYS Z 138 105.73 -72.39 -31.05
C CYS Z 138 107.00 -72.54 -31.85
N HIS Z 139 106.87 -72.91 -33.11
CA HIS Z 139 108.01 -73.34 -33.90
C HIS Z 139 107.93 -72.74 -35.29
N SER Z 140 109.10 -72.48 -35.87
CA SER Z 140 109.21 -72.04 -37.25
C SER Z 140 110.14 -73.01 -37.98
N ILE Z 141 109.67 -73.53 -39.11
CA ILE Z 141 110.43 -74.52 -39.87
C ILE Z 141 111.42 -73.79 -40.75
N ALA Z 142 112.71 -74.12 -40.59
CA ALA Z 142 113.84 -73.48 -41.27
C ALA Z 142 113.85 -71.98 -41.03
N GLY Z 143 113.52 -71.58 -39.80
CA GLY Z 143 113.60 -70.19 -39.40
C GLY Z 143 114.96 -69.80 -38.89
N GLY Z 144 115.91 -70.73 -38.88
CA GLY Z 144 117.24 -70.45 -38.40
C GLY Z 144 117.32 -70.54 -36.90
N THR Z 145 116.71 -69.55 -36.23
CA THR Z 145 116.71 -69.51 -34.77
C THR Z 145 115.89 -70.66 -34.19
N GLY Z 146 114.70 -70.90 -34.72
CA GLY Z 146 113.89 -72.01 -34.23
C GLY Z 146 114.41 -73.36 -34.66
N SER Z 147 115.07 -73.41 -35.81
CA SER Z 147 115.48 -74.65 -36.45
C SER Z 147 116.63 -75.30 -35.69
N GLY Z 148 116.63 -76.63 -35.69
CA GLY Z 148 117.67 -77.39 -35.04
C GLY Z 148 117.44 -77.56 -33.55
N LEU Z 149 117.40 -76.44 -32.84
CA LEU Z 149 117.04 -76.47 -31.42
C LEU Z 149 115.63 -76.98 -31.23
N GLY Z 150 114.70 -76.60 -32.12
CA GLY Z 150 113.34 -77.11 -32.05
C GLY Z 150 113.25 -78.60 -32.32
N SER Z 151 114.01 -79.09 -33.30
CA SER Z 151 114.00 -80.52 -33.62
C SER Z 151 114.65 -81.32 -32.50
N TYR Z 152 115.73 -80.80 -31.91
CA TYR Z 152 116.38 -81.50 -30.81
C TYR Z 152 115.49 -81.53 -29.57
N LEU Z 153 114.85 -80.41 -29.27
CA LEU Z 153 113.92 -80.38 -28.14
C LEU Z 153 112.70 -81.25 -28.38
N LEU Z 154 112.30 -81.40 -29.65
CA LEU Z 154 111.22 -82.33 -29.97
C LEU Z 154 111.62 -83.77 -29.66
N GLU Z 155 112.87 -84.13 -29.98
CA GLU Z 155 113.39 -85.44 -29.61
C GLU Z 155 113.44 -85.60 -28.10
N ARG Z 156 113.85 -84.56 -27.38
CA ARG Z 156 113.94 -84.66 -25.93
C ARG Z 156 112.56 -84.81 -25.29
N LEU Z 157 111.57 -84.08 -25.79
CA LEU Z 157 110.23 -84.12 -25.21
C LEU Z 157 109.54 -85.45 -25.49
N ASN Z 158 109.64 -85.95 -26.72
CA ASN Z 158 108.92 -87.20 -27.03
C ASN Z 158 109.62 -88.41 -26.42
N ASP Z 159 110.94 -88.35 -26.24
CA ASP Z 159 111.63 -89.45 -25.58
C ASP Z 159 111.39 -89.43 -24.08
N ARG Z 160 111.44 -88.24 -23.47
CA ARG Z 160 111.39 -88.17 -22.01
C ARG Z 160 109.99 -88.44 -21.48
N TYR Z 161 108.97 -88.00 -22.21
CA TYR Z 161 107.59 -88.20 -21.76
C TYR Z 161 106.79 -88.88 -22.86
N PRO Z 162 106.59 -90.19 -22.77
CA PRO Z 162 105.82 -90.90 -23.80
C PRO Z 162 104.33 -90.92 -23.53
N LYS Z 163 103.88 -90.37 -22.39
CA LYS Z 163 102.48 -90.46 -21.99
C LYS Z 163 101.68 -89.22 -22.36
N LYS Z 164 102.32 -88.17 -22.86
CA LYS Z 164 101.65 -86.93 -23.17
C LYS Z 164 101.63 -86.68 -24.67
N LEU Z 165 100.99 -85.57 -25.06
CA LEU Z 165 100.86 -85.19 -26.45
C LEU Z 165 101.87 -84.11 -26.80
N VAL Z 166 102.34 -84.15 -28.04
CA VAL Z 166 103.25 -83.15 -28.58
C VAL Z 166 102.57 -82.48 -29.77
N GLN Z 167 102.38 -81.18 -29.69
CA GLN Z 167 101.86 -80.41 -30.80
C GLN Z 167 102.90 -79.40 -31.28
N THR Z 168 102.97 -79.23 -32.59
CA THR Z 168 103.93 -78.33 -33.21
C THR Z 168 103.22 -77.48 -34.25
N TYR Z 169 102.99 -76.21 -33.92
CA TYR Z 169 102.47 -75.25 -34.89
C TYR Z 169 103.62 -74.85 -35.79
N SER Z 170 103.48 -75.12 -37.09
CA SER Z 170 104.60 -75.03 -38.00
C SER Z 170 104.21 -74.22 -39.22
N VAL Z 171 105.18 -73.52 -39.78
CA VAL Z 171 105.02 -72.81 -41.03
C VAL Z 171 105.68 -73.62 -42.13
N PHE Z 172 105.25 -73.40 -43.38
CA PHE Z 172 105.93 -74.07 -44.48
C PHE Z 172 106.90 -73.10 -45.13
N PRO Z 173 108.19 -73.45 -45.24
CA PRO Z 173 109.21 -72.46 -45.60
C PRO Z 173 109.18 -72.08 -47.07
N ASN Z 174 108.26 -71.17 -47.42
CA ASN Z 174 108.22 -70.55 -48.73
C ASN Z 174 107.75 -69.12 -48.57
N GLN Z 175 108.68 -68.18 -48.52
CA GLN Z 175 108.34 -66.78 -48.31
C GLN Z 175 108.73 -65.92 -49.51
N ASP Z 176 108.71 -66.51 -50.72
CA ASP Z 176 109.06 -65.86 -51.99
C ASP Z 176 110.49 -65.35 -51.95
N GLU Z 177 111.38 -66.16 -51.39
CA GLU Z 177 112.77 -65.80 -51.15
C GLU Z 177 113.56 -65.72 -52.45
N ASP Z 180 120.31 -64.67 -48.96
CA ASP Z 180 119.63 -65.86 -49.47
C ASP Z 180 120.18 -67.12 -48.83
N VAL Z 181 119.29 -68.02 -48.45
CA VAL Z 181 119.66 -69.25 -47.77
C VAL Z 181 119.36 -70.43 -48.68
N VAL Z 182 120.40 -71.18 -49.04
CA VAL Z 182 120.25 -72.36 -49.91
C VAL Z 182 120.39 -73.65 -49.12
N VAL Z 183 120.74 -73.57 -47.84
CA VAL Z 183 120.75 -74.74 -46.97
C VAL Z 183 119.37 -74.98 -46.38
N GLN Z 184 118.43 -74.07 -46.64
CA GLN Z 184 117.06 -74.16 -46.15
C GLN Z 184 116.31 -75.45 -46.54
N PRO Z 185 116.44 -76.03 -47.75
CA PRO Z 185 115.83 -77.35 -47.97
C PRO Z 185 116.41 -78.45 -47.11
N TYR Z 186 117.72 -78.43 -46.85
CA TYR Z 186 118.34 -79.42 -45.98
C TYR Z 186 117.83 -79.29 -44.55
N ASN Z 187 117.72 -78.05 -44.06
CA ASN Z 187 117.23 -77.80 -42.71
C ASN Z 187 115.78 -78.21 -42.57
N SER Z 188 114.94 -77.85 -43.55
CA SER Z 188 113.53 -78.21 -43.51
C SER Z 188 113.34 -79.72 -43.65
N LEU Z 189 114.21 -80.39 -44.41
CA LEU Z 189 114.12 -81.83 -44.57
C LEU Z 189 114.46 -82.55 -43.28
N LEU Z 190 115.53 -82.13 -42.61
CA LEU Z 190 115.90 -82.74 -41.32
C LEU Z 190 114.85 -82.45 -40.26
N THR Z 191 114.32 -81.23 -40.23
CA THR Z 191 113.28 -80.89 -39.27
C THR Z 191 111.99 -81.66 -39.56
N LEU Z 192 111.69 -81.91 -40.83
CA LEU Z 192 110.49 -82.66 -41.19
C LEU Z 192 110.64 -84.13 -40.82
N LYS Z 193 111.86 -84.67 -40.91
CA LYS Z 193 112.13 -86.00 -40.41
C LYS Z 193 111.83 -86.10 -38.92
N ARG Z 194 112.26 -85.09 -38.16
CA ARG Z 194 111.96 -85.05 -36.73
C ARG Z 194 110.47 -84.88 -36.50
N LEU Z 195 109.80 -84.10 -37.34
CA LEU Z 195 108.36 -83.88 -37.19
C LEU Z 195 107.56 -85.14 -37.45
N THR Z 196 107.95 -85.93 -38.44
CA THR Z 196 107.24 -87.16 -38.73
C THR Z 196 107.50 -88.22 -37.67
N GLN Z 197 108.69 -88.24 -37.09
CA GLN Z 197 109.07 -89.33 -36.23
C GLN Z 197 108.90 -89.04 -34.74
N ASN Z 198 108.94 -87.76 -34.33
CA ASN Z 198 108.98 -87.40 -32.93
C ASN Z 198 107.79 -86.54 -32.50
N ALA Z 199 106.69 -86.59 -33.23
CA ALA Z 199 105.52 -85.79 -32.89
C ALA Z 199 104.26 -86.63 -33.02
N ASP Z 200 103.26 -86.32 -32.19
CA ASP Z 200 101.96 -86.95 -32.26
C ASP Z 200 101.04 -86.26 -33.27
N CYS Z 201 101.16 -84.95 -33.41
CA CYS Z 201 100.35 -84.19 -34.34
C CYS Z 201 101.13 -82.93 -34.71
N VAL Z 202 100.98 -82.49 -35.96
CA VAL Z 202 101.62 -81.28 -36.44
C VAL Z 202 100.57 -80.43 -37.15
N VAL Z 203 100.50 -79.15 -36.78
CA VAL Z 203 99.66 -78.18 -37.47
C VAL Z 203 100.56 -77.35 -38.37
N VAL Z 204 100.33 -77.43 -39.67
CA VAL Z 204 101.19 -76.81 -40.66
C VAL Z 204 100.42 -75.71 -41.38
N LEU Z 205 101.10 -74.58 -41.60
CA LEU Z 205 100.57 -73.49 -42.39
C LEU Z 205 101.59 -73.14 -43.47
N ASP Z 206 101.13 -72.43 -44.50
CA ASP Z 206 102.00 -71.97 -45.57
C ASP Z 206 102.23 -70.47 -45.41
N ASN Z 207 103.51 -70.07 -45.47
CA ASN Z 207 103.84 -68.65 -45.39
C ASN Z 207 103.38 -67.91 -46.63
N THR Z 208 103.46 -68.57 -47.79
CA THR Z 208 103.05 -67.93 -49.04
C THR Z 208 101.53 -67.74 -49.09
N ALA Z 209 100.78 -68.69 -48.52
CA ALA Z 209 99.32 -68.58 -48.50
C ALA Z 209 98.86 -67.43 -47.64
N LEU Z 210 99.40 -67.33 -46.43
CA LEU Z 210 99.07 -66.21 -45.55
C LEU Z 210 99.59 -64.89 -46.13
N ASN Z 211 100.71 -64.94 -46.84
CA ASN Z 211 101.22 -63.74 -47.51
C ASN Z 211 100.29 -63.27 -48.61
N ARG Z 212 99.75 -64.21 -49.39
CA ARG Z 212 98.79 -63.88 -50.43
C ARG Z 212 97.51 -63.32 -49.85
N ILE Z 213 97.02 -63.93 -48.76
CA ILE Z 213 95.79 -63.46 -48.11
C ILE Z 213 95.99 -62.08 -47.50
N ALA Z 214 97.17 -61.81 -46.94
CA ALA Z 214 97.44 -60.52 -46.33
C ALA Z 214 97.58 -59.43 -47.38
N THR Z 215 98.30 -59.71 -48.47
CA THR Z 215 98.41 -58.75 -49.57
C THR Z 215 97.09 -58.62 -50.33
N ASP Z 216 96.17 -59.56 -50.14
CA ASP Z 216 94.83 -59.41 -50.68
C ASP Z 216 93.98 -58.46 -49.84
N ARG Z 217 93.80 -58.80 -48.55
CA ARG Z 217 92.81 -58.10 -47.72
C ARG Z 217 93.22 -56.67 -47.42
N LEU Z 218 94.52 -56.42 -47.30
CA LEU Z 218 95.06 -55.07 -47.25
C LEU Z 218 95.98 -54.88 -48.44
N HIS Z 219 96.72 -53.78 -48.42
CA HIS Z 219 97.70 -53.48 -49.46
C HIS Z 219 99.05 -53.30 -48.80
N ILE Z 220 99.36 -54.19 -47.86
CA ILE Z 220 100.62 -54.17 -47.14
C ILE Z 220 101.62 -55.03 -47.89
N GLN Z 221 102.86 -54.56 -47.92
CA GLN Z 221 103.94 -55.31 -48.56
C GLN Z 221 105.10 -55.52 -47.59
N ASN Z 222 105.46 -54.49 -46.82
CA ASN Z 222 106.58 -54.56 -45.89
C ASN Z 222 106.27 -55.22 -44.54
N PRO Z 223 105.20 -54.83 -43.77
CA PRO Z 223 105.03 -55.48 -42.46
C PRO Z 223 104.27 -56.79 -42.51
N SER Z 224 104.69 -57.70 -43.41
CA SER Z 224 103.94 -58.94 -43.59
C SER Z 224 104.08 -59.87 -42.40
N PHE Z 225 105.24 -59.82 -41.71
CA PHE Z 225 105.52 -60.70 -40.59
C PHE Z 225 104.52 -60.51 -39.46
N SER Z 226 104.32 -59.26 -39.04
CA SER Z 226 103.47 -58.95 -37.90
C SER Z 226 102.01 -59.30 -38.19
N GLN Z 227 101.58 -59.13 -39.43
CA GLN Z 227 100.19 -59.43 -39.78
C GLN Z 227 99.96 -60.92 -39.86
N ILE Z 228 100.95 -61.66 -40.38
CA ILE Z 228 100.92 -63.12 -40.31
C ILE Z 228 100.86 -63.59 -38.86
N ASN Z 229 101.56 -62.90 -37.96
CA ASN Z 229 101.50 -63.22 -36.53
C ASN Z 229 100.09 -63.06 -35.98
N GLN Z 230 99.38 -62.01 -36.43
CA GLN Z 230 97.99 -61.83 -36.04
C GLN Z 230 97.13 -62.99 -36.50
N LEU Z 231 97.37 -63.47 -37.73
CA LEU Z 231 96.61 -64.59 -38.26
C LEU Z 231 96.83 -65.87 -37.47
N VAL Z 232 98.09 -66.21 -37.18
CA VAL Z 232 98.35 -67.50 -36.53
C VAL Z 232 97.88 -67.44 -35.07
N SER Z 233 98.00 -66.26 -34.43
CA SER Z 233 97.51 -66.13 -33.07
C SER Z 233 95.99 -66.26 -33.00
N THR Z 234 95.29 -65.69 -33.98
CA THR Z 234 93.84 -65.85 -34.04
C THR Z 234 93.44 -67.31 -34.28
N ILE Z 235 94.19 -68.00 -35.13
CA ILE Z 235 93.92 -69.42 -35.39
C ILE Z 235 94.18 -70.26 -34.15
N MET Z 236 95.25 -69.94 -33.41
CA MET Z 236 95.61 -70.71 -32.22
C MET Z 236 94.61 -70.48 -31.10
N SER Z 237 94.07 -69.26 -30.99
CA SER Z 237 93.00 -69.03 -30.03
C SER Z 237 91.72 -69.74 -30.45
N ALA Z 238 91.44 -69.73 -31.76
CA ALA Z 238 90.22 -70.34 -32.27
C ALA Z 238 90.23 -71.86 -32.11
N SER Z 239 91.40 -72.48 -32.25
CA SER Z 239 91.51 -73.93 -32.14
C SER Z 239 91.34 -74.41 -30.71
N THR Z 240 91.80 -73.64 -29.73
CA THR Z 240 91.70 -74.02 -28.34
C THR Z 240 90.57 -73.33 -27.60
N THR Z 241 89.70 -72.62 -28.30
CA THR Z 241 88.47 -72.10 -27.69
C THR Z 241 87.60 -73.22 -27.11
N THR Z 242 87.54 -74.37 -27.78
CA THR Z 242 86.73 -75.48 -27.28
C THR Z 242 87.34 -76.15 -26.05
N LEU Z 243 88.65 -75.96 -25.84
CA LEU Z 243 89.25 -76.42 -24.60
C LEU Z 243 89.13 -75.38 -23.51
N ARG Z 244 89.30 -74.10 -23.87
CA ARG Z 244 89.26 -73.03 -22.88
C ARG Z 244 87.85 -72.75 -22.42
N TYR Z 245 86.85 -73.06 -23.24
CA TYR Z 245 85.46 -72.89 -22.85
C TYR Z 245 84.80 -74.25 -22.82
N PRO Z 246 84.17 -74.62 -21.71
CA PRO Z 246 83.72 -76.01 -21.53
C PRO Z 246 82.56 -76.35 -22.43
N GLY Z 247 82.78 -77.36 -23.26
CA GLY Z 247 81.76 -77.87 -24.13
C GLY Z 247 81.33 -79.26 -23.72
N TYR Z 248 81.40 -80.17 -24.69
CA TYR Z 248 80.96 -81.53 -24.48
C TYR Z 248 82.01 -82.50 -24.99
N MET Z 249 82.83 -82.04 -25.93
CA MET Z 249 83.90 -82.82 -26.53
C MET Z 249 84.97 -81.82 -26.94
N ASN Z 250 86.21 -82.31 -27.03
CA ASN Z 250 87.42 -81.54 -27.31
C ASN Z 250 87.62 -80.48 -26.22
N ASN Z 251 87.30 -80.86 -24.98
CA ASN Z 251 87.82 -80.19 -23.80
C ASN Z 251 89.12 -80.84 -23.36
N ASP Z 252 89.59 -81.81 -24.13
CA ASP Z 252 90.94 -82.34 -24.08
C ASP Z 252 91.46 -82.32 -25.51
N LEU Z 253 92.78 -82.27 -25.64
CA LEU Z 253 93.39 -82.13 -26.96
C LEU Z 253 93.23 -83.40 -27.78
N ILE Z 254 93.32 -84.56 -27.12
CA ILE Z 254 93.45 -85.85 -27.82
C ILE Z 254 92.16 -86.19 -28.57
N GLY Z 255 91.03 -85.67 -28.12
CA GLY Z 255 89.78 -85.92 -28.84
C GLY Z 255 89.71 -85.20 -30.17
N LEU Z 256 90.17 -83.95 -30.21
CA LEU Z 256 90.26 -83.24 -31.49
C LEU Z 256 91.36 -83.83 -32.36
N ILE Z 257 92.45 -84.29 -31.74
CA ILE Z 257 93.56 -84.90 -32.47
C ILE Z 257 93.15 -86.26 -33.06
N ALA Z 258 92.20 -86.94 -32.42
CA ALA Z 258 91.90 -88.34 -32.74
C ALA Z 258 91.27 -88.53 -34.10
N SER Z 259 90.23 -87.73 -34.42
CA SER Z 259 89.43 -88.00 -35.60
C SER Z 259 90.18 -87.67 -36.89
N LEU Z 260 90.99 -86.61 -36.87
CA LEU Z 260 91.67 -86.18 -38.10
C LEU Z 260 92.82 -87.11 -38.45
N ILE Z 261 93.42 -87.75 -37.46
CA ILE Z 261 94.63 -88.55 -37.64
C ILE Z 261 94.24 -90.03 -37.65
N PRO Z 262 94.31 -90.70 -38.79
CA PRO Z 262 93.84 -92.10 -38.84
C PRO Z 262 94.92 -93.10 -38.50
N THR Z 263 96.18 -92.65 -38.46
CA THR Z 263 97.35 -93.52 -38.42
C THR Z 263 98.55 -92.63 -38.05
N PRO Z 264 99.57 -93.18 -37.39
CA PRO Z 264 100.67 -92.33 -36.89
C PRO Z 264 101.52 -91.60 -37.92
N ARG Z 265 101.36 -91.90 -39.20
CA ARG Z 265 102.15 -91.22 -40.20
C ARG Z 265 101.44 -90.00 -40.78
N LEU Z 266 100.12 -90.05 -40.89
CA LEU Z 266 99.39 -88.91 -41.42
C LEU Z 266 98.85 -88.11 -40.24
N HIS Z 267 99.66 -87.19 -39.74
CA HIS Z 267 99.27 -86.40 -38.58
C HIS Z 267 99.44 -84.92 -38.84
N PHE Z 268 99.41 -84.53 -40.11
CA PHE Z 268 99.64 -83.15 -40.53
C PHE Z 268 98.30 -82.57 -40.98
N LEU Z 269 97.94 -81.42 -40.41
CA LEU Z 269 96.58 -80.90 -40.49
C LEU Z 269 96.56 -79.56 -41.21
N MET Z 270 95.63 -79.41 -42.15
CA MET Z 270 95.43 -78.14 -42.83
C MET Z 270 94.66 -77.18 -41.92
N THR Z 271 94.87 -75.89 -42.15
CA THR Z 271 94.22 -74.85 -41.38
C THR Z 271 93.16 -74.15 -42.22
N GLY Z 272 91.95 -74.08 -41.70
CA GLY Z 272 90.91 -73.27 -42.29
C GLY Z 272 90.21 -72.42 -41.25
N TYR Z 273 89.68 -71.29 -41.69
CA TYR Z 273 88.94 -70.35 -40.87
C TYR Z 273 88.15 -69.45 -41.80
N THR Z 274 86.83 -69.42 -41.63
CA THR Z 274 85.96 -69.02 -42.74
C THR Z 274 85.89 -67.51 -42.94
N PRO Z 275 85.78 -66.67 -41.90
CA PRO Z 275 86.16 -65.27 -42.12
C PRO Z 275 87.66 -65.21 -42.31
N LEU Z 276 88.10 -64.59 -43.38
CA LEU Z 276 89.44 -64.01 -43.37
C LEU Z 276 89.40 -62.59 -42.83
N THR Z 277 88.22 -62.16 -42.38
CA THR Z 277 87.95 -60.79 -41.98
C THR Z 277 87.58 -60.73 -40.50
N THR Z 278 88.15 -59.75 -39.79
CA THR Z 278 87.57 -59.24 -38.55
C THR Z 278 87.73 -57.73 -38.51
N ASP Z 279 88.50 -57.19 -39.45
CA ASP Z 279 88.81 -55.77 -39.51
C ASP Z 279 87.77 -55.02 -40.33
N LYS Z 287 72.19 -61.94 -40.41
CA LYS Z 287 73.27 -61.49 -41.27
C LYS Z 287 73.98 -62.68 -41.88
N THR Z 288 74.85 -63.31 -41.08
CA THR Z 288 75.57 -64.50 -41.51
C THR Z 288 74.94 -65.74 -40.88
N THR Z 289 74.86 -66.81 -41.65
CA THR Z 289 74.33 -68.07 -41.15
C THR Z 289 75.39 -69.14 -41.24
N VAL Z 290 75.08 -70.29 -40.64
CA VAL Z 290 75.98 -71.44 -40.66
C VAL Z 290 76.07 -72.01 -42.07
N LEU Z 291 74.97 -71.94 -42.81
CA LEU Z 291 74.87 -72.55 -44.14
C LEU Z 291 75.82 -71.89 -45.12
N ASP Z 292 75.86 -70.55 -45.09
CA ASP Z 292 76.71 -69.80 -45.98
C ASP Z 292 78.18 -69.96 -45.61
N VAL Z 293 78.49 -69.97 -44.31
CA VAL Z 293 79.90 -70.09 -43.95
C VAL Z 293 80.39 -71.53 -44.12
N MET Z 294 79.48 -72.51 -44.15
CA MET Z 294 79.92 -73.86 -44.48
C MET Z 294 80.33 -73.96 -45.94
N ARG Z 295 79.47 -73.46 -46.84
CA ARG Z 295 79.82 -73.50 -48.26
C ARG Z 295 80.97 -72.54 -48.58
N ARG Z 296 81.15 -71.50 -47.76
CA ARG Z 296 82.29 -70.60 -47.92
C ARG Z 296 83.56 -71.22 -47.37
N LEU Z 297 83.43 -72.14 -46.43
CA LEU Z 297 84.62 -72.79 -45.89
C LEU Z 297 85.16 -73.83 -46.84
N LEU Z 298 84.28 -74.54 -47.55
CA LEU Z 298 84.73 -75.71 -48.31
C LEU Z 298 85.54 -75.39 -49.56
N GLN Z 299 85.70 -74.12 -49.94
CA GLN Z 299 86.53 -73.83 -51.11
C GLN Z 299 88.01 -73.84 -50.70
N PRO Z 300 88.92 -74.18 -51.62
CA PRO Z 300 90.34 -74.19 -51.25
C PRO Z 300 90.99 -72.82 -51.26
N LYS Z 301 90.21 -71.74 -51.42
CA LYS Z 301 90.74 -70.39 -51.33
C LYS Z 301 90.21 -69.63 -50.12
N ASN Z 302 89.33 -70.23 -49.32
CA ASN Z 302 89.20 -69.85 -47.93
C ASN Z 302 90.03 -70.74 -47.02
N VAL Z 303 90.83 -71.64 -47.58
CA VAL Z 303 91.83 -72.37 -46.81
C VAL Z 303 93.10 -71.55 -46.73
N MET Z 304 93.66 -71.44 -45.53
CA MET Z 304 94.87 -70.64 -45.30
C MET Z 304 96.14 -71.43 -45.56
N VAL Z 305 96.01 -72.61 -46.18
CA VAL Z 305 97.13 -73.37 -46.73
C VAL Z 305 96.89 -73.55 -48.22
N SER Z 306 97.67 -72.86 -49.04
CA SER Z 306 97.47 -72.86 -50.47
C SER Z 306 98.66 -73.48 -51.20
N THR Z 313 95.61 -85.35 -60.96
CA THR Z 313 95.56 -86.43 -59.98
C THR Z 313 94.39 -86.28 -59.02
N ASN Z 314 94.17 -87.30 -58.20
CA ASN Z 314 93.10 -87.27 -57.23
C ASN Z 314 93.63 -86.86 -55.86
N HIS Z 315 93.11 -85.74 -55.35
CA HIS Z 315 93.45 -85.27 -54.01
C HIS Z 315 92.20 -85.27 -53.16
N CYS Z 316 92.27 -85.94 -52.01
CA CYS Z 316 91.09 -86.24 -51.23
C CYS Z 316 91.45 -86.11 -49.77
N TYR Z 317 90.56 -85.46 -49.01
CA TYR Z 317 90.78 -85.33 -47.58
C TYR Z 317 90.63 -86.68 -46.89
N ILE Z 318 91.41 -86.88 -45.84
CA ILE Z 318 91.19 -88.01 -44.96
C ILE Z 318 90.02 -87.74 -44.02
N ALA Z 319 90.08 -86.64 -43.29
CA ALA Z 319 89.02 -86.27 -42.36
C ALA Z 319 89.08 -84.76 -42.12
N ILE Z 320 87.91 -84.16 -42.03
CA ILE Z 320 87.79 -82.74 -41.75
C ILE Z 320 87.06 -82.61 -40.41
N LEU Z 321 87.40 -81.58 -39.65
CA LEU Z 321 86.62 -81.23 -38.49
C LEU Z 321 86.48 -79.72 -38.44
N ASN Z 322 85.24 -79.26 -38.31
CA ASN Z 322 84.98 -77.84 -38.23
C ASN Z 322 84.38 -77.51 -36.88
N ILE Z 323 84.78 -76.38 -36.33
CA ILE Z 323 84.26 -75.87 -35.07
C ILE Z 323 83.71 -74.47 -35.32
N ILE Z 324 82.47 -74.24 -34.89
CA ILE Z 324 81.81 -72.97 -35.13
C ILE Z 324 81.52 -72.32 -33.78
N GLN Z 325 81.52 -70.99 -33.77
CA GLN Z 325 81.29 -70.20 -32.57
C GLN Z 325 80.40 -69.01 -32.95
N GLY Z 326 79.24 -68.91 -32.31
CA GLY Z 326 78.38 -67.78 -32.56
C GLY Z 326 76.97 -67.98 -32.07
N GLU Z 327 76.06 -67.20 -32.66
CA GLU Z 327 74.65 -67.20 -32.32
C GLU Z 327 73.92 -68.24 -33.16
N VAL Z 328 74.29 -69.50 -33.00
CA VAL Z 328 73.93 -70.55 -33.93
C VAL Z 328 72.56 -71.11 -33.58
N ASP Z 329 71.62 -70.97 -34.51
CA ASP Z 329 70.41 -71.77 -34.46
C ASP Z 329 70.76 -73.23 -34.69
N PRO Z 330 70.27 -74.14 -33.83
CA PRO Z 330 70.69 -75.55 -33.94
C PRO Z 330 70.13 -76.29 -35.15
N THR Z 331 69.09 -75.75 -35.78
CA THR Z 331 68.59 -76.34 -37.02
C THR Z 331 69.47 -75.98 -38.21
N GLN Z 332 70.26 -74.91 -38.08
CA GLN Z 332 71.06 -74.43 -39.21
C GLN Z 332 72.20 -75.38 -39.55
N VAL Z 333 72.87 -75.93 -38.54
CA VAL Z 333 73.96 -76.87 -38.78
C VAL Z 333 73.44 -78.16 -39.41
N HIS Z 334 72.17 -78.48 -39.11
CA HIS Z 334 71.53 -79.71 -39.54
C HIS Z 334 71.25 -79.68 -41.04
N LYS Z 335 70.57 -78.63 -41.49
CA LYS Z 335 70.27 -78.51 -42.92
C LYS Z 335 71.48 -78.05 -43.72
N SER Z 336 72.42 -77.34 -43.09
CA SER Z 336 73.69 -77.05 -43.77
C SER Z 336 74.45 -78.33 -44.08
N LEU Z 337 74.47 -79.28 -43.14
CA LEU Z 337 75.16 -80.54 -43.38
C LEU Z 337 74.40 -81.38 -44.42
N GLN Z 338 73.07 -81.26 -44.44
CA GLN Z 338 72.28 -81.77 -45.56
C GLN Z 338 72.77 -81.23 -46.90
N ARG Z 339 72.90 -79.91 -47.02
CA ARG Z 339 73.33 -79.31 -48.29
C ARG Z 339 74.75 -79.72 -48.66
N ILE Z 340 75.63 -79.81 -47.67
CA ILE Z 340 77.01 -80.23 -47.90
C ILE Z 340 77.06 -81.66 -48.41
N ARG Z 341 76.14 -82.52 -47.95
CA ARG Z 341 76.11 -83.88 -48.47
C ARG Z 341 75.68 -83.93 -49.92
N GLU Z 342 74.52 -83.37 -50.25
CA GLU Z 342 74.00 -83.59 -51.60
C GLU Z 342 74.65 -82.69 -52.62
N ARG Z 343 75.40 -81.67 -52.17
CA ARG Z 343 76.22 -80.93 -53.11
C ARG Z 343 77.56 -81.60 -53.38
N LYS Z 344 78.11 -82.30 -52.38
CA LYS Z 344 79.42 -82.95 -52.44
C LYS Z 344 80.54 -81.94 -52.73
N LEU Z 345 80.64 -80.91 -51.87
CA LEU Z 345 81.66 -79.89 -52.05
C LEU Z 345 82.92 -80.11 -51.20
N ALA Z 346 83.08 -81.31 -50.65
CA ALA Z 346 84.21 -81.68 -49.80
C ALA Z 346 84.81 -82.95 -50.40
N ASN Z 347 86.12 -83.13 -50.23
CA ASN Z 347 86.76 -84.30 -50.79
C ASN Z 347 86.75 -85.42 -49.75
N PHE Z 348 86.34 -86.59 -50.22
CA PHE Z 348 85.88 -87.75 -49.46
C PHE Z 348 87.07 -88.58 -49.02
N ILE Z 349 86.80 -89.61 -48.24
CA ILE Z 349 87.82 -90.61 -47.94
C ILE Z 349 87.40 -91.93 -48.57
N PRO Z 350 88.23 -92.57 -49.41
CA PRO Z 350 87.86 -93.88 -49.97
C PRO Z 350 87.68 -94.97 -48.92
N TRP Z 351 88.74 -95.26 -48.18
CA TRP Z 351 88.77 -96.40 -47.28
C TRP Z 351 88.09 -96.11 -45.96
N GLY Z 352 86.79 -95.83 -45.97
CA GLY Z 352 86.07 -95.66 -44.74
C GLY Z 352 85.14 -94.48 -44.74
N PRO Z 353 84.44 -94.27 -43.63
CA PRO Z 353 83.86 -92.94 -43.35
C PRO Z 353 84.70 -92.14 -42.37
N ALA Z 354 85.08 -90.93 -42.79
CA ALA Z 354 85.71 -89.95 -41.92
C ALA Z 354 85.49 -88.58 -42.53
N SER Z 355 84.50 -87.85 -42.02
CA SER Z 355 83.97 -86.71 -42.77
C SER Z 355 84.03 -85.46 -41.91
N ILE Z 356 83.59 -84.34 -42.51
CA ILE Z 356 83.54 -83.07 -41.79
C ILE Z 356 82.52 -83.14 -40.68
N GLN Z 357 82.97 -82.82 -39.47
CA GLN Z 357 82.16 -82.95 -38.27
C GLN Z 357 81.83 -81.57 -37.76
N VAL Z 358 80.57 -81.35 -37.42
CA VAL Z 358 80.09 -80.07 -36.95
C VAL Z 358 80.30 -80.01 -35.44
N ALA Z 359 81.05 -79.01 -35.00
CA ALA Z 359 81.22 -78.75 -33.59
C ALA Z 359 80.81 -77.32 -33.31
N LEU Z 360 80.18 -77.12 -32.16
CA LEU Z 360 79.66 -75.83 -31.77
C LEU Z 360 80.37 -75.38 -30.51
N SER Z 361 80.82 -74.13 -30.50
CA SER Z 361 81.50 -73.58 -29.35
C SER Z 361 80.91 -72.22 -29.00
N ARG Z 362 81.28 -71.74 -27.82
CA ARG Z 362 80.72 -70.53 -27.24
C ARG Z 362 81.43 -69.32 -27.84
N LYS Z 363 80.66 -68.25 -28.06
CA LYS Z 363 81.28 -67.00 -28.47
C LYS Z 363 81.99 -66.36 -27.29
N SER Z 364 83.23 -65.95 -27.51
CA SER Z 364 84.10 -65.49 -26.43
C SER Z 364 83.69 -64.09 -25.98
N PRO Z 365 83.86 -63.77 -24.69
CA PRO Z 365 83.64 -62.38 -24.24
C PRO Z 365 84.78 -61.47 -24.70
N TYR Z 366 84.39 -60.25 -25.09
CA TYR Z 366 85.29 -59.17 -25.47
C TYR Z 366 86.03 -59.51 -26.76
N LEU Z 367 85.32 -60.11 -27.70
CA LEU Z 367 85.83 -60.26 -29.06
C LEU Z 367 85.05 -59.30 -29.96
N PRO Z 368 85.68 -58.77 -31.01
CA PRO Z 368 85.00 -57.77 -31.85
C PRO Z 368 83.84 -58.36 -32.65
N SER Z 369 82.75 -57.61 -32.71
CA SER Z 369 81.47 -58.10 -33.22
C SER Z 369 81.39 -57.97 -34.74
N ALA Z 370 82.29 -58.65 -35.44
CA ALA Z 370 82.19 -58.84 -36.88
C ALA Z 370 82.21 -60.33 -37.15
N HIS Z 371 81.43 -60.77 -38.14
CA HIS Z 371 81.19 -62.18 -38.45
C HIS Z 371 80.71 -62.93 -37.22
N ARG Z 372 79.50 -62.58 -36.77
CA ARG Z 372 78.92 -63.12 -35.54
C ARG Z 372 78.82 -64.64 -35.54
N VAL Z 373 78.58 -65.24 -36.69
CA VAL Z 373 78.68 -66.69 -36.85
C VAL Z 373 79.99 -66.97 -37.57
N SER Z 374 80.96 -67.53 -36.85
CA SER Z 374 82.30 -67.71 -37.38
C SER Z 374 82.78 -69.12 -37.07
N GLY Z 375 83.31 -69.78 -38.10
CA GLY Z 375 83.80 -71.13 -37.95
C GLY Z 375 85.20 -71.28 -38.50
N LEU Z 376 85.88 -72.31 -38.01
CA LEU Z 376 87.22 -72.68 -38.45
C LEU Z 376 87.23 -74.17 -38.69
N MET Z 377 88.18 -74.63 -39.49
CA MET Z 377 88.29 -76.07 -39.73
C MET Z 377 89.74 -76.52 -39.61
N MET Z 378 89.90 -77.76 -39.15
CA MET Z 378 91.17 -78.48 -39.22
C MET Z 378 90.90 -79.76 -39.99
N ALA Z 379 91.77 -80.07 -40.96
CA ALA Z 379 91.50 -81.14 -41.88
C ALA Z 379 92.80 -81.86 -42.25
N ASN Z 380 92.70 -83.17 -42.44
CA ASN Z 380 93.80 -83.98 -42.92
C ASN Z 380 93.61 -84.20 -44.42
N HIS Z 381 94.45 -83.55 -45.22
CA HIS Z 381 94.35 -83.61 -46.68
C HIS Z 381 95.62 -84.21 -47.25
N THR Z 382 95.46 -84.94 -48.35
CA THR Z 382 96.60 -85.46 -49.11
C THR Z 382 97.25 -84.40 -50.00
N SER Z 383 96.68 -83.20 -50.07
CA SER Z 383 97.25 -82.16 -50.94
C SER Z 383 98.55 -81.60 -50.39
N ILE Z 384 98.80 -81.78 -49.09
CA ILE Z 384 100.06 -81.32 -48.50
C ILE Z 384 101.24 -82.19 -48.96
N SER Z 385 100.96 -83.39 -49.49
CA SER Z 385 102.00 -84.21 -50.10
C SER Z 385 102.64 -83.50 -51.28
N SER Z 386 101.86 -82.70 -52.01
CA SER Z 386 102.39 -81.93 -53.13
C SER Z 386 103.41 -80.90 -52.65
N LEU Z 387 103.12 -80.22 -51.56
CA LEU Z 387 104.05 -79.23 -51.00
C LEU Z 387 105.30 -79.91 -50.47
N PHE Z 388 105.12 -81.09 -49.85
CA PHE Z 388 106.25 -81.87 -49.37
C PHE Z 388 107.16 -82.30 -50.51
N GLU Z 389 106.58 -82.81 -51.60
CA GLU Z 389 107.41 -83.28 -52.70
C GLU Z 389 108.01 -82.11 -53.49
N ARG Z 390 107.37 -80.93 -53.45
CA ARG Z 390 108.00 -79.74 -54.01
C ARG Z 390 109.28 -79.39 -53.26
N THR Z 391 109.21 -79.37 -51.93
CA THR Z 391 110.39 -79.09 -51.13
C THR Z 391 111.42 -80.21 -51.26
N CYS Z 392 110.93 -81.44 -51.40
CA CYS Z 392 111.82 -82.58 -51.68
C CYS Z 392 112.50 -82.42 -53.03
N ARG Z 393 111.80 -81.85 -54.01
CA ARG Z 393 112.39 -81.64 -55.33
C ARG Z 393 113.44 -80.55 -55.28
N GLN Z 394 113.19 -79.51 -54.48
CA GLN Z 394 114.20 -78.47 -54.26
C GLN Z 394 115.44 -79.05 -53.58
N TYR Z 395 115.23 -79.88 -52.55
CA TYR Z 395 116.34 -80.56 -51.89
C TYR Z 395 117.08 -81.48 -52.86
N ASP Z 396 116.34 -82.20 -53.70
CA ASP Z 396 116.94 -83.12 -54.65
C ASP Z 396 117.76 -82.37 -55.68
N LYS Z 397 117.28 -81.20 -56.11
CA LYS Z 397 118.05 -80.37 -57.03
C LYS Z 397 119.36 -79.90 -56.41
N LEU Z 398 119.28 -79.28 -55.23
CA LEU Z 398 120.49 -78.78 -54.59
C LEU Z 398 121.41 -79.91 -54.15
N ARG Z 399 120.84 -81.08 -53.88
CA ARG Z 399 121.65 -82.22 -53.47
C ARG Z 399 122.34 -82.87 -54.66
N LYS Z 400 121.69 -82.87 -55.81
CA LYS Z 400 122.30 -83.40 -57.02
C LYS Z 400 123.39 -82.48 -57.53
N ARG Z 401 123.19 -81.17 -57.37
CA ARG Z 401 124.19 -80.23 -57.85
C ARG Z 401 125.44 -80.24 -56.98
N GLU Z 402 125.28 -80.50 -55.67
CA GLU Z 402 126.35 -80.51 -54.66
C GLU Z 402 127.15 -79.21 -54.65
N ALA Z 403 126.44 -78.09 -54.57
CA ALA Z 403 127.08 -76.79 -54.45
C ALA Z 403 126.38 -75.91 -53.43
N PHE Z 404 125.45 -76.47 -52.67
CA PHE Z 404 124.56 -75.68 -51.83
C PHE Z 404 124.50 -76.20 -50.40
N LEU Z 405 125.45 -77.03 -49.99
CA LEU Z 405 125.66 -77.31 -48.58
C LEU Z 405 126.44 -76.19 -47.91
N GLU Z 406 127.19 -75.41 -48.72
CA GLU Z 406 127.97 -74.22 -48.36
C GLU Z 406 129.15 -74.53 -47.45
N GLN Z 407 129.39 -75.81 -47.15
CA GLN Z 407 130.34 -76.31 -46.16
C GLN Z 407 130.16 -75.56 -44.84
N PHE Z 408 129.00 -75.73 -44.22
CA PHE Z 408 128.81 -75.23 -42.87
C PHE Z 408 129.58 -76.16 -41.93
N ARG Z 409 130.33 -75.54 -41.01
CA ARG Z 409 131.25 -76.30 -40.17
C ARG Z 409 130.49 -77.16 -39.17
N LYS Z 410 129.36 -76.66 -38.66
CA LYS Z 410 128.54 -77.45 -37.76
C LYS Z 410 127.86 -78.59 -38.51
N GLU Z 411 127.54 -78.36 -39.79
CA GLU Z 411 126.95 -79.42 -40.61
C GLU Z 411 127.96 -80.53 -40.90
N ASP Z 412 129.23 -80.16 -41.09
CA ASP Z 412 130.26 -81.16 -41.31
C ASP Z 412 130.60 -81.89 -40.02
N MET Z 413 130.74 -81.16 -38.91
CA MET Z 413 131.14 -81.79 -37.65
C MET Z 413 130.01 -82.62 -37.06
N PHE Z 414 128.76 -82.23 -37.32
CA PHE Z 414 127.61 -82.99 -36.86
C PHE Z 414 127.51 -84.32 -37.58
N LYS Z 415 127.70 -84.31 -38.90
CA LYS Z 415 127.68 -85.54 -39.69
C LYS Z 415 128.66 -85.36 -40.83
N ASP Z 416 129.82 -86.02 -40.73
CA ASP Z 416 130.83 -85.92 -41.78
C ASP Z 416 130.39 -86.68 -43.03
N ASN Z 417 129.53 -87.68 -42.87
CA ASN Z 417 129.07 -88.49 -43.99
C ASN Z 417 127.74 -88.00 -44.55
N PHE Z 418 127.01 -87.16 -43.80
CA PHE Z 418 125.72 -86.57 -44.19
C PHE Z 418 124.69 -87.64 -44.51
N ASP Z 419 124.72 -88.74 -43.75
CA ASP Z 419 123.77 -89.82 -43.93
C ASP Z 419 122.42 -89.53 -43.33
N GLU Z 420 122.35 -88.52 -42.44
CA GLU Z 420 121.07 -88.12 -41.89
C GLU Z 420 120.18 -87.48 -42.95
N MET Z 421 120.79 -86.82 -43.93
CA MET Z 421 120.03 -86.30 -45.06
C MET Z 421 119.43 -87.43 -45.88
N ASP Z 422 120.19 -88.52 -46.06
CA ASP Z 422 119.68 -89.69 -46.77
C ASP Z 422 118.57 -90.38 -45.98
N THR Z 423 118.73 -90.47 -44.66
CA THR Z 423 117.71 -91.09 -43.82
C THR Z 423 116.43 -90.27 -43.81
N SER Z 424 116.56 -88.94 -43.72
CA SER Z 424 115.41 -88.05 -43.78
C SER Z 424 114.73 -88.11 -45.14
N ARG Z 425 115.52 -88.25 -46.21
CA ARG Z 425 114.96 -88.39 -47.55
C ARG Z 425 114.18 -89.70 -47.67
N GLU Z 426 114.70 -90.77 -47.08
CA GLU Z 426 114.00 -92.05 -47.07
C GLU Z 426 112.70 -91.96 -46.29
N ILE Z 427 112.74 -91.30 -45.13
CA ILE Z 427 111.55 -91.17 -44.28
C ILE Z 427 110.49 -90.33 -44.97
N VAL Z 428 110.90 -89.23 -45.60
CA VAL Z 428 109.92 -88.38 -46.29
C VAL Z 428 109.43 -89.06 -47.56
N GLN Z 429 110.23 -89.95 -48.15
CA GLN Z 429 109.75 -90.71 -49.29
C GLN Z 429 108.72 -91.74 -48.88
N GLN Z 430 108.95 -92.42 -47.75
CA GLN Z 430 107.97 -93.32 -47.17
C GLN Z 430 106.69 -92.58 -46.80
N LEU Z 431 106.84 -91.34 -46.35
CA LEU Z 431 105.70 -90.49 -46.01
C LEU Z 431 104.87 -90.16 -47.25
N ILE Z 432 105.54 -89.78 -48.34
CA ILE Z 432 104.85 -89.51 -49.61
C ILE Z 432 104.16 -90.76 -50.14
N ASP Z 433 104.81 -91.92 -50.00
CA ASP Z 433 104.21 -93.18 -50.46
C ASP Z 433 103.01 -93.55 -49.62
N GLU Z 434 103.07 -93.33 -48.31
CA GLU Z 434 101.92 -93.61 -47.46
C GLU Z 434 100.78 -92.64 -47.71
N TYR Z 435 101.10 -91.39 -48.05
CA TYR Z 435 100.10 -90.42 -48.48
C TYR Z 435 99.37 -90.89 -49.73
N HIS Z 436 100.14 -91.30 -50.74
CA HIS Z 436 99.56 -91.79 -51.98
C HIS Z 436 98.84 -93.11 -51.79
N ALA Z 437 99.26 -93.91 -50.81
CA ALA Z 437 98.57 -95.15 -50.53
C ALA Z 437 97.25 -94.91 -49.82
N ALA Z 438 97.21 -93.89 -48.95
CA ALA Z 438 95.95 -93.50 -48.31
C ALA Z 438 95.00 -92.87 -49.31
N THR Z 439 95.55 -92.29 -50.39
CA THR Z 439 94.71 -91.78 -51.48
C THR Z 439 93.97 -92.92 -52.17
N ARG Z 440 94.54 -94.12 -52.19
CA ARG Z 440 93.96 -95.25 -52.90
C ARG Z 440 92.71 -95.76 -52.19
N PRO Z 441 91.82 -96.45 -52.91
CA PRO Z 441 90.71 -97.14 -52.24
C PRO Z 441 91.15 -98.30 -51.39
N ASP Z 442 92.35 -98.82 -51.61
CA ASP Z 442 92.94 -99.82 -50.74
C ASP Z 442 94.00 -99.15 -49.89
N TYR Z 443 93.88 -99.29 -48.59
CA TYR Z 443 94.96 -98.90 -47.71
C TYR Z 443 95.34 -100.13 -46.90
N ILE Z 444 95.14 -101.29 -47.53
CA ILE Z 444 95.83 -102.53 -47.18
C ILE Z 444 97.05 -102.68 -48.08
N SER Z 445 97.47 -101.58 -48.69
CA SER Z 445 98.72 -101.47 -49.42
C SER Z 445 99.48 -100.27 -48.87
N TRP Z 446 100.67 -100.53 -48.35
CA TRP Z 446 101.36 -99.58 -47.48
C TRP Z 446 102.63 -99.05 -48.13
N GLY Z 447 103.33 -98.20 -47.40
CA GLY Z 447 104.55 -97.60 -47.89
C GLY Z 447 105.46 -97.13 -46.77
N ARG AA 3 103.24 -75.59 31.42
CA ARG AA 3 103.23 -74.46 32.35
C ARG AA 3 104.31 -73.45 32.00
N GLU AA 4 105.39 -73.42 32.79
CA GLU AA 4 106.47 -72.49 32.56
C GLU AA 4 107.70 -73.23 32.06
N ILE AA 5 108.40 -72.65 31.10
CA ILE AA 5 109.54 -73.27 30.46
C ILE AA 5 110.79 -72.46 30.80
N ILE AA 6 111.83 -73.16 31.23
CA ILE AA 6 113.14 -72.54 31.48
C ILE AA 6 114.08 -72.98 30.38
N THR AA 7 114.58 -72.02 29.63
CA THR AA 7 115.34 -72.28 28.41
C THR AA 7 116.83 -72.17 28.72
N LEU AA 8 117.58 -73.16 28.27
CA LEU AA 8 119.00 -73.26 28.56
C LEU AA 8 119.76 -73.08 27.25
N GLN AA 9 120.79 -72.24 27.28
CA GLN AA 9 121.58 -71.99 26.08
C GLN AA 9 123.06 -72.09 26.44
N LEU AA 10 123.82 -72.72 25.55
CA LEU AA 10 125.21 -73.04 25.82
C LEU AA 10 125.93 -73.25 24.49
N GLY AA 11 127.22 -72.96 24.49
CA GLY AA 11 128.00 -72.98 23.27
C GLY AA 11 127.78 -71.73 22.44
N GLN AA 12 128.66 -71.48 21.48
CA GLN AA 12 128.53 -70.28 20.66
C GLN AA 12 127.34 -70.38 19.71
N CYS AA 13 127.15 -71.56 19.11
CA CYS AA 13 126.00 -71.77 18.23
C CYS AA 13 124.69 -71.79 19.03
N GLY AA 14 124.72 -72.40 20.22
CA GLY AA 14 123.52 -72.43 21.05
C GLY AA 14 123.16 -71.06 21.61
N ASN AA 15 124.17 -70.28 22.00
CA ASN AA 15 123.88 -68.91 22.43
C ASN AA 15 123.46 -68.03 21.26
N GLN AA 16 123.93 -68.35 20.05
CA GLN AA 16 123.48 -67.64 18.87
C GLN AA 16 122.00 -67.87 18.60
N ILE AA 17 121.57 -69.14 18.58
CA ILE AA 17 120.17 -69.44 18.32
C ILE AA 17 119.28 -69.00 19.49
N GLY AA 18 119.78 -69.04 20.73
CA GLY AA 18 119.02 -68.51 21.84
C GLY AA 18 118.89 -67.00 21.78
N PHE AA 19 119.93 -66.31 21.32
CA PHE AA 19 119.90 -64.86 21.16
C PHE AA 19 118.88 -64.46 20.12
N GLU AA 20 118.87 -65.14 18.97
CA GLU AA 20 117.90 -64.80 17.92
C GLU AA 20 116.49 -65.19 18.34
N PHE AA 21 116.34 -66.28 19.10
CA PHE AA 21 115.01 -66.68 19.56
C PHE AA 21 114.46 -65.69 20.59
N TRP AA 22 115.32 -65.21 21.49
CA TRP AA 22 114.89 -64.23 22.48
C TRP AA 22 114.56 -62.90 21.82
N LYS AA 23 115.36 -62.50 20.81
CA LYS AA 23 115.05 -61.30 20.05
C LYS AA 23 113.74 -61.44 19.28
N GLN AA 24 113.48 -62.65 18.76
CA GLN AA 24 112.24 -62.92 18.04
C GLN AA 24 111.03 -62.83 18.97
N LEU AA 25 111.13 -63.42 20.16
CA LEU AA 25 110.03 -63.31 21.11
C LEU AA 25 109.91 -61.92 21.72
N CYS AA 26 110.99 -61.15 21.73
CA CYS AA 26 110.92 -59.77 22.18
C CYS AA 26 110.15 -58.92 21.17
N ALA AA 27 110.44 -59.11 19.88
CA ALA AA 27 109.71 -58.42 18.84
C ALA AA 27 108.27 -58.91 18.75
N GLU AA 28 108.04 -60.19 19.07
CA GLU AA 28 106.72 -60.76 18.93
C GLU AA 28 105.77 -60.26 20.01
N HIS AA 29 106.16 -60.40 21.27
CA HIS AA 29 105.33 -59.94 22.36
C HIS AA 29 105.51 -58.44 22.55
N GLY AA 30 104.62 -57.85 23.33
CA GLY AA 30 104.63 -56.42 23.54
C GLY AA 30 105.63 -55.94 24.57
N ILE AA 31 106.93 -56.05 24.24
CA ILE AA 31 107.99 -55.63 25.14
C ILE AA 31 109.07 -54.91 24.33
N SER AA 32 109.75 -54.00 24.99
CA SER AA 32 110.94 -53.34 24.48
C SER AA 32 112.15 -54.25 24.63
N PRO AA 33 113.30 -53.91 24.04
CA PRO AA 33 114.53 -54.64 24.38
C PRO AA 33 115.00 -54.44 25.81
N GLU AA 34 114.51 -53.42 26.49
CA GLU AA 34 114.67 -53.33 27.93
C GLU AA 34 113.65 -54.19 28.66
N GLY AA 35 112.49 -54.41 28.04
CA GLY AA 35 111.39 -55.09 28.69
C GLY AA 35 110.21 -54.20 29.02
N ILE AA 36 110.09 -53.05 28.36
CA ILE AA 36 109.07 -52.07 28.71
C ILE AA 36 107.76 -52.47 28.05
N VAL AA 37 106.68 -52.44 28.85
CA VAL AA 37 105.39 -52.99 28.44
C VAL AA 37 104.77 -52.13 27.34
N GLU AA 38 104.10 -52.78 26.40
CA GLU AA 38 103.39 -52.08 25.35
C GLU AA 38 101.91 -52.06 25.63
N GLU AA 39 101.18 -51.32 24.81
CA GLU AA 39 99.75 -51.11 25.06
C GLU AA 39 98.89 -52.13 24.35
N PHE AA 40 99.48 -53.01 23.53
CA PHE AA 40 98.69 -54.03 22.86
C PHE AA 40 98.86 -55.39 23.52
N ALA AA 41 99.59 -55.46 24.63
CA ALA AA 41 99.84 -56.72 25.31
C ALA AA 41 100.02 -56.47 26.80
N THR AA 45 93.79 -62.92 24.21
CA THR AA 45 94.08 -64.25 24.75
C THR AA 45 95.56 -64.60 24.51
N ASP AA 46 96.38 -64.35 25.52
CA ASP AA 46 97.82 -64.54 25.43
C ASP AA 46 98.35 -65.20 26.70
N ARG AA 47 99.67 -65.33 26.79
CA ARG AA 47 100.37 -65.58 28.05
C ARG AA 47 101.79 -65.08 27.92
N LYS AA 48 102.28 -64.43 28.97
CA LYS AA 48 103.65 -63.94 29.03
C LYS AA 48 104.36 -64.52 30.25
N ASP AA 49 104.14 -65.80 30.51
CA ASP AA 49 104.72 -66.45 31.68
C ASP AA 49 105.24 -67.83 31.31
N VAL AA 50 105.48 -68.06 30.03
CA VAL AA 50 105.93 -69.38 29.57
C VAL AA 50 107.45 -69.42 29.49
N PHE AA 51 108.03 -68.45 28.80
CA PHE AA 51 109.48 -68.26 28.78
C PHE AA 51 109.89 -67.09 29.64
N PHE AA 52 108.94 -66.25 30.04
CA PHE AA 52 109.22 -64.98 30.68
C PHE AA 52 108.84 -65.10 32.15
N TYR AA 53 109.73 -64.67 33.03
CA TYR AA 53 109.27 -64.34 34.36
C TYR AA 53 108.77 -62.90 34.37
N GLN AA 54 107.66 -62.68 35.07
CA GLN AA 54 107.25 -61.32 35.41
C GLN AA 54 108.30 -60.85 36.41
N ALA AA 55 109.32 -60.18 35.91
CA ALA AA 55 110.46 -59.91 36.75
C ALA AA 55 110.37 -58.49 37.32
N ASP AA 56 111.33 -58.19 38.18
CA ASP AA 56 111.06 -57.31 39.30
C ASP AA 56 111.48 -55.87 39.05
N ASP AA 57 111.68 -55.50 37.79
CA ASP AA 57 111.81 -54.10 37.39
C ASP AA 57 110.90 -53.76 36.22
N GLU AA 58 109.75 -54.45 36.14
CA GLU AA 58 108.72 -54.30 35.11
C GLU AA 58 109.28 -54.62 33.72
N HIS AA 59 110.27 -55.50 33.71
CA HIS AA 59 110.75 -56.12 32.49
C HIS AA 59 110.42 -57.60 32.58
N TYR AA 60 109.76 -58.14 31.55
CA TYR AA 60 109.49 -59.57 31.51
C TYR AA 60 110.77 -60.29 31.14
N ILE AA 61 111.63 -60.49 32.12
CA ILE AA 61 112.97 -61.03 31.91
C ILE AA 61 112.85 -62.54 31.71
N PRO AA 62 113.31 -63.08 30.58
CA PRO AA 62 113.26 -64.52 30.38
C PRO AA 62 114.19 -65.25 31.31
N ARG AA 63 113.77 -66.45 31.72
CA ARG AA 63 114.61 -67.34 32.50
C ARG AA 63 115.56 -68.08 31.56
N ALA AA 64 116.74 -67.51 31.39
CA ALA AA 64 117.73 -68.07 30.47
C ALA AA 64 119.05 -68.28 31.22
N VAL AA 65 119.63 -69.46 31.05
CA VAL AA 65 120.94 -69.77 31.59
C VAL AA 65 121.99 -69.44 30.54
N LEU AA 66 122.84 -68.47 30.85
CA LEU AA 66 123.86 -67.99 29.94
C LEU AA 66 125.16 -68.72 30.24
N LEU AA 67 125.59 -69.56 29.31
CA LEU AA 67 126.83 -70.31 29.46
C LEU AA 67 127.77 -69.94 28.32
N ASP AA 68 129.03 -69.75 28.66
CA ASP AA 68 130.03 -69.36 27.67
C ASP AA 68 131.21 -70.30 27.76
N LEU AA 69 131.75 -70.64 26.59
CA LEU AA 69 132.93 -71.47 26.47
C LEU AA 69 133.70 -71.00 25.25
N GLU AA 70 134.85 -70.35 25.49
CA GLU AA 70 135.62 -69.58 24.51
C GLU AA 70 134.72 -68.55 23.84
N PRO AA 71 134.29 -67.51 24.55
CA PRO AA 71 133.26 -66.62 24.02
C PRO AA 71 133.82 -65.64 22.99
N ARG AA 72 133.18 -65.61 21.82
CA ARG AA 72 133.49 -64.60 20.83
C ARG AA 72 132.21 -63.85 20.48
N VAL AA 73 131.18 -64.58 20.07
CA VAL AA 73 129.90 -63.98 19.73
C VAL AA 73 129.11 -63.67 20.99
N ILE AA 74 129.44 -64.30 22.11
CA ILE AA 74 128.77 -64.05 23.37
C ILE AA 74 129.16 -62.68 23.92
N HIS AA 75 130.38 -62.22 23.59
CA HIS AA 75 130.77 -60.85 23.86
C HIS AA 75 129.90 -59.86 23.09
N SER AA 76 129.55 -60.19 21.85
CA SER AA 76 128.64 -59.34 21.08
C SER AA 76 127.23 -59.39 21.64
N ILE AA 77 126.84 -60.53 22.22
CA ILE AA 77 125.57 -60.62 22.94
C ILE AA 77 125.59 -59.73 24.17
N LEU AA 78 126.77 -59.56 24.77
CA LEU AA 78 126.89 -58.74 25.97
C LEU AA 78 126.63 -57.26 25.70
N ASN AA 79 127.34 -56.66 24.76
CA ASN AA 79 127.08 -55.25 24.45
C ASN AA 79 125.94 -55.17 23.43
N SER AA 80 124.72 -55.28 23.90
CA SER AA 80 123.57 -55.39 23.02
C SER AA 80 122.35 -54.86 23.74
N PRO AA 81 121.36 -54.34 23.01
CA PRO AA 81 120.12 -53.88 23.67
C PRO AA 81 119.25 -55.00 24.20
N TYR AA 82 119.51 -56.24 23.79
CA TYR AA 82 118.80 -57.38 24.33
C TYR AA 82 119.51 -57.98 25.54
N ALA AA 83 120.59 -57.35 25.99
CA ALA AA 83 121.19 -57.67 27.28
C ALA AA 83 120.50 -56.93 28.41
N LYS AA 84 119.62 -55.98 28.08
CA LYS AA 84 118.73 -55.40 29.08
C LYS AA 84 117.42 -56.17 29.19
N LEU AA 85 117.17 -57.10 28.28
CA LEU AA 85 116.00 -57.97 28.40
C LEU AA 85 116.27 -59.14 29.34
N TYR AA 86 117.36 -59.87 29.10
CA TYR AA 86 117.70 -61.00 29.95
C TYR AA 86 119.18 -60.92 30.35
N ASN AA 87 119.42 -60.86 31.66
CA ASN AA 87 120.70 -61.09 32.32
C ASN AA 87 120.49 -61.30 33.81
N PRO AA 88 120.18 -62.52 34.26
CA PRO AA 88 120.17 -62.78 35.72
C PRO AA 88 121.55 -63.00 36.31
N GLU AA 89 122.61 -62.66 35.55
CA GLU AA 89 124.01 -62.59 35.95
C GLU AA 89 124.48 -63.97 36.42
N ASN AA 90 124.54 -64.91 35.50
CA ASN AA 90 124.96 -66.27 35.80
C ASN AA 90 125.95 -66.78 34.76
N ILE AA 91 126.62 -65.86 34.08
CA ILE AA 91 127.59 -66.19 33.05
C ILE AA 91 128.83 -66.79 33.72
N TYR AA 92 129.18 -68.01 33.34
CA TYR AA 92 130.32 -68.70 33.92
C TYR AA 92 130.98 -69.55 32.85
N LEU AA 93 132.31 -69.49 32.80
CA LEU AA 93 133.07 -70.23 31.79
C LEU AA 93 133.07 -71.72 32.07
N GLY AA 101 134.95 -77.00 23.67
CA GLY AA 101 135.61 -75.94 22.92
C GLY AA 101 135.67 -76.24 21.44
N ASN AA 102 136.55 -77.16 21.06
CA ASN AA 102 136.58 -77.71 19.70
C ASN AA 102 136.48 -79.23 19.73
N ASN AA 103 136.17 -79.81 20.89
CA ASN AA 103 136.09 -81.25 21.01
C ASN AA 103 135.00 -81.63 21.99
N TRP AA 104 134.50 -82.85 21.82
CA TRP AA 104 133.52 -83.40 22.74
C TRP AA 104 134.16 -83.75 24.08
N ALA AA 105 135.36 -84.32 24.05
CA ALA AA 105 136.02 -84.72 25.28
C ALA AA 105 136.43 -83.52 26.13
N SER AA 106 136.88 -82.44 25.47
CA SER AA 106 137.28 -81.24 26.19
C SER AA 106 136.09 -80.56 26.87
N GLY AA 107 134.99 -80.41 26.13
CA GLY AA 107 133.80 -79.80 26.69
C GLY AA 107 133.16 -80.66 27.77
N PHE AA 108 133.21 -81.98 27.58
CA PHE AA 108 132.70 -82.91 28.58
C PHE AA 108 133.49 -82.84 29.87
N SER AA 109 134.83 -82.86 29.77
CA SER AA 109 135.67 -82.82 30.95
C SER AA 109 135.60 -81.47 31.65
N GLN AA 110 135.53 -80.38 30.87
CA GLN AA 110 135.40 -79.06 31.47
C GLN AA 110 134.04 -78.90 32.15
N GLY AA 111 132.99 -79.48 31.59
CA GLY AA 111 131.71 -79.46 32.27
C GLY AA 111 131.68 -80.35 33.49
N GLU AA 112 132.48 -81.42 33.47
CA GLU AA 112 132.52 -82.36 34.58
C GLU AA 112 133.12 -81.72 35.83
N LYS AA 113 134.20 -80.95 35.67
CA LYS AA 113 134.92 -80.44 36.84
C LYS AA 113 134.18 -79.30 37.53
N ILE AA 114 133.21 -78.66 36.87
CA ILE AA 114 132.53 -77.51 37.45
C ILE AA 114 131.00 -77.69 37.50
N HIS AA 115 130.52 -78.93 37.65
CA HIS AA 115 129.07 -79.18 37.54
C HIS AA 115 128.30 -78.58 38.71
N GLU AA 116 129.00 -78.26 39.81
CA GLU AA 116 128.35 -77.92 41.07
C GLU AA 116 127.69 -76.56 41.02
N ASP AA 117 128.44 -75.52 40.66
CA ASP AA 117 127.90 -74.17 40.70
C ASP AA 117 126.98 -73.91 39.51
N ILE AA 118 127.22 -74.56 38.38
CA ILE AA 118 126.27 -74.42 37.28
C ILE AA 118 124.98 -75.17 37.60
N PHE AA 119 125.08 -76.24 38.38
CA PHE AA 119 123.87 -76.88 38.89
C PHE AA 119 123.18 -75.99 39.92
N ASP AA 120 123.96 -75.19 40.65
CA ASP AA 120 123.37 -74.19 41.53
C ASP AA 120 122.68 -73.09 40.75
N ILE AA 121 123.23 -72.74 39.59
CA ILE AA 121 122.58 -71.78 38.68
C ILE AA 121 121.25 -72.34 38.19
N ILE AA 122 121.24 -73.63 37.82
CA ILE AA 122 120.01 -74.32 37.43
C ILE AA 122 119.03 -74.35 38.61
N ASP AA 123 119.55 -74.54 39.82
CA ASP AA 123 118.71 -74.59 41.02
C ASP AA 123 118.12 -73.24 41.34
N ARG AA 124 118.88 -72.17 41.10
CA ARG AA 124 118.42 -70.81 41.30
C ARG AA 124 117.23 -70.48 40.41
N GLU AA 125 117.33 -70.79 39.12
CA GLU AA 125 116.20 -70.51 38.23
C GLU AA 125 115.07 -71.51 38.42
N ALA AA 126 115.37 -72.72 38.89
CA ALA AA 126 114.32 -73.68 39.22
C ALA AA 126 113.53 -73.20 40.44
N ASP AA 127 114.21 -72.57 41.39
CA ASP AA 127 113.52 -71.90 42.47
C ASP AA 127 112.88 -70.59 42.00
N GLY AA 128 113.33 -70.07 40.85
CA GLY AA 128 112.83 -68.78 40.39
C GLY AA 128 111.37 -68.82 39.95
N SER AA 129 111.01 -69.81 39.13
CA SER AA 129 109.64 -69.89 38.64
C SER AA 129 108.77 -70.69 39.61
N ASP AA 130 107.47 -70.39 39.59
CA ASP AA 130 106.54 -71.10 40.46
C ASP AA 130 106.27 -72.52 39.95
N SER AA 131 106.11 -72.69 38.65
CA SER AA 131 105.86 -73.99 38.05
C SER AA 131 106.90 -74.25 36.97
N LEU AA 132 106.96 -75.50 36.52
CA LEU AA 132 107.94 -75.89 35.51
C LEU AA 132 107.31 -76.96 34.62
N GLU AA 133 107.61 -76.88 33.32
CA GLU AA 133 107.11 -77.87 32.39
C GLU AA 133 108.26 -78.64 31.75
N GLY AA 134 109.36 -77.95 31.42
CA GLY AA 134 110.45 -78.62 30.74
C GLY AA 134 111.69 -77.75 30.65
N PHE AA 135 112.77 -78.39 30.20
CA PHE AA 135 114.05 -77.72 29.96
C PHE AA 135 114.38 -77.83 28.48
N VAL AA 136 114.40 -76.68 27.81
CA VAL AA 136 114.69 -76.62 26.37
C VAL AA 136 116.16 -76.22 26.22
N LEU AA 137 116.94 -77.10 25.60
CA LEU AA 137 118.37 -76.90 25.46
C LEU AA 137 118.68 -76.39 24.06
N CYS AA 138 119.23 -75.17 23.99
CA CYS AA 138 119.78 -74.65 22.75
C CYS AA 138 121.13 -75.33 22.56
N HIS AA 139 121.17 -76.24 21.59
CA HIS AA 139 122.31 -77.14 21.46
C HIS AA 139 122.69 -77.27 20.00
N SER AA 140 123.99 -77.49 19.77
CA SER AA 140 124.50 -77.79 18.45
C SER AA 140 125.29 -79.09 18.53
N ILE AA 141 124.96 -80.03 17.64
CA ILE AA 141 125.58 -81.34 17.65
C ILE AA 141 126.89 -81.27 16.90
N ALA AA 142 127.98 -81.66 17.60
CA ALA AA 142 129.36 -81.57 17.11
C ALA AA 142 129.72 -80.15 16.69
N GLY AA 143 129.25 -79.18 17.46
CA GLY AA 143 129.59 -77.79 17.24
C GLY AA 143 130.87 -77.39 17.94
N GLY AA 144 131.50 -78.32 18.65
CA GLY AA 144 132.72 -78.03 19.35
C GLY AA 144 132.45 -77.40 20.70
N THR AA 145 131.99 -76.14 20.66
CA THR AA 145 131.68 -75.41 21.88
C THR AA 145 130.48 -76.01 22.60
N GLY AA 146 129.41 -76.32 21.87
CA GLY AA 146 128.24 -76.93 22.49
C GLY AA 146 128.48 -78.38 22.85
N SER AA 147 129.32 -79.06 22.10
CA SER AA 147 129.52 -80.50 22.22
C SER AA 147 130.28 -80.85 23.50
N GLY AA 148 129.91 -82.01 24.05
CA GLY AA 148 130.55 -82.50 25.27
C GLY AA 148 129.96 -81.91 26.53
N LEU AA 149 130.07 -80.59 26.66
CA LEU AA 149 129.41 -79.88 27.75
C LEU AA 149 127.89 -80.06 27.68
N GLY AA 150 127.32 -80.03 26.46
CA GLY AA 150 125.90 -80.25 26.32
C GLY AA 150 125.48 -81.66 26.68
N SER AA 151 126.28 -82.66 26.28
CA SER AA 151 125.96 -84.04 26.61
C SER AA 151 126.11 -84.30 28.11
N TYR AA 152 127.12 -83.71 28.74
CA TYR AA 152 127.31 -83.87 30.17
C TYR AA 152 126.20 -83.20 30.95
N LEU AA 153 125.82 -81.98 30.54
CA LEU AA 153 124.71 -81.29 31.20
C LEU AA 153 123.39 -82.00 30.96
N LEU AA 154 123.25 -82.69 29.82
CA LEU AA 154 122.07 -83.51 29.59
C LEU AA 154 121.98 -84.66 30.58
N GLU AA 155 123.13 -85.28 30.86
CA GLU AA 155 123.19 -86.32 31.89
C GLU AA 155 122.87 -85.75 33.26
N ARG AA 156 123.36 -84.55 33.56
CA ARG AA 156 123.10 -83.95 34.88
C ARG AA 156 121.63 -83.59 35.04
N LEU AA 157 121.00 -83.07 33.99
CA LEU AA 157 119.61 -82.66 34.08
C LEU AA 157 118.67 -83.84 34.18
N ASN AA 158 118.89 -84.89 33.38
CA ASN AA 158 117.97 -86.01 33.41
C ASN AA 158 118.16 -86.86 34.66
N ASP AA 159 119.38 -86.91 35.20
CA ASP AA 159 119.59 -87.64 36.44
C ASP AA 159 119.04 -86.88 37.63
N ARG AA 160 119.27 -85.56 37.67
CA ARG AA 160 118.93 -84.79 38.86
C ARG AA 160 117.42 -84.58 38.98
N TYR AA 161 116.72 -84.42 37.86
CA TYR AA 161 115.29 -84.19 37.87
C TYR AA 161 114.60 -85.20 36.98
N PRO AA 162 114.05 -86.27 37.54
CA PRO AA 162 113.36 -87.27 36.72
C PRO AA 162 111.89 -86.96 36.49
N LYS AA 163 111.38 -85.88 37.08
CA LYS AA 163 109.95 -85.59 37.01
C LYS AA 163 109.60 -84.57 35.92
N LYS AA 164 110.60 -83.99 35.26
CA LYS AA 164 110.36 -82.96 34.26
C LYS AA 164 110.74 -83.46 32.87
N LEU AA 165 110.51 -82.60 31.88
CA LEU AA 165 110.79 -82.91 30.49
C LEU AA 165 112.12 -82.29 30.07
N VAL AA 166 112.82 -82.98 29.17
CA VAL AA 166 114.06 -82.48 28.59
C VAL AA 166 113.85 -82.39 27.08
N GLN AA 167 114.01 -81.18 26.53
CA GLN AA 167 113.96 -80.98 25.09
C GLN AA 167 115.31 -80.47 24.61
N THR AA 168 115.72 -80.97 23.44
CA THR AA 168 117.00 -80.60 22.85
C THR AA 168 116.77 -80.27 21.38
N TYR AA 169 116.83 -78.99 21.05
CA TYR AA 169 116.81 -78.54 19.66
C TYR AA 169 118.20 -78.77 19.09
N SER AA 170 118.28 -79.61 18.06
CA SER AA 170 119.56 -80.11 17.60
C SER AA 170 119.66 -79.95 16.10
N VAL AA 171 120.89 -79.74 15.64
CA VAL AA 171 121.21 -79.69 14.22
C VAL AA 171 121.84 -81.02 13.84
N PHE AA 172 121.79 -81.36 12.55
CA PHE AA 172 122.49 -82.56 12.11
C PHE AA 172 123.81 -82.15 11.46
N PRO AA 173 124.93 -82.68 11.92
CA PRO AA 173 126.23 -82.14 11.52
C PRO AA 173 126.63 -82.50 10.10
N ASN AA 174 126.09 -81.76 9.14
CA ASN AA 174 126.51 -81.84 7.75
C ASN AA 174 126.40 -80.46 7.12
N GLN AA 175 127.52 -79.75 7.09
CA GLN AA 175 127.54 -78.39 6.56
C GLN AA 175 128.38 -78.26 5.31
N ASP AA 176 128.47 -79.34 4.52
CA ASP AA 176 129.25 -79.44 3.28
C ASP AA 176 130.73 -79.17 3.55
N GLU AA 177 131.22 -79.73 4.66
CA GLU AA 177 132.57 -79.49 5.14
C GLU AA 177 133.62 -80.13 4.25
N ASP AA 180 139.46 -78.46 8.94
CA ASP AA 180 138.62 -79.65 8.77
C ASP AA 180 138.67 -80.52 10.03
N VAL AA 181 137.50 -80.99 10.45
CA VAL AA 181 137.37 -81.79 11.66
C VAL AA 181 136.97 -83.22 11.29
N VAL AA 182 137.84 -84.18 11.62
CA VAL AA 182 137.58 -85.57 11.34
C VAL AA 182 137.19 -86.35 12.58
N VAL AA 183 137.26 -85.72 13.76
CA VAL AA 183 136.76 -86.32 14.98
C VAL AA 183 135.27 -86.05 15.16
N GLN AA 184 134.70 -85.26 14.25
CA GLN AA 184 133.27 -84.93 14.27
C GLN AA 184 132.31 -86.13 14.24
N PRO AA 185 132.55 -87.23 13.49
CA PRO AA 185 131.66 -88.40 13.67
C PRO AA 185 131.74 -89.03 15.04
N TYR AA 186 132.92 -89.05 15.67
CA TYR AA 186 133.04 -89.58 17.02
C TYR AA 186 132.27 -88.72 18.03
N ASN AA 187 132.40 -87.39 17.89
CA ASN AA 187 131.71 -86.46 18.77
C ASN AA 187 130.20 -86.56 18.61
N SER AA 188 129.74 -86.60 17.35
CA SER AA 188 128.30 -86.71 17.09
C SER AA 188 127.76 -88.05 17.54
N LEU AA 189 128.57 -89.12 17.45
CA LEU AA 189 128.13 -90.44 17.89
C LEU AA 189 127.97 -90.49 19.40
N LEU AA 190 128.95 -89.94 20.13
CA LEU AA 190 128.84 -89.91 21.59
C LEU AA 190 127.69 -89.02 22.05
N THR AA 191 127.52 -87.86 21.39
CA THR AA 191 126.42 -86.98 21.73
C THR AA 191 125.08 -87.60 21.41
N LEU AA 192 125.01 -88.39 20.33
CA LEU AA 192 123.76 -89.05 19.97
C LEU AA 192 123.43 -90.17 20.93
N LYS AA 193 124.46 -90.84 21.47
CA LYS AA 193 124.23 -91.81 22.55
C LYS AA 193 123.60 -91.13 23.75
N ARG AA 194 124.11 -89.95 24.12
CA ARG AA 194 123.52 -89.19 25.22
C ARG AA 194 122.11 -88.74 24.88
N LEU AA 195 121.88 -88.37 23.61
CA LEU AA 195 120.56 -87.91 23.19
C LEU AA 195 119.52 -89.02 23.25
N THR AA 196 119.91 -90.24 22.86
CA THR AA 196 118.97 -91.35 22.90
C THR AA 196 118.70 -91.80 24.32
N GLN AA 197 119.68 -91.69 25.20
CA GLN AA 197 119.56 -92.28 26.53
C GLN AA 197 119.14 -91.30 27.61
N ASN AA 198 119.43 -90.00 27.43
CA ASN AA 198 119.26 -89.01 28.50
C ASN AA 198 118.29 -87.91 28.12
N ALA AA 199 117.38 -88.16 27.17
CA ALA AA 199 116.43 -87.14 26.75
C ALA AA 199 115.06 -87.77 26.58
N ASP AA 200 114.02 -86.96 26.85
CA ASP AA 200 112.65 -87.37 26.63
C ASP AA 200 112.19 -87.13 25.20
N CYS AA 201 112.68 -86.07 24.57
CA CYS AA 201 112.33 -85.76 23.19
C CYS AA 201 113.47 -84.94 22.61
N VAL AA 202 113.72 -85.14 21.31
CA VAL AA 202 114.75 -84.40 20.60
C VAL AA 202 114.15 -83.86 19.31
N VAL AA 203 114.34 -82.57 19.06
CA VAL AA 203 113.97 -81.93 17.81
C VAL AA 203 115.23 -81.78 16.98
N VAL AA 204 115.28 -82.43 15.82
CA VAL AA 204 116.47 -82.48 14.99
C VAL AA 204 116.20 -81.76 13.69
N LEU AA 205 117.18 -80.97 13.25
CA LEU AA 205 117.15 -80.34 11.93
C LEU AA 205 118.43 -80.69 11.20
N ASP AA 206 118.41 -80.51 9.87
CA ASP AA 206 119.59 -80.73 9.05
C ASP AA 206 120.18 -79.39 8.64
N ASN AA 207 121.49 -79.24 8.83
CA ASN AA 207 122.17 -78.01 8.41
C ASN AA 207 122.21 -77.90 6.89
N THR AA 208 122.36 -79.04 6.20
CA THR AA 208 122.42 -79.02 4.74
C THR AA 208 121.06 -78.68 4.15
N ALA AA 209 119.98 -79.14 4.78
CA ALA AA 209 118.63 -78.84 4.29
C ALA AA 209 118.31 -77.36 4.39
N LEU AA 210 118.58 -76.76 5.55
CA LEU AA 210 118.37 -75.32 5.72
C LEU AA 210 119.33 -74.53 4.85
N ASN AA 211 120.53 -75.06 4.61
CA ASN AA 211 121.48 -74.41 3.72
C ASN AA 211 120.97 -74.40 2.28
N ARG AA 212 120.39 -75.52 1.83
CA ARG AA 212 119.80 -75.61 0.50
C ARG AA 212 118.61 -74.66 0.36
N ILE AA 213 117.76 -74.61 1.39
CA ILE AA 213 116.59 -73.73 1.35
C ILE AA 213 117.01 -72.27 1.35
N ALA AA 214 118.06 -71.93 2.10
CA ALA AA 214 118.52 -70.55 2.16
C ALA AA 214 119.18 -70.12 0.85
N THR AA 215 120.02 -70.98 0.27
CA THR AA 215 120.62 -70.70 -1.03
C THR AA 215 119.58 -70.76 -2.15
N ASP AA 216 118.43 -71.36 -1.89
CA ASP AA 216 117.32 -71.31 -2.85
C ASP AA 216 116.60 -69.98 -2.79
N ARG AA 217 116.05 -69.62 -1.61
CA ARG AA 217 115.13 -68.49 -1.52
C ARG AA 217 115.83 -67.15 -1.72
N LEU AA 218 117.09 -67.05 -1.32
CA LEU AA 218 117.94 -65.93 -1.67
C LEU AA 218 119.11 -66.46 -2.46
N HIS AA 219 120.11 -65.60 -2.67
CA HIS AA 219 121.32 -65.97 -3.38
C HIS AA 219 122.50 -65.67 -2.46
N ILE AA 220 122.35 -66.04 -1.20
CA ILE AA 220 123.37 -65.85 -0.18
C ILE AA 220 124.25 -67.08 -0.14
N GLN AA 221 125.55 -66.86 0.03
CA GLN AA 221 126.50 -67.96 0.14
C GLN AA 221 127.32 -67.83 1.41
N ASN AA 222 127.76 -66.62 1.76
CA ASN AA 222 128.59 -66.39 2.93
C ASN AA 222 127.82 -66.27 4.26
N PRO AA 223 126.76 -65.42 4.42
CA PRO AA 223 126.13 -65.33 5.75
C PRO AA 223 125.09 -66.40 6.01
N SER AA 224 125.43 -67.67 5.76
CA SER AA 224 124.44 -68.74 5.89
C SER AA 224 124.07 -68.99 7.34
N PHE AA 225 125.02 -68.77 8.26
CA PHE AA 225 124.80 -69.04 9.69
C PHE AA 225 123.67 -68.20 10.24
N SER AA 226 123.72 -66.89 10.01
CA SER AA 226 122.74 -65.96 10.58
C SER AA 226 121.34 -66.21 10.03
N GLN AA 227 121.25 -66.58 8.76
CA GLN AA 227 119.96 -66.83 8.15
C GLN AA 227 119.35 -68.14 8.63
N ILE AA 228 120.20 -69.17 8.81
CA ILE AA 228 119.76 -70.39 9.47
C ILE AA 228 119.27 -70.10 10.89
N ASN AA 229 119.92 -69.16 11.59
CA ASN AA 229 119.46 -68.75 12.92
C ASN AA 229 118.06 -68.15 12.87
N GLN AA 230 117.77 -67.37 11.82
CA GLN AA 230 116.43 -66.84 11.62
C GLN AA 230 115.41 -67.96 11.46
N LEU AA 231 115.79 -68.98 10.70
CA LEU AA 231 114.88 -70.11 10.45
C LEU AA 231 114.58 -70.87 11.73
N VAL AA 232 115.61 -71.20 12.53
CA VAL AA 232 115.37 -72.04 13.71
C VAL AA 232 114.62 -71.23 14.77
N SER AA 233 114.91 -69.93 14.85
CA SER AA 233 114.18 -69.09 15.81
C SER AA 233 112.71 -68.96 15.44
N THR AA 234 112.42 -68.84 14.14
CA THR AA 234 111.02 -68.81 13.70
C THR AA 234 110.31 -70.13 13.98
N ILE AA 235 111.02 -71.26 13.78
CA ILE AA 235 110.45 -72.57 14.06
C ILE AA 235 110.20 -72.74 15.56
N MET AA 236 111.13 -72.26 16.39
CA MET AA 236 110.99 -72.41 17.84
C MET AA 236 109.87 -71.54 18.38
N SER AA 237 109.67 -70.35 17.79
CA SER AA 237 108.52 -69.54 18.18
C SER AA 237 107.22 -70.20 17.70
N ALA AA 238 107.24 -70.77 16.50
CA ALA AA 238 106.04 -71.38 15.94
C ALA AA 238 105.61 -72.63 16.71
N SER AA 239 106.59 -73.39 17.22
CA SER AA 239 106.27 -74.62 17.95
C SER AA 239 105.67 -74.32 19.33
N THR AA 240 106.09 -73.25 19.98
CA THR AA 240 105.59 -72.90 21.30
C THR AA 240 104.55 -71.79 21.27
N THR AA 241 104.07 -71.39 20.09
CA THR AA 241 102.92 -70.50 20.01
C THR AA 241 101.69 -71.07 20.69
N THR AA 242 101.47 -72.38 20.59
CA THR AA 242 100.30 -72.99 21.22
C THR AA 242 100.43 -73.06 22.73
N LEU AA 243 101.66 -72.98 23.26
CA LEU AA 243 101.84 -72.86 24.70
C LEU AA 243 101.76 -71.42 25.15
N ARG AA 244 102.33 -70.51 24.36
CA ARG AA 244 102.37 -69.10 24.73
C ARG AA 244 101.01 -68.45 24.56
N TYR AA 245 100.18 -68.98 23.68
CA TYR AA 245 98.83 -68.45 23.50
C TYR AA 245 97.83 -69.54 23.88
N PRO AA 246 96.91 -69.24 24.79
CA PRO AA 246 96.07 -70.30 25.37
C PRO AA 246 95.09 -70.88 24.38
N GLY AA 247 95.21 -72.17 24.17
CA GLY AA 247 94.31 -72.89 23.32
C GLY AA 247 93.45 -73.85 24.12
N TYR AA 248 93.48 -75.11 23.69
CA TYR AA 248 92.66 -76.14 24.31
C TYR AA 248 93.50 -77.36 24.61
N MET AA 249 94.60 -77.52 23.88
CA MET AA 249 95.53 -78.62 24.03
C MET AA 249 96.90 -78.10 23.61
N ASN AA 250 97.95 -78.74 24.13
CA ASN AA 250 99.35 -78.35 23.96
C ASN AA 250 99.57 -76.94 24.50
N ASN AA 251 98.90 -76.64 25.60
CA ASN AA 251 99.31 -75.57 26.50
C ASN AA 251 100.26 -76.09 27.57
N ASP AA 252 100.61 -77.37 27.46
CA ASP AA 252 101.73 -77.98 28.16
C ASP AA 252 102.54 -78.72 27.10
N LEU AA 253 103.82 -78.92 27.39
CA LEU AA 253 104.72 -79.50 26.41
C LEU AA 253 104.41 -80.98 26.19
N ILE AA 254 104.04 -81.68 27.26
CA ILE AA 254 103.98 -83.15 27.25
C ILE AA 254 102.85 -83.63 26.35
N GLY AA 255 101.81 -82.82 26.15
CA GLY AA 255 100.74 -83.21 25.25
C GLY AA 255 101.16 -83.22 23.78
N LEU AA 256 101.94 -82.21 23.37
CA LEU AA 256 102.48 -82.21 22.03
C LEU AA 256 103.55 -83.29 21.87
N ILE AA 257 104.31 -83.54 22.94
CA ILE AA 257 105.35 -84.57 22.92
C ILE AA 257 104.74 -85.97 22.87
N ALA AA 258 103.53 -86.14 23.39
CA ALA AA 258 102.95 -87.46 23.62
C ALA AA 258 102.60 -88.18 22.32
N SER AA 259 101.91 -87.52 21.40
CA SER AA 259 101.34 -88.20 20.25
C SER AA 259 102.41 -88.63 19.25
N LEU AA 260 103.46 -87.81 19.08
CA LEU AA 260 104.47 -88.12 18.08
C LEU AA 260 105.39 -89.25 18.54
N ILE AA 261 105.56 -89.40 19.84
CA ILE AA 261 106.53 -90.35 20.40
C ILE AA 261 105.77 -91.58 20.90
N PRO AA 262 105.90 -92.73 20.23
CA PRO AA 262 105.10 -93.90 20.61
C PRO AA 262 105.78 -94.75 21.67
N THR AA 263 107.07 -94.52 21.91
CA THR AA 263 107.93 -95.40 22.70
C THR AA 263 109.21 -94.62 23.01
N PRO AA 264 109.87 -94.92 24.13
CA PRO AA 264 111.02 -94.08 24.56
C PRO AA 264 112.23 -94.06 23.64
N ARG AA 265 112.29 -94.90 22.62
CA ARG AA 265 113.44 -94.90 21.73
C ARG AA 265 113.22 -94.02 20.51
N LEU AA 266 112.00 -93.94 20.01
CA LEU AA 266 111.72 -93.11 18.85
C LEU AA 266 111.18 -91.78 19.34
N HIS AA 267 112.07 -90.85 19.64
CA HIS AA 267 111.65 -89.55 20.18
C HIS AA 267 112.26 -88.41 19.38
N PHE AA 268 112.64 -88.68 18.14
CA PHE AA 268 113.29 -87.71 17.27
C PHE AA 268 112.29 -87.24 16.22
N LEU AA 269 112.13 -85.92 16.11
CA LEU AA 269 111.00 -85.34 15.39
C LEU AA 269 111.50 -84.51 14.21
N MET AA 270 110.88 -84.72 13.05
CA MET AA 270 111.18 -83.90 11.88
C MET AA 270 110.52 -82.53 12.00
N THR AA 271 111.11 -81.55 11.34
CA THR AA 271 110.60 -80.18 11.35
C THR AA 271 109.98 -79.85 10.00
N GLY AA 272 108.75 -79.37 10.04
CA GLY AA 272 108.11 -78.80 8.86
C GLY AA 272 107.46 -77.48 9.17
N TYR AA 273 107.35 -76.64 8.15
CA TYR AA 273 106.73 -75.33 8.22
C TYR AA 273 106.44 -74.89 6.79
N THR AA 274 105.17 -74.60 6.50
CA THR AA 274 104.69 -74.68 5.12
C THR AA 274 105.08 -73.45 4.29
N PRO AA 275 104.98 -72.20 4.78
CA PRO AA 275 105.74 -71.16 4.14
C PRO AA 275 107.21 -71.40 4.42
N LEU AA 276 108.03 -71.41 3.39
CA LEU AA 276 109.44 -71.09 3.59
C LEU AA 276 109.66 -69.60 3.44
N THR AA 277 108.57 -68.84 3.27
CA THR AA 277 108.59 -67.43 2.96
C THR AA 277 107.93 -66.62 4.06
N THR AA 278 108.56 -65.51 4.44
CA THR AA 278 107.88 -64.39 5.10
C THR AA 278 108.43 -63.08 4.55
N ASP AA 279 109.50 -63.17 3.77
CA ASP AA 279 110.19 -62.00 3.22
C ASP AA 279 109.59 -61.61 1.88
N LYS AA 287 93.15 -65.57 -0.25
CA LYS AA 287 94.48 -65.73 -0.82
C LYS AA 287 94.96 -67.16 -0.62
N THR AA 288 95.42 -67.44 0.61
CA THR AA 288 95.87 -68.77 0.96
C THR AA 288 94.82 -69.46 1.83
N THR AA 289 94.63 -70.75 1.59
CA THR AA 289 93.69 -71.53 2.37
C THR AA 289 94.42 -72.65 3.09
N VAL AA 290 93.69 -73.32 3.98
CA VAL AA 290 94.24 -74.44 4.73
C VAL AA 290 94.48 -75.63 3.79
N LEU AA 291 93.62 -75.77 2.79
CA LEU AA 291 93.65 -76.92 1.89
C LEU AA 291 94.95 -76.94 1.08
N ASP AA 292 95.33 -75.78 0.55
CA ASP AA 292 96.54 -75.66 -0.25
C ASP AA 292 97.78 -75.82 0.61
N VAL AA 293 97.78 -75.25 1.81
CA VAL AA 293 98.98 -75.36 2.62
C VAL AA 293 99.11 -76.75 3.22
N MET AA 294 98.01 -77.50 3.33
CA MET AA 294 98.12 -78.90 3.75
C MET AA 294 98.80 -79.74 2.68
N ARG AA 295 98.33 -79.62 1.43
CA ARG AA 295 98.96 -80.37 0.35
C ARG AA 295 100.36 -79.85 0.05
N ARG AA 296 100.63 -78.57 0.37
CA ARG AA 296 101.97 -78.03 0.21
C ARG AA 296 102.89 -78.48 1.34
N LEU AA 297 102.31 -78.82 2.49
CA LEU AA 297 103.13 -79.27 3.61
C LEU AA 297 103.57 -80.70 3.41
N LEU AA 298 102.71 -81.54 2.80
CA LEU AA 298 102.99 -82.98 2.80
C LEU AA 298 104.12 -83.41 1.85
N GLN AA 299 104.69 -82.50 1.05
CA GLN AA 299 105.79 -82.93 0.21
C GLN AA 299 107.09 -82.94 1.02
N PRO AA 300 108.06 -83.79 0.67
CA PRO AA 300 109.31 -83.81 1.44
C PRO AA 300 110.29 -82.72 1.07
N LYS AA 301 109.87 -81.76 0.24
CA LYS AA 301 110.71 -80.61 -0.08
C LYS AA 301 110.15 -79.29 0.45
N ASN AA 302 108.99 -79.33 1.10
CA ASN AA 302 108.67 -78.30 2.08
C ASN AA 302 109.00 -78.74 3.50
N VAL AA 303 109.64 -79.91 3.65
CA VAL AA 303 110.21 -80.32 4.94
C VAL AA 303 111.61 -79.73 5.05
N MET AA 304 111.90 -79.13 6.22
CA MET AA 304 113.19 -78.49 6.46
C MET AA 304 114.24 -79.49 6.98
N VAL AA 305 113.94 -80.77 6.90
CA VAL AA 305 114.90 -81.85 7.11
C VAL AA 305 114.96 -82.69 5.83
N SER AA 306 116.06 -82.58 5.11
CA SER AA 306 116.18 -83.24 3.82
C SER AA 306 117.29 -84.28 3.84
N THR AA 313 113.43 -98.85 -0.45
CA THR AA 313 112.89 -99.31 0.81
C THR AA 313 111.61 -98.57 1.18
N ASN AA 314 110.95 -99.03 2.25
CA ASN AA 314 109.73 -98.40 2.73
C ASN AA 314 110.04 -97.45 3.88
N HIS AA 315 109.74 -96.18 3.69
CA HIS AA 315 109.89 -95.17 4.73
C HIS AA 315 108.53 -94.59 5.06
N CYS AA 316 108.17 -94.64 6.33
CA CYS AA 316 106.81 -94.36 6.75
C CYS AA 316 106.85 -93.59 8.06
N TYR AA 317 106.03 -92.56 8.15
CA TYR AA 317 105.95 -91.79 9.38
C TYR AA 317 105.30 -92.61 10.48
N ILE AA 318 105.74 -92.38 11.71
CA ILE AA 318 105.05 -92.93 12.86
C ILE AA 318 103.81 -92.09 13.18
N ALA AA 319 104.00 -90.78 13.36
CA ALA AA 319 102.91 -89.87 13.65
C ALA AA 319 103.31 -88.47 13.24
N ILE AA 320 102.35 -87.74 12.69
CA ILE AA 320 102.55 -86.35 12.30
C ILE AA 320 101.61 -85.50 13.14
N LEU AA 321 102.04 -84.29 13.47
CA LEU AA 321 101.14 -83.33 14.06
C LEU AA 321 101.40 -81.98 13.42
N ASN AA 322 100.33 -81.35 12.95
CA ASN AA 322 100.44 -80.04 12.34
C ASN AA 322 99.67 -79.03 13.16
N ILE AA 323 100.23 -77.83 13.27
CA ILE AA 323 99.60 -76.72 13.97
C ILE AA 323 99.50 -75.57 13.00
N ILE AA 324 98.32 -74.99 12.88
CA ILE AA 324 98.08 -73.91 11.93
C ILE AA 324 97.69 -72.66 12.71
N GLN AA 325 98.05 -71.50 12.16
CA GLN AA 325 97.77 -70.21 12.77
C GLN AA 325 97.34 -69.23 11.68
N GLY AA 326 96.13 -68.70 11.81
CA GLY AA 326 95.68 -67.71 10.85
C GLY AA 326 94.19 -67.46 10.90
N GLU AA 327 93.68 -66.95 9.78
CA GLU AA 327 92.27 -66.60 9.63
C GLU AA 327 91.51 -67.80 9.10
N VAL AA 328 91.48 -68.88 9.90
CA VAL AA 328 91.06 -70.18 9.42
C VAL AA 328 89.55 -70.32 9.52
N ASP AA 329 88.92 -70.52 8.37
CA ASP AA 329 87.55 -71.02 8.37
C ASP AA 329 87.54 -72.44 8.91
N PRO AA 330 86.65 -72.77 9.85
CA PRO AA 330 86.70 -74.10 10.48
C PRO AA 330 86.24 -75.23 9.59
N THR AA 331 85.55 -74.93 8.49
CA THR AA 331 85.19 -75.96 7.52
C THR AA 331 86.37 -76.34 6.64
N GLN AA 332 87.38 -75.46 6.56
CA GLN AA 332 88.49 -75.69 5.65
C GLN AA 332 89.39 -76.83 6.11
N VAL AA 333 89.66 -76.91 7.42
CA VAL AA 333 90.48 -77.99 7.96
C VAL AA 333 89.78 -79.34 7.79
N HIS AA 334 88.45 -79.31 7.79
CA HIS AA 334 87.61 -80.49 7.73
C HIS AA 334 87.69 -81.14 6.36
N LYS AA 335 87.44 -80.36 5.32
CA LYS AA 335 87.49 -80.89 3.96
C LYS AA 335 88.92 -81.05 3.46
N SER AA 336 89.86 -80.25 4.00
CA SER AA 336 91.27 -80.49 3.71
C SER AA 336 91.71 -81.85 4.22
N LEU AA 337 91.28 -82.23 5.43
CA LEU AA 337 91.64 -83.54 5.96
C LEU AA 337 90.94 -84.65 5.20
N GLN AA 338 89.72 -84.38 4.71
CA GLN AA 338 89.09 -85.26 3.71
C GLN AA 338 89.98 -85.51 2.51
N ARG AA 339 90.49 -84.42 1.89
CA ARG AA 339 91.33 -84.56 0.70
C ARG AA 339 92.64 -85.29 1.00
N ILE AA 340 93.22 -85.02 2.18
CA ILE AA 340 94.45 -85.67 2.59
C ILE AA 340 94.23 -87.17 2.77
N ARG AA 341 93.03 -87.57 3.23
CA ARG AA 341 92.76 -88.99 3.35
C ARG AA 341 92.68 -89.67 2.00
N GLU AA 342 91.80 -89.19 1.11
CA GLU AA 342 91.55 -89.96 -0.10
C GLU AA 342 92.63 -89.74 -1.16
N ARG AA 343 93.51 -88.75 -0.95
CA ARG AA 343 94.68 -88.67 -1.81
C ARG AA 343 95.81 -89.56 -1.33
N LYS AA 344 95.92 -89.76 -0.01
CA LYS AA 344 96.99 -90.53 0.64
C LYS AA 344 98.37 -89.94 0.33
N LEU AA 345 98.56 -88.65 0.65
CA LEU AA 345 99.83 -87.98 0.39
C LEU AA 345 100.76 -87.94 1.60
N ALA AA 346 100.47 -88.74 2.63
CA ALA AA 346 101.24 -88.81 3.87
C ALA AA 346 101.60 -90.27 4.08
N ASN AA 347 102.74 -90.53 4.71
CA ASN AA 347 103.17 -91.89 4.94
C ASN AA 347 102.62 -92.37 6.28
N PHE AA 348 102.04 -93.56 6.25
CA PHE AA 348 101.13 -94.13 7.22
C PHE AA 348 101.93 -94.81 8.33
N ILE AA 349 101.23 -95.28 9.34
CA ILE AA 349 101.86 -96.15 10.33
C ILE AA 349 101.24 -97.54 10.22
N PRO AA 350 102.04 -98.60 10.04
CA PRO AA 350 101.47 -99.96 10.00
C PRO AA 350 100.78 -100.38 11.28
N TRP AA 351 101.54 -100.42 12.38
CA TRP AA 351 101.06 -100.99 13.64
C TRP AA 351 100.20 -100.01 14.42
N GLY AA 352 99.07 -99.60 13.87
CA GLY AA 352 98.16 -98.77 14.62
C GLY AA 352 97.60 -97.62 13.82
N PRO AA 353 96.76 -96.81 14.47
CA PRO AA 353 96.51 -95.45 13.96
C PRO AA 353 97.28 -94.40 14.72
N ALA AA 354 98.06 -93.61 13.98
CA ALA AA 354 98.72 -92.42 14.51
C ALA AA 354 99.01 -91.48 13.35
N SER AA 355 98.17 -90.48 13.16
CA SER AA 355 98.15 -89.78 11.88
C SER AA 355 98.34 -88.29 12.10
N ILE AA 356 98.35 -87.54 10.99
CA ILE AA 356 98.49 -86.10 11.05
C ILE AA 356 97.26 -85.48 11.71
N GLN AA 357 97.51 -84.69 12.74
CA GLN AA 357 96.44 -84.12 13.55
C GLN AA 357 96.39 -82.63 13.31
N VAL AA 358 95.19 -82.12 13.10
CA VAL AA 358 94.98 -80.71 12.82
C VAL AA 358 94.86 -79.96 14.13
N ALA AA 359 95.74 -78.99 14.34
CA ALA AA 359 95.64 -78.11 15.48
C ALA AA 359 95.59 -76.68 14.98
N LEU AA 360 94.80 -75.88 15.68
CA LEU AA 360 94.56 -74.49 15.30
C LEU AA 360 95.07 -73.60 16.41
N SER AA 361 95.82 -72.57 16.03
CA SER AA 361 96.36 -71.63 17.00
C SER AA 361 96.09 -70.21 16.54
N ARG AA 362 96.30 -69.28 17.46
CA ARG AA 362 95.98 -67.87 17.28
C ARG AA 362 97.09 -67.20 16.48
N LYS AA 363 96.71 -66.27 15.60
CA LYS AA 363 97.70 -65.47 14.91
C LYS AA 363 98.29 -64.45 15.89
N SER AA 364 99.61 -64.37 15.91
CA SER AA 364 100.31 -63.56 16.91
C SER AA 364 100.20 -62.08 16.58
N PRO AA 365 100.14 -61.20 17.60
CA PRO AA 365 100.22 -59.76 17.33
C PRO AA 365 101.62 -59.34 16.92
N TYR AA 366 101.68 -58.41 15.97
CA TYR AA 366 102.89 -57.77 15.46
C TYR AA 366 103.78 -58.78 14.75
N LEU AA 367 103.17 -59.67 13.98
CA LEU AA 367 103.89 -60.51 13.04
C LEU AA 367 103.62 -60.01 11.63
N PRO AA 368 104.59 -60.12 10.71
CA PRO AA 368 104.39 -59.57 9.36
C PRO AA 368 103.33 -60.31 8.56
N SER AA 369 102.51 -59.54 7.84
CA SER AA 369 101.29 -60.04 7.21
C SER AA 369 101.59 -60.64 5.83
N ALA AA 370 102.40 -61.69 5.82
CA ALA AA 370 102.57 -62.53 4.64
C ALA AA 370 102.26 -63.95 5.05
N HIS AA 371 101.64 -64.71 4.13
CA HIS AA 371 101.10 -66.06 4.38
C HIS AA 371 100.18 -66.04 5.59
N ARG AA 372 99.03 -65.37 5.45
CA ARG AA 372 98.06 -65.17 6.53
C ARG AA 372 97.57 -66.47 7.14
N VAL AA 373 97.44 -67.52 6.34
CA VAL AA 373 97.19 -68.86 6.84
C VAL AA 373 98.50 -69.63 6.76
N SER AA 374 99.10 -69.90 7.92
CA SER AA 374 100.43 -70.48 7.96
C SER AA 374 100.44 -71.62 8.96
N GLY AA 375 101.00 -72.76 8.55
CA GLY AA 375 101.05 -73.93 9.39
C GLY AA 375 102.46 -74.51 9.43
N LEU AA 376 102.70 -75.26 10.51
CA LEU AA 376 103.96 -75.97 10.70
C LEU AA 376 103.63 -77.38 11.14
N MET AA 377 104.57 -78.30 10.94
CA MET AA 377 104.35 -79.67 11.38
C MET AA 377 105.56 -80.20 12.12
N MET AA 378 105.29 -81.07 13.09
CA MET AA 378 106.30 -81.90 13.74
C MET AA 378 105.88 -83.34 13.54
N ALA AA 379 106.83 -84.18 13.11
CA ALA AA 379 106.49 -85.53 12.69
C ALA AA 379 107.60 -86.50 13.09
N ASN AA 380 107.19 -87.71 13.46
CA ASN AA 380 108.12 -88.80 13.73
C ASN AA 380 108.21 -89.67 12.48
N HIS AA 381 109.36 -89.62 11.80
CA HIS AA 381 109.56 -90.34 10.56
C HIS AA 381 110.72 -91.31 10.71
N THR AA 382 110.62 -92.45 10.05
CA THR AA 382 111.71 -93.41 9.98
C THR AA 382 112.80 -93.00 8.99
N SER AA 383 112.61 -91.91 8.24
CA SER AA 383 113.61 -91.51 7.24
C SER AA 383 114.85 -90.94 7.90
N ILE AA 384 114.77 -90.51 9.15
CA ILE AA 384 115.93 -90.00 9.86
C ILE AA 384 116.91 -91.12 10.22
N SER AA 385 116.45 -92.37 10.18
CA SER AA 385 117.34 -93.53 10.33
C SER AA 385 118.38 -93.56 9.24
N SER AA 386 118.02 -93.10 8.03
CA SER AA 386 118.98 -93.03 6.92
C SER AA 386 120.10 -92.06 7.23
N LEU AA 387 119.77 -90.90 7.78
CA LEU AA 387 120.77 -89.91 8.12
C LEU AA 387 121.65 -90.41 9.26
N PHE AA 388 121.04 -91.11 10.22
CA PHE AA 388 121.79 -91.71 11.33
C PHE AA 388 122.77 -92.75 10.83
N GLU AA 389 122.33 -93.64 9.93
CA GLU AA 389 123.23 -94.68 9.44
C GLU AA 389 124.27 -94.12 8.48
N ARG AA 390 123.98 -92.99 7.82
CA ARG AA 390 125.02 -92.31 7.04
C ARG AA 390 126.15 -91.82 7.94
N THR AA 391 125.79 -91.15 9.04
CA THR AA 391 126.81 -90.69 9.97
C THR AA 391 127.49 -91.86 10.67
N CYS AA 392 126.74 -92.94 10.92
CA CYS AA 392 127.33 -94.18 11.43
C CYS AA 392 128.32 -94.77 10.43
N ARG AA 393 128.03 -94.65 9.13
CA ARG AA 393 128.91 -95.18 8.11
C ARG AA 393 130.19 -94.35 8.02
N GLN AA 394 130.06 -93.03 8.19
CA GLN AA 394 131.23 -92.17 8.27
C GLN AA 394 132.09 -92.50 9.48
N TYR AA 395 131.44 -92.71 10.64
CA TYR AA 395 132.17 -93.13 11.84
C TYR AA 395 132.82 -94.49 11.64
N ASP AA 396 132.12 -95.42 10.99
CA ASP AA 396 132.65 -96.75 10.75
C ASP AA 396 133.85 -96.71 9.82
N LYS AA 397 133.81 -95.82 8.83
CA LYS AA 397 134.94 -95.65 7.94
C LYS AA 397 136.17 -95.12 8.67
N LEU AA 398 135.99 -94.01 9.40
CA LEU AA 398 137.12 -93.42 10.12
C LEU AA 398 137.59 -94.32 11.25
N ARG AA 399 136.69 -95.13 11.80
CA ARG AA 399 137.05 -96.03 12.89
C ARG AA 399 137.78 -97.25 12.36
N LYS AA 400 137.43 -97.73 11.18
CA LYS AA 400 138.12 -98.85 10.56
C LYS AA 400 139.50 -98.44 10.10
N ARG AA 401 139.63 -97.20 9.61
CA ARG AA 401 140.93 -96.74 9.13
C ARG AA 401 141.91 -96.50 10.28
N GLU AA 402 141.40 -96.08 11.44
CA GLU AA 402 142.18 -95.76 12.64
C GLU AA 402 143.28 -94.72 12.36
N ALA AA 403 142.89 -93.62 11.74
CA ALA AA 403 143.81 -92.52 11.50
C ALA AA 403 143.16 -91.18 11.77
N PHE AA 404 141.97 -91.17 12.36
CA PHE AA 404 141.16 -89.97 12.46
C PHE AA 404 140.64 -89.72 13.87
N LEU AA 405 141.24 -90.38 14.87
CA LEU AA 405 141.04 -89.97 16.25
C LEU AA 405 141.93 -88.78 16.59
N GLU AA 406 143.01 -88.59 15.83
CA GLU AA 406 143.98 -87.49 15.88
C GLU AA 406 144.82 -87.49 17.16
N GLN AA 407 144.63 -88.49 18.02
CA GLN AA 407 145.16 -88.57 19.37
C GLN AA 407 144.92 -87.26 20.14
N PHE AA 408 143.64 -86.96 20.36
CA PHE AA 408 143.31 -85.86 21.25
C PHE AA 408 143.56 -86.31 22.67
N ARG AA 409 144.23 -85.45 23.44
CA ARG AA 409 144.70 -85.83 24.77
C ARG AA 409 143.54 -85.99 25.74
N LYS AA 410 142.51 -85.16 25.60
CA LYS AA 410 141.32 -85.31 26.43
C LYS AA 410 140.54 -86.57 26.05
N GLU AA 411 140.59 -86.94 24.77
CA GLU AA 411 139.94 -88.17 24.33
C GLU AA 411 140.66 -89.40 24.88
N ASP AA 412 141.98 -89.34 24.95
CA ASP AA 412 142.74 -90.46 25.52
C ASP AA 412 142.59 -90.52 27.03
N MET AA 413 142.66 -89.37 27.71
CA MET AA 413 142.59 -89.37 29.17
C MET AA 413 141.18 -89.66 29.66
N PHE AA 414 140.17 -89.28 28.88
CA PHE AA 414 138.78 -89.56 29.23
C PHE AA 414 138.50 -91.05 29.15
N LYS AA 415 138.97 -91.70 28.07
CA LYS AA 415 138.79 -93.14 27.91
C LYS AA 415 140.02 -93.66 27.17
N ASP AA 416 140.90 -94.34 27.90
CA ASP AA 416 142.11 -94.89 27.29
C ASP AA 416 141.78 -96.08 26.40
N ASN AA 417 140.67 -96.76 26.69
CA ASN AA 417 140.26 -97.94 25.93
C ASN AA 417 139.26 -97.60 24.82
N PHE AA 418 138.65 -96.43 24.88
CA PHE AA 418 137.68 -95.92 23.90
C PHE AA 418 136.49 -96.87 23.74
N ASP AA 419 136.06 -97.46 24.85
CA ASP AA 419 134.92 -98.36 24.84
C ASP AA 419 133.60 -97.63 24.81
N GLU AA 420 133.60 -96.34 25.12
CA GLU AA 420 132.39 -95.54 25.01
C GLU AA 420 131.96 -95.37 23.57
N MET AA 421 132.93 -95.35 22.64
CA MET AA 421 132.59 -95.34 21.22
C MET AA 421 131.91 -96.63 20.81
N ASP AA 422 132.38 -97.77 21.36
CA ASP AA 422 131.73 -99.04 21.08
C ASP AA 422 130.34 -99.12 21.68
N THR AA 423 130.17 -98.59 22.91
CA THR AA 423 128.86 -98.60 23.55
C THR AA 423 127.88 -97.70 22.81
N SER AA 424 128.34 -96.53 22.37
CA SER AA 424 127.51 -95.63 21.58
C SER AA 424 127.16 -96.24 20.24
N ARG AA 425 128.10 -96.97 19.63
CA ARG AA 425 127.82 -97.67 18.38
C ARG AA 425 126.77 -98.75 18.56
N GLU AA 426 126.85 -99.48 19.69
CA GLU AA 426 125.85 -100.48 20.01
C GLU AA 426 124.48 -99.87 20.24
N ILE AA 427 124.44 -98.73 20.95
CA ILE AA 427 123.17 -98.07 21.24
C ILE AA 427 122.55 -97.52 19.96
N VAL AA 428 123.36 -96.92 19.09
CA VAL AA 428 122.82 -96.39 17.84
C VAL AA 428 122.46 -97.51 16.89
N GLN AA 429 123.10 -98.68 17.02
CA GLN AA 429 122.71 -99.82 16.21
C GLN AA 429 121.37 -100.38 16.67
N GLN AA 430 121.17 -100.45 17.98
CA GLN AA 430 119.86 -100.84 18.54
C GLN AA 430 118.79 -99.83 18.14
N LEU AA 431 119.16 -98.56 18.05
CA LEU AA 431 118.24 -97.52 17.62
C LEU AA 431 117.82 -97.71 16.17
N ILE AA 432 118.79 -98.00 15.29
CA ILE AA 432 118.49 -98.27 13.87
C ILE AA 432 117.63 -99.52 13.73
N ASP AA 433 117.91 -100.54 14.55
CA ASP AA 433 117.12 -101.77 14.48
C ASP AA 433 115.69 -101.54 14.97
N GLU AA 434 115.52 -100.72 16.01
CA GLU AA 434 114.18 -100.41 16.50
C GLU AA 434 113.43 -99.53 15.50
N TYR AA 435 114.14 -98.65 14.80
CA TYR AA 435 113.55 -97.89 13.71
C TYR AA 435 113.02 -98.80 12.60
N HIS AA 436 113.85 -99.74 12.17
CA HIS AA 436 113.45 -100.67 11.13
C HIS AA 436 112.37 -101.63 11.63
N ALA AA 437 112.34 -101.91 12.92
CA ALA AA 437 111.30 -102.78 13.46
C ALA AA 437 109.97 -102.04 13.55
N ALA AA 438 110.01 -100.74 13.84
CA ALA AA 438 108.80 -99.92 13.82
C ALA AA 438 108.29 -99.73 12.41
N THR AA 439 109.20 -99.81 11.43
CA THR AA 439 108.80 -99.78 10.02
C THR AA 439 107.94 -101.00 9.67
N ARG AA 440 108.16 -102.13 10.35
CA ARG AA 440 107.47 -103.37 10.01
C ARG AA 440 106.01 -103.31 10.44
N PRO AA 441 105.16 -104.13 9.83
CA PRO AA 441 103.78 -104.26 10.34
C PRO AA 441 103.70 -104.93 11.70
N ASP AA 442 104.73 -105.64 12.10
CA ASP AA 442 104.82 -106.17 13.45
C ASP AA 442 105.81 -105.32 14.22
N TYR AA 443 105.37 -104.80 15.36
CA TYR AA 443 106.30 -104.19 16.28
C TYR AA 443 106.15 -104.93 17.61
N ILE AA 444 105.80 -106.21 17.50
CA ILE AA 444 106.03 -107.21 18.53
C ILE AA 444 107.34 -107.94 18.22
N SER AA 445 108.16 -107.32 17.37
CA SER AA 445 109.53 -107.75 17.10
C SER AA 445 110.43 -106.54 17.31
N TRP AA 446 111.37 -106.68 18.24
CA TRP AA 446 112.07 -105.53 18.79
C TRP AA 446 113.54 -105.55 18.43
N GLY AA 447 114.27 -104.55 18.92
CA GLY AA 447 115.69 -104.43 18.63
C GLY AA 447 116.42 -103.60 19.68
N ARG BA 3 106.39 -40.58 73.18
CA ARG BA 3 106.08 -39.21 73.59
C ARG BA 3 106.96 -38.22 72.83
N GLU BA 4 107.97 -37.67 73.52
CA GLU BA 4 108.85 -36.69 72.90
C GLU BA 4 110.23 -37.31 72.71
N ILE BA 5 110.85 -37.01 71.57
CA ILE BA 5 112.13 -37.58 71.20
C ILE BA 5 113.16 -36.47 71.14
N ILE BA 6 114.31 -36.71 71.79
CA ILE BA 6 115.43 -35.78 71.75
C ILE BA 6 116.51 -36.42 70.89
N THR BA 7 116.85 -35.75 69.79
CA THR BA 7 117.72 -36.30 68.76
C THR BA 7 119.14 -35.77 68.96
N LEU BA 8 120.09 -36.69 68.93
CA LEU BA 8 121.48 -36.36 69.18
C LEU BA 8 122.27 -36.56 67.90
N GLN BA 9 123.10 -35.59 67.56
CA GLN BA 9 123.90 -35.67 66.33
C GLN BA 9 125.34 -35.32 66.67
N LEU BA 10 126.26 -36.07 66.08
CA LEU BA 10 127.68 -35.97 66.41
C LEU BA 10 128.50 -36.52 65.26
N GLY BA 11 129.70 -35.99 65.11
CA GLY BA 11 130.53 -36.34 63.97
C GLY BA 11 130.11 -35.59 62.72
N GLN BA 12 130.98 -35.56 61.71
CA GLN BA 12 130.66 -34.85 60.49
C GLN BA 12 129.57 -35.55 59.70
N CYS BA 13 129.66 -36.89 59.63
CA CYS BA 13 128.62 -37.66 58.93
C CYS BA 13 127.30 -37.63 59.71
N GLY BA 14 127.39 -37.71 61.04
CA GLY BA 14 126.17 -37.65 61.85
C GLY BA 14 125.51 -36.29 61.83
N ASN BA 15 126.31 -35.22 61.83
CA ASN BA 15 125.74 -33.88 61.70
C ASN BA 15 125.21 -33.65 60.30
N GLN BA 16 125.80 -34.31 59.29
CA GLN BA 16 125.29 -34.23 57.93
C GLN BA 16 123.90 -34.85 57.83
N ILE BA 17 123.75 -36.09 58.32
CA ILE BA 17 122.45 -36.75 58.26
C ILE BA 17 121.42 -36.08 59.17
N GLY BA 18 121.85 -35.52 60.30
CA GLY BA 18 120.93 -34.76 61.13
C GLY BA 18 120.50 -33.47 60.48
N PHE BA 19 121.42 -32.81 59.75
CA PHE BA 19 121.10 -31.59 59.03
C PHE BA 19 120.07 -31.85 57.94
N GLU BA 20 120.28 -32.91 57.16
CA GLU BA 20 119.32 -33.23 56.11
C GLU BA 20 117.99 -33.70 56.67
N PHE BA 21 118.02 -34.41 57.81
CA PHE BA 21 116.78 -34.85 58.43
C PHE BA 21 115.99 -33.68 58.99
N TRP BA 22 116.68 -32.72 59.60
CA TRP BA 22 115.99 -31.54 60.12
C TRP BA 22 115.45 -30.67 58.99
N LYS BA 23 116.20 -30.56 57.90
CA LYS BA 23 115.71 -29.85 56.73
C LYS BA 23 114.50 -30.55 56.12
N GLN BA 24 114.51 -31.89 56.14
CA GLN BA 24 113.39 -32.67 55.61
C GLN BA 24 112.15 -32.48 56.47
N LEU BA 25 112.29 -32.51 57.78
CA LEU BA 25 111.15 -32.27 58.64
C LEU BA 25 110.71 -30.81 58.66
N CYS BA 26 111.61 -29.88 58.33
CA CYS BA 26 111.23 -28.48 58.18
C CYS BA 26 110.36 -28.30 56.95
N ALA BA 27 110.78 -28.90 55.84
CA ALA BA 27 109.97 -28.85 54.62
C ALA BA 27 108.67 -29.63 54.78
N GLU BA 28 108.69 -30.69 55.58
CA GLU BA 28 107.51 -31.54 55.73
C GLU BA 28 106.43 -30.86 56.54
N HIS BA 29 106.77 -30.40 57.74
CA HIS BA 29 105.78 -29.73 58.58
C HIS BA 29 105.65 -28.28 58.15
N GLY BA 30 104.62 -27.62 58.67
CA GLY BA 30 104.34 -26.26 58.27
C GLY BA 30 105.16 -25.22 59.00
N ILE BA 31 106.46 -25.17 58.71
CA ILE BA 31 107.37 -24.23 59.33
C ILE BA 31 108.32 -23.68 58.28
N SER BA 32 108.78 -22.46 58.51
CA SER BA 32 109.83 -21.82 57.73
C SER BA 32 111.18 -22.32 58.21
N PRO BA 33 112.27 -22.02 57.50
CA PRO BA 33 113.61 -22.28 58.06
C PRO BA 33 113.95 -21.44 59.28
N GLU BA 34 113.22 -20.36 59.51
CA GLU BA 34 113.27 -19.67 60.80
C GLU BA 34 112.41 -20.37 61.83
N GLY BA 35 111.35 -21.05 61.39
CA GLY BA 35 110.38 -21.63 62.29
C GLY BA 35 109.03 -20.95 62.27
N ILE BA 36 108.72 -20.21 61.20
CA ILE BA 36 107.51 -19.41 61.16
C ILE BA 36 106.33 -20.29 60.75
N VAL BA 37 105.23 -20.18 61.50
CA VAL BA 37 104.11 -21.09 61.40
C VAL BA 37 103.39 -20.88 60.05
N GLU BA 38 102.92 -21.98 59.48
CA GLU BA 38 102.15 -21.92 58.24
C GLU BA 38 100.67 -22.10 58.54
N GLU BA 39 99.86 -21.90 57.51
CA GLU BA 39 98.41 -21.91 57.70
C GLU BA 39 97.80 -23.29 57.48
N PHE BA 40 98.61 -24.28 57.06
CA PHE BA 40 98.09 -25.63 56.87
C PHE BA 40 98.48 -26.55 58.02
N ALA BA 41 99.15 -26.02 59.03
CA ALA BA 41 99.60 -26.81 60.16
C ALA BA 41 99.64 -25.97 61.43
N THR BA 45 95.01 -34.06 61.79
CA THR BA 45 95.52 -34.98 62.80
C THR BA 45 97.04 -35.08 62.69
N ASP BA 46 97.74 -34.29 63.49
CA ASP BA 46 99.20 -34.20 63.43
C ASP BA 46 99.77 -34.16 64.85
N ARG BA 47 101.09 -33.99 64.95
CA ARG BA 47 101.75 -33.57 66.18
C ARG BA 47 103.05 -32.87 65.83
N LYS BA 48 103.34 -31.77 66.52
CA LYS BA 48 104.58 -31.02 66.33
C LYS BA 48 105.31 -30.92 67.66
N ASP BA 49 105.34 -32.00 68.43
CA ASP BA 49 105.97 -32.00 69.73
C ASP BA 49 106.78 -33.28 69.94
N VAL BA 50 107.13 -33.95 68.85
CA VAL BA 50 107.86 -35.20 68.94
C VAL BA 50 109.36 -34.95 68.83
N PHE BA 51 109.77 -34.23 67.80
CA PHE BA 51 111.15 -33.78 67.67
C PHE BA 51 111.28 -32.30 67.98
N PHE BA 52 110.16 -31.59 68.03
CA PHE BA 52 110.13 -30.14 68.11
C PHE BA 52 109.70 -29.76 69.51
N TYR BA 53 110.43 -28.83 70.12
CA TYR BA 53 109.85 -28.10 71.23
C TYR BA 53 109.06 -26.93 70.67
N GLN BA 54 107.89 -26.68 71.25
CA GLN BA 54 107.19 -25.41 71.04
C GLN BA 54 108.07 -24.38 71.74
N ALA BA 55 108.96 -23.76 70.98
CA ALA BA 55 109.98 -22.94 71.62
C ALA BA 55 109.57 -21.49 71.58
N ASP BA 56 110.40 -20.67 72.22
CA ASP BA 56 109.90 -19.48 72.91
C ASP BA 56 110.03 -18.21 72.09
N ASP BA 57 110.22 -18.34 70.78
CA ASP BA 57 110.09 -17.22 69.85
C ASP BA 57 109.20 -17.57 68.67
N GLU BA 58 108.22 -18.46 68.90
CA GLU BA 58 107.23 -18.93 67.93
C GLU BA 58 107.92 -19.67 66.77
N HIS BA 59 109.08 -20.25 67.08
CA HIS BA 59 109.74 -21.19 66.19
C HIS BA 59 109.71 -22.55 66.88
N TYR BA 60 109.24 -23.57 66.16
CA TYR BA 60 109.26 -24.92 66.71
C TYR BA 60 110.68 -25.45 66.61
N ILE BA 61 111.51 -25.06 67.57
CA ILE BA 61 112.94 -25.35 67.55
C ILE BA 61 113.13 -26.80 67.97
N PRO BA 62 113.76 -27.63 67.15
CA PRO BA 62 114.01 -29.02 67.53
C PRO BA 62 115.02 -29.11 68.66
N ARG BA 63 114.81 -30.11 69.51
CA ARG BA 63 115.77 -30.42 70.56
C ARG BA 63 116.90 -31.25 69.96
N ALA BA 64 117.96 -30.58 69.55
CA ALA BA 64 119.10 -31.22 68.91
C ALA BA 64 120.38 -30.84 69.63
N VAL BA 65 121.20 -31.85 69.93
CA VAL BA 65 122.51 -31.65 70.52
C VAL BA 65 123.52 -31.54 69.40
N LEU BA 66 124.15 -30.38 69.28
CA LEU BA 66 125.10 -30.10 68.21
C LEU BA 66 126.50 -30.36 68.75
N LEU BA 67 127.15 -31.39 68.21
CA LEU BA 67 128.49 -31.75 68.62
C LEU BA 67 129.41 -31.67 67.41
N ASP BA 68 130.59 -31.10 67.60
CA ASP BA 68 131.53 -30.94 66.51
C ASP BA 68 132.89 -31.50 66.93
N LEU BA 69 133.54 -32.15 65.98
CA LEU BA 69 134.88 -32.70 66.17
C LEU BA 69 135.59 -32.60 64.84
N GLU BA 70 136.57 -31.69 64.76
CA GLU BA 70 137.24 -31.23 63.55
C GLU BA 70 136.18 -30.76 62.54
N PRO BA 71 135.51 -29.62 62.79
CA PRO BA 71 134.36 -29.26 61.97
C PRO BA 71 134.76 -28.67 60.63
N ARG BA 72 134.21 -29.24 59.56
CA ARG BA 72 134.36 -28.67 58.24
C ARG BA 72 132.97 -28.39 57.66
N VAL BA 73 132.14 -29.43 57.61
CA VAL BA 73 130.78 -29.28 57.09
C VAL BA 73 129.87 -28.67 58.14
N ILE BA 74 130.26 -28.74 59.43
CA ILE BA 74 129.47 -28.14 60.50
C ILE BA 74 129.56 -26.62 60.44
N HIS BA 75 130.68 -26.10 59.92
CA HIS BA 75 130.76 -24.67 59.61
C HIS BA 75 129.76 -24.27 58.53
N SER BA 76 129.56 -25.14 57.53
CA SER BA 76 128.54 -24.87 56.51
C SER BA 76 127.14 -24.97 57.09
N ILE BA 77 126.96 -25.85 58.08
CA ILE BA 77 125.69 -25.92 58.81
C ILE BA 77 125.46 -24.63 59.59
N LEU BA 78 126.55 -23.99 60.04
CA LEU BA 78 126.44 -22.76 60.81
C LEU BA 78 125.89 -21.60 59.98
N ASN BA 79 126.52 -21.28 58.85
CA ASN BA 79 125.99 -20.20 58.02
C ASN BA 79 124.93 -20.77 57.08
N SER BA 80 123.72 -20.94 57.60
CA SER BA 80 122.67 -21.62 56.86
C SER BA 80 121.33 -21.11 57.35
N PRO BA 81 120.29 -21.14 56.49
CA PRO BA 81 118.97 -20.73 56.95
C PRO BA 81 118.30 -21.70 57.91
N TYR BA 82 118.84 -22.91 58.03
CA TYR BA 82 118.35 -23.87 58.99
C TYR BA 82 119.08 -23.78 60.31
N ALA BA 83 120.00 -22.81 60.45
CA ALA BA 83 120.56 -22.47 61.74
C ALA BA 83 119.68 -21.50 62.50
N LYS BA 84 118.64 -20.97 61.86
CA LYS BA 84 117.59 -20.24 62.55
C LYS BA 84 116.47 -21.15 63.00
N LEU BA 85 116.46 -22.40 62.55
CA LEU BA 85 115.48 -23.36 63.03
C LEU BA 85 115.93 -23.99 64.35
N TYR BA 86 117.15 -24.51 64.41
CA TYR BA 86 117.68 -25.11 65.62
C TYR BA 86 119.07 -24.58 65.91
N ASN BA 87 119.21 -23.97 67.08
CA ASN BA 87 120.48 -23.63 67.73
C ASN BA 87 120.23 -23.27 69.20
N PRO BA 88 120.14 -24.25 70.11
CA PRO BA 88 120.10 -23.92 71.53
C PRO BA 88 121.47 -23.59 72.13
N GLU BA 89 122.47 -23.37 71.27
CA GLU BA 89 123.81 -22.86 71.58
C GLU BA 89 124.52 -23.81 72.54
N ASN BA 90 124.83 -25.00 72.06
CA ASN BA 90 125.49 -26.01 72.88
C ASN BA 90 126.62 -26.67 72.09
N ILE BA 91 127.13 -25.97 71.09
CA ILE BA 91 128.20 -26.49 70.26
C ILE BA 91 129.50 -26.49 71.06
N TYR BA 92 130.11 -27.67 71.20
CA TYR BA 92 131.32 -27.82 71.97
C TYR BA 92 132.21 -28.86 71.31
N LEU BA 93 133.50 -28.56 71.20
CA LEU BA 93 134.44 -29.45 70.55
C LEU BA 93 134.72 -30.68 71.40
N GLY BA 101 138.11 -38.33 65.74
CA GLY BA 101 138.59 -37.55 64.62
C GLY BA 101 138.79 -38.39 63.38
N ASN BA 102 139.86 -39.19 63.37
CA ASN BA 102 140.09 -40.20 62.35
C ASN BA 102 140.29 -41.57 62.97
N ASN BA 103 140.04 -41.70 64.28
CA ASN BA 103 140.24 -42.96 64.97
C ASN BA 103 139.20 -43.13 66.06
N TRP BA 104 138.96 -44.40 66.39
CA TRP BA 104 138.06 -44.72 67.48
C TRP BA 104 138.68 -44.37 68.83
N ALA BA 105 139.97 -44.65 68.99
CA ALA BA 105 140.63 -44.38 70.28
C ALA BA 105 140.72 -42.88 70.55
N SER BA 106 140.99 -42.09 69.51
CA SER BA 106 141.11 -40.64 69.69
C SER BA 106 139.77 -40.02 70.06
N GLY BA 107 138.70 -40.40 69.36
CA GLY BA 107 137.37 -39.88 69.67
C GLY BA 107 136.87 -40.37 71.02
N PHE BA 108 137.19 -41.61 71.37
CA PHE BA 108 136.81 -42.16 72.67
C PHE BA 108 137.52 -41.42 73.80
N SER BA 109 138.82 -41.19 73.67
CA SER BA 109 139.58 -40.52 74.72
C SER BA 109 139.19 -39.04 74.83
N GLN BA 110 138.95 -38.39 73.68
CA GLN BA 110 138.51 -37.00 73.70
C GLN BA 110 137.13 -36.86 74.30
N GLY BA 111 136.24 -37.83 74.05
CA GLY BA 111 134.94 -37.80 74.70
C GLY BA 111 135.02 -38.13 76.18
N GLU BA 112 136.03 -38.93 76.56
CA GLU BA 112 136.19 -39.32 77.96
C GLU BA 112 136.57 -38.12 78.83
N LYS BA 113 137.48 -37.28 78.35
CA LYS BA 113 138.01 -36.21 79.20
C LYS BA 113 137.02 -35.07 79.40
N ILE BA 114 135.99 -34.96 78.56
CA ILE BA 114 135.05 -33.84 78.65
C ILE BA 114 133.60 -34.31 78.82
N HIS BA 115 133.36 -35.46 79.44
CA HIS BA 115 132.01 -36.02 79.50
C HIS BA 115 131.06 -35.18 80.36
N GLU BA 116 131.62 -34.31 81.21
CA GLU BA 116 130.85 -33.65 82.26
C GLU BA 116 129.92 -32.60 81.67
N ASP BA 117 130.47 -31.65 80.92
CA ASP BA 117 129.67 -30.53 80.43
C ASP BA 117 128.79 -30.95 79.26
N ILE BA 118 129.22 -31.95 78.48
CA ILE BA 118 128.33 -32.45 77.44
C ILE BA 118 127.20 -33.27 78.06
N PHE BA 119 127.46 -33.89 79.22
CA PHE BA 119 126.38 -34.50 79.97
C PHE BA 119 125.47 -33.45 80.57
N ASP BA 120 126.02 -32.28 80.90
CA ASP BA 120 125.19 -31.16 81.33
C ASP BA 120 124.34 -30.63 80.19
N ILE BA 121 124.88 -30.66 78.97
CA ILE BA 121 124.11 -30.30 77.78
C ILE BA 121 122.94 -31.27 77.59
N ILE BA 122 123.22 -32.56 77.76
CA ILE BA 122 122.18 -33.60 77.72
C ILE BA 122 121.16 -33.36 78.84
N ASP BA 123 121.63 -32.94 80.01
CA ASP BA 123 120.76 -32.70 81.15
C ASP BA 123 119.88 -31.48 80.92
N ARG BA 124 120.44 -30.46 80.25
CA ARG BA 124 119.69 -29.25 79.91
C ARG BA 124 118.51 -29.56 79.00
N GLU BA 125 118.75 -30.32 77.93
CA GLU BA 125 117.64 -30.66 77.04
C GLU BA 125 116.72 -31.71 77.66
N ALA BA 126 117.24 -32.56 78.55
CA ALA BA 126 116.38 -33.49 79.27
C ALA BA 126 115.44 -32.75 80.21
N ASP BA 127 115.92 -31.66 80.81
CA ASP BA 127 115.04 -30.78 81.56
C ASP BA 127 114.19 -29.94 80.61
N GLY BA 128 114.59 -29.82 79.34
CA GLY BA 128 113.87 -28.96 78.42
C GLY BA 128 112.48 -29.47 78.07
N SER BA 129 112.37 -30.75 77.73
CA SER BA 129 111.07 -31.31 77.36
C SER BA 129 110.33 -31.82 78.58
N ASP BA 130 109.00 -31.83 78.48
CA ASP BA 130 108.18 -32.33 79.59
C ASP BA 130 108.24 -33.84 79.70
N SER BA 131 108.19 -34.54 78.57
CA SER BA 131 108.24 -35.99 78.55
C SER BA 131 109.37 -36.44 77.64
N LEU BA 132 109.71 -37.72 77.72
CA LEU BA 132 110.80 -38.27 76.92
C LEU BA 132 110.46 -39.70 76.55
N GLU BA 133 110.80 -40.07 75.32
CA GLU BA 133 110.57 -41.44 74.87
C GLU BA 133 111.89 -42.14 74.56
N GLY BA 134 112.83 -41.43 73.94
CA GLY BA 134 114.08 -42.07 73.57
C GLY BA 134 115.12 -41.08 73.11
N PHE BA 135 116.33 -41.59 72.91
CA PHE BA 135 117.46 -40.83 72.39
C PHE BA 135 117.89 -41.43 71.06
N VAL BA 136 117.71 -40.68 69.99
CA VAL BA 136 118.07 -41.12 68.64
C VAL BA 136 119.44 -40.53 68.31
N LEU BA 137 120.41 -41.39 68.06
CA LEU BA 137 121.78 -40.97 67.82
C LEU BA 137 122.06 -40.99 66.32
N CYS BA 138 122.35 -39.83 65.76
CA CYS BA 138 122.87 -39.74 64.40
C CYS BA 138 124.33 -40.15 64.45
N HIS BA 139 124.62 -41.34 63.92
CA HIS BA 139 125.92 -41.96 64.14
C HIS BA 139 126.40 -42.58 62.83
N SER BA 140 127.72 -42.59 62.68
CA SER BA 140 128.37 -43.27 61.56
C SER BA 140 129.38 -44.24 62.14
N ILE BA 141 129.30 -45.49 61.71
CA ILE BA 141 130.17 -46.54 62.23
C ILE BA 141 131.49 -46.50 61.47
N ALA BA 142 132.59 -46.35 62.23
CA ALA BA 142 133.95 -46.18 61.71
C ALA BA 142 134.04 -44.99 60.74
N GLY BA 143 133.33 -43.92 61.08
CA GLY BA 143 133.41 -42.69 60.31
C GLY BA 143 134.54 -41.79 60.76
N GLY BA 144 135.30 -42.22 61.77
CA GLY BA 144 136.40 -41.42 62.27
C GLY BA 144 135.92 -40.38 63.25
N THR BA 145 135.22 -39.36 62.73
CA THR BA 145 134.69 -38.30 63.56
C THR BA 145 133.60 -38.80 64.50
N GLY BA 146 132.66 -39.59 63.98
CA GLY BA 146 131.61 -40.13 64.82
C GLY BA 146 132.10 -41.24 65.74
N SER BA 147 133.12 -41.96 65.29
CA SER BA 147 133.60 -43.16 65.96
C SER BA 147 134.33 -42.82 67.26
N GLY BA 148 134.19 -43.71 68.24
CA GLY BA 148 134.82 -43.53 69.52
C GLY BA 148 134.06 -42.64 70.46
N LEU BA 149 133.89 -41.38 70.05
CA LEU BA 149 133.04 -40.45 70.79
C LEU BA 149 131.59 -40.94 70.84
N GLY BA 150 131.11 -41.52 69.74
CA GLY BA 150 129.77 -42.08 69.73
C GLY BA 150 129.62 -43.29 70.63
N SER BA 151 130.63 -44.16 70.64
CA SER BA 151 130.57 -45.34 71.50
C SER BA 151 130.68 -44.95 72.98
N TYR BA 152 131.52 -43.96 73.28
CA TYR BA 152 131.65 -43.50 74.66
C TYR BA 152 130.38 -42.81 75.14
N LEU BA 153 129.80 -41.97 74.29
CA LEU BA 153 128.54 -41.33 74.64
C LEU BA 153 127.40 -42.33 74.75
N LEU BA 154 127.47 -43.42 73.99
CA LEU BA 154 126.48 -44.49 74.13
C LEU BA 154 126.58 -45.15 75.50
N GLU BA 155 127.81 -45.36 75.98
CA GLU BA 155 128.02 -45.86 77.33
C GLU BA 155 127.50 -44.87 78.36
N ARG BA 156 127.74 -43.58 78.15
CA ARG BA 156 127.28 -42.58 79.12
C ARG BA 156 125.76 -42.51 79.17
N LEU BA 157 125.10 -42.58 78.03
CA LEU BA 157 123.65 -42.46 77.98
C LEU BA 157 122.97 -43.68 78.57
N ASN BA 158 123.45 -44.89 78.24
CA ASN BA 158 122.76 -46.08 78.74
C ASN BA 158 123.06 -46.30 80.22
N ASP BA 159 124.22 -45.88 80.70
CA ASP BA 159 124.51 -46.00 82.13
C ASP BA 159 123.75 -44.95 82.93
N ARG BA 160 123.70 -43.71 82.43
CA ARG BA 160 123.14 -42.63 83.23
C ARG BA 160 121.62 -42.70 83.29
N TYR BA 161 120.98 -43.14 82.22
CA TYR BA 161 119.52 -43.24 82.19
C TYR BA 161 119.10 -44.63 81.78
N PRO BA 162 118.75 -45.49 82.75
CA PRO BA 162 118.32 -46.85 82.41
C PRO BA 162 116.84 -46.97 82.11
N LYS BA 163 116.08 -45.87 82.24
CA LYS BA 163 114.63 -45.93 82.10
C LYS BA 163 114.15 -45.53 80.71
N LYS BA 164 115.05 -45.06 79.84
CA LYS BA 164 114.66 -44.58 78.53
C LYS BA 164 115.21 -45.50 77.44
N LEU BA 165 114.88 -45.17 76.19
CA LEU BA 165 115.30 -45.93 75.03
C LEU BA 165 116.49 -45.27 74.37
N VAL BA 166 117.36 -46.10 73.80
CA VAL BA 166 118.51 -45.63 73.02
C VAL BA 166 118.37 -46.18 71.62
N GLN BA 167 118.31 -45.29 70.63
CA GLN BA 167 118.31 -45.68 69.22
C GLN BA 167 119.56 -45.14 68.54
N THR BA 168 120.13 -45.97 67.66
CA THR BA 168 121.34 -45.60 66.93
C THR BA 168 121.14 -45.93 65.46
N TYR BA 169 120.95 -44.90 64.64
CA TYR BA 169 120.91 -45.07 63.21
C TYR BA 169 122.35 -45.20 62.72
N SER BA 170 122.66 -46.34 62.11
CA SER BA 170 124.04 -46.71 61.86
C SER BA 170 124.20 -47.13 60.40
N VAL BA 171 125.38 -46.87 59.87
CA VAL BA 171 125.76 -47.33 58.54
C VAL BA 171 126.67 -48.53 58.71
N PHE BA 172 126.76 -49.36 57.67
CA PHE BA 172 127.71 -50.46 57.71
C PHE BA 172 128.95 -50.08 56.92
N PRO BA 173 130.14 -50.14 57.53
CA PRO BA 173 131.33 -49.54 56.91
C PRO BA 173 131.87 -50.34 55.73
N ASN BA 174 131.24 -50.17 54.57
CA ASN BA 174 131.75 -50.71 53.31
C ASN BA 174 131.40 -49.74 52.20
N GLN BA 175 132.36 -48.89 51.85
CA GLN BA 175 132.12 -47.87 50.83
C GLN BA 175 133.00 -48.08 49.60
N ASP BA 176 133.35 -49.34 49.30
CA ASP BA 176 134.20 -49.76 48.18
C ASP BA 176 135.58 -49.11 48.29
N GLU BA 177 136.11 -49.07 49.50
CA GLU BA 177 137.35 -48.38 49.81
C GLU BA 177 138.57 -49.09 49.23
N ASP BA 180 143.66 -44.53 52.70
CA ASP BA 180 143.11 -45.82 53.05
C ASP BA 180 143.25 -46.10 54.54
N VAL BA 181 142.18 -46.60 55.15
CA VAL BA 181 142.14 -46.87 56.58
C VAL BA 181 142.06 -48.37 56.82
N VAL BA 182 143.08 -48.91 57.48
CA VAL BA 182 143.12 -50.34 57.78
C VAL BA 182 142.82 -50.62 59.25
N VAL BA 183 142.70 -49.58 60.07
CA VAL BA 183 142.27 -49.73 61.45
C VAL BA 183 140.75 -49.74 61.54
N GLN BA 184 140.07 -49.50 60.41
CA GLN BA 184 138.61 -49.50 60.33
C GLN BA 184 137.92 -50.78 60.82
N PRO BA 185 138.42 -52.01 60.56
CA PRO BA 185 137.77 -53.17 61.21
C PRO BA 185 137.89 -53.17 62.72
N TYR BA 186 139.01 -52.70 63.27
CA TYR BA 186 139.16 -52.61 64.72
C TYR BA 186 138.18 -51.61 65.31
N ASN BA 187 138.05 -50.45 64.66
CA ASN BA 187 137.14 -49.41 65.12
C ASN BA 187 135.70 -49.88 65.05
N SER BA 188 135.31 -50.51 63.93
CA SER BA 188 133.95 -51.00 63.76
C SER BA 188 133.66 -52.15 64.74
N LEU BA 189 134.67 -52.95 65.05
CA LEU BA 189 134.48 -54.06 65.99
C LEU BA 189 134.25 -53.55 67.40
N LEU BA 190 135.05 -52.56 67.83
CA LEU BA 190 134.86 -51.98 69.15
C LEU BA 190 133.53 -51.23 69.26
N THR BA 191 133.17 -50.50 68.20
CA THR BA 191 131.89 -49.79 68.18
C THR BA 191 130.72 -50.77 68.17
N LEU BA 192 130.88 -51.91 67.50
CA LEU BA 192 129.82 -52.90 67.47
C LEU BA 192 129.66 -53.60 68.81
N LYS BA 193 130.76 -53.77 69.55
CA LYS BA 193 130.68 -54.25 70.93
C LYS BA 193 129.85 -53.30 71.78
N ARG BA 194 130.09 -52.00 71.63
CA ARG BA 194 129.30 -51.01 72.34
C ARG BA 194 127.86 -51.02 71.89
N LEU BA 195 127.62 -51.25 70.59
CA LEU BA 195 126.26 -51.28 70.06
C LEU BA 195 125.47 -52.47 70.58
N THR BA 196 126.12 -53.61 70.70
CA THR BA 196 125.42 -54.79 71.21
C THR BA 196 125.17 -54.69 72.70
N GLN BA 197 126.06 -54.04 73.44
CA GLN BA 197 125.98 -54.07 74.89
C GLN BA 197 125.31 -52.84 75.50
N ASN BA 198 125.35 -51.70 74.82
CA ASN BA 198 124.91 -50.44 75.40
C ASN BA 198 123.76 -49.80 74.64
N ALA BA 199 122.98 -50.58 73.90
CA ALA BA 199 121.88 -50.03 73.13
C ALA BA 199 120.67 -50.94 73.27
N ASP BA 200 119.47 -50.34 73.22
CA ASP BA 200 118.21 -51.07 73.22
C ASP BA 200 117.82 -51.52 71.83
N CYS BA 201 118.12 -50.72 70.81
CA CYS BA 201 117.79 -51.05 69.43
C CYS BA 201 118.77 -50.32 68.54
N VAL BA 202 119.12 -50.95 67.42
CA VAL BA 202 120.04 -50.36 66.44
C VAL BA 202 119.41 -50.51 65.06
N VAL BA 203 119.35 -49.41 64.32
CA VAL BA 203 118.92 -49.42 62.93
C VAL BA 203 120.18 -49.34 62.07
N VAL BA 204 120.42 -50.37 61.27
CA VAL BA 204 121.65 -50.51 60.50
C VAL BA 204 121.31 -50.42 59.02
N LEU BA 205 122.14 -49.70 58.27
CA LEU BA 205 122.05 -49.66 56.82
C LEU BA 205 123.42 -49.99 56.25
N ASP BA 206 123.44 -50.36 54.96
CA ASP BA 206 124.69 -50.64 54.26
C ASP BA 206 125.02 -49.48 53.34
N ASN BA 207 126.26 -49.00 53.41
CA ASN BA 207 126.69 -47.92 52.51
C ASN BA 207 126.81 -48.42 51.08
N THR BA 208 127.22 -49.67 50.89
CA THR BA 208 127.36 -50.22 49.55
C THR BA 208 125.99 -50.44 48.90
N ALA BA 209 124.99 -50.82 49.70
CA ALA BA 209 123.64 -51.03 49.17
C ALA BA 209 123.02 -49.73 48.67
N LEU BA 210 123.10 -48.68 49.50
CA LEU BA 210 122.60 -47.37 49.09
C LEU BA 210 123.43 -46.81 47.95
N ASN BA 211 124.72 -47.13 47.91
CA ASN BA 211 125.57 -46.70 46.80
C ASN BA 211 125.15 -47.37 45.49
N ARG BA 212 124.83 -48.67 45.55
CA ARG BA 212 124.35 -49.39 44.38
C ARG BA 212 123.01 -48.84 43.91
N ILE BA 213 122.11 -48.57 44.85
CA ILE BA 213 120.79 -48.04 44.51
C ILE BA 213 120.90 -46.65 43.90
N ALA BA 214 121.82 -45.82 44.42
CA ALA BA 214 122.00 -44.47 43.91
C ALA BA 214 122.62 -44.47 42.53
N THR BA 215 123.66 -45.29 42.32
CA THR BA 215 124.26 -45.42 41.00
C THR BA 215 123.32 -46.14 40.02
N ASP BA 216 122.30 -46.82 40.53
CA ASP BA 216 121.26 -47.38 39.67
C ASP BA 216 120.28 -46.31 39.21
N ARG BA 217 119.61 -45.65 40.16
CA ARG BA 217 118.47 -44.79 39.81
C ARG BA 217 118.90 -43.53 39.09
N LEU BA 218 120.08 -43.01 39.38
CA LEU BA 218 120.71 -41.97 38.59
C LEU BA 218 122.01 -42.52 38.04
N HIS BA 219 122.82 -41.62 37.47
CA HIS BA 219 124.12 -41.98 36.94
C HIS BA 219 125.16 -41.10 37.63
N ILE BA 220 125.03 -40.97 38.94
CA ILE BA 220 125.92 -40.18 39.76
C ILE BA 220 127.03 -41.10 40.27
N GLN BA 221 128.24 -40.56 40.30
CA GLN BA 221 129.39 -41.29 40.81
C GLN BA 221 130.09 -40.51 41.91
N ASN BA 222 130.26 -39.20 41.72
CA ASN BA 222 130.96 -38.35 42.69
C ASN BA 222 130.10 -37.88 43.88
N PRO BA 223 128.89 -37.28 43.72
CA PRO BA 223 128.17 -36.81 44.91
C PRO BA 223 127.35 -37.88 45.61
N SER BA 224 127.96 -39.04 45.88
CA SER BA 224 127.20 -40.15 46.45
C SER BA 224 126.81 -39.87 47.89
N PHE BA 225 127.64 -39.12 48.62
CA PHE BA 225 127.39 -38.84 50.04
C PHE BA 225 126.08 -38.11 50.25
N SER BA 226 125.88 -37.02 49.52
CA SER BA 226 124.70 -36.16 49.69
C SER BA 226 123.42 -36.89 49.32
N GLN BA 227 123.49 -37.76 48.31
CA GLN BA 227 122.30 -38.48 47.88
C GLN BA 227 121.95 -39.59 48.87
N ILE BA 228 122.97 -40.26 49.41
CA ILE BA 228 122.76 -41.18 50.52
C ILE BA 228 122.13 -40.47 51.72
N ASN BA 229 122.54 -39.21 51.97
CA ASN BA 229 121.93 -38.41 53.03
C ASN BA 229 120.45 -38.19 52.80
N GLN BA 230 120.06 -37.97 51.53
CA GLN BA 230 118.64 -37.84 51.17
C GLN BA 230 117.89 -39.12 51.50
N LEU BA 231 118.51 -40.27 51.19
CA LEU BA 231 117.88 -41.55 51.45
C LEU BA 231 117.65 -41.80 52.95
N VAL BA 232 118.68 -41.56 53.77
CA VAL BA 232 118.55 -41.90 55.19
C VAL BA 232 117.59 -40.91 55.86
N SER BA 233 117.59 -39.64 55.41
CA SER BA 233 116.66 -38.67 55.97
C SER BA 233 115.22 -39.01 55.62
N THR BA 234 114.98 -39.48 54.39
CA THR BA 234 113.64 -39.91 54.02
C THR BA 234 113.21 -41.13 54.82
N ILE BA 235 114.13 -42.07 55.06
CA ILE BA 235 113.82 -43.25 55.86
C ILE BA 235 113.52 -42.87 57.31
N MET BA 236 114.28 -41.91 57.85
CA MET BA 236 114.09 -41.50 59.24
C MET BA 236 112.80 -40.74 59.43
N SER BA 237 112.39 -39.95 58.42
CA SER BA 237 111.08 -39.32 58.48
C SER BA 237 109.97 -40.36 58.35
N ALA BA 238 110.17 -41.35 57.47
CA ALA BA 238 109.15 -42.36 57.23
C ALA BA 238 108.95 -43.25 58.45
N SER BA 239 110.02 -43.54 59.19
CA SER BA 239 109.92 -44.41 60.37
C SER BA 239 109.20 -43.74 61.52
N THR BA 240 109.35 -42.42 61.68
CA THR BA 240 108.72 -41.69 62.76
C THR BA 240 107.48 -40.93 62.33
N THR BA 241 107.00 -41.13 61.10
CA THR BA 241 105.70 -40.60 60.70
C THR BA 241 104.56 -41.11 61.59
N THR BA 242 104.62 -42.37 62.02
CA THR BA 242 103.57 -42.91 62.87
C THR BA 242 103.62 -42.34 64.29
N LEU BA 243 104.77 -41.80 64.70
CA LEU BA 243 104.84 -41.10 65.97
C LEU BA 243 104.45 -39.63 65.81
N ARG BA 244 104.88 -39.02 64.71
CA ARG BA 244 104.60 -37.61 64.49
C ARG BA 244 103.16 -37.37 64.10
N TYR BA 245 102.49 -38.36 63.54
CA TYR BA 245 101.08 -38.24 63.20
C TYR BA 245 100.31 -39.27 64.01
N PRO BA 246 99.28 -38.84 64.75
CA PRO BA 246 98.65 -39.73 65.72
C PRO BA 246 97.86 -40.84 65.08
N GLY BA 247 98.25 -42.06 65.40
CA GLY BA 247 97.57 -43.23 64.92
C GLY BA 247 96.87 -43.95 66.06
N TYR BA 248 97.19 -45.23 66.18
CA TYR BA 248 96.56 -46.08 67.17
C TYR BA 248 97.60 -46.88 67.91
N MET BA 249 98.75 -47.09 67.27
CA MET BA 249 99.87 -47.83 67.83
C MET BA 249 101.13 -47.24 67.20
N ASN BA 250 102.26 -47.38 67.90
CA ASN BA 250 103.56 -46.81 67.55
C ASN BA 250 103.46 -45.30 67.47
N ASN BA 251 102.68 -44.73 68.40
CA ASN BA 251 102.81 -43.32 68.77
C ASN BA 251 103.78 -43.18 69.93
N ASP BA 252 104.39 -44.29 70.34
CA ASP BA 252 105.57 -44.33 71.19
C ASP BA 252 106.57 -45.24 70.49
N LEU BA 253 107.84 -45.04 70.80
CA LEU BA 253 108.90 -45.76 70.10
C LEU BA 253 108.91 -47.24 70.50
N ILE BA 254 108.63 -47.52 71.77
CA ILE BA 254 108.85 -48.85 72.35
C ILE BA 254 107.91 -49.88 71.75
N GLY BA 255 106.74 -49.44 71.27
CA GLY BA 255 105.82 -50.37 70.62
C GLY BA 255 106.32 -50.87 69.28
N LEU BA 256 106.89 -49.97 68.48
CA LEU BA 256 107.52 -50.38 67.23
C LEU BA 256 108.78 -51.19 67.49
N ILE BA 257 109.51 -50.83 68.54
CA ILE BA 257 110.74 -51.54 68.91
C ILE BA 257 110.43 -52.94 69.43
N ALA BA 258 109.24 -53.14 70.00
CA ALA BA 258 108.93 -54.36 70.77
C ALA BA 258 108.81 -55.59 69.88
N SER BA 259 108.05 -55.49 68.79
CA SER BA 259 107.70 -56.69 68.02
C SER BA 259 108.90 -57.24 67.23
N LEU BA 260 109.75 -56.36 66.73
CA LEU BA 260 110.87 -56.81 65.91
C LEU BA 260 111.97 -57.45 66.75
N ILE BA 261 112.09 -57.04 68.01
CA ILE BA 261 113.19 -57.48 68.87
C ILE BA 261 112.67 -58.53 69.82
N PRO BA 262 113.07 -59.79 69.67
CA PRO BA 262 112.51 -60.85 70.51
C PRO BA 262 113.28 -61.06 71.81
N THR BA 263 114.48 -60.49 71.90
CA THR BA 263 115.45 -60.79 72.94
C THR BA 263 116.52 -59.70 72.88
N PRO BA 264 117.18 -59.39 74.01
CA PRO BA 264 118.11 -58.22 74.03
C PRO BA 264 119.34 -58.32 73.15
N ARG BA 265 119.62 -59.47 72.56
CA ARG BA 265 120.79 -59.57 71.70
C ARG BA 265 120.48 -59.32 70.24
N LEU BA 266 119.29 -59.70 69.79
CA LEU BA 266 118.93 -59.47 68.40
C LEU BA 266 118.09 -58.20 68.34
N HIS BA 267 118.76 -57.06 68.21
CA HIS BA 267 118.07 -55.79 68.20
C HIS BA 267 118.48 -54.94 67.00
N PHE BA 268 118.96 -55.60 65.95
CA PHE BA 268 119.46 -54.95 64.76
C PHE BA 268 118.46 -55.14 63.63
N LEU BA 269 118.04 -54.04 63.01
CA LEU BA 269 116.86 -54.04 62.15
C LEU BA 269 117.25 -53.66 60.73
N MET BA 270 116.74 -54.42 59.76
CA MET BA 270 116.94 -54.09 58.36
C MET BA 270 116.02 -52.96 57.94
N THR BA 271 116.43 -52.22 56.92
CA THR BA 271 115.65 -51.11 56.40
C THR BA 271 115.06 -51.47 55.05
N GLY BA 272 113.75 -51.28 54.93
CA GLY BA 272 113.09 -51.37 53.64
C GLY BA 272 112.16 -50.20 53.42
N TYR BA 273 111.95 -49.87 52.15
CA TYR BA 273 111.07 -48.80 51.71
C TYR BA 273 110.78 -49.03 50.24
N THR BA 274 109.49 -49.15 49.90
CA THR BA 274 109.14 -49.86 48.66
C THR BA 274 109.30 -49.01 47.41
N PRO BA 275 108.93 -47.73 47.36
CA PRO BA 275 109.50 -46.88 46.33
C PRO BA 275 110.97 -46.68 46.65
N LEU BA 276 111.83 -46.93 45.69
CA LEU BA 276 113.13 -46.27 45.71
C LEU BA 276 113.06 -44.96 44.95
N THR BA 277 111.86 -44.57 44.54
CA THR BA 277 111.61 -43.43 43.68
C THR BA 277 110.72 -42.40 44.39
N THR BA 278 111.11 -41.12 44.28
CA THR BA 278 110.19 -40.01 44.46
C THR BA 278 110.48 -38.94 43.42
N ASP BA 279 111.59 -39.10 42.71
CA ASP BA 279 112.06 -38.14 41.73
C ASP BA 279 111.48 -38.43 40.35
N LYS BA 287 96.32 -46.22 40.44
CA LYS BA 287 97.68 -46.33 39.93
C LYS BA 287 98.42 -47.42 40.69
N THR BA 288 98.87 -47.09 41.90
CA THR BA 288 99.56 -48.05 42.74
C THR BA 288 98.62 -48.54 43.84
N THR BA 289 98.70 -49.83 44.15
CA THR BA 289 97.90 -50.41 45.21
C THR BA 289 98.79 -50.98 46.28
N VAL BA 290 98.16 -51.38 47.38
CA VAL BA 290 98.88 -51.98 48.51
C VAL BA 290 99.41 -53.35 48.12
N LEU BA 291 98.66 -54.06 47.27
CA LEU BA 291 98.97 -55.43 46.91
C LEU BA 291 100.28 -55.51 46.13
N ASP BA 292 100.45 -54.60 45.18
CA ASP BA 292 101.66 -54.56 44.36
C ASP BA 292 102.86 -54.11 45.18
N VAL BA 293 102.68 -53.12 46.05
CA VAL BA 293 103.84 -52.65 46.81
C VAL BA 293 104.20 -53.64 47.91
N MET BA 294 103.27 -54.49 48.34
CA MET BA 294 103.63 -55.54 49.27
C MET BA 294 104.53 -56.58 48.61
N ARG BA 295 104.11 -57.07 47.43
CA ARG BA 295 104.95 -58.03 46.72
C ARG BA 295 106.24 -57.39 46.20
N ARG BA 296 106.21 -56.07 45.97
CA ARG BA 296 107.43 -55.37 45.58
C ARG BA 296 108.35 -55.14 46.76
N LEU BA 297 107.78 -55.10 47.96
CA LEU BA 297 108.61 -54.89 49.15
C LEU BA 297 109.35 -56.16 49.53
N LEU BA 298 108.71 -57.33 49.33
CA LEU BA 298 109.26 -58.56 49.88
C LEU BA 298 110.51 -59.09 49.17
N GLN BA 299 110.92 -58.48 48.06
CA GLN BA 299 112.15 -58.96 47.42
C GLN BA 299 113.37 -58.38 48.13
N PRO BA 300 114.51 -59.08 48.13
CA PRO BA 300 115.70 -58.54 48.81
C PRO BA 300 116.45 -57.49 47.99
N LYS BA 301 115.90 -57.06 46.86
CA LYS BA 301 116.50 -55.98 46.09
C LYS BA 301 115.66 -54.72 46.07
N ASN BA 302 114.50 -54.73 46.71
CA ASN BA 302 113.91 -53.48 47.21
C ASN BA 302 114.26 -53.26 48.68
N VAL BA 303 115.11 -54.09 49.27
CA VAL BA 303 115.67 -53.83 50.59
C VAL BA 303 116.92 -52.97 50.42
N MET BA 304 117.01 -51.92 51.24
CA MET BA 304 118.13 -51.00 51.17
C MET BA 304 119.31 -51.45 52.02
N VAL BA 305 119.30 -52.70 52.46
CA VAL BA 305 120.44 -53.38 53.06
C VAL BA 305 120.74 -54.62 52.22
N SER BA 306 121.84 -54.59 51.49
CA SER BA 306 122.16 -55.66 50.56
C SER BA 306 123.46 -56.35 50.96
N THR BA 313 122.86 -71.89 52.95
CA THR BA 313 122.34 -71.91 54.30
C THR BA 313 120.92 -71.37 54.38
N ASN BA 314 120.31 -71.50 55.55
CA ASN BA 314 118.97 -70.99 55.77
C ASN BA 314 119.02 -69.63 56.46
N HIS BA 315 118.48 -68.62 55.77
CA HIS BA 315 118.36 -67.28 56.32
C HIS BA 315 116.89 -66.91 56.43
N CYS BA 316 116.47 -66.53 57.64
CA CYS BA 316 115.07 -66.39 57.94
C CYS BA 316 114.88 -65.19 58.84
N TYR BA 317 113.86 -64.38 58.52
CA TYR BA 317 113.56 -63.23 59.35
C TYR BA 317 113.01 -63.67 60.70
N ILE BA 318 113.34 -62.89 61.72
CA ILE BA 318 112.70 -63.06 63.03
C ILE BA 318 111.31 -62.44 63.02
N ALA BA 319 111.22 -61.16 62.65
CA ALA BA 319 109.95 -60.46 62.59
C ALA BA 319 110.08 -59.28 61.64
N ILE BA 320 109.02 -59.05 60.87
CA ILE BA 320 108.97 -57.92 59.95
C ILE BA 320 107.83 -57.02 60.42
N LEU BA 321 107.98 -55.72 60.22
CA LEU BA 321 106.88 -54.80 60.41
C LEU BA 321 106.90 -53.80 59.28
N ASN BA 322 105.75 -53.64 58.63
CA ASN BA 322 105.64 -52.69 57.53
C ASN BA 322 104.62 -51.62 57.91
N ILE BA 323 104.93 -50.38 57.53
CA ILE BA 323 104.05 -49.25 57.74
C ILE BA 323 103.78 -48.62 56.39
N ILE BA 324 102.51 -48.40 56.08
CA ILE BA 324 102.11 -47.86 54.79
C ILE BA 324 101.44 -46.51 55.02
N GLN BA 325 101.58 -45.63 54.05
CA GLN BA 325 101.01 -44.28 54.10
C GLN BA 325 100.46 -43.93 52.72
N GLY BA 326 99.17 -43.65 52.65
CA GLY BA 326 98.58 -43.23 51.40
C GLY BA 326 97.08 -43.31 51.38
N GLU BA 327 96.54 -43.39 50.17
CA GLU BA 327 95.10 -43.43 49.93
C GLU BA 327 94.62 -44.87 49.95
N VAL BA 328 94.76 -45.52 51.10
CA VAL BA 328 94.65 -46.97 51.20
C VAL BA 328 93.19 -47.36 51.39
N ASP BA 329 92.68 -48.13 50.44
CA ASP BA 329 91.45 -48.87 50.67
C ASP BA 329 91.68 -49.93 51.72
N PRO BA 330 90.83 -50.03 52.74
CA PRO BA 330 91.11 -50.95 53.86
C PRO BA 330 90.94 -52.42 53.50
N THR BA 331 90.26 -52.73 52.39
CA THR BA 331 90.18 -54.11 51.93
C THR BA 331 91.47 -54.55 51.24
N GLN BA 332 92.27 -53.59 50.78
CA GLN BA 332 93.47 -53.92 50.01
C GLN BA 332 94.54 -54.56 50.87
N VAL BA 333 94.74 -54.08 52.10
CA VAL BA 333 95.73 -54.66 52.98
C VAL BA 333 95.34 -56.07 53.39
N HIS BA 334 94.03 -56.32 53.41
CA HIS BA 334 93.44 -57.58 53.86
C HIS BA 334 93.73 -58.68 52.86
N LYS BA 335 93.39 -58.45 51.59
CA LYS BA 335 93.62 -59.45 50.57
C LYS BA 335 95.08 -59.49 50.14
N SER BA 336 95.81 -58.37 50.28
CA SER BA 336 97.25 -58.40 50.07
C SER BA 336 97.93 -59.34 51.07
N LEU BA 337 97.52 -59.28 52.33
CA LEU BA 337 98.11 -60.16 53.33
C LEU BA 337 97.69 -61.61 53.10
N GLN BA 338 96.46 -61.82 52.57
CA GLN BA 338 96.08 -63.13 52.04
C GLN BA 338 97.08 -63.63 51.00
N ARG BA 339 97.39 -62.80 49.99
CA ARG BA 339 98.30 -63.22 48.92
C ARG BA 339 99.71 -63.49 49.45
N ILE BA 340 100.16 -62.66 50.40
CA ILE BA 340 101.48 -62.83 51.01
C ILE BA 340 101.55 -64.14 51.78
N ARG BA 341 100.43 -64.56 52.40
CA ARG BA 341 100.45 -65.85 53.08
C ARG BA 341 100.57 -67.01 52.11
N GLU BA 342 99.67 -67.10 51.14
CA GLU BA 342 99.64 -68.33 50.34
C GLU BA 342 100.73 -68.32 49.26
N ARG BA 343 101.37 -67.18 49.02
CA ARG BA 343 102.55 -67.20 48.17
C ARG BA 343 103.81 -67.57 48.93
N LYS BA 344 103.89 -67.21 50.21
CA LYS BA 344 105.05 -67.41 51.08
C LYS BA 344 106.30 -66.73 50.52
N LEU BA 345 106.20 -65.41 50.31
CA LEU BA 345 107.32 -64.64 49.77
C LEU BA 345 108.15 -63.94 50.83
N ALA BA 346 107.97 -64.30 52.10
CA ALA BA 346 108.66 -63.72 53.24
C ALA BA 346 109.31 -64.87 54.01
N ASN BA 347 110.43 -64.61 54.66
CA ASN BA 347 111.11 -65.65 55.40
C ASN BA 347 110.60 -65.67 56.83
N PHE BA 348 110.26 -66.87 57.29
CA PHE BA 348 109.44 -67.18 58.44
C PHE BA 348 110.29 -67.18 59.71
N ILE BA 349 109.64 -67.36 60.84
CA ILE BA 349 110.38 -67.61 62.08
C ILE BA 349 110.06 -69.03 62.55
N PRO BA 350 111.07 -69.88 62.79
CA PRO BA 350 110.79 -71.23 63.30
C PRO BA 350 110.12 -71.24 64.66
N TRP BA 351 110.81 -70.70 65.67
CA TRP BA 351 110.38 -70.80 67.06
C TRP BA 351 109.30 -69.79 67.41
N GLY BA 352 108.13 -69.87 66.78
CA GLY BA 352 107.04 -69.02 67.16
C GLY BA 352 106.31 -68.42 65.98
N PRO BA 353 105.28 -67.62 66.28
CA PRO BA 353 104.79 -66.66 65.28
C PRO BA 353 105.31 -65.25 65.53
N ALA BA 354 105.94 -64.67 64.51
CA ALA BA 354 106.32 -63.27 64.51
C ALA BA 354 106.48 -62.82 63.07
N SER BA 355 105.47 -62.18 62.51
CA SER BA 355 105.37 -62.06 61.06
C SER BA 355 105.25 -60.61 60.67
N ILE BA 356 105.18 -60.38 59.35
CA ILE BA 356 105.02 -59.03 58.83
C ILE BA 356 103.66 -58.47 59.22
N GLN BA 357 103.68 -57.30 59.84
CA GLN BA 357 102.48 -56.70 60.39
C GLN BA 357 102.14 -55.47 59.57
N VAL BA 358 100.87 -55.34 59.21
CA VAL BA 358 100.40 -54.23 58.40
C VAL BA 358 100.05 -53.07 59.30
N ALA BA 359 100.71 -51.94 59.08
CA ALA BA 359 100.38 -50.71 59.78
C ALA BA 359 100.06 -49.65 58.76
N LEU BA 360 99.09 -48.82 59.10
CA LEU BA 360 98.60 -47.78 58.21
C LEU BA 360 98.85 -46.43 58.85
N SER BA 361 99.39 -45.51 58.08
CA SER BA 361 99.69 -44.17 58.58
C SER BA 361 99.16 -43.14 57.59
N ARG BA 362 99.12 -41.89 58.06
CA ARG BA 362 98.54 -40.77 57.34
C ARG BA 362 99.53 -40.26 56.31
N LYS BA 363 99.02 -39.86 55.16
CA LYS BA 363 99.87 -39.20 54.17
C LYS BA 363 100.18 -37.79 54.64
N SER BA 364 101.46 -37.43 54.59
CA SER BA 364 101.92 -36.16 55.17
C SER BA 364 101.54 -34.98 54.29
N PRO BA 365 101.26 -33.82 54.87
CA PRO BA 365 101.05 -32.61 54.04
C PRO BA 365 102.36 -32.12 53.46
N TYR BA 366 102.29 -31.65 52.21
CA TYR BA 366 103.37 -31.02 51.46
C TYR BA 366 104.48 -32.03 51.19
N LEU BA 367 104.11 -33.25 50.84
CA LEU BA 367 105.04 -34.22 50.31
C LEU BA 367 104.75 -34.39 48.82
N PRO BA 368 105.77 -34.65 47.99
CA PRO BA 368 105.56 -34.73 46.54
C PRO BA 368 104.70 -35.93 46.14
N SER BA 369 103.79 -35.70 45.19
CA SER BA 369 102.74 -36.65 44.85
C SER BA 369 103.23 -37.66 43.82
N ALA BA 370 104.24 -38.44 44.20
CA ALA BA 370 104.63 -39.62 43.44
C ALA BA 370 104.60 -40.81 44.40
N HIS BA 371 104.19 -41.98 43.87
CA HIS BA 371 103.93 -43.18 44.65
C HIS BA 371 102.95 -42.89 45.79
N ARG BA 372 101.70 -42.57 45.42
CA ARG BA 372 100.65 -42.16 46.35
C ARG BA 372 100.40 -43.20 47.44
N VAL BA 373 100.53 -44.48 47.13
CA VAL BA 373 100.53 -45.53 48.14
C VAL BA 373 101.96 -45.98 48.33
N SER BA 374 102.54 -45.64 49.48
CA SER BA 374 103.95 -45.87 49.72
C SER BA 374 104.13 -46.49 51.09
N GLY BA 375 104.93 -47.55 51.15
CA GLY BA 375 105.17 -48.26 52.38
C GLY BA 375 106.66 -48.46 52.62
N LEU BA 376 107.00 -48.66 53.88
CA LEU BA 376 108.35 -48.96 54.31
C LEU BA 376 108.29 -50.13 55.28
N MET BA 377 109.40 -50.82 55.45
CA MET BA 377 109.44 -51.92 56.40
C MET BA 377 110.68 -51.85 57.26
N MET BA 378 110.54 -52.32 58.50
CA MET BA 378 111.65 -52.59 59.40
C MET BA 378 111.55 -54.05 59.80
N ALA BA 379 112.67 -54.77 59.72
CA ALA BA 379 112.64 -56.21 59.88
C ALA BA 379 113.89 -56.69 60.60
N ASN BA 380 113.72 -57.71 61.43
CA ASN BA 380 114.84 -58.38 62.09
C ASN BA 380 115.16 -59.63 61.29
N HIS BA 381 116.31 -59.62 60.60
CA HIS BA 381 116.73 -60.72 59.75
C HIS BA 381 118.05 -61.28 60.25
N THR BA 382 118.21 -62.60 60.10
CA THR BA 382 119.49 -63.26 60.38
C THR BA 382 120.52 -63.05 59.29
N SER BA 383 120.16 -62.42 58.17
CA SER BA 383 121.11 -62.23 57.07
C SER BA 383 122.18 -61.21 57.40
N ILE BA 384 121.93 -60.34 58.39
CA ILE BA 384 122.93 -59.37 58.80
C ILE BA 384 124.09 -60.02 59.54
N SER BA 385 123.89 -61.27 60.02
CA SER BA 385 124.98 -62.04 60.60
C SER BA 385 126.09 -62.30 59.58
N SER BA 386 125.71 -62.44 58.30
CA SER BA 386 126.69 -62.62 57.23
C SER BA 386 127.57 -61.39 57.09
N LEU BA 387 126.98 -60.20 57.15
CA LEU BA 387 127.75 -58.96 57.04
C LEU BA 387 128.64 -58.79 58.25
N PHE BA 388 128.12 -59.15 59.43
CA PHE BA 388 128.91 -59.11 60.66
C PHE BA 388 130.12 -60.04 60.59
N GLU BA 389 129.92 -61.27 60.12
CA GLU BA 389 131.03 -62.21 60.08
C GLU BA 389 132.00 -61.87 58.95
N ARG BA 390 131.53 -61.19 57.90
CA ARG BA 390 132.44 -60.67 56.88
C ARG BA 390 133.40 -59.64 57.47
N THR BA 391 132.85 -58.69 58.23
CA THR BA 391 133.70 -57.70 58.88
C THR BA 391 134.56 -58.32 59.96
N CYS BA 392 134.04 -59.34 60.63
CA CYS BA 392 134.83 -60.12 61.57
C CYS BA 392 135.97 -60.84 60.87
N ARG BA 393 135.73 -61.32 59.65
CA ARG BA 393 136.78 -62.00 58.90
C ARG BA 393 137.85 -61.03 58.46
N GLN BA 394 137.45 -59.81 58.08
CA GLN BA 394 138.41 -58.76 57.77
C GLN BA 394 139.25 -58.41 59.00
N TYR BA 395 138.60 -58.27 60.16
CA TYR BA 395 139.32 -58.02 61.41
C TYR BA 395 140.25 -59.18 61.75
N ASP BA 396 139.78 -60.42 61.54
CA ASP BA 396 140.58 -61.59 61.84
C ASP BA 396 141.81 -61.67 60.94
N LYS BA 397 141.65 -61.29 59.67
CA LYS BA 397 142.77 -61.25 58.75
C LYS BA 397 143.81 -60.23 59.19
N LEU BA 398 143.38 -58.99 59.41
CA LEU BA 398 144.32 -57.94 59.81
C LEU BA 398 144.90 -58.19 61.19
N ARG BA 399 144.14 -58.89 62.04
CA ARG BA 399 144.62 -59.20 63.38
C ARG BA 399 145.61 -60.35 63.37
N LYS BA 400 145.43 -61.31 62.48
CA LYS BA 400 146.37 -62.40 62.35
C LYS BA 400 147.67 -61.94 61.72
N ARG BA 401 147.57 -61.00 60.77
CA ARG BA 401 148.77 -60.50 60.11
C ARG BA 401 149.62 -59.63 61.04
N GLU BA 402 148.96 -58.90 61.96
CA GLU BA 402 149.59 -57.98 62.91
C GLU BA 402 150.48 -56.94 62.21
N ALA BA 403 149.90 -56.27 61.22
CA ALA BA 403 150.61 -55.19 60.53
C ALA BA 403 149.68 -54.02 60.25
N PHE BA 404 148.48 -54.03 60.83
CA PHE BA 404 147.45 -53.07 60.46
C PHE BA 404 146.80 -52.40 61.67
N LEU BA 405 147.46 -52.48 62.84
CA LEU BA 405 147.11 -51.61 63.95
C LEU BA 405 147.72 -50.23 63.77
N GLU BA 406 148.79 -50.13 62.95
CA GLU BA 406 149.51 -48.93 62.53
C GLU BA 406 150.25 -48.24 63.68
N GLN BA 407 150.22 -48.84 64.88
CA GLN BA 407 150.68 -48.27 66.14
C GLN BA 407 150.13 -46.85 66.32
N PHE BA 408 148.81 -46.75 66.44
CA PHE BA 408 148.21 -45.49 66.82
C PHE BA 408 148.47 -45.27 68.29
N ARG BA 409 148.90 -44.05 68.63
CA ARG BA 409 149.36 -43.78 69.99
C ARG BA 409 148.21 -43.78 70.98
N LYS BA 410 147.04 -43.30 70.56
CA LYS BA 410 145.85 -43.36 71.42
C LYS BA 410 145.38 -44.79 71.59
N GLU BA 411 145.57 -45.63 70.56
CA GLU BA 411 145.21 -47.03 70.66
C GLU BA 411 146.12 -47.77 71.63
N ASP BA 412 147.41 -47.41 71.65
CA ASP BA 412 148.33 -48.03 72.58
C ASP BA 412 148.10 -47.52 74.00
N MET BA 413 147.92 -46.22 74.17
CA MET BA 413 147.76 -45.65 75.50
C MET BA 413 146.41 -46.01 76.11
N PHE BA 414 145.39 -46.18 75.26
CA PHE BA 414 144.08 -46.58 75.75
C PHE BA 414 144.10 -48.02 76.26
N LYS BA 415 144.75 -48.91 75.53
CA LYS BA 415 144.88 -50.30 75.95
C LYS BA 415 146.22 -50.81 75.46
N ASP BA 416 147.18 -50.95 76.36
CA ASP BA 416 148.50 -51.43 75.99
C ASP BA 416 148.47 -52.92 75.67
N ASN BA 417 147.51 -53.64 76.22
CA ASN BA 417 147.39 -55.07 76.02
C ASN BA 417 146.42 -55.42 74.89
N PHE BA 418 145.57 -54.47 74.49
CA PHE BA 418 144.58 -54.61 73.42
C PHE BA 418 143.62 -55.76 73.68
N ASP BA 419 143.25 -55.95 74.95
CA ASP BA 419 142.32 -56.99 75.34
C ASP BA 419 140.88 -56.62 75.05
N GLU BA 420 140.60 -55.34 74.82
CA GLU BA 420 139.26 -54.92 74.44
C GLU BA 420 138.90 -55.44 73.06
N MET BA 421 139.88 -55.58 72.18
CA MET BA 421 139.64 -56.20 70.88
C MET BA 421 139.26 -57.66 71.03
N ASP BA 422 139.91 -58.36 71.97
CA ASP BA 422 139.56 -59.75 72.24
C ASP BA 422 138.17 -59.87 72.87
N THR BA 423 137.84 -58.95 73.78
CA THR BA 423 136.52 -58.96 74.41
C THR BA 423 135.42 -58.66 73.41
N SER BA 424 135.66 -57.70 72.53
CA SER BA 424 134.71 -57.38 71.47
C SER BA 424 134.57 -58.53 70.48
N ARG BA 425 135.67 -59.23 70.19
CA ARG BA 425 135.61 -60.40 69.33
C ARG BA 425 134.80 -61.51 69.97
N GLU BA 426 134.95 -61.70 71.28
CA GLU BA 426 134.16 -62.68 72.00
C GLU BA 426 132.68 -62.33 72.00
N ILE BA 427 132.37 -61.04 72.20
CA ILE BA 427 130.98 -60.59 72.24
C ILE BA 427 130.33 -60.73 70.87
N VAL BA 428 131.06 -60.37 69.80
CA VAL BA 428 130.48 -60.50 68.47
C VAL BA 428 130.42 -61.97 68.05
N GLN BA 429 131.28 -62.82 68.62
CA GLN BA 429 131.17 -64.24 68.35
C GLN BA 429 129.94 -64.84 69.01
N GLN BA 430 129.68 -64.42 70.26
CA GLN BA 430 128.46 -64.81 70.96
C GLN BA 430 127.23 -64.31 70.23
N LEU BA 431 127.34 -63.12 69.63
CA LEU BA 431 126.25 -62.56 68.85
C LEU BA 431 125.97 -63.39 67.60
N ILE BA 432 127.02 -63.79 66.89
CA ILE BA 432 126.87 -64.65 65.70
C ILE BA 432 126.28 -66.01 66.09
N ASP BA 433 126.71 -66.54 67.23
CA ASP BA 433 126.19 -67.84 67.70
C ASP BA 433 124.73 -67.73 68.09
N GLU BA 434 124.34 -66.62 68.72
CA GLU BA 434 122.93 -66.43 69.08
C GLU BA 434 122.07 -66.19 67.84
N TYR BA 435 122.63 -65.54 66.82
CA TYR BA 435 121.96 -65.41 65.53
C TYR BA 435 121.70 -66.76 64.91
N HIS BA 436 122.72 -67.60 64.85
CA HIS BA 436 122.58 -68.94 64.29
C HIS BA 436 121.70 -69.82 65.15
N ALA BA 437 121.64 -69.56 66.46
CA ALA BA 437 120.76 -70.34 67.32
C ALA BA 437 119.31 -69.92 67.14
N ALA BA 438 119.07 -68.63 66.89
CA ALA BA 438 117.72 -68.17 66.58
C ALA BA 438 117.27 -68.66 65.23
N THR BA 439 118.23 -68.94 64.33
CA THR BA 439 117.91 -69.54 63.05
C THR BA 439 117.34 -70.95 63.23
N ARG BA 440 117.74 -71.65 64.29
CA ARG BA 440 117.34 -73.03 64.51
C ARG BA 440 115.87 -73.11 64.91
N PRO BA 441 115.24 -74.27 64.71
CA PRO BA 441 113.89 -74.47 65.26
C PRO BA 441 113.86 -74.53 66.77
N ASP BA 442 114.99 -74.80 67.40
CA ASP BA 442 115.12 -74.73 68.84
C ASP BA 442 115.87 -73.46 69.19
N TYR BA 443 115.27 -72.64 70.03
CA TYR BA 443 116.00 -71.52 70.62
C TYR BA 443 115.92 -71.69 72.12
N ILE BA 444 115.84 -72.96 72.54
CA ILE BA 444 116.21 -73.39 73.88
C ILE BA 444 117.66 -73.89 73.85
N SER BA 445 118.39 -73.52 72.81
CA SER BA 445 119.83 -73.71 72.68
C SER BA 445 120.45 -72.37 72.37
N TRP BA 446 121.35 -71.92 73.25
CA TRP BA 446 121.76 -70.54 73.29
C TRP BA 446 123.23 -70.39 72.91
N GLY BA 447 123.72 -69.15 72.95
CA GLY BA 447 125.09 -68.86 72.60
C GLY BA 447 125.58 -67.56 73.21
N ALA CA 11 -95.49 -13.34 -120.64
CA ALA CA 11 -96.22 -13.64 -119.42
C ALA CA 11 -95.78 -12.69 -118.30
N ALA CA 12 -95.67 -13.22 -117.08
CA ALA CA 12 -95.06 -12.52 -115.97
C ALA CA 12 -93.62 -12.94 -115.75
N ALA CA 13 -93.35 -14.25 -115.79
CA ALA CA 13 -91.99 -14.76 -115.70
C ALA CA 13 -91.17 -14.47 -116.96
N ALA CA 14 -91.82 -14.21 -118.09
CA ALA CA 14 -91.14 -13.71 -119.26
C ALA CA 14 -90.92 -12.20 -119.21
N ALA CA 15 -91.66 -11.50 -118.35
CA ALA CA 15 -91.43 -10.09 -118.10
C ALA CA 15 -90.53 -9.85 -116.89
N ALA CA 16 -90.43 -10.82 -115.98
CA ALA CA 16 -89.49 -10.71 -114.88
C ALA CA 16 -88.04 -10.85 -115.35
N ASN CA 17 -87.80 -11.67 -116.37
CA ASN CA 17 -86.47 -11.68 -116.99
C ASN CA 17 -86.23 -10.42 -117.81
N LEU CA 18 -87.30 -9.84 -118.39
CA LEU CA 18 -87.19 -8.55 -119.05
C LEU CA 18 -86.90 -7.43 -118.05
N ASN CA 19 -87.34 -7.61 -116.81
CA ASN CA 19 -87.00 -6.74 -115.70
C ASN CA 19 -85.56 -6.94 -115.24
N ALA CA 20 -85.12 -8.20 -115.14
CA ALA CA 20 -83.78 -8.51 -114.66
C ALA CA 20 -82.70 -8.25 -115.71
N VAL CA 21 -83.06 -8.05 -116.98
CA VAL CA 21 -82.12 -7.55 -117.97
C VAL CA 21 -82.13 -6.03 -118.02
N ARG CA 22 -83.29 -5.41 -117.76
CA ARG CA 22 -83.38 -3.95 -117.76
C ARG CA 22 -82.62 -3.33 -116.59
N GLU CA 23 -82.37 -4.11 -115.54
CA GLU CA 23 -81.58 -3.62 -114.43
C GLU CA 23 -80.10 -3.51 -114.80
N THR CA 24 -79.53 -4.59 -115.36
CA THR CA 24 -78.10 -4.59 -115.64
C THR CA 24 -77.75 -3.65 -116.80
N MET CA 25 -78.69 -3.40 -117.71
CA MET CA 25 -78.42 -2.43 -118.77
C MET CA 25 -78.56 -1.00 -118.28
N ASP CA 26 -79.13 -0.79 -117.09
CA ASP CA 26 -79.12 0.51 -116.43
C ASP CA 26 -77.87 0.71 -115.59
N VAL CA 27 -77.39 -0.37 -114.96
CA VAL CA 27 -76.18 -0.34 -114.15
C VAL CA 27 -74.96 -0.09 -115.02
N LEU CA 28 -74.86 -0.81 -116.14
CA LEU CA 28 -73.75 -0.59 -117.07
C LEU CA 28 -73.82 0.78 -117.71
N LEU CA 29 -75.01 1.36 -117.86
CA LEU CA 29 -75.14 2.74 -118.31
C LEU CA 29 -74.61 3.74 -117.29
N GLU CA 30 -74.91 3.52 -116.00
CA GLU CA 30 -74.37 4.36 -114.94
C GLU CA 30 -72.85 4.31 -114.92
N ILE CA 31 -72.30 3.10 -115.08
CA ILE CA 31 -70.85 2.92 -115.16
C ILE CA 31 -70.27 3.60 -116.39
N SER CA 32 -71.00 3.57 -117.51
CA SER CA 32 -70.52 4.20 -118.74
C SER CA 32 -70.49 5.71 -118.64
N ARG CA 33 -71.40 6.29 -117.86
CA ARG CA 33 -71.37 7.74 -117.78
C ARG CA 33 -70.43 8.26 -116.71
N ILE CA 34 -70.21 7.53 -115.61
CA ILE CA 34 -69.25 8.04 -114.63
C ILE CA 34 -67.81 7.83 -115.09
N LEU CA 35 -67.57 6.92 -116.03
CA LEU CA 35 -66.24 6.72 -116.56
C LEU CA 35 -65.96 7.54 -117.80
N ASN CA 36 -67.00 8.19 -118.34
CA ASN CA 36 -66.91 9.10 -119.49
C ASN CA 36 -66.35 8.37 -120.72
N THR CA 37 -67.03 7.29 -121.09
CA THR CA 37 -66.68 6.60 -122.31
C THR CA 37 -67.49 7.16 -123.48
N GLY CA 38 -67.16 6.72 -124.70
CA GLY CA 38 -67.86 7.22 -125.88
C GLY CA 38 -69.14 6.48 -126.16
N LEU CA 39 -69.24 5.23 -125.73
CA LEU CA 39 -70.38 4.39 -126.03
C LEU CA 39 -71.65 4.80 -125.30
N ASP CA 40 -72.78 4.79 -126.01
CA ASP CA 40 -74.09 5.05 -125.42
C ASP CA 40 -74.88 3.76 -125.24
N MET CA 41 -76.11 3.91 -124.71
CA MET CA 41 -76.98 2.83 -124.28
C MET CA 41 -77.22 1.80 -125.37
N GLU CA 42 -77.28 2.24 -126.63
CA GLU CA 42 -77.62 1.38 -127.73
C GLU CA 42 -76.42 0.53 -128.15
N THR CA 43 -75.23 1.16 -128.22
CA THR CA 43 -74.00 0.45 -128.53
C THR CA 43 -73.64 -0.57 -127.45
N LEU CA 44 -73.92 -0.22 -126.19
CA LEU CA 44 -73.62 -1.08 -125.05
C LEU CA 44 -74.35 -2.42 -125.14
N SER CA 45 -75.54 -2.45 -125.73
CA SER CA 45 -76.25 -3.70 -125.94
C SER CA 45 -75.58 -4.59 -127.00
N ILE CA 46 -74.96 -4.00 -128.01
CA ILE CA 46 -74.17 -4.79 -128.96
C ILE CA 46 -72.96 -5.39 -128.27
N CYS CA 47 -72.29 -4.58 -127.44
CA CYS CA 47 -71.17 -5.09 -126.65
C CYS CA 47 -71.59 -6.18 -125.66
N VAL CA 48 -72.78 -6.08 -125.08
CA VAL CA 48 -73.19 -7.09 -124.11
C VAL CA 48 -73.57 -8.39 -124.81
N ARG CA 49 -74.14 -8.30 -126.03
CA ARG CA 49 -74.45 -9.51 -126.79
C ARG CA 49 -73.16 -10.22 -127.24
N LEU CA 50 -72.15 -9.43 -127.63
CA LEU CA 50 -70.84 -9.99 -127.97
C LEU CA 50 -70.21 -10.65 -126.75
N CYS CA 51 -70.38 -10.07 -125.57
CA CYS CA 51 -69.91 -10.72 -124.36
C CYS CA 51 -70.71 -11.96 -124.00
N GLU CA 52 -71.95 -12.11 -124.49
CA GLU CA 52 -72.59 -13.42 -124.37
C GLU CA 52 -71.94 -14.43 -125.30
N GLN CA 53 -71.50 -13.99 -126.48
CA GLN CA 53 -70.82 -14.93 -127.38
C GLN CA 53 -69.45 -15.35 -126.87
N GLY CA 54 -68.82 -14.55 -126.00
CA GLY CA 54 -67.46 -14.82 -125.59
C GLY CA 54 -66.52 -14.07 -126.50
N ILE CA 55 -65.91 -13.00 -125.99
CA ILE CA 55 -65.14 -12.11 -126.86
C ILE CA 55 -63.97 -11.54 -126.04
N ASN CA 56 -62.83 -11.40 -126.72
CA ASN CA 56 -61.62 -10.83 -126.14
C ASN CA 56 -61.77 -9.31 -126.10
N PRO CA 57 -61.65 -8.67 -124.92
CA PRO CA 57 -61.64 -7.20 -124.87
C PRO CA 57 -60.44 -6.56 -125.57
N GLU CA 58 -59.30 -7.25 -125.65
CA GLU CA 58 -58.15 -6.73 -126.37
C GLU CA 58 -58.37 -6.65 -127.87
N ALA CA 59 -59.31 -7.45 -128.40
CA ALA CA 59 -59.70 -7.38 -129.79
C ALA CA 59 -60.86 -6.41 -130.01
N LEU CA 60 -61.85 -6.46 -129.11
CA LEU CA 60 -63.04 -5.61 -129.21
C LEU CA 60 -62.68 -4.14 -129.09
N SER CA 61 -61.72 -3.80 -128.21
CA SER CA 61 -61.30 -2.42 -128.05
C SER CA 61 -60.56 -1.89 -129.28
N SER CA 62 -59.76 -2.74 -129.93
CA SER CA 62 -59.11 -2.32 -131.16
C SER CA 62 -60.11 -2.13 -132.29
N VAL CA 63 -61.17 -2.94 -132.32
CA VAL CA 63 -62.22 -2.74 -133.32
C VAL CA 63 -62.95 -1.42 -133.09
N ILE CA 64 -63.29 -1.13 -131.83
CA ILE CA 64 -64.00 0.12 -131.50
C ILE CA 64 -63.10 1.33 -131.74
N LYS CA 65 -61.79 1.19 -131.52
CA LYS CA 65 -60.85 2.26 -131.82
C LYS CA 65 -60.44 2.31 -133.28
N GLU CA 66 -60.88 1.36 -134.09
CA GLU CA 66 -60.74 1.44 -135.54
C GLU CA 66 -61.95 2.05 -136.21
N LEU CA 67 -63.16 1.68 -135.79
CA LEU CA 67 -64.37 2.23 -136.37
C LEU CA 67 -64.54 3.71 -136.06
N ARG CA 68 -64.15 4.11 -134.84
CA ARG CA 68 -64.29 5.51 -134.47
C ARG CA 68 -63.23 6.38 -135.13
N LYS CA 69 -62.10 5.80 -135.51
CA LYS CA 69 -61.09 6.55 -136.24
C LYS CA 69 -61.59 6.95 -137.63
N ALA CA 70 -62.47 6.14 -138.22
CA ALA CA 70 -63.07 6.46 -139.51
C ALA CA 70 -64.38 7.25 -139.39
N THR CA 71 -64.80 7.59 -138.16
CA THR CA 71 -65.78 8.66 -137.98
C THR CA 71 -65.10 9.97 -137.59
N GLU CA 72 -63.78 9.97 -137.46
CA GLU CA 72 -63.05 11.21 -137.28
C GLU CA 72 -62.21 11.52 -138.51
N ALA CA 73 -62.32 10.69 -139.55
CA ALA CA 73 -61.72 10.94 -140.84
C ALA CA 73 -62.74 11.30 -141.90
N LEU CA 74 -63.96 10.78 -141.79
CA LEU CA 74 -65.05 11.10 -142.71
C LEU CA 74 -66.02 12.12 -142.14
N LYS CA 75 -65.66 12.78 -141.04
CA LYS CA 75 -66.54 13.74 -140.38
C LYS CA 75 -66.73 15.00 -141.21
N ALA DA 11 -140.91 62.15 -32.73
CA ALA DA 11 -140.36 60.89 -32.26
C ALA DA 11 -139.46 61.09 -31.05
N ALA DA 12 -138.77 60.03 -30.65
CA ALA DA 12 -137.78 60.08 -29.59
C ALA DA 12 -136.36 59.95 -30.12
N ALA DA 13 -136.16 59.05 -31.08
CA ALA DA 13 -134.87 58.92 -31.75
C ALA DA 13 -134.59 60.08 -32.70
N ALA DA 14 -135.60 60.87 -33.06
CA ALA DA 14 -135.40 62.09 -33.81
C ALA DA 14 -135.04 63.26 -32.89
N ALA DA 15 -135.34 63.15 -31.60
CA ALA DA 15 -134.78 64.05 -30.60
C ALA DA 15 -133.44 63.57 -30.10
N ALA DA 16 -133.05 62.33 -30.43
CA ALA DA 16 -131.73 61.81 -30.08
C ALA DA 16 -130.67 62.14 -31.12
N ASN DA 17 -131.07 62.48 -32.35
CA ASN DA 17 -130.13 62.92 -33.37
C ASN DA 17 -129.72 64.38 -33.19
N LEU DA 18 -130.68 65.26 -32.90
CA LEU DA 18 -130.37 66.66 -32.62
C LEU DA 18 -129.50 66.82 -31.39
N ASN DA 19 -129.69 65.94 -30.40
CA ASN DA 19 -128.77 65.83 -29.27
C ASN DA 19 -127.35 65.51 -29.73
N ALA DA 20 -127.24 64.58 -30.68
CA ALA DA 20 -125.94 64.18 -31.22
C ALA DA 20 -125.31 65.24 -32.12
N VAL DA 21 -126.05 66.24 -32.58
CA VAL DA 21 -125.44 67.34 -33.32
C VAL DA 21 -125.05 68.45 -32.34
N ARG DA 22 -125.91 68.69 -31.34
CA ARG DA 22 -125.66 69.72 -30.34
C ARG DA 22 -124.44 69.39 -29.49
N GLU DA 23 -124.12 68.11 -29.35
CA GLU DA 23 -122.90 67.73 -28.63
C GLU DA 23 -121.64 68.05 -29.43
N THR DA 24 -121.60 67.62 -30.71
CA THR DA 24 -120.41 67.83 -31.54
C THR DA 24 -120.14 69.29 -31.83
N MET DA 25 -121.19 70.08 -31.98
CA MET DA 25 -121.00 71.50 -32.26
C MET DA 25 -120.40 72.25 -31.07
N ASP DA 26 -120.50 71.69 -29.87
CA ASP DA 26 -119.82 72.12 -28.65
C ASP DA 26 -118.42 71.52 -28.49
N VAL DA 27 -118.25 70.26 -28.91
CA VAL DA 27 -116.94 69.61 -28.84
C VAL DA 27 -115.95 70.29 -29.78
N LEU DA 28 -116.38 70.57 -31.01
CA LEU DA 28 -115.57 71.30 -31.96
C LEU DA 28 -115.32 72.74 -31.51
N LEU DA 29 -116.22 73.31 -30.70
CA LEU DA 29 -115.97 74.59 -30.05
C LEU DA 29 -114.84 74.52 -29.03
N GLU DA 30 -114.80 73.44 -28.24
CA GLU DA 30 -113.68 73.22 -27.32
C GLU DA 30 -112.36 73.08 -28.07
N ILE DA 31 -112.39 72.35 -29.19
CA ILE DA 31 -111.21 72.24 -30.05
C ILE DA 31 -110.84 73.59 -30.66
N SER DA 32 -111.85 74.43 -30.95
CA SER DA 32 -111.60 75.76 -31.50
C SER DA 32 -110.94 76.67 -30.50
N ARG DA 33 -111.24 76.53 -29.21
CA ARG DA 33 -110.56 77.40 -28.27
C ARG DA 33 -109.20 76.86 -27.85
N ILE DA 34 -108.98 75.54 -27.84
CA ILE DA 34 -107.66 75.07 -27.40
C ILE DA 34 -106.59 75.27 -28.47
N LEU DA 35 -106.98 75.43 -29.73
CA LEU DA 35 -106.01 75.79 -30.74
C LEU DA 35 -105.88 77.28 -30.93
N ASN DA 36 -106.75 78.06 -30.27
CA ASN DA 36 -106.67 79.53 -30.18
C ASN DA 36 -106.78 80.16 -31.57
N THR DA 37 -107.84 79.81 -32.28
CA THR DA 37 -108.15 80.48 -33.54
C THR DA 37 -109.19 81.57 -33.29
N GLY DA 38 -109.29 82.49 -34.25
CA GLY DA 38 -110.24 83.59 -34.12
C GLY DA 38 -111.65 83.24 -34.53
N LEU DA 39 -111.83 82.10 -35.18
CA LEU DA 39 -113.14 81.62 -35.60
C LEU DA 39 -114.02 81.34 -34.38
N ASP DA 40 -115.14 82.06 -34.29
CA ASP DA 40 -116.09 81.88 -33.20
C ASP DA 40 -117.25 81.00 -33.66
N MET DA 41 -118.09 80.66 -32.65
CA MET DA 41 -119.08 79.59 -32.71
C MET DA 41 -120.04 79.75 -33.88
N GLU DA 42 -120.43 80.99 -34.18
CA GLU DA 42 -121.34 81.30 -35.28
C GLU DA 42 -120.69 81.03 -36.63
N THR DA 43 -119.41 81.40 -36.77
CA THR DA 43 -118.66 81.12 -37.99
C THR DA 43 -118.41 79.62 -38.16
N LEU DA 44 -118.07 78.94 -37.05
CA LEU DA 44 -117.78 77.50 -37.10
C LEU DA 44 -118.97 76.67 -37.53
N SER DA 45 -120.17 77.09 -37.12
CA SER DA 45 -121.36 76.36 -37.56
C SER DA 45 -121.52 76.38 -39.08
N ILE DA 46 -121.04 77.43 -39.75
CA ILE DA 46 -121.06 77.46 -41.21
C ILE DA 46 -119.94 76.60 -41.79
N CYS DA 47 -118.75 76.67 -41.19
CA CYS DA 47 -117.62 75.87 -41.68
C CYS DA 47 -117.87 74.37 -41.62
N VAL DA 48 -118.57 73.91 -40.57
CA VAL DA 48 -118.97 72.50 -40.46
C VAL DA 48 -119.92 72.11 -41.59
N ARG DA 49 -120.90 72.98 -41.87
CA ARG DA 49 -121.88 72.71 -42.92
C ARG DA 49 -121.22 72.63 -44.29
N LEU DA 50 -120.20 73.45 -44.52
CA LEU DA 50 -119.44 73.33 -45.78
C LEU DA 50 -118.64 72.03 -45.82
N CYS DA 51 -118.11 71.61 -44.67
CA CYS DA 51 -117.37 70.36 -44.60
C CYS DA 51 -118.25 69.13 -44.80
N GLU DA 52 -119.56 69.25 -44.57
CA GLU DA 52 -120.46 68.11 -44.70
C GLU DA 52 -120.62 67.65 -46.15
N GLN DA 53 -120.73 68.58 -47.09
CA GLN DA 53 -120.72 68.19 -48.50
C GLN DA 53 -119.34 67.81 -48.99
N GLY DA 54 -118.33 67.98 -48.17
CA GLY DA 54 -116.96 67.93 -48.64
C GLY DA 54 -116.52 69.28 -49.13
N ILE DA 55 -115.30 69.65 -48.72
CA ILE DA 55 -114.74 70.95 -49.08
C ILE DA 55 -113.23 70.78 -49.12
N ASN DA 56 -112.59 71.52 -50.01
CA ASN DA 56 -111.15 71.68 -49.96
C ASN DA 56 -110.83 72.63 -48.81
N PRO DA 57 -110.20 72.16 -47.73
CA PRO DA 57 -109.92 73.06 -46.61
C PRO DA 57 -108.86 74.09 -46.93
N GLU DA 58 -107.96 73.81 -47.89
CA GLU DA 58 -107.06 74.81 -48.42
C GLU DA 58 -107.79 75.91 -49.18
N ALA DA 59 -108.95 75.60 -49.76
CA ALA DA 59 -109.71 76.62 -50.45
C ALA DA 59 -110.51 77.46 -49.46
N LEU DA 60 -111.21 76.78 -48.54
CA LEU DA 60 -112.03 77.45 -47.52
C LEU DA 60 -111.19 78.38 -46.64
N SER DA 61 -110.01 77.92 -46.25
CA SER DA 61 -109.07 78.75 -45.49
C SER DA 61 -108.60 79.96 -46.29
N SER DA 62 -108.38 79.79 -47.59
CA SER DA 62 -108.01 80.92 -48.45
C SER DA 62 -109.12 81.97 -48.54
N VAL DA 63 -110.38 81.53 -48.57
CA VAL DA 63 -111.50 82.48 -48.58
C VAL DA 63 -111.55 83.27 -47.30
N ILE DA 64 -111.40 82.58 -46.15
CA ILE DA 64 -111.44 83.27 -44.87
C ILE DA 64 -110.27 84.25 -44.75
N LYS DA 65 -109.09 83.83 -45.20
CA LYS DA 65 -107.89 84.67 -45.21
C LYS DA 65 -107.99 85.84 -46.17
N GLU DA 66 -108.86 85.80 -47.16
CA GLU DA 66 -109.08 86.99 -47.99
C GLU DA 66 -110.19 87.88 -47.45
N LEU DA 67 -111.28 87.28 -46.93
CA LEU DA 67 -112.40 88.09 -46.45
C LEU DA 67 -112.02 88.88 -45.20
N ARG DA 68 -111.13 88.33 -44.36
CA ARG DA 68 -110.67 89.10 -43.21
C ARG DA 68 -109.79 90.29 -43.60
N LYS DA 69 -109.18 90.25 -44.78
CA LYS DA 69 -108.33 91.33 -45.27
C LYS DA 69 -109.12 92.25 -46.19
N ALA DA 70 -110.43 92.30 -46.01
CA ALA DA 70 -111.27 93.28 -46.69
C ALA DA 70 -112.34 93.78 -45.74
N THR DA 71 -112.12 93.54 -44.45
CA THR DA 71 -112.95 94.15 -43.41
C THR DA 71 -112.05 94.65 -42.28
N GLU DA 72 -110.74 94.61 -42.46
CA GLU DA 72 -109.77 95.18 -41.55
C GLU DA 72 -108.85 96.07 -42.36
N ALA DA 73 -108.90 95.91 -43.69
CA ALA DA 73 -108.11 96.71 -44.61
C ALA DA 73 -108.87 97.90 -45.17
N LEU DA 74 -110.18 97.78 -45.36
CA LEU DA 74 -111.02 98.91 -45.70
C LEU DA 74 -111.72 99.51 -44.49
N LYS DA 75 -112.10 98.68 -43.53
CA LYS DA 75 -112.73 99.13 -42.30
C LYS DA 75 -111.74 99.06 -41.15
N ALA EA 11 -126.87 56.13 87.36
CA ALA EA 11 -127.02 54.70 87.22
C ALA EA 11 -126.02 53.96 88.09
N ALA EA 12 -125.58 52.79 87.63
CA ALA EA 12 -124.45 52.08 88.21
C ALA EA 12 -123.23 52.14 87.32
N ALA EA 13 -123.42 51.97 86.00
CA ALA EA 13 -122.34 52.00 85.04
C ALA EA 13 -121.74 53.40 84.84
N ALA EA 14 -122.43 54.45 85.30
CA ALA EA 14 -121.88 55.79 85.26
C ALA EA 14 -120.91 56.06 86.40
N ALA EA 15 -121.01 55.33 87.51
CA ALA EA 15 -120.03 55.37 88.57
C ALA EA 15 -118.93 54.32 88.40
N ALA EA 16 -119.20 53.25 87.66
CA ALA EA 16 -118.15 52.33 87.26
C ALA EA 16 -117.21 52.97 86.25
N ASN EA 17 -117.72 53.92 85.45
CA ASN EA 17 -116.83 54.74 84.64
C ASN EA 17 -115.95 55.60 85.51
N LEU EA 18 -116.48 56.20 86.59
CA LEU EA 18 -115.63 56.99 87.49
C LEU EA 18 -114.62 56.13 88.24
N ASN EA 19 -114.95 54.87 88.52
CA ASN EA 19 -113.96 53.96 89.10
C ASN EA 19 -112.88 53.60 88.10
N ALA EA 20 -113.27 53.34 86.85
CA ALA EA 20 -112.31 53.16 85.77
C ALA EA 20 -111.67 54.47 85.30
N VAL EA 21 -112.03 55.61 85.89
CA VAL EA 21 -111.26 56.84 85.76
C VAL EA 21 -110.25 56.99 86.90
N ARG EA 22 -110.63 56.60 88.13
CA ARG EA 22 -109.66 56.55 89.23
C ARG EA 22 -108.52 55.59 88.93
N GLU EA 23 -108.84 54.48 88.26
CA GLU EA 23 -107.83 53.49 87.90
C GLU EA 23 -106.82 54.04 86.90
N THR EA 24 -107.30 54.62 85.79
CA THR EA 24 -106.37 55.13 84.78
C THR EA 24 -105.62 56.36 85.28
N MET EA 25 -106.20 57.14 86.19
CA MET EA 25 -105.40 58.23 86.69
C MET EA 25 -104.36 57.77 87.71
N ASP EA 26 -104.51 56.59 88.31
CA ASP EA 26 -103.38 55.99 89.03
C ASP EA 26 -102.32 55.43 88.07
N VAL EA 27 -102.71 54.78 86.97
CA VAL EA 27 -101.68 54.18 86.11
C VAL EA 27 -100.92 55.27 85.34
N LEU EA 28 -101.59 56.37 84.98
CA LEU EA 28 -100.88 57.49 84.36
C LEU EA 28 -100.03 58.22 85.37
N LEU EA 29 -100.38 58.14 86.67
CA LEU EA 29 -99.51 58.66 87.72
C LEU EA 29 -98.22 57.86 87.84
N GLU EA 30 -98.30 56.54 87.67
CA GLU EA 30 -97.10 55.71 87.61
C GLU EA 30 -96.21 56.10 86.42
N ILE EA 31 -96.83 56.22 85.24
CA ILE EA 31 -96.09 56.62 84.03
C ILE EA 31 -95.52 58.04 84.18
N SER EA 32 -96.21 58.90 84.92
CA SER EA 32 -95.75 60.27 85.14
C SER EA 32 -94.59 60.35 86.12
N ARG EA 33 -94.58 59.50 87.14
CA ARG EA 33 -93.49 59.57 88.10
C ARG EA 33 -92.21 58.91 87.59
N ILE EA 34 -92.32 57.88 86.74
CA ILE EA 34 -91.07 57.32 86.21
C ILE EA 34 -90.48 58.22 85.13
N LEU EA 35 -91.29 59.08 84.51
CA LEU EA 35 -90.76 60.10 83.63
C LEU EA 35 -90.38 61.37 84.38
N ASN EA 36 -90.69 61.42 85.68
CA ASN EA 36 -90.25 62.46 86.60
C ASN EA 36 -90.70 63.85 86.17
N THR EA 37 -92.00 63.96 85.87
CA THR EA 37 -92.60 65.24 85.57
C THR EA 37 -93.07 65.89 86.87
N GLY EA 38 -93.23 67.21 86.84
CA GLY EA 38 -93.55 67.94 88.05
C GLY EA 38 -95.03 68.05 88.34
N LEU EA 39 -95.72 66.90 88.39
CA LEU EA 39 -97.16 66.87 88.56
C LEU EA 39 -97.51 65.83 89.61
N ASP EA 40 -98.43 66.18 90.48
CA ASP EA 40 -99.07 65.20 91.34
C ASP EA 40 -100.36 64.72 90.68
N MET EA 41 -101.16 64.03 91.47
CA MET EA 41 -102.39 63.37 91.01
C MET EA 41 -103.43 64.37 90.51
N GLU EA 42 -103.58 65.48 91.24
CA GLU EA 42 -104.64 66.45 91.00
C GLU EA 42 -104.39 67.27 89.73
N THR EA 43 -103.15 67.72 89.52
CA THR EA 43 -102.87 68.51 88.33
C THR EA 43 -102.75 67.61 87.09
N LEU EA 44 -102.35 66.35 87.28
CA LEU EA 44 -102.49 65.34 86.23
C LEU EA 44 -103.95 65.21 85.79
N SER EA 45 -104.88 65.28 86.76
CA SER EA 45 -106.30 65.27 86.42
C SER EA 45 -106.74 66.51 85.65
N ILE EA 46 -106.12 67.67 85.88
CA ILE EA 46 -106.48 68.85 85.10
C ILE EA 46 -106.01 68.71 83.65
N CYS EA 47 -104.80 68.18 83.46
CA CYS EA 47 -104.31 67.96 82.09
C CYS EA 47 -105.12 66.91 81.35
N VAL EA 48 -105.54 65.85 82.04
CA VAL EA 48 -106.38 64.87 81.33
C VAL EA 48 -107.74 65.47 81.00
N ARG EA 49 -108.32 66.29 81.92
CA ARG EA 49 -109.63 66.89 81.68
C ARG EA 49 -109.58 67.86 80.51
N LEU EA 50 -108.42 68.51 80.32
CA LEU EA 50 -108.20 69.32 79.13
C LEU EA 50 -108.12 68.46 77.87
N CYS EA 51 -107.40 67.33 77.92
CA CYS EA 51 -107.35 66.42 76.77
C CYS EA 51 -108.68 65.79 76.43
N GLU EA 52 -109.63 65.80 77.37
CA GLU EA 52 -110.96 65.27 77.10
C GLU EA 52 -111.77 66.15 76.15
N GLN EA 53 -111.66 67.47 76.28
CA GLN EA 53 -112.29 68.39 75.33
C GLN EA 53 -111.59 68.40 73.98
N GLY EA 54 -110.38 67.86 73.89
CA GLY EA 54 -109.58 67.93 72.68
C GLY EA 54 -108.60 69.07 72.77
N ILE EA 55 -107.29 68.77 72.68
CA ILE EA 55 -106.26 69.79 72.87
C ILE EA 55 -105.04 69.37 72.05
N ASN EA 56 -104.27 70.37 71.62
CA ASN EA 56 -102.93 70.14 71.12
C ASN EA 56 -102.00 70.01 72.32
N PRO EA 57 -101.35 68.85 72.52
CA PRO EA 57 -100.44 68.69 73.67
C PRO EA 57 -99.21 69.58 73.59
N GLU EA 58 -98.83 69.99 72.36
CA GLU EA 58 -97.80 71.00 72.14
C GLU EA 58 -98.17 72.34 72.75
N ALA EA 59 -99.47 72.60 72.95
CA ALA EA 59 -99.91 73.80 73.63
C ALA EA 59 -99.88 73.64 75.15
N LEU EA 60 -100.22 72.45 75.66
CA LEU EA 60 -100.29 72.23 77.11
C LEU EA 60 -98.89 72.18 77.75
N SER EA 61 -97.92 71.64 77.01
CA SER EA 61 -96.55 71.59 77.53
C SER EA 61 -95.97 72.98 77.82
N SER EA 62 -96.28 73.97 76.99
CA SER EA 62 -95.75 75.31 77.18
C SER EA 62 -96.39 76.00 78.39
N VAL EA 63 -97.67 75.75 78.66
CA VAL EA 63 -98.27 76.39 79.83
C VAL EA 63 -97.74 75.78 81.12
N ILE EA 64 -97.42 74.47 81.11
CA ILE EA 64 -96.82 73.92 82.32
C ILE EA 64 -95.36 74.36 82.45
N LYS EA 65 -94.67 74.56 81.32
CA LYS EA 65 -93.29 75.02 81.38
C LYS EA 65 -93.16 76.52 81.63
N GLU EA 66 -94.27 77.27 81.58
CA GLU EA 66 -94.27 78.67 81.96
C GLU EA 66 -94.77 78.91 83.36
N LEU EA 67 -95.86 78.23 83.77
CA LEU EA 67 -96.45 78.49 85.08
C LEU EA 67 -95.55 78.02 86.22
N ARG EA 68 -94.83 76.92 86.03
CA ARG EA 68 -93.86 76.48 87.02
C ARG EA 68 -92.66 77.40 87.09
N LYS EA 69 -92.34 78.09 85.99
CA LYS EA 69 -91.25 79.04 85.96
C LYS EA 69 -91.67 80.40 86.52
N ALA EA 70 -92.94 80.59 86.82
CA ALA EA 70 -93.43 81.83 87.43
C ALA EA 70 -93.78 81.64 88.90
N THR EA 71 -93.58 80.44 89.43
CA THR EA 71 -93.60 80.20 90.87
C THR EA 71 -92.22 80.40 91.49
N GLU EA 72 -91.17 80.21 90.69
CA GLU EA 72 -89.81 80.54 91.10
C GLU EA 72 -89.46 81.97 90.78
N ALA EA 73 -90.34 82.70 90.08
CA ALA EA 73 -90.29 84.15 90.02
C ALA EA 73 -91.03 84.77 91.19
N LEU EA 74 -91.59 83.94 92.09
CA LEU EA 74 -92.03 84.36 93.40
C LEU EA 74 -91.11 83.86 94.50
N LYS EA 75 -90.14 83.02 94.17
CA LYS EA 75 -89.19 82.51 95.15
C LYS EA 75 -88.14 83.56 95.47
N ALA FA 11 -11.51 -106.18 -99.59
CA ALA FA 11 -12.84 -105.72 -99.19
C ALA FA 11 -13.10 -104.32 -99.72
N ALA FA 12 -13.73 -103.49 -98.90
CA ALA FA 12 -13.88 -102.07 -99.16
C ALA FA 12 -12.98 -101.22 -98.28
N ALA FA 13 -12.97 -101.49 -96.97
CA ALA FA 13 -12.05 -100.83 -96.06
C ALA FA 13 -10.62 -101.33 -96.19
N ALA FA 14 -10.41 -102.47 -96.84
CA ALA FA 14 -9.07 -102.93 -97.16
C ALA FA 14 -8.51 -102.30 -98.42
N ALA FA 15 -9.36 -101.70 -99.26
CA ALA FA 15 -8.91 -100.87 -100.36
C ALA FA 15 -8.85 -99.39 -99.99
N ALA FA 16 -9.59 -98.98 -98.95
CA ALA FA 16 -9.54 -97.61 -98.49
C ALA FA 16 -8.20 -97.26 -97.87
N ASN FA 17 -7.54 -98.24 -97.22
CA ASN FA 17 -6.20 -98.04 -96.71
C ASN FA 17 -5.19 -97.79 -97.83
N LEU FA 18 -5.31 -98.54 -98.93
CA LEU FA 18 -4.38 -98.35 -100.04
C LEU FA 18 -4.68 -97.08 -100.83
N ASN FA 19 -5.93 -96.62 -100.81
CA ASN FA 19 -6.22 -95.27 -101.31
C ASN FA 19 -5.58 -94.20 -100.43
N ALA FA 20 -5.65 -94.37 -99.11
CA ALA FA 20 -5.00 -93.44 -98.19
C ALA FA 20 -3.49 -93.53 -98.21
N VAL FA 21 -2.93 -94.60 -98.80
CA VAL FA 21 -1.49 -94.70 -99.03
C VAL FA 21 -1.17 -94.00 -100.35
N ARG FA 22 -2.08 -94.10 -101.32
CA ARG FA 22 -1.93 -93.38 -102.59
C ARG FA 22 -1.93 -91.87 -102.39
N GLU FA 23 -2.72 -91.39 -101.42
CA GLU FA 23 -2.69 -89.97 -101.05
C GLU FA 23 -1.32 -89.58 -100.51
N THR FA 24 -0.75 -90.41 -99.64
CA THR FA 24 0.57 -90.12 -99.07
C THR FA 24 1.67 -90.20 -100.12
N MET FA 25 1.51 -91.07 -101.11
CA MET FA 25 2.44 -91.05 -102.23
C MET FA 25 2.33 -89.78 -103.06
N ASP FA 26 1.14 -89.21 -103.20
CA ASP FA 26 1.02 -87.95 -103.92
C ASP FA 26 1.61 -86.77 -103.15
N VAL FA 27 1.43 -86.72 -101.82
CA VAL FA 27 2.02 -85.62 -101.05
C VAL FA 27 3.55 -85.75 -101.03
N LEU FA 28 4.06 -87.00 -101.02
CA LEU FA 28 5.49 -87.21 -101.19
C LEU FA 28 5.95 -86.90 -102.61
N LEU FA 29 5.07 -87.04 -103.60
CA LEU FA 29 5.40 -86.67 -104.97
C LEU FA 29 5.54 -85.17 -105.12
N GLU FA 30 4.83 -84.39 -104.30
CA GLU FA 30 5.07 -82.95 -104.32
C GLU FA 30 6.36 -82.58 -103.57
N ILE FA 31 6.59 -83.23 -102.42
CA ILE FA 31 7.81 -82.96 -101.65
C ILE FA 31 9.07 -83.35 -102.43
N SER FA 32 8.97 -84.37 -103.28
CA SER FA 32 10.11 -84.81 -104.08
C SER FA 32 10.47 -83.81 -105.17
N ARG FA 33 9.50 -83.07 -105.68
CA ARG FA 33 9.81 -82.17 -106.79
C ARG FA 33 10.15 -80.75 -106.32
N ILE FA 34 9.62 -80.32 -105.17
CA ILE FA 34 9.90 -78.94 -104.78
C ILE FA 34 11.32 -78.74 -104.27
N LEU FA 35 11.98 -79.79 -103.80
CA LEU FA 35 13.39 -79.73 -103.48
C LEU FA 35 14.26 -80.12 -104.66
N ASN FA 36 13.64 -80.41 -105.81
CA ASN FA 36 14.29 -80.67 -107.09
C ASN FA 36 15.19 -81.91 -107.01
N THR FA 37 14.60 -83.00 -106.52
CA THR FA 37 15.26 -84.28 -106.62
C THR FA 37 15.06 -84.87 -108.03
N GLY FA 38 15.78 -85.95 -108.30
CA GLY FA 38 15.65 -86.59 -109.61
C GLY FA 38 14.54 -87.59 -109.70
N LEU FA 39 14.06 -88.08 -108.55
CA LEU FA 39 13.09 -89.17 -108.51
C LEU FA 39 11.74 -88.75 -109.08
N ASP FA 40 11.11 -89.67 -109.79
CA ASP FA 40 9.73 -89.55 -110.22
C ASP FA 40 8.92 -90.64 -109.52
N MET FA 41 7.62 -90.68 -109.85
CA MET FA 41 6.63 -91.47 -109.11
C MET FA 41 6.94 -92.97 -109.09
N GLU FA 42 7.41 -93.52 -110.21
CA GLU FA 42 7.63 -94.96 -110.30
C GLU FA 42 8.87 -95.39 -109.50
N THR FA 43 9.96 -94.62 -109.60
CA THR FA 43 11.14 -94.91 -108.78
C THR FA 43 10.88 -94.60 -107.32
N LEU FA 44 10.02 -93.61 -107.05
CA LEU FA 44 9.70 -93.25 -105.68
C LEU FA 44 8.93 -94.36 -104.97
N SER FA 45 8.05 -95.07 -105.69
CA SER FA 45 7.37 -96.22 -105.12
C SER FA 45 8.34 -97.32 -104.70
N ILE FA 46 9.39 -97.53 -105.50
CA ILE FA 46 10.47 -98.45 -105.14
C ILE FA 46 11.16 -98.03 -103.84
N CYS FA 47 11.54 -96.74 -103.76
CA CYS FA 47 12.26 -96.26 -102.59
C CYS FA 47 11.40 -96.26 -101.33
N VAL FA 48 10.07 -96.13 -101.46
CA VAL FA 48 9.26 -96.23 -100.25
C VAL FA 48 9.05 -97.69 -99.85
N ARG FA 49 8.98 -98.61 -100.82
CA ARG FA 49 8.82 -100.02 -100.48
C ARG FA 49 10.07 -100.57 -99.80
N LEU FA 50 11.24 -100.03 -100.16
CA LEU FA 50 12.48 -100.40 -99.46
C LEU FA 50 12.46 -99.93 -98.01
N CYS FA 51 12.05 -98.67 -97.79
CA CYS FA 51 11.99 -98.12 -96.44
C CYS FA 51 10.87 -98.74 -95.60
N GLU FA 52 9.91 -99.41 -96.23
CA GLU FA 52 8.96 -100.21 -95.47
C GLU FA 52 9.63 -101.38 -94.75
N GLN FA 53 10.60 -102.02 -95.39
CA GLN FA 53 11.31 -103.13 -94.75
C GLN FA 53 12.24 -102.66 -93.65
N GLY FA 54 12.67 -101.41 -93.67
CA GLY FA 54 13.65 -100.97 -92.71
C GLY FA 54 15.04 -101.01 -93.31
N ILE FA 55 15.54 -99.82 -93.66
CA ILE FA 55 16.84 -99.66 -94.29
C ILE FA 55 17.21 -98.20 -94.08
N ASN FA 56 18.51 -97.91 -94.02
CA ASN FA 56 18.97 -96.54 -93.79
C ASN FA 56 18.61 -95.66 -94.97
N PRO FA 57 18.02 -94.49 -94.72
CA PRO FA 57 17.94 -93.46 -95.75
C PRO FA 57 19.30 -92.98 -96.20
N GLU FA 58 20.26 -92.90 -95.27
CA GLU FA 58 21.61 -92.48 -95.57
C GLU FA 58 22.32 -93.48 -96.48
N ALA FA 59 21.88 -94.74 -96.51
CA ALA FA 59 22.41 -95.69 -97.48
C ALA FA 59 21.82 -95.48 -98.86
N LEU FA 60 20.48 -95.52 -98.96
CA LEU FA 60 19.76 -95.45 -100.23
C LEU FA 60 20.05 -94.14 -100.96
N SER FA 61 20.30 -93.06 -100.19
CA SER FA 61 20.57 -91.77 -100.78
C SER FA 61 21.91 -91.73 -101.47
N SER FA 62 22.94 -92.30 -100.86
CA SER FA 62 24.24 -92.39 -101.50
C SER FA 62 24.21 -93.31 -102.70
N VAL FA 63 23.37 -94.36 -102.66
CA VAL FA 63 23.25 -95.27 -103.80
C VAL FA 63 22.62 -94.56 -105.00
N ILE FA 64 21.52 -93.83 -104.79
CA ILE FA 64 20.93 -93.13 -105.93
C ILE FA 64 21.80 -91.93 -106.35
N LYS FA 65 22.60 -91.39 -105.43
CA LYS FA 65 23.61 -90.40 -105.81
C LYS FA 65 24.74 -90.98 -106.64
N GLU FA 66 24.95 -92.30 -106.59
CA GLU FA 66 25.93 -92.94 -107.46
C GLU FA 66 25.33 -93.45 -108.76
N LEU FA 67 24.13 -94.04 -108.71
CA LEU FA 67 23.53 -94.67 -109.89
C LEU FA 67 23.12 -93.63 -110.94
N ARG FA 68 22.82 -92.42 -110.50
CA ARG FA 68 22.54 -91.34 -111.45
C ARG FA 68 23.81 -90.86 -112.14
N LYS FA 69 24.97 -91.03 -111.51
CA LYS FA 69 26.24 -90.77 -112.15
C LYS FA 69 26.81 -92.00 -112.85
N ALA FA 70 26.19 -93.16 -112.65
CA ALA FA 70 26.63 -94.39 -113.29
C ALA FA 70 25.96 -94.63 -114.64
N THR FA 71 25.22 -93.64 -115.14
CA THR FA 71 24.65 -93.69 -116.48
C THR FA 71 25.25 -92.67 -117.42
N GLU FA 72 26.04 -91.73 -116.90
CA GLU FA 72 26.87 -90.84 -117.69
C GLU FA 72 28.32 -91.26 -117.57
N ALA FA 73 28.52 -92.54 -117.24
CA ALA FA 73 29.82 -93.20 -117.35
C ALA FA 73 29.80 -94.28 -118.42
N LEU FA 74 28.65 -94.47 -119.08
CA LEU FA 74 28.56 -95.18 -120.35
C LEU FA 74 28.47 -94.20 -121.50
N LYS FA 75 28.96 -92.98 -121.30
CA LYS FA 75 28.86 -91.87 -122.24
C LYS FA 75 29.68 -92.10 -123.50
N ALA GA 11 -35.97 -36.51 6.35
CA ALA GA 11 -35.94 -37.92 6.74
C ALA GA 11 -35.21 -38.75 5.68
N ALA GA 12 -35.66 -40.01 5.52
CA ALA GA 12 -35.04 -40.96 4.62
C ALA GA 12 -35.90 -41.24 3.39
N ALA GA 13 -37.17 -41.62 3.59
CA ALA GA 13 -38.12 -41.69 2.49
C ALA GA 13 -38.44 -40.31 1.92
N ALA GA 14 -38.16 -39.25 2.67
CA ALA GA 14 -38.25 -37.90 2.15
C ALA GA 14 -37.01 -37.48 1.39
N ALA GA 15 -35.86 -38.12 1.63
CA ALA GA 15 -34.64 -37.84 0.87
C ALA GA 15 -34.52 -38.69 -0.38
N ALA GA 16 -35.27 -39.80 -0.45
CA ALA GA 16 -35.34 -40.54 -1.70
C ALA GA 16 -36.14 -39.79 -2.75
N ASN GA 17 -37.12 -38.99 -2.33
CA ASN GA 17 -37.80 -38.12 -3.29
C ASN GA 17 -36.90 -36.99 -3.77
N LEU GA 18 -36.08 -36.43 -2.88
CA LEU GA 18 -35.05 -35.48 -3.32
C LEU GA 18 -34.02 -36.14 -4.21
N ASN GA 19 -33.75 -37.44 -4.00
CA ASN GA 19 -32.88 -38.18 -4.89
C ASN GA 19 -33.52 -38.35 -6.28
N ALA GA 20 -34.80 -38.65 -6.33
CA ALA GA 20 -35.49 -38.76 -7.61
C ALA GA 20 -35.71 -37.41 -8.30
N VAL GA 21 -35.63 -36.30 -7.57
CA VAL GA 21 -35.64 -35.02 -8.28
C VAL GA 21 -34.23 -34.63 -8.73
N ARG GA 22 -33.19 -35.05 -7.97
CA ARG GA 22 -31.80 -34.88 -8.43
C ARG GA 22 -31.53 -35.76 -9.66
N GLU GA 23 -32.28 -36.83 -9.82
CA GLU GA 23 -32.12 -37.64 -11.03
C GLU GA 23 -32.79 -36.98 -12.24
N THR GA 24 -34.01 -36.43 -12.06
CA THR GA 24 -34.72 -35.81 -13.18
C THR GA 24 -34.00 -34.55 -13.65
N MET GA 25 -33.42 -33.77 -12.72
CA MET GA 25 -32.67 -32.61 -13.17
C MET GA 25 -31.39 -33.01 -13.85
N ASP GA 26 -30.90 -34.24 -13.67
CA ASP GA 26 -29.82 -34.76 -14.49
C ASP GA 26 -30.29 -35.25 -15.85
N VAL GA 27 -31.50 -35.80 -15.94
CA VAL GA 27 -31.98 -36.28 -17.24
C VAL GA 27 -32.30 -35.10 -18.16
N LEU GA 28 -32.87 -34.01 -17.60
CA LEU GA 28 -33.05 -32.81 -18.42
C LEU GA 28 -31.74 -32.18 -18.84
N LEU GA 29 -30.65 -32.42 -18.10
CA LEU GA 29 -29.35 -31.92 -18.54
C LEU GA 29 -28.86 -32.60 -19.82
N GLU GA 30 -29.26 -33.85 -20.07
CA GLU GA 30 -28.92 -34.45 -21.36
C GLU GA 30 -29.89 -34.00 -22.45
N ILE GA 31 -31.18 -33.92 -22.10
CA ILE GA 31 -32.19 -33.51 -23.08
C ILE GA 31 -31.96 -32.08 -23.55
N SER GA 32 -31.48 -31.21 -22.65
CA SER GA 32 -31.14 -29.83 -23.02
C SER GA 32 -29.94 -29.77 -23.94
N ARG GA 33 -29.05 -30.75 -23.85
CA ARG GA 33 -27.82 -30.76 -24.62
C ARG GA 33 -28.03 -31.32 -26.02
N ILE GA 34 -28.89 -32.34 -26.17
CA ILE GA 34 -29.17 -32.81 -27.52
C ILE GA 34 -30.03 -31.83 -28.29
N LEU GA 35 -30.68 -30.90 -27.60
CA LEU GA 35 -31.46 -29.86 -28.25
C LEU GA 35 -30.68 -28.58 -28.46
N ASN GA 36 -29.47 -28.48 -27.91
CA ASN GA 36 -28.52 -27.38 -28.11
C ASN GA 36 -29.14 -26.03 -27.72
N THR GA 37 -29.53 -25.93 -26.45
CA THR GA 37 -30.09 -24.67 -26.01
C THR GA 37 -28.99 -23.72 -25.56
N GLY GA 38 -29.26 -22.41 -25.67
CA GLY GA 38 -28.31 -21.42 -25.22
C GLY GA 38 -28.32 -21.23 -23.73
N LEU GA 39 -29.34 -21.73 -23.05
CA LEU GA 39 -29.51 -21.64 -21.61
C LEU GA 39 -28.42 -22.40 -20.85
N ASP GA 40 -27.94 -21.80 -19.76
CA ASP GA 40 -26.95 -22.40 -18.88
C ASP GA 40 -27.64 -23.00 -17.65
N MET GA 41 -26.83 -23.54 -16.73
CA MET GA 41 -27.34 -24.31 -15.61
C MET GA 41 -28.11 -23.43 -14.61
N GLU GA 42 -27.78 -22.15 -14.54
CA GLU GA 42 -28.37 -21.30 -13.51
C GLU GA 42 -29.78 -20.84 -13.87
N THR GA 43 -30.05 -20.61 -15.15
CA THR GA 43 -31.37 -20.14 -15.59
C THR GA 43 -32.39 -21.27 -15.57
N LEU GA 44 -31.98 -22.48 -15.98
CA LEU GA 44 -32.89 -23.63 -16.02
C LEU GA 44 -33.41 -24.00 -14.65
N SER GA 45 -32.63 -23.77 -13.60
CA SER GA 45 -33.07 -24.03 -12.25
C SER GA 45 -34.18 -23.08 -11.80
N ILE GA 46 -34.33 -21.92 -12.43
CA ILE GA 46 -35.54 -21.13 -12.21
C ILE GA 46 -36.68 -21.66 -13.08
N CYS GA 47 -36.35 -22.09 -14.31
CA CYS GA 47 -37.35 -22.65 -15.21
C CYS GA 47 -38.04 -23.91 -14.67
N VAL GA 48 -37.36 -24.70 -13.84
CA VAL GA 48 -38.00 -25.87 -13.23
C VAL GA 48 -39.04 -25.43 -12.19
N ARG GA 49 -38.72 -24.37 -11.42
CA ARG GA 49 -39.65 -23.81 -10.46
C ARG GA 49 -40.88 -23.26 -11.16
N LEU GA 50 -40.67 -22.67 -12.33
CA LEU GA 50 -41.76 -22.11 -13.12
C LEU GA 50 -42.67 -23.18 -13.68
N CYS GA 51 -42.09 -24.26 -14.20
CA CYS GA 51 -42.96 -25.27 -14.77
C CYS GA 51 -43.64 -26.10 -13.69
N GLU GA 52 -43.17 -26.02 -12.44
CA GLU GA 52 -43.92 -26.63 -11.34
C GLU GA 52 -45.21 -25.88 -11.00
N GLN GA 53 -45.28 -24.57 -11.20
CA GLN GA 53 -46.55 -23.92 -10.88
C GLN GA 53 -47.54 -23.96 -12.04
N GLY GA 54 -47.10 -24.27 -13.24
CA GLY GA 54 -48.02 -24.34 -14.37
C GLY GA 54 -47.94 -23.08 -15.20
N ILE GA 55 -47.40 -23.22 -16.41
CA ILE GA 55 -46.96 -22.07 -17.19
C ILE GA 55 -46.93 -22.47 -18.65
N ASN GA 56 -47.10 -21.49 -19.53
CA ASN GA 56 -47.09 -21.72 -20.95
C ASN GA 56 -45.74 -21.32 -21.52
N PRO GA 57 -45.04 -22.25 -22.18
CA PRO GA 57 -43.75 -21.93 -22.80
C PRO GA 57 -43.86 -20.93 -23.95
N GLU GA 58 -45.03 -20.84 -24.58
CA GLU GA 58 -45.28 -19.83 -25.60
C GLU GA 58 -45.23 -18.43 -25.03
N ALA GA 59 -45.50 -18.27 -23.74
CA ALA GA 59 -45.30 -16.98 -23.12
C ALA GA 59 -43.86 -16.81 -22.66
N LEU GA 60 -43.25 -17.86 -22.08
CA LEU GA 60 -41.89 -17.76 -21.52
C LEU GA 60 -40.84 -17.49 -22.58
N SER GA 61 -40.99 -18.05 -23.78
CA SER GA 61 -39.95 -17.97 -24.78
C SER GA 61 -39.81 -16.57 -25.36
N SER GA 62 -40.93 -15.84 -25.50
CA SER GA 62 -40.85 -14.46 -25.92
C SER GA 62 -40.14 -13.60 -24.89
N VAL GA 63 -40.38 -13.87 -23.60
CA VAL GA 63 -39.70 -13.11 -22.55
C VAL GA 63 -38.21 -13.36 -22.59
N ILE GA 64 -37.82 -14.64 -22.71
CA ILE GA 64 -36.41 -14.98 -22.81
C ILE GA 64 -35.78 -14.34 -24.04
N LYS GA 65 -36.56 -14.23 -25.13
CA LYS GA 65 -36.08 -13.50 -26.30
C LYS GA 65 -36.08 -11.98 -26.09
N GLU GA 66 -36.70 -11.49 -25.03
CA GLU GA 66 -36.57 -10.08 -24.71
C GLU GA 66 -35.43 -9.79 -23.73
N LEU GA 67 -35.27 -10.61 -22.69
CA LEU GA 67 -34.24 -10.39 -21.69
C LEU GA 67 -32.85 -10.60 -22.26
N ARG GA 68 -32.70 -11.62 -23.10
CA ARG GA 68 -31.44 -11.88 -23.77
C ARG GA 68 -31.11 -10.79 -24.78
N LYS GA 69 -32.13 -10.14 -25.33
CA LYS GA 69 -31.95 -8.98 -26.19
C LYS GA 69 -31.63 -7.72 -25.39
N ALA GA 70 -32.11 -7.60 -24.16
CA ALA GA 70 -31.89 -6.42 -23.35
C ALA GA 70 -30.51 -6.38 -22.69
N THR GA 71 -29.79 -7.49 -22.64
CA THR GA 71 -28.40 -7.46 -22.23
C THR GA 71 -27.48 -7.32 -23.43
N GLU GA 72 -28.04 -7.35 -24.65
CA GLU GA 72 -27.35 -6.93 -25.85
C GLU GA 72 -27.75 -5.53 -26.30
N ALA GA 73 -28.78 -4.94 -25.69
CA ALA GA 73 -29.22 -3.58 -25.99
C ALA GA 73 -28.82 -2.59 -24.91
N LEU GA 74 -28.24 -3.07 -23.81
CA LEU GA 74 -27.71 -2.20 -22.76
C LEU GA 74 -26.20 -2.36 -22.63
N LYS GA 75 -25.58 -3.18 -23.46
CA LYS GA 75 -24.13 -3.35 -23.52
C LYS GA 75 -23.50 -2.13 -24.18
N LYS HA 7 21.72 71.98 116.92
CA LYS HA 7 23.09 72.17 117.36
C LYS HA 7 23.84 73.13 116.41
N SER HA 8 25.10 73.41 116.75
CA SER HA 8 26.08 74.01 115.87
C SER HA 8 27.41 73.34 116.19
N PRO HA 9 28.36 73.29 115.24
CA PRO HA 9 29.64 72.62 115.53
C PRO HA 9 30.46 73.26 116.64
N ASN HA 10 30.25 74.55 116.94
CA ASN HA 10 30.98 75.21 118.02
C ASN HA 10 30.53 74.70 119.38
N VAL HA 11 29.24 74.49 119.59
CA VAL HA 11 28.77 73.94 120.85
C VAL HA 11 28.91 72.41 120.86
N LEU HA 12 28.97 71.79 119.66
CA LEU HA 12 29.26 70.36 119.59
C LEU HA 12 30.71 70.07 119.95
N LEU HA 13 31.61 71.02 119.70
CA LEU HA 13 32.98 70.86 120.15
C LEU HA 13 33.08 71.00 121.66
N GLN HA 14 32.19 71.80 122.25
CA GLN HA 14 32.08 71.89 123.70
C GLN HA 14 31.64 70.55 124.29
N ASN HA 15 30.81 69.82 123.56
CA ASN HA 15 30.49 68.44 123.95
C ASN HA 15 31.71 67.54 123.98
N LEU HA 16 32.59 67.67 122.97
CA LEU HA 16 33.84 66.91 122.94
C LEU HA 16 34.72 67.27 124.13
N CYS HA 17 34.74 68.54 124.49
CA CYS HA 17 35.48 69.00 125.66
C CYS HA 17 34.86 68.55 126.98
N CYS HA 18 33.56 68.23 127.00
CA CYS HA 18 32.99 67.52 128.15
C CYS HA 18 33.25 66.02 128.11
N ARG HA 19 33.55 65.47 126.93
CA ARG HA 19 33.67 64.02 126.85
C ARG HA 19 35.08 63.54 127.16
N ILE HA 20 36.11 64.24 126.66
CA ILE HA 20 37.49 63.85 126.98
C ILE HA 20 37.78 64.08 128.47
N LEU HA 21 37.53 65.30 128.94
CA LEU HA 21 37.66 65.60 130.36
C LEU HA 21 36.49 64.99 131.13
N GLY HA 22 36.59 65.06 132.46
CA GLY HA 22 35.56 64.54 133.34
C GLY HA 22 34.90 65.66 134.13
N ARG HA 23 34.56 66.76 133.46
CA ARG HA 23 34.24 67.99 134.15
C ARG HA 23 33.04 68.67 133.50
N SER HA 24 32.44 69.60 134.25
CA SER HA 24 31.39 70.46 133.74
C SER HA 24 31.99 71.60 132.93
N GLU HA 25 31.12 72.31 132.20
CA GLU HA 25 31.55 73.38 131.31
C GLU HA 25 31.64 74.73 131.97
N ALA HA 26 31.02 74.91 133.14
CA ALA HA 26 31.25 76.10 133.94
C ALA HA 26 32.39 75.93 134.93
N ASP HA 27 32.94 74.71 135.04
CA ASP HA 27 34.08 74.44 135.90
C ASP HA 27 35.38 74.81 135.19
N VAL HA 28 35.47 74.56 133.88
CA VAL HA 28 36.64 74.93 133.08
C VAL HA 28 36.16 75.59 131.80
N ALA HA 29 36.74 76.75 131.48
CA ALA HA 29 36.53 77.41 130.20
C ALA HA 29 37.81 77.55 129.39
N GLN HA 30 38.94 77.10 129.93
CA GLN HA 30 40.23 77.21 129.27
C GLN HA 30 40.35 76.22 128.11
N GLN HA 31 39.91 74.99 128.34
CA GLN HA 31 40.12 73.91 127.39
C GLN HA 31 39.24 74.08 126.15
N PHE HA 32 37.99 74.50 126.36
CA PHE HA 32 37.14 74.87 125.25
C PHE HA 32 37.68 76.07 124.49
N GLN HA 33 38.41 76.97 125.16
CA GLN HA 33 39.05 78.04 124.43
C GLN HA 33 40.21 77.51 123.59
N TYR HA 34 40.92 76.48 124.07
CA TYR HA 34 41.93 75.85 123.21
C TYR HA 34 41.29 75.14 122.02
N ALA HA 35 40.15 74.49 122.23
CA ALA HA 35 39.42 73.86 121.13
C ALA HA 35 38.98 74.88 120.07
N VAL HA 36 38.41 76.01 120.50
CA VAL HA 36 37.95 76.98 119.52
C VAL HA 36 39.12 77.71 118.88
N ARG HA 37 40.28 77.82 119.55
CA ARG HA 37 41.40 78.50 118.91
C ARG HA 37 42.07 77.60 117.86
N VAL HA 38 42.09 76.28 118.08
CA VAL HA 38 42.75 75.43 117.07
C VAL HA 38 41.81 75.07 115.94
N ILE HA 39 40.54 74.74 116.25
CA ILE HA 39 39.61 74.34 115.19
C ILE HA 39 39.29 75.54 114.29
N GLY HA 40 39.15 76.73 114.90
CA GLY HA 40 38.78 77.97 114.20
C GLY HA 40 39.66 78.45 113.07
N SER HA 41 39.07 79.29 112.20
CA SER HA 41 39.66 79.80 110.94
C SER HA 41 40.19 78.68 110.03
N ASN HA 42 39.54 77.51 110.10
CA ASN HA 42 39.82 76.33 109.30
C ASN HA 42 38.60 75.45 109.42
N PHE HA 43 38.03 75.06 108.28
CA PHE HA 43 36.88 74.19 108.35
C PHE HA 43 36.93 73.14 107.25
N ALA HA 44 37.92 73.25 106.38
CA ALA HA 44 37.96 72.46 105.18
C ALA HA 44 39.39 71.97 104.96
N PRO HA 45 39.58 70.67 104.73
CA PRO HA 45 40.93 70.14 104.53
C PRO HA 45 41.59 70.67 103.27
N THR HA 46 42.84 71.10 103.43
CA THR HA 46 43.64 71.68 102.35
C THR HA 46 44.73 70.71 101.87
N VAL HA 47 44.61 69.43 102.22
CA VAL HA 47 45.59 68.38 101.91
C VAL HA 47 44.86 67.32 101.08
N GLU HA 48 45.59 66.26 100.71
CA GLU HA 48 45.10 65.18 99.85
C GLU HA 48 43.89 64.48 100.43
N ARG HA 49 42.90 64.23 99.57
CA ARG HA 49 41.68 63.53 99.97
C ARG HA 49 41.62 62.19 99.25
N ASP HA 50 41.80 61.11 100.01
CA ASP HA 50 41.53 59.73 99.57
C ASP HA 50 41.46 58.82 100.80
N GLU HA 51 40.37 58.06 100.92
CA GLU HA 51 40.21 57.05 101.95
C GLU HA 51 41.09 55.82 101.72
N PHE HA 52 41.35 55.53 100.44
CA PHE HA 52 42.14 54.37 100.05
C PHE HA 52 43.59 54.49 100.54
N LEU HA 53 44.16 55.69 100.40
CA LEU HA 53 45.53 55.93 100.85
C LEU HA 53 45.65 55.86 102.37
N VAL HA 54 44.65 56.35 103.10
CA VAL HA 54 44.74 56.28 104.56
C VAL HA 54 44.46 54.87 105.06
N ALA HA 55 43.73 54.04 104.30
CA ALA HA 55 43.64 52.63 104.64
C ALA HA 55 44.99 51.94 104.43
N GLU HA 56 45.67 52.26 103.32
CA GLU HA 56 47.01 51.73 103.11
C GLU HA 56 48.06 52.35 104.07
N LYS HA 57 47.71 53.44 104.77
CA LYS HA 57 48.55 53.95 105.84
C LYS HA 57 48.20 53.38 107.21
N ILE HA 58 47.00 52.84 107.38
CA ILE HA 58 46.67 52.12 108.61
C ILE HA 58 47.23 50.70 108.61
N LYS HA 59 47.22 50.02 107.46
CA LYS HA 59 47.84 48.69 107.39
C LYS HA 59 49.35 48.77 107.58
N LYS HA 60 50.00 49.71 106.88
CA LYS HA 60 51.43 50.01 107.03
C LYS HA 60 51.80 50.35 108.46
N GLU HA 61 50.90 50.97 109.23
CA GLU HA 61 51.19 51.26 110.62
C GLU HA 61 51.01 50.03 111.51
N LEU HA 62 50.04 49.16 111.19
CA LEU HA 62 49.86 47.97 112.03
C LEU HA 62 50.92 46.89 111.77
N ILE HA 63 51.56 46.89 110.59
CA ILE HA 63 52.71 46.01 110.39
C ILE HA 63 53.90 46.50 111.21
N ARG HA 64 54.06 47.82 111.31
CA ARG HA 64 55.18 48.43 112.04
C ARG HA 64 55.08 48.23 113.54
N GLN HA 65 53.89 47.93 114.04
CA GLN HA 65 53.69 47.68 115.45
C GLN HA 65 53.53 46.20 115.77
N ARG HA 66 53.63 45.33 114.76
CA ARG HA 66 53.52 43.87 114.88
C ARG HA 66 52.18 43.46 115.50
N ARG HA 67 51.13 44.07 114.98
CA ARG HA 67 49.77 43.66 115.25
C ARG HA 67 49.18 43.28 113.91
N GLU HA 68 49.94 42.41 113.23
CA GLU HA 68 49.71 42.04 111.85
C GLU HA 68 48.46 41.19 111.68
N ALA HA 69 48.00 40.54 112.75
CA ALA HA 69 46.68 39.91 112.73
C ALA HA 69 45.57 40.92 112.86
N ASP HA 70 45.81 42.02 113.59
CA ASP HA 70 44.90 43.15 113.61
C ASP HA 70 44.93 43.95 112.31
N ALA HA 71 45.98 43.77 111.49
CA ALA HA 71 46.02 44.38 110.17
C ALA HA 71 45.13 43.64 109.18
N ALA HA 72 44.86 42.36 109.41
CA ALA HA 72 43.83 41.63 108.68
C ALA HA 72 42.46 41.83 109.30
N LEU HA 73 42.38 42.34 110.53
CA LEU HA 73 41.09 42.72 111.08
C LEU HA 73 40.59 44.01 110.43
N PHE HA 74 41.50 44.97 110.23
CA PHE HA 74 41.17 46.24 109.60
C PHE HA 74 40.68 46.05 108.17
N SER HA 75 41.16 44.99 107.50
CA SER HA 75 40.64 44.60 106.20
C SER HA 75 39.15 44.25 106.26
N GLU HA 76 38.66 43.75 107.39
CA GLU HA 76 37.24 43.49 107.56
C GLU HA 76 36.48 44.70 108.09
N LEU HA 77 37.10 45.48 108.97
CA LEU HA 77 36.44 46.64 109.57
C LEU HA 77 36.22 47.76 108.57
N HIS HA 78 37.16 48.01 107.66
CA HIS HA 78 36.94 48.96 106.57
C HIS HA 78 35.82 48.52 105.63
N ARG HA 79 35.69 47.20 105.40
CA ARG HA 79 34.59 46.66 104.62
C ARG HA 79 33.25 46.86 105.31
N LYS HA 80 33.20 46.61 106.63
CA LYS HA 80 32.00 46.89 107.41
C LYS HA 80 31.62 48.37 107.37
N LEU HA 81 32.63 49.25 107.43
CA LEU HA 81 32.43 50.69 107.30
C LEU HA 81 31.81 51.02 105.94
N HIS HA 82 32.26 50.38 104.88
CA HIS HA 82 31.61 50.54 103.58
C HIS HA 82 30.22 49.92 103.56
N SER HA 83 29.99 48.86 104.34
CA SER HA 83 28.72 48.13 104.30
C SER HA 83 27.59 48.95 104.90
N GLN HA 84 27.87 49.71 105.96
CA GLN HA 84 26.81 50.59 106.47
C GLN HA 84 26.60 51.80 105.55
N GLY HA 85 27.67 52.50 105.20
CA GLY HA 85 27.62 53.58 104.23
C GLY HA 85 26.85 54.83 104.65
N VAL HA 86 26.83 55.16 105.94
CA VAL HA 86 26.09 56.34 106.37
C VAL HA 86 27.02 57.42 106.94
N LEU HA 87 28.32 57.33 106.64
CA LEU HA 87 29.32 58.30 107.09
C LEU HA 87 29.75 59.14 105.88
N LYS HA 88 29.61 60.47 106.00
CA LYS HA 88 29.79 61.35 104.85
C LYS HA 88 31.25 61.41 104.40
N ASN HA 89 32.17 61.67 105.33
CA ASN HA 89 33.60 61.59 105.07
C ASN HA 89 34.14 60.39 105.83
N LYS HA 90 34.55 59.38 105.11
CA LYS HA 90 35.22 58.28 105.77
C LYS HA 90 36.67 58.60 106.05
N TRP HA 91 37.21 59.60 105.33
CA TRP HA 91 38.64 59.90 105.36
C TRP HA 91 39.03 60.65 106.63
N SER HA 92 38.16 61.56 107.09
CA SER HA 92 38.53 62.44 108.19
C SER HA 92 38.68 61.67 109.50
N ILE HA 93 37.75 60.76 109.78
CA ILE HA 93 37.86 59.94 110.99
C ILE HA 93 38.97 58.92 110.90
N LEU HA 94 39.29 58.42 109.70
CA LEU HA 94 40.41 57.50 109.59
C LEU HA 94 41.74 58.21 109.80
N TYR HA 95 41.87 59.42 109.27
CA TYR HA 95 43.06 60.23 109.52
C TYR HA 95 43.15 60.64 110.99
N LEU HA 96 41.99 60.91 111.61
CA LEU HA 96 41.94 61.31 113.01
C LEU HA 96 42.35 60.16 113.92
N LEU HA 97 41.86 58.95 113.62
CA LEU HA 97 42.18 57.77 114.41
C LEU HA 97 43.60 57.32 114.15
N LEU HA 98 44.11 57.58 112.94
CA LEU HA 98 45.50 57.31 112.64
C LEU HA 98 46.42 58.28 113.40
N SER HA 99 45.96 59.51 113.59
CA SER HA 99 46.81 60.54 114.18
C SER HA 99 47.03 60.32 115.67
N LEU HA 100 46.06 59.75 116.39
CA LEU HA 100 46.18 59.55 117.83
C LEU HA 100 46.78 58.19 118.19
N SER HA 101 47.51 57.56 117.26
CA SER HA 101 47.94 56.18 117.45
C SER HA 101 49.08 56.09 118.46
N GLU HA 102 48.94 55.18 119.41
CA GLU HA 102 49.97 54.87 120.38
C GLU HA 102 50.66 53.57 119.97
N ASP HA 103 51.95 53.46 120.30
CA ASP HA 103 52.77 52.25 120.12
C ASP HA 103 52.93 51.52 121.45
N PRO HA 104 52.09 50.54 121.78
CA PRO HA 104 52.38 49.72 122.97
C PRO HA 104 53.30 48.56 122.64
N ARG HA 105 53.42 48.28 121.33
CA ARG HA 105 54.14 47.15 120.72
C ARG HA 105 53.56 45.79 121.15
N LYS IA 7 -118.73 71.97 80.56
CA LYS IA 7 -118.00 73.15 80.98
C LYS IA 7 -117.06 73.64 79.88
N SER IA 8 -116.80 74.93 79.88
CA SER IA 8 -115.86 75.50 78.91
C SER IA 8 -114.41 75.21 79.34
N PRO IA 9 -113.47 75.08 78.38
CA PRO IA 9 -112.06 74.81 78.75
C PRO IA 9 -111.38 76.01 79.42
N ASN IA 10 -111.99 77.19 79.21
CA ASN IA 10 -111.52 78.43 79.78
C ASN IA 10 -111.48 78.35 81.30
N VAL IA 11 -112.63 78.16 81.95
CA VAL IA 11 -112.71 78.05 83.43
C VAL IA 11 -111.93 76.83 83.96
N LEU IA 12 -111.71 75.83 83.12
CA LEU IA 12 -110.89 74.68 83.47
C LEU IA 12 -109.42 75.04 83.63
N LEU IA 13 -108.91 76.05 82.90
CA LEU IA 13 -107.49 76.41 83.06
C LEU IA 13 -107.18 77.08 84.42
N GLN IA 14 -108.18 77.71 85.05
CA GLN IA 14 -108.00 78.38 86.33
C GLN IA 14 -107.74 77.37 87.45
N ASN IA 15 -108.21 76.12 87.28
CA ASN IA 15 -107.91 75.05 88.22
C ASN IA 15 -106.44 74.62 88.15
N LEU IA 16 -105.87 74.57 86.94
CA LEU IA 16 -104.43 74.36 86.75
C LEU IA 16 -103.61 75.49 87.36
N CYS IA 17 -104.10 76.73 87.19
CA CYS IA 17 -103.48 77.89 87.82
C CYS IA 17 -103.37 77.81 89.34
N CYS IA 18 -104.22 77.02 89.99
CA CYS IA 18 -104.19 76.86 91.43
C CYS IA 18 -103.30 75.73 91.87
N ARG IA 19 -103.09 74.72 91.03
CA ARG IA 19 -102.21 73.62 91.39
C ARG IA 19 -100.75 74.01 91.23
N ILE IA 20 -100.43 74.73 90.15
CA ILE IA 20 -99.03 75.05 89.88
C ILE IA 20 -98.51 76.11 90.85
N LEU IA 21 -99.19 77.25 90.92
CA LEU IA 21 -98.87 78.31 91.85
C LEU IA 21 -99.77 78.18 93.07
N GLY IA 22 -99.23 78.44 94.25
CA GLY IA 22 -100.05 78.24 95.43
C GLY IA 22 -100.89 79.46 95.66
N ARG IA 23 -102.10 79.42 95.09
CA ARG IA 23 -103.08 80.49 95.09
C ARG IA 23 -104.43 79.83 94.95
N SER IA 24 -105.49 80.53 95.37
CA SER IA 24 -106.81 80.07 95.01
C SER IA 24 -107.24 80.75 93.71
N GLU IA 25 -108.37 80.29 93.16
CA GLU IA 25 -108.85 80.81 91.89
C GLU IA 25 -109.42 82.22 91.99
N ALA IA 26 -109.68 82.71 93.20
CA ALA IA 26 -110.11 84.08 93.43
C ALA IA 26 -108.97 84.93 93.96
N ASP IA 27 -107.74 84.58 93.61
CA ASP IA 27 -106.58 85.40 93.95
C ASP IA 27 -105.74 85.69 92.73
N VAL IA 28 -106.12 85.14 91.58
CA VAL IA 28 -105.35 85.41 90.37
C VAL IA 28 -106.26 85.35 89.14
N ALA IA 29 -106.12 86.35 88.28
CA ALA IA 29 -106.78 86.36 87.00
C ALA IA 29 -105.83 86.70 85.86
N GLN IA 30 -104.60 87.13 86.15
CA GLN IA 30 -103.66 87.53 85.12
C GLN IA 30 -103.04 86.33 84.41
N GLN IA 31 -102.63 85.29 85.16
CA GLN IA 31 -101.96 84.13 84.58
C GLN IA 31 -102.94 83.33 83.75
N PHE IA 32 -104.22 83.41 84.12
CA PHE IA 32 -105.26 82.62 83.52
C PHE IA 32 -105.66 83.18 82.17
N GLN IA 33 -105.53 84.49 81.96
CA GLN IA 33 -105.68 85.03 80.60
C GLN IA 33 -104.53 84.59 79.70
N TYR IA 34 -103.29 84.52 80.22
CA TYR IA 34 -102.18 83.98 79.44
C TYR IA 34 -102.38 82.52 79.09
N ALA IA 35 -103.01 81.75 79.99
CA ALA IA 35 -103.40 80.37 79.70
C ALA IA 35 -104.42 80.29 78.57
N VAL IA 36 -105.45 81.15 78.59
CA VAL IA 36 -106.41 81.16 77.48
C VAL IA 36 -105.75 81.69 76.20
N ARG IA 37 -104.74 82.55 76.34
CA ARG IA 37 -103.99 83.05 75.19
C ARG IA 37 -103.22 81.94 74.49
N VAL IA 38 -102.57 81.05 75.26
CA VAL IA 38 -101.77 80.02 74.60
C VAL IA 38 -102.63 78.83 74.18
N ILE IA 39 -103.55 78.36 75.06
CA ILE IA 39 -104.27 77.12 74.81
C ILE IA 39 -105.28 77.30 73.68
N GLY IA 40 -105.95 78.45 73.65
CA GLY IA 40 -106.81 78.77 72.53
C GLY IA 40 -105.99 79.12 71.30
N SER IA 41 -106.58 78.83 70.13
CA SER IA 41 -105.99 78.90 68.78
C SER IA 41 -104.81 77.93 68.60
N ASN IA 42 -104.58 77.05 69.57
CA ASN IA 42 -103.76 75.85 69.46
C ASN IA 42 -104.51 74.76 70.21
N PHE IA 43 -105.82 74.66 69.94
CA PHE IA 43 -106.75 73.83 70.67
C PHE IA 43 -107.02 72.50 69.98
N ALA IA 44 -106.50 72.29 68.77
CA ALA IA 44 -106.69 71.03 68.06
C ALA IA 44 -105.31 70.60 67.59
N PRO IA 45 -105.03 69.30 67.53
CA PRO IA 45 -103.72 68.84 67.05
C PRO IA 45 -103.43 69.26 65.61
N THR IA 46 -102.17 69.62 65.37
CA THR IA 46 -101.68 69.98 64.06
C THR IA 46 -100.63 68.99 63.57
N VAL IA 47 -100.33 67.95 64.34
CA VAL IA 47 -99.45 66.85 63.97
C VAL IA 47 -100.20 65.55 64.25
N GLU IA 48 -100.05 64.57 63.36
CA GLU IA 48 -100.89 63.37 63.41
C GLU IA 48 -100.55 62.45 64.57
N ARG IA 49 -101.58 61.83 65.14
CA ARG IA 49 -101.42 61.00 66.32
C ARG IA 49 -101.15 59.55 65.94
N ASP IA 50 -100.33 58.91 66.77
CA ASP IA 50 -100.38 57.49 67.07
C ASP IA 50 -99.64 57.29 68.39
N GLU IA 51 -100.24 56.56 69.31
CA GLU IA 51 -99.64 56.42 70.63
C GLU IA 51 -98.55 55.35 70.68
N PHE IA 52 -98.48 54.46 69.70
CA PHE IA 52 -97.43 53.45 69.67
C PHE IA 52 -96.07 54.08 69.41
N LEU IA 53 -96.02 55.03 68.48
CA LEU IA 53 -94.77 55.72 68.15
C LEU IA 53 -94.29 56.58 69.31
N VAL IA 54 -95.22 57.18 70.06
CA VAL IA 54 -94.84 57.99 71.21
C VAL IA 54 -94.45 57.09 72.38
N ALA IA 55 -95.03 55.89 72.48
CA ALA IA 55 -94.68 54.98 73.58
C ALA IA 55 -93.33 54.31 73.35
N GLU IA 56 -92.98 54.07 72.08
CA GLU IA 56 -91.68 53.46 71.80
C GLU IA 56 -90.51 54.38 72.14
N LYS IA 57 -90.71 55.69 72.20
CA LYS IA 57 -89.69 56.58 72.70
C LYS IA 57 -89.59 56.58 74.23
N ILE IA 58 -90.66 56.23 74.94
CA ILE IA 58 -90.54 55.98 76.38
C ILE IA 58 -89.73 54.72 76.62
N LYS IA 59 -89.91 53.71 75.76
CA LYS IA 59 -89.07 52.51 75.84
C LYS IA 59 -87.62 52.83 75.52
N LYS IA 60 -87.37 53.58 74.43
CA LYS IA 60 -86.01 53.98 74.07
C LYS IA 60 -85.38 54.93 75.09
N GLU IA 61 -86.19 55.69 75.82
CA GLU IA 61 -85.69 56.57 76.87
C GLU IA 61 -85.29 55.79 78.11
N LEU IA 62 -86.07 54.77 78.48
CA LEU IA 62 -85.63 53.90 79.57
C LEU IA 62 -84.47 53.01 79.16
N ILE IA 63 -84.26 52.78 77.86
CA ILE IA 63 -83.04 52.12 77.42
C ILE IA 63 -81.85 53.08 77.49
N ARG IA 64 -82.06 54.34 77.09
CA ARG IA 64 -81.00 55.35 77.05
C ARG IA 64 -80.42 55.66 78.44
N GLN IA 65 -81.19 55.43 79.50
CA GLN IA 65 -80.73 55.59 80.87
C GLN IA 65 -80.13 54.32 81.44
N ARG IA 66 -80.05 53.24 80.65
CA ARG IA 66 -79.54 51.92 81.03
C ARG IA 66 -80.34 51.31 82.19
N ARG IA 67 -81.63 51.57 82.25
CA ARG IA 67 -82.54 50.85 83.14
C ARG IA 67 -83.44 50.04 82.23
N GLU IA 68 -82.94 48.87 81.82
CA GLU IA 68 -83.62 48.04 80.83
C GLU IA 68 -84.66 47.12 81.46
N ALA IA 69 -84.66 46.96 82.77
CA ALA IA 69 -85.76 46.26 83.43
C ALA IA 69 -86.99 47.16 83.56
N ASP IA 70 -86.79 48.45 83.80
CA ASP IA 70 -87.89 49.41 83.82
C ASP IA 70 -88.52 49.60 82.45
N ALA IA 71 -87.75 49.45 81.37
CA ALA IA 71 -88.32 49.52 80.03
C ALA IA 71 -89.22 48.34 79.74
N ALA IA 72 -88.97 47.20 80.38
CA ALA IA 72 -89.86 46.06 80.26
C ALA IA 72 -90.97 46.05 81.31
N LEU IA 73 -90.85 46.87 82.37
CA LEU IA 73 -91.94 47.10 83.32
C LEU IA 73 -92.95 48.12 82.77
N PHE IA 74 -92.44 49.03 81.94
CA PHE IA 74 -93.29 49.99 81.27
C PHE IA 74 -94.29 49.33 80.32
N SER IA 75 -93.98 48.13 79.82
CA SER IA 75 -94.90 47.41 78.93
C SER IA 75 -96.18 46.96 79.64
N GLU IA 76 -96.09 46.51 80.89
CA GLU IA 76 -97.28 46.24 81.68
C GLU IA 76 -98.06 47.50 82.02
N LEU IA 77 -97.35 48.62 82.28
CA LEU IA 77 -98.12 49.86 82.48
C LEU IA 77 -98.83 50.32 81.21
N HIS IA 78 -98.19 50.19 80.04
CA HIS IA 78 -98.83 50.49 78.76
C HIS IA 78 -99.95 49.51 78.43
N ARG IA 79 -99.87 48.28 78.96
CA ARG IA 79 -100.97 47.34 78.85
C ARG IA 79 -102.18 47.80 79.65
N LYS IA 80 -101.96 48.27 80.89
CA LYS IA 80 -103.06 48.74 81.72
C LYS IA 80 -103.78 49.93 81.09
N LEU IA 81 -103.00 50.83 80.47
CA LEU IA 81 -103.56 51.95 79.72
C LEU IA 81 -104.49 51.49 78.60
N HIS IA 82 -104.16 50.37 77.95
CA HIS IA 82 -105.07 49.77 76.97
C HIS IA 82 -106.25 49.07 77.63
N SER IA 83 -106.03 48.52 78.82
CA SER IA 83 -107.02 47.67 79.46
C SER IA 83 -108.25 48.46 79.87
N GLN IA 84 -108.06 49.70 80.30
CA GLN IA 84 -109.25 50.42 80.75
C GLN IA 84 -110.03 51.02 79.59
N GLY IA 85 -109.37 51.79 78.74
CA GLY IA 85 -110.03 52.35 77.58
C GLY IA 85 -111.02 53.46 77.84
N VAL IA 86 -110.87 54.19 78.95
CA VAL IA 86 -111.75 55.33 79.18
C VAL IA 86 -111.15 56.62 78.63
N LEU IA 87 -109.86 56.67 78.37
CA LEU IA 87 -109.21 57.89 77.94
C LEU IA 87 -109.48 58.11 76.45
N LYS IA 88 -109.96 59.32 76.11
CA LYS IA 88 -110.40 59.52 74.73
C LYS IA 88 -109.21 59.72 73.79
N ASN IA 89 -108.14 60.36 74.27
CA ASN IA 89 -106.90 60.44 73.50
C ASN IA 89 -105.71 60.11 74.41
N LYS IA 90 -105.08 58.96 74.17
CA LYS IA 90 -103.90 58.56 74.93
C LYS IA 90 -102.62 59.22 74.41
N TRP IA 91 -102.63 59.58 73.12
CA TRP IA 91 -101.46 60.19 72.47
C TRP IA 91 -101.12 61.54 73.10
N SER IA 92 -102.14 62.29 73.54
CA SER IA 92 -101.89 63.61 74.12
C SER IA 92 -101.18 63.52 75.45
N ILE IA 93 -101.66 62.64 76.35
CA ILE IA 93 -101.03 62.52 77.66
C ILE IA 93 -99.65 61.87 77.54
N LEU IA 94 -99.45 61.00 76.55
CA LEU IA 94 -98.13 60.41 76.37
C LEU IA 94 -97.14 61.42 75.80
N TYR IA 95 -97.58 62.23 74.83
CA TYR IA 95 -96.78 63.33 74.30
C TYR IA 95 -96.44 64.36 75.38
N LEU IA 96 -97.41 64.63 76.26
CA LEU IA 96 -97.23 65.63 77.32
C LEU IA 96 -96.23 65.17 78.37
N LEU IA 97 -96.39 63.95 78.88
CA LEU IA 97 -95.45 63.44 79.88
C LEU IA 97 -94.08 63.16 79.26
N LEU IA 98 -94.04 62.88 77.95
CA LEU IA 98 -92.75 62.71 77.29
C LEU IA 98 -92.05 64.05 77.10
N SER IA 99 -92.82 65.13 76.89
CA SER IA 99 -92.21 66.44 76.71
C SER IA 99 -91.62 66.97 78.02
N LEU IA 100 -92.23 66.63 79.15
CA LEU IA 100 -91.77 67.05 80.46
C LEU IA 100 -90.79 66.08 81.10
N SER IA 101 -90.08 65.28 80.32
CA SER IA 101 -89.30 64.17 80.86
C SER IA 101 -88.05 64.65 81.59
N GLU IA 102 -87.73 63.95 82.68
CA GLU IA 102 -86.52 64.21 83.47
C GLU IA 102 -85.91 62.88 83.87
N ASP IA 103 -84.73 62.96 84.50
CA ASP IA 103 -83.94 61.80 84.88
C ASP IA 103 -84.08 61.57 86.38
N PRO IA 104 -84.77 60.54 86.83
CA PRO IA 104 -84.87 60.26 88.27
C PRO IA 104 -83.80 59.33 88.82
N ARG IA 105 -82.73 59.10 88.06
CA ARG IA 105 -81.67 58.10 88.31
C ARG IA 105 -82.18 56.66 88.37
N LYS JA 7 -78.40 -14.01 -131.24
CA LYS JA 7 -78.36 -14.03 -132.70
C LYS JA 7 -76.98 -14.42 -133.21
N SER JA 8 -76.85 -14.50 -134.53
CA SER JA 8 -75.60 -14.95 -135.15
C SER JA 8 -74.53 -13.87 -135.00
N PRO JA 9 -73.26 -14.25 -134.83
CA PRO JA 9 -72.23 -13.23 -134.52
C PRO JA 9 -71.82 -12.37 -135.70
N ASN JA 10 -72.05 -12.84 -136.93
CA ASN JA 10 -71.66 -12.07 -138.12
C ASN JA 10 -72.52 -10.81 -138.26
N VAL JA 11 -73.84 -10.96 -138.10
CA VAL JA 11 -74.72 -9.80 -138.16
C VAL JA 11 -74.54 -8.94 -136.92
N LEU JA 12 -74.05 -9.51 -135.82
CA LEU JA 12 -73.75 -8.71 -134.63
C LEU JA 12 -72.53 -7.82 -134.84
N LEU JA 13 -71.49 -8.37 -135.48
CA LEU JA 13 -70.34 -7.55 -135.88
C LEU JA 13 -70.74 -6.50 -136.91
N GLN JA 14 -71.78 -6.77 -137.71
CA GLN JA 14 -72.31 -5.74 -138.59
C GLN JA 14 -73.08 -4.65 -137.82
N ASN JA 15 -73.81 -5.05 -136.77
CA ASN JA 15 -74.55 -4.10 -135.95
C ASN JA 15 -73.62 -3.13 -135.23
N LEU JA 16 -72.43 -3.62 -134.83
CA LEU JA 16 -71.42 -2.74 -134.26
C LEU JA 16 -70.96 -1.66 -135.25
N CYS JA 17 -70.62 -2.06 -136.48
CA CYS JA 17 -70.12 -1.10 -137.45
C CYS JA 17 -71.20 -0.15 -137.96
N CYS JA 18 -72.48 -0.53 -137.89
CA CYS JA 18 -73.50 0.46 -138.21
C CYS JA 18 -73.95 1.25 -136.99
N ARG JA 19 -73.57 0.84 -135.78
CA ARG JA 19 -73.83 1.69 -134.62
C ARG JA 19 -72.81 2.81 -134.54
N ILE JA 20 -71.52 2.49 -134.75
CA ILE JA 20 -70.47 3.50 -134.65
C ILE JA 20 -70.59 4.52 -135.77
N LEU JA 21 -70.63 4.04 -137.00
CA LEU JA 21 -70.66 4.89 -138.17
C LEU JA 21 -72.11 5.12 -138.60
N GLY JA 22 -72.29 6.02 -139.56
CA GLY JA 22 -73.56 6.14 -140.25
C GLY JA 22 -73.47 5.45 -141.59
N ARG JA 23 -72.65 4.41 -141.66
CA ARG JA 23 -72.28 3.77 -142.90
C ARG JA 23 -72.73 2.31 -142.90
N SER JA 24 -73.27 1.87 -144.02
CA SER JA 24 -73.82 0.52 -144.14
C SER JA 24 -72.72 -0.47 -144.51
N GLU JA 25 -73.10 -1.74 -144.64
CA GLU JA 25 -72.18 -2.77 -145.10
C GLU JA 25 -71.90 -2.68 -146.58
N ALA JA 26 -72.68 -1.91 -147.33
CA ALA JA 26 -72.42 -1.63 -148.74
C ALA JA 26 -71.78 -0.27 -148.95
N ASP JA 27 -72.08 0.71 -148.09
CA ASP JA 27 -71.50 2.04 -148.22
C ASP JA 27 -70.02 2.05 -147.87
N VAL JA 28 -69.60 1.28 -146.85
CA VAL JA 28 -68.22 0.85 -146.74
C VAL JA 28 -68.24 -0.66 -146.68
N ALA JA 29 -67.24 -1.27 -147.31
CA ALA JA 29 -67.02 -2.70 -147.17
C ALA JA 29 -65.66 -3.04 -146.60
N GLN JA 30 -64.76 -2.07 -146.43
CA GLN JA 30 -63.43 -2.36 -145.89
C GLN JA 30 -63.46 -2.40 -144.37
N GLN JA 31 -64.21 -1.49 -143.75
CA GLN JA 31 -64.29 -1.41 -142.29
C GLN JA 31 -64.95 -2.66 -141.71
N PHE JA 32 -66.08 -3.06 -142.30
CA PHE JA 32 -66.76 -4.27 -141.87
C PHE JA 32 -65.95 -5.52 -142.17
N GLN JA 33 -65.15 -5.48 -143.24
CA GLN JA 33 -64.20 -6.55 -143.48
C GLN JA 33 -63.09 -6.57 -142.45
N TYR JA 34 -62.64 -5.38 -142.03
CA TYR JA 34 -61.59 -5.29 -141.03
C TYR JA 34 -62.04 -5.74 -139.65
N ALA JA 35 -63.32 -5.55 -139.33
CA ALA JA 35 -63.85 -6.04 -138.06
C ALA JA 35 -63.87 -7.57 -137.99
N VAL JA 36 -64.29 -8.22 -139.08
CA VAL JA 36 -64.21 -9.67 -139.20
C VAL JA 36 -62.76 -10.13 -139.22
N ARG JA 37 -61.86 -9.32 -139.78
CA ARG JA 37 -60.43 -9.64 -139.74
C ARG JA 37 -59.89 -9.68 -138.32
N VAL JA 38 -60.27 -8.70 -137.49
CA VAL JA 38 -59.68 -8.64 -136.15
C VAL JA 38 -60.34 -9.64 -135.20
N ILE JA 39 -61.68 -9.69 -135.16
CA ILE JA 39 -62.35 -10.50 -134.14
C ILE JA 39 -62.17 -11.99 -134.44
N GLY JA 40 -62.44 -12.40 -135.67
CA GLY JA 40 -62.25 -13.80 -135.99
C GLY JA 40 -60.82 -14.16 -136.36
N SER JA 41 -59.92 -14.06 -135.38
CA SER JA 41 -58.72 -14.89 -135.34
C SER JA 41 -58.46 -15.25 -133.88
N ASN JA 42 -58.95 -14.41 -133.00
CA ASN JA 42 -58.78 -14.49 -131.55
C ASN JA 42 -60.13 -14.20 -130.92
N PHE JA 43 -61.14 -14.93 -131.38
CA PHE JA 43 -62.54 -14.68 -131.01
C PHE JA 43 -62.78 -14.89 -129.52
N ALA JA 44 -62.42 -16.08 -129.02
CA ALA JA 44 -62.63 -16.40 -127.61
C ALA JA 44 -61.70 -15.54 -126.74
N PRO JA 45 -62.12 -15.18 -125.51
CA PRO JA 45 -61.28 -14.32 -124.67
C PRO JA 45 -59.99 -14.99 -124.20
N THR JA 46 -58.93 -14.19 -124.03
CA THR JA 46 -57.71 -14.65 -123.39
C THR JA 46 -57.64 -14.28 -121.92
N VAL JA 47 -58.59 -13.49 -121.44
CA VAL JA 47 -58.67 -13.14 -120.03
C VAL JA 47 -59.71 -14.05 -119.38
N GLU JA 48 -59.41 -14.49 -118.15
CA GLU JA 48 -60.36 -15.24 -117.34
C GLU JA 48 -60.97 -14.29 -116.31
N ARG JA 49 -61.71 -14.88 -115.37
CA ARG JA 49 -62.50 -14.12 -114.40
C ARG JA 49 -61.60 -13.44 -113.35
N ASP JA 50 -61.23 -12.17 -113.59
CA ASP JA 50 -60.49 -11.37 -112.61
C ASP JA 50 -61.06 -9.95 -112.51
N GLU JA 51 -62.39 -9.84 -112.33
CA GLU JA 51 -63.10 -8.56 -112.12
C GLU JA 51 -62.63 -7.81 -110.88
N PHE JA 52 -62.06 -8.51 -109.90
CA PHE JA 52 -61.72 -7.90 -108.62
C PHE JA 52 -60.60 -6.87 -108.78
N LEU JA 53 -59.55 -7.25 -109.51
CA LEU JA 53 -58.42 -6.36 -109.77
C LEU JA 53 -58.84 -5.14 -110.58
N VAL JA 54 -59.71 -5.34 -111.57
CA VAL JA 54 -60.10 -4.21 -112.41
C VAL JA 54 -61.11 -3.32 -111.68
N ALA JA 55 -61.86 -3.88 -110.72
CA ALA JA 55 -62.75 -3.07 -109.89
C ALA JA 55 -61.94 -2.15 -108.98
N GLU JA 56 -60.85 -2.68 -108.42
CA GLU JA 56 -60.01 -1.82 -107.59
C GLU JA 56 -59.20 -0.81 -108.39
N LYS JA 57 -59.20 -0.90 -109.73
CA LYS JA 57 -58.66 0.16 -110.55
C LYS JA 57 -59.73 1.15 -111.01
N ILE JA 58 -60.98 0.74 -111.10
CA ILE JA 58 -62.06 1.71 -111.31
C ILE JA 58 -62.26 2.59 -110.09
N LYS JA 59 -62.15 2.00 -108.88
CA LYS JA 59 -62.15 2.80 -107.65
C LYS JA 59 -61.02 3.81 -107.66
N LYS JA 60 -59.80 3.33 -107.94
CA LYS JA 60 -58.61 4.16 -108.00
C LYS JA 60 -58.68 5.22 -109.10
N GLU JA 61 -59.43 4.98 -110.17
CA GLU JA 61 -59.62 5.95 -111.24
C GLU JA 61 -60.60 7.04 -110.84
N LEU JA 62 -61.68 6.67 -110.13
CA LEU JA 62 -62.59 7.68 -109.62
C LEU JA 62 -61.99 8.45 -108.43
N ILE JA 63 -60.95 7.92 -107.80
CA ILE JA 63 -60.27 8.71 -106.78
C ILE JA 63 -59.37 9.78 -107.41
N ARG JA 64 -58.70 9.43 -108.53
CA ARG JA 64 -57.84 10.39 -109.22
C ARG JA 64 -58.60 11.55 -109.85
N GLN JA 65 -59.90 11.40 -110.07
CA GLN JA 65 -60.74 12.47 -110.61
C GLN JA 65 -61.49 13.23 -109.53
N ARG JA 66 -61.31 12.84 -108.27
CA ARG JA 66 -62.04 13.33 -107.10
C ARG JA 66 -63.56 13.15 -107.23
N ARG JA 67 -63.98 12.16 -108.03
CA ARG JA 67 -65.34 11.64 -108.01
C ARG JA 67 -65.41 10.52 -106.99
N GLU JA 68 -65.22 10.91 -105.73
CA GLU JA 68 -65.00 9.97 -104.66
C GLU JA 68 -66.29 9.41 -104.09
N ALA JA 69 -67.42 10.02 -104.40
CA ALA JA 69 -68.70 9.38 -104.10
C ALA JA 69 -69.02 8.27 -105.10
N ASP JA 70 -68.52 8.40 -106.33
CA ASP JA 70 -68.81 7.41 -107.35
C ASP JA 70 -67.91 6.19 -107.25
N ALA JA 71 -66.75 6.31 -106.59
CA ALA JA 71 -65.98 5.12 -106.25
C ALA JA 71 -66.70 4.26 -105.22
N ALA JA 72 -67.56 4.87 -104.40
CA ALA JA 72 -68.40 4.15 -103.45
C ALA JA 72 -69.78 3.85 -104.01
N LEU JA 73 -70.18 4.50 -105.10
CA LEU JA 73 -71.40 4.13 -105.81
C LEU JA 73 -71.15 2.91 -106.69
N PHE JA 74 -69.95 2.83 -107.25
CA PHE JA 74 -69.56 1.67 -108.03
C PHE JA 74 -69.45 0.42 -107.17
N SER JA 75 -69.20 0.58 -105.87
CA SER JA 75 -69.19 -0.58 -104.98
C SER JA 75 -70.57 -1.19 -104.82
N GLU JA 76 -71.63 -0.40 -104.94
CA GLU JA 76 -72.97 -0.96 -104.98
C GLU JA 76 -73.27 -1.54 -106.36
N LEU JA 77 -72.83 -0.85 -107.41
CA LEU JA 77 -73.12 -1.30 -108.78
C LEU JA 77 -72.39 -2.59 -109.15
N HIS JA 78 -71.18 -2.81 -108.64
CA HIS JA 78 -70.43 -4.01 -108.95
C HIS JA 78 -71.00 -5.23 -108.26
N ARG JA 79 -71.69 -5.04 -107.14
CA ARG JA 79 -72.44 -6.13 -106.55
C ARG JA 79 -73.75 -6.37 -107.29
N LYS JA 80 -74.37 -5.29 -107.78
CA LYS JA 80 -75.61 -5.43 -108.56
C LYS JA 80 -75.37 -6.19 -109.87
N LEU JA 81 -74.22 -5.93 -110.51
CA LEU JA 81 -73.87 -6.60 -111.76
C LEU JA 81 -73.74 -8.10 -111.57
N HIS JA 82 -73.16 -8.53 -110.46
CA HIS JA 82 -73.11 -9.95 -110.13
C HIS JA 82 -74.47 -10.46 -109.66
N SER JA 83 -75.30 -9.56 -109.11
CA SER JA 83 -76.58 -9.98 -108.54
C SER JA 83 -77.57 -10.37 -109.62
N GLN JA 84 -77.57 -9.65 -110.75
CA GLN JA 84 -78.47 -10.06 -111.84
C GLN JA 84 -78.01 -11.36 -112.49
N GLY JA 85 -76.75 -11.43 -112.91
CA GLY JA 85 -76.19 -12.67 -113.39
C GLY JA 85 -76.62 -13.10 -114.77
N VAL JA 86 -77.01 -12.16 -115.62
CA VAL JA 86 -77.46 -12.49 -116.98
C VAL JA 86 -76.38 -12.21 -118.02
N LEU JA 87 -75.15 -11.95 -117.59
CA LEU JA 87 -74.04 -11.68 -118.48
C LEU JA 87 -72.98 -12.77 -118.33
N LYS JA 88 -72.51 -13.28 -119.48
CA LYS JA 88 -71.60 -14.42 -119.51
C LYS JA 88 -70.23 -14.10 -118.94
N ASN JA 89 -69.69 -12.92 -119.28
CA ASN JA 89 -68.38 -12.48 -118.78
C ASN JA 89 -68.54 -11.13 -118.11
N LYS JA 90 -68.34 -11.07 -116.80
CA LYS JA 90 -68.43 -9.81 -116.07
C LYS JA 90 -67.11 -9.06 -116.05
N TRP JA 91 -66.00 -9.74 -116.36
CA TRP JA 91 -64.68 -9.12 -116.39
C TRP JA 91 -64.45 -8.36 -117.68
N SER JA 92 -65.02 -8.87 -118.78
CA SER JA 92 -64.78 -8.31 -120.10
C SER JA 92 -65.33 -6.91 -120.23
N ILE JA 93 -66.61 -6.72 -119.85
CA ILE JA 93 -67.28 -5.46 -120.06
C ILE JA 93 -66.70 -4.36 -119.18
N LEU JA 94 -66.18 -4.73 -118.01
CA LEU JA 94 -65.50 -3.75 -117.18
C LEU JA 94 -64.12 -3.44 -117.72
N TYR JA 95 -63.43 -4.46 -118.26
CA TYR JA 95 -62.13 -4.20 -118.87
C TYR JA 95 -62.26 -3.37 -120.15
N LEU JA 96 -63.41 -3.44 -120.80
CA LEU JA 96 -63.72 -2.59 -121.94
C LEU JA 96 -64.01 -1.16 -121.53
N LEU JA 97 -64.90 -0.98 -120.54
CA LEU JA 97 -65.26 0.37 -120.12
C LEU JA 97 -64.10 1.10 -119.46
N LEU JA 98 -63.21 0.36 -118.78
CA LEU JA 98 -62.04 0.98 -118.15
C LEU JA 98 -61.02 1.40 -119.18
N SER JA 99 -60.88 0.64 -120.28
CA SER JA 99 -59.94 1.00 -121.33
C SER JA 99 -60.35 2.27 -122.05
N LEU JA 100 -61.65 2.49 -122.19
CA LEU JA 100 -62.19 3.66 -122.86
C LEU JA 100 -62.36 4.86 -121.93
N SER JA 101 -61.75 4.83 -120.75
CA SER JA 101 -61.91 5.91 -119.79
C SER JA 101 -61.16 7.15 -120.24
N GLU JA 102 -61.59 8.30 -119.73
CA GLU JA 102 -60.96 9.58 -120.02
C GLU JA 102 -60.83 10.36 -118.72
N ASP JA 103 -59.90 11.31 -118.71
CA ASP JA 103 -59.59 12.14 -117.56
C ASP JA 103 -59.90 13.59 -117.88
N PRO JA 104 -60.84 14.26 -117.17
CA PRO JA 104 -61.09 15.68 -117.46
C PRO JA 104 -59.92 16.57 -117.08
N ARG JA 105 -59.77 16.89 -115.79
CA ARG JA 105 -58.47 17.16 -115.20
C ARG JA 105 -58.48 16.70 -113.73
N ARG JA 106 -59.52 17.14 -113.01
CA ARG JA 106 -59.92 16.62 -111.72
C ARG JA 106 -61.43 16.79 -111.53
N GLN JA 107 -62.18 16.92 -112.62
CA GLN JA 107 -63.56 17.38 -112.55
C GLN JA 107 -64.49 16.30 -112.02
N PRO JA 108 -65.52 16.75 -111.29
CA PRO JA 108 -66.55 15.87 -110.73
C PRO JA 108 -67.89 16.29 -111.33
N SER JA 109 -68.47 15.42 -112.15
CA SER JA 109 -69.73 15.68 -112.83
C SER JA 109 -70.68 14.53 -112.57
N LYS JA 110 -71.91 14.85 -112.19
CA LYS JA 110 -72.88 13.85 -111.80
C LYS JA 110 -74.24 14.13 -112.42
N VAL JA 111 -74.89 13.07 -112.88
CA VAL JA 111 -76.30 13.02 -113.22
C VAL JA 111 -76.68 11.56 -113.27
N SER JA 112 -77.53 11.14 -112.33
CA SER JA 112 -78.65 10.20 -112.46
C SER JA 112 -79.01 9.80 -111.04
N SER JA 113 -79.87 8.80 -110.91
CA SER JA 113 -79.96 7.93 -109.73
C SER JA 113 -80.55 8.66 -108.53
N LYS KA 7 -41.71 -21.65 -5.92
CA LYS KA 7 -41.94 -20.28 -5.49
C LYS KA 7 -43.05 -19.65 -6.31
N SER KA 8 -43.69 -18.63 -5.74
CA SER KA 8 -44.79 -17.94 -6.42
C SER KA 8 -44.25 -17.22 -7.64
N PRO KA 9 -45.01 -17.19 -8.75
CA PRO KA 9 -44.42 -16.75 -10.04
C PRO KA 9 -43.98 -15.30 -10.08
N ASN KA 10 -44.75 -14.40 -9.46
CA ASN KA 10 -44.47 -12.96 -9.54
C ASN KA 10 -43.14 -12.60 -8.89
N VAL KA 11 -42.80 -13.25 -7.77
CA VAL KA 11 -41.50 -13.02 -7.18
C VAL KA 11 -40.41 -13.81 -7.90
N LEU KA 12 -40.80 -14.82 -8.67
CA LEU KA 12 -39.84 -15.71 -9.34
C LEU KA 12 -39.24 -15.05 -10.57
N LEU KA 13 -40.00 -14.19 -11.25
CA LEU KA 13 -39.50 -13.61 -12.49
C LEU KA 13 -38.37 -12.61 -12.29
N GLN KA 14 -38.27 -11.97 -11.14
CA GLN KA 14 -37.12 -11.11 -10.93
C GLN KA 14 -35.85 -11.93 -10.66
N ASN KA 15 -36.01 -13.14 -10.11
CA ASN KA 15 -34.89 -14.08 -10.08
C ASN KA 15 -34.43 -14.44 -11.49
N LEU KA 16 -35.41 -14.73 -12.37
CA LEU KA 16 -35.11 -14.99 -13.79
C LEU KA 16 -34.32 -13.87 -14.44
N CYS KA 17 -34.74 -12.63 -14.19
CA CYS KA 17 -34.07 -11.51 -14.83
C CYS KA 17 -32.71 -11.21 -14.22
N CYS KA 18 -32.51 -11.56 -12.95
CA CYS KA 18 -31.16 -11.49 -12.41
C CYS KA 18 -30.26 -12.56 -13.00
N ARG KA 19 -30.83 -13.69 -13.42
CA ARG KA 19 -29.99 -14.68 -14.10
C ARG KA 19 -29.63 -14.27 -15.52
N ILE KA 20 -30.61 -13.82 -16.31
CA ILE KA 20 -30.33 -13.51 -17.72
C ILE KA 20 -29.49 -12.24 -17.84
N LEU KA 21 -29.99 -11.13 -17.32
CA LEU KA 21 -29.22 -9.91 -17.32
C LEU KA 21 -28.14 -9.97 -16.25
N GLY KA 22 -27.16 -9.07 -16.35
CA GLY KA 22 -26.18 -8.94 -15.30
C GLY KA 22 -26.54 -7.79 -14.38
N ARG KA 23 -27.81 -7.41 -14.39
CA ARG KA 23 -28.31 -6.23 -13.71
C ARG KA 23 -29.31 -6.65 -12.65
N SER KA 24 -29.19 -6.07 -11.45
CA SER KA 24 -29.88 -6.56 -10.27
C SER KA 24 -31.38 -6.26 -10.34
N GLU KA 25 -32.09 -6.78 -9.33
CA GLU KA 25 -33.53 -6.55 -9.21
C GLU KA 25 -33.86 -5.15 -8.71
N ALA KA 26 -32.90 -4.44 -8.14
CA ALA KA 26 -33.05 -3.03 -7.80
C ALA KA 26 -32.51 -2.14 -8.90
N ASP KA 27 -31.97 -2.72 -9.95
CA ASP KA 27 -31.46 -1.98 -11.11
C ASP KA 27 -32.56 -1.77 -12.13
N VAL KA 28 -33.18 -2.86 -12.58
CA VAL KA 28 -34.16 -2.80 -13.65
C VAL KA 28 -35.51 -3.25 -13.11
N ALA KA 29 -36.55 -2.45 -13.39
CA ALA KA 29 -37.93 -2.84 -13.17
C ALA KA 29 -38.74 -2.83 -14.45
N GLN KA 30 -38.16 -2.38 -15.56
CA GLN KA 30 -38.87 -2.21 -16.83
C GLN KA 30 -39.08 -3.55 -17.52
N GLN KA 31 -38.05 -4.38 -17.55
CA GLN KA 31 -38.20 -5.71 -18.09
C GLN KA 31 -39.20 -6.54 -17.27
N PHE KA 32 -39.25 -6.30 -15.96
CA PHE KA 32 -40.15 -7.02 -15.07
C PHE KA 32 -41.57 -6.57 -15.29
N GLN KA 33 -41.74 -5.32 -15.67
CA GLN KA 33 -43.03 -4.81 -16.10
C GLN KA 33 -43.50 -5.48 -17.38
N TYR KA 34 -42.60 -5.59 -18.37
CA TYR KA 34 -42.96 -6.31 -19.58
C TYR KA 34 -43.26 -7.78 -19.29
N ALA KA 35 -42.48 -8.38 -18.39
CA ALA KA 35 -42.65 -9.77 -17.98
C ALA KA 35 -43.98 -10.00 -17.29
N VAL KA 36 -44.37 -9.16 -16.33
CA VAL KA 36 -45.67 -9.32 -15.67
C VAL KA 36 -46.80 -9.08 -16.64
N ARG KA 37 -46.60 -8.23 -17.66
CA ARG KA 37 -47.66 -8.07 -18.64
C ARG KA 37 -47.82 -9.33 -19.50
N VAL KA 38 -46.71 -9.95 -19.88
CA VAL KA 38 -46.84 -11.00 -20.89
C VAL KA 38 -47.17 -12.36 -20.26
N ILE KA 39 -46.56 -12.70 -19.12
CA ILE KA 39 -46.70 -14.05 -18.59
C ILE KA 39 -48.03 -14.21 -17.86
N GLY KA 40 -48.50 -13.14 -17.21
CA GLY KA 40 -49.86 -13.13 -16.70
C GLY KA 40 -50.85 -12.90 -17.83
N SER KA 41 -52.12 -13.25 -17.57
CA SER KA 41 -53.25 -13.23 -18.53
C SER KA 41 -53.02 -14.12 -19.76
N ASN KA 42 -51.99 -14.97 -19.70
CA ASN KA 42 -51.72 -16.07 -20.63
C ASN KA 42 -51.21 -17.20 -19.75
N PHE KA 43 -51.72 -17.22 -18.52
CA PHE KA 43 -51.19 -17.99 -17.42
C PHE KA 43 -51.84 -19.37 -17.30
N ALA KA 44 -53.03 -19.54 -17.86
CA ALA KA 44 -53.71 -20.81 -17.93
C ALA KA 44 -53.39 -21.49 -19.26
N PRO KA 45 -53.28 -22.82 -19.27
CA PRO KA 45 -53.09 -23.51 -20.55
C PRO KA 45 -54.35 -23.41 -21.41
N THR KA 46 -54.18 -22.82 -22.59
CA THR KA 46 -55.28 -22.60 -23.53
C THR KA 46 -55.34 -23.68 -24.60
N VAL KA 47 -54.36 -24.59 -24.62
CA VAL KA 47 -54.35 -25.74 -25.51
C VAL KA 47 -54.17 -26.98 -24.63
N GLU KA 48 -54.23 -28.16 -25.25
CA GLU KA 48 -54.09 -29.36 -24.46
C GLU KA 48 -52.62 -29.63 -24.14
N ARG KA 49 -52.41 -30.48 -23.14
CA ARG KA 49 -51.06 -30.76 -22.66
C ARG KA 49 -50.93 -32.26 -22.41
N ASP KA 50 -49.96 -32.89 -23.08
CA ASP KA 50 -49.59 -34.27 -22.82
C ASP KA 50 -48.15 -34.45 -23.29
N GLU KA 51 -47.36 -35.16 -22.49
CA GLU KA 51 -45.93 -35.26 -22.74
C GLU KA 51 -45.58 -36.19 -23.91
N PHE KA 52 -46.52 -37.06 -24.32
CA PHE KA 52 -46.31 -37.94 -25.46
C PHE KA 52 -46.10 -37.15 -26.74
N LEU KA 53 -46.93 -36.12 -26.95
CA LEU KA 53 -46.86 -35.32 -28.17
C LEU KA 53 -45.55 -34.55 -28.27
N VAL KA 54 -45.10 -33.96 -27.17
CA VAL KA 54 -43.87 -33.19 -27.23
C VAL KA 54 -42.66 -34.12 -27.35
N ALA KA 55 -42.77 -35.37 -26.88
CA ALA KA 55 -41.74 -36.35 -27.20
C ALA KA 55 -41.71 -36.67 -28.70
N GLU KA 56 -42.89 -36.84 -29.32
CA GLU KA 56 -42.92 -37.10 -30.75
C GLU KA 56 -42.59 -35.88 -31.59
N LYS KA 57 -42.51 -34.70 -30.98
CA LYS KA 57 -42.02 -33.53 -31.69
C LYS KA 57 -40.53 -33.25 -31.44
N ILE KA 58 -39.99 -33.70 -30.31
CA ILE KA 58 -38.54 -33.72 -30.16
C ILE KA 58 -37.91 -34.77 -31.08
N LYS KA 59 -38.63 -35.84 -31.38
CA LYS KA 59 -38.17 -36.72 -32.45
C LYS KA 59 -38.13 -35.99 -33.79
N LYS KA 60 -39.18 -35.23 -34.08
CA LYS KA 60 -39.25 -34.45 -35.31
C LYS KA 60 -38.21 -33.35 -35.38
N GLU KA 61 -37.80 -32.78 -34.25
CA GLU KA 61 -36.68 -31.86 -34.36
C GLU KA 61 -35.41 -32.62 -34.67
N LEU KA 62 -35.16 -33.77 -34.03
CA LEU KA 62 -33.88 -34.43 -34.24
C LEU KA 62 -33.76 -35.06 -35.63
N ILE KA 63 -34.89 -35.29 -36.29
CA ILE KA 63 -34.84 -35.63 -37.71
C ILE KA 63 -34.31 -34.45 -38.52
N ARG KA 64 -34.71 -33.23 -38.15
CA ARG KA 64 -34.22 -32.03 -38.85
C ARG KA 64 -32.74 -31.75 -38.59
N GLN KA 65 -32.15 -32.36 -37.55
CA GLN KA 65 -30.72 -32.31 -37.35
C GLN KA 65 -29.98 -33.40 -38.10
N ARG KA 66 -30.71 -34.38 -38.65
CA ARG KA 66 -30.18 -35.57 -39.31
C ARG KA 66 -29.27 -36.35 -38.35
N ARG KA 67 -29.73 -36.47 -37.11
CA ARG KA 67 -29.15 -37.36 -36.13
C ARG KA 67 -30.22 -38.35 -35.71
N GLU KA 68 -29.93 -39.65 -35.89
CA GLU KA 68 -30.81 -40.70 -35.42
C GLU KA 68 -30.23 -41.48 -34.26
N ALA KA 69 -28.97 -41.24 -33.90
CA ALA KA 69 -28.37 -41.87 -32.73
C ALA KA 69 -28.79 -41.17 -31.45
N ASP KA 70 -28.89 -39.84 -31.49
CA ASP KA 70 -29.41 -39.11 -30.34
C ASP KA 70 -30.93 -39.28 -30.20
N ALA KA 71 -31.63 -39.56 -31.30
CA ALA KA 71 -33.06 -39.81 -31.26
C ALA KA 71 -33.40 -41.14 -30.58
N ALA KA 72 -32.48 -42.10 -30.60
CA ALA KA 72 -32.69 -43.38 -29.93
C ALA KA 72 -32.18 -43.40 -28.50
N LEU KA 73 -31.36 -42.43 -28.10
CA LEU KA 73 -31.06 -42.27 -26.67
C LEU KA 73 -32.11 -41.44 -25.97
N PHE KA 74 -32.73 -40.50 -26.70
CA PHE KA 74 -33.77 -39.68 -26.10
C PHE KA 74 -34.97 -40.51 -25.68
N SER KA 75 -35.23 -41.62 -26.37
CA SER KA 75 -36.25 -42.57 -25.94
C SER KA 75 -35.93 -43.23 -24.61
N GLU KA 76 -34.68 -43.56 -24.36
CA GLU KA 76 -34.31 -44.12 -23.06
C GLU KA 76 -34.30 -43.06 -21.97
N LEU KA 77 -34.02 -41.81 -22.35
CA LEU KA 77 -34.25 -40.69 -21.45
C LEU KA 77 -35.73 -40.54 -21.12
N HIS KA 78 -36.61 -40.71 -22.11
CA HIS KA 78 -38.05 -40.66 -21.87
C HIS KA 78 -38.54 -41.84 -21.06
N ARG KA 79 -37.84 -42.97 -21.11
CA ARG KA 79 -38.11 -44.05 -20.16
C ARG KA 79 -37.75 -43.64 -18.75
N LYS KA 80 -36.62 -42.95 -18.59
CA LYS KA 80 -36.20 -42.50 -17.27
C LYS KA 80 -37.20 -41.52 -16.67
N LEU KA 81 -37.72 -40.61 -17.52
CA LEU KA 81 -38.72 -39.63 -17.09
C LEU KA 81 -39.97 -40.29 -16.52
N HIS KA 82 -40.37 -41.43 -17.09
CA HIS KA 82 -41.46 -42.20 -16.49
C HIS KA 82 -41.03 -42.94 -15.23
N SER KA 83 -39.75 -43.32 -15.13
CA SER KA 83 -39.31 -44.06 -13.94
C SER KA 83 -39.28 -43.19 -12.68
N GLN KA 84 -38.88 -41.92 -12.79
CA GLN KA 84 -38.83 -41.11 -11.56
C GLN KA 84 -40.21 -40.61 -11.12
N GLY KA 85 -40.94 -39.96 -12.02
CA GLY KA 85 -42.34 -39.59 -11.83
C GLY KA 85 -42.61 -38.64 -10.69
N VAL KA 86 -41.80 -37.59 -10.57
CA VAL KA 86 -41.87 -36.71 -9.40
C VAL KA 86 -41.90 -35.26 -9.89
N LEU KA 87 -41.79 -35.08 -11.20
CA LEU KA 87 -41.87 -33.77 -11.80
C LEU KA 87 -43.32 -33.47 -12.15
N LYS KA 88 -43.77 -32.26 -11.84
CA LYS KA 88 -45.19 -31.94 -11.88
C LYS KA 88 -45.72 -31.89 -13.31
N ASN KA 89 -45.18 -30.99 -14.12
CA ASN KA 89 -45.58 -30.86 -15.51
C ASN KA 89 -44.37 -31.25 -16.35
N LYS KA 90 -44.49 -32.38 -17.04
CA LYS KA 90 -43.43 -32.79 -17.94
C LYS KA 90 -43.63 -32.23 -19.33
N TRP KA 91 -44.84 -31.83 -19.70
CA TRP KA 91 -45.08 -31.24 -21.03
C TRP KA 91 -44.36 -29.91 -21.18
N SER KA 92 -44.39 -29.10 -20.12
CA SER KA 92 -43.98 -27.70 -20.18
C SER KA 92 -42.48 -27.55 -20.37
N ILE KA 93 -41.68 -28.29 -19.58
CA ILE KA 93 -40.25 -28.06 -19.61
C ILE KA 93 -39.65 -28.58 -20.92
N LEU KA 94 -40.13 -29.72 -21.42
CA LEU KA 94 -39.65 -30.21 -22.70
C LEU KA 94 -40.11 -29.34 -23.85
N TYR KA 95 -41.34 -28.81 -23.78
CA TYR KA 95 -41.82 -27.89 -24.80
C TYR KA 95 -41.01 -26.59 -24.80
N LEU KA 96 -40.54 -26.17 -23.62
CA LEU KA 96 -39.74 -24.94 -23.56
C LEU KA 96 -38.34 -25.15 -24.09
N LEU KA 97 -37.67 -26.24 -23.67
CA LEU KA 97 -36.34 -26.53 -24.20
C LEU KA 97 -36.40 -26.86 -25.69
N LEU KA 98 -37.54 -27.37 -26.16
CA LEU KA 98 -37.76 -27.60 -27.58
C LEU KA 98 -37.91 -26.28 -28.32
N SER KA 99 -38.62 -25.32 -27.73
CA SER KA 99 -38.82 -24.03 -28.39
C SER KA 99 -37.52 -23.25 -28.47
N LEU KA 100 -36.64 -23.42 -27.49
CA LEU KA 100 -35.37 -22.73 -27.47
C LEU KA 100 -34.25 -23.52 -28.12
N SER KA 101 -34.58 -24.54 -28.92
CA SER KA 101 -33.56 -25.34 -29.58
C SER KA 101 -32.87 -24.55 -30.69
N GLU KA 102 -31.63 -24.94 -30.96
CA GLU KA 102 -30.81 -24.37 -32.02
C GLU KA 102 -30.49 -25.45 -33.04
N ASP KA 103 -30.47 -25.05 -34.30
CA ASP KA 103 -30.14 -25.96 -35.39
C ASP KA 103 -28.66 -25.83 -35.74
N PRO KA 104 -27.89 -26.93 -35.70
CA PRO KA 104 -26.52 -26.89 -36.21
C PRO KA 104 -26.42 -26.78 -37.72
N ARG KA 105 -27.55 -26.85 -38.45
CA ARG KA 105 -27.65 -26.72 -39.91
C ARG KA 105 -26.82 -27.80 -40.61
N SER KA 113 -40.53 -27.65 -41.82
CA SER KA 113 -40.55 -26.34 -42.46
C SER KA 113 -41.97 -25.83 -42.56
N TYR KA 114 -42.77 -26.52 -43.37
CA TYR KA 114 -44.20 -26.33 -43.47
C TYR KA 114 -44.88 -26.73 -42.16
N ALA KA 115 -46.04 -26.12 -41.90
CA ALA KA 115 -46.82 -26.61 -40.76
C ALA KA 115 -48.32 -26.57 -40.98
N THR KA 116 -48.83 -26.46 -42.22
CA THR KA 116 -50.28 -26.51 -42.44
C THR KA 116 -50.81 -27.91 -42.59
N LEU KA 117 -49.93 -28.90 -42.73
CA LEU KA 117 -50.33 -30.30 -42.66
C LEU KA 117 -50.00 -30.89 -41.29
N PHE KA 118 -49.30 -30.16 -40.44
CA PHE KA 118 -48.92 -30.57 -39.10
C PHE KA 118 -50.09 -30.37 -38.15
N ALA KA 119 -50.18 -31.23 -37.14
CA ALA KA 119 -51.09 -30.97 -36.04
C ALA KA 119 -50.36 -30.37 -34.86
N GLN KA 120 -51.13 -29.67 -34.04
CA GLN KA 120 -50.71 -29.08 -32.79
C GLN KA 120 -51.53 -29.75 -31.67
N ALA KA 121 -51.47 -29.22 -30.47
CA ALA KA 121 -52.35 -29.66 -29.40
C ALA KA 121 -53.80 -29.31 -29.72
N LEU KA 122 -54.71 -30.07 -29.16
CA LEU KA 122 -56.13 -29.83 -29.42
C LEU KA 122 -56.60 -28.57 -28.68
N PRO KA 123 -57.44 -27.75 -29.30
CA PRO KA 123 -57.66 -26.38 -28.81
C PRO KA 123 -58.57 -26.23 -27.62
N ARG KA 124 -58.85 -27.32 -26.88
CA ARG KA 124 -59.84 -27.42 -25.81
C ARG KA 124 -61.23 -27.13 -26.33
N ASP KA 125 -61.51 -27.53 -27.57
CA ASP KA 125 -62.88 -27.60 -28.06
C ASP KA 125 -63.53 -28.92 -27.70
N ALA KA 126 -62.76 -29.85 -27.12
CA ALA KA 126 -63.31 -31.02 -26.45
C ALA KA 126 -63.60 -30.75 -24.97
N HIS KA 127 -63.21 -29.58 -24.48
CA HIS KA 127 -63.44 -29.22 -23.08
C HIS KA 127 -64.92 -28.99 -22.80
N SER KA 128 -65.34 -29.41 -21.61
CA SER KA 128 -66.67 -29.15 -21.09
C SER KA 128 -66.54 -28.52 -19.72
N THR KA 129 -67.60 -27.83 -19.28
CA THR KA 129 -67.60 -27.26 -17.95
C THR KA 129 -67.86 -28.36 -16.92
N ASN LA 17 -44.68 22.08 -8.04
CA ASN LA 17 -44.62 20.91 -7.18
C ASN LA 17 -45.86 20.82 -6.28
N LEU LA 18 -46.47 21.98 -5.98
CA LEU LA 18 -47.71 22.00 -5.21
C LEU LA 18 -48.87 21.42 -6.01
N ASN LA 19 -48.85 21.56 -7.33
CA ASN LA 19 -49.82 20.85 -8.16
C ASN LA 19 -49.50 19.36 -8.23
N ALA LA 20 -48.21 19.03 -8.15
CA ALA LA 20 -47.79 17.64 -8.31
C ALA LA 20 -48.13 16.80 -7.09
N VAL LA 21 -48.01 17.37 -5.89
CA VAL LA 21 -48.34 16.61 -4.68
C VAL LA 21 -49.83 16.35 -4.55
N ARG LA 22 -50.67 17.21 -5.14
CA ARG LA 22 -52.10 16.94 -5.17
C ARG LA 22 -52.42 15.79 -6.12
N GLU LA 23 -51.79 15.78 -7.30
CA GLU LA 23 -51.98 14.68 -8.26
C GLU LA 23 -51.41 13.37 -7.70
N THR LA 24 -50.30 13.44 -6.96
CA THR LA 24 -49.78 12.20 -6.41
C THR LA 24 -50.63 11.70 -5.25
N MET LA 25 -51.27 12.63 -4.53
CA MET LA 25 -52.24 12.24 -3.51
C MET LA 25 -53.48 11.59 -4.13
N ASP LA 26 -53.89 12.07 -5.31
CA ASP LA 26 -55.07 11.48 -5.97
C ASP LA 26 -54.75 10.17 -6.67
N VAL LA 27 -53.51 9.99 -7.14
CA VAL LA 27 -53.18 8.70 -7.75
C VAL LA 27 -52.96 7.66 -6.66
N LEU LA 28 -52.51 8.10 -5.49
CA LEU LA 28 -52.35 7.22 -4.34
C LEU LA 28 -53.68 6.65 -3.79
N LEU LA 29 -54.83 7.27 -4.11
CA LEU LA 29 -56.09 6.81 -3.50
C LEU LA 29 -56.51 5.43 -4.01
N GLU LA 30 -56.26 5.15 -5.29
CA GLU LA 30 -56.83 3.95 -5.91
C GLU LA 30 -56.18 2.67 -5.42
N ILE LA 31 -54.86 2.68 -5.22
CA ILE LA 31 -54.16 1.47 -4.77
C ILE LA 31 -54.38 1.20 -3.29
N SER LA 32 -54.89 2.18 -2.54
CA SER LA 32 -55.38 1.92 -1.20
C SER LA 32 -56.86 1.55 -1.19
N ARG LA 33 -57.57 1.82 -2.29
CA ARG LA 33 -58.95 1.34 -2.38
C ARG LA 33 -59.05 -0.09 -2.92
N ILE LA 34 -58.28 -0.43 -3.96
CA ILE LA 34 -58.46 -1.71 -4.64
C ILE LA 34 -57.70 -2.83 -3.94
N LEU LA 35 -56.79 -2.52 -3.03
CA LEU LA 35 -56.07 -3.56 -2.33
C LEU LA 35 -56.79 -4.04 -1.07
N ASN LA 36 -57.98 -3.50 -0.82
CA ASN LA 36 -58.78 -3.79 0.37
C ASN LA 36 -57.99 -3.50 1.64
N THR LA 37 -57.44 -2.31 1.70
CA THR LA 37 -56.82 -1.83 2.91
C THR LA 37 -57.88 -1.24 3.83
N GLY LA 38 -57.47 -0.93 5.05
CA GLY LA 38 -58.35 -0.24 5.96
C GLY LA 38 -58.46 1.24 5.73
N LEU LA 39 -57.70 1.78 4.78
CA LEU LA 39 -57.71 3.21 4.54
C LEU LA 39 -58.77 3.64 3.54
N ASP LA 40 -59.38 4.78 3.85
CA ASP LA 40 -60.10 5.65 2.97
C ASP LA 40 -59.34 6.98 2.96
N MET LA 41 -59.96 8.04 2.43
CA MET LA 41 -59.29 9.33 2.24
C MET LA 41 -58.73 9.95 3.53
N GLU LA 42 -59.43 9.80 4.67
CA GLU LA 42 -59.01 10.48 5.90
C GLU LA 42 -57.78 9.85 6.53
N THR LA 43 -57.81 8.51 6.66
CA THR LA 43 -56.64 7.74 7.08
C THR LA 43 -55.48 7.86 6.12
N LEU LA 44 -55.76 7.99 4.82
CA LEU LA 44 -54.70 8.26 3.87
C LEU LA 44 -54.05 9.61 4.15
N SER LA 45 -54.85 10.64 4.46
CA SER LA 45 -54.30 11.96 4.73
C SER LA 45 -53.47 11.97 6.01
N ILE LA 46 -53.96 11.28 7.05
CA ILE LA 46 -53.21 11.16 8.29
C ILE LA 46 -51.91 10.42 8.06
N CYS LA 47 -51.98 9.24 7.40
CA CYS LA 47 -50.81 8.40 7.21
C CYS LA 47 -49.80 9.01 6.24
N VAL LA 48 -50.24 9.80 5.25
CA VAL LA 48 -49.28 10.44 4.35
C VAL LA 48 -48.58 11.58 5.08
N ARG LA 49 -49.28 12.23 6.02
CA ARG LA 49 -48.59 13.26 6.79
C ARG LA 49 -47.62 12.64 7.80
N LEU LA 50 -47.96 11.46 8.32
CA LEU LA 50 -47.04 10.77 9.24
C LEU LA 50 -45.80 10.25 8.51
N CYS LA 51 -45.96 9.74 7.28
CA CYS LA 51 -44.82 9.14 6.57
C CYS LA 51 -43.82 10.19 6.09
N GLU LA 52 -44.27 11.44 5.92
CA GLU LA 52 -43.37 12.50 5.49
C GLU LA 52 -42.35 12.84 6.58
N GLN LA 53 -42.66 12.58 7.84
CA GLN LA 53 -41.69 12.75 8.92
C GLN LA 53 -40.51 11.80 8.76
N GLY LA 54 -40.79 10.52 8.56
CA GLY LA 54 -39.76 9.51 8.55
C GLY LA 54 -40.15 8.34 9.42
N ILE LA 55 -41.42 8.30 9.82
CA ILE LA 55 -41.89 7.25 10.72
C ILE LA 55 -42.01 5.93 9.96
N ASN LA 56 -41.61 4.86 10.63
CA ASN LA 56 -41.63 3.51 10.08
C ASN LA 56 -43.05 3.02 9.81
N PRO LA 57 -43.35 2.53 8.60
CA PRO LA 57 -44.73 2.09 8.30
C PRO LA 57 -45.10 0.72 8.86
N GLU LA 58 -44.12 -0.15 9.07
CA GLU LA 58 -44.37 -1.48 9.63
C GLU LA 58 -44.93 -1.41 11.05
N ALA LA 59 -44.72 -0.29 11.74
CA ALA LA 59 -45.33 -0.08 13.04
C ALA LA 59 -46.74 0.50 12.92
N LEU LA 60 -46.98 1.32 11.89
CA LEU LA 60 -48.31 1.89 11.67
C LEU LA 60 -49.33 0.83 11.29
N SER LA 61 -48.85 -0.28 10.73
CA SER LA 61 -49.68 -1.46 10.50
C SER LA 61 -50.49 -1.88 11.71
N SER LA 62 -49.83 -1.94 12.87
CA SER LA 62 -50.46 -2.43 14.08
C SER LA 62 -51.46 -1.46 14.66
N VAL LA 63 -51.19 -0.14 14.61
CA VAL LA 63 -52.14 0.80 15.19
C VAL LA 63 -53.40 0.89 14.32
N ILE LA 64 -53.27 0.71 12.99
CA ILE LA 64 -54.49 0.69 12.18
C ILE LA 64 -55.25 -0.62 12.39
N LYS LA 65 -54.52 -1.75 12.44
CA LYS LA 65 -55.15 -3.06 12.65
C LYS LA 65 -55.77 -3.20 14.04
N GLU LA 66 -55.37 -2.38 15.00
CA GLU LA 66 -55.97 -2.42 16.33
C GLU LA 66 -57.07 -1.38 16.52
N LEU LA 67 -57.00 -0.22 15.85
CA LEU LA 67 -58.13 0.70 15.84
C LEU LA 67 -59.34 0.06 15.18
N ARG LA 68 -59.11 -0.74 14.13
CA ARG LA 68 -60.26 -1.42 13.52
C ARG LA 68 -60.71 -2.65 14.31
N LYS LA 69 -59.90 -3.15 15.25
CA LYS LA 69 -60.24 -4.32 16.03
C LYS LA 69 -61.01 -3.96 17.31
N ALA LA 70 -60.58 -2.87 17.95
CA ALA LA 70 -61.07 -2.54 19.29
C ALA LA 70 -62.54 -2.14 19.29
N THR LA 71 -63.04 -1.62 18.16
CA THR LA 71 -64.47 -1.33 18.07
C THR LA 71 -65.29 -2.62 17.96
N GLU LA 72 -64.76 -3.63 17.26
CA GLU LA 72 -65.46 -4.90 17.13
C GLU LA 72 -65.46 -5.68 18.42
N ALA LA 73 -64.46 -5.47 19.28
CA ALA LA 73 -64.46 -6.11 20.59
C ALA LA 73 -65.59 -5.61 21.50
N LEU LA 74 -66.07 -4.38 21.28
CA LEU LA 74 -67.16 -3.86 22.11
C LEU LA 74 -68.50 -4.47 21.71
N LYS LA 75 -68.68 -4.76 20.43
CA LYS LA 75 -69.90 -5.40 19.95
C LYS LA 75 -69.82 -6.91 20.17
N LEU MA 64 -35.39 -4.65 -2.45
CA LEU MA 64 -36.64 -4.80 -3.20
C LEU MA 64 -37.30 -3.44 -3.38
N PRO MA 65 -37.48 -3.02 -4.65
CA PRO MA 65 -38.03 -1.69 -4.94
C PRO MA 65 -39.47 -1.47 -4.53
N ALA MA 66 -39.95 -0.25 -4.76
CA ALA MA 66 -41.33 0.14 -4.46
C ALA MA 66 -42.28 -0.15 -5.61
N ARG MA 67 -41.87 0.11 -6.85
CA ARG MA 67 -42.75 -0.09 -7.98
C ARG MA 67 -42.89 -1.56 -8.35
N ASN MA 68 -41.89 -2.38 -7.97
CA ASN MA 68 -41.98 -3.82 -8.19
C ASN MA 68 -43.07 -4.46 -7.34
N LYS MA 69 -43.28 -3.93 -6.13
CA LYS MA 69 -44.28 -4.48 -5.25
C LYS MA 69 -45.70 -4.20 -5.75
N ILE MA 70 -45.90 -3.16 -6.56
CA ILE MA 70 -47.20 -3.01 -7.21
C ILE MA 70 -47.34 -3.99 -8.38
N LEU MA 71 -46.23 -4.29 -9.07
CA LEU MA 71 -46.25 -5.20 -10.22
C LEU MA 71 -46.56 -6.63 -9.81
N MET MA 72 -46.04 -7.05 -8.65
CA MET MA 72 -46.30 -8.41 -8.17
C MET MA 72 -47.77 -8.64 -7.84
N LEU MA 73 -48.52 -7.57 -7.62
CA LEU MA 73 -49.95 -7.68 -7.38
C LEU MA 73 -50.75 -7.36 -8.64
N SER MA 74 -50.12 -6.75 -9.64
CA SER MA 74 -50.71 -6.72 -10.98
C SER MA 74 -50.84 -8.12 -11.56
N PHE MA 75 -49.80 -8.94 -11.36
CA PHE MA 75 -49.86 -10.35 -11.77
C PHE MA 75 -51.06 -11.05 -11.12
N ASP MA 76 -51.20 -10.90 -9.81
CA ASP MA 76 -52.29 -11.52 -9.07
C ASP MA 76 -53.66 -10.92 -9.43
N LEU MA 77 -53.68 -9.70 -9.95
CA LEU MA 77 -54.88 -9.24 -10.63
C LEU MA 77 -55.15 -10.08 -11.87
N ARG MA 78 -54.13 -10.24 -12.72
CA ARG MA 78 -54.28 -10.93 -14.01
C ARG MA 78 -54.68 -12.39 -13.88
N VAL MA 79 -54.39 -13.03 -12.73
CA VAL MA 79 -54.75 -14.44 -12.58
C VAL MA 79 -56.27 -14.62 -12.53
N GLY MA 80 -56.98 -13.68 -11.90
CA GLY MA 80 -58.40 -13.85 -11.65
C GLY MA 80 -59.26 -13.12 -12.64
N GLY MA 81 -58.81 -13.04 -13.89
CA GLY MA 81 -59.51 -12.21 -14.87
C GLY MA 81 -59.10 -10.76 -14.73
N LEU MA 82 -59.96 -9.86 -15.22
CA LEU MA 82 -59.82 -8.40 -15.09
C LEU MA 82 -58.50 -7.89 -15.66
N GLY MA 83 -58.34 -8.12 -16.97
CA GLY MA 83 -57.20 -7.65 -17.72
C GLY MA 83 -56.99 -6.14 -17.72
N PRO MA 84 -57.98 -5.36 -18.19
CA PRO MA 84 -57.81 -3.89 -18.24
C PRO MA 84 -57.59 -3.21 -16.90
N LYS MA 85 -58.02 -3.81 -15.78
CA LYS MA 85 -57.68 -3.26 -14.47
C LYS MA 85 -56.18 -3.32 -14.20
N ALA MA 86 -55.56 -4.47 -14.53
CA ALA MA 86 -54.11 -4.57 -14.45
C ALA MA 86 -53.42 -3.70 -15.49
N ASP MA 87 -54.04 -3.55 -16.67
CA ASP MA 87 -53.53 -2.62 -17.66
C ASP MA 87 -53.59 -1.17 -17.22
N ARG MA 88 -54.54 -0.79 -16.36
CA ARG MA 88 -54.54 0.55 -15.76
C ARG MA 88 -53.48 0.64 -14.66
N LEU MA 89 -53.34 -0.42 -13.86
CA LEU MA 89 -52.32 -0.41 -12.80
C LEU MA 89 -50.94 -0.18 -13.39
N GLU MA 90 -50.63 -0.81 -14.52
CA GLU MA 90 -49.32 -0.60 -15.11
C GLU MA 90 -49.16 0.77 -15.76
N GLU MA 91 -50.27 1.45 -16.10
CA GLU MA 91 -50.15 2.86 -16.46
C GLU MA 91 -49.91 3.70 -15.22
N LEU MA 92 -50.29 3.20 -14.06
CA LEU MA 92 -50.11 3.92 -12.81
C LEU MA 92 -48.68 3.77 -12.26
N VAL MA 93 -48.04 2.60 -12.41
CA VAL MA 93 -46.71 2.32 -11.85
C VAL MA 93 -45.59 3.16 -12.50
N GLU MA 94 -45.78 3.64 -13.73
CA GLU MA 94 -44.72 4.48 -14.30
C GLU MA 94 -44.71 5.87 -13.69
N GLU MA 95 -45.87 6.40 -13.27
CA GLU MA 95 -45.86 7.68 -12.58
C GLU MA 95 -45.63 7.55 -11.08
N LEU MA 96 -45.86 6.38 -10.48
CA LEU MA 96 -45.58 6.22 -9.05
C LEU MA 96 -44.09 6.24 -8.74
N GLU MA 97 -43.27 5.74 -9.65
CA GLU MA 97 -41.84 5.98 -9.62
C GLU MA 97 -41.32 5.83 -11.05
N ALA MA 98 -40.83 6.93 -11.60
CA ALA MA 98 -40.28 6.91 -12.95
C ALA MA 98 -38.90 6.26 -12.92
N VAL MA 107 -43.79 9.52 -0.24
CA VAL MA 107 -44.89 8.79 -0.86
C VAL MA 107 -44.49 7.33 -1.02
N GLY MA 108 -43.19 7.09 -1.19
CA GLY MA 108 -42.70 5.73 -1.32
C GLY MA 108 -42.93 4.89 -0.09
N SER MA 109 -42.94 5.52 1.10
CA SER MA 109 -43.14 4.82 2.35
C SER MA 109 -44.60 4.52 2.66
N VAL MA 110 -45.54 4.97 1.83
CA VAL MA 110 -46.96 4.70 2.06
C VAL MA 110 -47.34 3.35 1.49
N LEU MA 111 -46.78 3.02 0.32
CA LEU MA 111 -47.13 1.79 -0.35
C LEU MA 111 -46.59 0.56 0.39
N ASP MA 112 -45.47 0.72 1.11
CA ASP MA 112 -45.03 -0.31 2.04
C ASP MA 112 -46.01 -0.51 3.20
N LEU MA 113 -46.80 0.50 3.55
CA LEU MA 113 -47.94 0.29 4.43
C LEU MA 113 -49.13 -0.32 3.70
N LEU MA 114 -49.20 -0.16 2.39
CA LEU MA 114 -50.35 -0.72 1.68
C LEU MA 114 -50.26 -2.22 1.51
N VAL MA 115 -49.05 -2.79 1.49
CA VAL MA 115 -48.92 -4.24 1.34
C VAL MA 115 -49.22 -5.01 2.63
N GLN MA 116 -49.08 -4.40 3.81
CA GLN MA 116 -49.45 -5.12 5.03
C GLN MA 116 -50.95 -5.11 5.29
N LEU MA 117 -51.67 -4.15 4.71
CA LEU MA 117 -53.12 -4.11 4.83
C LEU MA 117 -53.79 -4.74 3.63
N ALA MA 118 -53.04 -5.46 2.81
CA ALA MA 118 -53.50 -5.98 1.53
C ALA MA 118 -54.44 -7.16 1.70
N GLY MA 119 -55.73 -6.86 1.87
CA GLY MA 119 -56.74 -7.88 2.02
C GLY MA 119 -57.22 -8.08 3.45
N SER MA 120 -56.89 -7.18 4.37
CA SER MA 120 -57.35 -7.29 5.74
C SER MA 120 -58.32 -6.17 6.12
N GLY MA 121 -58.75 -5.37 5.16
CA GLY MA 121 -59.66 -4.28 5.42
C GLY MA 121 -61.10 -4.73 5.52
N PRO MA 122 -62.03 -3.77 5.55
CA PRO MA 122 -63.45 -4.13 5.61
C PRO MA 122 -64.01 -4.40 4.21
N PRO MA 123 -64.94 -5.35 4.07
CA PRO MA 123 -65.49 -5.71 2.76
C PRO MA 123 -66.41 -4.65 2.18
N ARG MA 130 -75.50 -2.79 -16.56
CA ARG MA 130 -74.24 -3.39 -17.02
C ARG MA 130 -73.50 -2.48 -18.00
N ASP MA 131 -72.44 -2.99 -18.62
CA ASP MA 131 -71.75 -2.26 -19.68
C ASP MA 131 -72.18 -2.81 -21.04
N TYR MA 132 -72.31 -1.92 -22.02
CA TYR MA 132 -72.62 -2.23 -23.41
C TYR MA 132 -71.39 -2.40 -24.29
N PHE MA 133 -70.20 -2.26 -23.71
CA PHE MA 133 -68.97 -2.72 -24.34
C PHE MA 133 -68.45 -3.83 -23.43
N LEU MA 134 -69.04 -5.02 -23.50
CA LEU MA 134 -68.28 -6.21 -23.10
C LEU MA 134 -68.33 -7.30 -24.17
N ASN MA 135 -69.53 -7.86 -24.38
CA ASN MA 135 -69.73 -9.02 -25.26
C ASN MA 135 -70.70 -8.68 -26.38
N ASN MA 136 -70.87 -7.39 -26.64
CA ASN MA 136 -71.67 -6.90 -27.74
C ASN MA 136 -70.75 -6.46 -28.87
N LYS MA 137 -71.22 -6.66 -30.10
CA LYS MA 137 -70.48 -6.19 -31.27
C LYS MA 137 -71.37 -5.40 -32.21
N HIS MA 138 -72.55 -4.97 -31.76
CA HIS MA 138 -73.47 -4.19 -32.57
C HIS MA 138 -73.29 -2.69 -32.37
N VAL MA 139 -72.34 -2.28 -31.54
CA VAL MA 139 -71.99 -0.88 -31.38
C VAL MA 139 -70.59 -0.68 -31.93
N GLY MA 140 -70.26 0.58 -32.15
CA GLY MA 140 -68.99 0.91 -32.76
C GLY MA 140 -69.19 1.47 -34.14
N ARG MA 141 -68.28 2.37 -34.55
CA ARG MA 141 -68.31 2.87 -35.91
C ARG MA 141 -67.85 1.80 -36.88
N ASN MA 142 -66.97 0.92 -36.43
CA ASN MA 142 -66.66 -0.37 -37.05
C ASN MA 142 -66.34 -1.32 -35.90
N VAL MA 143 -66.54 -2.61 -36.13
CA VAL MA 143 -66.06 -3.59 -35.15
C VAL MA 143 -65.03 -4.49 -35.82
N PRO MA 144 -64.05 -4.99 -35.06
CA PRO MA 144 -63.22 -6.08 -35.58
C PRO MA 144 -64.00 -7.38 -35.57
N TYR MA 145 -63.85 -8.14 -36.65
CA TYR MA 145 -64.51 -9.43 -36.79
C TYR MA 145 -63.65 -10.51 -36.14
N SER MA 146 -64.25 -11.26 -35.20
CA SER MA 146 -63.50 -12.24 -34.42
C SER MA 146 -64.13 -13.63 -34.47
N GLY MA 147 -65.03 -13.86 -35.42
CA GLY MA 147 -65.70 -15.14 -35.58
C GLY MA 147 -66.69 -15.45 -34.48
N TYR MA 148 -67.32 -16.63 -34.57
CA TYR MA 148 -68.07 -17.18 -33.45
C TYR MA 148 -67.10 -17.48 -32.29
N ASP MA 149 -67.50 -17.10 -31.08
CA ASP MA 149 -66.92 -17.71 -29.90
C ASP MA 149 -68.04 -18.50 -29.22
N CYS MA 150 -69.07 -17.78 -28.78
CA CYS MA 150 -70.29 -18.29 -28.15
C CYS MA 150 -70.01 -19.31 -27.04
N ASP MA 151 -69.06 -18.95 -26.18
CA ASP MA 151 -68.87 -19.68 -24.92
C ASP MA 151 -68.57 -18.67 -23.81
N ASP MA 152 -68.72 -17.39 -24.14
CA ASP MA 152 -68.73 -16.34 -23.13
C ASP MA 152 -70.15 -15.90 -22.83
N LEU MA 153 -71.14 -16.47 -23.52
CA LEU MA 153 -72.54 -16.27 -23.16
C LEU MA 153 -72.89 -17.02 -21.88
N SER MA 154 -72.06 -17.99 -21.48
CA SER MA 154 -72.23 -18.64 -20.19
C SER MA 154 -71.68 -17.80 -19.05
N VAL MA 155 -70.68 -16.95 -19.31
CA VAL MA 155 -70.20 -16.02 -18.31
C VAL MA 155 -70.82 -14.64 -18.49
N PHE MA 156 -71.80 -14.53 -19.37
CA PHE MA 156 -72.78 -13.46 -19.31
C PHE MA 156 -73.97 -13.87 -18.43
N GLU MA 157 -74.11 -15.16 -18.15
CA GLU MA 157 -75.12 -15.59 -17.19
C GLU MA 157 -74.64 -15.41 -15.75
N MET MA 158 -73.34 -15.53 -15.50
CA MET MA 158 -72.81 -15.18 -14.19
C MET MA 158 -72.91 -13.68 -13.92
N ASP MA 159 -72.83 -12.87 -14.99
CA ASP MA 159 -73.06 -11.44 -14.96
C ASP MA 159 -74.44 -11.09 -14.41
N VAL MA 160 -75.42 -11.98 -14.57
CA VAL MA 160 -76.75 -11.82 -14.00
C VAL MA 160 -76.91 -12.64 -12.72
N GLN MA 161 -76.25 -13.80 -12.66
CA GLN MA 161 -76.35 -14.71 -11.53
C GLN MA 161 -75.84 -14.07 -10.24
N SER MA 162 -74.83 -13.20 -10.34
CA SER MA 162 -74.38 -12.48 -9.16
C SER MA 162 -75.44 -11.52 -8.64
N LEU MA 163 -76.25 -10.96 -9.55
CA LEU MA 163 -77.33 -10.07 -9.13
C LEU MA 163 -78.45 -10.84 -8.45
N ILE MA 164 -78.93 -11.92 -9.09
CA ILE MA 164 -80.07 -12.61 -8.49
C ILE MA 164 -79.69 -13.44 -7.28
N SER MA 165 -78.40 -13.78 -7.12
CA SER MA 165 -77.96 -14.42 -5.89
C SER MA 165 -77.69 -13.42 -4.78
N ARG MA 166 -77.60 -12.13 -5.09
CA ARG MA 166 -77.60 -11.13 -4.04
C ARG MA 166 -79.01 -10.89 -3.52
N GLU MA 167 -79.98 -10.84 -4.43
CA GLU MA 167 -81.36 -10.54 -4.08
C GLU MA 167 -82.09 -11.72 -3.45
N GLU MA 168 -81.46 -12.88 -3.35
CA GLU MA 168 -81.97 -13.97 -2.52
C GLU MA 168 -81.21 -14.13 -1.21
N CYS MA 169 -79.95 -13.69 -1.16
CA CYS MA 169 -79.26 -13.59 0.12
C CYS MA 169 -79.87 -12.50 1.00
N LEU MA 170 -80.43 -11.45 0.39
CA LEU MA 170 -81.10 -10.41 1.16
C LEU MA 170 -82.33 -10.96 1.87
N CYS MA 171 -83.13 -11.74 1.16
CA CYS MA 171 -84.35 -12.37 1.67
C CYS MA 171 -84.07 -13.43 2.73
N HIS MA 172 -82.84 -13.96 2.78
CA HIS MA 172 -82.45 -14.86 3.86
C HIS MA 172 -82.08 -14.11 5.12
N SER MA 173 -81.53 -12.90 5.00
CA SER MA 173 -81.19 -12.06 6.14
C SER MA 173 -82.30 -11.10 6.52
N MET MA 174 -83.45 -11.19 5.85
CA MET MA 174 -84.64 -10.45 6.24
C MET MA 174 -85.67 -11.32 6.94
N ILE MA 175 -85.72 -12.61 6.61
CA ILE MA 175 -86.58 -13.55 7.33
C ILE MA 175 -85.94 -13.96 8.66
N GLN MA 176 -84.61 -13.86 8.76
CA GLN MA 176 -83.91 -14.31 9.95
C GLN MA 176 -84.03 -13.29 11.08
N GLU MA 177 -83.79 -12.01 10.76
CA GLU MA 177 -83.74 -10.96 11.76
C GLU MA 177 -85.10 -10.69 12.41
N THR MA 178 -86.20 -11.16 11.81
CA THR MA 178 -87.52 -10.92 12.36
C THR MA 178 -88.17 -12.20 12.88
N LEU MA 179 -87.81 -13.37 12.36
CA LEU MA 179 -88.19 -14.59 13.06
C LEU MA 179 -87.40 -14.78 14.34
N GLN MA 180 -86.22 -14.14 14.45
CA GLN MA 180 -85.51 -14.15 15.71
C GLN MA 180 -86.15 -13.24 16.74
N VAL MA 181 -87.06 -12.35 16.37
CA VAL MA 181 -87.78 -11.54 17.33
C VAL MA 181 -89.19 -12.05 17.55
N MET MA 182 -89.77 -12.74 16.55
CA MET MA 182 -91.07 -13.40 16.77
C MET MA 182 -90.91 -14.56 17.73
N GLU MA 183 -89.77 -15.24 17.67
CA GLU MA 183 -89.50 -16.40 18.50
C GLU MA 183 -88.18 -16.20 19.22
N ALA MA 184 -88.25 -16.11 20.54
CA ALA MA 184 -87.11 -16.02 21.46
C ALA MA 184 -87.66 -16.24 22.86
N ALA MA 185 -86.76 -16.36 23.83
CA ALA MA 185 -87.18 -16.37 25.22
C ALA MA 185 -87.75 -15.01 25.60
N PRO MA 186 -88.84 -14.95 26.35
CA PRO MA 186 -89.41 -13.65 26.74
C PRO MA 186 -88.51 -12.91 27.72
N GLY MA 187 -88.62 -11.59 27.72
CA GLY MA 187 -87.78 -10.75 28.54
C GLY MA 187 -86.48 -10.35 27.92
N THR MA 188 -86.21 -10.79 26.68
CA THR MA 188 -84.98 -10.44 25.99
C THR MA 188 -85.18 -9.41 24.89
N GLY MA 189 -86.43 -9.06 24.58
CA GLY MA 189 -86.71 -8.02 23.61
C GLY MA 189 -86.96 -6.66 24.20
N LEU MA 190 -86.86 -6.52 25.51
CA LEU MA 190 -87.05 -5.26 26.23
C LEU MA 190 -86.14 -5.29 27.47
N PRO MA 191 -85.13 -4.42 27.55
CA PRO MA 191 -84.25 -4.46 28.73
C PRO MA 191 -84.90 -3.91 30.00
N THR MA 192 -86.02 -3.19 29.89
CA THR MA 192 -86.71 -2.70 31.08
C THR MA 192 -87.45 -3.83 31.80
N VAL MA 193 -87.76 -4.92 31.09
CA VAL MA 193 -88.32 -6.11 31.71
C VAL MA 193 -87.23 -6.94 32.40
N GLY MA 194 -85.96 -6.70 32.03
CA GLY MA 194 -84.83 -7.21 32.78
C GLY MA 194 -84.60 -6.58 34.13
N LEU MA 195 -85.43 -5.62 34.53
CA LEU MA 195 -85.47 -5.08 35.88
C LEU MA 195 -86.85 -5.35 36.46
N LEU NA 150 -98.48 -6.95 -41.31
CA LEU NA 150 -97.86 -8.18 -41.81
C LEU NA 150 -97.86 -8.18 -43.33
N GLN NA 151 -99.07 -8.22 -43.89
CA GLN NA 151 -99.24 -8.14 -45.33
C GLN NA 151 -98.88 -6.75 -45.86
N GLN NA 152 -98.97 -5.75 -45.00
CA GLN NA 152 -98.91 -4.36 -45.47
C GLN NA 152 -97.47 -3.91 -45.71
N SER NA 153 -96.51 -4.50 -44.99
CA SER NA 153 -95.15 -3.97 -44.98
C SER NA 153 -94.44 -4.22 -46.32
N LEU NA 154 -94.76 -5.35 -46.97
CA LEU NA 154 -94.06 -5.76 -48.18
C LEU NA 154 -94.30 -4.77 -49.33
N GLU NA 155 -95.47 -4.15 -49.34
CA GLU NA 155 -95.80 -3.10 -50.31
C GLU NA 155 -94.91 -1.88 -50.16
N LEU NA 156 -94.97 -1.31 -48.95
CA LEU NA 156 -94.21 -0.12 -48.57
C LEU NA 156 -92.73 -0.24 -48.85
N LYS NA 157 -92.19 -1.44 -48.61
CA LYS NA 157 -90.75 -1.66 -48.80
C LYS NA 157 -90.33 -1.48 -50.25
N ARG NA 158 -91.09 -2.05 -51.19
CA ARG NA 158 -90.73 -1.94 -52.61
C ARG NA 158 -90.92 -0.51 -53.13
N LYS NA 159 -92.03 0.13 -52.72
CA LYS NA 159 -92.29 1.50 -53.15
C LYS NA 159 -91.21 2.45 -52.65
N MET NA 160 -90.71 2.23 -51.43
CA MET NA 160 -89.62 3.04 -50.93
C MET NA 160 -88.29 2.69 -51.60
N LEU NA 161 -88.14 1.42 -51.99
CA LEU NA 161 -86.87 0.94 -52.55
C LEU NA 161 -86.55 1.61 -53.87
N ARG NA 162 -87.58 1.86 -54.68
CA ARG NA 162 -87.33 2.45 -56.00
C ARG NA 162 -86.79 3.89 -55.89
N ASP NA 163 -87.18 4.61 -54.83
CA ASP NA 163 -86.88 6.04 -54.70
C ASP NA 163 -85.40 6.31 -54.50
N LYS NA 164 -84.80 5.69 -53.48
CA LYS NA 164 -83.40 5.93 -53.15
C LYS NA 164 -82.47 5.34 -54.20
N GLN NA 165 -82.93 4.33 -54.92
CA GLN NA 165 -82.18 3.73 -56.00
C GLN NA 165 -82.09 4.67 -57.19
N ASN NA 166 -83.21 5.30 -57.55
CA ASN NA 166 -83.18 6.30 -58.62
C ASN NA 166 -82.41 7.55 -58.19
N LYS NA 167 -82.55 7.95 -56.93
CA LYS NA 167 -82.11 9.28 -56.49
C LYS NA 167 -80.59 9.41 -56.50
N LYS NA 168 -79.87 8.43 -55.96
CA LYS NA 168 -78.43 8.49 -55.82
C LYS NA 168 -77.78 7.58 -56.87
N ASN NA 169 -76.78 8.12 -57.57
CA ASN NA 169 -76.12 7.40 -58.65
C ASN NA 169 -74.92 6.58 -58.19
N SER NA 170 -74.53 6.69 -56.93
CA SER NA 170 -73.62 5.74 -56.30
C SER NA 170 -74.39 4.66 -55.55
N GLY NA 171 -75.67 4.90 -55.27
CA GLY NA 171 -76.58 3.88 -54.77
C GLY NA 171 -77.37 3.18 -55.85
N GLN NA 172 -76.70 2.34 -56.65
CA GLN NA 172 -77.36 1.57 -57.70
C GLN NA 172 -77.40 0.10 -57.31
N HIS NA 173 -78.49 -0.58 -57.70
CA HIS NA 173 -78.81 -1.97 -57.32
C HIS NA 173 -78.79 -2.16 -55.81
N LEU NA 174 -79.55 -1.33 -55.16
CA LEU NA 174 -79.72 -1.40 -53.73
C LEU NA 174 -80.50 -2.66 -53.35
N PRO NA 175 -79.89 -3.59 -52.58
CA PRO NA 175 -80.45 -4.95 -52.49
C PRO NA 175 -81.59 -5.11 -51.50
N ILE NA 176 -82.14 -6.32 -51.41
CA ILE NA 176 -83.11 -6.68 -50.38
C ILE NA 176 -82.79 -8.09 -49.90
N PHE NA 177 -83.14 -8.35 -48.64
CA PHE NA 177 -83.11 -9.70 -48.11
C PHE NA 177 -84.20 -10.54 -48.76
N PRO NA 178 -84.02 -11.88 -48.84
CA PRO NA 178 -85.06 -12.75 -49.41
C PRO NA 178 -86.38 -12.76 -48.64
N ALA NA 179 -87.40 -13.40 -49.23
CA ALA NA 179 -88.76 -13.28 -48.73
C ALA NA 179 -88.97 -14.10 -47.45
N TRP NA 180 -88.28 -15.23 -47.34
CA TRP NA 180 -88.45 -16.10 -46.18
C TRP NA 180 -87.95 -15.46 -44.90
N VAL NA 181 -87.03 -14.49 -45.02
CA VAL NA 181 -86.53 -13.75 -43.86
C VAL NA 181 -87.65 -12.95 -43.21
N TYR NA 182 -88.55 -12.40 -44.02
CA TYR NA 182 -89.69 -11.65 -43.51
C TYR NA 182 -90.87 -12.53 -43.17
N GLU NA 183 -91.08 -13.63 -43.90
CA GLU NA 183 -92.34 -14.36 -43.80
C GLU NA 183 -92.44 -15.18 -42.51
N ARG NA 184 -91.41 -15.97 -42.20
CA ARG NA 184 -91.61 -16.97 -41.16
C ARG NA 184 -91.19 -16.43 -39.79
N PRO NA 185 -92.05 -16.58 -38.76
CA PRO NA 185 -91.74 -15.99 -37.45
C PRO NA 185 -90.92 -16.91 -36.54
N ALA NA 186 -90.36 -18.00 -37.10
CA ALA NA 186 -89.46 -18.87 -36.37
C ALA NA 186 -88.03 -18.35 -36.40
N LEU NA 187 -87.82 -17.17 -36.95
CA LEU NA 187 -86.51 -16.53 -36.97
C LEU NA 187 -86.40 -15.46 -35.90
N ILE NA 188 -87.45 -15.25 -35.10
CA ILE NA 188 -87.39 -14.49 -33.86
C ILE NA 188 -87.94 -15.37 -32.74
N GLY NA 189 -87.84 -14.86 -31.50
CA GLY NA 189 -88.41 -15.55 -30.36
C GLY NA 189 -89.93 -15.53 -30.30
N ASP NA 190 -90.54 -14.56 -30.99
CA ASP NA 190 -92.00 -14.42 -31.06
C ASP NA 190 -92.55 -15.43 -32.05
N PHE NA 191 -93.03 -16.55 -31.53
CA PHE NA 191 -93.62 -17.61 -32.35
C PHE NA 191 -95.02 -17.19 -32.83
N THR NA 201 -101.84 -32.97 -19.09
CA THR NA 201 -100.90 -31.86 -19.25
C THR NA 201 -101.65 -30.56 -19.55
N ALA NA 202 -102.20 -30.47 -20.76
CA ALA NA 202 -102.98 -29.30 -21.18
C ALA NA 202 -104.42 -29.52 -20.72
N LEU NA 203 -104.78 -28.91 -19.60
CA LEU NA 203 -106.07 -29.06 -18.97
C LEU NA 203 -106.58 -27.68 -18.56
N PRO NA 204 -107.88 -27.50 -18.37
CA PRO NA 204 -108.36 -26.25 -17.78
C PRO NA 204 -107.97 -26.16 -16.32
N ILE NA 205 -107.11 -25.19 -16.01
CA ILE NA 205 -106.39 -25.14 -14.74
C ILE NA 205 -107.28 -24.73 -13.58
N GLY NA 206 -108.46 -24.18 -13.86
CA GLY NA 206 -109.31 -23.63 -12.80
C GLY NA 206 -110.01 -24.68 -11.97
N THR NA 207 -110.31 -25.84 -12.56
CA THR NA 207 -110.93 -26.92 -11.80
C THR NA 207 -109.92 -27.69 -10.95
N LEU NA 208 -108.64 -27.39 -11.07
CA LEU NA 208 -107.57 -28.05 -10.35
C LEU NA 208 -107.41 -27.41 -8.97
N PRO NA 209 -106.64 -28.06 -8.06
CA PRO NA 209 -106.20 -27.38 -6.84
C PRO NA 209 -105.39 -26.11 -7.09
N LEU NA 210 -105.38 -25.22 -6.10
CA LEU NA 210 -104.89 -23.85 -6.30
C LEU NA 210 -103.38 -23.80 -6.45
N ALA NA 211 -102.66 -24.54 -5.60
CA ALA NA 211 -101.21 -24.44 -5.52
C ALA NA 211 -100.47 -25.10 -6.68
N SER NA 212 -101.20 -25.63 -7.66
CA SER NA 212 -100.63 -26.04 -8.93
C SER NA 212 -100.88 -25.03 -10.03
N GLN NA 213 -101.97 -24.27 -9.89
CA GLN NA 213 -102.37 -23.28 -10.89
C GLN NA 213 -101.31 -22.20 -11.05
N GLU NA 214 -100.80 -21.71 -9.91
CA GLU NA 214 -99.81 -20.65 -9.92
C GLU NA 214 -98.54 -21.11 -10.61
N SER NA 215 -98.09 -22.33 -10.32
CA SER NA 215 -96.86 -22.85 -10.90
C SER NA 215 -96.98 -23.04 -12.41
N ALA NA 216 -98.10 -23.61 -12.85
CA ALA NA 216 -98.36 -23.77 -14.28
C ALA NA 216 -98.36 -22.43 -15.00
N VAL NA 217 -98.99 -21.44 -14.39
CA VAL NA 217 -99.09 -20.13 -14.99
C VAL NA 217 -97.73 -19.43 -15.01
N VAL NA 218 -96.92 -19.63 -13.96
CA VAL NA 218 -95.57 -19.05 -13.89
C VAL NA 218 -94.71 -19.56 -15.03
N GLU NA 219 -94.76 -20.88 -15.29
CA GLU NA 219 -93.99 -21.46 -16.39
C GLU NA 219 -94.45 -20.93 -17.74
N ASP NA 220 -95.78 -20.93 -17.96
CA ASP NA 220 -96.33 -20.47 -19.23
C ASP NA 220 -96.00 -19.00 -19.48
N LEU NA 221 -96.19 -18.16 -18.47
CA LEU NA 221 -95.96 -16.73 -18.58
C LEU NA 221 -94.49 -16.41 -18.81
N LEU NA 222 -93.60 -17.16 -18.16
CA LEU NA 222 -92.17 -17.03 -18.41
C LEU NA 222 -91.83 -17.33 -19.86
N TYR NA 223 -92.54 -18.30 -20.46
CA TYR NA 223 -92.37 -18.50 -21.90
C TYR NA 223 -92.96 -17.35 -22.71
N VAL NA 224 -94.10 -16.82 -22.26
CA VAL NA 224 -94.82 -15.77 -22.97
C VAL NA 224 -93.97 -14.50 -23.10
N LEU NA 225 -93.16 -14.22 -22.08
CA LEU NA 225 -92.38 -12.98 -22.02
C LEU NA 225 -91.41 -12.83 -23.19
N VAL NA 226 -90.83 -13.95 -23.64
CA VAL NA 226 -89.92 -13.91 -24.77
C VAL NA 226 -90.63 -14.35 -26.05
N GLY NA 227 -91.94 -14.18 -26.11
CA GLY NA 227 -92.68 -14.30 -27.34
C GLY NA 227 -93.18 -15.69 -27.65
N VAL NA 228 -92.63 -16.71 -26.98
CA VAL NA 228 -93.12 -18.08 -27.16
C VAL NA 228 -94.50 -18.15 -26.51
N ASP NA 229 -95.54 -18.27 -27.33
CA ASP NA 229 -96.92 -18.30 -26.87
C ASP NA 229 -97.16 -19.48 -25.94
N GLY NA 230 -97.71 -19.20 -24.75
CA GLY NA 230 -97.81 -20.22 -23.71
C GLY NA 230 -98.84 -21.30 -23.90
N ARG NA 231 -99.26 -21.91 -22.79
CA ARG NA 231 -100.29 -22.95 -22.77
C ARG NA 231 -101.66 -22.45 -22.38
N TYR NA 232 -101.76 -21.71 -21.27
CA TYR NA 232 -103.01 -21.14 -20.81
C TYR NA 232 -103.09 -19.66 -21.12
N VAL NA 233 -102.06 -19.11 -21.78
CA VAL NA 233 -102.05 -17.74 -22.25
C VAL NA 233 -101.84 -17.80 -23.75
N SER NA 234 -102.86 -17.38 -24.51
CA SER NA 234 -102.80 -17.39 -25.97
C SER NA 234 -102.65 -15.96 -26.48
N ALA NA 235 -101.77 -15.80 -27.45
CA ALA NA 235 -101.59 -14.53 -28.14
C ALA NA 235 -102.74 -14.39 -29.13
N GLN NA 236 -103.54 -13.35 -28.95
CA GLN NA 236 -104.76 -13.20 -29.73
C GLN NA 236 -104.43 -12.91 -31.19
N PRO NA 237 -105.20 -13.46 -32.13
CA PRO NA 237 -104.79 -13.40 -33.53
C PRO NA 237 -104.93 -12.00 -34.11
N LEU NA 238 -103.82 -11.27 -34.13
CA LEU NA 238 -103.70 -10.14 -35.03
C LEU NA 238 -102.32 -10.11 -35.66
N ALA NA 239 -101.29 -10.25 -34.81
CA ALA NA 239 -99.86 -10.21 -35.12
C ALA NA 239 -99.41 -9.11 -36.07
N GLY NA 240 -100.17 -8.01 -36.14
CA GLY NA 240 -99.77 -6.80 -36.81
C GLY NA 240 -99.38 -5.88 -35.67
N ARG NA 241 -99.53 -4.57 -35.91
CA ARG NA 241 -98.73 -3.40 -35.51
C ARG NA 241 -97.89 -3.44 -34.22
N GLN NA 242 -97.15 -2.39 -33.92
CA GLN NA 242 -96.31 -2.41 -32.71
C GLN NA 242 -97.18 -2.38 -31.44
N SER NA 243 -97.91 -3.50 -31.24
CA SER NA 243 -98.91 -3.81 -30.23
C SER NA 243 -99.35 -5.27 -30.39
N ARG NA 244 -99.62 -5.97 -29.29
CA ARG NA 244 -100.14 -7.33 -29.31
C ARG NA 244 -101.01 -7.53 -28.08
N THR NA 245 -101.96 -8.45 -28.14
CA THR NA 245 -102.77 -8.76 -26.98
C THR NA 245 -102.81 -10.25 -26.73
N PHE NA 246 -103.05 -10.60 -25.48
CA PHE NA 246 -103.03 -11.99 -25.03
C PHE NA 246 -104.32 -12.28 -24.27
N LEU NA 247 -104.74 -13.53 -24.30
CA LEU NA 247 -105.92 -13.96 -23.57
C LEU NA 247 -105.53 -15.08 -22.63
N VAL NA 248 -105.54 -14.78 -21.35
CA VAL NA 248 -105.36 -15.80 -20.33
C VAL NA 248 -106.71 -16.47 -20.10
N ASP NA 249 -106.65 -17.71 -19.62
CA ASP NA 249 -107.81 -18.53 -19.27
C ASP NA 249 -108.77 -17.81 -18.33
N PRO NA 250 -110.09 -17.98 -18.54
CA PRO NA 250 -111.06 -17.40 -17.62
C PRO NA 250 -111.44 -18.32 -16.45
N ASN NA 251 -111.19 -19.62 -16.59
CA ASN NA 251 -111.49 -20.55 -15.50
C ASN NA 251 -110.54 -20.38 -14.34
N LEU NA 252 -109.36 -19.80 -14.60
CA LEU NA 252 -108.34 -19.46 -13.60
C LEU NA 252 -108.92 -18.63 -12.46
N ASP NA 253 -108.43 -18.91 -11.26
CA ASP NA 253 -108.89 -18.21 -10.06
C ASP NA 253 -108.60 -16.73 -10.17
N LEU NA 254 -109.56 -15.93 -9.69
CA LEU NA 254 -109.60 -14.49 -9.91
C LEU NA 254 -108.34 -13.78 -9.40
N SER NA 255 -107.82 -14.24 -8.25
CA SER NA 255 -106.64 -13.67 -7.64
C SER NA 255 -105.42 -13.84 -8.51
N ILE NA 256 -105.23 -15.05 -9.04
CA ILE NA 256 -104.09 -15.35 -9.90
C ILE NA 256 -104.21 -14.59 -11.21
N ARG NA 257 -105.42 -14.55 -11.78
CA ARG NA 257 -105.65 -13.95 -13.09
C ARG NA 257 -105.39 -12.46 -13.07
N GLU NA 258 -105.79 -11.79 -11.98
CA GLU NA 258 -105.56 -10.36 -11.81
C GLU NA 258 -104.07 -10.04 -11.81
N LEU NA 259 -103.27 -10.89 -11.17
CA LEU NA 259 -101.83 -10.68 -11.14
C LEU NA 259 -101.21 -10.91 -12.51
N VAL NA 260 -101.76 -11.89 -13.24
CA VAL NA 260 -101.30 -12.15 -14.61
C VAL NA 260 -101.49 -10.92 -15.48
N HIS NA 261 -102.64 -10.26 -15.33
CA HIS NA 261 -102.91 -9.03 -16.07
C HIS NA 261 -101.89 -7.93 -15.74
N ARG NA 262 -101.47 -7.84 -14.48
CA ARG NA 262 -100.48 -6.86 -14.09
C ARG NA 262 -99.11 -7.17 -14.68
N ILE NA 263 -98.80 -8.44 -14.89
CA ILE NA 263 -97.50 -8.78 -15.47
C ILE NA 263 -97.49 -8.68 -16.99
N LEU NA 264 -98.64 -8.80 -17.63
CA LEU NA 264 -98.73 -8.79 -19.10
C LEU NA 264 -98.27 -7.60 -19.98
N PRO NA 265 -98.12 -6.34 -19.51
CA PRO NA 265 -97.65 -5.28 -20.44
C PRO NA 265 -96.30 -5.54 -21.11
N VAL NA 266 -95.36 -6.15 -20.41
CA VAL NA 266 -94.05 -6.44 -20.99
C VAL NA 266 -94.09 -7.49 -22.09
N ALA NA 267 -95.16 -8.30 -22.15
CA ALA NA 267 -95.28 -9.32 -23.19
C ALA NA 267 -95.63 -8.72 -24.56
N ALA NA 268 -96.70 -7.90 -24.58
CA ALA NA 268 -97.00 -7.05 -25.72
C ALA NA 268 -95.81 -6.17 -26.08
N SER NA 269 -95.13 -5.63 -25.06
CA SER NA 269 -93.98 -4.76 -25.24
C SER NA 269 -92.70 -5.53 -25.57
N TYR NA 270 -92.79 -6.86 -25.72
CA TYR NA 270 -91.75 -7.65 -26.37
C TYR NA 270 -92.07 -7.93 -27.83
N SER NA 271 -93.31 -8.36 -28.10
CA SER NA 271 -93.69 -8.73 -29.47
C SER NA 271 -93.54 -7.55 -30.43
N ALA NA 272 -93.94 -6.36 -29.95
CA ALA NA 272 -93.80 -5.12 -30.72
C ALA NA 272 -92.34 -4.84 -31.05
N VAL NA 273 -91.45 -5.06 -30.07
CA VAL NA 273 -90.05 -4.73 -30.23
C VAL NA 273 -89.39 -5.65 -31.27
N THR NA 274 -89.63 -6.95 -31.15
CA THR NA 274 -88.92 -7.90 -32.00
C THR NA 274 -89.40 -7.81 -33.46
N ARG NA 275 -90.68 -7.45 -33.66
CA ARG NA 275 -91.14 -7.30 -35.05
C ARG NA 275 -90.52 -6.07 -35.71
N PHE NA 276 -90.32 -5.00 -34.94
CA PHE NA 276 -89.56 -3.84 -35.40
C PHE NA 276 -88.16 -4.23 -35.82
N ILE NA 277 -87.51 -5.04 -34.99
CA ILE NA 277 -86.11 -5.39 -35.26
C ILE NA 277 -85.99 -6.22 -36.54
N GLU NA 278 -87.00 -7.03 -36.86
CA GLU NA 278 -86.91 -7.66 -38.18
C GLU NA 278 -87.28 -6.73 -39.33
N GLU NA 279 -88.45 -6.09 -39.25
CA GLU NA 279 -89.03 -5.49 -40.44
C GLU NA 279 -88.37 -4.18 -40.83
N LYS NA 280 -87.91 -3.40 -39.85
CA LYS NA 280 -87.38 -2.06 -40.10
C LYS NA 280 -85.87 -2.02 -40.08
N SER NA 281 -85.23 -3.18 -40.16
CA SER NA 281 -83.81 -3.26 -40.44
C SER NA 281 -83.54 -3.47 -41.92
N SER NA 282 -84.58 -3.46 -42.75
CA SER NA 282 -84.39 -3.56 -44.18
C SER NA 282 -83.74 -2.30 -44.74
N PHE NA 283 -83.30 -2.42 -45.99
CA PHE NA 283 -82.27 -1.53 -46.54
C PHE NA 283 -82.79 -0.10 -46.73
N GLU NA 284 -84.07 0.04 -47.08
CA GLU NA 284 -84.69 1.35 -47.34
C GLU NA 284 -84.75 2.21 -46.09
N TYR NA 285 -84.80 1.58 -44.91
CA TYR NA 285 -84.85 2.37 -43.69
C TYR NA 285 -83.49 2.94 -43.35
N GLY NA 286 -82.42 2.41 -43.94
CA GLY NA 286 -81.13 3.03 -43.87
C GLY NA 286 -80.37 2.73 -42.59
N GLN NA 287 -79.10 3.14 -42.60
CA GLN NA 287 -78.10 2.72 -41.62
C GLN NA 287 -78.48 3.08 -40.20
N VAL NA 288 -79.13 4.23 -40.01
CA VAL NA 288 -79.44 4.70 -38.67
C VAL NA 288 -80.56 3.88 -38.05
N ASN NA 289 -81.60 3.58 -38.83
CA ASN NA 289 -82.66 2.69 -38.35
C ASN NA 289 -82.16 1.26 -38.14
N HIS NA 290 -81.23 0.83 -38.99
CA HIS NA 290 -80.57 -0.45 -38.78
C HIS NA 290 -79.83 -0.50 -37.45
N ALA NA 291 -79.08 0.56 -37.13
CA ALA NA 291 -78.32 0.60 -35.87
C ALA NA 291 -79.23 0.69 -34.66
N LEU NA 292 -80.35 1.42 -34.81
CA LEU NA 292 -81.33 1.52 -33.72
C LEU NA 292 -81.94 0.16 -33.41
N ALA NA 293 -82.30 -0.59 -34.46
CA ALA NA 293 -82.79 -1.96 -34.26
C ALA NA 293 -81.72 -2.86 -33.67
N ALA NA 294 -80.46 -2.70 -34.10
CA ALA NA 294 -79.38 -3.54 -33.62
C ALA NA 294 -79.00 -3.26 -32.17
N ALA NA 295 -79.32 -2.08 -31.65
CA ALA NA 295 -79.12 -1.81 -30.23
C ALA NA 295 -80.34 -2.09 -29.38
N MET NA 296 -81.53 -2.14 -29.98
CA MET NA 296 -82.70 -2.72 -29.31
C MET NA 296 -82.53 -4.23 -29.12
N ARG NA 297 -81.85 -4.87 -30.07
CA ARG NA 297 -81.64 -6.30 -30.08
C ARG NA 297 -80.79 -6.79 -28.91
N THR NA 298 -79.87 -5.97 -28.42
CA THR NA 298 -79.02 -6.38 -27.30
C THR NA 298 -79.83 -6.49 -26.00
N LEU NA 299 -80.78 -5.58 -25.83
CA LEU NA 299 -81.67 -5.66 -24.68
C LEU NA 299 -82.62 -6.85 -24.79
N VAL NA 300 -83.06 -7.17 -26.01
CA VAL NA 300 -83.83 -8.41 -26.23
C VAL NA 300 -83.02 -9.63 -25.81
N LYS NA 301 -81.73 -9.63 -26.16
CA LYS NA 301 -80.81 -10.69 -25.77
C LYS NA 301 -80.71 -10.80 -24.26
N GLU NA 302 -80.63 -9.66 -23.57
CA GLU NA 302 -80.62 -9.63 -22.12
C GLU NA 302 -81.89 -10.21 -21.49
N HIS NA 303 -83.04 -9.98 -22.11
CA HIS NA 303 -84.29 -10.58 -21.63
C HIS NA 303 -84.25 -12.09 -21.74
N LEU NA 304 -83.71 -12.58 -22.87
CA LEU NA 304 -83.53 -14.01 -23.04
C LEU NA 304 -82.63 -14.60 -21.95
N ILE NA 305 -81.50 -13.92 -21.68
CA ILE NA 305 -80.54 -14.35 -20.64
C ILE NA 305 -81.23 -14.43 -19.29
N LEU NA 306 -82.12 -13.49 -19.02
CA LEU NA 306 -82.87 -13.48 -17.78
C LEU NA 306 -83.72 -14.74 -17.63
N VAL NA 307 -84.59 -14.99 -18.62
CA VAL NA 307 -85.59 -16.05 -18.45
C VAL NA 307 -84.97 -17.44 -18.43
N SER NA 308 -83.75 -17.61 -18.98
CA SER NA 308 -83.05 -18.89 -18.78
C SER NA 308 -82.72 -19.21 -17.33
N GLN NA 309 -82.20 -18.24 -16.59
CA GLN NA 309 -81.83 -18.53 -15.21
C GLN NA 309 -83.07 -18.65 -14.35
N LEU NA 310 -84.09 -17.86 -14.69
CA LEU NA 310 -85.31 -17.90 -13.91
C LEU NA 310 -86.06 -19.23 -14.07
N GLU NA 311 -85.87 -19.90 -15.22
CA GLU NA 311 -86.42 -21.25 -15.38
C GLU NA 311 -85.83 -22.24 -14.37
N GLN NA 312 -84.51 -22.18 -14.17
CA GLN NA 312 -83.85 -23.03 -13.19
C GLN NA 312 -84.34 -22.73 -11.79
N LEU NA 313 -84.59 -21.44 -11.50
CA LEU NA 313 -85.17 -21.09 -10.21
C LEU NA 313 -86.57 -21.69 -10.05
N HIS NA 314 -87.36 -21.73 -11.11
CA HIS NA 314 -88.71 -22.29 -10.99
C HIS NA 314 -88.67 -23.80 -10.81
N ARG NA 315 -87.68 -24.47 -11.40
CA ARG NA 315 -87.55 -25.92 -11.18
C ARG NA 315 -87.23 -26.24 -9.73
N GLN NA 316 -86.53 -25.33 -9.04
CA GLN NA 316 -86.11 -25.54 -7.67
C GLN NA 316 -87.17 -25.17 -6.65
N GLY NA 317 -88.40 -24.91 -7.08
CA GLY NA 317 -89.44 -24.46 -6.16
C GLY NA 317 -89.12 -23.11 -5.55
N LEU NA 318 -88.55 -22.21 -6.35
CA LEU NA 318 -88.03 -20.95 -5.85
C LEU NA 318 -88.60 -19.73 -6.56
N LEU NA 319 -89.33 -19.91 -7.65
CA LEU NA 319 -90.00 -18.83 -8.35
C LEU NA 319 -91.49 -18.92 -8.09
N SER NA 320 -92.07 -17.82 -7.62
CA SER NA 320 -93.51 -17.67 -7.52
C SER NA 320 -93.92 -16.56 -8.46
N LEU NA 321 -95.24 -16.41 -8.64
CA LEU NA 321 -95.73 -15.32 -9.46
C LEU NA 321 -95.42 -13.96 -8.85
N GLN NA 322 -95.45 -13.87 -7.52
CA GLN NA 322 -95.06 -12.64 -6.85
C GLN NA 322 -93.55 -12.41 -6.98
N LYS NA 323 -92.76 -13.48 -6.97
CA LYS NA 323 -91.34 -13.30 -7.20
C LYS NA 323 -91.07 -12.96 -8.66
N LEU NA 324 -91.84 -13.55 -9.58
CA LEU NA 324 -91.65 -13.31 -11.00
C LEU NA 324 -91.90 -11.85 -11.37
N TRP NA 325 -93.03 -11.30 -10.90
CA TRP NA 325 -93.37 -9.88 -11.08
C TRP NA 325 -92.27 -8.97 -10.57
N PHE NA 326 -91.79 -9.29 -9.37
CA PHE NA 326 -90.72 -8.56 -8.70
C PHE NA 326 -89.44 -8.57 -9.53
N TYR NA 327 -89.10 -9.73 -10.09
CA TYR NA 327 -87.86 -9.83 -10.85
C TYR NA 327 -87.96 -9.10 -12.18
N ILE NA 328 -89.14 -9.12 -12.80
CA ILE NA 328 -89.26 -8.52 -14.14
C ILE NA 328 -89.49 -7.02 -14.10
N GLN NA 329 -89.73 -6.44 -12.92
CA GLN NA 329 -89.95 -5.00 -12.84
C GLN NA 329 -88.85 -4.08 -13.42
N PRO NA 330 -87.54 -4.31 -13.23
CA PRO NA 330 -86.57 -3.35 -13.83
C PRO NA 330 -86.51 -3.40 -15.35
N ALA NA 331 -86.75 -4.55 -15.96
CA ALA NA 331 -86.73 -4.65 -17.41
C ALA NA 331 -88.06 -4.29 -18.05
N MET NA 332 -89.15 -4.25 -17.26
CA MET NA 332 -90.45 -3.84 -17.78
C MET NA 332 -90.42 -2.40 -18.28
N ARG NA 333 -89.76 -1.52 -17.52
CA ARG NA 333 -89.62 -0.13 -17.90
C ARG NA 333 -88.81 0.01 -19.18
N THR NA 334 -87.73 -0.78 -19.28
CA THR NA 334 -86.86 -0.74 -20.45
C THR NA 334 -87.59 -1.17 -21.71
N MET NA 335 -88.33 -2.29 -21.61
CA MET NA 335 -89.14 -2.76 -22.73
C MET NA 335 -90.22 -1.76 -23.10
N ASP NA 336 -90.80 -1.09 -22.09
CA ASP NA 336 -91.82 -0.09 -22.31
C ASP NA 336 -91.30 1.08 -23.14
N ILE NA 337 -90.08 1.54 -22.81
CA ILE NA 337 -89.44 2.61 -23.58
C ILE NA 337 -89.20 2.17 -25.02
N LEU NA 338 -88.69 0.95 -25.20
CA LEU NA 338 -88.37 0.46 -26.55
C LEU NA 338 -89.62 0.33 -27.42
N ALA NA 339 -90.71 -0.20 -26.87
CA ALA NA 339 -91.92 -0.40 -27.67
C ALA NA 339 -92.62 0.91 -27.98
N SER NA 340 -92.61 1.87 -27.05
CA SER NA 340 -93.16 3.19 -27.32
C SER NA 340 -92.38 3.90 -28.42
N LEU NA 341 -91.05 3.75 -28.39
CA LEU NA 341 -90.19 4.32 -29.44
C LEU NA 341 -90.49 3.71 -30.81
N ALA NA 342 -90.71 2.39 -30.86
CA ALA NA 342 -90.98 1.73 -32.13
C ALA NA 342 -92.32 2.15 -32.72
N THR NA 343 -93.35 2.26 -31.87
CA THR NA 343 -94.65 2.77 -32.31
C THR NA 343 -94.54 4.18 -32.86
N SER NA 344 -93.73 5.02 -32.20
CA SER NA 344 -93.50 6.39 -32.67
C SER NA 344 -92.79 6.43 -34.02
N VAL NA 345 -91.79 5.56 -34.22
CA VAL NA 345 -91.07 5.51 -35.48
C VAL NA 345 -92.00 5.07 -36.61
N ASP NA 346 -92.93 4.16 -36.31
CA ASP NA 346 -93.93 3.78 -37.30
C ASP NA 346 -94.89 4.91 -37.62
N LYS NA 347 -95.29 5.68 -36.61
CA LYS NA 347 -96.34 6.68 -36.80
C LYS NA 347 -95.89 7.83 -37.68
N GLY NA 348 -94.67 8.31 -37.49
CA GLY NA 348 -94.15 9.38 -38.31
C GLY NA 348 -93.44 8.93 -39.57
N GLU NA 349 -93.37 7.61 -39.80
CA GLU NA 349 -92.58 6.99 -40.87
C GLU NA 349 -91.14 7.50 -40.87
N CYS NA 350 -90.57 7.53 -39.67
CA CYS NA 350 -89.28 8.16 -39.47
C CYS NA 350 -88.16 7.16 -39.79
N LEU NA 351 -87.24 7.62 -40.62
CA LEU NA 351 -86.01 6.87 -40.90
C LEU NA 351 -84.90 7.90 -41.07
N GLY NA 352 -83.66 7.41 -41.03
CA GLY NA 352 -82.51 8.28 -41.14
C GLY NA 352 -82.35 9.24 -39.99
N GLY NA 353 -82.61 10.52 -40.25
CA GLY NA 353 -82.40 11.54 -39.24
C GLY NA 353 -83.66 11.97 -38.52
N SER NA 354 -84.82 11.68 -39.11
CA SER NA 354 -86.09 11.99 -38.45
C SER NA 354 -86.33 11.09 -37.24
N THR NA 355 -85.68 9.93 -37.18
CA THR NA 355 -85.62 9.16 -35.95
C THR NA 355 -84.21 9.21 -35.36
N LEU NA 356 -83.44 10.24 -35.69
CA LEU NA 356 -82.31 10.66 -34.88
C LEU NA 356 -82.60 11.94 -34.12
N SER NA 357 -83.64 12.67 -34.52
CA SER NA 357 -84.16 13.78 -33.73
C SER NA 357 -85.10 13.27 -32.64
N LEU NA 358 -85.86 12.22 -32.94
CA LEU NA 358 -86.76 11.59 -32.00
C LEU NA 358 -86.03 11.05 -30.78
N LEU NA 359 -84.92 10.35 -31.01
CA LEU NA 359 -84.04 9.90 -29.93
C LEU NA 359 -83.45 11.06 -29.14
N HIS NA 360 -83.11 12.14 -29.84
CA HIS NA 360 -82.51 13.30 -29.19
C HIS NA 360 -83.49 13.99 -28.25
N ASP NA 361 -84.76 14.05 -28.64
CA ASP NA 361 -85.80 14.59 -27.76
C ASP NA 361 -86.08 13.65 -26.60
N ARG NA 362 -86.09 12.34 -26.87
CA ARG NA 362 -86.39 11.35 -25.84
C ARG NA 362 -85.33 11.33 -24.75
N SER NA 363 -84.07 11.58 -25.12
CA SER NA 363 -82.99 11.58 -24.14
C SER NA 363 -83.13 12.75 -23.16
N PHE NA 364 -83.64 13.88 -23.64
CA PHE NA 364 -83.87 15.00 -22.74
C PHE NA 364 -85.10 14.78 -21.88
N SER NA 365 -86.12 14.10 -22.44
CA SER NA 365 -87.41 13.89 -21.80
C SER NA 365 -87.27 13.23 -20.42
N TYR NA 366 -86.65 12.06 -20.37
CA TYR NA 366 -86.32 11.47 -19.09
C TYR NA 366 -85.12 12.19 -18.49
N THR NA 367 -85.37 12.92 -17.41
CA THR NA 367 -84.30 13.53 -16.65
C THR NA 367 -84.58 13.41 -15.15
N GLY NA 368 -85.73 12.84 -14.80
CA GLY NA 368 -86.09 12.67 -13.41
C GLY NA 368 -86.00 11.23 -12.96
N ASP NA 369 -86.04 10.31 -13.94
CA ASP NA 369 -85.96 8.88 -13.68
C ASP NA 369 -84.53 8.38 -13.61
N SER NA 370 -83.75 8.64 -14.66
CA SER NA 370 -82.37 8.20 -14.95
C SER NA 370 -82.24 6.69 -15.13
N GLN NA 371 -83.30 5.91 -14.97
CA GLN NA 371 -83.26 4.54 -15.46
C GLN NA 371 -83.42 4.53 -16.98
N ALA NA 372 -84.35 5.34 -17.50
CA ALA NA 372 -84.62 5.36 -18.93
C ALA NA 372 -83.69 6.29 -19.69
N GLN NA 373 -83.12 7.30 -19.01
CA GLN NA 373 -82.30 8.30 -19.68
C GLN NA 373 -81.00 7.70 -20.23
N GLU NA 374 -80.39 6.80 -19.46
CA GLU NA 374 -79.16 6.16 -19.89
C GLU NA 374 -79.41 5.20 -21.05
N LEU NA 375 -80.60 4.56 -21.05
CA LEU NA 375 -81.01 3.73 -22.19
C LEU NA 375 -81.08 4.55 -23.46
N CYS NA 376 -81.81 5.67 -23.40
CA CYS NA 376 -81.94 6.55 -24.57
C CYS NA 376 -80.59 7.09 -25.02
N LEU NA 377 -79.72 7.44 -24.07
CA LEU NA 377 -78.37 7.90 -24.42
C LEU NA 377 -77.58 6.82 -25.13
N TYR NA 378 -77.73 5.58 -24.69
CA TYR NA 378 -77.08 4.48 -25.38
C TYR NA 378 -77.62 4.28 -26.80
N LEU NA 379 -78.94 4.33 -26.96
CA LEU NA 379 -79.54 4.14 -28.28
C LEU NA 379 -79.18 5.26 -29.26
N THR NA 380 -79.07 6.51 -28.79
CA THR NA 380 -78.65 7.56 -29.71
C THR NA 380 -77.15 7.54 -29.98
N LYS NA 381 -76.33 7.08 -29.04
CA LYS NA 381 -74.92 6.84 -29.34
C LYS NA 381 -74.75 5.76 -30.41
N ALA NA 382 -75.60 4.73 -30.36
CA ALA NA 382 -75.55 3.69 -31.39
C ALA NA 382 -76.03 4.21 -32.73
N ALA NA 383 -77.08 5.03 -32.73
CA ALA NA 383 -77.64 5.49 -33.98
C ALA NA 383 -76.84 6.61 -34.65
N SER NA 384 -76.06 7.39 -33.89
CA SER NA 384 -75.35 8.52 -34.48
C SER NA 384 -74.04 8.13 -35.13
N ALA NA 385 -73.57 6.90 -34.93
CA ALA NA 385 -72.32 6.47 -35.58
C ALA NA 385 -72.37 6.44 -37.11
N PRO NA 386 -73.42 5.95 -37.79
CA PRO NA 386 -73.37 6.03 -39.26
C PRO NA 386 -73.57 7.43 -39.82
N TYR NA 387 -74.32 8.28 -39.12
CA TYR NA 387 -74.51 9.66 -39.59
C TYR NA 387 -73.19 10.42 -39.55
N PHE NA 388 -72.39 10.19 -38.51
CA PHE NA 388 -71.18 10.96 -38.34
C PHE NA 388 -70.10 10.54 -39.32
N GLU NA 389 -70.21 9.32 -39.86
CA GLU NA 389 -69.31 8.91 -40.94
C GLU NA 389 -69.53 9.76 -42.19
N VAL NA 390 -70.79 9.90 -42.61
CA VAL NA 390 -71.14 10.72 -43.76
C VAL NA 390 -70.77 12.16 -43.51
N LEU NA 391 -70.99 12.62 -42.27
CA LEU NA 391 -70.61 13.98 -41.92
C LEU NA 391 -69.11 14.16 -41.97
N GLU NA 392 -68.34 13.17 -41.53
CA GLU NA 392 -66.89 13.26 -41.55
C GLU NA 392 -66.36 13.37 -42.97
N LYS NA 393 -66.92 12.54 -43.86
CA LYS NA 393 -66.63 12.65 -45.29
C LYS NA 393 -66.98 14.03 -45.82
N TRP NA 394 -68.17 14.52 -45.48
CA TRP NA 394 -68.66 15.79 -46.04
C TRP NA 394 -67.88 16.97 -45.50
N ILE NA 395 -67.42 16.88 -44.26
CA ILE NA 395 -66.74 18.01 -43.66
C ILE NA 395 -65.30 18.08 -44.16
N TYR NA 396 -64.61 16.95 -44.20
CA TYR NA 396 -63.23 17.03 -44.64
C TYR NA 396 -63.07 17.02 -46.15
N ARG NA 397 -64.15 16.77 -46.90
CA ARG NA 397 -64.11 16.73 -48.35
C ARG NA 397 -65.32 17.49 -48.87
N GLY NA 398 -65.73 17.23 -50.10
CA GLY NA 398 -66.97 17.79 -50.59
C GLY NA 398 -67.73 16.70 -51.30
N ILE NA 399 -67.45 15.46 -50.90
CA ILE NA 399 -67.90 14.27 -51.60
C ILE NA 399 -68.55 13.36 -50.56
N ILE NA 400 -69.80 12.96 -50.82
CA ILE NA 400 -70.50 11.99 -49.98
C ILE NA 400 -70.95 10.84 -50.86
N HIS NA 401 -71.43 9.80 -50.22
CA HIS NA 401 -71.87 8.61 -50.92
C HIS NA 401 -73.34 8.30 -50.72
N ASP NA 402 -73.84 8.41 -49.46
CA ASP NA 402 -75.24 8.41 -49.01
C ASP NA 402 -76.09 7.36 -49.72
N PRO NA 403 -75.85 6.07 -49.48
CA PRO NA 403 -76.48 5.06 -50.34
C PRO NA 403 -77.98 4.94 -50.13
N TYR NA 404 -78.43 5.05 -48.89
CA TYR NA 404 -79.83 5.25 -48.55
C TYR NA 404 -79.95 6.61 -47.89
N SER NA 405 -80.98 7.36 -48.27
CA SER NA 405 -81.08 8.76 -47.90
C SER NA 405 -81.30 8.94 -46.41
N GLU NA 406 -80.30 9.54 -45.75
CA GLU NA 406 -80.40 9.86 -44.33
C GLU NA 406 -79.81 11.23 -44.05
N PHE NA 407 -79.21 11.84 -45.06
CA PHE NA 407 -78.34 13.00 -44.87
C PHE NA 407 -79.00 14.27 -45.39
N MET NA 408 -78.71 15.39 -44.72
CA MET NA 408 -79.37 16.65 -45.02
C MET NA 408 -78.94 17.20 -46.38
N VAL NA 409 -77.69 16.99 -46.75
CA VAL NA 409 -77.22 17.48 -48.04
C VAL NA 409 -77.61 16.49 -49.12
N GLU NA 410 -78.08 17.00 -50.26
CA GLU NA 410 -78.27 16.20 -51.45
C GLU NA 410 -77.55 16.83 -52.63
N GLU NA 411 -77.22 15.96 -53.58
CA GLU NA 411 -76.35 16.26 -54.71
C GLU NA 411 -77.20 16.16 -55.96
N HIS NA 412 -77.38 17.28 -56.65
CA HIS NA 412 -78.11 17.28 -57.91
C HIS NA 412 -77.13 17.30 -59.09
N GLU NA 413 -77.63 16.95 -60.26
CA GLU NA 413 -76.78 16.94 -61.46
C GLU NA 413 -77.45 17.82 -62.50
N LEU NA 414 -76.82 18.94 -62.79
CA LEU NA 414 -77.19 19.80 -63.89
C LEU NA 414 -75.93 20.30 -64.58
N ARG NA 415 -75.88 20.11 -65.90
CA ARG NA 415 -75.01 20.92 -66.74
C ARG NA 415 -75.72 21.17 -68.06
N LYS NA 416 -76.97 20.71 -68.16
CA LYS NA 416 -77.70 20.77 -69.42
C LYS NA 416 -78.10 22.20 -69.78
N GLU NA 417 -78.38 23.04 -68.79
CA GLU NA 417 -78.73 24.41 -69.12
C GLU NA 417 -77.49 25.26 -69.34
N ARG NA 418 -76.73 25.48 -68.27
CA ARG NA 418 -75.55 26.32 -68.34
C ARG NA 418 -74.31 25.45 -68.31
N ILE NA 419 -73.33 25.83 -69.12
CA ILE NA 419 -72.14 25.01 -69.31
C ILE NA 419 -71.01 25.93 -69.77
N GLN NA 420 -69.78 25.53 -69.42
CA GLN NA 420 -68.45 26.12 -69.60
C GLN NA 420 -68.24 27.35 -68.72
N GLU NA 421 -69.33 28.04 -68.42
CA GLU NA 421 -69.37 29.01 -67.36
C GLU NA 421 -70.72 28.90 -66.68
N ASP NA 422 -70.76 29.36 -65.45
CA ASP NA 422 -72.00 29.46 -64.70
C ASP NA 422 -72.48 30.89 -64.85
N TYR NA 423 -73.51 31.06 -65.69
CA TYR NA 423 -74.21 32.30 -65.95
C TYR NA 423 -75.09 32.72 -64.77
N ASN NA 424 -75.30 31.83 -63.78
CA ASN NA 424 -75.98 32.17 -62.52
C ASN NA 424 -75.30 31.67 -61.24
N ASP NA 425 -74.23 30.87 -61.33
CA ASP NA 425 -73.51 30.16 -60.26
C ASP NA 425 -74.34 29.00 -59.70
N LYS NA 426 -74.93 28.20 -60.58
CA LYS NA 426 -75.82 27.10 -60.14
C LYS NA 426 -75.08 26.03 -59.36
N TYR NA 427 -73.80 25.82 -59.70
CA TYR NA 427 -72.98 24.82 -59.01
C TYR NA 427 -72.77 25.21 -57.57
N TRP NA 428 -72.64 26.51 -57.35
CA TRP NA 428 -72.25 27.15 -56.12
C TRP NA 428 -73.46 27.60 -55.30
N ASP NA 429 -74.67 27.45 -55.82
CA ASP NA 429 -75.85 27.85 -55.07
C ASP NA 429 -76.77 26.69 -54.66
N GLN NA 430 -77.35 26.01 -55.64
CA GLN NA 430 -78.49 25.14 -55.40
C GLN NA 430 -78.26 23.70 -55.80
N ARG NA 431 -77.14 23.42 -56.46
CA ARG NA 431 -76.83 22.04 -56.83
C ARG NA 431 -76.64 21.18 -55.60
N TYR NA 432 -76.01 21.73 -54.58
CA TYR NA 432 -75.91 21.11 -53.27
C TYR NA 432 -76.88 21.84 -52.37
N THR NA 433 -78.02 21.21 -52.11
CA THR NA 433 -79.07 21.83 -51.32
C THR NA 433 -79.26 21.05 -50.03
N ILE NA 434 -80.04 21.64 -49.13
CA ILE NA 434 -80.22 21.13 -47.78
C ILE NA 434 -81.59 20.48 -47.68
N VAL NA 435 -81.71 19.52 -46.76
CA VAL NA 435 -82.98 18.90 -46.41
C VAL NA 435 -83.21 19.15 -44.92
N GLN NA 436 -84.36 19.74 -44.60
CA GLN NA 436 -84.66 20.12 -43.22
C GLN NA 436 -85.30 19.01 -42.41
N GLN NA 437 -85.55 17.86 -43.02
CA GLN NA 437 -86.28 16.78 -42.36
C GLN NA 437 -85.41 15.58 -42.03
N GLN NA 438 -84.12 15.61 -42.39
CA GLN NA 438 -83.18 14.56 -42.02
C GLN NA 438 -82.06 15.09 -41.14
N ILE NA 439 -82.26 16.28 -40.54
CA ILE NA 439 -81.31 16.87 -39.60
C ILE NA 439 -81.57 16.24 -38.24
N PRO NA 440 -80.52 15.83 -37.50
CA PRO NA 440 -80.74 15.14 -36.23
C PRO NA 440 -81.14 16.04 -35.07
N SER NA 441 -81.33 17.34 -35.31
CA SER NA 441 -81.78 18.35 -34.35
C SER NA 441 -80.82 18.52 -33.18
N PHE NA 442 -79.56 18.18 -33.38
CA PHE NA 442 -78.50 18.85 -32.67
C PHE NA 442 -77.53 19.48 -33.66
N LEU NA 443 -77.62 19.12 -34.94
CA LEU NA 443 -76.91 19.81 -36.01
C LEU NA 443 -77.73 20.94 -36.58
N GLN NA 444 -78.94 21.15 -36.04
CA GLN NA 444 -79.81 22.21 -36.51
C GLN NA 444 -79.25 23.61 -36.24
N LYS NA 445 -78.46 23.76 -35.16
CA LYS NA 445 -77.83 25.05 -34.85
C LYS NA 445 -76.70 25.37 -35.84
N MET NA 446 -76.06 24.34 -36.40
CA MET NA 446 -74.97 24.41 -37.37
C MET NA 446 -75.41 24.25 -38.81
N ALA NA 447 -76.73 24.21 -39.09
CA ALA NA 447 -77.26 23.59 -40.30
C ALA NA 447 -76.79 24.28 -41.59
N ASP NA 448 -76.75 25.60 -41.57
CA ASP NA 448 -76.19 26.37 -42.68
C ASP NA 448 -74.68 26.11 -42.82
N LYS NA 449 -73.98 26.11 -41.69
CA LYS NA 449 -72.52 26.06 -41.69
C LYS NA 449 -72.02 24.71 -42.21
N ILE NA 450 -72.82 23.66 -41.99
CA ILE NA 450 -72.49 22.32 -42.48
C ILE NA 450 -72.47 22.30 -44.00
N LEU NA 451 -73.49 22.88 -44.63
CA LEU NA 451 -73.56 22.91 -46.09
C LEU NA 451 -72.42 23.74 -46.67
N SER NA 452 -72.16 24.90 -46.05
CA SER NA 452 -71.12 25.78 -46.55
C SER NA 452 -69.74 25.14 -46.45
N THR NA 453 -69.51 24.37 -45.38
CA THR NA 453 -68.18 23.79 -45.12
C THR NA 453 -67.71 22.87 -46.25
N GLY NA 454 -68.62 22.09 -46.84
CA GLY NA 454 -68.26 21.21 -47.93
C GLY NA 454 -68.44 21.82 -49.30
N LYS NA 455 -69.38 22.76 -49.43
CA LYS NA 455 -69.59 23.41 -50.72
C LYS NA 455 -68.38 24.26 -51.10
N TYR NA 456 -67.76 24.91 -50.11
CA TYR NA 456 -66.56 25.69 -50.37
C TYR NA 456 -65.40 24.80 -50.82
N LEU NA 457 -65.34 23.56 -50.30
CA LEU NA 457 -64.35 22.60 -50.77
C LEU NA 457 -64.60 22.22 -52.22
N ASN NA 458 -65.87 22.03 -52.60
CA ASN NA 458 -66.17 21.70 -53.99
C ASN NA 458 -65.69 22.78 -54.94
N VAL NA 459 -65.96 24.05 -54.59
CA VAL NA 459 -65.57 25.11 -55.50
C VAL NA 459 -64.10 25.50 -55.39
N VAL NA 460 -63.33 24.88 -54.50
CA VAL NA 460 -61.88 25.00 -54.59
C VAL NA 460 -61.21 23.78 -55.22
N ARG NA 461 -61.72 22.56 -54.99
CA ARG NA 461 -61.09 21.38 -55.59
C ARG NA 461 -61.41 21.28 -57.08
N GLU NA 462 -62.49 21.92 -57.53
CA GLU NA 462 -62.80 21.87 -58.95
C GLU NA 462 -61.94 22.82 -59.77
N CYS NA 463 -61.70 24.03 -59.28
CA CYS NA 463 -60.92 25.03 -60.01
C CYS NA 463 -59.42 24.71 -60.04
N GLY NA 464 -59.00 23.62 -59.40
CA GLY NA 464 -57.68 23.07 -59.49
C GLY NA 464 -56.94 23.25 -58.19
N HIS NA 465 -57.05 22.24 -57.33
CA HIS NA 465 -56.47 22.23 -56.00
C HIS NA 465 -56.68 20.86 -55.40
N ASP NA 466 -55.81 20.53 -54.44
CA ASP NA 466 -55.89 19.26 -53.73
C ASP NA 466 -55.51 19.51 -52.28
N VAL NA 467 -56.38 19.07 -51.36
CA VAL NA 467 -56.19 19.29 -49.94
C VAL NA 467 -57.11 18.32 -49.20
N THR NA 468 -56.75 17.99 -47.96
CA THR NA 468 -57.54 17.06 -47.13
C THR NA 468 -57.72 17.68 -45.75
N CYS NA 469 -58.17 16.84 -44.81
CA CYS NA 469 -58.60 17.16 -43.46
C CYS NA 469 -57.57 17.92 -42.63
N PRO NA 470 -58.00 18.72 -41.66
CA PRO NA 470 -57.06 19.27 -40.68
C PRO NA 470 -56.56 18.19 -39.74
N VAL NA 471 -57.52 17.42 -39.25
CA VAL NA 471 -57.27 16.29 -38.36
C VAL NA 471 -58.52 15.44 -38.42
N ALA NA 472 -58.39 14.16 -38.07
CA ALA NA 472 -59.52 13.25 -38.09
C ALA NA 472 -60.04 13.08 -36.67
N LYS NA 473 -61.31 13.44 -36.48
CA LYS NA 473 -61.98 13.23 -35.20
C LYS NA 473 -63.27 12.48 -35.44
N GLU NA 474 -63.43 11.35 -34.76
CA GLU NA 474 -64.65 10.55 -34.82
C GLU NA 474 -65.38 10.74 -33.51
N ILE NA 475 -66.40 11.58 -33.52
CA ILE NA 475 -67.08 11.97 -32.29
C ILE NA 475 -68.55 11.61 -32.42
N ILE NA 476 -69.21 11.45 -31.28
CA ILE NA 476 -70.54 10.86 -31.18
C ILE NA 476 -71.40 11.73 -30.27
N TYR NA 477 -72.62 11.26 -30.01
CA TYR NA 477 -73.54 12.01 -29.17
C TYR NA 477 -73.13 11.92 -27.70
N THR NA 478 -73.17 13.06 -27.03
CA THR NA 478 -72.92 13.17 -25.60
C THR NA 478 -74.09 13.90 -24.97
N LEU NA 479 -74.44 13.51 -23.74
CA LEU NA 479 -75.65 14.00 -23.08
C LEU NA 479 -75.53 15.48 -22.74
N LYS NA 480 -76.43 16.28 -23.31
CA LYS NA 480 -76.55 17.74 -23.17
C LYS NA 480 -75.31 18.48 -23.67
N GLU NA 481 -74.41 17.79 -24.37
CA GLU NA 481 -73.08 18.32 -24.62
C GLU NA 481 -72.66 18.00 -26.04
N ARG NA 482 -71.74 18.83 -26.53
CA ARG NA 482 -71.50 19.00 -27.95
C ARG NA 482 -70.00 19.10 -28.19
N ALA NA 483 -69.43 18.08 -28.82
CA ALA NA 483 -68.06 18.20 -29.28
C ALA NA 483 -67.99 18.64 -30.74
N TYR NA 484 -69.08 18.50 -31.48
CA TYR NA 484 -68.99 18.64 -32.93
C TYR NA 484 -68.95 20.10 -33.33
N VAL NA 485 -69.53 20.99 -32.51
CA VAL NA 485 -69.60 22.42 -32.80
C VAL NA 485 -68.22 22.97 -33.11
N GLU NA 486 -67.27 22.58 -32.28
CA GLU NA 486 -65.89 23.03 -32.39
C GLU NA 486 -65.25 22.53 -33.67
N GLN NA 487 -65.48 21.26 -34.01
CA GLN NA 487 -64.87 20.68 -35.19
C GLN NA 487 -65.46 21.26 -36.47
N ILE NA 488 -66.79 21.47 -36.48
CA ILE NA 488 -67.46 22.07 -37.64
C ILE NA 488 -66.94 23.48 -37.88
N GLU NA 489 -66.79 24.27 -36.81
CA GLU NA 489 -66.26 25.63 -36.95
C GLU NA 489 -64.83 25.62 -37.46
N LYS NA 490 -64.00 24.73 -36.91
CA LYS NA 490 -62.58 24.73 -37.24
C LYS NA 490 -62.34 24.29 -38.67
N ALA NA 491 -63.21 23.41 -39.20
CA ALA NA 491 -63.05 23.03 -40.60
C ALA NA 491 -63.65 24.08 -41.53
N PHE NA 492 -64.73 24.75 -41.09
CA PHE NA 492 -65.38 25.79 -41.89
C PHE NA 492 -64.43 26.96 -42.16
N ASN NA 493 -63.77 27.46 -41.10
CA ASN NA 493 -62.86 28.58 -41.27
C ASN NA 493 -61.67 28.20 -42.13
N TYR NA 494 -61.24 26.96 -42.01
CA TYR NA 494 -60.14 26.42 -42.79
C TYR NA 494 -60.49 26.35 -44.27
N ALA NA 495 -61.71 25.90 -44.59
CA ALA NA 495 -62.14 25.79 -45.97
C ALA NA 495 -62.27 27.16 -46.62
N SER NA 496 -62.87 28.11 -45.89
CA SER NA 496 -62.94 29.49 -46.37
C SER NA 496 -61.56 30.08 -46.58
N LYS NA 497 -60.61 29.74 -45.71
CA LYS NA 497 -59.26 30.26 -45.81
C LYS NA 497 -58.54 29.73 -47.06
N VAL NA 498 -58.65 28.43 -47.33
CA VAL NA 498 -57.95 27.87 -48.50
C VAL NA 498 -58.58 28.39 -49.78
N LEU NA 499 -59.91 28.56 -49.80
CA LEU NA 499 -60.58 29.09 -50.98
C LEU NA 499 -60.19 30.54 -51.23
N LEU NA 500 -60.03 31.30 -50.14
CA LEU NA 500 -59.68 32.71 -50.27
C LEU NA 500 -58.25 32.90 -50.75
N ASP NA 501 -57.31 32.11 -50.20
CA ASP NA 501 -55.92 32.19 -50.64
C ASP NA 501 -55.78 31.84 -52.11
N PHE NA 502 -56.42 30.72 -52.52
CA PHE NA 502 -56.39 30.32 -53.92
C PHE NA 502 -57.05 31.36 -54.82
N LEU NA 503 -58.14 31.96 -54.35
CA LEU NA 503 -58.89 32.91 -55.16
C LEU NA 503 -58.13 34.21 -55.35
N MET NA 504 -57.44 34.67 -54.31
CA MET NA 504 -56.75 35.94 -54.40
C MET NA 504 -55.36 35.80 -55.00
N GLU NA 505 -54.86 34.59 -55.20
CA GLU NA 505 -53.60 34.49 -55.93
C GLU NA 505 -53.75 33.86 -57.31
N GLU NA 506 -54.38 32.70 -57.41
CA GLU NA 506 -54.52 32.01 -58.68
C GLU NA 506 -55.78 32.50 -59.36
N LYS NA 507 -55.62 33.03 -60.58
CA LYS NA 507 -56.67 33.77 -61.31
C LYS NA 507 -57.22 34.86 -60.41
N GLU NA 508 -56.36 35.81 -60.06
CA GLU NA 508 -56.64 36.68 -58.93
C GLU NA 508 -57.72 37.70 -59.26
N LEU NA 509 -58.51 38.02 -58.25
CA LEU NA 509 -59.66 38.90 -58.39
C LEU NA 509 -59.25 40.37 -58.39
N VAL NA 510 -58.12 40.66 -57.73
CA VAL NA 510 -57.65 42.04 -57.58
C VAL NA 510 -57.35 42.67 -58.92
N ALA NA 511 -56.61 41.93 -59.78
CA ALA NA 511 -56.25 42.44 -61.09
C ALA NA 511 -57.46 42.54 -62.00
N HIS NA 512 -58.36 41.55 -61.89
CA HIS NA 512 -59.67 41.54 -62.56
C HIS NA 512 -60.44 42.83 -62.30
N LEU NA 513 -60.59 43.18 -61.02
CA LEU NA 513 -61.35 44.37 -60.64
C LEU NA 513 -60.63 45.64 -61.06
N ARG NA 514 -59.29 45.63 -61.01
CA ARG NA 514 -58.50 46.75 -61.51
C ARG NA 514 -58.74 47.00 -62.99
N SER NA 515 -58.76 45.93 -63.78
CA SER NA 515 -58.97 46.03 -65.22
C SER NA 515 -60.43 46.25 -65.59
N ILE NA 516 -61.35 46.14 -64.63
CA ILE NA 516 -62.70 46.68 -64.82
C ILE NA 516 -62.73 48.18 -64.58
N LYS NA 517 -62.07 48.63 -63.50
CA LYS NA 517 -61.98 50.06 -63.20
C LYS NA 517 -61.30 50.84 -64.31
N ARG NA 518 -60.29 50.23 -64.93
CA ARG NA 518 -59.41 50.92 -65.86
C ARG NA 518 -60.11 51.31 -67.15
N TYR NA 519 -61.17 50.61 -67.51
CA TYR NA 519 -61.79 50.80 -68.81
C TYR NA 519 -63.25 51.22 -68.74
N PHE NA 520 -64.04 50.60 -67.86
CA PHE NA 520 -65.45 50.94 -67.75
C PHE NA 520 -65.62 52.17 -66.90
N LEU NA 521 -65.03 52.15 -65.72
CA LEU NA 521 -65.06 53.29 -64.85
C LEU NA 521 -64.05 54.32 -65.26
N MET NA 522 -63.26 54.06 -66.35
CA MET NA 522 -62.19 54.92 -66.85
C MET NA 522 -61.03 54.98 -65.86
N ASP NA 523 -59.87 54.42 -66.19
CA ASP NA 523 -58.74 55.09 -65.55
C ASP NA 523 -57.75 55.49 -66.61
N GLN NA 524 -57.86 54.88 -67.76
CA GLN NA 524 -57.07 55.25 -68.92
C GLN NA 524 -57.92 56.21 -69.75
N GLY NA 525 -57.53 57.48 -69.78
CA GLY NA 525 -58.17 58.37 -70.71
C GLY NA 525 -57.42 58.34 -72.02
N ASP NA 526 -56.12 57.98 -71.96
CA ASP NA 526 -55.27 57.95 -73.14
C ASP NA 526 -55.83 57.05 -74.23
N PHE NA 527 -56.23 55.83 -73.84
CA PHE NA 527 -56.84 54.85 -74.73
C PHE NA 527 -58.06 55.44 -75.45
N PHE NA 528 -58.93 56.11 -74.70
CA PHE NA 528 -60.14 56.64 -75.30
C PHE NA 528 -59.87 57.90 -76.10
N VAL NA 529 -58.90 58.74 -75.70
CA VAL NA 529 -58.67 59.99 -76.44
C VAL NA 529 -57.95 59.69 -77.75
N HIS NA 530 -57.19 58.59 -77.81
CA HIS NA 530 -56.81 58.11 -79.13
C HIS NA 530 -58.03 57.59 -79.90
N PHE NA 531 -58.86 56.78 -79.22
CA PHE NA 531 -59.88 56.00 -79.91
C PHE NA 531 -60.95 56.88 -80.54
N MET NA 532 -61.47 57.86 -79.78
CA MET NA 532 -62.67 58.60 -80.17
C MET NA 532 -62.47 59.39 -81.46
N ASP NA 533 -61.31 60.04 -81.60
CA ASP NA 533 -60.96 60.73 -82.84
C ASP NA 533 -60.89 59.75 -84.00
N LEU NA 534 -60.26 58.60 -83.78
CA LEU NA 534 -60.08 57.62 -84.84
C LEU NA 534 -61.31 56.73 -85.02
N ALA NA 535 -62.41 56.99 -84.32
CA ALA NA 535 -63.62 56.18 -84.43
C ALA NA 535 -64.84 56.96 -84.90
N GLU NA 536 -64.84 58.29 -84.75
CA GLU NA 536 -66.06 59.09 -84.70
C GLU NA 536 -66.86 59.02 -86.02
N GLU NA 537 -66.16 59.07 -87.15
CA GLU NA 537 -66.83 59.00 -88.45
C GLU NA 537 -67.44 57.62 -88.68
N GLU NA 538 -66.85 56.58 -88.08
CA GLU NA 538 -67.42 55.25 -88.16
C GLU NA 538 -68.55 55.09 -87.15
N LEU NA 539 -68.37 55.67 -85.96
CA LEU NA 539 -69.38 55.59 -84.90
C LEU NA 539 -70.65 56.34 -85.29
N ARG NA 540 -70.48 57.44 -86.04
CA ARG NA 540 -71.59 58.32 -86.42
C ARG NA 540 -72.61 57.64 -87.31
N LYS NA 541 -72.22 56.54 -87.96
CA LYS NA 541 -73.10 55.84 -88.87
C LYS NA 541 -74.24 55.16 -88.12
N PRO NA 542 -75.39 54.96 -88.75
CA PRO NA 542 -76.50 54.24 -88.10
C PRO NA 542 -76.22 52.77 -87.85
N VAL NA 543 -77.25 52.11 -87.29
CA VAL NA 543 -77.12 50.74 -86.82
C VAL NA 543 -76.91 49.79 -88.00
N GLU NA 544 -76.19 48.69 -87.72
CA GLU NA 544 -75.81 47.59 -88.62
C GLU NA 544 -74.83 48.00 -89.70
N ASP NA 545 -74.30 49.22 -89.66
CA ASP NA 545 -73.21 49.63 -90.51
C ASP NA 545 -71.85 49.31 -89.90
N ILE NA 546 -71.83 48.96 -88.63
CA ILE NA 546 -70.57 48.73 -87.93
C ILE NA 546 -70.04 47.35 -88.30
N THR NA 547 -68.77 47.29 -88.71
CA THR NA 547 -68.16 46.02 -89.05
C THR NA 547 -66.97 45.73 -88.14
N PRO NA 548 -66.93 44.54 -87.54
CA PRO NA 548 -65.97 44.24 -86.46
C PRO NA 548 -64.49 44.28 -86.81
N PRO NA 549 -64.03 44.00 -88.06
CA PRO NA 549 -62.59 44.20 -88.31
C PRO NA 549 -62.11 45.62 -88.07
N ARG NA 550 -62.91 46.61 -88.47
CA ARG NA 550 -62.60 48.01 -88.25
C ARG NA 550 -62.41 48.30 -86.76
N LEU NA 551 -63.32 47.77 -85.94
CA LEU NA 551 -63.22 47.92 -84.49
C LEU NA 551 -62.00 47.22 -83.95
N GLU NA 552 -61.67 46.06 -84.51
CA GLU NA 552 -60.52 45.28 -84.07
C GLU NA 552 -59.22 46.05 -84.28
N ALA NA 553 -59.05 46.64 -85.46
CA ALA NA 553 -57.82 47.37 -85.74
C ALA NA 553 -57.75 48.69 -84.97
N LEU NA 554 -58.89 49.39 -84.84
CA LEU NA 554 -58.91 50.61 -84.04
C LEU NA 554 -58.60 50.30 -82.58
N LEU NA 555 -59.08 49.16 -82.08
CA LEU NA 555 -58.80 48.71 -80.73
C LEU NA 555 -57.32 48.39 -80.55
N GLU NA 556 -56.72 47.70 -81.52
CA GLU NA 556 -55.31 47.34 -81.42
C GLU NA 556 -54.42 48.58 -81.44
N LEU NA 557 -54.75 49.53 -82.34
CA LEU NA 557 -54.00 50.79 -82.41
C LEU NA 557 -54.13 51.59 -81.13
N ALA NA 558 -55.35 51.74 -80.61
CA ALA NA 558 -55.58 52.56 -79.43
C ALA NA 558 -54.96 51.93 -78.19
N LEU NA 559 -54.93 50.59 -78.15
CA LEU NA 559 -54.31 49.90 -77.03
C LEU NA 559 -52.80 50.05 -77.05
N ARG NA 560 -52.19 49.91 -78.23
CA ARG NA 560 -50.72 49.91 -78.29
C ARG NA 560 -50.14 51.32 -78.26
N MET NA 561 -50.86 52.30 -78.84
CA MET NA 561 -50.40 53.68 -78.81
C MET NA 561 -50.43 54.24 -77.40
N SER NA 562 -51.52 53.96 -76.68
CA SER NA 562 -51.52 54.13 -75.26
C SER NA 562 -50.59 53.11 -74.63
N THR NA 563 -50.30 53.30 -73.35
CA THR NA 563 -49.67 52.21 -72.62
C THR NA 563 -50.59 51.66 -71.52
N ALA NA 564 -51.84 51.51 -71.93
CA ALA NA 564 -52.75 50.49 -71.45
C ALA NA 564 -52.39 49.11 -71.96
N ASN NA 565 -51.38 49.00 -72.84
CA ASN NA 565 -50.83 47.72 -73.25
C ASN NA 565 -49.88 47.12 -72.23
N THR NA 566 -49.60 47.83 -71.11
CA THR NA 566 -48.70 47.33 -70.07
C THR NA 566 -49.20 46.04 -69.46
N ASP NA 567 -50.38 46.10 -68.86
CA ASP NA 567 -50.88 45.03 -68.02
C ASP NA 567 -51.24 43.84 -68.90
N PRO NA 568 -51.19 42.61 -68.36
CA PRO NA 568 -51.30 41.44 -69.23
C PRO NA 568 -52.70 41.27 -69.79
N PHE NA 569 -53.68 41.76 -69.06
CA PHE NA 569 -55.07 41.55 -69.38
C PHE NA 569 -55.60 42.81 -70.06
N LYS NA 570 -55.59 42.79 -71.38
CA LYS NA 570 -56.10 43.88 -72.20
C LYS NA 570 -56.89 43.29 -73.36
N ASP NA 571 -56.69 42.00 -73.60
CA ASP NA 571 -57.26 41.31 -74.74
C ASP NA 571 -58.43 40.43 -74.37
N ASP NA 572 -58.82 40.40 -73.10
CA ASP NA 572 -60.07 39.78 -72.70
C ASP NA 572 -61.27 40.69 -72.89
N LEU NA 573 -61.04 41.98 -73.12
CA LEU NA 573 -62.08 42.94 -73.44
C LEU NA 573 -62.09 43.18 -74.94
N LYS NA 574 -63.22 42.92 -75.58
CA LYS NA 574 -63.40 43.23 -76.99
C LYS NA 574 -64.60 44.15 -77.11
N ILE NA 575 -64.65 44.90 -78.20
CA ILE NA 575 -65.70 45.90 -78.37
C ILE NA 575 -67.00 45.21 -78.76
N ASP NA 576 -68.07 45.52 -78.03
CA ASP NA 576 -69.41 45.21 -78.50
C ASP NA 576 -70.28 46.46 -78.36
N LEU NA 577 -71.56 46.29 -78.62
CA LEU NA 577 -72.51 47.39 -78.71
C LEU NA 577 -73.69 47.10 -77.79
N MET NA 578 -74.33 48.18 -77.34
CA MET NA 578 -75.56 48.09 -76.56
C MET NA 578 -76.48 49.24 -76.94
N PRO NA 579 -77.12 49.17 -78.11
CA PRO NA 579 -77.91 50.34 -78.58
C PRO NA 579 -79.36 50.31 -78.10
N HIS NA 580 -79.56 50.60 -76.82
CA HIS NA 580 -80.84 50.35 -76.15
C HIS NA 580 -81.20 51.40 -75.10
N ASP NA 581 -80.70 52.62 -75.27
CA ASP NA 581 -79.99 53.48 -74.31
C ASP NA 581 -80.55 53.39 -72.87
N LEU NA 582 -81.67 54.02 -72.54
CA LEU NA 582 -82.03 54.06 -71.12
C LEU NA 582 -83.19 53.14 -70.81
N ILE NA 583 -83.78 52.57 -71.85
CA ILE NA 583 -84.96 51.72 -71.74
C ILE NA 583 -84.63 50.43 -70.99
N THR NA 584 -83.37 50.00 -71.09
CA THR NA 584 -82.93 48.72 -70.55
C THR NA 584 -83.07 48.62 -69.04
N GLN NA 585 -82.96 49.73 -68.31
CA GLN NA 585 -83.22 49.69 -66.88
C GLN NA 585 -84.69 49.97 -66.62
N LEU NA 586 -85.33 49.07 -65.86
CA LEU NA 586 -86.73 49.20 -65.48
C LEU NA 586 -86.89 49.04 -63.97
N GLU NA 607 -80.15 53.61 -78.96
CA GLU NA 607 -81.51 53.93 -78.55
C GLU NA 607 -82.48 52.85 -79.06
N LEU NA 608 -83.01 53.01 -80.27
CA LEU NA 608 -83.78 51.94 -80.89
C LEU NA 608 -83.43 51.80 -82.37
N ALA NA 609 -82.82 52.84 -82.95
CA ALA NA 609 -82.45 52.76 -84.36
C ALA NA 609 -81.09 53.39 -84.66
N LEU NA 610 -80.25 53.65 -83.66
CA LEU NA 610 -78.95 54.28 -83.87
C LEU NA 610 -77.92 53.58 -82.99
N SER NA 611 -76.76 53.28 -83.57
CA SER NA 611 -75.71 52.62 -82.83
C SER NA 611 -74.36 53.19 -83.22
N GLY NA 612 -73.42 53.14 -82.28
CA GLY NA 612 -72.09 53.64 -82.50
C GLY NA 612 -71.91 54.98 -81.84
N LEU NA 613 -72.88 55.87 -82.02
CA LEU NA 613 -72.93 57.08 -81.22
C LEU NA 613 -73.86 56.95 -80.02
N GLU NA 614 -74.62 55.86 -79.95
CA GLU NA 614 -75.36 55.48 -78.76
C GLU NA 614 -74.87 54.19 -78.15
N ALA NA 615 -73.86 53.53 -78.74
CA ALA NA 615 -73.36 52.27 -78.24
C ALA NA 615 -71.84 52.22 -78.35
N PHE NA 616 -71.19 51.90 -77.22
CA PHE NA 616 -69.77 51.58 -77.09
C PHE NA 616 -69.65 50.89 -75.74
N SER NA 617 -69.18 49.64 -75.76
CA SER NA 617 -69.10 48.82 -74.54
C SER NA 617 -68.15 47.66 -74.82
N PHE NA 618 -67.88 46.88 -73.78
CA PHE NA 618 -66.99 45.74 -73.92
C PHE NA 618 -67.65 44.49 -73.34
N ASP NA 619 -67.13 43.34 -73.77
CA ASP NA 619 -67.41 42.06 -73.10
C ASP NA 619 -66.11 41.59 -72.47
N TYR NA 620 -66.11 41.52 -71.15
CA TYR NA 620 -65.00 41.01 -70.39
C TYR NA 620 -65.25 39.53 -70.08
N ILE NA 621 -64.39 38.67 -70.59
CA ILE NA 621 -64.55 37.25 -70.30
C ILE NA 621 -64.00 36.96 -68.92
N VAL NA 622 -64.58 35.96 -68.25
CA VAL NA 622 -64.20 35.66 -66.87
C VAL NA 622 -63.41 34.36 -66.86
N LYS NA 623 -62.53 34.25 -65.87
CA LYS NA 623 -61.84 32.99 -65.60
C LYS NA 623 -62.71 32.16 -64.67
N TRP NA 624 -62.36 30.89 -64.55
CA TRP NA 624 -63.29 29.93 -63.94
C TRP NA 624 -63.55 30.10 -62.44
N PRO NA 625 -62.59 30.51 -61.58
CA PRO NA 625 -63.01 30.94 -60.24
C PRO NA 625 -63.53 32.36 -60.18
N LEU NA 626 -63.42 33.12 -61.28
CA LEU NA 626 -63.97 34.46 -61.35
C LEU NA 626 -65.29 34.48 -62.09
N SER NA 627 -65.79 33.30 -62.47
CA SER NA 627 -67.15 33.13 -62.92
C SER NA 627 -68.12 32.97 -61.77
N LEU NA 628 -67.61 32.69 -60.57
CA LEU NA 628 -68.43 32.64 -59.37
C LEU NA 628 -68.33 33.94 -58.56
N ILE NA 629 -67.78 34.99 -59.16
CA ILE NA 629 -67.75 36.30 -58.52
C ILE NA 629 -68.46 37.30 -59.42
N ILE NA 630 -67.87 37.59 -60.57
CA ILE NA 630 -68.49 38.52 -61.50
C ILE NA 630 -69.31 37.69 -62.48
N ASN NA 631 -70.53 38.14 -62.75
CA ASN NA 631 -71.44 37.38 -63.57
C ASN NA 631 -72.06 38.32 -64.58
N ARG NA 632 -73.16 37.84 -65.16
CA ARG NA 632 -73.86 38.52 -66.24
C ARG NA 632 -74.34 39.92 -65.84
N LYS NA 633 -75.02 40.03 -64.69
CA LYS NA 633 -75.77 41.24 -64.38
C LYS NA 633 -74.83 42.36 -63.97
N ALA NA 634 -73.76 42.03 -63.23
CA ALA NA 634 -72.75 43.01 -62.86
C ALA NA 634 -72.03 43.55 -64.08
N LEU NA 635 -71.68 42.67 -65.02
CA LEU NA 635 -71.03 43.08 -66.26
C LEU NA 635 -71.94 43.98 -67.09
N THR NA 636 -73.23 43.63 -67.14
CA THR NA 636 -74.21 44.43 -67.86
C THR NA 636 -74.33 45.83 -67.25
N ARG NA 637 -74.29 45.92 -65.92
CA ARG NA 637 -74.35 47.23 -65.29
C ARG NA 637 -73.05 48.02 -65.48
N TYR NA 638 -71.91 47.34 -65.53
CA TYR NA 638 -70.65 48.01 -65.88
C TYR NA 638 -70.71 48.63 -67.27
N GLN NA 639 -71.24 47.87 -68.22
CA GLN NA 639 -71.41 48.38 -69.58
C GLN NA 639 -72.40 49.53 -69.62
N MET NA 640 -73.47 49.45 -68.83
CA MET NA 640 -74.45 50.53 -68.81
C MET NA 640 -73.91 51.78 -68.13
N LEU NA 641 -72.94 51.64 -67.24
CA LEU NA 641 -72.24 52.79 -66.69
C LEU NA 641 -71.37 53.45 -67.75
N PHE NA 642 -70.54 52.65 -68.41
CA PHE NA 642 -69.59 53.18 -69.38
C PHE NA 642 -70.31 53.77 -70.58
N ARG NA 643 -71.45 53.19 -70.95
CA ARG NA 643 -72.28 53.70 -72.04
C ARG NA 643 -72.77 55.11 -71.73
N HIS NA 644 -73.17 55.36 -70.49
CA HIS NA 644 -73.62 56.68 -70.10
C HIS NA 644 -72.46 57.67 -70.07
N MET NA 645 -71.30 57.23 -69.57
CA MET NA 645 -70.14 58.13 -69.49
C MET NA 645 -69.63 58.50 -70.88
N PHE NA 646 -69.80 57.60 -71.84
CA PHE NA 646 -69.34 57.84 -73.19
C PHE NA 646 -70.12 58.96 -73.86
N TYR NA 647 -71.38 59.17 -73.48
CA TYR NA 647 -72.17 60.27 -74.03
C TYR NA 647 -71.61 61.62 -73.63
N CYS NA 648 -71.26 61.77 -72.35
CA CYS NA 648 -70.63 63.00 -71.87
C CYS NA 648 -69.27 63.20 -72.53
N LYS NA 649 -68.50 62.10 -72.67
CA LYS NA 649 -67.22 62.15 -73.37
C LYS NA 649 -67.39 62.62 -74.82
N HIS NA 650 -68.48 62.22 -75.45
CA HIS NA 650 -68.78 62.54 -76.83
C HIS NA 650 -69.14 64.01 -77.00
N VAL NA 651 -70.06 64.49 -76.15
CA VAL NA 651 -70.57 65.85 -76.32
C VAL NA 651 -69.54 66.87 -75.81
N GLU NA 652 -68.59 66.43 -74.97
CA GLU NA 652 -67.45 67.27 -74.61
C GLU NA 652 -66.65 67.68 -75.85
N ARG NA 653 -66.19 66.70 -76.62
CA ARG NA 653 -65.37 67.04 -77.79
C ARG NA 653 -66.21 67.68 -78.88
N GLN NA 654 -67.51 67.35 -78.92
CA GLN NA 654 -68.43 68.08 -79.79
C GLN NA 654 -68.44 69.58 -79.49
N LEU NA 655 -68.58 69.94 -78.22
CA LEU NA 655 -68.58 71.36 -77.85
C LEU NA 655 -67.21 72.00 -78.05
N CYS NA 656 -66.13 71.23 -77.86
CA CYS NA 656 -64.81 71.84 -77.97
C CYS NA 656 -64.45 72.16 -79.42
N SER NA 657 -64.94 71.35 -80.36
CA SER NA 657 -64.66 71.63 -81.78
C SER NA 657 -65.33 72.92 -82.24
N VAL NA 658 -66.51 73.22 -81.72
CA VAL NA 658 -67.23 74.42 -82.11
C VAL NA 658 -66.47 75.66 -81.66
N TRP NA 659 -65.81 75.58 -80.49
CA TRP NA 659 -65.00 76.67 -79.99
C TRP NA 659 -63.80 76.94 -80.90
N ILE NA 660 -63.17 75.88 -81.40
CA ILE NA 660 -61.94 76.08 -82.15
C ILE NA 660 -62.30 76.43 -83.59
N SER NA 661 -63.55 76.20 -83.97
CA SER NA 661 -63.94 76.52 -85.34
C SER NA 661 -64.07 78.02 -85.62
N ASN NA 662 -64.25 78.87 -84.60
CA ASN NA 662 -64.12 80.31 -84.79
C ASN NA 662 -62.82 80.85 -84.21
N LYS NA 663 -61.95 79.93 -83.77
CA LYS NA 663 -60.76 80.16 -82.91
C LYS NA 663 -60.94 81.24 -81.84
N GLN NA 674 -70.78 83.96 -87.31
CA GLN NA 674 -69.81 84.40 -86.32
C GLN NA 674 -70.19 85.77 -85.76
N TRP NA 675 -69.53 86.12 -84.65
CA TRP NA 675 -69.64 87.42 -83.96
C TRP NA 675 -71.02 87.66 -83.37
N PHE NA 676 -71.49 86.66 -82.66
CA PHE NA 676 -72.60 86.74 -81.72
C PHE NA 676 -72.04 86.36 -80.36
N ALA NA 677 -72.07 87.30 -79.42
CA ALA NA 677 -71.62 86.98 -78.06
C ALA NA 677 -72.54 85.96 -77.39
N GLY NA 678 -73.83 85.97 -77.74
CA GLY NA 678 -74.78 85.10 -77.06
C GLY NA 678 -74.57 83.63 -77.37
N ALA NA 679 -74.15 83.32 -78.60
CA ALA NA 679 -73.71 81.97 -78.92
C ALA NA 679 -72.49 81.56 -78.10
N PHE NA 680 -71.62 82.51 -77.79
CA PHE NA 680 -70.43 82.18 -76.99
C PHE NA 680 -70.82 81.93 -75.56
N THR NA 681 -71.80 82.68 -75.07
CA THR NA 681 -72.35 82.48 -73.73
C THR NA 681 -72.99 81.11 -73.61
N LEU NA 682 -73.80 80.73 -74.61
CA LEU NA 682 -74.46 79.44 -74.59
C LEU NA 682 -73.45 78.30 -74.70
N ARG NA 683 -72.45 78.47 -75.56
CA ARG NA 683 -71.41 77.46 -75.74
C ARG NA 683 -70.59 77.29 -74.47
N GLN NA 684 -70.22 78.41 -73.84
CA GLN NA 684 -69.49 78.40 -72.58
C GLN NA 684 -70.29 77.72 -71.48
N ARG NA 685 -71.60 77.98 -71.42
CA ARG NA 685 -72.43 77.41 -70.38
C ARG NA 685 -72.61 75.91 -70.56
N MET NA 686 -72.82 75.46 -71.80
CA MET NA 686 -72.97 74.03 -72.08
C MET NA 686 -71.69 73.26 -71.76
N LEU NA 687 -70.55 73.82 -72.15
CA LEU NA 687 -69.27 73.17 -71.90
C LEU NA 687 -68.93 73.14 -70.42
N ASN NA 688 -69.23 74.25 -69.71
CA ASN NA 688 -69.14 74.30 -68.26
C ASN NA 688 -69.93 73.17 -67.62
N PHE NA 689 -71.18 73.00 -68.06
CA PHE NA 689 -72.05 71.96 -67.53
C PHE NA 689 -71.43 70.57 -67.71
N VAL NA 690 -70.99 70.25 -68.92
CA VAL NA 690 -70.57 68.88 -69.20
C VAL NA 690 -69.28 68.52 -68.48
N GLN NA 691 -68.34 69.48 -68.37
CA GLN NA 691 -67.09 69.18 -67.67
C GLN NA 691 -67.33 69.00 -66.17
N ASN NA 692 -68.22 69.81 -65.60
CA ASN NA 692 -68.55 69.62 -64.19
C ASN NA 692 -69.26 68.30 -63.94
N ILE NA 693 -70.11 67.85 -64.88
CA ILE NA 693 -70.82 66.57 -64.72
C ILE NA 693 -69.82 65.41 -64.67
N GLN NA 694 -68.84 65.46 -65.57
CA GLN NA 694 -67.83 64.39 -65.61
C GLN NA 694 -67.01 64.33 -64.34
N TYR NA 695 -66.56 65.49 -63.84
CA TYR NA 695 -65.75 65.48 -62.61
C TYR NA 695 -66.59 65.09 -61.40
N TYR NA 696 -67.89 65.41 -61.46
CA TYR NA 696 -68.82 65.01 -60.41
C TYR NA 696 -68.88 63.51 -60.28
N MET NA 697 -69.05 62.82 -61.39
CA MET NA 697 -69.04 61.36 -61.33
C MET NA 697 -67.66 60.84 -60.96
N MET NA 698 -66.61 61.59 -61.31
CA MET NA 698 -65.24 61.11 -61.12
C MET NA 698 -64.85 61.03 -59.65
N PHE NA 699 -65.06 62.10 -58.89
CA PHE NA 699 -64.44 62.14 -57.57
C PHE NA 699 -65.43 62.11 -56.41
N GLU NA 700 -66.70 61.79 -56.67
CA GLU NA 700 -67.66 61.61 -55.60
C GLU NA 700 -68.15 60.18 -55.50
N VAL NA 701 -68.37 59.52 -56.63
CA VAL NA 701 -68.99 58.20 -56.66
C VAL NA 701 -67.97 57.12 -56.94
N MET NA 702 -67.23 57.24 -58.03
CA MET NA 702 -66.41 56.14 -58.52
C MET NA 702 -65.20 55.90 -57.64
N GLU NA 703 -64.39 56.93 -57.46
CA GLU NA 703 -63.15 56.82 -56.69
C GLU NA 703 -63.33 56.57 -55.18
N PRO NA 704 -64.30 57.21 -54.47
CA PRO NA 704 -64.46 56.83 -53.05
C PRO NA 704 -64.93 55.40 -52.81
N THR NA 705 -65.93 54.93 -53.54
CA THR NA 705 -66.40 53.57 -53.30
C THR NA 705 -65.42 52.51 -53.79
N TRP NA 706 -64.60 52.82 -54.78
CA TRP NA 706 -63.57 51.88 -55.21
C TRP NA 706 -62.41 51.84 -54.22
N HIS NA 707 -62.07 53.03 -53.69
CA HIS NA 707 -61.22 53.13 -52.51
C HIS NA 707 -61.75 52.26 -51.38
N ILE NA 708 -63.06 52.25 -51.15
CA ILE NA 708 -63.63 51.42 -50.10
C ILE NA 708 -63.55 49.94 -50.43
N LEU NA 709 -63.83 49.57 -51.69
CA LEU NA 709 -63.84 48.16 -52.10
C LEU NA 709 -62.46 47.53 -51.93
N GLU NA 710 -61.41 48.28 -52.27
CA GLU NA 710 -60.05 47.76 -52.11
C GLU NA 710 -59.63 47.61 -50.66
N LYS NA 711 -60.33 48.23 -49.71
CA LYS NA 711 -59.99 48.00 -48.32
C LYS NA 711 -60.90 46.97 -47.70
N ASN NA 712 -62.14 46.84 -48.19
CA ASN NA 712 -63.02 45.77 -47.76
C ASN NA 712 -62.46 44.41 -48.10
N LEU NA 713 -61.97 44.26 -49.33
CA LEU NA 713 -61.54 42.94 -49.77
C LEU NA 713 -60.20 42.52 -49.19
N LYS NA 714 -59.44 43.43 -48.61
CA LYS NA 714 -58.26 43.03 -47.87
C LYS NA 714 -58.63 42.46 -46.50
N SER NA 715 -59.82 42.80 -46.00
CA SER NA 715 -60.31 42.25 -44.75
C SER NA 715 -61.51 41.34 -44.99
N ALA NA 716 -61.58 40.74 -46.17
CA ALA NA 716 -62.58 39.71 -46.43
C ALA NA 716 -62.08 38.38 -45.88
N SER NA 717 -63.01 37.54 -45.45
CA SER NA 717 -62.62 36.25 -44.90
C SER NA 717 -63.29 35.08 -45.60
N ASN NA 718 -64.56 35.19 -45.95
CA ASN NA 718 -65.24 34.15 -46.71
C ASN NA 718 -65.99 34.78 -47.88
N ILE NA 719 -66.53 33.90 -48.72
CA ILE NA 719 -66.90 34.29 -50.07
C ILE NA 719 -68.37 34.71 -50.09
N ASP NA 720 -69.04 34.56 -48.96
CA ASP NA 720 -70.32 35.21 -48.83
C ASP NA 720 -70.18 36.70 -48.54
N ASP NA 721 -68.99 37.14 -48.16
CA ASP NA 721 -68.71 38.55 -47.97
C ASP NA 721 -68.24 39.22 -49.24
N VAL NA 722 -67.52 38.48 -50.08
CA VAL NA 722 -66.94 39.05 -51.30
C VAL NA 722 -68.05 39.47 -52.25
N LEU NA 723 -69.07 38.62 -52.39
CA LEU NA 723 -70.25 38.97 -53.17
C LEU NA 723 -70.99 40.16 -52.56
N GLY NA 724 -70.99 40.26 -51.23
CA GLY NA 724 -71.67 41.36 -50.57
C GLY NA 724 -70.98 42.70 -50.79
N HIS NA 725 -69.65 42.74 -50.64
CA HIS NA 725 -68.86 43.93 -50.92
C HIS NA 725 -69.02 44.34 -52.37
N HIS NA 726 -69.00 43.34 -53.25
CA HIS NA 726 -69.14 43.56 -54.69
C HIS NA 726 -70.48 44.20 -55.00
N THR NA 727 -71.58 43.60 -54.51
CA THR NA 727 -72.92 44.08 -54.87
C THR NA 727 -73.23 45.41 -54.20
N GLY NA 728 -72.59 45.70 -53.06
CA GLY NA 728 -72.74 47.02 -52.46
C GLY NA 728 -72.05 48.09 -53.29
N PHE NA 729 -70.84 47.78 -53.77
CA PHE NA 729 -70.11 48.68 -54.66
C PHE NA 729 -70.88 48.93 -55.94
N LEU NA 730 -71.41 47.85 -56.53
CA LEU NA 730 -72.24 47.95 -57.73
C LEU NA 730 -73.47 48.82 -57.51
N ASP NA 731 -74.19 48.58 -56.40
CA ASP NA 731 -75.43 49.29 -56.14
C ASP NA 731 -75.19 50.78 -55.91
N THR NA 732 -74.18 51.11 -55.09
CA THR NA 732 -73.90 52.51 -54.78
C THR NA 732 -73.48 53.28 -56.03
N CYS NA 733 -72.55 52.68 -56.81
CA CYS NA 733 -72.04 53.37 -57.98
C CYS NA 733 -73.10 53.51 -59.07
N LEU NA 734 -73.98 52.51 -59.22
CA LEU NA 734 -75.03 52.62 -60.21
C LEU NA 734 -76.09 53.63 -59.81
N LYS NA 735 -76.59 53.51 -58.58
CA LYS NA 735 -77.74 54.30 -58.17
C LYS NA 735 -77.38 55.77 -58.00
N ASP NA 736 -76.17 56.06 -57.51
CA ASP NA 736 -75.82 57.45 -57.31
C ASP NA 736 -75.55 58.18 -58.62
N CYS NA 737 -74.91 57.52 -59.57
CA CYS NA 737 -74.80 58.10 -60.90
C CYS NA 737 -76.18 58.15 -61.54
N MET NA 738 -76.41 59.21 -62.32
CA MET NA 738 -77.74 59.59 -62.76
C MET NA 738 -78.18 58.67 -63.89
N LEU NA 739 -78.60 57.46 -63.48
CA LEU NA 739 -79.28 56.51 -64.34
C LEU NA 739 -80.57 56.12 -63.64
N THR NA 740 -80.50 56.05 -62.31
CA THR NA 740 -81.62 55.69 -61.46
C THR NA 740 -82.03 56.93 -60.69
N ASN NA 741 -83.15 57.51 -61.09
CA ASN NA 741 -83.71 58.69 -60.44
C ASN NA 741 -85.19 58.38 -60.23
N PRO NA 742 -85.94 59.19 -59.45
CA PRO NA 742 -87.39 58.92 -59.31
C PRO NA 742 -88.16 58.87 -60.63
N GLU NA 743 -87.95 59.84 -61.51
CA GLU NA 743 -88.52 59.78 -62.85
C GLU NA 743 -87.46 59.47 -63.89
N LEU NA 744 -86.26 59.10 -63.44
CA LEU NA 744 -85.14 58.58 -64.23
C LEU NA 744 -84.53 59.62 -65.17
N LEU NA 745 -84.95 60.88 -65.05
CA LEU NA 745 -84.36 62.05 -65.73
C LEU NA 745 -84.36 61.90 -67.25
N LYS NA 746 -85.58 61.89 -67.79
CA LYS NA 746 -85.75 62.04 -69.24
C LYS NA 746 -85.33 63.43 -69.71
N VAL NA 747 -85.33 64.40 -68.79
CA VAL NA 747 -84.85 65.75 -69.03
C VAL NA 747 -83.37 65.74 -69.41
N PHE NA 748 -82.59 64.78 -68.89
CA PHE NA 748 -81.19 64.72 -69.25
C PHE NA 748 -80.99 64.30 -70.70
N SER NA 749 -81.80 63.36 -71.16
CA SER NA 749 -81.77 62.97 -72.57
C SER NA 749 -82.21 64.13 -73.46
N LYS NA 750 -83.21 64.90 -73.02
CA LYS NA 750 -83.64 66.07 -73.78
C LYS NA 750 -82.55 67.15 -73.84
N LEU NA 751 -81.80 67.29 -72.75
CA LEU NA 751 -80.68 68.23 -72.70
C LEU NA 751 -79.59 67.83 -73.68
N MET NA 752 -79.25 66.54 -73.70
CA MET NA 752 -78.19 66.08 -74.57
C MET NA 752 -78.60 66.17 -76.03
N SER NA 753 -79.90 66.00 -76.29
CA SER NA 753 -80.45 66.27 -77.62
C SER NA 753 -80.17 67.70 -78.05
N VAL NA 754 -80.52 68.67 -77.20
CA VAL NA 754 -80.35 70.06 -77.65
C VAL NA 754 -78.88 70.48 -77.68
N CYS NA 755 -78.01 69.82 -76.91
CA CYS NA 755 -76.58 70.10 -77.06
C CYS NA 755 -76.01 69.60 -78.39
N VAL NA 756 -76.39 68.38 -78.79
CA VAL NA 756 -75.97 67.85 -80.09
C VAL NA 756 -76.53 68.72 -81.22
N MET NA 757 -77.77 69.20 -81.05
CA MET NA 757 -78.38 70.12 -82.01
C MET NA 757 -77.61 71.41 -82.14
N PHE NA 758 -77.19 71.98 -81.01
CA PHE NA 758 -76.46 73.25 -81.00
C PHE NA 758 -75.15 73.13 -81.74
N THR NA 759 -74.39 72.06 -81.45
CA THR NA 759 -73.10 71.86 -82.11
C THR NA 759 -73.27 71.67 -83.62
N ASN NA 760 -74.28 70.89 -84.02
CA ASN NA 760 -74.53 70.62 -85.43
C ASN NA 760 -74.89 71.89 -86.21
N CYS NA 761 -75.89 72.63 -85.72
CA CYS NA 761 -76.39 73.76 -86.49
C CYS NA 761 -75.39 74.92 -86.50
N MET NA 762 -74.72 75.18 -85.37
CA MET NA 762 -73.72 76.25 -85.36
C MET NA 762 -72.54 75.91 -86.25
N GLN NA 763 -72.14 74.63 -86.28
CA GLN NA 763 -71.04 74.22 -87.15
C GLN NA 763 -71.39 74.34 -88.62
N LYS NA 764 -72.62 73.95 -88.99
CA LYS NA 764 -73.05 74.08 -90.39
C LYS NA 764 -73.08 75.54 -90.84
N PHE NA 765 -73.67 76.42 -90.02
CA PHE NA 765 -73.75 77.82 -90.39
C PHE NA 765 -72.37 78.44 -90.50
N THR NA 766 -71.47 78.10 -89.58
CA THR NA 766 -70.16 78.72 -89.61
C THR NA 766 -69.30 78.18 -90.75
N GLN NA 767 -69.44 76.90 -91.11
CA GLN NA 767 -68.67 76.40 -92.25
C GLN NA 767 -69.18 76.99 -93.55
N SER NA 768 -70.48 77.30 -93.62
CA SER NA 768 -70.97 78.01 -94.79
C SER NA 768 -70.47 79.45 -94.80
N MET NA 769 -70.39 80.08 -93.62
CA MET NA 769 -69.99 81.49 -93.54
C MET NA 769 -68.51 81.67 -93.85
N LYS NA 770 -67.66 80.76 -93.36
CA LYS NA 770 -66.22 80.88 -93.63
C LYS NA 770 -65.90 80.57 -95.08
N LEU NA 771 -66.61 79.64 -95.69
CA LEU NA 771 -66.38 79.27 -97.07
C LEU NA 771 -67.30 80.03 -98.01
N LEU NA 814 -78.42 84.03 -92.05
CA LEU NA 814 -79.34 85.11 -91.65
C LEU NA 814 -79.51 85.11 -90.15
N VAL NA 815 -80.52 85.83 -89.66
CA VAL NA 815 -80.89 85.75 -88.25
C VAL NA 815 -81.86 84.61 -88.00
N SER NA 816 -82.18 83.84 -89.04
CA SER NA 816 -83.03 82.66 -88.96
C SER NA 816 -82.24 81.36 -88.98
N GLY NA 817 -81.11 81.33 -89.68
CA GLY NA 817 -80.22 80.19 -89.67
C GLY NA 817 -79.13 80.38 -88.65
N PHE NA 818 -79.12 81.51 -87.96
CA PHE NA 818 -78.15 81.69 -86.90
C PHE NA 818 -78.83 82.02 -85.59
N GLU NA 819 -79.44 83.22 -85.51
CA GLU NA 819 -79.78 83.79 -84.22
C GLU NA 819 -81.03 83.16 -83.64
N ALA NA 820 -82.00 82.84 -84.49
CA ALA NA 820 -83.23 82.23 -84.02
C ALA NA 820 -83.00 80.81 -83.51
N THR NA 821 -82.13 80.06 -84.21
CA THR NA 821 -81.74 78.74 -83.74
C THR NA 821 -80.97 78.85 -82.42
N ILE NA 822 -80.09 79.84 -82.30
CA ILE NA 822 -79.38 80.09 -81.04
C ILE NA 822 -80.37 80.37 -79.91
N ASN NA 823 -81.42 81.13 -80.20
CA ASN NA 823 -82.37 81.50 -79.16
C ASN NA 823 -83.20 80.31 -78.72
N LYS NA 824 -83.64 79.48 -79.67
CA LYS NA 824 -84.37 78.27 -79.29
C LYS NA 824 -83.50 77.35 -78.46
N PHE NA 825 -82.23 77.21 -78.84
CA PHE NA 825 -81.33 76.31 -78.12
C PHE NA 825 -80.99 76.86 -76.74
N ASP NA 826 -80.87 78.19 -76.64
CA ASP NA 826 -80.64 78.86 -75.35
C ASP NA 826 -81.80 78.63 -74.41
N LYS NA 827 -83.02 78.87 -74.90
CA LYS NA 827 -84.23 78.69 -74.10
C LYS NA 827 -84.36 77.24 -73.64
N ASN NA 828 -84.14 76.30 -74.55
CA ASN NA 828 -84.30 74.89 -74.23
C ASN NA 828 -83.25 74.41 -73.24
N PHE NA 829 -82.00 74.85 -73.40
CA PHE NA 829 -80.94 74.39 -72.50
C PHE NA 829 -81.11 74.95 -71.11
N SER NA 830 -81.50 76.23 -71.01
CA SER NA 830 -81.83 76.83 -69.72
C SER NA 830 -83.01 76.11 -69.08
N ALA NA 831 -84.03 75.80 -69.88
CA ALA NA 831 -85.23 75.15 -69.36
C ALA NA 831 -84.95 73.76 -68.82
N HIS NA 832 -84.19 72.95 -69.59
CA HIS NA 832 -83.86 71.61 -69.14
C HIS NA 832 -82.91 71.63 -67.96
N LEU NA 833 -81.98 72.59 -67.92
CA LEU NA 833 -81.08 72.73 -66.78
C LEU NA 833 -81.85 73.02 -65.51
N LEU NA 834 -82.74 74.03 -65.55
CA LEU NA 834 -83.51 74.39 -64.36
C LEU NA 834 -84.47 73.29 -63.94
N ASP NA 835 -85.18 72.68 -64.91
CA ASP NA 835 -86.13 71.62 -64.59
C ASP NA 835 -85.43 70.37 -64.08
N LEU NA 836 -84.24 70.09 -64.61
CA LEU NA 836 -83.48 68.93 -64.19
C LEU NA 836 -82.98 69.09 -62.76
N LEU NA 837 -82.39 70.26 -62.46
CA LEU NA 837 -81.94 70.50 -61.08
C LEU NA 837 -83.11 70.61 -60.12
N ALA NA 838 -84.27 71.05 -60.61
CA ALA NA 838 -85.47 71.03 -59.78
C ALA NA 838 -85.92 69.60 -59.48
N ARG NA 839 -85.92 68.74 -60.50
CA ARG NA 839 -86.27 67.34 -60.32
C ARG NA 839 -85.20 66.56 -59.57
N LEU NA 840 -84.01 67.13 -59.44
CA LEU NA 840 -82.96 66.58 -58.60
C LEU NA 840 -83.05 67.06 -57.16
N SER NA 841 -83.61 68.26 -56.95
CA SER NA 841 -83.68 68.82 -55.61
C SER NA 841 -84.78 68.17 -54.78
N ILE NA 842 -85.80 67.60 -55.44
CA ILE NA 842 -86.89 66.96 -54.70
C ILE NA 842 -86.43 65.64 -54.09
N TYR NA 843 -85.37 65.04 -54.62
CA TYR NA 843 -84.90 63.76 -54.16
C TYR NA 843 -84.22 63.88 -52.80
N SER NA 844 -84.45 62.90 -51.95
CA SER NA 844 -83.97 62.81 -50.57
C SER NA 844 -84.41 64.02 -49.74
N GLY NA 851 -78.58 63.30 -47.22
CA GLY NA 851 -78.75 64.19 -48.36
C GLY NA 851 -77.86 63.83 -49.54
N MET NA 852 -78.22 64.33 -50.73
CA MET NA 852 -77.32 64.18 -51.87
C MET NA 852 -77.29 65.42 -52.76
N ALA NA 853 -77.60 66.59 -52.20
CA ALA NA 853 -77.73 67.81 -52.99
C ALA NA 853 -76.39 68.49 -53.26
N SER NA 854 -75.28 67.82 -52.91
CA SER NA 854 -73.94 68.34 -53.18
C SER NA 854 -73.65 68.44 -54.67
N VAL NA 855 -74.39 67.68 -55.49
CA VAL NA 855 -74.26 67.79 -56.94
C VAL NA 855 -74.63 69.20 -57.42
N ILE NA 856 -75.78 69.70 -56.98
CA ILE NA 856 -76.30 71.00 -57.41
C ILE NA 856 -75.43 72.10 -56.82
N SER NA 857 -74.93 71.87 -55.61
CA SER NA 857 -74.00 72.77 -54.95
C SER NA 857 -72.70 72.91 -55.74
N ARG NA 858 -72.16 71.80 -56.26
CA ARG NA 858 -70.91 71.91 -57.01
C ARG NA 858 -71.13 72.45 -58.42
N LEU NA 859 -72.24 72.07 -59.05
CA LEU NA 859 -72.47 72.36 -60.46
C LEU NA 859 -72.60 73.85 -60.70
N ASP NA 860 -73.23 74.57 -59.78
CA ASP NA 860 -73.27 76.03 -59.84
C ASP NA 860 -72.64 76.54 -58.54
N PHE NA 861 -71.34 76.80 -58.62
CA PHE NA 861 -70.54 77.28 -57.52
C PHE NA 861 -70.53 78.80 -57.44
N ASN NA 862 -71.02 79.48 -58.48
CA ASN NA 862 -70.91 80.93 -58.55
C ASN NA 862 -71.85 81.63 -57.58
N GLY NA 863 -73.13 81.27 -57.60
CA GLY NA 863 -74.13 82.13 -57.03
C GLY NA 863 -74.94 82.88 -58.05
N PHE NA 864 -74.90 82.43 -59.32
CA PHE NA 864 -75.81 82.96 -60.32
C PHE NA 864 -76.20 81.81 -61.24
N TYR NA 865 -77.50 81.71 -61.50
CA TYR NA 865 -78.20 80.56 -62.09
C TYR NA 865 -78.07 79.32 -61.22
N THR NA 866 -77.88 79.51 -59.91
CA THR NA 866 -77.70 78.41 -58.96
C THR NA 866 -78.90 77.47 -58.99
N GLU NA 867 -80.07 78.01 -58.67
CA GLU NA 867 -81.35 77.64 -59.23
C GLU NA 867 -82.27 78.81 -58.97
N ARG NA 868 -82.78 79.43 -60.03
CA ARG NA 868 -83.71 80.54 -59.88
C ARG NA 868 -85.16 80.09 -59.96
N LEU NA 869 -85.40 78.88 -60.45
CA LEU NA 869 -86.75 78.33 -60.51
C LEU NA 869 -87.24 78.03 -59.10
N GLU NA 870 -88.28 78.75 -58.67
CA GLU NA 870 -88.86 78.47 -57.37
C GLU NA 870 -89.70 77.20 -57.42
N ARG NA 871 -90.83 77.25 -58.17
CA ARG NA 871 -91.62 76.17 -58.76
C ARG NA 871 -92.82 76.85 -59.44
N LEU NA 872 -93.44 76.24 -60.45
CA LEU NA 872 -94.70 76.76 -60.98
C LEU NA 872 -95.80 76.65 -59.93
N SER NA 873 -96.50 77.74 -59.66
CA SER NA 873 -97.53 77.76 -58.63
C SER NA 873 -98.84 77.19 -59.17
N ALA NA 874 -99.75 76.90 -58.24
CA ALA NA 874 -101.02 76.26 -58.59
C ALA NA 874 -102.10 76.64 -57.59
N GLU NA 875 -103.34 76.36 -57.97
CA GLU NA 875 -104.49 76.65 -57.12
C GLU NA 875 -104.55 75.66 -55.96
N ARG NA 876 -104.87 76.18 -54.77
CA ARG NA 876 -104.94 75.45 -53.50
C ARG NA 876 -103.66 74.69 -53.18
N LYS OA 7 -128.71 71.71 -47.63
CA LYS OA 7 -128.59 72.99 -48.31
C LYS OA 7 -127.97 72.84 -49.69
N SER OA 8 -128.01 73.91 -50.46
CA SER OA 8 -127.20 74.02 -51.66
C SER OA 8 -125.91 74.77 -51.31
N PRO OA 9 -124.81 74.47 -51.99
CA PRO OA 9 -123.55 75.16 -51.68
C PRO OA 9 -123.57 76.65 -51.97
N ASN OA 10 -124.34 77.10 -52.98
CA ASN OA 10 -124.25 78.48 -53.44
C ASN OA 10 -124.88 79.45 -52.43
N VAL OA 11 -126.02 79.07 -51.85
CA VAL OA 11 -126.65 79.94 -50.86
C VAL OA 11 -125.92 79.83 -49.53
N LEU OA 12 -125.24 78.71 -49.30
CA LEU OA 12 -124.46 78.52 -48.08
C LEU OA 12 -123.18 79.36 -48.10
N LEU OA 13 -122.67 79.69 -49.30
CA LEU OA 13 -121.52 80.58 -49.40
C LEU OA 13 -121.87 82.03 -48.99
N GLN OA 14 -123.15 82.39 -49.00
CA GLN OA 14 -123.61 83.71 -48.58
C GLN OA 14 -123.52 83.92 -47.07
N ASN OA 15 -123.80 82.86 -46.30
CA ASN OA 15 -123.79 82.96 -44.85
C ASN OA 15 -122.39 83.19 -44.31
N LEU OA 16 -121.39 82.57 -44.92
CA LEU OA 16 -120.00 82.77 -44.52
C LEU OA 16 -119.54 84.21 -44.78
N CYS OA 17 -119.93 84.77 -45.94
CA CYS OA 17 -119.50 86.12 -46.25
C CYS OA 17 -120.26 87.17 -45.43
N CYS OA 18 -121.44 86.83 -44.93
CA CYS OA 18 -122.02 87.67 -43.90
C CYS OA 18 -121.45 87.40 -42.51
N ARG OA 19 -120.76 86.28 -42.33
CA ARG OA 19 -120.13 86.02 -41.03
C ARG OA 19 -118.78 86.72 -40.89
N ILE OA 20 -117.91 86.64 -41.89
CA ILE OA 20 -116.58 87.24 -41.76
C ILE OA 20 -116.67 88.75 -41.85
N LEU OA 21 -117.21 89.25 -42.96
CA LEU OA 21 -117.49 90.67 -43.08
C LEU OA 21 -118.56 91.08 -42.09
N GLY OA 22 -118.46 92.29 -41.58
CA GLY OA 22 -119.54 92.85 -40.80
C GLY OA 22 -120.68 93.37 -41.64
N ARG OA 23 -120.49 93.38 -42.95
CA ARG OA 23 -121.40 94.02 -43.89
C ARG OA 23 -122.38 92.99 -44.46
N SER OA 24 -123.42 93.49 -45.11
CA SER OA 24 -124.39 92.63 -45.75
C SER OA 24 -123.90 92.25 -47.14
N GLU OA 25 -124.61 91.30 -47.76
CA GLU OA 25 -124.29 90.92 -49.12
C GLU OA 25 -124.87 91.89 -50.13
N ALA OA 26 -125.91 92.63 -49.78
CA ALA OA 26 -126.41 93.66 -50.69
C ALA OA 26 -125.56 94.92 -50.67
N ASP OA 27 -124.55 94.99 -49.80
CA ASP OA 27 -123.64 96.13 -49.77
C ASP OA 27 -122.47 95.94 -50.73
N VAL OA 28 -121.69 94.88 -50.54
CA VAL OA 28 -120.56 94.56 -51.41
C VAL OA 28 -120.90 93.28 -52.15
N ALA OA 29 -120.51 93.21 -53.42
CA ALA OA 29 -120.65 91.99 -54.19
C ALA OA 29 -119.34 91.51 -54.76
N GLN OA 30 -118.24 92.22 -54.52
CA GLN OA 30 -116.93 91.81 -55.02
C GLN OA 30 -116.36 90.66 -54.18
N GLN OA 31 -116.48 90.77 -52.86
CA GLN OA 31 -115.98 89.75 -51.95
C GLN OA 31 -116.75 88.45 -52.11
N PHE OA 32 -118.07 88.54 -52.18
CA PHE OA 32 -118.94 87.40 -52.40
C PHE OA 32 -118.69 86.74 -53.75
N GLN OA 33 -118.43 87.54 -54.78
CA GLN OA 33 -118.01 87.04 -56.08
C GLN OA 33 -116.72 86.26 -55.99
N TYR OA 34 -115.73 86.78 -55.26
CA TYR OA 34 -114.47 86.06 -55.11
C TYR OA 34 -114.64 84.75 -54.35
N ALA OA 35 -115.48 84.76 -53.31
CA ALA OA 35 -115.76 83.57 -52.51
C ALA OA 35 -116.40 82.45 -53.33
N VAL OA 36 -117.48 82.79 -54.06
CA VAL OA 36 -118.13 81.80 -54.91
C VAL OA 36 -117.21 81.36 -56.03
N ARG OA 37 -116.38 82.28 -56.56
CA ARG OA 37 -115.44 81.95 -57.62
C ARG OA 37 -114.43 80.90 -57.20
N VAL OA 38 -113.84 81.05 -56.01
CA VAL OA 38 -112.81 80.09 -55.62
C VAL OA 38 -113.42 78.78 -55.13
N ILE OA 39 -114.55 78.83 -54.42
CA ILE OA 39 -115.12 77.61 -53.85
C ILE OA 39 -115.75 76.75 -54.95
N GLY OA 40 -116.44 77.40 -55.91
CA GLY OA 40 -117.03 76.64 -57.00
C GLY OA 40 -116.02 76.06 -57.97
N SER OA 41 -114.78 76.57 -57.96
CA SER OA 41 -113.74 76.08 -58.83
C SER OA 41 -112.80 75.09 -58.16
N ASN OA 42 -112.78 75.03 -56.83
CA ASN OA 42 -112.11 73.95 -56.11
C ASN OA 42 -113.05 73.54 -54.97
N PHE OA 43 -113.95 72.61 -55.28
CA PHE OA 43 -114.96 72.11 -54.35
C PHE OA 43 -114.57 70.79 -53.72
N ALA OA 44 -114.08 69.85 -54.52
CA ALA OA 44 -113.46 68.59 -54.12
C ALA OA 44 -112.00 68.83 -53.73
N PRO OA 45 -111.51 68.15 -52.69
CA PRO OA 45 -110.16 68.43 -52.19
C PRO OA 45 -109.07 68.05 -53.19
N THR OA 46 -108.02 68.88 -53.22
CA THR OA 46 -106.86 68.65 -54.06
C THR OA 46 -105.82 67.77 -53.36
N VAL OA 47 -106.10 67.39 -52.11
CA VAL OA 47 -105.24 66.55 -51.31
C VAL OA 47 -106.12 65.45 -50.73
N GLU OA 48 -105.47 64.37 -50.30
CA GLU OA 48 -106.13 63.18 -49.78
C GLU OA 48 -106.46 63.32 -48.29
N ARG OA 49 -107.44 62.51 -47.85
CA ARG OA 49 -107.86 62.51 -46.46
C ARG OA 49 -106.81 61.82 -45.59
N ASP OA 50 -106.44 62.49 -44.49
CA ASP OA 50 -105.84 61.82 -43.35
C ASP OA 50 -106.26 62.56 -42.08
N GLU OA 51 -107.28 62.06 -41.39
CA GLU OA 51 -107.59 62.66 -40.09
C GLU OA 51 -106.61 62.23 -39.01
N PHE OA 52 -105.83 61.19 -39.29
CA PHE OA 52 -104.86 60.63 -38.34
C PHE OA 52 -103.66 61.55 -38.16
N LEU OA 53 -103.03 61.96 -39.26
CA LEU OA 53 -101.88 62.86 -39.19
C LEU OA 53 -102.29 64.26 -38.76
N VAL OA 54 -103.50 64.69 -39.13
CA VAL OA 54 -104.01 65.96 -38.63
C VAL OA 54 -104.30 65.88 -37.14
N ALA OA 55 -104.66 64.69 -36.62
CA ALA OA 55 -104.73 64.52 -35.17
C ALA OA 55 -103.34 64.61 -34.54
N GLU OA 56 -102.33 64.01 -35.18
CA GLU OA 56 -100.99 64.06 -34.62
C GLU OA 56 -100.35 65.44 -34.71
N LYS OA 57 -100.79 66.30 -35.63
CA LYS OA 57 -100.25 67.64 -35.71
C LYS OA 57 -100.96 68.63 -34.79
N ILE OA 58 -102.14 68.27 -34.27
CA ILE OA 58 -102.70 68.97 -33.13
C ILE OA 58 -102.06 68.46 -31.84
N LYS OA 59 -101.68 67.18 -31.80
CA LYS OA 59 -100.91 66.65 -30.68
C LYS OA 59 -99.53 67.30 -30.57
N LYS OA 60 -98.81 67.40 -31.69
CA LYS OA 60 -97.50 68.04 -31.72
C LYS OA 60 -97.57 69.52 -31.32
N GLU OA 61 -98.70 70.17 -31.58
CA GLU OA 61 -98.91 71.56 -31.20
C GLU OA 61 -99.17 71.69 -29.71
N LEU OA 62 -100.00 70.82 -29.15
CA LEU OA 62 -100.25 70.88 -27.71
C LEU OA 62 -99.06 70.40 -26.88
N ILE OA 63 -98.18 69.58 -27.47
CA ILE OA 63 -96.91 69.29 -26.80
C ILE OA 63 -95.97 70.49 -26.92
N ARG OA 64 -95.99 71.20 -28.05
CA ARG OA 64 -95.15 72.38 -28.24
C ARG OA 64 -95.51 73.51 -27.27
N GLN OA 65 -96.75 73.59 -26.82
CA GLN OA 65 -97.15 74.61 -25.86
C GLN OA 65 -96.80 74.24 -24.42
N ARG OA 66 -96.30 73.01 -24.19
CA ARG OA 66 -96.18 72.38 -22.87
C ARG OA 66 -97.54 72.31 -22.16
N ARG OA 67 -98.60 72.25 -22.96
CA ARG OA 67 -99.97 72.06 -22.52
C ARG OA 67 -100.31 70.60 -22.71
N GLU OA 68 -99.61 69.73 -22.00
CA GLU OA 68 -99.69 68.31 -22.25
C GLU OA 68 -100.84 67.65 -21.50
N ALA OA 69 -101.50 68.37 -20.60
CA ALA OA 69 -102.74 67.89 -20.02
C ALA OA 69 -103.88 67.98 -21.01
N ASP OA 70 -103.93 69.07 -21.78
CA ASP OA 70 -104.90 69.20 -22.86
C ASP OA 70 -104.53 68.36 -24.07
N ALA OA 71 -103.26 67.95 -24.19
CA ALA OA 71 -102.84 67.10 -25.29
C ALA OA 71 -103.45 65.71 -25.20
N ALA OA 72 -103.71 65.23 -24.00
CA ALA OA 72 -104.47 64.00 -23.81
C ALA OA 72 -105.97 64.25 -23.69
N LEU OA 73 -106.38 65.50 -23.50
CA LEU OA 73 -107.80 65.82 -23.54
C LEU OA 73 -108.29 65.92 -24.98
N PHE OA 74 -107.41 66.31 -25.90
CA PHE OA 74 -107.78 66.39 -27.32
C PHE OA 74 -108.12 65.01 -27.86
N SER OA 75 -107.44 63.97 -27.37
CA SER OA 75 -107.73 62.61 -27.80
C SER OA 75 -109.15 62.20 -27.46
N GLU OA 76 -109.67 62.64 -26.31
CA GLU OA 76 -111.04 62.35 -25.95
C GLU OA 76 -112.06 63.19 -26.71
N LEU OA 77 -111.75 64.44 -27.04
CA LEU OA 77 -112.69 65.24 -27.82
C LEU OA 77 -112.74 64.81 -29.27
N HIS OA 78 -111.59 64.48 -29.84
CA HIS OA 78 -111.46 63.82 -31.12
C HIS OA 78 -112.12 62.45 -31.13
N ARG OA 79 -112.16 61.77 -29.98
CA ARG OA 79 -112.94 60.55 -29.82
C ARG OA 79 -114.45 60.82 -29.85
N LYS OA 80 -114.90 61.90 -29.19
CA LYS OA 80 -116.32 62.23 -29.17
C LYS OA 80 -116.82 62.61 -30.57
N LEU OA 81 -115.97 63.31 -31.33
CA LEU OA 81 -116.27 63.65 -32.71
C LEU OA 81 -116.51 62.41 -33.57
N HIS OA 82 -115.78 61.33 -33.28
CA HIS OA 82 -115.97 60.09 -34.01
C HIS OA 82 -117.13 59.28 -33.42
N SER OA 83 -117.42 59.48 -32.14
CA SER OA 83 -118.48 58.72 -31.50
C SER OA 83 -119.85 59.14 -32.03
N GLN OA 84 -120.08 60.44 -32.19
CA GLN OA 84 -121.36 60.82 -32.78
C GLN OA 84 -121.35 60.64 -34.30
N GLY OA 85 -120.33 61.15 -34.99
CA GLY OA 85 -120.17 60.93 -36.42
C GLY OA 85 -121.19 61.62 -37.29
N VAL OA 86 -121.59 62.85 -36.95
CA VAL OA 86 -122.52 63.61 -37.77
C VAL OA 86 -121.81 64.42 -38.86
N LEU OA 87 -120.51 64.24 -39.02
CA LEU OA 87 -119.72 65.03 -39.95
C LEU OA 87 -119.04 64.11 -40.95
N LYS OA 88 -119.23 64.42 -42.24
CA LYS OA 88 -118.77 63.53 -43.31
C LYS OA 88 -117.25 63.54 -43.42
N ASN OA 89 -116.65 64.72 -43.35
CA ASN OA 89 -115.20 64.85 -43.39
C ASN OA 89 -114.74 65.44 -42.07
N LYS OA 90 -114.37 64.58 -41.12
CA LYS OA 90 -113.81 65.05 -39.87
C LYS OA 90 -112.38 65.55 -40.05
N TRP OA 91 -111.76 65.22 -41.18
CA TRP OA 91 -110.40 65.66 -41.50
C TRP OA 91 -110.36 67.16 -41.80
N SER OA 92 -111.36 67.67 -42.52
CA SER OA 92 -111.29 69.01 -43.11
C SER OA 92 -111.39 70.11 -42.05
N ILE OA 93 -112.33 69.97 -41.12
CA ILE OA 93 -112.54 71.02 -40.12
C ILE OA 93 -111.37 71.08 -39.15
N LEU OA 94 -110.73 69.93 -38.90
CA LEU OA 94 -109.56 69.92 -38.04
C LEU OA 94 -108.35 70.49 -38.74
N TYR OA 95 -108.21 70.18 -40.04
CA TYR OA 95 -107.25 70.84 -40.91
C TYR OA 95 -107.41 72.35 -40.92
N LEU OA 96 -108.66 72.82 -40.88
CA LEU OA 96 -108.99 74.24 -40.87
C LEU OA 96 -108.61 74.92 -39.56
N LEU OA 97 -109.02 74.35 -38.42
CA LEU OA 97 -108.62 74.90 -37.13
C LEU OA 97 -107.11 74.78 -36.92
N LEU OA 98 -106.50 73.78 -37.56
CA LEU OA 98 -105.05 73.62 -37.53
C LEU OA 98 -104.34 74.70 -38.34
N SER OA 99 -104.96 75.14 -39.45
CA SER OA 99 -104.29 76.10 -40.33
C SER OA 99 -104.22 77.49 -39.70
N LEU OA 100 -105.26 77.88 -38.97
CA LEU OA 100 -105.31 79.19 -38.35
C LEU OA 100 -104.78 79.19 -36.91
N SER OA 101 -103.94 78.22 -36.57
CA SER OA 101 -103.48 78.06 -35.21
C SER OA 101 -102.58 79.22 -34.79
N GLU OA 102 -102.58 79.50 -33.50
CA GLU OA 102 -101.76 80.55 -32.92
C GLU OA 102 -101.01 79.99 -31.72
N ASP OA 103 -99.71 80.28 -31.66
CA ASP OA 103 -98.86 79.74 -30.61
C ASP OA 103 -98.17 80.87 -29.86
N PRO OA 104 -98.55 81.14 -28.62
CA PRO OA 104 -97.78 82.09 -27.80
C PRO OA 104 -96.53 81.49 -27.20
N ARG OA 105 -96.54 80.15 -27.07
CA ARG OA 105 -95.53 79.30 -26.40
C ARG OA 105 -95.51 79.56 -24.90
N ARG OA 106 -96.68 79.90 -24.36
CA ARG OA 106 -96.91 80.15 -22.95
C ARG OA 106 -98.25 79.50 -22.59
N GLN OA 107 -98.89 80.04 -21.54
CA GLN OA 107 -99.71 79.44 -20.48
C GLN OA 107 -100.66 78.26 -20.74
N PRO OA 108 -101.13 77.66 -19.64
CA PRO OA 108 -102.07 76.55 -19.69
C PRO OA 108 -103.50 77.09 -19.82
N SER OA 109 -104.44 76.16 -19.95
CA SER OA 109 -105.87 76.48 -20.06
C SER OA 109 -106.66 75.38 -19.37
N LYS OA 110 -107.82 75.75 -18.85
CA LYS OA 110 -108.71 74.82 -18.19
C LYS OA 110 -109.67 74.19 -19.19
N VAL OA 111 -110.21 73.03 -18.81
CA VAL OA 111 -111.19 72.35 -19.65
C VAL OA 111 -112.55 73.00 -19.56
N SER OA 112 -112.80 73.78 -18.50
CA SER OA 112 -114.04 74.50 -18.21
C SER OA 112 -115.19 73.54 -18.02
N SER OA 113 -114.90 72.40 -17.36
CA SER OA 113 -115.64 71.11 -17.20
C SER OA 113 -115.43 70.21 -18.41
N ALA PA 13 11.67 -110.49 -100.70
CA ALA PA 13 11.17 -110.96 -101.99
C ALA PA 13 10.80 -109.77 -102.87
N GLN PA 14 9.85 -108.97 -102.38
CA GLN PA 14 9.52 -107.71 -103.03
C GLN PA 14 10.68 -106.73 -102.95
N GLN PA 15 11.48 -106.82 -101.87
CA GLN PA 15 12.67 -105.98 -101.70
C GLN PA 15 13.68 -106.19 -102.83
N GLU PA 16 13.90 -107.44 -103.23
CA GLU PA 16 14.84 -107.75 -104.30
C GLU PA 16 14.37 -107.19 -105.63
N ARG PA 17 13.08 -107.39 -105.96
CA ARG PA 17 12.49 -106.82 -107.17
C ARG PA 17 12.56 -105.30 -107.16
N ASP PA 18 12.38 -104.69 -105.98
CA ASP PA 18 12.52 -103.24 -105.85
C ASP PA 18 13.94 -102.79 -106.16
N VAL PA 19 14.95 -103.47 -105.62
CA VAL PA 19 16.33 -103.05 -105.88
C VAL PA 19 16.68 -103.24 -107.36
N ARG PA 20 16.13 -104.29 -108.00
CA ARG PA 20 16.25 -104.44 -109.45
C ARG PA 20 15.64 -103.25 -110.21
N GLU PA 21 14.43 -102.87 -109.82
CA GLU PA 21 13.73 -101.78 -110.49
C GLU PA 21 14.40 -100.44 -110.23
N LEU PA 22 15.02 -100.29 -109.06
CA LEU PA 22 15.77 -99.07 -108.74
C LEU PA 22 17.01 -98.95 -109.63
N VAL PA 23 17.72 -100.07 -109.85
CA VAL PA 23 18.85 -100.07 -110.79
C VAL PA 23 18.38 -99.72 -112.20
N ARG PA 24 17.30 -100.36 -112.65
CA ARG PA 24 16.72 -100.11 -113.97
C ARG PA 24 16.32 -98.65 -114.16
N GLY PA 25 15.63 -98.08 -113.18
CA GLY PA 25 15.15 -96.72 -113.26
C GLY PA 25 16.22 -95.66 -113.14
N VAL PA 26 17.04 -95.70 -112.09
CA VAL PA 26 18.02 -94.65 -111.87
C VAL PA 26 19.19 -94.78 -112.83
N ALA PA 27 19.73 -95.99 -112.98
CA ALA PA 27 20.91 -96.17 -113.82
C ALA PA 27 20.59 -96.32 -115.30
N GLY PA 28 19.32 -96.41 -115.66
CA GLY PA 28 18.93 -96.53 -117.06
C GLY PA 28 19.37 -97.82 -117.73
N LEU PA 29 19.34 -98.94 -117.01
CA LEU PA 29 19.77 -100.23 -117.52
C LEU PA 29 18.58 -101.19 -117.49
N GLN PA 30 17.83 -101.23 -118.58
CA GLN PA 30 16.55 -101.94 -118.64
C GLN PA 30 16.71 -103.40 -119.04
N ASP PA 31 17.94 -103.84 -119.32
CA ASP PA 31 18.21 -105.22 -119.75
C ASP PA 31 18.99 -105.88 -118.62
N GLU PA 32 18.36 -106.84 -117.93
CA GLU PA 32 19.01 -107.52 -116.82
C GLU PA 32 20.14 -108.44 -117.29
N ALA PA 33 20.12 -108.84 -118.56
CA ALA PA 33 21.19 -109.62 -119.16
C ALA PA 33 22.36 -108.77 -119.63
N ASP PA 34 22.37 -107.48 -119.30
CA ASP PA 34 23.56 -106.66 -119.42
C ASP PA 34 24.43 -106.93 -118.20
N PRO PA 35 25.73 -107.21 -118.36
CA PRO PA 35 26.62 -107.31 -117.19
C PRO PA 35 26.68 -106.06 -116.33
N ASN PA 36 26.49 -104.88 -116.93
CA ASN PA 36 26.48 -103.64 -116.16
C ASN PA 36 25.30 -103.59 -115.19
N PHE PA 37 24.17 -104.21 -115.55
CA PHE PA 37 23.05 -104.32 -114.62
C PHE PA 37 23.44 -105.11 -113.38
N GLN PA 38 24.07 -106.27 -113.57
CA GLN PA 38 24.43 -107.11 -112.44
C GLN PA 38 25.53 -106.47 -111.60
N LEU PA 39 26.44 -105.73 -112.25
CA LEU PA 39 27.47 -105.02 -111.51
C LEU PA 39 26.89 -103.89 -110.66
N ALA PA 40 25.97 -103.12 -111.22
CA ALA PA 40 25.32 -102.05 -110.47
C ALA PA 40 24.48 -102.60 -109.33
N LEU PA 41 23.86 -103.76 -109.55
CA LEU PA 41 23.04 -104.41 -108.53
C LEU PA 41 23.89 -104.93 -107.38
N ASN PA 42 24.99 -105.63 -107.71
CA ASN PA 42 25.93 -106.09 -106.70
C ASN PA 42 26.47 -104.92 -105.89
N PHE PA 43 26.76 -103.80 -106.57
CA PHE PA 43 27.17 -102.59 -105.89
C PHE PA 43 26.10 -102.07 -104.95
N ALA PA 44 24.83 -102.05 -105.40
CA ALA PA 44 23.74 -101.52 -104.58
C ALA PA 44 23.53 -102.36 -103.33
N TRP PA 45 23.56 -103.68 -103.47
CA TRP PA 45 23.34 -104.55 -102.32
C TRP PA 45 24.52 -104.53 -101.36
N SER PA 46 25.76 -104.48 -101.88
CA SER PA 46 26.92 -104.38 -101.01
C SER PA 46 26.97 -103.04 -100.30
N ASN PA 47 26.45 -101.99 -100.94
CA ASN PA 47 26.30 -100.70 -100.28
C ASN PA 47 25.28 -100.78 -99.15
N PHE PA 48 24.17 -101.49 -99.40
CA PHE PA 48 23.12 -101.61 -98.39
C PHE PA 48 23.59 -102.39 -97.19
N ARG PA 49 24.42 -103.41 -97.41
CA ARG PA 49 24.85 -104.28 -96.33
C ARG PA 49 26.07 -103.75 -95.58
N PHE PA 50 26.73 -102.71 -96.09
CA PHE PA 50 27.84 -102.09 -95.39
C PHE PA 50 27.26 -101.06 -94.44
N HIS PA 51 26.89 -101.53 -93.25
CA HIS PA 51 26.33 -100.68 -92.21
C HIS PA 51 27.39 -99.72 -91.68
N ARG PA 52 27.23 -98.45 -92.00
CA ARG PA 52 28.22 -97.45 -91.64
C ARG PA 52 27.60 -96.15 -91.14
N PHE PA 53 26.29 -96.04 -91.07
CA PHE PA 53 25.62 -94.82 -90.63
C PHE PA 53 24.97 -95.04 -89.28
N LEU PA 54 24.88 -93.96 -88.51
CA LEU PA 54 23.99 -93.94 -87.37
C LEU PA 54 22.54 -93.98 -87.87
N ASP PA 55 21.66 -94.48 -87.01
CA ASP PA 55 20.24 -94.52 -87.35
C ASP PA 55 19.69 -93.08 -87.40
N VAL PA 56 18.57 -92.93 -88.11
CA VAL PA 56 18.02 -91.60 -88.39
C VAL PA 56 17.54 -90.95 -87.10
N ASN PA 57 17.99 -89.73 -86.87
CA ASN PA 57 17.58 -88.96 -85.70
C ASN PA 57 16.39 -88.12 -86.12
N SER PA 58 15.23 -88.44 -85.55
CA SER PA 58 13.99 -87.77 -85.92
C SER PA 58 14.02 -86.29 -85.54
N HIS PA 59 14.68 -85.97 -84.42
CA HIS PA 59 14.74 -84.58 -83.96
C HIS PA 59 15.60 -83.72 -84.89
N LYS PA 60 16.71 -84.28 -85.38
CA LYS PA 60 17.55 -83.55 -86.34
C LYS PA 60 16.81 -83.33 -87.66
N ILE PA 61 16.02 -84.33 -88.07
CA ILE PA 61 15.22 -84.21 -89.30
C ILE PA 61 14.17 -83.12 -89.13
N GLU PA 62 13.54 -83.06 -87.94
CA GLU PA 62 12.55 -82.02 -87.66
C GLU PA 62 13.17 -80.64 -87.69
N LYS PA 63 14.36 -80.48 -87.08
CA LYS PA 63 15.07 -79.20 -87.10
C LYS PA 63 15.44 -78.77 -88.53
N THR PA 64 15.82 -79.73 -89.37
CA THR PA 64 16.13 -79.44 -90.76
C THR PA 64 14.89 -79.01 -91.54
N ILE PA 65 13.74 -79.65 -91.26
CA ILE PA 65 12.49 -79.26 -91.93
C ILE PA 65 12.11 -77.83 -91.56
N GLU PA 66 12.21 -77.49 -90.26
CA GLU PA 66 11.81 -76.14 -89.85
C GLU PA 66 12.77 -75.09 -90.39
N GLY PA 67 14.07 -75.39 -90.47
CA GLY PA 67 15.00 -74.45 -91.06
C GLY PA 67 14.80 -74.24 -92.56
N ILE PA 68 14.35 -75.28 -93.28
CA ILE PA 68 13.93 -75.09 -94.67
C ILE PA 68 12.75 -74.13 -94.75
N TYR PA 69 11.78 -74.29 -93.83
CA TYR PA 69 10.67 -73.35 -93.75
C TYR PA 69 11.15 -71.92 -93.45
N GLU PA 70 12.13 -71.78 -92.55
CA GLU PA 70 12.70 -70.48 -92.23
C GLU PA 70 13.39 -69.87 -93.43
N LYS PA 71 14.09 -70.69 -94.21
CA LYS PA 71 14.77 -70.18 -95.41
C LYS PA 71 13.75 -69.71 -96.44
N PHE PA 72 12.60 -70.38 -96.52
CA PHE PA 72 11.56 -69.94 -97.44
C PHE PA 72 10.94 -68.63 -96.99
N VAL PA 73 10.77 -68.44 -95.67
CA VAL PA 73 10.16 -67.17 -95.23
C VAL PA 73 11.17 -66.03 -95.30
N ILE PA 74 12.48 -66.33 -95.15
CA ILE PA 74 13.52 -65.30 -95.22
C ILE PA 74 13.65 -64.75 -96.63
N HIS PA 75 13.29 -65.56 -97.62
CA HIS PA 75 13.45 -65.11 -99.00
C HIS PA 75 12.14 -64.62 -99.59
N SER PA 76 11.14 -64.35 -98.75
CA SER PA 76 9.79 -63.88 -99.09
C SER PA 76 9.08 -64.76 -100.11
N ASP PA 77 9.41 -66.06 -100.17
CA ASP PA 77 8.66 -67.01 -100.99
C ASP PA 77 7.55 -67.58 -100.12
N LEU PA 78 6.44 -66.83 -100.08
CA LEU PA 78 5.36 -67.14 -99.14
C LEU PA 78 4.55 -68.35 -99.58
N SER PA 79 4.29 -68.49 -100.87
CA SER PA 79 3.60 -69.67 -101.36
C SER PA 79 4.44 -70.93 -101.16
N LYS PA 80 5.75 -70.85 -101.36
CA LYS PA 80 6.58 -72.01 -101.11
C LYS PA 80 6.73 -72.32 -99.63
N ALA PA 81 6.76 -71.29 -98.79
CA ALA PA 81 6.82 -71.51 -97.35
C ALA PA 81 5.54 -72.17 -96.84
N ALA PA 82 4.40 -71.65 -97.29
CA ALA PA 82 3.11 -72.17 -96.85
C ALA PA 82 2.90 -73.60 -97.35
N SER PA 83 3.32 -73.87 -98.60
CA SER PA 83 3.19 -75.22 -99.14
C SER PA 83 4.14 -76.17 -98.41
N TRP PA 84 5.37 -75.73 -98.13
CA TRP PA 84 6.33 -76.55 -97.41
C TRP PA 84 5.82 -76.97 -96.05
N LYS PA 85 5.32 -75.99 -95.28
CA LYS PA 85 4.74 -76.28 -93.98
C LYS PA 85 3.54 -77.21 -94.09
N ARG PA 86 2.62 -76.91 -95.02
CA ARG PA 86 1.40 -77.71 -95.14
C ARG PA 86 1.69 -79.15 -95.53
N LEU PA 87 2.60 -79.36 -96.49
CA LEU PA 87 2.91 -80.70 -96.95
C LEU PA 87 3.65 -81.50 -95.88
N THR PA 88 4.62 -80.87 -95.20
CA THR PA 88 5.37 -81.62 -94.19
C THR PA 88 4.53 -81.89 -92.95
N GLU PA 89 3.63 -80.96 -92.58
CA GLU PA 89 2.74 -81.19 -91.45
C GLU PA 89 1.73 -82.29 -91.76
N GLU PA 90 1.23 -82.32 -92.99
CA GLU PA 90 0.29 -83.36 -93.38
C GLU PA 90 0.98 -84.72 -93.44
N PHE PA 91 2.20 -84.78 -93.97
CA PHE PA 91 2.88 -86.06 -94.16
C PHE PA 91 3.29 -86.69 -92.83
N LEU PA 92 3.60 -85.87 -91.83
CA LEU PA 92 4.13 -86.38 -90.57
C LEU PA 92 3.04 -86.90 -89.64
N ASN PA 93 1.83 -87.11 -90.14
CA ASN PA 93 0.73 -87.71 -89.40
C ASN PA 93 0.25 -88.95 -90.18
N ALA PA 94 0.78 -90.11 -89.80
CA ALA PA 94 0.37 -91.43 -90.30
C ALA PA 94 0.44 -91.56 -91.82
N ASP PA 105 8.76 -92.27 -88.26
CA ASP PA 105 10.03 -92.99 -88.33
C ASP PA 105 10.47 -93.15 -89.77
N ALA PA 106 9.67 -93.89 -90.54
CA ALA PA 106 9.89 -94.01 -91.98
C ALA PA 106 9.70 -92.66 -92.67
N HIS PA 107 8.87 -91.80 -92.09
CA HIS PA 107 8.72 -90.41 -92.46
C HIS PA 107 10.08 -89.71 -92.54
N TYR PA 108 10.74 -89.57 -91.38
CA TYR PA 108 12.03 -88.90 -91.26
C TYR PA 108 13.10 -89.55 -92.12
N SER PA 109 12.99 -90.87 -92.31
CA SER PA 109 13.82 -91.61 -93.25
C SER PA 109 13.69 -91.03 -94.65
N ILE PA 110 12.49 -91.08 -95.24
CA ILE PA 110 12.27 -90.60 -96.63
C ILE PA 110 12.65 -89.13 -96.77
N LEU PA 111 12.41 -88.35 -95.72
CA LEU PA 111 12.78 -86.92 -95.74
C LEU PA 111 14.30 -86.75 -95.83
N SER PA 112 15.06 -87.42 -94.96
CA SER PA 112 16.52 -87.34 -94.97
C SER PA 112 17.10 -87.88 -96.25
N LEU PA 113 16.50 -88.95 -96.77
CA LEU PA 113 16.78 -89.54 -98.07
C LEU PA 113 16.79 -88.48 -99.15
N LEU PA 114 15.61 -87.86 -99.36
CA LEU PA 114 15.45 -86.83 -100.38
C LEU PA 114 16.37 -85.64 -100.16
N LEU PA 115 16.57 -85.26 -98.90
CA LEU PA 115 17.47 -84.18 -98.51
C LEU PA 115 18.91 -84.39 -98.96
N CYS PA 116 19.52 -85.51 -98.57
CA CYS PA 116 20.87 -85.82 -99.05
C CYS PA 116 20.89 -85.94 -100.56
N LEU PA 117 19.91 -86.67 -101.12
CA LEU PA 117 19.76 -87.02 -102.54
C LEU PA 117 20.08 -85.91 -103.54
N SER PA 118 19.29 -84.83 -103.52
CA SER PA 118 19.71 -83.64 -104.24
C SER PA 118 19.79 -82.40 -103.34
N ASP PA 119 18.66 -82.04 -102.74
CA ASP PA 119 18.38 -80.71 -102.17
C ASP PA 119 18.90 -79.58 -103.06
N SER PA 120 18.58 -79.67 -104.34
CA SER PA 120 19.04 -78.68 -105.31
C SER PA 120 18.02 -77.56 -105.50
N PRO PA 121 17.17 -77.31 -104.51
CA PRO PA 121 16.17 -76.26 -104.58
C PRO PA 121 16.85 -74.90 -104.63
N SER PA 122 16.80 -74.27 -105.81
CA SER PA 122 17.45 -73.01 -106.09
C SER PA 122 16.51 -71.85 -105.80
N ASN PA 123 16.81 -70.69 -106.39
CA ASN PA 123 15.91 -69.53 -106.33
C ASN PA 123 14.50 -69.89 -106.79
N SER PA 124 14.35 -70.63 -107.89
CA SER PA 124 12.97 -71.01 -108.19
C SER PA 124 12.61 -72.41 -107.70
N SER PA 125 12.96 -73.44 -108.50
CA SER PA 125 12.65 -74.87 -108.29
C SER PA 125 11.28 -75.14 -107.65
N TYR PA 126 10.26 -74.34 -107.99
CA TYR PA 126 9.06 -74.43 -107.17
C TYR PA 126 7.95 -75.27 -107.79
N VAL PA 127 7.24 -74.68 -108.77
CA VAL PA 127 6.08 -75.23 -109.48
C VAL PA 127 5.16 -76.07 -108.59
N GLU PA 128 4.75 -75.49 -107.46
CA GLU PA 128 4.01 -76.24 -106.44
C GLU PA 128 2.53 -76.17 -106.76
N THR PA 129 2.10 -77.09 -107.63
CA THR PA 129 0.69 -77.14 -108.03
C THR PA 129 -0.19 -77.61 -106.89
N PRO PA 130 0.17 -78.73 -106.25
CA PRO PA 130 -0.53 -79.20 -105.08
C PRO PA 130 0.11 -78.60 -103.83
#